data_8C4H
#
_entry.id   8C4H
#
_cell.length_a   1.00
_cell.length_b   1.00
_cell.length_c   1.00
_cell.angle_alpha   90.00
_cell.angle_beta   90.00
_cell.angle_gamma   90.00
#
_symmetry.space_group_name_H-M   'P 1'
#
loop_
_entity.id
_entity.type
_entity.pdbx_description
1 polymer Nucleocapsid
2 polymer 'RNA (84-MER)'
#
loop_
_entity_poly.entity_id
_entity_poly.type
_entity_poly.pdbx_seq_one_letter_code
_entity_poly.pdbx_strand_id
1 'polypeptide(L)'
;MSDIFDEAASFRSYQSKLGRDGRASAATATLTTKIRIFVPATNSPELRWELTLFALDVIRSPSAAESMKIGAAFTLISMY
SERPGALIRSLLNDPDIEAVIIDVGSMLNGIPVMERRGDKAQEEMEGLMRILKTARESSKGKTPFVDSRAYGLRITDMST
LVSAVITIEAQIWILIAKAVTAPDTAEESETRRWAKYVQQKRVNPFFALTQQWLTEMRNLLSQSLSVRKFMVEILMEVKK
GGSAKGRAVEIISDIGNYVEETGMAGFFATIRFGLETRYPALALNEFQSDLNTIKGLMLLYREIGPRAPYMVLLEESIQT
KFAPGGYPLLWSFAMGVATTIDRSMGALNINRGYLEPMYFRLGQKSARHHAGGIDQNMANKLGLNSDQVAELAAAVQETS
VGRQDNNMQAREAKFAAGGVLVGGGEQDIDEEEEPIEHSGRQSVTFKREMSMSSLADSVPSSSVSTSGGTRLTNSLLNLR
SRLAAKAIKESTAQSSSERNPPNNRPQADSGRKDDQEPKPAQNDLDFVRADV
;
C,D,E,F,G,H,I,J,K,L,M,N,A,B,a,b,c,d,e,f,g,h,i,j,k,l,m,n
2 'polyribonucleotide'
;UUUUUUUUUUUUUUUUUUUUUUUUUUUUUUUUUUUUUUUUUUUUUUUUUUUUUUUUUUUUUUUUUUUUUUUUUUUUUUUU
UUUU
;
1,2
#
# COMPACT_ATOMS: atom_id res chain seq x y z
N MET A 1 -32.97 -33.63 33.02
CA MET A 1 -32.74 -33.48 31.59
C MET A 1 -31.32 -33.93 31.21
N SER A 2 -30.74 -33.23 30.24
CA SER A 2 -29.39 -33.57 29.81
C SER A 2 -28.35 -33.24 30.87
N ASP A 3 -28.53 -32.14 31.59
CA ASP A 3 -27.53 -31.70 32.56
C ASP A 3 -27.37 -32.73 33.68
N ILE A 4 -28.49 -33.25 34.19
CA ILE A 4 -28.41 -34.26 35.23
C ILE A 4 -27.86 -35.55 34.64
N PHE A 5 -27.35 -36.42 35.52
CA PHE A 5 -26.60 -37.64 35.19
C PHE A 5 -25.21 -37.28 34.70
N ASP A 6 -24.94 -35.99 34.55
CA ASP A 6 -23.60 -35.48 34.26
C ASP A 6 -23.06 -34.64 35.39
N GLU A 7 -23.94 -33.93 36.11
CA GLU A 7 -23.54 -33.26 37.33
C GLU A 7 -23.06 -34.26 38.38
N ALA A 8 -23.74 -35.40 38.49
CA ALA A 8 -23.29 -36.44 39.42
C ALA A 8 -21.96 -37.03 39.00
N ALA A 9 -21.74 -37.19 37.69
CA ALA A 9 -20.48 -37.73 37.21
C ALA A 9 -19.30 -36.88 37.68
N SER A 10 -19.46 -35.56 37.65
CA SER A 10 -18.46 -34.70 38.26
C SER A 10 -18.55 -34.73 39.78
N PHE A 11 -19.77 -34.85 40.31
CA PHE A 11 -19.94 -34.85 41.77
C PHE A 11 -19.26 -36.04 42.41
N ARG A 12 -19.43 -37.24 41.83
CA ARG A 12 -18.74 -38.41 42.37
C ARG A 12 -17.23 -38.30 42.17
N SER A 13 -16.80 -37.74 41.04
CA SER A 13 -15.38 -37.51 40.82
C SER A 13 -14.82 -36.50 41.81
N TYR A 14 -15.58 -35.42 42.07
CA TYR A 14 -15.13 -34.43 43.04
C TYR A 14 -15.16 -34.99 44.45
N GLN A 15 -16.14 -35.85 44.75
CA GLN A 15 -16.28 -36.40 46.10
C GLN A 15 -15.08 -37.27 46.47
N SER A 16 -14.49 -37.96 45.50
CA SER A 16 -13.36 -38.84 45.82
C SER A 16 -12.15 -38.04 46.29
N LYS A 17 -11.77 -37.01 45.53
CA LYS A 17 -10.66 -36.14 45.90
C LYS A 17 -11.19 -34.91 46.64
N LEU A 18 -11.89 -35.17 47.74
CA LEU A 18 -12.59 -34.11 48.46
C LEU A 18 -11.64 -33.23 49.26
N GLY A 19 -10.94 -33.82 50.23
CA GLY A 19 -10.04 -33.05 51.07
C GLY A 19 -8.59 -33.50 50.97
N ARG A 20 -8.27 -34.25 49.92
CA ARG A 20 -6.91 -34.76 49.73
C ARG A 20 -6.06 -33.73 48.96
N ASP A 21 -5.91 -32.57 49.57
CA ASP A 21 -5.17 -31.46 48.97
C ASP A 21 -4.50 -30.66 50.08
N GLY A 22 -3.48 -29.91 49.70
CA GLY A 22 -2.74 -29.10 50.66
C GLY A 22 -1.66 -29.88 51.37
N ARG A 23 -1.05 -29.21 52.35
CA ARG A 23 0.02 -29.78 53.15
C ARG A 23 -0.38 -29.78 54.61
N ALA A 24 -0.09 -30.88 55.30
CA ALA A 24 -0.40 -31.00 56.72
C ALA A 24 0.64 -30.27 57.55
N SER A 25 0.34 -30.12 58.84
CA SER A 25 1.21 -29.44 59.78
C SER A 25 2.08 -30.45 60.53
N ALA A 26 3.07 -29.92 61.25
CA ALA A 26 3.96 -30.74 62.06
C ALA A 26 3.39 -31.02 63.45
N ALA A 27 2.21 -30.50 63.77
CA ALA A 27 1.61 -30.77 65.07
C ALA A 27 1.29 -32.24 65.24
N THR A 28 0.80 -32.89 64.18
CA THR A 28 0.50 -34.32 64.22
C THR A 28 1.77 -35.13 63.98
N ALA A 29 2.65 -35.09 64.98
CA ALA A 29 3.92 -35.79 64.93
C ALA A 29 3.88 -36.97 65.88
N THR A 30 4.09 -38.17 65.35
CA THR A 30 4.05 -39.38 66.15
C THR A 30 5.23 -39.42 67.12
N LEU A 31 4.99 -40.00 68.30
CA LEU A 31 6.07 -40.22 69.25
C LEU A 31 7.04 -41.26 68.69
N THR A 32 8.33 -40.99 68.82
CA THR A 32 9.37 -41.81 68.22
C THR A 32 9.99 -42.74 69.26
N THR A 33 10.33 -43.94 68.84
CA THR A 33 10.96 -44.96 69.68
C THR A 33 12.39 -45.18 69.20
N LYS A 34 13.32 -45.23 70.13
CA LYS A 34 14.72 -45.46 69.78
C LYS A 34 14.92 -46.92 69.39
N ILE A 35 15.59 -47.12 68.25
CA ILE A 35 15.85 -48.46 67.72
C ILE A 35 17.35 -48.60 67.53
N ARG A 36 17.96 -49.58 68.19
CA ARG A 36 19.39 -49.80 68.17
C ARG A 36 19.73 -50.84 67.10
N ILE A 37 20.52 -50.44 66.11
CA ILE A 37 20.86 -51.27 64.96
C ILE A 37 22.35 -51.56 65.00
N PHE A 38 22.69 -52.85 64.95
CA PHE A 38 24.08 -53.30 64.98
C PHE A 38 24.52 -53.57 63.54
N VAL A 39 25.38 -52.70 63.01
CA VAL A 39 25.87 -52.87 61.64
C VAL A 39 27.36 -53.22 61.68
N PRO A 40 27.86 -54.01 60.74
CA PRO A 40 29.30 -54.31 60.73
C PRO A 40 30.10 -53.10 60.27
N ALA A 41 31.14 -52.77 61.03
CA ALA A 41 31.96 -51.61 60.70
C ALA A 41 32.91 -51.91 59.54
N THR A 42 33.44 -53.13 59.48
CA THR A 42 34.45 -53.50 58.51
C THR A 42 33.85 -54.45 57.46
N ASN A 43 34.70 -54.93 56.56
CA ASN A 43 34.30 -55.85 55.50
C ASN A 43 34.81 -57.26 55.72
N SER A 44 35.40 -57.55 56.88
CA SER A 44 35.94 -58.87 57.13
C SER A 44 34.82 -59.90 57.20
N PRO A 45 34.88 -60.96 56.40
CA PRO A 45 33.79 -61.95 56.42
C PRO A 45 33.59 -62.62 57.77
N GLU A 46 34.67 -62.85 58.51
CA GLU A 46 34.55 -63.50 59.81
C GLU A 46 33.72 -62.68 60.78
N LEU A 47 33.85 -61.35 60.72
CA LEU A 47 33.04 -60.50 61.58
C LEU A 47 31.60 -60.43 61.10
N ARG A 48 31.40 -60.30 59.78
CA ARG A 48 30.04 -60.24 59.25
C ARG A 48 29.30 -61.55 59.45
N TRP A 49 29.97 -62.68 59.23
CA TRP A 49 29.31 -63.97 59.42
C TRP A 49 28.95 -64.18 60.89
N GLU A 50 29.83 -63.78 61.81
CA GLU A 50 29.51 -63.87 63.22
C GLU A 50 28.39 -62.92 63.60
N LEU A 51 28.30 -61.78 62.90
CA LEU A 51 27.24 -60.81 63.18
C LEU A 51 25.88 -61.35 62.74
N THR A 52 25.79 -61.87 61.52
CA THR A 52 24.50 -62.37 61.05
C THR A 52 24.08 -63.64 61.78
N LEU A 53 25.03 -64.38 62.32
CA LEU A 53 24.69 -65.47 63.23
C LEU A 53 24.05 -64.93 64.51
N PHE A 54 24.59 -63.83 65.03
CA PHE A 54 24.01 -63.20 66.21
C PHE A 54 22.61 -62.67 65.92
N ALA A 55 22.43 -62.02 64.77
CA ALA A 55 21.13 -61.44 64.43
C ALA A 55 20.07 -62.52 64.26
N LEU A 56 20.47 -63.70 63.79
CA LEU A 56 19.53 -64.81 63.70
C LEU A 56 19.06 -65.25 65.08
N ASP A 57 19.97 -65.28 66.05
CA ASP A 57 19.60 -65.73 67.40
C ASP A 57 18.66 -64.73 68.07
N VAL A 58 18.89 -63.43 67.87
CA VAL A 58 18.06 -62.43 68.51
C VAL A 58 16.62 -62.53 68.02
N ILE A 59 16.45 -62.71 66.72
CA ILE A 59 15.10 -62.87 66.17
C ILE A 59 14.44 -64.13 66.72
N ARG A 60 15.20 -65.23 66.78
CA ARG A 60 14.67 -66.48 67.31
C ARG A 60 14.49 -66.43 68.82
N SER A 61 15.16 -65.51 69.50
CA SER A 61 15.09 -65.45 70.95
C SER A 61 13.68 -65.10 71.40
N PRO A 62 13.12 -65.78 72.41
CA PRO A 62 11.80 -65.43 72.90
C PRO A 62 11.84 -64.31 73.94
N SER A 63 12.97 -64.16 74.62
CA SER A 63 13.15 -63.14 75.64
C SER A 63 13.54 -61.78 75.06
N ALA A 64 13.75 -61.71 73.75
CA ALA A 64 14.16 -60.45 73.14
C ALA A 64 13.01 -59.46 73.09
N ALA A 65 13.31 -58.21 73.42
CA ALA A 65 12.33 -57.15 73.27
C ALA A 65 12.10 -56.86 71.78
N GLU A 66 10.94 -56.26 71.49
CA GLU A 66 10.59 -55.99 70.10
C GLU A 66 11.58 -55.03 69.46
N SER A 67 12.03 -54.02 70.20
CA SER A 67 12.98 -53.06 69.65
C SER A 67 14.28 -53.76 69.23
N MET A 68 14.75 -54.71 70.04
CA MET A 68 15.92 -55.49 69.67
C MET A 68 15.66 -56.32 68.42
N LYS A 69 14.45 -56.90 68.31
CA LYS A 69 14.13 -57.71 67.15
C LYS A 69 14.12 -56.88 65.87
N ILE A 70 13.64 -55.64 65.94
CA ILE A 70 13.70 -54.75 64.78
C ILE A 70 15.15 -54.46 64.41
N GLY A 71 15.99 -54.21 65.42
CA GLY A 71 17.40 -53.98 65.15
C GLY A 71 18.08 -55.16 64.49
N ALA A 72 17.75 -56.37 64.95
CA ALA A 72 18.28 -57.57 64.30
C ALA A 72 17.76 -57.69 62.87
N ALA A 73 16.48 -57.38 62.66
CA ALA A 73 15.92 -57.43 61.31
C ALA A 73 16.59 -56.41 60.41
N PHE A 74 16.79 -55.19 60.90
CA PHE A 74 17.50 -54.19 60.11
C PHE A 74 18.96 -54.59 59.88
N THR A 75 19.57 -55.22 60.87
CA THR A 75 20.94 -55.70 60.71
C THR A 75 21.03 -56.76 59.62
N LEU A 76 20.06 -57.67 59.57
CA LEU A 76 20.08 -58.73 58.57
C LEU A 76 19.89 -58.17 57.17
N ILE A 77 18.88 -57.31 56.98
CA ILE A 77 18.50 -56.87 55.64
C ILE A 77 19.65 -56.12 54.97
N SER A 78 20.38 -55.32 55.74
CA SER A 78 21.45 -54.50 55.19
C SER A 78 22.81 -55.18 55.23
N MET A 79 22.86 -56.48 55.51
CA MET A 79 24.15 -57.17 55.58
C MET A 79 24.85 -57.23 54.22
N TYR A 80 24.09 -57.32 53.13
CA TYR A 80 24.71 -57.47 51.81
C TYR A 80 25.51 -56.24 51.44
N SER A 81 25.02 -55.05 51.81
CA SER A 81 25.67 -53.81 51.40
C SER A 81 27.03 -53.66 52.08
N GLU A 82 27.97 -53.08 51.34
CA GLU A 82 29.29 -52.84 51.89
C GLU A 82 29.29 -51.76 52.97
N ARG A 83 28.29 -50.87 52.94
CA ARG A 83 28.14 -49.81 53.95
C ARG A 83 26.73 -49.91 54.51
N PRO A 84 26.48 -50.86 55.41
CA PRO A 84 25.11 -51.00 55.95
C PRO A 84 24.61 -49.75 56.65
N GLY A 85 25.49 -49.00 57.32
CA GLY A 85 25.07 -47.78 57.97
C GLY A 85 24.58 -46.73 56.99
N ALA A 86 25.28 -46.58 55.87
CA ALA A 86 24.85 -45.61 54.86
C ALA A 86 23.54 -46.04 54.21
N LEU A 87 23.37 -47.34 53.96
CA LEU A 87 22.15 -47.82 53.32
C LEU A 87 20.93 -47.56 54.18
N ILE A 88 21.02 -47.85 55.48
CA ILE A 88 19.88 -47.65 56.37
C ILE A 88 19.55 -46.17 56.49
N ARG A 89 20.58 -45.33 56.67
CA ARG A 89 20.33 -43.90 56.88
C ARG A 89 19.78 -43.23 55.64
N SER A 90 20.19 -43.68 54.45
CA SER A 90 19.76 -43.08 53.21
C SER A 90 18.53 -43.74 52.60
N LEU A 91 17.96 -44.74 53.27
CA LEU A 91 16.76 -45.42 52.76
C LEU A 91 15.78 -45.66 53.90
N LEU A 92 15.65 -44.70 54.81
CA LEU A 92 14.72 -44.80 55.93
C LEU A 92 13.73 -43.64 55.86
N ASN A 93 12.45 -43.96 55.83
CA ASN A 93 11.38 -42.97 55.80
C ASN A 93 10.30 -43.36 56.80
N ASP A 94 10.71 -43.71 58.03
CA ASP A 94 9.78 -44.13 59.06
C ASP A 94 9.65 -43.05 60.12
N PRO A 95 8.57 -42.27 60.13
CA PRO A 95 8.38 -41.29 61.21
C PRO A 95 8.15 -41.92 62.57
N ASP A 96 7.73 -43.19 62.61
CA ASP A 96 7.44 -43.83 63.89
C ASP A 96 8.71 -44.08 64.71
N ILE A 97 9.82 -44.36 64.05
CA ILE A 97 11.04 -44.79 64.72
C ILE A 97 12.19 -43.85 64.38
N GLU A 98 13.17 -43.81 65.27
CA GLU A 98 14.45 -43.19 65.01
C GLU A 98 15.53 -44.25 65.16
N ALA A 99 16.43 -44.31 64.18
CA ALA A 99 17.45 -45.35 64.14
C ALA A 99 18.79 -44.78 64.59
N VAL A 100 19.40 -45.41 65.59
CA VAL A 100 20.73 -45.06 66.05
C VAL A 100 21.68 -46.15 65.56
N ILE A 101 22.42 -45.83 64.50
CA ILE A 101 23.32 -46.81 63.90
C ILE A 101 24.53 -47.02 64.80
N ILE A 102 24.85 -48.28 65.06
CA ILE A 102 25.96 -48.65 65.93
C ILE A 102 26.94 -49.49 65.12
N ASP A 103 28.13 -48.96 64.90
CA ASP A 103 29.19 -49.72 64.25
C ASP A 103 29.72 -50.77 65.22
N VAL A 104 29.66 -52.04 64.81
CA VAL A 104 29.99 -53.13 65.73
C VAL A 104 31.47 -53.09 66.11
N GLY A 105 32.35 -52.87 65.14
CA GLY A 105 33.77 -52.75 65.44
C GLY A 105 34.50 -54.09 65.43
N SER A 106 34.73 -54.65 66.61
CA SER A 106 35.26 -56.00 66.75
C SER A 106 34.10 -56.94 67.07
N MET A 107 34.42 -58.21 67.32
CA MET A 107 33.37 -59.20 67.51
C MET A 107 33.81 -60.21 68.56
N LEU A 108 33.12 -60.22 69.70
CA LEU A 108 33.23 -61.27 70.69
C LEU A 108 32.15 -62.32 70.43
N ASN A 109 31.92 -63.20 71.40
CA ASN A 109 30.79 -64.11 71.30
C ASN A 109 29.50 -63.34 71.06
N GLY A 110 29.27 -62.28 71.83
CA GLY A 110 28.21 -61.34 71.53
C GLY A 110 28.74 -60.17 70.73
N ILE A 111 28.54 -58.95 71.20
CA ILE A 111 29.11 -57.77 70.57
C ILE A 111 29.88 -56.96 71.61
N PRO A 112 31.11 -56.54 71.32
CA PRO A 112 31.84 -55.66 72.26
C PRO A 112 31.44 -54.21 72.04
N VAL A 113 30.89 -53.59 73.08
CA VAL A 113 30.50 -52.18 72.99
C VAL A 113 31.73 -51.31 72.75
N MET A 114 32.81 -51.58 73.49
CA MET A 114 34.09 -50.89 73.33
C MET A 114 33.91 -49.37 73.45
N GLU A 115 33.27 -48.94 74.54
CA GLU A 115 33.05 -47.52 74.78
C GLU A 115 32.95 -47.33 76.30
N ARG A 116 34.04 -46.87 76.92
CA ARG A 116 34.10 -46.63 78.35
C ARG A 116 33.69 -47.87 79.13
N ARG A 117 34.51 -48.92 79.00
CA ARG A 117 34.21 -50.20 79.63
C ARG A 117 34.03 -50.04 81.13
N GLY A 118 32.96 -50.62 81.65
CA GLY A 118 32.57 -50.48 83.05
C GLY A 118 31.52 -49.42 83.28
N ASP A 119 31.48 -48.41 82.41
CA ASP A 119 30.52 -47.32 82.53
C ASP A 119 29.37 -47.56 81.56
N LYS A 120 28.23 -48.02 82.08
CA LYS A 120 27.01 -48.24 81.30
C LYS A 120 27.25 -49.17 80.11
N ALA A 121 28.16 -50.14 80.27
CA ALA A 121 28.47 -51.05 79.18
C ALA A 121 28.30 -52.49 79.60
N GLN A 122 28.58 -52.79 80.87
CA GLN A 122 28.52 -54.17 81.33
C GLN A 122 27.09 -54.71 81.27
N GLU A 123 26.10 -53.89 81.62
CA GLU A 123 24.72 -54.37 81.67
C GLU A 123 24.23 -54.77 80.28
N GLU A 124 24.61 -54.02 79.25
CA GLU A 124 24.25 -54.40 77.89
C GLU A 124 24.90 -55.73 77.52
N MET A 125 26.15 -55.94 77.94
CA MET A 125 26.84 -57.20 77.66
C MET A 125 26.13 -58.37 78.34
N GLU A 126 25.72 -58.19 79.59
CA GLU A 126 24.98 -59.24 80.28
C GLU A 126 23.64 -59.49 79.61
N GLY A 127 22.98 -58.44 79.14
CA GLY A 127 21.71 -58.61 78.46
C GLY A 127 21.83 -59.44 77.19
N LEU A 128 22.88 -59.19 76.40
CA LEU A 128 23.07 -59.94 75.16
C LEU A 128 23.35 -61.41 75.42
N MET A 129 24.14 -61.71 76.45
CA MET A 129 24.34 -63.11 76.84
C MET A 129 23.03 -63.75 77.28
N ARG A 130 22.17 -63.00 77.98
CA ARG A 130 20.84 -63.51 78.28
C ARG A 130 20.03 -63.73 77.01
N ILE A 131 20.21 -62.85 76.01
CA ILE A 131 19.54 -63.03 74.73
C ILE A 131 20.03 -64.30 74.04
N LEU A 132 21.35 -64.50 74.01
CA LEU A 132 21.90 -65.65 73.31
C LEU A 132 21.55 -66.95 74.01
N LYS A 133 21.65 -66.97 75.35
CA LYS A 133 21.38 -68.20 76.09
C LYS A 133 19.91 -68.61 75.96
N THR A 134 19.00 -67.66 76.10
CA THR A 134 17.58 -67.97 75.96
C THR A 134 17.25 -68.41 74.54
N ALA A 135 17.87 -67.79 73.54
CA ALA A 135 17.61 -68.16 72.16
C ALA A 135 18.01 -69.60 71.87
N ARG A 136 19.17 -70.02 72.37
CA ARG A 136 19.64 -71.38 72.12
C ARG A 136 18.85 -72.39 72.95
N GLU A 137 18.51 -72.04 74.18
CA GLU A 137 17.78 -72.97 75.04
C GLU A 137 16.33 -73.10 74.64
N SER A 138 15.73 -72.07 74.05
CA SER A 138 14.31 -72.10 73.71
C SER A 138 14.01 -73.22 72.72
N SER A 139 14.81 -73.32 71.66
CA SER A 139 14.66 -74.42 70.73
C SER A 139 15.21 -75.71 71.34
N LYS A 140 14.83 -76.83 70.73
CA LYS A 140 15.27 -78.13 71.23
C LYS A 140 16.68 -78.44 70.73
N GLY A 141 17.61 -77.51 70.94
CA GLY A 141 18.94 -77.66 70.39
C GLY A 141 19.02 -77.45 68.91
N LYS A 142 17.95 -76.97 68.28
CA LYS A 142 17.87 -76.85 66.84
C LYS A 142 18.43 -75.49 66.39
N THR A 143 19.38 -75.54 65.47
CA THR A 143 19.93 -74.32 64.90
C THR A 143 18.91 -73.67 63.97
N PRO A 144 19.05 -72.36 63.71
CA PRO A 144 18.13 -71.71 62.76
C PRO A 144 18.17 -72.34 61.38
N PHE A 145 19.32 -72.83 60.93
CA PHE A 145 19.43 -73.47 59.64
C PHE A 145 18.92 -74.91 59.70
N VAL A 146 18.41 -75.38 58.56
CA VAL A 146 17.94 -76.76 58.49
C VAL A 146 19.09 -77.75 58.60
N ASP A 147 20.33 -77.30 58.42
CA ASP A 147 21.51 -78.12 58.56
C ASP A 147 22.27 -77.69 59.81
N SER A 148 22.52 -78.63 60.72
CA SER A 148 23.20 -78.30 61.97
C SER A 148 24.64 -77.85 61.72
N ARG A 149 25.25 -78.30 60.62
CA ARG A 149 26.61 -77.89 60.32
C ARG A 149 26.69 -76.45 59.81
N ALA A 150 25.56 -75.89 59.36
CA ALA A 150 25.57 -74.51 58.86
C ALA A 150 25.66 -73.48 59.97
N TYR A 151 25.36 -73.87 61.22
CA TYR A 151 25.40 -72.92 62.32
C TYR A 151 26.83 -72.72 62.82
N GLY A 152 27.45 -73.80 63.30
CA GLY A 152 28.83 -73.72 63.75
C GLY A 152 29.81 -73.85 62.61
N LEU A 153 29.64 -73.02 61.58
CA LEU A 153 30.48 -73.05 60.41
C LEU A 153 31.41 -71.84 60.41
N ARG A 154 32.70 -72.09 60.19
CA ARG A 154 33.69 -71.02 60.13
C ARG A 154 33.73 -70.45 58.72
N ILE A 155 33.62 -69.14 58.60
CA ILE A 155 33.66 -68.45 57.32
C ILE A 155 34.82 -67.47 57.33
N THR A 156 35.76 -67.65 56.41
CA THR A 156 36.85 -66.72 56.20
C THR A 156 36.98 -66.23 54.77
N ASP A 157 36.41 -66.94 53.79
CA ASP A 157 36.46 -66.53 52.40
C ASP A 157 35.29 -65.59 52.09
N MET A 158 35.59 -64.50 51.39
CA MET A 158 34.54 -63.55 51.01
C MET A 158 33.52 -64.20 50.09
N SER A 159 33.97 -65.12 49.22
CA SER A 159 33.04 -65.78 48.31
C SER A 159 32.00 -66.59 49.05
N THR A 160 32.43 -67.32 50.09
CA THR A 160 31.47 -68.13 50.85
C THR A 160 30.53 -67.25 51.65
N LEU A 161 31.02 -66.15 52.24
CA LEU A 161 30.17 -65.27 53.02
C LEU A 161 29.07 -64.67 52.16
N VAL A 162 29.42 -64.21 50.96
CA VAL A 162 28.44 -63.57 50.08
C VAL A 162 27.33 -64.56 49.74
N SER A 163 27.69 -65.77 49.35
CA SER A 163 26.67 -66.77 49.02
C SER A 163 25.82 -67.12 50.24
N ALA A 164 26.46 -67.24 51.40
CA ALA A 164 25.71 -67.53 52.62
C ALA A 164 24.76 -66.41 52.97
N VAL A 165 25.20 -65.16 52.82
CA VAL A 165 24.37 -64.02 53.20
C VAL A 165 23.12 -63.96 52.33
N ILE A 166 23.27 -64.13 51.01
CA ILE A 166 22.13 -64.01 50.10
C ILE A 166 21.05 -65.02 50.45
N THR A 167 21.47 -66.25 50.78
CA THR A 167 20.50 -67.28 51.15
C THR A 167 19.71 -66.88 52.37
N ILE A 168 20.37 -66.25 53.36
CA ILE A 168 19.65 -65.71 54.49
C ILE A 168 18.81 -64.51 54.06
N GLU A 169 19.35 -63.66 53.19
CA GLU A 169 18.58 -62.52 52.68
C GLU A 169 17.38 -63.00 51.86
N ALA A 170 17.61 -63.92 50.92
CA ALA A 170 16.55 -64.34 50.02
C ALA A 170 15.40 -64.98 50.80
N GLN A 171 15.73 -65.88 51.73
CA GLN A 171 14.69 -66.58 52.48
C GLN A 171 13.86 -65.62 53.32
N ILE A 172 14.46 -64.53 53.80
CA ILE A 172 13.70 -63.51 54.51
C ILE A 172 12.77 -62.77 53.56
N TRP A 173 13.27 -62.41 52.38
CA TRP A 173 12.49 -61.62 51.43
C TRP A 173 11.34 -62.41 50.81
N ILE A 174 11.32 -63.73 50.93
CA ILE A 174 10.16 -64.49 50.44
C ILE A 174 8.94 -64.19 51.29
N LEU A 175 9.14 -63.97 52.60
CA LEU A 175 8.02 -63.84 53.52
C LEU A 175 7.21 -62.58 53.30
N ILE A 176 7.80 -61.52 52.76
CA ILE A 176 7.09 -60.24 52.64
C ILE A 176 5.89 -60.36 51.70
N ALA A 177 5.95 -61.27 50.73
CA ALA A 177 4.87 -61.38 49.76
C ALA A 177 3.55 -61.73 50.44
N LYS A 178 3.57 -62.66 51.39
CA LYS A 178 2.37 -63.11 52.08
C LYS A 178 2.56 -63.05 53.59
N ALA A 179 3.06 -61.90 54.08
CA ALA A 179 3.23 -61.70 55.51
C ALA A 179 2.03 -61.05 56.16
N VAL A 180 1.38 -60.13 55.46
CA VAL A 180 0.22 -59.43 56.01
C VAL A 180 -1.09 -59.83 55.34
N THR A 181 -1.06 -60.33 54.10
CA THR A 181 -2.29 -60.75 53.44
C THR A 181 -2.85 -62.01 54.08
N ALA A 182 -2.08 -63.09 54.04
CA ALA A 182 -2.50 -64.37 54.65
C ALA A 182 -1.26 -65.09 55.17
N PRO A 183 -0.71 -64.63 56.29
CA PRO A 183 0.49 -65.29 56.84
C PRO A 183 0.26 -66.74 57.22
N ASP A 184 -0.94 -67.10 57.68
CA ASP A 184 -1.20 -68.47 58.08
C ASP A 184 -1.17 -69.41 56.88
N THR A 185 -1.77 -68.99 55.77
CA THR A 185 -1.87 -69.82 54.56
C THR A 185 -0.57 -69.81 53.74
N ALA A 186 0.53 -69.37 54.33
CA ALA A 186 1.82 -69.32 53.64
C ALA A 186 2.47 -70.71 53.68
N GLU A 187 3.76 -70.77 53.35
CA GLU A 187 4.64 -71.93 53.30
C GLU A 187 4.38 -72.79 52.06
N GLU A 188 3.37 -72.47 51.25
CA GLU A 188 3.18 -73.15 49.97
C GLU A 188 3.84 -72.36 48.84
N SER A 189 3.45 -71.09 48.68
CA SER A 189 4.11 -70.24 47.71
C SER A 189 5.55 -69.95 48.11
N GLU A 190 5.79 -69.79 49.43
CA GLU A 190 7.15 -69.53 49.89
C GLU A 190 8.08 -70.68 49.55
N THR A 191 7.63 -71.92 49.74
CA THR A 191 8.42 -73.07 49.31
C THR A 191 8.59 -73.08 47.80
N ARG A 192 7.54 -72.68 47.07
CA ARG A 192 7.64 -72.61 45.62
C ARG A 192 8.66 -71.57 45.18
N ARG A 193 8.69 -70.41 45.85
CA ARG A 193 9.69 -69.40 45.53
C ARG A 193 11.09 -69.90 45.84
N TRP A 194 11.27 -70.56 46.99
CA TRP A 194 12.58 -71.09 47.36
C TRP A 194 13.03 -72.15 46.36
N ALA A 195 12.11 -73.02 45.94
CA ALA A 195 12.47 -74.07 44.98
C ALA A 195 12.91 -73.46 43.65
N LYS A 196 12.27 -72.37 43.23
CA LYS A 196 12.64 -71.75 41.96
C LYS A 196 14.06 -71.23 42.00
N TYR A 197 14.45 -70.56 43.09
CA TYR A 197 15.79 -70.00 43.18
C TYR A 197 16.85 -71.08 43.36
N VAL A 198 16.49 -72.19 44.03
CA VAL A 198 17.42 -73.31 44.14
C VAL A 198 17.72 -73.90 42.76
N GLN A 199 16.68 -74.07 41.94
CA GLN A 199 16.88 -74.60 40.60
C GLN A 199 17.66 -73.63 39.72
N GLN A 200 17.52 -72.33 39.97
CA GLN A 200 18.30 -71.31 39.25
C GLN A 200 19.72 -71.19 39.78
N LYS A 201 20.05 -71.89 40.87
CA LYS A 201 21.38 -71.87 41.48
C LYS A 201 21.77 -70.48 41.95
N ARG A 202 20.80 -69.60 42.17
CA ARG A 202 21.10 -68.28 42.72
C ARG A 202 21.38 -68.35 44.21
N VAL A 203 20.80 -69.33 44.90
CA VAL A 203 20.96 -69.50 46.34
C VAL A 203 21.57 -70.87 46.62
N ASN A 204 22.55 -70.90 47.51
CA ASN A 204 23.14 -72.16 47.92
C ASN A 204 22.26 -72.82 48.98
N PRO A 205 21.71 -74.01 48.71
CA PRO A 205 20.73 -74.58 49.65
C PRO A 205 21.31 -75.03 50.97
N PHE A 206 22.63 -74.98 51.15
CA PHE A 206 23.22 -75.37 52.41
C PHE A 206 22.75 -74.47 53.55
N PHE A 207 22.66 -73.16 53.30
CA PHE A 207 22.19 -72.21 54.30
C PHE A 207 20.69 -72.01 54.12
N ALA A 208 19.93 -73.01 54.56
CA ALA A 208 18.48 -72.99 54.49
C ALA A 208 17.93 -72.96 55.92
N LEU A 209 17.30 -71.85 56.29
CA LEU A 209 16.73 -71.74 57.62
C LEU A 209 15.52 -72.66 57.77
N THR A 210 15.36 -73.20 58.98
CA THR A 210 14.26 -74.11 59.24
C THR A 210 12.93 -73.35 59.25
N GLN A 211 11.83 -74.10 59.10
CA GLN A 211 10.52 -73.48 59.07
C GLN A 211 10.11 -72.95 60.44
N GLN A 212 10.70 -73.49 61.51
CA GLN A 212 10.44 -72.94 62.84
C GLN A 212 10.95 -71.52 62.95
N TRP A 213 12.15 -71.26 62.41
CA TRP A 213 12.70 -69.91 62.44
C TRP A 213 11.95 -68.98 61.50
N LEU A 214 11.55 -69.48 60.33
CA LEU A 214 10.85 -68.64 59.37
C LEU A 214 9.51 -68.17 59.92
N THR A 215 8.80 -69.05 60.64
CA THR A 215 7.55 -68.65 61.27
C THR A 215 7.77 -67.55 62.30
N GLU A 216 8.85 -67.66 63.09
CA GLU A 216 9.14 -66.64 64.08
C GLU A 216 9.45 -65.30 63.42
N MET A 217 10.21 -65.32 62.33
CA MET A 217 10.52 -64.07 61.64
C MET A 217 9.29 -63.48 60.98
N ARG A 218 8.47 -64.32 60.33
CA ARG A 218 7.26 -63.83 59.67
C ARG A 218 6.30 -63.22 60.67
N ASN A 219 6.20 -63.80 61.87
CA ASN A 219 5.38 -63.20 62.92
C ASN A 219 5.92 -61.83 63.31
N LEU A 220 7.23 -61.71 63.43
CA LEU A 220 7.84 -60.41 63.71
C LEU A 220 7.59 -59.44 62.55
N LEU A 221 7.72 -59.94 61.31
CA LEU A 221 7.55 -59.06 60.15
C LEU A 221 6.12 -58.55 60.04
N SER A 222 5.14 -59.39 60.40
CA SER A 222 3.75 -58.96 60.30
C SER A 222 3.40 -57.96 61.41
N GLN A 223 3.90 -58.18 62.61
CA GLN A 223 3.57 -57.29 63.73
C GLN A 223 4.12 -55.89 63.50
N SER A 224 5.34 -55.77 63.00
CA SER A 224 6.04 -54.50 62.92
C SER A 224 5.86 -53.86 61.55
N LEU A 225 5.48 -52.59 61.54
CA LEU A 225 5.36 -51.80 60.31
C LEU A 225 6.66 -51.14 59.90
N SER A 226 7.54 -50.84 60.87
CA SER A 226 8.81 -50.18 60.55
C SER A 226 9.67 -51.05 59.66
N VAL A 227 9.75 -52.35 59.94
CA VAL A 227 10.52 -53.26 59.10
C VAL A 227 9.92 -53.31 57.69
N ARG A 228 8.59 -53.37 57.61
CA ARG A 228 7.94 -53.38 56.30
C ARG A 228 8.21 -52.11 55.52
N LYS A 229 8.16 -50.96 56.21
CA LYS A 229 8.41 -49.69 55.52
C LYS A 229 9.83 -49.62 54.97
N PHE A 230 10.81 -50.10 55.74
CA PHE A 230 12.18 -50.13 55.25
C PHE A 230 12.33 -51.07 54.08
N MET A 231 11.71 -52.24 54.15
CA MET A 231 11.85 -53.23 53.10
C MET A 231 11.12 -52.82 51.83
N VAL A 232 10.00 -52.11 51.97
CA VAL A 232 9.31 -51.57 50.79
C VAL A 232 10.14 -50.47 50.16
N GLU A 233 10.81 -49.65 50.98
CA GLU A 233 11.65 -48.59 50.44
C GLU A 233 12.79 -49.14 49.61
N ILE A 234 13.39 -50.25 50.06
CA ILE A 234 14.42 -50.92 49.27
C ILE A 234 13.85 -51.37 47.93
N LEU A 235 12.63 -51.92 47.95
CA LEU A 235 12.02 -52.41 46.72
C LEU A 235 11.82 -51.28 45.72
N MET A 236 11.33 -50.13 46.19
CA MET A 236 11.10 -49.00 45.28
C MET A 236 12.41 -48.49 44.70
N GLU A 237 13.43 -48.33 45.54
CA GLU A 237 14.72 -47.83 45.07
C GLU A 237 15.38 -48.80 44.10
N VAL A 238 15.33 -50.10 44.41
CA VAL A 238 15.91 -51.10 43.53
C VAL A 238 15.14 -51.16 42.21
N LYS A 239 13.82 -51.00 42.27
CA LYS A 239 13.00 -51.02 41.05
C LYS A 239 13.44 -49.95 40.06
N LYS A 240 13.90 -48.80 40.55
CA LYS A 240 14.39 -47.74 39.68
C LYS A 240 15.67 -48.20 38.99
N GLY A 241 15.60 -48.38 37.67
CA GLY A 241 16.75 -48.80 36.91
C GLY A 241 17.72 -47.66 36.66
N GLY A 242 18.80 -48.00 35.96
CA GLY A 242 19.80 -47.01 35.59
C GLY A 242 21.23 -47.41 35.94
N SER A 243 21.40 -48.10 37.05
CA SER A 243 22.71 -48.50 37.52
C SER A 243 22.85 -50.03 37.46
N ALA A 244 24.09 -50.49 37.62
CA ALA A 244 24.36 -51.92 37.62
C ALA A 244 23.78 -52.56 38.87
N LYS A 245 23.16 -53.72 38.68
CA LYS A 245 22.52 -54.46 39.78
C LYS A 245 23.38 -55.66 40.15
N GLY A 246 23.71 -55.77 41.43
CA GLY A 246 24.46 -56.90 41.92
C GLY A 246 23.58 -58.12 42.13
N ARG A 247 24.22 -59.22 42.55
CA ARG A 247 23.49 -60.45 42.78
C ARG A 247 22.45 -60.28 43.89
N ALA A 248 22.81 -59.56 44.96
CA ALA A 248 21.86 -59.30 46.03
C ALA A 248 20.66 -58.49 45.55
N VAL A 249 20.93 -57.46 44.75
CA VAL A 249 19.85 -56.58 44.29
C VAL A 249 18.96 -57.30 43.28
N GLU A 250 19.54 -58.11 42.40
CA GLU A 250 18.77 -58.77 41.37
C GLU A 250 17.75 -59.75 41.97
N ILE A 251 18.15 -60.50 42.99
CA ILE A 251 17.21 -61.38 43.67
C ILE A 251 16.13 -60.57 44.37
N ILE A 252 16.51 -59.47 45.02
CA ILE A 252 15.54 -58.63 45.71
C ILE A 252 14.53 -58.06 44.72
N SER A 253 15.00 -57.58 43.57
CA SER A 253 14.08 -57.07 42.55
C SER A 253 13.21 -58.19 41.99
N ASP A 254 13.80 -59.37 41.76
CA ASP A 254 13.01 -60.49 41.26
C ASP A 254 11.93 -60.90 42.26
N ILE A 255 12.27 -60.91 43.54
CA ILE A 255 11.26 -61.19 44.57
C ILE A 255 10.22 -60.08 44.60
N GLY A 256 10.64 -58.83 44.36
CA GLY A 256 9.70 -57.73 44.38
C GLY A 256 8.65 -57.81 43.29
N ASN A 257 8.91 -58.61 42.25
CA ASN A 257 7.90 -58.81 41.22
C ASN A 257 6.67 -59.49 41.79
N TYR A 258 6.85 -60.49 42.65
CA TYR A 258 5.73 -61.15 43.28
C TYR A 258 5.12 -60.29 44.38
N VAL A 259 5.91 -59.40 44.98
CA VAL A 259 5.42 -58.58 46.08
C VAL A 259 4.44 -57.52 45.59
N GLU A 260 4.64 -57.00 44.38
CA GLU A 260 3.85 -55.89 43.88
C GLU A 260 2.36 -56.26 43.82
N GLU A 261 1.52 -55.27 44.08
CA GLU A 261 0.06 -55.39 43.96
C GLU A 261 -0.50 -56.47 44.87
N THR A 262 0.20 -56.80 45.96
CA THR A 262 -0.28 -57.80 46.89
C THR A 262 -1.44 -57.26 47.69
N GLY A 263 -2.30 -58.17 48.16
CA GLY A 263 -3.42 -57.81 48.99
C GLY A 263 -4.50 -56.99 48.33
N MET A 264 -4.46 -56.84 47.01
CA MET A 264 -5.45 -56.06 46.27
C MET A 264 -5.99 -56.86 45.08
N ALA A 265 -6.10 -58.17 45.25
CA ALA A 265 -6.60 -59.01 44.17
C ALA A 265 -8.05 -58.71 43.84
N GLY A 266 -8.84 -58.32 44.84
CA GLY A 266 -10.24 -58.00 44.58
C GLY A 266 -10.40 -56.84 43.62
N PHE A 267 -9.55 -55.82 43.77
CA PHE A 267 -9.62 -54.67 42.88
C PHE A 267 -9.10 -55.01 41.48
N PHE A 268 -7.96 -55.70 41.41
CA PHE A 268 -7.32 -55.93 40.12
C PHE A 268 -8.03 -57.01 39.32
N ALA A 269 -8.63 -57.99 39.99
CA ALA A 269 -9.45 -58.97 39.27
C ALA A 269 -10.63 -58.29 38.59
N THR A 270 -11.23 -57.31 39.26
CA THR A 270 -12.31 -56.54 38.65
C THR A 270 -11.82 -55.78 37.42
N ILE A 271 -10.62 -55.22 37.50
CA ILE A 271 -10.07 -54.48 36.36
C ILE A 271 -9.79 -55.42 35.20
N ARG A 272 -9.12 -56.54 35.48
CA ARG A 272 -8.70 -57.45 34.43
C ARG A 272 -9.88 -58.19 33.83
N PHE A 273 -10.77 -58.72 34.67
CA PHE A 273 -11.83 -59.61 34.21
C PHE A 273 -13.15 -58.87 34.04
N GLY A 274 -13.62 -58.20 35.10
CA GLY A 274 -14.91 -57.52 35.03
C GLY A 274 -14.93 -56.38 34.03
N LEU A 275 -13.90 -55.53 34.05
CA LEU A 275 -13.89 -54.36 33.17
C LEU A 275 -13.41 -54.70 31.78
N GLU A 276 -12.18 -55.19 31.66
CA GLU A 276 -11.68 -55.65 30.37
C GLU A 276 -12.40 -56.94 29.97
N THR A 277 -12.01 -57.49 28.83
CA THR A 277 -12.72 -58.62 28.22
C THR A 277 -14.20 -58.27 28.07
N ARG A 278 -14.45 -57.26 27.24
CA ARG A 278 -15.75 -56.62 27.14
C ARG A 278 -16.87 -57.60 26.80
N TYR A 279 -17.79 -57.80 27.74
CA TYR A 279 -18.93 -58.68 27.61
C TYR A 279 -20.21 -57.87 27.44
N PRO A 280 -21.08 -58.25 26.49
CA PRO A 280 -22.32 -57.51 26.27
C PRO A 280 -23.19 -57.32 27.51
N ALA A 281 -22.91 -58.05 28.58
CA ALA A 281 -23.69 -57.99 29.81
C ALA A 281 -23.18 -56.92 30.78
N LEU A 282 -22.42 -55.94 30.29
CA LEU A 282 -21.86 -54.92 31.17
C LEU A 282 -22.88 -53.82 31.46
N ALA A 283 -23.37 -53.13 30.44
CA ALA A 283 -24.34 -52.05 30.61
C ALA A 283 -25.69 -52.67 30.90
N LEU A 284 -26.05 -52.77 32.19
CA LEU A 284 -27.30 -53.41 32.57
C LEU A 284 -28.01 -52.65 33.69
N ASN A 285 -27.76 -51.35 33.83
CA ASN A 285 -28.32 -50.45 34.84
C ASN A 285 -27.88 -50.78 36.26
N GLU A 286 -27.05 -51.79 36.47
CA GLU A 286 -26.57 -52.12 37.80
C GLU A 286 -25.05 -52.09 37.91
N PHE A 287 -24.34 -51.84 36.83
CA PHE A 287 -22.89 -51.73 36.86
C PHE A 287 -22.40 -50.33 36.56
N GLN A 288 -23.26 -49.42 36.08
CA GLN A 288 -22.82 -48.08 35.73
C GLN A 288 -22.31 -47.34 36.95
N SER A 289 -22.92 -47.55 38.11
CA SER A 289 -22.40 -46.97 39.34
C SER A 289 -21.03 -47.54 39.66
N ASP A 290 -20.88 -48.86 39.56
CA ASP A 290 -19.59 -49.49 39.84
C ASP A 290 -18.56 -49.12 38.78
N LEU A 291 -18.98 -49.00 37.52
CA LEU A 291 -18.06 -48.57 36.47
C LEU A 291 -17.54 -47.17 36.74
N ASN A 292 -18.41 -46.26 37.17
CA ASN A 292 -17.97 -44.92 37.51
C ASN A 292 -17.00 -44.93 38.67
N THR A 293 -17.29 -45.71 39.72
CA THR A 293 -16.39 -45.80 40.86
C THR A 293 -15.04 -46.38 40.45
N ILE A 294 -15.05 -47.40 39.61
CA ILE A 294 -13.81 -48.01 39.15
C ILE A 294 -12.97 -47.01 38.37
N LYS A 295 -13.63 -46.22 37.51
CA LYS A 295 -12.91 -45.19 36.75
C LYS A 295 -12.26 -44.18 37.67
N GLY A 296 -12.97 -43.77 38.74
CA GLY A 296 -12.39 -42.87 39.70
C GLY A 296 -11.22 -43.49 40.45
N LEU A 297 -11.30 -44.81 40.71
CA LEU A 297 -10.23 -45.50 41.41
C LEU A 297 -8.95 -45.53 40.58
N MET A 298 -9.08 -45.62 39.26
CA MET A 298 -7.89 -45.60 38.40
C MET A 298 -7.13 -44.29 38.54
N LEU A 299 -7.83 -43.17 38.59
CA LEU A 299 -7.17 -41.88 38.76
C LEU A 299 -6.50 -41.80 40.13
N LEU A 300 -7.16 -42.33 41.17
CA LEU A 300 -6.58 -42.31 42.50
C LEU A 300 -5.31 -43.15 42.55
N TYR A 301 -5.31 -44.33 41.91
CA TYR A 301 -4.12 -45.16 41.88
C TYR A 301 -2.98 -44.47 41.15
N ARG A 302 -3.29 -43.76 40.07
CA ARG A 302 -2.27 -42.99 39.36
C ARG A 302 -1.79 -41.81 40.20
N GLU A 303 -2.69 -41.23 41.00
CA GLU A 303 -2.34 -40.06 41.80
C GLU A 303 -1.49 -40.40 43.02
N ILE A 304 -1.58 -41.63 43.54
CA ILE A 304 -0.87 -41.98 44.77
C ILE A 304 0.63 -41.87 44.56
N GLY A 305 1.14 -42.48 43.50
CA GLY A 305 2.56 -42.42 43.21
C GLY A 305 3.21 -43.78 43.14
N PRO A 306 4.53 -43.82 43.33
CA PRO A 306 5.26 -45.10 43.26
C PRO A 306 4.95 -46.05 44.41
N ARG A 307 4.29 -45.57 45.46
CA ARG A 307 3.93 -46.41 46.60
C ARG A 307 2.59 -47.12 46.41
N ALA A 308 1.94 -46.92 45.28
CA ALA A 308 0.62 -47.51 45.06
C ALA A 308 0.61 -49.03 45.12
N PRO A 309 1.48 -49.77 44.43
CA PRO A 309 1.39 -51.24 44.49
C PRO A 309 1.57 -51.80 45.89
N TYR A 310 2.44 -51.20 46.69
CA TYR A 310 2.64 -51.65 48.06
C TYR A 310 1.77 -50.87 49.05
N MET A 311 0.47 -50.79 48.74
CA MET A 311 -0.44 -50.08 49.64
C MET A 311 -0.78 -50.90 50.87
N VAL A 312 -1.00 -52.21 50.71
CA VAL A 312 -1.32 -53.06 51.84
C VAL A 312 -0.12 -53.20 52.77
N LEU A 313 1.08 -53.28 52.20
CA LEU A 313 2.27 -53.44 53.02
C LEU A 313 2.48 -52.24 53.94
N LEU A 314 2.31 -51.03 53.40
CA LEU A 314 2.41 -49.83 54.22
C LEU A 314 1.13 -49.53 54.98
N GLU A 315 0.06 -50.29 54.74
CA GLU A 315 -1.21 -50.13 55.43
C GLU A 315 -1.78 -48.72 55.24
N GLU A 316 -1.72 -48.24 54.00
CA GLU A 316 -2.27 -46.94 53.68
C GLU A 316 -3.77 -46.91 53.93
N SER A 317 -4.27 -45.77 54.43
CA SER A 317 -5.70 -45.62 54.63
C SER A 317 -6.46 -45.53 53.31
N ILE A 318 -5.79 -45.13 52.23
CA ILE A 318 -6.42 -45.08 50.92
C ILE A 318 -6.77 -46.48 50.42
N GLN A 319 -6.19 -47.51 51.01
CA GLN A 319 -6.45 -48.88 50.56
C GLN A 319 -7.90 -49.28 50.78
N THR A 320 -8.51 -48.83 51.88
CA THR A 320 -9.88 -49.24 52.18
C THR A 320 -10.84 -48.81 51.07
N LYS A 321 -10.60 -47.65 50.47
CA LYS A 321 -11.44 -47.20 49.36
C LYS A 321 -11.30 -48.09 48.15
N PHE A 322 -10.16 -48.80 48.02
CA PHE A 322 -9.94 -49.69 46.89
C PHE A 322 -10.59 -51.05 47.07
N ALA A 323 -10.83 -51.46 48.32
CA ALA A 323 -11.32 -52.81 48.58
C ALA A 323 -12.75 -52.98 48.04
N PRO A 324 -13.08 -54.18 47.56
CA PRO A 324 -14.47 -54.44 47.17
C PRO A 324 -15.40 -54.30 48.36
N GLY A 325 -16.58 -53.76 48.11
CA GLY A 325 -17.51 -53.41 49.16
C GLY A 325 -18.12 -52.06 48.86
N GLY A 326 -17.34 -51.20 48.20
CA GLY A 326 -17.87 -50.01 47.57
C GLY A 326 -18.36 -50.21 46.18
N TYR A 327 -18.08 -51.38 45.58
CA TYR A 327 -18.62 -51.75 44.28
C TYR A 327 -18.88 -53.25 44.24
N PRO A 328 -19.69 -53.76 45.18
CA PRO A 328 -19.85 -55.21 45.30
C PRO A 328 -20.48 -55.86 44.09
N LEU A 329 -21.28 -55.12 43.31
CA LEU A 329 -22.00 -55.72 42.19
C LEU A 329 -21.05 -56.11 41.07
N LEU A 330 -20.25 -55.16 40.59
CA LEU A 330 -19.32 -55.46 39.51
C LEU A 330 -18.26 -56.45 39.97
N TRP A 331 -17.79 -56.31 41.20
CA TRP A 331 -16.80 -57.25 41.72
C TRP A 331 -17.35 -58.67 41.74
N SER A 332 -18.60 -58.83 42.16
CA SER A 332 -19.23 -60.15 42.13
C SER A 332 -19.31 -60.68 40.71
N PHE A 333 -19.67 -59.83 39.76
CA PHE A 333 -19.66 -60.23 38.35
C PHE A 333 -18.23 -60.54 37.90
N ALA A 334 -17.26 -59.76 38.37
CA ALA A 334 -15.88 -59.94 37.93
C ALA A 334 -15.33 -61.30 38.33
N MET A 335 -15.53 -61.71 39.59
CA MET A 335 -15.07 -63.03 40.00
C MET A 335 -15.97 -64.13 39.45
N GLY A 336 -17.16 -63.77 38.96
CA GLY A 336 -17.98 -64.75 38.28
C GLY A 336 -17.32 -65.26 37.01
N VAL A 337 -16.72 -64.35 36.24
CA VAL A 337 -16.01 -64.76 35.03
C VAL A 337 -14.58 -65.18 35.37
N ALA A 338 -14.05 -64.72 36.50
CA ALA A 338 -12.67 -65.03 36.85
C ALA A 338 -12.51 -66.50 37.20
N THR A 339 -13.43 -67.05 37.99
CA THR A 339 -13.34 -68.45 38.39
C THR A 339 -13.45 -69.38 37.20
N THR A 340 -14.29 -69.03 36.23
CA THR A 340 -14.46 -69.89 35.06
C THR A 340 -13.28 -69.80 34.10
N ILE A 341 -12.69 -68.62 33.94
CA ILE A 341 -11.64 -68.41 32.95
C ILE A 341 -10.29 -68.85 33.50
N ASP A 342 -9.91 -68.32 34.66
CA ASP A 342 -8.60 -68.60 35.24
C ASP A 342 -8.72 -69.73 36.24
N ARG A 343 -8.03 -70.83 35.98
CA ARG A 343 -8.07 -71.98 36.88
C ARG A 343 -7.49 -71.63 38.24
N SER A 344 -6.41 -70.86 38.25
CA SER A 344 -5.83 -70.43 39.53
C SER A 344 -6.82 -69.60 40.33
N MET A 345 -7.58 -68.74 39.65
CA MET A 345 -8.67 -68.03 40.30
C MET A 345 -9.74 -69.02 40.73
N GLY A 346 -9.94 -69.13 42.04
CA GLY A 346 -10.84 -70.12 42.60
C GLY A 346 -10.29 -70.64 43.90
N ALA A 347 -8.97 -70.49 44.08
CA ALA A 347 -8.35 -70.68 45.39
C ALA A 347 -8.43 -69.43 46.24
N LEU A 348 -8.90 -68.32 45.68
CA LEU A 348 -9.05 -67.09 46.44
C LEU A 348 -10.24 -67.21 47.40
N ASN A 349 -10.08 -66.69 48.61
CA ASN A 349 -11.13 -66.71 49.61
C ASN A 349 -11.99 -65.46 49.42
N ILE A 350 -13.21 -65.65 48.95
CA ILE A 350 -14.09 -64.53 48.63
C ILE A 350 -15.43 -64.67 49.33
N ASN A 351 -15.45 -65.31 50.50
CA ASN A 351 -16.68 -65.51 51.25
C ASN A 351 -17.03 -64.25 52.04
N ARG A 352 -17.24 -63.17 51.31
CA ARG A 352 -17.59 -61.88 51.90
C ARG A 352 -19.09 -61.79 52.16
N GLY A 353 -19.50 -60.70 52.79
CA GLY A 353 -20.89 -60.45 53.10
C GLY A 353 -21.68 -59.77 52.02
N TYR A 354 -21.07 -59.50 50.87
CA TYR A 354 -21.74 -58.84 49.74
C TYR A 354 -21.49 -59.63 48.46
N LEU A 355 -21.65 -60.95 48.54
CA LEU A 355 -21.31 -61.81 47.41
C LEU A 355 -22.26 -61.63 46.24
N GLU A 356 -23.55 -61.39 46.50
CA GLU A 356 -24.55 -61.19 45.47
C GLU A 356 -24.54 -62.36 44.47
N PRO A 357 -25.02 -63.54 44.86
CA PRO A 357 -24.92 -64.70 43.97
C PRO A 357 -25.59 -64.52 42.63
N MET A 358 -26.65 -63.71 42.55
CA MET A 358 -27.34 -63.52 41.28
C MET A 358 -26.43 -62.90 40.24
N TYR A 359 -25.62 -61.90 40.64
CA TYR A 359 -24.66 -61.32 39.71
C TYR A 359 -23.46 -62.24 39.52
N PHE A 360 -23.13 -63.03 40.53
CA PHE A 360 -22.09 -64.04 40.37
C PHE A 360 -22.49 -65.09 39.34
N ARG A 361 -23.76 -65.53 39.38
CA ARG A 361 -24.24 -66.49 38.40
C ARG A 361 -24.20 -65.91 36.98
N LEU A 362 -24.57 -64.64 36.84
CA LEU A 362 -24.55 -64.01 35.53
C LEU A 362 -23.14 -63.96 34.96
N GLY A 363 -22.14 -63.71 35.82
CA GLY A 363 -20.77 -63.77 35.36
C GLY A 363 -20.36 -65.15 34.91
N GLN A 364 -20.79 -66.18 35.65
CA GLN A 364 -20.51 -67.56 35.24
C GLN A 364 -21.12 -67.86 33.88
N LYS A 365 -22.35 -67.42 33.66
CA LYS A 365 -22.98 -67.61 32.36
C LYS A 365 -22.31 -66.73 31.29
N SER A 366 -21.79 -65.58 31.70
CA SER A 366 -21.18 -64.67 30.72
C SER A 366 -19.92 -65.27 30.09
N ALA A 367 -19.17 -66.04 30.86
CA ALA A 367 -17.93 -66.62 30.32
C ALA A 367 -18.22 -67.63 29.21
N ARG A 368 -19.24 -68.47 29.39
CA ARG A 368 -19.50 -69.56 28.46
C ARG A 368 -20.83 -69.41 27.73
N HIS A 369 -21.94 -69.25 28.45
CA HIS A 369 -23.27 -69.29 27.85
C HIS A 369 -23.68 -67.99 27.20
N HIS A 370 -22.89 -66.92 27.33
CA HIS A 370 -23.33 -65.62 26.86
C HIS A 370 -23.32 -65.55 25.33
N ALA A 371 -22.15 -65.66 24.72
CA ALA A 371 -21.97 -65.56 23.28
C ALA A 371 -20.49 -65.81 22.98
N GLY A 372 -20.18 -65.88 21.68
CA GLY A 372 -18.79 -65.99 21.27
C GLY A 372 -17.98 -64.77 21.63
N GLY A 373 -18.56 -63.58 21.46
CA GLY A 373 -17.88 -62.35 21.84
C GLY A 373 -16.85 -61.87 20.86
N ILE A 374 -17.27 -61.53 19.65
CA ILE A 374 -16.36 -61.01 18.63
C ILE A 374 -16.34 -59.50 18.73
N ASP A 375 -15.17 -58.94 19.03
CA ASP A 375 -15.00 -57.51 19.22
C ASP A 375 -14.74 -56.89 17.83
N GLN A 376 -14.55 -55.58 17.78
CA GLN A 376 -14.28 -54.90 16.51
C GLN A 376 -13.04 -55.49 15.85
N ASN A 377 -13.16 -55.81 14.56
CA ASN A 377 -12.12 -56.53 13.83
C ASN A 377 -11.47 -55.58 12.83
N MET A 378 -10.19 -55.25 13.07
CA MET A 378 -9.44 -54.50 12.06
C MET A 378 -9.30 -55.30 10.77
N ALA A 379 -9.00 -56.59 10.88
CA ALA A 379 -9.03 -57.47 9.73
C ALA A 379 -10.47 -57.85 9.40
N ASN A 380 -10.84 -57.72 8.13
CA ASN A 380 -12.22 -57.94 7.72
C ASN A 380 -12.45 -59.43 7.55
N LYS A 381 -13.13 -60.03 8.54
CA LYS A 381 -13.46 -61.45 8.50
C LYS A 381 -14.90 -61.62 8.02
N LEU A 382 -15.06 -61.46 6.70
CA LEU A 382 -16.39 -61.52 6.11
C LEU A 382 -16.95 -62.93 6.08
N GLY A 383 -16.09 -63.94 6.04
CA GLY A 383 -16.55 -65.32 5.98
C GLY A 383 -16.42 -66.05 7.30
N LEU A 384 -16.28 -65.31 8.39
CA LEU A 384 -16.03 -65.90 9.70
C LEU A 384 -17.30 -66.09 10.52
N ASN A 385 -18.47 -66.06 9.88
CA ASN A 385 -19.70 -66.33 10.61
C ASN A 385 -19.71 -67.74 11.18
N SER A 386 -19.26 -68.72 10.38
CA SER A 386 -19.14 -70.08 10.88
C SER A 386 -17.93 -70.25 11.79
N ASP A 387 -16.91 -69.40 11.62
CA ASP A 387 -15.74 -69.46 12.48
C ASP A 387 -16.11 -69.23 13.94
N GLN A 388 -17.03 -68.29 14.18
CA GLN A 388 -17.55 -68.11 15.54
C GLN A 388 -18.31 -69.34 16.01
N VAL A 389 -19.08 -69.95 15.11
CA VAL A 389 -19.86 -71.14 15.47
C VAL A 389 -18.93 -72.28 15.85
N ALA A 390 -17.86 -72.48 15.06
CA ALA A 390 -16.89 -73.51 15.39
C ALA A 390 -16.19 -73.20 16.71
N GLU A 391 -15.86 -71.92 16.93
CA GLU A 391 -15.31 -71.53 18.23
C GLU A 391 -16.34 -71.73 19.34
N LEU A 392 -17.61 -71.41 19.06
CA LEU A 392 -18.66 -71.61 20.06
C LEU A 392 -19.05 -73.08 20.18
N ALA A 393 -18.71 -73.91 19.18
CA ALA A 393 -19.05 -75.32 19.25
C ALA A 393 -18.32 -76.02 20.39
N ALA A 394 -17.20 -75.47 20.83
CA ALA A 394 -16.41 -76.03 21.93
C ALA A 394 -16.00 -77.47 21.67
N MET B 1 -45.57 -20.24 29.09
CA MET B 1 -45.05 -20.69 27.81
C MET B 1 -43.67 -21.31 27.96
N SER B 2 -42.80 -21.05 26.97
CA SER B 2 -41.45 -21.60 27.01
C SER B 2 -40.65 -21.03 28.18
N ASP B 3 -40.86 -19.76 28.50
CA ASP B 3 -40.13 -19.13 29.60
C ASP B 3 -40.46 -19.80 30.93
N ILE B 4 -41.73 -20.14 31.14
CA ILE B 4 -42.11 -20.92 32.31
C ILE B 4 -41.41 -22.28 32.26
N PHE B 5 -41.17 -22.87 33.43
CA PHE B 5 -40.44 -24.10 33.68
C PHE B 5 -38.93 -23.93 33.52
N ASP B 6 -38.46 -22.77 33.07
CA ASP B 6 -37.06 -22.37 33.19
C ASP B 6 -36.88 -21.22 34.15
N GLU B 7 -37.79 -20.24 34.10
CA GLU B 7 -37.86 -19.24 35.16
C GLU B 7 -38.05 -19.88 36.52
N ALA B 8 -38.89 -20.91 36.60
CA ALA B 8 -39.09 -21.61 37.86
C ALA B 8 -37.84 -22.35 38.31
N ALA B 9 -37.12 -22.96 37.36
CA ALA B 9 -35.87 -23.64 37.72
C ALA B 9 -34.85 -22.65 38.26
N SER B 10 -34.70 -21.50 37.59
CA SER B 10 -33.79 -20.47 38.10
C SER B 10 -34.27 -19.94 39.45
N PHE B 11 -35.59 -19.86 39.64
CA PHE B 11 -36.13 -19.41 40.92
C PHE B 11 -35.77 -20.37 42.05
N ARG B 12 -35.91 -21.68 41.80
CA ARG B 12 -35.54 -22.64 42.82
C ARG B 12 -34.04 -22.63 43.08
N SER B 13 -33.24 -22.49 42.02
CA SER B 13 -31.79 -22.42 42.20
C SER B 13 -31.38 -21.21 43.03
N TYR B 14 -32.02 -20.07 42.78
CA TYR B 14 -31.74 -18.87 43.57
C TYR B 14 -32.27 -18.99 45.00
N GLN B 15 -33.41 -19.67 45.18
CA GLN B 15 -33.97 -19.84 46.50
C GLN B 15 -33.12 -20.77 47.37
N SER B 16 -32.46 -21.75 46.76
CA SER B 16 -31.59 -22.64 47.53
C SER B 16 -30.47 -21.86 48.20
N LYS B 17 -29.74 -21.07 47.43
CA LYS B 17 -28.71 -20.18 47.96
C LYS B 17 -29.25 -18.76 48.11
N LEU B 18 -30.26 -18.62 48.99
CA LEU B 18 -31.00 -17.37 49.08
C LEU B 18 -30.20 -16.30 49.81
N GLY B 19 -29.88 -16.54 51.08
CA GLY B 19 -29.22 -15.53 51.88
C GLY B 19 -27.89 -15.97 52.45
N ARG B 20 -27.30 -17.02 51.87
CA ARG B 20 -26.03 -17.56 52.35
C ARG B 20 -24.85 -16.88 51.66
N ASP B 21 -24.80 -15.56 51.82
CA ASP B 21 -23.75 -14.76 51.21
C ASP B 21 -23.33 -13.67 52.19
N GLY B 22 -22.11 -13.18 52.02
CA GLY B 22 -21.58 -12.16 52.89
C GLY B 22 -20.91 -12.73 54.13
N ARG B 23 -20.53 -11.83 55.03
CA ARG B 23 -19.84 -12.17 56.26
C ARG B 23 -20.65 -11.70 57.45
N ALA B 24 -20.73 -12.53 58.48
CA ALA B 24 -21.46 -12.20 59.68
C ALA B 24 -20.63 -11.28 60.58
N SER B 25 -21.27 -10.77 61.63
CA SER B 25 -20.64 -9.87 62.58
C SER B 25 -20.19 -10.63 63.83
N ALA B 26 -19.40 -9.95 64.65
CA ALA B 26 -18.91 -10.51 65.90
C ALA B 26 -19.89 -10.34 67.05
N ALA B 27 -21.03 -9.69 66.82
CA ALA B 27 -22.02 -9.52 67.87
C ALA B 27 -22.57 -10.88 68.33
N THR B 28 -22.82 -11.79 67.39
CA THR B 28 -23.32 -13.12 67.71
C THR B 28 -22.16 -14.02 68.11
N ALA B 29 -21.61 -13.72 69.28
CA ALA B 29 -20.47 -14.46 69.84
C ALA B 29 -20.95 -15.27 71.04
N THR B 30 -20.77 -16.58 70.97
CA THR B 30 -21.22 -17.48 72.02
C THR B 30 -20.38 -17.27 73.28
N LEU B 31 -21.04 -17.47 74.42
CA LEU B 31 -20.32 -17.45 75.71
C LEU B 31 -19.38 -18.65 75.78
N THR B 32 -18.17 -18.40 76.26
CA THR B 32 -17.12 -19.41 76.27
C THR B 32 -16.95 -20.01 77.67
N THR B 33 -16.67 -21.30 77.72
CA THR B 33 -16.46 -22.03 78.96
C THR B 33 -15.02 -22.48 79.05
N LYS B 34 -14.40 -22.28 80.21
CA LYS B 34 -13.02 -22.68 80.40
C LYS B 34 -12.92 -24.20 80.50
N ILE B 35 -11.96 -24.76 79.77
CA ILE B 35 -11.74 -26.21 79.75
C ILE B 35 -10.28 -26.47 80.10
N ARG B 36 -10.05 -27.21 81.18
CA ARG B 36 -8.72 -27.48 81.68
C ARG B 36 -8.23 -28.81 81.11
N ILE B 37 -7.13 -28.77 80.35
CA ILE B 37 -6.59 -29.93 79.66
C ILE B 37 -5.23 -30.26 80.28
N PHE B 38 -5.06 -31.52 80.69
CA PHE B 38 -3.82 -31.99 81.29
C PHE B 38 -3.00 -32.70 80.21
N VAL B 39 -1.95 -32.04 79.73
CA VAL B 39 -1.10 -32.63 78.69
C VAL B 39 0.24 -33.02 79.30
N PRO B 40 0.88 -34.08 78.82
CA PRO B 40 2.20 -34.44 79.35
C PRO B 40 3.27 -33.47 78.87
N ALA B 41 4.07 -32.99 79.82
CA ALA B 41 5.12 -32.04 79.48
C ALA B 41 6.32 -32.72 78.82
N THR B 42 6.67 -33.91 79.29
CA THR B 42 7.86 -34.63 78.84
C THR B 42 7.46 -35.82 77.96
N ASN B 43 8.47 -36.59 77.56
CA ASN B 43 8.28 -37.77 76.73
C ASN B 43 8.53 -39.07 77.49
N SER B 44 8.67 -39.00 78.80
CA SER B 44 8.95 -40.20 79.59
C SER B 44 7.75 -41.15 79.52
N PRO B 45 7.97 -42.42 79.16
CA PRO B 45 6.82 -43.33 79.02
C PRO B 45 6.01 -43.52 80.29
N GLU B 46 6.66 -43.55 81.46
CA GLU B 46 5.94 -43.79 82.71
C GLU B 46 4.95 -42.67 82.99
N LEU B 47 5.38 -41.41 82.78
CA LEU B 47 4.50 -40.28 83.03
C LEU B 47 3.31 -40.27 82.09
N ARG B 48 3.54 -40.56 80.80
CA ARG B 48 2.44 -40.60 79.85
C ARG B 48 1.47 -41.74 80.16
N TRP B 49 2.00 -42.90 80.56
CA TRP B 49 1.13 -44.01 80.92
C TRP B 49 0.28 -43.67 82.15
N GLU B 50 0.89 -43.06 83.16
CA GLU B 50 0.12 -42.64 84.32
C GLU B 50 -0.92 -41.60 83.95
N LEU B 51 -0.57 -40.69 83.04
CA LEU B 51 -1.51 -39.66 82.62
C LEU B 51 -2.71 -40.25 81.88
N THR B 52 -2.47 -41.22 81.00
CA THR B 52 -3.60 -41.81 80.28
C THR B 52 -4.44 -42.70 81.20
N LEU B 53 -3.81 -43.34 82.20
CA LEU B 53 -4.59 -44.05 83.20
C LEU B 53 -5.47 -43.09 83.99
N PHE B 54 -4.92 -41.94 84.36
CA PHE B 54 -5.71 -40.94 85.07
C PHE B 54 -6.86 -40.44 84.22
N ALA B 55 -6.60 -40.21 82.93
CA ALA B 55 -7.66 -39.75 82.03
C ALA B 55 -8.76 -40.80 81.90
N LEU B 56 -8.38 -42.07 81.79
CA LEU B 56 -9.37 -43.15 81.76
C LEU B 56 -10.20 -43.14 83.03
N ASP B 57 -9.56 -43.00 84.19
CA ASP B 57 -10.31 -42.98 85.44
C ASP B 57 -11.26 -41.79 85.52
N VAL B 58 -10.80 -40.62 85.09
CA VAL B 58 -11.65 -39.43 85.13
C VAL B 58 -12.86 -39.60 84.22
N ILE B 59 -12.63 -40.13 83.02
CA ILE B 59 -13.74 -40.35 82.08
C ILE B 59 -14.71 -41.36 82.66
N ARG B 60 -14.21 -42.42 83.27
CA ARG B 60 -15.08 -43.41 83.89
C ARG B 60 -15.76 -42.88 85.15
N SER B 61 -15.22 -41.83 85.76
CA SER B 61 -15.72 -41.36 87.04
C SER B 61 -17.16 -40.84 86.89
N PRO B 62 -18.05 -41.16 87.83
CA PRO B 62 -19.42 -40.63 87.75
C PRO B 62 -19.55 -39.25 88.37
N SER B 63 -18.67 -38.94 89.32
CA SER B 63 -18.71 -37.65 90.00
C SER B 63 -17.99 -36.56 89.23
N ALA B 64 -17.40 -36.87 88.08
CA ALA B 64 -16.65 -35.87 87.32
C ALA B 64 -17.60 -34.86 86.68
N ALA B 65 -17.21 -33.60 86.74
CA ALA B 65 -17.93 -32.57 86.01
C ALA B 65 -17.70 -32.73 84.52
N GLU B 66 -18.62 -32.18 83.72
CA GLU B 66 -18.54 -32.36 82.28
C GLU B 66 -17.27 -31.73 81.71
N SER B 67 -16.87 -30.55 82.24
CA SER B 67 -15.65 -29.91 81.77
C SER B 67 -14.44 -30.78 82.04
N MET B 68 -14.39 -31.43 83.20
CA MET B 68 -13.30 -32.35 83.50
C MET B 68 -13.29 -33.52 82.53
N LYS B 69 -14.48 -34.03 82.17
CA LYS B 69 -14.56 -35.12 81.22
C LYS B 69 -14.05 -34.70 79.84
N ILE B 70 -14.39 -33.47 79.41
CA ILE B 70 -13.89 -32.98 78.13
C ILE B 70 -12.37 -32.81 78.18
N GLY B 71 -11.85 -32.32 79.32
CA GLY B 71 -10.42 -32.22 79.46
C GLY B 71 -9.73 -33.56 79.38
N ALA B 72 -10.30 -34.57 80.03
CA ALA B 72 -9.75 -35.92 79.97
C ALA B 72 -9.80 -36.47 78.54
N ALA B 73 -10.89 -36.22 77.82
CA ALA B 73 -11.00 -36.68 76.44
C ALA B 73 -9.95 -36.02 75.56
N PHE B 74 -9.75 -34.70 75.72
CA PHE B 74 -8.73 -34.01 74.95
C PHE B 74 -7.33 -34.51 75.31
N THR B 75 -7.11 -34.80 76.60
CA THR B 75 -5.83 -35.39 77.01
C THR B 75 -5.61 -36.73 76.34
N LEU B 76 -6.64 -37.57 76.29
CA LEU B 76 -6.50 -38.88 75.66
C LEU B 76 -6.21 -38.75 74.18
N ILE B 77 -7.00 -37.94 73.46
CA ILE B 77 -6.92 -37.92 72.01
C ILE B 77 -5.53 -37.47 71.55
N SER B 78 -4.91 -36.55 72.27
CA SER B 78 -3.64 -35.97 71.87
C SER B 78 -2.44 -36.66 72.52
N MET B 79 -2.64 -37.81 73.18
CA MET B 79 -1.53 -38.49 73.84
C MET B 79 -0.50 -39.01 72.85
N TYR B 80 -0.92 -39.41 71.65
CA TYR B 80 0.01 -40.00 70.70
C TYR B 80 1.06 -38.99 70.25
N SER B 81 0.69 -37.72 70.13
CA SER B 81 1.60 -36.71 69.63
C SER B 81 2.70 -36.44 70.65
N GLU B 82 3.90 -36.14 70.13
CA GLU B 82 5.03 -35.80 71.00
C GLU B 82 4.84 -34.46 71.68
N ARG B 83 4.05 -33.57 71.10
CA ARG B 83 3.76 -32.25 71.69
C ARG B 83 2.25 -32.08 71.71
N PRO B 84 1.57 -32.70 72.68
CA PRO B 84 0.10 -32.61 72.72
C PRO B 84 -0.42 -31.18 72.82
N GLY B 85 0.28 -30.31 73.54
CA GLY B 85 -0.18 -28.94 73.66
C GLY B 85 -0.22 -28.22 72.32
N ALA B 86 0.85 -28.38 71.53
CA ALA B 86 0.89 -27.75 70.21
C ALA B 86 -0.19 -28.32 69.30
N LEU B 87 -0.41 -29.63 69.36
CA LEU B 87 -1.44 -30.26 68.55
C LEU B 87 -2.82 -29.72 68.90
N ILE B 88 -3.12 -29.61 70.20
CA ILE B 88 -4.42 -29.10 70.62
C ILE B 88 -4.57 -27.63 70.22
N ARG B 89 -3.53 -26.82 70.43
CA ARG B 89 -3.65 -25.39 70.17
C ARG B 89 -3.73 -25.10 68.68
N SER B 90 -3.09 -25.91 67.84
CA SER B 90 -3.07 -25.68 66.40
C SER B 90 -4.16 -26.43 65.65
N LEU B 91 -5.04 -27.16 66.35
CA LEU B 91 -6.12 -27.89 65.70
C LEU B 91 -7.41 -27.72 66.47
N LEU B 92 -7.64 -26.53 67.01
CA LEU B 92 -8.85 -26.21 67.76
C LEU B 92 -9.60 -25.09 67.05
N ASN B 93 -10.86 -25.35 66.70
CA ASN B 93 -11.70 -24.37 66.04
C ASN B 93 -13.08 -24.36 66.69
N ASP B 94 -13.10 -24.33 68.03
CA ASP B 94 -14.34 -24.39 68.79
C ASP B 94 -14.65 -23.03 69.42
N PRO B 95 -15.58 -22.26 68.87
CA PRO B 95 -15.95 -20.99 69.53
C PRO B 95 -16.66 -21.20 70.85
N ASP B 96 -17.22 -22.38 71.10
CA ASP B 96 -17.94 -22.62 72.35
C ASP B 96 -17.02 -22.64 73.55
N ILE B 97 -15.80 -23.13 73.38
CA ILE B 97 -14.90 -23.40 74.49
C ILE B 97 -13.59 -22.65 74.30
N GLU B 98 -12.92 -22.37 75.42
CA GLU B 98 -11.55 -21.91 75.44
C GLU B 98 -10.73 -22.94 76.20
N ALA B 99 -9.59 -23.34 75.62
CA ALA B 99 -8.76 -24.38 76.19
C ALA B 99 -7.55 -23.76 76.89
N VAL B 100 -7.37 -24.09 78.16
CA VAL B 100 -6.20 -23.67 78.92
C VAL B 100 -5.31 -24.90 79.07
N ILE B 101 -4.25 -24.95 78.26
CA ILE B 101 -3.36 -26.10 78.26
C ILE B 101 -2.50 -26.08 79.53
N ILE B 102 -2.44 -27.22 80.21
CA ILE B 102 -1.71 -27.36 81.46
C ILE B 102 -0.66 -28.45 81.27
N ASP B 103 0.61 -28.06 81.34
CA ASP B 103 1.69 -29.04 81.31
C ASP B 103 1.78 -29.74 82.66
N VAL B 104 1.65 -31.07 82.64
CA VAL B 104 1.56 -31.82 83.89
C VAL B 104 2.87 -31.74 84.66
N GLY B 105 4.01 -31.91 83.97
CA GLY B 105 5.29 -31.79 84.63
C GLY B 105 5.76 -33.09 85.24
N SER B 106 5.58 -33.25 86.55
CA SER B 106 5.85 -34.51 87.23
C SER B 106 4.54 -35.24 87.45
N MET B 107 4.56 -36.37 88.17
CA MET B 107 3.34 -37.12 88.38
C MET B 107 3.36 -37.81 89.74
N LEU B 108 2.40 -37.45 90.57
CA LEU B 108 2.06 -38.19 91.78
C LEU B 108 0.98 -39.23 91.42
N ASN B 109 0.31 -39.79 92.43
CA ASN B 109 -0.83 -40.65 92.15
C ASN B 109 -1.83 -39.93 91.26
N GLY B 110 -2.14 -38.67 91.56
CA GLY B 110 -2.91 -37.83 90.66
C GLY B 110 -1.98 -37.00 89.80
N ILE B 111 -2.09 -35.68 89.88
CA ILE B 111 -1.19 -34.77 89.17
C ILE B 111 -0.73 -33.68 90.11
N PRO B 112 0.57 -33.41 90.21
CA PRO B 112 1.04 -32.27 91.01
C PRO B 112 0.99 -30.99 90.19
N VAL B 113 0.20 -30.03 90.65
CA VAL B 113 0.11 -28.74 89.96
C VAL B 113 1.45 -28.04 89.99
N MET B 114 2.18 -28.16 91.10
CA MET B 114 3.52 -27.59 91.24
C MET B 114 3.54 -26.11 90.92
N GLU B 115 2.67 -25.36 91.58
CA GLU B 115 2.59 -23.91 91.38
C GLU B 115 2.04 -23.29 92.67
N ARG B 116 2.93 -22.73 93.48
CA ARG B 116 2.58 -22.10 94.75
C ARG B 116 1.78 -23.07 95.63
N ARG B 117 2.45 -24.13 96.06
CA ARG B 117 1.82 -25.16 96.87
C ARG B 117 1.20 -24.55 98.13
N GLY B 118 -0.03 -24.95 98.41
CA GLY B 118 -0.81 -24.37 99.49
C GLY B 118 -1.73 -23.25 99.04
N ASP B 119 -1.33 -22.52 98.02
CA ASP B 119 -2.11 -21.40 97.48
C ASP B 119 -2.96 -21.91 96.32
N LYS B 120 -4.25 -22.14 96.58
CA LYS B 120 -5.22 -22.50 95.54
C LYS B 120 -4.82 -23.79 94.81
N ALA B 121 -4.21 -24.72 95.53
CA ALA B 121 -3.78 -25.98 94.94
C ALA B 121 -4.26 -27.19 95.71
N GLN B 122 -4.31 -27.11 97.05
CA GLN B 122 -4.75 -28.25 97.84
C GLN B 122 -6.19 -28.63 97.52
N GLU B 123 -7.04 -27.64 97.26
CA GLU B 123 -8.43 -27.94 96.91
C GLU B 123 -8.51 -28.73 95.62
N GLU B 124 -7.72 -28.37 94.61
CA GLU B 124 -7.68 -29.15 93.38
C GLU B 124 -7.13 -30.54 93.63
N MET B 125 -6.12 -30.66 94.49
CA MET B 125 -5.58 -31.97 94.79
C MET B 125 -6.63 -32.89 95.42
N GLU B 126 -7.35 -32.38 96.43
CA GLU B 126 -8.41 -33.19 97.03
C GLU B 126 -9.54 -33.46 96.05
N GLY B 127 -9.84 -32.52 95.16
CA GLY B 127 -10.85 -32.78 94.14
C GLY B 127 -10.46 -33.93 93.22
N LEU B 128 -9.20 -33.94 92.79
CA LEU B 128 -8.73 -35.04 91.94
C LEU B 128 -8.70 -36.37 92.70
N MET B 129 -8.33 -36.33 93.98
CA MET B 129 -8.40 -37.55 94.79
C MET B 129 -9.83 -38.07 94.91
N ARG B 130 -10.79 -37.16 95.12
CA ARG B 130 -12.19 -37.58 95.14
C ARG B 130 -12.61 -38.17 93.80
N ILE B 131 -12.17 -37.55 92.71
CA ILE B 131 -12.49 -38.06 91.37
C ILE B 131 -11.99 -39.49 91.22
N LEU B 132 -10.72 -39.72 91.57
CA LEU B 132 -10.14 -41.05 91.43
C LEU B 132 -10.85 -42.06 92.33
N LYS B 133 -11.14 -41.68 93.58
CA LYS B 133 -11.79 -42.59 94.50
C LYS B 133 -13.18 -42.96 94.02
N THR B 134 -13.95 -41.98 93.56
CA THR B 134 -15.29 -42.26 93.04
C THR B 134 -15.22 -43.12 91.78
N ALA B 135 -14.24 -42.87 90.91
CA ALA B 135 -14.09 -43.68 89.71
C ALA B 135 -13.79 -45.13 90.07
N ARG B 136 -12.91 -45.35 91.03
CA ARG B 136 -12.55 -46.72 91.40
C ARG B 136 -13.67 -47.42 92.14
N GLU B 137 -14.40 -46.70 92.99
CA GLU B 137 -15.48 -47.32 93.76
C GLU B 137 -16.74 -47.54 92.93
N SER B 138 -16.96 -46.73 91.89
CA SER B 138 -18.21 -46.80 91.15
C SER B 138 -18.40 -48.17 90.49
N SER B 139 -17.39 -48.63 89.76
CA SER B 139 -17.45 -49.96 89.19
C SER B 139 -17.30 -51.00 90.28
N LYS B 140 -17.64 -52.25 89.93
CA LYS B 140 -17.55 -53.35 90.90
C LYS B 140 -16.12 -53.84 90.99
N GLY B 141 -15.18 -52.93 91.24
CA GLY B 141 -13.77 -53.29 91.22
C GLY B 141 -13.22 -53.54 89.85
N LYS B 142 -13.97 -53.22 88.80
CA LYS B 142 -13.57 -53.54 87.43
C LYS B 142 -12.74 -52.41 86.85
N THR B 143 -11.54 -52.76 86.37
CA THR B 143 -10.69 -51.80 85.70
C THR B 143 -11.27 -51.44 84.33
N PRO B 144 -10.89 -50.29 83.78
CA PRO B 144 -11.38 -49.94 82.42
C PRO B 144 -11.01 -50.97 81.37
N PHE B 145 -9.84 -51.60 81.50
CA PHE B 145 -9.43 -52.61 80.52
C PHE B 145 -10.12 -53.93 80.81
N VAL B 146 -10.33 -54.71 79.74
CA VAL B 146 -10.94 -56.02 79.87
C VAL B 146 -10.01 -56.98 80.62
N ASP B 147 -8.73 -56.66 80.71
CA ASP B 147 -7.76 -57.47 81.45
C ASP B 147 -7.37 -56.69 82.71
N SER B 148 -7.58 -57.31 83.87
CA SER B 148 -7.28 -56.64 85.13
C SER B 148 -5.79 -56.36 85.28
N ARG B 149 -4.94 -57.12 84.60
CA ARG B 149 -3.50 -56.89 84.67
C ARG B 149 -3.08 -55.68 83.86
N ALA B 150 -3.88 -55.25 82.89
CA ALA B 150 -3.52 -54.10 82.06
C ALA B 150 -3.65 -52.79 82.81
N TYR B 151 -4.38 -52.76 83.93
CA TYR B 151 -4.55 -51.52 84.68
C TYR B 151 -3.34 -51.24 85.55
N GLY B 152 -3.04 -52.14 86.49
CA GLY B 152 -1.89 -51.99 87.34
C GLY B 152 -0.61 -52.49 86.68
N LEU B 153 -0.36 -52.02 85.47
CA LEU B 153 0.79 -52.45 84.69
C LEU B 153 1.82 -51.33 84.64
N ARG B 154 3.07 -51.66 84.96
CA ARG B 154 4.16 -50.70 84.91
C ARG B 154 4.70 -50.62 83.49
N ILE B 155 4.83 -49.40 82.98
CA ILE B 155 5.35 -49.15 81.64
C ILE B 155 6.61 -48.30 81.76
N THR B 156 7.72 -48.82 81.24
CA THR B 156 8.97 -48.07 81.16
C THR B 156 9.57 -48.05 79.77
N ASP B 157 9.20 -48.99 78.89
CA ASP B 157 9.69 -49.02 77.53
C ASP B 157 8.82 -48.14 76.64
N MET B 158 9.46 -47.38 75.76
CA MET B 158 8.72 -46.47 74.88
C MET B 158 7.81 -47.25 73.94
N SER B 159 8.29 -48.40 73.43
CA SER B 159 7.49 -49.17 72.49
C SER B 159 6.20 -49.67 73.11
N THR B 160 6.26 -50.18 74.34
CA THR B 160 5.05 -50.66 75.01
C THR B 160 4.07 -49.52 75.25
N LEU B 161 4.57 -48.36 75.66
CA LEU B 161 3.70 -47.20 75.83
C LEU B 161 3.04 -46.82 74.52
N VAL B 162 3.82 -46.81 73.43
CA VAL B 162 3.26 -46.47 72.12
C VAL B 162 2.16 -47.45 71.73
N SER B 163 2.41 -48.75 71.94
CA SER B 163 1.41 -49.75 71.56
C SER B 163 0.13 -49.59 72.38
N ALA B 164 0.27 -49.42 73.71
CA ALA B 164 -0.90 -49.26 74.55
C ALA B 164 -1.69 -48.00 74.20
N VAL B 165 -0.98 -46.89 73.97
CA VAL B 165 -1.63 -45.65 73.61
C VAL B 165 -2.35 -45.80 72.27
N ILE B 166 -1.70 -46.47 71.32
CA ILE B 166 -2.32 -46.69 70.01
C ILE B 166 -3.61 -47.49 70.15
N THR B 167 -3.58 -48.54 70.98
CA THR B 167 -4.79 -49.33 71.18
C THR B 167 -5.90 -48.50 71.80
N ILE B 168 -5.56 -47.69 72.82
CA ILE B 168 -6.58 -46.87 73.48
C ILE B 168 -7.17 -45.86 72.50
N GLU B 169 -6.30 -45.21 71.71
CA GLU B 169 -6.79 -44.23 70.74
C GLU B 169 -7.67 -44.89 69.69
N ALA B 170 -7.29 -46.07 69.20
CA ALA B 170 -8.11 -46.76 68.22
C ALA B 170 -9.47 -47.08 68.80
N GLN B 171 -9.50 -47.68 70.00
CA GLN B 171 -10.77 -48.04 70.61
C GLN B 171 -11.64 -46.83 70.87
N ILE B 172 -11.04 -45.68 71.19
CA ILE B 172 -11.81 -44.44 71.31
C ILE B 172 -12.36 -44.03 69.96
N TRP B 173 -11.53 -44.06 68.92
CA TRP B 173 -11.90 -43.54 67.61
C TRP B 173 -12.91 -44.44 66.88
N ILE B 174 -13.11 -45.68 67.32
CA ILE B 174 -14.18 -46.47 66.72
C ILE B 174 -15.53 -45.85 67.00
N LEU B 175 -15.71 -45.24 68.18
CA LEU B 175 -17.04 -44.81 68.61
C LEU B 175 -17.57 -43.66 67.77
N ILE B 176 -16.70 -42.84 67.18
CA ILE B 176 -17.16 -41.63 66.51
C ILE B 176 -18.04 -41.95 65.31
N ALA B 177 -17.85 -43.13 64.70
CA ALA B 177 -18.61 -43.47 63.50
C ALA B 177 -20.12 -43.52 63.79
N LYS B 178 -20.50 -44.12 64.90
CA LYS B 178 -21.90 -44.29 65.27
C LYS B 178 -22.15 -43.78 66.68
N ALA B 179 -21.65 -42.58 66.97
CA ALA B 179 -21.87 -41.97 68.28
C ALA B 179 -23.13 -41.11 68.31
N VAL B 180 -23.43 -40.43 67.21
CA VAL B 180 -24.59 -39.54 67.15
C VAL B 180 -25.68 -40.06 66.22
N THR B 181 -25.35 -40.90 65.24
CA THR B 181 -26.38 -41.43 64.34
C THR B 181 -27.28 -42.42 65.08
N ALA B 182 -26.69 -43.48 65.61
CA ALA B 182 -27.45 -44.48 66.38
C ALA B 182 -26.53 -45.08 67.43
N PRO B 183 -26.28 -44.36 68.52
CA PRO B 183 -25.40 -44.89 69.57
C PRO B 183 -25.93 -46.17 70.22
N ASP B 184 -27.25 -46.31 70.33
CA ASP B 184 -27.81 -47.50 70.97
C ASP B 184 -27.56 -48.74 70.11
N THR B 185 -27.70 -48.63 68.79
CA THR B 185 -27.53 -49.75 67.89
C THR B 185 -26.06 -50.01 67.55
N ALA B 186 -25.14 -49.48 68.35
CA ALA B 186 -23.71 -49.69 68.15
C ALA B 186 -23.30 -51.04 68.77
N GLU B 187 -22.00 -51.23 68.94
CA GLU B 187 -21.33 -52.39 69.50
C GLU B 187 -21.27 -53.56 68.53
N GLU B 188 -21.90 -53.47 67.36
CA GLU B 188 -21.75 -54.47 66.31
C GLU B 188 -20.70 -54.03 65.29
N SER B 189 -20.92 -52.86 64.67
CA SER B 189 -19.91 -52.32 63.77
C SER B 189 -18.63 -51.98 64.52
N GLU B 190 -18.75 -51.51 65.76
CA GLU B 190 -17.56 -51.22 66.56
C GLU B 190 -16.76 -52.49 66.83
N THR B 191 -17.44 -53.57 67.20
CA THR B 191 -16.75 -54.84 67.41
C THR B 191 -16.14 -55.34 66.12
N ARG B 192 -16.83 -55.14 64.99
CA ARG B 192 -16.27 -55.55 63.70
C ARG B 192 -14.99 -54.77 63.38
N ARG B 193 -14.99 -53.46 63.63
CA ARG B 193 -13.79 -52.67 63.39
C ARG B 193 -12.65 -53.12 64.31
N TRP B 194 -12.97 -53.37 65.58
CA TRP B 194 -11.93 -53.83 66.52
C TRP B 194 -11.35 -55.16 66.08
N ALA B 195 -12.22 -56.10 65.65
CA ALA B 195 -11.73 -57.38 65.16
C ALA B 195 -10.86 -57.22 63.92
N LYS B 196 -11.27 -56.32 63.01
CA LYS B 196 -10.47 -56.08 61.81
C LYS B 196 -9.09 -55.56 62.17
N TYR B 197 -9.02 -54.61 63.09
CA TYR B 197 -7.72 -54.04 63.46
C TYR B 197 -6.89 -55.04 64.25
N VAL B 198 -7.52 -55.91 65.03
CA VAL B 198 -6.76 -56.95 65.72
C VAL B 198 -6.18 -57.95 64.72
N GLN B 199 -6.97 -58.34 63.72
CA GLN B 199 -6.47 -59.28 62.72
C GLN B 199 -5.34 -58.67 61.89
N GLN B 200 -5.34 -57.35 61.73
CA GLN B 200 -4.25 -56.67 61.04
C GLN B 200 -3.03 -56.47 61.94
N LYS B 201 -3.14 -56.81 63.22
CA LYS B 201 -2.07 -56.67 64.20
C LYS B 201 -1.63 -55.21 64.37
N ARG B 202 -2.48 -54.26 63.98
CA ARG B 202 -2.16 -52.86 64.21
C ARG B 202 -2.36 -52.48 65.67
N VAL B 203 -3.22 -53.20 66.39
CA VAL B 203 -3.52 -52.92 67.79
C VAL B 203 -3.23 -54.19 68.59
N ASN B 204 -2.53 -54.00 69.72
CA ASN B 204 -2.28 -55.11 70.62
C ASN B 204 -3.52 -55.37 71.46
N PRO B 205 -4.13 -56.56 71.39
CA PRO B 205 -5.40 -56.78 72.06
C PRO B 205 -5.31 -56.82 73.58
N PHE B 206 -4.10 -56.77 74.16
CA PHE B 206 -3.98 -56.81 75.60
C PHE B 206 -4.64 -55.58 76.25
N PHE B 207 -4.45 -54.40 75.64
CA PHE B 207 -5.06 -53.17 76.15
C PHE B 207 -6.41 -52.99 75.46
N ALA B 208 -7.39 -53.76 75.91
CA ALA B 208 -8.76 -53.69 75.41
C ALA B 208 -9.67 -53.21 76.54
N LEU B 209 -10.27 -52.05 76.36
CA LEU B 209 -11.15 -51.50 77.38
C LEU B 209 -12.47 -52.27 77.43
N THR B 210 -13.05 -52.35 78.62
CA THR B 210 -14.31 -53.05 78.79
C THR B 210 -15.44 -52.29 78.11
N GLN B 211 -16.55 -53.00 77.88
CA GLN B 211 -17.65 -52.40 77.15
C GLN B 211 -18.38 -51.35 77.99
N GLN B 212 -18.32 -51.46 79.32
CA GLN B 212 -18.94 -50.44 80.17
C GLN B 212 -18.25 -49.10 80.00
N TRP B 213 -16.91 -49.11 80.02
CA TRP B 213 -16.16 -47.88 79.79
C TRP B 213 -16.42 -47.34 78.39
N LEU B 214 -16.52 -48.22 77.40
CA LEU B 214 -16.82 -47.79 76.04
C LEU B 214 -18.19 -47.13 75.96
N THR B 215 -19.18 -47.69 76.65
CA THR B 215 -20.51 -47.07 76.67
C THR B 215 -20.46 -45.71 77.34
N GLU B 216 -19.73 -45.60 78.46
CA GLU B 216 -19.62 -44.30 79.12
C GLU B 216 -18.96 -43.26 78.22
N MET B 217 -17.88 -43.65 77.53
CA MET B 217 -17.20 -42.72 76.65
C MET B 217 -18.06 -42.36 75.45
N ARG B 218 -18.82 -43.31 74.92
CA ARG B 218 -19.73 -43.01 73.81
C ARG B 218 -20.81 -42.03 74.25
N ASN B 219 -21.34 -42.21 75.46
CA ASN B 219 -22.31 -41.26 75.97
C ASN B 219 -21.70 -39.87 76.11
N LEU B 220 -20.48 -39.79 76.64
CA LEU B 220 -19.80 -38.50 76.76
C LEU B 220 -19.58 -37.86 75.40
N LEU B 221 -19.16 -38.65 74.41
CA LEU B 221 -18.90 -38.13 73.08
C LEU B 221 -20.17 -37.65 72.41
N SER B 222 -21.29 -38.36 72.62
CA SER B 222 -22.55 -37.94 72.04
C SER B 222 -23.05 -36.65 72.70
N GLN B 223 -22.89 -36.55 74.03
CA GLN B 223 -23.37 -35.36 74.74
C GLN B 223 -22.61 -34.11 74.30
N SER B 224 -21.31 -34.20 74.13
CA SER B 224 -20.45 -33.05 73.91
C SER B 224 -20.18 -32.82 72.44
N LEU B 225 -20.22 -31.56 72.02
CA LEU B 225 -19.91 -31.17 70.65
C LEU B 225 -18.47 -30.73 70.47
N SER B 226 -17.82 -30.23 71.51
CA SER B 226 -16.45 -29.76 71.38
C SER B 226 -15.49 -30.91 71.05
N VAL B 227 -15.66 -32.06 71.72
CA VAL B 227 -14.83 -33.22 71.44
C VAL B 227 -15.04 -33.68 70.01
N ARG B 228 -16.30 -33.71 69.56
CA ARG B 228 -16.59 -34.09 68.18
C ARG B 228 -15.94 -33.14 67.20
N LYS B 229 -15.99 -31.83 67.48
CA LYS B 229 -15.37 -30.85 66.59
C LYS B 229 -13.86 -31.05 66.53
N PHE B 230 -13.23 -31.29 67.68
CA PHE B 230 -11.79 -31.52 67.70
C PHE B 230 -11.41 -32.76 66.91
N MET B 231 -12.16 -33.84 67.08
CA MET B 231 -11.84 -35.07 66.36
C MET B 231 -12.11 -34.94 64.87
N VAL B 232 -13.15 -34.19 64.49
CA VAL B 232 -13.40 -33.96 63.06
C VAL B 232 -12.29 -33.10 62.46
N GLU B 233 -11.80 -32.12 63.21
CA GLU B 233 -10.67 -31.32 62.74
C GLU B 233 -9.43 -32.19 62.56
N ILE B 234 -9.19 -33.09 63.51
CA ILE B 234 -8.06 -34.02 63.39
C ILE B 234 -8.22 -34.89 62.14
N LEU B 235 -9.43 -35.39 61.91
CA LEU B 235 -9.68 -36.20 60.73
C LEU B 235 -9.43 -35.42 59.45
N MET B 236 -9.90 -34.17 59.39
CA MET B 236 -9.70 -33.35 58.21
C MET B 236 -8.22 -33.08 57.96
N GLU B 237 -7.48 -32.76 59.03
CA GLU B 237 -6.06 -32.48 58.86
C GLU B 237 -5.29 -33.73 58.44
N VAL B 238 -5.63 -34.88 59.01
CA VAL B 238 -4.96 -36.14 58.67
C VAL B 238 -5.27 -36.53 57.23
N LYS B 239 -6.51 -36.29 56.80
CA LYS B 239 -6.92 -36.65 55.44
C LYS B 239 -6.05 -35.96 54.39
N LYS B 240 -5.64 -34.72 54.65
CA LYS B 240 -4.77 -34.00 53.73
C LYS B 240 -3.41 -34.71 53.65
N GLY B 241 -3.12 -35.30 52.49
CA GLY B 241 -1.87 -35.99 52.29
C GLY B 241 -0.73 -35.02 52.04
N GLY B 242 0.46 -35.60 51.86
CA GLY B 242 1.64 -34.82 51.57
C GLY B 242 2.83 -35.12 52.46
N SER B 243 2.56 -35.42 53.72
CA SER B 243 3.60 -35.70 54.69
C SER B 243 3.57 -37.17 55.10
N ALA B 244 4.62 -37.58 55.80
CA ALA B 244 4.70 -38.95 56.30
C ALA B 244 3.66 -39.18 57.39
N LYS B 245 3.05 -40.35 57.37
CA LYS B 245 1.99 -40.70 58.31
C LYS B 245 2.50 -41.76 59.27
N GLY B 246 2.36 -41.50 60.57
CA GLY B 246 2.70 -42.47 61.59
C GLY B 246 1.61 -43.50 61.79
N ARG B 247 1.88 -44.45 62.68
CA ARG B 247 0.90 -45.51 62.95
C ARG B 247 -0.40 -44.94 63.49
N ALA B 248 -0.31 -43.97 64.41
CA ALA B 248 -1.51 -43.34 64.93
C ALA B 248 -2.28 -42.63 63.83
N VAL B 249 -1.57 -41.88 62.99
CA VAL B 249 -2.23 -41.12 61.92
C VAL B 249 -2.84 -42.07 60.90
N GLU B 250 -2.14 -43.16 60.58
CA GLU B 250 -2.69 -44.13 59.63
C GLU B 250 -3.96 -44.78 60.19
N ILE B 251 -3.95 -45.15 61.47
CA ILE B 251 -5.14 -45.74 62.08
C ILE B 251 -6.28 -44.73 62.09
N ILE B 252 -5.98 -43.47 62.43
CA ILE B 252 -7.01 -42.44 62.48
C ILE B 252 -7.62 -42.24 61.10
N SER B 253 -6.79 -42.19 60.06
CA SER B 253 -7.33 -41.99 58.71
C SER B 253 -8.12 -43.21 58.25
N ASP B 254 -7.67 -44.42 58.59
CA ASP B 254 -8.42 -45.62 58.24
C ASP B 254 -9.79 -45.62 58.90
N ILE B 255 -9.86 -45.19 60.15
CA ILE B 255 -11.15 -45.07 60.83
C ILE B 255 -12.00 -43.98 60.18
N GLY B 256 -11.38 -42.84 59.87
CA GLY B 256 -12.12 -41.77 59.22
C GLY B 256 -12.66 -42.15 57.86
N ASN B 257 -12.06 -43.16 57.24
CA ASN B 257 -12.64 -43.71 56.02
C ASN B 257 -14.06 -44.20 56.27
N TYR B 258 -14.27 -44.88 57.39
CA TYR B 258 -15.62 -45.28 57.78
C TYR B 258 -16.43 -44.10 58.33
N VAL B 259 -15.76 -43.13 58.95
CA VAL B 259 -16.47 -42.02 59.57
C VAL B 259 -17.15 -41.14 58.53
N GLU B 260 -16.54 -40.98 57.36
CA GLU B 260 -17.02 -40.01 56.38
C GLU B 260 -18.46 -40.31 55.96
N GLU B 261 -19.19 -39.23 55.68
CA GLU B 261 -20.56 -39.31 55.13
C GLU B 261 -21.51 -40.05 56.06
N THR B 262 -21.20 -40.09 57.35
CA THR B 262 -22.10 -40.73 58.30
C THR B 262 -23.36 -39.91 58.50
N GLY B 263 -24.44 -40.57 58.88
CA GLY B 263 -25.69 -39.92 59.17
C GLY B 263 -26.40 -39.32 57.99
N MET B 264 -25.92 -39.55 56.76
CA MET B 264 -26.55 -39.04 55.55
C MET B 264 -26.78 -40.17 54.56
N ALA B 265 -27.14 -41.34 55.07
CA ALA B 265 -27.35 -42.49 54.19
C ALA B 265 -28.55 -42.29 53.27
N GLY B 266 -29.56 -41.54 53.72
CA GLY B 266 -30.71 -41.29 52.88
C GLY B 266 -30.35 -40.54 51.61
N PHE B 267 -29.60 -39.45 51.75
CA PHE B 267 -29.26 -38.62 50.60
C PHE B 267 -28.35 -39.35 49.63
N PHE B 268 -27.29 -39.98 50.14
CA PHE B 268 -26.33 -40.65 49.26
C PHE B 268 -26.93 -41.91 48.64
N ALA B 269 -27.76 -42.63 49.40
CA ALA B 269 -28.49 -43.76 48.82
C ALA B 269 -29.41 -43.30 47.72
N THR B 270 -30.14 -42.20 47.95
CA THR B 270 -30.98 -41.62 46.90
C THR B 270 -30.16 -41.34 45.65
N ILE B 271 -29.04 -40.63 45.81
CA ILE B 271 -28.17 -40.33 44.68
C ILE B 271 -27.81 -41.62 43.94
N ARG B 272 -27.12 -42.51 44.65
CA ARG B 272 -26.51 -43.68 44.02
C ARG B 272 -27.54 -44.56 43.34
N PHE B 273 -28.69 -44.78 43.97
CA PHE B 273 -29.66 -45.74 43.46
C PHE B 273 -30.73 -45.09 42.59
N GLY B 274 -31.46 -44.12 43.12
CA GLY B 274 -32.49 -43.48 42.33
C GLY B 274 -31.92 -42.64 41.19
N LEU B 275 -30.88 -41.86 41.46
CA LEU B 275 -30.37 -40.94 40.45
C LEU B 275 -29.53 -41.66 39.41
N GLU B 276 -28.43 -42.27 39.84
CA GLU B 276 -27.69 -43.17 38.96
C GLU B 276 -28.48 -44.46 38.76
N THR B 277 -27.88 -45.41 38.05
CA THR B 277 -28.58 -46.62 37.63
C THR B 277 -29.87 -46.25 36.88
N ARG B 278 -29.68 -45.57 35.75
CA ARG B 278 -30.77 -44.94 35.03
C ARG B 278 -31.86 -45.92 34.65
N TYR B 279 -33.03 -45.76 35.26
CA TYR B 279 -34.18 -46.63 35.04
C TYR B 279 -35.22 -45.92 34.21
N PRO B 280 -35.83 -46.59 33.23
CA PRO B 280 -36.89 -45.97 32.44
C PRO B 280 -38.03 -45.36 33.26
N ALA B 281 -38.10 -45.67 34.54
CA ALA B 281 -39.14 -45.15 35.43
C ALA B 281 -38.76 -43.82 36.06
N LEU B 282 -37.61 -43.24 35.68
CA LEU B 282 -37.18 -41.99 36.29
C LEU B 282 -38.01 -40.82 35.80
N ALA B 283 -38.03 -40.59 34.49
CA ALA B 283 -38.81 -39.49 33.92
C ALA B 283 -40.27 -39.90 33.92
N LEU B 284 -40.98 -39.48 34.97
CA LEU B 284 -42.38 -39.84 35.13
C LEU B 284 -43.26 -38.66 35.52
N ASN B 285 -42.77 -37.42 35.41
CA ASN B 285 -43.46 -36.18 35.72
C ASN B 285 -43.85 -36.06 37.18
N GLU B 286 -43.47 -37.00 38.04
CA GLU B 286 -43.57 -36.85 39.48
C GLU B 286 -42.21 -36.80 40.15
N PHE B 287 -41.13 -36.94 39.40
CA PHE B 287 -39.78 -36.92 39.95
C PHE B 287 -38.98 -35.71 39.51
N GLN B 288 -39.54 -34.82 38.67
CA GLN B 288 -38.76 -33.71 38.15
C GLN B 288 -38.39 -32.72 39.25
N SER B 289 -39.34 -32.40 40.13
CA SER B 289 -39.04 -31.50 41.25
C SER B 289 -38.00 -32.11 42.18
N ASP B 290 -38.11 -33.41 42.45
CA ASP B 290 -37.13 -34.07 43.29
C ASP B 290 -35.75 -34.07 42.64
N LEU B 291 -35.69 -34.27 41.32
CA LEU B 291 -34.41 -34.23 40.62
C LEU B 291 -33.80 -32.85 40.68
N ASN B 292 -34.61 -31.80 40.50
CA ASN B 292 -34.09 -30.44 40.60
C ASN B 292 -33.58 -30.15 42.01
N THR B 293 -34.33 -30.58 43.03
CA THR B 293 -33.88 -30.39 44.41
C THR B 293 -32.59 -31.14 44.67
N ILE B 294 -32.47 -32.35 44.12
CA ILE B 294 -31.26 -33.15 44.29
C ILE B 294 -30.07 -32.47 43.63
N LYS B 295 -30.27 -31.92 42.43
CA LYS B 295 -29.20 -31.19 41.76
C LYS B 295 -28.75 -29.99 42.59
N GLY B 296 -29.72 -29.20 43.07
CA GLY B 296 -29.38 -28.08 43.93
C GLY B 296 -28.64 -28.50 45.18
N LEU B 297 -29.03 -29.65 45.75
CA LEU B 297 -28.33 -30.19 46.91
C LEU B 297 -26.91 -30.59 46.54
N MET B 298 -26.70 -31.10 45.32
CA MET B 298 -25.35 -31.44 44.88
C MET B 298 -24.46 -30.21 44.81
N LEU B 299 -24.98 -29.13 44.21
CA LEU B 299 -24.20 -27.89 44.18
C LEU B 299 -23.97 -27.34 45.59
N LEU B 300 -24.97 -27.45 46.46
CA LEU B 300 -24.78 -27.01 47.84
C LEU B 300 -23.69 -27.81 48.55
N TYR B 301 -23.69 -29.12 48.35
CA TYR B 301 -22.67 -29.98 48.96
C TYR B 301 -21.29 -29.64 48.45
N ARG B 302 -21.18 -29.37 47.14
CA ARG B 302 -19.89 -28.94 46.61
C ARG B 302 -19.48 -27.58 47.17
N GLU B 303 -20.46 -26.72 47.43
CA GLU B 303 -20.16 -25.37 47.94
C GLU B 303 -19.76 -25.38 49.40
N ILE B 304 -20.24 -26.37 50.18
CA ILE B 304 -20.01 -26.34 51.62
C ILE B 304 -18.52 -26.35 51.95
N GLY B 305 -17.77 -27.28 51.35
CA GLY B 305 -16.34 -27.33 51.56
C GLY B 305 -15.86 -28.66 52.09
N PRO B 306 -14.69 -28.66 52.72
CA PRO B 306 -14.12 -29.92 53.22
C PRO B 306 -14.87 -30.49 54.42
N ARG B 307 -15.76 -29.73 55.04
CA ARG B 307 -16.57 -30.21 56.15
C ARG B 307 -17.85 -30.88 55.69
N ALA B 308 -18.05 -31.01 54.38
CA ALA B 308 -19.29 -31.58 53.86
C ALA B 308 -19.55 -33.01 54.33
N PRO B 309 -18.59 -33.94 54.30
CA PRO B 309 -18.89 -35.29 54.81
C PRO B 309 -19.28 -35.31 56.27
N TYR B 310 -18.65 -34.49 57.10
CA TYR B 310 -18.90 -34.47 58.55
C TYR B 310 -19.88 -33.38 58.94
N MET B 311 -21.07 -33.35 58.34
CA MET B 311 -22.06 -32.37 58.77
C MET B 311 -22.88 -32.87 59.95
N VAL B 312 -23.21 -34.16 59.97
CA VAL B 312 -23.96 -34.72 61.09
C VAL B 312 -23.12 -34.66 62.37
N LEU B 313 -21.82 -34.90 62.26
CA LEU B 313 -20.95 -34.85 63.43
C LEU B 313 -20.88 -33.45 64.00
N LEU B 314 -20.71 -32.44 63.13
CA LEU B 314 -20.70 -31.06 63.57
C LEU B 314 -22.09 -30.47 63.73
N GLU B 315 -23.14 -31.22 63.38
CA GLU B 315 -24.52 -30.77 63.53
C GLU B 315 -24.77 -29.47 62.77
N GLU B 316 -24.25 -29.41 61.55
CA GLU B 316 -24.46 -28.25 60.70
C GLU B 316 -25.95 -28.07 60.41
N SER B 317 -26.40 -26.82 60.43
CA SER B 317 -27.79 -26.52 60.12
C SER B 317 -28.13 -26.82 58.66
N ILE B 318 -27.13 -26.84 57.78
CA ILE B 318 -27.37 -27.16 56.38
C ILE B 318 -27.80 -28.62 56.22
N GLN B 319 -27.56 -29.46 57.23
CA GLN B 319 -27.87 -30.88 57.12
C GLN B 319 -29.37 -31.12 56.98
N THR B 320 -30.20 -30.33 57.65
CA THR B 320 -31.65 -30.55 57.60
C THR B 320 -32.16 -30.45 56.17
N LYS B 321 -31.58 -29.56 55.36
CA LYS B 321 -31.98 -29.45 53.98
C LYS B 321 -31.61 -30.70 53.18
N PHE B 322 -30.54 -31.40 53.58
CA PHE B 322 -30.12 -32.60 52.89
C PHE B 322 -30.98 -33.81 53.22
N ALA B 323 -31.65 -33.81 54.36
CA ALA B 323 -32.40 -34.98 54.80
C ALA B 323 -33.60 -35.23 53.91
N PRO B 324 -33.98 -36.49 53.70
CA PRO B 324 -35.21 -36.78 52.98
C PRO B 324 -36.42 -36.19 53.70
N GLY B 325 -37.37 -35.70 52.92
CA GLY B 325 -38.49 -34.95 53.45
C GLY B 325 -38.78 -33.78 52.53
N GLY B 326 -37.74 -33.28 51.88
CA GLY B 326 -37.88 -32.34 50.78
C GLY B 326 -37.98 -33.01 49.43
N TYR B 327 -37.71 -34.30 49.36
CA TYR B 327 -37.85 -35.09 48.14
C TYR B 327 -38.29 -36.51 48.47
N PRO B 328 -39.43 -36.68 49.16
CA PRO B 328 -39.80 -38.02 49.63
C PRO B 328 -40.06 -39.02 48.51
N LEU B 329 -40.51 -38.57 47.35
CA LEU B 329 -40.87 -39.49 46.28
C LEU B 329 -39.64 -40.18 45.70
N LEU B 330 -38.66 -39.40 45.25
CA LEU B 330 -37.44 -39.99 44.71
C LEU B 330 -36.69 -40.76 45.78
N TRP B 331 -36.73 -40.27 47.03
CA TRP B 331 -36.08 -41.01 48.12
C TRP B 331 -36.72 -42.37 48.31
N SER B 332 -38.05 -42.44 48.27
CA SER B 332 -38.72 -43.73 48.43
C SER B 332 -38.40 -44.66 47.26
N PHE B 333 -38.39 -44.11 46.04
CA PHE B 333 -38.02 -44.93 44.88
C PHE B 333 -36.62 -45.49 45.02
N ALA B 334 -35.67 -44.66 45.47
CA ALA B 334 -34.30 -45.09 45.63
C ALA B 334 -34.17 -46.11 46.76
N MET B 335 -34.92 -45.93 47.85
CA MET B 335 -34.90 -46.94 48.92
C MET B 335 -35.43 -48.27 48.42
N GLY B 336 -36.49 -48.25 47.63
CA GLY B 336 -37.02 -49.50 47.08
C GLY B 336 -36.00 -50.20 46.20
N VAL B 337 -35.40 -49.47 45.27
CA VAL B 337 -34.44 -50.12 44.37
C VAL B 337 -33.20 -50.58 45.15
N ALA B 338 -32.78 -49.82 46.17
CA ALA B 338 -31.64 -50.22 46.98
C ALA B 338 -31.93 -51.49 47.77
N THR B 339 -33.12 -51.56 48.39
CA THR B 339 -33.49 -52.74 49.15
C THR B 339 -33.57 -53.96 48.25
N THR B 340 -34.07 -53.79 47.02
CA THR B 340 -34.10 -54.93 46.11
C THR B 340 -32.71 -55.29 45.59
N ILE B 341 -31.82 -54.33 45.45
CA ILE B 341 -30.51 -54.56 44.85
C ILE B 341 -29.46 -54.89 45.92
N ASP B 342 -29.29 -54.00 46.88
CA ASP B 342 -28.24 -54.14 47.88
C ASP B 342 -28.76 -54.96 49.06
N ARG B 343 -28.17 -56.14 49.29
CA ARG B 343 -28.61 -56.98 50.38
C ARG B 343 -28.39 -56.30 51.73
N SER B 344 -27.25 -55.64 51.91
CA SER B 344 -26.98 -54.96 53.16
C SER B 344 -27.96 -53.83 53.41
N MET B 345 -28.31 -53.08 52.37
CA MET B 345 -29.33 -52.06 52.49
C MET B 345 -30.68 -52.72 52.71
N GLY B 346 -31.27 -52.47 53.87
CA GLY B 346 -32.47 -53.18 54.28
C GLY B 346 -32.47 -53.34 55.79
N ALA B 347 -31.27 -53.27 56.37
CA ALA B 347 -31.14 -53.09 57.81
C ALA B 347 -31.28 -51.62 58.20
N LEU B 348 -31.35 -50.72 57.23
CA LEU B 348 -31.57 -49.32 57.51
C LEU B 348 -32.98 -49.08 57.99
N ASN B 349 -33.14 -48.16 58.94
CA ASN B 349 -34.43 -47.83 59.51
C ASN B 349 -35.04 -46.68 58.70
N ILE B 350 -36.10 -46.96 57.95
CA ILE B 350 -36.69 -45.98 57.04
C ILE B 350 -38.18 -45.83 57.32
N ASN B 351 -38.58 -46.04 58.57
CA ASN B 351 -40.00 -45.95 58.93
C ASN B 351 -40.40 -44.49 59.18
N ARG B 352 -40.21 -43.67 58.14
CA ARG B 352 -40.54 -42.26 58.21
C ARG B 352 -42.02 -42.03 57.90
N GLY B 353 -42.46 -40.80 58.08
CA GLY B 353 -43.83 -40.42 57.82
C GLY B 353 -44.15 -40.06 56.38
N TYR B 354 -43.18 -40.15 55.49
CA TYR B 354 -43.35 -39.83 54.08
C TYR B 354 -42.84 -40.99 53.22
N LEU B 355 -43.22 -42.20 53.60
CA LEU B 355 -42.68 -43.39 52.92
C LEU B 355 -43.25 -43.53 51.51
N GLU B 356 -44.52 -43.16 51.30
CA GLU B 356 -45.17 -43.27 50.00
C GLU B 356 -45.05 -44.69 49.46
N PRO B 357 -45.79 -45.65 50.01
CA PRO B 357 -45.59 -47.07 49.61
C PRO B 357 -45.79 -47.32 48.13
N MET B 358 -46.60 -46.51 47.44
CA MET B 358 -46.80 -46.71 46.01
C MET B 358 -45.49 -46.55 45.25
N TYR B 359 -44.72 -45.52 45.57
CA TYR B 359 -43.45 -45.31 44.88
C TYR B 359 -42.40 -46.32 45.32
N PHE B 360 -42.47 -46.79 46.57
CA PHE B 360 -41.61 -47.88 47.00
C PHE B 360 -41.87 -49.14 46.20
N ARG B 361 -43.15 -49.47 45.99
CA ARG B 361 -43.50 -50.61 45.14
C ARG B 361 -43.03 -50.38 43.71
N LEU B 362 -43.17 -49.15 43.21
CA LEU B 362 -42.73 -48.86 41.86
C LEU B 362 -41.23 -49.08 41.71
N GLY B 363 -40.45 -48.66 42.71
CA GLY B 363 -39.03 -48.92 42.67
C GLY B 363 -38.69 -50.40 42.77
N GLN B 364 -39.41 -51.13 43.63
CA GLN B 364 -39.20 -52.56 43.75
C GLN B 364 -39.43 -53.25 42.41
N LYS B 365 -40.51 -52.88 41.72
CA LYS B 365 -40.77 -53.43 40.40
C LYS B 365 -39.72 -52.99 39.38
N SER B 366 -39.30 -51.72 39.43
CA SER B 366 -38.33 -51.23 38.48
C SER B 366 -36.99 -51.94 38.61
N ALA B 367 -36.66 -52.41 39.82
CA ALA B 367 -35.40 -53.10 40.03
C ALA B 367 -35.35 -54.41 39.25
N ARG B 368 -36.43 -55.20 39.28
CA ARG B 368 -36.41 -56.55 38.73
C ARG B 368 -37.34 -56.74 37.54
N HIS B 369 -38.63 -56.43 37.69
CA HIS B 369 -39.62 -56.75 36.67
C HIS B 369 -39.66 -55.75 35.53
N HIS B 370 -38.86 -54.68 35.59
CA HIS B 370 -39.01 -53.58 34.65
C HIS B 370 -38.54 -53.96 33.25
N ALA B 371 -37.25 -54.26 33.12
CA ALA B 371 -36.64 -54.64 31.85
C ALA B 371 -35.18 -54.96 32.12
N GLY B 372 -34.49 -55.47 31.08
CA GLY B 372 -33.06 -55.66 31.18
C GLY B 372 -32.32 -54.34 31.32
N GLY B 373 -32.73 -53.33 30.57
CA GLY B 373 -32.18 -51.99 30.72
C GLY B 373 -30.77 -51.83 30.20
N ILE B 374 -30.60 -51.95 28.88
CA ILE B 374 -29.31 -51.77 28.25
C ILE B 374 -29.11 -50.29 27.93
N ASP B 375 -28.05 -49.71 28.47
CA ASP B 375 -27.76 -48.30 28.28
C ASP B 375 -27.01 -48.07 26.97
N GLN B 376 -26.46 -46.87 26.80
CA GLN B 376 -25.73 -46.54 25.59
C GLN B 376 -24.47 -47.40 25.49
N ASN B 377 -24.38 -48.18 24.42
CA ASN B 377 -23.29 -49.13 24.21
C ASN B 377 -22.26 -48.51 23.28
N MET B 378 -21.08 -48.20 23.82
CA MET B 378 -19.98 -47.78 22.96
C MET B 378 -19.57 -48.91 22.02
N ALA B 379 -19.51 -50.14 22.53
CA ALA B 379 -19.28 -51.31 21.69
C ALA B 379 -20.61 -51.75 21.07
N ASN B 380 -20.62 -51.93 19.75
CA ASN B 380 -21.84 -52.24 19.03
C ASN B 380 -22.14 -53.72 19.17
N LYS B 381 -23.17 -54.05 19.94
CA LYS B 381 -23.59 -55.43 20.13
C LYS B 381 -24.78 -55.72 19.20
N LEU B 382 -24.43 -56.13 17.98
CA LEU B 382 -25.43 -56.29 16.92
C LEU B 382 -26.46 -57.36 17.27
N GLY B 383 -26.01 -58.50 17.76
CA GLY B 383 -26.87 -59.63 18.06
C GLY B 383 -27.17 -59.86 19.52
N LEU B 384 -27.13 -58.82 20.36
CA LEU B 384 -27.27 -58.97 21.80
C LEU B 384 -28.72 -58.95 22.27
N ASN B 385 -29.68 -59.06 21.35
CA ASN B 385 -31.07 -59.20 21.79
C ASN B 385 -31.26 -60.50 22.57
N SER B 386 -30.70 -61.59 22.07
CA SER B 386 -30.76 -62.85 22.80
C SER B 386 -29.96 -62.79 24.09
N ASP B 387 -28.85 -62.05 24.09
CA ASP B 387 -28.09 -61.85 25.33
C ASP B 387 -28.93 -61.13 26.38
N GLN B 388 -29.65 -60.08 25.97
CA GLN B 388 -30.52 -59.37 26.89
C GLN B 388 -31.65 -60.26 27.38
N VAL B 389 -32.20 -61.09 26.49
CA VAL B 389 -33.26 -62.01 26.89
C VAL B 389 -32.75 -63.00 27.92
N ALA B 390 -31.55 -63.55 27.70
CA ALA B 390 -30.97 -64.48 28.66
C ALA B 390 -30.66 -63.81 29.98
N GLU B 391 -30.18 -62.56 29.95
CA GLU B 391 -29.92 -61.83 31.18
C GLU B 391 -31.21 -61.58 31.95
N LEU B 392 -32.29 -61.24 31.25
CA LEU B 392 -33.57 -61.04 31.91
C LEU B 392 -34.16 -62.34 32.42
N ALA B 393 -33.80 -63.47 31.80
CA ALA B 393 -34.28 -64.77 32.26
C ALA B 393 -33.78 -65.07 33.67
N ALA B 394 -32.51 -64.73 33.95
CA ALA B 394 -31.90 -64.93 35.26
C ALA B 394 -32.01 -66.38 35.72
N MET C 1 -54.46 -8.57 17.03
CA MET C 1 -53.54 -9.37 16.22
C MET C 1 -52.37 -9.89 17.05
N SER C 2 -51.22 -10.05 16.41
CA SER C 2 -50.04 -10.59 17.09
C SER C 2 -49.60 -9.66 18.22
N ASP C 3 -49.71 -8.34 18.02
CA ASP C 3 -49.31 -7.40 19.06
C ASP C 3 -50.16 -7.59 20.32
N ILE C 4 -51.46 -7.77 20.15
CA ILE C 4 -52.32 -8.11 21.27
C ILE C 4 -51.88 -9.49 21.80
N PHE C 5 -52.06 -9.69 23.12
CA PHE C 5 -51.62 -10.81 23.92
C PHE C 5 -50.13 -10.73 24.22
N ASP C 6 -49.40 -9.79 23.63
CA ASP C 6 -48.04 -9.46 24.01
C ASP C 6 -47.95 -8.09 24.67
N GLU C 7 -48.79 -7.14 24.24
CA GLU C 7 -48.93 -5.89 24.96
C GLU C 7 -49.48 -6.12 26.36
N ALA C 8 -50.45 -7.04 26.50
CA ALA C 8 -50.99 -7.36 27.81
C ALA C 8 -49.93 -8.00 28.70
N ALA C 9 -49.11 -8.88 28.13
CA ALA C 9 -48.07 -9.54 28.91
C ALA C 9 -47.11 -8.53 29.51
N SER C 10 -46.71 -7.53 28.73
CA SER C 10 -45.93 -6.43 29.28
C SER C 10 -46.78 -5.58 30.22
N PHE C 11 -48.07 -5.40 29.90
CA PHE C 11 -48.93 -4.57 30.73
C PHE C 11 -49.09 -5.18 32.12
N ARG C 12 -49.32 -6.49 32.21
CA ARG C 12 -49.42 -7.13 33.52
C ARG C 12 -48.08 -7.11 34.24
N SER C 13 -46.98 -7.29 33.50
CA SER C 13 -45.66 -7.21 34.12
C SER C 13 -45.38 -5.79 34.63
N TYR C 14 -45.76 -4.78 33.85
CA TYR C 14 -45.58 -3.40 34.29
C TYR C 14 -46.52 -3.06 35.44
N GLN C 15 -47.72 -3.65 35.46
CA GLN C 15 -48.69 -3.33 36.49
C GLN C 15 -48.25 -3.81 37.87
N SER C 16 -47.55 -4.95 37.94
CA SER C 16 -47.13 -5.48 39.22
C SER C 16 -46.14 -4.55 39.92
N LYS C 17 -45.09 -4.15 39.21
CA LYS C 17 -44.11 -3.19 39.74
C LYS C 17 -44.46 -1.78 39.28
N LEU C 18 -45.66 -1.35 39.67
CA LEU C 18 -46.20 -0.09 39.17
C LEU C 18 -45.54 1.11 39.82
N GLY C 19 -45.67 1.22 41.15
CA GLY C 19 -45.13 2.37 41.84
C GLY C 19 -44.10 2.02 42.90
N ARG C 20 -43.56 0.80 42.83
CA ARG C 20 -42.57 0.34 43.80
C ARG C 20 -41.17 0.72 43.36
N ASP C 21 -40.95 2.03 43.23
CA ASP C 21 -39.68 2.58 42.80
C ASP C 21 -39.43 3.90 43.52
N GLY C 22 -38.17 4.28 43.59
CA GLY C 22 -37.79 5.50 44.28
C GLY C 22 -37.59 5.29 45.77
N ARG C 23 -37.38 6.41 46.45
CA ARG C 23 -37.14 6.42 47.89
C ARG C 23 -38.19 7.28 48.58
N ALA C 24 -38.70 6.78 49.70
CA ALA C 24 -39.71 7.51 50.47
C ALA C 24 -39.05 8.59 51.31
N SER C 25 -39.88 9.47 51.85
CA SER C 25 -39.41 10.57 52.68
C SER C 25 -39.46 10.19 54.15
N ALA C 26 -38.86 11.03 54.99
CA ALA C 26 -38.84 10.84 56.43
C ALA C 26 -40.08 11.41 57.11
N ALA C 27 -40.99 12.02 56.36
CA ALA C 27 -42.22 12.54 56.95
C ALA C 27 -43.07 11.43 57.54
N THR C 28 -43.15 10.29 56.85
CA THR C 28 -43.91 9.14 57.33
C THR C 28 -43.05 8.35 58.32
N ALA C 29 -42.87 8.95 59.50
CA ALA C 29 -42.06 8.36 60.56
C ALA C 29 -42.98 7.97 61.71
N THR C 30 -42.96 6.69 62.07
CA THR C 30 -43.83 6.19 63.14
C THR C 30 -43.39 6.74 64.49
N LEU C 31 -44.35 6.95 65.37
CA LEU C 31 -44.05 7.32 66.75
C LEU C 31 -43.36 6.17 67.46
N THR C 32 -42.33 6.49 68.23
CA THR C 32 -41.49 5.48 68.87
C THR C 32 -41.83 5.35 70.35
N THR C 33 -41.78 4.12 70.84
CA THR C 33 -42.04 3.81 72.24
C THR C 33 -40.75 3.34 72.90
N LYS C 34 -40.49 3.84 74.11
CA LYS C 34 -39.28 3.45 74.82
C LYS C 34 -39.43 2.03 75.36
N ILE C 35 -38.40 1.21 75.14
CA ILE C 35 -38.38 -0.18 75.58
C ILE C 35 -37.13 -0.38 76.43
N ARG C 36 -37.32 -0.77 77.69
CA ARG C 36 -36.23 -0.93 78.65
C ARG C 36 -35.80 -2.38 78.66
N ILE C 37 -34.52 -2.63 78.33
CA ILE C 37 -33.97 -3.97 78.21
C ILE C 37 -32.92 -4.16 79.30
N PHE C 38 -33.08 -5.23 80.08
CA PHE C 38 -32.15 -5.56 81.16
C PHE C 38 -31.16 -6.60 80.65
N VAL C 39 -29.94 -6.17 80.33
CA VAL C 39 -28.92 -7.07 79.83
C VAL C 39 -27.90 -7.33 80.94
N PRO C 40 -27.29 -8.51 80.99
CA PRO C 40 -26.24 -8.76 81.98
C PRO C 40 -24.96 -8.02 81.62
N ALA C 41 -24.42 -7.28 82.59
CA ALA C 41 -23.21 -6.51 82.34
C ALA C 41 -21.96 -7.39 82.33
N THR C 42 -21.92 -8.41 83.19
CA THR C 42 -20.75 -9.25 83.36
C THR C 42 -21.02 -10.63 82.77
N ASN C 43 -20.05 -11.54 82.94
CA ASN C 43 -20.14 -12.91 82.44
C ASN C 43 -20.32 -13.91 83.57
N SER C 44 -20.57 -13.45 84.79
CA SER C 44 -20.72 -14.37 85.91
C SER C 44 -21.98 -15.21 85.73
N PRO C 45 -21.89 -16.54 85.78
CA PRO C 45 -23.09 -17.37 85.61
C PRO C 45 -24.16 -17.12 86.67
N GLU C 46 -23.75 -16.81 87.89
CA GLU C 46 -24.72 -16.61 88.97
C GLU C 46 -25.63 -15.41 88.68
N LEU C 47 -25.07 -14.34 88.12
CA LEU C 47 -25.88 -13.19 87.76
C LEU C 47 -26.72 -13.46 86.52
N ARG C 48 -26.12 -14.11 85.52
CA ARG C 48 -26.86 -14.40 84.30
C ARG C 48 -28.01 -15.37 84.56
N TRP C 49 -27.77 -16.40 85.37
CA TRP C 49 -28.84 -17.35 85.69
C TRP C 49 -29.95 -16.66 86.49
N GLU C 50 -29.59 -15.78 87.42
CA GLU C 50 -30.61 -15.04 88.15
C GLU C 50 -31.35 -14.07 87.24
N LEU C 51 -30.67 -13.56 86.21
CA LEU C 51 -31.32 -12.64 85.28
C LEU C 51 -32.36 -13.37 84.42
N THR C 52 -31.99 -14.51 83.84
CA THR C 52 -32.94 -15.23 83.00
C THR C 52 -34.08 -15.84 83.81
N LEU C 53 -33.86 -16.06 85.11
CA LEU C 53 -34.97 -16.43 85.99
C LEU C 53 -35.93 -15.26 86.16
N PHE C 54 -35.39 -14.05 86.29
CA PHE C 54 -36.24 -12.86 86.37
C PHE C 54 -37.02 -12.64 85.09
N ALA C 55 -36.35 -12.78 83.94
CA ALA C 55 -37.02 -12.53 82.66
C ALA C 55 -38.13 -13.54 82.42
N LEU C 56 -37.97 -14.77 82.93
CA LEU C 56 -39.04 -15.75 82.83
C LEU C 56 -40.26 -15.32 83.61
N ASP C 57 -40.07 -14.75 84.80
CA ASP C 57 -41.18 -14.35 85.64
C ASP C 57 -41.93 -13.16 85.05
N VAL C 58 -41.20 -12.21 84.46
CA VAL C 58 -41.84 -11.04 83.89
C VAL C 58 -42.78 -11.43 82.76
N ILE C 59 -42.34 -12.35 81.89
CA ILE C 59 -43.19 -12.83 80.81
C ILE C 59 -44.40 -13.55 81.37
N ARG C 60 -44.19 -14.40 82.39
CA ARG C 60 -45.29 -15.11 83.01
C ARG C 60 -46.17 -14.19 83.84
N SER C 61 -45.68 -13.01 84.23
CA SER C 61 -46.45 -12.13 85.10
C SER C 61 -47.68 -11.61 84.37
N PRO C 62 -48.85 -11.59 85.02
CA PRO C 62 -50.04 -11.04 84.38
C PRO C 62 -50.14 -9.53 84.55
N SER C 63 -49.54 -9.00 85.60
CA SER C 63 -49.57 -7.58 85.87
C SER C 63 -48.50 -6.80 85.10
N ALA C 64 -47.65 -7.49 84.35
CA ALA C 64 -46.59 -6.81 83.62
C ALA C 64 -47.14 -6.05 82.43
N ALA C 65 -46.63 -4.83 82.24
CA ALA C 65 -46.98 -4.06 81.05
C ALA C 65 -46.32 -4.70 79.83
N GLU C 66 -46.89 -4.40 78.66
CA GLU C 66 -46.38 -5.00 77.43
C GLU C 66 -44.94 -4.59 77.17
N SER C 67 -44.60 -3.33 77.42
CA SER C 67 -43.23 -2.86 77.19
C SER C 67 -42.24 -3.62 78.07
N MET C 68 -42.61 -3.89 79.32
CA MET C 68 -41.77 -4.71 80.18
C MET C 68 -41.63 -6.12 79.64
N LYS C 69 -42.71 -6.68 79.10
CA LYS C 69 -42.67 -8.03 78.55
C LYS C 69 -41.74 -8.12 77.34
N ILE C 70 -41.73 -7.08 76.51
CA ILE C 70 -40.79 -7.05 75.39
C ILE C 70 -39.35 -6.97 75.89
N GLY C 71 -39.12 -6.21 76.96
CA GLY C 71 -37.78 -6.14 77.53
C GLY C 71 -37.31 -7.48 78.05
N ALA C 72 -38.20 -8.23 78.70
CA ALA C 72 -37.85 -9.58 79.14
C ALA C 72 -37.59 -10.49 77.94
N ALA C 73 -38.39 -10.36 76.88
CA ALA C 73 -38.17 -11.16 75.69
C ALA C 73 -36.83 -10.84 75.05
N PHE C 74 -36.48 -9.56 74.95
CA PHE C 74 -35.19 -9.17 74.39
C PHE C 74 -34.05 -9.61 75.30
N THR C 75 -34.26 -9.57 76.62
CA THR C 75 -33.25 -10.03 77.55
C THR C 75 -32.98 -11.52 77.37
N LEU C 76 -34.03 -12.31 77.18
CA LEU C 76 -33.87 -13.75 77.03
C LEU C 76 -33.13 -14.10 75.74
N ILE C 77 -33.58 -13.53 74.62
CA ILE C 77 -33.06 -13.95 73.31
C ILE C 77 -31.57 -13.67 73.20
N SER C 78 -31.11 -12.56 73.76
CA SER C 78 -29.71 -12.17 73.66
C SER C 78 -28.88 -12.67 74.85
N MET C 79 -29.44 -13.52 75.70
CA MET C 79 -28.71 -13.96 76.89
C MET C 79 -27.51 -14.82 76.54
N TYR C 80 -27.58 -15.58 75.44
CA TYR C 80 -26.49 -16.48 75.10
C TYR C 80 -25.21 -15.71 74.76
N SER C 81 -25.35 -14.55 74.13
CA SER C 81 -24.19 -13.80 73.68
C SER C 81 -23.39 -13.27 74.86
N GLU C 82 -22.07 -13.21 74.69
CA GLU C 82 -21.20 -12.68 75.74
C GLU C 82 -21.39 -11.19 75.95
N ARG C 83 -21.85 -10.46 74.92
CA ARG C 83 -22.12 -9.03 75.02
C ARG C 83 -23.54 -8.80 74.52
N PRO C 84 -24.55 -9.06 75.35
CA PRO C 84 -25.94 -8.89 74.89
C PRO C 84 -26.26 -7.48 74.45
N GLY C 85 -25.66 -6.46 75.08
CA GLY C 85 -25.91 -5.10 74.66
C GLY C 85 -25.43 -4.82 73.25
N ALA C 86 -24.25 -5.33 72.89
CA ALA C 86 -23.74 -5.15 71.54
C ALA C 86 -24.60 -5.86 70.52
N LEU C 87 -25.06 -7.07 70.85
CA LEU C 87 -25.87 -7.85 69.91
C LEU C 87 -27.19 -7.16 69.61
N ILE C 88 -27.86 -6.65 70.64
CA ILE C 88 -29.15 -5.98 70.44
C ILE C 88 -28.97 -4.71 69.62
N ARG C 89 -27.97 -3.90 69.97
CA ARG C 89 -27.78 -2.62 69.29
C ARG C 89 -27.34 -2.80 67.84
N SER C 90 -26.59 -3.86 67.54
CA SER C 90 -26.08 -4.08 66.20
C SER C 90 -26.97 -4.98 65.36
N LEU C 91 -28.11 -5.43 65.89
CA LEU C 91 -29.03 -6.28 65.15
C LEU C 91 -30.47 -5.85 65.38
N LEU C 92 -30.71 -4.54 65.45
CA LEU C 92 -32.04 -3.99 65.64
C LEU C 92 -32.38 -3.10 64.47
N ASN C 93 -33.50 -3.38 63.81
CA ASN C 93 -33.97 -2.59 62.68
C ASN C 93 -35.47 -2.34 62.81
N ASP C 94 -35.90 -1.93 64.01
CA ASP C 94 -37.31 -1.69 64.29
C ASP C 94 -37.58 -0.20 64.41
N PRO C 95 -38.17 0.43 63.39
CA PRO C 95 -38.53 1.85 63.54
C PRO C 95 -39.61 2.11 64.55
N ASP C 96 -40.41 1.09 64.91
CA ASP C 96 -41.51 1.30 65.85
C ASP C 96 -41.02 1.59 67.25
N ILE C 97 -39.87 1.03 67.64
CA ILE C 97 -39.40 1.08 69.02
C ILE C 97 -38.00 1.67 69.07
N GLU C 98 -37.67 2.22 70.23
CA GLU C 98 -36.30 2.58 70.57
C GLU C 98 -35.88 1.81 71.81
N ALA C 99 -34.70 1.21 71.77
CA ALA C 99 -34.21 0.35 72.82
C ALA C 99 -33.19 1.11 73.67
N VAL C 100 -33.44 1.17 74.97
CA VAL C 100 -32.51 1.76 75.92
C VAL C 100 -31.87 0.60 76.69
N ILE C 101 -30.65 0.25 76.33
CA ILE C 101 -29.97 -0.87 76.94
C ILE C 101 -29.55 -0.50 78.36
N ILE C 102 -29.83 -1.38 79.30
CA ILE C 102 -29.51 -1.17 80.71
C ILE C 102 -28.63 -2.30 81.18
N ASP C 103 -27.39 -1.98 81.53
CA ASP C 103 -26.48 -2.97 82.11
C ASP C 103 -26.91 -3.24 83.54
N VAL C 104 -27.17 -4.50 83.86
CA VAL C 104 -27.75 -4.85 85.15
C VAL C 104 -26.75 -4.60 86.28
N GLY C 105 -25.50 -5.03 86.11
CA GLY C 105 -24.50 -4.79 87.12
C GLY C 105 -24.42 -5.88 88.16
N SER C 106 -25.08 -5.68 89.30
CA SER C 106 -25.17 -6.65 90.37
C SER C 106 -26.57 -7.26 90.40
N MET C 107 -26.82 -8.11 91.39
CA MET C 107 -28.09 -8.83 91.45
C MET C 107 -28.61 -8.90 92.87
N LEU C 108 -29.75 -8.24 93.11
CA LEU C 108 -30.56 -8.47 94.28
C LEU C 108 -31.61 -9.54 93.94
N ASN C 109 -32.64 -9.69 94.75
CA ASN C 109 -33.76 -10.56 94.39
C ASN C 109 -34.34 -10.16 93.03
N GLY C 110 -34.56 -8.86 92.82
CA GLY C 110 -34.93 -8.36 91.51
C GLY C 110 -33.71 -7.86 90.76
N ILE C 111 -33.65 -6.56 90.49
CA ILE C 111 -32.47 -5.95 89.89
C ILE C 111 -32.13 -4.67 90.64
N PRO C 112 -30.89 -4.48 91.08
CA PRO C 112 -30.48 -3.19 91.67
C PRO C 112 -30.10 -2.21 90.58
N VAL C 113 -30.84 -1.10 90.49
CA VAL C 113 -30.54 -0.09 89.48
C VAL C 113 -29.18 0.54 89.75
N MET C 114 -28.90 0.85 91.01
CA MET C 114 -27.62 1.42 91.44
C MET C 114 -27.28 2.69 90.66
N GLU C 115 -28.19 3.68 90.75
CA GLU C 115 -27.98 4.96 90.10
C GLU C 115 -28.75 6.01 90.89
N ARG C 116 -28.03 6.75 91.74
CA ARG C 116 -28.63 7.79 92.60
C ARG C 116 -29.79 7.22 93.41
N ARG C 117 -29.46 6.29 94.30
CA ARG C 117 -30.46 5.61 95.10
C ARG C 117 -31.31 6.60 95.88
N GLY C 118 -32.62 6.41 95.84
CA GLY C 118 -33.57 7.32 96.45
C GLY C 118 -34.17 8.29 95.45
N ASP C 119 -33.41 8.69 94.44
CA ASP C 119 -33.85 9.64 93.43
C ASP C 119 -34.37 8.86 92.22
N LYS C 120 -35.70 8.75 92.11
CA LYS C 120 -36.36 8.11 90.96
C LYS C 120 -35.90 6.67 90.76
N ALA C 121 -35.56 5.98 91.85
CA ALA C 121 -35.10 4.61 91.75
C ALA C 121 -35.89 3.69 92.67
N GLN C 122 -36.39 4.24 93.78
CA GLN C 122 -37.12 3.43 94.76
C GLN C 122 -38.38 2.83 94.14
N GLU C 123 -39.14 3.64 93.38
CA GLU C 123 -40.41 3.16 92.83
C GLU C 123 -40.18 2.02 91.84
N GLU C 124 -39.05 2.04 91.13
CA GLU C 124 -38.74 0.95 90.20
C GLU C 124 -38.57 -0.37 90.95
N MET C 125 -37.92 -0.34 92.11
CA MET C 125 -37.79 -1.55 92.92
C MET C 125 -39.17 -2.06 93.36
N GLU C 126 -40.04 -1.15 93.79
CA GLU C 126 -41.38 -1.55 94.20
C GLU C 126 -42.16 -2.15 93.03
N GLY C 127 -42.03 -1.55 91.85
CA GLY C 127 -42.71 -2.09 90.69
C GLY C 127 -42.23 -3.49 90.34
N LEU C 128 -40.93 -3.71 90.39
CA LEU C 128 -40.38 -5.04 90.09
C LEU C 128 -40.81 -6.06 91.14
N MET C 129 -40.84 -5.65 92.42
CA MET C 129 -41.32 -6.55 93.46
C MET C 129 -42.79 -6.92 93.23
N ARG C 130 -43.60 -5.96 92.78
CA ARG C 130 -44.97 -6.28 92.40
C ARG C 130 -44.99 -7.22 91.20
N ILE C 131 -44.07 -7.04 90.26
CA ILE C 131 -43.99 -7.93 89.10
C ILE C 131 -43.69 -9.35 89.55
N LEU C 132 -42.70 -9.50 90.44
CA LEU C 132 -42.30 -10.84 90.88
C LEU C 132 -43.38 -11.49 91.72
N LYS C 133 -43.99 -10.73 92.64
CA LYS C 133 -45.00 -11.31 93.52
C LYS C 133 -46.24 -11.74 92.75
N THR C 134 -46.70 -10.90 91.82
CA THR C 134 -47.88 -11.26 91.03
C THR C 134 -47.59 -12.46 90.13
N ALA C 135 -46.37 -12.52 89.56
CA ALA C 135 -46.02 -13.63 88.68
C ALA C 135 -46.04 -14.95 89.42
N ARG C 136 -45.49 -14.98 90.64
CA ARG C 136 -45.46 -16.22 91.41
C ARG C 136 -46.85 -16.59 91.93
N GLU C 137 -47.64 -15.59 92.33
CA GLU C 137 -48.97 -15.85 92.85
C GLU C 137 -49.96 -16.21 91.75
N SER C 138 -49.75 -15.73 90.52
CA SER C 138 -50.71 -15.97 89.45
C SER C 138 -50.85 -17.45 89.17
N SER C 139 -49.73 -18.14 88.95
CA SER C 139 -49.77 -19.59 88.79
C SER C 139 -50.05 -20.25 90.13
N LYS C 140 -50.50 -21.50 90.08
CA LYS C 140 -50.84 -22.24 91.28
C LYS C 140 -49.57 -22.78 91.94
N GLY C 141 -48.62 -21.89 92.24
CA GLY C 141 -47.34 -22.31 92.76
C GLY C 141 -46.46 -23.03 91.76
N LYS C 142 -46.81 -22.98 90.48
CA LYS C 142 -46.10 -23.73 89.46
C LYS C 142 -44.98 -22.88 88.87
N THR C 143 -43.75 -23.41 88.91
CA THR C 143 -42.62 -22.74 88.32
C THR C 143 -42.72 -22.79 86.79
N PRO C 144 -42.04 -21.87 86.10
CA PRO C 144 -42.06 -21.93 84.62
C PRO C 144 -41.53 -23.25 84.07
N PHE C 145 -40.54 -23.85 84.72
CA PHE C 145 -40.01 -25.12 84.27
C PHE C 145 -40.95 -26.27 84.67
N VAL C 146 -40.94 -27.33 83.86
CA VAL C 146 -41.75 -28.49 84.17
C VAL C 146 -41.23 -29.22 85.40
N ASP C 147 -40.01 -28.93 85.82
CA ASP C 147 -39.43 -29.52 87.02
C ASP C 147 -39.29 -28.44 88.09
N SER C 148 -39.91 -28.68 89.26
CA SER C 148 -39.89 -27.68 90.31
C SER C 148 -38.47 -27.43 90.83
N ARG C 149 -37.58 -28.42 90.72
CA ARG C 149 -36.21 -28.24 91.16
C ARG C 149 -35.41 -27.36 90.23
N ALA C 150 -35.85 -27.20 88.98
CA ALA C 150 -35.11 -26.37 88.03
C ALA C 150 -35.26 -24.88 88.29
N TYR C 151 -36.26 -24.48 89.08
CA TYR C 151 -36.46 -23.07 89.36
C TYR C 151 -35.54 -22.58 90.46
N GLY C 152 -35.66 -23.16 91.64
CA GLY C 152 -34.79 -22.81 92.74
C GLY C 152 -33.47 -23.55 92.70
N LEU C 153 -32.80 -23.49 91.55
CA LEU C 153 -31.53 -24.19 91.34
C LEU C 153 -30.39 -23.19 91.35
N ARG C 154 -29.35 -23.49 92.12
CA ARG C 154 -28.17 -22.63 92.17
C ARG C 154 -27.23 -22.98 91.03
N ILE C 155 -26.83 -21.97 90.26
CA ILE C 155 -25.92 -22.15 89.14
C ILE C 155 -24.67 -21.33 89.41
N THR C 156 -23.52 -22.01 89.44
CA THR C 156 -22.23 -21.35 89.54
C THR C 156 -21.25 -21.76 88.47
N ASP C 157 -21.41 -22.93 87.86
CA ASP C 157 -20.53 -23.40 86.80
C ASP C 157 -20.97 -22.81 85.46
N MET C 158 -19.99 -22.34 84.68
CA MET C 158 -20.30 -21.79 83.36
C MET C 158 -20.87 -22.87 82.45
N SER C 159 -20.38 -24.10 82.57
CA SER C 159 -20.86 -25.18 81.71
C SER C 159 -22.34 -25.44 81.91
N THR C 160 -22.79 -25.45 83.17
CA THR C 160 -24.21 -25.70 83.44
C THR C 160 -25.07 -24.55 82.94
N LEU C 161 -24.60 -23.31 83.11
CA LEU C 161 -25.38 -22.16 82.67
C LEU C 161 -25.59 -22.17 81.17
N VAL C 162 -24.55 -22.48 80.41
CA VAL C 162 -24.66 -22.48 78.95
C VAL C 162 -25.69 -23.51 78.50
N SER C 163 -25.63 -24.71 79.07
CA SER C 163 -26.61 -25.74 78.74
C SER C 163 -28.01 -25.31 79.16
N ALA C 164 -28.13 -24.73 80.35
CA ALA C 164 -29.44 -24.28 80.83
C ALA C 164 -30.01 -23.18 79.95
N VAL C 165 -29.18 -22.20 79.57
CA VAL C 165 -29.66 -21.08 78.76
C VAL C 165 -30.13 -21.56 77.39
N ILE C 166 -29.35 -22.43 76.75
CA ILE C 166 -29.67 -22.87 75.39
C ILE C 166 -31.02 -23.58 75.37
N THR C 167 -31.31 -24.36 76.40
CA THR C 167 -32.60 -25.03 76.49
C THR C 167 -33.73 -24.01 76.56
N ILE C 168 -33.54 -22.93 77.31
CA ILE C 168 -34.54 -21.87 77.36
C ILE C 168 -34.61 -21.15 76.01
N GLU C 169 -33.45 -20.91 75.39
CA GLU C 169 -33.44 -20.28 74.08
C GLU C 169 -34.12 -21.16 73.04
N ALA C 170 -33.78 -22.45 73.02
CA ALA C 170 -34.33 -23.35 72.00
C ALA C 170 -35.85 -23.45 72.13
N GLN C 171 -36.35 -23.58 73.36
CA GLN C 171 -37.78 -23.71 73.56
C GLN C 171 -38.54 -22.45 73.14
N ILE C 172 -37.94 -21.28 73.35
CA ILE C 172 -38.55 -20.05 72.87
C ILE C 172 -38.51 -19.99 71.35
N TRP C 173 -37.36 -20.31 70.75
CA TRP C 173 -37.21 -20.25 69.30
C TRP C 173 -38.05 -21.28 68.58
N ILE C 174 -38.59 -22.29 69.28
CA ILE C 174 -39.48 -23.24 68.63
C ILE C 174 -40.78 -22.56 68.22
N LEU C 175 -41.26 -21.64 69.05
CA LEU C 175 -42.59 -21.05 68.87
C LEU C 175 -42.69 -20.17 67.64
N ILE C 176 -41.57 -19.61 67.15
CA ILE C 176 -41.64 -18.65 66.05
C ILE C 176 -42.16 -19.29 64.78
N ALA C 177 -41.97 -20.60 64.60
CA ALA C 177 -42.38 -21.25 63.37
C ALA C 177 -43.88 -21.14 63.14
N LYS C 178 -44.67 -21.35 64.19
CA LYS C 178 -46.13 -21.32 64.10
C LYS C 178 -46.71 -20.39 65.15
N ALA C 179 -46.15 -19.18 65.25
CA ALA C 179 -46.64 -18.19 66.19
C ALA C 179 -47.72 -17.31 65.58
N VAL C 180 -47.60 -16.97 64.30
CA VAL C 180 -48.56 -16.10 63.64
C VAL C 180 -49.39 -16.84 62.59
N THR C 181 -48.91 -17.96 62.05
CA THR C 181 -49.70 -18.68 61.06
C THR C 181 -50.89 -19.38 61.70
N ALA C 182 -50.64 -20.27 62.65
CA ALA C 182 -51.70 -20.96 63.38
C ALA C 182 -51.23 -21.23 64.80
N PRO C 183 -51.24 -20.20 65.65
CA PRO C 183 -50.79 -20.39 67.04
C PRO C 183 -51.64 -21.37 67.81
N ASP C 184 -52.94 -21.43 67.53
CA ASP C 184 -53.82 -22.33 68.28
C ASP C 184 -53.51 -23.80 67.95
N THR C 185 -53.27 -24.10 66.67
CA THR C 185 -53.00 -25.46 66.23
C THR C 185 -51.56 -25.90 66.48
N ALA C 186 -50.84 -25.19 67.35
CA ALA C 186 -49.47 -25.53 67.69
C ALA C 186 -49.47 -26.63 68.75
N GLU C 187 -48.31 -26.85 69.37
CA GLU C 187 -48.01 -27.81 70.42
C GLU C 187 -47.88 -29.24 69.88
N GLU C 188 -48.16 -29.47 68.59
CA GLU C 188 -47.90 -30.76 67.97
C GLU C 188 -46.54 -30.76 67.28
N SER C 189 -46.33 -29.83 66.33
CA SER C 189 -45.02 -29.67 65.73
C SER C 189 -44.00 -29.17 66.75
N GLU C 190 -44.42 -28.28 67.65
CA GLU C 190 -43.51 -27.76 68.67
C GLU C 190 -42.99 -28.87 69.56
N THR C 191 -43.86 -29.78 69.98
CA THR C 191 -43.40 -30.95 70.74
C THR C 191 -42.50 -31.82 69.89
N ARG C 192 -42.82 -31.96 68.59
CA ARG C 192 -41.97 -32.73 67.69
C ARG C 192 -40.59 -32.11 67.55
N ARG C 193 -40.54 -30.78 67.44
CA ARG C 193 -39.25 -30.10 67.37
C ARG C 193 -38.45 -30.30 68.65
N TRP C 194 -39.10 -30.16 69.81
CA TRP C 194 -38.42 -30.36 71.08
C TRP C 194 -37.92 -31.78 71.22
N ALA C 195 -38.74 -32.76 70.83
CA ALA C 195 -38.33 -34.15 70.93
C ALA C 195 -37.12 -34.46 70.06
N LYS C 196 -37.05 -33.82 68.88
CA LYS C 196 -35.92 -34.05 67.98
C LYS C 196 -34.61 -33.59 68.61
N TYR C 197 -34.61 -32.42 69.25
CA TYR C 197 -33.39 -31.90 69.85
C TYR C 197 -33.01 -32.68 71.11
N VAL C 198 -33.99 -33.21 71.82
CA VAL C 198 -33.68 -34.05 72.99
C VAL C 198 -32.97 -35.32 72.55
N GLN C 199 -33.43 -35.95 71.48
CA GLN C 199 -32.78 -37.15 70.97
C GLN C 199 -31.39 -36.84 70.43
N GLN C 200 -31.18 -35.64 69.92
CA GLN C 200 -29.87 -35.20 69.47
C GLN C 200 -28.97 -34.78 70.62
N LYS C 201 -29.50 -34.72 71.84
CA LYS C 201 -28.76 -34.32 73.05
C LYS C 201 -28.21 -32.91 72.95
N ARG C 202 -28.78 -32.08 72.06
CA ARG C 202 -28.35 -30.69 71.99
C ARG C 202 -28.89 -29.88 73.16
N VAL C 203 -30.04 -30.29 73.71
CA VAL C 203 -30.68 -29.59 74.81
C VAL C 203 -30.81 -30.55 75.99
N ASN C 204 -30.50 -30.05 77.19
CA ASN C 204 -30.68 -30.84 78.40
C ASN C 204 -32.14 -30.76 78.82
N PRO C 205 -32.86 -31.89 78.86
CA PRO C 205 -34.31 -31.83 79.12
C PRO C 205 -34.67 -31.42 80.54
N PHE C 206 -33.70 -31.28 81.43
CA PHE C 206 -34.01 -30.86 82.81
C PHE C 206 -34.62 -29.46 82.83
N PHE C 207 -34.09 -28.54 82.02
CA PHE C 207 -34.63 -27.19 81.92
C PHE C 207 -35.67 -27.16 80.80
N ALA C 208 -36.85 -27.70 81.10
CA ALA C 208 -37.96 -27.72 80.16
C ALA C 208 -39.10 -26.91 80.75
N LEU C 209 -39.48 -25.84 80.07
CA LEU C 209 -40.57 -24.99 80.55
C LEU C 209 -41.91 -25.67 80.33
N THR C 210 -42.85 -25.42 81.24
CA THR C 210 -44.17 -26.02 81.15
C THR C 210 -44.95 -25.41 79.98
N GLN C 211 -46.00 -26.12 79.57
CA GLN C 211 -46.80 -25.64 78.44
C GLN C 211 -47.62 -24.42 78.82
N GLN C 212 -47.89 -24.22 80.12
CA GLN C 212 -48.57 -23.01 80.55
C GLN C 212 -47.73 -21.76 80.26
N TRP C 213 -46.42 -21.84 80.52
CA TRP C 213 -45.54 -20.72 80.24
C TRP C 213 -45.34 -20.53 78.74
N LEU C 214 -45.24 -21.62 78.00
CA LEU C 214 -45.03 -21.52 76.56
C LEU C 214 -46.21 -20.84 75.88
N THR C 215 -47.43 -21.13 76.33
CA THR C 215 -48.60 -20.45 75.79
C THR C 215 -48.55 -18.96 76.05
N GLU C 216 -48.13 -18.56 77.25
CA GLU C 216 -48.01 -17.14 77.57
C GLU C 216 -46.97 -16.46 76.70
N MET C 217 -45.83 -17.10 76.50
CA MET C 217 -44.81 -16.53 75.63
C MET C 217 -45.28 -16.45 74.18
N ARG C 218 -45.94 -17.51 73.69
CA ARG C 218 -46.41 -17.52 72.31
C ARG C 218 -47.47 -16.44 72.09
N ASN C 219 -48.33 -16.21 73.07
CA ASN C 219 -49.28 -15.11 72.97
C ASN C 219 -48.57 -13.77 72.89
N LEU C 220 -47.51 -13.60 73.67
CA LEU C 220 -46.70 -12.39 73.57
C LEU C 220 -46.05 -12.27 72.21
N LEU C 221 -45.53 -13.39 71.69
CA LEU C 221 -44.78 -13.35 70.45
C LEU C 221 -45.69 -13.02 69.26
N SER C 222 -46.93 -13.49 69.29
CA SER C 222 -47.86 -13.19 68.21
C SER C 222 -48.30 -11.74 68.24
N GLN C 223 -48.57 -11.21 69.43
CA GLN C 223 -49.07 -9.84 69.55
C GLN C 223 -48.04 -8.81 69.09
N SER C 224 -46.78 -9.00 69.47
CA SER C 224 -45.74 -7.99 69.27
C SER C 224 -44.95 -8.27 67.99
N LEU C 225 -44.83 -7.24 67.15
CA LEU C 225 -44.04 -7.32 65.94
C LEU C 225 -42.57 -6.98 66.17
N SER C 226 -42.27 -6.17 67.19
CA SER C 226 -40.88 -5.80 67.46
C SER C 226 -40.05 -7.01 67.83
N VAL C 227 -40.59 -7.92 68.65
CA VAL C 227 -39.87 -9.14 69.00
C VAL C 227 -39.66 -10.00 67.77
N ARG C 228 -40.68 -10.11 66.92
CA ARG C 228 -40.56 -10.90 65.70
C ARG C 228 -39.49 -10.31 64.77
N LYS C 229 -39.46 -8.99 64.64
CA LYS C 229 -38.47 -8.36 63.79
C LYS C 229 -37.05 -8.61 64.28
N PHE C 230 -36.85 -8.57 65.60
CA PHE C 230 -35.53 -8.84 66.16
C PHE C 230 -35.11 -10.27 65.90
N MET C 231 -36.01 -11.23 66.09
CA MET C 231 -35.65 -12.64 65.92
C MET C 231 -35.47 -12.99 64.44
N VAL C 232 -36.23 -12.34 63.56
CA VAL C 232 -36.01 -12.55 62.13
C VAL C 232 -34.66 -12.00 61.71
N GLU C 233 -34.28 -10.83 62.25
CA GLU C 233 -32.98 -10.26 61.94
C GLU C 233 -31.85 -11.17 62.38
N ILE C 234 -32.00 -11.80 63.55
CA ILE C 234 -31.01 -12.79 64.00
C ILE C 234 -30.93 -13.94 63.02
N LEU C 235 -32.08 -14.41 62.55
CA LEU C 235 -32.11 -15.56 61.64
C LEU C 235 -31.35 -15.28 60.35
N MET C 236 -31.56 -14.08 59.77
CA MET C 236 -30.87 -13.75 58.53
C MET C 236 -29.37 -13.61 58.75
N GLU C 237 -28.97 -12.94 59.83
CA GLU C 237 -27.54 -12.77 60.10
C GLU C 237 -26.87 -14.11 60.37
N VAL C 238 -27.52 -14.98 61.13
CA VAL C 238 -26.97 -16.30 61.40
C VAL C 238 -26.92 -17.13 60.11
N LYS C 239 -27.91 -16.96 59.23
CA LYS C 239 -27.95 -17.69 57.98
C LYS C 239 -26.72 -17.41 57.12
N LYS C 240 -26.24 -16.17 57.13
CA LYS C 240 -25.05 -15.79 56.37
C LYS C 240 -23.85 -16.54 56.93
N GLY C 241 -23.30 -17.46 56.15
CA GLY C 241 -22.15 -18.23 56.59
C GLY C 241 -20.85 -17.44 56.48
N GLY C 242 -19.77 -18.10 56.88
CA GLY C 242 -18.45 -17.49 56.81
C GLY C 242 -17.67 -17.58 58.09
N SER C 243 -18.35 -17.47 59.22
CA SER C 243 -17.71 -17.51 60.53
C SER C 243 -18.11 -18.79 61.28
N ALA C 244 -17.37 -19.06 62.35
CA ALA C 244 -17.66 -20.23 63.17
C ALA C 244 -18.97 -20.04 63.92
N LYS C 245 -19.74 -21.11 64.03
CA LYS C 245 -21.04 -21.08 64.69
C LYS C 245 -20.96 -21.84 66.01
N GLY C 246 -21.41 -21.19 67.08
CA GLY C 246 -21.46 -21.83 68.37
C GLY C 246 -22.68 -22.72 68.54
N ARG C 247 -22.76 -23.38 69.69
CA ARG C 247 -23.88 -24.27 69.96
C ARG C 247 -25.20 -23.52 69.95
N ALA C 248 -25.22 -22.31 70.54
CA ALA C 248 -26.44 -21.51 70.51
C ALA C 248 -26.81 -21.12 69.09
N VAL C 249 -25.83 -20.72 68.28
CA VAL C 249 -26.12 -20.27 66.92
C VAL C 249 -26.55 -21.44 66.04
N GLU C 250 -25.92 -22.61 66.21
CA GLU C 250 -26.26 -23.76 65.38
C GLU C 250 -27.71 -24.19 65.60
N ILE C 251 -28.17 -24.16 66.84
CA ILE C 251 -29.56 -24.48 67.12
C ILE C 251 -30.49 -23.47 66.47
N ILE C 252 -30.15 -22.18 66.57
CA ILE C 252 -30.98 -21.13 65.99
C ILE C 252 -31.06 -21.29 64.48
N SER C 253 -29.93 -21.56 63.84
CA SER C 253 -29.92 -21.75 62.38
C SER C 253 -30.71 -23.00 62.00
N ASP C 254 -30.58 -24.08 62.78
CA ASP C 254 -31.33 -25.30 62.51
C ASP C 254 -32.83 -25.05 62.65
N ILE C 255 -33.23 -24.28 63.67
CA ILE C 255 -34.64 -23.94 63.83
C ILE C 255 -35.10 -23.06 62.67
N GLY C 256 -34.23 -22.16 62.20
CA GLY C 256 -34.60 -21.26 61.13
C GLY C 256 -34.91 -21.98 59.82
N ASN C 257 -34.46 -23.24 59.70
CA ASN C 257 -34.81 -24.02 58.51
C ASN C 257 -36.31 -24.27 58.45
N TYR C 258 -36.93 -24.56 59.60
CA TYR C 258 -38.37 -24.74 59.63
C TYR C 258 -39.11 -23.41 59.54
N VAL C 259 -38.49 -22.33 59.99
CA VAL C 259 -39.15 -21.03 60.02
C VAL C 259 -39.31 -20.47 58.61
N GLU C 260 -38.36 -20.75 57.72
CA GLU C 260 -38.37 -20.15 56.39
C GLU C 260 -39.63 -20.53 55.62
N GLU C 261 -40.08 -19.60 54.78
CA GLU C 261 -41.23 -19.79 53.88
C GLU C 261 -42.51 -20.12 54.63
N THR C 262 -42.59 -19.78 55.92
CA THR C 262 -43.80 -20.05 56.69
C THR C 262 -44.94 -19.14 56.23
N GLY C 263 -46.16 -19.63 56.39
CA GLY C 263 -47.35 -18.86 56.08
C GLY C 263 -47.58 -18.60 54.61
N MET C 264 -46.81 -19.19 53.72
CA MET C 264 -46.97 -19.04 52.28
C MET C 264 -47.06 -20.39 51.59
N ALA C 265 -47.68 -21.36 52.26
CA ALA C 265 -47.81 -22.69 51.67
C ALA C 265 -48.68 -22.68 50.43
N GLY C 266 -49.70 -21.82 50.39
CA GLY C 266 -50.56 -21.76 49.22
C GLY C 266 -49.80 -21.36 47.97
N PHE C 267 -48.87 -20.40 48.10
CA PHE C 267 -48.06 -19.98 46.95
C PHE C 267 -47.06 -21.05 46.56
N PHE C 268 -46.37 -21.63 47.55
CA PHE C 268 -45.28 -22.54 47.23
C PHE C 268 -45.79 -23.91 46.79
N ALA C 269 -46.96 -24.31 47.28
CA ALA C 269 -47.58 -25.53 46.77
C ALA C 269 -47.92 -25.40 45.30
N THR C 270 -48.40 -24.22 44.90
CA THR C 270 -48.68 -23.97 43.49
C THR C 270 -47.41 -24.07 42.65
N ILE C 271 -46.30 -23.54 43.17
CA ILE C 271 -45.04 -23.60 42.44
C ILE C 271 -44.57 -25.04 42.31
N ARG C 272 -44.58 -25.77 43.43
CA ARG C 272 -44.02 -27.12 43.43
C ARG C 272 -44.91 -28.10 42.69
N PHE C 273 -46.22 -28.05 42.95
CA PHE C 273 -47.14 -29.07 42.45
C PHE C 273 -47.87 -28.61 41.18
N GLY C 274 -48.59 -27.50 41.28
CA GLY C 274 -49.39 -27.05 40.14
C GLY C 274 -48.55 -26.66 38.94
N LEU C 275 -47.50 -25.88 39.15
CA LEU C 275 -46.69 -25.40 38.03
C LEU C 275 -45.66 -26.44 37.61
N GLU C 276 -44.76 -26.82 38.52
CA GLU C 276 -43.81 -27.88 38.23
C GLU C 276 -44.54 -29.22 38.16
N THR C 277 -43.77 -30.28 37.93
CA THR C 277 -44.33 -31.61 37.64
C THR C 277 -45.31 -31.50 36.47
N ARG C 278 -44.75 -31.12 35.31
CA ARG C 278 -45.53 -30.68 34.17
C ARG C 278 -46.57 -31.70 33.72
N TYR C 279 -47.84 -31.36 33.88
CA TYR C 279 -48.97 -32.17 33.48
C TYR C 279 -49.60 -31.62 32.20
N PRO C 280 -50.09 -32.50 31.31
CA PRO C 280 -50.70 -32.02 30.06
C PRO C 280 -51.99 -31.25 30.25
N ALA C 281 -52.44 -31.01 31.48
CA ALA C 281 -53.67 -30.27 31.74
C ALA C 281 -53.41 -28.81 32.09
N LEU C 282 -52.24 -28.29 31.76
CA LEU C 282 -51.90 -26.92 32.12
C LEU C 282 -52.51 -25.91 31.15
N ALA C 283 -52.16 -26.01 29.88
CA ALA C 283 -52.65 -25.08 28.86
C ALA C 283 -54.11 -25.42 28.56
N LEU C 284 -55.03 -24.73 29.23
CA LEU C 284 -56.45 -24.99 29.04
C LEU C 284 -57.29 -23.72 29.03
N ASN C 285 -56.68 -22.57 28.73
CA ASN C 285 -57.35 -21.27 28.65
C ASN C 285 -57.89 -20.81 29.99
N GLU C 286 -57.66 -21.55 31.06
CA GLU C 286 -58.03 -21.12 32.39
C GLU C 286 -56.86 -21.04 33.35
N PHE C 287 -55.68 -21.48 32.92
CA PHE C 287 -54.47 -21.35 33.72
C PHE C 287 -53.45 -20.40 33.12
N GLN C 288 -53.67 -19.94 31.88
CA GLN C 288 -52.72 -19.05 31.23
C GLN C 288 -52.62 -17.72 31.97
N SER C 289 -53.75 -17.22 32.47
CA SER C 289 -53.71 -16.01 33.28
C SER C 289 -52.97 -16.26 34.59
N ASP C 290 -53.27 -17.37 35.26
CA ASP C 290 -52.60 -17.67 36.52
C ASP C 290 -51.12 -17.94 36.31
N LEU C 291 -50.76 -18.61 35.21
CA LEU C 291 -49.35 -18.84 34.91
C LEU C 291 -48.61 -17.52 34.72
N ASN C 292 -49.25 -16.57 34.04
CA ASN C 292 -48.63 -15.25 33.88
C ASN C 292 -48.46 -14.55 35.22
N THR C 293 -49.48 -14.62 36.08
CA THR C 293 -49.39 -14.00 37.40
C THR C 293 -48.31 -14.66 38.24
N ILE C 294 -48.22 -15.98 38.18
CA ILE C 294 -47.21 -16.70 38.96
C ILE C 294 -45.80 -16.30 38.51
N LYS C 295 -45.61 -16.13 37.20
CA LYS C 295 -44.31 -15.72 36.70
C LYS C 295 -43.91 -14.36 37.24
N GLY C 296 -44.87 -13.44 37.31
CA GLY C 296 -44.58 -12.13 37.89
C GLY C 296 -44.25 -12.21 39.37
N LEU C 297 -44.89 -13.14 40.09
CA LEU C 297 -44.63 -13.29 41.51
C LEU C 297 -43.21 -13.79 41.77
N MET C 298 -42.70 -14.67 40.92
CA MET C 298 -41.34 -15.17 41.08
C MET C 298 -40.33 -14.03 40.97
N LEU C 299 -40.55 -13.12 40.02
CA LEU C 299 -39.69 -11.95 39.91
C LEU C 299 -39.83 -11.05 41.14
N LEU C 300 -41.05 -10.88 41.64
CA LEU C 300 -41.27 -10.08 42.84
C LEU C 300 -40.58 -10.70 44.04
N TYR C 301 -40.66 -12.03 44.19
CA TYR C 301 -40.00 -12.70 45.30
C TYR C 301 -38.49 -12.53 45.23
N ARG C 302 -37.93 -12.60 44.02
CA ARG C 302 -36.50 -12.37 43.86
C ARG C 302 -36.13 -10.92 44.13
N GLU C 303 -37.03 -9.98 43.81
CA GLU C 303 -36.74 -8.56 43.99
C GLU C 303 -36.80 -8.12 45.44
N ILE C 304 -37.54 -8.83 46.30
CA ILE C 304 -37.73 -8.40 47.68
C ILE C 304 -36.39 -8.41 48.42
N GLY C 305 -35.66 -9.51 48.35
CA GLY C 305 -34.38 -9.61 49.01
C GLY C 305 -34.32 -10.75 50.01
N PRO C 306 -33.39 -10.65 50.96
CA PRO C 306 -33.25 -11.72 51.96
C PRO C 306 -34.43 -11.84 52.90
N ARG C 307 -35.31 -10.86 52.97
CA ARG C 307 -36.49 -10.92 53.83
C ARG C 307 -37.66 -11.64 53.18
N ALA C 308 -37.49 -12.14 51.95
CA ALA C 308 -38.57 -12.81 51.25
C ALA C 308 -39.11 -14.03 51.98
N PRO C 309 -38.30 -14.96 52.50
CA PRO C 309 -38.90 -16.10 53.21
C PRO C 309 -39.70 -15.71 54.43
N TYR C 310 -39.26 -14.71 55.18
CA TYR C 310 -39.96 -14.26 56.39
C TYR C 310 -40.88 -13.08 56.10
N MET C 311 -41.74 -13.21 55.09
CA MET C 311 -42.68 -12.14 54.78
C MET C 311 -43.86 -12.13 55.75
N VAL C 312 -44.36 -13.32 56.11
CA VAL C 312 -45.49 -13.37 57.05
C VAL C 312 -45.07 -12.93 58.44
N LEU C 313 -43.85 -13.29 58.85
CA LEU C 313 -43.38 -12.92 60.18
C LEU C 313 -43.28 -11.41 60.33
N LEU C 314 -42.73 -10.73 59.33
CA LEU C 314 -42.66 -9.27 59.36
C LEU C 314 -43.95 -8.61 58.93
N GLU C 315 -44.94 -9.39 58.48
CA GLU C 315 -46.25 -8.88 58.08
C GLU C 315 -46.12 -7.84 56.96
N GLU C 316 -45.23 -8.12 56.01
CA GLU C 316 -45.05 -7.23 54.87
C GLU C 316 -46.34 -7.14 54.06
N SER C 317 -46.63 -5.93 53.56
CA SER C 317 -47.82 -5.73 52.74
C SER C 317 -47.72 -6.45 51.40
N ILE C 318 -46.51 -6.80 50.96
CA ILE C 318 -46.34 -7.53 49.72
C ILE C 318 -46.95 -8.92 49.82
N GLN C 319 -47.17 -9.42 51.03
CA GLN C 319 -47.66 -10.78 51.21
C GLN C 319 -49.03 -11.00 50.60
N THR C 320 -49.91 -9.99 50.70
CA THR C 320 -51.27 -10.15 50.18
C THR C 320 -51.27 -10.48 48.69
N LYS C 321 -50.32 -9.89 47.94
CA LYS C 321 -50.23 -10.19 46.52
C LYS C 321 -49.80 -11.63 46.26
N PHE C 322 -49.10 -12.25 47.22
CA PHE C 322 -48.66 -13.62 47.07
C PHE C 322 -49.74 -14.63 47.42
N ALA C 323 -50.70 -14.25 48.26
CA ALA C 323 -51.69 -15.19 48.74
C ALA C 323 -52.61 -15.65 47.61
N PRO C 324 -53.07 -16.90 47.66
CA PRO C 324 -54.06 -17.35 46.68
C PRO C 324 -55.34 -16.54 46.80
N GLY C 325 -55.94 -16.26 45.64
CA GLY C 325 -57.06 -15.35 45.57
C GLY C 325 -56.90 -14.47 44.36
N GLY C 326 -55.65 -14.18 44.01
CA GLY C 326 -55.31 -13.60 42.73
C GLY C 326 -55.06 -14.61 41.64
N TYR C 327 -54.91 -15.88 42.01
CA TYR C 327 -54.80 -16.98 41.05
C TYR C 327 -55.53 -18.20 41.59
N PRO C 328 -56.83 -18.05 41.89
CA PRO C 328 -57.55 -19.16 42.54
C PRO C 328 -57.65 -20.41 41.71
N LEU C 329 -57.64 -20.29 40.37
CA LEU C 329 -57.87 -21.45 39.52
C LEU C 329 -56.68 -22.40 39.55
N LEU C 330 -55.48 -21.89 39.28
CA LEU C 330 -54.29 -22.74 39.29
C LEU C 330 -54.01 -23.27 40.69
N TRP C 331 -54.21 -22.43 41.71
CA TRP C 331 -54.01 -22.88 43.08
C TRP C 331 -54.94 -24.04 43.42
N SER C 332 -56.20 -23.93 43.00
CA SER C 332 -57.15 -25.03 43.21
C SER C 332 -56.67 -26.30 42.50
N PHE C 333 -56.18 -26.15 41.27
CA PHE C 333 -55.60 -27.29 40.58
C PHE C 333 -54.36 -27.80 41.31
N ALA C 334 -53.55 -26.87 41.83
CA ALA C 334 -52.33 -27.27 42.54
C ALA C 334 -52.64 -28.07 43.79
N MET C 335 -53.64 -27.65 44.57
CA MET C 335 -54.02 -28.42 45.75
C MET C 335 -54.65 -29.75 45.36
N GLY C 336 -55.22 -29.83 44.15
CA GLY C 336 -55.78 -31.09 43.71
C GLY C 336 -54.74 -32.18 43.55
N VAL C 337 -53.61 -31.84 42.93
CA VAL C 337 -52.54 -32.82 42.77
C VAL C 337 -51.73 -32.95 44.06
N ALA C 338 -51.74 -31.90 44.90
CA ALA C 338 -50.95 -31.93 46.13
C ALA C 338 -51.50 -32.95 47.12
N THR C 339 -52.83 -32.96 47.29
CA THR C 339 -53.44 -33.88 48.26
C THR C 339 -53.24 -35.34 47.85
N THR C 340 -53.31 -35.63 46.54
CA THR C 340 -53.15 -37.00 46.08
C THR C 340 -51.71 -37.49 46.18
N ILE C 341 -50.74 -36.61 45.90
CA ILE C 341 -49.34 -37.00 45.82
C ILE C 341 -48.72 -37.01 47.20
N ASP C 342 -48.82 -35.89 47.91
CA ASP C 342 -48.20 -35.74 49.22
C ASP C 342 -49.20 -36.13 50.31
N ARG C 343 -48.89 -37.21 51.04
CA ARG C 343 -49.79 -37.66 52.10
C ARG C 343 -49.91 -36.61 53.19
N SER C 344 -48.80 -35.96 53.55
CA SER C 344 -48.84 -34.93 54.57
C SER C 344 -49.71 -33.75 54.12
N MET C 345 -49.61 -33.36 52.86
CA MET C 345 -50.48 -32.34 52.31
C MET C 345 -51.92 -32.86 52.29
N GLY C 346 -52.78 -32.22 53.06
CA GLY C 346 -54.13 -32.70 53.27
C GLY C 346 -54.60 -32.37 54.67
N ALA C 347 -53.63 -32.15 55.57
CA ALA C 347 -53.90 -31.54 56.85
C ALA C 347 -53.95 -30.02 56.76
N LEU C 348 -53.60 -29.46 55.61
CA LEU C 348 -53.69 -28.03 55.39
C LEU C 348 -55.14 -27.58 55.31
N ASN C 349 -55.44 -26.45 55.91
CA ASN C 349 -56.79 -25.89 55.90
C ASN C 349 -56.94 -25.03 54.65
N ILE C 350 -57.73 -25.49 53.69
CA ILE C 350 -57.87 -24.82 52.41
C ILE C 350 -59.34 -24.53 52.11
N ASN C 351 -60.14 -24.35 53.16
CA ASN C 351 -61.58 -24.09 53.00
C ASN C 351 -61.84 -22.61 52.70
N ARG C 352 -61.24 -22.14 51.62
CA ARG C 352 -61.39 -20.76 51.20
C ARG C 352 -62.68 -20.57 50.39
N GLY C 353 -62.95 -19.32 50.04
CA GLY C 353 -64.12 -18.97 49.27
C GLY C 353 -63.98 -19.07 47.77
N TYR C 354 -62.83 -19.51 47.28
CA TYR C 354 -62.56 -19.64 45.85
C TYR C 354 -61.99 -21.02 45.54
N LEU C 355 -62.61 -22.05 46.12
CA LEU C 355 -62.08 -23.40 45.97
C LEU C 355 -62.21 -23.93 44.55
N GLU C 356 -63.31 -23.62 43.86
CA GLU C 356 -63.57 -24.08 42.50
C GLU C 356 -63.40 -25.58 42.41
N PRO C 357 -64.34 -26.38 42.95
CA PRO C 357 -64.14 -27.82 43.00
C PRO C 357 -63.92 -28.48 41.65
N MET C 358 -64.45 -27.90 40.57
CA MET C 358 -64.28 -28.49 39.25
C MET C 358 -62.79 -28.56 38.88
N TYR C 359 -62.05 -27.49 39.16
CA TYR C 359 -60.61 -27.53 38.91
C TYR C 359 -59.88 -28.35 39.95
N PHE C 360 -60.41 -28.41 41.17
CA PHE C 360 -59.87 -29.32 42.18
C PHE C 360 -60.04 -30.77 41.75
N ARG C 361 -61.21 -31.12 41.21
CA ARG C 361 -61.43 -32.47 40.73
C ARG C 361 -60.49 -32.81 39.58
N LEU C 362 -60.28 -31.85 38.67
CA LEU C 362 -59.39 -32.10 37.54
C LEU C 362 -57.96 -32.36 38.02
N GLY C 363 -57.52 -31.63 39.04
CA GLY C 363 -56.22 -31.91 39.63
C GLY C 363 -56.15 -33.30 40.23
N GLN C 364 -57.21 -33.73 40.90
CA GLN C 364 -57.25 -35.09 41.44
C GLN C 364 -57.15 -36.12 40.33
N LYS C 365 -57.88 -35.91 39.23
CA LYS C 365 -57.78 -36.82 38.09
C LYS C 365 -56.42 -36.70 37.41
N SER C 366 -55.81 -35.51 37.48
CA SER C 366 -54.51 -35.31 36.82
C SER C 366 -53.42 -36.19 37.43
N ALA C 367 -53.43 -36.34 38.76
CA ALA C 367 -52.38 -37.11 39.42
C ALA C 367 -52.43 -38.58 39.03
N ARG C 368 -53.63 -39.17 38.97
CA ARG C 368 -53.76 -40.61 38.77
C ARG C 368 -54.42 -40.96 37.45
N HIS C 369 -55.61 -40.44 37.15
CA HIS C 369 -56.39 -40.89 36.01
C HIS C 369 -55.98 -40.23 34.69
N HIS C 370 -55.07 -39.26 34.71
CA HIS C 370 -54.78 -38.51 33.50
C HIS C 370 -53.90 -39.33 32.56
N ALA C 371 -52.67 -39.63 32.99
CA ALA C 371 -51.71 -40.37 32.19
C ALA C 371 -50.47 -40.64 33.04
N GLY C 372 -49.58 -41.48 32.51
CA GLY C 372 -48.31 -41.71 33.18
C GLY C 372 -47.42 -40.48 33.20
N GLY C 373 -47.39 -39.72 32.11
CA GLY C 373 -46.63 -38.49 32.06
C GLY C 373 -45.15 -38.68 31.84
N ILE C 374 -44.76 -39.22 30.70
CA ILE C 374 -43.34 -39.37 30.36
C ILE C 374 -42.86 -38.06 29.74
N ASP C 375 -41.86 -37.45 30.37
CA ASP C 375 -41.36 -36.15 29.95
C ASP C 375 -40.27 -36.35 28.90
N GLN C 376 -39.53 -35.29 28.59
CA GLN C 376 -38.44 -35.38 27.62
C GLN C 376 -37.34 -36.29 28.16
N ASN C 377 -36.99 -37.30 27.37
CA ASN C 377 -36.05 -38.35 27.79
C ASN C 377 -34.71 -38.13 27.11
N MET C 378 -33.71 -37.70 27.89
CA MET C 378 -32.35 -37.62 27.37
C MET C 378 -31.84 -39.00 26.96
N ALA C 379 -32.12 -40.01 27.78
CA ALA C 379 -31.83 -41.39 27.42
C ALA C 379 -32.95 -41.92 26.54
N ASN C 380 -32.59 -42.50 25.40
CA ASN C 380 -33.56 -42.95 24.42
C ASN C 380 -34.05 -44.35 24.82
N LYS C 381 -35.28 -44.40 25.34
CA LYS C 381 -35.89 -45.67 25.74
C LYS C 381 -36.93 -46.06 24.70
N LEU C 382 -36.47 -46.75 23.66
CA LEU C 382 -37.35 -47.11 22.55
C LEU C 382 -38.34 -48.19 22.96
N GLY C 383 -37.98 -49.04 23.93
CA GLY C 383 -38.84 -50.11 24.37
C GLY C 383 -39.64 -49.78 25.62
N LEU C 384 -39.80 -48.49 25.89
CA LEU C 384 -40.44 -48.03 27.12
C LEU C 384 -41.96 -47.90 26.99
N ASN C 385 -42.53 -48.31 25.86
CA ASN C 385 -43.98 -48.29 25.72
C ASN C 385 -44.65 -49.19 26.75
N SER C 386 -44.11 -50.40 26.94
CA SER C 386 -44.62 -51.29 27.96
C SER C 386 -44.18 -50.85 29.35
N ASP C 387 -43.03 -50.20 29.45
CA ASP C 387 -42.56 -49.70 30.74
C ASP C 387 -43.54 -48.69 31.33
N GLN C 388 -44.10 -47.83 30.47
CA GLN C 388 -45.14 -46.91 30.93
C GLN C 388 -46.39 -47.68 31.35
N VAL C 389 -46.75 -48.73 30.61
CA VAL C 389 -47.94 -49.50 30.93
C VAL C 389 -47.79 -50.16 32.30
N ALA C 390 -46.63 -50.76 32.57
CA ALA C 390 -46.38 -51.34 33.87
C ALA C 390 -46.41 -50.28 34.96
N GLU C 391 -45.83 -49.10 34.68
CA GLU C 391 -45.92 -47.99 35.61
C GLU C 391 -47.37 -47.50 35.76
N LEU C 392 -48.10 -47.44 34.65
CA LEU C 392 -49.49 -47.01 34.70
C LEU C 392 -50.37 -48.06 35.38
N ALA C 393 -50.02 -49.34 35.28
CA ALA C 393 -50.80 -50.38 35.94
C ALA C 393 -50.77 -50.21 37.45
N ALA C 394 -49.61 -49.88 38.01
CA ALA C 394 -49.45 -49.65 39.44
C ALA C 394 -49.92 -50.83 40.27
N MET D 1 -57.88 -0.90 0.02
CA MET D 1 -56.74 -1.74 -0.31
C MET D 1 -55.92 -2.07 0.94
N SER D 2 -54.66 -2.46 0.74
CA SER D 2 -53.82 -2.88 1.86
C SER D 2 -53.59 -1.74 2.84
N ASP D 3 -53.41 -0.52 2.34
CA ASP D 3 -53.09 0.61 3.22
C ASP D 3 -54.24 0.88 4.18
N ILE D 4 -55.48 0.84 3.68
CA ILE D 4 -56.62 1.01 4.57
C ILE D 4 -56.68 -0.18 5.54
N PHE D 5 -57.38 0.04 6.66
CA PHE D 5 -57.43 -0.78 7.87
C PHE D 5 -56.15 -0.68 8.67
N ASP D 6 -55.12 -0.01 8.16
CA ASP D 6 -53.95 0.39 8.92
C ASP D 6 -53.90 1.89 9.14
N GLU D 7 -54.27 2.66 8.11
CA GLU D 7 -54.53 4.08 8.30
C GLU D 7 -55.59 4.30 9.37
N ALA D 8 -56.62 3.45 9.39
CA ALA D 8 -57.64 3.57 10.42
C ALA D 8 -57.08 3.27 11.81
N ALA D 9 -56.22 2.26 11.92
CA ALA D 9 -55.61 1.95 13.21
C ALA D 9 -54.75 3.10 13.71
N SER D 10 -53.92 3.66 12.82
CA SER D 10 -53.11 4.81 13.20
C SER D 10 -53.98 6.01 13.55
N PHE D 11 -55.11 6.16 12.84
CA PHE D 11 -56.02 7.26 13.12
C PHE D 11 -56.62 7.12 14.51
N ARG D 12 -57.06 5.92 14.88
CA ARG D 12 -57.59 5.71 16.23
C ARG D 12 -56.52 5.91 17.29
N SER D 13 -55.30 5.44 17.03
CA SER D 13 -54.20 5.62 17.99
C SER D 13 -53.90 7.10 18.20
N TYR D 14 -53.87 7.87 17.11
CA TYR D 14 -53.64 9.31 17.23
C TYR D 14 -54.81 10.02 17.87
N GLN D 15 -56.04 9.55 17.62
CA GLN D 15 -57.22 10.17 18.19
C GLN D 15 -57.30 9.95 19.70
N SER D 16 -56.82 8.80 20.17
CA SER D 16 -56.84 8.55 21.61
C SER D 16 -56.03 9.59 22.37
N LYS D 17 -54.79 9.79 21.98
CA LYS D 17 -53.93 10.84 22.55
C LYS D 17 -53.95 12.08 21.67
N LEU D 18 -55.14 12.64 21.50
CA LEU D 18 -55.32 13.71 20.52
C LEU D 18 -54.72 15.02 21.01
N GLY D 19 -55.23 15.55 22.13
CA GLY D 19 -54.77 16.84 22.61
C GLY D 19 -54.13 16.79 23.98
N ARG D 20 -53.77 15.59 24.43
CA ARG D 20 -53.17 15.42 25.76
C ARG D 20 -51.65 15.60 25.68
N ASP D 21 -51.25 16.81 25.30
CA ASP D 21 -49.84 17.15 25.17
C ASP D 21 -49.64 18.61 25.55
N GLY D 22 -48.41 18.95 25.91
CA GLY D 22 -48.09 20.31 26.32
C GLY D 22 -48.33 20.55 27.78
N ARG D 23 -48.19 21.81 28.17
CA ARG D 23 -48.37 22.25 29.55
C ARG D 23 -49.45 23.30 29.62
N ALA D 24 -50.30 23.20 30.64
CA ALA D 24 -51.39 24.16 30.83
C ALA D 24 -50.85 25.45 31.45
N SER D 25 -51.73 26.45 31.51
CA SER D 25 -51.39 27.74 32.08
C SER D 25 -51.94 27.87 33.50
N ALA D 26 -51.49 28.91 34.19
CA ALA D 26 -51.93 29.19 35.55
C ALA D 26 -53.21 30.00 35.60
N ALA D 27 -53.77 30.37 34.44
CA ALA D 27 -55.03 31.12 34.43
C ALA D 27 -56.16 30.28 35.00
N THR D 28 -56.19 28.98 34.65
CA THR D 28 -57.23 28.08 35.16
C THR D 28 -56.81 27.58 36.55
N ALA D 29 -56.89 28.49 37.51
CA ALA D 29 -56.54 28.21 38.90
C ALA D 29 -57.79 28.24 39.75
N THR D 30 -58.07 27.13 40.43
CA THR D 30 -59.28 27.02 41.24
C THR D 30 -59.18 27.93 42.46
N LEU D 31 -60.33 28.45 42.88
CA LEU D 31 -60.40 29.22 44.11
C LEU D 31 -60.14 28.31 45.30
N THR D 32 -59.35 28.79 46.25
CA THR D 32 -58.89 27.97 47.37
C THR D 32 -59.67 28.30 48.64
N THR D 33 -59.89 27.28 49.45
CA THR D 33 -60.60 27.40 50.72
C THR D 33 -59.62 27.13 51.86
N LYS D 34 -59.68 27.96 52.89
CA LYS D 34 -58.81 27.78 54.04
C LYS D 34 -59.29 26.60 54.88
N ILE D 35 -58.37 25.71 55.25
CA ILE D 35 -58.68 24.52 56.04
C ILE D 35 -57.77 24.54 57.27
N ARG D 36 -58.39 24.55 58.45
CA ARG D 36 -57.67 24.64 59.71
C ARG D 36 -57.46 23.24 60.27
N ILE D 37 -56.20 22.86 60.45
CA ILE D 37 -55.82 21.52 60.88
C ILE D 37 -55.15 21.61 62.25
N PHE D 38 -55.68 20.85 63.21
CA PHE D 38 -55.16 20.82 64.58
C PHE D 38 -54.22 19.64 64.72
N VAL D 39 -52.92 19.90 64.75
CA VAL D 39 -51.93 18.84 64.89
C VAL D 39 -51.32 18.89 66.29
N PRO D 40 -50.92 17.75 66.86
CA PRO D 40 -50.27 17.80 68.18
C PRO D 40 -48.86 18.35 68.06
N ALA D 41 -48.53 19.31 68.94
CA ALA D 41 -47.21 19.92 68.90
C ALA D 41 -46.15 19.01 69.52
N THR D 42 -46.51 18.28 70.58
CA THR D 42 -45.58 17.47 71.34
C THR D 42 -45.86 15.99 71.11
N ASN D 43 -45.11 15.15 71.81
CA ASN D 43 -45.25 13.70 71.73
C ASN D 43 -45.88 13.08 72.98
N SER D 44 -46.41 13.91 73.87
CA SER D 44 -47.00 13.38 75.10
C SER D 44 -48.23 12.55 74.76
N PRO D 45 -48.32 11.31 75.26
CA PRO D 45 -49.47 10.46 74.89
C PRO D 45 -50.81 11.02 75.32
N GLU D 46 -50.89 11.70 76.46
CA GLU D 46 -52.17 12.21 76.93
C GLU D 46 -52.72 13.26 75.97
N LEU D 47 -51.85 14.16 75.50
CA LEU D 47 -52.29 15.21 74.58
C LEU D 47 -52.77 14.62 73.27
N ARG D 48 -52.04 13.63 72.73
CA ARG D 48 -52.45 13.03 71.47
C ARG D 48 -53.74 12.25 71.62
N TRP D 49 -53.93 11.55 72.75
CA TRP D 49 -55.17 10.83 72.97
C TRP D 49 -56.35 11.79 73.09
N GLU D 50 -56.16 12.89 73.82
CA GLU D 50 -57.23 13.87 73.92
C GLU D 50 -57.52 14.50 72.56
N LEU D 51 -56.48 14.73 71.76
CA LEU D 51 -56.65 15.33 70.44
C LEU D 51 -57.43 14.41 69.52
N THR D 52 -57.13 13.10 69.53
CA THR D 52 -57.87 12.20 68.66
C THR D 52 -59.29 11.99 69.17
N LEU D 53 -59.52 12.04 70.49
CA LEU D 53 -60.89 12.03 70.99
C LEU D 53 -61.66 13.25 70.50
N PHE D 54 -61.02 14.43 70.55
CA PHE D 54 -61.66 15.65 70.07
C PHE D 54 -61.96 15.55 68.58
N ALA D 55 -61.02 15.00 67.80
CA ALA D 55 -61.25 14.85 66.36
C ALA D 55 -62.41 13.90 66.07
N LEU D 56 -62.48 12.80 66.84
CA LEU D 56 -63.62 11.90 66.70
C LEU D 56 -64.93 12.61 67.00
N ASP D 57 -64.95 13.41 68.06
CA ASP D 57 -66.17 14.14 68.41
C ASP D 57 -66.55 15.13 67.31
N VAL D 58 -65.56 15.85 66.77
CA VAL D 58 -65.85 16.84 65.73
C VAL D 58 -66.39 16.15 64.48
N ILE D 59 -65.78 15.03 64.08
CA ILE D 59 -66.26 14.30 62.92
C ILE D 59 -67.68 13.80 63.15
N ARG D 60 -67.95 13.27 64.35
CA ARG D 60 -69.30 12.81 64.67
C ARG D 60 -70.28 13.95 64.83
N SER D 61 -69.81 15.18 65.05
CA SER D 61 -70.69 16.29 65.34
C SER D 61 -71.57 16.61 64.12
N PRO D 62 -72.86 16.87 64.34
CA PRO D 62 -73.73 17.24 63.21
C PRO D 62 -73.68 18.71 62.89
N SER D 63 -73.35 19.54 63.88
CA SER D 63 -73.27 20.99 63.71
C SER D 63 -71.94 21.45 63.15
N ALA D 64 -71.01 20.53 62.91
CA ALA D 64 -69.69 20.92 62.42
C ALA D 64 -69.76 21.36 60.96
N ALA D 65 -69.04 22.43 60.64
CA ALA D 65 -68.90 22.84 59.26
C ALA D 65 -68.01 21.84 58.51
N GLU D 66 -68.16 21.83 57.19
CA GLU D 66 -67.41 20.87 56.38
C GLU D 66 -65.91 21.09 56.50
N SER D 67 -65.47 22.34 56.53
CA SER D 67 -64.05 22.62 56.67
C SER D 67 -63.50 22.09 57.99
N MET D 68 -64.27 22.24 59.07
CA MET D 68 -63.86 21.69 60.35
C MET D 68 -63.78 20.17 60.29
N LYS D 69 -64.72 19.54 59.59
CA LYS D 69 -64.67 18.08 59.45
C LYS D 69 -63.44 17.64 58.67
N ILE D 70 -63.08 18.37 57.62
CA ILE D 70 -61.87 18.03 56.87
C ILE D 70 -60.63 18.23 57.73
N GLY D 71 -60.62 19.29 58.53
CA GLY D 71 -59.50 19.50 59.45
C GLY D 71 -59.38 18.37 60.46
N ALA D 72 -60.51 17.92 60.99
CA ALA D 72 -60.49 16.80 61.93
C ALA D 72 -60.03 15.52 61.25
N ALA D 73 -60.46 15.28 60.01
CA ALA D 73 -60.00 14.11 59.29
C ALA D 73 -58.50 14.13 59.05
N PHE D 74 -57.96 15.30 58.67
CA PHE D 74 -56.53 15.43 58.47
C PHE D 74 -55.78 15.24 59.80
N THR D 75 -56.35 15.76 60.88
CA THR D 75 -55.76 15.55 62.21
C THR D 75 -55.71 14.07 62.56
N LEU D 76 -56.79 13.34 62.27
CA LEU D 76 -56.82 11.91 62.57
C LEU D 76 -55.80 11.15 61.73
N ILE D 77 -55.79 11.39 60.42
CA ILE D 77 -54.97 10.59 59.52
C ILE D 77 -53.50 10.70 59.86
N SER D 78 -53.05 11.89 60.26
CA SER D 78 -51.65 12.15 60.53
C SER D 78 -51.27 11.98 62.00
N MET D 79 -52.15 11.35 62.81
CA MET D 79 -51.83 11.18 64.22
C MET D 79 -50.67 10.23 64.46
N TYR D 80 -50.52 9.21 63.60
CA TYR D 80 -49.48 8.21 63.83
C TYR D 80 -48.09 8.81 63.71
N SER D 81 -47.90 9.77 62.80
CA SER D 81 -46.59 10.35 62.58
C SER D 81 -46.14 11.17 63.78
N GLU D 82 -44.83 11.14 64.05
CA GLU D 82 -44.28 11.93 65.14
C GLU D 82 -44.30 13.42 64.85
N ARG D 83 -44.32 13.81 63.57
CA ARG D 83 -44.39 15.20 63.16
C ARG D 83 -45.55 15.34 62.17
N PRO D 84 -46.79 15.39 62.69
CA PRO D 84 -47.94 15.47 61.78
C PRO D 84 -47.92 16.67 60.85
N GLY D 85 -47.42 17.81 61.32
CA GLY D 85 -47.37 18.99 60.47
C GLY D 85 -46.47 18.79 59.27
N ALA D 86 -45.28 18.22 59.48
CA ALA D 86 -44.36 17.96 58.38
C ALA D 86 -44.96 16.95 57.41
N LEU D 87 -45.61 15.91 57.93
CA LEU D 87 -46.24 14.92 57.07
C LEU D 87 -47.33 15.54 56.20
N ILE D 88 -48.17 16.38 56.79
CA ILE D 88 -49.23 17.02 56.02
C ILE D 88 -48.65 17.97 54.99
N ARG D 89 -47.65 18.78 55.38
CA ARG D 89 -47.12 19.77 54.46
C ARG D 89 -46.32 19.15 53.34
N SER D 90 -45.68 18.00 53.58
CA SER D 90 -44.84 17.36 52.58
C SER D 90 -45.57 16.29 51.78
N LEU D 91 -46.87 16.09 52.02
CA LEU D 91 -47.65 15.10 51.29
C LEU D 91 -49.02 15.66 50.91
N LEU D 92 -49.05 16.94 50.53
CA LEU D 92 -50.29 17.61 50.13
C LEU D 92 -50.13 18.12 48.70
N ASN D 93 -51.05 17.70 47.82
CA ASN D 93 -51.05 18.13 46.44
C ASN D 93 -52.47 18.52 46.03
N ASP D 94 -53.14 19.31 46.86
CA ASP D 94 -54.52 19.71 46.62
C ASP D 94 -54.58 21.16 46.18
N PRO D 95 -54.82 21.44 44.90
CA PRO D 95 -55.02 22.84 44.48
C PRO D 95 -56.32 23.43 44.98
N ASP D 96 -57.29 22.61 45.37
CA ASP D 96 -58.59 23.12 45.82
C ASP D 96 -58.49 23.80 47.17
N ILE D 97 -57.59 23.33 48.04
CA ILE D 97 -57.55 23.77 49.43
C ILE D 97 -56.15 24.28 49.77
N GLU D 98 -56.10 25.14 50.78
CA GLU D 98 -54.86 25.52 51.43
C GLU D 98 -54.94 25.14 52.90
N ALA D 99 -53.89 24.51 53.41
CA ALA D 99 -53.87 24.00 54.76
C ALA D 99 -53.05 24.94 55.65
N VAL D 100 -53.67 25.41 56.72
CA VAL D 100 -52.98 26.21 57.73
C VAL D 100 -52.77 25.32 58.94
N ILE D 101 -51.54 24.82 59.10
CA ILE D 101 -51.24 23.91 60.19
C ILE D 101 -51.21 24.67 61.50
N ILE D 102 -51.86 24.11 62.52
CA ILE D 102 -51.97 24.74 63.84
C ILE D 102 -51.42 23.77 64.87
N ASP D 103 -50.31 24.16 65.50
CA ASP D 103 -49.77 23.37 66.60
C ASP D 103 -50.61 23.57 67.84
N VAL D 104 -51.07 22.47 68.42
CA VAL D 104 -52.03 22.54 69.52
C VAL D 104 -51.39 23.12 70.77
N GLY D 105 -50.19 22.64 71.12
CA GLY D 105 -49.50 23.15 72.29
C GLY D 105 -49.88 22.40 73.56
N SER D 106 -50.77 22.99 74.35
CA SER D 106 -51.36 22.33 75.50
C SER D 106 -52.79 21.94 75.15
N MET D 107 -53.53 21.37 76.10
CA MET D 107 -54.89 20.95 75.79
C MET D 107 -55.80 21.15 77.00
N LEU D 108 -56.87 21.91 76.81
CA LEU D 108 -57.98 21.97 77.73
C LEU D 108 -59.00 20.91 77.30
N ASN D 109 -60.23 20.99 77.82
CA ASN D 109 -61.29 20.09 77.35
C ASN D 109 -61.41 20.15 75.83
N GLY D 110 -61.41 21.35 75.26
CA GLY D 110 -61.29 21.49 73.82
C GLY D 110 -59.85 21.72 73.42
N ILE D 111 -59.56 22.83 72.76
CA ILE D 111 -58.17 23.20 72.48
C ILE D 111 -57.94 24.64 72.92
N PRO D 112 -56.83 24.93 73.62
CA PRO D 112 -56.49 26.33 73.92
C PRO D 112 -55.76 26.96 72.74
N VAL D 113 -56.32 28.05 72.22
CA VAL D 113 -55.67 28.77 71.13
C VAL D 113 -54.31 29.29 71.58
N MET D 114 -54.26 29.85 72.79
CA MET D 114 -53.01 30.32 73.39
C MET D 114 -52.28 31.31 72.47
N GLU D 115 -53.03 32.32 72.02
CA GLU D 115 -52.45 33.35 71.16
C GLU D 115 -53.29 34.61 71.35
N ARG D 116 -52.80 35.55 72.16
CA ARG D 116 -53.48 36.80 72.45
C ARG D 116 -54.89 36.54 73.00
N ARG D 117 -54.93 35.92 74.18
CA ARG D 117 -56.19 35.54 74.79
C ARG D 117 -57.11 36.76 74.94
N GLY D 118 -58.36 36.59 74.52
CA GLY D 118 -59.33 37.67 74.48
C GLY D 118 -59.44 38.32 73.11
N ASP D 119 -58.39 38.19 72.30
CA ASP D 119 -58.37 38.76 70.95
C ASP D 119 -58.64 37.65 69.94
N LYS D 120 -59.88 37.59 69.46
CA LYS D 120 -60.27 36.67 68.38
C LYS D 120 -59.99 35.21 68.74
N ALA D 121 -60.14 34.85 70.02
CA ALA D 121 -59.92 33.49 70.46
C ALA D 121 -61.11 32.96 71.23
N GLN D 122 -61.78 33.84 71.98
CA GLN D 122 -62.92 33.42 72.79
C GLN D 122 -64.05 32.90 71.91
N GLU D 123 -64.27 33.53 70.75
CA GLU D 123 -65.32 33.06 69.85
C GLU D 123 -65.00 31.66 69.34
N GLU D 124 -63.75 31.39 69.00
CA GLU D 124 -63.36 30.05 68.58
C GLU D 124 -63.53 29.04 69.71
N MET D 125 -63.21 29.45 70.93
CA MET D 125 -63.40 28.55 72.07
C MET D 125 -64.86 28.20 72.27
N GLU D 126 -65.74 29.20 72.18
CA GLU D 126 -67.18 28.95 72.29
C GLU D 126 -67.67 28.07 71.15
N GLY D 127 -67.15 28.29 69.94
CA GLY D 127 -67.51 27.43 68.83
C GLY D 127 -67.13 25.99 69.04
N LEU D 128 -65.91 25.77 69.56
CA LEU D 128 -65.46 24.40 69.83
C LEU D 128 -66.28 23.74 70.94
N MET D 129 -66.61 24.52 71.98
CA MET D 129 -67.48 23.97 73.04
C MET D 129 -68.86 23.62 72.48
N ARG D 130 -69.40 24.46 71.61
CA ARG D 130 -70.67 24.13 70.97
C ARG D 130 -70.55 22.87 70.13
N ILE D 131 -69.45 22.72 69.40
CA ILE D 131 -69.24 21.53 68.58
C ILE D 131 -69.23 20.29 69.46
N LEU D 132 -68.47 20.34 70.56
CA LEU D 132 -68.40 19.19 71.46
C LEU D 132 -69.76 18.87 72.08
N LYS D 133 -70.49 19.89 72.51
CA LYS D 133 -71.79 19.67 73.13
C LYS D 133 -72.78 19.07 72.13
N THR D 134 -72.81 19.59 70.90
CA THR D 134 -73.70 19.05 69.89
C THR D 134 -73.32 17.62 69.53
N ALA D 135 -72.01 17.34 69.44
CA ALA D 135 -71.57 15.98 69.14
C ALA D 135 -72.00 15.01 70.23
N ARG D 136 -71.86 15.40 71.49
CA ARG D 136 -72.20 14.50 72.58
C ARG D 136 -73.71 14.33 72.72
N GLU D 137 -74.48 15.40 72.44
CA GLU D 137 -75.93 15.32 72.59
C GLU D 137 -76.61 14.66 71.39
N SER D 138 -75.97 14.69 70.22
CA SER D 138 -76.61 14.19 69.00
C SER D 138 -76.94 12.72 69.12
N SER D 139 -75.96 11.90 69.46
CA SER D 139 -76.22 10.48 69.68
C SER D 139 -76.94 10.28 71.01
N LYS D 140 -77.48 9.09 71.21
CA LYS D 140 -78.18 8.76 72.44
C LYS D 140 -77.20 8.42 73.54
N GLY D 141 -76.26 9.33 73.81
CA GLY D 141 -75.21 9.05 74.77
C GLY D 141 -74.20 8.03 74.31
N LYS D 142 -74.22 7.66 73.04
CA LYS D 142 -73.37 6.58 72.52
C LYS D 142 -72.02 7.17 72.12
N THR D 143 -70.96 6.67 72.75
CA THR D 143 -69.61 7.08 72.40
C THR D 143 -69.24 6.57 71.02
N PRO D 144 -68.26 7.20 70.36
CA PRO D 144 -67.84 6.70 69.04
C PRO D 144 -67.37 5.26 69.07
N PHE D 145 -66.72 4.83 70.14
CA PHE D 145 -66.26 3.46 70.25
C PHE D 145 -67.42 2.53 70.62
N VAL D 146 -67.31 1.28 70.17
CA VAL D 146 -68.32 0.28 70.51
C VAL D 146 -68.30 -0.05 71.99
N ASP D 147 -67.22 0.29 72.70
CA ASP D 147 -67.10 0.09 74.13
C ASP D 147 -67.14 1.45 74.81
N SER D 148 -68.09 1.62 75.73
CA SER D 148 -68.24 2.91 76.40
C SER D 148 -67.04 3.24 77.27
N ARG D 149 -66.29 2.22 77.70
CA ARG D 149 -65.10 2.47 78.51
C ARG D 149 -63.93 2.99 77.68
N ALA D 150 -63.97 2.79 76.36
CA ALA D 150 -62.88 3.26 75.51
C ALA D 150 -62.91 4.76 75.29
N TYR D 151 -64.04 5.42 75.57
CA TYR D 151 -64.13 6.86 75.39
C TYR D 151 -63.54 7.61 76.56
N GLY D 152 -64.10 7.40 77.75
CA GLY D 152 -63.57 8.03 78.95
C GLY D 152 -62.40 7.26 79.53
N LEU D 153 -61.41 6.96 78.69
CA LEU D 153 -60.25 6.18 79.08
C LEU D 153 -59.03 7.09 79.19
N ARG D 154 -58.33 7.01 80.31
CA ARG D 154 -57.11 7.78 80.52
C ARG D 154 -55.93 7.05 79.90
N ILE D 155 -55.15 7.75 79.09
CA ILE D 155 -53.97 7.18 78.43
C ILE D 155 -52.75 7.96 78.88
N THR D 156 -51.78 7.26 79.46
CA THR D 156 -50.49 7.84 79.79
C THR D 156 -49.30 7.06 79.24
N ASP D 157 -49.46 5.76 78.98
CA ASP D 157 -48.40 4.95 78.40
C ASP D 157 -48.34 5.16 76.90
N MET D 158 -47.11 5.25 76.36
CA MET D 158 -46.95 5.46 74.93
C MET D 158 -47.48 4.27 74.14
N SER D 159 -47.27 3.05 74.63
CA SER D 159 -47.67 1.86 73.89
C SER D 159 -49.20 1.81 73.72
N THR D 160 -49.94 2.14 74.78
CA THR D 160 -51.39 2.12 74.68
C THR D 160 -51.90 3.18 73.69
N LEU D 161 -51.30 4.37 73.73
CA LEU D 161 -51.65 5.40 72.76
C LEU D 161 -51.37 4.93 71.34
N VAL D 162 -50.21 4.32 71.12
CA VAL D 162 -49.87 3.85 69.79
C VAL D 162 -50.86 2.81 69.32
N SER D 163 -51.22 1.86 70.19
CA SER D 163 -52.16 0.82 69.80
C SER D 163 -53.52 1.40 69.45
N ALA D 164 -54.04 2.29 70.30
CA ALA D 164 -55.35 2.89 70.05
C ALA D 164 -55.33 3.70 68.76
N VAL D 165 -54.28 4.48 68.54
CA VAL D 165 -54.16 5.29 67.33
C VAL D 165 -54.12 4.40 66.10
N ILE D 166 -53.35 3.31 66.17
CA ILE D 166 -53.26 2.40 65.02
C ILE D 166 -54.62 1.79 64.73
N THR D 167 -55.36 1.41 65.77
CA THR D 167 -56.69 0.84 65.56
C THR D 167 -57.62 1.85 64.89
N ILE D 168 -57.61 3.10 65.37
CA ILE D 168 -58.48 4.12 64.78
C ILE D 168 -58.09 4.38 63.33
N GLU D 169 -56.79 4.48 63.05
CA GLU D 169 -56.34 4.70 61.68
C GLU D 169 -56.74 3.55 60.78
N ALA D 170 -56.58 2.31 61.24
CA ALA D 170 -56.97 1.17 60.43
C ALA D 170 -58.46 1.20 60.13
N GLN D 171 -59.27 1.42 61.16
CA GLN D 171 -60.72 1.43 60.96
C GLN D 171 -61.14 2.55 60.01
N ILE D 172 -60.45 3.68 60.06
CA ILE D 172 -60.71 4.74 59.09
C ILE D 172 -60.31 4.30 57.69
N TRP D 173 -59.13 3.69 57.56
CA TRP D 173 -58.59 3.35 56.25
C TRP D 173 -59.33 2.20 55.58
N ILE D 174 -60.13 1.42 56.32
CA ILE D 174 -60.93 0.39 55.67
C ILE D 174 -61.94 1.03 54.71
N LEU D 175 -62.47 2.20 55.09
CA LEU D 175 -63.58 2.80 54.35
C LEU D 175 -63.19 3.27 52.95
N ILE D 176 -61.93 3.63 52.72
CA ILE D 176 -61.54 4.23 51.45
C ILE D 176 -61.72 3.25 50.30
N ALA D 177 -61.62 1.95 50.56
CA ALA D 177 -61.72 0.97 49.48
C ALA D 177 -63.08 1.03 48.79
N LYS D 178 -64.16 1.16 49.55
CA LYS D 178 -65.51 1.19 49.02
C LYS D 178 -66.26 2.42 49.51
N ALA D 179 -65.62 3.58 49.41
CA ALA D 179 -66.24 4.83 49.82
C ALA D 179 -66.96 5.54 48.69
N VAL D 180 -66.41 5.47 47.48
CA VAL D 180 -67.01 6.15 46.33
C VAL D 180 -67.59 5.17 45.31
N THR D 181 -67.12 3.93 45.27
CA THR D 181 -67.67 2.97 44.32
C THR D 181 -69.10 2.58 44.70
N ALA D 182 -69.26 2.00 45.90
CA ALA D 182 -70.58 1.62 46.40
C ALA D 182 -70.59 1.78 47.91
N PRO D 183 -70.69 3.02 48.40
CA PRO D 183 -70.70 3.24 49.85
C PRO D 183 -71.87 2.57 50.56
N ASP D 184 -73.03 2.48 49.90
CA ASP D 184 -74.19 1.89 50.55
C ASP D 184 -74.00 0.38 50.75
N THR D 185 -73.43 -0.31 49.77
CA THR D 185 -73.24 -1.75 49.84
C THR D 185 -72.01 -2.15 50.65
N ALA D 186 -71.51 -1.25 51.49
CA ALA D 186 -70.36 -1.52 52.33
C ALA D 186 -70.79 -2.27 53.58
N GLU D 187 -69.92 -2.33 54.58
CA GLU D 187 -70.06 -2.96 55.89
C GLU D 187 -69.92 -4.48 55.81
N GLU D 188 -69.80 -5.06 54.62
CA GLU D 188 -69.48 -6.49 54.48
C GLU D 188 -67.98 -6.69 54.27
N SER D 189 -67.44 -6.10 53.20
CA SER D 189 -66.00 -6.16 52.97
C SER D 189 -65.25 -5.44 54.08
N GLU D 190 -65.79 -4.32 54.57
CA GLU D 190 -65.16 -3.61 55.67
C GLU D 190 -65.09 -4.47 56.93
N THR D 191 -66.20 -5.15 57.25
CA THR D 191 -66.20 -6.05 58.40
C THR D 191 -65.23 -7.20 58.20
N ARG D 192 -65.14 -7.71 56.96
CA ARG D 192 -64.18 -8.78 56.68
C ARG D 192 -62.75 -8.31 56.89
N ARG D 193 -62.42 -7.10 56.43
CA ARG D 193 -61.07 -6.56 56.64
C ARG D 193 -60.80 -6.37 58.13
N TRP D 194 -61.78 -5.85 58.88
CA TRP D 194 -61.59 -5.67 60.31
C TRP D 194 -61.38 -7.00 61.02
N ALA D 195 -62.15 -8.02 60.64
CA ALA D 195 -61.96 -9.34 61.24
C ALA D 195 -60.60 -9.91 60.89
N LYS D 196 -60.15 -9.71 59.65
CA LYS D 196 -58.82 -10.18 59.26
C LYS D 196 -57.73 -9.53 60.09
N TYR D 197 -57.82 -8.22 60.28
CA TYR D 197 -56.79 -7.52 61.04
C TYR D 197 -56.86 -7.86 62.53
N VAL D 198 -58.06 -8.15 63.05
CA VAL D 198 -58.19 -8.58 64.43
C VAL D 198 -57.55 -9.96 64.61
N GLN D 199 -57.81 -10.88 63.68
CA GLN D 199 -57.23 -12.21 63.79
C GLN D 199 -55.71 -12.19 63.66
N GLN D 200 -55.17 -11.20 62.95
CA GLN D 200 -53.73 -11.04 62.84
C GLN D 200 -53.13 -10.34 64.06
N LYS D 201 -53.97 -9.89 65.00
CA LYS D 201 -53.55 -9.20 66.21
C LYS D 201 -52.78 -7.90 65.90
N ARG D 202 -52.97 -7.35 64.71
CA ARG D 202 -52.35 -6.07 64.39
C ARG D 202 -53.10 -4.92 65.06
N VAL D 203 -54.41 -5.09 65.28
CA VAL D 203 -55.24 -4.06 65.87
C VAL D 203 -55.86 -4.58 67.15
N ASN D 204 -55.81 -3.78 68.20
CA ASN D 204 -56.47 -4.11 69.45
C ASN D 204 -57.97 -3.92 69.28
N PRO D 205 -58.79 -4.97 69.45
CA PRO D 205 -60.24 -4.83 69.22
C PRO D 205 -60.94 -3.97 70.26
N PHE D 206 -60.26 -3.57 71.33
CA PHE D 206 -60.91 -2.74 72.35
C PHE D 206 -61.32 -1.40 71.78
N PHE D 207 -60.47 -0.78 70.97
CA PHE D 207 -60.78 0.51 70.36
C PHE D 207 -61.45 0.27 69.01
N ALA D 208 -62.72 -0.11 69.07
CA ALA D 208 -63.53 -0.36 67.88
C ALA D 208 -64.65 0.65 67.83
N LEU D 209 -64.66 1.48 66.79
CA LEU D 209 -65.69 2.49 66.65
C LEU D 209 -67.01 1.86 66.21
N THR D 210 -68.11 2.47 66.66
CA THR D 210 -69.43 1.98 66.33
C THR D 210 -69.73 2.22 64.85
N GLN D 211 -70.75 1.52 64.35
CA GLN D 211 -71.07 1.62 62.93
C GLN D 211 -71.71 2.95 62.57
N GLN D 212 -72.33 3.63 63.53
CA GLN D 212 -72.88 4.96 63.26
C GLN D 212 -71.76 5.94 62.94
N TRP D 213 -70.71 5.95 63.75
CA TRP D 213 -69.57 6.82 63.48
C TRP D 213 -68.90 6.44 62.17
N LEU D 214 -68.80 5.15 61.88
CA LEU D 214 -68.20 4.70 60.63
C LEU D 214 -69.03 5.18 59.44
N THR D 215 -70.36 5.12 59.54
CA THR D 215 -71.21 5.62 58.46
C THR D 215 -71.03 7.12 58.28
N GLU D 216 -70.99 7.87 59.38
CA GLU D 216 -70.78 9.31 59.27
C GLU D 216 -69.44 9.63 58.61
N MET D 217 -68.38 8.93 59.01
CA MET D 217 -67.07 9.19 58.44
C MET D 217 -67.01 8.78 56.98
N ARG D 218 -67.69 7.68 56.61
CA ARG D 218 -67.73 7.28 55.21
C ARG D 218 -68.47 8.30 54.37
N ASN D 219 -69.56 8.86 54.90
CA ASN D 219 -70.27 9.92 54.20
C ASN D 219 -69.38 11.14 54.01
N LEU D 220 -68.65 11.53 55.07
CA LEU D 220 -67.73 12.66 54.95
C LEU D 220 -66.65 12.39 53.92
N LEU D 221 -66.09 11.18 53.92
CA LEU D 221 -65.03 10.83 52.99
C LEU D 221 -65.53 10.81 51.56
N SER D 222 -66.75 10.34 51.33
CA SER D 222 -67.30 10.34 49.98
C SER D 222 -67.62 11.74 49.50
N GLN D 223 -68.12 12.60 50.40
CA GLN D 223 -68.45 13.97 50.01
C GLN D 223 -67.21 14.76 49.60
N SER D 224 -66.11 14.59 50.32
CA SER D 224 -64.93 15.44 50.16
C SER D 224 -63.89 14.75 49.27
N LEU D 225 -63.24 15.56 48.42
CA LEU D 225 -62.19 15.08 47.55
C LEU D 225 -60.79 15.36 48.10
N SER D 226 -60.64 16.39 48.94
CA SER D 226 -59.32 16.71 49.48
C SER D 226 -58.81 15.60 50.39
N VAL D 227 -59.68 15.06 51.24
CA VAL D 227 -59.27 13.96 52.11
C VAL D 227 -58.87 12.74 51.29
N ARG D 228 -59.65 12.44 50.25
CA ARG D 228 -59.33 11.32 49.37
C ARG D 228 -57.98 11.53 48.70
N LYS D 229 -57.72 12.75 48.23
CA LYS D 229 -56.43 13.04 47.59
C LYS D 229 -55.28 12.88 48.57
N PHE D 230 -55.45 13.36 49.80
CA PHE D 230 -54.40 13.22 50.81
C PHE D 230 -54.12 11.75 51.11
N MET D 231 -55.18 10.95 51.27
CA MET D 231 -54.98 9.54 51.58
C MET D 231 -54.38 8.78 50.39
N VAL D 232 -54.75 9.16 49.16
CA VAL D 232 -54.15 8.52 47.99
C VAL D 232 -52.68 8.90 47.90
N GLU D 233 -52.33 10.14 48.22
CA GLU D 233 -50.93 10.54 48.23
C GLU D 233 -50.14 9.75 49.28
N ILE D 234 -50.75 9.56 50.46
CA ILE D 234 -50.11 8.75 51.49
C ILE D 234 -49.91 7.32 51.00
N LEU D 235 -50.92 6.77 50.33
CA LEU D 235 -50.80 5.41 49.80
C LEU D 235 -49.68 5.31 48.78
N MET D 236 -49.60 6.27 47.86
CA MET D 236 -48.55 6.25 46.85
C MET D 236 -47.17 6.37 47.49
N GLU D 237 -47.01 7.26 48.46
CA GLU D 237 -45.72 7.43 49.11
C GLU D 237 -45.32 6.17 49.89
N VAL D 238 -46.28 5.55 50.57
CA VAL D 238 -45.99 4.34 51.34
C VAL D 238 -45.64 3.19 50.40
N LYS D 239 -46.32 3.12 49.25
CA LYS D 239 -46.08 2.05 48.29
C LYS D 239 -44.63 2.04 47.82
N LYS D 240 -44.01 3.20 47.68
CA LYS D 240 -42.61 3.29 47.29
C LYS D 240 -41.74 2.69 48.40
N GLY D 241 -41.12 1.55 48.11
CA GLY D 241 -40.28 0.89 49.08
C GLY D 241 -38.91 1.53 49.19
N GLY D 242 -38.10 0.95 50.08
CA GLY D 242 -36.74 1.43 50.26
C GLY D 242 -36.38 1.70 51.71
N SER D 243 -37.34 2.18 52.49
CA SER D 243 -37.11 2.52 53.89
C SER D 243 -37.88 1.55 54.79
N ALA D 244 -37.51 1.58 56.07
CA ALA D 244 -38.19 0.75 57.05
C ALA D 244 -39.62 1.22 57.26
N LYS D 245 -40.54 0.26 57.35
CA LYS D 245 -41.95 0.55 57.49
C LYS D 245 -42.41 0.25 58.91
N GLY D 246 -43.10 1.21 59.53
CA GLY D 246 -43.66 1.01 60.84
C GLY D 246 -44.99 0.27 60.78
N ARG D 247 -45.55 0.01 61.96
CA ARG D 247 -46.80 -0.73 62.05
C ARG D 247 -47.91 0.01 61.33
N ALA D 248 -48.02 1.33 61.55
CA ALA D 248 -49.02 2.12 60.85
C ALA D 248 -48.81 2.09 59.35
N VAL D 249 -47.56 2.23 58.90
CA VAL D 249 -47.28 2.23 57.48
C VAL D 249 -47.55 0.86 56.86
N GLU D 250 -47.21 -0.22 57.58
CA GLU D 250 -47.50 -1.56 57.09
C GLU D 250 -48.99 -1.79 56.97
N ILE D 251 -49.76 -1.36 57.96
CA ILE D 251 -51.22 -1.50 57.88
C ILE D 251 -51.78 -0.69 56.72
N ILE D 252 -51.28 0.53 56.54
CA ILE D 252 -51.76 1.39 55.47
C ILE D 252 -51.48 0.75 54.11
N SER D 253 -50.28 0.18 53.94
CA SER D 253 -49.94 -0.45 52.66
C SER D 253 -50.75 -1.72 52.45
N ASP D 254 -50.99 -2.49 53.51
CA ASP D 254 -51.82 -3.68 53.38
C ASP D 254 -53.24 -3.33 52.97
N ILE D 255 -53.77 -2.24 53.49
CA ILE D 255 -55.10 -1.78 53.08
C ILE D 255 -55.07 -1.27 51.65
N GLY D 256 -54.02 -0.51 51.29
CA GLY D 256 -53.88 -0.04 49.93
C GLY D 256 -53.75 -1.15 48.92
N ASN D 257 -53.32 -2.33 49.35
CA ASN D 257 -53.36 -3.50 48.47
C ASN D 257 -54.78 -3.76 47.99
N TYR D 258 -55.76 -3.65 48.89
CA TYR D 258 -57.16 -3.77 48.49
C TYR D 258 -57.66 -2.51 47.80
N VAL D 259 -57.10 -1.34 48.16
CA VAL D 259 -57.60 -0.09 47.60
C VAL D 259 -57.32 0.02 46.11
N GLU D 260 -56.19 -0.53 45.65
CA GLU D 260 -55.75 -0.32 44.27
C GLU D 260 -56.78 -0.84 43.27
N GLU D 261 -56.87 -0.15 42.13
CA GLU D 261 -57.70 -0.56 41.00
C GLU D 261 -59.17 -0.64 41.36
N THR D 262 -59.59 0.10 42.38
CA THR D 262 -60.99 0.12 42.76
C THR D 262 -61.82 0.88 41.74
N GLY D 263 -63.10 0.55 41.66
CA GLY D 263 -64.02 1.23 40.79
C GLY D 263 -63.80 1.04 39.31
N MET D 264 -62.91 0.12 38.91
CA MET D 264 -62.62 -0.16 37.51
C MET D 264 -62.67 -1.65 37.25
N ALA D 265 -63.61 -2.35 37.91
CA ALA D 265 -63.69 -3.80 37.73
C ALA D 265 -64.10 -4.17 36.32
N GLY D 266 -64.87 -3.32 35.64
CA GLY D 266 -65.26 -3.63 34.28
C GLY D 266 -64.08 -3.74 33.34
N PHE D 267 -63.18 -2.75 33.38
CA PHE D 267 -62.05 -2.73 32.45
C PHE D 267 -61.08 -3.86 32.74
N PHE D 268 -60.71 -4.05 34.00
CA PHE D 268 -59.73 -5.08 34.34
C PHE D 268 -60.32 -6.48 34.17
N ALA D 269 -61.60 -6.64 34.48
CA ALA D 269 -62.27 -7.91 34.20
C ALA D 269 -62.28 -8.20 32.70
N THR D 270 -62.59 -7.19 31.89
CA THR D 270 -62.54 -7.35 30.44
C THR D 270 -61.16 -7.82 30.02
N ILE D 271 -60.12 -7.12 30.47
CA ILE D 271 -58.74 -7.52 30.15
C ILE D 271 -58.53 -8.99 30.50
N ARG D 272 -58.65 -9.30 31.79
CA ARG D 272 -58.24 -10.60 32.30
C ARG D 272 -59.01 -11.73 31.65
N PHE D 273 -60.31 -11.56 31.46
CA PHE D 273 -61.13 -12.68 30.99
C PHE D 273 -61.32 -12.68 29.48
N GLY D 274 -61.81 -11.58 28.91
CA GLY D 274 -62.00 -11.54 27.48
C GLY D 274 -60.70 -11.52 26.70
N LEU D 275 -59.74 -10.67 27.12
CA LEU D 275 -58.54 -10.50 26.32
C LEU D 275 -57.57 -11.65 26.53
N GLU D 276 -57.12 -11.85 27.76
CA GLU D 276 -56.40 -13.06 28.11
C GLU D 276 -57.37 -14.24 28.08
N THR D 277 -56.86 -15.42 28.41
CA THR D 277 -57.62 -16.67 28.26
C THR D 277 -58.14 -16.80 26.84
N ARG D 278 -57.19 -16.91 25.90
CA ARG D 278 -57.47 -16.85 24.48
C ARG D 278 -58.48 -17.91 24.05
N TYR D 279 -59.67 -17.47 23.64
CA TYR D 279 -60.75 -18.33 23.21
C TYR D 279 -60.92 -18.24 21.69
N PRO D 280 -61.23 -19.37 21.04
CA PRO D 280 -61.45 -19.33 19.58
C PRO D 280 -62.53 -18.36 19.13
N ALA D 281 -63.37 -17.91 20.07
CA ALA D 281 -64.45 -16.98 19.75
C ALA D 281 -64.02 -15.52 19.81
N LEU D 282 -62.73 -15.25 20.05
CA LEU D 282 -62.27 -13.87 20.15
C LEU D 282 -62.25 -13.19 18.79
N ALA D 283 -61.48 -13.74 17.85
CA ALA D 283 -61.40 -13.19 16.50
C ALA D 283 -62.68 -13.57 15.77
N LEU D 284 -63.65 -12.65 15.77
CA LEU D 284 -64.96 -12.93 15.20
C LEU D 284 -65.50 -11.76 14.38
N ASN D 285 -64.66 -10.77 14.06
CA ASN D 285 -64.97 -9.60 13.25
C ASN D 285 -65.98 -8.65 13.90
N GLU D 286 -66.45 -8.94 15.11
CA GLU D 286 -67.20 -7.97 15.89
C GLU D 286 -66.43 -7.52 17.13
N PHE D 287 -65.21 -8.02 17.33
CA PHE D 287 -64.41 -7.67 18.49
C PHE D 287 -63.13 -6.94 18.13
N GLN D 288 -62.84 -6.72 16.85
CA GLN D 288 -61.58 -6.08 16.47
C GLN D 288 -61.52 -4.63 16.93
N SER D 289 -62.63 -3.89 16.79
CA SER D 289 -62.66 -2.52 17.27
C SER D 289 -62.46 -2.46 18.77
N ASP D 290 -63.11 -3.37 19.50
CA ASP D 290 -62.94 -3.40 20.96
C ASP D 290 -61.51 -3.76 21.34
N LEU D 291 -60.89 -4.67 20.59
CA LEU D 291 -59.49 -5.02 20.87
C LEU D 291 -58.58 -3.82 20.64
N ASN D 292 -58.80 -3.08 19.55
CA ASN D 292 -57.99 -1.89 19.30
C ASN D 292 -58.19 -0.85 20.40
N THR D 293 -59.44 -0.64 20.82
CA THR D 293 -59.72 0.30 21.90
C THR D 293 -59.06 -0.15 23.19
N ILE D 294 -59.06 -1.47 23.45
CA ILE D 294 -58.44 -2.00 24.65
C ILE D 294 -56.93 -1.79 24.62
N LYS D 295 -56.30 -1.99 23.46
CA LYS D 295 -54.87 -1.73 23.33
C LYS D 295 -54.56 -0.26 23.56
N GLY D 296 -55.36 0.63 22.99
CA GLY D 296 -55.18 2.05 23.24
C GLY D 296 -55.36 2.41 24.70
N LEU D 297 -56.32 1.77 25.37
CA LEU D 297 -56.55 2.01 26.78
C LEU D 297 -55.39 1.51 27.63
N MET D 298 -54.81 0.38 27.26
CA MET D 298 -53.60 -0.10 27.95
C MET D 298 -52.47 0.88 27.81
N LEU D 299 -52.27 1.41 26.59
CA LEU D 299 -51.22 2.40 26.39
C LEU D 299 -51.48 3.65 27.22
N LEU D 300 -52.75 4.10 27.27
CA LEU D 300 -53.09 5.26 28.08
C LEU D 300 -52.85 5.01 29.56
N TYR D 301 -53.21 3.82 30.05
CA TYR D 301 -52.99 3.47 31.45
C TYR D 301 -51.52 3.46 31.79
N ARG D 302 -50.69 2.94 30.89
CA ARG D 302 -49.25 3.00 31.11
C ARG D 302 -48.75 4.43 31.08
N GLU D 303 -49.36 5.28 30.25
CA GLU D 303 -48.93 6.67 30.14
C GLU D 303 -49.35 7.51 31.35
N ILE D 304 -50.43 7.14 32.04
CA ILE D 304 -50.96 8.00 33.10
C ILE D 304 -49.93 8.19 34.21
N GLY D 305 -49.36 7.10 34.71
CA GLY D 305 -48.35 7.17 35.73
C GLY D 305 -48.73 6.43 36.99
N PRO D 306 -48.10 6.81 38.11
CA PRO D 306 -48.38 6.10 39.37
C PRO D 306 -49.77 6.35 39.93
N ARG D 307 -50.48 7.36 39.42
CA ARG D 307 -51.85 7.63 39.87
C ARG D 307 -52.89 6.82 39.12
N ALA D 308 -52.47 5.96 38.20
CA ALA D 308 -53.42 5.20 37.39
C ALA D 308 -54.35 4.31 38.20
N PRO D 309 -53.87 3.48 39.14
CA PRO D 309 -54.82 2.62 39.87
C PRO D 309 -55.87 3.38 40.66
N TYR D 310 -55.50 4.52 41.24
CA TYR D 310 -56.46 5.32 42.01
C TYR D 310 -57.09 6.42 41.16
N MET D 311 -57.62 6.05 39.98
CA MET D 311 -58.28 7.05 39.16
C MET D 311 -59.67 7.39 39.67
N VAL D 312 -60.42 6.39 40.13
CA VAL D 312 -61.77 6.64 40.63
C VAL D 312 -61.72 7.45 41.92
N LEU D 313 -60.73 7.17 42.78
CA LEU D 313 -60.62 7.91 44.04
C LEU D 313 -60.35 9.39 43.80
N LEU D 314 -59.44 9.70 42.87
CA LEU D 314 -59.17 11.08 42.51
C LEU D 314 -60.17 11.64 41.50
N GLU D 315 -61.08 10.80 40.99
CA GLU D 315 -62.13 11.23 40.06
C GLU D 315 -61.54 11.85 38.81
N GLU D 316 -60.54 11.18 38.24
CA GLU D 316 -59.91 11.66 37.01
C GLU D 316 -60.91 11.63 35.86
N SER D 317 -60.80 12.61 34.98
CA SER D 317 -61.62 12.63 33.77
C SER D 317 -61.21 11.53 32.80
N ILE D 318 -59.96 11.09 32.85
CA ILE D 318 -59.50 10.02 31.98
C ILE D 318 -60.20 8.70 32.31
N GLN D 319 -60.79 8.58 33.50
CA GLN D 319 -61.44 7.35 33.90
C GLN D 319 -62.63 7.01 33.03
N THR D 320 -63.39 8.03 32.59
CA THR D 320 -64.59 7.77 31.80
C THR D 320 -64.24 7.05 30.51
N LYS D 321 -63.10 7.35 29.92
CA LYS D 321 -62.67 6.65 28.71
C LYS D 321 -62.39 5.18 28.99
N PHE D 322 -62.05 4.84 30.23
CA PHE D 322 -61.77 3.46 30.60
C PHE D 322 -63.03 2.65 30.87
N ALA D 323 -64.14 3.30 31.20
CA ALA D 323 -65.35 2.60 31.59
C ALA D 323 -65.95 1.85 30.39
N PRO D 324 -66.58 0.70 30.63
CA PRO D 324 -67.29 0.01 29.55
C PRO D 324 -68.41 0.90 29.00
N GLY D 325 -68.60 0.82 27.69
CA GLY D 325 -69.50 1.72 27.00
C GLY D 325 -68.88 2.15 25.70
N GLY D 326 -67.55 2.22 25.69
CA GLY D 326 -66.78 2.35 24.47
C GLY D 326 -66.38 1.04 23.85
N TYR D 327 -66.58 -0.07 24.58
CA TYR D 327 -66.31 -1.42 24.06
C TYR D 327 -67.33 -2.39 24.65
N PRO D 328 -68.63 -2.13 24.44
CA PRO D 328 -69.65 -2.95 25.11
C PRO D 328 -69.63 -4.42 24.71
N LEU D 329 -69.24 -4.74 23.48
CA LEU D 329 -69.32 -6.11 23.00
C LEU D 329 -68.31 -7.01 23.71
N LEU D 330 -67.03 -6.65 23.62
CA LEU D 330 -66.01 -7.44 24.30
C LEU D 330 -66.21 -7.42 25.81
N TRP D 331 -66.68 -6.29 26.35
CA TRP D 331 -66.97 -6.23 27.77
C TRP D 331 -68.03 -7.24 28.16
N SER D 332 -69.11 -7.32 27.38
CA SER D 332 -70.16 -8.29 27.68
C SER D 332 -69.65 -9.71 27.57
N PHE D 333 -68.85 -9.99 26.54
CA PHE D 333 -68.26 -11.32 26.39
C PHE D 333 -67.40 -11.68 27.60
N ALA D 334 -66.58 -10.73 28.05
CA ALA D 334 -65.70 -10.99 29.18
C ALA D 334 -66.49 -11.17 30.47
N MET D 335 -67.55 -10.39 30.68
CA MET D 335 -68.36 -10.58 31.87
C MET D 335 -69.07 -11.92 31.84
N GLY D 336 -69.51 -12.37 30.66
CA GLY D 336 -70.11 -13.69 30.58
C GLY D 336 -69.14 -14.78 30.95
N VAL D 337 -67.93 -14.75 30.37
CA VAL D 337 -66.96 -15.78 30.70
C VAL D 337 -66.51 -15.68 32.16
N ALA D 338 -66.50 -14.46 32.72
CA ALA D 338 -66.13 -14.30 34.12
C ALA D 338 -67.19 -14.88 35.05
N THR D 339 -68.46 -14.56 34.79
CA THR D 339 -69.54 -15.11 35.61
C THR D 339 -69.59 -16.62 35.51
N THR D 340 -69.24 -17.18 34.35
CA THR D 340 -69.20 -18.64 34.26
C THR D 340 -67.98 -19.23 34.95
N ILE D 341 -66.85 -18.50 34.95
CA ILE D 341 -65.59 -19.04 35.46
C ILE D 341 -65.41 -18.67 36.93
N ASP D 342 -65.48 -17.39 37.24
CA ASP D 342 -65.20 -16.91 38.60
C ASP D 342 -66.49 -16.93 39.42
N ARG D 343 -66.50 -17.75 40.46
CA ARG D 343 -67.70 -17.84 41.31
C ARG D 343 -67.97 -16.51 42.01
N SER D 344 -66.93 -15.86 42.51
CA SER D 344 -67.11 -14.59 43.20
C SER D 344 -67.67 -13.52 42.27
N MET D 345 -67.19 -13.48 41.04
CA MET D 345 -67.74 -12.57 40.04
C MET D 345 -69.15 -13.05 39.66
N GLY D 346 -70.12 -12.15 39.76
CA GLY D 346 -71.51 -12.51 39.64
C GLY D 346 -72.31 -11.75 40.67
N ALA D 347 -71.65 -11.35 41.75
CA ALA D 347 -72.19 -10.37 42.67
C ALA D 347 -71.97 -8.94 42.17
N LEU D 348 -71.21 -8.78 41.09
CA LEU D 348 -71.03 -7.48 40.48
C LEU D 348 -72.31 -7.03 39.80
N ASN D 349 -72.59 -5.73 39.88
CA ASN D 349 -73.80 -5.16 39.29
C ASN D 349 -73.45 -4.72 37.87
N ILE D 350 -74.03 -5.38 36.88
CA ILE D 350 -73.71 -5.11 35.48
C ILE D 350 -74.99 -4.86 34.68
N ASN D 351 -76.01 -4.33 35.34
CA ASN D 351 -77.29 -4.05 34.67
C ASN D 351 -77.23 -2.74 33.89
N ARG D 352 -76.28 -2.66 32.98
CA ARG D 352 -76.08 -1.47 32.16
C ARG D 352 -77.02 -1.49 30.96
N GLY D 353 -77.00 -0.39 30.21
CA GLY D 353 -77.83 -0.24 29.03
C GLY D 353 -77.24 -0.76 27.75
N TYR D 354 -76.06 -1.38 27.81
CA TYR D 354 -75.39 -1.93 26.63
C TYR D 354 -74.93 -3.35 26.91
N LEU D 355 -75.84 -4.16 27.48
CA LEU D 355 -75.48 -5.51 27.88
C LEU D 355 -75.26 -6.42 26.69
N GLU D 356 -76.06 -6.27 25.63
CA GLU D 356 -75.97 -7.10 24.43
C GLU D 356 -76.05 -8.59 24.82
N PRO D 357 -77.23 -9.09 25.19
CA PRO D 357 -77.31 -10.45 25.73
C PRO D 357 -76.80 -11.53 24.79
N MET D 358 -76.80 -11.28 23.47
CA MET D 358 -76.29 -12.28 22.54
C MET D 358 -74.82 -12.57 22.80
N TYR D 359 -74.01 -11.52 22.99
CA TYR D 359 -72.59 -11.73 23.25
C TYR D 359 -72.35 -12.28 24.65
N PHE D 360 -73.21 -11.94 25.61
CA PHE D 360 -73.13 -12.56 26.93
C PHE D 360 -73.36 -14.06 26.84
N ARG D 361 -74.37 -14.47 26.07
CA ARG D 361 -74.62 -15.89 25.85
C ARG D 361 -73.45 -16.54 25.12
N LEU D 362 -72.88 -15.84 24.14
CA LEU D 362 -71.74 -16.38 23.41
C LEU D 362 -70.56 -16.61 24.35
N GLY D 363 -70.31 -15.68 25.26
CA GLY D 363 -69.25 -15.88 26.24
C GLY D 363 -69.54 -17.02 27.20
N GLN D 364 -70.80 -17.11 27.66
CA GLN D 364 -71.17 -18.22 28.53
C GLN D 364 -70.93 -19.57 27.85
N LYS D 365 -71.29 -19.68 26.56
CA LYS D 365 -71.02 -20.91 25.83
C LYS D 365 -69.53 -21.11 25.62
N SER D 366 -68.79 -20.04 25.32
CA SER D 366 -67.36 -20.18 25.08
C SER D 366 -66.62 -20.65 26.32
N ALA D 367 -67.13 -20.33 27.50
CA ALA D 367 -66.48 -20.76 28.72
C ALA D 367 -66.50 -22.28 28.87
N ARG D 368 -67.63 -22.92 28.59
CA ARG D 368 -67.80 -24.35 28.88
C ARG D 368 -67.99 -25.20 27.63
N HIS D 369 -68.97 -24.89 26.78
CA HIS D 369 -69.34 -25.75 25.67
C HIS D 369 -68.45 -25.57 24.46
N HIS D 370 -67.47 -24.67 24.50
CA HIS D 370 -66.75 -24.29 23.29
C HIS D 370 -65.81 -25.41 22.84
N ALA D 371 -64.82 -25.73 23.67
CA ALA D 371 -63.82 -26.75 23.36
C ALA D 371 -62.90 -26.86 24.57
N GLY D 372 -62.01 -27.85 24.51
CA GLY D 372 -60.96 -27.94 25.53
C GLY D 372 -60.00 -26.78 25.46
N GLY D 373 -59.64 -26.36 24.24
CA GLY D 373 -58.81 -25.18 24.06
C GLY D 373 -57.37 -25.35 24.51
N ILE D 374 -56.62 -26.18 23.78
CA ILE D 374 -55.21 -26.42 24.09
C ILE D 374 -54.38 -25.39 23.33
N ASP D 375 -53.61 -24.60 24.07
CA ASP D 375 -52.81 -23.53 23.48
C ASP D 375 -51.44 -24.07 23.06
N GLN D 376 -50.51 -23.16 22.76
CA GLN D 376 -49.18 -23.55 22.31
C GLN D 376 -48.45 -24.29 23.43
N ASN D 377 -48.02 -25.51 23.13
CA ASN D 377 -47.40 -26.39 24.12
C ASN D 377 -45.89 -26.45 23.88
N MET D 378 -45.13 -25.90 24.82
CA MET D 378 -43.67 -26.05 24.76
C MET D 378 -43.28 -27.51 24.89
N ALA D 379 -43.93 -28.24 25.79
CA ALA D 379 -43.74 -29.68 25.88
C ALA D 379 -44.65 -30.37 24.87
N ASN D 380 -44.09 -31.33 24.13
CA ASN D 380 -44.82 -32.00 23.06
C ASN D 380 -45.69 -33.09 23.66
N LYS D 381 -47.00 -32.84 23.73
CA LYS D 381 -47.97 -33.80 24.23
C LYS D 381 -48.61 -34.50 23.04
N LEU D 382 -47.90 -35.49 22.51
CA LEU D 382 -48.33 -36.15 21.28
C LEU D 382 -49.54 -37.06 21.53
N GLY D 383 -49.67 -37.60 22.73
CA GLY D 383 -50.76 -38.49 23.05
C GLY D 383 -51.84 -37.83 23.88
N LEU D 384 -51.98 -36.51 23.77
CA LEU D 384 -52.85 -35.74 24.63
C LEU D 384 -54.27 -35.59 24.07
N ASN D 385 -54.60 -36.29 22.99
CA ASN D 385 -55.98 -36.27 22.50
C ASN D 385 -56.93 -36.86 23.54
N SER D 386 -56.56 -38.01 24.12
CA SER D 386 -57.38 -38.60 25.15
C SER D 386 -57.40 -37.75 26.42
N ASP D 387 -56.27 -37.11 26.74
CA ASP D 387 -56.26 -36.20 27.89
C ASP D 387 -57.21 -35.04 27.68
N GLN D 388 -57.23 -34.46 26.48
CA GLN D 388 -58.16 -33.38 26.18
C GLN D 388 -59.61 -33.86 26.24
N VAL D 389 -59.86 -35.08 25.74
CA VAL D 389 -61.21 -35.64 25.79
C VAL D 389 -61.65 -35.80 27.24
N ALA D 390 -60.77 -36.33 28.09
CA ALA D 390 -61.11 -36.52 29.50
C ALA D 390 -61.32 -35.18 30.19
N GLU D 391 -60.51 -34.18 29.86
CA GLU D 391 -60.69 -32.85 30.45
C GLU D 391 -62.01 -32.24 30.03
N LEU D 392 -62.40 -32.40 28.77
CA LEU D 392 -63.68 -31.88 28.30
C LEU D 392 -64.84 -32.67 28.87
N ALA D 393 -64.62 -33.94 29.24
CA ALA D 393 -65.68 -34.74 29.85
C ALA D 393 -66.13 -34.16 31.17
N ALA D 394 -65.18 -33.67 31.98
CA ALA D 394 -65.48 -33.03 33.26
C ALA D 394 -66.27 -33.96 34.18
N MET E 1 -54.55 1.20 -18.49
CA MET E 1 -53.43 0.34 -18.12
C MET E 1 -53.13 0.45 -16.62
N SER E 2 -51.91 0.10 -16.23
CA SER E 2 -51.54 0.10 -14.81
C SER E 2 -51.50 1.51 -14.25
N ASP E 3 -51.01 2.48 -15.03
CA ASP E 3 -50.81 3.83 -14.50
C ASP E 3 -52.14 4.46 -14.09
N ILE E 4 -53.17 4.31 -14.91
CA ILE E 4 -54.47 4.86 -14.57
C ILE E 4 -55.07 4.05 -13.42
N PHE E 5 -56.04 4.67 -12.72
CA PHE E 5 -56.61 4.21 -11.46
C PHE E 5 -55.64 4.46 -10.31
N ASP E 6 -54.45 4.94 -10.64
CA ASP E 6 -53.48 5.43 -9.65
C ASP E 6 -53.26 6.92 -9.79
N GLU E 7 -53.32 7.45 -11.01
CA GLU E 7 -53.33 8.90 -11.20
C GLU E 7 -54.54 9.53 -10.55
N ALA E 8 -55.70 8.88 -10.63
CA ALA E 8 -56.90 9.40 -9.98
C ALA E 8 -56.77 9.34 -8.46
N ALA E 9 -56.13 8.29 -7.94
CA ALA E 9 -55.94 8.19 -6.51
C ALA E 9 -55.14 9.36 -5.97
N SER E 10 -54.09 9.76 -6.70
CA SER E 10 -53.40 11.00 -6.36
C SER E 10 -54.26 12.22 -6.67
N PHE E 11 -55.05 12.15 -7.75
CA PHE E 11 -55.88 13.28 -8.13
C PHE E 11 -56.92 13.59 -7.06
N ARG E 12 -57.59 12.56 -6.54
CA ARG E 12 -58.55 12.79 -5.46
C ARG E 12 -57.85 13.23 -4.19
N SER E 13 -56.66 12.67 -3.91
CA SER E 13 -55.90 13.12 -2.76
C SER E 13 -55.45 14.57 -2.91
N TYR E 14 -55.00 14.94 -4.11
CA TYR E 14 -54.60 16.32 -4.36
C TYR E 14 -55.80 17.26 -4.36
N GLN E 15 -56.96 16.77 -4.81
CA GLN E 15 -58.15 17.62 -4.89
C GLN E 15 -58.64 18.04 -3.51
N SER E 16 -58.49 17.18 -2.51
CA SER E 16 -58.98 17.52 -1.17
C SER E 16 -58.20 18.69 -0.58
N LYS E 17 -56.87 18.62 -0.61
CA LYS E 17 -56.02 19.70 -0.15
C LYS E 17 -55.61 20.60 -1.31
N LEU E 18 -56.62 21.15 -1.98
CA LEU E 18 -56.39 21.89 -3.22
C LEU E 18 -55.80 23.26 -2.95
N GLY E 19 -56.53 24.10 -2.21
CA GLY E 19 -56.07 25.45 -1.93
C GLY E 19 -55.92 25.72 -0.45
N ARG E 20 -55.87 24.67 0.36
CA ARG E 20 -55.76 24.82 1.81
C ARG E 20 -54.30 24.92 2.23
N ASP E 21 -53.62 25.93 1.66
CA ASP E 21 -52.21 26.15 1.93
C ASP E 21 -51.93 27.64 1.93
N GLY E 22 -50.84 28.03 2.59
CA GLY E 22 -50.47 29.42 2.67
C GLY E 22 -51.11 30.14 3.85
N ARG E 23 -50.89 31.44 3.89
CA ARG E 23 -51.40 32.30 4.94
C ARG E 23 -52.29 33.38 4.35
N ALA E 24 -53.42 33.63 4.98
CA ALA E 24 -54.35 34.65 4.51
C ALA E 24 -53.89 36.04 4.95
N SER E 25 -54.52 37.05 4.38
CA SER E 25 -54.20 38.44 4.68
C SER E 25 -55.11 38.97 5.77
N ALA E 26 -54.79 40.18 6.26
CA ALA E 26 -55.58 40.85 7.28
C ALA E 26 -56.71 41.68 6.69
N ALA E 27 -56.85 41.72 5.36
CA ALA E 27 -57.94 42.47 4.75
C ALA E 27 -59.29 41.89 5.14
N THR E 28 -59.40 40.56 5.19
CA THR E 28 -60.64 39.89 5.57
C THR E 28 -60.73 39.85 7.10
N ALA E 29 -60.95 41.03 7.68
CA ALA E 29 -61.05 41.19 9.12
C ALA E 29 -62.50 41.51 9.48
N THR E 30 -63.10 40.68 10.32
CA THR E 30 -64.48 40.86 10.72
C THR E 30 -64.64 42.10 11.58
N LEU E 31 -65.80 42.75 11.45
CA LEU E 31 -66.14 43.85 12.33
C LEU E 31 -66.35 43.33 13.75
N THR E 32 -65.82 44.04 14.73
CA THR E 32 -65.82 43.60 16.11
C THR E 32 -66.87 44.34 16.93
N THR E 33 -67.47 43.63 17.88
CA THR E 33 -68.50 44.17 18.76
C THR E 33 -67.95 44.20 20.18
N LYS E 34 -68.18 45.31 20.88
CA LYS E 34 -67.73 45.43 22.26
C LYS E 34 -68.61 44.58 23.17
N ILE E 35 -67.97 43.80 24.06
CA ILE E 35 -68.66 42.95 25.00
C ILE E 35 -68.19 43.32 26.40
N ARG E 36 -69.13 43.71 27.25
CA ARG E 36 -68.82 44.16 28.61
C ARG E 36 -68.97 42.99 29.57
N ILE E 37 -67.87 42.59 30.21
CA ILE E 37 -67.81 41.44 31.09
C ILE E 37 -67.60 41.92 32.52
N PHE E 38 -68.47 41.49 33.42
CA PHE E 38 -68.39 41.85 34.83
C PHE E 38 -67.71 40.71 35.59
N VAL E 39 -66.46 40.92 35.96
CA VAL E 39 -65.69 39.91 36.71
C VAL E 39 -65.55 40.37 38.15
N PRO E 40 -65.50 39.45 39.12
CA PRO E 40 -65.28 39.86 40.51
C PRO E 40 -63.84 40.29 40.73
N ALA E 41 -63.67 41.44 41.38
CA ALA E 41 -62.33 41.96 41.64
C ALA E 41 -61.64 41.23 42.77
N THR E 42 -62.38 40.85 43.81
CA THR E 42 -61.84 40.25 45.01
C THR E 42 -62.25 38.79 45.14
N ASN E 43 -61.87 38.17 46.24
CA ASN E 43 -62.18 36.76 46.51
C ASN E 43 -63.22 36.58 47.59
N SER E 44 -63.86 37.65 48.04
CA SER E 44 -64.85 37.55 49.10
C SER E 44 -66.07 36.77 48.60
N PRO E 45 -66.50 35.73 49.32
CA PRO E 45 -67.65 34.94 48.84
C PRO E 45 -68.93 35.75 48.69
N GLU E 46 -69.16 36.71 49.59
CA GLU E 46 -70.40 37.49 49.51
C GLU E 46 -70.47 38.29 48.22
N LEU E 47 -69.33 38.79 47.75
CA LEU E 47 -69.32 39.52 46.48
C LEU E 47 -69.49 38.57 45.30
N ARG E 48 -68.78 37.46 45.31
CA ARG E 48 -68.87 36.51 44.20
C ARG E 48 -70.26 35.87 44.13
N TRP E 49 -70.82 35.49 45.29
CA TRP E 49 -72.16 34.91 45.29
C TRP E 49 -73.20 35.90 44.81
N GLU E 50 -73.07 37.17 45.21
CA GLU E 50 -73.98 38.19 44.72
C GLU E 50 -73.79 38.42 43.23
N LEU E 51 -72.56 38.24 42.74
CA LEU E 51 -72.30 38.43 41.31
C LEU E 51 -72.94 37.33 40.48
N THR E 52 -72.73 36.07 40.87
CA THR E 52 -73.30 34.97 40.09
C THR E 52 -74.82 34.94 40.20
N LEU E 53 -75.38 35.50 41.28
CA LEU E 53 -76.82 35.68 41.34
C LEU E 53 -77.27 36.73 40.32
N PHE E 54 -76.49 37.81 40.18
CA PHE E 54 -76.81 38.81 39.18
C PHE E 54 -76.68 38.26 37.77
N ALA E 55 -75.62 37.49 37.51
CA ALA E 55 -75.40 36.96 36.17
C ALA E 55 -76.51 35.98 35.77
N LEU E 56 -77.08 35.27 36.76
CA LEU E 56 -78.21 34.40 36.47
C LEU E 56 -79.42 35.20 36.02
N ASP E 57 -79.65 36.35 36.64
CA ASP E 57 -80.83 37.15 36.31
C ASP E 57 -80.70 37.77 34.92
N VAL E 58 -79.50 38.18 34.54
CA VAL E 58 -79.31 38.80 33.23
C VAL E 58 -79.63 37.81 32.12
N ILE E 59 -79.16 36.57 32.27
CA ILE E 59 -79.48 35.55 31.28
C ILE E 59 -80.97 35.28 31.24
N ARG E 60 -81.61 35.19 32.41
CA ARG E 60 -83.04 34.95 32.47
C ARG E 60 -83.86 36.16 32.06
N SER E 61 -83.27 37.35 32.08
CA SER E 61 -84.01 38.56 31.76
C SER E 61 -84.43 38.56 30.29
N PRO E 62 -85.68 38.93 29.97
CA PRO E 62 -86.08 39.01 28.57
C PRO E 62 -85.74 40.35 27.93
N SER E 63 -85.60 41.41 28.70
CA SER E 63 -85.26 42.73 28.16
C SER E 63 -83.76 42.92 27.97
N ALA E 64 -82.95 41.95 28.34
CA ALA E 64 -81.51 42.08 28.20
C ALA E 64 -81.09 41.98 26.74
N ALA E 65 -80.17 42.86 26.34
CA ALA E 65 -79.59 42.78 25.01
C ALA E 65 -78.68 41.56 24.92
N GLU E 66 -78.41 41.13 23.68
CA GLU E 66 -77.59 39.94 23.49
C GLU E 66 -76.18 40.15 24.01
N SER E 67 -75.61 41.34 23.79
CA SER E 67 -74.26 41.62 24.28
C SER E 67 -74.18 41.49 25.79
N MET E 68 -75.21 41.97 26.50
CA MET E 68 -75.24 41.80 27.95
C MET E 68 -75.35 40.33 28.33
N LYS E 69 -76.12 39.56 27.57
CA LYS E 69 -76.27 38.14 27.88
C LYS E 69 -74.94 37.41 27.72
N ILE E 70 -74.14 37.78 26.72
CA ILE E 70 -72.82 37.18 26.56
C ILE E 70 -71.93 37.53 27.75
N GLY E 71 -72.00 38.78 28.21
CA GLY E 71 -71.20 39.18 29.35
C GLY E 71 -71.55 38.40 30.61
N ALA E 72 -72.85 38.17 30.82
CA ALA E 72 -73.26 37.34 31.96
C ALA E 72 -72.77 35.91 31.80
N ALA E 73 -72.82 35.37 30.57
CA ALA E 73 -72.32 34.03 30.34
C ALA E 73 -70.83 33.93 30.60
N PHE E 74 -70.06 34.91 30.13
CA PHE E 74 -68.63 34.92 30.41
C PHE E 74 -68.34 35.12 31.89
N THR E 75 -69.17 35.93 32.56
CA THR E 75 -69.02 36.12 33.99
C THR E 75 -69.24 34.80 34.74
N LEU E 76 -70.24 34.02 34.33
CA LEU E 76 -70.53 32.77 35.00
C LEU E 76 -69.40 31.77 34.81
N ILE E 77 -68.98 31.57 33.55
CA ILE E 77 -68.03 30.50 33.24
C ILE E 77 -66.71 30.69 33.98
N SER E 78 -66.26 31.94 34.08
CA SER E 78 -64.97 32.24 34.69
C SER E 78 -65.07 32.50 36.20
N MET E 79 -66.24 32.26 36.79
CA MET E 79 -66.41 32.57 38.21
C MET E 79 -65.57 31.66 39.10
N TYR E 80 -65.33 30.42 38.67
CA TYR E 80 -64.59 29.48 39.51
C TYR E 80 -63.15 29.94 39.72
N SER E 81 -62.54 30.53 38.69
CA SER E 81 -61.14 30.92 38.78
C SER E 81 -60.95 32.06 39.77
N GLU E 82 -59.80 32.04 40.45
CA GLU E 82 -59.48 33.10 41.40
C GLU E 82 -59.23 34.43 40.72
N ARG E 83 -58.81 34.42 39.46
CA ARG E 83 -58.57 35.64 38.68
C ARG E 83 -59.36 35.52 37.38
N PRO E 84 -60.68 35.77 37.42
CA PRO E 84 -61.47 35.63 36.20
C PRO E 84 -61.02 36.52 35.06
N GLY E 85 -60.52 37.72 35.38
CA GLY E 85 -60.03 38.60 34.32
C GLY E 85 -58.86 38.02 33.56
N ALA E 86 -57.92 37.41 34.29
CA ALA E 86 -56.77 36.79 33.64
C ALA E 86 -57.19 35.58 32.81
N LEU E 87 -58.14 34.79 33.31
CA LEU E 87 -58.59 33.60 32.58
C LEU E 87 -59.23 33.97 31.26
N ILE E 88 -60.12 34.97 31.26
CA ILE E 88 -60.79 35.37 30.03
C ILE E 88 -59.80 35.95 29.04
N ARG E 89 -58.89 36.81 29.51
CA ARG E 89 -57.96 37.48 28.61
C ARG E 89 -56.95 36.50 28.02
N SER E 90 -56.56 35.47 28.77
CA SER E 90 -55.57 34.52 28.31
C SER E 90 -56.16 33.28 27.66
N LEU E 91 -57.48 33.23 27.51
CA LEU E 91 -58.14 32.09 26.87
C LEU E 91 -59.25 32.57 25.94
N LEU E 92 -59.00 33.66 25.22
CA LEU E 92 -59.96 34.21 24.28
C LEU E 92 -59.33 34.24 22.90
N ASN E 93 -59.99 33.60 21.93
CA ASN E 93 -59.52 33.58 20.54
C ASN E 93 -60.69 33.86 19.60
N ASP E 94 -61.48 34.89 19.92
CA ASP E 94 -62.66 35.23 19.13
C ASP E 94 -62.40 36.50 18.33
N PRO E 95 -62.16 36.40 17.03
CA PRO E 95 -62.02 37.61 16.21
C PRO E 95 -63.31 38.41 16.08
N ASP E 96 -64.47 37.78 16.33
CA ASP E 96 -65.74 38.47 16.16
C ASP E 96 -65.95 39.53 17.23
N ILE E 97 -65.44 39.31 18.44
CA ILE E 97 -65.74 40.15 19.58
C ILE E 97 -64.45 40.69 20.19
N GLU E 98 -64.58 41.82 20.87
CA GLU E 98 -63.54 42.34 21.75
C GLU E 98 -64.11 42.44 23.15
N ALA E 99 -63.37 41.94 24.13
CA ALA E 99 -63.84 41.88 25.51
C ALA E 99 -63.20 42.98 26.32
N VAL E 100 -64.03 43.79 26.98
CA VAL E 100 -63.57 44.83 27.90
C VAL E 100 -63.86 44.34 29.30
N ILE E 101 -62.82 43.86 29.99
CA ILE E 101 -62.98 43.29 31.31
C ILE E 101 -63.23 44.41 32.32
N ILE E 102 -64.26 44.23 33.14
CA ILE E 102 -64.65 45.22 34.14
C ILE E 102 -64.59 44.58 35.51
N ASP E 103 -63.69 45.05 36.35
CA ASP E 103 -63.63 44.59 37.74
C ASP E 103 -64.80 45.20 38.51
N VAL E 104 -65.57 44.36 39.18
CA VAL E 104 -66.81 44.81 39.80
C VAL E 104 -66.51 45.74 40.97
N GLY E 105 -65.57 45.37 41.82
CA GLY E 105 -65.19 46.23 42.93
C GLY E 105 -66.00 45.99 44.19
N SER E 106 -67.00 46.83 44.43
CA SER E 106 -67.94 46.61 45.53
C SER E 106 -69.22 46.01 44.96
N MET E 107 -70.25 45.86 45.80
CA MET E 107 -71.48 45.22 45.35
C MET E 107 -72.68 45.88 46.00
N LEU E 108 -73.49 46.55 45.20
CA LEU E 108 -74.81 47.01 45.59
C LEU E 108 -75.84 45.95 45.18
N ASN E 109 -77.12 46.32 45.18
CA ASN E 109 -78.15 45.41 44.67
C ASN E 109 -77.84 45.02 43.23
N GLY E 110 -77.50 45.98 42.39
CA GLY E 110 -77.01 45.69 41.05
C GLY E 110 -75.50 45.61 41.05
N ILE E 111 -74.84 46.47 40.29
CA ILE E 111 -73.39 46.61 40.37
C ILE E 111 -73.03 48.08 40.49
N PRO E 112 -72.16 48.45 41.43
CA PRO E 112 -71.68 49.85 41.50
C PRO E 112 -70.51 50.05 40.55
N VAL E 113 -70.71 50.94 39.57
CA VAL E 113 -69.62 51.24 38.63
C VAL E 113 -68.45 51.89 39.36
N MET E 114 -68.74 52.84 40.24
CA MET E 114 -67.74 53.51 41.06
C MET E 114 -66.63 54.12 40.21
N GLU E 115 -67.03 54.89 39.20
CA GLU E 115 -66.07 55.56 38.32
C GLU E 115 -66.71 56.86 37.85
N ARG E 116 -66.36 57.96 38.51
CA ARG E 116 -66.88 59.29 38.20
C ARG E 116 -68.41 59.29 38.19
N ARG E 117 -68.98 59.05 39.37
CA ARG E 117 -70.43 58.95 39.51
C ARG E 117 -71.10 60.22 39.01
N GLY E 118 -72.14 60.04 38.20
CA GLY E 118 -72.84 61.13 37.53
C GLY E 118 -72.38 61.34 36.10
N ASP E 119 -71.10 61.12 35.83
CA ASP E 119 -70.55 61.30 34.49
C ASP E 119 -70.63 59.98 33.74
N LYS E 120 -71.66 59.85 32.90
CA LYS E 120 -71.87 58.67 32.05
C LYS E 120 -71.92 57.38 32.87
N ALA E 121 -72.48 57.46 34.06
CA ALA E 121 -72.55 56.29 34.94
C ALA E 121 -73.96 55.97 35.40
N GLN E 122 -74.79 56.99 35.66
CA GLN E 122 -76.11 56.75 36.23
C GLN E 122 -77.00 55.96 35.27
N GLU E 123 -76.88 56.21 33.97
CA GLU E 123 -77.75 55.53 33.01
C GLU E 123 -77.51 54.02 33.03
N GLU E 124 -76.27 53.59 33.26
CA GLU E 124 -75.99 52.17 33.39
C GLU E 124 -76.66 51.59 34.63
N MET E 125 -76.61 52.33 35.75
CA MET E 125 -77.21 51.83 36.98
C MET E 125 -78.72 51.69 36.85
N GLU E 126 -79.40 52.73 36.37
CA GLU E 126 -80.83 52.61 36.10
C GLU E 126 -81.10 51.60 35.00
N GLY E 127 -80.15 51.41 34.09
CA GLY E 127 -80.30 50.38 33.08
C GLY E 127 -80.30 48.98 33.66
N LEU E 128 -79.43 48.72 34.64
CA LEU E 128 -79.35 47.40 35.23
C LEU E 128 -80.54 47.11 36.14
N MET E 129 -81.05 48.13 36.83
CA MET E 129 -82.25 47.95 37.64
C MET E 129 -83.45 47.54 36.78
N ARG E 130 -83.53 48.06 35.55
CA ARG E 130 -84.55 47.57 34.63
C ARG E 130 -84.29 46.11 34.27
N ILE E 131 -83.02 45.73 34.13
CA ILE E 131 -82.69 44.35 33.82
C ILE E 131 -83.14 43.43 34.97
N LEU E 132 -82.83 43.82 36.20
CA LEU E 132 -83.19 42.99 37.35
C LEU E 132 -84.71 42.92 37.54
N LYS E 133 -85.38 44.06 37.41
CA LYS E 133 -86.83 44.09 37.63
C LYS E 133 -87.56 43.27 36.58
N THR E 134 -87.18 43.41 35.31
CA THR E 134 -87.83 42.63 34.26
C THR E 134 -87.55 41.14 34.42
N ALA E 135 -86.33 40.78 34.82
CA ALA E 135 -86.00 39.37 35.00
C ALA E 135 -86.85 38.73 36.08
N ARG E 136 -87.04 39.43 37.21
CA ARG E 136 -87.83 38.87 38.30
C ARG E 136 -89.31 38.86 37.96
N GLU E 137 -89.79 39.89 37.27
CA GLU E 137 -91.20 39.96 36.92
C GLU E 137 -91.58 39.02 35.78
N SER E 138 -90.62 38.69 34.91
CA SER E 138 -90.92 37.86 33.75
C SER E 138 -91.45 36.49 34.16
N SER E 139 -90.72 35.81 35.04
CA SER E 139 -91.21 34.55 35.56
C SER E 139 -92.31 34.80 36.59
N LYS E 140 -93.07 33.74 36.89
CA LYS E 140 -94.18 33.83 37.83
C LYS E 140 -93.66 33.78 39.27
N GLY E 141 -92.72 34.67 39.57
CA GLY E 141 -92.07 34.67 40.85
C GLY E 141 -91.10 33.53 41.06
N LYS E 142 -90.78 32.79 39.99
CA LYS E 142 -89.94 31.60 40.10
C LYS E 142 -88.47 31.99 40.05
N THR E 143 -87.71 31.57 41.06
CA THR E 143 -86.27 31.79 41.08
C THR E 143 -85.59 30.89 40.05
N PRO E 144 -84.38 31.25 39.61
CA PRO E 144 -83.67 30.37 38.68
C PRO E 144 -83.42 28.98 39.23
N PHE E 145 -83.21 28.85 40.54
CA PHE E 145 -82.98 27.56 41.15
C PHE E 145 -84.29 26.82 41.36
N VAL E 146 -84.20 25.48 41.35
CA VAL E 146 -85.38 24.66 41.61
C VAL E 146 -85.85 24.80 43.04
N ASP E 147 -85.01 25.31 43.93
CA ASP E 147 -85.37 25.56 45.32
C ASP E 147 -85.44 27.06 45.55
N SER E 148 -86.58 27.54 46.05
CA SER E 148 -86.76 28.97 46.26
C SER E 148 -85.82 29.49 47.33
N ARG E 149 -85.41 28.64 48.28
CA ARG E 149 -84.49 29.07 49.32
C ARG E 149 -83.08 29.28 48.80
N ALA E 150 -82.74 28.68 47.65
CA ALA E 150 -81.39 28.81 47.10
C ALA E 150 -81.14 30.18 46.48
N TYR E 151 -82.19 30.95 46.22
CA TYR E 151 -82.01 32.27 45.60
C TYR E 151 -81.72 33.32 46.65
N GLY E 152 -82.62 33.49 47.62
CA GLY E 152 -82.40 34.43 48.71
C GLY E 152 -81.57 33.82 49.82
N LEU E 153 -80.40 33.28 49.46
CA LEU E 153 -79.52 32.61 50.40
C LEU E 153 -78.28 33.47 50.63
N ARG E 154 -77.91 33.63 51.89
CA ARG E 154 -76.72 34.39 52.26
C ARG E 154 -75.52 33.45 52.29
N ILE E 155 -74.46 33.83 51.59
CA ILE E 155 -73.22 33.04 51.54
C ILE E 155 -72.10 33.90 52.09
N THR E 156 -71.45 33.40 53.15
CA THR E 156 -70.27 34.04 53.70
C THR E 156 -69.06 33.11 53.81
N ASP E 157 -69.26 31.79 53.68
CA ASP E 157 -68.18 30.84 53.77
C ASP E 157 -67.65 30.50 52.38
N MET E 158 -66.32 30.46 52.26
CA MET E 158 -65.70 30.10 50.99
C MET E 158 -66.07 28.67 50.59
N SER E 159 -66.17 27.76 51.57
CA SER E 159 -66.48 26.38 51.27
C SER E 159 -67.86 26.24 50.62
N THR E 160 -68.86 26.95 51.15
CA THR E 160 -70.20 26.89 50.59
C THR E 160 -70.24 27.51 49.20
N LEU E 161 -69.54 28.63 49.01
CA LEU E 161 -69.55 29.30 47.70
C LEU E 161 -68.95 28.41 46.62
N VAL E 162 -67.83 27.73 46.94
CA VAL E 162 -67.19 26.88 45.94
C VAL E 162 -68.13 25.77 45.50
N SER E 163 -68.78 25.12 46.47
CA SER E 163 -69.75 24.08 46.13
C SER E 163 -70.92 24.66 45.34
N ALA E 164 -71.42 25.82 45.76
CA ALA E 164 -72.54 26.44 45.06
C ALA E 164 -72.17 26.83 43.64
N VAL E 165 -70.98 27.41 43.45
CA VAL E 165 -70.57 27.87 42.14
C VAL E 165 -70.41 26.69 41.18
N ILE E 166 -69.76 25.62 41.63
CA ILE E 166 -69.49 24.48 40.76
C ILE E 166 -70.79 23.87 40.25
N THR E 167 -71.80 23.79 41.12
CA THR E 167 -73.10 23.27 40.68
C THR E 167 -73.69 24.12 39.58
N ILE E 168 -73.59 25.45 39.71
CA ILE E 168 -74.04 26.33 38.64
C ILE E 168 -73.19 26.15 37.40
N GLU E 169 -71.87 26.03 37.58
CA GLU E 169 -70.98 25.79 36.44
C GLU E 169 -71.26 24.46 35.78
N ALA E 170 -71.40 23.39 36.58
CA ALA E 170 -71.59 22.07 36.01
C ALA E 170 -72.88 21.99 35.20
N GLN E 171 -73.96 22.56 35.72
CA GLN E 171 -75.23 22.52 35.01
C GLN E 171 -75.17 23.27 33.70
N ILE E 172 -74.38 24.33 33.62
CA ILE E 172 -74.20 25.04 32.36
C ILE E 172 -73.41 24.19 31.38
N TRP E 173 -72.32 23.58 31.84
CA TRP E 173 -71.48 22.78 30.96
C TRP E 173 -72.17 21.53 30.45
N ILE E 174 -73.29 21.11 31.07
CA ILE E 174 -74.04 19.99 30.54
C ILE E 174 -74.64 20.33 29.18
N LEU E 175 -75.06 21.59 29.00
CA LEU E 175 -75.81 21.97 27.82
C LEU E 175 -74.97 21.98 26.55
N ILE E 176 -73.65 22.19 26.66
CA ILE E 176 -72.83 22.36 25.46
C ILE E 176 -72.80 21.08 24.63
N ALA E 177 -72.99 19.91 25.25
CA ALA E 177 -72.90 18.66 24.51
C ALA E 177 -73.95 18.59 23.41
N LYS E 178 -75.19 18.99 23.71
CA LYS E 178 -76.30 18.93 22.76
C LYS E 178 -76.96 20.30 22.63
N ALA E 179 -76.14 21.34 22.49
CA ALA E 179 -76.66 22.68 22.32
C ALA E 179 -76.92 23.04 20.86
N VAL E 180 -76.06 22.56 19.96
CA VAL E 180 -76.20 22.88 18.55
C VAL E 180 -76.59 21.67 17.70
N THR E 181 -76.32 20.45 18.16
CA THR E 181 -76.68 19.28 17.38
C THR E 181 -78.19 19.07 17.36
N ALA E 182 -78.78 18.88 18.54
CA ALA E 182 -80.23 18.72 18.68
C ALA E 182 -80.67 19.30 20.00
N PRO E 183 -80.72 20.63 20.11
CA PRO E 183 -81.12 21.25 21.38
C PRO E 183 -82.54 20.89 21.80
N ASP E 184 -83.46 20.70 20.86
CA ASP E 184 -84.84 20.38 21.23
C ASP E 184 -84.92 19.00 21.86
N THR E 185 -84.20 18.03 21.31
CA THR E 185 -84.23 16.65 21.81
C THR E 185 -83.36 16.46 23.05
N ALA E 186 -82.97 17.53 23.71
CA ALA E 186 -82.15 17.45 24.93
C ALA E 186 -83.06 17.18 26.12
N GLU E 187 -82.51 17.36 27.32
CA GLU E 187 -83.13 17.18 28.64
C GLU E 187 -83.24 15.71 29.01
N GLU E 188 -82.91 14.78 28.12
CA GLU E 188 -82.84 13.36 28.47
C GLU E 188 -81.42 12.99 28.90
N SER E 189 -80.44 13.22 28.02
CA SER E 189 -79.05 13.02 28.40
C SER E 189 -78.61 14.04 29.44
N GLU E 190 -79.12 15.27 29.33
CA GLU E 190 -78.74 16.31 30.28
C GLU E 190 -79.16 15.93 31.70
N THR E 191 -80.38 15.41 31.85
CA THR E 191 -80.79 14.90 33.15
C THR E 191 -79.95 13.71 33.57
N ARG E 192 -79.56 12.87 32.60
CA ARG E 192 -78.69 11.73 32.90
C ARG E 192 -77.32 12.21 33.35
N ARG E 193 -76.78 13.25 32.71
CA ARG E 193 -75.49 13.78 33.14
C ARG E 193 -75.58 14.36 34.54
N TRP E 194 -76.65 15.10 34.83
CA TRP E 194 -76.83 15.67 36.15
C TRP E 194 -76.98 14.60 37.21
N ALA E 195 -77.73 13.53 36.89
CA ALA E 195 -77.92 12.45 37.85
C ALA E 195 -76.60 11.75 38.17
N LYS E 196 -75.73 11.60 37.17
CA LYS E 196 -74.46 10.92 37.39
C LYS E 196 -73.60 11.69 38.39
N TYR E 197 -73.51 13.00 38.23
CA TYR E 197 -72.68 13.80 39.13
C TYR E 197 -73.28 13.91 40.52
N VAL E 198 -74.62 13.89 40.63
CA VAL E 198 -75.25 13.89 41.94
C VAL E 198 -74.91 12.62 42.69
N GLN E 199 -74.96 11.47 42.02
CA GLN E 199 -74.62 10.21 42.68
C GLN E 199 -73.14 10.16 43.05
N GLN E 200 -72.30 10.83 42.28
CA GLN E 200 -70.88 10.94 42.62
C GLN E 200 -70.60 11.97 43.70
N LYS E 201 -71.62 12.73 44.12
CA LYS E 201 -71.51 13.75 45.15
C LYS E 201 -70.53 14.85 44.76
N ARG E 202 -70.24 15.01 43.47
CA ARG E 202 -69.41 16.11 43.02
C ARG E 202 -70.16 17.44 43.06
N VAL E 203 -71.48 17.40 42.87
CA VAL E 203 -72.31 18.60 42.86
C VAL E 203 -73.35 18.49 43.96
N ASN E 204 -73.51 19.56 44.72
CA ASN E 204 -74.53 19.62 45.75
C ASN E 204 -75.88 19.91 45.09
N PRO E 205 -76.86 19.01 45.21
CA PRO E 205 -78.12 19.19 44.46
C PRO E 205 -78.98 20.34 44.95
N PHE E 206 -78.60 21.01 46.05
CA PHE E 206 -79.40 22.12 46.53
C PHE E 206 -79.44 23.26 45.51
N PHE E 207 -78.30 23.56 44.89
CA PHE E 207 -78.22 24.61 43.87
C PHE E 207 -78.46 23.98 42.50
N ALA E 208 -79.73 23.68 42.23
CA ALA E 208 -80.14 23.11 40.95
C ALA E 208 -81.06 24.10 40.25
N LEU E 209 -80.63 24.57 39.09
CA LEU E 209 -81.43 25.52 38.32
C LEU E 209 -82.63 24.82 37.68
N THR E 210 -83.74 25.55 37.60
CA THR E 210 -84.94 24.99 37.01
C THR E 210 -84.77 24.82 35.50
N GLN E 211 -85.62 23.96 34.93
CA GLN E 211 -85.53 23.69 33.51
C GLN E 211 -85.96 24.88 32.67
N GLN E 212 -86.77 25.78 33.25
CA GLN E 212 -87.12 27.01 32.55
C GLN E 212 -85.89 27.87 32.30
N TRP E 213 -85.03 27.99 33.31
CA TRP E 213 -83.80 28.77 33.15
C TRP E 213 -82.82 28.07 32.23
N LEU E 214 -82.73 26.74 32.32
CA LEU E 214 -81.80 26.01 31.48
C LEU E 214 -82.16 26.15 30.00
N THR E 215 -83.45 26.13 29.69
CA THR E 215 -83.88 26.33 28.31
C THR E 215 -83.50 27.71 27.81
N GLU E 216 -83.66 28.74 28.66
CA GLU E 216 -83.29 30.09 28.28
C GLU E 216 -81.79 30.20 28.04
N MET E 217 -80.99 29.59 28.91
CA MET E 217 -79.54 29.65 28.74
C MET E 217 -79.09 28.84 27.53
N ARG E 218 -79.69 27.67 27.32
CA ARG E 218 -79.33 26.86 26.14
C ARG E 218 -79.66 27.58 24.85
N ASN E 219 -80.78 28.31 24.83
CA ASN E 219 -81.12 29.10 23.65
C ASN E 219 -80.06 30.17 23.39
N LEU E 220 -79.60 30.83 24.46
CA LEU E 220 -78.52 31.80 24.30
C LEU E 220 -77.24 31.13 23.85
N LEU E 221 -76.94 29.95 24.40
CA LEU E 221 -75.71 29.26 24.05
C LEU E 221 -75.70 28.82 22.59
N SER E 222 -76.86 28.41 22.07
CA SER E 222 -76.93 27.96 20.69
C SER E 222 -76.83 29.13 19.72
N GLN E 223 -77.48 30.26 20.04
CA GLN E 223 -77.48 31.40 19.15
C GLN E 223 -76.09 31.99 18.97
N SER E 224 -75.33 32.09 20.05
CA SER E 224 -74.06 32.82 20.05
C SER E 224 -72.89 31.86 19.86
N LEU E 225 -72.02 32.21 18.90
CA LEU E 225 -70.79 31.47 18.66
C LEU E 225 -69.64 31.94 19.54
N SER E 226 -69.66 33.19 19.99
CA SER E 226 -68.58 33.71 20.82
C SER E 226 -68.50 32.95 22.14
N VAL E 227 -69.65 32.67 22.76
CA VAL E 227 -69.66 31.92 24.01
C VAL E 227 -69.15 30.50 23.77
N ARG E 228 -69.60 29.88 22.67
CA ARG E 228 -69.17 28.52 22.37
C ARG E 228 -67.66 28.43 22.18
N LYS E 229 -67.08 29.41 21.48
CA LYS E 229 -65.64 29.40 21.26
C LYS E 229 -64.87 29.49 22.56
N PHE E 230 -65.37 30.29 23.51
CA PHE E 230 -64.69 30.41 24.80
C PHE E 230 -64.70 29.10 25.57
N MET E 231 -65.85 28.43 25.62
CA MET E 231 -65.92 27.19 26.36
C MET E 231 -65.20 26.05 25.65
N VAL E 232 -65.13 26.09 24.32
CA VAL E 232 -64.32 25.11 23.60
C VAL E 232 -62.84 25.35 23.89
N GLU E 233 -62.42 26.62 23.93
CA GLU E 233 -61.03 26.94 24.25
C GLU E 233 -60.67 26.45 25.65
N ILE E 234 -61.60 26.61 26.60
CA ILE E 234 -61.37 26.09 27.95
C ILE E 234 -61.20 24.58 27.91
N LEU E 235 -62.03 23.89 27.11
CA LEU E 235 -61.96 22.43 27.03
C LEU E 235 -60.60 21.97 26.52
N MET E 236 -60.08 22.62 25.48
CA MET E 236 -58.79 22.22 24.94
C MET E 236 -57.67 22.45 25.94
N GLU E 237 -57.67 23.61 26.60
CA GLU E 237 -56.61 23.90 27.57
C GLU E 237 -56.69 22.97 28.77
N VAL E 238 -57.90 22.70 29.25
CA VAL E 238 -58.07 21.79 30.39
C VAL E 238 -57.67 20.37 29.98
N LYS E 239 -57.96 19.99 28.73
CA LYS E 239 -57.61 18.66 28.26
C LYS E 239 -56.11 18.42 28.33
N LYS E 240 -55.31 19.44 28.05
CA LYS E 240 -53.85 19.32 28.12
C LYS E 240 -53.44 19.06 29.56
N GLY E 241 -52.92 17.86 29.82
CA GLY E 241 -52.48 17.50 31.15
C GLY E 241 -51.13 18.11 31.50
N GLY E 242 -50.67 17.81 32.70
CA GLY E 242 -49.38 18.28 33.15
C GLY E 242 -49.41 18.96 34.51
N SER E 243 -50.49 19.69 34.79
CA SER E 243 -50.64 20.42 36.03
C SER E 243 -51.75 19.79 36.87
N ALA E 244 -51.79 20.20 38.14
CA ALA E 244 -52.83 19.73 39.04
C ALA E 244 -54.19 20.29 38.64
N LYS E 245 -55.20 19.44 38.71
CA LYS E 245 -56.56 19.82 38.33
C LYS E 245 -57.43 19.95 39.57
N GLY E 246 -58.12 21.08 39.69
CA GLY E 246 -59.03 21.30 40.78
C GLY E 246 -60.38 20.66 40.55
N ARG E 247 -61.25 20.80 41.55
CA ARG E 247 -62.59 20.22 41.45
C ARG E 247 -63.38 20.83 40.30
N ALA E 248 -63.25 22.14 40.10
CA ALA E 248 -63.93 22.78 38.98
C ALA E 248 -63.40 22.28 37.65
N VAL E 249 -62.07 22.14 37.53
CA VAL E 249 -61.48 21.73 36.27
C VAL E 249 -61.78 20.27 35.98
N GLU E 250 -61.74 19.42 37.01
CA GLU E 250 -61.98 17.99 36.80
C GLU E 250 -63.39 17.74 36.27
N ILE E 251 -64.38 18.46 36.80
CA ILE E 251 -65.73 18.34 36.28
C ILE E 251 -65.80 18.78 34.83
N ILE E 252 -65.13 19.88 34.49
CA ILE E 252 -65.14 20.38 33.12
C ILE E 252 -64.50 19.37 32.18
N SER E 253 -63.36 18.80 32.57
CA SER E 253 -62.71 17.81 31.73
C SER E 253 -63.56 16.55 31.59
N ASP E 254 -64.21 16.13 32.68
CA ASP E 254 -65.10 14.96 32.60
C ASP E 254 -66.27 15.23 31.67
N ILE E 255 -66.84 16.44 31.73
CA ILE E 255 -67.92 16.81 30.82
C ILE E 255 -67.39 16.86 29.39
N GLY E 256 -66.15 17.32 29.21
CA GLY E 256 -65.57 17.39 27.88
C GLY E 256 -65.43 16.06 27.19
N ASN E 257 -65.46 14.96 27.95
CA ASN E 257 -65.42 13.64 27.33
C ASN E 257 -66.68 13.40 26.49
N TYR E 258 -67.83 13.82 26.99
CA TYR E 258 -69.07 13.69 26.23
C TYR E 258 -69.16 14.71 25.11
N VAL E 259 -68.51 15.88 25.28
CA VAL E 259 -68.59 16.94 24.29
C VAL E 259 -67.82 16.58 23.03
N GLU E 260 -66.71 15.85 23.17
CA GLU E 260 -65.83 15.57 22.03
C GLU E 260 -66.58 14.82 20.94
N GLU E 261 -66.23 15.13 19.69
CA GLU E 261 -66.75 14.43 18.52
C GLU E 261 -68.26 14.52 18.40
N THR E 262 -68.85 15.57 18.97
CA THR E 262 -70.29 15.74 18.89
C THR E 262 -70.69 16.17 17.48
N GLY E 263 -71.95 15.87 17.13
CA GLY E 263 -72.48 16.27 15.85
C GLY E 263 -71.82 15.66 14.64
N MET E 264 -71.05 14.59 14.81
CA MET E 264 -70.36 13.93 13.71
C MET E 264 -70.50 12.42 13.83
N ALA E 265 -71.67 11.95 14.26
CA ALA E 265 -71.88 10.51 14.39
C ALA E 265 -71.88 9.82 13.03
N GLY E 266 -72.35 10.50 11.99
CA GLY E 266 -72.38 9.89 10.67
C GLY E 266 -71.00 9.50 10.17
N PHE E 267 -70.02 10.36 10.41
CA PHE E 267 -68.65 10.06 9.98
C PHE E 267 -68.02 8.97 10.84
N PHE E 268 -68.17 9.06 12.15
CA PHE E 268 -67.46 8.15 13.05
C PHE E 268 -68.12 6.77 13.08
N ALA E 269 -69.44 6.72 12.89
CA ALA E 269 -70.09 5.42 12.76
C ALA E 269 -69.58 4.67 11.53
N THR E 270 -69.36 5.40 10.43
CA THR E 270 -68.78 4.80 9.25
C THR E 270 -67.38 4.25 9.54
N ILE E 271 -66.59 5.01 10.30
CA ILE E 271 -65.24 4.56 10.63
C ILE E 271 -65.30 3.32 11.52
N ARG E 272 -66.13 3.37 12.56
CA ARG E 272 -66.15 2.28 13.53
C ARG E 272 -66.81 1.04 12.96
N PHE E 273 -67.95 1.19 12.29
CA PHE E 273 -68.75 0.05 11.86
C PHE E 273 -68.50 -0.31 10.39
N GLY E 274 -68.68 0.65 9.49
CA GLY E 274 -68.54 0.35 8.07
C GLY E 274 -67.13 -0.04 7.67
N LEU E 275 -66.14 0.72 8.12
CA LEU E 275 -64.77 0.47 7.71
C LEU E 275 -64.12 -0.62 8.56
N GLU E 276 -64.02 -0.40 9.87
CA GLU E 276 -63.52 -1.44 10.76
C GLU E 276 -64.54 -2.57 10.86
N THR E 277 -64.21 -3.58 11.66
CA THR E 277 -64.98 -4.82 11.70
C THR E 277 -65.13 -5.39 10.30
N ARG E 278 -63.99 -5.75 9.72
CA ARG E 278 -63.89 -6.05 8.29
C ARG E 278 -64.84 -7.14 7.85
N TYR E 279 -65.82 -6.77 7.03
CA TYR E 279 -66.81 -7.69 6.50
C TYR E 279 -66.48 -8.04 5.06
N PRO E 280 -66.59 -9.31 4.67
CA PRO E 280 -66.27 -9.69 3.28
C PRO E 280 -67.10 -8.98 2.22
N ALA E 281 -68.12 -8.21 2.60
CA ALA E 281 -68.95 -7.48 1.65
C ALA E 281 -68.44 -6.06 1.40
N LEU E 282 -67.17 -5.78 1.70
CA LEU E 282 -66.65 -4.42 1.55
C LEU E 282 -66.27 -4.12 0.09
N ALA E 283 -65.31 -4.87 -0.44
CA ALA E 283 -64.83 -4.64 -1.81
C ALA E 283 -65.84 -5.25 -2.78
N LEU E 284 -66.75 -4.40 -3.31
CA LEU E 284 -67.83 -4.91 -4.14
C LEU E 284 -68.10 -4.00 -5.34
N ASN E 285 -67.18 -3.09 -5.66
CA ASN E 285 -67.19 -2.17 -6.79
C ASN E 285 -68.15 -0.99 -6.66
N GLU E 286 -68.69 -0.71 -5.48
CA GLU E 286 -69.36 0.56 -5.24
C GLU E 286 -68.91 1.25 -3.95
N PHE E 287 -67.99 0.64 -3.19
CA PHE E 287 -67.48 1.25 -1.97
C PHE E 287 -66.05 1.76 -2.11
N GLN E 288 -65.37 1.43 -3.22
CA GLN E 288 -63.98 1.87 -3.37
C GLN E 288 -63.88 3.39 -3.46
N SER E 289 -64.86 4.03 -4.08
CA SER E 289 -64.90 5.49 -4.09
C SER E 289 -65.10 6.04 -2.70
N ASP E 290 -66.05 5.47 -1.95
CA ASP E 290 -66.28 5.92 -0.58
C ASP E 290 -65.11 5.58 0.32
N LEU E 291 -64.48 4.42 0.12
CA LEU E 291 -63.30 4.05 0.90
C LEU E 291 -62.17 5.04 0.65
N ASN E 292 -61.96 5.42 -0.61
CA ASN E 292 -60.93 6.41 -0.92
C ASN E 292 -61.24 7.75 -0.27
N THR E 293 -62.49 8.19 -0.33
CA THR E 293 -62.88 9.46 0.28
C THR E 293 -62.69 9.41 1.79
N ILE E 294 -63.06 8.30 2.42
CA ILE E 294 -62.88 8.15 3.86
C ILE E 294 -61.41 8.20 4.23
N LYS E 295 -60.55 7.59 3.40
CA LYS E 295 -59.11 7.62 3.66
C LYS E 295 -58.57 9.04 3.65
N GLY E 296 -59.02 9.86 2.69
CA GLY E 296 -58.60 11.25 2.65
C GLY E 296 -59.11 12.03 3.85
N LEU E 297 -60.31 11.69 4.33
CA LEU E 297 -60.88 12.40 5.47
C LEU E 297 -60.05 12.19 6.73
N MET E 298 -59.52 10.98 6.91
CA MET E 298 -58.67 10.73 8.08
C MET E 298 -57.43 11.62 8.07
N LEU E 299 -56.81 11.79 6.90
CA LEU E 299 -55.68 12.71 6.80
C LEU E 299 -56.11 14.14 7.09
N LEU E 300 -57.27 14.55 6.60
CA LEU E 300 -57.77 15.89 6.87
C LEU E 300 -58.04 16.07 8.36
N TYR E 301 -58.65 15.07 9.01
CA TYR E 301 -58.93 15.17 10.43
C TYR E 301 -57.64 15.30 11.24
N ARG E 302 -56.62 14.53 10.87
CA ARG E 302 -55.33 14.65 11.53
C ARG E 302 -54.68 16.00 11.24
N GLU E 303 -54.90 16.54 10.05
CA GLU E 303 -54.29 17.80 9.66
C GLU E 303 -54.93 19.02 10.32
N ILE E 304 -56.19 18.91 10.74
CA ILE E 304 -56.89 20.07 11.29
C ILE E 304 -56.21 20.55 12.57
N GLY E 305 -55.96 19.63 13.50
CA GLY E 305 -55.31 19.98 14.74
C GLY E 305 -56.11 19.60 15.96
N PRO E 306 -55.82 20.25 17.09
CA PRO E 306 -56.54 19.92 18.34
C PRO E 306 -57.99 20.37 18.33
N ARG E 307 -58.42 21.18 17.37
CA ARG E 307 -59.80 21.64 17.27
C ARG E 307 -60.69 20.69 16.50
N ALA E 308 -60.13 19.57 16.02
CA ALA E 308 -60.91 18.64 15.20
C ALA E 308 -62.14 18.07 15.89
N PRO E 309 -62.05 17.52 17.11
CA PRO E 309 -63.27 16.96 17.72
C PRO E 309 -64.37 17.98 17.93
N TYR E 310 -64.01 19.20 18.30
CA TYR E 310 -65.00 20.28 18.47
C TYR E 310 -65.17 21.08 17.18
N MET E 311 -65.44 20.39 16.08
CA MET E 311 -65.56 21.07 14.79
C MET E 311 -66.97 21.59 14.57
N VAL E 312 -67.98 20.83 15.00
CA VAL E 312 -69.37 21.29 14.87
C VAL E 312 -69.62 22.47 15.80
N LEU E 313 -69.02 22.45 16.99
CA LEU E 313 -69.25 23.53 17.95
C LEU E 313 -68.72 24.85 17.41
N LEU E 314 -67.53 24.84 16.80
CA LEU E 314 -66.98 26.05 16.21
C LEU E 314 -67.53 26.33 14.81
N GLU E 315 -68.35 25.43 14.27
CA GLU E 315 -69.01 25.62 12.99
C GLU E 315 -67.99 25.81 11.86
N GLU E 316 -66.92 25.04 11.90
CA GLU E 316 -65.91 25.10 10.85
C GLU E 316 -66.50 24.66 9.52
N SER E 317 -66.06 25.32 8.45
CA SER E 317 -66.50 24.94 7.12
C SER E 317 -65.95 23.59 6.69
N ILE E 318 -64.88 23.13 7.32
CA ILE E 318 -64.31 21.82 7.00
C ILE E 318 -65.30 20.71 7.35
N GLN E 319 -66.21 20.98 8.30
CA GLN E 319 -67.12 19.95 8.76
C GLN E 319 -68.04 19.45 7.65
N THR E 320 -68.45 20.34 6.74
CA THR E 320 -69.37 19.94 5.68
C THR E 320 -68.78 18.83 4.83
N LYS E 321 -67.47 18.87 4.59
CA LYS E 321 -66.82 17.82 3.84
C LYS E 321 -66.85 16.49 4.59
N PHE E 322 -66.91 16.54 5.93
CA PHE E 322 -66.96 15.32 6.73
C PHE E 322 -68.34 14.69 6.76
N ALA E 323 -69.38 15.46 6.51
CA ALA E 323 -70.75 14.95 6.67
C ALA E 323 -71.06 13.90 5.61
N PRO E 324 -71.88 12.90 5.95
CA PRO E 324 -72.32 11.94 4.93
C PRO E 324 -73.13 12.65 3.85
N GLY E 325 -72.93 12.20 2.62
CA GLY E 325 -73.49 12.87 1.46
C GLY E 325 -72.45 12.90 0.36
N GLY E 326 -71.18 12.97 0.76
CA GLY E 326 -70.08 12.72 -0.14
C GLY E 326 -69.67 11.28 -0.22
N TYR E 327 -70.15 10.45 0.70
CA TYR E 327 -69.95 9.00 0.67
C TYR E 327 -71.21 8.29 1.12
N PRO E 328 -72.36 8.57 0.47
CA PRO E 328 -73.62 8.02 0.97
C PRO E 328 -73.69 6.51 0.95
N LEU E 329 -73.03 5.85 0.00
CA LEU E 329 -73.17 4.42 -0.16
C LEU E 329 -72.56 3.67 1.03
N LEU E 330 -71.32 3.99 1.37
CA LEU E 330 -70.68 3.32 2.51
C LEU E 330 -71.36 3.70 3.81
N TRP E 331 -71.76 4.97 3.96
CA TRP E 331 -72.45 5.39 5.17
C TRP E 331 -73.75 4.62 5.34
N SER E 332 -74.49 4.44 4.25
CA SER E 332 -75.71 3.64 4.31
C SER E 332 -75.41 2.20 4.74
N PHE E 333 -74.34 1.63 4.19
CA PHE E 333 -73.91 0.30 4.62
C PHE E 333 -73.44 0.33 6.08
N ALA E 334 -72.74 1.40 6.46
CA ALA E 334 -72.21 1.48 7.82
C ALA E 334 -73.32 1.53 8.86
N MET E 335 -74.36 2.33 8.63
CA MET E 335 -75.47 2.35 9.57
C MET E 335 -76.33 1.10 9.44
N GLY E 336 -76.18 0.37 8.34
CA GLY E 336 -76.86 -0.91 8.22
C GLY E 336 -76.40 -1.90 9.27
N VAL E 337 -75.08 -1.99 9.46
CA VAL E 337 -74.55 -2.89 10.49
C VAL E 337 -74.62 -2.23 11.86
N ALA E 338 -74.72 -0.90 11.91
CA ALA E 338 -74.71 -0.20 13.19
C ALA E 338 -75.98 -0.48 13.99
N THR E 339 -77.15 -0.37 13.34
CA THR E 339 -78.40 -0.58 14.05
C THR E 339 -78.54 -2.01 14.54
N THR E 340 -77.98 -2.97 13.80
CA THR E 340 -78.09 -4.37 14.20
C THR E 340 -77.15 -4.71 15.35
N ILE E 341 -75.95 -4.13 15.38
CA ILE E 341 -74.95 -4.50 16.37
C ILE E 341 -75.14 -3.70 17.65
N ASP E 342 -75.17 -2.37 17.53
CA ASP E 342 -75.30 -1.49 18.68
C ASP E 342 -76.77 -1.20 18.95
N ARG E 343 -77.27 -1.66 20.09
CA ARG E 343 -78.66 -1.43 20.43
C ARG E 343 -78.97 0.05 20.58
N SER E 344 -78.06 0.80 21.20
CA SER E 344 -78.27 2.24 21.36
C SER E 344 -78.32 2.94 20.02
N MET E 345 -77.44 2.55 19.09
CA MET E 345 -77.50 3.08 17.74
C MET E 345 -78.78 2.61 17.07
N GLY E 346 -79.61 3.55 16.67
CA GLY E 346 -80.95 3.25 16.19
C GLY E 346 -81.91 4.32 16.65
N ALA E 347 -81.55 4.99 17.75
CA ALA E 347 -82.22 6.23 18.12
C ALA E 347 -81.70 7.42 17.33
N LEU E 348 -80.64 7.23 16.55
CA LEU E 348 -80.12 8.28 15.70
C LEU E 348 -81.09 8.57 14.55
N ASN E 349 -81.20 9.83 14.18
CA ASN E 349 -82.08 10.26 13.10
C ASN E 349 -81.29 10.24 11.80
N ILE E 350 -81.65 9.32 10.89
CA ILE E 350 -80.91 9.15 9.64
C ILE E 350 -81.85 9.22 8.45
N ASN E 351 -82.94 9.97 8.57
CA ASN E 351 -83.91 10.08 7.49
C ASN E 351 -83.45 11.11 6.45
N ARG E 352 -82.28 10.84 5.88
CA ARG E 352 -81.68 11.72 4.88
C ARG E 352 -82.22 11.38 3.49
N GLY E 353 -81.82 12.20 2.52
CA GLY E 353 -82.23 12.02 1.14
C GLY E 353 -81.37 11.09 0.32
N TYR E 354 -80.35 10.49 0.92
CA TYR E 354 -79.45 9.57 0.23
C TYR E 354 -79.32 8.28 1.03
N LEU E 355 -80.46 7.75 1.48
CA LEU E 355 -80.44 6.58 2.35
C LEU E 355 -80.01 5.32 1.62
N GLU E 356 -80.43 5.15 0.36
CA GLU E 356 -80.10 3.98 -0.46
C GLU E 356 -80.43 2.70 0.29
N PRO E 357 -81.72 2.36 0.42
CA PRO E 357 -82.08 1.19 1.25
C PRO E 357 -81.45 -0.12 0.80
N MET E 358 -81.14 -0.26 -0.50
CA MET E 358 -80.54 -1.50 -0.97
C MET E 358 -79.21 -1.77 -0.29
N TYR E 359 -78.37 -0.73 -0.15
CA TYR E 359 -77.12 -0.91 0.57
C TYR E 359 -77.34 -0.97 2.07
N PHE E 360 -78.40 -0.32 2.57
CA PHE E 360 -78.76 -0.47 3.97
C PHE E 360 -79.16 -1.91 4.29
N ARG E 361 -79.94 -2.53 3.40
CA ARG E 361 -80.34 -3.91 3.61
C ARG E 361 -79.12 -4.84 3.61
N LEU E 362 -78.16 -4.59 2.71
CA LEU E 362 -76.97 -5.43 2.65
C LEU E 362 -76.18 -5.35 3.94
N GLY E 363 -76.11 -4.16 4.54
CA GLY E 363 -75.48 -4.04 5.84
C GLY E 363 -76.20 -4.83 6.92
N GLN E 364 -77.54 -4.80 6.90
CA GLN E 364 -78.31 -5.59 7.85
C GLN E 364 -78.03 -7.08 7.68
N LYS E 365 -77.96 -7.54 6.43
CA LYS E 365 -77.62 -8.94 6.19
C LYS E 365 -76.16 -9.23 6.53
N SER E 366 -75.29 -8.22 6.40
CA SER E 366 -73.88 -8.43 6.66
C SER E 366 -73.62 -8.78 8.12
N ALA E 367 -74.33 -8.15 9.05
CA ALA E 367 -74.09 -8.38 10.47
C ALA E 367 -74.41 -9.82 10.87
N ARG E 368 -75.54 -10.36 10.38
CA ARG E 368 -76.03 -11.65 10.83
C ARG E 368 -76.01 -12.71 9.73
N HIS E 369 -76.64 -12.45 8.59
CA HIS E 369 -76.84 -13.48 7.57
C HIS E 369 -75.64 -13.70 6.68
N HIS E 370 -74.60 -12.87 6.78
CA HIS E 370 -73.50 -12.95 5.82
C HIS E 370 -72.62 -14.15 6.14
N ALA E 371 -71.96 -14.14 7.29
CA ALA E 371 -71.05 -15.20 7.70
C ALA E 371 -70.60 -14.93 9.13
N GLY E 372 -69.90 -15.90 9.71
CA GLY E 372 -69.32 -15.71 11.03
C GLY E 372 -68.24 -14.66 11.05
N GLY E 373 -67.40 -14.62 10.02
CA GLY E 373 -66.36 -13.61 9.91
C GLY E 373 -65.14 -13.86 10.77
N ILE E 374 -64.42 -14.95 10.49
CA ILE E 374 -63.18 -15.24 11.20
C ILE E 374 -62.04 -14.52 10.50
N ASP E 375 -61.39 -13.60 11.22
CA ASP E 375 -60.30 -12.81 10.68
C ASP E 375 -59.01 -13.61 10.87
N GLN E 376 -57.90 -13.10 10.32
CA GLN E 376 -56.61 -13.78 10.44
C GLN E 376 -56.28 -14.07 11.90
N ASN E 377 -56.04 -15.34 12.21
CA ASN E 377 -55.86 -15.82 13.57
C ASN E 377 -54.37 -15.99 13.84
N MET E 378 -53.83 -15.18 14.76
CA MET E 378 -52.46 -15.37 15.21
C MET E 378 -52.29 -16.72 15.89
N ALA E 379 -53.25 -17.10 16.73
CA ALA E 379 -53.27 -18.43 17.31
C ALA E 379 -53.91 -19.41 16.32
N ASN E 380 -53.22 -20.51 16.06
CA ASN E 380 -53.67 -21.47 15.06
C ASN E 380 -54.71 -22.39 15.68
N LYS E 381 -55.97 -22.18 15.31
CA LYS E 381 -57.09 -22.98 15.82
C LYS E 381 -57.55 -23.91 14.69
N LEU E 382 -56.89 -25.07 14.61
CA LEU E 382 -57.20 -26.02 13.54
C LEU E 382 -58.57 -26.66 13.72
N GLY E 383 -59.05 -26.74 14.95
CA GLY E 383 -60.34 -27.35 15.23
C GLY E 383 -61.47 -26.35 15.36
N LEU E 384 -61.26 -25.14 14.83
CA LEU E 384 -62.22 -24.05 14.96
C LEU E 384 -63.31 -24.08 13.90
N ASN E 385 -63.32 -25.09 13.03
CA ASN E 385 -64.38 -25.19 12.03
C ASN E 385 -65.74 -25.37 12.71
N SER E 386 -65.80 -26.23 13.71
CA SER E 386 -67.04 -26.40 14.47
C SER E 386 -67.28 -25.23 15.42
N ASP E 387 -66.20 -24.60 15.89
CA ASP E 387 -66.35 -23.43 16.76
C ASP E 387 -67.08 -22.30 16.05
N GLN E 388 -66.78 -22.09 14.77
CA GLN E 388 -67.51 -21.10 13.99
C GLN E 388 -68.98 -21.49 13.84
N VAL E 389 -69.25 -22.78 13.62
CA VAL E 389 -70.63 -23.23 13.46
C VAL E 389 -71.42 -22.99 14.74
N ALA E 390 -70.84 -23.32 15.89
CA ALA E 390 -71.51 -23.03 17.16
C ALA E 390 -71.71 -21.54 17.36
N GLU E 391 -70.71 -20.74 16.99
CA GLU E 391 -70.87 -19.29 17.02
C GLU E 391 -71.91 -18.82 16.01
N LEU E 392 -71.92 -19.44 14.83
CA LEU E 392 -72.90 -19.07 13.81
C LEU E 392 -74.30 -19.53 14.19
N ALA E 393 -74.40 -20.63 14.94
CA ALA E 393 -75.72 -21.11 15.38
C ALA E 393 -76.39 -20.10 16.29
N ALA E 394 -75.64 -19.49 17.19
CA ALA E 394 -76.15 -18.47 18.11
C ALA E 394 -77.34 -18.98 18.92
N MET F 1 -45.93 -1.67 -34.92
CA MET F 1 -45.26 -2.57 -34.00
C MET F 1 -45.39 -2.10 -32.55
N SER F 2 -44.40 -2.44 -31.73
CA SER F 2 -44.43 -2.08 -30.31
C SER F 2 -44.34 -0.57 -30.12
N ASP F 3 -43.54 0.10 -30.96
CA ASP F 3 -43.33 1.54 -30.78
C ASP F 3 -44.64 2.30 -30.97
N ILE F 4 -45.43 1.93 -31.98
CA ILE F 4 -46.73 2.55 -32.16
C ILE F 4 -47.65 2.17 -30.99
N PHE F 5 -48.73 2.94 -30.84
CA PHE F 5 -49.68 2.91 -29.74
C PHE F 5 -49.07 3.44 -28.44
N ASP F 6 -47.78 3.75 -28.43
CA ASP F 6 -47.14 4.52 -27.37
C ASP F 6 -46.69 5.89 -27.87
N GLU F 7 -46.15 5.93 -29.10
CA GLU F 7 -45.97 7.19 -29.79
C GLU F 7 -47.28 7.96 -29.88
N ALA F 8 -48.40 7.27 -30.08
CA ALA F 8 -49.69 7.95 -30.12
C ALA F 8 -50.04 8.55 -28.77
N ALA F 9 -49.78 7.81 -27.69
CA ALA F 9 -50.06 8.36 -26.36
C ALA F 9 -49.21 9.57 -26.07
N SER F 10 -47.92 9.51 -26.40
CA SER F 10 -47.06 10.68 -26.23
C SER F 10 -47.51 11.84 -27.09
N PHE F 11 -47.99 11.54 -28.31
CA PHE F 11 -48.48 12.58 -29.20
C PHE F 11 -49.71 13.27 -28.61
N ARG F 12 -50.65 12.51 -28.07
CA ARG F 12 -51.82 13.11 -27.45
C ARG F 12 -51.43 13.93 -26.21
N SER F 13 -50.50 13.41 -25.41
CA SER F 13 -50.05 14.15 -24.23
C SER F 13 -49.40 15.46 -24.61
N TYR F 14 -48.58 15.45 -25.66
CA TYR F 14 -47.95 16.69 -26.13
C TYR F 14 -48.98 17.63 -26.74
N GLN F 15 -49.97 17.08 -27.44
CA GLN F 15 -51.00 17.90 -28.07
C GLN F 15 -51.88 18.60 -27.05
N SER F 16 -52.13 17.95 -25.91
CA SER F 16 -52.95 18.57 -24.87
C SER F 16 -52.31 19.88 -24.39
N LYS F 17 -51.04 19.83 -24.00
CA LYS F 17 -50.29 21.01 -23.61
C LYS F 17 -49.44 21.52 -24.79
N LEU F 18 -50.14 21.90 -25.86
CA LEU F 18 -49.46 22.21 -27.11
C LEU F 18 -48.77 23.57 -27.05
N GLY F 19 -49.54 24.63 -26.86
CA GLY F 19 -48.97 25.97 -26.88
C GLY F 19 -49.18 26.74 -25.59
N ARG F 20 -49.54 26.04 -24.52
CA ARG F 20 -49.80 26.67 -23.23
C ARG F 20 -48.50 26.80 -22.43
N ASP F 21 -47.57 27.58 -22.98
CA ASP F 21 -46.27 27.78 -22.37
C ASP F 21 -45.81 29.20 -22.68
N GLY F 22 -44.88 29.69 -21.86
CA GLY F 22 -44.36 31.04 -22.03
C GLY F 22 -45.23 32.09 -21.37
N ARG F 23 -44.87 33.34 -21.61
CA ARG F 23 -45.57 34.49 -21.07
C ARG F 23 -46.09 35.38 -22.19
N ALA F 24 -47.33 35.83 -22.05
CA ALA F 24 -47.93 36.70 -23.04
C ALA F 24 -47.44 38.14 -22.87
N SER F 25 -47.72 38.96 -23.88
CA SER F 25 -47.31 40.36 -23.88
C SER F 25 -48.43 41.24 -23.33
N ALA F 26 -48.08 42.50 -23.07
CA ALA F 26 -49.03 43.49 -22.60
C ALA F 26 -49.81 44.15 -23.71
N ALA F 27 -49.54 43.81 -24.97
CA ALA F 27 -50.29 44.40 -26.08
C ALA F 27 -51.75 44.03 -26.01
N THR F 28 -52.06 42.78 -25.65
CA THR F 28 -53.44 42.32 -25.54
C THR F 28 -54.00 42.73 -24.17
N ALA F 29 -54.23 44.04 -24.04
CA ALA F 29 -54.74 44.63 -22.81
C ALA F 29 -56.17 45.11 -23.04
N THR F 30 -57.10 44.58 -22.26
CA THR F 30 -58.50 44.93 -22.41
C THR F 30 -58.73 46.38 -22.00
N LEU F 31 -59.68 47.02 -22.67
CA LEU F 31 -60.11 48.37 -22.28
C LEU F 31 -60.80 48.31 -20.93
N THR F 32 -60.48 49.28 -20.07
CA THR F 32 -60.94 49.27 -18.69
C THR F 32 -62.09 50.27 -18.50
N THR F 33 -63.04 49.91 -17.66
CA THR F 33 -64.18 50.74 -17.35
C THR F 33 -64.11 51.18 -15.89
N LYS F 34 -64.37 52.46 -15.64
CA LYS F 34 -64.34 52.97 -14.27
C LYS F 34 -65.56 52.48 -13.50
N ILE F 35 -65.33 52.00 -12.27
CA ILE F 35 -66.37 51.49 -11.41
C ILE F 35 -66.31 52.23 -10.08
N ARG F 36 -67.39 52.93 -9.73
CA ARG F 36 -67.43 53.74 -8.52
C ARG F 36 -68.01 52.93 -7.38
N ILE F 37 -67.22 52.71 -6.33
CA ILE F 37 -67.59 51.86 -5.20
C ILE F 37 -67.73 52.74 -3.97
N PHE F 38 -68.88 52.64 -3.29
CA PHE F 38 -69.18 53.42 -2.10
C PHE F 38 -68.90 52.55 -0.88
N VAL F 39 -67.80 52.80 -0.20
CA VAL F 39 -67.43 52.03 0.99
C VAL F 39 -67.65 52.90 2.23
N PRO F 40 -68.01 52.29 3.37
CA PRO F 40 -68.15 53.09 4.60
C PRO F 40 -66.80 53.50 5.14
N ALA F 41 -66.66 54.79 5.44
CA ALA F 41 -65.39 55.30 5.96
C ALA F 41 -65.19 54.95 7.42
N THR F 42 -66.25 54.98 8.22
CA THR F 42 -66.19 54.77 9.66
C THR F 42 -66.80 53.42 10.01
N ASN F 43 -66.86 53.16 11.32
CA ASN F 43 -67.42 51.92 11.85
C ASN F 43 -68.75 52.13 12.55
N SER F 44 -69.35 53.31 12.42
CA SER F 44 -70.61 53.59 13.08
C SER F 44 -71.71 52.70 12.50
N PRO F 45 -72.45 51.97 13.34
CA PRO F 45 -73.45 51.03 12.79
C PRO F 45 -74.55 51.71 11.97
N GLU F 46 -74.97 52.91 12.35
CA GLU F 46 -76.04 53.58 11.62
C GLU F 46 -75.62 53.89 10.19
N LEU F 47 -74.39 54.37 10.01
CA LEU F 47 -73.90 54.70 8.69
C LEU F 47 -73.80 53.46 7.80
N ARG F 48 -73.28 52.37 8.37
CA ARG F 48 -73.17 51.13 7.60
C ARG F 48 -74.54 50.57 7.24
N TRP F 49 -75.50 50.65 8.17
CA TRP F 49 -76.85 50.17 7.87
C TRP F 49 -77.49 51.01 6.78
N GLU F 50 -77.33 52.33 6.83
CA GLU F 50 -77.85 53.18 5.77
C GLU F 50 -77.18 52.87 4.44
N LEU F 51 -75.87 52.61 4.47
CA LEU F 51 -75.15 52.29 3.25
C LEU F 51 -75.64 51.00 2.62
N THR F 52 -75.85 49.95 3.43
CA THR F 52 -76.31 48.69 2.86
C THR F 52 -77.76 48.80 2.39
N LEU F 53 -78.59 49.60 3.08
CA LEU F 53 -79.93 49.86 2.57
C LEU F 53 -79.87 50.57 1.22
N PHE F 54 -78.99 51.56 1.09
CA PHE F 54 -78.84 52.25 -0.18
C PHE F 54 -78.36 51.32 -1.28
N ALA F 55 -77.42 50.42 -0.95
CA ALA F 55 -76.93 49.47 -1.94
C ALA F 55 -78.03 48.51 -2.37
N LEU F 56 -78.85 48.05 -1.42
CA LEU F 56 -80.00 47.22 -1.77
C LEU F 56 -80.94 47.96 -2.71
N ASP F 57 -81.22 49.23 -2.42
CA ASP F 57 -82.10 50.00 -3.29
C ASP F 57 -81.50 50.16 -4.68
N VAL F 58 -80.20 50.44 -4.76
CA VAL F 58 -79.56 50.63 -6.06
C VAL F 58 -79.61 49.34 -6.88
N ILE F 59 -79.33 48.20 -6.24
CA ILE F 59 -79.41 46.93 -6.95
C ILE F 59 -80.83 46.66 -7.41
N ARG F 60 -81.81 46.93 -6.55
CA ARG F 60 -83.20 46.75 -6.94
C ARG F 60 -83.67 47.77 -7.98
N SER F 61 -82.97 48.90 -8.10
CA SER F 61 -83.41 49.96 -8.99
C SER F 61 -83.39 49.50 -10.44
N PRO F 62 -84.42 49.80 -11.23
CA PRO F 62 -84.40 49.42 -12.65
C PRO F 62 -83.68 50.45 -13.53
N SER F 63 -83.65 51.69 -13.08
CA SER F 63 -83.02 52.78 -13.83
C SER F 63 -81.52 52.87 -13.58
N ALA F 64 -80.97 52.01 -12.73
CA ALA F 64 -79.55 52.08 -12.43
C ALA F 64 -78.71 51.57 -13.60
N ALA F 65 -77.62 52.28 -13.88
CA ALA F 65 -76.66 51.80 -14.86
C ALA F 65 -75.93 50.59 -14.32
N GLU F 66 -75.35 49.81 -15.25
CA GLU F 66 -74.70 48.57 -14.85
C GLU F 66 -73.50 48.84 -13.94
N SER F 67 -72.74 49.90 -14.22
CA SER F 67 -71.60 50.22 -13.38
C SER F 67 -72.04 50.55 -11.95
N MET F 68 -73.16 51.27 -11.81
CA MET F 68 -73.68 51.55 -10.48
C MET F 68 -74.10 50.27 -9.77
N LYS F 69 -74.69 49.33 -10.51
CA LYS F 69 -75.07 48.05 -9.91
C LYS F 69 -73.84 47.27 -9.44
N ILE F 70 -72.76 47.28 -10.23
CA ILE F 70 -71.54 46.61 -9.81
C ILE F 70 -70.96 47.28 -8.58
N GLY F 71 -70.99 48.62 -8.55
CA GLY F 71 -70.53 49.32 -7.36
C GLY F 71 -71.32 48.97 -6.12
N ALA F 72 -72.65 48.89 -6.27
CA ALA F 72 -73.49 48.50 -5.13
C ALA F 72 -73.20 47.08 -4.70
N ALA F 73 -72.99 46.17 -5.66
CA ALA F 73 -72.65 44.79 -5.31
C ALA F 73 -71.33 44.71 -4.56
N PHE F 74 -70.32 45.46 -5.01
CA PHE F 74 -69.04 45.48 -4.32
C PHE F 74 -69.17 46.09 -2.93
N THR F 75 -70.00 47.12 -2.79
CA THR F 75 -70.25 47.70 -1.49
C THR F 75 -70.90 46.69 -0.55
N LEU F 76 -71.86 45.92 -1.05
CA LEU F 76 -72.52 44.91 -0.23
C LEU F 76 -71.55 43.82 0.19
N ILE F 77 -70.80 43.28 -0.77
CA ILE F 77 -69.97 42.10 -0.49
C ILE F 77 -68.94 42.40 0.59
N SER F 78 -68.32 43.58 0.53
CA SER F 78 -67.27 43.95 1.46
C SER F 78 -67.77 44.70 2.68
N MET F 79 -69.09 44.69 2.91
CA MET F 79 -69.64 45.45 4.03
C MET F 79 -69.23 44.88 5.38
N TYR F 80 -69.08 43.55 5.47
CA TYR F 80 -68.75 42.93 6.75
C TYR F 80 -67.39 43.35 7.26
N SER F 81 -66.43 43.59 6.37
CA SER F 81 -65.08 43.91 6.79
C SER F 81 -65.02 45.28 7.45
N GLU F 82 -64.10 45.42 8.40
CA GLU F 82 -63.90 46.69 9.08
C GLU F 82 -63.25 47.73 8.18
N ARG F 83 -62.50 47.30 7.17
CA ARG F 83 -61.87 48.20 6.20
C ARG F 83 -62.26 47.72 4.81
N PRO F 84 -63.48 48.04 4.36
CA PRO F 84 -63.91 47.56 3.03
C PRO F 84 -63.01 48.01 1.89
N GLY F 85 -62.48 49.22 1.96
CA GLY F 85 -61.61 49.69 0.89
C GLY F 85 -60.35 48.86 0.78
N ALA F 86 -59.72 48.55 1.92
CA ALA F 86 -58.52 47.71 1.91
C ALA F 86 -58.83 46.32 1.39
N LEU F 87 -59.97 45.75 1.79
CA LEU F 87 -60.35 44.43 1.31
C LEU F 87 -60.55 44.43 -0.20
N ILE F 88 -61.24 45.44 -0.73
CA ILE F 88 -61.46 45.51 -2.17
C ILE F 88 -60.15 45.70 -2.92
N ARG F 89 -59.29 46.59 -2.43
CA ARG F 89 -58.06 46.89 -3.14
C ARG F 89 -57.06 45.73 -3.07
N SER F 90 -57.10 44.95 -1.99
CA SER F 90 -56.16 43.85 -1.81
C SER F 90 -56.70 42.51 -2.28
N LEU F 91 -57.91 42.47 -2.83
CA LEU F 91 -58.50 41.24 -3.32
C LEU F 91 -59.20 41.46 -4.66
N LEU F 92 -58.57 42.26 -5.53
CA LEU F 92 -59.12 42.56 -6.85
C LEU F 92 -58.09 42.15 -7.90
N ASN F 93 -58.50 41.29 -8.82
CA ASN F 93 -57.64 40.82 -9.91
C ASN F 93 -58.42 40.85 -11.22
N ASP F 94 -59.11 41.96 -11.48
CA ASP F 94 -59.94 42.09 -12.66
C ASP F 94 -59.29 43.03 -13.67
N PRO F 95 -58.70 42.52 -14.76
CA PRO F 95 -58.20 43.42 -15.80
C PRO F 95 -59.30 44.16 -16.54
N ASP F 96 -60.54 43.67 -16.48
CA ASP F 96 -61.63 44.32 -17.21
C ASP F 96 -61.97 45.69 -16.63
N ILE F 97 -61.87 45.85 -15.31
CA ILE F 97 -62.38 47.03 -14.63
C ILE F 97 -61.26 47.66 -13.81
N GLU F 98 -61.45 48.95 -13.52
CA GLU F 98 -60.66 49.67 -12.54
C GLU F 98 -61.61 50.22 -11.48
N ALA F 99 -61.25 50.02 -10.22
CA ALA F 99 -62.11 50.39 -9.10
C ALA F 99 -61.58 51.67 -8.46
N VAL F 100 -62.46 52.67 -8.34
CA VAL F 100 -62.15 53.91 -7.64
C VAL F 100 -62.92 53.87 -6.32
N ILE F 101 -62.19 53.63 -5.23
CA ILE F 101 -62.82 53.50 -3.92
C ILE F 101 -63.20 54.88 -3.40
N ILE F 102 -64.44 55.01 -2.94
CA ILE F 102 -64.98 56.27 -2.45
C ILE F 102 -65.41 56.08 -1.01
N ASP F 103 -64.70 56.70 -0.08
CA ASP F 103 -65.10 56.70 1.31
C ASP F 103 -66.34 57.57 1.49
N VAL F 104 -67.40 56.98 2.04
CA VAL F 104 -68.68 57.66 2.09
C VAL F 104 -68.62 58.87 3.02
N GLY F 105 -68.04 58.69 4.21
CA GLY F 105 -67.90 59.80 5.12
C GLY F 105 -69.08 59.98 6.05
N SER F 106 -69.96 60.92 5.72
CA SER F 106 -71.21 61.12 6.44
C SER F 106 -72.34 60.49 5.63
N MET F 107 -73.58 60.67 6.09
CA MET F 107 -74.70 59.99 5.43
C MET F 107 -75.95 60.87 5.46
N LEU F 108 -76.39 61.30 4.28
CA LEU F 108 -77.71 61.88 4.09
C LEU F 108 -78.65 60.76 3.65
N ASN F 109 -79.83 61.13 3.14
CA ASN F 109 -80.73 60.12 2.57
C ASN F 109 -80.03 59.32 1.47
N GLY F 110 -79.34 60.02 0.57
CA GLY F 110 -78.49 59.37 -0.41
C GLY F 110 -77.08 59.23 0.13
N ILE F 111 -76.10 59.79 -0.57
CA ILE F 111 -74.75 59.90 -0.03
C ILE F 111 -74.25 61.32 -0.21
N PRO F 112 -73.66 61.94 0.81
CA PRO F 112 -73.02 63.24 0.63
C PRO F 112 -71.59 63.06 0.13
N VAL F 113 -71.33 63.58 -1.08
CA VAL F 113 -69.98 63.49 -1.63
C VAL F 113 -69.01 64.31 -0.80
N MET F 114 -69.46 65.47 -0.30
CA MET F 114 -68.67 66.33 0.58
C MET F 114 -67.31 66.65 -0.03
N GLU F 115 -67.31 67.13 -1.28
CA GLU F 115 -66.08 67.50 -1.97
C GLU F 115 -66.43 68.59 -2.98
N ARG F 116 -66.11 69.84 -2.62
CA ARG F 116 -66.37 70.99 -3.48
C ARG F 116 -67.85 71.07 -3.86
N ARG F 117 -68.68 71.29 -2.84
CA ARG F 117 -70.13 71.34 -3.05
C ARG F 117 -70.49 72.40 -4.08
N GLY F 118 -71.36 72.02 -5.02
CA GLY F 118 -71.72 72.86 -6.14
C GLY F 118 -70.92 72.56 -7.39
N ASP F 119 -69.67 72.12 -7.21
CA ASP F 119 -68.79 71.80 -8.34
C ASP F 119 -68.90 70.32 -8.63
N LYS F 120 -69.65 69.97 -9.68
CA LYS F 120 -69.77 68.60 -10.16
C LYS F 120 -70.27 67.64 -9.07
N ALA F 121 -71.18 68.12 -8.22
CA ALA F 121 -71.71 67.30 -7.15
C ALA F 121 -73.24 67.28 -7.17
N GLN F 122 -73.83 68.41 -7.56
CA GLN F 122 -75.29 68.51 -7.58
C GLN F 122 -75.89 67.51 -8.57
N GLU F 123 -75.27 67.36 -9.74
CA GLU F 123 -75.79 66.41 -10.72
C GLU F 123 -75.74 64.97 -10.18
N GLU F 124 -74.66 64.62 -9.50
CA GLU F 124 -74.56 63.29 -8.91
C GLU F 124 -75.62 63.09 -7.82
N MET F 125 -75.86 64.13 -7.01
CA MET F 125 -76.88 64.03 -5.99
C MET F 125 -78.27 63.82 -6.60
N GLU F 126 -78.59 64.58 -7.65
CA GLU F 126 -79.87 64.40 -8.32
C GLU F 126 -79.96 63.02 -8.95
N GLY F 127 -78.87 62.52 -9.52
CA GLY F 127 -78.88 61.18 -10.07
C GLY F 127 -79.15 60.11 -9.02
N LEU F 128 -78.53 60.25 -7.85
CA LEU F 128 -78.75 59.28 -6.78
C LEU F 128 -80.18 59.37 -6.24
N MET F 129 -80.72 60.59 -6.12
CA MET F 129 -82.13 60.73 -5.72
C MET F 129 -83.06 60.10 -6.74
N ARG F 130 -82.78 60.27 -8.04
CA ARG F 130 -83.58 59.61 -9.06
C ARG F 130 -83.49 58.10 -8.94
N ILE F 131 -82.28 57.59 -8.67
CA ILE F 131 -82.10 56.15 -8.52
C ILE F 131 -82.95 55.64 -7.37
N LEU F 132 -82.89 56.32 -6.22
CA LEU F 132 -83.67 55.89 -5.07
C LEU F 132 -85.17 55.96 -5.35
N LYS F 133 -85.62 57.05 -5.98
CA LYS F 133 -87.05 57.19 -6.27
C LYS F 133 -87.53 56.10 -7.22
N THR F 134 -86.76 55.82 -8.27
CA THR F 134 -87.14 54.77 -9.22
C THR F 134 -87.12 53.41 -8.54
N ALA F 135 -86.15 53.16 -7.66
CA ALA F 135 -86.11 51.88 -6.95
C ALA F 135 -87.32 51.71 -6.06
N ARG F 136 -87.73 52.76 -5.36
CA ARG F 136 -88.87 52.65 -4.45
C ARG F 136 -90.18 52.55 -5.22
N GLU F 137 -90.30 53.27 -6.34
CA GLU F 137 -91.54 53.25 -7.11
C GLU F 137 -91.68 51.98 -7.95
N SER F 138 -90.57 51.35 -8.34
CA SER F 138 -90.64 50.21 -9.26
C SER F 138 -91.43 49.07 -8.65
N SER F 139 -91.09 48.67 -7.43
CA SER F 139 -91.88 47.65 -6.75
C SER F 139 -93.20 48.24 -6.29
N LYS F 140 -94.15 47.35 -5.97
CA LYS F 140 -95.47 47.79 -5.54
C LYS F 140 -95.45 48.17 -4.07
N GLY F 141 -94.53 49.08 -3.70
CA GLY F 141 -94.35 49.42 -2.31
C GLY F 141 -93.67 48.36 -1.48
N LYS F 142 -93.13 47.33 -2.12
CA LYS F 142 -92.53 46.20 -1.42
C LYS F 142 -91.06 46.47 -1.15
N THR F 143 -90.67 46.38 0.12
CA THR F 143 -89.29 46.54 0.51
C THR F 143 -88.48 45.32 0.06
N PRO F 144 -87.15 45.46 -0.08
CA PRO F 144 -86.34 44.30 -0.44
C PRO F 144 -86.45 43.15 0.54
N PHE F 145 -86.62 43.44 1.83
CA PHE F 145 -86.78 42.39 2.82
C PHE F 145 -88.19 41.82 2.78
N VAL F 146 -88.31 40.54 3.13
CA VAL F 146 -89.62 39.90 3.20
C VAL F 146 -90.47 40.47 4.32
N ASP F 147 -89.86 41.19 5.25
CA ASP F 147 -90.56 41.86 6.34
C ASP F 147 -90.50 43.35 6.12
N SER F 148 -91.66 44.01 6.03
CA SER F 148 -91.69 45.44 5.77
C SER F 148 -91.08 46.23 6.92
N ARG F 149 -91.06 45.67 8.13
CA ARG F 149 -90.46 46.35 9.27
C ARG F 149 -88.93 46.33 9.21
N ALA F 150 -88.35 45.38 8.49
CA ALA F 150 -86.89 45.29 8.40
C ALA F 150 -86.28 46.39 7.55
N TYR F 151 -87.10 47.07 6.74
CA TYR F 151 -86.56 48.14 5.89
C TYR F 151 -86.41 49.44 6.67
N GLY F 152 -87.52 49.97 7.20
CA GLY F 152 -87.46 51.17 8.00
C GLY F 152 -87.10 50.89 9.44
N LEU F 153 -86.01 50.16 9.65
CA LEU F 153 -85.56 49.78 10.98
C LEU F 153 -84.34 50.60 11.36
N ARG F 154 -84.39 51.22 12.53
CA ARG F 154 -83.26 51.99 13.03
C ARG F 154 -82.27 51.06 13.71
N ILE F 155 -80.99 51.17 13.33
CA ILE F 155 -79.93 50.35 13.89
C ILE F 155 -78.91 51.27 14.55
N THR F 156 -78.69 51.05 15.84
CA THR F 156 -77.64 51.73 16.58
C THR F 156 -76.71 50.79 17.33
N ASP F 157 -77.10 49.55 17.56
CA ASP F 157 -76.27 48.57 18.24
C ASP F 157 -75.38 47.86 17.23
N MET F 158 -74.12 47.64 17.61
CA MET F 158 -73.18 46.99 16.71
C MET F 158 -73.60 45.54 16.44
N SER F 159 -74.11 44.84 17.45
CA SER F 159 -74.48 43.44 17.28
C SER F 159 -75.61 43.28 16.26
N THR F 160 -76.62 44.14 16.34
CA THR F 160 -77.73 44.06 15.40
C THR F 160 -77.27 44.34 13.97
N LEU F 161 -76.40 45.35 13.80
CA LEU F 161 -75.86 45.63 12.49
C LEU F 161 -75.08 44.45 11.95
N VAL F 162 -74.26 43.83 12.80
CA VAL F 162 -73.46 42.69 12.37
C VAL F 162 -74.36 41.54 11.94
N SER F 163 -75.41 41.27 12.73
CA SER F 163 -76.32 40.17 12.39
C SER F 163 -77.02 40.43 11.06
N ALA F 164 -77.55 41.65 10.88
CA ALA F 164 -78.25 41.98 9.64
C ALA F 164 -77.30 41.90 8.44
N VAL F 165 -76.09 42.43 8.59
CA VAL F 165 -75.12 42.39 7.50
C VAL F 165 -74.76 40.95 7.15
N ILE F 166 -74.57 40.11 8.17
CA ILE F 166 -74.24 38.71 7.92
C ILE F 166 -75.37 38.02 7.19
N THR F 167 -76.63 38.30 7.58
CA THR F 167 -77.76 37.68 6.90
C THR F 167 -77.81 38.10 5.44
N ILE F 168 -77.62 39.40 5.18
CA ILE F 168 -77.65 39.88 3.79
C ILE F 168 -76.51 39.26 2.99
N GLU F 169 -75.32 39.19 3.57
CA GLU F 169 -74.18 38.58 2.89
C GLU F 169 -74.46 37.12 2.57
N ALA F 170 -75.00 36.37 3.53
CA ALA F 170 -75.30 34.96 3.28
C ALA F 170 -76.32 34.82 2.16
N GLN F 171 -77.40 35.59 2.22
CA GLN F 171 -78.43 35.48 1.19
C GLN F 171 -77.90 35.86 -0.18
N ILE F 172 -76.97 36.80 -0.25
CA ILE F 172 -76.33 37.11 -1.54
C ILE F 172 -75.44 35.96 -1.99
N TRP F 173 -74.64 35.41 -1.07
CA TRP F 173 -73.68 34.37 -1.40
C TRP F 173 -74.32 33.03 -1.73
N ILE F 174 -75.60 32.83 -1.40
CA ILE F 174 -76.26 31.59 -1.83
C ILE F 174 -76.36 31.54 -3.35
N LEU F 175 -76.55 32.70 -4.00
CA LEU F 175 -76.87 32.72 -5.41
C LEU F 175 -75.70 32.27 -6.28
N ILE F 176 -74.46 32.44 -5.81
CA ILE F 176 -73.29 32.18 -6.66
C ILE F 176 -73.22 30.72 -7.06
N ALA F 177 -73.75 29.81 -6.24
CA ALA F 177 -73.63 28.39 -6.53
C ALA F 177 -74.30 28.02 -7.85
N LYS F 178 -75.49 28.56 -8.11
CA LYS F 178 -76.26 28.25 -9.30
C LYS F 178 -76.67 29.53 -10.02
N ALA F 179 -75.72 30.45 -10.20
CA ALA F 179 -75.99 31.70 -10.90
C ALA F 179 -75.72 31.59 -12.39
N VAL F 180 -74.70 30.85 -12.79
CA VAL F 180 -74.35 30.72 -14.19
C VAL F 180 -74.64 29.32 -14.74
N THR F 181 -74.67 28.29 -13.90
CA THR F 181 -74.96 26.94 -14.39
C THR F 181 -76.41 26.82 -14.84
N ALA F 182 -77.34 27.04 -13.91
CA ALA F 182 -78.77 27.00 -14.22
C ALA F 182 -79.50 27.98 -13.32
N PRO F 183 -79.40 29.27 -13.61
CA PRO F 183 -80.09 30.26 -12.77
C PRO F 183 -81.59 30.11 -12.74
N ASP F 184 -82.20 29.67 -13.85
CA ASP F 184 -83.65 29.52 -13.89
C ASP F 184 -84.11 28.40 -12.96
N THR F 185 -83.38 27.28 -12.94
CA THR F 185 -83.74 26.13 -12.12
C THR F 185 -83.31 26.28 -10.67
N ALA F 186 -83.01 27.50 -10.22
CA ALA F 186 -82.61 27.77 -8.85
C ALA F 186 -83.87 27.93 -7.98
N GLU F 187 -83.68 28.48 -6.78
CA GLU F 187 -84.68 28.77 -5.75
C GLU F 187 -85.08 27.51 -4.99
N GLU F 188 -84.62 26.33 -5.37
CA GLU F 188 -84.82 25.12 -4.57
C GLU F 188 -83.60 24.83 -3.71
N SER F 189 -82.43 24.71 -4.33
CA SER F 189 -81.20 24.55 -3.56
C SER F 189 -80.90 25.80 -2.74
N GLU F 190 -81.23 26.98 -3.28
CA GLU F 190 -81.05 28.20 -2.52
C GLU F 190 -81.92 28.22 -1.28
N THR F 191 -83.18 27.83 -1.40
CA THR F 191 -84.06 27.76 -0.24
C THR F 191 -83.57 26.71 0.74
N ARG F 192 -83.03 25.60 0.24
CA ARG F 192 -82.49 24.58 1.13
C ARG F 192 -81.29 25.11 1.91
N ARG F 193 -80.40 25.84 1.25
CA ARG F 193 -79.26 26.43 1.95
C ARG F 193 -79.72 27.44 2.99
N TRP F 194 -80.70 28.28 2.64
CA TRP F 194 -81.22 29.26 3.60
C TRP F 194 -81.84 28.57 4.80
N ALA F 195 -82.62 27.51 4.57
CA ALA F 195 -83.21 26.77 5.68
C ALA F 195 -82.14 26.14 6.55
N LYS F 196 -81.09 25.59 5.93
CA LYS F 196 -80.00 24.99 6.70
C LYS F 196 -79.34 26.03 7.60
N TYR F 197 -79.05 27.20 7.05
CA TYR F 197 -78.38 28.23 7.84
C TYR F 197 -79.30 28.81 8.90
N VAL F 198 -80.62 28.83 8.65
CA VAL F 198 -81.56 29.28 9.67
C VAL F 198 -81.62 28.28 10.81
N GLN F 199 -81.66 26.98 10.50
CA GLN F 199 -81.71 25.96 11.55
C GLN F 199 -80.44 25.96 12.39
N GLN F 200 -79.31 26.33 11.78
CA GLN F 200 -78.06 26.45 12.51
C GLN F 200 -77.99 27.75 13.32
N LYS F 201 -78.96 28.63 13.16
CA LYS F 201 -79.02 29.93 13.85
C LYS F 201 -77.82 30.80 13.52
N ARG F 202 -77.16 30.56 12.39
CA ARG F 202 -76.07 31.44 11.96
C ARG F 202 -76.61 32.75 11.40
N VAL F 203 -77.83 32.74 10.88
CA VAL F 203 -78.45 33.91 10.28
C VAL F 203 -79.77 34.18 11.00
N ASN F 204 -80.02 35.44 11.29
CA ASN F 204 -81.29 35.86 11.87
C ASN F 204 -82.33 35.99 10.77
N PRO F 205 -83.41 35.21 10.79
CA PRO F 205 -84.35 35.21 9.65
C PRO F 205 -85.14 36.50 9.51
N PHE F 206 -85.04 37.43 10.44
CA PHE F 206 -85.78 38.68 10.33
C PHE F 206 -85.35 39.47 9.10
N PHE F 207 -84.05 39.51 8.82
CA PHE F 207 -83.52 40.19 7.64
C PHE F 207 -83.44 39.18 6.49
N ALA F 208 -84.61 38.86 5.94
CA ALA F 208 -84.72 37.95 4.81
C ALA F 208 -85.25 38.73 3.61
N LEU F 209 -84.48 38.77 2.53
CA LEU F 209 -84.88 39.51 1.35
C LEU F 209 -85.94 38.74 0.56
N THR F 210 -86.80 39.48 -0.13
CA THR F 210 -87.84 38.86 -0.92
C THR F 210 -87.25 38.19 -2.15
N GLN F 211 -88.06 37.33 -2.79
CA GLN F 211 -87.57 36.58 -3.93
C GLN F 211 -87.41 37.45 -5.17
N GLN F 212 -88.16 38.55 -5.27
CA GLN F 212 -87.98 39.47 -6.39
C GLN F 212 -86.59 40.09 -6.36
N TRP F 213 -86.18 40.58 -5.20
CA TRP F 213 -84.84 41.15 -5.07
C TRP F 213 -83.77 40.09 -5.31
N LEU F 214 -84.01 38.87 -4.83
CA LEU F 214 -83.05 37.80 -5.06
C LEU F 214 -82.92 37.48 -6.54
N THR F 215 -84.03 37.48 -7.28
CA THR F 215 -83.97 37.24 -8.71
C THR F 215 -83.23 38.36 -9.42
N GLU F 216 -83.48 39.61 -9.03
CA GLU F 216 -82.76 40.73 -9.63
C GLU F 216 -81.27 40.63 -9.37
N MET F 217 -80.88 40.30 -8.13
CA MET F 217 -79.48 40.18 -7.80
C MET F 217 -78.83 39.01 -8.54
N ARG F 218 -79.55 37.90 -8.69
CA ARG F 218 -79.01 36.76 -9.43
C ARG F 218 -78.82 37.11 -10.90
N ASN F 219 -79.76 37.85 -11.48
CA ASN F 219 -79.59 38.30 -12.86
C ASN F 219 -78.39 39.21 -13.00
N LEU F 220 -78.21 40.15 -12.06
CA LEU F 220 -77.05 41.03 -12.10
C LEU F 220 -75.75 40.23 -11.97
N LEU F 221 -75.73 39.25 -11.08
CA LEU F 221 -74.53 38.45 -10.86
C LEU F 221 -74.21 37.60 -12.08
N SER F 222 -75.23 37.08 -12.76
CA SER F 222 -74.99 36.28 -13.95
C SER F 222 -74.51 37.14 -15.11
N GLN F 223 -75.07 38.35 -15.24
CA GLN F 223 -74.67 39.23 -16.34
C GLN F 223 -73.21 39.66 -16.21
N SER F 224 -72.77 39.96 -15.00
CA SER F 224 -71.46 40.57 -14.77
C SER F 224 -70.42 39.52 -14.40
N LEU F 225 -69.23 39.66 -14.96
CA LEU F 225 -68.10 38.79 -14.64
C LEU F 225 -67.18 39.35 -13.58
N SER F 226 -67.12 40.69 -13.44
CA SER F 226 -66.24 41.28 -12.44
C SER F 226 -66.67 40.91 -11.02
N VAL F 227 -67.97 40.96 -10.74
CA VAL F 227 -68.47 40.58 -9.43
C VAL F 227 -68.15 39.12 -9.15
N ARG F 228 -68.37 38.26 -10.15
CA ARG F 228 -68.05 36.84 -9.98
C ARG F 228 -66.58 36.63 -9.67
N LYS F 229 -65.70 37.35 -10.38
CA LYS F 229 -64.27 37.24 -10.13
C LYS F 229 -63.94 37.70 -8.72
N PHE F 230 -64.56 38.80 -8.26
CA PHE F 230 -64.28 39.29 -6.92
C PHE F 230 -64.68 38.27 -5.86
N MET F 231 -65.88 37.69 -5.99
CA MET F 231 -66.30 36.73 -4.98
C MET F 231 -65.53 35.42 -5.08
N VAL F 232 -65.07 35.04 -6.28
CA VAL F 232 -64.23 33.85 -6.40
C VAL F 232 -62.88 34.11 -5.73
N GLU F 233 -62.33 35.31 -5.88
CA GLU F 233 -61.09 35.65 -5.19
C GLU F 233 -61.28 35.62 -3.68
N ILE F 234 -62.42 36.14 -3.21
CA ILE F 234 -62.71 36.09 -1.78
C ILE F 234 -62.79 34.65 -1.31
N LEU F 235 -63.45 33.78 -2.10
CA LEU F 235 -63.55 32.37 -1.73
C LEU F 235 -62.18 31.72 -1.66
N MET F 236 -61.32 31.97 -2.66
CA MET F 236 -59.99 31.39 -2.65
C MET F 236 -59.17 31.87 -1.46
N GLU F 237 -59.25 33.17 -1.15
CA GLU F 237 -58.49 33.69 -0.02
C GLU F 237 -58.99 33.13 1.30
N VAL F 238 -60.30 33.01 1.46
CA VAL F 238 -60.86 32.47 2.69
C VAL F 238 -60.53 31.00 2.84
N LYS F 239 -60.51 30.26 1.73
CA LYS F 239 -60.21 28.83 1.76
C LYS F 239 -58.84 28.56 2.37
N LYS F 240 -57.87 29.45 2.13
CA LYS F 240 -56.54 29.30 2.71
C LYS F 240 -56.63 29.47 4.22
N GLY F 241 -56.39 28.39 4.95
CA GLY F 241 -56.43 28.42 6.40
C GLY F 241 -55.18 29.04 6.99
N GLY F 242 -55.17 29.11 8.32
CA GLY F 242 -54.03 29.63 9.04
C GLY F 242 -54.37 30.69 10.06
N SER F 243 -55.36 31.52 9.75
CA SER F 243 -55.78 32.61 10.62
C SER F 243 -57.16 32.34 11.18
N ALA F 244 -57.51 33.10 12.22
CA ALA F 244 -58.82 32.97 12.83
C ALA F 244 -59.89 33.46 11.86
N LYS F 245 -61.01 32.74 11.82
CA LYS F 245 -62.10 33.03 10.91
C LYS F 245 -63.28 33.61 11.68
N GLY F 246 -63.80 34.74 11.20
CA GLY F 246 -64.99 35.33 11.79
C GLY F 246 -66.25 34.65 11.28
N ARG F 247 -67.39 35.10 11.83
CA ARG F 247 -68.67 34.52 11.46
C ARG F 247 -68.95 34.67 9.97
N ALA F 248 -68.70 35.87 9.43
CA ALA F 248 -68.89 36.09 8.00
C ALA F 248 -67.97 35.22 7.18
N VAL F 249 -66.70 35.10 7.59
CA VAL F 249 -65.75 34.30 6.84
C VAL F 249 -66.11 32.82 6.92
N GLU F 250 -66.57 32.37 8.09
CA GLU F 250 -66.99 30.97 8.23
C GLU F 250 -68.19 30.67 7.35
N ILE F 251 -69.16 31.58 7.31
CA ILE F 251 -70.33 31.38 6.45
C ILE F 251 -69.91 31.36 4.99
N ILE F 252 -69.01 32.27 4.60
CA ILE F 252 -68.55 32.33 3.22
C ILE F 252 -67.84 31.04 2.83
N SER F 253 -66.99 30.51 3.71
CA SER F 253 -66.31 29.26 3.40
C SER F 253 -67.27 28.08 3.35
N ASP F 254 -68.26 28.06 4.25
CA ASP F 254 -69.25 26.99 4.21
C ASP F 254 -70.05 27.02 2.90
N ILE F 255 -70.37 28.22 2.42
CA ILE F 255 -71.05 28.35 1.13
C ILE F 255 -70.13 27.92 0.00
N GLY F 256 -68.87 28.35 0.04
CA GLY F 256 -67.90 27.95 -0.97
C GLY F 256 -67.67 26.46 -1.03
N ASN F 257 -67.95 25.75 0.08
CA ASN F 257 -67.93 24.29 0.03
C ASN F 257 -68.91 23.77 -1.01
N TYR F 258 -70.10 24.37 -1.08
CA TYR F 258 -71.06 24.01 -2.13
C TYR F 258 -70.67 24.63 -3.46
N VAL F 259 -70.02 25.79 -3.44
CA VAL F 259 -69.71 26.50 -4.69
C VAL F 259 -68.70 25.73 -5.52
N GLU F 260 -67.75 25.05 -4.89
CA GLU F 260 -66.64 24.43 -5.60
C GLU F 260 -67.13 23.43 -6.63
N GLU F 261 -66.37 23.33 -7.73
CA GLU F 261 -66.59 22.33 -8.78
C GLU F 261 -67.98 22.46 -9.41
N THR F 262 -68.56 23.65 -9.37
CA THR F 262 -69.86 23.86 -9.99
C THR F 262 -69.73 23.88 -11.51
N GLY F 263 -70.82 23.54 -12.18
CA GLY F 263 -70.87 23.58 -13.63
C GLY F 263 -69.99 22.56 -14.34
N MET F 264 -69.41 21.62 -13.62
CA MET F 264 -68.55 20.59 -14.20
C MET F 264 -68.97 19.21 -13.72
N ALA F 265 -70.27 19.02 -13.52
CA ALA F 265 -70.76 17.75 -12.99
C ALA F 265 -70.52 16.61 -13.97
N GLY F 266 -70.51 16.89 -15.26
CA GLY F 266 -70.25 15.84 -16.24
C GLY F 266 -68.88 15.21 -16.07
N PHE F 267 -67.84 16.05 -15.97
CA PHE F 267 -66.47 15.54 -15.88
C PHE F 267 -66.25 14.78 -14.57
N PHE F 268 -66.64 15.38 -13.45
CA PHE F 268 -66.39 14.75 -12.16
C PHE F 268 -67.26 13.51 -11.97
N ALA F 269 -68.48 13.53 -12.48
CA ALA F 269 -69.32 12.34 -12.47
C ALA F 269 -68.68 11.23 -13.30
N THR F 270 -68.19 11.58 -14.50
CA THR F 270 -67.47 10.60 -15.31
C THR F 270 -66.34 9.97 -14.52
N ILE F 271 -65.49 10.81 -13.93
CA ILE F 271 -64.37 10.31 -13.11
C ILE F 271 -64.89 9.34 -12.07
N ARG F 272 -65.73 9.85 -11.16
CA ARG F 272 -66.11 9.11 -9.96
C ARG F 272 -66.80 7.80 -10.30
N PHE F 273 -67.68 7.81 -11.31
CA PHE F 273 -68.49 6.63 -11.58
C PHE F 273 -67.86 5.72 -12.63
N GLY F 274 -67.63 6.25 -13.84
CA GLY F 274 -67.05 5.41 -14.88
C GLY F 274 -65.62 5.03 -14.61
N LEU F 275 -64.80 5.98 -14.16
CA LEU F 275 -63.37 5.71 -14.01
C LEU F 275 -63.11 4.86 -12.77
N GLU F 276 -63.46 5.38 -11.60
CA GLU F 276 -63.42 4.56 -10.39
C GLU F 276 -64.55 3.54 -10.42
N THR F 277 -64.67 2.77 -9.34
CA THR F 277 -65.59 1.64 -9.30
C THR F 277 -65.34 0.72 -10.49
N ARG F 278 -64.13 0.16 -10.51
CA ARG F 278 -63.63 -0.57 -11.67
C ARG F 278 -64.54 -1.72 -12.08
N TYR F 279 -65.16 -1.60 -13.26
CA TYR F 279 -66.07 -2.59 -13.79
C TYR F 279 -65.40 -3.39 -14.90
N PRO F 280 -65.64 -4.70 -14.99
CA PRO F 280 -65.08 -5.50 -16.08
C PRO F 280 -65.39 -4.97 -17.48
N ALA F 281 -66.38 -4.10 -17.59
CA ALA F 281 -66.78 -3.52 -18.87
C ALA F 281 -65.98 -2.29 -19.24
N LEU F 282 -64.99 -1.91 -18.44
CA LEU F 282 -64.22 -0.70 -18.73
C LEU F 282 -63.25 -0.94 -19.89
N ALA F 283 -62.34 -1.90 -19.75
CA ALA F 283 -61.40 -2.23 -20.82
C ALA F 283 -62.16 -2.98 -21.90
N LEU F 284 -62.61 -2.24 -22.91
CA LEU F 284 -63.45 -2.84 -23.95
C LEU F 284 -63.07 -2.34 -25.34
N ASN F 285 -61.92 -1.68 -25.49
CA ASN F 285 -61.33 -1.20 -26.74
C ASN F 285 -62.09 -0.06 -27.39
N GLU F 286 -63.22 0.37 -26.84
CA GLU F 286 -63.86 1.62 -27.25
C GLU F 286 -63.78 2.68 -26.17
N PHE F 287 -63.05 2.41 -25.08
CA PHE F 287 -62.88 3.36 -24.00
C PHE F 287 -61.44 3.80 -23.79
N GLN F 288 -60.48 3.24 -24.53
CA GLN F 288 -59.07 3.55 -24.27
C GLN F 288 -58.76 5.01 -24.61
N SER F 289 -59.27 5.51 -25.73
CA SER F 289 -59.05 6.90 -26.08
C SER F 289 -59.67 7.83 -25.05
N ASP F 290 -60.87 7.50 -24.58
CA ASP F 290 -61.52 8.31 -23.56
C ASP F 290 -60.73 8.29 -22.25
N LEU F 291 -60.18 7.12 -21.89
CA LEU F 291 -59.37 7.03 -20.68
C LEU F 291 -58.10 7.87 -20.80
N ASN F 292 -57.45 7.83 -21.96
CA ASN F 292 -56.27 8.67 -22.18
C ASN F 292 -56.63 10.15 -22.09
N THR F 293 -57.75 10.54 -22.70
CA THR F 293 -58.19 11.92 -22.62
C THR F 293 -58.48 12.32 -21.18
N ILE F 294 -59.07 11.40 -20.41
CA ILE F 294 -59.39 11.67 -19.01
C ILE F 294 -58.12 11.85 -18.19
N LYS F 295 -57.10 11.03 -18.45
CA LYS F 295 -55.82 11.18 -17.76
C LYS F 295 -55.18 12.52 -18.11
N GLY F 296 -55.21 12.90 -19.39
CA GLY F 296 -54.71 14.21 -19.77
C GLY F 296 -55.47 15.34 -19.12
N LEU F 297 -56.79 15.17 -18.96
CA LEU F 297 -57.60 16.18 -18.31
C LEU F 297 -57.27 16.27 -16.82
N MET F 298 -56.97 15.14 -16.18
CA MET F 298 -56.52 15.17 -14.79
C MET F 298 -55.22 15.94 -14.67
N LEU F 299 -54.28 15.69 -15.58
CA LEU F 299 -53.02 16.41 -15.56
C LEU F 299 -53.24 17.91 -15.77
N LEU F 300 -54.12 18.27 -16.70
CA LEU F 300 -54.41 19.67 -16.94
C LEU F 300 -55.06 20.33 -15.73
N TYR F 301 -55.98 19.62 -15.08
CA TYR F 301 -56.64 20.16 -13.90
C TYR F 301 -55.66 20.38 -12.77
N ARG F 302 -54.72 19.45 -12.59
CA ARG F 302 -53.68 19.66 -11.59
C ARG F 302 -52.78 20.85 -11.98
N GLU F 303 -52.55 21.02 -13.28
CA GLU F 303 -51.67 22.10 -13.75
C GLU F 303 -52.33 23.48 -13.63
N ILE F 304 -53.67 23.55 -13.67
CA ILE F 304 -54.33 24.86 -13.72
C ILE F 304 -54.02 25.67 -12.47
N GLY F 305 -54.19 25.08 -11.30
CA GLY F 305 -53.89 25.77 -10.07
C GLY F 305 -55.10 25.86 -9.14
N PRO F 306 -55.05 26.80 -8.19
CA PRO F 306 -56.15 26.94 -7.24
C PRO F 306 -57.44 27.47 -7.84
N ARG F 307 -57.41 27.98 -9.06
CA ARG F 307 -58.61 28.47 -9.74
C ARG F 307 -59.37 27.36 -10.46
N ALA F 308 -58.87 26.13 -10.42
CA ALA F 308 -59.49 25.04 -11.16
C ALA F 308 -60.94 24.77 -10.75
N PRO F 309 -61.28 24.60 -9.46
CA PRO F 309 -62.69 24.29 -9.14
C PRO F 309 -63.67 25.37 -9.58
N TYR F 310 -63.28 26.64 -9.49
CA TYR F 310 -64.11 27.74 -9.95
C TYR F 310 -63.79 28.12 -11.40
N MET F 311 -63.80 27.14 -12.30
CA MET F 311 -63.47 27.42 -13.69
C MET F 311 -64.68 27.93 -14.45
N VAL F 312 -65.87 27.38 -14.18
CA VAL F 312 -67.08 27.85 -14.85
C VAL F 312 -67.42 29.26 -14.40
N LEU F 313 -67.21 29.56 -13.11
CA LEU F 313 -67.52 30.89 -12.60
C LEU F 313 -66.69 31.97 -13.28
N LEU F 314 -65.38 31.72 -13.45
CA LEU F 314 -64.51 32.64 -14.16
C LEU F 314 -64.62 32.50 -15.67
N GLU F 315 -65.35 31.51 -16.16
CA GLU F 315 -65.56 31.30 -17.59
C GLU F 315 -64.23 31.12 -18.33
N GLU F 316 -63.32 30.37 -17.72
CA GLU F 316 -62.03 30.10 -18.35
C GLU F 316 -62.24 29.31 -19.64
N SER F 317 -61.41 29.62 -20.65
CA SER F 317 -61.48 28.91 -21.91
C SER F 317 -61.05 27.44 -21.78
N ILE F 318 -60.26 27.12 -20.75
CA ILE F 318 -59.85 25.75 -20.54
C ILE F 318 -61.02 24.86 -20.16
N GLN F 319 -62.14 25.46 -19.73
CA GLN F 319 -63.30 24.67 -19.30
C GLN F 319 -63.90 23.86 -20.43
N THR F 320 -63.89 24.39 -21.66
CA THR F 320 -64.51 23.69 -22.78
C THR F 320 -63.84 22.34 -23.02
N LYS F 321 -62.52 22.28 -22.87
CA LYS F 321 -61.82 21.02 -23.06
C LYS F 321 -62.22 19.99 -22.01
N PHE F 322 -62.74 20.44 -20.86
CA PHE F 322 -63.18 19.53 -19.83
C PHE F 322 -64.58 18.99 -20.07
N ALA F 323 -65.40 19.70 -20.85
CA ALA F 323 -66.80 19.32 -21.02
C ALA F 323 -66.91 18.01 -21.79
N PRO F 324 -67.92 17.21 -21.48
CA PRO F 324 -68.17 16.01 -22.29
C PRO F 324 -68.48 16.37 -23.73
N GLY F 325 -67.99 15.55 -24.65
CA GLY F 325 -68.04 15.86 -26.06
C GLY F 325 -66.74 15.47 -26.71
N GLY F 326 -65.65 15.56 -25.94
CA GLY F 326 -64.39 14.97 -26.31
C GLY F 326 -64.22 13.55 -25.85
N TYR F 327 -65.13 13.06 -25.00
CA TYR F 327 -65.15 11.67 -24.56
C TYR F 327 -66.58 11.21 -24.33
N PRO F 328 -67.45 11.29 -25.36
CA PRO F 328 -68.87 11.00 -25.13
C PRO F 328 -69.15 9.57 -24.70
N LEU F 329 -68.34 8.60 -25.15
CA LEU F 329 -68.63 7.20 -24.85
C LEU F 329 -68.47 6.91 -23.36
N LEU F 330 -67.29 7.21 -22.81
CA LEU F 330 -67.05 6.98 -21.40
C LEU F 330 -67.98 7.84 -20.54
N TRP F 331 -68.26 9.07 -20.97
CA TRP F 331 -69.20 9.91 -20.24
C TRP F 331 -70.58 9.28 -20.19
N SER F 332 -71.06 8.74 -21.31
CA SER F 332 -72.36 8.10 -21.33
C SER F 332 -72.39 6.88 -20.42
N PHE F 333 -71.33 6.06 -20.48
CA PHE F 333 -71.26 4.89 -19.62
C PHE F 333 -71.27 5.30 -18.14
N ALA F 334 -70.49 6.31 -17.79
CA ALA F 334 -70.41 6.77 -16.41
C ALA F 334 -71.72 7.34 -15.93
N MET F 335 -72.42 8.11 -16.77
CA MET F 335 -73.69 8.66 -16.32
C MET F 335 -74.77 7.59 -16.26
N GLY F 336 -74.68 6.54 -17.08
CA GLY F 336 -75.60 5.42 -16.93
C GLY F 336 -75.41 4.73 -15.59
N VAL F 337 -74.16 4.42 -15.25
CA VAL F 337 -73.92 3.76 -13.96
C VAL F 337 -74.26 4.70 -12.80
N ALA F 338 -74.09 6.01 -12.99
CA ALA F 338 -74.44 6.98 -11.96
C ALA F 338 -75.95 7.03 -11.74
N THR F 339 -76.72 7.12 -12.83
CA THR F 339 -78.17 7.15 -12.72
C THR F 339 -78.70 5.87 -12.09
N THR F 340 -78.05 4.73 -12.37
CA THR F 340 -78.49 3.50 -11.73
C THR F 340 -78.07 3.43 -10.27
N ILE F 341 -76.91 4.00 -9.92
CA ILE F 341 -76.37 3.86 -8.56
C ILE F 341 -76.86 4.99 -7.66
N ASP F 342 -76.62 6.24 -8.06
CA ASP F 342 -76.93 7.39 -7.22
C ASP F 342 -78.35 7.86 -7.50
N ARG F 343 -79.20 7.83 -6.47
CA ARG F 343 -80.59 8.24 -6.65
C ARG F 343 -80.68 9.72 -7.02
N SER F 344 -79.88 10.56 -6.38
CA SER F 344 -79.90 11.99 -6.70
C SER F 344 -79.44 12.22 -8.14
N MET F 345 -78.43 11.48 -8.59
CA MET F 345 -78.02 11.53 -9.98
C MET F 345 -79.16 11.02 -10.87
N GLY F 346 -79.69 11.90 -11.70
CA GLY F 346 -80.86 11.57 -12.49
C GLY F 346 -81.75 12.79 -12.67
N ALA F 347 -81.58 13.76 -11.78
CA ALA F 347 -82.17 15.08 -11.98
C ALA F 347 -81.31 15.96 -12.88
N LEU F 348 -80.13 15.49 -13.25
CA LEU F 348 -79.26 16.23 -14.16
C LEU F 348 -79.84 16.22 -15.56
N ASN F 349 -79.79 17.36 -16.23
CA ASN F 349 -80.28 17.48 -17.61
C ASN F 349 -79.13 17.14 -18.55
N ILE F 350 -79.24 16.00 -19.22
CA ILE F 350 -78.16 15.49 -20.07
C ILE F 350 -78.66 15.15 -21.46
N ASN F 351 -79.68 15.89 -21.92
CA ASN F 351 -80.23 15.68 -23.26
C ASN F 351 -79.31 16.29 -24.32
N ARG F 352 -78.08 15.76 -24.37
CA ARG F 352 -77.08 16.22 -25.32
C ARG F 352 -77.23 15.50 -26.66
N GLY F 353 -76.41 15.94 -27.62
CA GLY F 353 -76.40 15.36 -28.94
C GLY F 353 -75.46 14.19 -29.13
N TYR F 354 -74.76 13.76 -28.10
CA TYR F 354 -73.82 12.65 -28.16
C TYR F 354 -74.08 11.66 -27.03
N LEU F 355 -75.37 11.34 -26.83
CA LEU F 355 -75.74 10.49 -25.70
C LEU F 355 -75.29 9.05 -25.90
N GLU F 356 -75.33 8.54 -27.13
CA GLU F 356 -74.96 7.17 -27.44
C GLU F 356 -75.72 6.19 -26.56
N PRO F 357 -77.02 5.98 -26.81
CA PRO F 357 -77.82 5.14 -25.90
C PRO F 357 -77.30 3.72 -25.76
N MET F 358 -76.53 3.22 -26.73
CA MET F 358 -75.96 1.88 -26.59
C MET F 358 -75.05 1.79 -25.38
N TYR F 359 -74.15 2.77 -25.22
CA TYR F 359 -73.24 2.74 -24.09
C TYR F 359 -73.94 3.10 -22.79
N PHE F 360 -74.99 3.92 -22.86
CA PHE F 360 -75.80 4.17 -21.67
C PHE F 360 -76.46 2.89 -21.18
N ARG F 361 -77.02 2.10 -22.11
CA ARG F 361 -77.58 0.81 -21.75
C ARG F 361 -76.50 -0.13 -21.21
N LEU F 362 -75.32 -0.10 -21.82
CA LEU F 362 -74.24 -0.95 -21.33
C LEU F 362 -73.86 -0.59 -19.89
N GLY F 363 -73.82 0.71 -19.57
CA GLY F 363 -73.55 1.12 -18.21
C GLY F 363 -74.67 0.74 -17.25
N GLN F 364 -75.91 0.89 -17.69
CA GLN F 364 -77.04 0.48 -16.86
C GLN F 364 -76.97 -1.00 -16.52
N LYS F 365 -76.63 -1.83 -17.51
CA LYS F 365 -76.46 -3.26 -17.25
C LYS F 365 -75.25 -3.51 -16.36
N SER F 366 -74.15 -2.80 -16.60
CA SER F 366 -72.94 -3.02 -15.82
C SER F 366 -73.15 -2.69 -14.34
N ALA F 367 -74.06 -1.75 -14.05
CA ALA F 367 -74.29 -1.40 -12.66
C ALA F 367 -74.91 -2.55 -11.88
N ARG F 368 -75.89 -3.25 -12.45
CA ARG F 368 -76.66 -4.24 -11.71
C ARG F 368 -76.47 -5.66 -12.24
N HIS F 369 -76.72 -5.91 -13.53
CA HIS F 369 -76.74 -7.27 -14.07
C HIS F 369 -75.36 -7.81 -14.39
N HIS F 370 -74.31 -7.03 -14.20
CA HIS F 370 -72.98 -7.39 -14.69
C HIS F 370 -72.38 -8.52 -13.86
N ALA F 371 -72.13 -8.24 -12.59
CA ALA F 371 -71.52 -9.20 -11.65
C ALA F 371 -71.46 -8.53 -10.29
N GLY F 372 -71.10 -9.32 -9.28
CA GLY F 372 -70.84 -8.75 -7.96
C GLY F 372 -69.65 -7.81 -7.98
N GLY F 373 -68.60 -8.16 -8.72
CA GLY F 373 -67.45 -7.31 -8.87
C GLY F 373 -66.60 -7.18 -7.63
N ILE F 374 -65.95 -8.26 -7.24
CA ILE F 374 -65.09 -8.28 -6.06
C ILE F 374 -63.67 -7.90 -6.50
N ASP F 375 -63.12 -6.86 -5.89
CA ASP F 375 -61.83 -6.32 -6.28
C ASP F 375 -60.71 -7.05 -5.56
N GLN F 376 -59.50 -6.48 -5.61
CA GLN F 376 -58.34 -7.07 -4.95
C GLN F 376 -58.56 -7.08 -3.44
N ASN F 377 -58.50 -8.28 -2.85
CA ASN F 377 -58.85 -8.49 -1.45
C ASN F 377 -57.57 -8.63 -0.64
N MET F 378 -57.25 -7.61 0.18
CA MET F 378 -56.15 -7.73 1.12
C MET F 378 -56.42 -8.81 2.15
N ALA F 379 -57.63 -8.80 2.73
CA ALA F 379 -58.05 -9.86 3.63
C ALA F 379 -58.40 -11.10 2.81
N ASN F 380 -57.90 -12.25 3.25
CA ASN F 380 -58.06 -13.49 2.48
C ASN F 380 -59.43 -14.07 2.76
N LYS F 381 -60.33 -13.94 1.77
CA LYS F 381 -61.69 -14.45 1.88
C LYS F 381 -61.74 -15.81 1.19
N LEU F 382 -61.42 -16.85 1.96
CA LEU F 382 -61.33 -18.20 1.40
C LEU F 382 -62.67 -18.71 0.91
N GLY F 383 -63.72 -18.55 1.71
CA GLY F 383 -65.03 -19.07 1.37
C GLY F 383 -66.06 -18.02 1.06
N LEU F 384 -65.65 -16.96 0.35
CA LEU F 384 -66.52 -15.83 0.06
C LEU F 384 -67.32 -16.01 -1.22
N ASN F 385 -67.28 -17.18 -1.85
CA ASN F 385 -68.12 -17.42 -3.02
C ASN F 385 -69.60 -17.34 -2.64
N SER F 386 -69.98 -17.94 -1.53
CA SER F 386 -71.36 -17.87 -1.08
C SER F 386 -71.74 -16.46 -0.66
N ASP F 387 -70.79 -15.72 -0.07
CA ASP F 387 -71.03 -14.32 0.27
C ASP F 387 -71.29 -13.49 -0.98
N GLN F 388 -70.50 -13.70 -2.03
CA GLN F 388 -70.72 -12.99 -3.28
C GLN F 388 -72.05 -13.36 -3.90
N VAL F 389 -72.42 -14.65 -3.83
CA VAL F 389 -73.70 -15.09 -4.37
C VAL F 389 -74.86 -14.42 -3.62
N ALA F 390 -74.77 -14.37 -2.29
CA ALA F 390 -75.81 -13.72 -1.51
C ALA F 390 -75.88 -12.23 -1.79
N GLU F 391 -74.72 -11.58 -1.96
CA GLU F 391 -74.71 -10.16 -2.30
C GLU F 391 -75.36 -9.92 -3.66
N LEU F 392 -75.07 -10.78 -4.64
CA LEU F 392 -75.68 -10.64 -5.96
C LEU F 392 -77.17 -10.96 -5.93
N ALA F 393 -77.60 -11.79 -4.97
CA ALA F 393 -79.02 -12.11 -4.87
C ALA F 393 -79.84 -10.87 -4.54
N ALA F 394 -79.34 -10.02 -3.65
CA ALA F 394 -80.00 -8.78 -3.27
C ALA F 394 -81.42 -9.00 -2.77
N MET G 1 -33.25 -9.77 -46.24
CA MET G 1 -33.16 -10.50 -44.99
C MET G 1 -33.62 -9.65 -43.81
N SER G 2 -33.00 -9.88 -42.64
CA SER G 2 -33.39 -9.17 -41.43
C SER G 2 -33.15 -7.67 -41.58
N ASP G 3 -32.03 -7.28 -42.20
CA ASP G 3 -31.74 -5.86 -42.38
C ASP G 3 -32.80 -5.19 -43.26
N ILE G 4 -33.24 -5.89 -44.32
CA ILE G 4 -34.37 -5.40 -45.10
C ILE G 4 -35.59 -5.33 -44.19
N PHE G 5 -36.49 -4.39 -44.50
CA PHE G 5 -37.67 -3.99 -43.74
C PHE G 5 -37.29 -3.14 -42.53
N ASP G 6 -36.01 -2.99 -42.22
CA ASP G 6 -35.51 -1.99 -41.28
C ASP G 6 -34.79 -0.86 -41.99
N GLU G 7 -34.12 -1.15 -43.10
CA GLU G 7 -33.56 -0.10 -43.94
C GLU G 7 -34.67 0.76 -44.54
N ALA G 8 -35.76 0.15 -44.98
CA ALA G 8 -36.88 0.90 -45.53
C ALA G 8 -37.53 1.77 -44.46
N ALA G 9 -37.65 1.24 -43.24
CA ALA G 9 -38.24 2.03 -42.16
C ALA G 9 -37.44 3.30 -41.89
N SER G 10 -36.10 3.19 -41.91
CA SER G 10 -35.27 4.38 -41.83
C SER G 10 -35.36 5.18 -43.12
N PHE G 11 -35.48 4.49 -44.27
CA PHE G 11 -35.56 5.19 -45.55
C PHE G 11 -36.81 6.06 -45.64
N ARG G 12 -37.95 5.53 -45.23
CA ARG G 12 -39.18 6.33 -45.23
C ARG G 12 -39.10 7.44 -44.19
N SER G 13 -38.50 7.17 -43.04
CA SER G 13 -38.32 8.22 -42.03
C SER G 13 -37.39 9.31 -42.55
N TYR G 14 -36.30 8.92 -43.21
CA TYR G 14 -35.38 9.91 -43.78
C TYR G 14 -36.03 10.65 -44.94
N GLN G 15 -36.86 9.97 -45.73
CA GLN G 15 -37.47 10.60 -46.90
C GLN G 15 -38.42 11.72 -46.51
N SER G 16 -39.09 11.61 -45.36
CA SER G 16 -40.05 12.64 -44.95
C SER G 16 -39.35 13.95 -44.64
N LYS G 17 -38.30 13.90 -43.83
CA LYS G 17 -37.51 15.09 -43.51
C LYS G 17 -36.29 15.17 -44.42
N LEU G 18 -36.58 15.22 -45.73
CA LEU G 18 -35.51 15.11 -46.73
C LEU G 18 -34.72 16.41 -46.82
N GLY G 19 -35.39 17.50 -47.20
CA GLY G 19 -34.70 18.76 -47.39
C GLY G 19 -35.21 19.88 -46.50
N ARG G 20 -35.97 19.53 -45.47
CA ARG G 20 -36.53 20.52 -44.55
C ARG G 20 -35.53 20.81 -43.43
N ASP G 21 -34.38 21.35 -43.83
CA ASP G 21 -33.31 21.68 -42.90
C ASP G 21 -32.57 22.91 -43.40
N GLY G 22 -31.88 23.58 -42.49
CA GLY G 22 -31.14 24.78 -42.83
C GLY G 22 -32.01 26.02 -42.81
N ARG G 23 -31.43 27.11 -43.29
CA ARG G 23 -32.09 28.40 -43.34
C ARG G 23 -32.12 28.92 -44.77
N ALA G 24 -33.26 29.48 -45.17
CA ALA G 24 -33.41 30.03 -46.50
C ALA G 24 -32.78 31.41 -46.60
N SER G 25 -32.63 31.90 -47.82
CA SER G 25 -32.04 33.20 -48.08
C SER G 25 -33.13 34.26 -48.18
N ALA G 26 -32.70 35.52 -48.20
CA ALA G 26 -33.61 36.66 -48.34
C ALA G 26 -33.93 36.98 -49.79
N ALA G 27 -33.35 36.24 -50.75
CA ALA G 27 -33.65 36.49 -52.15
C ALA G 27 -35.12 36.23 -52.45
N THR G 28 -35.69 35.16 -51.88
CA THR G 28 -37.10 34.82 -52.09
C THR G 28 -37.96 35.66 -51.14
N ALA G 29 -38.03 36.95 -51.45
CA ALA G 29 -38.79 37.92 -50.67
C ALA G 29 -40.00 38.36 -51.47
N THR G 30 -41.18 38.16 -50.90
CA THR G 30 -42.42 38.50 -51.59
C THR G 30 -42.57 40.02 -51.70
N LEU G 31 -43.19 40.46 -52.78
CA LEU G 31 -43.52 41.86 -52.94
C LEU G 31 -44.59 42.25 -51.92
N THR G 32 -44.39 43.39 -51.27
CA THR G 32 -45.25 43.82 -50.17
C THR G 32 -46.25 44.88 -50.65
N THR G 33 -47.46 44.81 -50.10
CA THR G 33 -48.52 45.76 -50.42
C THR G 33 -48.83 46.60 -49.20
N LYS G 34 -48.99 47.91 -49.41
CA LYS G 34 -49.29 48.81 -48.30
C LYS G 34 -50.73 48.64 -47.85
N ILE G 35 -50.94 48.53 -46.55
CA ILE G 35 -52.27 48.38 -45.96
C ILE G 35 -52.47 49.50 -44.95
N ARG G 36 -53.49 50.32 -45.17
CA ARG G 36 -53.77 51.47 -44.32
C ARG G 36 -54.78 51.07 -43.26
N ILE G 37 -54.36 51.14 -41.99
CA ILE G 37 -55.17 50.70 -40.86
C ILE G 37 -55.56 51.92 -40.03
N PHE G 38 -56.86 52.07 -39.78
CA PHE G 38 -57.40 53.18 -39.00
C PHE G 38 -57.62 52.71 -37.57
N VAL G 39 -56.76 53.11 -36.65
CA VAL G 39 -56.88 52.73 -35.25
C VAL G 39 -57.31 53.95 -34.43
N PRO G 40 -58.10 53.77 -33.37
CA PRO G 40 -58.48 54.92 -32.53
C PRO G 40 -57.30 55.41 -31.73
N ALA G 41 -57.08 56.72 -31.75
CA ALA G 41 -55.97 57.31 -31.01
C ALA G 41 -56.25 57.39 -29.51
N THR G 42 -57.48 57.71 -29.14
CA THR G 42 -57.86 57.93 -27.75
C THR G 42 -58.73 56.78 -27.25
N ASN G 43 -59.21 56.92 -26.02
CA ASN G 43 -60.06 55.92 -25.38
C ASN G 43 -61.51 56.38 -25.26
N SER G 44 -61.87 57.50 -25.87
CA SER G 44 -63.23 58.00 -25.76
C SER G 44 -64.20 57.04 -26.44
N PRO G 45 -65.24 56.58 -25.73
CA PRO G 45 -66.17 55.61 -26.37
C PRO G 45 -66.88 56.16 -27.59
N GLU G 46 -67.19 57.45 -27.60
CA GLU G 46 -67.91 58.03 -28.74
C GLU G 46 -67.07 57.96 -30.01
N LEU G 47 -65.75 58.11 -29.87
CA LEU G 47 -64.87 57.99 -31.03
C LEU G 47 -64.71 56.54 -31.45
N ARG G 48 -64.52 55.64 -30.49
CA ARG G 48 -64.36 54.23 -30.81
C ARG G 48 -65.63 53.65 -31.39
N TRP G 49 -66.79 53.98 -30.82
CA TRP G 49 -68.05 53.46 -31.35
C TRP G 49 -68.31 53.97 -32.76
N GLU G 50 -68.01 55.25 -33.01
CA GLU G 50 -68.16 55.78 -34.35
C GLU G 50 -67.16 55.14 -35.30
N LEU G 51 -66.00 54.73 -34.79
CA LEU G 51 -64.99 54.09 -35.62
C LEU G 51 -65.42 52.70 -36.06
N THR G 52 -65.90 51.88 -35.11
CA THR G 52 -66.32 50.53 -35.47
C THR G 52 -67.58 50.56 -36.31
N LEU G 53 -68.37 51.62 -36.21
CA LEU G 53 -69.47 51.80 -37.15
C LEU G 53 -68.94 52.04 -38.56
N PHE G 54 -67.89 52.84 -38.69
CA PHE G 54 -67.27 53.08 -39.99
C PHE G 54 -66.67 51.80 -40.55
N ALA G 55 -65.96 51.04 -39.72
CA ALA G 55 -65.29 49.83 -40.20
C ALA G 55 -66.30 48.79 -40.67
N LEU G 56 -67.49 48.78 -40.08
CA LEU G 56 -68.54 47.89 -40.54
C LEU G 56 -69.00 48.27 -41.95
N ASP G 57 -69.10 49.57 -42.22
CA ASP G 57 -69.58 50.02 -43.53
C ASP G 57 -68.58 49.71 -44.63
N VAL G 58 -67.29 49.86 -44.34
CA VAL G 58 -66.27 49.61 -45.36
C VAL G 58 -66.31 48.16 -45.80
N ILE G 59 -66.43 47.24 -44.85
CA ILE G 59 -66.53 45.82 -45.18
C ILE G 59 -67.80 45.56 -45.98
N ARG G 60 -68.92 46.15 -45.56
CA ARG G 60 -70.17 45.97 -46.27
C ARG G 60 -70.19 46.70 -47.62
N SER G 61 -69.31 47.69 -47.80
CA SER G 61 -69.31 48.47 -49.03
C SER G 61 -68.91 47.59 -50.22
N PRO G 62 -69.60 47.68 -51.35
CA PRO G 62 -69.20 46.90 -52.53
C PRO G 62 -68.12 47.61 -53.35
N SER G 63 -68.06 48.94 -53.26
CA SER G 63 -67.08 49.72 -53.99
C SER G 63 -65.73 49.79 -53.28
N ALA G 64 -65.62 49.23 -52.09
CA ALA G 64 -64.37 49.30 -51.34
C ALA G 64 -63.30 48.42 -51.98
N ALA G 65 -62.10 48.97 -52.10
CA ALA G 65 -60.97 48.18 -52.55
C ALA G 65 -60.56 47.17 -51.48
N GLU G 66 -59.88 46.11 -51.93
CA GLU G 66 -59.52 45.04 -51.00
C GLU G 66 -58.60 45.54 -49.90
N SER G 67 -57.62 46.39 -50.26
CA SER G 67 -56.69 46.90 -49.26
C SER G 67 -57.41 47.68 -48.17
N MET G 68 -58.40 48.50 -48.56
CA MET G 68 -59.22 49.19 -47.57
C MET G 68 -60.01 48.20 -46.72
N LYS G 69 -60.54 47.15 -47.34
CA LYS G 69 -61.32 46.16 -46.61
C LYS G 69 -60.48 45.43 -45.58
N ILE G 70 -59.23 45.11 -45.90
CA ILE G 70 -58.34 44.49 -44.93
C ILE G 70 -58.06 45.45 -43.78
N GLY G 71 -57.88 46.74 -44.09
CA GLY G 71 -57.66 47.72 -43.04
C GLY G 71 -58.84 47.82 -42.09
N ALA G 72 -60.06 47.77 -42.63
CA ALA G 72 -61.25 47.76 -41.79
C ALA G 72 -61.29 46.51 -40.91
N ALA G 73 -60.93 45.35 -41.49
CA ALA G 73 -60.89 44.12 -40.70
C ALA G 73 -59.86 44.21 -39.58
N PHE G 74 -58.68 44.74 -39.87
CA PHE G 74 -57.68 44.94 -38.83
C PHE G 74 -58.15 45.96 -37.80
N THR G 75 -58.84 47.00 -38.26
CA THR G 75 -59.38 48.00 -37.34
C THR G 75 -60.38 47.37 -36.37
N LEU G 76 -61.26 46.51 -36.88
CA LEU G 76 -62.27 45.89 -36.03
C LEU G 76 -61.63 44.99 -34.98
N ILE G 77 -60.73 44.10 -35.40
CA ILE G 77 -60.22 43.06 -34.52
C ILE G 77 -59.50 43.67 -33.31
N SER G 78 -58.77 44.76 -33.53
CA SER G 78 -57.96 45.36 -32.48
C SER G 78 -58.71 46.45 -31.70
N MET G 79 -60.01 46.61 -31.94
CA MET G 79 -60.76 47.66 -31.25
C MET G 79 -60.83 47.41 -29.74
N TYR G 80 -60.85 46.14 -29.31
CA TYR G 80 -60.98 45.85 -27.89
C TYR G 80 -59.78 46.35 -27.09
N SER G 81 -58.59 46.28 -27.68
CA SER G 81 -57.38 46.67 -26.97
C SER G 81 -57.36 48.16 -26.71
N GLU G 82 -56.77 48.54 -25.56
CA GLU G 82 -56.65 49.95 -25.22
C GLU G 82 -55.66 50.66 -26.12
N ARG G 83 -54.71 49.92 -26.70
CA ARG G 83 -53.71 50.47 -27.63
C ARG G 83 -53.73 49.62 -28.88
N PRO G 84 -54.70 49.84 -29.78
CA PRO G 84 -54.78 49.02 -31.00
C PRO G 84 -53.53 49.10 -31.85
N GLY G 85 -52.87 50.26 -31.90
CA GLY G 85 -51.65 50.37 -32.69
C GLY G 85 -50.54 49.48 -32.18
N ALA G 86 -50.37 49.44 -30.85
CA ALA G 86 -49.34 48.57 -30.27
C ALA G 86 -49.66 47.11 -30.51
N LEU G 87 -50.93 46.72 -30.41
CA LEU G 87 -51.31 45.33 -30.59
C LEU G 87 -51.01 44.85 -32.01
N ILE G 88 -51.38 45.65 -33.01
CA ILE G 88 -51.16 45.24 -34.39
C ILE G 88 -49.67 45.16 -34.71
N ARG G 89 -48.90 46.16 -34.26
CA ARG G 89 -47.49 46.18 -34.60
C ARG G 89 -46.72 45.07 -33.90
N SER G 90 -47.15 44.68 -32.70
CA SER G 90 -46.44 43.65 -31.94
C SER G 90 -47.00 42.25 -32.15
N LEU G 91 -48.00 42.09 -33.02
CA LEU G 91 -48.59 40.78 -33.28
C LEU G 91 -48.83 40.61 -34.78
N LEU G 92 -47.90 41.09 -35.60
CA LEU G 92 -47.98 40.96 -37.04
C LEU G 92 -46.77 40.22 -37.56
N ASN G 93 -47.00 39.12 -38.27
CA ASN G 93 -45.93 38.31 -38.85
C ASN G 93 -46.29 37.95 -40.29
N ASP G 94 -46.74 38.95 -41.05
CA ASP G 94 -47.15 38.73 -42.44
C ASP G 94 -46.12 39.33 -43.38
N PRO G 95 -45.29 38.51 -44.03
CA PRO G 95 -44.36 39.05 -45.04
C PRO G 95 -45.05 39.59 -46.27
N ASP G 96 -46.30 39.19 -46.52
CA ASP G 96 -47.00 39.64 -47.72
C ASP G 96 -47.33 41.12 -47.67
N ILE G 97 -47.62 41.65 -46.48
CA ILE G 97 -48.14 42.99 -46.33
C ILE G 97 -47.26 43.79 -45.39
N GLU G 98 -47.32 45.12 -45.56
CA GLU G 98 -46.77 46.06 -44.61
C GLU G 98 -47.90 46.94 -44.10
N ALA G 99 -47.96 47.12 -42.78
CA ALA G 99 -49.04 47.85 -42.15
C ALA G 99 -48.57 49.24 -41.76
N VAL G 100 -49.28 50.26 -42.24
CA VAL G 100 -49.03 51.65 -41.86
C VAL G 100 -50.14 52.06 -40.91
N ILE G 101 -49.82 52.12 -39.62
CA ILE G 101 -50.81 52.43 -38.60
C ILE G 101 -51.14 53.91 -38.64
N ILE G 102 -52.43 54.23 -38.63
CA ILE G 102 -52.90 55.61 -38.70
C ILE G 102 -53.77 55.87 -37.48
N ASP G 103 -53.32 56.77 -36.62
CA ASP G 103 -54.12 57.21 -35.48
C ASP G 103 -55.21 58.14 -35.98
N VAL G 104 -56.46 57.82 -35.65
CA VAL G 104 -57.59 58.56 -36.19
C VAL G 104 -57.63 59.98 -35.65
N GLY G 105 -57.42 60.15 -34.35
CA GLY G 105 -57.41 61.48 -33.77
C GLY G 105 -58.78 61.95 -33.34
N SER G 106 -59.42 62.75 -34.18
CA SER G 106 -60.81 63.14 -33.98
C SER G 106 -61.66 62.40 -35.01
N MET G 107 -62.96 62.66 -35.05
CA MET G 107 -63.82 61.94 -35.99
C MET G 107 -64.93 62.85 -36.50
N LEU G 108 -64.97 63.01 -37.82
CA LEU G 108 -66.12 63.56 -38.52
C LEU G 108 -67.06 62.42 -38.88
N ASN G 109 -68.02 62.65 -39.79
CA ASN G 109 -68.84 61.57 -40.30
C ASN G 109 -67.97 60.43 -40.84
N GLY G 110 -66.93 60.76 -41.61
CA GLY G 110 -65.95 59.78 -42.02
C GLY G 110 -64.77 59.78 -41.07
N ILE G 111 -63.58 60.10 -41.56
CA ILE G 111 -62.41 60.25 -40.71
C ILE G 111 -61.63 61.49 -41.16
N PRO G 112 -61.25 62.37 -40.24
CA PRO G 112 -60.38 63.50 -40.60
C PRO G 112 -58.91 63.09 -40.55
N VAL G 113 -58.22 63.27 -41.68
CA VAL G 113 -56.79 62.98 -41.70
C VAL G 113 -56.03 63.95 -40.81
N MET G 114 -56.46 65.21 -40.80
CA MET G 114 -55.89 66.24 -39.93
C MET G 114 -54.37 66.34 -40.11
N GLU G 115 -53.94 66.48 -41.36
CA GLU G 115 -52.52 66.63 -41.67
C GLU G 115 -52.41 67.35 -43.01
N ARG G 116 -52.06 68.64 -42.95
CA ARG G 116 -51.88 69.48 -44.14
C ARG G 116 -53.13 69.46 -45.01
N ARG G 117 -54.21 70.01 -44.46
CA ARG G 117 -55.49 70.02 -45.16
C ARG G 117 -55.36 70.71 -46.51
N GLY G 118 -55.90 70.08 -47.54
CA GLY G 118 -55.79 70.55 -48.91
C GLY G 118 -54.66 69.89 -49.69
N ASP G 119 -53.56 69.56 -49.00
CA ASP G 119 -52.40 68.95 -49.63
C ASP G 119 -52.54 67.43 -49.52
N LYS G 120 -52.98 66.80 -50.62
CA LYS G 120 -53.11 65.35 -50.70
C LYS G 120 -54.00 64.78 -49.60
N ALA G 121 -55.02 65.55 -49.19
CA ALA G 121 -55.89 65.13 -48.11
C ALA G 121 -57.35 65.14 -48.56
N GLN G 122 -57.70 66.05 -49.46
CA GLN G 122 -59.09 66.16 -49.90
C GLN G 122 -59.56 64.89 -50.60
N GLU G 123 -58.76 64.37 -51.53
CA GLU G 123 -59.20 63.24 -52.34
C GLU G 123 -59.55 62.04 -51.47
N GLU G 124 -58.83 61.84 -50.37
CA GLU G 124 -59.15 60.74 -49.47
C GLU G 124 -60.51 60.97 -48.79
N MET G 125 -60.81 62.22 -48.43
CA MET G 125 -62.07 62.51 -47.75
C MET G 125 -63.26 62.21 -48.65
N GLU G 126 -63.27 62.74 -49.87
CA GLU G 126 -64.32 62.39 -50.81
C GLU G 126 -64.26 60.92 -51.20
N GLY G 127 -63.09 60.30 -51.11
CA GLY G 127 -63.00 58.87 -51.34
C GLY G 127 -63.76 58.07 -50.30
N LEU G 128 -63.66 58.47 -49.03
CA LEU G 128 -64.36 57.75 -47.98
C LEU G 128 -65.86 58.04 -48.00
N MET G 129 -66.25 59.25 -48.38
CA MET G 129 -67.68 59.55 -48.54
C MET G 129 -68.31 58.70 -49.62
N ARG G 130 -67.57 58.42 -50.70
CA ARG G 130 -68.05 57.46 -51.69
C ARG G 130 -68.17 56.07 -51.07
N ILE G 131 -67.24 55.71 -50.19
CA ILE G 131 -67.31 54.42 -49.52
C ILE G 131 -68.56 54.32 -48.67
N LEU G 132 -68.84 55.35 -47.87
CA LEU G 132 -70.00 55.32 -46.99
C LEU G 132 -71.30 55.36 -47.77
N LYS G 133 -71.38 56.22 -48.80
CA LYS G 133 -72.61 56.34 -49.57
C LYS G 133 -72.93 55.05 -50.31
N THR G 134 -71.93 54.44 -50.95
CA THR G 134 -72.17 53.18 -51.65
C THR G 134 -72.53 52.07 -50.68
N ALA G 135 -71.90 52.04 -49.51
CA ALA G 135 -72.20 51.00 -48.53
C ALA G 135 -73.65 51.07 -48.06
N ARG G 136 -74.14 52.29 -47.79
CA ARG G 136 -75.51 52.43 -47.32
C ARG G 136 -76.52 52.22 -48.44
N GLU G 137 -76.20 52.67 -49.65
CA GLU G 137 -77.10 52.50 -50.77
C GLU G 137 -77.15 51.06 -51.27
N SER G 138 -76.04 50.32 -51.15
CA SER G 138 -76.00 48.95 -51.67
C SER G 138 -77.05 48.08 -50.98
N SER G 139 -77.06 48.08 -49.65
CA SER G 139 -78.13 47.40 -48.92
C SER G 139 -79.43 48.16 -49.09
N LYS G 140 -80.55 47.44 -48.97
CA LYS G 140 -81.86 48.06 -49.14
C LYS G 140 -82.26 48.80 -47.89
N GLY G 141 -81.43 49.75 -47.45
CA GLY G 141 -81.68 50.46 -46.21
C GLY G 141 -81.44 49.64 -44.97
N LYS G 142 -80.85 48.46 -45.09
CA LYS G 142 -80.67 47.55 -43.97
C LYS G 142 -79.31 47.81 -43.31
N THR G 143 -79.35 48.11 -42.01
CA THR G 143 -78.13 48.31 -41.24
C THR G 143 -77.41 46.98 -41.05
N PRO G 144 -76.09 47.01 -40.79
CA PRO G 144 -75.37 45.75 -40.54
C PRO G 144 -75.93 44.96 -39.36
N PHE G 145 -76.44 45.64 -38.34
CA PHE G 145 -77.02 44.95 -37.20
C PHE G 145 -78.43 44.47 -37.52
N VAL G 146 -78.83 43.36 -36.89
CA VAL G 146 -80.17 42.84 -37.08
C VAL G 146 -81.22 43.76 -36.48
N ASP G 147 -80.81 44.69 -35.63
CA ASP G 147 -81.71 45.68 -35.05
C ASP G 147 -81.38 47.04 -35.63
N SER G 148 -82.37 47.68 -36.26
CA SER G 148 -82.13 48.97 -36.91
C SER G 148 -81.77 50.05 -35.90
N ARG G 149 -82.18 49.89 -34.65
CA ARG G 149 -81.83 50.87 -33.62
C ARG G 149 -80.38 50.76 -33.18
N ALA G 150 -79.73 49.62 -33.41
CA ALA G 150 -78.35 49.45 -32.99
C ALA G 150 -77.37 50.22 -33.87
N TYR G 151 -77.80 50.67 -35.04
CA TYR G 151 -76.90 51.41 -35.94
C TYR G 151 -76.80 52.87 -35.53
N GLY G 152 -77.92 53.58 -35.56
CA GLY G 152 -77.94 54.97 -35.15
C GLY G 152 -78.07 55.12 -33.65
N LEU G 153 -77.17 54.50 -32.90
CA LEU G 153 -77.19 54.51 -31.44
C LEU G 153 -76.00 55.29 -30.92
N ARG G 154 -76.27 56.27 -30.06
CA ARG G 154 -75.20 57.04 -29.45
C ARG G 154 -74.61 56.27 -28.27
N ILE G 155 -73.29 56.20 -28.20
CA ILE G 155 -72.59 55.53 -27.12
C ILE G 155 -71.68 56.54 -26.44
N THR G 156 -71.91 56.78 -25.16
CA THR G 156 -71.04 57.62 -24.35
C THR G 156 -70.50 56.93 -23.11
N ASP G 157 -71.17 55.88 -22.62
CA ASP G 157 -70.70 55.13 -21.47
C ASP G 157 -69.69 54.08 -21.92
N MET G 158 -68.58 53.99 -21.18
CA MET G 158 -67.56 53.01 -21.49
C MET G 158 -68.09 51.59 -21.35
N SER G 159 -68.98 51.37 -20.37
CA SER G 159 -69.53 50.04 -20.16
C SER G 159 -70.32 49.56 -21.37
N THR G 160 -71.13 50.45 -21.95
CA THR G 160 -71.91 50.05 -23.12
C THR G 160 -71.02 49.79 -24.33
N LEU G 161 -69.99 50.61 -24.51
CA LEU G 161 -69.11 50.43 -25.65
C LEU G 161 -68.39 49.08 -25.58
N VAL G 162 -67.90 48.71 -24.40
CA VAL G 162 -67.18 47.45 -24.26
C VAL G 162 -68.09 46.28 -24.59
N SER G 163 -69.32 46.29 -24.07
CA SER G 163 -70.26 45.23 -24.39
C SER G 163 -70.60 45.22 -25.87
N ALA G 164 -70.80 46.41 -26.46
CA ALA G 164 -71.11 46.50 -27.88
C ALA G 164 -69.96 45.99 -28.73
N VAL G 165 -68.72 46.36 -28.37
CA VAL G 165 -67.56 45.97 -29.18
C VAL G 165 -67.39 44.46 -29.16
N ILE G 166 -67.45 43.85 -27.97
CA ILE G 166 -67.18 42.42 -27.84
C ILE G 166 -68.17 41.62 -28.67
N THR G 167 -69.44 42.04 -28.69
CA THR G 167 -70.43 41.36 -29.50
C THR G 167 -70.05 41.40 -30.98
N ILE G 168 -69.57 42.55 -31.45
CA ILE G 168 -69.07 42.64 -32.82
C ILE G 168 -67.83 41.77 -32.99
N GLU G 169 -66.92 41.81 -32.01
CA GLU G 169 -65.72 40.97 -32.09
C GLU G 169 -66.08 39.49 -32.05
N ALA G 170 -66.98 39.10 -31.13
CA ALA G 170 -67.33 37.70 -31.00
C ALA G 170 -67.94 37.16 -32.27
N GLN G 171 -68.88 37.91 -32.87
CA GLN G 171 -69.55 37.44 -34.07
C GLN G 171 -68.59 37.27 -35.24
N ILE G 172 -67.57 38.12 -35.33
CA ILE G 172 -66.55 37.96 -36.37
C ILE G 172 -65.71 36.72 -36.10
N TRP G 173 -65.30 36.51 -34.85
CA TRP G 173 -64.44 35.39 -34.52
C TRP G 173 -65.14 34.03 -34.65
N ILE G 174 -66.47 33.99 -34.76
CA ILE G 174 -67.13 32.72 -35.03
C ILE G 174 -66.78 32.21 -36.41
N LEU G 175 -66.63 33.12 -37.39
CA LEU G 175 -66.49 32.72 -38.77
C LEU G 175 -65.17 32.04 -39.08
N ILE G 176 -64.12 32.30 -38.29
CA ILE G 176 -62.79 31.76 -38.61
C ILE G 176 -62.79 30.24 -38.55
N ALA G 177 -63.65 29.64 -37.72
CA ALA G 177 -63.65 28.20 -37.56
C ALA G 177 -63.95 27.49 -38.87
N LYS G 178 -64.93 27.98 -39.62
CA LYS G 178 -65.36 27.37 -40.88
C LYS G 178 -65.39 28.39 -42.00
N ALA G 179 -64.32 29.16 -42.12
CA ALA G 179 -64.22 30.15 -43.19
C ALA G 179 -63.53 29.59 -44.43
N VAL G 180 -62.53 28.73 -44.25
CA VAL G 180 -61.80 28.16 -45.37
C VAL G 180 -62.08 26.69 -45.58
N THR G 181 -62.54 25.97 -44.56
CA THR G 181 -62.84 24.55 -44.74
C THR G 181 -64.10 24.36 -45.58
N ALA G 182 -65.23 24.88 -45.10
CA ALA G 182 -66.49 24.80 -45.82
C ALA G 182 -67.32 26.04 -45.51
N PRO G 183 -66.97 27.19 -46.11
CA PRO G 183 -67.73 28.41 -45.84
C PRO G 183 -69.19 28.33 -46.25
N ASP G 184 -69.49 27.59 -47.33
CA ASP G 184 -70.87 27.50 -47.79
C ASP G 184 -71.74 26.74 -46.79
N THR G 185 -71.19 25.66 -46.21
CA THR G 185 -71.93 24.82 -45.26
C THR G 185 -71.93 25.40 -43.85
N ALA G 186 -71.62 26.68 -43.69
CA ALA G 186 -71.61 27.33 -42.40
C ALA G 186 -73.03 27.79 -42.05
N GLU G 187 -73.14 28.65 -41.05
CA GLU G 187 -74.36 29.27 -40.51
C GLU G 187 -75.15 28.29 -39.64
N GLU G 188 -74.77 27.02 -39.57
CA GLU G 188 -75.36 26.09 -38.61
C GLU G 188 -74.56 26.04 -37.32
N SER G 189 -73.26 25.71 -37.42
CA SER G 189 -72.39 25.79 -36.26
C SER G 189 -72.22 27.23 -35.78
N GLU G 190 -72.14 28.18 -36.71
CA GLU G 190 -71.97 29.57 -36.33
C GLU G 190 -73.16 30.06 -35.51
N THR G 191 -74.38 29.71 -35.92
CA THR G 191 -75.54 30.03 -35.11
C THR G 191 -75.50 29.31 -33.78
N ARG G 192 -75.02 28.06 -33.78
CA ARG G 192 -74.89 27.31 -32.54
C ARG G 192 -73.88 27.97 -31.60
N ARG G 193 -72.75 28.44 -32.14
CA ARG G 193 -71.78 29.15 -31.30
C ARG G 193 -72.37 30.43 -30.73
N TRP G 194 -73.08 31.19 -31.57
CA TRP G 194 -73.69 32.43 -31.11
C TRP G 194 -74.74 32.17 -30.03
N ALA G 195 -75.55 31.13 -30.20
CA ALA G 195 -76.57 30.82 -29.22
C ALA G 195 -75.95 30.45 -27.88
N LYS G 196 -74.81 29.76 -27.90
CA LYS G 196 -74.15 29.36 -26.66
C LYS G 196 -73.71 30.58 -25.87
N TYR G 197 -73.09 31.56 -26.54
CA TYR G 197 -72.62 32.75 -25.84
C TYR G 197 -73.76 33.63 -25.37
N VAL G 198 -74.87 33.66 -26.12
CA VAL G 198 -76.05 34.40 -25.67
C VAL G 198 -76.59 33.79 -24.38
N GLN G 199 -76.67 32.46 -24.31
CA GLN G 199 -77.15 31.81 -23.10
C GLN G 199 -76.17 31.99 -21.95
N GLN G 200 -74.89 32.15 -22.25
CA GLN G 200 -73.90 32.43 -21.21
C GLN G 200 -73.87 33.90 -20.82
N LYS G 201 -74.63 34.75 -21.51
CA LYS G 201 -74.70 36.18 -21.24
C LYS G 201 -73.36 36.88 -21.39
N ARG G 202 -72.43 36.26 -22.13
CA ARG G 202 -71.16 36.92 -22.41
C ARG G 202 -71.32 38.01 -23.46
N VAL G 203 -72.28 37.84 -24.37
CA VAL G 203 -72.51 38.80 -25.45
C VAL G 203 -73.93 39.34 -25.31
N ASN G 204 -74.06 40.64 -25.47
CA ASN G 204 -75.37 41.28 -25.47
C ASN G 204 -76.02 41.12 -26.84
N PRO G 205 -77.16 40.44 -26.95
CA PRO G 205 -77.71 40.15 -28.28
C PRO G 205 -78.25 41.35 -29.02
N PHE G 206 -78.26 42.54 -28.39
CA PHE G 206 -78.76 43.72 -29.09
C PHE G 206 -77.89 44.06 -30.29
N PHE G 207 -76.57 43.93 -30.16
CA PHE G 207 -75.65 44.18 -31.26
C PHE G 207 -75.37 42.87 -31.98
N ALA G 208 -76.34 42.45 -32.78
CA ALA G 208 -76.23 41.22 -33.57
C ALA G 208 -76.25 41.61 -35.05
N LEU G 209 -75.14 41.37 -35.73
CA LEU G 209 -75.06 41.69 -37.14
C LEU G 209 -75.91 40.73 -37.96
N THR G 210 -76.50 41.25 -39.04
CA THR G 210 -77.36 40.44 -39.90
C THR G 210 -76.52 39.43 -40.68
N GLN G 211 -77.19 38.40 -41.17
CA GLN G 211 -76.49 37.34 -41.89
C GLN G 211 -76.00 37.84 -43.25
N GLN G 212 -76.60 38.89 -43.79
CA GLN G 212 -76.10 39.48 -45.02
C GLN G 212 -74.71 40.06 -44.82
N TRP G 213 -74.50 40.75 -43.69
CA TRP G 213 -73.18 41.30 -43.40
C TRP G 213 -72.18 40.20 -43.07
N LEU G 214 -72.62 39.18 -42.33
CA LEU G 214 -71.72 38.10 -41.94
C LEU G 214 -71.20 37.35 -43.17
N THR G 215 -72.05 37.16 -44.18
CA THR G 215 -71.61 36.53 -45.41
C THR G 215 -70.54 37.36 -46.11
N GLU G 216 -70.71 38.68 -46.13
CA GLU G 216 -69.72 39.54 -46.77
C GLU G 216 -68.38 39.48 -46.05
N MET G 217 -68.40 39.49 -44.72
CA MET G 217 -67.16 39.39 -43.96
C MET G 217 -66.52 38.02 -44.14
N ARG G 218 -67.32 36.95 -44.11
CA ARG G 218 -66.79 35.61 -44.28
C ARG G 218 -66.16 35.42 -45.65
N ASN G 219 -66.79 35.99 -46.68
CA ASN G 219 -66.18 35.96 -48.02
C ASN G 219 -64.86 36.71 -48.02
N LEU G 220 -64.80 37.85 -47.33
CA LEU G 220 -63.54 38.56 -47.19
C LEU G 220 -62.52 37.72 -46.43
N LEU G 221 -62.94 37.06 -45.35
CA LEU G 221 -62.01 36.34 -44.49
C LEU G 221 -61.42 35.14 -45.21
N SER G 222 -62.19 34.53 -46.12
CA SER G 222 -61.66 33.39 -46.86
C SER G 222 -60.69 33.84 -47.96
N GLN G 223 -60.99 34.96 -48.62
CA GLN G 223 -60.14 35.43 -49.71
C GLN G 223 -58.76 35.84 -49.22
N SER G 224 -58.70 36.55 -48.10
CA SER G 224 -57.46 37.16 -47.63
C SER G 224 -56.75 36.28 -46.61
N LEU G 225 -55.46 36.06 -46.84
CA LEU G 225 -54.61 35.33 -45.90
C LEU G 225 -54.01 36.21 -44.83
N SER G 226 -53.84 37.52 -45.12
CA SER G 226 -53.25 38.41 -44.14
C SER G 226 -54.12 38.54 -42.90
N VAL G 227 -55.44 38.64 -43.09
CA VAL G 227 -56.34 38.72 -41.95
C VAL G 227 -56.30 37.43 -41.15
N ARG G 228 -56.28 36.28 -41.85
CA ARG G 228 -56.21 35.00 -41.17
C ARG G 228 -54.92 34.87 -40.37
N LYS G 229 -53.80 35.31 -40.94
CA LYS G 229 -52.52 35.23 -40.24
C LYS G 229 -52.54 36.08 -38.98
N PHE G 230 -53.11 37.28 -39.06
CA PHE G 230 -53.20 38.13 -37.88
C PHE G 230 -54.08 37.50 -36.80
N MET G 231 -55.21 36.93 -37.19
CA MET G 231 -56.12 36.35 -36.20
C MET G 231 -55.58 35.05 -35.64
N VAL G 232 -54.82 34.29 -36.43
CA VAL G 232 -54.17 33.09 -35.89
C VAL G 232 -53.08 33.48 -34.91
N GLU G 233 -52.34 34.55 -35.22
CA GLU G 233 -51.30 35.02 -34.30
C GLU G 233 -51.89 35.45 -32.97
N ILE G 234 -53.05 36.11 -33.01
CA ILE G 234 -53.74 36.47 -31.77
C ILE G 234 -54.11 35.22 -30.99
N LEU G 235 -54.59 34.19 -31.69
CA LEU G 235 -55.01 32.96 -31.02
C LEU G 235 -53.85 32.31 -30.28
N MET G 236 -52.68 32.22 -30.92
CA MET G 236 -51.54 31.58 -30.28
C MET G 236 -51.07 32.39 -29.07
N GLU G 237 -50.99 33.71 -29.21
CA GLU G 237 -50.54 34.55 -28.09
C GLU G 237 -51.51 34.48 -26.93
N VAL G 238 -52.81 34.53 -27.21
CA VAL G 238 -53.81 34.43 -26.15
C VAL G 238 -53.78 33.05 -25.51
N LYS G 239 -53.55 32.01 -26.32
CA LYS G 239 -53.47 30.64 -25.80
C LYS G 239 -52.38 30.51 -24.75
N LYS G 240 -51.28 31.22 -24.91
CA LYS G 240 -50.19 31.18 -23.94
C LYS G 240 -50.66 31.79 -22.62
N GLY G 241 -50.79 30.96 -21.59
CA GLY G 241 -51.23 31.41 -20.30
C GLY G 241 -50.14 32.13 -19.53
N GLY G 242 -50.50 32.59 -18.33
CA GLY G 242 -49.56 33.26 -17.46
C GLY G 242 -50.04 34.60 -16.94
N SER G 243 -50.78 35.33 -17.77
CA SER G 243 -51.30 36.64 -17.41
C SER G 243 -52.81 36.60 -17.27
N ALA G 244 -53.35 37.66 -16.68
CA ALA G 244 -54.80 37.78 -16.52
C ALA G 244 -55.46 37.98 -17.88
N LYS G 245 -56.62 37.35 -18.06
CA LYS G 245 -57.36 37.40 -19.30
C LYS G 245 -58.62 38.24 -19.11
N GLY G 246 -58.83 39.20 -20.01
CA GLY G 246 -60.02 40.03 -19.98
C GLY G 246 -61.19 39.34 -20.64
N ARG G 247 -62.34 40.02 -20.57
CA ARG G 247 -63.56 39.47 -21.17
C ARG G 247 -63.41 39.28 -22.67
N ALA G 248 -62.77 40.23 -23.34
CA ALA G 248 -62.50 40.09 -24.77
C ALA G 248 -61.58 38.91 -25.05
N VAL G 249 -60.53 38.76 -24.24
CA VAL G 249 -59.55 37.70 -24.48
C VAL G 249 -60.15 36.34 -24.17
N GLU G 250 -60.96 36.24 -23.11
CA GLU G 250 -61.52 34.95 -22.72
C GLU G 250 -62.43 34.39 -23.81
N ILE G 251 -63.24 35.25 -24.43
CA ILE G 251 -64.09 34.81 -25.53
C ILE G 251 -63.24 34.35 -26.71
N ILE G 252 -62.20 35.12 -27.03
CA ILE G 252 -61.33 34.75 -28.15
C ILE G 252 -60.67 33.40 -27.90
N SER G 253 -60.17 33.18 -26.68
CA SER G 253 -59.57 31.90 -26.36
C SER G 253 -60.60 30.77 -26.39
N ASP G 254 -61.81 31.04 -25.89
CA ASP G 254 -62.87 30.04 -25.93
C ASP G 254 -63.25 29.69 -27.35
N ILE G 255 -63.33 30.69 -28.23
CA ILE G 255 -63.58 30.43 -29.64
C ILE G 255 -62.42 29.67 -30.25
N GLY G 256 -61.19 29.97 -29.82
CA GLY G 256 -60.03 29.28 -30.36
C GLY G 256 -60.02 27.80 -30.09
N ASN G 257 -60.81 27.36 -29.10
CA ASN G 257 -60.93 25.91 -28.85
C ASN G 257 -61.57 25.21 -30.04
N TYR G 258 -62.60 25.81 -30.62
CA TYR G 258 -63.22 25.23 -31.80
C TYR G 258 -62.36 25.40 -33.05
N VAL G 259 -61.55 26.47 -33.09
CA VAL G 259 -60.75 26.76 -34.26
C VAL G 259 -59.62 25.73 -34.43
N GLU G 260 -59.07 25.24 -33.33
CA GLU G 260 -57.89 24.37 -33.39
C GLU G 260 -58.19 23.10 -34.19
N GLU G 261 -57.17 22.65 -34.91
CA GLU G 261 -57.22 21.38 -35.66
C GLU G 261 -58.31 21.37 -36.72
N THR G 262 -58.73 22.55 -37.17
CA THR G 262 -59.75 22.64 -38.21
C THR G 262 -59.19 22.19 -39.55
N GLY G 263 -60.06 21.63 -40.38
CA GLY G 263 -59.70 21.25 -41.72
C GLY G 263 -58.83 20.02 -41.85
N MET G 264 -58.59 19.30 -40.76
CA MET G 264 -57.77 18.08 -40.78
C MET G 264 -58.48 16.95 -40.05
N ALA G 265 -59.79 16.79 -40.30
CA ALA G 265 -60.51 15.70 -39.67
C ALA G 265 -60.07 14.34 -40.20
N GLY G 266 -59.63 14.28 -41.46
CA GLY G 266 -59.18 13.01 -42.01
C GLY G 266 -57.98 12.45 -41.28
N PHE G 267 -57.03 13.32 -40.91
CA PHE G 267 -55.84 12.85 -40.21
C PHE G 267 -56.17 12.48 -38.77
N PHE G 268 -56.95 13.32 -38.08
CA PHE G 268 -57.18 13.09 -36.65
C PHE G 268 -58.19 11.97 -36.41
N ALA G 269 -59.17 11.80 -37.29
CA ALA G 269 -60.07 10.66 -37.17
C ALA G 269 -59.29 9.35 -37.33
N THR G 270 -58.32 9.33 -38.24
CA THR G 270 -57.47 8.16 -38.39
C THR G 270 -56.67 7.91 -37.13
N ILE G 271 -56.16 8.97 -36.51
CA ILE G 271 -55.41 8.84 -35.26
C ILE G 271 -56.32 8.32 -34.15
N ARG G 272 -57.49 8.95 -34.00
CA ARG G 272 -58.36 8.61 -32.89
C ARG G 272 -59.01 7.26 -33.06
N PHE G 273 -59.54 6.98 -34.26
CA PHE G 273 -60.35 5.78 -34.47
C PHE G 273 -59.55 4.65 -35.11
N GLY G 274 -58.91 4.93 -36.25
CA GLY G 274 -58.19 3.88 -36.96
C GLY G 274 -56.98 3.37 -36.19
N LEU G 275 -56.19 4.27 -35.62
CA LEU G 275 -54.96 3.86 -34.95
C LEU G 275 -55.22 3.45 -33.50
N GLU G 276 -55.77 4.36 -32.70
CA GLU G 276 -56.17 4.03 -31.35
C GLU G 276 -57.39 3.12 -31.39
N THR G 277 -57.92 2.75 -30.23
CA THR G 277 -58.97 1.75 -30.13
C THR G 277 -58.55 0.47 -30.86
N ARG G 278 -57.48 -0.14 -30.33
CA ARG G 278 -56.78 -1.23 -31.01
C ARG G 278 -57.71 -2.40 -31.33
N TYR G 279 -57.92 -2.63 -32.62
CA TYR G 279 -58.78 -3.69 -33.12
C TYR G 279 -57.93 -4.81 -33.70
N PRO G 280 -58.26 -6.08 -33.44
CA PRO G 280 -57.51 -7.20 -34.01
C PRO G 280 -57.29 -7.13 -35.53
N ALA G 281 -58.06 -6.28 -36.22
CA ALA G 281 -57.95 -6.14 -37.66
C ALA G 281 -56.89 -5.12 -38.08
N LEU G 282 -56.13 -4.58 -37.13
CA LEU G 282 -55.12 -3.58 -37.46
C LEU G 282 -53.96 -4.20 -38.22
N ALA G 283 -53.29 -5.17 -37.59
CA ALA G 283 -52.15 -5.85 -38.22
C ALA G 283 -52.70 -6.83 -39.25
N LEU G 284 -52.78 -6.39 -40.51
CA LEU G 284 -53.32 -7.20 -41.59
C LEU G 284 -52.43 -7.20 -42.83
N ASN G 285 -51.19 -6.75 -42.71
CA ASN G 285 -50.19 -6.70 -43.78
C ASN G 285 -50.58 -5.79 -44.92
N GLU G 286 -51.69 -5.06 -44.82
CA GLU G 286 -52.01 -3.99 -45.76
C GLU G 286 -52.07 -2.63 -45.10
N PHE G 287 -51.93 -2.57 -43.77
CA PHE G 287 -51.90 -1.31 -43.04
C PHE G 287 -50.52 -0.95 -42.54
N GLN G 288 -49.54 -1.86 -42.65
CA GLN G 288 -48.21 -1.59 -42.10
C GLN G 288 -47.56 -0.41 -42.79
N SER G 289 -47.79 -0.25 -44.10
CA SER G 289 -47.28 0.93 -44.80
C SER G 289 -47.98 2.19 -44.31
N ASP G 290 -49.31 2.15 -44.18
CA ASP G 290 -50.05 3.30 -43.70
C ASP G 290 -49.70 3.62 -42.25
N LEU G 291 -49.51 2.58 -41.43
CA LEU G 291 -49.13 2.79 -40.04
C LEU G 291 -47.77 3.47 -39.95
N ASN G 292 -46.82 3.06 -40.80
CA ASN G 292 -45.52 3.71 -40.81
C ASN G 292 -45.64 5.17 -41.22
N THR G 293 -46.43 5.46 -42.25
CA THR G 293 -46.61 6.84 -42.68
C THR G 293 -47.26 7.68 -41.60
N ILE G 294 -48.26 7.12 -40.91
CA ILE G 294 -48.92 7.83 -39.82
C ILE G 294 -47.92 8.14 -38.71
N LYS G 295 -47.06 7.19 -38.38
CA LYS G 295 -46.08 7.39 -37.33
C LYS G 295 -45.14 8.54 -37.65
N GLY G 296 -44.71 8.64 -38.91
CA GLY G 296 -43.87 9.76 -39.29
C GLY G 296 -44.61 11.09 -39.23
N LEU G 297 -45.89 11.09 -39.56
CA LEU G 297 -46.67 12.32 -39.55
C LEU G 297 -46.79 12.89 -38.14
N MET G 298 -46.99 12.03 -37.15
CA MET G 298 -47.08 12.50 -35.78
C MET G 298 -45.78 13.17 -35.33
N LEU G 299 -44.63 12.63 -35.76
CA LEU G 299 -43.36 13.27 -35.46
C LEU G 299 -43.24 14.60 -36.21
N LEU G 300 -43.74 14.64 -37.45
CA LEU G 300 -43.74 15.90 -38.20
C LEU G 300 -44.62 16.95 -37.53
N TYR G 301 -45.80 16.53 -37.04
CA TYR G 301 -46.69 17.45 -36.36
C TYR G 301 -46.04 18.04 -35.12
N ARG G 302 -45.31 17.20 -34.37
CA ARG G 302 -44.59 17.70 -33.21
C ARG G 302 -43.46 18.64 -33.63
N GLU G 303 -42.88 18.40 -34.80
CA GLU G 303 -41.75 19.21 -35.26
C GLU G 303 -42.19 20.58 -35.78
N ILE G 304 -43.42 20.72 -36.24
CA ILE G 304 -43.86 21.97 -36.86
C ILE G 304 -43.81 23.12 -35.85
N GLY G 305 -44.41 22.91 -34.68
CA GLY G 305 -44.38 23.93 -33.65
C GLY G 305 -45.77 24.34 -33.20
N PRO G 306 -45.87 25.52 -32.60
CA PRO G 306 -47.19 25.99 -32.12
C PRO G 306 -48.17 26.30 -33.23
N ARG G 307 -47.71 26.43 -34.48
CA ARG G 307 -48.60 26.71 -35.60
C ARG G 307 -49.21 25.45 -36.20
N ALA G 308 -48.91 24.28 -35.63
CA ALA G 308 -49.39 23.02 -36.21
C ALA G 308 -50.91 22.93 -36.26
N PRO G 309 -51.67 23.20 -35.20
CA PRO G 309 -53.13 23.03 -35.31
C PRO G 309 -53.76 23.93 -36.35
N TYR G 310 -53.26 25.16 -36.51
CA TYR G 310 -53.79 26.07 -37.52
C TYR G 310 -53.00 26.00 -38.82
N MET G 311 -52.80 24.78 -39.33
CA MET G 311 -52.08 24.65 -40.60
C MET G 311 -52.96 24.99 -41.79
N VAL G 312 -54.23 24.62 -41.75
CA VAL G 312 -55.13 24.93 -42.85
C VAL G 312 -55.40 26.43 -42.92
N LEU G 313 -55.51 27.08 -41.76
CA LEU G 313 -55.76 28.52 -41.75
C LEU G 313 -54.61 29.29 -42.38
N LEU G 314 -53.38 28.94 -42.03
CA LEU G 314 -52.21 29.55 -42.64
C LEU G 314 -51.88 28.96 -44.00
N GLU G 315 -52.57 27.89 -44.40
CA GLU G 315 -52.39 27.26 -45.71
C GLU G 315 -50.94 26.79 -45.90
N GLU G 316 -50.42 26.13 -44.88
CA GLU G 316 -49.08 25.58 -44.95
C GLU G 316 -49.00 24.49 -46.03
N SER G 317 -47.87 24.46 -46.73
CA SER G 317 -47.63 23.41 -47.71
C SER G 317 -47.45 22.05 -47.03
N ILE G 318 -47.07 22.03 -45.76
CA ILE G 318 -46.94 20.78 -45.02
C ILE G 318 -48.29 20.09 -44.88
N GLN G 319 -49.39 20.85 -44.95
CA GLN G 319 -50.71 20.28 -44.74
C GLN G 319 -51.06 19.22 -45.78
N THR G 320 -50.58 19.40 -47.02
CA THR G 320 -50.91 18.44 -48.07
C THR G 320 -50.40 17.04 -47.72
N LYS G 321 -49.22 16.95 -47.12
CA LYS G 321 -48.69 15.66 -46.70
C LYS G 321 -49.53 15.03 -45.60
N PHE G 322 -50.29 15.83 -44.84
CA PHE G 322 -51.14 15.29 -43.78
C PHE G 322 -52.48 14.77 -44.30
N ALA G 323 -52.92 15.26 -45.45
CA ALA G 323 -54.25 14.91 -45.95
C ALA G 323 -54.31 13.43 -46.33
N PRO G 324 -55.47 12.79 -46.16
CA PRO G 324 -55.63 11.42 -46.64
C PRO G 324 -55.45 11.36 -48.15
N GLY G 325 -54.83 10.28 -48.61
CA GLY G 325 -54.44 10.16 -49.99
C GLY G 325 -53.05 9.57 -50.07
N GLY G 326 -52.23 9.88 -49.07
CA GLY G 326 -50.98 9.18 -48.85
C GLY G 326 -51.13 7.95 -48.00
N TYR G 327 -52.29 7.78 -47.35
CA TYR G 327 -52.59 6.56 -46.58
C TYR G 327 -54.07 6.24 -46.73
N PRO G 328 -54.55 6.05 -47.96
CA PRO G 328 -55.99 5.86 -48.16
C PRO G 328 -56.55 4.61 -47.50
N LEU G 329 -55.72 3.57 -47.34
CA LEU G 329 -56.23 2.31 -46.82
C LEU G 329 -56.62 2.44 -45.35
N LEU G 330 -55.70 2.92 -44.51
CA LEU G 330 -55.99 3.05 -43.09
C LEU G 330 -57.07 4.10 -42.85
N TRP G 331 -57.03 5.19 -43.60
CA TRP G 331 -58.05 6.24 -43.44
C TRP G 331 -59.44 5.68 -43.76
N SER G 332 -59.55 4.90 -44.83
CA SER G 332 -60.83 4.29 -45.16
C SER G 332 -61.31 3.36 -44.06
N PHE G 333 -60.39 2.57 -43.49
CA PHE G 333 -60.73 1.76 -42.33
C PHE G 333 -61.12 2.64 -41.15
N ALA G 334 -60.41 3.75 -40.96
CA ALA G 334 -60.70 4.64 -39.84
C ALA G 334 -62.07 5.26 -39.95
N MET G 335 -62.48 5.67 -41.16
CA MET G 335 -63.82 6.23 -41.32
C MET G 335 -64.88 5.14 -41.16
N GLY G 336 -64.51 3.88 -41.38
CA GLY G 336 -65.46 2.80 -41.20
C GLY G 336 -65.88 2.65 -39.75
N VAL G 337 -64.92 2.65 -38.83
CA VAL G 337 -65.25 2.57 -37.41
C VAL G 337 -65.80 3.90 -36.92
N ALA G 338 -65.35 5.02 -37.50
CA ALA G 338 -65.80 6.33 -37.03
C ALA G 338 -67.30 6.52 -37.27
N THR G 339 -67.78 6.11 -38.44
CA THR G 339 -69.20 6.28 -38.75
C THR G 339 -70.09 5.47 -37.82
N THR G 340 -69.67 4.24 -37.50
CA THR G 340 -70.48 3.38 -36.63
C THR G 340 -70.43 3.84 -35.18
N ILE G 341 -69.27 4.27 -34.69
CA ILE G 341 -69.10 4.59 -33.28
C ILE G 341 -69.62 5.99 -32.97
N ASP G 342 -69.15 6.99 -33.71
CA ASP G 342 -69.51 8.38 -33.47
C ASP G 342 -70.72 8.74 -34.33
N ARG G 343 -71.85 9.02 -33.66
CA ARG G 343 -73.06 9.39 -34.40
C ARG G 343 -72.86 10.68 -35.17
N SER G 344 -72.20 11.67 -34.56
CA SER G 344 -71.95 12.94 -35.24
C SER G 344 -71.08 12.73 -36.48
N MET G 345 -70.07 11.88 -36.38
CA MET G 345 -69.26 11.53 -37.55
C MET G 345 -70.11 10.74 -38.53
N GLY G 346 -70.25 11.26 -39.75
CA GLY G 346 -71.18 10.72 -40.71
C GLY G 346 -71.79 11.84 -41.50
N ALA G 347 -71.82 13.03 -40.90
CA ALA G 347 -72.10 14.25 -41.64
C ALA G 347 -70.87 14.78 -42.35
N LEU G 348 -69.71 14.16 -42.12
CA LEU G 348 -68.49 14.54 -42.81
C LEU G 348 -68.54 14.08 -44.26
N ASN G 349 -68.04 14.92 -45.17
CA ASN G 349 -68.02 14.61 -46.59
C ASN G 349 -66.74 13.84 -46.89
N ILE G 350 -66.88 12.56 -47.23
CA ILE G 350 -65.72 11.70 -47.45
C ILE G 350 -65.82 11.02 -48.82
N ASN G 351 -66.46 11.68 -49.77
CA ASN G 351 -66.64 11.10 -51.11
C ASN G 351 -65.40 11.36 -51.98
N ARG G 352 -64.26 10.89 -51.49
CA ARG G 352 -63.00 11.06 -52.19
C ARG G 352 -62.85 9.98 -53.26
N GLY G 353 -61.79 10.12 -54.06
CA GLY G 353 -61.49 9.17 -55.12
C GLY G 353 -60.72 7.95 -54.71
N TYR G 354 -60.40 7.80 -53.43
CA TYR G 354 -59.65 6.67 -52.90
C TYR G 354 -60.38 6.06 -51.71
N LEU G 355 -61.70 5.90 -51.85
CA LEU G 355 -62.52 5.43 -50.73
C LEU G 355 -62.22 3.98 -50.38
N GLU G 356 -62.01 3.12 -51.39
CA GLU G 356 -61.73 1.70 -51.18
C GLU G 356 -62.80 1.07 -50.29
N PRO G 357 -64.01 0.85 -50.82
CA PRO G 357 -65.10 0.36 -49.96
C PRO G 357 -64.80 -0.98 -49.30
N MET G 358 -63.92 -1.80 -49.88
CA MET G 358 -63.60 -3.09 -49.28
C MET G 358 -63.01 -2.91 -47.89
N TYR G 359 -62.10 -1.96 -47.73
CA TYR G 359 -61.55 -1.69 -46.41
C TYR G 359 -62.52 -0.89 -45.56
N PHE G 360 -63.38 -0.08 -46.18
CA PHE G 360 -64.42 0.61 -45.43
C PHE G 360 -65.40 -0.38 -44.80
N ARG G 361 -65.80 -1.41 -45.55
CA ARG G 361 -66.71 -2.42 -45.00
C ARG G 361 -66.08 -3.15 -43.83
N LEU G 362 -64.79 -3.46 -43.93
CA LEU G 362 -64.11 -4.14 -42.84
C LEU G 362 -64.12 -3.30 -41.57
N GLY G 363 -63.95 -1.98 -41.72
CA GLY G 363 -64.07 -1.10 -40.57
C GLY G 363 -65.45 -1.13 -39.95
N GLN G 364 -66.49 -1.16 -40.79
CA GLN G 364 -67.85 -1.25 -40.27
C GLN G 364 -68.05 -2.54 -39.50
N LYS G 365 -67.54 -3.66 -40.02
CA LYS G 365 -67.63 -4.92 -39.30
C LYS G 365 -66.75 -4.92 -38.06
N SER G 366 -65.65 -4.15 -38.09
CA SER G 366 -64.73 -4.14 -36.95
C SER G 366 -65.38 -3.55 -35.71
N ALA G 367 -66.23 -2.53 -35.87
CA ALA G 367 -66.86 -1.90 -34.72
C ALA G 367 -67.81 -2.85 -34.00
N ARG G 368 -68.61 -3.60 -34.75
CA ARG G 368 -69.67 -4.41 -34.16
C ARG G 368 -69.45 -5.91 -34.33
N HIS G 369 -69.26 -6.39 -35.56
CA HIS G 369 -69.23 -7.81 -35.82
C HIS G 369 -67.88 -8.46 -35.54
N HIS G 370 -66.87 -7.68 -35.16
CA HIS G 370 -65.52 -8.23 -35.03
C HIS G 370 -65.36 -9.05 -33.76
N ALA G 371 -65.49 -8.39 -32.60
CA ALA G 371 -65.31 -9.04 -31.31
C ALA G 371 -65.61 -8.01 -30.23
N GLY G 372 -65.68 -8.49 -28.98
CA GLY G 372 -65.84 -7.58 -27.85
C GLY G 372 -64.64 -6.66 -27.67
N GLY G 373 -63.44 -7.20 -27.88
CA GLY G 373 -62.23 -6.41 -27.82
C GLY G 373 -61.76 -6.11 -26.41
N ILE G 374 -61.40 -7.15 -25.66
CA ILE G 374 -60.87 -6.97 -24.32
C ILE G 374 -59.36 -6.77 -24.41
N ASP G 375 -58.89 -5.61 -23.99
CA ASP G 375 -57.48 -5.25 -24.07
C ASP G 375 -56.79 -5.79 -22.81
N GLN G 376 -55.50 -5.51 -22.67
CA GLN G 376 -54.75 -5.95 -21.50
C GLN G 376 -55.38 -5.39 -20.23
N ASN G 377 -55.66 -6.26 -19.27
CA ASN G 377 -56.38 -5.90 -18.06
C ASN G 377 -55.40 -5.89 -16.88
N MET G 378 -55.13 -4.70 -16.35
CA MET G 378 -54.35 -4.61 -15.12
C MET G 378 -55.09 -5.28 -13.97
N ALA G 379 -56.39 -5.06 -13.87
CA ALA G 379 -57.22 -5.79 -12.91
C ALA G 379 -57.51 -7.18 -13.44
N ASN G 380 -57.27 -8.19 -12.59
CA ASN G 380 -57.42 -9.58 -12.99
C ASN G 380 -58.89 -9.97 -12.88
N LYS G 381 -59.54 -10.16 -14.03
CA LYS G 381 -60.94 -10.54 -14.08
C LYS G 381 -61.02 -12.04 -14.42
N LEU G 382 -61.03 -12.85 -13.36
CA LEU G 382 -60.99 -14.30 -13.54
C LEU G 382 -62.22 -14.82 -14.26
N GLY G 383 -63.40 -14.34 -13.87
CA GLY G 383 -64.65 -14.87 -14.40
C GLY G 383 -65.35 -13.98 -15.39
N LEU G 384 -64.60 -13.09 -16.06
CA LEU G 384 -65.18 -12.14 -17.00
C LEU G 384 -65.42 -12.72 -18.38
N ASN G 385 -65.33 -14.04 -18.54
CA ASN G 385 -65.65 -14.65 -19.82
C ASN G 385 -67.10 -14.40 -20.20
N SER G 386 -68.02 -14.57 -19.24
CA SER G 386 -69.43 -14.28 -19.50
C SER G 386 -69.68 -12.78 -19.52
N ASP G 387 -68.87 -12.00 -18.82
CA ASP G 387 -69.01 -10.55 -18.85
C ASP G 387 -68.83 -10.00 -20.26
N GLN G 388 -67.85 -10.55 -20.99
CA GLN G 388 -67.70 -10.18 -22.40
C GLN G 388 -68.90 -10.63 -23.21
N VAL G 389 -69.43 -11.82 -22.92
CA VAL G 389 -70.58 -12.33 -23.65
C VAL G 389 -71.80 -11.44 -23.43
N ALA G 390 -72.04 -11.03 -22.19
CA ALA G 390 -73.14 -10.12 -21.91
C ALA G 390 -72.91 -8.77 -22.59
N GLU G 391 -71.67 -8.29 -22.58
CA GLU G 391 -71.35 -7.07 -23.32
C GLU G 391 -71.52 -7.27 -24.82
N LEU G 392 -71.10 -8.44 -25.32
CA LEU G 392 -71.29 -8.75 -26.75
C LEU G 392 -72.73 -9.11 -27.07
N ALA G 393 -73.54 -9.46 -26.07
CA ALA G 393 -74.93 -9.81 -26.32
C ALA G 393 -75.72 -8.61 -26.83
N ALA G 394 -75.23 -7.39 -26.60
CA ALA G 394 -75.89 -6.17 -27.06
C ALA G 394 -77.31 -6.05 -26.53
N MET H 1 -19.28 -22.29 -49.33
CA MET H 1 -19.54 -22.49 -47.91
C MET H 1 -20.22 -21.27 -47.29
N SER H 2 -19.85 -20.96 -46.05
CA SER H 2 -20.44 -19.82 -45.36
C SER H 2 -19.97 -18.50 -45.94
N ASP H 3 -18.69 -18.42 -46.32
CA ASP H 3 -18.11 -17.16 -46.78
C ASP H 3 -18.81 -16.66 -48.04
N ILE H 4 -19.05 -17.56 -48.99
CA ILE H 4 -19.73 -17.16 -50.22
C ILE H 4 -21.18 -16.80 -49.91
N PHE H 5 -21.81 -16.07 -50.84
CA PHE H 5 -23.16 -15.50 -50.70
C PHE H 5 -23.14 -14.29 -49.77
N ASP H 6 -21.99 -14.02 -49.16
CA ASP H 6 -21.73 -12.77 -48.44
C ASP H 6 -20.67 -11.93 -49.13
N GLU H 7 -19.59 -12.58 -49.57
CA GLU H 7 -18.67 -11.94 -50.50
C GLU H 7 -19.41 -11.41 -51.71
N ALA H 8 -20.42 -12.14 -52.19
CA ALA H 8 -21.21 -11.67 -53.32
C ALA H 8 -21.97 -10.40 -52.97
N ALA H 9 -22.56 -10.34 -51.78
CA ALA H 9 -23.29 -9.14 -51.38
C ALA H 9 -22.35 -7.94 -51.27
N SER H 10 -21.19 -8.14 -50.65
CA SER H 10 -20.21 -7.05 -50.58
C SER H 10 -19.74 -6.64 -51.96
N PHE H 11 -19.58 -7.61 -52.87
CA PHE H 11 -19.18 -7.31 -54.23
C PHE H 11 -20.23 -6.48 -54.95
N ARG H 12 -21.51 -6.82 -54.77
CA ARG H 12 -22.57 -6.04 -55.40
C ARG H 12 -22.64 -4.63 -54.83
N SER H 13 -22.47 -4.49 -53.51
CA SER H 13 -22.46 -3.15 -52.92
C SER H 13 -21.30 -2.31 -53.45
N TYR H 14 -20.10 -2.90 -53.50
CA TYR H 14 -18.94 -2.19 -54.02
C TYR H 14 -19.13 -1.84 -55.49
N GLN H 15 -19.74 -2.75 -56.26
CA GLN H 15 -20.02 -2.48 -57.67
C GLN H 15 -21.01 -1.33 -57.83
N SER H 16 -22.02 -1.24 -56.96
CA SER H 16 -22.94 -0.12 -57.01
C SER H 16 -22.21 1.19 -56.71
N LYS H 17 -21.42 1.22 -55.65
CA LYS H 17 -20.60 2.38 -55.34
C LYS H 17 -19.17 2.19 -55.85
N LEU H 18 -19.07 2.02 -57.18
CA LEU H 18 -17.80 1.61 -57.78
C LEU H 18 -16.84 2.78 -57.95
N GLY H 19 -17.22 3.76 -58.76
CA GLY H 19 -16.32 4.85 -59.08
C GLY H 19 -16.88 6.23 -58.79
N ARG H 20 -17.96 6.28 -58.02
CA ARG H 20 -18.59 7.56 -57.67
C ARG H 20 -17.92 8.18 -56.44
N ASP H 21 -16.64 8.51 -56.62
CA ASP H 21 -15.82 9.05 -55.54
C ASP H 21 -14.82 10.02 -56.13
N GLY H 22 -14.30 10.90 -55.27
CA GLY H 22 -13.34 11.90 -55.70
C GLY H 22 -13.99 13.13 -56.28
N ARG H 23 -13.14 14.01 -56.81
CA ARG H 23 -13.57 15.27 -57.40
C ARG H 23 -13.11 15.34 -58.85
N ALA H 24 -14.00 15.78 -59.72
CA ALA H 24 -13.69 15.91 -61.14
C ALA H 24 -12.86 17.17 -61.40
N SER H 25 -12.33 17.26 -62.61
CA SER H 25 -11.52 18.39 -63.01
C SER H 25 -12.37 19.43 -63.76
N ALA H 26 -11.77 20.60 -63.98
CA ALA H 26 -12.42 21.67 -64.72
C ALA H 26 -12.24 21.54 -66.22
N ALA H 27 -11.52 20.52 -66.69
CA ALA H 27 -11.35 20.33 -68.13
C ALA H 27 -12.68 20.05 -68.81
N THR H 28 -13.54 19.25 -68.17
CA THR H 28 -14.86 18.94 -68.73
C THR H 28 -15.83 20.06 -68.40
N ALA H 29 -15.62 21.20 -69.05
CA ALA H 29 -16.44 22.38 -68.85
C ALA H 29 -17.30 22.61 -70.09
N THR H 30 -18.61 22.62 -69.90
CA THR H 30 -19.53 22.79 -71.01
C THR H 30 -19.43 24.21 -71.58
N LEU H 31 -19.63 24.32 -72.89
CA LEU H 31 -19.70 25.63 -73.52
C LEU H 31 -20.95 26.37 -73.06
N THR H 32 -20.79 27.65 -72.73
CA THR H 32 -21.86 28.43 -72.14
C THR H 32 -22.51 29.33 -73.20
N THR H 33 -23.82 29.50 -73.08
CA THR H 33 -24.61 30.33 -73.98
C THR H 33 -25.13 31.54 -73.21
N LYS H 34 -25.01 32.72 -73.81
CA LYS H 34 -25.48 33.93 -73.16
C LYS H 34 -27.01 33.97 -73.18
N ILE H 35 -27.61 34.27 -72.02
CA ILE H 35 -29.05 34.33 -71.87
C ILE H 35 -29.41 35.70 -71.31
N ARG H 36 -30.21 36.46 -72.06
CA ARG H 36 -30.58 37.81 -71.69
C ARG H 36 -31.90 37.79 -70.93
N ILE H 37 -31.89 38.26 -69.68
CA ILE H 37 -33.04 38.23 -68.80
C ILE H 37 -33.47 39.66 -68.50
N PHE H 38 -34.74 39.95 -68.74
CA PHE H 38 -35.31 41.28 -68.52
C PHE H 38 -36.01 41.28 -67.17
N VAL H 39 -35.40 41.90 -66.17
CA VAL H 39 -35.98 41.97 -64.83
C VAL H 39 -36.49 43.38 -64.57
N PRO H 40 -37.55 43.55 -63.79
CA PRO H 40 -38.02 44.91 -63.47
C PRO H 40 -37.08 45.57 -62.46
N ALA H 41 -36.68 46.81 -62.78
CA ALA H 41 -35.78 47.53 -61.88
C ALA H 41 -36.49 48.08 -60.65
N THR H 42 -37.73 48.54 -60.82
CA THR H 42 -38.48 49.21 -59.77
C THR H 42 -39.61 48.30 -59.28
N ASN H 43 -40.40 48.85 -58.36
CA ASN H 43 -41.54 48.14 -57.79
C ASN H 43 -42.88 48.69 -58.25
N SER H 44 -42.89 49.55 -59.26
CA SER H 44 -44.13 50.14 -59.73
C SER H 44 -45.01 49.07 -60.36
N PRO H 45 -46.27 48.93 -59.92
CA PRO H 45 -47.11 47.85 -60.46
C PRO H 45 -47.32 47.91 -61.96
N GLU H 46 -47.45 49.11 -62.53
CA GLU H 46 -47.72 49.22 -63.96
C GLU H 46 -46.56 48.68 -64.78
N LEU H 47 -45.33 49.00 -64.38
CA LEU H 47 -44.16 48.51 -65.11
C LEU H 47 -44.05 47.00 -65.01
N ARG H 48 -44.30 46.44 -63.84
CA ARG H 48 -44.25 44.99 -63.68
C ARG H 48 -45.33 44.30 -64.49
N TRP H 49 -46.54 44.87 -64.53
CA TRP H 49 -47.61 44.28 -65.32
C TRP H 49 -47.29 44.33 -66.80
N GLU H 50 -46.76 45.45 -67.28
CA GLU H 50 -46.36 45.53 -68.68
C GLU H 50 -45.24 44.55 -68.99
N LEU H 51 -44.29 44.39 -68.06
CA LEU H 51 -43.19 43.46 -68.27
C LEU H 51 -43.68 42.02 -68.36
N THR H 52 -44.60 41.63 -67.48
CA THR H 52 -45.09 40.26 -67.54
C THR H 52 -45.99 40.03 -68.75
N LEU H 53 -46.71 41.05 -69.20
CA LEU H 53 -47.44 40.94 -70.46
C LEU H 53 -46.47 40.73 -71.63
N PHE H 54 -45.36 41.48 -71.63
CA PHE H 54 -44.35 41.32 -72.67
C PHE H 54 -43.74 39.92 -72.62
N ALA H 55 -43.47 39.41 -71.42
CA ALA H 55 -42.91 38.07 -71.30
C ALA H 55 -43.88 37.01 -71.80
N LEU H 56 -45.17 37.18 -71.48
CA LEU H 56 -46.18 36.27 -72.01
C LEU H 56 -46.20 36.30 -73.53
N ASP H 57 -46.14 37.50 -74.12
CA ASP H 57 -46.14 37.60 -75.58
C ASP H 57 -44.90 36.94 -76.18
N VAL H 58 -43.73 37.15 -75.57
CA VAL H 58 -42.51 36.57 -76.09
C VAL H 58 -42.56 35.05 -76.02
N ILE H 59 -43.06 34.50 -74.91
CA ILE H 59 -43.19 33.06 -74.79
C ILE H 59 -44.15 32.52 -75.83
N ARG H 60 -45.28 33.21 -76.03
CA ARG H 60 -46.25 32.78 -77.04
C ARG H 60 -45.74 33.00 -78.46
N SER H 61 -44.73 33.85 -78.65
CA SER H 61 -44.28 34.20 -79.99
C SER H 61 -43.67 32.98 -80.68
N PRO H 62 -44.00 32.74 -81.95
CA PRO H 62 -43.39 31.62 -82.67
C PRO H 62 -42.03 31.96 -83.27
N SER H 63 -41.82 33.24 -83.55
CA SER H 63 -40.57 33.71 -84.15
C SER H 63 -39.48 33.95 -83.12
N ALA H 64 -39.76 33.76 -81.84
CA ALA H 64 -38.77 34.01 -80.80
C ALA H 64 -37.70 32.94 -80.81
N ALA H 65 -36.45 33.38 -80.65
CA ALA H 65 -35.35 32.44 -80.47
C ALA H 65 -35.46 31.78 -79.11
N GLU H 66 -34.82 30.61 -78.98
CA GLU H 66 -34.93 29.85 -77.74
C GLU H 66 -34.34 30.62 -76.57
N SER H 67 -33.23 31.34 -76.79
CA SER H 67 -32.64 32.13 -75.72
C SER H 67 -33.60 33.20 -75.22
N MET H 68 -34.30 33.86 -76.14
CA MET H 68 -35.30 34.84 -75.74
C MET H 68 -36.43 34.20 -74.95
N LYS H 69 -36.83 32.99 -75.33
CA LYS H 69 -37.87 32.29 -74.59
C LYS H 69 -37.42 31.94 -73.18
N ILE H 70 -36.15 31.51 -73.02
CA ILE H 70 -35.63 31.24 -71.69
C ILE H 70 -35.56 32.51 -70.87
N GLY H 71 -35.16 33.62 -71.49
CA GLY H 71 -35.14 34.89 -70.78
C GLY H 71 -36.52 35.31 -70.32
N ALA H 72 -37.53 35.13 -71.17
CA ALA H 72 -38.90 35.45 -70.78
C ALA H 72 -39.38 34.53 -69.65
N ALA H 73 -39.02 33.25 -69.71
CA ALA H 73 -39.42 32.33 -68.65
C ALA H 73 -38.78 32.71 -67.33
N PHE H 74 -37.49 33.09 -67.34
CA PHE H 74 -36.83 33.52 -66.13
C PHE H 74 -37.42 34.82 -65.60
N THR H 75 -37.79 35.73 -66.51
CA THR H 75 -38.46 36.96 -66.10
C THR H 75 -39.79 36.66 -65.42
N LEU H 76 -40.55 35.71 -65.98
CA LEU H 76 -41.85 35.35 -65.40
C LEU H 76 -41.67 34.72 -64.02
N ILE H 77 -40.78 33.74 -63.91
CA ILE H 77 -40.67 32.95 -62.69
C ILE H 77 -40.27 33.84 -61.50
N SER H 78 -39.35 34.78 -61.74
CA SER H 78 -38.85 35.64 -60.68
C SER H 78 -39.62 36.95 -60.56
N MET H 79 -40.79 37.06 -61.19
CA MET H 79 -41.53 38.31 -61.17
C MET H 79 -42.08 38.63 -59.78
N TYR H 80 -42.44 37.60 -59.00
CA TYR H 80 -43.06 37.84 -57.70
C TYR H 80 -42.08 38.52 -56.73
N SER H 81 -40.79 38.18 -56.82
CA SER H 81 -39.83 38.71 -55.87
C SER H 81 -39.62 40.20 -56.07
N GLU H 82 -39.36 40.89 -54.96
CA GLU H 82 -39.11 42.32 -55.01
C GLU H 82 -37.77 42.66 -55.66
N ARG H 83 -36.82 41.72 -55.64
CA ARG H 83 -35.52 41.89 -56.28
C ARG H 83 -35.29 40.69 -57.19
N PRO H 84 -35.90 40.67 -58.37
CA PRO H 84 -35.74 39.52 -59.27
C PRO H 84 -34.30 39.24 -59.66
N GLY H 85 -33.49 40.29 -59.83
CA GLY H 85 -32.10 40.07 -60.19
C GLY H 85 -31.32 39.34 -59.11
N ALA H 86 -31.52 39.74 -57.85
CA ALA H 86 -30.85 39.06 -56.74
C ALA H 86 -31.32 37.62 -56.62
N LEU H 87 -32.62 37.39 -56.80
CA LEU H 87 -33.14 36.03 -56.72
C LEU H 87 -32.55 35.14 -57.81
N ILE H 88 -32.48 35.65 -59.04
CA ILE H 88 -31.90 34.87 -60.13
C ILE H 88 -30.42 34.62 -59.89
N ARG H 89 -29.68 35.65 -59.48
CA ARG H 89 -28.24 35.49 -59.32
C ARG H 89 -27.88 34.60 -58.14
N SER H 90 -28.70 34.59 -57.09
CA SER H 90 -28.41 33.82 -55.89
C SER H 90 -29.07 32.45 -55.89
N LEU H 91 -29.77 32.08 -56.96
CA LEU H 91 -30.43 30.78 -57.05
C LEU H 91 -30.24 30.17 -58.43
N LEU H 92 -29.05 30.35 -59.00
CA LEU H 92 -28.72 29.81 -60.32
C LEU H 92 -27.53 28.88 -60.19
N ASN H 93 -27.70 27.63 -60.62
CA ASN H 93 -26.65 26.64 -60.59
C ASN H 93 -26.60 25.88 -61.91
N ASP H 94 -26.65 26.63 -63.01
CA ASP H 94 -26.68 26.03 -64.35
C ASP H 94 -25.34 26.26 -65.04
N PRO H 95 -24.47 25.24 -65.12
CA PRO H 95 -23.22 25.42 -65.87
C PRO H 95 -23.42 25.58 -67.36
N ASP H 96 -24.57 25.18 -67.90
CA ASP H 96 -24.80 25.28 -69.33
C ASP H 96 -24.94 26.71 -69.79
N ILE H 97 -25.51 27.58 -68.96
CA ILE H 97 -25.87 28.93 -69.36
C ILE H 97 -25.19 29.94 -68.44
N GLU H 98 -25.01 31.15 -68.98
CA GLU H 98 -24.63 32.31 -68.20
C GLU H 98 -25.72 33.36 -68.34
N ALA H 99 -26.15 33.91 -67.22
CA ALA H 99 -27.26 34.86 -67.21
C ALA H 99 -26.73 36.27 -67.08
N VAL H 100 -27.13 37.13 -68.01
CA VAL H 100 -26.80 38.55 -67.97
C VAL H 100 -28.07 39.29 -67.57
N ILE H 101 -28.14 39.70 -66.31
CA ILE H 101 -29.35 40.35 -65.80
C ILE H 101 -29.43 41.77 -66.35
N ILE H 102 -30.60 42.13 -66.87
CA ILE H 102 -30.83 43.44 -67.46
C ILE H 102 -31.96 44.11 -66.70
N ASP H 103 -31.64 45.20 -66.00
CA ASP H 103 -32.66 46.00 -65.34
C ASP H 103 -33.44 46.78 -66.39
N VAL H 104 -34.75 46.56 -66.43
CA VAL H 104 -35.57 47.13 -67.49
C VAL H 104 -35.61 48.66 -67.41
N GLY H 105 -35.80 49.19 -66.20
CA GLY H 105 -35.78 50.63 -66.02
C GLY H 105 -37.13 51.28 -66.22
N SER H 106 -37.34 51.87 -67.41
CA SER H 106 -38.64 52.37 -67.80
C SER H 106 -39.32 51.35 -68.70
N MET H 107 -40.49 51.70 -69.23
CA MET H 107 -41.26 50.73 -70.00
C MET H 107 -41.99 51.44 -71.13
N LEU H 108 -41.60 51.12 -72.36
CA LEU H 108 -42.34 51.51 -73.56
C LEU H 108 -43.29 50.37 -73.92
N ASN H 109 -43.84 50.42 -75.14
CA ASN H 109 -44.61 49.28 -75.65
C ASN H 109 -43.80 47.99 -75.55
N GLY H 110 -42.56 48.03 -76.00
CA GLY H 110 -41.62 46.95 -75.75
C GLY H 110 -40.80 47.25 -74.51
N ILE H 111 -39.47 47.24 -74.64
CA ILE H 111 -38.60 47.66 -73.54
C ILE H 111 -37.64 48.73 -74.05
N PRO H 112 -37.44 49.83 -73.31
CA PRO H 112 -36.41 50.80 -73.70
C PRO H 112 -35.05 50.38 -73.17
N VAL H 113 -34.11 50.16 -74.09
CA VAL H 113 -32.76 49.78 -73.69
C VAL H 113 -32.12 50.90 -72.88
N MET H 114 -32.28 52.15 -73.32
CA MET H 114 -31.80 53.32 -72.61
C MET H 114 -30.31 53.22 -72.31
N GLU H 115 -29.52 52.98 -73.35
CA GLU H 115 -28.06 52.88 -73.22
C GLU H 115 -27.46 53.24 -74.57
N ARG H 116 -26.98 54.48 -74.69
CA ARG H 116 -26.36 54.98 -75.92
C ARG H 116 -27.32 54.82 -77.10
N ARG H 117 -28.43 55.54 -77.03
CA ARG H 117 -29.47 55.44 -78.05
C ARG H 117 -28.89 55.71 -79.44
N GLY H 118 -29.22 54.84 -80.38
CA GLY H 118 -28.67 54.87 -81.73
C GLY H 118 -27.49 53.94 -81.90
N ASP H 119 -26.83 53.57 -80.81
CA ASP H 119 -25.68 52.69 -80.85
C ASP H 119 -26.08 51.30 -80.36
N LYS H 120 -26.25 50.38 -81.29
CA LYS H 120 -26.51 48.96 -81.00
C LYS H 120 -27.76 48.77 -80.13
N ALA H 121 -28.76 49.63 -80.31
CA ALA H 121 -29.99 49.51 -79.55
C ALA H 121 -31.20 49.50 -80.48
N GLN H 122 -31.10 50.21 -81.60
CA GLN H 122 -32.22 50.28 -82.53
C GLN H 122 -32.53 48.91 -83.11
N GLU H 123 -31.51 48.11 -83.39
CA GLU H 123 -31.75 46.77 -83.93
C GLU H 123 -32.47 45.90 -82.91
N GLU H 124 -32.10 46.00 -81.63
CA GLU H 124 -32.80 45.26 -80.59
C GLU H 124 -34.25 45.72 -80.47
N MET H 125 -34.48 47.03 -80.58
CA MET H 125 -35.85 47.54 -80.52
C MET H 125 -36.69 47.02 -81.68
N GLU H 126 -36.13 47.02 -82.89
CA GLU H 126 -36.86 46.46 -84.03
C GLU H 126 -37.10 44.97 -83.85
N GLY H 127 -36.13 44.24 -83.30
CA GLY H 127 -36.34 42.83 -83.04
C GLY H 127 -37.46 42.59 -82.05
N LEU H 128 -37.52 43.37 -80.98
CA LEU H 128 -38.59 43.22 -80.00
C LEU H 128 -39.95 43.57 -80.60
N MET H 129 -40.01 44.62 -81.42
CA MET H 129 -41.27 44.95 -82.10
C MET H 129 -41.70 43.83 -83.03
N ARG H 130 -40.75 43.23 -83.76
CA ARG H 130 -41.09 42.09 -84.61
C ARG H 130 -41.60 40.92 -83.78
N ILE H 131 -40.96 40.68 -82.62
CA ILE H 131 -41.39 39.59 -81.75
C ILE H 131 -42.83 39.82 -81.30
N LEU H 132 -43.14 41.04 -80.85
CA LEU H 132 -44.49 41.34 -80.40
C LEU H 132 -45.50 41.22 -81.53
N LYS H 133 -45.16 41.72 -82.72
CA LYS H 133 -46.08 41.66 -83.84
C LYS H 133 -46.35 40.21 -84.25
N THR H 134 -45.30 39.39 -84.32
CA THR H 134 -45.49 37.98 -84.67
C THR H 134 -46.27 37.25 -83.61
N ALA H 135 -46.04 37.55 -82.34
CA ALA H 135 -46.80 36.92 -81.27
C ALA H 135 -48.28 37.26 -81.35
N ARG H 136 -48.60 38.53 -81.63
CA ARG H 136 -49.99 38.93 -81.69
C ARG H 136 -50.68 38.40 -82.95
N GLU H 137 -49.97 38.35 -84.07
CA GLU H 137 -50.56 37.88 -85.31
C GLU H 137 -50.68 36.37 -85.36
N SER H 138 -49.80 35.64 -84.69
CA SER H 138 -49.78 34.18 -84.79
C SER H 138 -51.09 33.57 -84.33
N SER H 139 -51.57 33.98 -83.15
CA SER H 139 -52.86 33.52 -82.69
C SER H 139 -53.97 34.20 -83.48
N LYS H 140 -55.18 33.63 -83.37
CA LYS H 140 -56.32 34.17 -84.10
C LYS H 140 -56.91 35.35 -83.35
N GLY H 141 -56.08 36.33 -83.01
CA GLY H 141 -56.51 37.44 -82.18
C GLY H 141 -56.73 37.07 -80.74
N LYS H 142 -56.33 35.87 -80.32
CA LYS H 142 -56.60 35.36 -78.98
C LYS H 142 -55.50 35.79 -78.02
N THR H 143 -55.90 36.43 -76.93
CA THR H 143 -54.97 36.82 -75.89
C THR H 143 -54.47 35.58 -75.14
N PRO H 144 -53.32 35.67 -74.48
CA PRO H 144 -52.87 34.53 -73.65
C PRO H 144 -53.86 34.14 -72.58
N PHE H 145 -54.57 35.10 -72.00
CA PHE H 145 -55.55 34.80 -70.98
C PHE H 145 -56.85 34.29 -71.61
N VAL H 146 -57.56 33.45 -70.86
CA VAL H 146 -58.85 32.95 -71.34
C VAL H 146 -59.89 34.05 -71.41
N ASP H 147 -59.64 35.19 -70.76
CA ASP H 147 -60.53 36.34 -70.81
C ASP H 147 -59.84 37.46 -71.60
N SER H 148 -60.52 37.93 -72.64
CA SER H 148 -59.93 38.97 -73.49
C SER H 148 -59.73 40.27 -72.72
N ARG H 149 -60.51 40.52 -71.68
CA ARG H 149 -60.36 41.73 -70.89
C ARG H 149 -59.14 41.68 -69.99
N ALA H 150 -58.61 40.49 -69.70
CA ALA H 150 -57.45 40.36 -68.83
C ALA H 150 -56.17 40.81 -69.52
N TYR H 151 -56.16 40.87 -70.86
CA TYR H 151 -54.95 41.27 -71.58
C TYR H 151 -54.79 42.78 -71.58
N GLY H 152 -55.75 43.50 -72.15
CA GLY H 152 -55.70 44.95 -72.18
C GLY H 152 -56.23 45.55 -70.90
N LEU H 153 -55.71 45.10 -69.76
CA LEU H 153 -56.16 45.55 -68.46
C LEU H 153 -55.10 46.47 -67.85
N ARG H 154 -55.54 47.63 -67.37
CA ARG H 154 -54.65 48.58 -66.72
C ARG H 154 -54.51 48.21 -65.25
N ILE H 155 -53.27 48.11 -64.78
CA ILE H 155 -52.97 47.77 -63.39
C ILE H 155 -52.18 48.90 -62.77
N THR H 156 -52.71 49.48 -61.69
CA THR H 156 -52.00 50.47 -60.89
C THR H 156 -51.97 50.14 -59.41
N ASP H 157 -52.92 49.37 -58.90
CA ASP H 157 -52.92 48.96 -57.50
C ASP H 157 -51.96 47.81 -57.30
N MET H 158 -51.21 47.86 -56.20
CA MET H 158 -50.24 46.81 -55.92
C MET H 158 -50.93 45.48 -55.67
N SER H 159 -52.09 45.49 -55.02
CA SER H 159 -52.79 44.25 -54.70
C SER H 159 -53.22 43.51 -55.96
N THR H 160 -53.76 44.25 -56.94
CA THR H 160 -54.18 43.61 -58.19
C THR H 160 -52.99 43.03 -58.94
N LEU H 161 -51.88 43.77 -59.00
CA LEU H 161 -50.68 43.25 -59.64
C LEU H 161 -50.21 41.98 -58.94
N VAL H 162 -50.20 41.98 -57.60
CA VAL H 162 -49.75 40.81 -56.87
C VAL H 162 -50.65 39.62 -57.17
N SER H 163 -51.96 39.83 -57.18
CA SER H 163 -52.88 38.73 -57.44
C SER H 163 -52.68 38.16 -58.84
N ALA H 164 -52.58 39.04 -59.84
CA ALA H 164 -52.38 38.58 -61.22
C ALA H 164 -51.06 37.83 -61.35
N VAL H 165 -50.00 38.36 -60.75
CA VAL H 165 -48.69 37.71 -60.83
C VAL H 165 -48.74 36.34 -60.16
N ILE H 166 -49.40 36.24 -59.01
CA ILE H 166 -49.51 34.95 -58.33
C ILE H 166 -50.27 33.96 -59.19
N THR H 167 -51.35 34.40 -59.84
CA THR H 167 -52.11 33.50 -60.70
C THR H 167 -51.25 33.00 -61.86
N ILE H 168 -50.51 33.91 -62.50
CA ILE H 168 -49.66 33.50 -63.62
C ILE H 168 -48.57 32.54 -63.15
N GLU H 169 -47.95 32.84 -62.01
CA GLU H 169 -46.92 31.96 -61.47
C GLU H 169 -47.48 30.57 -61.16
N ALA H 170 -48.66 30.52 -60.53
CA ALA H 170 -49.26 29.23 -60.22
C ALA H 170 -49.53 28.44 -61.49
N GLN H 171 -50.16 29.08 -62.48
CA GLN H 171 -50.49 28.38 -63.71
C GLN H 171 -49.24 27.91 -64.45
N ILE H 172 -48.14 28.65 -64.34
CA ILE H 172 -46.88 28.19 -64.91
C ILE H 172 -46.33 27.00 -64.12
N TRP H 173 -46.37 27.08 -62.79
CA TRP H 173 -45.78 26.05 -61.95
C TRP H 173 -46.59 24.75 -61.92
N ILE H 174 -47.84 24.76 -62.37
CA ILE H 174 -48.56 23.48 -62.45
C ILE H 174 -47.90 22.56 -63.46
N LEU H 175 -47.36 23.12 -64.55
CA LEU H 175 -46.87 22.33 -65.66
C LEU H 175 -45.64 21.48 -65.32
N ILE H 176 -44.84 21.90 -64.34
CA ILE H 176 -43.58 21.22 -64.07
C ILE H 176 -43.81 19.79 -63.60
N ALA H 177 -44.95 19.52 -62.95
CA ALA H 177 -45.19 18.19 -62.41
C ALA H 177 -45.19 17.12 -63.50
N LYS H 178 -45.82 17.40 -64.63
CA LYS H 178 -45.93 16.46 -65.73
C LYS H 178 -45.47 17.09 -67.04
N ALA H 179 -44.31 17.75 -66.99
CA ALA H 179 -43.73 18.36 -68.19
C ALA H 179 -42.81 17.42 -68.94
N VAL H 180 -42.05 16.59 -68.22
CA VAL H 180 -41.10 15.67 -68.83
C VAL H 180 -41.52 14.22 -68.70
N THR H 181 -42.34 13.86 -67.72
CA THR H 181 -42.78 12.48 -67.58
C THR H 181 -43.75 12.10 -68.69
N ALA H 182 -44.88 12.80 -68.76
CA ALA H 182 -45.88 12.55 -69.81
C ALA H 182 -46.55 13.87 -70.15
N PRO H 183 -45.86 14.74 -70.89
CA PRO H 183 -46.47 16.03 -71.26
C PRO H 183 -47.73 15.90 -72.09
N ASP H 184 -47.80 14.89 -72.95
CA ASP H 184 -48.98 14.73 -73.80
C ASP H 184 -50.21 14.38 -72.99
N THR H 185 -50.06 13.50 -71.99
CA THR H 185 -51.17 13.05 -71.16
C THR H 185 -51.51 14.03 -70.05
N ALA H 186 -51.08 15.28 -70.16
CA ALA H 186 -51.36 16.31 -69.17
C ALA H 186 -52.75 16.90 -69.42
N GLU H 187 -53.03 18.03 -68.79
CA GLU H 187 -54.25 18.84 -68.85
C GLU H 187 -55.37 18.23 -68.01
N GLU H 188 -55.19 17.05 -67.43
CA GLU H 188 -56.15 16.51 -66.47
C GLU H 188 -55.71 16.80 -65.04
N SER H 189 -54.50 16.36 -64.66
CA SER H 189 -53.97 16.69 -63.36
C SER H 189 -53.74 18.19 -63.22
N GLU H 190 -53.32 18.84 -64.31
CA GLU H 190 -53.14 20.29 -64.27
C GLU H 190 -54.46 21.00 -64.02
N THR H 191 -55.53 20.57 -64.71
CA THR H 191 -56.84 21.15 -64.47
C THR H 191 -57.32 20.88 -63.05
N ARG H 192 -57.02 19.69 -62.53
CA ARG H 192 -57.39 19.38 -61.15
C ARG H 192 -56.68 20.30 -60.16
N ARG H 193 -55.38 20.54 -60.39
CA ARG H 193 -54.63 21.44 -59.51
C ARG H 193 -55.19 22.86 -59.59
N TRP H 194 -55.50 23.32 -60.82
CA TRP H 194 -56.05 24.66 -60.97
C TRP H 194 -57.39 24.78 -60.27
N ALA H 195 -58.25 23.76 -60.39
CA ALA H 195 -59.53 23.79 -59.71
C ALA H 195 -59.35 23.79 -58.19
N LYS H 196 -58.38 23.02 -57.69
CA LYS H 196 -58.12 23.00 -56.25
C LYS H 196 -57.70 24.37 -55.76
N TYR H 197 -56.79 25.03 -56.51
CA TYR H 197 -56.32 26.34 -56.07
C TYR H 197 -57.38 27.41 -56.23
N VAL H 198 -58.29 27.25 -57.20
CA VAL H 198 -59.41 28.19 -57.33
C VAL H 198 -60.38 28.03 -56.17
N GLN H 199 -60.69 26.79 -55.79
CA GLN H 199 -61.61 26.56 -54.69
C GLN H 199 -61.04 27.05 -53.37
N GLN H 200 -59.71 27.08 -53.24
CA GLN H 200 -59.06 27.62 -52.05
C GLN H 200 -58.97 29.14 -52.09
N LYS H 201 -59.37 29.77 -53.19
CA LYS H 201 -59.33 31.21 -53.37
C LYS H 201 -57.91 31.78 -53.27
N ARG H 202 -56.90 30.94 -53.48
CA ARG H 202 -55.52 31.41 -53.52
C ARG H 202 -55.21 32.12 -54.81
N VAL H 203 -55.89 31.76 -55.90
CA VAL H 203 -55.66 32.35 -57.21
C VAL H 203 -56.96 32.97 -57.70
N ASN H 204 -56.86 34.18 -58.22
CA ASN H 204 -58.01 34.84 -58.82
C ASN H 204 -58.23 34.29 -60.22
N PRO H 205 -59.38 33.65 -60.51
CA PRO H 205 -59.55 32.99 -61.81
C PRO H 205 -59.66 33.93 -62.99
N PHE H 206 -59.71 35.24 -62.77
CA PHE H 206 -59.81 36.18 -63.88
C PHE H 206 -58.57 36.09 -64.77
N PHE H 207 -57.39 35.97 -64.17
CA PHE H 207 -56.14 35.85 -64.93
C PHE H 207 -55.85 34.36 -65.14
N ALA H 208 -56.60 33.76 -66.05
CA ALA H 208 -56.45 32.35 -66.41
C ALA H 208 -55.98 32.28 -67.85
N LEU H 209 -54.76 31.79 -68.05
CA LEU H 209 -54.21 31.66 -69.39
C LEU H 209 -54.91 30.56 -70.17
N THR H 210 -55.01 30.75 -71.48
CA THR H 210 -55.67 29.78 -72.34
C THR H 210 -54.80 28.52 -72.46
N GLN H 211 -55.43 27.44 -72.96
CA GLN H 211 -54.73 26.17 -73.04
C GLN H 211 -53.69 26.17 -74.16
N GLN H 212 -53.86 26.98 -75.20
CA GLN H 212 -52.84 27.08 -76.23
C GLN H 212 -51.54 27.63 -75.67
N TRP H 213 -51.63 28.71 -74.89
CA TRP H 213 -50.44 29.29 -74.28
C TRP H 213 -49.83 28.30 -73.29
N LEU H 214 -50.66 27.59 -72.54
CA LEU H 214 -50.14 26.60 -71.60
C LEU H 214 -49.40 25.48 -72.33
N THR H 215 -49.93 25.02 -73.46
CA THR H 215 -49.24 24.00 -74.24
C THR H 215 -47.92 24.51 -74.76
N GLU H 216 -47.89 25.76 -75.27
CA GLU H 216 -46.64 26.32 -75.76
C GLU H 216 -45.62 26.43 -74.64
N MET H 217 -46.04 26.90 -73.47
CA MET H 217 -45.10 27.04 -72.35
C MET H 217 -44.62 25.68 -71.86
N ARG H 218 -45.50 24.68 -71.85
CA ARG H 218 -45.09 23.33 -71.45
C ARG H 218 -44.09 22.75 -72.43
N ASN H 219 -44.30 23.00 -73.73
CA ASN H 219 -43.32 22.55 -74.73
C ASN H 219 -41.98 23.23 -74.51
N LEU H 220 -41.99 24.54 -74.25
CA LEU H 220 -40.75 25.26 -73.97
C LEU H 220 -40.06 24.70 -72.74
N LEU H 221 -40.83 24.42 -71.68
CA LEU H 221 -40.27 23.91 -70.44
C LEU H 221 -39.67 22.52 -70.64
N SER H 222 -40.33 21.67 -71.43
CA SER H 222 -39.81 20.33 -71.67
C SER H 222 -38.55 20.38 -72.54
N GLN H 223 -38.52 21.27 -73.53
CA GLN H 223 -37.35 21.37 -74.39
C GLN H 223 -36.11 21.82 -73.63
N SER H 224 -36.27 22.78 -72.72
CA SER H 224 -35.15 23.43 -72.05
C SER H 224 -34.88 22.80 -70.69
N LEU H 225 -33.59 22.63 -70.38
CA LEU H 225 -33.16 22.10 -69.09
C LEU H 225 -32.79 23.20 -68.10
N SER H 226 -32.37 24.37 -68.58
CA SER H 226 -31.97 25.45 -67.68
C SER H 226 -33.16 25.96 -66.86
N VAL H 227 -34.31 26.12 -67.50
CA VAL H 227 -35.50 26.56 -66.78
C VAL H 227 -35.89 25.54 -65.72
N ARG H 228 -35.84 24.26 -66.07
CA ARG H 228 -36.13 23.20 -65.11
C ARG H 228 -35.16 23.24 -63.94
N LYS H 229 -33.88 23.44 -64.22
CA LYS H 229 -32.89 23.51 -63.15
C LYS H 229 -33.15 24.68 -62.23
N PHE H 230 -33.47 25.85 -62.80
CA PHE H 230 -33.77 27.02 -61.98
C PHE H 230 -35.00 26.79 -61.11
N MET H 231 -36.05 26.21 -61.69
CA MET H 231 -37.27 25.98 -60.92
C MET H 231 -37.07 24.92 -59.85
N VAL H 232 -36.26 23.89 -60.12
CA VAL H 232 -35.96 22.90 -59.11
C VAL H 232 -35.14 23.51 -57.99
N GLU H 233 -34.21 24.40 -58.32
CA GLU H 233 -33.45 25.10 -57.28
C GLU H 233 -34.37 25.95 -56.42
N ILE H 234 -35.32 26.64 -57.05
CA ILE H 234 -36.30 27.41 -56.29
C ILE H 234 -37.10 26.51 -55.37
N LEU H 235 -37.52 25.34 -55.87
CA LEU H 235 -38.28 24.39 -55.06
C LEU H 235 -37.46 23.92 -53.86
N MET H 236 -36.20 23.58 -54.08
CA MET H 236 -35.34 23.12 -52.99
C MET H 236 -35.14 24.22 -51.96
N GLU H 237 -34.90 25.46 -52.41
CA GLU H 237 -34.69 26.55 -51.46
C GLU H 237 -35.96 26.84 -50.66
N VAL H 238 -37.12 26.81 -51.31
CA VAL H 238 -38.38 27.06 -50.61
C VAL H 238 -38.68 25.94 -49.62
N LYS H 239 -38.36 24.69 -49.99
CA LYS H 239 -38.61 23.55 -49.13
C LYS H 239 -37.92 23.71 -47.77
N LYS H 240 -36.76 24.35 -47.75
CA LYS H 240 -36.05 24.57 -46.50
C LYS H 240 -36.83 25.57 -45.65
N GLY H 241 -37.33 25.11 -44.51
CA GLY H 241 -38.06 25.97 -43.61
C GLY H 241 -37.16 26.86 -42.78
N GLY H 242 -37.79 27.65 -41.92
CA GLY H 242 -37.06 28.51 -41.02
C GLY H 242 -37.50 29.96 -41.04
N SER H 243 -37.89 30.45 -42.21
CA SER H 243 -38.30 31.84 -42.38
C SER H 243 -39.78 31.91 -42.76
N ALA H 244 -40.31 33.13 -42.69
CA ALA H 244 -41.70 33.35 -43.06
C ALA H 244 -41.88 33.16 -44.56
N LYS H 245 -42.99 32.51 -44.94
CA LYS H 245 -43.29 32.20 -46.32
C LYS H 245 -44.41 33.11 -46.82
N GLY H 246 -44.19 33.75 -47.95
CA GLY H 246 -45.22 34.55 -48.58
C GLY H 246 -46.20 33.70 -49.36
N ARG H 247 -47.21 34.39 -49.92
CA ARG H 247 -48.23 33.68 -50.68
C ARG H 247 -47.63 32.95 -51.87
N ALA H 248 -46.75 33.63 -52.62
CA ALA H 248 -46.09 32.99 -53.74
C ALA H 248 -45.27 31.78 -53.30
N VAL H 249 -44.51 31.94 -52.22
CA VAL H 249 -43.66 30.84 -51.75
C VAL H 249 -44.51 29.69 -51.24
N GLU H 250 -45.61 30.00 -50.55
CA GLU H 250 -46.49 28.95 -50.06
C GLU H 250 -47.11 28.16 -51.22
N ILE H 251 -47.58 28.86 -52.25
CA ILE H 251 -48.15 28.18 -53.40
C ILE H 251 -47.08 27.35 -54.11
N ILE H 252 -45.87 27.89 -54.23
CA ILE H 252 -44.78 27.16 -54.88
C ILE H 252 -44.46 25.88 -54.13
N SER H 253 -44.41 25.95 -52.79
CA SER H 253 -44.14 24.77 -51.99
C SER H 253 -45.28 23.76 -52.08
N ASP H 254 -46.53 24.25 -52.10
CA ASP H 254 -47.66 23.35 -52.23
C ASP H 254 -47.63 22.61 -53.56
N ILE H 255 -47.24 23.31 -54.63
CA ILE H 255 -47.10 22.66 -55.93
C ILE H 255 -45.93 21.67 -55.90
N GLY H 256 -44.81 22.07 -55.30
CA GLY H 256 -43.67 21.18 -55.20
C GLY H 256 -43.96 19.93 -54.41
N ASN H 257 -44.97 19.98 -53.54
CA ASN H 257 -45.42 18.76 -52.88
C ASN H 257 -45.86 17.72 -53.89
N TYR H 258 -46.58 18.14 -54.93
CA TYR H 258 -46.92 17.24 -56.02
C TYR H 258 -45.74 16.98 -56.93
N VAL H 259 -44.84 17.95 -57.07
CA VAL H 259 -43.71 17.81 -57.99
C VAL H 259 -42.75 16.72 -57.54
N GLU H 260 -42.57 16.56 -56.23
CA GLU H 260 -41.53 15.67 -55.71
C GLU H 260 -41.73 14.23 -56.18
N GLU H 261 -40.61 13.53 -56.36
CA GLU H 261 -40.59 12.11 -56.68
C GLU H 261 -41.31 11.80 -58.00
N THR H 262 -41.39 12.78 -58.88
CA THR H 262 -42.03 12.56 -60.17
C THR H 262 -41.14 11.71 -61.08
N GLY H 263 -41.76 11.01 -62.02
CA GLY H 263 -41.04 10.22 -62.98
C GLY H 263 -40.33 9.01 -62.44
N MET H 264 -40.56 8.64 -61.17
CA MET H 264 -39.95 7.48 -60.55
C MET H 264 -41.00 6.63 -59.86
N ALA H 265 -42.20 6.57 -60.46
CA ALA H 265 -43.29 5.82 -59.84
C ALA H 265 -42.99 4.34 -59.78
N GLY H 266 -42.22 3.81 -60.74
CA GLY H 266 -41.88 2.40 -60.71
C GLY H 266 -41.10 2.02 -59.47
N PHE H 267 -40.04 2.77 -59.17
CA PHE H 267 -39.18 2.44 -58.03
C PHE H 267 -39.92 2.59 -56.71
N PHE H 268 -40.62 3.72 -56.53
CA PHE H 268 -41.29 3.95 -55.25
C PHE H 268 -42.49 3.02 -55.08
N ALA H 269 -43.19 2.72 -56.17
CA ALA H 269 -44.27 1.73 -56.09
C ALA H 269 -43.71 0.36 -55.73
N THR H 270 -42.58 -0.03 -56.33
CA THR H 270 -41.93 -1.27 -55.96
C THR H 270 -41.63 -1.30 -54.48
N ILE H 271 -40.98 -0.24 -53.97
CA ILE H 271 -40.68 -0.15 -52.54
C ILE H 271 -41.95 -0.36 -51.73
N ARG H 272 -42.92 0.55 -51.90
CA ARG H 272 -44.07 0.61 -51.02
C ARG H 272 -44.88 -0.69 -51.05
N PHE H 273 -45.06 -1.27 -52.23
CA PHE H 273 -45.95 -2.42 -52.35
C PHE H 273 -45.20 -3.75 -52.21
N GLY H 274 -44.20 -3.99 -53.07
CA GLY H 274 -43.48 -5.24 -52.99
C GLY H 274 -42.67 -5.39 -51.71
N LEU H 275 -41.96 -4.33 -51.32
CA LEU H 275 -41.06 -4.46 -50.19
C LEU H 275 -41.81 -4.41 -48.87
N GLU H 276 -42.47 -3.28 -48.60
CA GLU H 276 -43.36 -3.20 -47.44
C GLU H 276 -44.60 -4.05 -47.70
N THR H 277 -45.51 -4.08 -46.73
CA THR H 277 -46.66 -4.98 -46.76
C THR H 277 -46.20 -6.41 -46.96
N ARG H 278 -45.44 -6.89 -45.98
CA ARG H 278 -44.71 -8.15 -46.08
C ARG H 278 -45.61 -9.33 -46.39
N TYR H 279 -45.44 -9.92 -47.58
CA TYR H 279 -46.20 -11.06 -48.05
C TYR H 279 -45.34 -12.32 -48.00
N PRO H 280 -45.88 -13.43 -47.49
CA PRO H 280 -45.11 -14.67 -47.42
C PRO H 280 -44.49 -15.13 -48.73
N ALA H 281 -44.92 -14.56 -49.85
CA ALA H 281 -44.43 -14.93 -51.17
C ALA H 281 -43.20 -14.13 -51.59
N LEU H 282 -42.47 -13.55 -50.63
CA LEU H 282 -41.31 -12.73 -50.96
C LEU H 282 -40.07 -13.59 -51.21
N ALA H 283 -39.65 -14.34 -50.20
CA ALA H 283 -38.45 -15.18 -50.32
C ALA H 283 -38.81 -16.41 -51.15
N LEU H 284 -38.50 -16.38 -52.44
CA LEU H 284 -38.87 -17.48 -53.33
C LEU H 284 -37.77 -17.79 -54.34
N ASN H 285 -36.51 -17.48 -54.02
CA ASN H 285 -35.33 -17.71 -54.86
C ASN H 285 -35.30 -16.88 -56.13
N GLU H 286 -36.31 -16.05 -56.38
CA GLU H 286 -36.29 -15.18 -57.55
C GLU H 286 -36.40 -13.71 -57.19
N PHE H 287 -36.47 -13.38 -55.90
CA PHE H 287 -36.58 -12.00 -55.46
C PHE H 287 -35.40 -11.54 -54.61
N GLN H 288 -34.48 -12.44 -54.25
CA GLN H 288 -33.37 -12.05 -53.38
C GLN H 288 -32.42 -11.07 -54.06
N SER H 289 -32.10 -11.32 -55.33
CA SER H 289 -31.26 -10.39 -56.07
C SER H 289 -31.92 -9.03 -56.20
N ASP H 290 -33.22 -9.01 -56.47
CA ASP H 290 -33.96 -7.75 -56.57
C ASP H 290 -33.98 -7.03 -55.22
N LEU H 291 -34.11 -7.78 -54.12
CA LEU H 291 -34.08 -7.16 -52.80
C LEU H 291 -32.73 -6.53 -52.53
N ASN H 292 -31.64 -7.23 -52.88
CA ASN H 292 -30.31 -6.65 -52.70
C ASN H 292 -30.13 -5.40 -53.55
N THR H 293 -30.59 -5.44 -54.80
CA THR H 293 -30.50 -4.26 -55.67
C THR H 293 -31.32 -3.11 -55.11
N ILE H 294 -32.49 -3.42 -54.54
CA ILE H 294 -33.35 -2.39 -53.96
C ILE H 294 -32.68 -1.76 -52.74
N LYS H 295 -32.03 -2.58 -51.91
CA LYS H 295 -31.29 -2.04 -50.77
C LYS H 295 -30.15 -1.13 -51.22
N GLY H 296 -29.41 -1.56 -52.23
CA GLY H 296 -28.37 -0.70 -52.79
C GLY H 296 -28.93 0.59 -53.35
N LEU H 297 -30.10 0.51 -53.99
CA LEU H 297 -30.73 1.70 -54.53
C LEU H 297 -31.17 2.66 -53.43
N MET H 298 -31.68 2.12 -52.32
CA MET H 298 -32.02 2.98 -51.18
C MET H 298 -30.78 3.65 -50.62
N LEU H 299 -29.68 2.91 -50.50
CA LEU H 299 -28.44 3.53 -50.04
C LEU H 299 -27.98 4.63 -50.98
N LEU H 300 -28.07 4.39 -52.29
CA LEU H 300 -27.70 5.40 -53.27
C LEU H 300 -28.61 6.63 -53.17
N TYR H 301 -29.91 6.41 -53.00
CA TYR H 301 -30.85 7.53 -52.88
C TYR H 301 -30.55 8.36 -51.65
N ARG H 302 -30.22 7.71 -50.54
CA ARG H 302 -29.81 8.46 -49.35
C ARG H 302 -28.50 9.21 -49.60
N GLU H 303 -27.61 8.62 -50.40
CA GLU H 303 -26.31 9.25 -50.66
C GLU H 303 -26.41 10.43 -51.61
N ILE H 304 -27.43 10.46 -52.49
CA ILE H 304 -27.48 11.48 -53.53
C ILE H 304 -27.57 12.87 -52.92
N GLY H 305 -28.51 13.08 -52.01
CA GLY H 305 -28.67 14.36 -51.37
C GLY H 305 -30.06 14.95 -51.56
N PRO H 306 -30.16 16.27 -51.38
CA PRO H 306 -31.49 16.91 -51.48
C PRO H 306 -32.03 16.96 -52.91
N ARG H 307 -31.22 16.68 -53.91
CA ARG H 307 -31.67 16.67 -55.30
C ARG H 307 -32.26 15.33 -55.72
N ALA H 308 -32.32 14.36 -54.80
CA ALA H 308 -32.80 13.02 -55.16
C ALA H 308 -34.23 13.00 -55.67
N PRO H 309 -35.22 13.62 -55.01
CA PRO H 309 -36.60 13.52 -55.52
C PRO H 309 -36.77 14.09 -56.92
N TYR H 310 -36.07 15.17 -57.24
CA TYR H 310 -36.14 15.77 -58.57
C TYR H 310 -35.03 15.25 -59.47
N MET H 311 -34.89 13.92 -59.54
CA MET H 311 -33.86 13.34 -60.40
C MET H 311 -34.26 13.37 -61.86
N VAL H 312 -35.53 13.08 -62.16
CA VAL H 312 -35.99 13.09 -63.54
C VAL H 312 -36.00 14.51 -64.10
N LEU H 313 -36.37 15.49 -63.26
CA LEU H 313 -36.43 16.86 -63.72
C LEU H 313 -35.05 17.36 -64.14
N LEU H 314 -34.02 17.05 -63.35
CA LEU H 314 -32.66 17.42 -63.72
C LEU H 314 -32.02 16.43 -64.68
N GLU H 315 -32.69 15.31 -64.98
CA GLU H 315 -32.21 14.31 -65.92
C GLU H 315 -30.85 13.75 -65.49
N GLU H 316 -30.75 13.43 -64.20
CA GLU H 316 -29.53 12.85 -63.67
C GLU H 316 -29.25 11.50 -64.31
N SER H 317 -27.97 11.22 -64.57
CA SER H 317 -27.59 9.91 -65.10
C SER H 317 -27.82 8.80 -64.08
N ILE H 318 -27.81 9.13 -62.78
CA ILE H 318 -28.06 8.13 -61.76
C ILE H 318 -29.49 7.62 -61.81
N GLN H 319 -30.39 8.33 -62.51
CA GLN H 319 -31.79 7.92 -62.56
C GLN H 319 -31.98 6.59 -63.28
N THR H 320 -31.18 6.33 -64.32
CA THR H 320 -31.34 5.10 -65.10
C THR H 320 -31.13 3.88 -64.23
N LYS H 321 -30.20 3.95 -63.27
CA LYS H 321 -30.00 2.84 -62.36
C LYS H 321 -31.21 2.59 -61.48
N PHE H 322 -32.03 3.61 -61.25
CA PHE H 322 -33.22 3.47 -60.44
C PHE H 322 -34.40 2.88 -61.20
N ALA H 323 -34.42 3.01 -62.52
CA ALA H 323 -35.57 2.59 -63.30
C ALA H 323 -35.73 1.08 -63.26
N PRO H 324 -36.96 0.58 -63.27
CA PRO H 324 -37.18 -0.86 -63.38
C PRO H 324 -36.62 -1.40 -64.68
N GLY H 325 -36.05 -2.59 -64.61
CA GLY H 325 -35.31 -3.15 -65.71
C GLY H 325 -34.07 -3.84 -65.19
N GLY H 326 -33.54 -3.30 -64.10
CA GLY H 326 -32.53 -3.97 -63.31
C GLY H 326 -33.08 -4.88 -62.25
N TYR H 327 -34.39 -4.82 -62.01
CA TYR H 327 -35.07 -5.70 -61.07
C TYR H 327 -36.49 -5.97 -61.55
N PRO H 328 -36.64 -6.51 -62.77
CA PRO H 328 -37.99 -6.64 -63.35
C PRO H 328 -38.92 -7.55 -62.58
N LEU H 329 -38.39 -8.57 -61.90
CA LEU H 329 -39.25 -9.56 -61.25
C LEU H 329 -39.98 -8.97 -60.06
N LEU H 330 -39.23 -8.41 -59.10
CA LEU H 330 -39.86 -7.80 -57.94
C LEU H 330 -40.71 -6.60 -58.35
N TRP H 331 -40.28 -5.86 -59.37
CA TRP H 331 -41.08 -4.75 -59.87
C TRP H 331 -42.43 -5.25 -60.39
N SER H 332 -42.42 -6.33 -61.16
CA SER H 332 -43.68 -6.86 -61.68
C SER H 332 -44.58 -7.35 -60.55
N PHE H 333 -43.99 -8.02 -59.55
CA PHE H 333 -44.77 -8.46 -58.39
C PHE H 333 -45.39 -7.27 -57.68
N ALA H 334 -44.62 -6.21 -57.47
CA ALA H 334 -45.10 -5.04 -56.76
C ALA H 334 -46.21 -4.33 -57.53
N MET H 335 -46.06 -4.20 -58.86
CA MET H 335 -47.13 -3.56 -59.61
C MET H 335 -48.37 -4.43 -59.69
N GLY H 336 -48.21 -5.77 -59.67
CA GLY H 336 -49.39 -6.61 -59.58
C GLY H 336 -50.17 -6.39 -58.30
N VAL H 337 -49.45 -6.41 -57.16
CA VAL H 337 -50.15 -6.19 -55.89
C VAL H 337 -50.67 -4.76 -55.80
N ALA H 338 -50.02 -3.80 -56.47
CA ALA H 338 -50.49 -2.42 -56.45
C ALA H 338 -51.78 -2.27 -57.26
N THR H 339 -51.80 -2.84 -58.48
CA THR H 339 -53.01 -2.78 -59.29
C THR H 339 -54.17 -3.50 -58.61
N THR H 340 -53.88 -4.55 -57.85
CA THR H 340 -54.96 -5.20 -57.12
C THR H 340 -55.39 -4.39 -55.89
N ILE H 341 -54.46 -3.68 -55.24
CA ILE H 341 -54.76 -2.99 -54.00
C ILE H 341 -55.22 -1.55 -54.27
N ASP H 342 -54.38 -0.77 -54.96
CA ASP H 342 -54.63 0.65 -55.14
C ASP H 342 -55.44 0.86 -56.42
N ARG H 343 -56.64 1.44 -56.28
CA ARG H 343 -57.48 1.69 -57.43
C ARG H 343 -56.84 2.69 -58.39
N SER H 344 -56.20 3.72 -57.86
CA SER H 344 -55.50 4.69 -58.70
C SER H 344 -54.38 4.01 -59.49
N MET H 345 -53.68 3.07 -58.86
CA MET H 345 -52.71 2.24 -59.58
C MET H 345 -53.43 1.37 -60.59
N GLY H 346 -53.13 1.58 -61.86
CA GLY H 346 -53.83 0.90 -62.93
C GLY H 346 -54.00 1.81 -64.12
N ALA H 347 -53.95 3.11 -63.86
CA ALA H 347 -53.83 4.10 -64.92
C ALA H 347 -52.39 4.30 -65.36
N LEU H 348 -51.44 3.71 -64.65
CA LEU H 348 -50.03 3.80 -65.03
C LEU H 348 -49.76 2.95 -66.26
N ASN H 349 -48.95 3.48 -67.16
CA ASN H 349 -48.58 2.78 -68.39
C ASN H 349 -47.33 1.96 -68.09
N ILE H 350 -47.49 0.64 -68.05
CA ILE H 350 -46.40 -0.25 -67.67
C ILE H 350 -46.20 -1.35 -68.71
N ASN H 351 -46.51 -1.04 -69.98
CA ASN H 351 -46.35 -2.01 -71.06
C ASN H 351 -44.89 -2.11 -71.49
N ARG H 352 -44.05 -2.48 -70.54
CA ARG H 352 -42.62 -2.61 -70.79
C ARG H 352 -42.30 -3.97 -71.41
N GLY H 353 -41.02 -4.15 -71.77
CA GLY H 353 -40.55 -5.38 -72.35
C GLY H 353 -40.11 -6.44 -71.38
N TYR H 354 -40.23 -6.20 -70.08
CA TYR H 354 -39.83 -7.14 -69.04
C TYR H 354 -40.96 -7.31 -68.03
N LEU H 355 -42.18 -7.49 -68.53
CA LEU H 355 -43.34 -7.53 -67.65
C LEU H 355 -43.37 -8.80 -66.81
N GLU H 356 -42.92 -9.93 -67.35
CA GLU H 356 -42.92 -11.22 -66.66
C GLU H 356 -44.32 -11.52 -66.14
N PRO H 357 -45.26 -11.90 -67.01
CA PRO H 357 -46.66 -12.05 -66.56
C PRO H 357 -46.84 -13.08 -65.46
N MET H 358 -45.96 -14.07 -65.35
CA MET H 358 -46.10 -15.06 -64.29
C MET H 358 -45.98 -14.41 -62.92
N TYR H 359 -45.01 -13.52 -62.74
CA TYR H 359 -44.84 -12.87 -61.46
C TYR H 359 -45.92 -11.82 -61.20
N PHE H 360 -46.43 -11.20 -62.27
CA PHE H 360 -47.58 -10.31 -62.12
C PHE H 360 -48.79 -11.09 -61.61
N ARG H 361 -49.04 -12.28 -62.18
CA ARG H 361 -50.13 -13.12 -61.69
C ARG H 361 -49.88 -13.55 -60.26
N LEU H 362 -48.63 -13.88 -59.93
CA LEU H 362 -48.31 -14.28 -58.55
C LEU H 362 -48.60 -13.15 -57.58
N GLY H 363 -48.27 -11.91 -57.95
CA GLY H 363 -48.60 -10.78 -57.10
C GLY H 363 -50.10 -10.54 -56.98
N GLN H 364 -50.82 -10.68 -58.10
CA GLN H 364 -52.27 -10.55 -58.06
C GLN H 364 -52.88 -11.56 -57.11
N LYS H 365 -52.41 -12.81 -57.16
CA LYS H 365 -52.89 -13.83 -56.22
C LYS H 365 -52.46 -13.51 -54.80
N SER H 366 -51.22 -13.03 -54.61
CA SER H 366 -50.72 -12.75 -53.27
C SER H 366 -51.52 -11.64 -52.60
N ALA H 367 -52.08 -10.73 -53.39
CA ALA H 367 -52.85 -9.64 -52.81
C ALA H 367 -54.13 -10.16 -52.13
N ARG H 368 -54.84 -11.09 -52.76
CA ARG H 368 -56.14 -11.51 -52.27
C ARG H 368 -56.19 -12.96 -51.83
N HIS H 369 -55.83 -13.92 -52.70
CA HIS H 369 -56.00 -15.33 -52.44
C HIS H 369 -54.92 -15.92 -51.54
N HIS H 370 -53.91 -15.14 -51.17
CA HIS H 370 -52.74 -15.70 -50.50
C HIS H 370 -53.07 -16.13 -49.08
N ALA H 371 -53.45 -15.17 -48.24
CA ALA H 371 -53.76 -15.41 -46.83
C ALA H 371 -54.23 -14.10 -46.23
N GLY H 372 -54.68 -14.16 -44.97
CA GLY H 372 -55.03 -12.95 -44.26
C GLY H 372 -53.84 -12.05 -44.02
N GLY H 373 -52.68 -12.63 -43.72
CA GLY H 373 -51.47 -11.85 -43.55
C GLY H 373 -51.38 -11.16 -42.20
N ILE H 374 -51.34 -11.93 -41.12
CA ILE H 374 -51.22 -11.36 -39.79
C ILE H 374 -49.74 -11.29 -39.42
N ASP H 375 -49.26 -10.07 -39.20
CA ASP H 375 -47.85 -9.83 -38.90
C ASP H 375 -47.68 -9.99 -37.38
N GLN H 376 -46.46 -9.76 -36.89
CA GLN H 376 -46.19 -9.86 -35.46
C GLN H 376 -47.07 -8.90 -34.69
N ASN H 377 -47.73 -9.40 -33.66
CA ASN H 377 -48.74 -8.66 -32.91
C ASN H 377 -48.19 -8.30 -31.54
N MET H 378 -47.95 -7.01 -31.29
CA MET H 378 -47.59 -6.57 -29.95
C MET H 378 -48.71 -6.86 -28.97
N ALA H 379 -49.95 -6.57 -29.36
CA ALA H 379 -51.11 -6.95 -28.56
C ALA H 379 -51.40 -8.44 -28.78
N ASN H 380 -51.59 -9.15 -27.68
CA ASN H 380 -51.75 -10.61 -27.73
C ASN H 380 -53.19 -10.93 -28.09
N LYS H 381 -53.41 -11.29 -29.36
CA LYS H 381 -54.74 -11.65 -29.84
C LYS H 381 -54.86 -13.18 -29.87
N LEU H 382 -55.09 -13.74 -28.68
CA LEU H 382 -55.12 -15.19 -28.54
C LEU H 382 -56.37 -15.80 -29.15
N GLY H 383 -57.46 -15.04 -29.23
CA GLY H 383 -58.69 -15.55 -29.78
C GLY H 383 -59.01 -14.98 -31.16
N LEU H 384 -57.98 -14.61 -31.91
CA LEU H 384 -58.14 -13.90 -33.17
C LEU H 384 -58.16 -14.83 -34.38
N ASN H 385 -58.20 -16.15 -34.18
CA ASN H 385 -58.34 -17.05 -35.31
C ASN H 385 -59.66 -16.81 -36.05
N SER H 386 -60.76 -16.69 -35.30
CA SER H 386 -62.03 -16.38 -35.92
C SER H 386 -62.06 -14.98 -36.51
N ASP H 387 -61.34 -14.04 -35.89
CA ASP H 387 -61.22 -12.70 -36.46
C ASP H 387 -60.54 -12.75 -37.82
N GLN H 388 -59.44 -13.50 -37.92
CA GLN H 388 -58.75 -13.64 -39.20
C GLN H 388 -59.64 -14.35 -40.23
N VAL H 389 -60.40 -15.35 -39.78
CA VAL H 389 -61.29 -16.05 -40.70
C VAL H 389 -62.36 -15.10 -41.24
N ALA H 390 -62.94 -14.28 -40.36
CA ALA H 390 -63.95 -13.32 -40.79
C ALA H 390 -63.35 -12.25 -41.71
N GLU H 391 -62.12 -11.82 -41.42
CA GLU H 391 -61.46 -10.85 -42.30
C GLU H 391 -61.21 -11.44 -43.68
N LEU H 392 -60.80 -12.71 -43.74
CA LEU H 392 -60.59 -13.35 -45.03
C LEU H 392 -61.89 -13.71 -45.73
N ALA H 393 -63.00 -13.76 -44.97
CA ALA H 393 -64.29 -14.11 -45.59
C ALA H 393 -64.75 -13.05 -46.57
N ALA H 394 -64.23 -11.82 -46.46
CA ALA H 394 -64.57 -10.72 -47.35
C ALA H 394 -66.07 -10.46 -47.39
N MET I 1 -6.12 -35.21 -45.27
CA MET I 1 -7.01 -35.16 -44.12
C MET I 1 -7.75 -33.82 -44.05
N SER I 2 -7.98 -33.33 -42.83
CA SER I 2 -8.69 -32.07 -42.65
C SER I 2 -7.94 -30.90 -43.28
N ASP I 3 -6.61 -30.89 -43.15
CA ASP I 3 -5.81 -29.81 -43.71
C ASP I 3 -5.95 -29.78 -45.23
N ILE I 4 -5.95 -30.95 -45.86
CA ILE I 4 -6.21 -31.03 -47.29
C ILE I 4 -7.61 -30.46 -47.56
N PHE I 5 -7.80 -29.91 -48.76
CA PHE I 5 -8.95 -29.16 -49.25
C PHE I 5 -8.99 -27.76 -48.65
N ASP I 6 -8.10 -27.42 -47.73
CA ASP I 6 -7.89 -26.04 -47.27
C ASP I 6 -6.58 -25.48 -47.79
N GLU I 7 -5.54 -26.31 -47.90
CA GLU I 7 -4.31 -25.90 -48.56
C GLU I 7 -4.57 -25.53 -50.02
N ALA I 8 -5.38 -26.34 -50.71
CA ALA I 8 -5.72 -26.04 -52.10
C ALA I 8 -6.57 -24.78 -52.19
N ALA I 9 -7.46 -24.56 -51.21
CA ALA I 9 -8.27 -23.36 -51.21
C ALA I 9 -7.40 -22.11 -51.17
N SER I 10 -6.34 -22.14 -50.37
CA SER I 10 -5.36 -21.06 -50.42
C SER I 10 -4.50 -21.15 -51.67
N PHE I 11 -4.19 -22.37 -52.11
CA PHE I 11 -3.34 -22.54 -53.29
C PHE I 11 -3.98 -21.94 -54.54
N ARG I 12 -5.27 -22.20 -54.75
CA ARG I 12 -5.94 -21.59 -55.88
C ARG I 12 -6.06 -20.07 -55.71
N SER I 13 -6.28 -19.62 -54.47
CA SER I 13 -6.29 -18.19 -54.20
C SER I 13 -4.93 -17.56 -54.45
N TYR I 14 -3.86 -18.24 -54.03
CA TYR I 14 -2.52 -17.74 -54.27
C TYR I 14 -2.14 -17.82 -55.74
N GLN I 15 -2.67 -18.82 -56.46
CA GLN I 15 -2.32 -18.99 -57.87
C GLN I 15 -2.88 -17.88 -58.73
N SER I 16 -4.04 -17.32 -58.36
CA SER I 16 -4.65 -16.26 -59.18
C SER I 16 -3.80 -15.00 -59.17
N LYS I 17 -3.42 -14.54 -57.97
CA LYS I 17 -2.54 -13.38 -57.83
C LYS I 17 -1.10 -13.82 -57.67
N LEU I 18 -0.62 -14.56 -58.68
CA LEU I 18 0.68 -15.21 -58.59
C LEU I 18 1.82 -14.21 -58.76
N GLY I 19 1.88 -13.57 -59.92
CA GLY I 19 2.97 -12.65 -60.20
C GLY I 19 2.51 -11.23 -60.49
N ARG I 20 1.28 -10.90 -60.06
CA ARG I 20 0.74 -9.56 -60.29
C ARG I 20 1.06 -8.64 -59.12
N ASP I 21 2.35 -8.48 -58.88
CA ASP I 21 2.85 -7.65 -57.79
C ASP I 21 4.10 -6.92 -58.24
N GLY I 22 4.40 -5.82 -57.57
CA GLY I 22 5.56 -5.02 -57.92
C GLY I 22 5.27 -4.03 -59.03
N ARG I 23 6.34 -3.38 -59.47
CA ARG I 23 6.27 -2.36 -60.51
C ARG I 23 7.15 -2.77 -61.69
N ALA I 24 6.64 -2.56 -62.90
CA ALA I 24 7.38 -2.89 -64.10
C ALA I 24 8.42 -1.81 -64.41
N SER I 25 9.27 -2.09 -65.39
CA SER I 25 10.31 -1.18 -65.80
C SER I 25 9.89 -0.40 -67.04
N ALA I 26 10.68 0.62 -67.38
CA ALA I 26 10.45 1.45 -68.55
C ALA I 26 11.04 0.86 -69.83
N ALA I 27 11.71 -0.28 -69.73
CA ALA I 27 12.28 -0.91 -70.93
C ALA I 27 11.17 -1.33 -71.90
N THR I 28 10.08 -1.87 -71.38
CA THR I 28 8.95 -2.28 -72.21
C THR I 28 8.08 -1.07 -72.52
N ALA I 29 8.62 -0.19 -73.36
CA ALA I 29 7.96 1.04 -73.77
C ALA I 29 7.57 0.93 -75.23
N THR I 30 6.28 1.05 -75.51
CA THR I 30 5.77 0.92 -76.86
C THR I 30 6.22 2.09 -77.72
N LEU I 31 6.43 1.81 -79.02
CA LEU I 31 6.72 2.87 -79.97
C LEU I 31 5.50 3.77 -80.13
N THR I 32 5.73 5.08 -80.16
CA THR I 32 4.66 6.06 -80.18
C THR I 32 4.47 6.62 -81.58
N THR I 33 3.20 6.88 -81.93
CA THR I 33 2.84 7.42 -83.23
C THR I 33 2.27 8.83 -83.03
N LYS I 34 2.73 9.76 -83.87
CA LYS I 34 2.25 11.13 -83.78
C LYS I 34 0.82 11.23 -84.29
N ILE I 35 -0.04 11.90 -83.54
CA ILE I 35 -1.44 12.08 -83.88
C ILE I 35 -1.75 13.57 -83.87
N ARG I 36 -2.19 14.09 -85.03
CA ARG I 36 -2.45 15.52 -85.18
C ARG I 36 -3.94 15.78 -84.93
N ILE I 37 -4.22 16.59 -83.92
CA ILE I 37 -5.58 16.88 -83.48
C ILE I 37 -5.88 18.35 -83.76
N PHE I 38 -6.98 18.59 -84.47
CA PHE I 38 -7.41 19.95 -84.81
C PHE I 38 -8.47 20.39 -83.81
N VAL I 39 -8.11 21.28 -82.90
CA VAL I 39 -9.06 21.77 -81.89
C VAL I 39 -9.39 23.23 -82.18
N PRO I 40 -10.62 23.68 -81.91
CA PRO I 40 -10.95 25.08 -82.12
C PRO I 40 -10.28 25.98 -81.09
N ALA I 41 -9.63 27.04 -81.57
CA ALA I 41 -8.93 27.96 -80.67
C ALA I 41 -9.90 28.88 -79.94
N THR I 42 -10.95 29.32 -80.62
CA THR I 42 -11.89 30.30 -80.09
C THR I 42 -13.22 29.63 -79.76
N ASN I 43 -14.18 30.44 -79.32
CA ASN I 43 -15.51 29.99 -78.97
C ASN I 43 -16.57 30.40 -79.96
N SER I 44 -16.17 30.97 -81.10
CA SER I 44 -17.15 31.43 -82.08
C SER I 44 -17.89 30.25 -82.68
N PRO I 45 -19.24 30.25 -82.67
CA PRO I 45 -19.98 29.11 -83.21
C PRO I 45 -19.71 28.85 -84.67
N GLU I 46 -19.49 29.90 -85.47
CA GLU I 46 -19.26 29.71 -86.90
C GLU I 46 -17.99 28.92 -87.15
N LEU I 47 -16.96 29.13 -86.33
CA LEU I 47 -15.72 28.38 -86.49
C LEU I 47 -15.89 26.95 -85.98
N ARG I 48 -16.55 26.78 -84.83
CA ARG I 48 -16.74 25.44 -84.28
C ARG I 48 -17.65 24.60 -85.16
N TRP I 49 -18.75 25.19 -85.65
CA TRP I 49 -19.66 24.43 -86.51
C TRP I 49 -18.98 24.03 -87.82
N GLU I 50 -18.16 24.93 -88.39
CA GLU I 50 -17.42 24.57 -89.59
C GLU I 50 -16.36 23.53 -89.30
N LEU I 51 -15.84 23.51 -88.06
CA LEU I 51 -14.83 22.52 -87.70
C LEU I 51 -15.43 21.13 -87.59
N THR I 52 -16.55 21.00 -86.88
CA THR I 52 -17.17 19.68 -86.74
C THR I 52 -17.73 19.18 -88.07
N LEU I 53 -18.03 20.09 -88.99
CA LEU I 53 -18.37 19.66 -90.34
C LEU I 53 -17.17 19.07 -91.05
N PHE I 54 -15.99 19.66 -90.86
CA PHE I 54 -14.77 19.13 -91.44
C PHE I 54 -14.44 17.75 -90.84
N ALA I 55 -14.55 17.62 -89.51
CA ALA I 55 -14.20 16.37 -88.87
C ALA I 55 -15.11 15.24 -89.32
N LEU I 56 -16.37 15.55 -89.63
CA LEU I 56 -17.27 14.56 -90.18
C LEU I 56 -16.78 14.06 -91.53
N ASP I 57 -16.29 14.97 -92.37
CA ASP I 57 -15.87 14.59 -93.72
C ASP I 57 -14.61 13.73 -93.68
N VAL I 58 -13.67 14.05 -92.78
CA VAL I 58 -12.44 13.27 -92.69
C VAL I 58 -12.74 11.83 -92.31
N ILE I 59 -13.63 11.65 -91.33
CA ILE I 59 -14.01 10.31 -90.89
C ILE I 59 -14.70 9.56 -92.03
N ARG I 60 -15.60 10.24 -92.74
CA ARG I 60 -16.28 9.63 -93.88
C ARG I 60 -15.35 9.43 -95.07
N SER I 61 -14.25 10.16 -95.14
CA SER I 61 -13.37 10.09 -96.29
C SER I 61 -12.74 8.70 -96.41
N PRO I 62 -12.69 8.12 -97.61
CA PRO I 62 -12.04 6.82 -97.77
C PRO I 62 -10.53 6.93 -97.95
N SER I 63 -10.08 8.08 -98.47
CA SER I 63 -8.66 8.31 -98.69
C SER I 63 -7.93 8.79 -97.44
N ALA I 64 -8.63 9.00 -96.34
CA ALA I 64 -8.00 9.49 -95.13
C ALA I 64 -7.14 8.40 -94.49
N ALA I 65 -5.95 8.80 -94.04
CA ALA I 65 -5.11 7.90 -93.27
C ALA I 65 -5.72 7.68 -91.89
N GLU I 66 -5.35 6.56 -91.26
CA GLU I 66 -5.91 6.21 -89.97
C GLU I 66 -5.57 7.26 -88.92
N SER I 67 -4.32 7.76 -88.93
CA SER I 67 -3.93 8.77 -87.96
C SER I 67 -4.77 10.03 -88.10
N MET I 68 -5.09 10.41 -89.34
CA MET I 68 -5.99 11.55 -89.55
C MET I 68 -7.38 11.26 -89.01
N LYS I 69 -7.86 10.02 -89.18
CA LYS I 69 -9.18 9.67 -88.68
C LYS I 69 -9.24 9.74 -87.16
N ILE I 70 -8.17 9.34 -86.48
CA ILE I 70 -8.12 9.46 -85.03
C ILE I 70 -8.16 10.93 -84.61
N GLY I 71 -7.44 11.78 -85.35
CA GLY I 71 -7.47 13.20 -85.04
C GLY I 71 -8.85 13.80 -85.20
N ALA I 72 -9.56 13.41 -86.26
CA ALA I 72 -10.95 13.85 -86.43
C ALA I 72 -11.83 13.33 -85.31
N ALA I 73 -11.64 12.06 -84.91
CA ALA I 73 -12.42 11.51 -83.82
C ALA I 73 -12.14 12.24 -82.51
N PHE I 74 -10.88 12.53 -82.22
CA PHE I 74 -10.55 13.30 -81.03
C PHE I 74 -11.08 14.72 -81.13
N THR I 75 -11.05 15.29 -82.34
CA THR I 75 -11.60 16.64 -82.55
C THR I 75 -13.09 16.67 -82.24
N LEU I 76 -13.82 15.65 -82.70
CA LEU I 76 -15.27 15.62 -82.47
C LEU I 76 -15.60 15.52 -81.00
N ILE I 77 -14.98 14.56 -80.30
CA ILE I 77 -15.38 14.24 -78.92
C ILE I 77 -15.21 15.44 -78.01
N SER I 78 -14.16 16.21 -78.19
CA SER I 78 -13.86 17.34 -77.30
C SER I 78 -14.49 18.65 -77.77
N MET I 79 -15.33 18.62 -78.81
CA MET I 79 -15.91 19.85 -79.32
C MET I 79 -16.83 20.51 -78.31
N TYR I 80 -17.48 19.73 -77.44
CA TYR I 80 -18.41 20.30 -76.48
C TYR I 80 -17.70 21.20 -75.47
N SER I 81 -16.48 20.82 -75.09
CA SER I 81 -15.75 21.57 -74.08
C SER I 81 -15.33 22.93 -74.60
N GLU I 82 -15.32 23.92 -73.69
CA GLU I 82 -14.89 25.26 -74.07
C GLU I 82 -13.39 25.33 -74.34
N ARG I 83 -12.62 24.41 -73.78
CA ARG I 83 -11.17 24.34 -74.00
C ARG I 83 -10.83 22.92 -74.42
N PRO I 84 -11.07 22.58 -75.69
CA PRO I 84 -10.81 21.20 -76.14
C PRO I 84 -9.36 20.78 -75.98
N GLY I 85 -8.42 21.72 -76.14
CA GLY I 85 -7.02 21.38 -75.97
C GLY I 85 -6.69 20.95 -74.55
N ALA I 86 -7.24 21.66 -73.57
CA ALA I 86 -6.99 21.30 -72.18
C ALA I 86 -7.64 19.96 -71.83
N LEU I 87 -8.84 19.71 -72.35
CA LEU I 87 -9.53 18.46 -72.04
C LEU I 87 -8.77 17.25 -72.54
N ILE I 88 -8.26 17.31 -73.78
CA ILE I 88 -7.53 16.19 -74.33
C ILE I 88 -6.23 15.96 -73.58
N ARG I 89 -5.50 17.03 -73.28
CA ARG I 89 -4.20 16.90 -72.63
C ARG I 89 -4.33 16.41 -71.20
N SER I 90 -5.42 16.75 -70.51
CA SER I 90 -5.61 16.36 -69.13
C SER I 90 -6.42 15.09 -68.97
N LEU I 91 -6.81 14.43 -70.06
CA LEU I 91 -7.58 13.20 -69.99
C LEU I 91 -7.07 12.19 -71.01
N LEU I 92 -5.75 12.16 -71.20
CA LEU I 92 -5.12 11.23 -72.13
C LEU I 92 -4.17 10.33 -71.36
N ASN I 93 -4.37 9.03 -71.48
CA ASN I 93 -3.53 8.04 -70.83
C ASN I 93 -3.19 6.92 -71.81
N ASP I 94 -2.80 7.31 -73.03
CA ASP I 94 -2.50 6.35 -74.08
C ASP I 94 -0.99 6.30 -74.32
N PRO I 95 -0.30 5.26 -73.84
CA PRO I 95 1.13 5.13 -74.16
C PRO I 95 1.40 4.84 -75.62
N ASP I 96 0.40 4.36 -76.37
CA ASP I 96 0.61 4.02 -77.78
C ASP I 96 0.81 5.26 -78.64
N ILE I 97 0.16 6.37 -78.28
CA ILE I 97 0.12 7.56 -79.14
C ILE I 97 0.62 8.76 -78.37
N GLU I 98 1.13 9.74 -79.12
CA GLU I 98 1.41 11.07 -78.61
C GLU I 98 0.57 12.06 -79.38
N ALA I 99 -0.11 12.95 -78.65
CA ALA I 99 -1.03 13.90 -79.26
C ALA I 99 -0.37 15.27 -79.37
N VAL I 100 -0.35 15.81 -80.58
CA VAL I 100 0.14 17.17 -80.83
C VAL I 100 -1.09 18.04 -81.08
N ILE I 101 -1.49 18.81 -80.05
CA ILE I 101 -2.68 19.63 -80.15
C ILE I 101 -2.40 20.81 -81.07
N ILE I 102 -3.32 21.07 -81.99
CA ILE I 102 -3.17 22.14 -82.97
C ILE I 102 -4.38 23.07 -82.84
N ASP I 103 -4.14 24.30 -82.44
CA ASP I 103 -5.19 25.31 -82.40
C ASP I 103 -5.50 25.77 -83.83
N VAL I 104 -6.76 25.66 -84.22
CA VAL I 104 -7.12 25.93 -85.61
C VAL I 104 -6.93 27.42 -85.94
N GLY I 105 -7.38 28.30 -85.05
CA GLY I 105 -7.21 29.72 -85.28
C GLY I 105 -8.35 30.33 -86.06
N SER I 106 -8.14 30.52 -87.36
CA SER I 106 -9.20 30.93 -88.28
C SER I 106 -9.61 29.71 -89.10
N MET I 107 -10.51 29.89 -90.06
CA MET I 107 -10.98 28.76 -90.84
C MET I 107 -11.27 29.17 -92.27
N LEU I 108 -10.59 28.53 -93.22
CA LEU I 108 -10.96 28.57 -94.62
C LEU I 108 -11.91 27.40 -94.89
N ASN I 109 -12.12 27.06 -96.16
CA ASN I 109 -12.89 25.85 -96.49
C ASN I 109 -12.32 24.64 -95.75
N GLY I 110 -11.01 24.48 -95.77
CA GLY I 110 -10.35 23.48 -94.94
C GLY I 110 -9.90 24.09 -93.62
N ILE I 111 -8.61 24.02 -93.33
CA ILE I 111 -8.05 24.67 -92.15
C ILE I 111 -6.79 25.41 -92.55
N PRO I 112 -6.63 26.67 -92.15
CA PRO I 112 -5.37 27.39 -92.40
C PRO I 112 -4.36 27.11 -91.29
N VAL I 113 -3.18 26.61 -91.69
CA VAL I 113 -2.14 26.37 -90.70
C VAL I 113 -1.67 27.68 -90.10
N MET I 114 -1.57 28.73 -90.93
CA MET I 114 -1.18 30.07 -90.48
C MET I 114 0.14 30.04 -89.73
N GLU I 115 1.15 29.45 -90.36
CA GLU I 115 2.49 29.39 -89.78
C GLU I 115 3.49 29.24 -90.92
N ARG I 116 4.16 30.33 -91.26
CA ARG I 116 5.17 30.35 -92.33
C ARG I 116 4.58 29.81 -93.64
N ARG I 117 3.62 30.55 -94.18
CA ARG I 117 2.95 30.13 -95.40
C ARG I 117 3.95 29.94 -96.53
N GLY I 118 3.83 28.81 -97.22
CA GLY I 118 4.77 28.41 -98.25
C GLY I 118 5.84 27.46 -97.76
N ASP I 119 6.30 27.64 -96.53
CA ASP I 119 7.33 26.79 -95.93
C ASP I 119 6.66 25.63 -95.21
N LYS I 120 6.64 24.46 -95.87
CA LYS I 120 6.06 23.24 -95.32
C LYS I 120 4.61 23.44 -94.90
N ALA I 121 3.87 24.23 -95.66
CA ALA I 121 2.47 24.50 -95.34
C ALA I 121 1.52 24.18 -96.47
N GLN I 122 1.93 24.41 -97.73
CA GLN I 122 1.01 24.18 -98.84
C GLN I 122 0.65 22.70 -98.97
N GLU I 123 1.62 21.81 -98.77
CA GLU I 123 1.36 20.39 -99.03
C GLU I 123 0.25 19.86 -98.13
N GLU I 124 0.18 20.35 -96.89
CA GLU I 124 -0.94 20.01 -96.02
C GLU I 124 -2.26 20.55 -96.58
N MET I 125 -2.26 21.77 -97.12
CA MET I 125 -3.50 22.37 -97.60
C MET I 125 -4.10 21.57 -98.76
N GLU I 126 -3.31 21.32 -99.81
CA GLU I 126 -3.79 20.46 -100.88
C GLU I 126 -4.06 19.05 -100.38
N GLY I 127 -3.34 18.61 -99.35
CA GLY I 127 -3.65 17.31 -98.76
C GLY I 127 -5.05 17.25 -98.20
N LEU I 128 -5.51 18.33 -97.57
CA LEU I 128 -6.84 18.36 -96.99
C LEU I 128 -7.93 18.49 -98.05
N MET I 129 -7.68 19.27 -99.10
CA MET I 129 -8.64 19.34 -100.20
C MET I 129 -8.83 17.99 -100.89
N ARG I 130 -7.76 17.18 -100.96
CA ARG I 130 -7.94 15.81 -101.42
C ARG I 130 -8.81 15.04 -100.44
N ILE I 131 -8.64 15.28 -99.14
CA ILE I 131 -9.48 14.63 -98.14
C ILE I 131 -10.94 15.03 -98.32
N LEU I 132 -11.18 16.34 -98.47
CA LEU I 132 -12.55 16.82 -98.60
C LEU I 132 -13.19 16.39 -99.91
N LYS I 133 -12.45 16.47 -101.01
CA LYS I 133 -13.01 16.12 -102.31
C LYS I 133 -13.35 14.64 -102.39
N THR I 134 -12.45 13.78 -101.91
CA THR I 134 -12.72 12.34 -101.91
C THR I 134 -13.88 11.99 -101.01
N ALA I 135 -13.98 12.66 -99.86
CA ALA I 135 -15.08 12.37 -98.93
C ALA I 135 -16.43 12.69 -99.54
N ARG I 136 -16.53 13.83 -100.23
CA ARG I 136 -17.80 14.21 -100.84
C ARG I 136 -18.11 13.35 -102.06
N GLU I 137 -17.09 13.00 -102.84
CA GLU I 137 -17.30 12.19 -104.03
C GLU I 137 -17.56 10.73 -103.70
N SER I 138 -17.04 10.23 -102.58
CA SER I 138 -17.17 8.82 -102.25
C SER I 138 -18.63 8.41 -102.12
N SER I 139 -19.40 9.16 -101.32
CA SER I 139 -20.81 8.90 -101.21
C SER I 139 -21.54 9.36 -102.49
N LYS I 140 -22.79 8.93 -102.62
CA LYS I 140 -23.58 9.28 -103.79
C LYS I 140 -24.18 10.67 -103.62
N GLY I 141 -23.33 11.65 -103.31
CA GLY I 141 -23.82 12.98 -103.01
C GLY I 141 -24.51 13.10 -101.68
N LYS I 142 -24.43 12.08 -100.83
CA LYS I 142 -25.17 12.04 -99.58
C LYS I 142 -24.35 12.68 -98.47
N THR I 143 -24.94 13.67 -97.80
CA THR I 143 -24.31 14.30 -96.67
C THR I 143 -24.29 13.34 -95.47
N PRO I 144 -23.39 13.56 -94.52
CA PRO I 144 -23.38 12.70 -93.31
C PRO I 144 -24.70 12.72 -92.56
N PHE I 145 -25.39 13.86 -92.53
CA PHE I 145 -26.67 13.95 -91.83
C PHE I 145 -27.78 13.35 -92.67
N VAL I 146 -28.80 12.81 -91.99
CA VAL I 146 -29.95 12.24 -92.69
C VAL I 146 -30.76 13.32 -93.39
N ASP I 147 -30.57 14.58 -93.02
CA ASP I 147 -31.22 15.70 -93.68
C ASP I 147 -30.18 16.46 -94.48
N SER I 148 -30.43 16.61 -95.79
CA SER I 148 -29.46 17.28 -96.65
C SER I 148 -29.30 18.75 -96.29
N ARG I 149 -30.32 19.35 -95.66
CA ARG I 149 -30.23 20.75 -95.26
C ARG I 149 -29.34 20.94 -94.04
N ALA I 150 -29.11 19.88 -93.26
CA ALA I 150 -28.28 20.00 -92.06
C ALA I 150 -26.80 20.14 -92.38
N TYR I 151 -26.38 19.78 -93.59
CA TYR I 151 -24.98 19.88 -93.95
C TYR I 151 -24.59 21.31 -94.33
N GLY I 152 -25.23 21.84 -95.37
CA GLY I 152 -24.98 23.21 -95.77
C GLY I 152 -25.79 24.20 -94.97
N LEU I 153 -25.70 24.10 -93.64
CA LEU I 153 -26.46 24.94 -92.73
C LEU I 153 -25.53 25.94 -92.06
N ARG I 154 -25.90 27.21 -92.11
CA ARG I 154 -25.11 28.26 -91.46
C ARG I 154 -25.49 28.36 -90.00
N ILE I 155 -24.48 28.34 -89.12
CA ILE I 155 -24.68 28.45 -87.69
C ILE I 155 -23.95 29.70 -87.21
N THR I 156 -24.70 30.62 -86.59
CA THR I 156 -24.12 31.79 -85.95
C THR I 156 -24.55 31.97 -84.50
N ASP I 157 -25.63 31.31 -84.06
CA ASP I 157 -26.08 31.40 -82.68
C ASP I 157 -25.42 30.32 -81.84
N MET I 158 -24.94 30.71 -80.66
CA MET I 158 -24.31 29.75 -79.77
C MET I 158 -25.30 28.68 -79.32
N SER I 159 -26.56 29.06 -79.12
CA SER I 159 -27.57 28.10 -78.66
C SER I 159 -27.76 26.99 -79.69
N THR I 160 -27.84 27.34 -80.98
CA THR I 160 -28.02 26.33 -82.00
C THR I 160 -26.82 25.41 -82.11
N LEU I 161 -25.62 25.97 -82.00
CA LEU I 161 -24.41 25.16 -82.11
C LEU I 161 -24.34 24.12 -80.99
N VAL I 162 -24.67 24.53 -79.77
CA VAL I 162 -24.61 23.61 -78.63
C VAL I 162 -25.58 22.45 -78.84
N SER I 163 -26.80 22.74 -79.28
CA SER I 163 -27.75 21.68 -79.58
C SER I 163 -27.25 20.82 -80.74
N ALA I 164 -26.72 21.46 -81.79
CA ALA I 164 -26.23 20.71 -82.94
C ALA I 164 -25.05 19.83 -82.56
N VAL I 165 -24.11 20.36 -81.77
CA VAL I 165 -22.93 19.58 -81.42
C VAL I 165 -23.31 18.36 -80.58
N ILE I 166 -24.16 18.56 -79.57
CA ILE I 166 -24.49 17.47 -78.65
C ILE I 166 -25.12 16.31 -79.40
N THR I 167 -25.97 16.61 -80.38
CA THR I 167 -26.58 15.55 -81.18
C THR I 167 -25.52 14.75 -81.93
N ILE I 168 -24.51 15.44 -82.47
CA ILE I 168 -23.40 14.72 -83.10
C ILE I 168 -22.62 13.93 -82.06
N GLU I 169 -22.37 14.53 -80.90
CA GLU I 169 -21.68 13.81 -79.83
C GLU I 169 -22.50 12.63 -79.34
N ALA I 170 -23.81 12.83 -79.12
CA ALA I 170 -24.65 11.77 -78.57
C ALA I 170 -24.69 10.57 -79.51
N GLN I 171 -24.87 10.83 -80.81
CA GLN I 171 -24.95 9.72 -81.76
C GLN I 171 -23.65 8.95 -81.84
N ILE I 172 -22.51 9.62 -81.63
CA ILE I 172 -21.24 8.92 -81.59
C ILE I 172 -21.15 8.03 -80.35
N TRP I 173 -21.55 8.56 -79.19
CA TRP I 173 -21.41 7.83 -77.94
C TRP I 173 -22.33 6.63 -77.83
N ILE I 174 -23.33 6.50 -78.70
CA ILE I 174 -24.13 5.28 -78.71
C ILE I 174 -23.30 4.10 -79.18
N LEU I 175 -22.37 4.33 -80.12
CA LEU I 175 -21.67 3.22 -80.76
C LEU I 175 -20.73 2.50 -79.81
N ILE I 176 -20.23 3.18 -78.78
CA ILE I 176 -19.20 2.59 -77.92
C ILE I 176 -19.75 1.38 -77.16
N ALA I 177 -21.06 1.35 -76.90
CA ALA I 177 -21.64 0.26 -76.12
C ALA I 177 -21.45 -1.08 -76.83
N LYS I 178 -21.66 -1.11 -78.14
CA LYS I 178 -21.57 -2.33 -78.93
C LYS I 178 -20.67 -2.14 -80.13
N ALA I 179 -19.50 -1.54 -79.89
CA ALA I 179 -18.52 -1.36 -80.96
C ALA I 179 -17.57 -2.53 -81.08
N VAL I 180 -17.19 -3.14 -79.96
CA VAL I 180 -16.26 -4.25 -79.97
C VAL I 180 -16.89 -5.58 -79.58
N THR I 181 -18.00 -5.56 -78.85
CA THR I 181 -18.66 -6.81 -78.47
C THR I 181 -19.30 -7.47 -79.69
N ALA I 182 -20.23 -6.78 -80.34
CA ALA I 182 -20.89 -7.30 -81.54
C ALA I 182 -21.27 -6.12 -82.42
N PRO I 183 -20.29 -5.54 -83.13
CA PRO I 183 -20.62 -4.40 -84.00
C PRO I 183 -21.58 -4.74 -85.11
N ASP I 184 -21.54 -5.97 -85.64
CA ASP I 184 -22.44 -6.33 -86.73
C ASP I 184 -23.89 -6.38 -86.26
N THR I 185 -24.12 -6.92 -85.06
CA THR I 185 -25.47 -7.06 -84.52
C THR I 185 -25.98 -5.77 -83.88
N ALA I 186 -25.36 -4.63 -84.19
CA ALA I 186 -25.77 -3.34 -83.66
C ALA I 186 -26.92 -2.80 -84.51
N GLU I 187 -27.22 -1.51 -84.34
CA GLU I 187 -28.24 -0.72 -85.02
C GLU I 187 -29.64 -1.04 -84.48
N GLU I 188 -29.81 -2.02 -83.60
CA GLU I 188 -31.07 -2.26 -82.93
C GLU I 188 -31.12 -1.54 -81.58
N SER I 189 -30.16 -1.84 -80.71
CA SER I 189 -30.04 -1.10 -79.46
C SER I 189 -29.66 0.35 -79.71
N GLU I 190 -28.80 0.58 -80.71
CA GLU I 190 -28.37 1.94 -81.03
C GLU I 190 -29.56 2.81 -81.45
N THR I 191 -30.45 2.28 -82.29
CA THR I 191 -31.66 3.00 -82.63
C THR I 191 -32.55 3.17 -81.41
N ARG I 192 -32.59 2.17 -80.54
CA ARG I 192 -33.37 2.27 -79.31
C ARG I 192 -32.84 3.37 -78.40
N ARG I 193 -31.51 3.48 -78.28
CA ARG I 193 -30.93 4.55 -77.48
C ARG I 193 -31.23 5.91 -78.09
N TRP I 194 -31.11 6.03 -79.41
CA TRP I 194 -31.40 7.30 -80.07
C TRP I 194 -32.86 7.69 -79.91
N ALA I 195 -33.77 6.72 -80.03
CA ALA I 195 -35.18 7.01 -79.87
C ALA I 195 -35.49 7.50 -78.46
N LYS I 196 -34.83 6.92 -77.46
CA LYS I 196 -35.07 7.34 -76.08
C LYS I 196 -34.70 8.80 -75.86
N TYR I 197 -33.54 9.21 -76.36
CA TYR I 197 -33.10 10.59 -76.17
C TYR I 197 -33.94 11.57 -76.98
N VAL I 198 -34.43 11.15 -78.15
CA VAL I 198 -35.33 12.00 -78.92
C VAL I 198 -36.62 12.24 -78.16
N GLN I 199 -37.18 11.20 -77.55
CA GLN I 199 -38.39 11.37 -76.76
C GLN I 199 -38.14 12.22 -75.52
N GLN I 200 -36.94 12.14 -74.95
CA GLN I 200 -36.57 12.99 -73.82
C GLN I 200 -36.25 14.41 -74.25
N LYS I 201 -36.19 14.68 -75.55
CA LYS I 201 -35.89 16.00 -76.10
C LYS I 201 -34.51 16.50 -75.71
N ARG I 202 -33.62 15.59 -75.30
CA ARG I 202 -32.25 15.99 -75.00
C ARG I 202 -31.46 16.25 -76.27
N VAL I 203 -31.85 15.62 -77.38
CA VAL I 203 -31.17 15.76 -78.65
C VAL I 203 -32.16 16.26 -79.69
N ASN I 204 -31.75 17.26 -80.46
CA ASN I 204 -32.56 17.76 -81.56
C ASN I 204 -32.45 16.81 -82.75
N PRO I 205 -33.54 16.20 -83.20
CA PRO I 205 -33.43 15.16 -84.24
C PRO I 205 -33.06 15.71 -85.62
N PHE I 206 -32.98 17.03 -85.78
CA PHE I 206 -32.61 17.58 -87.08
C PHE I 206 -31.20 17.16 -87.48
N PHE I 207 -30.26 17.18 -86.53
CA PHE I 207 -28.89 16.78 -86.80
C PHE I 207 -28.75 15.30 -86.49
N ALA I 208 -29.26 14.47 -87.40
CA ALA I 208 -29.18 13.02 -87.29
C ALA I 208 -28.32 12.49 -88.42
N LEU I 209 -27.19 11.89 -88.08
CA LEU I 209 -26.29 11.35 -89.09
C LEU I 209 -26.87 10.09 -89.71
N THR I 210 -26.60 9.90 -90.99
CA THR I 210 -27.12 8.73 -91.69
C THR I 210 -26.44 7.46 -91.19
N GLN I 211 -27.08 6.32 -91.45
CA GLN I 211 -26.54 5.06 -90.98
C GLN I 211 -25.29 4.66 -91.75
N GLN I 212 -25.12 5.16 -92.97
CA GLN I 212 -23.90 4.91 -93.71
C GLN I 212 -22.70 5.54 -93.00
N TRP I 213 -22.87 6.76 -92.50
CA TRP I 213 -21.78 7.41 -91.77
C TRP I 213 -21.53 6.74 -90.43
N LEU I 214 -22.59 6.32 -89.74
CA LEU I 214 -22.42 5.68 -88.44
C LEU I 214 -21.65 4.37 -88.57
N THR I 215 -21.89 3.62 -89.65
CA THR I 215 -21.15 2.39 -89.87
C THR I 215 -19.67 2.67 -90.06
N GLU I 216 -19.34 3.74 -90.80
CA GLU I 216 -17.93 4.09 -91.01
C GLU I 216 -17.25 4.45 -89.71
N MET I 217 -17.90 5.25 -88.86
CA MET I 217 -17.31 5.61 -87.59
C MET I 217 -17.18 4.39 -86.68
N ARG I 218 -18.22 3.54 -86.63
CA ARG I 218 -18.16 2.36 -85.78
C ARG I 218 -17.02 1.44 -86.20
N ASN I 219 -16.79 1.31 -87.51
CA ASN I 219 -15.64 0.56 -87.98
C ASN I 219 -14.34 1.20 -87.53
N LEU I 220 -14.26 2.52 -87.60
CA LEU I 220 -13.07 3.22 -87.10
C LEU I 220 -12.93 3.05 -85.59
N LEU I 221 -14.05 3.15 -84.87
CA LEU I 221 -14.00 3.06 -83.41
C LEU I 221 -13.59 1.66 -82.96
N SER I 222 -13.99 0.63 -83.70
CA SER I 222 -13.62 -0.73 -83.34
C SER I 222 -12.15 -1.01 -83.62
N GLN I 223 -11.64 -0.52 -84.75
CA GLN I 223 -10.26 -0.79 -85.14
C GLN I 223 -9.27 -0.17 -84.15
N SER I 224 -9.52 1.07 -83.74
CA SER I 224 -8.56 1.84 -82.97
C SER I 224 -8.83 1.74 -81.48
N LEU I 225 -7.79 1.42 -80.71
CA LEU I 225 -7.85 1.39 -79.26
C LEU I 225 -7.60 2.74 -78.62
N SER I 226 -6.84 3.63 -79.30
CA SER I 226 -6.55 4.94 -78.74
C SER I 226 -7.82 5.76 -78.56
N VAL I 227 -8.73 5.73 -79.53
CA VAL I 227 -9.99 6.44 -79.40
C VAL I 227 -10.81 5.84 -78.26
N ARG I 228 -10.85 4.51 -78.17
CA ARG I 228 -11.59 3.85 -77.10
C ARG I 228 -11.04 4.22 -75.74
N LYS I 229 -9.72 4.28 -75.59
CA LYS I 229 -9.12 4.63 -74.31
C LYS I 229 -9.51 6.04 -73.88
N PHE I 230 -9.50 6.98 -74.83
CA PHE I 230 -9.89 8.35 -74.51
C PHE I 230 -11.34 8.44 -74.08
N MET I 231 -12.24 7.74 -74.78
CA MET I 231 -13.65 7.80 -74.45
C MET I 231 -13.94 7.09 -73.14
N VAL I 232 -13.21 6.02 -72.83
CA VAL I 232 -13.37 5.37 -71.53
C VAL I 232 -12.87 6.27 -70.42
N GLU I 233 -11.75 6.98 -70.66
CA GLU I 233 -11.23 7.90 -69.66
C GLU I 233 -12.22 9.01 -69.36
N ILE I 234 -12.89 9.53 -70.39
CA ILE I 234 -13.93 10.53 -70.17
C ILE I 234 -15.05 9.96 -69.32
N LEU I 235 -15.44 8.71 -69.59
CA LEU I 235 -16.52 8.09 -68.83
C LEU I 235 -16.16 7.97 -67.35
N MET I 236 -14.93 7.56 -67.05
CA MET I 236 -14.51 7.42 -65.66
C MET I 236 -14.51 8.77 -64.95
N GLU I 237 -13.95 9.80 -65.58
CA GLU I 237 -13.90 11.12 -64.96
C GLU I 237 -15.28 11.72 -64.78
N VAL I 238 -16.14 11.57 -65.79
CA VAL I 238 -17.50 12.09 -65.69
C VAL I 238 -18.29 11.34 -64.62
N LYS I 239 -18.05 10.04 -64.50
CA LYS I 239 -18.75 9.24 -63.49
C LYS I 239 -18.49 9.76 -62.08
N LYS I 240 -17.27 10.22 -61.81
CA LYS I 240 -16.93 10.78 -60.50
C LYS I 240 -17.77 12.03 -60.26
N GLY I 241 -18.67 11.96 -59.28
CA GLY I 241 -19.51 13.09 -58.95
C GLY I 241 -18.78 14.14 -58.13
N GLY I 242 -19.51 15.20 -57.81
CA GLY I 242 -18.96 16.27 -56.99
C GLY I 242 -19.14 17.64 -57.58
N SER I 243 -19.05 17.75 -58.91
CA SER I 243 -19.16 19.02 -59.59
C SER I 243 -20.45 19.07 -60.42
N ALA I 244 -20.78 20.27 -60.88
CA ALA I 244 -21.97 20.44 -61.70
C ALA I 244 -21.77 19.80 -63.06
N LYS I 245 -22.82 19.16 -63.57
CA LYS I 245 -22.78 18.47 -64.84
C LYS I 245 -23.59 19.23 -65.87
N GLY I 246 -22.99 19.51 -67.02
CA GLY I 246 -23.68 20.18 -68.10
C GLY I 246 -24.50 19.21 -68.93
N ARG I 247 -25.21 19.79 -69.91
CA ARG I 247 -26.06 18.97 -70.78
C ARG I 247 -25.23 17.95 -71.56
N ALA I 248 -24.05 18.36 -72.04
CA ALA I 248 -23.17 17.44 -72.74
C ALA I 248 -22.69 16.33 -71.83
N VAL I 249 -22.33 16.68 -70.59
CA VAL I 249 -21.80 15.68 -69.66
C VAL I 249 -22.90 14.72 -69.20
N GLU I 250 -24.10 15.25 -68.96
CA GLU I 250 -25.20 14.41 -68.46
C GLU I 250 -25.57 13.35 -69.48
N ILE I 251 -25.56 13.69 -70.77
CA ILE I 251 -25.82 12.70 -71.80
C ILE I 251 -24.73 11.64 -71.81
N ILE I 252 -23.47 12.07 -71.71
CA ILE I 252 -22.35 11.13 -71.73
C ILE I 252 -22.44 10.18 -70.53
N SER I 253 -22.73 10.71 -69.35
CA SER I 253 -22.83 9.86 -68.16
C SER I 253 -24.03 8.91 -68.27
N ASP I 254 -25.15 9.39 -68.81
CA ASP I 254 -26.30 8.52 -69.00
C ASP I 254 -25.99 7.39 -69.97
N ILE I 255 -25.26 7.70 -71.05
CA ILE I 255 -24.84 6.66 -71.98
C ILE I 255 -23.87 5.70 -71.32
N GLY I 256 -23.01 6.22 -70.44
CA GLY I 256 -22.05 5.36 -69.75
C GLY I 256 -22.70 4.31 -68.88
N ASN I 257 -23.98 4.51 -68.51
CA ASN I 257 -24.69 3.49 -67.75
C ASN I 257 -24.84 2.22 -68.57
N TYR I 258 -25.15 2.35 -69.85
CA TYR I 258 -25.26 1.18 -70.72
C TYR I 258 -23.89 0.61 -71.09
N VAL I 259 -22.86 1.47 -71.11
CA VAL I 259 -21.53 1.03 -71.52
C VAL I 259 -20.90 0.13 -70.47
N GLU I 260 -21.18 0.37 -69.20
CA GLU I 260 -20.52 -0.35 -68.11
C GLU I 260 -20.78 -1.85 -68.22
N GLU I 261 -19.77 -2.63 -67.84
CA GLU I 261 -19.86 -4.09 -67.76
C GLU I 261 -20.20 -4.73 -69.11
N THR I 262 -19.90 -4.03 -70.20
CA THR I 262 -20.15 -4.58 -71.52
C THR I 262 -19.19 -5.73 -71.81
N GLY I 263 -19.64 -6.64 -72.67
CA GLY I 263 -18.82 -7.76 -73.09
C GLY I 263 -18.49 -8.77 -72.02
N MET I 264 -19.13 -8.69 -70.85
CA MET I 264 -18.88 -9.62 -69.76
C MET I 264 -20.19 -10.18 -69.22
N ALA I 265 -21.14 -10.43 -70.12
CA ALA I 265 -22.42 -10.98 -69.68
C ALA I 265 -22.28 -12.40 -69.15
N GLY I 266 -21.33 -13.16 -69.69
CA GLY I 266 -21.14 -14.52 -69.22
C GLY I 266 -20.74 -14.58 -67.75
N PHE I 267 -19.87 -13.66 -67.33
CA PHE I 267 -19.43 -13.65 -65.93
C PHE I 267 -20.54 -13.15 -65.02
N PHE I 268 -21.22 -12.07 -65.41
CA PHE I 268 -22.19 -11.45 -64.50
C PHE I 268 -23.49 -12.24 -64.45
N ALA I 269 -23.84 -12.94 -65.53
CA ALA I 269 -24.99 -13.84 -65.47
C ALA I 269 -24.74 -14.96 -64.48
N THR I 270 -23.53 -15.48 -64.44
CA THR I 270 -23.17 -16.49 -63.46
C THR I 270 -23.30 -15.95 -62.04
N ILE I 271 -22.86 -14.71 -61.83
CA ILE I 271 -22.97 -14.07 -60.52
C ILE I 271 -24.44 -13.89 -60.14
N ARG I 272 -25.22 -13.32 -61.05
CA ARG I 272 -26.60 -12.95 -60.72
C ARG I 272 -27.49 -14.17 -60.62
N PHE I 273 -27.41 -15.08 -61.59
CA PHE I 273 -28.36 -16.18 -61.69
C PHE I 273 -27.82 -17.48 -61.08
N GLY I 274 -26.69 -17.94 -61.58
CA GLY I 274 -26.13 -19.20 -61.09
C GLY I 274 -25.67 -19.12 -59.64
N LEU I 275 -25.00 -18.04 -59.27
CA LEU I 275 -24.45 -17.93 -57.92
C LEU I 275 -25.50 -17.46 -56.93
N GLU I 276 -26.04 -16.26 -57.14
CA GLU I 276 -27.15 -15.79 -56.32
C GLU I 276 -28.41 -16.57 -56.69
N THR I 277 -29.53 -16.18 -56.09
CA THR I 277 -30.78 -16.92 -56.20
C THR I 277 -30.57 -18.37 -55.80
N ARG I 278 -30.23 -18.55 -54.52
CA ARG I 278 -29.71 -19.80 -54.00
C ARG I 278 -30.65 -20.97 -54.26
N TYR I 279 -30.20 -21.90 -55.10
CA TYR I 279 -30.96 -23.09 -55.47
C TYR I 279 -30.38 -24.31 -54.79
N PRO I 280 -31.21 -25.19 -54.23
CA PRO I 280 -30.70 -26.41 -53.60
C PRO I 280 -29.79 -27.26 -54.50
N ALA I 281 -29.74 -26.96 -55.79
CA ALA I 281 -28.89 -27.67 -56.72
C ALA I 281 -27.48 -27.11 -56.80
N LEU I 282 -27.16 -26.11 -55.98
CA LEU I 282 -25.84 -25.49 -56.04
C LEU I 282 -24.77 -26.42 -55.48
N ALA I 283 -24.90 -26.82 -54.23
CA ALA I 283 -23.95 -27.72 -53.59
C ALA I 283 -24.17 -29.13 -54.13
N LEU I 284 -23.40 -29.48 -55.16
CA LEU I 284 -23.56 -30.78 -55.81
C LEU I 284 -22.21 -31.47 -56.06
N ASN I 285 -21.13 -31.01 -55.44
CA ASN I 285 -19.78 -31.55 -55.56
C ASN I 285 -19.21 -31.46 -56.96
N GLU I 286 -19.90 -30.82 -57.91
CA GLU I 286 -19.33 -30.51 -59.21
C GLU I 286 -19.23 -29.01 -59.46
N PHE I 287 -19.79 -28.19 -58.56
CA PHE I 287 -19.69 -26.75 -58.65
C PHE I 287 -18.72 -26.15 -57.64
N GLN I 288 -18.19 -26.96 -56.72
CA GLN I 288 -17.33 -26.43 -55.66
C GLN I 288 -16.05 -25.84 -56.25
N SER I 289 -15.54 -26.44 -57.32
CA SER I 289 -14.38 -25.85 -58.00
C SER I 289 -14.77 -24.54 -58.69
N ASP I 290 -15.89 -24.54 -59.41
CA ASP I 290 -16.34 -23.33 -60.08
C ASP I 290 -16.70 -22.24 -59.08
N LEU I 291 -17.34 -22.60 -57.97
CA LEU I 291 -17.66 -21.61 -56.94
C LEU I 291 -16.39 -21.00 -56.36
N ASN I 292 -15.37 -21.82 -56.13
CA ASN I 292 -14.10 -21.31 -55.64
C ASN I 292 -13.47 -20.34 -56.64
N THR I 293 -13.49 -20.70 -57.92
CA THR I 293 -12.93 -19.83 -58.95
C THR I 293 -13.68 -18.51 -59.02
N ILE I 294 -15.00 -18.56 -58.94
CA ILE I 294 -15.81 -17.35 -58.98
C ILE I 294 -15.48 -16.44 -57.80
N LYS I 295 -15.33 -17.03 -56.61
CA LYS I 295 -14.97 -16.26 -55.43
C LYS I 295 -13.64 -15.56 -55.62
N GLY I 296 -12.66 -16.25 -56.22
CA GLY I 296 -11.40 -15.61 -56.52
C GLY I 296 -11.54 -14.50 -57.54
N LEU I 297 -12.44 -14.68 -58.52
CA LEU I 297 -12.63 -13.66 -59.54
C LEU I 297 -13.22 -12.39 -58.94
N MET I 298 -14.10 -12.53 -57.95
CA MET I 298 -14.71 -11.35 -57.33
C MET I 298 -13.66 -10.49 -56.66
N LEU I 299 -12.68 -11.11 -56.00
CA LEU I 299 -11.58 -10.34 -55.42
C LEU I 299 -10.75 -9.67 -56.50
N LEU I 300 -10.52 -10.38 -57.61
CA LEU I 300 -9.75 -9.79 -58.71
C LEU I 300 -10.45 -8.58 -59.31
N TYR I 301 -11.78 -8.67 -59.47
CA TYR I 301 -12.53 -7.54 -60.01
C TYR I 301 -12.45 -6.34 -59.08
N ARG I 302 -12.50 -6.58 -57.77
CA ARG I 302 -12.35 -5.48 -56.82
C ARG I 302 -10.92 -4.94 -56.84
N GLU I 303 -9.95 -5.81 -57.09
CA GLU I 303 -8.54 -5.39 -57.05
C GLU I 303 -8.16 -4.57 -58.27
N ILE I 304 -8.86 -4.74 -59.40
CA ILE I 304 -8.45 -4.07 -60.63
C ILE I 304 -8.56 -2.56 -60.49
N GLY I 305 -9.68 -2.07 -60.01
CA GLY I 305 -9.87 -0.66 -59.81
C GLY I 305 -11.05 -0.09 -60.55
N PRO I 306 -11.04 1.22 -60.80
CA PRO I 306 -12.17 1.85 -61.49
C PRO I 306 -12.30 1.45 -62.94
N ARG I 307 -11.29 0.81 -63.52
CA ARG I 307 -11.35 0.35 -64.91
C ARG I 307 -11.97 -1.04 -65.03
N ALA I 308 -12.43 -1.62 -63.93
CA ALA I 308 -12.99 -2.97 -63.97
C ALA I 308 -14.20 -3.10 -64.89
N PRO I 309 -15.20 -2.20 -64.87
CA PRO I 309 -16.31 -2.37 -65.81
C PRO I 309 -15.88 -2.29 -67.26
N TYR I 310 -14.93 -1.43 -67.59
CA TYR I 310 -14.47 -1.25 -68.96
C TYR I 310 -13.20 -2.05 -69.26
N MET I 311 -13.24 -3.37 -69.09
CA MET I 311 -12.07 -4.18 -69.45
C MET I 311 -12.12 -4.62 -70.92
N VAL I 312 -13.31 -4.94 -71.42
CA VAL I 312 -13.43 -5.34 -72.82
C VAL I 312 -13.10 -4.17 -73.74
N LEU I 313 -13.52 -2.96 -73.36
CA LEU I 313 -13.23 -1.79 -74.18
C LEU I 313 -11.74 -1.51 -74.25
N LEU I 314 -11.04 -1.58 -73.11
CA LEU I 314 -9.61 -1.39 -73.08
C LEU I 314 -8.84 -2.66 -73.44
N GLU I 315 -9.54 -3.78 -73.64
CA GLU I 315 -8.93 -5.05 -74.02
C GLU I 315 -7.86 -5.49 -73.01
N GLU I 316 -8.21 -5.36 -71.73
CA GLU I 316 -7.32 -5.79 -70.67
C GLU I 316 -7.06 -7.30 -70.77
N SER I 317 -5.81 -7.70 -70.52
CA SER I 317 -5.48 -9.11 -70.53
C SER I 317 -6.13 -9.87 -69.39
N ILE I 318 -6.51 -9.18 -68.31
CA ILE I 318 -7.19 -9.83 -67.21
C ILE I 318 -8.57 -10.33 -67.62
N GLN I 319 -9.11 -9.82 -68.72
CA GLN I 319 -10.47 -10.18 -69.14
C GLN I 319 -10.57 -11.66 -69.50
N THR I 320 -9.52 -12.23 -70.09
CA THR I 320 -9.57 -13.62 -70.51
C THR I 320 -9.82 -14.55 -69.33
N LYS I 321 -9.27 -14.21 -68.16
CA LYS I 321 -9.53 -15.02 -66.97
C LYS I 321 -10.98 -14.93 -66.52
N PHE I 322 -11.65 -13.80 -66.79
CA PHE I 322 -13.03 -13.62 -66.40
C PHE I 322 -14.01 -14.38 -67.31
N ALA I 323 -13.61 -14.67 -68.53
CA ALA I 323 -14.52 -15.26 -69.50
C ALA I 323 -14.88 -16.69 -69.09
N PRO I 324 -16.10 -17.13 -69.38
CA PRO I 324 -16.44 -18.54 -69.16
C PRO I 324 -15.55 -19.45 -70.00
N GLY I 325 -15.19 -20.59 -69.41
CA GLY I 325 -14.22 -21.48 -70.00
C GLY I 325 -13.29 -21.99 -68.92
N GLY I 326 -13.06 -21.16 -67.91
CA GLY I 326 -12.43 -21.58 -66.69
C GLY I 326 -13.40 -22.09 -65.65
N TYR I 327 -14.70 -21.87 -65.86
CA TYR I 327 -15.75 -22.40 -64.98
C TYR I 327 -16.97 -22.77 -65.83
N PRO I 328 -16.79 -23.63 -66.84
CA PRO I 328 -17.90 -23.91 -67.76
C PRO I 328 -19.10 -24.56 -67.10
N LEU I 329 -18.89 -25.36 -66.04
CA LEU I 329 -19.99 -26.09 -65.43
C LEU I 329 -21.00 -25.14 -64.78
N LEU I 330 -20.52 -24.23 -63.93
CA LEU I 330 -21.42 -23.30 -63.27
C LEU I 330 -22.03 -22.32 -64.26
N TRP I 331 -21.25 -21.86 -65.23
CA TRP I 331 -21.77 -20.95 -66.24
C TRP I 331 -22.90 -21.61 -67.03
N SER I 332 -22.72 -22.88 -67.40
CA SER I 332 -23.78 -23.60 -68.11
C SER I 332 -25.04 -23.72 -67.25
N PHE I 333 -24.86 -24.01 -65.96
CA PHE I 333 -26.00 -23.99 -65.04
C PHE I 333 -26.61 -22.60 -64.94
N ALA I 334 -25.76 -21.57 -64.91
CA ALA I 334 -26.26 -20.20 -64.79
C ALA I 334 -27.08 -19.78 -65.99
N MET I 335 -26.65 -20.16 -67.20
CA MET I 335 -27.44 -19.82 -68.39
C MET I 335 -28.74 -20.60 -68.42
N GLY I 336 -28.78 -21.77 -67.79
CA GLY I 336 -30.01 -22.55 -67.76
C GLY I 336 -31.12 -21.84 -67.01
N VAL I 337 -30.79 -21.32 -65.82
CA VAL I 337 -31.80 -20.59 -65.05
C VAL I 337 -32.05 -19.22 -65.67
N ALA I 338 -31.03 -18.61 -66.28
CA ALA I 338 -31.19 -17.28 -66.85
C ALA I 338 -32.20 -17.27 -67.99
N THR I 339 -32.13 -18.28 -68.88
CA THR I 339 -33.05 -18.32 -70.01
C THR I 339 -34.49 -18.48 -69.56
N THR I 340 -34.74 -19.32 -68.54
CA THR I 340 -36.09 -19.53 -68.06
C THR I 340 -36.63 -18.34 -67.29
N ILE I 341 -35.79 -17.66 -66.52
CA ILE I 341 -36.24 -16.59 -65.64
C ILE I 341 -36.34 -15.28 -66.41
N ASP I 342 -35.24 -14.86 -67.03
CA ASP I 342 -35.19 -13.60 -67.75
C ASP I 342 -35.57 -13.83 -69.21
N ARG I 343 -36.69 -13.24 -69.64
CA ARG I 343 -37.13 -13.41 -71.01
C ARG I 343 -36.12 -12.81 -71.99
N SER I 344 -35.58 -11.63 -71.65
CA SER I 344 -34.58 -11.01 -72.52
C SER I 344 -33.34 -11.88 -72.65
N MET I 345 -32.91 -12.50 -71.55
CA MET I 345 -31.81 -13.46 -71.61
C MET I 345 -32.24 -14.68 -72.40
N GLY I 346 -31.60 -14.90 -73.54
CA GLY I 346 -32.03 -15.92 -74.48
C GLY I 346 -31.76 -15.47 -75.90
N ALA I 347 -31.65 -14.15 -76.07
CA ALA I 347 -31.09 -13.58 -77.29
C ALA I 347 -29.57 -13.56 -77.26
N LEU I 348 -28.97 -13.90 -76.14
CA LEU I 348 -27.53 -13.99 -76.03
C LEU I 348 -27.01 -15.20 -76.81
N ASN I 349 -25.85 -15.03 -77.44
CA ASN I 349 -25.23 -16.09 -78.23
C ASN I 349 -24.30 -16.88 -77.31
N ILE I 350 -24.67 -18.12 -77.01
CA ILE I 350 -23.91 -18.94 -76.06
C ILE I 350 -23.52 -20.27 -76.67
N ASN I 351 -23.33 -20.30 -77.99
CA ASN I 351 -22.99 -21.54 -78.69
C ASN I 351 -21.48 -21.81 -78.59
N ARG I 352 -21.01 -21.92 -77.35
CA ARG I 352 -19.61 -22.19 -77.08
C ARG I 352 -19.33 -23.69 -77.15
N GLY I 353 -18.04 -24.03 -77.06
CA GLY I 353 -17.60 -25.41 -77.09
C GLY I 353 -17.65 -26.14 -75.78
N TYR I 354 -18.08 -25.47 -74.71
CA TYR I 354 -18.18 -26.05 -73.38
C TYR I 354 -19.59 -25.86 -72.82
N LEU I 355 -20.59 -26.12 -73.65
CA LEU I 355 -21.97 -25.83 -73.27
C LEU I 355 -22.46 -26.76 -72.18
N GLU I 356 -22.05 -28.03 -72.21
CA GLU I 356 -22.45 -29.02 -71.22
C GLU I 356 -23.96 -29.08 -71.08
N PRO I 357 -24.68 -29.63 -72.06
CA PRO I 357 -26.15 -29.62 -72.00
C PRO I 357 -26.72 -30.30 -70.77
N MET I 358 -26.04 -31.30 -70.21
CA MET I 358 -26.54 -31.98 -69.03
C MET I 358 -26.68 -31.03 -67.85
N TYR I 359 -25.68 -30.17 -67.64
CA TYR I 359 -25.80 -29.16 -66.60
C TYR I 359 -26.71 -28.02 -67.02
N PHE I 360 -26.82 -27.76 -68.33
CA PHE I 360 -27.80 -26.79 -68.81
C PHE I 360 -29.22 -27.26 -68.53
N ARG I 361 -29.50 -28.54 -68.75
CA ARG I 361 -30.83 -29.07 -68.48
C ARG I 361 -31.16 -28.98 -66.99
N LEU I 362 -30.17 -29.26 -66.13
CA LEU I 362 -30.42 -29.19 -64.69
C LEU I 362 -30.76 -27.76 -64.27
N GLY I 363 -30.13 -26.77 -64.90
CA GLY I 363 -30.49 -25.39 -64.63
C GLY I 363 -31.92 -25.08 -65.07
N GLN I 364 -32.32 -25.61 -66.23
CA GLN I 364 -33.69 -25.41 -66.69
C GLN I 364 -34.70 -26.00 -65.71
N LYS I 365 -34.41 -27.21 -65.20
CA LYS I 365 -35.30 -27.83 -64.24
C LYS I 365 -35.25 -27.11 -62.89
N SER I 366 -34.11 -26.51 -62.57
CA SER I 366 -33.98 -25.83 -61.27
C SER I 366 -34.88 -24.62 -61.17
N ALA I 367 -35.09 -23.90 -62.27
CA ALA I 367 -35.92 -22.71 -62.24
C ALA I 367 -37.38 -23.05 -61.93
N ARG I 368 -37.89 -24.11 -62.54
CA ARG I 368 -39.32 -24.43 -62.44
C ARG I 368 -39.59 -25.73 -61.70
N HIS I 369 -38.98 -26.84 -62.13
CA HIS I 369 -39.33 -28.17 -61.62
C HIS I 369 -38.63 -28.51 -60.31
N HIS I 370 -37.75 -27.65 -59.80
CA HIS I 370 -36.96 -28.02 -58.64
C HIS I 370 -37.81 -28.03 -57.37
N ALA I 371 -38.30 -26.86 -56.98
CA ALA I 371 -39.14 -26.67 -55.78
C ALA I 371 -39.51 -25.20 -55.70
N GLY I 372 -40.37 -24.89 -54.74
CA GLY I 372 -40.64 -23.48 -54.44
C GLY I 372 -39.43 -22.78 -53.86
N GLY I 373 -38.74 -23.43 -52.93
CA GLY I 373 -37.48 -22.92 -52.42
C GLY I 373 -37.58 -21.65 -51.59
N ILE I 374 -38.15 -21.76 -50.39
CA ILE I 374 -38.28 -20.64 -49.48
C ILE I 374 -37.00 -20.52 -48.66
N ASP I 375 -36.39 -19.35 -48.68
CA ASP I 375 -35.13 -19.11 -47.99
C ASP I 375 -35.39 -18.72 -46.54
N GLN I 376 -34.35 -18.23 -45.86
CA GLN I 376 -34.47 -17.87 -44.46
C GLN I 376 -35.46 -16.74 -44.27
N ASN I 377 -36.51 -17.00 -43.49
CA ASN I 377 -37.60 -16.05 -43.28
C ASN I 377 -37.40 -15.34 -41.95
N MET I 378 -37.07 -14.04 -42.00
CA MET I 378 -37.04 -13.25 -40.78
C MET I 378 -38.43 -13.17 -40.16
N ALA I 379 -39.45 -12.97 -40.99
CA ALA I 379 -40.83 -13.04 -40.54
C ALA I 379 -41.27 -14.50 -40.48
N ASN I 380 -41.82 -14.91 -39.33
CA ASN I 380 -42.17 -16.31 -39.12
C ASN I 380 -43.51 -16.58 -39.77
N LYS I 381 -43.49 -17.33 -40.88
CA LYS I 381 -44.71 -17.72 -41.60
C LYS I 381 -45.12 -19.11 -41.15
N LEU I 382 -45.88 -19.14 -40.05
CA LEU I 382 -46.23 -20.40 -39.41
C LEU I 382 -47.10 -21.27 -40.32
N GLY I 383 -48.10 -20.68 -40.97
CA GLY I 383 -49.04 -21.39 -41.79
C GLY I 383 -48.84 -21.28 -43.29
N LEU I 384 -47.65 -20.89 -43.74
CA LEU I 384 -47.39 -20.67 -45.16
C LEU I 384 -46.94 -21.93 -45.88
N ASN I 385 -47.17 -23.11 -45.30
CA ASN I 385 -46.88 -24.36 -46.01
C ASN I 385 -47.73 -24.48 -47.27
N SER I 386 -49.02 -24.13 -47.16
CA SER I 386 -49.88 -24.13 -48.34
C SER I 386 -49.60 -22.93 -49.24
N ASP I 387 -49.09 -21.84 -48.66
CA ASP I 387 -48.73 -20.68 -49.47
C ASP I 387 -47.65 -21.03 -50.47
N GLN I 388 -46.70 -21.89 -50.08
CA GLN I 388 -45.72 -22.39 -51.03
C GLN I 388 -46.38 -23.23 -52.11
N VAL I 389 -47.36 -24.06 -51.72
CA VAL I 389 -48.05 -24.92 -52.69
C VAL I 389 -48.81 -24.07 -53.70
N ALA I 390 -49.49 -23.03 -53.23
CA ALA I 390 -50.17 -22.12 -54.15
C ALA I 390 -49.17 -21.41 -55.05
N GLU I 391 -48.02 -21.00 -54.49
CA GLU I 391 -46.96 -20.44 -55.31
C GLU I 391 -46.38 -21.50 -56.26
N LEU I 392 -46.23 -22.72 -55.77
CA LEU I 392 -45.72 -23.79 -56.63
C LEU I 392 -46.73 -24.19 -57.69
N ALA I 393 -48.03 -24.07 -57.39
CA ALA I 393 -49.06 -24.40 -58.36
C ALA I 393 -48.97 -23.49 -59.58
N ALA I 394 -48.72 -22.20 -59.36
CA ALA I 394 -48.58 -21.20 -60.42
C ALA I 394 -49.79 -21.19 -61.36
N MET J 1 2.55 -47.03 -33.31
CA MET J 1 1.46 -46.43 -32.55
C MET J 1 1.05 -45.08 -33.14
N SER J 2 0.58 -44.19 -32.27
CA SER J 2 0.14 -42.87 -32.72
C SER J 2 1.27 -42.08 -33.35
N ASP J 3 2.49 -42.24 -32.83
CA ASP J 3 3.64 -41.52 -33.39
C ASP J 3 3.87 -41.92 -34.84
N ILE J 4 3.76 -43.21 -35.14
CA ILE J 4 3.82 -43.66 -36.52
C ILE J 4 2.63 -43.05 -37.28
N PHE J 5 2.82 -42.84 -38.58
CA PHE J 5 1.92 -42.19 -39.54
C PHE J 5 1.91 -40.68 -39.37
N ASP J 6 2.57 -40.14 -38.35
CA ASP J 6 2.89 -38.72 -38.27
C ASP J 6 4.38 -38.46 -38.42
N GLU J 7 5.20 -39.32 -37.81
CA GLU J 7 6.62 -39.33 -38.12
C GLU J 7 6.86 -39.60 -39.59
N ALA J 8 6.08 -40.49 -40.21
CA ALA J 8 6.21 -40.75 -41.63
C ALA J 8 5.84 -39.51 -42.46
N ALA J 9 4.78 -38.82 -42.06
CA ALA J 9 4.39 -37.61 -42.79
C ALA J 9 5.47 -36.53 -42.69
N SER J 10 6.02 -36.34 -41.49
CA SER J 10 7.12 -35.39 -41.34
C SER J 10 8.34 -35.83 -42.14
N PHE J 11 8.59 -37.13 -42.20
CA PHE J 11 9.72 -37.65 -42.98
C PHE J 11 9.54 -37.36 -44.46
N ARG J 12 8.33 -37.57 -44.99
CA ARG J 12 8.10 -37.26 -46.40
C ARG J 12 8.19 -35.76 -46.66
N SER J 13 7.68 -34.94 -45.74
CA SER J 13 7.78 -33.50 -45.91
C SER J 13 9.23 -33.04 -45.92
N TYR J 14 10.06 -33.60 -45.03
CA TYR J 14 11.47 -33.25 -45.01
C TYR J 14 12.20 -33.78 -46.23
N GLN J 15 11.80 -34.96 -46.71
CA GLN J 15 12.44 -35.56 -47.89
C GLN J 15 12.14 -34.78 -49.15
N SER J 16 10.95 -34.18 -49.25
CA SER J 16 10.62 -33.39 -50.43
C SER J 16 11.58 -32.21 -50.59
N LYS J 17 11.75 -31.42 -49.53
CA LYS J 17 12.73 -30.34 -49.51
C LYS J 17 14.01 -30.79 -48.80
N LEU J 18 14.68 -31.77 -49.40
CA LEU J 18 15.80 -32.42 -48.73
C LEU J 18 17.04 -31.55 -48.75
N GLY J 19 17.55 -31.23 -49.93
CA GLY J 19 18.79 -30.49 -50.04
C GLY J 19 18.67 -29.21 -50.84
N ARG J 20 17.44 -28.72 -51.00
CA ARG J 20 17.20 -27.50 -51.76
C ARG J 20 17.29 -26.27 -50.86
N ASP J 21 18.48 -26.09 -50.28
CA ASP J 21 18.74 -25.00 -49.37
C ASP J 21 20.18 -24.52 -49.56
N GLY J 22 20.42 -23.28 -49.16
CA GLY J 22 21.74 -22.69 -49.31
C GLY J 22 21.93 -22.05 -50.67
N ARG J 23 23.17 -21.63 -50.90
CA ARG J 23 23.55 -20.97 -52.14
C ARG J 23 24.68 -21.74 -52.81
N ALA J 24 24.58 -21.91 -54.13
CA ALA J 24 25.60 -22.62 -54.89
C ALA J 24 26.80 -21.71 -55.15
N SER J 25 27.88 -22.33 -55.60
CA SER J 25 29.11 -21.61 -55.91
C SER J 25 29.16 -21.22 -57.38
N ALA J 26 30.14 -20.38 -57.72
CA ALA J 26 30.35 -19.94 -59.09
C ALA J 26 31.21 -20.91 -59.89
N ALA J 27 31.68 -21.99 -59.28
CA ALA J 27 32.49 -22.96 -60.01
C ALA J 27 31.68 -23.62 -61.11
N THR J 28 30.41 -23.94 -60.85
CA THR J 28 29.53 -24.54 -61.85
C THR J 28 28.97 -23.44 -62.75
N ALA J 29 29.84 -22.89 -63.59
CA ALA J 29 29.49 -21.82 -64.51
C ALA J 29 29.53 -22.36 -65.94
N THR J 30 28.41 -22.26 -66.64
CA THR J 30 28.32 -22.77 -68.00
C THR J 30 29.17 -21.94 -68.94
N LEU J 31 29.73 -22.61 -69.95
CA LEU J 31 30.45 -21.90 -71.01
C LEU J 31 29.48 -21.06 -71.83
N THR J 32 29.87 -19.82 -72.12
CA THR J 32 29.00 -18.87 -72.77
C THR J 32 29.34 -18.75 -74.26
N THR J 33 28.31 -18.56 -75.08
CA THR J 33 28.45 -18.40 -76.51
C THR J 33 28.02 -16.99 -76.90
N LYS J 34 28.81 -16.36 -77.77
CA LYS J 34 28.51 -15.01 -78.20
C LYS J 34 27.31 -15.02 -79.15
N ILE J 35 26.36 -14.11 -78.92
CA ILE J 35 25.17 -13.99 -79.74
C ILE J 35 25.07 -12.55 -80.23
N ARG J 36 25.05 -12.37 -81.55
CA ARG J 36 25.04 -11.06 -82.17
C ARG J 36 23.60 -10.66 -82.49
N ILE J 37 23.15 -9.55 -81.91
CA ILE J 37 21.78 -9.09 -82.05
C ILE J 37 21.79 -7.77 -82.80
N PHE J 38 21.00 -7.70 -83.88
CA PHE J 38 20.89 -6.50 -84.70
C PHE J 38 19.65 -5.72 -84.28
N VAL J 39 19.85 -4.66 -83.51
CA VAL J 39 18.72 -3.84 -83.04
C VAL J 39 18.68 -2.56 -83.85
N PRO J 40 17.50 -1.96 -84.06
CA PRO J 40 17.43 -0.68 -84.75
C PRO J 40 17.88 0.45 -83.84
N ALA J 41 18.81 1.27 -84.34
CA ALA J 41 19.34 2.38 -83.55
C ALA J 41 18.34 3.53 -83.46
N THR J 42 17.62 3.81 -84.53
CA THR J 42 16.72 4.95 -84.62
C THR J 42 15.27 4.49 -84.59
N ASN J 43 14.36 5.45 -84.74
CA ASN J 43 12.93 5.20 -84.74
C ASN J 43 12.30 5.36 -86.12
N SER J 44 13.12 5.49 -87.16
CA SER J 44 12.59 5.67 -88.50
C SER J 44 11.84 4.41 -88.94
N PRO J 45 10.60 4.53 -89.41
CA PRO J 45 9.83 3.33 -89.78
C PRO J 45 10.47 2.51 -90.88
N GLU J 46 11.12 3.15 -91.85
CA GLU J 46 11.70 2.41 -92.97
C GLU J 46 12.82 1.50 -92.50
N LEU J 47 13.69 2.01 -91.62
CA LEU J 47 14.79 1.19 -91.12
C LEU J 47 14.26 0.00 -90.32
N ARG J 48 13.27 0.23 -89.46
CA ARG J 48 12.73 -0.85 -88.65
C ARG J 48 12.04 -1.90 -89.54
N TRP J 49 11.31 -1.45 -90.56
CA TRP J 49 10.65 -2.39 -91.46
C TRP J 49 11.66 -3.22 -92.23
N GLU J 50 12.72 -2.58 -92.73
CA GLU J 50 13.76 -3.33 -93.43
C GLU J 50 14.46 -4.30 -92.48
N LEU J 51 14.67 -3.89 -91.23
CA LEU J 51 15.31 -4.76 -90.26
C LEU J 51 14.46 -5.99 -89.94
N THR J 52 13.15 -5.81 -89.77
CA THR J 52 12.32 -6.97 -89.47
C THR J 52 12.16 -7.86 -90.69
N LEU J 53 12.16 -7.28 -91.91
CA LEU J 53 12.20 -8.12 -93.10
C LEU J 53 13.48 -8.94 -93.16
N PHE J 54 14.61 -8.32 -92.83
CA PHE J 54 15.88 -9.04 -92.79
C PHE J 54 15.85 -10.16 -91.75
N ALA J 55 15.29 -9.88 -90.58
CA ALA J 55 15.21 -10.90 -89.54
C ALA J 55 14.32 -12.05 -89.98
N LEU J 56 13.20 -11.75 -90.63
CA LEU J 56 12.34 -12.81 -91.18
C LEU J 56 13.11 -13.66 -92.18
N ASP J 57 13.87 -13.02 -93.07
CA ASP J 57 14.64 -13.78 -94.05
C ASP J 57 15.69 -14.65 -93.38
N VAL J 58 16.38 -14.10 -92.37
CA VAL J 58 17.43 -14.87 -91.69
C VAL J 58 16.83 -16.08 -90.99
N ILE J 59 15.69 -15.90 -90.32
CA ILE J 59 15.04 -17.04 -89.67
C ILE J 59 14.61 -18.07 -90.72
N ARG J 60 14.05 -17.61 -91.84
CA ARG J 60 13.66 -18.52 -92.89
C ARG J 60 14.86 -19.15 -93.60
N SER J 61 16.04 -18.55 -93.47
CA SER J 61 17.21 -19.04 -94.21
C SER J 61 17.61 -20.43 -93.72
N PRO J 62 17.92 -21.36 -94.62
CA PRO J 62 18.38 -22.68 -94.18
C PRO J 62 19.88 -22.72 -93.92
N SER J 63 20.63 -21.83 -94.55
CA SER J 63 22.07 -21.78 -94.40
C SER J 63 22.51 -20.98 -93.17
N ALA J 64 21.58 -20.41 -92.43
CA ALA J 64 21.93 -19.59 -91.27
C ALA J 64 22.42 -20.46 -90.12
N ALA J 65 23.47 -19.98 -89.45
CA ALA J 65 23.91 -20.63 -88.23
C ALA J 65 22.88 -20.39 -87.12
N GLU J 66 22.92 -21.28 -86.11
CA GLU J 66 21.94 -21.19 -85.03
C GLU J 66 22.06 -19.87 -84.28
N SER J 67 23.29 -19.41 -84.05
CA SER J 67 23.48 -18.13 -83.36
C SER J 67 22.86 -16.98 -84.13
N MET J 68 23.00 -16.99 -85.46
CA MET J 68 22.36 -15.97 -86.29
C MET J 68 20.84 -16.03 -86.17
N LYS J 69 20.29 -17.24 -86.11
CA LYS J 69 18.85 -17.38 -85.95
C LYS J 69 18.38 -16.85 -84.60
N ILE J 70 19.16 -17.10 -83.54
CA ILE J 70 18.80 -16.55 -82.23
C ILE J 70 18.89 -15.03 -82.25
N GLY J 71 19.90 -14.48 -82.91
CA GLY J 71 19.99 -13.04 -83.04
C GLY J 71 18.81 -12.45 -83.77
N ALA J 72 18.38 -13.09 -84.85
CA ALA J 72 17.20 -12.63 -85.59
C ALA J 72 15.96 -12.72 -84.72
N ALA J 73 15.81 -13.80 -83.96
CA ALA J 73 14.65 -13.94 -83.07
C ALA J 73 14.63 -12.84 -82.02
N PHE J 74 15.79 -12.54 -81.42
CA PHE J 74 15.86 -11.48 -80.42
C PHE J 74 15.57 -10.11 -81.06
N THR J 75 16.05 -9.91 -82.28
CA THR J 75 15.73 -8.67 -83.00
C THR J 75 14.23 -8.54 -83.22
N LEU J 76 13.58 -9.63 -83.61
CA LEU J 76 12.14 -9.59 -83.85
C LEU J 76 11.37 -9.32 -82.57
N ILE J 77 11.67 -10.06 -81.51
CA ILE J 77 10.86 -10.00 -80.29
C ILE J 77 10.90 -8.60 -79.69
N SER J 78 12.05 -7.94 -79.74
CA SER J 78 12.22 -6.62 -79.15
C SER J 78 12.00 -5.49 -80.14
N MET J 79 11.45 -5.78 -81.32
CA MET J 79 11.29 -4.75 -82.35
C MET J 79 10.25 -3.71 -81.95
N TYR J 80 9.23 -4.11 -81.19
CA TYR J 80 8.15 -3.17 -80.86
C TYR J 80 8.64 -2.05 -79.97
N SER J 81 9.59 -2.34 -79.08
CA SER J 81 10.05 -1.35 -78.12
C SER J 81 10.81 -0.22 -78.81
N GLU J 82 10.69 0.98 -78.26
CA GLU J 82 11.39 2.13 -78.82
C GLU J 82 12.90 2.04 -78.62
N ARG J 83 13.35 1.33 -77.60
CA ARG J 83 14.77 1.13 -77.32
C ARG J 83 14.99 -0.37 -77.17
N PRO J 84 15.10 -1.10 -78.30
CA PRO J 84 15.26 -2.57 -78.20
C PRO J 84 16.50 -2.99 -77.43
N GLY J 85 17.59 -2.24 -77.55
CA GLY J 85 18.81 -2.61 -76.82
C GLY J 85 18.61 -2.56 -75.31
N ALA J 86 17.96 -1.51 -74.82
CA ALA J 86 17.70 -1.40 -73.39
C ALA J 86 16.78 -2.51 -72.91
N LEU J 87 15.75 -2.84 -73.71
CA LEU J 87 14.84 -3.92 -73.34
C LEU J 87 15.57 -5.25 -73.26
N ILE J 88 16.42 -5.54 -74.24
CA ILE J 88 17.16 -6.80 -74.24
C ILE J 88 18.12 -6.85 -73.06
N ARG J 89 18.86 -5.76 -72.82
CA ARG J 89 19.87 -5.78 -71.77
C ARG J 89 19.25 -5.80 -70.38
N SER J 90 18.07 -5.22 -70.21
CA SER J 90 17.43 -5.15 -68.91
C SER J 90 16.44 -6.29 -68.66
N LEU J 91 16.29 -7.22 -69.60
CA LEU J 91 15.37 -8.34 -69.42
C LEU J 91 16.01 -9.63 -69.91
N LEU J 92 17.30 -9.80 -69.65
CA LEU J 92 18.03 -11.00 -70.04
C LEU J 92 18.60 -11.66 -68.79
N ASN J 93 18.27 -12.93 -68.58
CA ASN J 93 18.74 -13.70 -67.44
C ASN J 93 19.20 -15.08 -67.91
N ASP J 94 19.97 -15.12 -68.99
CA ASP J 94 20.42 -16.38 -69.58
C ASP J 94 21.90 -16.58 -69.32
N PRO J 95 22.29 -17.44 -68.38
CA PRO J 95 23.72 -17.71 -68.18
C PRO J 95 24.37 -18.45 -69.33
N ASP J 96 23.59 -19.10 -70.20
CA ASP J 96 24.17 -19.87 -71.30
C ASP J 96 24.79 -18.96 -72.35
N ILE J 97 24.24 -17.77 -72.55
CA ILE J 97 24.62 -16.90 -73.66
C ILE J 97 25.04 -15.54 -73.13
N GLU J 98 25.86 -14.86 -73.93
CA GLU J 98 26.15 -13.45 -73.75
C GLU J 98 25.71 -12.70 -74.99
N ALA J 99 24.98 -11.60 -74.79
CA ALA J 99 24.40 -10.83 -75.88
C ALA J 99 25.25 -9.60 -76.14
N VAL J 100 25.70 -9.45 -77.39
CA VAL J 100 26.43 -8.26 -77.81
C VAL J 100 25.48 -7.45 -78.70
N ILE J 101 24.94 -6.38 -78.14
CA ILE J 101 23.95 -5.57 -78.86
C ILE J 101 24.66 -4.75 -79.92
N ILE J 102 24.10 -4.75 -81.13
CA ILE J 102 24.66 -4.03 -82.27
C ILE J 102 23.60 -3.06 -82.78
N ASP J 103 23.87 -1.76 -82.66
CA ASP J 103 23.00 -0.75 -83.23
C ASP J 103 23.19 -0.71 -84.74
N VAL J 104 22.10 -0.94 -85.48
CA VAL J 104 22.21 -1.09 -86.93
C VAL J 104 22.58 0.24 -87.58
N GLY J 105 21.90 1.31 -87.22
CA GLY J 105 22.23 2.61 -87.77
C GLY J 105 21.50 2.93 -89.06
N SER J 106 22.18 2.74 -90.18
CA SER J 106 21.60 2.92 -91.50
C SER J 106 21.20 1.56 -92.07
N MET J 107 20.75 1.56 -93.33
CA MET J 107 20.23 0.33 -93.92
C MET J 107 20.60 0.25 -95.40
N LEU J 108 21.42 -0.74 -95.73
CA LEU J 108 21.61 -1.17 -97.11
C LEU J 108 20.60 -2.29 -97.39
N ASN J 109 20.80 -3.04 -98.49
CA ASN J 109 19.99 -4.23 -98.72
C ASN J 109 20.06 -5.17 -97.52
N GLY J 110 21.25 -5.40 -97.00
CA GLY J 110 21.41 -6.12 -95.75
C GLY J 110 21.53 -5.15 -94.59
N ILE J 111 22.69 -5.14 -93.93
CA ILE J 111 22.97 -4.15 -92.89
C ILE J 111 24.37 -3.58 -93.09
N PRO J 112 24.54 -2.27 -93.09
CA PRO J 112 25.90 -1.69 -93.11
C PRO J 112 26.48 -1.64 -91.71
N VAL J 113 27.57 -2.37 -91.50
CA VAL J 113 28.22 -2.36 -90.19
C VAL J 113 28.76 -0.97 -89.88
N MET J 114 29.38 -0.33 -90.87
CA MET J 114 29.90 1.04 -90.73
C MET J 114 30.87 1.15 -89.54
N GLU J 115 31.94 0.35 -89.60
CA GLU J 115 32.97 0.37 -88.56
C GLU J 115 34.26 -0.11 -89.19
N ARG J 116 35.14 0.84 -89.53
CA ARG J 116 36.42 0.56 -90.18
C ARG J 116 36.21 -0.30 -91.44
N ARG J 117 35.55 0.32 -92.42
CA ARG J 117 35.19 -0.39 -93.64
C ARG J 117 36.43 -0.95 -94.32
N GLY J 118 36.35 -2.21 -94.71
CA GLY J 118 37.48 -2.96 -95.27
C GLY J 118 38.20 -3.80 -94.24
N ASP J 119 38.07 -3.44 -92.96
CA ASP J 119 38.71 -4.17 -91.88
C ASP J 119 37.68 -5.05 -91.18
N LYS J 120 37.69 -6.35 -91.48
CA LYS J 120 36.87 -7.34 -90.81
C LYS J 120 35.37 -7.03 -90.93
N ALA J 121 34.97 -6.43 -92.04
CA ALA J 121 33.56 -6.11 -92.27
C ALA J 121 33.08 -6.67 -93.60
N GLN J 122 33.98 -6.71 -94.59
CA GLN J 122 33.61 -7.17 -95.91
C GLN J 122 33.14 -8.62 -95.86
N GLU J 123 33.82 -9.47 -95.09
CA GLU J 123 33.39 -10.86 -94.95
C GLU J 123 32.00 -10.94 -94.33
N GLU J 124 31.71 -10.03 -93.38
CA GLU J 124 30.37 -10.00 -92.80
C GLU J 124 29.33 -9.62 -93.84
N MET J 125 29.64 -8.65 -94.70
CA MET J 125 28.70 -8.29 -95.76
C MET J 125 28.48 -9.47 -96.70
N GLU J 126 29.54 -10.17 -97.08
CA GLU J 126 29.40 -11.33 -97.95
C GLU J 126 28.56 -12.42 -97.29
N GLY J 127 28.79 -12.65 -95.99
CA GLY J 127 27.98 -13.63 -95.28
C GLY J 127 26.51 -13.26 -95.24
N LEU J 128 26.21 -12.00 -94.99
CA LEU J 128 24.82 -11.56 -94.95
C LEU J 128 24.16 -11.66 -96.32
N MET J 129 24.90 -11.31 -97.39
CA MET J 129 24.35 -11.49 -98.73
C MET J 129 24.11 -12.95 -99.05
N ARG J 130 25.01 -13.84 -98.64
CA ARG J 130 24.78 -15.26 -98.83
C ARG J 130 23.55 -15.73 -98.07
N ILE J 131 23.38 -15.23 -96.83
CA ILE J 131 22.22 -15.60 -96.04
C ILE J 131 20.94 -15.19 -96.75
N LEU J 132 20.89 -13.94 -97.24
CA LEU J 132 19.70 -13.44 -97.91
C LEU J 132 19.43 -14.24 -99.19
N LYS J 133 20.47 -14.51 -99.97
CA LYS J 133 20.28 -15.24 -101.22
C LYS J 133 19.79 -16.66 -100.97
N THR J 134 20.37 -17.34 -99.98
CA THR J 134 19.93 -18.70 -99.65
C THR J 134 18.50 -18.69 -99.12
N ALA J 135 18.14 -17.69 -98.32
CA ALA J 135 16.78 -17.60 -97.80
C ALA J 135 15.78 -17.40 -98.93
N ARG J 136 16.11 -16.54 -99.90
CA ARG J 136 15.18 -16.27 -100.98
C ARG J 136 15.09 -17.44 -101.96
N GLU J 137 16.21 -18.13 -102.19
CA GLU J 137 16.20 -19.26 -103.12
C GLU J 137 15.62 -20.53 -102.52
N SER J 138 15.70 -20.69 -101.20
CA SER J 138 15.28 -21.94 -100.56
C SER J 138 13.80 -22.20 -100.79
N SER J 139 12.95 -21.22 -100.47
CA SER J 139 11.54 -21.34 -100.78
C SER J 139 11.32 -21.22 -102.28
N LYS J 140 10.17 -21.69 -102.74
CA LYS J 140 9.84 -21.66 -104.16
C LYS J 140 9.37 -20.27 -104.56
N GLY J 141 10.21 -19.26 -104.30
CA GLY J 141 9.81 -17.88 -104.53
C GLY J 141 8.75 -17.36 -103.59
N LYS J 142 8.46 -18.10 -102.52
CA LYS J 142 7.38 -17.74 -101.61
C LYS J 142 7.89 -16.84 -100.50
N THR J 143 7.28 -15.67 -100.37
CA THR J 143 7.64 -14.74 -99.31
C THR J 143 7.18 -15.29 -97.96
N PRO J 144 7.79 -14.82 -96.86
CA PRO J 144 7.33 -15.26 -95.54
C PRO J 144 5.87 -14.97 -95.27
N PHE J 145 5.37 -13.84 -95.77
CA PHE J 145 3.97 -13.50 -95.59
C PHE J 145 3.09 -14.29 -96.55
N VAL J 146 1.86 -14.55 -96.13
CA VAL J 146 0.91 -15.27 -96.97
C VAL J 146 0.50 -14.42 -98.17
N ASP J 147 0.75 -13.12 -98.13
CA ASP J 147 0.46 -12.22 -99.24
C ASP J 147 1.77 -11.75 -99.85
N SER J 148 1.94 -11.99 -101.15
CA SER J 148 3.18 -11.62 -101.82
C SER J 148 3.41 -10.11 -101.83
N ARG J 149 2.33 -9.33 -101.77
CA ARG J 149 2.47 -7.88 -101.73
C ARG J 149 2.96 -7.37 -100.38
N ALA J 150 2.81 -8.16 -99.32
CA ALA J 150 3.25 -7.74 -98.00
C ALA J 150 4.76 -7.77 -97.85
N TYR J 151 5.47 -8.48 -98.72
CA TYR J 151 6.92 -8.56 -98.62
C TYR J 151 7.59 -7.33 -99.22
N GLY J 152 7.38 -7.10 -100.51
CA GLY J 152 7.94 -5.94 -101.17
C GLY J 152 7.08 -4.71 -100.98
N LEU J 153 6.74 -4.40 -99.73
CA LEU J 153 5.87 -3.28 -99.39
C LEU J 153 6.71 -2.16 -98.78
N ARG J 154 6.53 -0.95 -99.29
CA ARG J 154 7.24 0.21 -98.76
C ARG J 154 6.48 0.76 -97.56
N ILE J 155 7.18 0.94 -96.44
CA ILE J 155 6.59 1.46 -95.21
C ILE J 155 7.30 2.77 -94.86
N THR J 156 6.52 3.84 -94.77
CA THR J 156 7.02 5.13 -94.29
C THR J 156 6.20 5.72 -93.16
N ASP J 157 4.92 5.37 -93.04
CA ASP J 157 4.07 5.84 -91.97
C ASP J 157 4.34 5.04 -90.70
N MET J 158 4.39 5.74 -89.57
CA MET J 158 4.64 5.07 -88.29
C MET J 158 3.52 4.11 -87.94
N SER J 159 2.27 4.49 -88.22
CA SER J 159 1.14 3.65 -87.86
C SER J 159 1.17 2.31 -88.59
N THR J 160 1.47 2.34 -89.89
CA THR J 160 1.54 1.10 -90.65
C THR J 160 2.66 0.19 -90.14
N LEU J 161 3.82 0.78 -89.84
CA LEU J 161 4.93 0.01 -89.28
C LEU J 161 4.52 -0.62 -87.95
N VAL J 162 3.86 0.16 -87.10
CA VAL J 162 3.43 -0.37 -85.80
C VAL J 162 2.47 -1.53 -85.99
N SER J 163 1.50 -1.38 -86.90
CA SER J 163 0.52 -2.44 -87.11
C SER J 163 1.20 -3.71 -87.63
N ALA J 164 2.08 -3.57 -88.62
CA ALA J 164 2.76 -4.75 -89.16
C ALA J 164 3.62 -5.42 -88.10
N VAL J 165 4.35 -4.62 -87.31
CA VAL J 165 5.21 -5.17 -86.27
C VAL J 165 4.37 -5.91 -85.24
N ILE J 166 3.24 -5.33 -84.83
CA ILE J 166 2.39 -5.99 -83.84
C ILE J 166 1.85 -7.30 -84.39
N THR J 167 1.47 -7.33 -85.67
CA THR J 167 0.99 -8.56 -86.27
C THR J 167 2.08 -9.64 -86.25
N ILE J 168 3.30 -9.26 -86.63
CA ILE J 168 4.39 -10.22 -86.65
C ILE J 168 4.69 -10.73 -85.24
N GLU J 169 4.72 -9.81 -84.26
CA GLU J 169 4.95 -10.22 -82.88
C GLU J 169 3.87 -11.15 -82.37
N ALA J 170 2.61 -10.86 -82.68
CA ALA J 170 1.53 -11.72 -82.23
C ALA J 170 1.66 -13.11 -82.86
N GLN J 171 1.95 -13.17 -84.16
CA GLN J 171 2.07 -14.46 -84.82
C GLN J 171 3.26 -15.26 -84.29
N ILE J 172 4.35 -14.58 -83.93
CA ILE J 172 5.48 -15.28 -83.32
C ILE J 172 5.12 -15.77 -81.92
N TRP J 173 4.51 -14.90 -81.11
CA TRP J 173 4.17 -15.24 -79.73
C TRP J 173 3.07 -16.27 -79.62
N ILE J 174 2.33 -16.53 -80.70
CA ILE J 174 1.32 -17.59 -80.65
C ILE J 174 1.98 -18.95 -80.44
N LEU J 175 3.16 -19.14 -81.03
CA LEU J 175 3.78 -20.46 -81.07
C LEU J 175 4.29 -20.92 -79.70
N ILE J 176 4.57 -20.00 -78.77
CA ILE J 176 5.20 -20.38 -77.51
C ILE J 176 4.29 -21.29 -76.69
N ALA J 177 2.97 -21.17 -76.86
CA ALA J 177 2.05 -21.93 -76.03
C ALA J 177 2.25 -23.43 -76.20
N LYS J 178 2.43 -23.88 -77.45
CA LYS J 178 2.59 -25.30 -77.75
C LYS J 178 3.84 -25.52 -78.60
N ALA J 179 4.95 -24.92 -78.18
CA ALA J 179 6.21 -25.10 -78.88
C ALA J 179 7.01 -26.28 -78.35
N VAL J 180 6.95 -26.54 -77.06
CA VAL J 180 7.70 -27.63 -76.45
C VAL J 180 6.81 -28.76 -75.96
N THR J 181 5.54 -28.50 -75.65
CA THR J 181 4.65 -29.55 -75.18
C THR J 181 4.31 -30.51 -76.31
N ALA J 182 3.70 -30.01 -77.37
CA ALA J 182 3.35 -30.82 -78.54
C ALA J 182 3.45 -29.96 -79.78
N PRO J 183 4.67 -29.67 -80.25
CA PRO J 183 4.81 -28.84 -81.45
C PRO J 183 4.18 -29.45 -82.69
N ASP J 184 4.19 -30.77 -82.82
CA ASP J 184 3.62 -31.40 -84.01
C ASP J 184 2.11 -31.23 -84.06
N THR J 185 1.44 -31.38 -82.92
CA THR J 185 -0.01 -31.29 -82.84
C THR J 185 -0.51 -29.85 -82.80
N ALA J 186 0.32 -28.89 -83.20
CA ALA J 186 -0.06 -27.48 -83.22
C ALA J 186 -0.81 -27.18 -84.52
N GLU J 187 -0.95 -25.88 -84.83
CA GLU J 187 -1.60 -25.30 -86.00
C GLU J 187 -3.13 -25.33 -85.87
N GLU J 188 -3.70 -25.97 -84.84
CA GLU J 188 -5.12 -25.88 -84.57
C GLU J 188 -5.41 -24.79 -83.53
N SER J 189 -4.83 -24.92 -82.34
CA SER J 189 -4.96 -23.87 -81.34
C SER J 189 -4.29 -22.57 -81.81
N GLU J 190 -3.18 -22.68 -82.54
CA GLU J 190 -2.55 -21.49 -83.08
C GLU J 190 -3.46 -20.76 -84.05
N THR J 191 -4.11 -21.52 -84.95
CA THR J 191 -5.05 -20.90 -85.88
C THR J 191 -6.25 -20.32 -85.14
N ARG J 192 -6.70 -20.98 -84.07
CA ARG J 192 -7.80 -20.45 -83.28
C ARG J 192 -7.41 -19.13 -82.62
N ARG J 193 -6.21 -19.05 -82.06
CA ARG J 193 -5.75 -17.79 -81.47
C ARG J 193 -5.65 -16.69 -82.52
N TRP J 194 -5.11 -17.03 -83.69
CA TRP J 194 -4.99 -16.02 -84.76
C TRP J 194 -6.37 -15.54 -85.19
N ALA J 195 -7.33 -16.44 -85.33
CA ALA J 195 -8.68 -16.04 -85.70
C ALA J 195 -9.31 -15.18 -84.62
N LYS J 196 -9.08 -15.51 -83.34
CA LYS J 196 -9.61 -14.71 -82.26
C LYS J 196 -9.05 -13.29 -82.30
N TYR J 197 -7.74 -13.16 -82.52
CA TYR J 197 -7.14 -11.83 -82.56
C TYR J 197 -7.55 -11.06 -83.81
N VAL J 198 -7.80 -11.76 -84.92
CA VAL J 198 -8.31 -11.09 -86.11
C VAL J 198 -9.71 -10.56 -85.87
N GLN J 199 -10.58 -11.36 -85.25
CA GLN J 199 -11.95 -10.93 -84.99
C GLN J 199 -11.98 -9.75 -84.03
N GLN J 200 -11.00 -9.65 -83.13
CA GLN J 200 -10.90 -8.50 -82.24
C GLN J 200 -10.28 -7.28 -82.92
N LYS J 201 -9.83 -7.42 -84.16
CA LYS J 201 -9.21 -6.36 -84.93
C LYS J 201 -7.94 -5.81 -84.27
N ARG J 202 -7.34 -6.60 -83.38
CA ARG J 202 -6.07 -6.18 -82.78
C ARG J 202 -4.91 -6.33 -83.77
N VAL J 203 -5.02 -7.26 -84.71
CA VAL J 203 -3.98 -7.51 -85.69
C VAL J 203 -4.57 -7.32 -87.09
N ASN J 204 -3.80 -6.64 -87.93
CA ASN J 204 -4.19 -6.48 -89.32
C ASN J 204 -3.84 -7.74 -90.10
N PRO J 205 -4.82 -8.45 -90.67
CA PRO J 205 -4.51 -9.76 -91.29
C PRO J 205 -3.69 -9.67 -92.56
N PHE J 206 -3.42 -8.47 -93.08
CA PHE J 206 -2.60 -8.34 -94.28
C PHE J 206 -1.20 -8.89 -94.05
N PHE J 207 -0.61 -8.61 -92.90
CA PHE J 207 0.71 -9.13 -92.56
C PHE J 207 0.55 -10.45 -91.82
N ALA J 208 0.26 -11.49 -92.59
CA ALA J 208 0.10 -12.85 -92.06
C ALA J 208 1.17 -13.73 -92.68
N LEU J 209 2.02 -14.32 -91.85
CA LEU J 209 3.09 -15.17 -92.36
C LEU J 209 2.54 -16.54 -92.76
N THR J 210 3.19 -17.14 -93.75
CA THR J 210 2.78 -18.45 -94.23
C THR J 210 3.11 -19.52 -93.19
N GLN J 211 2.51 -20.70 -93.38
CA GLN J 211 2.68 -21.76 -92.39
C GLN J 211 4.07 -22.38 -92.46
N GLN J 212 4.75 -22.30 -93.61
CA GLN J 212 6.12 -22.80 -93.69
C GLN J 212 7.04 -22.01 -92.78
N TRP J 213 6.95 -20.68 -92.84
CA TRP J 213 7.77 -19.84 -91.97
C TRP J 213 7.40 -20.06 -90.51
N LEU J 214 6.11 -20.24 -90.23
CA LEU J 214 5.69 -20.50 -88.85
C LEU J 214 6.27 -21.81 -88.34
N THR J 215 6.28 -22.84 -89.18
CA THR J 215 6.88 -24.12 -88.79
C THR J 215 8.37 -23.98 -88.54
N GLU J 216 9.07 -23.24 -89.42
CA GLU J 216 10.50 -23.02 -89.21
C GLU J 216 10.76 -22.28 -87.90
N MET J 217 9.98 -21.23 -87.63
CA MET J 217 10.16 -20.47 -86.40
C MET J 217 9.84 -21.31 -85.17
N ARG J 218 8.80 -22.15 -85.25
CA ARG J 218 8.47 -23.01 -84.13
C ARG J 218 9.57 -24.03 -83.87
N ASN J 219 10.16 -24.58 -84.94
CA ASN J 219 11.28 -25.50 -84.78
C ASN J 219 12.46 -24.80 -84.12
N LEU J 220 12.77 -23.57 -84.57
CA LEU J 220 13.85 -22.81 -83.96
C LEU J 220 13.58 -22.54 -82.49
N LEU J 221 12.34 -22.16 -82.17
CA LEU J 221 11.98 -21.87 -80.79
C LEU J 221 12.07 -23.11 -79.90
N SER J 222 11.67 -24.26 -80.43
CA SER J 222 11.75 -25.50 -79.65
C SER J 222 13.20 -25.92 -79.44
N GLN J 223 14.04 -25.75 -80.46
CA GLN J 223 15.44 -26.15 -80.33
C GLN J 223 16.18 -25.31 -79.30
N SER J 224 15.91 -24.01 -79.27
CA SER J 224 16.67 -23.06 -78.46
C SER J 224 15.99 -22.79 -77.14
N LEU J 225 16.79 -22.73 -76.06
CA LEU J 225 16.29 -22.40 -74.74
C LEU J 225 16.47 -20.94 -74.38
N SER J 226 17.45 -20.25 -74.98
CA SER J 226 17.68 -18.85 -74.66
C SER J 226 16.50 -17.98 -75.10
N VAL J 227 15.96 -18.23 -76.29
CA VAL J 227 14.80 -17.49 -76.76
C VAL J 227 13.61 -17.71 -75.85
N ARG J 228 13.40 -18.97 -75.43
CA ARG J 228 12.32 -19.28 -74.50
C ARG J 228 12.50 -18.55 -73.18
N LYS J 229 13.73 -18.52 -72.66
CA LYS J 229 13.99 -17.81 -71.41
C LYS J 229 13.71 -16.32 -71.56
N PHE J 230 14.14 -15.73 -72.66
CA PHE J 230 13.90 -14.29 -72.88
C PHE J 230 12.41 -13.99 -72.95
N MET J 231 11.66 -14.82 -73.69
CA MET J 231 10.23 -14.57 -73.82
C MET J 231 9.48 -14.83 -72.52
N VAL J 232 9.94 -15.81 -71.73
CA VAL J 232 9.32 -16.04 -70.42
C VAL J 232 9.59 -14.87 -69.49
N GLU J 233 10.82 -14.32 -69.53
CA GLU J 233 11.12 -13.14 -68.74
C GLU J 233 10.25 -11.97 -69.16
N ILE J 234 10.05 -11.78 -70.46
CA ILE J 234 9.16 -10.73 -70.94
C ILE J 234 7.74 -10.96 -70.42
N LEU J 235 7.28 -12.21 -70.45
CA LEU J 235 5.94 -12.53 -69.97
C LEU J 235 5.78 -12.18 -68.49
N MET J 236 6.75 -12.58 -67.68
CA MET J 236 6.67 -12.29 -66.25
C MET J 236 6.73 -10.79 -65.98
N GLU J 237 7.60 -10.06 -66.70
CA GLU J 237 7.69 -8.62 -66.50
C GLU J 237 6.39 -7.93 -66.90
N VAL J 238 5.78 -8.35 -68.00
CA VAL J 238 4.52 -7.76 -68.45
C VAL J 238 3.40 -8.09 -67.47
N LYS J 239 3.42 -9.30 -66.91
CA LYS J 239 2.38 -9.73 -65.98
C LYS J 239 2.30 -8.80 -64.77
N LYS J 240 3.44 -8.32 -64.29
CA LYS J 240 3.45 -7.38 -63.16
C LYS J 240 2.76 -6.09 -63.56
N GLY J 241 1.60 -5.83 -62.99
CA GLY J 241 0.85 -4.62 -63.29
C GLY J 241 1.42 -3.40 -62.59
N GLY J 242 0.78 -2.26 -62.85
CA GLY J 242 1.18 -1.01 -62.24
C GLY J 242 1.36 0.12 -63.21
N SER J 243 1.87 -0.18 -64.41
CA SER J 243 2.13 0.82 -65.43
C SER J 243 1.17 0.65 -66.59
N ALA J 244 1.13 1.68 -67.44
CA ALA J 244 0.29 1.63 -68.64
C ALA J 244 0.83 0.61 -69.62
N LYS J 245 -0.07 -0.12 -70.26
CA LYS J 245 0.28 -1.19 -71.18
C LYS J 245 -0.07 -0.76 -72.60
N GLY J 246 0.89 -0.89 -73.51
CA GLY J 246 0.66 -0.61 -74.91
C GLY J 246 0.01 -1.78 -75.61
N ARG J 247 -0.27 -1.59 -76.90
CA ARG J 247 -0.94 -2.63 -77.68
C ARG J 247 -0.11 -3.91 -77.73
N ALA J 248 1.19 -3.78 -77.97
CA ALA J 248 2.06 -4.95 -77.98
C ALA J 248 2.08 -5.63 -76.63
N VAL J 249 2.17 -4.86 -75.55
CA VAL J 249 2.23 -5.44 -74.21
C VAL J 249 0.90 -6.10 -73.87
N GLU J 250 -0.22 -5.49 -74.26
CA GLU J 250 -1.52 -6.10 -74.00
C GLU J 250 -1.66 -7.41 -74.76
N ILE J 251 -1.24 -7.45 -76.02
CA ILE J 251 -1.30 -8.69 -76.80
C ILE J 251 -0.41 -9.75 -76.17
N ILE J 252 0.79 -9.36 -75.74
CA ILE J 252 1.72 -10.31 -75.14
C ILE J 252 1.13 -10.90 -73.86
N SER J 253 0.51 -10.05 -73.03
CA SER J 253 -0.09 -10.55 -71.79
C SER J 253 -1.29 -11.44 -72.08
N ASP J 254 -2.09 -11.08 -73.08
CA ASP J 254 -3.24 -11.92 -73.44
C ASP J 254 -2.77 -13.29 -73.91
N ILE J 255 -1.69 -13.34 -74.69
CA ILE J 255 -1.13 -14.62 -75.10
C ILE J 255 -0.57 -15.38 -73.90
N GLY J 256 0.15 -14.69 -73.02
CA GLY J 256 0.69 -15.33 -71.84
C GLY J 256 -0.38 -15.89 -70.92
N ASN J 257 -1.59 -15.36 -71.01
CA ASN J 257 -2.72 -15.97 -70.30
C ASN J 257 -2.89 -17.41 -70.74
N TYR J 258 -2.79 -17.69 -72.04
CA TYR J 258 -2.81 -19.06 -72.53
C TYR J 258 -1.51 -19.79 -72.24
N VAL J 259 -0.39 -19.06 -72.23
CA VAL J 259 0.92 -19.70 -72.07
C VAL J 259 1.07 -20.31 -70.67
N GLU J 260 0.48 -19.69 -69.65
CA GLU J 260 0.71 -20.10 -68.27
C GLU J 260 0.29 -21.56 -68.04
N GLU J 261 0.99 -22.20 -67.11
CA GLU J 261 0.70 -23.56 -66.66
C GLU J 261 0.73 -24.58 -67.79
N THR J 262 1.42 -24.28 -68.89
CA THR J 262 1.51 -25.23 -69.99
C THR J 262 2.40 -26.40 -69.61
N GLY J 263 2.13 -27.55 -70.24
CA GLY J 263 2.93 -28.73 -70.05
C GLY J 263 2.77 -29.42 -68.72
N MET J 264 1.91 -28.94 -67.84
CA MET J 264 1.64 -29.55 -66.54
C MET J 264 0.17 -29.85 -66.38
N ALA J 265 -0.49 -30.25 -67.48
CA ALA J 265 -1.92 -30.52 -67.42
C ALA J 265 -2.24 -31.71 -66.53
N GLY J 266 -1.33 -32.68 -66.44
CA GLY J 266 -1.57 -33.82 -65.56
C GLY J 266 -1.70 -33.41 -64.11
N PHE J 267 -0.75 -32.60 -63.62
CA PHE J 267 -0.77 -32.20 -62.22
C PHE J 267 -1.97 -31.33 -61.89
N PHE J 268 -2.24 -30.32 -62.71
CA PHE J 268 -3.33 -29.40 -62.42
C PHE J 268 -4.68 -30.07 -62.61
N ALA J 269 -4.79 -30.97 -63.59
CA ALA J 269 -6.00 -31.77 -63.73
C ALA J 269 -6.22 -32.66 -62.51
N THR J 270 -5.15 -33.30 -62.03
CA THR J 270 -5.25 -34.08 -60.81
C THR J 270 -5.78 -33.23 -59.67
N ILE J 271 -5.17 -32.07 -59.45
CA ILE J 271 -5.64 -31.16 -58.40
C ILE J 271 -7.12 -30.90 -58.56
N ARG J 272 -7.48 -30.26 -59.68
CA ARG J 272 -8.82 -29.72 -59.86
C ARG J 272 -9.89 -30.80 -59.78
N PHE J 273 -9.64 -31.96 -60.38
CA PHE J 273 -10.67 -32.98 -60.47
C PHE J 273 -10.60 -33.98 -59.33
N GLY J 274 -9.45 -34.67 -59.18
CA GLY J 274 -9.35 -35.65 -58.11
C GLY J 274 -9.38 -35.04 -56.73
N LEU J 275 -8.65 -33.95 -56.51
CA LEU J 275 -8.54 -33.42 -55.16
C LEU J 275 -9.75 -32.58 -54.79
N GLU J 276 -10.00 -31.50 -55.54
CA GLU J 276 -11.23 -30.75 -55.39
C GLU J 276 -12.40 -31.57 -55.91
N THR J 277 -13.60 -31.00 -55.83
CA THR J 277 -14.84 -31.72 -56.14
C THR J 277 -14.89 -33.01 -55.33
N ARG J 278 -14.95 -32.84 -54.00
CA ARG J 278 -14.77 -33.92 -53.04
C ARG J 278 -15.76 -35.05 -53.25
N TYR J 279 -15.24 -36.23 -53.63
CA TYR J 279 -16.01 -37.43 -53.86
C TYR J 279 -15.79 -38.43 -52.72
N PRO J 280 -16.81 -39.24 -52.39
CA PRO J 280 -16.66 -40.20 -51.30
C PRO J 280 -15.67 -41.32 -51.57
N ALA J 281 -14.99 -41.34 -52.72
CA ALA J 281 -14.05 -42.39 -53.07
C ALA J 281 -12.60 -41.99 -52.85
N LEU J 282 -12.36 -40.96 -52.04
CA LEU J 282 -10.99 -40.47 -51.84
C LEU J 282 -10.25 -41.33 -50.80
N ALA J 283 -10.76 -41.39 -49.59
CA ALA J 283 -10.11 -42.15 -48.51
C ALA J 283 -10.36 -43.63 -48.75
N LEU J 284 -9.41 -44.30 -49.41
CA LEU J 284 -9.57 -45.72 -49.73
C LEU J 284 -8.26 -46.50 -49.55
N ASN J 285 -7.32 -45.98 -48.77
CA ASN J 285 -6.04 -46.63 -48.49
C ASN J 285 -5.16 -46.76 -49.73
N GLU J 286 -5.60 -46.21 -50.86
CA GLU J 286 -4.76 -46.16 -52.04
C GLU J 286 -4.56 -44.74 -52.56
N PHE J 287 -5.16 -43.74 -51.91
CA PHE J 287 -5.00 -42.36 -52.30
C PHE J 287 -4.37 -41.49 -51.23
N GLN J 288 -4.08 -42.03 -50.04
CA GLN J 288 -3.52 -41.21 -48.97
C GLN J 288 -2.09 -40.78 -49.29
N SER J 289 -1.27 -41.72 -49.79
CA SER J 289 0.08 -41.38 -50.17
C SER J 289 0.09 -40.37 -51.31
N ASP J 290 -0.80 -40.53 -52.29
CA ASP J 290 -0.90 -39.58 -53.38
C ASP J 290 -1.34 -38.21 -52.88
N LEU J 291 -2.26 -38.17 -51.91
CA LEU J 291 -2.69 -36.90 -51.34
C LEU J 291 -1.54 -36.21 -50.62
N ASN J 292 -0.74 -36.97 -49.87
CA ASN J 292 0.42 -36.38 -49.20
C ASN J 292 1.43 -35.84 -50.21
N THR J 293 1.69 -36.62 -51.27
CA THR J 293 2.61 -36.16 -52.31
C THR J 293 2.07 -34.91 -53.00
N ILE J 294 0.76 -34.86 -53.24
CA ILE J 294 0.15 -33.71 -53.88
C ILE J 294 0.26 -32.48 -52.98
N LYS J 295 0.07 -32.66 -51.67
CA LYS J 295 0.26 -31.55 -50.74
C LYS J 295 1.68 -31.02 -50.79
N GLY J 296 2.66 -31.94 -50.71
CA GLY J 296 4.05 -31.53 -50.81
C GLY J 296 4.34 -30.80 -52.11
N LEU J 297 3.72 -31.26 -53.20
CA LEU J 297 3.87 -30.57 -54.48
C LEU J 297 3.26 -29.18 -54.43
N MET J 298 2.16 -29.01 -53.71
CA MET J 298 1.55 -27.69 -53.58
C MET J 298 2.49 -26.74 -52.86
N LEU J 299 3.07 -27.17 -51.74
CA LEU J 299 4.04 -26.30 -51.07
C LEU J 299 5.28 -26.06 -51.92
N LEU J 300 5.71 -27.07 -52.69
CA LEU J 300 6.85 -26.86 -53.58
C LEU J 300 6.53 -25.82 -54.64
N TYR J 301 5.34 -25.89 -55.23
CA TYR J 301 4.93 -24.93 -56.25
C TYR J 301 4.85 -23.52 -55.67
N ARG J 302 4.33 -23.40 -54.44
CA ARG J 302 4.32 -22.10 -53.80
C ARG J 302 5.73 -21.60 -53.51
N GLU J 303 6.65 -22.51 -53.20
CA GLU J 303 8.02 -22.13 -52.88
C GLU J 303 8.83 -21.74 -54.11
N ILE J 304 8.48 -22.27 -55.29
CA ILE J 304 9.31 -22.04 -56.48
C ILE J 304 9.38 -20.56 -56.81
N GLY J 305 8.23 -19.90 -56.88
CA GLY J 305 8.21 -18.47 -57.14
C GLY J 305 7.43 -18.11 -58.39
N PRO J 306 7.72 -16.92 -58.96
CA PRO J 306 6.98 -16.47 -60.13
C PRO J 306 7.25 -17.29 -61.39
N ARG J 307 8.31 -18.10 -61.41
CA ARG J 307 8.61 -18.95 -62.56
C ARG J 307 7.87 -20.27 -62.51
N ALA J 308 7.03 -20.50 -61.50
CA ALA J 308 6.32 -21.76 -61.38
C ALA J 308 5.41 -22.08 -62.56
N PRO J 309 4.58 -21.15 -63.08
CA PRO J 309 3.76 -21.52 -64.23
C PRO J 309 4.55 -21.93 -65.45
N TYR J 310 5.67 -21.25 -65.71
CA TYR J 310 6.51 -21.56 -66.87
C TYR J 310 7.66 -22.50 -66.52
N MET J 311 7.35 -23.61 -65.87
CA MET J 311 8.39 -24.59 -65.54
C MET J 311 8.79 -25.42 -66.74
N VAL J 312 7.83 -25.82 -67.57
CA VAL J 312 8.14 -26.62 -68.75
C VAL J 312 8.90 -25.78 -69.77
N LEU J 313 8.54 -24.51 -69.91
CA LEU J 313 9.21 -23.65 -70.89
C LEU J 313 10.69 -23.48 -70.54
N LEU J 314 11.00 -23.24 -69.27
CA LEU J 314 12.39 -23.13 -68.84
C LEU J 314 13.03 -24.49 -68.61
N GLU J 315 12.28 -25.58 -68.71
CA GLU J 315 12.81 -26.93 -68.56
C GLU J 315 13.47 -27.12 -67.19
N GLU J 316 12.84 -26.58 -66.15
CA GLU J 316 13.36 -26.73 -64.80
C GLU J 316 13.38 -28.20 -64.40
N SER J 317 14.42 -28.58 -63.66
CA SER J 317 14.52 -29.95 -63.18
C SER J 317 13.45 -30.29 -62.15
N ILE J 318 12.87 -29.28 -61.50
CA ILE J 318 11.81 -29.50 -60.54
C ILE J 318 10.56 -30.09 -61.22
N GLN J 319 10.45 -29.93 -62.54
CA GLN J 319 9.24 -30.35 -63.23
C GLN J 319 9.01 -31.85 -63.15
N THR J 320 10.08 -32.64 -63.20
CA THR J 320 9.93 -34.10 -63.19
C THR J 320 9.22 -34.56 -61.91
N LYS J 321 9.47 -33.88 -60.79
CA LYS J 321 8.79 -34.22 -59.55
C LYS J 321 7.29 -33.92 -59.63
N PHE J 322 6.89 -32.97 -60.48
CA PHE J 322 5.48 -32.64 -60.62
C PHE J 322 4.74 -33.58 -61.56
N ALA J 323 5.43 -34.24 -62.46
CA ALA J 323 4.79 -35.06 -63.47
C ALA J 323 4.12 -36.28 -62.83
N PRO J 324 3.00 -36.74 -63.38
CA PRO J 324 2.41 -37.99 -62.90
C PRO J 324 3.36 -39.16 -63.11
N GLY J 325 3.36 -40.07 -62.15
CA GLY J 325 4.33 -41.14 -62.11
C GLY J 325 4.79 -41.35 -60.69
N GLY J 326 4.77 -40.27 -59.91
CA GLY J 326 4.91 -40.35 -58.47
C GLY J 326 3.60 -40.45 -57.73
N TYR J 327 2.48 -40.22 -58.41
CA TYR J 327 1.14 -40.39 -57.84
C TYR J 327 0.19 -40.94 -58.90
N PRO J 328 0.53 -42.09 -59.50
CA PRO J 328 -0.25 -42.56 -60.64
C PRO J 328 -1.70 -42.90 -60.31
N LEU J 329 -1.98 -43.32 -59.08
CA LEU J 329 -3.33 -43.79 -58.74
C LEU J 329 -4.32 -42.62 -58.70
N LEU J 330 -4.03 -41.60 -57.89
CA LEU J 330 -4.90 -40.44 -57.84
C LEU J 330 -4.94 -39.73 -59.18
N TRP J 331 -3.82 -39.72 -59.90
CA TRP J 331 -3.81 -39.11 -61.23
C TRP J 331 -4.77 -39.83 -62.16
N SER J 332 -4.75 -41.16 -62.14
CA SER J 332 -5.66 -41.93 -62.99
C SER J 332 -7.12 -41.68 -62.59
N PHE J 333 -7.39 -41.64 -61.29
CA PHE J 333 -8.74 -41.34 -60.82
C PHE J 333 -9.20 -39.98 -61.33
N ALA J 334 -8.33 -38.98 -61.24
CA ALA J 334 -8.67 -37.63 -61.69
C ALA J 334 -8.87 -37.58 -63.19
N MET J 335 -8.04 -38.28 -63.96
CA MET J 335 -8.26 -38.31 -65.41
C MET J 335 -9.57 -38.98 -65.76
N GLY J 336 -9.94 -40.03 -65.04
CA GLY J 336 -11.23 -40.66 -65.28
C GLY J 336 -12.39 -39.71 -65.02
N VAL J 337 -12.37 -39.05 -63.86
CA VAL J 337 -13.48 -38.14 -63.55
C VAL J 337 -13.46 -36.94 -64.49
N ALA J 338 -12.30 -36.51 -64.97
CA ALA J 338 -12.22 -35.39 -65.90
C ALA J 338 -12.79 -35.78 -67.26
N THR J 339 -12.38 -36.94 -67.78
CA THR J 339 -12.90 -37.39 -69.06
C THR J 339 -14.41 -37.60 -68.99
N THR J 340 -14.93 -38.01 -67.84
CA THR J 340 -16.38 -38.13 -67.72
C THR J 340 -17.05 -36.77 -67.58
N ILE J 341 -16.40 -35.80 -66.94
CA ILE J 341 -17.03 -34.52 -66.65
C ILE J 341 -16.74 -33.49 -67.75
N ASP J 342 -15.48 -33.27 -68.08
CA ASP J 342 -15.10 -32.23 -69.03
C ASP J 342 -15.06 -32.82 -70.44
N ARG J 343 -15.92 -32.29 -71.32
CA ARG J 343 -15.97 -32.78 -72.70
C ARG J 343 -14.65 -32.54 -73.42
N SER J 344 -14.06 -31.35 -73.23
CA SER J 344 -12.79 -31.04 -73.86
C SER J 344 -11.69 -31.98 -73.38
N MET J 345 -11.67 -32.28 -72.09
CA MET J 345 -10.73 -33.26 -71.55
C MET J 345 -11.06 -34.63 -72.09
N GLY J 346 -10.12 -35.22 -72.84
CA GLY J 346 -10.38 -36.45 -73.55
C GLY J 346 -9.62 -36.45 -74.86
N ALA J 347 -9.27 -35.26 -75.33
CA ALA J 347 -8.28 -35.11 -76.39
C ALA J 347 -6.86 -35.14 -75.85
N LEU J 348 -6.70 -35.13 -74.53
CA LEU J 348 -5.39 -35.25 -73.93
C LEU J 348 -4.83 -36.65 -74.10
N ASN J 349 -3.54 -36.73 -74.40
CA ASN J 349 -2.87 -38.02 -74.61
C ASN J 349 -2.39 -38.51 -73.24
N ILE J 350 -3.02 -39.57 -72.73
CA ILE J 350 -2.72 -40.07 -71.40
C ILE J 350 -2.37 -41.55 -71.46
N ASN J 351 -1.81 -42.00 -72.58
CA ASN J 351 -1.45 -43.40 -72.76
C ASN J 351 -0.10 -43.71 -72.12
N ARG J 352 -0.02 -43.45 -70.81
CA ARG J 352 1.19 -43.69 -70.05
C ARG J 352 1.29 -45.15 -69.62
N GLY J 353 2.43 -45.49 -69.01
CA GLY J 353 2.67 -46.84 -68.54
C GLY J 353 2.16 -47.14 -67.15
N TYR J 354 1.49 -46.19 -66.51
CA TYR J 354 0.95 -46.36 -65.16
C TYR J 354 -0.51 -45.94 -65.11
N LEU J 355 -1.27 -46.37 -66.11
CA LEU J 355 -2.67 -45.95 -66.21
C LEU J 355 -3.52 -46.54 -65.10
N GLU J 356 -3.28 -47.80 -64.72
CA GLU J 356 -4.07 -48.50 -63.70
C GLU J 356 -5.55 -48.43 -64.06
N PRO J 357 -6.00 -49.19 -65.05
CA PRO J 357 -7.38 -49.04 -65.54
C PRO J 357 -8.44 -49.25 -64.48
N MET J 358 -8.14 -50.00 -63.42
CA MET J 358 -9.12 -50.19 -62.35
C MET J 358 -9.49 -48.86 -61.71
N TYR J 359 -8.50 -48.02 -61.44
CA TYR J 359 -8.79 -46.73 -60.80
C TYR J 359 -9.41 -45.75 -61.79
N PHE J 360 -9.06 -45.87 -63.08
CA PHE J 360 -9.75 -45.08 -64.09
C PHE J 360 -11.23 -45.43 -64.14
N ARG J 361 -11.55 -46.73 -64.09
CA ARG J 361 -12.95 -47.16 -64.04
C ARG J 361 -13.62 -46.67 -62.77
N LEU J 362 -12.90 -46.73 -61.64
CA LEU J 362 -13.47 -46.26 -60.39
C LEU J 362 -13.80 -44.77 -60.46
N GLY J 363 -12.93 -43.98 -61.08
CA GLY J 363 -13.23 -42.57 -61.25
C GLY J 363 -14.40 -42.33 -62.20
N GLN J 364 -14.46 -43.10 -63.29
CA GLN J 364 -15.59 -42.98 -64.20
C GLN J 364 -16.90 -43.27 -63.49
N LYS J 365 -16.93 -44.31 -62.65
CA LYS J 365 -18.12 -44.60 -61.87
C LYS J 365 -18.39 -43.52 -60.83
N SER J 366 -17.35 -43.02 -60.18
CA SER J 366 -17.55 -42.00 -59.15
C SER J 366 -18.14 -40.72 -59.72
N ALA J 367 -17.83 -40.43 -60.99
CA ALA J 367 -18.38 -39.22 -61.60
C ALA J 367 -19.90 -39.28 -61.72
N ARG J 368 -20.45 -40.41 -62.14
CA ARG J 368 -21.87 -40.50 -62.47
C ARG J 368 -22.65 -41.45 -61.55
N HIS J 369 -22.23 -42.71 -61.44
CA HIS J 369 -23.02 -43.72 -60.73
C HIS J 369 -22.84 -43.67 -59.23
N HIS J 370 -21.96 -42.81 -58.71
CA HIS J 370 -21.61 -42.85 -57.30
C HIS J 370 -22.76 -42.33 -56.44
N ALA J 371 -23.10 -41.05 -56.58
CA ALA J 371 -24.14 -40.40 -55.80
C ALA J 371 -24.30 -38.98 -56.32
N GLY J 372 -25.32 -38.30 -55.80
CA GLY J 372 -25.48 -36.88 -56.12
C GLY J 372 -24.35 -36.04 -55.59
N GLY J 373 -23.85 -36.36 -54.40
CA GLY J 373 -22.72 -35.65 -53.83
C GLY J 373 -23.09 -34.31 -53.23
N ILE J 374 -23.93 -34.31 -52.21
CA ILE J 374 -24.32 -33.08 -51.53
C ILE J 374 -23.30 -32.78 -50.45
N ASP J 375 -22.63 -31.64 -50.57
CA ASP J 375 -21.56 -31.26 -49.66
C ASP J 375 -22.17 -30.53 -48.46
N GLN J 376 -21.34 -29.90 -47.64
CA GLN J 376 -21.81 -29.15 -46.48
C GLN J 376 -22.66 -27.96 -46.94
N ASN J 377 -23.89 -27.90 -46.45
CA ASN J 377 -24.87 -26.91 -46.88
C ASN J 377 -24.99 -25.82 -45.82
N MET J 378 -24.49 -24.62 -46.14
CA MET J 378 -24.71 -23.49 -45.25
C MET J 378 -26.20 -23.16 -45.15
N ALA J 379 -26.90 -23.20 -46.28
CA ALA J 379 -28.35 -23.07 -46.28
C ALA J 379 -28.98 -24.40 -45.93
N ASN J 380 -29.90 -24.39 -44.95
CA ASN J 380 -30.50 -25.63 -44.45
C ASN J 380 -31.66 -26.01 -45.36
N LYS J 381 -31.44 -27.04 -46.18
CA LYS J 381 -32.46 -27.54 -47.10
C LYS J 381 -33.00 -28.85 -46.55
N LEU J 382 -34.02 -28.72 -45.69
CA LEU J 382 -34.56 -29.90 -45.00
C LEU J 382 -35.33 -30.80 -45.97
N GLY J 383 -35.94 -30.23 -47.00
CA GLY J 383 -36.72 -31.00 -47.95
C GLY J 383 -35.96 -31.32 -49.22
N LEU J 384 -34.63 -31.38 -49.12
CA LEU J 384 -33.77 -31.54 -50.28
C LEU J 384 -33.54 -32.99 -50.67
N ASN J 385 -34.17 -33.95 -49.99
CA ASN J 385 -34.07 -35.34 -50.40
C ASN J 385 -34.66 -35.55 -51.78
N SER J 386 -35.86 -35.00 -52.02
CA SER J 386 -36.48 -35.11 -53.34
C SER J 386 -35.70 -34.33 -54.38
N ASP J 387 -35.12 -33.19 -54.00
CA ASP J 387 -34.27 -32.44 -54.92
C ASP J 387 -33.06 -33.26 -55.34
N GLN J 388 -32.42 -33.93 -54.38
CA GLN J 388 -31.28 -34.78 -54.70
C GLN J 388 -31.70 -35.95 -55.59
N VAL J 389 -32.86 -36.53 -55.30
CA VAL J 389 -33.35 -37.63 -56.13
C VAL J 389 -33.59 -37.17 -57.56
N ALA J 390 -34.21 -36.00 -57.73
CA ALA J 390 -34.45 -35.47 -59.06
C ALA J 390 -33.14 -35.15 -59.79
N GLU J 391 -32.17 -34.60 -59.05
CA GLU J 391 -30.87 -34.32 -59.65
C GLU J 391 -30.17 -35.59 -60.10
N LEU J 392 -30.25 -36.65 -59.29
CA LEU J 392 -29.64 -37.92 -59.66
C LEU J 392 -30.39 -38.59 -60.80
N ALA J 393 -31.69 -38.29 -60.95
CA ALA J 393 -32.45 -38.85 -62.05
C ALA J 393 -31.91 -38.39 -63.40
N ALA J 394 -31.54 -37.12 -63.50
CA ALA J 394 -30.94 -36.55 -64.72
C ALA J 394 -31.84 -36.77 -65.93
N MET K 1 5.61 -55.17 -16.45
CA MET K 1 4.51 -54.27 -16.10
C MET K 1 4.35 -53.15 -17.11
N SER K 2 3.81 -52.02 -16.66
CA SER K 2 3.57 -50.90 -17.56
C SER K 2 4.88 -50.34 -18.10
N ASP K 3 5.90 -50.21 -17.25
CA ASP K 3 7.14 -49.56 -17.67
C ASP K 3 7.86 -50.41 -18.71
N ILE K 4 7.86 -51.73 -18.53
CA ILE K 4 8.43 -52.59 -19.56
C ILE K 4 7.62 -52.45 -20.84
N PHE K 5 8.26 -52.78 -21.97
CA PHE K 5 7.85 -52.52 -23.35
C PHE K 5 8.01 -51.04 -23.71
N ASP K 6 8.36 -50.18 -22.75
CA ASP K 6 8.80 -48.82 -23.01
C ASP K 6 10.27 -48.63 -22.77
N GLU K 7 10.84 -49.38 -21.81
CA GLU K 7 12.29 -49.43 -21.65
C GLU K 7 12.95 -49.98 -22.90
N ALA K 8 12.37 -51.04 -23.48
CA ALA K 8 12.90 -51.57 -24.74
C ALA K 8 12.72 -50.57 -25.88
N ALA K 9 11.62 -49.83 -25.88
CA ALA K 9 11.40 -48.84 -26.93
C ALA K 9 12.50 -47.79 -26.92
N SER K 10 12.91 -47.35 -25.73
CA SER K 10 14.07 -46.47 -25.63
C SER K 10 15.36 -47.24 -25.87
N PHE K 11 15.40 -48.51 -25.44
CA PHE K 11 16.61 -49.31 -25.60
C PHE K 11 16.94 -49.52 -27.08
N ARG K 12 15.94 -49.86 -27.89
CA ARG K 12 16.18 -50.01 -29.32
C ARG K 12 16.52 -48.66 -29.96
N SER K 13 15.87 -47.59 -29.51
CA SER K 13 16.20 -46.26 -30.00
C SER K 13 17.62 -45.87 -29.63
N TYR K 14 18.02 -46.16 -28.39
CA TYR K 14 19.39 -45.87 -27.95
C TYR K 14 20.39 -46.79 -28.64
N GLN K 15 19.99 -48.02 -28.93
CA GLN K 15 20.92 -48.97 -29.55
C GLN K 15 21.30 -48.57 -30.96
N SER K 16 20.38 -47.94 -31.71
CA SER K 16 20.68 -47.57 -33.09
C SER K 16 21.79 -46.53 -33.16
N LYS K 17 21.66 -45.45 -32.40
CA LYS K 17 22.68 -44.42 -32.35
C LYS K 17 23.61 -44.65 -31.15
N LEU K 18 24.23 -45.83 -31.13
CA LEU K 18 25.00 -46.25 -29.97
C LEU K 18 26.34 -45.54 -29.90
N GLY K 19 27.19 -45.71 -30.92
CA GLY K 19 28.51 -45.11 -30.90
C GLY K 19 28.73 -44.10 -31.99
N ARG K 20 27.66 -43.63 -32.62
CA ARG K 20 27.75 -42.67 -33.72
C ARG K 20 27.73 -41.25 -33.18
N ASP K 21 28.73 -40.94 -32.36
CA ASP K 21 28.87 -39.64 -31.73
C ASP K 21 30.34 -39.29 -31.60
N GLY K 22 30.63 -38.00 -31.48
CA GLY K 22 31.99 -37.55 -31.36
C GLY K 22 32.66 -37.34 -32.70
N ARG K 23 33.96 -37.06 -32.64
CA ARG K 23 34.77 -36.81 -33.82
C ARG K 23 35.92 -37.79 -33.87
N ALA K 24 36.20 -38.31 -35.06
CA ALA K 24 37.28 -39.26 -35.25
C ALA K 24 38.63 -38.55 -35.29
N SER K 25 39.70 -39.33 -35.30
CA SER K 25 41.05 -38.82 -35.33
C SER K 25 41.63 -38.92 -36.74
N ALA K 26 42.76 -38.26 -36.94
CA ALA K 26 43.47 -38.26 -38.21
C ALA K 26 44.39 -39.47 -38.36
N ALA K 27 44.48 -40.32 -37.36
CA ALA K 27 45.32 -41.51 -37.46
C ALA K 27 44.80 -42.45 -38.55
N THR K 28 43.48 -42.61 -38.65
CA THR K 28 42.87 -43.46 -39.67
C THR K 28 42.74 -42.67 -40.98
N ALA K 29 43.89 -42.42 -41.59
CA ALA K 29 43.97 -41.67 -42.84
C ALA K 29 44.37 -42.63 -43.97
N THR K 30 43.52 -42.71 -44.99
CA THR K 30 43.78 -43.62 -46.09
C THR K 30 44.98 -43.14 -46.92
N LEU K 31 45.72 -44.10 -47.46
CA LEU K 31 46.80 -43.79 -48.38
C LEU K 31 46.22 -43.20 -49.67
N THR K 32 46.87 -42.15 -50.16
CA THR K 32 46.36 -41.40 -51.30
C THR K 32 47.10 -41.76 -52.58
N THR K 33 46.36 -41.74 -53.69
CA THR K 33 46.91 -42.03 -55.01
C THR K 33 46.87 -40.77 -55.85
N LYS K 34 47.96 -40.50 -56.57
CA LYS K 34 48.01 -39.33 -57.43
C LYS K 34 47.18 -39.56 -58.68
N ILE K 35 46.33 -38.60 -59.01
CA ILE K 35 45.46 -38.67 -60.18
C ILE K 35 45.72 -37.46 -61.05
N ARG K 36 46.13 -37.68 -62.29
CA ARG K 36 46.50 -36.61 -63.22
C ARG K 36 45.29 -36.28 -64.09
N ILE K 37 44.83 -35.03 -64.01
CA ILE K 37 43.63 -34.58 -64.70
C ILE K 37 44.03 -33.54 -65.74
N PHE K 38 43.62 -33.78 -66.99
CA PHE K 38 43.91 -32.87 -68.09
C PHE K 38 42.71 -31.96 -68.32
N VAL K 39 42.83 -30.69 -67.93
CA VAL K 39 41.74 -29.74 -68.10
C VAL K 39 42.14 -28.71 -69.17
N PRO K 40 41.18 -28.20 -69.94
CA PRO K 40 41.53 -27.18 -70.94
C PRO K 40 41.88 -25.85 -70.27
N ALA K 41 42.99 -25.26 -70.70
CA ALA K 41 43.43 -24.00 -70.12
C ALA K 41 42.61 -22.82 -70.64
N THR K 42 42.24 -22.86 -71.93
CA THR K 42 41.57 -21.75 -72.59
C THR K 42 40.12 -22.13 -72.90
N ASN K 43 39.42 -21.22 -73.57
CA ASN K 43 38.03 -21.42 -73.95
C ASN K 43 37.86 -21.68 -75.44
N SER K 44 38.95 -21.90 -76.17
CA SER K 44 38.84 -22.11 -77.61
C SER K 44 38.14 -23.43 -77.90
N PRO K 45 37.07 -23.42 -78.70
CA PRO K 45 36.36 -24.69 -78.97
C PRO K 45 37.22 -25.74 -79.64
N GLU K 46 38.16 -25.34 -80.49
CA GLU K 46 39.00 -26.31 -81.17
C GLU K 46 39.85 -27.10 -80.18
N LEU K 47 40.34 -26.45 -79.14
CA LEU K 47 41.10 -27.15 -78.12
C LEU K 47 40.20 -28.03 -77.26
N ARG K 48 39.04 -27.50 -76.85
CA ARG K 48 38.14 -28.27 -76.00
C ARG K 48 37.58 -29.47 -76.74
N TRP K 49 37.19 -29.30 -78.01
CA TRP K 49 36.67 -30.42 -78.78
C TRP K 49 37.73 -31.48 -79.00
N GLU K 50 38.97 -31.06 -79.27
CA GLU K 50 40.05 -32.03 -79.42
C GLU K 50 40.36 -32.70 -78.08
N LEU K 51 40.14 -31.99 -76.98
CA LEU K 51 40.40 -32.58 -75.66
C LEU K 51 39.40 -33.67 -75.33
N THR K 52 38.11 -33.40 -75.52
CA THR K 52 37.09 -34.41 -75.21
C THR K 52 37.16 -35.58 -76.19
N LEU K 53 37.66 -35.35 -77.39
CA LEU K 53 37.95 -36.47 -78.29
C LEU K 53 39.06 -37.34 -77.72
N PHE K 54 40.10 -36.72 -77.17
CA PHE K 54 41.17 -37.48 -76.54
C PHE K 54 40.68 -38.22 -75.30
N ALA K 55 39.87 -37.55 -74.47
CA ALA K 55 39.40 -38.17 -73.24
C ALA K 55 38.51 -39.37 -73.53
N LEU K 56 37.78 -39.34 -74.65
CA LEU K 56 36.99 -40.50 -75.06
C LEU K 56 37.89 -41.69 -75.39
N ASP K 57 39.02 -41.43 -76.06
CA ASP K 57 39.90 -42.52 -76.47
C ASP K 57 40.56 -43.17 -75.27
N VAL K 58 40.97 -42.37 -74.28
CA VAL K 58 41.62 -42.93 -73.09
C VAL K 58 40.68 -43.86 -72.36
N ILE K 59 39.42 -43.44 -72.20
CA ILE K 59 38.43 -44.28 -71.53
C ILE K 59 38.19 -45.56 -72.31
N ARG K 60 38.09 -45.45 -73.64
CA ARG K 60 37.91 -46.63 -74.47
C ARG K 60 39.17 -47.47 -74.59
N SER K 61 40.34 -46.90 -74.28
CA SER K 61 41.59 -47.62 -74.47
C SER K 61 41.66 -48.81 -73.52
N PRO K 62 42.12 -49.97 -74.00
CA PRO K 62 42.27 -51.13 -73.12
C PRO K 62 43.61 -51.14 -72.38
N SER K 63 44.61 -50.48 -72.96
CA SER K 63 45.93 -50.40 -72.37
C SER K 63 46.07 -49.29 -71.34
N ALA K 64 45.02 -48.49 -71.16
CA ALA K 64 45.09 -47.38 -70.22
C ALA K 64 45.07 -47.88 -68.78
N ALA K 65 45.93 -47.27 -67.95
CA ALA K 65 45.90 -47.55 -66.52
C ALA K 65 44.66 -46.93 -65.90
N GLU K 66 44.27 -47.47 -64.75
CA GLU K 66 43.05 -47.00 -64.10
C GLU K 66 43.16 -45.53 -63.71
N SER K 67 44.31 -45.11 -63.20
CA SER K 67 44.49 -43.72 -62.79
C SER K 67 44.33 -42.79 -63.98
N MET K 68 44.85 -43.17 -65.14
CA MET K 68 44.64 -42.37 -66.34
C MET K 68 43.17 -42.34 -66.73
N LYS K 69 42.48 -43.47 -66.59
CA LYS K 69 41.06 -43.53 -66.92
C LYS K 69 40.24 -42.61 -66.02
N ILE K 70 40.58 -42.55 -64.73
CA ILE K 70 39.88 -41.63 -63.83
C ILE K 70 40.14 -40.20 -64.24
N GLY K 71 41.38 -39.88 -64.64
CA GLY K 71 41.67 -38.54 -65.09
C GLY K 71 40.86 -38.14 -66.31
N ALA K 72 40.70 -39.08 -67.25
CA ALA K 72 39.85 -38.82 -68.41
C ALA K 72 38.39 -38.63 -67.99
N ALA K 73 37.91 -39.44 -67.04
CA ALA K 73 36.55 -39.29 -66.56
C ALA K 73 36.36 -37.93 -65.89
N PHE K 74 37.31 -37.50 -65.07
CA PHE K 74 37.23 -36.17 -64.47
C PHE K 74 37.36 -35.09 -65.54
N THR K 75 38.19 -35.33 -66.55
CA THR K 75 38.33 -34.36 -67.64
C THR K 75 37.01 -34.18 -68.38
N LEU K 76 36.31 -35.29 -68.67
CA LEU K 76 35.06 -35.20 -69.41
C LEU K 76 34.00 -34.44 -68.62
N ILE K 77 33.83 -34.78 -67.33
CA ILE K 77 32.71 -34.25 -66.56
C ILE K 77 32.79 -32.73 -66.46
N SER K 78 34.00 -32.19 -66.33
CA SER K 78 34.20 -30.78 -66.10
C SER K 78 34.37 -29.98 -67.39
N MET K 79 34.16 -30.60 -68.55
CA MET K 79 34.32 -29.87 -69.81
C MET K 79 33.30 -28.76 -69.97
N TYR K 80 32.09 -28.93 -69.43
CA TYR K 80 31.06 -27.90 -69.60
C TYR K 80 31.45 -26.60 -68.92
N SER K 81 32.10 -26.68 -67.77
CA SER K 81 32.45 -25.49 -67.00
C SER K 81 33.52 -24.68 -67.74
N GLU K 82 33.40 -23.36 -67.62
CA GLU K 82 34.39 -22.47 -68.24
C GLU K 82 35.74 -22.55 -67.53
N ARG K 83 35.76 -22.94 -66.26
CA ARG K 83 36.99 -23.11 -65.49
C ARG K 83 36.98 -24.51 -64.90
N PRO K 84 37.33 -25.52 -65.70
CA PRO K 84 37.30 -26.90 -65.18
C PRO K 84 38.21 -27.11 -63.98
N GLY K 85 39.36 -26.43 -63.94
CA GLY K 85 40.25 -26.59 -62.80
C GLY K 85 39.63 -26.12 -61.50
N ALA K 86 38.94 -24.97 -61.54
CA ALA K 86 38.29 -24.46 -60.34
C ALA K 86 37.15 -25.37 -59.90
N LEU K 87 36.39 -25.90 -60.87
CA LEU K 87 35.25 -26.76 -60.54
C LEU K 87 35.70 -28.03 -59.83
N ILE K 88 36.75 -28.67 -60.35
CA ILE K 88 37.25 -29.91 -59.73
C ILE K 88 37.80 -29.63 -58.35
N ARG K 89 38.60 -28.56 -58.21
CA ARG K 89 39.23 -28.27 -56.93
C ARG K 89 38.23 -27.85 -55.87
N SER K 90 37.16 -27.16 -56.26
CA SER K 90 36.17 -26.67 -55.30
C SER K 90 35.01 -27.63 -55.11
N LEU K 91 35.02 -28.80 -55.74
CA LEU K 91 33.96 -29.78 -55.59
C LEU K 91 34.53 -31.18 -55.45
N LEU K 92 35.64 -31.30 -54.72
CA LEU K 92 36.29 -32.59 -54.51
C LEU K 92 36.36 -32.85 -53.01
N ASN K 93 35.83 -34.00 -52.60
CA ASN K 93 35.84 -34.42 -51.20
C ASN K 93 36.25 -35.89 -51.11
N ASP K 94 37.31 -36.26 -51.81
CA ASP K 94 37.78 -37.63 -51.87
C ASP K 94 39.05 -37.80 -51.05
N PRO K 95 38.99 -38.40 -49.86
CA PRO K 95 40.22 -38.67 -49.11
C PRO K 95 41.08 -39.76 -49.76
N ASP K 96 40.50 -40.59 -50.62
CA ASP K 96 41.26 -41.68 -51.23
C ASP K 96 42.28 -41.17 -52.25
N ILE K 97 41.97 -40.07 -52.93
CA ILE K 97 42.78 -39.61 -54.05
C ILE K 97 43.19 -38.16 -53.82
N GLU K 98 44.29 -37.79 -54.47
CA GLU K 98 44.70 -36.40 -54.61
C GLU K 98 44.76 -36.06 -56.09
N ALA K 99 44.19 -34.91 -56.45
CA ALA K 99 44.08 -34.49 -57.83
C ALA K 99 45.12 -33.43 -58.12
N VAL K 100 45.95 -33.68 -59.14
CA VAL K 100 46.92 -32.70 -59.62
C VAL K 100 46.37 -32.16 -60.94
N ILE K 101 45.81 -30.96 -60.89
CA ILE K 101 45.20 -30.36 -62.07
C ILE K 101 46.29 -29.92 -63.04
N ILE K 102 46.12 -30.26 -64.31
CA ILE K 102 47.09 -29.95 -65.35
C ILE K 102 46.40 -29.14 -66.43
N ASP K 103 46.82 -27.90 -66.59
CA ASP K 103 46.32 -27.07 -67.68
C ASP K 103 46.94 -27.51 -68.99
N VAL K 104 46.09 -27.80 -69.98
CA VAL K 104 46.57 -28.38 -71.24
C VAL K 104 47.43 -27.38 -72.00
N GLY K 105 46.97 -26.15 -72.12
CA GLY K 105 47.73 -25.14 -72.83
C GLY K 105 47.43 -25.12 -74.31
N SER K 106 48.30 -25.75 -75.10
CA SER K 106 48.05 -25.96 -76.52
C SER K 106 47.74 -27.44 -76.73
N MET K 107 47.55 -27.86 -77.98
CA MET K 107 47.20 -29.26 -78.22
C MET K 107 47.83 -29.75 -79.52
N LEU K 108 48.61 -30.81 -79.40
CA LEU K 108 49.04 -31.60 -80.55
C LEU K 108 48.01 -32.72 -80.76
N ASN K 109 48.36 -33.74 -81.55
CA ASN K 109 47.49 -34.90 -81.68
C ASN K 109 47.12 -35.46 -80.31
N GLY K 110 48.11 -35.60 -79.42
CA GLY K 110 47.84 -35.92 -78.04
C GLY K 110 47.78 -34.65 -77.21
N ILE K 111 48.59 -34.55 -76.16
CA ILE K 111 48.70 -33.31 -75.39
C ILE K 111 50.17 -32.94 -75.25
N PRO K 112 50.54 -31.68 -75.48
CA PRO K 112 51.92 -31.24 -75.20
C PRO K 112 52.04 -30.82 -73.75
N VAL K 113 52.99 -31.43 -73.03
CA VAL K 113 53.24 -31.04 -71.64
C VAL K 113 53.75 -29.60 -71.59
N MET K 114 54.64 -29.25 -72.53
CA MET K 114 55.19 -27.89 -72.63
C MET K 114 55.82 -27.45 -71.32
N GLU K 115 56.74 -28.26 -70.81
CA GLU K 115 57.47 -27.93 -69.58
C GLU K 115 58.79 -28.69 -69.61
N ARG K 116 59.86 -27.97 -69.94
CA ARG K 116 61.21 -28.55 -70.00
C ARG K 116 61.25 -29.75 -70.93
N ARG K 117 61.02 -29.48 -72.22
CA ARG K 117 60.97 -30.55 -73.22
C ARG K 117 62.28 -31.33 -73.22
N GLY K 118 62.15 -32.66 -73.22
CA GLY K 118 63.29 -33.55 -73.13
C GLY K 118 63.54 -34.06 -71.72
N ASP K 119 63.25 -33.23 -70.72
CA ASP K 119 63.45 -33.59 -69.32
C ASP K 119 62.16 -34.18 -68.78
N LYS K 120 62.10 -35.50 -68.71
CA LYS K 120 60.95 -36.23 -68.16
C LYS K 120 59.64 -35.86 -68.88
N ALA K 121 59.73 -35.59 -70.18
CA ALA K 121 58.55 -35.16 -70.93
C ALA K 121 58.31 -36.06 -72.13
N GLN K 122 59.38 -36.56 -72.75
CA GLN K 122 59.22 -37.38 -73.95
C GLN K 122 58.51 -38.69 -73.64
N GLU K 123 58.80 -39.29 -72.47
CA GLU K 123 58.22 -40.59 -72.16
C GLU K 123 56.71 -40.51 -72.02
N GLU K 124 56.20 -39.41 -71.44
CA GLU K 124 54.76 -39.23 -71.35
C GLU K 124 54.14 -39.12 -72.74
N MET K 125 54.82 -38.44 -73.66
CA MET K 125 54.32 -38.34 -75.03
C MET K 125 54.22 -39.71 -75.68
N GLU K 126 55.26 -40.53 -75.53
CA GLU K 126 55.22 -41.88 -76.10
C GLU K 126 54.12 -42.72 -75.46
N GLY K 127 53.89 -42.53 -74.16
CA GLY K 127 52.80 -43.25 -73.51
C GLY K 127 51.44 -42.88 -74.05
N LEU K 128 51.22 -41.58 -74.30
CA LEU K 128 49.92 -41.15 -74.80
C LEU K 128 49.68 -41.61 -76.24
N MET K 129 50.71 -41.60 -77.08
CA MET K 129 50.58 -42.17 -78.41
C MET K 129 50.28 -43.66 -78.34
N ARG K 130 50.86 -44.36 -77.35
CA ARG K 130 50.48 -45.74 -77.12
C ARG K 130 49.02 -45.85 -76.71
N ILE K 131 48.56 -44.91 -75.89
CA ILE K 131 47.15 -44.92 -75.46
C ILE K 131 46.24 -44.72 -76.66
N LEU K 132 46.56 -43.75 -77.52
CA LEU K 132 45.71 -43.45 -78.66
C LEU K 132 45.74 -44.58 -79.67
N LYS K 133 46.92 -45.13 -79.96
CA LYS K 133 47.03 -46.19 -80.97
C LYS K 133 46.31 -47.45 -80.52
N THR K 134 46.48 -47.84 -79.25
CA THR K 134 45.78 -49.02 -78.76
C THR K 134 44.27 -48.81 -78.72
N ALA K 135 43.83 -47.61 -78.35
CA ALA K 135 42.40 -47.34 -78.28
C ALA K 135 41.75 -47.45 -79.66
N ARG K 136 42.39 -46.90 -80.69
CA ARG K 136 41.83 -46.96 -82.03
C ARG K 136 41.91 -48.36 -82.61
N GLU K 137 43.00 -49.08 -82.34
CA GLU K 137 43.15 -50.43 -82.87
C GLU K 137 42.30 -51.45 -82.14
N SER K 138 41.95 -51.18 -80.87
CA SER K 138 41.21 -52.16 -80.08
C SER K 138 39.87 -52.48 -80.72
N SER K 139 39.08 -51.47 -81.04
CA SER K 139 37.83 -51.69 -81.74
C SER K 139 38.09 -51.98 -83.21
N LYS K 140 37.04 -52.42 -83.90
CA LYS K 140 37.15 -52.74 -85.32
C LYS K 140 37.03 -51.46 -86.15
N GLY K 141 37.85 -50.45 -85.83
CA GLY K 141 37.74 -49.18 -86.50
C GLY K 141 36.53 -48.37 -86.11
N LYS K 142 35.81 -48.78 -85.07
CA LYS K 142 34.55 -48.15 -84.69
C LYS K 142 34.85 -46.96 -83.77
N THR K 143 34.44 -45.78 -84.19
CA THR K 143 34.58 -44.59 -83.37
C THR K 143 33.66 -44.66 -82.16
N PRO K 144 33.98 -43.92 -81.09
CA PRO K 144 33.08 -43.93 -79.92
C PRO K 144 31.66 -43.50 -80.25
N PHE K 145 31.48 -42.56 -81.17
CA PHE K 145 30.15 -42.12 -81.56
C PHE K 145 29.50 -43.12 -82.50
N VAL K 146 28.17 -43.18 -82.44
CA VAL K 146 27.42 -44.07 -83.32
C VAL K 146 27.52 -43.61 -84.78
N ASP K 147 27.93 -42.37 -85.01
CA ASP K 147 28.13 -41.83 -86.35
C ASP K 147 29.62 -41.64 -86.58
N SER K 148 30.15 -42.28 -87.63
CA SER K 148 31.58 -42.19 -87.90
C SER K 148 32.00 -40.78 -88.25
N ARG K 149 31.08 -39.95 -88.74
CA ARG K 149 31.41 -38.57 -89.08
C ARG K 149 31.55 -37.69 -87.84
N ALA K 150 31.01 -38.12 -86.70
CA ALA K 150 31.10 -37.33 -85.48
C ALA K 150 32.47 -37.39 -84.84
N TYR K 151 33.29 -38.37 -85.21
CA TYR K 151 34.63 -38.48 -84.62
C TYR K 151 35.62 -37.54 -85.32
N GLY K 152 35.80 -37.72 -86.62
CA GLY K 152 36.67 -36.84 -87.38
C GLY K 152 35.97 -35.58 -87.82
N LEU K 153 35.35 -34.89 -86.87
CA LEU K 153 34.58 -33.68 -87.14
C LEU K 153 35.34 -32.47 -86.61
N ARG K 154 35.49 -31.47 -87.47
CA ARG K 154 36.16 -30.22 -87.09
C ARG K 154 35.16 -29.29 -86.42
N ILE K 155 35.51 -28.80 -85.24
CA ILE K 155 34.65 -27.88 -84.49
C ILE K 155 35.42 -26.57 -84.32
N THR K 156 34.82 -25.47 -84.77
CA THR K 156 35.35 -24.13 -84.54
C THR K 156 34.34 -23.18 -83.94
N ASP K 157 33.04 -23.40 -84.13
CA ASP K 157 32.01 -22.56 -83.55
C ASP K 157 31.76 -22.94 -82.11
N MET K 158 31.62 -21.92 -81.25
CA MET K 158 31.33 -22.18 -79.84
C MET K 158 29.97 -22.81 -79.66
N SER K 159 29.00 -22.45 -80.50
CA SER K 159 27.65 -22.99 -80.38
C SER K 159 27.65 -24.50 -80.61
N THR K 160 28.38 -24.96 -81.62
CA THR K 160 28.41 -26.40 -81.90
C THR K 160 29.10 -27.17 -80.79
N LEU K 161 30.18 -26.62 -80.24
CA LEU K 161 30.91 -27.32 -79.18
C LEU K 161 30.04 -27.52 -77.95
N VAL K 162 29.29 -26.48 -77.56
CA VAL K 162 28.45 -26.58 -76.37
C VAL K 162 27.41 -27.68 -76.55
N SER K 163 26.76 -27.71 -77.71
CA SER K 163 25.80 -28.78 -77.97
C SER K 163 26.49 -30.14 -78.02
N ALA K 164 27.66 -30.20 -78.66
CA ALA K 164 28.39 -31.47 -78.74
C ALA K 164 28.82 -31.96 -77.37
N VAL K 165 29.34 -31.05 -76.53
CA VAL K 165 29.82 -31.44 -75.21
C VAL K 165 28.68 -31.96 -74.35
N ILE K 166 27.56 -31.22 -74.32
CA ILE K 166 26.45 -31.58 -73.44
C ILE K 166 25.93 -32.97 -73.76
N THR K 167 25.85 -33.30 -75.05
CA THR K 167 25.41 -34.64 -75.44
C THR K 167 26.35 -35.70 -74.89
N ILE K 168 27.66 -35.46 -74.96
CA ILE K 168 28.61 -36.38 -74.35
C ILE K 168 28.43 -36.41 -72.84
N GLU K 169 28.25 -35.24 -72.22
CA GLU K 169 28.01 -35.18 -70.79
C GLU K 169 26.71 -35.88 -70.42
N ALA K 170 25.64 -35.62 -71.16
CA ALA K 170 24.34 -36.18 -70.81
C ALA K 170 24.36 -37.70 -70.88
N GLN K 171 24.97 -38.25 -71.94
CA GLN K 171 25.00 -39.70 -72.09
C GLN K 171 25.78 -40.37 -70.98
N ILE K 172 26.84 -39.70 -70.49
CA ILE K 172 27.57 -40.22 -69.34
C ILE K 172 26.70 -40.22 -68.10
N TRP K 173 25.98 -39.12 -67.86
CA TRP K 173 25.21 -38.99 -66.63
C TRP K 173 24.01 -39.94 -66.56
N ILE K 174 23.62 -40.54 -67.68
CA ILE K 174 22.56 -41.55 -67.63
C ILE K 174 23.03 -42.78 -66.85
N LEU K 175 24.31 -43.13 -67.00
CA LEU K 175 24.82 -44.37 -66.45
C LEU K 175 24.83 -44.41 -64.93
N ILE K 176 24.97 -43.25 -64.27
CA ILE K 176 25.13 -43.23 -62.81
C ILE K 176 23.88 -43.77 -62.11
N ALA K 177 22.71 -43.63 -62.74
CA ALA K 177 21.47 -44.07 -62.11
C ALA K 177 21.48 -45.56 -61.83
N LYS K 178 21.96 -46.36 -62.79
CA LYS K 178 21.98 -47.81 -62.67
C LYS K 178 23.38 -48.35 -62.94
N ALA K 179 24.39 -47.74 -62.32
CA ALA K 179 25.77 -48.17 -62.51
C ALA K 179 26.20 -49.19 -61.45
N VAL K 180 25.76 -49.02 -60.21
CA VAL K 180 26.14 -49.92 -59.13
C VAL K 180 25.00 -50.80 -58.65
N THR K 181 23.74 -50.40 -58.88
CA THR K 181 22.61 -51.23 -58.45
C THR K 181 22.50 -52.48 -59.33
N ALA K 182 22.31 -52.30 -60.62
CA ALA K 182 22.22 -53.40 -61.57
C ALA K 182 22.79 -52.96 -62.90
N PRO K 183 24.13 -52.89 -63.00
CA PRO K 183 24.74 -52.47 -64.27
C PRO K 183 24.44 -53.38 -65.43
N ASP K 184 24.30 -54.69 -65.18
CA ASP K 184 24.03 -55.62 -66.28
C ASP K 184 22.64 -55.41 -66.86
N THR K 185 21.64 -55.19 -66.01
CA THR K 185 20.26 -55.02 -66.45
C THR K 185 19.97 -53.61 -66.97
N ALA K 186 21.00 -52.86 -67.32
CA ALA K 186 20.84 -51.52 -67.84
C ALA K 186 20.53 -51.58 -69.33
N GLU K 187 20.65 -50.43 -70.01
CA GLU K 187 20.42 -50.21 -71.43
C GLU K 187 18.93 -50.16 -71.77
N GLU K 188 18.03 -50.45 -70.84
CA GLU K 188 16.60 -50.27 -71.06
C GLU K 188 16.14 -48.91 -70.53
N SER K 189 16.36 -48.65 -69.24
CA SER K 189 16.06 -47.33 -68.69
C SER K 189 16.98 -46.28 -69.27
N GLU K 190 18.25 -46.63 -69.49
CA GLU K 190 19.19 -45.67 -70.06
C GLU K 190 18.76 -45.23 -71.45
N THR K 191 18.32 -46.17 -72.28
CA THR K 191 17.80 -45.81 -73.60
C THR K 191 16.53 -44.98 -73.46
N ARG K 192 15.70 -45.28 -72.46
CA ARG K 192 14.50 -44.49 -72.23
C ARG K 192 14.85 -43.06 -71.82
N ARG K 193 15.86 -42.90 -70.96
CA ARG K 193 16.29 -41.55 -70.60
C ARG K 193 16.82 -40.79 -71.81
N TRP K 194 17.64 -41.46 -72.63
CA TRP K 194 18.18 -40.81 -73.83
C TRP K 194 17.07 -40.43 -74.80
N ALA K 195 16.09 -41.32 -74.98
CA ALA K 195 14.98 -41.02 -75.87
C ALA K 195 14.18 -39.81 -75.39
N LYS K 196 14.02 -39.67 -74.06
CA LYS K 196 13.28 -38.55 -73.52
C LYS K 196 13.97 -37.23 -73.84
N TYR K 197 15.28 -37.17 -73.67
CA TYR K 197 16.00 -35.93 -73.92
C TYR K 197 16.08 -35.61 -75.41
N VAL K 198 16.13 -36.64 -76.26
CA VAL K 198 16.11 -36.40 -77.70
C VAL K 198 14.78 -35.78 -78.11
N GLN K 199 13.67 -36.29 -77.58
CA GLN K 199 12.36 -35.72 -77.90
C GLN K 199 12.21 -34.31 -77.33
N GLN K 200 12.88 -34.02 -76.22
CA GLN K 200 12.88 -32.67 -75.66
C GLN K 200 13.83 -31.74 -76.38
N LYS K 201 14.62 -32.25 -77.33
CA LYS K 201 15.58 -31.47 -78.11
C LYS K 201 16.64 -30.81 -77.23
N ARG K 202 16.84 -31.33 -76.01
CA ARG K 202 17.91 -30.81 -75.17
C ARG K 202 19.27 -31.30 -75.64
N VAL K 203 19.33 -32.47 -76.25
CA VAL K 203 20.57 -33.07 -76.72
C VAL K 203 20.47 -33.30 -78.22
N ASN K 204 21.52 -32.91 -78.94
CA ASN K 204 21.59 -33.16 -80.37
C ASN K 204 21.95 -34.61 -80.61
N PRO K 205 21.11 -35.39 -81.29
CA PRO K 205 21.38 -36.84 -81.40
C PRO K 205 22.55 -37.18 -82.30
N PHE K 206 23.16 -36.21 -82.98
CA PHE K 206 24.29 -36.51 -83.84
C PHE K 206 25.47 -37.06 -83.04
N PHE K 207 25.74 -36.47 -81.88
CA PHE K 207 26.83 -36.93 -81.01
C PHE K 207 26.26 -37.97 -80.03
N ALA K 208 26.05 -39.18 -80.55
CA ALA K 208 25.55 -40.30 -79.77
C ALA K 208 26.62 -41.37 -79.73
N LEU K 209 27.14 -41.64 -78.52
CA LEU K 209 28.16 -42.67 -78.38
C LEU K 209 27.56 -44.06 -78.53
N THR K 210 28.36 -44.97 -79.08
CA THR K 210 27.90 -46.33 -79.28
C THR K 210 27.77 -47.06 -77.95
N GLN K 211 27.00 -48.15 -77.96
CA GLN K 211 26.79 -48.90 -76.72
C GLN K 211 28.05 -49.65 -76.31
N GLN K 212 28.96 -49.91 -77.24
CA GLN K 212 30.24 -50.51 -76.88
C GLN K 212 31.04 -49.58 -75.97
N TRP K 213 31.06 -48.28 -76.30
CA TRP K 213 31.77 -47.31 -75.46
C TRP K 213 31.06 -47.11 -74.13
N LEU K 214 29.72 -47.07 -74.16
CA LEU K 214 28.97 -46.87 -72.92
C LEU K 214 29.20 -48.01 -71.94
N THR K 215 29.29 -49.24 -72.45
CA THR K 215 29.58 -50.37 -71.58
C THR K 215 30.95 -50.24 -70.93
N GLU K 216 31.95 -49.78 -71.68
CA GLU K 216 33.28 -49.61 -71.13
C GLU K 216 33.29 -48.54 -70.03
N MET K 217 32.59 -47.43 -70.25
CA MET K 217 32.54 -46.39 -69.23
C MET K 217 31.75 -46.84 -68.01
N ARG K 218 30.63 -47.53 -68.22
CA ARG K 218 29.83 -48.00 -67.09
C ARG K 218 30.62 -49.00 -66.25
N ASN K 219 31.43 -49.83 -66.89
CA ASN K 219 32.35 -50.68 -66.14
C ASN K 219 33.35 -49.85 -65.35
N LEU K 220 33.87 -48.78 -65.97
CA LEU K 220 34.77 -47.88 -65.26
C LEU K 220 34.06 -47.20 -64.10
N LEU K 221 32.83 -46.75 -64.32
CA LEU K 221 32.12 -45.97 -63.30
C LEU K 221 31.74 -46.85 -62.11
N SER K 222 31.46 -48.12 -62.35
CA SER K 222 31.10 -49.01 -61.25
C SER K 222 32.33 -49.37 -60.41
N GLN K 223 33.47 -49.62 -61.07
CA GLN K 223 34.66 -50.03 -60.36
C GLN K 223 35.18 -48.94 -59.42
N SER K 224 35.19 -47.69 -59.88
CA SER K 224 35.85 -46.60 -59.17
C SER K 224 34.85 -45.81 -58.33
N LEU K 225 35.19 -45.61 -57.07
CA LEU K 225 34.39 -44.80 -56.15
C LEU K 225 34.76 -43.32 -56.20
N SER K 226 35.99 -42.99 -56.58
CA SER K 226 36.40 -41.59 -56.66
C SER K 226 35.59 -40.83 -57.70
N VAL K 227 35.36 -41.44 -58.86
CA VAL K 227 34.54 -40.81 -59.88
C VAL K 227 33.12 -40.63 -59.39
N ARG K 228 32.57 -41.66 -58.75
CA ARG K 228 31.20 -41.59 -58.25
C ARG K 228 31.03 -40.48 -57.23
N LYS K 229 32.01 -40.32 -56.33
CA LYS K 229 31.93 -39.28 -55.32
C LYS K 229 31.91 -37.90 -55.96
N PHE K 230 32.71 -37.69 -57.00
CA PHE K 230 32.75 -36.39 -57.68
C PHE K 230 31.41 -36.06 -58.32
N MET K 231 30.81 -37.03 -59.02
CA MET K 231 29.53 -36.77 -59.68
C MET K 231 28.40 -36.63 -58.67
N VAL K 232 28.48 -37.34 -57.54
CA VAL K 232 27.49 -37.13 -56.49
C VAL K 232 27.64 -35.74 -55.89
N GLU K 233 28.88 -35.30 -55.66
CA GLU K 233 29.11 -33.97 -55.12
C GLU K 233 28.57 -32.90 -56.05
N ILE K 234 28.72 -33.09 -57.36
CA ILE K 234 28.14 -32.16 -58.33
C ILE K 234 26.61 -32.16 -58.18
N LEU K 235 26.01 -33.34 -58.01
CA LEU K 235 24.56 -33.43 -57.90
C LEU K 235 24.04 -32.66 -56.69
N MET K 236 24.71 -32.80 -55.54
CA MET K 236 24.27 -32.08 -54.34
C MET K 236 24.39 -30.58 -54.52
N GLU K 237 25.53 -30.12 -55.06
CA GLU K 237 25.73 -28.68 -55.24
C GLU K 237 24.74 -28.12 -56.26
N VAL K 238 24.51 -28.84 -57.35
CA VAL K 238 23.55 -28.38 -58.35
C VAL K 238 22.13 -28.39 -57.79
N LYS K 239 21.82 -29.39 -56.95
CA LYS K 239 20.50 -29.46 -56.33
C LYS K 239 20.18 -28.22 -55.52
N LYS K 240 21.18 -27.64 -54.87
CA LYS K 240 20.98 -26.42 -54.08
C LYS K 240 20.63 -25.27 -55.01
N GLY K 241 19.39 -24.80 -54.92
CA GLY K 241 18.93 -23.71 -55.76
C GLY K 241 19.44 -22.36 -55.28
N GLY K 242 19.06 -21.32 -56.03
CA GLY K 242 19.43 -19.97 -55.68
C GLY K 242 20.05 -19.19 -56.82
N SER K 243 20.83 -19.87 -57.66
CA SER K 243 21.53 -19.24 -58.77
C SER K 243 20.94 -19.74 -60.10
N ALA K 244 21.25 -18.99 -61.15
CA ALA K 244 20.79 -19.36 -62.49
C ALA K 244 21.46 -20.64 -62.94
N LYS K 245 20.69 -21.52 -63.57
CA LYS K 245 21.17 -22.81 -64.02
C LYS K 245 21.31 -22.81 -65.53
N GLY K 246 22.47 -23.22 -66.02
CA GLY K 246 22.70 -23.33 -67.45
C GLY K 246 22.15 -24.61 -68.03
N ARG K 247 22.26 -24.72 -69.36
CA ARG K 247 21.75 -25.90 -70.04
C ARG K 247 22.44 -27.17 -69.56
N ALA K 248 23.76 -27.10 -69.35
CA ALA K 248 24.48 -28.24 -68.82
C ALA K 248 24.01 -28.59 -67.41
N VAL K 249 23.81 -27.59 -66.56
CA VAL K 249 23.42 -27.82 -65.18
C VAL K 249 21.98 -28.35 -65.11
N GLU K 250 21.09 -27.81 -65.95
CA GLU K 250 19.69 -28.21 -65.89
C GLU K 250 19.53 -29.69 -66.24
N ILE K 251 20.26 -30.17 -67.24
CA ILE K 251 20.22 -31.58 -67.59
C ILE K 251 20.76 -32.43 -66.44
N ILE K 252 21.85 -31.99 -65.83
CA ILE K 252 22.45 -32.73 -64.73
C ILE K 252 21.47 -32.82 -63.56
N SER K 253 20.81 -31.71 -63.23
CA SER K 253 19.82 -31.73 -62.16
C SER K 253 18.62 -32.58 -62.53
N ASP K 254 18.18 -32.52 -63.79
CA ASP K 254 17.07 -33.35 -64.23
C ASP K 254 17.42 -34.84 -64.14
N ILE K 255 18.64 -35.19 -64.54
CA ILE K 255 19.08 -36.58 -64.40
C ILE K 255 19.19 -36.97 -62.94
N GLY K 256 19.60 -36.03 -62.08
CA GLY K 256 19.71 -36.30 -60.66
C GLY K 256 18.39 -36.65 -60.01
N ASN K 257 17.27 -36.31 -60.64
CA ASN K 257 15.97 -36.71 -60.10
C ASN K 257 15.83 -38.23 -60.11
N TYR K 258 16.28 -38.88 -61.18
CA TYR K 258 16.23 -40.33 -61.24
C TYR K 258 17.31 -40.97 -60.36
N VAL K 259 18.42 -40.28 -60.15
CA VAL K 259 19.53 -40.84 -59.40
C VAL K 259 19.19 -40.96 -57.92
N GLU K 260 18.40 -40.03 -57.39
CA GLU K 260 18.12 -40.00 -55.96
C GLU K 260 17.45 -41.28 -55.50
N GLU K 261 17.79 -41.69 -54.27
CA GLU K 261 17.17 -42.84 -53.61
C GLU K 261 17.37 -44.13 -54.39
N THR K 262 18.41 -44.20 -55.20
CA THR K 262 18.70 -45.41 -55.97
C THR K 262 19.20 -46.51 -55.05
N GLY K 263 18.99 -47.75 -55.47
CA GLY K 263 19.47 -48.91 -54.74
C GLY K 263 18.87 -49.12 -53.37
N MET K 264 17.78 -48.44 -53.04
CA MET K 264 17.12 -48.57 -51.74
C MET K 264 15.61 -48.70 -51.93
N ALA K 265 15.19 -49.45 -52.94
CA ALA K 265 13.77 -49.64 -53.17
C ALA K 265 13.12 -50.46 -52.07
N GLY K 266 13.86 -51.43 -51.51
CA GLY K 266 13.28 -52.25 -50.45
C GLY K 266 12.86 -51.43 -49.25
N PHE K 267 13.67 -50.44 -48.87
CA PHE K 267 13.33 -49.61 -47.73
C PHE K 267 12.17 -48.66 -48.06
N PHE K 268 12.22 -48.02 -49.23
CA PHE K 268 11.23 -46.99 -49.54
C PHE K 268 9.89 -47.60 -49.93
N ALA K 269 9.90 -48.78 -50.56
CA ALA K 269 8.65 -49.48 -50.81
C ALA K 269 7.95 -49.85 -49.51
N THR K 270 8.75 -50.24 -48.50
CA THR K 270 8.18 -50.52 -47.18
C THR K 270 7.55 -49.26 -46.58
N ILE K 271 8.21 -48.12 -46.75
CA ILE K 271 7.67 -46.86 -46.23
C ILE K 271 6.38 -46.49 -46.96
N ARG K 272 6.42 -46.55 -48.29
CA ARG K 272 5.29 -46.07 -49.08
C ARG K 272 4.11 -47.02 -48.99
N PHE K 273 4.35 -48.33 -49.12
CA PHE K 273 3.26 -49.29 -49.23
C PHE K 273 2.96 -49.98 -47.91
N GLY K 274 3.97 -50.61 -47.31
CA GLY K 274 3.73 -51.34 -46.07
C GLY K 274 3.34 -50.45 -44.91
N LEU K 275 4.07 -49.35 -44.72
CA LEU K 275 3.82 -48.50 -43.56
C LEU K 275 2.66 -47.54 -43.82
N GLU K 276 2.79 -46.69 -44.84
CA GLU K 276 1.67 -45.85 -45.26
C GLU K 276 0.60 -46.72 -45.89
N THR K 277 -0.47 -46.08 -46.36
CA THR K 277 -1.64 -46.78 -46.87
C THR K 277 -2.17 -47.73 -45.79
N ARG K 278 -2.62 -47.13 -44.69
CA ARG K 278 -2.92 -47.85 -43.46
C ARG K 278 -3.95 -48.96 -43.68
N TYR K 279 -3.50 -50.20 -43.52
CA TYR K 279 -4.33 -51.39 -43.66
C TYR K 279 -4.64 -51.98 -42.30
N PRO K 280 -5.88 -52.42 -42.06
CA PRO K 280 -6.22 -53.04 -40.77
C PRO K 280 -5.36 -54.24 -40.40
N ALA K 281 -4.57 -54.75 -41.34
CA ALA K 281 -3.67 -55.86 -41.10
C ALA K 281 -2.31 -55.43 -40.58
N LEU K 282 -2.10 -54.13 -40.35
CA LEU K 282 -0.80 -53.65 -39.89
C LEU K 282 -0.53 -54.04 -38.45
N ALA K 283 -1.39 -53.60 -37.54
CA ALA K 283 -1.25 -53.93 -36.12
C ALA K 283 -1.67 -55.39 -35.93
N LEU K 284 -0.69 -56.29 -35.96
CA LEU K 284 -0.98 -57.71 -35.88
C LEU K 284 -0.03 -58.44 -34.93
N ASN K 285 0.73 -57.72 -34.11
CA ASN K 285 1.66 -58.23 -33.10
C ASN K 285 2.84 -58.99 -33.69
N GLU K 286 2.98 -59.03 -35.01
CA GLU K 286 4.21 -59.51 -35.63
C GLU K 286 4.92 -58.41 -36.42
N PHE K 287 4.33 -57.22 -36.53
CA PHE K 287 4.94 -56.10 -37.21
C PHE K 287 5.38 -55.00 -36.25
N GLN K 288 5.07 -55.12 -34.96
CA GLN K 288 5.42 -54.05 -34.02
C GLN K 288 6.93 -53.89 -33.89
N SER K 289 7.68 -54.99 -34.01
CA SER K 289 9.13 -54.88 -34.02
C SER K 289 9.61 -54.18 -35.29
N ASP K 290 9.08 -54.60 -36.45
CA ASP K 290 9.48 -53.97 -37.71
C ASP K 290 9.05 -52.51 -37.76
N LEU K 291 7.86 -52.20 -37.23
CA LEU K 291 7.42 -50.82 -37.18
C LEU K 291 8.35 -49.97 -36.31
N ASN K 292 8.77 -50.51 -35.17
CA ASN K 292 9.71 -49.79 -34.32
C ASN K 292 11.05 -49.57 -35.03
N THR K 293 11.56 -50.60 -35.71
CA THR K 293 12.82 -50.47 -36.44
C THR K 293 12.68 -49.46 -37.57
N ILE K 294 11.55 -49.49 -38.28
CA ILE K 294 11.32 -48.55 -39.38
C ILE K 294 11.28 -47.12 -38.84
N LYS K 295 10.63 -46.92 -37.69
CA LYS K 295 10.58 -45.59 -37.09
C LYS K 295 11.97 -45.07 -36.75
N GLY K 296 12.82 -45.94 -36.21
CA GLY K 296 14.19 -45.53 -35.91
C GLY K 296 14.98 -45.19 -37.16
N LEU K 297 14.70 -45.89 -38.26
CA LEU K 297 15.43 -45.64 -39.49
C LEU K 297 15.11 -44.27 -40.05
N MET K 298 13.89 -43.78 -39.84
CA MET K 298 13.51 -42.47 -40.35
C MET K 298 14.37 -41.36 -39.74
N LEU K 299 14.63 -41.44 -38.43
CA LEU K 299 15.52 -40.47 -37.80
C LEU K 299 16.94 -40.61 -38.32
N LEU K 300 17.39 -41.85 -38.55
CA LEU K 300 18.72 -42.06 -39.09
C LEU K 300 18.87 -41.44 -40.48
N TYR K 301 17.86 -41.60 -41.33
CA TYR K 301 17.89 -40.98 -42.65
C TYR K 301 17.89 -39.46 -42.53
N ARG K 302 17.14 -38.92 -41.57
CA ARG K 302 17.14 -37.49 -41.35
C ARG K 302 18.46 -37.02 -40.76
N GLU K 303 19.09 -37.86 -39.93
CA GLU K 303 20.33 -37.48 -39.27
C GLU K 303 21.54 -37.52 -40.20
N ILE K 304 21.49 -38.35 -41.26
CA ILE K 304 22.65 -38.48 -42.13
C ILE K 304 22.98 -37.16 -42.80
N GLY K 305 21.99 -36.52 -43.40
CA GLY K 305 22.19 -35.23 -44.02
C GLY K 305 21.84 -35.23 -45.50
N PRO K 306 22.42 -34.30 -46.25
CA PRO K 306 22.12 -34.23 -47.69
C PRO K 306 22.66 -35.40 -48.49
N ARG K 307 23.55 -36.21 -47.91
CA ARG K 307 24.09 -37.38 -48.59
C ARG K 307 23.21 -38.60 -48.44
N ALA K 308 22.09 -38.49 -47.75
CA ALA K 308 21.24 -39.66 -47.48
C ALA K 308 20.72 -40.32 -48.76
N PRO K 309 20.14 -39.61 -49.73
CA PRO K 309 19.63 -40.32 -50.92
C PRO K 309 20.70 -41.07 -51.70
N TYR K 310 21.90 -40.52 -51.79
CA TYR K 310 22.99 -41.17 -52.52
C TYR K 310 23.87 -42.01 -51.59
N MET K 311 23.26 -42.87 -50.77
CA MET K 311 24.05 -43.73 -49.89
C MET K 311 24.67 -44.90 -50.65
N VAL K 312 23.92 -45.49 -51.58
CA VAL K 312 24.44 -46.63 -52.33
C VAL K 312 25.57 -46.18 -53.26
N LEU K 313 25.45 -44.98 -53.84
CA LEU K 313 26.49 -44.49 -54.74
C LEU K 313 27.80 -44.28 -54.00
N LEU K 314 27.74 -43.67 -52.81
CA LEU K 314 28.92 -43.48 -52.00
C LEU K 314 29.28 -44.72 -51.18
N GLU K 315 28.43 -45.76 -51.22
CA GLU K 315 28.70 -47.03 -50.54
C GLU K 315 28.89 -46.82 -49.03
N GLU K 316 27.98 -46.05 -48.45
CA GLU K 316 28.02 -45.83 -47.00
C GLU K 316 27.76 -47.13 -46.26
N SER K 317 28.43 -47.28 -45.12
CA SER K 317 28.18 -48.42 -44.25
C SER K 317 26.83 -48.33 -43.56
N ILE K 318 26.27 -47.12 -43.44
CA ILE K 318 24.95 -46.95 -42.85
C ILE K 318 23.89 -47.62 -43.70
N GLN K 319 24.15 -47.79 -45.01
CA GLN K 319 23.15 -48.33 -45.91
C GLN K 319 22.75 -49.75 -45.54
N THR K 320 23.70 -50.56 -45.04
CA THR K 320 23.40 -51.94 -44.70
C THR K 320 22.29 -52.03 -43.66
N LYS K 321 22.28 -51.09 -42.70
CA LYS K 321 21.21 -51.08 -41.70
C LYS K 321 19.86 -50.76 -42.33
N PHE K 322 19.85 -50.05 -43.45
CA PHE K 322 18.61 -49.70 -44.12
C PHE K 322 18.04 -50.84 -44.96
N ALA K 323 18.89 -51.78 -45.38
CA ALA K 323 18.45 -52.84 -46.28
C ALA K 323 17.47 -53.78 -45.59
N PRO K 324 16.51 -54.33 -46.32
CA PRO K 324 15.63 -55.34 -45.74
C PRO K 324 16.43 -56.56 -45.29
N GLY K 325 16.02 -57.13 -44.17
CA GLY K 325 16.78 -58.18 -43.53
C GLY K 325 16.79 -57.96 -42.04
N GLY K 326 16.78 -56.69 -41.65
CA GLY K 326 16.49 -56.31 -40.28
C GLY K 326 15.03 -56.13 -39.98
N TYR K 327 14.20 -56.10 -41.02
CA TYR K 327 12.74 -56.07 -40.87
C TYR K 327 12.09 -56.91 -41.97
N PRO K 328 12.44 -58.19 -42.05
CA PRO K 328 11.96 -59.02 -43.17
C PRO K 328 10.45 -59.19 -43.19
N LEU K 329 9.80 -59.13 -42.02
CA LEU K 329 8.36 -59.41 -41.98
C LEU K 329 7.55 -58.29 -42.64
N LEU K 330 7.73 -57.05 -42.18
CA LEU K 330 6.99 -55.94 -42.76
C LEU K 330 7.36 -55.72 -44.22
N TRP K 331 8.64 -55.87 -44.55
CA TRP K 331 9.07 -55.73 -45.93
C TRP K 331 8.38 -56.74 -46.83
N SER K 332 8.28 -57.99 -46.37
CA SER K 332 7.55 -59.00 -47.13
C SER K 332 6.09 -58.62 -47.30
N PHE K 333 5.46 -58.12 -46.23
CA PHE K 333 4.11 -57.60 -46.33
C PHE K 333 4.05 -56.39 -47.27
N ALA K 334 5.05 -55.52 -47.18
CA ALA K 334 5.06 -54.31 -48.01
C ALA K 334 5.15 -54.66 -49.49
N MET K 335 6.01 -55.60 -49.86
CA MET K 335 6.08 -56.00 -51.26
C MET K 335 4.85 -56.78 -51.68
N GLY K 336 4.12 -57.34 -50.71
CA GLY K 336 2.87 -58.02 -51.04
C GLY K 336 1.83 -57.09 -51.60
N VAL K 337 1.66 -55.92 -50.96
CA VAL K 337 0.71 -54.94 -51.48
C VAL K 337 1.31 -54.17 -52.64
N ALA K 338 2.64 -54.06 -52.70
CA ALA K 338 3.28 -53.30 -53.76
C ALA K 338 3.06 -53.94 -55.12
N THR K 339 3.22 -55.27 -55.21
CA THR K 339 3.05 -55.96 -56.47
C THR K 339 1.62 -55.85 -56.99
N THR K 340 0.64 -55.94 -56.10
CA THR K 340 -0.75 -55.88 -56.52
C THR K 340 -1.17 -54.47 -56.93
N ILE K 341 -0.67 -53.45 -56.25
CA ILE K 341 -1.11 -52.08 -56.48
C ILE K 341 -0.34 -51.46 -57.63
N ASP K 342 0.99 -51.48 -57.55
CA ASP K 342 1.84 -50.86 -58.56
C ASP K 342 2.17 -51.89 -59.64
N ARG K 343 1.69 -51.66 -60.85
CA ARG K 343 1.97 -52.58 -61.96
C ARG K 343 3.47 -52.62 -62.26
N SER K 344 4.12 -51.46 -62.25
CA SER K 344 5.56 -51.43 -62.54
C SER K 344 6.35 -52.21 -61.50
N MET K 345 5.99 -52.09 -60.23
CA MET K 345 6.62 -52.90 -59.20
C MET K 345 6.20 -54.36 -59.39
N GLY K 346 7.18 -55.24 -59.48
CA GLY K 346 6.94 -56.61 -59.87
C GLY K 346 8.04 -57.06 -60.81
N ALA K 347 8.64 -56.10 -61.49
CA ALA K 347 9.91 -56.32 -62.18
C ALA K 347 11.10 -56.24 -61.25
N LEU K 348 10.87 -55.83 -60.01
CA LEU K 348 11.93 -55.81 -59.01
C LEU K 348 12.32 -57.22 -58.62
N ASN K 349 13.60 -57.45 -58.38
CA ASN K 349 14.12 -58.75 -58.00
C ASN K 349 14.11 -58.84 -56.48
N ILE K 350 13.26 -59.70 -55.93
CA ILE K 350 13.08 -59.81 -54.48
C ILE K 350 13.25 -61.25 -54.04
N ASN K 351 14.06 -62.03 -54.76
CA ASN K 351 14.26 -63.44 -54.43
C ASN K 351 15.31 -63.59 -53.32
N ARG K 352 15.02 -62.96 -52.19
CA ARG K 352 15.90 -62.99 -51.04
C ARG K 352 15.66 -64.26 -50.21
N GLY K 353 16.50 -64.43 -49.20
CA GLY K 353 16.40 -65.58 -48.30
C GLY K 353 15.47 -65.41 -47.14
N TYR K 354 14.76 -64.29 -47.04
CA TYR K 354 13.83 -64.01 -45.96
C TYR K 354 12.50 -63.54 -46.52
N LEU K 355 12.00 -64.26 -47.53
CA LEU K 355 10.80 -63.81 -48.23
C LEU K 355 9.55 -63.95 -47.37
N GLU K 356 9.45 -65.02 -46.56
CA GLU K 356 8.31 -65.27 -45.70
C GLU K 356 7.00 -65.21 -46.50
N PRO K 357 6.72 -66.23 -47.32
CA PRO K 357 5.54 -66.16 -48.20
C PRO K 357 4.23 -65.98 -47.45
N MET K 358 4.14 -66.46 -46.21
CA MET K 358 2.89 -66.32 -45.46
C MET K 358 2.53 -64.85 -45.26
N TYR K 359 3.51 -64.03 -44.92
CA TYR K 359 3.25 -62.59 -44.80
C TYR K 359 3.13 -61.94 -46.17
N PHE K 360 3.81 -62.49 -47.19
CA PHE K 360 3.63 -62.01 -48.54
C PHE K 360 2.21 -62.26 -49.04
N ARG K 361 1.67 -63.45 -48.76
CA ARG K 361 0.30 -63.76 -49.15
C ARG K 361 -0.69 -62.83 -48.45
N LEU K 362 -0.46 -62.55 -47.17
CA LEU K 362 -1.37 -61.67 -46.43
C LEU K 362 -1.38 -60.28 -47.03
N GLY K 363 -0.23 -59.79 -47.49
CA GLY K 363 -0.19 -58.52 -48.18
C GLY K 363 -0.99 -58.55 -49.47
N GLN K 364 -0.88 -59.64 -50.24
CA GLN K 364 -1.66 -59.77 -51.46
C GLN K 364 -3.16 -59.73 -51.16
N LYS K 365 -3.58 -60.42 -50.11
CA LYS K 365 -4.99 -60.38 -49.73
C LYS K 365 -5.37 -59.01 -49.17
N SER K 366 -4.42 -58.32 -48.53
CA SER K 366 -4.73 -57.03 -47.95
C SER K 366 -5.07 -55.99 -49.00
N ALA K 367 -4.44 -56.06 -50.18
CA ALA K 367 -4.70 -55.07 -51.22
C ALA K 367 -6.13 -55.18 -51.74
N ARG K 368 -6.61 -56.40 -51.97
CA ARG K 368 -7.89 -56.62 -52.64
C ARG K 368 -8.93 -57.26 -51.73
N HIS K 369 -8.62 -58.41 -51.12
CA HIS K 369 -9.62 -59.19 -50.40
C HIS K 369 -9.86 -58.71 -48.97
N HIS K 370 -9.12 -57.70 -48.50
CA HIS K 370 -9.19 -57.35 -47.09
C HIS K 370 -10.49 -56.63 -46.77
N ALA K 371 -10.69 -55.45 -47.34
CA ALA K 371 -11.86 -54.61 -47.08
C ALA K 371 -11.75 -53.36 -47.96
N GLY K 372 -12.83 -52.58 -47.97
CA GLY K 372 -12.78 -51.29 -48.64
C GLY K 372 -11.83 -50.32 -47.97
N GLY K 373 -11.84 -50.30 -46.64
CA GLY K 373 -10.90 -49.51 -45.88
C GLY K 373 -11.10 -48.01 -45.97
N ILE K 374 -12.16 -47.51 -45.36
CA ILE K 374 -12.45 -46.08 -45.34
C ILE K 374 -11.78 -45.49 -44.10
N ASP K 375 -10.91 -44.50 -44.32
CA ASP K 375 -10.14 -43.88 -43.25
C ASP K 375 -10.92 -42.71 -42.65
N GLN K 376 -10.24 -41.90 -41.83
CA GLN K 376 -10.89 -40.78 -41.17
C GLN K 376 -11.36 -39.76 -42.21
N ASN K 377 -12.66 -39.46 -42.19
CA ASN K 377 -13.29 -38.58 -43.18
C ASN K 377 -13.58 -37.23 -42.53
N MET K 378 -12.88 -36.19 -42.99
CA MET K 378 -13.25 -34.84 -42.57
C MET K 378 -14.64 -34.47 -43.05
N ALA K 379 -14.97 -34.84 -44.29
CA ALA K 379 -16.34 -34.68 -44.78
C ALA K 379 -17.18 -35.87 -44.34
N ASN K 380 -18.34 -35.58 -43.78
CA ASN K 380 -19.19 -36.62 -43.20
C ASN K 380 -19.99 -37.28 -44.32
N LYS K 381 -19.56 -38.49 -44.71
CA LYS K 381 -20.25 -39.27 -45.74
C LYS K 381 -21.18 -40.26 -45.03
N LEU K 382 -22.32 -39.73 -44.58
CA LEU K 382 -23.26 -40.54 -43.80
C LEU K 382 -23.93 -41.60 -44.65
N GLY K 383 -24.12 -41.32 -45.94
CA GLY K 383 -24.79 -42.26 -46.82
C GLY K 383 -23.86 -43.07 -47.68
N LEU K 384 -22.58 -43.14 -47.29
CA LEU K 384 -21.56 -43.80 -48.08
C LEU K 384 -21.41 -45.28 -47.74
N ASN K 385 -22.39 -45.86 -47.03
CA ASN K 385 -22.34 -47.29 -46.77
C ASN K 385 -22.40 -48.09 -48.08
N SER K 386 -23.28 -47.69 -48.99
CA SER K 386 -23.35 -48.33 -50.29
C SER K 386 -22.21 -47.87 -51.20
N ASP K 387 -21.68 -46.67 -50.96
CA ASP K 387 -20.56 -46.18 -51.76
C ASP K 387 -19.34 -47.08 -51.61
N GLN K 388 -19.10 -47.58 -50.39
CA GLN K 388 -18.03 -48.54 -50.18
C GLN K 388 -18.32 -49.85 -50.92
N VAL K 389 -19.59 -50.29 -50.90
CA VAL K 389 -19.96 -51.53 -51.56
C VAL K 389 -19.71 -51.45 -53.06
N ALA K 390 -20.11 -50.34 -53.68
CA ALA K 390 -19.82 -50.14 -55.10
C ALA K 390 -18.32 -50.08 -55.36
N GLU K 391 -17.58 -49.40 -54.47
CA GLU K 391 -16.13 -49.41 -54.58
C GLU K 391 -15.56 -50.80 -54.36
N LEU K 392 -16.11 -51.54 -53.39
CA LEU K 392 -15.64 -52.89 -53.13
C LEU K 392 -16.07 -53.86 -54.23
N ALA K 393 -17.19 -53.57 -54.91
CA ALA K 393 -17.63 -54.42 -56.00
C ALA K 393 -16.62 -54.43 -57.14
N ALA K 394 -16.05 -53.27 -57.46
CA ALA K 394 -15.02 -53.14 -58.50
C ALA K 394 -15.52 -53.67 -59.84
N MET L 1 2.83 -57.86 2.03
CA MET L 1 1.81 -56.86 1.70
C MET L 1 2.19 -56.07 0.45
N SER L 2 1.66 -54.85 0.35
CA SER L 2 1.90 -54.01 -0.82
C SER L 2 3.37 -53.67 -0.96
N ASP L 3 4.05 -53.40 0.15
CA ASP L 3 5.47 -53.07 0.09
C ASP L 3 6.28 -54.22 -0.46
N ILE L 4 5.96 -55.45 -0.05
CA ILE L 4 6.56 -56.63 -0.66
C ILE L 4 6.18 -56.67 -2.14
N PHE L 5 7.05 -57.26 -2.96
CA PHE L 5 7.03 -57.33 -4.42
C PHE L 5 7.47 -56.01 -5.05
N ASP L 6 7.67 -54.96 -4.27
CA ASP L 6 8.35 -53.75 -4.71
C ASP L 6 9.70 -53.59 -4.04
N GLU L 7 9.77 -53.89 -2.74
CA GLU L 7 11.05 -54.04 -2.07
C GLU L 7 11.90 -55.11 -2.76
N ALA L 8 11.27 -56.19 -3.23
CA ALA L 8 12.01 -57.22 -3.95
C ALA L 8 12.57 -56.68 -5.26
N ALA L 9 11.78 -55.90 -5.99
CA ALA L 9 12.26 -55.32 -7.24
C ALA L 9 13.43 -54.38 -6.99
N SER L 10 13.32 -53.54 -5.97
CA SER L 10 14.43 -52.65 -5.63
C SER L 10 15.65 -53.46 -5.20
N PHE L 11 15.44 -54.57 -4.49
CA PHE L 11 16.54 -55.42 -4.08
C PHE L 11 17.26 -56.02 -5.28
N ARG L 12 16.51 -56.52 -6.26
CA ARG L 12 17.14 -57.08 -7.45
C ARG L 12 17.87 -56.00 -8.25
N SER L 13 17.28 -54.80 -8.35
CA SER L 13 17.93 -53.71 -9.05
C SER L 13 19.24 -53.33 -8.37
N TYR L 14 19.24 -53.26 -7.04
CA TYR L 14 20.46 -52.95 -6.30
C TYR L 14 21.48 -54.08 -6.40
N GLN L 15 21.02 -55.34 -6.41
CA GLN L 15 21.91 -56.48 -6.49
C GLN L 15 22.59 -56.57 -7.84
N SER L 16 21.90 -56.14 -8.91
CA SER L 16 22.53 -56.16 -10.23
C SER L 16 23.77 -55.27 -10.26
N LYS L 17 23.63 -54.02 -9.84
CA LYS L 17 24.76 -53.10 -9.72
C LYS L 17 25.26 -53.06 -8.28
N LEU L 18 25.69 -54.23 -7.80
CA LEU L 18 26.03 -54.37 -6.39
C LEU L 18 27.34 -53.68 -6.04
N GLY L 19 28.44 -54.11 -6.66
CA GLY L 19 29.73 -53.55 -6.34
C GLY L 19 30.44 -52.93 -7.54
N ARG L 20 29.68 -52.65 -8.60
CA ARG L 20 30.25 -52.11 -9.83
C ARG L 20 30.32 -50.59 -9.76
N ASP L 21 31.04 -50.10 -8.76
CA ASP L 21 31.18 -48.67 -8.53
C ASP L 21 32.58 -48.39 -8.00
N GLY L 22 33.01 -47.13 -8.17
CA GLY L 22 34.33 -46.73 -7.72
C GLY L 22 35.40 -46.97 -8.76
N ARG L 23 36.64 -46.70 -8.35
CA ARG L 23 37.80 -46.86 -9.20
C ARG L 23 38.78 -47.85 -8.57
N ALA L 24 39.32 -48.74 -9.40
CA ALA L 24 40.26 -49.73 -8.93
C ALA L 24 41.66 -49.14 -8.79
N SER L 25 42.53 -49.89 -8.13
CA SER L 25 43.91 -49.46 -7.91
C SER L 25 44.82 -50.00 -9.00
N ALA L 26 46.07 -49.51 -9.00
CA ALA L 26 47.08 -49.94 -9.95
C ALA L 26 47.83 -51.18 -9.48
N ALA L 27 47.51 -51.71 -8.30
CA ALA L 27 48.17 -52.91 -7.82
C ALA L 27 47.89 -54.11 -8.73
N THR L 28 46.64 -54.23 -9.20
CA THR L 28 46.24 -55.31 -10.09
C THR L 28 46.64 -54.95 -11.53
N ALA L 29 47.95 -54.95 -11.76
CA ALA L 29 48.53 -54.62 -13.06
C ALA L 29 49.09 -55.88 -13.70
N THR L 30 48.60 -56.22 -14.88
CA THR L 30 49.03 -57.42 -15.57
C THR L 30 50.48 -57.29 -16.03
N LEU L 31 51.18 -58.42 -16.05
CA LEU L 31 52.52 -58.45 -16.61
C LEU L 31 52.45 -58.25 -18.12
N THR L 32 53.32 -57.40 -18.65
CA THR L 32 53.28 -57.00 -20.04
C THR L 32 54.33 -57.74 -20.85
N THR L 33 53.98 -58.06 -22.10
CA THR L 33 54.87 -58.75 -23.02
C THR L 33 55.23 -57.81 -24.17
N LYS L 34 56.51 -57.80 -24.53
CA LYS L 34 56.96 -56.96 -25.63
C LYS L 34 56.50 -57.54 -26.97
N ILE L 35 55.96 -56.68 -27.82
CA ILE L 35 55.47 -57.08 -29.14
C ILE L 35 56.16 -56.21 -30.18
N ARG L 36 56.88 -56.84 -31.11
CA ARG L 36 57.65 -56.12 -32.11
C ARG L 36 56.81 -56.01 -33.39
N ILE L 37 56.50 -54.77 -33.78
CA ILE L 37 55.64 -54.48 -34.92
C ILE L 37 56.48 -53.84 -36.02
N PHE L 38 56.41 -54.40 -37.22
CA PHE L 38 57.15 -53.89 -38.37
C PHE L 38 56.22 -53.03 -39.21
N VAL L 39 56.37 -51.72 -39.12
CA VAL L 39 55.53 -50.80 -39.88
C VAL L 39 56.34 -50.21 -41.03
N PRO L 40 55.72 -49.89 -42.17
CA PRO L 40 56.48 -49.27 -43.26
C PRO L 40 56.80 -47.81 -42.93
N ALA L 41 58.06 -47.43 -43.14
CA ALA L 41 58.48 -46.07 -42.85
C ALA L 41 58.03 -45.08 -43.91
N THR L 42 58.05 -45.50 -45.18
CA THR L 42 57.75 -44.63 -46.30
C THR L 42 56.45 -45.03 -46.97
N ASN L 43 56.12 -44.34 -48.06
CA ASN L 43 54.90 -44.59 -48.82
C ASN L 43 55.15 -45.27 -50.15
N SER L 44 56.37 -45.72 -50.40
CA SER L 44 56.70 -46.35 -51.67
C SER L 44 55.91 -47.65 -51.84
N PRO L 45 55.21 -47.85 -52.96
CA PRO L 45 54.37 -49.05 -53.10
C PRO L 45 55.14 -50.36 -53.01
N GLU L 46 56.36 -50.40 -53.56
CA GLU L 46 57.12 -51.65 -53.56
C GLU L 46 57.47 -52.08 -52.14
N LEU L 47 57.87 -51.14 -51.29
CA LEU L 47 58.21 -51.46 -49.92
C LEU L 47 57.01 -51.97 -49.15
N ARG L 48 55.86 -51.31 -49.30
CA ARG L 48 54.65 -51.75 -48.60
C ARG L 48 54.19 -53.12 -49.10
N TRP L 49 54.28 -53.35 -50.40
CA TRP L 49 53.91 -54.66 -50.94
C TRP L 49 54.82 -55.77 -50.42
N GLU L 50 56.13 -55.50 -50.38
CA GLU L 50 57.04 -56.48 -49.82
C GLU L 50 56.76 -56.70 -48.34
N LEU L 51 56.42 -55.64 -47.62
CA LEU L 51 56.12 -55.77 -46.19
C LEU L 51 54.88 -56.61 -45.95
N THR L 52 53.82 -56.40 -46.74
CA THR L 52 52.62 -57.19 -46.52
C THR L 52 52.82 -58.64 -46.98
N LEU L 53 53.63 -58.86 -48.02
CA LEU L 53 53.99 -60.24 -48.36
C LEU L 53 54.75 -60.91 -47.23
N PHE L 54 55.68 -60.19 -46.60
CA PHE L 54 56.43 -60.73 -45.47
C PHE L 54 55.50 -61.03 -44.31
N ALA L 55 54.54 -60.15 -44.04
CA ALA L 55 53.60 -60.37 -42.95
C ALA L 55 52.73 -61.59 -43.23
N LEU L 56 52.28 -61.76 -44.47
CA LEU L 56 51.54 -62.95 -44.84
C LEU L 56 52.36 -64.21 -44.61
N ASP L 57 53.64 -64.18 -45.01
CA ASP L 57 54.49 -65.34 -44.82
C ASP L 57 54.69 -65.65 -43.33
N VAL L 58 54.90 -64.61 -42.52
CA VAL L 58 55.10 -64.82 -41.09
C VAL L 58 53.85 -65.41 -40.45
N ILE L 59 52.68 -64.89 -40.82
CA ILE L 59 51.44 -65.44 -40.29
C ILE L 59 51.27 -66.90 -40.71
N ARG L 60 51.58 -67.20 -41.98
CA ARG L 60 51.48 -68.57 -42.46
C ARG L 60 52.58 -69.47 -41.90
N SER L 61 53.65 -68.89 -41.39
CA SER L 61 54.79 -69.69 -40.93
C SER L 61 54.40 -70.54 -39.72
N PRO L 62 54.79 -71.81 -39.67
CA PRO L 62 54.51 -72.62 -38.48
C PRO L 62 55.56 -72.50 -37.39
N SER L 63 56.78 -72.11 -37.72
CA SER L 63 57.84 -71.95 -36.75
C SER L 63 57.83 -70.58 -36.07
N ALA L 64 56.91 -69.71 -36.44
CA ALA L 64 56.86 -68.37 -35.88
C ALA L 64 56.35 -68.41 -34.44
N ALA L 65 56.99 -67.62 -33.57
CA ALA L 65 56.49 -67.45 -32.23
C ALA L 65 55.21 -66.62 -32.25
N GLU L 66 54.45 -66.73 -31.16
CA GLU L 66 53.15 -66.05 -31.10
C GLU L 66 53.33 -64.54 -31.17
N SER L 67 54.36 -64.00 -30.51
CA SER L 67 54.59 -62.56 -30.55
C SER L 67 54.88 -62.09 -31.96
N MET L 68 55.66 -62.86 -32.73
CA MET L 68 55.92 -62.51 -34.12
C MET L 68 54.62 -62.53 -34.94
N LYS L 69 53.74 -63.50 -34.66
CA LYS L 69 52.47 -63.56 -35.37
C LYS L 69 51.60 -62.34 -35.05
N ILE L 70 51.59 -61.92 -33.78
CA ILE L 70 50.83 -60.73 -33.42
C ILE L 70 51.43 -59.49 -34.09
N GLY L 71 52.75 -59.41 -34.16
CA GLY L 71 53.38 -58.30 -34.85
C GLY L 71 53.02 -58.27 -36.32
N ALA L 72 53.01 -59.44 -36.97
CA ALA L 72 52.62 -59.50 -38.37
C ALA L 72 51.15 -59.11 -38.55
N ALA L 73 50.29 -59.54 -37.64
CA ALA L 73 48.88 -59.17 -37.73
C ALA L 73 48.69 -57.66 -37.58
N PHE L 74 49.40 -57.05 -36.63
CA PHE L 74 49.32 -55.60 -36.46
C PHE L 74 49.87 -54.87 -37.68
N THR L 75 50.95 -55.40 -38.25
CA THR L 75 51.49 -54.83 -39.48
C THR L 75 50.47 -54.88 -40.61
N LEU L 76 49.78 -56.00 -40.74
CA LEU L 76 48.76 -56.15 -41.78
C LEU L 76 47.61 -55.18 -41.58
N ILE L 77 47.05 -55.14 -40.37
CA ILE L 77 45.83 -54.39 -40.12
C ILE L 77 46.05 -52.91 -40.39
N SER L 78 47.21 -52.38 -40.02
CA SER L 78 47.50 -50.96 -40.15
C SER L 78 48.19 -50.60 -41.45
N MET L 79 48.24 -51.52 -42.41
CA MET L 79 48.97 -51.25 -43.65
C MET L 79 48.28 -50.19 -44.50
N TYR L 80 46.95 -50.10 -44.43
CA TYR L 80 46.21 -49.15 -45.27
C TYR L 80 46.55 -47.71 -44.92
N SER L 81 46.76 -47.43 -43.64
CA SER L 81 47.01 -46.06 -43.21
C SER L 81 48.35 -45.56 -43.72
N GLU L 82 48.41 -44.26 -44.01
CA GLU L 82 49.66 -43.66 -44.48
C GLU L 82 50.71 -43.58 -43.38
N ARG L 83 50.29 -43.56 -42.12
CA ARG L 83 51.20 -43.53 -40.97
C ARG L 83 50.80 -44.67 -40.04
N PRO L 84 51.19 -45.91 -40.36
CA PRO L 84 50.77 -47.04 -39.52
C PRO L 84 51.23 -46.94 -38.07
N GLY L 85 52.42 -46.37 -37.83
CA GLY L 85 52.89 -46.23 -36.46
C GLY L 85 51.99 -45.34 -35.63
N ALA L 86 51.59 -44.19 -36.19
CA ALA L 86 50.69 -43.30 -35.48
C ALA L 86 49.34 -43.95 -35.23
N LEU L 87 48.82 -44.68 -36.22
CA LEU L 87 47.55 -45.37 -36.04
C LEU L 87 47.61 -46.40 -34.93
N ILE L 88 48.69 -47.19 -34.89
CA ILE L 88 48.83 -48.20 -33.85
C ILE L 88 48.99 -47.53 -32.48
N ARG L 89 49.81 -46.49 -32.40
CA ARG L 89 50.08 -45.87 -31.11
C ARG L 89 48.87 -45.12 -30.57
N SER L 90 48.05 -44.56 -31.45
CA SER L 90 46.89 -43.78 -31.03
C SER L 90 45.60 -44.58 -30.96
N LEU L 91 45.66 -45.88 -31.22
CA LEU L 91 44.47 -46.72 -31.16
C LEU L 91 44.79 -48.04 -30.47
N LEU L 92 45.61 -47.99 -29.43
CA LEU L 92 45.98 -49.19 -28.66
C LEU L 92 45.57 -48.98 -27.21
N ASN L 93 44.76 -49.92 -26.70
CA ASN L 93 44.29 -49.88 -25.32
C ASN L 93 44.42 -51.27 -24.70
N ASP L 94 45.57 -51.90 -24.90
CA ASP L 94 45.80 -53.26 -24.41
C ASP L 94 46.76 -53.23 -23.23
N PRO L 95 46.28 -53.40 -21.99
CA PRO L 95 47.19 -53.49 -20.86
C PRO L 95 48.05 -54.75 -20.87
N ASP L 96 47.65 -55.78 -21.61
CA ASP L 96 48.40 -57.04 -21.60
C ASP L 96 49.73 -56.89 -22.33
N ILE L 97 49.81 -56.04 -23.34
CA ILE L 97 50.97 -55.97 -24.22
C ILE L 97 51.50 -54.55 -24.25
N GLU L 98 52.79 -54.45 -24.57
CA GLU L 98 53.42 -53.18 -24.92
C GLU L 98 53.98 -53.30 -26.33
N ALA L 99 53.69 -52.32 -27.17
CA ALA L 99 54.05 -52.36 -28.58
C ALA L 99 55.27 -51.48 -28.81
N VAL L 100 56.31 -52.06 -29.39
CA VAL L 100 57.50 -51.32 -29.79
C VAL L 100 57.45 -51.19 -31.31
N ILE L 101 57.13 -49.99 -31.78
CA ILE L 101 56.96 -49.76 -33.21
C ILE L 101 58.33 -49.68 -33.88
N ILE L 102 58.50 -50.41 -34.96
CA ILE L 102 59.76 -50.48 -35.69
C ILE L 102 59.52 -50.02 -37.11
N ASP L 103 60.11 -48.88 -37.48
CA ASP L 103 60.07 -48.41 -38.86
C ASP L 103 61.00 -49.27 -39.70
N VAL L 104 60.45 -49.86 -40.77
CA VAL L 104 61.20 -50.85 -41.54
C VAL L 104 62.37 -50.19 -42.26
N GLY L 105 62.13 -49.04 -42.89
CA GLY L 105 63.19 -48.33 -43.56
C GLY L 105 63.39 -48.74 -45.01
N SER L 106 64.38 -49.59 -45.26
CA SER L 106 64.60 -50.17 -46.57
C SER L 106 64.02 -51.58 -46.59
N MET L 107 64.22 -52.32 -47.68
CA MET L 107 63.61 -53.65 -47.79
C MET L 107 64.54 -54.59 -48.55
N LEU L 108 65.06 -55.58 -47.83
CA LEU L 108 65.75 -56.71 -48.43
C LEU L 108 64.74 -57.83 -48.66
N ASN L 109 65.24 -59.05 -48.91
CA ASN L 109 64.35 -60.21 -49.00
C ASN L 109 63.53 -60.36 -47.72
N GLY L 110 64.19 -60.26 -46.56
CA GLY L 110 63.49 -60.19 -45.29
C GLY L 110 63.25 -58.74 -44.91
N ILE L 111 63.80 -58.32 -43.78
CA ILE L 111 63.79 -56.91 -43.40
C ILE L 111 65.20 -56.50 -42.98
N PRO L 112 65.73 -55.39 -43.49
CA PRO L 112 67.02 -54.88 -42.98
C PRO L 112 66.81 -54.05 -41.73
N VAL L 113 67.39 -54.49 -40.62
CA VAL L 113 67.29 -53.74 -39.38
C VAL L 113 67.97 -52.40 -39.51
N MET L 114 69.16 -52.37 -40.13
CA MET L 114 69.90 -51.14 -40.40
C MET L 114 70.13 -50.34 -39.12
N GLU L 115 70.66 -51.01 -38.11
CA GLU L 115 70.95 -50.36 -36.83
C GLU L 115 72.13 -51.09 -36.20
N ARG L 116 73.33 -50.52 -36.35
CA ARG L 116 74.56 -51.11 -35.81
C ARG L 116 74.74 -52.55 -36.30
N ARG L 117 74.91 -52.67 -37.61
CA ARG L 117 75.02 -53.99 -38.23
C ARG L 117 76.15 -54.79 -37.60
N GLY L 118 75.84 -56.04 -37.26
CA GLY L 118 76.75 -56.91 -36.54
C GLY L 118 76.50 -56.94 -35.05
N ASP L 119 75.88 -55.88 -34.52
CA ASP L 119 75.59 -55.77 -33.10
C ASP L 119 74.12 -56.14 -32.87
N LYS L 120 73.89 -57.37 -32.43
CA LYS L 120 72.56 -57.85 -32.03
C LYS L 120 71.54 -57.73 -33.15
N ALA L 121 71.98 -57.88 -34.39
CA ALA L 121 71.08 -57.80 -35.53
C ALA L 121 71.19 -59.00 -36.45
N GLN L 122 72.39 -59.56 -36.61
CA GLN L 122 72.57 -60.70 -37.50
C GLN L 122 71.72 -61.88 -37.06
N GLU L 123 71.60 -62.10 -35.74
CA GLU L 123 70.77 -63.19 -35.25
C GLU L 123 69.31 -62.97 -35.64
N GLU L 124 68.83 -61.74 -35.55
CA GLU L 124 67.47 -61.43 -35.98
C GLU L 124 67.30 -61.68 -37.47
N MET L 125 68.30 -61.32 -38.28
CA MET L 125 68.21 -61.55 -39.72
C MET L 125 68.15 -63.04 -40.03
N GLU L 126 68.99 -63.86 -39.39
CA GLU L 126 68.91 -65.30 -39.61
C GLU L 126 67.59 -65.86 -39.11
N GLY L 127 67.06 -65.33 -38.01
CA GLY L 127 65.76 -65.79 -37.55
C GLY L 127 64.66 -65.49 -38.55
N LEU L 128 64.68 -64.30 -39.15
CA LEU L 128 63.68 -63.95 -40.15
C LEU L 128 63.83 -64.80 -41.41
N MET L 129 65.07 -65.07 -41.82
CA MET L 129 65.29 -65.98 -42.95
C MET L 129 64.76 -67.38 -42.65
N ARG L 130 64.97 -67.88 -41.43
CA ARG L 130 64.41 -69.17 -41.05
C ARG L 130 62.89 -69.13 -41.09
N ILE L 131 62.29 -68.02 -40.61
CA ILE L 131 60.84 -67.89 -40.64
C ILE L 131 60.33 -67.97 -42.06
N LEU L 132 60.96 -67.23 -42.97
CA LEU L 132 60.53 -67.23 -44.37
C LEU L 132 60.69 -68.61 -44.99
N LYS L 133 61.83 -69.27 -44.73
CA LYS L 133 62.07 -70.59 -45.32
C LYS L 133 61.06 -71.61 -44.80
N THR L 134 60.78 -71.60 -43.50
CA THR L 134 59.81 -72.53 -42.94
C THR L 134 58.41 -72.24 -43.48
N ALA L 135 58.06 -70.96 -43.62
CA ALA L 135 56.76 -70.62 -44.18
C ALA L 135 56.61 -71.13 -45.61
N ARG L 136 57.65 -70.96 -46.42
CA ARG L 136 57.56 -71.37 -47.82
C ARG L 136 57.59 -72.90 -47.96
N GLU L 137 58.35 -73.58 -47.10
CA GLU L 137 58.45 -75.03 -47.19
C GLU L 137 57.26 -75.74 -46.56
N SER L 138 56.58 -75.10 -45.60
CA SER L 138 55.49 -75.77 -44.88
C SER L 138 54.37 -76.18 -45.81
N SER L 139 53.87 -75.25 -46.61
CA SER L 139 52.86 -75.60 -47.61
C SER L 139 53.51 -76.34 -48.77
N LYS L 140 52.67 -77.00 -49.56
CA LYS L 140 53.14 -77.79 -50.70
C LYS L 140 53.43 -76.87 -51.90
N GLY L 141 54.27 -75.87 -51.64
CA GLY L 141 54.55 -74.86 -52.64
C GLY L 141 53.41 -73.89 -52.89
N LYS L 142 52.38 -73.92 -52.04
CA LYS L 142 51.19 -73.11 -52.26
C LYS L 142 51.38 -71.72 -51.69
N THR L 143 51.19 -70.71 -52.52
CA THR L 143 51.26 -69.33 -52.08
C THR L 143 50.03 -69.00 -51.22
N PRO L 144 50.12 -67.97 -50.37
CA PRO L 144 48.95 -67.58 -49.57
C PRO L 144 47.75 -67.21 -50.43
N PHE L 145 47.96 -66.62 -51.60
CA PHE L 145 46.86 -66.25 -52.48
C PHE L 145 46.36 -67.46 -53.26
N VAL L 146 45.07 -67.42 -53.62
CA VAL L 146 44.49 -68.48 -54.42
C VAL L 146 45.07 -68.49 -55.84
N ASP L 147 45.72 -67.41 -56.24
CA ASP L 147 46.38 -67.33 -57.55
C ASP L 147 47.88 -67.29 -57.33
N SER L 148 48.60 -68.22 -57.96
CA SER L 148 50.04 -68.29 -57.79
C SER L 148 50.75 -67.05 -58.34
N ARG L 149 50.15 -66.39 -59.34
CA ARG L 149 50.74 -65.19 -59.90
C ARG L 149 50.63 -64.00 -58.98
N ALA L 150 49.71 -64.03 -58.01
CA ALA L 150 49.54 -62.91 -57.09
C ALA L 150 50.63 -62.84 -56.04
N TYR L 151 51.42 -63.91 -55.87
CA TYR L 151 52.48 -63.90 -54.88
C TYR L 151 53.75 -63.27 -55.44
N GLY L 152 54.28 -63.84 -56.52
CA GLY L 152 55.45 -63.28 -57.16
C GLY L 152 55.10 -62.16 -58.12
N LEU L 153 54.36 -61.17 -57.63
CA LEU L 153 53.87 -60.06 -58.44
C LEU L 153 54.62 -58.79 -58.05
N ARG L 154 55.11 -58.07 -59.04
CA ARG L 154 55.80 -56.81 -58.83
C ARG L 154 54.79 -55.66 -58.81
N ILE L 155 54.83 -54.85 -57.75
CA ILE L 155 53.93 -53.72 -57.59
C ILE L 155 54.77 -52.46 -57.55
N THR L 156 54.50 -51.52 -58.48
CA THR L 156 55.11 -50.22 -58.46
C THR L 156 54.11 -49.07 -58.53
N ASP L 157 52.85 -49.35 -58.90
CA ASP L 157 51.83 -48.33 -58.97
C ASP L 157 51.10 -48.24 -57.63
N MET L 158 50.80 -47.00 -57.21
CA MET L 158 50.10 -46.80 -55.95
C MET L 158 48.70 -47.40 -55.99
N SER L 159 48.01 -47.29 -57.13
CA SER L 159 46.64 -47.79 -57.23
C SER L 159 46.58 -49.30 -57.05
N THR L 160 47.49 -50.03 -57.69
CA THR L 160 47.51 -51.48 -57.56
C THR L 160 47.82 -51.91 -56.13
N LEU L 161 48.78 -51.23 -55.49
CA LEU L 161 49.09 -51.52 -54.10
C LEU L 161 47.87 -51.28 -53.21
N VAL L 162 47.18 -50.16 -53.44
CA VAL L 162 46.00 -49.84 -52.63
C VAL L 162 44.93 -50.90 -52.81
N SER L 163 44.70 -51.34 -54.06
CA SER L 163 43.68 -52.35 -54.31
C SER L 163 44.03 -53.67 -53.63
N ALA L 164 45.29 -54.11 -53.78
CA ALA L 164 45.69 -55.37 -53.16
C ALA L 164 45.60 -55.29 -51.64
N VAL L 165 46.06 -54.19 -51.06
CA VAL L 165 46.01 -54.03 -49.60
C VAL L 165 44.56 -54.02 -49.13
N ILE L 166 43.68 -53.35 -49.87
CA ILE L 166 42.27 -53.30 -49.50
C ILE L 166 41.67 -54.70 -49.52
N THR L 167 42.00 -55.48 -50.56
CA THR L 167 41.49 -56.84 -50.63
C THR L 167 41.97 -57.69 -49.46
N ILE L 168 43.27 -57.60 -49.13
CA ILE L 168 43.81 -58.39 -48.04
C ILE L 168 43.18 -57.97 -46.72
N GLU L 169 43.03 -56.67 -46.48
CA GLU L 169 42.41 -56.20 -45.26
C GLU L 169 40.96 -56.65 -45.15
N ALA L 170 40.22 -56.58 -46.26
CA ALA L 170 38.83 -57.02 -46.23
C ALA L 170 38.75 -58.51 -45.89
N GLN L 171 39.58 -59.32 -46.55
CA GLN L 171 39.56 -60.76 -46.29
C GLN L 171 39.95 -61.08 -44.85
N ILE L 172 40.86 -60.30 -44.27
CA ILE L 172 41.19 -60.49 -42.86
C ILE L 172 40.02 -60.11 -41.98
N TRP L 173 39.41 -58.95 -42.25
CA TRP L 173 38.32 -58.44 -41.42
C TRP L 173 37.06 -59.28 -41.53
N ILE L 174 36.93 -60.12 -42.56
CA ILE L 174 35.77 -61.01 -42.62
C ILE L 174 35.77 -61.97 -41.45
N LEU L 175 36.95 -62.43 -41.02
CA LEU L 175 37.05 -63.49 -40.03
C LEU L 175 36.58 -63.08 -38.65
N ILE L 176 36.67 -61.79 -38.30
CA ILE L 176 36.39 -61.37 -36.93
C ILE L 176 34.93 -61.63 -36.55
N ALA L 177 34.03 -61.64 -37.53
CA ALA L 177 32.61 -61.81 -37.22
C ALA L 177 32.34 -63.14 -36.51
N LYS L 178 32.95 -64.22 -36.99
CA LYS L 178 32.74 -65.55 -36.43
C LYS L 178 34.08 -66.21 -36.11
N ALA L 179 34.95 -65.48 -35.42
CA ALA L 179 36.24 -66.01 -35.04
C ALA L 179 36.22 -66.66 -33.65
N VAL L 180 35.42 -66.13 -32.74
CA VAL L 180 35.34 -66.66 -31.38
C VAL L 180 34.00 -67.30 -31.08
N THR L 181 32.92 -66.93 -31.78
CA THR L 181 31.63 -67.53 -31.51
C THR L 181 31.59 -68.98 -31.99
N ALA L 182 31.80 -69.20 -33.29
CA ALA L 182 31.84 -70.54 -33.86
C ALA L 182 32.81 -70.55 -35.02
N PRO L 183 34.12 -70.55 -34.72
CA PRO L 183 35.11 -70.54 -35.81
C PRO L 183 35.05 -71.75 -36.71
N ASP L 184 34.70 -72.93 -36.16
CA ASP L 184 34.65 -74.13 -36.98
C ASP L 184 33.52 -74.06 -38.00
N THR L 185 32.36 -73.54 -37.59
CA THR L 185 31.19 -73.44 -38.47
C THR L 185 31.26 -72.26 -39.43
N ALA L 186 32.45 -71.67 -39.60
CA ALA L 186 32.63 -70.54 -40.50
C ALA L 186 32.79 -71.04 -41.94
N GLU L 187 33.27 -70.16 -42.81
CA GLU L 187 33.54 -70.36 -44.24
C GLU L 187 32.26 -70.34 -45.07
N GLU L 188 31.07 -70.26 -44.46
CA GLU L 188 29.83 -70.05 -45.20
C GLU L 188 29.46 -68.58 -45.21
N SER L 189 29.29 -67.98 -44.03
CA SER L 189 29.05 -66.54 -43.95
C SER L 189 30.25 -65.76 -44.46
N GLU L 190 31.46 -66.26 -44.21
CA GLU L 190 32.65 -65.60 -44.72
C GLU L 190 32.66 -65.58 -46.24
N THR L 191 32.34 -66.72 -46.87
CA THR L 191 32.27 -66.78 -48.33
C THR L 191 31.15 -65.88 -48.84
N ARG L 192 30.04 -65.81 -48.12
CA ARG L 192 28.95 -64.92 -48.52
C ARG L 192 29.39 -63.45 -48.49
N ARG L 193 30.11 -63.06 -47.44
CA ARG L 193 30.61 -61.69 -47.36
C ARG L 193 31.60 -61.40 -48.49
N TRP L 194 32.50 -62.36 -48.76
CA TRP L 194 33.45 -62.16 -49.84
C TRP L 194 32.75 -62.02 -51.19
N ALA L 195 31.74 -62.86 -51.43
CA ALA L 195 30.99 -62.75 -52.68
C ALA L 195 30.25 -61.42 -52.78
N LYS L 196 29.69 -60.96 -51.66
CA LYS L 196 29.00 -59.67 -51.66
C LYS L 196 29.96 -58.53 -52.00
N TYR L 197 31.14 -58.54 -51.40
CA TYR L 197 32.09 -57.46 -51.67
C TYR L 197 32.68 -57.57 -53.07
N VAL L 198 32.76 -58.79 -53.62
CA VAL L 198 33.22 -58.94 -55.00
C VAL L 198 32.18 -58.39 -55.97
N GLN L 199 30.90 -58.71 -55.74
CA GLN L 199 29.85 -58.23 -56.62
C GLN L 199 29.73 -56.71 -56.59
N GLN L 200 30.07 -56.09 -55.47
CA GLN L 200 30.09 -54.64 -55.37
C GLN L 200 31.34 -54.03 -55.99
N LYS L 201 32.29 -54.85 -56.43
CA LYS L 201 33.54 -54.42 -57.04
C LYS L 201 34.37 -53.57 -56.09
N ARG L 202 34.14 -53.69 -54.78
CA ARG L 202 34.97 -52.99 -53.81
C ARG L 202 36.34 -53.66 -53.66
N VAL L 203 36.39 -54.98 -53.88
CA VAL L 203 37.62 -55.75 -53.74
C VAL L 203 37.93 -56.42 -55.07
N ASN L 204 39.18 -56.30 -55.50
CA ASN L 204 39.63 -56.98 -56.71
C ASN L 204 39.87 -58.45 -56.39
N PRO L 205 39.16 -59.38 -57.04
CA PRO L 205 39.27 -60.80 -56.66
C PRO L 205 40.59 -61.45 -56.99
N PHE L 206 41.50 -60.75 -57.68
CA PHE L 206 42.79 -61.35 -58.02
C PHE L 206 43.59 -61.65 -56.77
N PHE L 207 43.57 -60.75 -55.78
CA PHE L 207 44.28 -60.95 -54.52
C PHE L 207 43.32 -61.61 -53.53
N ALA L 208 43.11 -62.91 -53.72
CA ALA L 208 42.26 -63.70 -52.84
C ALA L 208 43.12 -64.77 -52.17
N LEU L 209 43.19 -64.72 -50.84
CA LEU L 209 43.99 -65.69 -50.10
C LEU L 209 43.31 -67.04 -50.07
N THR L 210 44.12 -68.09 -50.04
CA THR L 210 43.58 -69.45 -50.00
C THR L 210 42.95 -69.73 -48.64
N GLN L 211 42.17 -70.80 -48.60
CA GLN L 211 41.43 -71.12 -47.37
C GLN L 211 42.34 -71.66 -46.28
N GLN L 212 43.48 -72.25 -46.65
CA GLN L 212 44.44 -72.70 -45.63
C GLN L 212 44.99 -71.51 -44.85
N TRP L 213 45.42 -70.47 -45.57
CA TRP L 213 45.92 -69.27 -44.91
C TRP L 213 44.82 -68.60 -44.09
N LEU L 214 43.60 -68.59 -44.62
CA LEU L 214 42.49 -68.01 -43.87
C LEU L 214 42.22 -68.77 -42.58
N THR L 215 42.29 -70.11 -42.63
CA THR L 215 42.12 -70.90 -41.42
C THR L 215 43.23 -70.62 -40.41
N GLU L 216 44.47 -70.54 -40.89
CA GLU L 216 45.58 -70.23 -39.99
C GLU L 216 45.40 -68.86 -39.33
N MET L 217 45.01 -67.87 -40.13
CA MET L 217 44.82 -66.52 -39.58
C MET L 217 43.66 -66.49 -38.61
N ARG L 218 42.58 -67.21 -38.90
CA ARG L 218 41.45 -67.27 -37.98
C ARG L 218 41.83 -67.94 -36.67
N ASN L 219 42.64 -68.99 -36.74
CA ASN L 219 43.12 -69.63 -35.52
C ASN L 219 43.97 -68.66 -34.71
N LEU L 220 44.87 -67.93 -35.37
CA LEU L 220 45.69 -66.95 -34.67
C LEU L 220 44.82 -65.86 -34.03
N LEU L 221 43.80 -65.40 -34.76
CA LEU L 221 42.94 -64.35 -34.24
C LEU L 221 42.12 -64.83 -33.05
N SER L 222 41.66 -66.09 -33.09
CA SER L 222 40.90 -66.62 -31.97
C SER L 222 41.78 -66.85 -30.75
N GLN L 223 43.01 -67.31 -30.95
CA GLN L 223 43.90 -67.55 -29.83
C GLN L 223 44.26 -66.26 -29.10
N SER L 224 44.49 -65.18 -29.84
CA SER L 224 45.02 -63.95 -29.27
C SER L 224 43.90 -62.96 -28.98
N LEU L 225 44.01 -62.29 -27.83
CA LEU L 225 43.07 -61.25 -27.43
C LEU L 225 43.53 -59.84 -27.79
N SER L 226 44.85 -59.62 -27.88
CA SER L 226 45.36 -58.29 -28.19
C SER L 226 44.95 -57.85 -29.60
N VAL L 227 45.04 -58.76 -30.57
CA VAL L 227 44.64 -58.43 -31.93
C VAL L 227 43.14 -58.11 -31.98
N ARG L 228 42.34 -58.91 -31.28
CA ARG L 228 40.91 -58.66 -31.22
C ARG L 228 40.61 -57.30 -30.61
N LYS L 229 41.33 -56.95 -29.53
CA LYS L 229 41.12 -55.64 -28.90
C LYS L 229 41.50 -54.51 -29.85
N PHE L 230 42.60 -54.67 -30.58
CA PHE L 230 43.02 -53.64 -31.52
C PHE L 230 41.97 -53.43 -32.62
N MET L 231 41.47 -54.54 -33.18
CA MET L 231 40.48 -54.40 -34.25
C MET L 231 39.14 -53.91 -33.73
N VAL L 232 38.79 -54.25 -32.49
CA VAL L 232 37.56 -53.70 -31.92
C VAL L 232 37.71 -52.20 -31.69
N GLU L 233 38.89 -51.75 -31.24
CA GLU L 233 39.12 -50.32 -31.10
C GLU L 233 39.05 -49.62 -32.44
N ILE L 234 39.61 -50.23 -33.49
CA ILE L 234 39.51 -49.66 -34.83
C ILE L 234 38.05 -49.56 -35.25
N LEU L 235 37.26 -50.61 -34.99
CA LEU L 235 35.85 -50.59 -35.33
C LEU L 235 35.11 -49.47 -34.60
N MET L 236 35.37 -49.32 -33.31
CA MET L 236 34.71 -48.26 -32.54
C MET L 236 35.09 -46.88 -33.05
N GLU L 237 36.37 -46.67 -33.36
CA GLU L 237 36.81 -45.37 -33.85
C GLU L 237 36.21 -45.07 -35.22
N VAL L 238 36.15 -46.07 -36.10
CA VAL L 238 35.59 -45.87 -37.43
C VAL L 238 34.08 -45.61 -37.35
N LYS L 239 33.40 -46.28 -36.41
CA LYS L 239 31.96 -46.10 -36.25
C LYS L 239 31.60 -44.65 -35.96
N LYS L 240 32.44 -43.94 -35.20
CA LYS L 240 32.20 -42.54 -34.90
C LYS L 240 32.31 -41.72 -36.18
N GLY L 241 31.19 -41.18 -36.65
CA GLY L 241 31.17 -40.37 -37.84
C GLY L 241 31.68 -38.96 -37.60
N GLY L 242 31.68 -38.17 -38.67
CA GLY L 242 32.10 -36.79 -38.58
C GLY L 242 33.13 -36.40 -39.62
N SER L 243 34.02 -37.33 -39.96
CA SER L 243 35.09 -37.08 -40.92
C SER L 243 34.86 -37.89 -42.18
N ALA L 244 35.60 -37.54 -43.23
CA ALA L 244 35.52 -38.27 -44.48
C ALA L 244 36.09 -39.68 -44.31
N LYS L 245 35.41 -40.64 -44.92
CA LYS L 245 35.79 -42.05 -44.81
C LYS L 245 36.38 -42.52 -46.14
N GLY L 246 37.55 -43.15 -46.07
CA GLY L 246 38.17 -43.73 -47.23
C GLY L 246 37.61 -45.10 -47.55
N ARG L 247 38.12 -45.69 -48.63
CA ARG L 247 37.64 -47.00 -49.04
C ARG L 247 37.90 -48.06 -47.98
N ALA L 248 39.09 -48.04 -47.39
CA ALA L 248 39.40 -48.98 -46.32
C ALA L 248 38.47 -48.78 -45.12
N VAL L 249 38.25 -47.53 -44.73
CA VAL L 249 37.42 -47.25 -43.56
C VAL L 249 35.97 -47.62 -43.85
N GLU L 250 35.49 -47.35 -45.06
CA GLU L 250 34.13 -47.72 -45.42
C GLU L 250 33.94 -49.23 -45.40
N ILE L 251 34.92 -49.97 -45.94
CA ILE L 251 34.84 -51.44 -45.90
C ILE L 251 34.87 -51.93 -44.46
N ILE L 252 35.72 -51.34 -43.63
CA ILE L 252 35.83 -51.76 -42.24
C ILE L 252 34.52 -51.52 -41.51
N SER L 253 33.88 -50.37 -41.74
CA SER L 253 32.62 -50.08 -41.08
C SER L 253 31.51 -50.99 -41.60
N ASP L 254 31.50 -51.29 -42.89
CA ASP L 254 30.50 -52.20 -43.44
C ASP L 254 30.64 -53.59 -42.84
N ILE L 255 31.88 -54.04 -42.63
CA ILE L 255 32.10 -55.33 -41.97
C ILE L 255 31.69 -55.26 -40.51
N GLY L 256 32.04 -54.18 -39.82
CA GLY L 256 31.64 -54.00 -38.44
C GLY L 256 30.14 -53.96 -38.25
N ASN L 257 29.39 -53.61 -39.30
CA ASN L 257 27.94 -53.73 -39.24
C ASN L 257 27.54 -55.17 -38.95
N TYR L 258 28.19 -56.14 -39.59
CA TYR L 258 27.96 -57.54 -39.27
C TYR L 258 28.62 -57.95 -37.97
N VAL L 259 29.74 -57.33 -37.62
CA VAL L 259 30.47 -57.72 -36.42
C VAL L 259 29.69 -57.41 -35.15
N GLU L 260 28.91 -56.32 -35.14
CA GLU L 260 28.27 -55.86 -33.93
C GLU L 260 27.33 -56.92 -33.34
N GLU L 261 27.26 -56.95 -32.01
CA GLU L 261 26.32 -57.80 -31.27
C GLU L 261 26.53 -59.28 -31.56
N THR L 262 27.75 -59.66 -31.94
CA THR L 262 28.03 -61.07 -32.20
C THR L 262 28.12 -61.84 -30.89
N GLY L 263 27.87 -63.14 -30.98
CA GLY L 263 27.98 -64.01 -29.83
C GLY L 263 26.96 -63.79 -28.74
N MET L 264 25.93 -62.97 -28.98
CA MET L 264 24.90 -62.69 -28.00
C MET L 264 23.52 -62.83 -28.64
N ALA L 265 23.38 -63.81 -29.52
CA ALA L 265 22.11 -63.99 -30.21
C ALA L 265 21.00 -64.42 -29.25
N GLY L 266 21.35 -65.14 -28.18
CA GLY L 266 20.33 -65.55 -27.23
C GLY L 266 19.63 -64.37 -26.57
N PHE L 267 20.42 -63.42 -26.07
CA PHE L 267 19.86 -62.28 -25.35
C PHE L 267 19.02 -61.40 -26.28
N PHE L 268 19.57 -61.04 -27.43
CA PHE L 268 18.87 -60.15 -28.34
C PHE L 268 17.66 -60.82 -28.97
N ALA L 269 17.76 -62.12 -29.25
CA ALA L 269 16.60 -62.87 -29.72
C ALA L 269 15.51 -62.89 -28.66
N THR L 270 15.89 -63.14 -27.40
CA THR L 270 14.93 -63.08 -26.31
C THR L 270 14.23 -61.72 -26.29
N ILE L 271 15.02 -60.64 -26.32
CA ILE L 271 14.44 -59.29 -26.34
C ILE L 271 13.43 -59.18 -27.47
N ARG L 272 13.91 -59.33 -28.71
CA ARG L 272 13.12 -59.01 -29.89
C ARG L 272 11.85 -59.85 -29.97
N PHE L 273 11.94 -61.13 -29.66
CA PHE L 273 10.80 -62.01 -29.86
C PHE L 273 9.94 -62.17 -28.60
N GLY L 274 10.54 -62.57 -27.49
CA GLY L 274 9.77 -62.75 -26.27
C GLY L 274 9.23 -61.44 -25.72
N LEU L 275 10.06 -60.40 -25.68
CA LEU L 275 9.63 -59.17 -25.02
C LEU L 275 8.77 -58.33 -25.96
N GLU L 276 9.34 -57.90 -27.08
CA GLU L 276 8.55 -57.25 -28.12
C GLU L 276 7.62 -58.27 -28.77
N THR L 277 6.80 -57.82 -29.70
CA THR L 277 5.73 -58.63 -30.27
C THR L 277 4.86 -59.18 -29.14
N ARG L 278 4.22 -58.26 -28.42
CA ARG L 278 3.53 -58.56 -27.18
C ARG L 278 2.47 -59.64 -27.36
N TYR L 279 2.71 -60.81 -26.76
CA TYR L 279 1.80 -61.94 -26.84
C TYR L 279 1.03 -62.07 -25.54
N PRO L 280 -0.28 -62.30 -25.60
CA PRO L 280 -1.07 -62.47 -24.36
C PRO L 280 -0.60 -63.60 -23.46
N ALA L 281 0.36 -64.42 -23.89
CA ALA L 281 0.91 -65.48 -23.05
C ALA L 281 2.12 -65.03 -22.24
N LEU L 282 2.32 -63.72 -22.08
CA LEU L 282 3.50 -63.23 -21.38
C LEU L 282 3.32 -63.28 -19.86
N ALA L 283 2.32 -62.57 -19.34
CA ALA L 283 2.07 -62.56 -17.91
C ALA L 283 1.45 -63.88 -17.51
N LEU L 284 2.26 -64.79 -16.96
CA LEU L 284 1.78 -66.13 -16.64
C LEU L 284 2.31 -66.65 -15.30
N ASN L 285 2.75 -65.77 -14.40
CA ASN L 285 3.32 -66.10 -13.10
C ASN L 285 4.64 -66.86 -13.20
N GLU L 286 5.16 -67.09 -14.40
CA GLU L 286 6.46 -67.73 -14.56
C GLU L 286 7.45 -66.90 -15.35
N PHE L 287 7.04 -65.73 -15.85
CA PHE L 287 7.92 -64.89 -16.65
C PHE L 287 8.24 -63.55 -16.00
N GLN L 288 7.68 -63.24 -14.83
CA GLN L 288 7.92 -61.93 -14.22
C GLN L 288 9.36 -61.79 -13.75
N SER L 289 9.92 -62.84 -13.16
CA SER L 289 11.33 -62.79 -12.75
C SER L 289 12.23 -62.60 -13.96
N ASP L 290 11.95 -63.32 -15.05
CA ASP L 290 12.75 -63.17 -16.26
C ASP L 290 12.60 -61.77 -16.85
N LEU L 291 11.40 -61.20 -16.79
CA LEU L 291 11.20 -59.84 -17.28
C LEU L 291 12.00 -58.83 -16.46
N ASN L 292 11.99 -58.99 -15.13
CA ASN L 292 12.78 -58.10 -14.29
C ASN L 292 14.28 -58.25 -14.57
N THR L 293 14.74 -59.49 -14.75
CA THR L 293 16.14 -59.71 -15.08
C THR L 293 16.48 -59.08 -16.43
N ILE L 294 15.57 -59.17 -17.39
CA ILE L 294 15.80 -58.59 -18.71
C ILE L 294 15.85 -57.07 -18.62
N LYS L 295 15.00 -56.47 -17.80
CA LYS L 295 15.06 -55.04 -17.58
C LYS L 295 16.39 -54.61 -16.97
N GLY L 296 16.83 -55.35 -15.95
CA GLY L 296 18.14 -55.08 -15.37
C GLY L 296 19.26 -55.24 -16.39
N LEU L 297 19.14 -56.22 -17.27
CA LEU L 297 20.13 -56.43 -18.31
C LEU L 297 20.16 -55.27 -19.31
N MET L 298 18.98 -54.75 -19.66
CA MET L 298 18.95 -53.57 -20.53
C MET L 298 19.61 -52.38 -19.85
N LEU L 299 19.33 -52.17 -18.56
CA LEU L 299 19.97 -51.08 -17.84
C LEU L 299 21.48 -51.25 -17.82
N LEU L 300 21.95 -52.48 -17.57
CA LEU L 300 23.39 -52.75 -17.56
C LEU L 300 24.00 -52.51 -18.94
N TYR L 301 23.30 -52.95 -19.99
CA TYR L 301 23.82 -52.77 -21.35
C TYR L 301 23.94 -51.30 -21.69
N ARG L 302 22.95 -50.49 -21.31
CA ARG L 302 23.06 -49.05 -21.52
C ARG L 302 24.18 -48.45 -20.66
N GLU L 303 24.41 -49.01 -19.48
CA GLU L 303 25.45 -48.49 -18.59
C GLU L 303 26.86 -48.85 -19.05
N ILE L 304 27.03 -49.94 -19.80
CA ILE L 304 28.38 -50.41 -20.13
C ILE L 304 29.12 -49.38 -20.95
N GLY L 305 28.51 -48.90 -22.04
CA GLY L 305 29.13 -47.91 -22.87
C GLY L 305 29.24 -48.34 -24.32
N PRO L 306 30.13 -47.69 -25.08
CA PRO L 306 30.27 -48.02 -26.51
C PRO L 306 30.87 -49.38 -26.79
N ARG L 307 31.44 -50.06 -25.79
CA ARG L 307 32.00 -51.39 -25.97
C ARG L 307 30.97 -52.49 -25.80
N ALA L 308 29.71 -52.14 -25.55
CA ALA L 308 28.69 -53.15 -25.29
C ALA L 308 28.47 -54.11 -26.45
N PRO L 309 28.29 -53.66 -27.70
CA PRO L 309 28.05 -54.64 -28.78
C PRO L 309 29.20 -55.61 -28.98
N TYR L 310 30.44 -55.14 -28.84
CA TYR L 310 31.61 -56.01 -28.95
C TYR L 310 32.04 -56.54 -27.59
N MET L 311 31.11 -57.13 -26.86
CA MET L 311 31.41 -57.63 -25.52
C MET L 311 31.98 -59.04 -25.54
N VAL L 312 31.49 -59.89 -26.44
CA VAL L 312 32.05 -61.24 -26.56
C VAL L 312 33.45 -61.18 -27.13
N LEU L 313 33.71 -60.26 -28.06
CA LEU L 313 35.03 -60.15 -28.67
C LEU L 313 36.09 -59.79 -27.64
N LEU L 314 35.78 -58.84 -26.75
CA LEU L 314 36.70 -58.47 -25.69
C LEU L 314 36.65 -59.41 -24.50
N GLU L 315 35.73 -60.39 -24.50
CA GLU L 315 35.62 -61.39 -23.46
C GLU L 315 35.39 -60.75 -22.08
N GLU L 316 34.54 -59.72 -22.06
CA GLU L 316 34.20 -59.07 -20.81
C GLU L 316 33.48 -60.05 -19.88
N SER L 317 33.77 -59.94 -18.58
CA SER L 317 33.08 -60.76 -17.60
C SER L 317 31.61 -60.42 -17.48
N ILE L 318 31.22 -59.20 -17.86
CA ILE L 318 29.82 -58.81 -17.81
C ILE L 318 28.97 -59.65 -18.75
N GLN L 319 29.58 -60.22 -19.79
CA GLN L 319 28.82 -60.98 -20.79
C GLN L 319 28.15 -62.20 -20.18
N THR L 320 28.78 -62.84 -19.20
CA THR L 320 28.21 -64.04 -18.59
C THR L 320 26.84 -63.75 -17.99
N LYS L 321 26.68 -62.57 -17.37
CA LYS L 321 25.38 -62.20 -16.82
C LYS L 321 24.34 -62.02 -17.93
N PHE L 322 24.77 -61.73 -19.15
CA PHE L 322 23.85 -61.55 -20.26
C PHE L 322 23.41 -62.87 -20.88
N ALA L 323 24.19 -63.93 -20.71
CA ALA L 323 23.89 -65.19 -21.37
C ALA L 323 22.61 -65.82 -20.81
N PRO L 324 21.86 -66.51 -21.65
CA PRO L 324 20.70 -67.26 -21.14
C PRO L 324 21.14 -68.33 -20.15
N GLY L 325 20.34 -68.52 -19.11
CA GLY L 325 20.70 -69.38 -18.01
C GLY L 325 20.28 -68.73 -16.71
N GLY L 326 20.30 -67.39 -16.70
CA GLY L 326 19.65 -66.62 -15.67
C GLY L 326 18.20 -66.32 -15.93
N TYR L 327 17.72 -66.59 -17.14
CA TYR L 327 16.31 -66.43 -17.50
C TYR L 327 15.91 -67.51 -18.50
N PRO L 328 16.08 -68.78 -18.14
CA PRO L 328 15.85 -69.85 -19.13
C PRO L 328 14.43 -69.93 -19.64
N LEU L 329 13.44 -69.57 -18.83
CA LEU L 329 12.04 -69.73 -19.21
C LEU L 329 11.67 -68.78 -20.35
N LEU L 330 11.84 -67.48 -20.14
CA LEU L 330 11.53 -66.51 -21.18
C LEU L 330 12.42 -66.71 -22.39
N TRP L 331 13.68 -67.11 -22.17
CA TRP L 331 14.56 -67.39 -23.30
C TRP L 331 14.02 -68.53 -24.15
N SER L 332 13.56 -69.60 -23.51
CA SER L 332 13.00 -70.72 -24.25
C SER L 332 11.74 -70.31 -24.99
N PHE L 333 10.88 -69.53 -24.35
CA PHE L 333 9.67 -69.04 -25.01
C PHE L 333 10.02 -68.22 -26.24
N ALA L 334 10.99 -67.32 -26.11
CA ALA L 334 11.39 -66.47 -27.23
C ALA L 334 12.04 -67.27 -28.34
N MET L 335 12.84 -68.27 -28.00
CA MET L 335 13.42 -69.11 -29.05
C MET L 335 12.35 -69.91 -29.77
N GLY L 336 11.34 -70.38 -29.05
CA GLY L 336 10.25 -71.08 -29.72
C GLY L 336 9.53 -70.19 -30.71
N VAL L 337 9.15 -68.99 -30.27
CA VAL L 337 8.44 -68.09 -31.17
C VAL L 337 9.34 -67.64 -32.31
N ALA L 338 10.66 -67.56 -32.07
CA ALA L 338 11.59 -67.18 -33.13
C ALA L 338 11.71 -68.27 -34.19
N THR L 339 11.90 -69.52 -33.75
CA THR L 339 11.98 -70.62 -34.70
C THR L 339 10.68 -70.79 -35.47
N THR L 340 9.54 -70.46 -34.85
CA THR L 340 8.29 -70.52 -35.59
C THR L 340 8.14 -69.35 -36.55
N ILE L 341 8.65 -68.17 -36.19
CA ILE L 341 8.43 -66.96 -36.99
C ILE L 341 9.54 -66.76 -38.00
N ASP L 342 10.79 -66.73 -37.53
CA ASP L 342 11.93 -66.42 -38.39
C ASP L 342 12.47 -67.70 -39.00
N ARG L 343 12.41 -67.80 -40.33
CA ARG L 343 12.90 -69.00 -41.01
C ARG L 343 14.41 -69.18 -40.79
N SER L 344 15.17 -68.09 -40.86
CA SER L 344 16.61 -68.19 -40.69
C SER L 344 16.97 -68.68 -39.29
N MET L 345 16.28 -68.19 -38.27
CA MET L 345 16.49 -68.69 -36.92
C MET L 345 15.95 -70.10 -36.82
N GLY L 346 16.79 -71.02 -36.35
CA GLY L 346 16.49 -72.44 -36.41
C GLY L 346 17.75 -73.19 -36.80
N ALA L 347 18.65 -72.49 -37.48
CA ALA L 347 20.02 -72.94 -37.63
C ALA L 347 20.87 -72.62 -36.41
N LEU L 348 20.33 -71.84 -35.47
CA LEU L 348 21.03 -71.56 -34.24
C LEU L 348 21.09 -72.81 -33.37
N ASN L 349 22.21 -72.98 -32.67
CA ASN L 349 22.41 -74.13 -31.80
C ASN L 349 21.93 -73.76 -30.39
N ILE L 350 20.85 -74.39 -29.95
CA ILE L 350 20.25 -74.05 -28.67
C ILE L 350 20.06 -75.31 -27.81
N ASN L 351 20.93 -76.29 -28.00
CA ASN L 351 20.84 -77.54 -27.25
C ASN L 351 21.49 -77.40 -25.87
N ARG L 352 20.95 -76.45 -25.10
CA ARG L 352 21.45 -76.18 -23.76
C ARG L 352 20.81 -77.11 -22.75
N GLY L 353 21.27 -77.01 -21.51
CA GLY L 353 20.77 -77.81 -20.41
C GLY L 353 19.56 -77.26 -19.70
N TYR L 354 19.04 -76.12 -20.13
CA TYR L 354 17.89 -75.48 -19.52
C TYR L 354 16.86 -75.13 -20.58
N LEU L 355 16.59 -76.09 -21.47
CA LEU L 355 15.68 -75.81 -22.59
C LEU L 355 14.24 -75.66 -22.14
N GLU L 356 13.81 -76.45 -21.16
CA GLU L 356 12.43 -76.43 -20.67
C GLU L 356 11.46 -76.61 -21.82
N PRO L 357 11.33 -77.82 -22.37
CA PRO L 357 10.53 -78.00 -23.60
C PRO L 357 9.09 -77.58 -23.47
N MET L 358 8.53 -77.57 -22.26
CA MET L 358 7.14 -77.14 -22.09
C MET L 358 6.96 -75.69 -22.52
N TYR L 359 7.87 -74.81 -22.11
CA TYR L 359 7.76 -73.41 -22.48
C TYR L 359 8.11 -73.19 -23.95
N PHE L 360 8.99 -74.02 -24.51
CA PHE L 360 9.25 -73.97 -25.95
C PHE L 360 7.99 -74.32 -26.73
N ARG L 361 7.28 -75.37 -26.31
CA ARG L 361 6.01 -75.70 -26.94
C ARG L 361 4.99 -74.59 -26.76
N LEU L 362 4.96 -73.98 -25.57
CA LEU L 362 4.03 -72.88 -25.34
C LEU L 362 4.30 -71.72 -26.29
N GLY L 363 5.58 -71.40 -26.51
CA GLY L 363 5.91 -70.37 -27.47
C GLY L 363 5.55 -70.73 -28.90
N GLN L 364 5.80 -71.99 -29.27
CA GLN L 364 5.43 -72.46 -30.60
C GLN L 364 3.93 -72.31 -30.82
N LYS L 365 3.12 -72.68 -29.82
CA LYS L 365 1.68 -72.49 -29.93
C LYS L 365 1.31 -71.01 -29.94
N SER L 366 1.98 -70.20 -29.11
CA SER L 366 1.65 -68.78 -29.04
C SER L 366 1.89 -68.08 -30.37
N ALA L 367 2.88 -68.55 -31.13
CA ALA L 367 3.18 -67.92 -32.42
C ALA L 367 2.01 -68.06 -33.39
N ARG L 368 1.41 -69.24 -33.49
CA ARG L 368 0.42 -69.51 -34.52
C ARG L 368 -0.97 -69.78 -33.98
N HIS L 369 -1.13 -70.76 -33.08
CA HIS L 369 -2.46 -71.22 -32.67
C HIS L 369 -3.09 -70.33 -31.61
N HIS L 370 -2.37 -69.34 -31.08
CA HIS L 370 -2.85 -68.62 -29.91
C HIS L 370 -3.99 -67.68 -30.29
N ALA L 371 -3.71 -66.70 -31.14
CA ALA L 371 -4.71 -65.73 -31.60
C ALA L 371 -4.07 -64.86 -32.67
N GLY L 372 -4.90 -64.02 -33.28
CA GLY L 372 -4.38 -63.06 -34.25
C GLY L 372 -3.46 -62.02 -33.62
N GLY L 373 -3.80 -61.57 -32.41
CA GLY L 373 -2.96 -60.63 -31.70
C GLY L 373 -3.10 -59.19 -32.18
N ILE L 374 -4.28 -58.61 -32.02
CA ILE L 374 -4.49 -57.22 -32.40
C ILE L 374 -4.13 -56.33 -31.22
N ASP L 375 -3.13 -55.48 -31.42
CA ASP L 375 -2.64 -54.59 -30.39
C ASP L 375 -3.48 -53.31 -30.44
N GLN L 376 -3.27 -52.41 -29.49
CA GLN L 376 -4.03 -51.15 -29.44
C GLN L 376 -3.93 -50.40 -30.77
N ASN L 377 -5.09 -50.12 -31.35
CA ASN L 377 -5.19 -49.54 -32.69
C ASN L 377 -5.44 -48.04 -32.59
N MET L 378 -4.47 -47.25 -33.03
CA MET L 378 -4.68 -45.81 -33.12
C MET L 378 -5.80 -45.47 -34.10
N ALA L 379 -5.82 -46.16 -35.24
CA ALA L 379 -6.93 -46.02 -36.17
C ALA L 379 -8.07 -46.92 -35.73
N ASN L 380 -9.27 -46.36 -35.64
CA ASN L 380 -10.43 -47.09 -35.12
C ASN L 380 -11.01 -47.92 -36.26
N LYS L 381 -10.82 -49.24 -36.17
CA LYS L 381 -11.34 -50.17 -37.17
C LYS L 381 -12.48 -50.96 -36.54
N LEU L 382 -13.69 -50.41 -36.67
CA LEU L 382 -14.85 -51.01 -36.03
C LEU L 382 -15.27 -52.31 -36.71
N GLY L 383 -14.98 -52.44 -38.01
CA GLY L 383 -15.34 -53.63 -38.74
C GLY L 383 -14.20 -54.61 -38.90
N LEU L 384 -13.25 -54.57 -37.97
CA LEU L 384 -12.02 -55.35 -38.08
C LEU L 384 -12.15 -56.77 -37.55
N ASN L 385 -13.34 -57.15 -37.06
CA ASN L 385 -13.53 -58.53 -36.62
C ASN L 385 -13.37 -59.50 -37.80
N SER L 386 -13.99 -59.19 -38.93
CA SER L 386 -13.87 -60.04 -40.10
C SER L 386 -12.44 -60.02 -40.65
N ASP L 387 -11.78 -58.86 -40.59
CA ASP L 387 -10.38 -58.79 -41.01
C ASP L 387 -9.50 -59.68 -40.15
N GLN L 388 -9.71 -59.66 -38.83
CA GLN L 388 -8.95 -60.52 -37.93
C GLN L 388 -9.26 -61.99 -38.20
N VAL L 389 -10.52 -62.31 -38.48
CA VAL L 389 -10.87 -63.70 -38.79
C VAL L 389 -10.17 -64.16 -40.06
N ALA L 390 -10.16 -63.31 -41.08
CA ALA L 390 -9.49 -63.66 -42.34
C ALA L 390 -7.99 -63.81 -42.14
N GLU L 391 -7.39 -62.93 -41.34
CA GLU L 391 -5.97 -63.03 -41.05
C GLU L 391 -5.64 -64.33 -40.31
N LEU L 392 -6.49 -64.71 -39.35
CA LEU L 392 -6.28 -65.96 -38.62
C LEU L 392 -6.52 -67.17 -39.51
N ALA L 393 -7.37 -67.03 -40.53
CA ALA L 393 -7.61 -68.14 -41.45
C ALA L 393 -6.34 -68.52 -42.20
N ALA L 394 -5.56 -67.53 -42.62
CA ALA L 394 -4.29 -67.75 -43.31
C ALA L 394 -4.46 -68.61 -44.55
N MET M 1 -6.22 -54.23 18.41
CA MET M 1 -6.96 -53.34 17.53
C MET M 1 -6.14 -52.99 16.29
N SER M 2 -6.38 -51.79 15.75
CA SER M 2 -5.66 -51.36 14.56
C SER M 2 -4.18 -51.17 14.84
N ASP M 3 -3.84 -50.63 16.02
CA ASP M 3 -2.44 -50.36 16.33
C ASP M 3 -1.63 -51.65 16.37
N ILE M 4 -2.17 -52.69 17.00
CA ILE M 4 -1.45 -53.96 17.07
C ILE M 4 -1.43 -54.62 15.69
N PHE M 5 -0.52 -55.58 15.52
CA PHE M 5 -0.11 -56.20 14.27
C PHE M 5 0.70 -55.25 13.40
N ASP M 6 0.87 -53.99 13.81
CA ASP M 6 1.81 -53.05 13.23
C ASP M 6 2.93 -52.73 14.20
N GLU M 7 2.59 -52.56 15.48
CA GLU M 7 3.60 -52.56 16.53
C GLU M 7 4.45 -53.83 16.47
N ALA M 8 3.83 -54.96 16.14
CA ALA M 8 4.59 -56.20 16.00
C ALA M 8 5.58 -56.12 14.85
N ALA M 9 5.16 -55.56 13.71
CA ALA M 9 6.07 -55.42 12.58
C ALA M 9 7.23 -54.50 12.92
N SER M 10 6.94 -53.37 13.57
CA SER M 10 8.01 -52.47 14.00
C SER M 10 8.93 -53.15 15.00
N PHE M 11 8.36 -53.98 15.89
CA PHE M 11 9.16 -54.69 16.87
C PHE M 11 10.11 -55.67 16.19
N ARG M 12 9.63 -56.42 15.20
CA ARG M 12 10.50 -57.34 14.48
C ARG M 12 11.58 -56.59 13.71
N SER M 13 11.21 -55.46 13.09
CA SER M 13 12.19 -54.67 12.35
C SER M 13 13.28 -54.15 13.29
N TYR M 14 12.90 -53.67 14.47
CA TYR M 14 13.87 -53.20 15.44
C TYR M 14 14.71 -54.34 15.99
N GLN M 15 14.10 -55.51 16.19
CA GLN M 15 14.81 -56.66 16.72
C GLN M 15 15.85 -57.18 15.74
N SER M 16 15.58 -57.09 14.44
CA SER M 16 16.56 -57.55 13.45
C SER M 16 17.86 -56.77 13.57
N LYS M 17 17.79 -55.45 13.57
CA LYS M 17 18.96 -54.60 13.80
C LYS M 17 19.00 -54.13 15.25
N LEU M 18 19.16 -55.09 16.16
CA LEU M 18 19.04 -54.82 17.59
C LEU M 18 20.26 -54.09 18.12
N GLY M 19 21.43 -54.73 18.06
CA GLY M 19 22.64 -54.16 18.62
C GLY M 19 23.75 -53.97 17.62
N ARG M 20 23.42 -54.01 16.33
CA ARG M 20 24.41 -53.87 15.26
C ARG M 20 24.62 -52.38 14.93
N ASP M 21 25.08 -51.64 15.94
CA ASP M 21 25.32 -50.22 15.81
C ASP M 21 26.53 -49.83 16.65
N GLY M 22 27.14 -48.71 16.29
CA GLY M 22 28.31 -48.24 17.00
C GLY M 22 29.60 -48.85 16.47
N ARG M 23 30.69 -48.55 17.17
CA ARG M 23 32.01 -49.01 16.82
C ARG M 23 32.60 -49.83 17.95
N ALA M 24 33.22 -50.95 17.61
CA ALA M 24 33.84 -51.82 18.61
C ALA M 24 35.19 -51.27 19.03
N SER M 25 35.72 -51.81 20.12
CA SER M 25 37.01 -51.40 20.65
C SER M 25 38.13 -52.28 20.10
N ALA M 26 39.37 -51.85 20.34
CA ALA M 26 40.54 -52.58 19.93
C ALA M 26 40.95 -53.65 20.94
N ALA M 27 40.24 -53.77 22.06
CA ALA M 27 40.57 -54.80 23.03
C ALA M 27 40.39 -56.20 22.45
N THR M 28 39.35 -56.41 21.66
CA THR M 28 39.08 -57.70 21.03
C THR M 28 39.92 -57.82 19.76
N ALA M 29 41.23 -57.96 19.96
CA ALA M 29 42.19 -58.07 18.88
C ALA M 29 42.74 -59.49 18.84
N THR M 30 42.56 -60.16 17.70
CA THR M 30 43.00 -61.53 17.55
C THR M 30 44.52 -61.60 17.54
N LEU M 31 45.05 -62.70 18.08
CA LEU M 31 46.49 -62.96 18.01
C LEU M 31 46.90 -63.21 16.56
N THR M 32 48.01 -62.62 16.16
CA THR M 32 48.46 -62.65 14.76
C THR M 32 49.58 -63.66 14.58
N THR M 33 49.57 -64.33 13.43
CA THR M 33 50.58 -65.32 13.07
C THR M 33 51.40 -64.79 11.90
N LYS M 34 52.71 -64.95 11.98
CA LYS M 34 53.59 -64.50 10.90
C LYS M 34 53.47 -65.44 9.71
N ILE M 35 53.32 -64.85 8.52
CA ILE M 35 53.19 -65.61 7.28
C ILE M 35 54.27 -65.13 6.31
N ARG M 36 55.14 -66.03 5.90
CA ARG M 36 56.25 -65.70 5.02
C ARG M 36 55.86 -65.94 3.57
N ILE M 37 55.87 -64.86 2.77
CA ILE M 37 55.42 -64.90 1.39
C ILE M 37 56.62 -64.65 0.48
N PHE M 38 56.83 -65.55 -0.49
CA PHE M 38 57.94 -65.45 -1.42
C PHE M 38 57.42 -64.84 -2.72
N VAL M 39 57.72 -63.57 -2.95
CA VAL M 39 57.29 -62.89 -4.17
C VAL M 39 58.48 -62.71 -5.11
N PRO M 40 58.26 -62.73 -6.42
CA PRO M 40 59.39 -62.48 -7.35
C PRO M 40 59.78 -61.02 -7.34
N ALA M 41 61.08 -60.77 -7.19
CA ALA M 41 61.57 -59.39 -7.15
C ALA M 41 61.62 -58.77 -8.54
N THR M 42 61.99 -59.55 -9.55
CA THR M 42 62.18 -59.06 -10.90
C THR M 42 61.07 -59.57 -11.82
N ASN M 43 61.19 -59.23 -13.10
CA ASN M 43 60.22 -59.64 -14.10
C ASN M 43 60.76 -60.69 -15.06
N SER M 44 61.91 -61.28 -14.75
CA SER M 44 62.50 -62.28 -15.63
C SER M 44 61.61 -63.52 -15.67
N PRO M 45 61.23 -63.99 -16.86
CA PRO M 45 60.29 -65.13 -16.92
C PRO M 45 60.83 -66.40 -16.28
N GLU M 46 62.13 -66.66 -16.38
CA GLU M 46 62.68 -67.89 -15.81
C GLU M 46 62.53 -67.91 -14.30
N LEU M 47 62.81 -66.78 -13.64
CA LEU M 47 62.69 -66.71 -12.20
C LEU M 47 61.25 -66.90 -11.74
N ARG M 48 60.31 -66.26 -12.43
CA ARG M 48 58.90 -66.41 -12.07
C ARG M 48 58.42 -67.84 -12.30
N TRP M 49 58.85 -68.47 -13.39
CA TRP M 49 58.47 -69.86 -13.63
C TRP M 49 59.03 -70.79 -12.57
N GLU M 50 60.29 -70.58 -12.18
CA GLU M 50 60.86 -71.38 -11.10
C GLU M 50 60.12 -71.14 -9.79
N LEU M 51 59.73 -69.89 -9.53
CA LEU M 51 59.01 -69.58 -8.31
C LEU M 51 57.66 -70.26 -8.26
N THR M 52 56.91 -70.24 -9.37
CA THR M 52 55.60 -70.88 -9.35
C THR M 52 55.73 -72.40 -9.31
N LEU M 53 56.78 -72.96 -9.92
CA LEU M 53 57.03 -74.40 -9.75
C LEU M 53 57.32 -74.73 -8.29
N PHE M 54 58.13 -73.90 -7.63
CA PHE M 54 58.42 -74.12 -6.22
C PHE M 54 57.17 -74.02 -5.37
N ALA M 55 56.31 -73.04 -5.67
CA ALA M 55 55.07 -72.88 -4.92
C ALA M 55 54.15 -74.09 -5.12
N LEU M 56 54.07 -74.60 -6.35
CA LEU M 56 53.31 -75.81 -6.61
C LEU M 56 53.85 -76.98 -5.79
N ASP M 57 55.18 -77.13 -5.75
CA ASP M 57 55.76 -78.21 -4.97
C ASP M 57 55.46 -78.05 -3.49
N VAL M 58 55.56 -76.83 -2.96
CA VAL M 58 55.31 -76.61 -1.54
C VAL M 58 53.86 -76.93 -1.20
N ILE M 59 52.92 -76.49 -2.05
CA ILE M 59 51.51 -76.80 -1.80
C ILE M 59 51.28 -78.31 -1.85
N ARG M 60 51.89 -78.98 -2.83
CA ARG M 60 51.76 -80.43 -2.92
C ARG M 60 52.49 -81.16 -1.80
N SER M 61 53.46 -80.50 -1.15
CA SER M 61 54.27 -81.18 -0.15
C SER M 61 53.42 -81.60 1.04
N PRO M 62 53.60 -82.81 1.57
CA PRO M 62 52.85 -83.22 2.76
C PRO M 62 53.50 -82.77 4.06
N SER M 63 54.82 -82.59 4.03
CA SER M 63 55.57 -82.18 5.22
C SER M 63 55.56 -80.68 5.44
N ALA M 64 54.92 -79.92 4.56
CA ALA M 64 54.91 -78.47 4.70
C ALA M 64 54.01 -78.03 5.85
N ALA M 65 54.49 -77.06 6.62
CA ALA M 65 53.66 -76.45 7.64
C ALA M 65 52.56 -75.62 6.99
N GLU M 66 51.50 -75.37 7.76
CA GLU M 66 50.36 -74.64 7.22
C GLU M 66 50.74 -73.22 6.80
N SER M 67 51.58 -72.56 7.58
CA SER M 67 52.01 -71.21 7.23
C SER M 67 52.76 -71.20 5.91
N MET M 68 53.62 -72.20 5.68
CA MET M 68 54.31 -72.30 4.41
C MET M 68 53.33 -72.51 3.25
N LYS M 69 52.30 -73.32 3.49
CA LYS M 69 51.29 -73.53 2.45
C LYS M 69 50.54 -72.23 2.13
N ILE M 70 50.21 -71.44 3.16
CA ILE M 70 49.55 -70.16 2.91
C ILE M 70 50.48 -69.23 2.16
N GLY M 71 51.76 -69.22 2.52
CA GLY M 71 52.71 -68.41 1.77
C GLY M 71 52.81 -68.80 0.32
N ALA M 72 52.84 -70.11 0.06
CA ALA M 72 52.87 -70.59 -1.33
C ALA M 72 51.61 -70.21 -2.07
N ALA M 73 50.45 -70.31 -1.41
CA ALA M 73 49.19 -69.92 -2.06
C ALA M 73 49.19 -68.43 -2.39
N PHE M 74 49.66 -67.59 -1.47
CA PHE M 74 49.73 -66.16 -1.73
C PHE M 74 50.71 -65.86 -2.85
N THR M 75 51.83 -66.58 -2.90
CA THR M 75 52.78 -66.42 -3.99
C THR M 75 52.14 -66.78 -5.33
N LEU M 76 51.38 -67.87 -5.37
CA LEU M 76 50.71 -68.27 -6.61
C LEU M 76 49.68 -67.24 -7.04
N ILE M 77 48.81 -66.82 -6.13
CA ILE M 77 47.68 -65.98 -6.50
C ILE M 77 48.16 -64.66 -7.10
N SER M 78 49.19 -64.06 -6.53
CA SER M 78 49.69 -62.77 -6.97
C SER M 78 50.81 -62.87 -8.00
N MET M 79 51.01 -64.06 -8.59
CA MET M 79 52.11 -64.24 -9.53
C MET M 79 51.89 -63.45 -10.82
N TYR M 80 50.63 -63.31 -11.25
CA TYR M 80 50.36 -62.63 -12.51
C TYR M 80 50.76 -61.17 -12.47
N SER M 81 50.63 -60.52 -11.33
CA SER M 81 50.91 -59.09 -11.22
C SER M 81 52.39 -58.81 -11.41
N GLU M 82 52.68 -57.63 -11.98
CA GLU M 82 54.07 -57.22 -12.17
C GLU M 82 54.73 -56.85 -10.85
N ARG M 83 53.96 -56.45 -9.85
CA ARG M 83 54.47 -56.11 -8.51
C ARG M 83 53.68 -56.91 -7.50
N PRO M 84 53.99 -58.20 -7.33
CA PRO M 84 53.21 -59.02 -6.39
C PRO M 84 53.22 -58.50 -4.96
N GLY M 85 54.34 -57.94 -4.51
CA GLY M 85 54.39 -57.42 -3.16
C GLY M 85 53.43 -56.27 -2.95
N ALA M 86 53.38 -55.34 -3.91
CA ALA M 86 52.45 -54.22 -3.81
C ALA M 86 51.01 -54.70 -3.84
N LEU M 87 50.71 -55.68 -4.70
CA LEU M 87 49.35 -56.21 -4.76
C LEU M 87 48.95 -56.85 -3.44
N ILE M 88 49.84 -57.65 -2.84
CA ILE M 88 49.53 -58.29 -1.57
C ILE M 88 49.36 -57.25 -0.47
N ARG M 89 50.26 -56.27 -0.41
CA ARG M 89 50.20 -55.29 0.68
C ARG M 89 49.01 -54.35 0.54
N SER M 90 48.57 -54.08 -0.68
CA SER M 90 47.47 -53.16 -0.92
C SER M 90 46.12 -53.84 -1.04
N LEU M 91 46.06 -55.16 -0.89
CA LEU M 91 44.80 -55.90 -0.98
C LEU M 91 44.72 -56.95 0.12
N LEU M 92 45.18 -56.61 1.33
CA LEU M 92 45.15 -57.51 2.46
C LEU M 92 44.36 -56.86 3.59
N ASN M 93 43.33 -57.55 4.06
CA ASN M 93 42.48 -57.06 5.15
C ASN M 93 42.23 -58.19 6.14
N ASP M 94 43.29 -58.90 6.51
CA ASP M 94 43.18 -60.05 7.41
C ASP M 94 43.72 -59.70 8.78
N PRO M 95 42.87 -59.47 9.78
CA PRO M 95 43.38 -59.28 11.15
C PRO M 95 44.00 -60.52 11.74
N ASP M 96 43.68 -61.71 11.21
CA ASP M 96 44.21 -62.95 11.78
C ASP M 96 45.70 -63.09 11.55
N ILE M 97 46.21 -62.59 10.42
CA ILE M 97 47.58 -62.85 10.00
C ILE M 97 48.31 -61.54 9.75
N GLU M 98 49.63 -61.60 9.84
CA GLU M 98 50.51 -60.54 9.37
C GLU M 98 51.43 -61.12 8.30
N ALA M 99 51.56 -60.40 7.19
CA ALA M 99 52.32 -60.87 6.04
C ALA M 99 53.66 -60.16 5.98
N VAL M 100 54.74 -60.94 5.92
CA VAL M 100 56.08 -60.40 5.74
C VAL M 100 56.50 -60.74 4.31
N ILE M 101 56.50 -59.72 3.45
CA ILE M 101 56.81 -59.93 2.05
C ILE M 101 58.32 -60.11 1.88
N ILE M 102 58.70 -61.15 1.14
CA ILE M 102 60.10 -61.50 0.93
C ILE M 102 60.37 -61.48 -0.58
N ASP M 103 61.15 -60.51 -1.03
CA ASP M 103 61.58 -60.47 -2.42
C ASP M 103 62.59 -61.58 -2.66
N VAL M 104 62.30 -62.44 -3.64
CA VAL M 104 63.10 -63.64 -3.84
C VAL M 104 64.51 -63.27 -4.31
N GLY M 105 64.61 -62.37 -5.29
CA GLY M 105 65.91 -61.93 -5.75
C GLY M 105 66.47 -62.78 -6.87
N SER M 106 67.37 -63.70 -6.54
CA SER M 106 67.90 -64.67 -7.48
C SER M 106 67.18 -66.00 -7.25
N MET M 107 67.62 -67.04 -7.96
CA MET M 107 66.92 -68.33 -7.87
C MET M 107 67.89 -69.48 -7.99
N LEU M 108 68.03 -70.24 -6.91
CA LEU M 108 68.67 -71.56 -6.92
C LEU M 108 67.59 -72.61 -7.12
N ASN M 109 67.92 -73.88 -6.87
CA ASN M 109 66.90 -74.93 -6.90
C ASN M 109 65.76 -74.61 -5.94
N GLY M 110 66.09 -74.20 -4.71
CA GLY M 110 65.11 -73.70 -3.78
C GLY M 110 64.98 -72.20 -3.93
N ILE M 111 65.21 -71.45 -2.84
CA ILE M 111 65.31 -70.01 -2.93
C ILE M 111 66.57 -69.55 -2.20
N PRO M 112 67.38 -68.66 -2.78
CA PRO M 112 68.50 -68.08 -2.04
C PRO M 112 68.03 -66.87 -1.23
N VAL M 113 68.16 -66.97 0.09
CA VAL M 113 67.77 -65.86 0.94
C VAL M 113 68.68 -64.66 0.71
N MET M 114 69.97 -64.91 0.47
CA MET M 114 70.94 -63.87 0.14
C MET M 114 70.95 -62.74 1.17
N GLU M 115 71.06 -63.11 2.45
CA GLU M 115 71.09 -62.13 3.53
C GLU M 115 71.88 -62.74 4.68
N ARG M 116 73.14 -62.31 4.83
CA ARG M 116 74.02 -62.79 5.89
C ARG M 116 74.15 -64.32 5.85
N ARG M 117 74.74 -64.80 4.75
CA ARG M 117 74.89 -66.24 4.55
C ARG M 117 75.64 -66.88 5.71
N GLY M 118 75.11 -67.99 6.20
CA GLY M 118 75.63 -68.67 7.38
C GLY M 118 74.90 -68.29 8.65
N ASP M 119 74.40 -67.05 8.71
CA ASP M 119 73.68 -66.56 9.88
C ASP M 119 72.19 -66.78 9.67
N LYS M 120 71.65 -67.82 10.31
CA LYS M 120 70.22 -68.12 10.29
C LYS M 120 69.68 -68.29 8.88
N ALA M 121 70.48 -68.89 7.99
CA ALA M 121 70.07 -69.09 6.61
C ALA M 121 70.21 -70.55 6.21
N GLN M 122 71.24 -71.21 6.73
CA GLN M 122 71.48 -72.61 6.38
C GLN M 122 70.33 -73.50 6.80
N GLU M 123 69.78 -73.26 8.00
CA GLU M 123 68.65 -74.07 8.47
C GLU M 123 67.44 -73.89 7.58
N GLU M 124 67.17 -72.66 7.14
CA GLU M 124 66.05 -72.41 6.24
C GLU M 124 66.28 -73.11 4.90
N MET M 125 67.52 -73.06 4.40
CA MET M 125 67.81 -73.74 3.14
C MET M 125 67.61 -75.25 3.25
N GLU M 126 68.07 -75.85 4.35
CA GLU M 126 67.84 -77.29 4.55
C GLU M 126 66.36 -77.59 4.68
N GLY M 127 65.61 -76.73 5.36
CA GLY M 127 64.18 -76.93 5.46
C GLY M 127 63.49 -76.90 4.11
N LEU M 128 63.87 -75.94 3.26
CA LEU M 128 63.28 -75.87 1.93
C LEU M 128 63.66 -77.06 1.06
N MET M 129 64.91 -77.52 1.17
CA MET M 129 65.31 -78.73 0.44
C MET M 129 64.53 -79.95 0.93
N ARG M 130 64.31 -80.06 2.24
CA ARG M 130 63.49 -81.14 2.75
C ARG M 130 62.07 -81.05 2.22
N ILE M 131 61.52 -79.83 2.16
CA ILE M 131 60.17 -79.64 1.63
C ILE M 131 60.09 -80.12 0.20
N LEU M 132 61.06 -79.71 -0.62
CA LEU M 132 61.06 -80.11 -2.03
C LEU M 132 61.21 -81.62 -2.18
N LYS M 133 62.11 -82.23 -1.40
CA LYS M 133 62.33 -83.66 -1.49
C LYS M 133 61.08 -84.44 -1.07
N THR M 134 60.43 -84.02 0.01
CA THR M 134 59.21 -84.69 0.45
C THR M 134 58.09 -84.51 -0.58
N ALA M 135 57.99 -83.32 -1.17
CA ALA M 135 56.97 -83.09 -2.19
C ALA M 135 57.19 -83.99 -3.40
N ARG M 136 58.43 -84.14 -3.83
CA ARG M 136 58.70 -84.95 -5.02
C ARG M 136 58.54 -86.45 -4.71
N GLU M 137 58.92 -86.87 -3.51
CA GLU M 137 58.82 -88.28 -3.16
C GLU M 137 57.39 -88.71 -2.82
N SER M 138 56.57 -87.79 -2.32
CA SER M 138 55.24 -88.16 -1.85
C SER M 138 54.39 -88.75 -2.98
N SER M 139 54.32 -88.05 -4.10
CA SER M 139 53.62 -88.60 -5.25
C SER M 139 54.46 -89.72 -5.87
N LYS M 140 53.79 -90.56 -6.66
CA LYS M 140 54.48 -91.68 -7.31
C LYS M 140 55.24 -91.20 -8.53
N GLY M 141 56.14 -90.23 -8.34
CA GLY M 141 56.83 -89.63 -9.46
C GLY M 141 55.97 -88.76 -10.34
N LYS M 142 54.76 -88.43 -9.90
CA LYS M 142 53.81 -87.69 -10.72
C LYS M 142 53.98 -86.20 -10.48
N THR M 143 54.20 -85.45 -11.56
CA THR M 143 54.30 -84.01 -11.48
C THR M 143 52.93 -83.41 -11.20
N PRO M 144 52.89 -82.18 -10.67
CA PRO M 144 51.59 -81.53 -10.45
C PRO M 144 50.77 -81.38 -11.73
N PHE M 145 51.43 -81.14 -12.86
CA PHE M 145 50.72 -81.02 -14.12
C PHE M 145 50.32 -82.39 -14.66
N VAL M 146 49.21 -82.42 -15.39
CA VAL M 146 48.76 -83.67 -16.01
C VAL M 146 49.72 -84.13 -17.10
N ASP M 147 50.59 -83.25 -17.57
CA ASP M 147 51.61 -83.58 -18.56
C ASP M 147 52.97 -83.55 -17.89
N SER M 148 53.69 -84.68 -17.95
CA SER M 148 54.99 -84.75 -17.29
C SER M 148 56.00 -83.80 -17.92
N ARG M 149 55.80 -83.44 -19.19
CA ARG M 149 56.70 -82.51 -19.85
C ARG M 149 56.50 -81.07 -19.38
N ALA M 150 55.32 -80.75 -18.83
CA ALA M 150 55.06 -79.39 -18.38
C ALA M 150 55.80 -79.04 -17.11
N TYR M 151 56.32 -80.04 -16.39
CA TYR M 151 57.04 -79.77 -15.15
C TYR M 151 58.48 -79.36 -15.43
N GLY M 152 59.25 -80.24 -16.06
CA GLY M 152 60.62 -79.92 -16.41
C GLY M 152 60.72 -79.16 -17.71
N LEU M 153 59.96 -78.07 -17.82
CA LEU M 153 59.91 -77.25 -19.02
C LEU M 153 60.67 -75.96 -18.78
N ARG M 154 61.59 -75.63 -19.68
CA ARG M 154 62.34 -74.39 -19.59
C ARG M 154 61.54 -73.26 -20.21
N ILE M 155 61.40 -72.16 -19.47
CA ILE M 155 60.66 -70.99 -19.93
C ILE M 155 61.60 -69.81 -19.98
N THR M 156 61.74 -69.21 -21.16
CA THR M 156 62.47 -67.97 -21.34
C THR M 156 61.68 -66.88 -22.05
N ASP M 157 60.61 -67.22 -22.74
CA ASP M 157 59.77 -66.24 -23.41
C ASP M 157 58.71 -65.71 -22.46
N MET M 158 58.48 -64.40 -22.52
CA MET M 158 57.49 -63.78 -21.63
C MET M 158 56.09 -64.30 -21.92
N SER M 159 55.76 -64.50 -23.20
CA SER M 159 54.42 -64.94 -23.57
C SER M 159 54.11 -66.31 -23.01
N THR M 160 55.06 -67.24 -23.11
CA THR M 160 54.83 -68.59 -22.58
C THR M 160 54.65 -68.57 -21.07
N LEU M 161 55.47 -67.77 -20.37
CA LEU M 161 55.31 -67.64 -18.93
C LEU M 161 53.95 -67.08 -18.58
N VAL M 162 53.52 -66.05 -19.31
CA VAL M 162 52.21 -65.44 -19.04
C VAL M 162 51.10 -66.46 -19.24
N SER M 163 51.17 -67.23 -20.33
CA SER M 163 50.13 -68.22 -20.60
C SER M 163 50.09 -69.28 -19.51
N ALA M 164 51.26 -69.81 -19.13
CA ALA M 164 51.29 -70.84 -18.09
C ALA M 164 50.78 -70.30 -16.76
N VAL M 165 51.20 -69.09 -16.40
CA VAL M 165 50.75 -68.49 -15.14
C VAL M 165 49.25 -68.29 -15.16
N ILE M 166 48.71 -67.82 -16.28
CA ILE M 166 47.27 -67.61 -16.38
C ILE M 166 46.52 -68.92 -16.24
N THR M 167 47.04 -69.99 -16.86
CA THR M 167 46.38 -71.29 -16.74
C THR M 167 46.38 -71.77 -15.30
N ILE M 168 47.53 -71.64 -14.61
CA ILE M 168 47.59 -72.07 -13.21
C ILE M 168 46.66 -71.24 -12.35
N GLU M 169 46.63 -69.93 -12.57
CA GLU M 169 45.73 -69.06 -11.82
C GLU M 169 44.28 -69.46 -12.04
N ALA M 170 43.88 -69.70 -13.28
CA ALA M 170 42.51 -70.09 -13.56
C ALA M 170 42.16 -71.40 -12.87
N GLN M 171 43.04 -72.39 -12.98
CA GLN M 171 42.76 -73.69 -12.38
C GLN M 171 42.69 -73.59 -10.86
N ILE M 172 43.45 -72.69 -10.26
CA ILE M 172 43.32 -72.46 -8.81
C ILE M 172 42.01 -71.77 -8.49
N TRP M 173 41.65 -70.75 -9.28
CA TRP M 173 40.46 -69.95 -9.01
C TRP M 173 39.16 -70.70 -9.30
N ILE M 174 39.20 -71.83 -10.01
CA ILE M 174 37.97 -72.61 -10.17
C ILE M 174 37.50 -73.15 -8.83
N LEU M 175 38.45 -73.51 -7.95
CA LEU M 175 38.11 -74.23 -6.74
C LEU M 175 37.32 -73.39 -5.75
N ILE M 176 37.47 -72.06 -5.79
CA ILE M 176 36.86 -71.21 -4.76
C ILE M 176 35.34 -71.29 -4.82
N ALA M 177 34.77 -71.58 -5.98
CA ALA M 177 33.31 -71.57 -6.12
C ALA M 177 32.67 -72.61 -5.20
N LYS M 178 33.24 -73.82 -5.14
CA LYS M 178 32.70 -74.92 -4.35
C LYS M 178 33.76 -75.49 -3.43
N ALA M 179 34.49 -74.61 -2.73
CA ALA M 179 35.52 -75.05 -1.79
C ALA M 179 34.97 -75.25 -0.40
N VAL M 180 34.03 -74.41 0.04
CA VAL M 180 33.47 -74.50 1.37
C VAL M 180 32.02 -74.97 1.38
N THR M 181 31.27 -74.78 0.29
CA THR M 181 29.89 -75.22 0.25
C THR M 181 29.80 -76.74 0.22
N ALA M 182 30.39 -77.35 -0.81
CA ALA M 182 30.40 -78.81 -0.94
C ALA M 182 31.67 -79.21 -1.68
N PRO M 183 32.82 -79.18 -1.01
CA PRO M 183 34.07 -79.56 -1.68
C PRO M 183 34.09 -80.99 -2.17
N ASP M 184 33.43 -81.91 -1.45
CA ASP M 184 33.43 -83.31 -1.87
C ASP M 184 32.66 -83.49 -3.18
N THR M 185 31.53 -82.81 -3.33
CA THR M 185 30.70 -82.93 -4.52
C THR M 185 31.20 -82.08 -5.68
N ALA M 186 32.46 -81.65 -5.63
CA ALA M 186 33.05 -80.86 -6.70
C ALA M 186 33.58 -81.77 -7.79
N GLU M 187 34.42 -81.23 -8.67
CA GLU M 187 35.09 -81.87 -9.80
C GLU M 187 34.15 -82.07 -10.98
N GLU M 188 32.86 -81.75 -10.86
CA GLU M 188 31.95 -81.72 -12.00
C GLU M 188 31.80 -80.31 -12.54
N SER M 189 31.37 -79.38 -11.67
CA SER M 189 31.30 -77.98 -12.07
C SER M 189 32.69 -77.43 -12.38
N GLU M 190 33.70 -77.88 -11.62
CA GLU M 190 35.06 -77.45 -11.90
C GLU M 190 35.52 -77.90 -13.28
N THR M 191 35.24 -79.16 -13.63
CA THR M 191 35.58 -79.65 -14.96
C THR M 191 34.80 -78.90 -16.03
N ARG M 192 33.55 -78.57 -15.75
CA ARG M 192 32.76 -77.79 -16.71
C ARG M 192 33.36 -76.41 -16.94
N ARG M 193 33.79 -75.74 -15.86
CA ARG M 193 34.44 -74.44 -16.00
C ARG M 193 35.73 -74.55 -16.79
N TRP M 194 36.54 -75.57 -16.50
CA TRP M 194 37.79 -75.75 -17.21
C TRP M 194 37.55 -76.01 -18.69
N ALA M 195 36.55 -76.84 -19.02
CA ALA M 195 36.23 -77.09 -20.41
C ALA M 195 35.74 -75.82 -21.10
N LYS M 196 34.93 -75.02 -20.41
CA LYS M 196 34.47 -73.76 -20.97
C LYS M 196 35.63 -72.83 -21.30
N TYR M 197 36.58 -72.71 -20.37
CA TYR M 197 37.70 -71.81 -20.59
C TYR M 197 38.66 -72.37 -21.64
N VAL M 198 38.74 -73.69 -21.78
CA VAL M 198 39.56 -74.27 -22.84
C VAL M 198 38.93 -74.01 -24.20
N GLN M 199 37.61 -74.17 -24.32
CA GLN M 199 36.94 -73.93 -25.59
C GLN M 199 37.02 -72.46 -26.00
N GLN M 200 37.08 -71.56 -25.02
CA GLN M 200 37.27 -70.14 -25.31
C GLN M 200 38.72 -69.80 -25.64
N LYS M 201 39.63 -70.76 -25.49
CA LYS M 201 41.06 -70.58 -25.75
C LYS M 201 41.67 -69.52 -24.86
N ARG M 202 41.06 -69.23 -23.71
CA ARG M 202 41.65 -68.31 -22.75
C ARG M 202 42.80 -68.96 -22.00
N VAL M 203 42.78 -70.28 -21.87
CA VAL M 203 43.81 -71.02 -21.15
C VAL M 203 44.40 -72.06 -22.09
N ASN M 204 45.72 -72.18 -22.05
CA ASN M 204 46.42 -73.21 -22.81
C ASN M 204 46.34 -74.53 -22.05
N PRO M 205 45.73 -75.57 -22.60
CA PRO M 205 45.51 -76.81 -21.83
C PRO M 205 46.79 -77.58 -21.54
N PHE M 206 47.94 -77.18 -22.08
CA PHE M 206 49.17 -77.89 -21.81
C PHE M 206 49.53 -77.84 -20.34
N PHE M 207 49.35 -76.68 -19.70
CA PHE M 207 49.61 -76.51 -18.27
C PHE M 207 48.33 -76.80 -17.51
N ALA M 208 47.99 -78.09 -17.42
CA ALA M 208 46.82 -78.56 -16.69
C ALA M 208 47.29 -79.40 -15.52
N LEU M 209 46.94 -78.99 -14.31
CA LEU M 209 47.36 -79.71 -13.12
C LEU M 209 46.51 -80.96 -12.93
N THR M 210 47.12 -81.98 -12.32
CA THR M 210 46.42 -83.23 -12.07
C THR M 210 45.37 -83.05 -10.98
N GLN M 211 44.47 -84.02 -10.88
CA GLN M 211 43.38 -83.91 -9.93
C GLN M 211 43.85 -84.12 -8.49
N GLN M 212 44.95 -84.84 -8.29
CA GLN M 212 45.49 -84.98 -6.93
C GLN M 212 45.94 -83.63 -6.39
N TRP M 213 46.68 -82.87 -7.19
CA TRP M 213 47.12 -81.55 -6.76
C TRP M 213 45.92 -80.63 -6.56
N LEU M 214 44.91 -80.73 -7.43
CA LEU M 214 43.72 -79.91 -7.26
C LEU M 214 43.00 -80.24 -5.98
N THR M 215 42.90 -81.52 -5.63
CA THR M 215 42.28 -81.90 -4.36
C THR M 215 43.07 -81.38 -3.17
N GLU M 216 44.40 -81.47 -3.22
CA GLU M 216 45.22 -80.95 -2.14
C GLU M 216 45.03 -79.44 -1.99
N MET M 217 45.02 -78.71 -3.11
CA MET M 217 44.84 -77.27 -3.07
C MET M 217 43.45 -76.91 -2.55
N ARG M 218 42.43 -77.66 -2.95
CA ARG M 218 41.08 -77.39 -2.46
C ARG M 218 40.98 -77.64 -0.97
N ASN M 219 41.63 -78.70 -0.47
CA ASN M 219 41.65 -78.94 0.96
C ASN M 219 42.35 -77.81 1.70
N LEU M 220 43.49 -77.34 1.17
CA LEU M 220 44.19 -76.23 1.79
C LEU M 220 43.32 -74.97 1.80
N LEU M 221 42.64 -74.70 0.70
CA LEU M 221 41.80 -73.51 0.60
C LEU M 221 40.62 -73.58 1.54
N SER M 222 40.04 -74.77 1.72
CA SER M 222 38.92 -74.92 2.63
C SER M 222 39.36 -74.79 4.09
N GLN M 223 40.54 -75.33 4.41
CA GLN M 223 41.03 -75.26 5.79
C GLN M 223 41.31 -73.82 6.21
N SER M 224 41.90 -73.03 5.32
CA SER M 224 42.39 -71.70 5.66
C SER M 224 41.38 -70.62 5.29
N LEU M 225 41.24 -69.64 6.18
CA LEU M 225 40.36 -68.50 5.95
C LEU M 225 41.10 -67.29 5.40
N SER M 226 42.41 -67.16 5.68
CA SER M 226 43.16 -66.01 5.20
C SER M 226 43.25 -66.00 3.68
N VAL M 227 43.51 -67.16 3.07
CA VAL M 227 43.57 -67.25 1.62
C VAL M 227 42.22 -66.89 1.02
N ARG M 228 41.14 -67.42 1.61
CA ARG M 228 39.80 -67.10 1.12
C ARG M 228 39.53 -65.61 1.19
N LYS M 229 39.92 -64.97 2.30
CA LYS M 229 39.73 -63.53 2.43
C LYS M 229 40.53 -62.78 1.38
N PHE M 230 41.76 -63.21 1.11
CA PHE M 230 42.58 -62.53 0.12
C PHE M 230 41.95 -62.62 -1.27
N MET M 231 41.49 -63.81 -1.66
CA MET M 231 40.90 -63.93 -2.99
C MET M 231 39.54 -63.26 -3.07
N VAL M 232 38.80 -63.19 -1.96
CA VAL M 232 37.54 -62.45 -1.97
C VAL M 232 37.82 -60.95 -2.13
N GLU M 233 38.86 -60.45 -1.48
CA GLU M 233 39.24 -59.05 -1.65
C GLU M 233 39.66 -58.78 -3.10
N ILE M 234 40.41 -59.71 -3.69
CA ILE M 234 40.79 -59.58 -5.09
C ILE M 234 39.55 -59.53 -5.98
N LEU M 235 38.58 -60.41 -5.70
CA LEU M 235 37.35 -60.43 -6.48
C LEU M 235 36.59 -59.12 -6.36
N MET M 236 36.47 -58.59 -5.14
CA MET M 236 35.76 -57.33 -4.94
C MET M 236 36.47 -56.18 -5.66
N GLU M 237 37.80 -56.14 -5.57
CA GLU M 237 38.52 -55.06 -6.23
C GLU M 237 38.42 -55.16 -7.75
N VAL M 238 38.50 -56.37 -8.29
CA VAL M 238 38.39 -56.55 -9.74
C VAL M 238 36.98 -56.21 -10.23
N LYS M 239 35.97 -56.55 -9.42
CA LYS M 239 34.59 -56.28 -9.81
C LYS M 239 34.36 -54.80 -10.06
N LYS M 240 35.02 -53.93 -9.30
CA LYS M 240 34.89 -52.49 -9.50
C LYS M 240 35.48 -52.11 -10.85
N GLY M 241 34.62 -51.69 -11.78
CA GLY M 241 35.07 -51.29 -13.10
C GLY M 241 35.69 -49.91 -13.10
N GLY M 242 36.13 -49.51 -14.29
CA GLY M 242 36.69 -48.18 -14.47
C GLY M 242 38.03 -48.18 -15.18
N SER M 243 38.85 -49.20 -14.93
CA SER M 243 40.18 -49.31 -15.51
C SER M 243 40.22 -50.47 -16.51
N ALA M 244 41.29 -50.48 -17.30
CA ALA M 244 41.48 -51.56 -18.26
C ALA M 244 41.79 -52.86 -17.54
N LYS M 245 41.21 -53.95 -18.02
CA LYS M 245 41.35 -55.26 -17.41
C LYS M 245 42.25 -56.14 -18.28
N GLY M 246 43.25 -56.76 -17.65
CA GLY M 246 44.10 -57.70 -18.34
C GLY M 246 43.46 -59.07 -18.43
N ARG M 247 44.16 -59.98 -19.11
CA ARG M 247 43.64 -61.33 -19.31
C ARG M 247 43.41 -62.04 -17.98
N ALA M 248 44.37 -61.93 -17.06
CA ALA M 248 44.20 -62.54 -15.74
C ALA M 248 43.04 -61.92 -15.00
N VAL M 249 42.90 -60.59 -15.05
CA VAL M 249 41.82 -59.93 -14.34
C VAL M 249 40.47 -60.28 -14.96
N GLU M 250 40.42 -60.38 -16.29
CA GLU M 250 39.17 -60.77 -16.95
C GLU M 250 38.78 -62.18 -16.57
N ILE M 251 39.74 -63.11 -16.54
CA ILE M 251 39.44 -64.48 -16.14
C ILE M 251 38.97 -64.52 -14.70
N ILE M 252 39.62 -63.75 -13.82
CA ILE M 252 39.24 -63.73 -12.41
C ILE M 252 37.83 -63.20 -12.24
N SER M 253 37.48 -62.14 -12.97
CA SER M 253 36.12 -61.60 -12.87
C SER M 253 35.09 -62.57 -13.44
N ASP M 254 35.42 -63.24 -14.55
CA ASP M 254 34.50 -64.21 -15.11
C ASP M 254 34.25 -65.36 -14.13
N ILE M 255 35.30 -65.79 -13.42
CA ILE M 255 35.14 -66.82 -12.39
C ILE M 255 34.31 -66.29 -11.23
N GLY M 256 34.59 -65.06 -10.78
CA GLY M 256 33.82 -64.45 -9.72
C GLY M 256 32.36 -64.28 -10.06
N ASN M 257 32.03 -64.22 -11.35
CA ASN M 257 30.62 -64.26 -11.73
C ASN M 257 29.93 -65.52 -11.21
N TYR M 258 30.61 -66.67 -11.31
CA TYR M 258 30.09 -67.89 -10.72
C TYR M 258 30.27 -67.92 -9.21
N VAL M 259 31.31 -67.27 -8.70
CA VAL M 259 31.59 -67.32 -7.27
C VAL M 259 30.52 -66.63 -6.45
N GLU M 260 29.94 -65.55 -6.97
CA GLU M 260 29.03 -64.72 -6.19
C GLU M 260 27.84 -65.51 -5.69
N GLU M 261 27.36 -65.11 -4.51
CA GLU M 261 26.15 -65.67 -3.90
C GLU M 261 26.23 -67.17 -3.68
N THR M 262 27.44 -67.69 -3.52
CA THR M 262 27.62 -69.11 -3.26
C THR M 262 27.19 -69.44 -1.83
N GLY M 263 26.80 -70.69 -1.62
CA GLY M 263 26.43 -71.17 -0.30
C GLY M 263 25.18 -70.56 0.28
N MET M 264 24.40 -69.82 -0.51
CA MET M 264 23.18 -69.19 -0.04
C MET M 264 22.04 -69.47 -1.00
N ALA M 265 22.05 -70.66 -1.60
CA ALA M 265 21.03 -70.99 -2.60
C ALA M 265 19.65 -71.06 -1.98
N GLY M 266 19.56 -71.44 -0.71
CA GLY M 266 18.26 -71.49 -0.06
C GLY M 266 17.57 -70.15 -0.01
N PHE M 267 18.28 -69.12 0.44
CA PHE M 267 17.68 -67.80 0.58
C PHE M 267 17.30 -67.21 -0.76
N PHE M 268 18.21 -67.25 -1.73
CA PHE M 268 17.94 -66.63 -3.02
C PHE M 268 16.89 -67.42 -3.80
N ALA M 269 16.90 -68.75 -3.67
CA ALA M 269 15.85 -69.55 -4.27
C ALA M 269 14.50 -69.21 -3.65
N THR M 270 14.45 -69.06 -2.32
CA THR M 270 13.22 -68.66 -1.66
C THR M 270 12.73 -67.34 -2.23
N ILE M 271 13.61 -66.34 -2.30
CA ILE M 271 13.24 -65.05 -2.88
C ILE M 271 12.65 -65.25 -4.27
N ARG M 272 13.46 -65.77 -5.18
CA ARG M 272 13.11 -65.81 -6.60
C ARG M 272 11.83 -66.58 -6.85
N PHE M 273 11.65 -67.72 -6.18
CA PHE M 273 10.53 -68.59 -6.49
C PHE M 273 9.31 -68.31 -5.61
N GLY M 274 9.48 -68.37 -4.28
CA GLY M 274 8.34 -68.12 -3.41
C GLY M 274 7.88 -66.69 -3.44
N LEU M 275 8.81 -65.73 -3.33
CA LEU M 275 8.39 -64.34 -3.19
C LEU M 275 7.95 -63.76 -4.53
N GLU M 276 8.86 -63.72 -5.50
CA GLU M 276 8.49 -63.38 -6.86
C GLU M 276 7.65 -64.50 -7.45
N THR M 277 7.20 -64.32 -8.69
CA THR M 277 6.26 -65.23 -9.33
C THR M 277 5.03 -65.40 -8.44
N ARG M 278 4.33 -64.29 -8.25
CA ARG M 278 3.24 -64.19 -7.27
C ARG M 278 2.15 -65.22 -7.50
N TYR M 279 2.00 -66.16 -6.57
CA TYR M 279 1.00 -67.20 -6.65
C TYR M 279 -0.15 -66.91 -5.70
N PRO M 280 -1.40 -67.20 -6.09
CA PRO M 280 -2.54 -67.00 -5.19
C PRO M 280 -2.40 -67.69 -3.85
N ALA M 281 -1.49 -68.65 -3.73
CA ALA M 281 -1.28 -69.40 -2.50
C ALA M 281 -0.32 -68.72 -1.55
N LEU M 282 0.17 -67.52 -1.89
CA LEU M 282 1.15 -66.85 -1.04
C LEU M 282 0.49 -66.29 0.21
N ALA M 283 -0.50 -65.41 0.05
CA ALA M 283 -1.21 -64.83 1.19
C ALA M 283 -2.15 -65.90 1.73
N LEU M 284 -1.69 -66.62 2.76
CA LEU M 284 -2.45 -67.75 3.29
C LEU M 284 -2.42 -67.80 4.81
N ASN M 285 -1.95 -66.73 5.47
CA ASN M 285 -1.93 -66.54 6.92
C ASN M 285 -0.95 -67.44 7.65
N GLU M 286 -0.26 -68.34 6.96
CA GLU M 286 0.88 -69.05 7.54
C GLU M 286 2.19 -68.63 6.90
N PHE M 287 2.17 -67.61 6.03
CA PHE M 287 3.36 -67.12 5.38
C PHE M 287 3.70 -65.68 5.72
N GLN M 288 2.83 -64.98 6.47
CA GLN M 288 3.06 -63.55 6.72
C GLN M 288 4.31 -63.32 7.56
N SER M 289 4.53 -64.13 8.58
CA SER M 289 5.74 -64.00 9.39
C SER M 289 6.98 -64.26 8.55
N ASP M 290 6.93 -65.27 7.69
CA ASP M 290 8.07 -65.56 6.82
C ASP M 290 8.31 -64.42 5.84
N LEU M 291 7.24 -63.81 5.33
CA LEU M 291 7.40 -62.67 4.43
C LEU M 291 8.05 -61.48 5.15
N ASN M 292 7.62 -61.21 6.38
CA ASN M 292 8.24 -60.13 7.15
C ASN M 292 9.71 -60.42 7.41
N THR M 293 10.04 -61.66 7.79
CA THR M 293 11.43 -62.03 8.00
C THR M 293 12.23 -61.89 6.71
N ILE M 294 11.64 -62.25 5.57
CA ILE M 294 12.31 -62.12 4.29
C ILE M 294 12.58 -60.66 3.97
N LYS M 295 11.62 -59.78 4.23
CA LYS M 295 11.82 -58.36 4.00
C LYS M 295 12.93 -57.81 4.89
N GLY M 296 12.94 -58.21 6.16
CA GLY M 296 14.02 -57.81 7.04
C GLY M 296 15.37 -58.31 6.57
N LEU M 297 15.40 -59.53 6.01
CA LEU M 297 16.63 -60.08 5.47
C LEU M 297 17.09 -59.30 4.24
N MET M 298 16.14 -58.86 3.40
CA MET M 298 16.49 -58.02 2.27
C MET M 298 17.14 -56.72 2.74
N LEU M 299 16.55 -56.10 3.77
CA LEU M 299 17.11 -54.87 4.30
C LEU M 299 18.50 -55.12 4.88
N LEU M 300 18.68 -56.22 5.60
CA LEU M 300 20.00 -56.55 6.15
C LEU M 300 21.02 -56.79 5.04
N TYR M 301 20.62 -57.50 3.99
CA TYR M 301 21.54 -57.76 2.88
C TYR M 301 21.95 -56.48 2.19
N ARG M 302 21.01 -55.54 2.03
CA ARG M 302 21.37 -54.24 1.47
C ARG M 302 22.30 -53.48 2.42
N GLU M 303 22.09 -53.64 3.74
CA GLU M 303 22.90 -52.93 4.71
C GLU M 303 24.31 -53.49 4.84
N ILE M 304 24.52 -54.77 4.53
CA ILE M 304 25.82 -55.40 4.77
C ILE M 304 26.92 -54.70 3.96
N GLY M 305 26.69 -54.53 2.66
CA GLY M 305 27.65 -53.87 1.82
C GLY M 305 28.14 -54.73 0.68
N PRO M 306 29.30 -54.38 0.13
CA PRO M 306 29.83 -55.14 -1.02
C PRO M 306 30.30 -56.54 -0.67
N ARG M 307 30.44 -56.87 0.61
CA ARG M 307 30.84 -58.21 1.03
C ARG M 307 29.67 -59.16 1.15
N ALA M 308 28.44 -58.71 0.87
CA ALA M 308 27.27 -59.55 1.04
C ALA M 308 27.29 -60.81 0.19
N PRO M 309 27.53 -60.76 -1.13
CA PRO M 309 27.48 -62.00 -1.91
C PRO M 309 28.49 -63.05 -1.45
N TYR M 310 29.68 -62.63 -1.04
CA TYR M 310 30.70 -63.53 -0.53
C TYR M 310 30.62 -63.64 0.99
N MET M 311 29.43 -63.95 1.52
CA MET M 311 29.28 -64.04 2.97
C MET M 311 29.68 -65.42 3.49
N VAL M 312 29.36 -66.48 2.73
CA VAL M 312 29.76 -67.82 3.15
C VAL M 312 31.27 -67.99 3.06
N LEU M 313 31.90 -67.38 2.04
CA LEU M 313 33.34 -67.51 1.88
C LEU M 313 34.08 -66.89 3.06
N LEU M 314 33.65 -65.70 3.50
CA LEU M 314 34.25 -65.07 4.66
C LEU M 314 33.71 -65.62 5.97
N GLU M 315 32.69 -66.49 5.92
CA GLU M 315 32.13 -67.12 7.11
C GLU M 315 31.60 -66.08 8.09
N GLU M 316 30.95 -65.04 7.57
CA GLU M 316 30.37 -64.01 8.41
C GLU M 316 29.28 -64.61 9.30
N SER M 317 29.20 -64.12 10.54
CA SER M 317 28.18 -64.58 11.46
C SER M 317 26.78 -64.16 11.02
N ILE M 318 26.67 -63.10 10.21
CA ILE M 318 25.37 -62.66 9.72
C ILE M 318 24.75 -63.71 8.78
N GLN M 319 25.57 -64.63 8.26
CA GLN M 319 25.06 -65.62 7.31
C GLN M 319 24.04 -66.54 7.94
N THR M 320 24.21 -66.88 9.23
CA THR M 320 23.30 -67.82 9.88
C THR M 320 21.88 -67.29 9.88
N LYS M 321 21.71 -65.99 10.08
CA LYS M 321 20.37 -65.40 10.07
C LYS M 321 19.73 -65.50 8.69
N PHE M 322 20.54 -65.64 7.63
CA PHE M 322 20.01 -65.78 6.28
C PHE M 322 19.59 -67.21 5.95
N ALA M 323 20.12 -68.19 6.65
CA ALA M 323 19.87 -69.59 6.31
C ALA M 323 18.41 -69.96 6.58
N PRO M 324 17.84 -70.85 5.77
CA PRO M 324 16.51 -71.36 6.08
C PRO M 324 16.50 -72.08 7.42
N GLY M 325 15.41 -71.92 8.15
CA GLY M 325 15.31 -72.39 9.52
C GLY M 325 14.61 -71.36 10.36
N GLY M 326 14.78 -70.10 9.98
CA GLY M 326 13.97 -69.02 10.50
C GLY M 326 12.72 -68.74 9.70
N TYR M 327 12.61 -69.34 8.51
CA TYR M 327 11.41 -69.23 7.68
C TYR M 327 11.18 -70.55 6.94
N PRO M 328 11.07 -71.66 7.67
CA PRO M 328 11.01 -72.96 6.99
C PRO M 328 9.79 -73.14 6.09
N LEU M 329 8.67 -72.51 6.41
CA LEU M 329 7.45 -72.73 5.65
C LEU M 329 7.55 -72.14 4.25
N LEU M 330 7.83 -70.84 4.16
CA LEU M 330 7.97 -70.20 2.86
C LEU M 330 9.14 -70.80 2.08
N TRP M 331 10.22 -71.16 2.78
CA TRP M 331 11.34 -71.81 2.11
C TRP M 331 10.93 -73.13 1.49
N SER M 332 10.16 -73.94 2.22
CA SER M 332 9.70 -75.22 1.68
C SER M 332 8.80 -75.00 0.48
N PHE M 333 7.89 -74.03 0.57
CA PHE M 333 7.01 -73.73 -0.56
C PHE M 333 7.82 -73.30 -1.78
N ALA M 334 8.81 -72.45 -1.57
CA ALA M 334 9.63 -71.94 -2.66
C ALA M 334 10.45 -73.04 -3.31
N MET M 335 11.04 -73.93 -2.51
CA MET M 335 11.78 -75.02 -3.14
C MET M 335 10.87 -76.05 -3.79
N GLY M 336 9.64 -76.21 -3.32
CA GLY M 336 8.69 -77.05 -4.05
C GLY M 336 8.40 -76.50 -5.42
N VAL M 337 8.06 -75.21 -5.49
CA VAL M 337 7.76 -74.62 -6.79
C VAL M 337 9.02 -74.58 -7.66
N ALA M 338 10.21 -74.45 -7.05
CA ALA M 338 11.44 -74.45 -7.81
C ALA M 338 11.72 -75.83 -8.41
N THR M 339 11.59 -76.88 -7.60
CA THR M 339 11.81 -78.24 -8.10
C THR M 339 10.81 -78.58 -9.19
N THR M 340 9.58 -78.07 -9.09
CA THR M 340 8.63 -78.31 -10.18
C THR M 340 8.93 -77.48 -11.41
N ILE M 341 9.46 -76.27 -11.24
CA ILE M 341 9.65 -75.36 -12.36
C ILE M 341 11.04 -75.53 -12.99
N ASP M 342 12.08 -75.38 -12.18
CA ASP M 342 13.45 -75.40 -12.68
C ASP M 342 13.97 -76.83 -12.66
N ARG M 343 14.33 -77.34 -13.84
CA ARG M 343 14.83 -78.71 -13.94
C ARG M 343 16.14 -78.87 -13.17
N SER M 344 17.05 -77.90 -13.29
CA SER M 344 18.31 -77.98 -12.58
C SER M 344 18.08 -77.95 -11.07
N MET M 345 17.15 -77.13 -10.61
CA MET M 345 16.76 -77.15 -9.21
C MET M 345 16.13 -78.50 -8.87
N GLY M 346 16.80 -79.26 -8.02
CA GLY M 346 16.40 -80.62 -7.73
C GLY M 346 17.60 -81.50 -7.47
N ALA M 347 18.76 -81.05 -7.96
CA ALA M 347 20.03 -81.63 -7.54
C ALA M 347 20.53 -81.04 -6.23
N LEU M 348 19.85 -80.02 -5.72
CA LEU M 348 20.22 -79.44 -4.44
C LEU M 348 19.84 -80.37 -3.30
N ASN M 349 20.72 -80.51 -2.31
CA ASN M 349 20.48 -81.36 -1.16
C ASN M 349 19.71 -80.55 -0.13
N ILE M 350 18.46 -80.92 0.10
CA ILE M 350 17.58 -80.15 0.99
C ILE M 350 16.98 -81.05 2.06
N ASN M 351 17.70 -82.11 2.44
CA ASN M 351 17.20 -83.06 3.44
C ASN M 351 17.42 -82.49 4.84
N ARG M 352 16.74 -81.37 5.11
CA ARG M 352 16.83 -80.70 6.39
C ARG M 352 15.80 -81.26 7.37
N GLY M 353 15.86 -80.77 8.60
CA GLY M 353 14.94 -81.17 9.65
C GLY M 353 13.68 -80.37 9.75
N TYR M 354 13.46 -79.40 8.86
CA TYR M 354 12.28 -78.55 8.86
C TYR M 354 11.67 -78.49 7.47
N LEU M 355 11.57 -79.66 6.82
CA LEU M 355 11.12 -79.70 5.43
C LEU M 355 9.63 -79.36 5.30
N GLU M 356 8.81 -79.78 6.28
CA GLU M 356 7.37 -79.56 6.26
C GLU M 356 6.77 -80.04 4.94
N PRO M 357 6.64 -81.36 4.74
CA PRO M 357 6.18 -81.86 3.44
C PRO M 357 4.82 -81.36 3.03
N MET M 358 3.98 -80.93 3.97
CA MET M 358 2.68 -80.37 3.62
C MET M 358 2.84 -79.14 2.73
N TYR M 359 3.72 -78.21 3.13
CA TYR M 359 3.90 -77.01 2.34
C TYR M 359 4.69 -77.27 1.07
N PHE M 360 5.57 -78.28 1.09
CA PHE M 360 6.22 -78.70 -0.15
C PHE M 360 5.21 -79.21 -1.17
N ARG M 361 4.26 -80.03 -0.71
CA ARG M 361 3.18 -80.49 -1.58
C ARG M 361 2.33 -79.33 -2.05
N LEU M 362 2.05 -78.38 -1.16
CA LEU M 362 1.26 -77.22 -1.56
C LEU M 362 1.97 -76.43 -2.65
N GLY M 363 3.28 -76.26 -2.55
CA GLY M 363 4.03 -75.58 -3.59
C GLY M 363 4.06 -76.37 -4.89
N GLN M 364 4.22 -77.69 -4.80
CA GLN M 364 4.18 -78.52 -5.99
C GLN M 364 2.86 -78.38 -6.72
N LYS M 365 1.75 -78.38 -5.97
CA LYS M 365 0.45 -78.16 -6.59
C LYS M 365 0.32 -76.75 -7.14
N SER M 366 0.82 -75.75 -6.41
CA SER M 366 0.69 -74.37 -6.84
C SER M 366 1.44 -74.13 -8.15
N ALA M 367 2.51 -74.87 -8.39
CA ALA M 367 3.27 -74.68 -9.62
C ALA M 367 2.45 -75.06 -10.85
N ARG M 368 1.73 -76.18 -10.81
CA ARG M 368 1.06 -76.71 -11.98
C ARG M 368 -0.45 -76.72 -11.89
N HIS M 369 -1.02 -77.35 -10.86
CA HIS M 369 -2.46 -77.56 -10.77
C HIS M 369 -3.22 -76.35 -10.26
N HIS M 370 -2.53 -75.27 -9.91
CA HIS M 370 -3.15 -74.16 -9.21
C HIS M 370 -4.07 -73.37 -10.14
N ALA M 371 -3.50 -72.75 -11.16
CA ALA M 371 -4.21 -71.94 -12.14
C ALA M 371 -3.21 -71.46 -13.17
N GLY M 372 -3.72 -70.82 -14.21
CA GLY M 372 -2.84 -70.16 -15.18
C GLY M 372 -2.08 -69.01 -14.55
N GLY M 373 -2.74 -68.24 -13.69
CA GLY M 373 -2.09 -67.18 -12.96
C GLY M 373 -1.70 -65.99 -13.80
N ILE M 374 -2.68 -65.28 -14.33
CA ILE M 374 -2.44 -64.10 -15.15
C ILE M 374 -2.35 -62.88 -14.24
N ASP M 375 -1.23 -62.17 -14.33
CA ASP M 375 -0.94 -61.05 -13.45
C ASP M 375 -1.57 -59.77 -14.00
N GLN M 376 -1.18 -58.62 -13.44
CA GLN M 376 -1.70 -57.34 -13.89
C GLN M 376 -1.30 -57.08 -15.34
N ASN M 377 -2.29 -56.85 -16.19
CA ASN M 377 -2.08 -56.76 -17.63
C ASN M 377 -2.13 -55.30 -18.07
N MET M 378 -0.97 -54.74 -18.43
CA MET M 378 -0.96 -53.40 -19.01
C MET M 378 -1.66 -53.39 -20.36
N ALA M 379 -1.35 -54.35 -21.21
CA ALA M 379 -2.06 -54.50 -22.48
C ALA M 379 -3.42 -55.13 -22.22
N ASN M 380 -4.45 -54.53 -22.79
CA ASN M 380 -5.83 -54.94 -22.51
C ASN M 380 -6.16 -56.19 -23.31
N LYS M 381 -6.22 -57.33 -22.62
CA LYS M 381 -6.53 -58.61 -23.25
C LYS M 381 -8.02 -58.89 -23.05
N LEU M 382 -8.81 -58.38 -23.99
CA LEU M 382 -10.27 -58.48 -23.87
C LEU M 382 -10.75 -59.93 -23.95
N GLY M 383 -10.25 -60.68 -24.92
CA GLY M 383 -10.71 -62.04 -25.13
C GLY M 383 -9.67 -63.10 -24.81
N LEU M 384 -8.92 -62.91 -23.72
CA LEU M 384 -7.83 -63.79 -23.37
C LEU M 384 -8.25 -64.95 -22.48
N ASN M 385 -9.55 -65.13 -22.24
CA ASN M 385 -10.01 -66.29 -21.48
C ASN M 385 -9.66 -67.59 -22.21
N SER M 386 -9.89 -67.63 -23.52
CA SER M 386 -9.54 -68.82 -24.29
C SER M 386 -8.03 -69.01 -24.35
N ASP M 387 -7.28 -67.90 -24.41
CA ASP M 387 -5.81 -68.01 -24.37
C ASP M 387 -5.34 -68.61 -23.05
N GLN M 388 -5.93 -68.16 -21.94
CA GLN M 388 -5.57 -68.74 -20.64
C GLN M 388 -5.96 -70.20 -20.56
N VAL M 389 -7.12 -70.57 -21.11
CA VAL M 389 -7.54 -71.96 -21.10
C VAL M 389 -6.56 -72.81 -21.90
N ALA M 390 -6.15 -72.34 -23.08
CA ALA M 390 -5.20 -73.08 -23.91
C ALA M 390 -3.85 -73.19 -23.21
N GLU M 391 -3.41 -72.13 -22.54
CA GLU M 391 -2.14 -72.18 -21.81
C GLU M 391 -2.21 -73.18 -20.67
N LEU M 392 -3.35 -73.24 -19.96
CA LEU M 392 -3.51 -74.20 -18.89
C LEU M 392 -3.63 -75.62 -19.42
N ALA M 393 -4.12 -75.77 -20.65
CA ALA M 393 -4.22 -77.10 -21.24
C ALA M 393 -2.84 -77.75 -21.41
N ALA M 394 -1.86 -76.96 -21.84
CA ALA M 394 -0.48 -77.43 -22.00
C ALA M 394 -0.40 -78.65 -22.92
N MET O 1 -18.60 -45.80 29.91
CA MET O 1 -18.92 -45.33 28.56
C MET O 1 -17.70 -45.39 27.64
N SER O 2 -17.62 -44.44 26.71
CA SER O 2 -16.52 -44.42 25.75
C SER O 2 -15.17 -44.22 26.45
N ASP O 3 -15.14 -43.38 27.48
CA ASP O 3 -13.88 -43.14 28.19
C ASP O 3 -13.37 -44.42 28.85
N ILE O 4 -14.28 -45.20 29.44
CA ILE O 4 -13.91 -46.51 29.96
C ILE O 4 -13.48 -47.40 28.79
N PHE O 5 -12.56 -48.33 29.06
CA PHE O 5 -11.86 -49.21 28.14
C PHE O 5 -10.76 -48.48 27.38
N ASP O 6 -10.64 -47.16 27.53
CA ASP O 6 -9.47 -46.40 27.12
C ASP O 6 -8.70 -45.89 28.32
N GLU O 7 -9.42 -45.40 29.34
CA GLU O 7 -8.80 -45.13 30.63
C GLU O 7 -8.13 -46.38 31.19
N ALA O 8 -8.76 -47.54 31.00
CA ALA O 8 -8.17 -48.79 31.47
C ALA O 8 -6.89 -49.11 30.71
N ALA O 9 -6.88 -48.89 29.40
CA ALA O 9 -5.67 -49.13 28.62
C ALA O 9 -4.54 -48.20 29.06
N SER O 10 -4.85 -46.92 29.26
CA SER O 10 -3.84 -45.99 29.75
C SER O 10 -3.37 -46.38 31.14
N PHE O 11 -4.28 -46.88 31.98
CA PHE O 11 -3.92 -47.32 33.33
C PHE O 11 -2.95 -48.48 33.28
N ARG O 12 -3.21 -49.47 32.42
CA ARG O 12 -2.30 -50.61 32.30
C ARG O 12 -0.96 -50.17 31.74
N SER O 13 -0.96 -49.26 30.75
CA SER O 13 0.29 -48.77 30.19
C SER O 13 1.12 -48.05 31.24
N TYR O 14 0.47 -47.23 32.08
CA TYR O 14 1.18 -46.53 33.13
C TYR O 14 1.65 -47.50 34.21
N GLN O 15 0.85 -48.52 34.51
CA GLN O 15 1.20 -49.49 35.53
C GLN O 15 2.40 -50.34 35.12
N SER O 16 2.54 -50.62 33.82
CA SER O 16 3.69 -51.38 33.34
C SER O 16 5.00 -50.67 33.67
N LYS O 17 5.11 -49.41 33.29
CA LYS O 17 6.26 -48.58 33.64
C LYS O 17 5.95 -47.71 34.86
N LEU O 18 5.70 -48.37 35.98
CA LEU O 18 5.20 -47.68 37.17
C LEU O 18 6.30 -46.87 37.85
N GLY O 19 7.34 -47.55 38.32
CA GLY O 19 8.39 -46.87 39.07
C GLY O 19 9.78 -47.06 38.49
N ARG O 20 9.84 -47.51 37.23
CA ARG O 20 11.13 -47.73 36.57
C ARG O 20 11.63 -46.44 35.91
N ASP O 21 11.89 -45.45 36.76
CA ASP O 21 12.34 -44.14 36.31
C ASP O 21 13.28 -43.57 37.35
N GLY O 22 14.11 -42.62 36.92
CA GLY O 22 15.08 -42.00 37.80
C GLY O 22 16.37 -42.79 37.92
N ARG O 23 17.22 -42.33 38.83
CA ARG O 23 18.52 -42.95 39.07
C ARG O 23 18.61 -43.39 40.52
N ALA O 24 19.16 -44.59 40.74
CA ALA O 24 19.32 -45.13 42.07
C ALA O 24 20.54 -44.51 42.76
N SER O 25 20.63 -44.74 44.06
CA SER O 25 21.74 -44.23 44.85
C SER O 25 22.85 -45.27 44.97
N ALA O 26 23.99 -44.84 45.48
CA ALA O 26 25.14 -45.71 45.69
C ALA O 26 25.08 -46.45 47.02
N ALA O 27 24.05 -46.21 47.83
CA ALA O 27 23.93 -46.92 49.11
C ALA O 27 23.76 -48.41 48.89
N THR O 28 22.96 -48.80 47.89
CA THR O 28 22.73 -50.21 47.58
C THR O 28 23.89 -50.73 46.73
N ALA O 29 25.04 -50.86 47.38
CA ALA O 29 26.27 -51.32 46.73
C ALA O 29 26.61 -52.71 47.26
N THR O 30 26.69 -53.68 46.36
CA THR O 30 26.97 -55.06 46.74
C THR O 30 28.40 -55.20 47.25
N LEU O 31 28.58 -56.10 48.20
CA LEU O 31 29.92 -56.43 48.67
C LEU O 31 30.69 -57.15 47.56
N THR O 32 31.94 -56.73 47.36
CA THR O 32 32.75 -57.22 46.25
C THR O 32 33.73 -58.28 46.73
N THR O 33 33.97 -59.27 45.88
CA THR O 33 34.89 -60.36 46.16
C THR O 33 36.07 -60.27 45.21
N LYS O 34 37.28 -60.46 45.74
CA LYS O 34 38.48 -60.39 44.92
C LYS O 34 38.60 -61.64 44.06
N ILE O 35 38.89 -61.45 42.77
CA ILE O 35 39.04 -62.54 41.82
C ILE O 35 40.41 -62.41 41.17
N ARG O 36 41.24 -63.44 41.33
CA ARG O 36 42.60 -63.43 40.82
C ARG O 36 42.63 -64.09 39.44
N ILE O 37 43.02 -63.31 38.43
CA ILE O 37 43.00 -63.75 37.03
C ILE O 37 44.45 -63.85 36.55
N PHE O 38 44.81 -65.00 35.99
CA PHE O 38 46.14 -65.25 35.46
C PHE O 38 46.12 -65.05 33.96
N VAL O 39 46.66 -63.92 33.49
CA VAL O 39 46.69 -63.63 32.06
C VAL O 39 48.12 -63.79 31.56
N PRO O 40 48.33 -64.22 30.31
CA PRO O 40 49.69 -64.31 29.77
C PRO O 40 50.26 -62.93 29.52
N ALA O 41 51.50 -62.72 29.99
CA ALA O 41 52.15 -61.42 29.81
C ALA O 41 52.66 -61.24 28.39
N THR O 42 53.20 -62.30 27.79
CA THR O 42 53.84 -62.23 26.49
C THR O 42 53.00 -62.95 25.44
N ASN O 43 53.54 -63.03 24.22
CA ASN O 43 52.87 -63.68 23.11
C ASN O 43 53.53 -65.00 22.73
N SER O 44 54.43 -65.51 23.54
CA SER O 44 55.11 -66.76 23.22
C SER O 44 54.11 -67.92 23.23
N PRO O 45 54.03 -68.70 22.15
CA PRO O 45 53.01 -69.77 22.09
C PRO O 45 53.13 -70.80 23.20
N GLU O 46 54.36 -71.16 23.59
CA GLU O 46 54.54 -72.19 24.61
C GLU O 46 53.95 -71.74 25.95
N LEU O 47 54.18 -70.49 26.32
CA LEU O 47 53.66 -69.97 27.58
C LEU O 47 52.14 -69.94 27.58
N ARG O 48 51.54 -69.50 26.48
CA ARG O 48 50.08 -69.45 26.40
C ARG O 48 49.48 -70.86 26.43
N TRP O 49 50.12 -71.81 25.73
CA TRP O 49 49.62 -73.19 25.76
C TRP O 49 49.71 -73.79 27.15
N GLU O 50 50.83 -73.55 27.85
CA GLU O 50 50.94 -74.05 29.21
C GLU O 50 49.93 -73.38 30.12
N LEU O 51 49.65 -72.09 29.88
CA LEU O 51 48.67 -71.37 30.70
C LEU O 51 47.27 -71.92 30.50
N THR O 52 46.88 -72.20 29.25
CA THR O 52 45.54 -72.73 29.03
C THR O 52 45.43 -74.17 29.52
N LEU O 53 46.53 -74.95 29.46
CA LEU O 53 46.52 -76.26 30.09
C LEU O 53 46.32 -76.15 31.59
N PHE O 54 47.01 -75.19 32.23
CA PHE O 54 46.84 -74.97 33.66
C PHE O 54 45.40 -74.57 33.99
N ALA O 55 44.82 -73.70 33.17
CA ALA O 55 43.44 -73.26 33.41
C ALA O 55 42.47 -74.43 33.27
N LEU O 56 42.68 -75.29 32.27
CA LEU O 56 41.88 -76.49 32.12
C LEU O 56 41.98 -77.37 33.35
N ASP O 57 43.21 -77.57 33.86
CA ASP O 57 43.38 -78.39 35.05
C ASP O 57 42.69 -77.78 36.26
N VAL O 58 42.80 -76.46 36.43
CA VAL O 58 42.19 -75.81 37.58
C VAL O 58 40.68 -75.93 37.52
N ILE O 59 40.09 -75.73 36.35
CA ILE O 59 38.64 -75.89 36.22
C ILE O 59 38.23 -77.32 36.49
N ARG O 60 38.99 -78.29 35.97
CA ARG O 60 38.71 -79.69 36.23
C ARG O 60 38.97 -80.08 37.69
N SER O 61 39.77 -79.31 38.41
CA SER O 61 40.15 -79.66 39.77
C SER O 61 38.92 -79.66 40.69
N PRO O 62 38.76 -80.67 41.55
CA PRO O 62 37.64 -80.66 42.49
C PRO O 62 37.94 -79.87 43.75
N SER O 63 39.21 -79.76 44.11
CA SER O 63 39.61 -79.04 45.30
C SER O 63 39.73 -77.53 45.08
N ALA O 64 39.51 -77.05 43.86
CA ALA O 64 39.66 -75.63 43.57
C ALA O 64 38.53 -74.83 44.22
N ALA O 65 38.90 -73.69 44.80
CA ALA O 65 37.90 -72.76 45.29
C ALA O 65 37.16 -72.12 44.12
N GLU O 66 35.96 -71.61 44.41
CA GLU O 66 35.13 -71.04 43.35
C GLU O 66 35.81 -69.83 42.71
N SER O 67 36.47 -68.99 43.52
CA SER O 67 37.16 -67.83 42.97
C SER O 67 38.26 -68.25 42.02
N MET O 68 39.00 -69.31 42.36
CA MET O 68 40.02 -69.83 41.46
C MET O 68 39.41 -70.33 40.16
N LYS O 69 38.24 -70.98 40.25
CA LYS O 69 37.58 -71.46 39.04
C LYS O 69 37.14 -70.30 38.15
N ILE O 70 36.63 -69.21 38.76
CA ILE O 70 36.25 -68.05 37.98
C ILE O 70 37.48 -67.41 37.33
N GLY O 71 38.59 -67.35 38.08
CA GLY O 71 39.81 -66.84 37.50
C GLY O 71 40.30 -67.66 36.32
N ALA O 72 40.22 -68.99 36.44
CA ALA O 72 40.60 -69.86 35.33
C ALA O 72 39.68 -69.67 34.14
N ALA O 73 38.38 -69.52 34.38
CA ALA O 73 37.44 -69.29 33.28
C ALA O 73 37.74 -67.98 32.57
N PHE O 74 38.01 -66.92 33.33
CA PHE O 74 38.36 -65.64 32.72
C PHE O 74 39.67 -65.74 31.95
N THR O 75 40.64 -66.49 32.49
CA THR O 75 41.89 -66.71 31.78
C THR O 75 41.66 -67.42 30.45
N LEU O 76 40.80 -68.44 30.46
CA LEU O 76 40.50 -69.17 29.23
C LEU O 76 39.81 -68.28 28.21
N ILE O 77 38.76 -67.57 28.62
CA ILE O 77 37.94 -66.84 27.67
C ILE O 77 38.75 -65.79 26.94
N SER O 78 39.68 -65.14 27.63
CA SER O 78 40.46 -64.05 27.05
C SER O 78 41.80 -64.52 26.48
N MET O 79 42.01 -65.82 26.34
CA MET O 79 43.29 -66.31 25.83
C MET O 79 43.52 -65.94 24.38
N TYR O 80 42.46 -65.85 23.58
CA TYR O 80 42.62 -65.57 22.16
C TYR O 80 43.19 -64.18 21.91
N SER O 81 42.82 -63.21 22.74
CA SER O 81 43.26 -61.83 22.52
C SER O 81 44.74 -61.69 22.78
N GLU O 82 45.38 -60.78 22.02
CA GLU O 82 46.80 -60.53 22.19
C GLU O 82 47.10 -59.81 23.50
N ARG O 83 46.14 -59.08 24.06
CA ARG O 83 46.28 -58.39 25.33
C ARG O 83 45.11 -58.79 26.22
N PRO O 84 45.16 -59.98 26.83
CA PRO O 84 44.03 -60.43 27.65
C PRO O 84 43.70 -59.49 28.80
N GLY O 85 44.71 -58.87 29.41
CA GLY O 85 44.44 -57.95 30.51
C GLY O 85 43.62 -56.76 30.07
N ALA O 86 43.97 -56.15 28.93
CA ALA O 86 43.21 -55.03 28.43
C ALA O 86 41.79 -55.43 28.08
N LEU O 87 41.62 -56.61 27.47
CA LEU O 87 40.29 -57.08 27.11
C LEU O 87 39.43 -57.29 28.36
N ILE O 88 40.00 -57.89 29.39
CA ILE O 88 39.24 -58.12 30.62
C ILE O 88 38.90 -56.79 31.29
N ARG O 89 39.87 -55.88 31.38
CA ARG O 89 39.63 -54.63 32.10
C ARG O 89 38.67 -53.72 31.34
N SER O 90 38.66 -53.78 30.02
CA SER O 90 37.81 -52.90 29.21
C SER O 90 36.48 -53.53 28.83
N LEU O 91 36.19 -54.75 29.30
CA LEU O 91 34.93 -55.41 29.00
C LEU O 91 34.37 -56.09 30.24
N LEU O 92 34.51 -55.44 31.39
CA LEU O 92 34.00 -55.96 32.65
C LEU O 92 33.00 -54.96 33.23
N ASN O 93 31.78 -55.43 33.49
CA ASN O 93 30.73 -54.60 34.07
C ASN O 93 30.02 -55.38 35.18
N ASP O 94 30.80 -56.02 36.05
CA ASP O 94 30.25 -56.84 37.12
C ASP O 94 30.44 -56.13 38.46
N PRO O 95 29.39 -55.55 39.05
CA PRO O 95 29.53 -54.94 40.37
C PRO O 95 29.78 -55.96 41.47
N ASP O 96 29.46 -57.24 41.25
CA ASP O 96 29.63 -58.25 42.30
C ASP O 96 31.10 -58.52 42.59
N ILE O 97 31.96 -58.40 41.58
CA ILE O 97 33.35 -58.84 41.69
C ILE O 97 34.28 -57.69 41.33
N GLU O 98 35.49 -57.77 41.86
CA GLU O 98 36.61 -56.95 41.42
C GLU O 98 37.71 -57.86 40.91
N ALA O 99 38.25 -57.52 39.74
CA ALA O 99 39.25 -58.34 39.08
C ALA O 99 40.64 -57.75 39.28
N VAL O 100 41.55 -58.54 39.81
CA VAL O 100 42.94 -58.17 39.95
C VAL O 100 43.73 -58.94 38.90
N ILE O 101 44.12 -58.24 37.83
CA ILE O 101 44.81 -58.88 36.72
C ILE O 101 46.24 -59.17 37.11
N ILE O 102 46.69 -60.39 36.83
CA ILE O 102 48.04 -60.83 37.18
C ILE O 102 48.73 -61.27 35.89
N ASP O 103 49.79 -60.56 35.51
CA ASP O 103 50.61 -60.96 34.39
C ASP O 103 51.49 -62.12 34.81
N VAL O 104 51.40 -63.24 34.07
CA VAL O 104 52.08 -64.46 34.50
C VAL O 104 53.60 -64.31 34.39
N GLY O 105 54.09 -63.74 33.29
CA GLY O 105 55.51 -63.54 33.13
C GLY O 105 56.21 -64.72 32.50
N SER O 106 56.85 -65.55 33.31
CA SER O 106 57.41 -66.81 32.86
C SER O 106 56.50 -67.93 33.36
N MET O 107 56.87 -69.19 33.10
CA MET O 107 56.01 -70.29 33.53
C MET O 107 56.85 -71.49 33.95
N LEU O 108 56.65 -71.92 35.20
CA LEU O 108 57.11 -73.22 35.68
C LEU O 108 56.00 -74.23 35.42
N ASN O 109 56.08 -75.40 36.05
CA ASN O 109 54.97 -76.36 35.98
C ASN O 109 53.65 -75.71 36.39
N GLY O 110 53.66 -74.96 37.49
CA GLY O 110 52.52 -74.15 37.86
C GLY O 110 52.66 -72.75 37.31
N ILE O 111 52.69 -71.74 38.18
CA ILE O 111 52.98 -70.38 37.77
C ILE O 111 53.97 -69.75 38.73
N PRO O 112 55.04 -69.13 38.25
CA PRO O 112 55.93 -68.38 39.14
C PRO O 112 55.41 -66.96 39.34
N VAL O 113 55.07 -66.63 40.59
CA VAL O 113 54.61 -65.28 40.89
C VAL O 113 55.73 -64.27 40.63
N MET O 114 56.97 -64.65 40.92
CA MET O 114 58.15 -63.83 40.65
C MET O 114 58.00 -62.45 41.28
N GLU O 115 57.75 -62.42 42.58
CA GLU O 115 57.61 -61.16 43.31
C GLU O 115 57.94 -61.44 44.78
N ARG O 116 59.15 -61.05 45.18
CA ARG O 116 59.62 -61.22 46.57
C ARG O 116 59.53 -62.69 46.99
N ARG O 117 60.35 -63.52 46.31
CA ARG O 117 60.33 -64.95 46.56
C ARG O 117 60.62 -65.24 48.02
N GLY O 118 59.80 -66.12 48.61
CA GLY O 118 59.86 -66.44 50.03
C GLY O 118 58.88 -65.63 50.85
N ASP O 119 58.50 -64.46 50.38
CA ASP O 119 57.57 -63.58 51.08
C ASP O 119 56.18 -63.76 50.47
N LYS O 120 55.32 -64.50 51.17
CA LYS O 120 53.92 -64.69 50.78
C LYS O 120 53.78 -65.25 49.37
N ALA O 121 54.71 -66.12 48.97
CA ALA O 121 54.68 -66.70 47.63
C ALA O 121 54.73 -68.22 47.70
N GLN O 122 55.47 -68.74 48.69
CA GLN O 122 55.61 -70.19 48.84
C GLN O 122 54.25 -70.85 49.07
N GLU O 123 53.41 -70.24 49.91
CA GLU O 123 52.11 -70.81 50.19
C GLU O 123 51.25 -70.89 48.93
N GLU O 124 51.28 -69.84 48.11
CA GLU O 124 50.53 -69.85 46.86
C GLU O 124 51.08 -70.90 45.90
N MET O 125 52.40 -71.05 45.84
CA MET O 125 53.00 -72.07 44.98
C MET O 125 52.56 -73.47 45.40
N GLU O 126 52.61 -73.75 46.71
CA GLU O 126 52.17 -75.05 47.19
C GLU O 126 50.68 -75.27 46.97
N GLY O 127 49.87 -74.20 47.10
CA GLY O 127 48.46 -74.33 46.80
C GLY O 127 48.20 -74.67 45.35
N LEU O 128 48.93 -74.04 44.44
CA LEU O 128 48.77 -74.36 43.01
C LEU O 128 49.24 -75.78 42.71
N MET O 129 50.33 -76.22 43.34
CA MET O 129 50.76 -77.61 43.17
C MET O 129 49.71 -78.58 43.69
N ARG O 130 49.09 -78.28 44.84
CA ARG O 130 48.01 -79.13 45.33
C ARG O 130 46.84 -79.14 44.35
N ILE O 131 46.51 -77.98 43.78
CA ILE O 131 45.43 -77.89 42.81
C ILE O 131 45.72 -78.80 41.62
N LEU O 132 46.93 -78.72 41.08
CA LEU O 132 47.29 -79.54 39.93
C LEU O 132 47.26 -81.03 40.28
N LYS O 133 47.80 -81.39 41.45
CA LYS O 133 47.83 -82.80 41.84
C LYS O 133 46.43 -83.35 42.03
N THR O 134 45.56 -82.59 42.69
CA THR O 134 44.18 -83.04 42.88
C THR O 134 43.44 -83.13 41.55
N ALA O 135 43.68 -82.18 40.64
CA ALA O 135 43.04 -82.24 39.34
C ALA O 135 43.47 -83.48 38.56
N ARG O 136 44.76 -83.81 38.61
CA ARG O 136 45.25 -84.95 37.85
C ARG O 136 44.81 -86.27 38.48
N GLU O 137 44.76 -86.32 39.82
CA GLU O 137 44.37 -87.55 40.50
C GLU O 137 42.87 -87.79 40.47
N SER O 138 42.06 -86.73 40.42
CA SER O 138 40.61 -86.89 40.51
C SER O 138 40.07 -87.71 39.36
N SER O 139 40.45 -87.37 38.12
CA SER O 139 40.07 -88.18 36.98
C SER O 139 40.88 -89.48 36.99
N LYS O 140 40.34 -90.49 36.32
CA LYS O 140 40.99 -91.80 36.27
C LYS O 140 42.14 -91.78 35.26
N GLY O 141 43.07 -90.85 35.43
CA GLY O 141 44.14 -90.68 34.46
C GLY O 141 43.72 -90.07 33.15
N LYS O 142 42.49 -89.56 33.07
CA LYS O 142 41.94 -89.05 31.83
C LYS O 142 42.24 -87.56 31.68
N THR O 143 42.88 -87.20 30.57
CA THR O 143 43.14 -85.80 30.27
C THR O 143 41.85 -85.09 29.90
N PRO O 144 41.80 -83.76 30.03
CA PRO O 144 40.59 -83.03 29.63
C PRO O 144 40.22 -83.25 28.17
N PHE O 145 41.20 -83.38 27.28
CA PHE O 145 40.92 -83.63 25.89
C PHE O 145 40.53 -85.08 25.65
N VAL O 146 39.68 -85.29 24.64
CA VAL O 146 39.28 -86.64 24.28
C VAL O 146 40.43 -87.45 23.72
N ASP O 147 41.51 -86.78 23.31
CA ASP O 147 42.73 -87.44 22.82
C ASP O 147 43.82 -87.26 23.86
N SER O 148 44.37 -88.38 24.34
CA SER O 148 45.39 -88.32 25.38
C SER O 148 46.65 -87.64 24.88
N ARG O 149 46.92 -87.66 23.58
CA ARG O 149 48.09 -87.01 23.04
C ARG O 149 47.95 -85.49 23.00
N ALA O 150 46.72 -84.97 23.02
CA ALA O 150 46.51 -83.53 22.99
C ALA O 150 46.90 -82.85 24.29
N TYR O 151 47.04 -83.61 25.38
CA TYR O 151 47.40 -83.02 26.66
C TYR O 151 48.90 -82.76 26.76
N GLY O 152 49.69 -83.82 26.68
CA GLY O 152 51.14 -83.68 26.73
C GLY O 152 51.73 -83.36 25.37
N LEU O 153 51.24 -82.27 24.76
CA LEU O 153 51.67 -81.86 23.44
C LEU O 153 52.44 -80.55 23.53
N ARG O 154 53.64 -80.53 22.97
CA ARG O 154 54.43 -79.31 22.94
C ARG O 154 53.97 -78.42 21.79
N ILE O 155 53.81 -77.14 22.07
CA ILE O 155 53.39 -76.16 21.08
C ILE O 155 54.45 -75.07 21.00
N THR O 156 55.04 -74.90 19.83
CA THR O 156 55.97 -73.81 19.56
C THR O 156 55.57 -72.97 18.37
N ASP O 157 54.77 -73.49 17.45
CA ASP O 157 54.30 -72.74 16.30
C ASP O 157 53.09 -71.91 16.70
N MET O 158 53.05 -70.66 16.23
CA MET O 158 51.94 -69.78 16.57
C MET O 158 50.63 -70.29 15.98
N SER O 159 50.68 -70.85 14.77
CA SER O 159 49.47 -71.31 14.12
C SER O 159 48.82 -72.45 14.91
N THR O 160 49.61 -73.40 15.39
CA THR O 160 49.06 -74.51 16.16
C THR O 160 48.46 -74.02 17.48
N LEU O 161 49.14 -73.08 18.14
CA LEU O 161 48.59 -72.50 19.36
C LEU O 161 47.26 -71.81 19.09
N VAL O 162 47.19 -71.04 18.00
CA VAL O 162 45.96 -70.35 17.66
C VAL O 162 44.84 -71.34 17.39
N SER O 163 45.13 -72.40 16.64
CA SER O 163 44.10 -73.39 16.33
C SER O 163 43.59 -74.06 17.60
N ALA O 164 44.50 -74.50 18.47
CA ALA O 164 44.09 -75.16 19.71
C ALA O 164 43.28 -74.22 20.59
N VAL O 165 43.73 -72.97 20.71
CA VAL O 165 43.03 -72.00 21.56
C VAL O 165 41.63 -71.75 21.00
N ILE O 166 41.51 -71.60 19.69
CA ILE O 166 40.20 -71.35 19.09
C ILE O 166 39.28 -72.53 19.32
N THR O 167 39.80 -73.75 19.20
CA THR O 167 38.98 -74.93 19.45
C THR O 167 38.49 -74.95 20.90
N ILE O 168 39.37 -74.67 21.85
CA ILE O 168 38.97 -74.67 23.25
C ILE O 168 37.93 -73.59 23.52
N GLU O 169 38.14 -72.39 22.97
CA GLU O 169 37.19 -71.31 23.16
C GLU O 169 35.83 -71.67 22.57
N ALA O 170 35.82 -72.25 21.37
CA ALA O 170 34.55 -72.63 20.75
C ALA O 170 33.83 -73.65 21.61
N GLN O 171 34.55 -74.69 22.06
CA GLN O 171 33.91 -75.73 22.86
C GLN O 171 33.38 -75.19 24.18
N ILE O 172 34.06 -74.20 24.76
CA ILE O 172 33.52 -73.57 25.96
C ILE O 172 32.28 -72.75 25.62
N TRP O 173 32.33 -72.01 24.51
CA TRP O 173 31.24 -71.11 24.14
C TRP O 173 29.99 -71.83 23.66
N ILE O 174 30.06 -73.11 23.30
CA ILE O 174 28.83 -73.82 22.95
C ILE O 174 27.90 -73.90 24.15
N LEU O 175 28.48 -74.03 25.35
CA LEU O 175 27.68 -74.35 26.53
C LEU O 175 26.81 -73.20 27.00
N ILE O 176 27.14 -71.95 26.66
CA ILE O 176 26.40 -70.81 27.18
C ILE O 176 24.95 -70.82 26.68
N ALA O 177 24.71 -71.40 25.50
CA ALA O 177 23.37 -71.36 24.93
C ALA O 177 22.36 -72.06 25.83
N LYS O 178 22.72 -73.21 26.37
CA LYS O 178 21.84 -74.01 27.22
C LYS O 178 22.51 -74.35 28.54
N ALA O 179 23.10 -73.34 29.18
CA ALA O 179 23.74 -73.53 30.47
C ALA O 179 22.79 -73.28 31.63
N VAL O 180 21.90 -72.29 31.49
CA VAL O 180 20.97 -71.95 32.55
C VAL O 180 19.54 -72.33 32.24
N THR O 181 19.18 -72.51 30.96
CA THR O 181 17.81 -72.90 30.63
C THR O 181 17.56 -74.35 30.99
N ALA O 182 18.32 -75.27 30.41
CA ALA O 182 18.19 -76.69 30.71
C ALA O 182 19.55 -77.34 30.57
N PRO O 183 20.45 -77.15 31.54
CA PRO O 183 21.80 -77.72 31.43
C PRO O 183 21.82 -79.24 31.35
N ASP O 184 20.89 -79.93 32.03
CA ASP O 184 20.93 -81.39 32.03
C ASP O 184 20.44 -81.98 30.72
N THR O 185 19.57 -81.27 30.01
CA THR O 185 19.04 -81.73 28.73
C THR O 185 19.94 -81.36 27.55
N ALA O 186 21.13 -80.83 27.83
CA ALA O 186 22.08 -80.44 26.80
C ALA O 186 22.82 -81.67 26.28
N GLU O 187 23.92 -81.44 25.57
CA GLU O 187 24.80 -82.41 24.92
C GLU O 187 24.20 -82.92 23.60
N GLU O 188 22.98 -82.53 23.23
CA GLU O 188 22.46 -82.79 21.91
C GLU O 188 22.68 -81.60 20.99
N SER O 189 22.15 -80.43 21.37
CA SER O 189 22.40 -79.22 20.60
C SER O 189 23.87 -78.85 20.63
N GLU O 190 24.54 -79.07 21.76
CA GLU O 190 25.97 -78.81 21.85
C GLU O 190 26.75 -79.68 20.88
N THR O 191 26.42 -80.97 20.83
CA THR O 191 27.08 -81.86 19.89
C THR O 191 26.77 -81.47 18.46
N ARG O 192 25.55 -81.01 18.20
CA ARG O 192 25.20 -80.56 16.85
C ARG O 192 26.02 -79.35 16.45
N ARG O 193 26.19 -78.39 17.37
CA ARG O 193 27.01 -77.21 17.08
C ARG O 193 28.46 -77.61 16.83
N TRP O 194 28.99 -78.52 17.64
CA TRP O 194 30.36 -78.98 17.45
C TRP O 194 30.53 -79.67 16.12
N ALA O 195 29.57 -80.51 15.73
CA ALA O 195 29.63 -81.16 14.43
C ALA O 195 29.56 -80.15 13.29
N LYS O 196 28.71 -79.13 13.44
CA LYS O 196 28.62 -78.10 12.41
C LYS O 196 29.95 -77.38 12.25
N TYR O 197 30.58 -77.01 13.36
CA TYR O 197 31.84 -76.27 13.28
C TYR O 197 32.97 -77.16 12.78
N VAL O 198 32.93 -78.46 13.08
CA VAL O 198 33.92 -79.38 12.54
C VAL O 198 33.77 -79.52 11.04
N GLN O 199 32.52 -79.65 10.56
CA GLN O 199 32.29 -79.78 9.13
C GLN O 199 32.68 -78.51 8.37
N GLN O 200 32.62 -77.36 9.03
CA GLN O 200 33.07 -76.11 8.44
C GLN O 200 34.58 -75.93 8.50
N LYS O 201 35.28 -76.85 9.17
CA LYS O 201 36.73 -76.81 9.34
C LYS O 201 37.21 -75.57 10.06
N ARG O 202 36.31 -74.91 10.81
CA ARG O 202 36.73 -73.78 11.62
C ARG O 202 37.50 -74.21 12.85
N VAL O 203 37.21 -75.40 13.36
CA VAL O 203 37.84 -75.94 14.56
C VAL O 203 38.55 -77.24 14.20
N ASN O 204 39.77 -77.39 14.70
CA ASN O 204 40.52 -78.62 14.52
C ASN O 204 40.05 -79.65 15.56
N PRO O 205 39.49 -80.78 15.14
CA PRO O 205 38.90 -81.72 16.11
C PRO O 205 39.91 -82.42 16.99
N PHE O 206 41.21 -82.24 16.77
CA PHE O 206 42.21 -82.88 17.62
C PHE O 206 42.11 -82.41 19.05
N PHE O 207 41.87 -81.12 19.26
CA PHE O 207 41.71 -80.55 20.61
C PHE O 207 40.22 -80.54 20.95
N ALA O 208 39.71 -81.72 21.28
CA ALA O 208 38.31 -81.89 21.67
C ALA O 208 38.27 -82.34 23.13
N LEU O 209 37.70 -81.52 23.99
CA LEU O 209 37.62 -81.84 25.41
C LEU O 209 36.59 -82.94 25.65
N THR O 210 36.86 -83.78 26.65
CA THR O 210 35.96 -84.86 26.97
C THR O 210 34.67 -84.32 27.59
N GLN O 211 33.65 -85.17 27.64
CA GLN O 211 32.35 -84.73 28.13
C GLN O 211 32.35 -84.52 29.64
N GLN O 212 33.25 -85.19 30.37
CA GLN O 212 33.35 -84.95 31.81
C GLN O 212 33.79 -83.52 32.09
N TRP O 213 34.84 -83.06 31.40
CA TRP O 213 35.31 -81.70 31.57
C TRP O 213 34.25 -80.70 31.11
N LEU O 214 33.55 -81.03 30.02
CA LEU O 214 32.49 -80.15 29.55
C LEU O 214 31.37 -80.02 30.57
N THR O 215 31.00 -81.14 31.21
CA THR O 215 29.97 -81.09 32.25
C THR O 215 30.44 -80.25 33.44
N GLU O 216 31.70 -80.43 33.85
CA GLU O 216 32.23 -79.64 34.96
C GLU O 216 32.21 -78.14 34.63
N MET O 217 32.65 -77.79 33.41
CA MET O 217 32.67 -76.38 33.00
C MET O 217 31.26 -75.83 32.90
N ARG O 218 30.31 -76.62 32.40
CA ARG O 218 28.93 -76.16 32.33
C ARG O 218 28.34 -75.94 33.72
N ASN O 219 28.65 -76.83 34.66
CA ASN O 219 28.21 -76.62 36.04
C ASN O 219 28.80 -75.34 36.62
N LEU O 220 30.10 -75.11 36.39
CA LEU O 220 30.73 -73.88 36.86
C LEU O 220 30.08 -72.65 36.24
N LEU O 221 29.78 -72.71 34.94
CA LEU O 221 29.20 -71.57 34.24
C LEU O 221 27.78 -71.30 34.72
N SER O 222 27.03 -72.36 35.05
CA SER O 222 25.67 -72.17 35.54
C SER O 222 25.67 -71.63 36.95
N GLN O 223 26.60 -72.10 37.79
CA GLN O 223 26.65 -71.63 39.17
C GLN O 223 27.00 -70.15 39.25
N SER O 224 27.93 -69.69 38.42
CA SER O 224 28.48 -68.35 38.52
C SER O 224 27.78 -67.39 37.58
N LEU O 225 27.52 -66.18 38.07
CA LEU O 225 26.94 -65.11 37.26
C LEU O 225 27.97 -64.17 36.67
N SER O 226 29.13 -64.03 37.31
CA SER O 226 30.15 -63.13 36.80
C SER O 226 30.69 -63.58 35.45
N VAL O 227 30.93 -64.88 35.29
CA VAL O 227 31.40 -65.41 34.01
C VAL O 227 30.35 -65.18 32.93
N ARG O 228 29.09 -65.43 33.26
CA ARG O 228 28.00 -65.19 32.31
C ARG O 228 27.94 -63.72 31.91
N LYS O 229 28.09 -62.82 32.87
CA LYS O 229 28.06 -61.39 32.56
C LYS O 229 29.22 -61.01 31.65
N PHE O 230 30.42 -61.53 31.93
CA PHE O 230 31.58 -61.23 31.09
C PHE O 230 31.37 -61.74 29.67
N MET O 231 30.86 -62.96 29.53
CA MET O 231 30.67 -63.52 28.20
C MET O 231 29.54 -62.82 27.45
N VAL O 232 28.50 -62.38 28.15
CA VAL O 232 27.43 -61.63 27.50
C VAL O 232 27.96 -60.26 27.05
N GLU O 233 28.82 -59.64 27.86
CA GLU O 233 29.44 -58.39 27.43
C GLU O 233 30.29 -58.59 26.20
N ILE O 234 31.06 -59.68 26.16
CA ILE O 234 31.85 -60.00 24.98
C ILE O 234 30.95 -60.19 23.77
N LEU O 235 29.84 -60.90 23.95
CA LEU O 235 28.89 -61.11 22.85
C LEU O 235 28.33 -59.79 22.33
N MET O 236 27.93 -58.91 23.24
CA MET O 236 27.38 -57.62 22.82
C MET O 236 28.43 -56.79 22.09
N GLU O 237 29.66 -56.76 22.60
CA GLU O 237 30.71 -55.99 21.96
C GLU O 237 31.04 -56.54 20.58
N VAL O 238 31.10 -57.86 20.44
CA VAL O 238 31.40 -58.47 19.15
C VAL O 238 30.26 -58.23 18.16
N LYS O 239 29.02 -58.27 18.66
CA LYS O 239 27.86 -58.05 17.80
C LYS O 239 27.90 -56.70 17.10
N LYS O 240 28.42 -55.68 17.78
CA LYS O 240 28.56 -54.36 17.18
C LYS O 240 29.57 -54.41 16.03
N GLY O 241 29.08 -54.25 14.81
CA GLY O 241 29.94 -54.29 13.65
C GLY O 241 30.70 -53.00 13.45
N GLY O 242 31.50 -52.97 12.39
CA GLY O 242 32.28 -51.80 12.05
C GLY O 242 33.75 -52.08 11.82
N SER O 243 34.30 -53.00 12.59
CA SER O 243 35.71 -53.34 12.51
C SER O 243 35.88 -54.75 11.95
N ALA O 244 37.13 -55.07 11.59
CA ALA O 244 37.44 -56.40 11.08
C ALA O 244 37.33 -57.43 12.20
N LYS O 245 36.82 -58.60 11.84
CA LYS O 245 36.59 -59.68 12.79
C LYS O 245 37.56 -60.81 12.53
N GLY O 246 38.23 -61.27 13.59
CA GLY O 246 39.11 -62.41 13.50
C GLY O 246 38.35 -63.72 13.59
N ARG O 247 39.10 -64.82 13.46
CA ARG O 247 38.48 -66.14 13.49
C ARG O 247 37.78 -66.39 14.81
N ALA O 248 38.43 -66.04 15.93
CA ALA O 248 37.80 -66.21 17.23
C ALA O 248 36.55 -65.35 17.35
N VAL O 249 36.64 -64.10 16.90
CA VAL O 249 35.49 -63.20 17.01
C VAL O 249 34.35 -63.68 16.12
N GLU O 250 34.69 -64.17 14.91
CA GLU O 250 33.64 -64.68 14.03
C GLU O 250 32.96 -65.90 14.63
N ILE O 251 33.73 -66.81 15.22
CA ILE O 251 33.13 -67.99 15.86
C ILE O 251 32.26 -67.57 17.04
N ILE O 252 32.75 -66.60 17.83
CA ILE O 252 31.98 -66.14 18.99
C ILE O 252 30.66 -65.52 18.55
N SER O 253 30.69 -64.71 17.48
CA SER O 253 29.45 -64.11 16.99
C SER O 253 28.51 -65.16 16.41
N ASP O 254 29.06 -66.15 15.70
CA ASP O 254 28.22 -67.22 15.17
C ASP O 254 27.54 -68.00 16.28
N ILE O 255 28.25 -68.24 17.38
CA ILE O 255 27.64 -68.90 18.53
C ILE O 255 26.60 -68.00 19.18
N GLY O 256 26.91 -66.71 19.32
CA GLY O 256 25.96 -65.77 19.89
C GLY O 256 24.70 -65.64 19.07
N ASN O 257 24.77 -65.98 17.78
CA ASN O 257 23.56 -66.08 16.97
C ASN O 257 22.58 -67.08 17.58
N TYR O 258 23.10 -68.22 18.02
CA TYR O 258 22.25 -69.19 18.72
C TYR O 258 21.96 -68.75 20.14
N VAL O 259 22.88 -68.01 20.78
CA VAL O 259 22.72 -67.64 22.18
C VAL O 259 21.54 -66.69 22.36
N GLU O 260 21.31 -65.79 21.40
CA GLU O 260 20.34 -64.72 21.57
C GLU O 260 18.94 -65.27 21.86
N GLU O 261 18.19 -64.52 22.65
CA GLU O 261 16.78 -64.80 22.94
C GLU O 261 16.58 -66.15 23.60
N THR O 262 17.61 -66.66 24.27
CA THR O 262 17.50 -67.94 24.96
C THR O 262 16.63 -67.80 26.20
N GLY O 263 16.01 -68.90 26.60
CA GLY O 263 15.23 -68.95 27.82
C GLY O 263 13.92 -68.20 27.79
N MET O 264 13.51 -67.66 26.65
CA MET O 264 12.26 -66.94 26.53
C MET O 264 11.47 -67.44 25.32
N ALA O 265 11.43 -68.76 25.13
CA ALA O 265 10.69 -69.32 24.01
C ALA O 265 9.19 -69.08 24.15
N GLY O 266 8.69 -68.98 25.39
CA GLY O 266 7.26 -68.74 25.56
C GLY O 266 6.81 -67.42 24.97
N PHE O 267 7.53 -66.34 25.30
CA PHE O 267 7.12 -65.00 24.85
C PHE O 267 7.25 -64.86 23.35
N PHE O 268 8.39 -65.27 22.79
CA PHE O 268 8.60 -65.12 21.35
C PHE O 268 7.73 -66.07 20.56
N ALA O 269 7.50 -67.28 21.07
CA ALA O 269 6.55 -68.18 20.43
C ALA O 269 5.15 -67.59 20.42
N THR O 270 4.73 -67.01 21.56
CA THR O 270 3.43 -66.35 21.61
C THR O 270 3.35 -65.26 20.55
N ILE O 271 4.35 -64.37 20.51
CA ILE O 271 4.38 -63.32 19.50
C ILE O 271 4.21 -63.91 18.12
N ARG O 272 5.18 -64.75 17.72
CA ARG O 272 5.27 -65.20 16.34
C ARG O 272 4.03 -65.97 15.90
N PHE O 273 3.50 -66.84 16.76
CA PHE O 273 2.42 -67.72 16.35
C PHE O 273 1.04 -67.15 16.68
N GLY O 274 0.78 -66.86 17.96
CA GLY O 274 -0.51 -66.32 18.32
C GLY O 274 -0.73 -64.92 17.79
N LEU O 275 0.29 -64.06 17.88
CA LEU O 275 0.10 -62.66 17.54
C LEU O 275 0.14 -62.44 16.04
N GLU O 276 1.25 -62.77 15.41
CA GLU O 276 1.34 -62.78 13.96
C GLU O 276 0.56 -63.99 13.44
N THR O 277 0.56 -64.19 12.11
CA THR O 277 -0.27 -65.21 11.47
C THR O 277 -1.73 -65.05 11.92
N ARG O 278 -2.30 -63.90 11.56
CA ARG O 278 -3.59 -63.47 12.05
C ARG O 278 -4.69 -64.48 11.77
N TYR O 279 -5.25 -65.07 12.82
CA TYR O 279 -6.30 -66.07 12.72
C TYR O 279 -7.63 -65.46 13.14
N PRO O 280 -8.72 -65.74 12.43
CA PRO O 280 -10.04 -65.23 12.83
C PRO O 280 -10.42 -65.48 14.28
N ALA O 281 -9.72 -66.40 14.95
CA ALA O 281 -10.00 -66.73 16.35
C ALA O 281 -9.27 -65.82 17.33
N LEU O 282 -8.60 -64.78 16.83
CA LEU O 282 -7.85 -63.89 17.72
C LEU O 282 -8.78 -63.01 18.54
N ALA O 283 -9.61 -62.21 17.87
CA ALA O 283 -10.56 -61.33 18.56
C ALA O 283 -11.72 -62.19 19.06
N LEU O 284 -11.65 -62.60 20.33
CA LEU O 284 -12.66 -63.47 20.91
C LEU O 284 -13.12 -62.99 22.29
N ASN O 285 -12.79 -61.76 22.67
CA ASN O 285 -13.15 -61.12 23.93
C ASN O 285 -12.56 -61.83 25.15
N GLU O 286 -11.74 -62.87 24.97
CA GLU O 286 -10.96 -63.43 26.05
C GLU O 286 -9.46 -63.24 25.83
N PHE O 287 -9.07 -62.64 24.71
CA PHE O 287 -7.67 -62.41 24.37
C PHE O 287 -7.26 -60.95 24.40
N GLN O 288 -8.20 -60.02 24.65
CA GLN O 288 -7.86 -58.60 24.58
C GLN O 288 -6.88 -58.20 25.68
N SER O 289 -7.09 -58.70 26.90
CA SER O 289 -6.17 -58.41 27.99
C SER O 289 -4.77 -58.94 27.68
N ASP O 290 -4.70 -60.17 27.16
CA ASP O 290 -3.40 -60.75 26.82
C ASP O 290 -2.74 -59.97 25.69
N LEU O 291 -3.53 -59.50 24.72
CA LEU O 291 -2.95 -58.70 23.64
C LEU O 291 -2.40 -57.38 24.16
N ASN O 292 -3.13 -56.73 25.06
CA ASN O 292 -2.62 -55.48 25.65
C ASN O 292 -1.35 -55.73 26.45
N THR O 293 -1.32 -56.82 27.23
CA THR O 293 -0.12 -57.17 27.97
C THR O 293 1.05 -57.45 27.04
N ILE O 294 0.77 -58.13 25.91
CA ILE O 294 1.81 -58.42 24.93
C ILE O 294 2.36 -57.14 24.32
N LYS O 295 1.47 -56.19 24.00
CA LYS O 295 1.92 -54.91 23.45
C LYS O 295 2.79 -54.17 24.45
N GLY O 296 2.37 -54.14 25.71
CA GLY O 296 3.19 -53.52 26.74
C GLY O 296 4.54 -54.21 26.89
N LEU O 297 4.55 -55.53 26.79
CA LEU O 297 5.80 -56.28 26.91
C LEU O 297 6.73 -55.99 25.74
N MET O 298 6.19 -55.87 24.52
CA MET O 298 7.02 -55.50 23.39
C MET O 298 7.60 -54.11 23.56
N LEU O 299 6.79 -53.16 24.06
CA LEU O 299 7.30 -51.83 24.32
C LEU O 299 8.41 -51.85 25.38
N LEU O 300 8.21 -52.65 26.44
CA LEU O 300 9.24 -52.77 27.46
C LEU O 300 10.51 -53.39 26.90
N TYR O 301 10.38 -54.40 26.04
CA TYR O 301 11.54 -55.04 25.42
C TYR O 301 12.31 -54.04 24.58
N ARG O 302 11.60 -53.20 23.82
CA ARG O 302 12.27 -52.15 23.07
C ARG O 302 12.95 -51.16 24.02
N GLU O 303 12.32 -50.89 25.17
CA GLU O 303 12.87 -49.93 26.12
C GLU O 303 14.11 -50.45 26.85
N ILE O 304 14.25 -51.77 26.99
CA ILE O 304 15.31 -52.33 27.83
C ILE O 304 16.68 -51.95 27.30
N GLY O 305 16.92 -52.19 26.02
CA GLY O 305 18.18 -51.85 25.42
C GLY O 305 18.87 -53.05 24.77
N PRO O 306 20.19 -52.93 24.57
CA PRO O 306 20.93 -54.02 23.90
C PRO O 306 21.04 -55.29 24.75
N ARG O 307 20.77 -55.22 26.05
CA ARG O 307 20.83 -56.39 26.91
C ARG O 307 19.54 -57.20 26.90
N ALA O 308 18.55 -56.78 26.12
CA ALA O 308 17.24 -57.44 26.14
C ALA O 308 17.30 -58.91 25.74
N PRO O 309 17.94 -59.30 24.63
CA PRO O 309 17.92 -60.73 24.27
C PRO O 309 18.56 -61.63 25.31
N TYR O 310 19.63 -61.18 25.96
CA TYR O 310 20.28 -61.97 27.01
C TYR O 310 19.76 -61.61 28.40
N MET O 311 18.43 -61.59 28.56
CA MET O 311 17.87 -61.29 29.87
C MET O 311 17.97 -62.48 30.82
N VAL O 312 17.76 -63.69 30.30
CA VAL O 312 17.85 -64.89 31.15
C VAL O 312 19.29 -65.11 31.58
N LEU O 313 20.25 -64.85 30.70
CA LEU O 313 21.66 -65.06 31.03
C LEU O 313 22.09 -64.13 32.17
N LEU O 314 21.70 -62.86 32.09
CA LEU O 314 22.00 -61.92 33.17
C LEU O 314 21.00 -62.03 34.32
N GLU O 315 19.95 -62.83 34.18
CA GLU O 315 18.97 -63.05 35.24
C GLU O 315 18.32 -61.75 35.68
N GLU O 316 17.90 -60.95 34.69
CA GLU O 316 17.21 -59.70 34.98
C GLU O 316 15.87 -59.97 35.67
N SER O 317 15.52 -59.09 36.60
CA SER O 317 14.21 -59.18 37.24
C SER O 317 13.09 -58.83 36.27
N ILE O 318 13.39 -58.09 35.21
CA ILE O 318 12.39 -57.78 34.20
C ILE O 318 11.92 -59.05 33.48
N GLN O 319 12.75 -60.10 33.47
CA GLN O 319 12.42 -61.31 32.73
C GLN O 319 11.15 -61.98 33.25
N THR O 320 10.91 -61.91 34.57
CA THR O 320 9.74 -62.57 35.14
C THR O 320 8.45 -62.00 34.55
N LYS O 321 8.40 -60.69 34.32
CA LYS O 321 7.23 -60.09 33.69
C LYS O 321 7.03 -60.56 32.26
N PHE O 322 8.08 -61.05 31.61
CA PHE O 322 7.97 -61.55 30.24
C PHE O 322 7.48 -63.00 30.19
N ALA O 323 7.66 -63.76 31.26
CA ALA O 323 7.34 -65.17 31.24
C ALA O 323 5.83 -65.38 31.13
N PRO O 324 5.40 -66.44 30.45
CA PRO O 324 3.97 -66.77 30.44
C PRO O 324 3.47 -67.06 31.84
N GLY O 325 2.24 -66.64 32.10
CA GLY O 325 1.68 -66.68 33.44
C GLY O 325 0.92 -65.40 33.70
N GLY O 326 1.39 -64.32 33.09
CA GLY O 326 0.63 -63.09 33.01
C GLY O 326 -0.29 -63.01 31.81
N TYR O 327 -0.16 -63.97 30.88
CA TYR O 327 -1.06 -64.05 29.72
C TYR O 327 -1.22 -65.52 29.32
N PRO O 328 -1.72 -66.35 30.24
CA PRO O 328 -1.77 -67.79 29.95
C PRO O 328 -2.66 -68.17 28.79
N LEU O 329 -3.72 -67.40 28.52
CA LEU O 329 -4.68 -67.78 27.49
C LEU O 329 -4.08 -67.67 26.10
N LEU O 330 -3.61 -66.48 25.74
CA LEU O 330 -2.99 -66.29 24.44
C LEU O 330 -1.74 -67.15 24.30
N TRP O 331 -0.99 -67.32 25.40
CA TRP O 331 0.17 -68.19 25.35
C TRP O 331 -0.21 -69.62 25.00
N SER O 332 -1.26 -70.14 25.63
CA SER O 332 -1.70 -71.50 25.34
C SER O 332 -2.18 -71.61 23.90
N PHE O 333 -2.91 -70.61 23.42
CA PHE O 333 -3.36 -70.62 22.03
C PHE O 333 -2.17 -70.65 21.07
N ALA O 334 -1.15 -69.84 21.36
CA ALA O 334 0.03 -69.80 20.50
C ALA O 334 0.81 -71.09 20.56
N MET O 335 0.93 -71.71 21.73
CA MET O 335 1.62 -73.00 21.80
C MET O 335 0.85 -74.07 21.04
N GLY O 336 -0.48 -74.03 21.08
CA GLY O 336 -1.25 -74.99 20.30
C GLY O 336 -1.02 -74.83 18.81
N VAL O 337 -1.10 -73.59 18.32
CA VAL O 337 -0.90 -73.38 16.88
C VAL O 337 0.54 -73.69 16.49
N ALA O 338 1.50 -73.42 17.37
CA ALA O 338 2.90 -73.74 17.07
C ALA O 338 3.12 -75.24 17.00
N THR O 339 2.57 -75.98 17.97
CA THR O 339 2.73 -77.43 17.97
C THR O 339 2.08 -78.04 16.74
N THR O 340 0.95 -77.49 16.29
CA THR O 340 0.34 -78.01 15.07
C THR O 340 1.12 -77.60 13.83
N ILE O 341 1.76 -76.42 13.83
CA ILE O 341 2.41 -75.89 12.64
C ILE O 341 3.88 -76.31 12.59
N ASP O 342 4.64 -75.97 13.63
CA ASP O 342 6.08 -76.21 13.64
C ASP O 342 6.36 -77.60 14.20
N ARG O 343 6.98 -78.45 13.36
CA ARG O 343 7.29 -79.80 13.80
C ARG O 343 8.30 -79.79 14.95
N SER O 344 9.30 -78.93 14.88
CA SER O 344 10.29 -78.85 15.95
C SER O 344 9.65 -78.41 17.26
N MET O 345 8.71 -77.48 17.19
CA MET O 345 7.95 -77.10 18.37
C MET O 345 7.08 -78.27 18.80
N GLY O 346 7.25 -78.71 20.04
CA GLY O 346 6.62 -79.92 20.51
C GLY O 346 7.57 -80.69 21.39
N ALA O 347 8.87 -80.47 21.17
CA ALA O 347 9.88 -80.91 22.11
C ALA O 347 10.04 -79.93 23.27
N LEU O 348 9.38 -78.78 23.20
CA LEU O 348 9.40 -77.82 24.29
C LEU O 348 8.56 -78.33 25.46
N ASN O 349 9.06 -78.11 26.67
CA ASN O 349 8.38 -78.53 27.88
C ASN O 349 7.42 -77.42 28.30
N ILE O 350 6.12 -77.68 28.19
CA ILE O 350 5.11 -76.66 28.47
C ILE O 350 4.09 -77.17 29.49
N ASN O 351 4.53 -78.06 30.38
CA ASN O 351 3.64 -78.63 31.39
C ASN O 351 3.49 -77.70 32.58
N ARG O 352 3.05 -76.49 32.30
CA ARG O 352 2.85 -75.47 33.33
C ARG O 352 1.51 -75.67 34.02
N GLY O 353 1.30 -74.89 35.09
CA GLY O 353 0.07 -74.95 35.85
C GLY O 353 -1.06 -74.11 35.33
N TYR O 354 -0.87 -73.41 34.22
CA TYR O 354 -1.88 -72.56 33.62
C TYR O 354 -2.05 -72.89 32.14
N LEU O 355 -2.12 -74.19 31.85
CA LEU O 355 -2.17 -74.63 30.45
C LEU O 355 -3.50 -74.27 29.79
N GLU O 356 -4.61 -74.36 30.53
CA GLU O 356 -5.94 -74.10 29.99
C GLU O 356 -6.18 -74.91 28.73
N PRO O 357 -6.42 -76.22 28.85
CA PRO O 357 -6.49 -77.08 27.65
C PRO O 357 -7.57 -76.67 26.67
N MET O 358 -8.60 -75.96 27.11
CA MET O 358 -9.64 -75.50 26.19
C MET O 358 -9.05 -74.60 25.11
N TYR O 359 -8.22 -73.63 25.50
CA TYR O 359 -7.64 -72.72 24.52
C TYR O 359 -6.56 -73.40 23.71
N PHE O 360 -5.86 -74.38 24.28
CA PHE O 360 -4.92 -75.17 23.50
C PHE O 360 -5.65 -75.94 22.40
N ARG O 361 -6.79 -76.55 22.72
CA ARG O 361 -7.59 -77.22 21.71
C ARG O 361 -8.11 -76.23 20.68
N LEU O 362 -8.52 -75.04 21.13
CA LEU O 362 -8.99 -74.03 20.19
C LEU O 362 -7.90 -73.63 19.21
N GLY O 363 -6.66 -73.49 19.69
CA GLY O 363 -5.56 -73.19 18.80
C GLY O 363 -5.25 -74.33 17.85
N GLN O 364 -5.30 -75.57 18.35
CA GLN O 364 -5.09 -76.73 17.49
C GLN O 364 -6.10 -76.76 16.36
N LYS O 365 -7.37 -76.49 16.68
CA LYS O 365 -8.40 -76.41 15.64
C LYS O 365 -8.16 -75.22 14.71
N SER O 366 -7.78 -74.07 15.27
CA SER O 366 -7.58 -72.88 14.45
C SER O 366 -6.47 -73.07 13.44
N ALA O 367 -5.47 -73.90 13.77
CA ALA O 367 -4.37 -74.12 12.85
C ALA O 367 -4.84 -74.82 11.56
N ARG O 368 -5.67 -75.85 11.69
CA ARG O 368 -6.02 -76.69 10.54
C ARG O 368 -7.49 -76.61 10.15
N HIS O 369 -8.42 -76.87 11.09
CA HIS O 369 -9.83 -76.99 10.75
C HIS O 369 -10.53 -75.65 10.61
N HIS O 370 -9.84 -74.54 10.88
CA HIS O 370 -10.51 -73.25 11.00
C HIS O 370 -10.93 -72.71 9.63
N ALA O 371 -9.96 -72.44 8.76
CA ALA O 371 -10.20 -71.88 7.44
C ALA O 371 -8.87 -71.82 6.70
N GLY O 372 -8.95 -71.50 5.40
CA GLY O 372 -7.74 -71.29 4.63
C GLY O 372 -6.98 -70.06 5.10
N GLY O 373 -7.69 -69.01 5.49
CA GLY O 373 -7.06 -67.83 6.02
C GLY O 373 -6.45 -66.93 4.98
N ILE O 374 -7.28 -66.38 4.09
CA ILE O 374 -6.80 -65.48 3.06
C ILE O 374 -6.80 -64.07 3.63
N ASP O 375 -5.61 -63.46 3.71
CA ASP O 375 -5.45 -62.15 4.30
C ASP O 375 -5.67 -61.11 3.19
N GLN O 376 -5.51 -59.84 3.51
CA GLN O 376 -5.68 -58.77 2.52
C GLN O 376 -4.72 -58.96 1.36
N ASN O 377 -5.28 -59.10 0.16
CA ASN O 377 -4.52 -59.40 -1.04
C ASN O 377 -4.26 -58.11 -1.82
N MET O 378 -3.00 -57.68 -1.86
CA MET O 378 -2.66 -56.55 -2.72
C MET O 378 -2.90 -56.89 -4.19
N ALA O 379 -2.53 -58.10 -4.60
CA ALA O 379 -2.87 -58.57 -5.93
C ALA O 379 -4.31 -59.03 -5.96
N ASN O 380 -5.05 -58.57 -6.96
CA ASN O 380 -6.48 -58.85 -7.07
C ASN O 380 -6.67 -60.22 -7.71
N LYS O 381 -7.09 -61.20 -6.91
CA LYS O 381 -7.33 -62.56 -7.39
C LYS O 381 -8.83 -62.75 -7.52
N LEU O 382 -9.34 -62.48 -8.73
CA LEU O 382 -10.77 -62.51 -8.97
C LEU O 382 -11.35 -63.91 -8.77
N GLY O 383 -10.68 -64.93 -9.28
CA GLY O 383 -11.18 -66.29 -9.21
C GLY O 383 -10.44 -67.16 -8.21
N LEU O 384 -10.13 -66.59 -7.04
CA LEU O 384 -9.34 -67.28 -6.03
C LEU O 384 -10.16 -68.17 -5.12
N ASN O 385 -11.49 -68.23 -5.32
CA ASN O 385 -12.31 -69.11 -4.51
C ASN O 385 -11.93 -70.58 -4.72
N SER O 386 -11.76 -70.97 -5.98
CA SER O 386 -11.35 -72.35 -6.27
C SER O 386 -9.94 -72.62 -5.80
N ASP O 387 -9.05 -71.62 -5.88
CA ASP O 387 -7.70 -71.77 -5.36
C ASP O 387 -7.72 -72.01 -3.86
N GLN O 388 -8.53 -71.24 -3.13
CA GLN O 388 -8.65 -71.44 -1.70
C GLN O 388 -9.25 -72.80 -1.37
N VAL O 389 -10.24 -73.23 -2.15
CA VAL O 389 -10.84 -74.55 -1.93
C VAL O 389 -9.81 -75.64 -2.13
N ALA O 390 -9.00 -75.54 -3.18
CA ALA O 390 -7.96 -76.54 -3.44
C ALA O 390 -6.90 -76.52 -2.34
N GLU O 391 -6.53 -75.33 -1.85
CA GLU O 391 -5.56 -75.24 -0.77
C GLU O 391 -6.10 -75.88 0.51
N LEU O 392 -7.37 -75.66 0.81
CA LEU O 392 -7.99 -76.26 1.99
C LEU O 392 -8.26 -77.74 1.81
N ALA O 393 -8.28 -78.23 0.56
CA ALA O 393 -8.55 -79.64 0.31
C ALA O 393 -7.43 -80.53 0.85
N ALA O 394 -6.26 -79.96 1.11
CA ALA O 394 -5.12 -80.70 1.65
C ALA O 394 -4.73 -81.88 0.77
N MET P 1 50.53 14.39 -23.29
CA MET P 1 49.70 14.87 -22.19
C MET P 1 49.64 13.84 -21.07
N SER P 2 48.46 13.71 -20.46
CA SER P 2 48.30 12.77 -19.35
C SER P 2 48.27 11.33 -19.84
N ASP P 3 47.65 11.09 -21.00
CA ASP P 3 47.48 9.71 -21.48
C ASP P 3 48.82 9.05 -21.74
N ILE P 4 49.75 9.78 -22.36
CA ILE P 4 51.07 9.23 -22.63
C ILE P 4 51.82 9.04 -21.31
N PHE P 5 52.87 8.20 -21.35
CA PHE P 5 53.65 7.77 -20.19
C PHE P 5 52.88 6.76 -19.35
N ASP P 6 51.63 6.51 -19.72
CA ASP P 6 50.84 5.41 -19.20
C ASP P 6 50.52 4.37 -20.26
N GLU P 7 50.15 4.85 -21.45
CA GLU P 7 50.14 3.97 -22.62
C GLU P 7 51.48 3.29 -22.82
N ALA P 8 52.58 4.00 -22.54
CA ALA P 8 53.90 3.39 -22.65
C ALA P 8 54.08 2.28 -21.63
N ALA P 9 53.62 2.48 -20.39
CA ALA P 9 53.75 1.43 -19.38
C ALA P 9 52.92 0.20 -19.77
N SER P 10 51.69 0.42 -20.22
CA SER P 10 50.87 -0.71 -20.68
C SER P 10 51.52 -1.40 -21.87
N PHE P 11 52.13 -0.63 -22.78
CA PHE P 11 52.81 -1.21 -23.92
C PHE P 11 53.99 -2.07 -23.49
N ARG P 12 54.77 -1.60 -22.52
CA ARG P 12 55.89 -2.40 -22.04
C ARG P 12 55.42 -3.67 -21.35
N SER P 13 54.34 -3.58 -20.56
CA SER P 13 53.80 -4.79 -19.93
C SER P 13 53.32 -5.80 -20.97
N TYR P 14 52.57 -5.32 -21.96
CA TYR P 14 52.09 -6.20 -23.02
C TYR P 14 53.25 -6.80 -23.81
N GLN P 15 54.30 -6.00 -24.05
CA GLN P 15 55.48 -6.50 -24.74
C GLN P 15 56.19 -7.58 -23.93
N SER P 16 56.25 -7.42 -22.61
CA SER P 16 56.84 -8.47 -21.78
C SER P 16 56.02 -9.75 -21.87
N LYS P 17 54.71 -9.64 -21.71
CA LYS P 17 53.81 -10.79 -21.88
C LYS P 17 53.23 -10.81 -23.29
N LEU P 18 54.11 -10.88 -24.28
CA LEU P 18 53.71 -10.69 -25.67
C LEU P 18 53.07 -11.95 -26.27
N GLY P 19 53.83 -13.03 -26.35
CA GLY P 19 53.34 -14.23 -27.01
C GLY P 19 53.43 -15.49 -26.17
N ARG P 20 53.61 -15.32 -24.86
CA ARG P 20 53.71 -16.45 -23.95
C ARG P 20 52.32 -16.89 -23.49
N ASP P 21 51.53 -17.34 -24.46
CA ASP P 21 50.15 -17.74 -24.23
C ASP P 21 49.79 -18.89 -25.17
N GLY P 22 48.76 -19.64 -24.81
CA GLY P 22 48.33 -20.76 -25.62
C GLY P 22 49.10 -22.02 -25.31
N ARG P 23 48.82 -23.05 -26.10
CA ARG P 23 49.44 -24.36 -25.96
C ARG P 23 50.16 -24.72 -27.26
N ALA P 24 51.37 -25.25 -27.13
CA ALA P 24 52.16 -25.65 -28.28
C ALA P 24 51.67 -27.00 -28.81
N SER P 25 52.17 -27.36 -29.99
CA SER P 25 51.81 -28.61 -30.64
C SER P 25 52.85 -29.69 -30.35
N ALA P 26 52.51 -30.91 -30.71
CA ALA P 26 53.41 -32.05 -30.55
C ALA P 26 54.39 -32.22 -31.71
N ALA P 27 54.30 -31.35 -32.73
CA ALA P 27 55.23 -31.44 -33.85
C ALA P 27 56.66 -31.19 -33.39
N THR P 28 56.86 -30.22 -32.51
CA THR P 28 58.19 -29.90 -31.98
C THR P 28 58.53 -30.87 -30.85
N ALA P 29 58.77 -32.12 -31.24
CA ALA P 29 59.10 -33.18 -30.30
C ALA P 29 60.57 -33.56 -30.47
N THR P 30 61.34 -33.43 -29.40
CA THR P 30 62.75 -33.74 -29.44
C THR P 30 62.98 -35.23 -29.64
N LEU P 31 64.05 -35.56 -30.36
CA LEU P 31 64.45 -36.96 -30.50
C LEU P 31 64.92 -37.50 -29.15
N THR P 32 64.48 -38.71 -28.81
CA THR P 32 64.74 -39.29 -27.50
C THR P 32 65.88 -40.30 -27.58
N THR P 33 66.68 -40.36 -26.53
CA THR P 33 67.80 -41.27 -26.42
C THR P 33 67.52 -42.27 -25.30
N LYS P 34 67.78 -43.54 -25.58
CA LYS P 34 67.54 -44.58 -24.58
C LYS P 34 68.60 -44.50 -23.49
N ILE P 35 68.15 -44.54 -22.23
CA ILE P 35 69.04 -44.46 -21.07
C ILE P 35 68.78 -45.68 -20.20
N ARG P 36 69.81 -46.48 -19.96
CA ARG P 36 69.69 -47.71 -19.20
C ARG P 36 70.07 -47.44 -17.76
N ILE P 37 69.12 -47.69 -16.85
CA ILE P 37 69.29 -47.41 -15.43
C ILE P 37 69.26 -48.73 -14.65
N PHE P 38 70.29 -48.95 -13.84
CA PHE P 38 70.41 -50.17 -13.04
C PHE P 38 69.94 -49.86 -11.62
N VAL P 39 68.75 -50.35 -11.28
CA VAL P 39 68.21 -50.12 -9.94
C VAL P 39 68.23 -51.42 -9.15
N PRO P 40 68.40 -51.37 -7.83
CA PRO P 40 68.38 -52.61 -7.04
C PRO P 40 66.96 -53.14 -6.92
N ALA P 41 66.79 -54.43 -7.20
CA ALA P 41 65.47 -55.05 -7.13
C ALA P 41 65.04 -55.32 -5.69
N THR P 42 65.98 -55.70 -4.83
CA THR P 42 65.69 -56.11 -3.47
C THR P 42 66.18 -55.04 -2.48
N ASN P 43 66.02 -55.34 -1.20
CA ASN P 43 66.45 -54.44 -0.13
C ASN P 43 67.67 -54.96 0.62
N SER P 44 68.33 -56.00 0.12
CA SER P 44 69.48 -56.57 0.81
C SER P 44 70.62 -55.55 0.80
N PRO P 45 71.20 -55.24 1.97
CA PRO P 45 72.24 -54.20 2.01
C PRO P 45 73.46 -54.52 1.17
N GLU P 46 73.88 -55.79 1.10
CA GLU P 46 75.07 -56.14 0.35
C GLU P 46 74.90 -55.85 -1.13
N LEU P 47 73.74 -56.19 -1.69
CA LEU P 47 73.49 -55.95 -3.10
C LEU P 47 73.48 -54.46 -3.41
N ARG P 48 72.83 -53.66 -2.56
CA ARG P 48 72.80 -52.22 -2.79
C ARG P 48 74.19 -51.60 -2.65
N TRP P 49 74.99 -52.08 -1.69
CA TRP P 49 76.34 -51.56 -1.55
C TRP P 49 77.20 -51.90 -2.76
N GLU P 50 77.09 -53.14 -3.26
CA GLU P 50 77.81 -53.50 -4.46
C GLU P 50 77.35 -52.68 -5.66
N LEU P 51 76.04 -52.43 -5.75
CA LEU P 51 75.51 -51.64 -6.85
C LEU P 51 76.02 -50.21 -6.82
N THR P 52 76.06 -49.59 -5.63
CA THR P 52 76.54 -48.21 -5.58
C THR P 52 78.05 -48.14 -5.79
N LEU P 53 78.80 -49.17 -5.37
CA LEU P 53 80.21 -49.23 -5.71
C LEU P 53 80.40 -49.32 -7.23
N PHE P 54 79.58 -50.14 -7.89
CA PHE P 54 79.64 -50.25 -9.34
C PHE P 54 79.30 -48.93 -10.01
N ALA P 55 78.29 -48.23 -9.50
CA ALA P 55 77.91 -46.93 -10.05
C ALA P 55 79.03 -45.91 -9.89
N LEU P 56 79.68 -45.91 -8.72
CA LEU P 56 80.82 -45.04 -8.51
C LEU P 56 81.93 -45.34 -9.51
N ASP P 57 82.22 -46.63 -9.73
CA ASP P 57 83.26 -47.00 -10.69
C ASP P 57 82.89 -46.56 -12.10
N VAL P 58 81.63 -46.74 -12.49
CA VAL P 58 81.20 -46.36 -13.83
C VAL P 58 81.31 -44.85 -14.02
N ILE P 59 80.89 -44.08 -13.02
CA ILE P 59 81.01 -42.63 -13.11
C ILE P 59 82.47 -42.22 -13.21
N ARG P 60 83.33 -42.84 -12.41
CA ARG P 60 84.76 -42.53 -12.46
C ARG P 60 85.42 -43.05 -13.74
N SER P 61 84.78 -43.99 -14.44
CA SER P 61 85.41 -44.61 -15.60
C SER P 61 85.58 -43.59 -16.72
N PRO P 62 86.74 -43.56 -17.39
CA PRO P 62 86.93 -42.63 -18.51
C PRO P 62 86.39 -43.19 -19.82
N SER P 63 86.35 -44.52 -19.93
CA SER P 63 85.88 -45.18 -21.15
C SER P 63 84.37 -45.32 -21.20
N ALA P 64 83.65 -44.87 -20.17
CA ALA P 64 82.21 -45.01 -20.14
C ALA P 64 81.55 -44.04 -21.12
N ALA P 65 80.55 -44.54 -21.84
CA ALA P 65 79.73 -43.67 -22.67
C ALA P 65 78.87 -42.77 -21.80
N GLU P 66 78.43 -41.65 -22.38
CA GLU P 66 77.67 -40.68 -21.61
C GLU P 66 76.36 -41.26 -21.11
N SER P 67 75.70 -42.09 -21.92
CA SER P 67 74.46 -42.72 -21.48
C SER P 67 74.68 -43.60 -20.26
N MET P 68 75.79 -44.36 -20.25
CA MET P 68 76.10 -45.17 -19.08
C MET P 68 76.36 -44.31 -17.86
N LYS P 69 77.01 -43.16 -18.05
CA LYS P 69 77.25 -42.26 -16.94
C LYS P 69 75.95 -41.70 -16.38
N ILE P 70 75.00 -41.35 -17.26
CA ILE P 70 73.71 -40.88 -16.80
C ILE P 70 72.96 -41.98 -16.06
N GLY P 71 73.05 -43.22 -16.56
CA GLY P 71 72.43 -44.33 -15.88
C GLY P 71 73.01 -44.55 -14.49
N ALA P 72 74.34 -44.45 -14.37
CA ALA P 72 74.98 -44.58 -13.07
C ALA P 72 74.57 -43.44 -12.13
N ALA P 73 74.47 -42.23 -12.66
CA ALA P 73 74.05 -41.10 -11.83
C ALA P 73 72.62 -41.28 -11.33
N PHE P 74 71.71 -41.75 -12.20
CA PHE P 74 70.34 -42.00 -11.79
C PHE P 74 70.28 -43.13 -10.76
N THR P 75 71.12 -44.16 -10.94
CA THR P 75 71.19 -45.24 -9.96
C THR P 75 71.65 -44.72 -8.61
N LEU P 76 72.65 -43.83 -8.60
CA LEU P 76 73.14 -43.27 -7.36
C LEU P 76 72.09 -42.42 -6.67
N ILE P 77 71.48 -41.50 -7.42
CA ILE P 77 70.57 -40.52 -6.81
C ILE P 77 69.38 -41.21 -6.15
N SER P 78 68.84 -42.24 -6.80
CA SER P 78 67.67 -42.94 -6.28
C SER P 78 68.00 -44.13 -5.42
N MET P 79 69.26 -44.26 -4.97
CA MET P 79 69.66 -45.43 -4.19
C MET P 79 69.01 -45.45 -2.82
N TYR P 80 68.78 -44.27 -2.23
CA TYR P 80 68.25 -44.22 -0.86
C TYR P 80 66.84 -44.79 -0.79
N SER P 81 66.03 -44.57 -1.83
CA SER P 81 64.64 -44.99 -1.80
C SER P 81 64.52 -46.50 -1.81
N GLU P 82 63.49 -47.01 -1.13
CA GLU P 82 63.24 -48.44 -1.09
C GLU P 82 62.76 -48.98 -2.42
N ARG P 83 62.16 -48.13 -3.26
CA ARG P 83 61.70 -48.52 -4.60
C ARG P 83 62.30 -47.53 -5.59
N PRO P 84 63.57 -47.69 -5.94
CA PRO P 84 64.20 -46.73 -6.87
C PRO P 84 63.50 -46.64 -8.21
N GLY P 85 62.99 -47.76 -8.72
CA GLY P 85 62.29 -47.73 -10.00
C GLY P 85 61.05 -46.87 -9.97
N ALA P 86 60.24 -47.01 -8.91
CA ALA P 86 59.04 -46.20 -8.78
C ALA P 86 59.39 -44.73 -8.62
N LEU P 87 60.43 -44.43 -7.84
CA LEU P 87 60.85 -43.05 -7.66
C LEU P 87 61.29 -42.43 -8.99
N ILE P 88 62.08 -43.15 -9.77
CA ILE P 88 62.53 -42.62 -11.06
C ILE P 88 61.36 -42.45 -12.01
N ARG P 89 60.46 -43.44 -12.08
CA ARG P 89 59.37 -43.37 -13.03
C ARG P 89 58.34 -42.31 -12.66
N SER P 90 58.15 -42.04 -11.37
CA SER P 90 57.15 -41.09 -10.92
C SER P 90 57.71 -39.70 -10.69
N LEU P 91 59.00 -39.47 -10.97
CA LEU P 91 59.62 -38.17 -10.79
C LEU P 91 60.53 -37.84 -11.97
N LEU P 92 60.11 -38.21 -13.17
CA LEU P 92 60.87 -37.95 -14.39
C LEU P 92 60.02 -37.11 -15.33
N ASN P 93 60.55 -35.95 -15.72
CA ASN P 93 59.87 -35.04 -16.65
C ASN P 93 60.86 -34.55 -17.70
N ASP P 94 61.62 -35.48 -18.26
CA ASP P 94 62.65 -35.14 -19.25
C ASP P 94 62.21 -35.59 -20.64
N PRO P 95 61.73 -34.68 -21.50
CA PRO P 95 61.40 -35.08 -22.87
C PRO P 95 62.60 -35.50 -23.69
N ASP P 96 63.81 -35.11 -23.30
CA ASP P 96 64.99 -35.45 -24.08
C ASP P 96 65.32 -36.93 -24.02
N ILE P 97 65.03 -37.58 -22.90
CA ILE P 97 65.46 -38.95 -22.67
C ILE P 97 64.26 -39.84 -22.35
N GLU P 98 64.42 -41.12 -22.63
CA GLU P 98 63.50 -42.15 -22.16
C GLU P 98 64.28 -43.12 -21.29
N ALA P 99 63.74 -43.43 -20.12
CA ALA P 99 64.42 -44.26 -19.15
C ALA P 99 63.85 -45.67 -19.18
N VAL P 100 64.72 -46.65 -19.37
CA VAL P 100 64.35 -48.06 -19.31
C VAL P 100 64.89 -48.61 -18.00
N ILE P 101 64.01 -48.78 -17.01
CA ILE P 101 64.42 -49.23 -15.69
C ILE P 101 64.76 -50.71 -15.76
N ILE P 102 65.91 -51.07 -15.18
CA ILE P 102 66.39 -52.44 -15.17
C ILE P 102 66.56 -52.88 -13.73
N ASP P 103 65.76 -53.84 -13.30
CA ASP P 103 65.93 -54.42 -11.97
C ASP P 103 67.15 -55.33 -11.97
N VAL P 104 68.11 -55.02 -11.10
CA VAL P 104 69.40 -55.70 -11.13
C VAL P 104 69.24 -57.17 -10.76
N GLY P 105 68.46 -57.47 -9.72
CA GLY P 105 68.20 -58.85 -9.35
C GLY P 105 69.23 -59.42 -8.40
N SER P 106 70.18 -60.19 -8.93
CA SER P 106 71.33 -60.66 -8.17
C SER P 106 72.53 -59.77 -8.48
N MET P 107 73.68 -60.11 -7.93
CA MET P 107 74.85 -59.24 -8.06
C MET P 107 76.11 -60.08 -8.17
N LEU P 108 76.75 -60.02 -9.33
CA LEU P 108 78.09 -60.56 -9.53
C LEU P 108 79.10 -59.44 -9.29
N ASN P 109 80.35 -59.66 -9.72
CA ASN P 109 81.33 -58.58 -9.71
C ASN P 109 80.80 -57.36 -10.46
N GLY P 110 80.25 -57.59 -11.65
CA GLY P 110 79.51 -56.56 -12.35
C GLY P 110 78.03 -56.70 -12.05
N ILE P 111 77.21 -56.82 -13.10
CA ILE P 111 75.78 -57.09 -12.91
C ILE P 111 75.39 -58.30 -13.76
N PRO P 112 74.64 -59.26 -13.20
CA PRO P 112 74.14 -60.37 -14.02
C PRO P 112 72.85 -59.97 -14.72
N VAL P 113 72.88 -60.01 -16.06
CA VAL P 113 71.68 -59.67 -16.84
C VAL P 113 70.56 -60.66 -16.54
N MET P 114 70.89 -61.95 -16.49
CA MET P 114 69.95 -63.00 -16.12
C MET P 114 68.71 -62.98 -17.03
N GLU P 115 68.95 -62.96 -18.34
CA GLU P 115 67.87 -62.97 -19.32
C GLU P 115 68.40 -63.60 -20.60
N ARG P 116 68.06 -64.88 -20.80
CA ARG P 116 68.49 -65.63 -21.98
C ARG P 116 70.01 -65.61 -22.12
N ARG P 117 70.67 -66.24 -21.14
CA ARG P 117 72.13 -66.23 -21.09
C ARG P 117 72.71 -66.80 -22.38
N GLY P 118 73.68 -66.09 -22.93
CA GLY P 118 74.26 -66.41 -24.23
C GLY P 118 73.65 -65.62 -25.36
N ASP P 119 72.45 -65.12 -25.17
CA ASP P 119 71.73 -64.35 -26.19
C ASP P 119 71.77 -62.87 -25.82
N LYS P 120 72.64 -62.11 -26.50
CA LYS P 120 72.70 -60.66 -26.37
C LYS P 120 72.96 -60.22 -24.92
N ALA P 121 73.71 -61.01 -24.16
CA ALA P 121 74.03 -60.67 -22.78
C ALA P 121 75.53 -60.72 -22.55
N GLN P 122 76.21 -61.63 -23.24
CA GLN P 122 77.65 -61.78 -23.05
C GLN P 122 78.39 -60.52 -23.46
N GLU P 123 77.94 -59.86 -24.54
CA GLU P 123 78.60 -58.63 -24.97
C GLU P 123 78.43 -57.53 -23.92
N GLU P 124 77.26 -57.44 -23.31
CA GLU P 124 77.05 -56.47 -22.25
C GLU P 124 77.92 -56.78 -21.04
N MET P 125 78.07 -58.06 -20.71
CA MET P 125 78.92 -58.45 -19.59
C MET P 125 80.38 -58.08 -19.85
N GLU P 126 80.87 -58.34 -21.07
CA GLU P 126 82.23 -57.95 -21.41
C GLU P 126 82.38 -56.44 -21.39
N GLY P 127 81.38 -55.70 -21.85
CA GLY P 127 81.44 -54.25 -21.78
C GLY P 127 81.53 -53.74 -20.36
N LEU P 128 80.74 -54.32 -19.46
CA LEU P 128 80.78 -53.90 -18.06
C LEU P 128 82.12 -54.25 -17.42
N MET P 129 82.67 -55.42 -17.73
CA MET P 129 84.00 -55.76 -17.23
C MET P 129 85.07 -54.80 -17.75
N ARG P 130 84.98 -54.43 -19.03
CA ARG P 130 85.91 -53.44 -19.56
C ARG P 130 85.75 -52.10 -18.85
N ILE P 131 84.51 -51.70 -18.58
CA ILE P 131 84.26 -50.44 -17.88
C ILE P 131 84.91 -50.47 -16.50
N LEU P 132 84.71 -51.56 -15.77
CA LEU P 132 85.28 -51.68 -14.43
C LEU P 132 86.81 -51.67 -14.48
N LYS P 133 87.39 -52.41 -15.43
CA LYS P 133 88.84 -52.47 -15.52
C LYS P 133 89.43 -51.11 -15.87
N THR P 134 88.82 -50.40 -16.83
CA THR P 134 89.31 -49.09 -17.19
C THR P 134 89.15 -48.10 -16.04
N ALA P 135 88.05 -48.19 -15.29
CA ALA P 135 87.85 -47.31 -14.14
C ALA P 135 88.92 -47.55 -13.08
N ARG P 136 89.23 -48.82 -12.81
CA ARG P 136 90.22 -49.12 -11.77
C ARG P 136 91.63 -48.76 -12.22
N GLU P 137 91.95 -48.98 -13.50
CA GLU P 137 93.29 -48.71 -13.98
C GLU P 137 93.53 -47.21 -14.21
N SER P 138 92.48 -46.45 -14.52
CA SER P 138 92.65 -45.04 -14.88
C SER P 138 93.28 -44.25 -13.73
N SER P 139 92.73 -44.41 -12.53
CA SER P 139 93.32 -43.77 -11.37
C SER P 139 94.61 -44.49 -10.98
N LYS P 140 95.42 -43.82 -10.13
CA LYS P 140 96.68 -44.38 -9.71
C LYS P 140 96.46 -45.36 -8.57
N GLY P 141 95.56 -46.33 -8.76
CA GLY P 141 95.18 -47.23 -7.69
C GLY P 141 94.32 -46.58 -6.63
N LYS P 142 93.84 -45.36 -6.86
CA LYS P 142 93.10 -44.61 -5.86
C LYS P 142 91.62 -44.94 -5.92
N THR P 143 91.06 -45.33 -4.79
CA THR P 143 89.64 -45.60 -4.69
C THR P 143 88.86 -44.28 -4.75
N PRO P 144 87.57 -44.34 -5.13
CA PRO P 144 86.76 -43.11 -5.12
C PRO P 144 86.71 -42.45 -3.76
N PHE P 145 86.70 -43.23 -2.68
CA PHE P 145 86.67 -42.67 -1.33
C PHE P 145 88.06 -42.19 -0.93
N VAL P 146 88.08 -41.18 -0.07
CA VAL P 146 89.35 -40.67 0.45
C VAL P 146 90.03 -41.68 1.35
N ASP P 147 89.30 -42.70 1.81
CA ASP P 147 89.86 -43.77 2.63
C ASP P 147 89.87 -45.06 1.81
N SER P 148 91.04 -45.67 1.68
CA SER P 148 91.16 -46.88 0.89
C SER P 148 90.37 -48.04 1.48
N ARG P 149 90.16 -48.03 2.80
CA ARG P 149 89.39 -49.09 3.44
C ARG P 149 87.90 -48.96 3.16
N ALA P 150 87.42 -47.78 2.76
CA ALA P 150 86.01 -47.60 2.48
C ALA P 150 85.58 -48.26 1.17
N TYR P 151 86.53 -48.56 0.28
CA TYR P 151 86.18 -49.17 -1.00
C TYR P 151 85.95 -50.67 -0.84
N GLY P 152 86.97 -51.40 -0.40
CA GLY P 152 86.84 -52.83 -0.19
C GLY P 152 86.24 -53.15 1.16
N LEU P 153 85.10 -52.54 1.46
CA LEU P 153 84.43 -52.71 2.74
C LEU P 153 83.20 -53.58 2.55
N ARG P 154 83.06 -54.60 3.40
CA ARG P 154 81.90 -55.48 3.37
C ARG P 154 80.78 -54.86 4.19
N ILE P 155 79.58 -54.78 3.60
CA ILE P 155 78.42 -54.21 4.25
C ILE P 155 77.33 -55.27 4.31
N THR P 156 76.88 -55.60 5.52
CA THR P 156 75.74 -56.48 5.72
C THR P 156 74.67 -55.90 6.63
N ASP P 157 75.02 -54.96 7.51
CA ASP P 157 74.06 -54.31 8.38
C ASP P 157 73.34 -53.22 7.61
N MET P 158 72.02 -53.13 7.83
CA MET P 158 71.23 -52.12 7.13
C MET P 158 71.63 -50.72 7.55
N SER P 159 71.97 -50.52 8.82
CA SER P 159 72.32 -49.19 9.31
C SER P 159 73.58 -48.67 8.64
N THR P 160 74.60 -49.52 8.50
CA THR P 160 75.84 -49.09 7.85
C THR P 160 75.61 -48.76 6.39
N LEU P 161 74.82 -49.58 5.69
CA LEU P 161 74.48 -49.27 4.30
C LEU P 161 73.76 -47.94 4.19
N VAL P 162 72.79 -47.71 5.08
CA VAL P 162 72.05 -46.45 5.04
C VAL P 162 72.98 -45.27 5.27
N SER P 163 73.88 -45.38 6.25
CA SER P 163 74.79 -44.27 6.54
C SER P 163 75.70 -43.99 5.35
N ALA P 164 76.28 -45.04 4.76
CA ALA P 164 77.17 -44.85 3.61
C ALA P 164 76.41 -44.25 2.44
N VAL P 165 75.20 -44.74 2.18
CA VAL P 165 74.41 -44.22 1.07
C VAL P 165 74.07 -42.76 1.30
N ILE P 166 73.70 -42.39 2.52
CA ILE P 166 73.39 -41.00 2.83
C ILE P 166 74.61 -40.12 2.61
N THR P 167 75.79 -40.59 3.04
CA THR P 167 77.00 -39.80 2.84
C THR P 167 77.29 -39.59 1.35
N ILE P 168 77.17 -40.65 0.55
CA ILE P 168 77.41 -40.52 -0.88
C ILE P 168 76.40 -39.58 -1.52
N GLU P 169 75.12 -39.72 -1.15
CA GLU P 169 74.09 -38.84 -1.69
C GLU P 169 74.37 -37.38 -1.33
N ALA P 170 74.73 -37.12 -0.07
CA ALA P 170 75.03 -35.75 0.34
C ALA P 170 76.20 -35.19 -0.46
N GLN P 171 77.28 -35.95 -0.56
CA GLN P 171 78.45 -35.46 -1.28
C GLN P 171 78.16 -35.23 -2.75
N ILE P 172 77.26 -36.02 -3.34
CA ILE P 172 76.83 -35.77 -4.71
C ILE P 172 75.99 -34.50 -4.79
N TRP P 173 75.05 -34.34 -3.86
CA TRP P 173 74.11 -33.23 -3.90
C TRP P 173 74.75 -31.89 -3.54
N ILE P 174 75.94 -31.87 -2.94
CA ILE P 174 76.59 -30.58 -2.71
C ILE P 174 76.95 -29.91 -4.04
N LEU P 175 77.30 -30.70 -5.05
CA LEU P 175 77.83 -30.16 -6.29
C LEU P 175 76.80 -29.37 -7.09
N ILE P 176 75.51 -29.66 -6.94
CA ILE P 176 74.50 -29.05 -7.79
C ILE P 176 74.43 -27.54 -7.57
N ALA P 177 74.78 -27.07 -6.36
CA ALA P 177 74.65 -25.65 -6.07
C ALA P 177 75.51 -24.80 -6.99
N LYS P 178 76.75 -25.23 -7.25
CA LYS P 178 77.69 -24.50 -8.08
C LYS P 178 78.25 -25.40 -9.17
N ALA P 179 77.38 -26.12 -9.87
CA ALA P 179 77.79 -26.98 -10.96
C ALA P 179 77.75 -26.27 -12.30
N VAL P 180 76.79 -25.38 -12.51
CA VAL P 180 76.65 -24.67 -13.77
C VAL P 180 76.95 -23.19 -13.65
N THR P 181 76.84 -22.59 -12.46
CA THR P 181 77.15 -21.18 -12.31
C THR P 181 78.65 -20.94 -12.42
N ALA P 182 79.43 -21.54 -11.53
CA ALA P 182 80.89 -21.42 -11.56
C ALA P 182 81.50 -22.72 -11.07
N PRO P 183 81.48 -23.76 -11.90
CA PRO P 183 82.05 -25.05 -11.47
C PRO P 183 83.54 -24.98 -11.16
N ASP P 184 84.29 -24.13 -11.86
CA ASP P 184 85.73 -24.04 -11.61
C ASP P 184 86.02 -23.45 -10.23
N THR P 185 85.28 -22.41 -9.85
CA THR P 185 85.48 -21.72 -8.58
C THR P 185 84.86 -22.46 -7.40
N ALA P 186 84.52 -23.74 -7.57
CA ALA P 186 83.92 -24.54 -6.50
C ALA P 186 85.02 -25.05 -5.57
N GLU P 187 84.66 -26.04 -4.75
CA GLU P 187 85.49 -26.74 -3.76
C GLU P 187 85.71 -25.90 -2.50
N GLU P 188 85.25 -24.65 -2.45
CA GLU P 188 85.27 -23.87 -1.22
C GLU P 188 83.91 -23.93 -0.52
N SER P 189 82.84 -23.53 -1.22
CA SER P 189 81.51 -23.66 -0.67
C SER P 189 81.14 -25.12 -0.47
N GLU P 190 81.58 -25.99 -1.38
CA GLU P 190 81.32 -27.42 -1.21
C GLU P 190 81.99 -27.96 0.04
N THR P 191 83.25 -27.58 0.27
CA THR P 191 83.94 -28.00 1.48
C THR P 191 83.27 -27.43 2.72
N ARG P 192 82.78 -26.20 2.64
CA ARG P 192 82.06 -25.61 3.77
C ARG P 192 80.79 -26.40 4.08
N ARG P 193 80.04 -26.77 3.04
CA ARG P 193 78.83 -27.57 3.26
C ARG P 193 79.17 -28.93 3.86
N TRP P 194 80.22 -29.57 3.35
CA TRP P 194 80.62 -30.87 3.88
C TRP P 194 81.03 -30.75 5.35
N ALA P 195 81.79 -29.72 5.69
CA ALA P 195 82.18 -29.50 7.08
C ALA P 195 80.96 -29.25 7.96
N LYS P 196 79.99 -28.48 7.46
CA LYS P 196 78.77 -28.23 8.23
C LYS P 196 78.03 -29.52 8.51
N TYR P 197 77.88 -30.37 7.49
CA TYR P 197 77.14 -31.60 7.67
C TYR P 197 77.91 -32.60 8.52
N VAL P 198 79.25 -32.55 8.50
CA VAL P 198 80.03 -33.40 9.38
C VAL P 198 79.88 -32.97 10.83
N GLN P 199 79.93 -31.66 11.08
CA GLN P 199 79.79 -31.16 12.44
C GLN P 199 78.40 -31.45 13.00
N GLN P 200 77.39 -31.55 12.14
CA GLN P 200 76.05 -31.92 12.57
C GLN P 200 75.89 -33.42 12.75
N LYS P 201 76.91 -34.21 12.41
CA LYS P 201 76.90 -35.66 12.53
C LYS P 201 75.81 -36.31 11.68
N ARG P 202 75.33 -35.60 10.66
CA ARG P 202 74.36 -36.18 9.73
C ARG P 202 75.02 -37.14 8.76
N VAL P 203 76.30 -36.93 8.46
CA VAL P 203 77.04 -37.76 7.52
C VAL P 203 78.24 -38.35 8.24
N ASN P 204 78.46 -39.64 8.04
CA ASN P 204 79.63 -40.31 8.59
C ASN P 204 80.82 -40.01 7.70
N PRO P 205 81.87 -39.36 8.22
CA PRO P 205 82.98 -38.92 7.35
C PRO P 205 83.83 -40.05 6.81
N PHE P 206 83.60 -41.30 7.23
CA PHE P 206 84.39 -42.41 6.72
C PHE P 206 84.19 -42.59 5.22
N PHE P 207 82.95 -42.44 4.76
CA PHE P 207 82.64 -42.55 3.32
C PHE P 207 82.71 -41.16 2.71
N ALA P 208 83.94 -40.68 2.53
CA ALA P 208 84.20 -39.38 1.92
C ALA P 208 84.92 -39.60 0.60
N LEU P 209 84.25 -39.24 -0.50
CA LEU P 209 84.85 -39.42 -1.82
C LEU P 209 85.97 -38.42 -2.04
N THR P 210 86.98 -38.84 -2.81
CA THR P 210 88.12 -37.99 -3.09
C THR P 210 87.71 -36.85 -4.02
N GLN P 211 88.59 -35.84 -4.11
CA GLN P 211 88.26 -34.65 -4.89
C GLN P 211 88.34 -34.94 -6.39
N GLN P 212 89.15 -35.92 -6.81
CA GLN P 212 89.18 -36.28 -8.22
C GLN P 212 87.83 -36.81 -8.68
N TRP P 213 87.25 -37.73 -7.90
CA TRP P 213 85.94 -38.27 -8.24
C TRP P 213 84.88 -37.17 -8.19
N LEU P 214 84.98 -36.27 -7.22
CA LEU P 214 84.02 -35.18 -7.14
C LEU P 214 84.12 -34.27 -8.36
N THR P 215 85.34 -33.98 -8.82
CA THR P 215 85.50 -33.18 -10.03
C THR P 215 84.93 -33.88 -11.24
N GLU P 216 85.17 -35.19 -11.38
CA GLU P 216 84.61 -35.94 -12.50
C GLU P 216 83.10 -35.92 -12.47
N MET P 217 82.51 -36.13 -11.30
CA MET P 217 81.05 -36.14 -11.19
C MET P 217 80.47 -34.75 -11.46
N ARG P 218 81.15 -33.70 -11.00
CA ARG P 218 80.68 -32.34 -11.27
C ARG P 218 80.75 -32.03 -12.75
N ASN P 219 81.80 -32.49 -13.43
CA ASN P 219 81.88 -32.31 -14.88
C ASN P 219 80.74 -33.05 -15.58
N LEU P 220 80.46 -34.28 -15.16
CA LEU P 220 79.35 -35.03 -15.73
C LEU P 220 78.02 -34.32 -15.50
N LEU P 221 77.82 -33.78 -14.29
CA LEU P 221 76.58 -33.10 -13.96
C LEU P 221 76.42 -31.82 -14.77
N SER P 222 77.51 -31.09 -14.98
CA SER P 222 77.43 -29.85 -15.76
C SER P 222 77.19 -30.15 -17.23
N GLN P 223 77.80 -31.21 -17.76
CA GLN P 223 77.61 -31.56 -19.16
C GLN P 223 76.16 -31.96 -19.46
N SER P 224 75.54 -32.72 -18.56
CA SER P 224 74.24 -33.32 -18.80
C SER P 224 73.13 -32.48 -18.20
N LEU P 225 72.02 -32.36 -18.94
CA LEU P 225 70.85 -31.64 -18.49
C LEU P 225 69.79 -32.57 -17.89
N SER P 226 69.75 -33.84 -18.30
CA SER P 226 68.75 -34.76 -17.78
C SER P 226 68.94 -35.02 -16.29
N VAL P 227 70.18 -35.20 -15.86
CA VAL P 227 70.45 -35.41 -14.44
C VAL P 227 70.04 -34.18 -13.64
N ARG P 228 70.35 -33.00 -14.15
CA ARG P 228 69.95 -31.77 -13.48
C ARG P 228 68.43 -31.67 -13.39
N LYS P 229 67.73 -32.01 -14.46
CA LYS P 229 66.27 -31.96 -14.44
C LYS P 229 65.70 -32.92 -13.42
N PHE P 230 66.24 -34.15 -13.36
CA PHE P 230 65.76 -35.12 -12.39
C PHE P 230 66.00 -34.64 -10.96
N MET P 231 67.19 -34.09 -10.70
CA MET P 231 67.51 -33.63 -9.35
C MET P 231 66.68 -32.42 -8.96
N VAL P 232 66.40 -31.52 -9.91
CA VAL P 232 65.54 -30.39 -9.63
C VAL P 232 64.12 -30.84 -9.36
N GLU P 233 63.64 -31.86 -10.09
CA GLU P 233 62.32 -32.41 -9.81
C GLU P 233 62.27 -33.01 -8.42
N ILE P 234 63.33 -33.73 -8.03
CA ILE P 234 63.40 -34.28 -6.67
C ILE P 234 63.36 -33.15 -5.65
N LEU P 235 64.11 -32.07 -5.89
CA LEU P 235 64.11 -30.93 -4.98
C LEU P 235 62.72 -30.32 -4.85
N MET P 236 62.04 -30.12 -5.98
CA MET P 236 60.69 -29.55 -5.93
C MET P 236 59.73 -30.45 -5.19
N GLU P 237 59.79 -31.76 -5.43
CA GLU P 237 58.88 -32.68 -4.75
C GLU P 237 59.15 -32.71 -3.25
N VAL P 238 60.43 -32.71 -2.85
CA VAL P 238 60.77 -32.73 -1.44
C VAL P 238 60.36 -31.43 -0.76
N LYS P 239 60.50 -30.30 -1.47
CA LYS P 239 60.14 -29.00 -0.91
C LYS P 239 58.69 -28.95 -0.47
N LYS P 240 57.81 -29.68 -1.17
CA LYS P 240 56.40 -29.73 -0.81
C LYS P 240 56.25 -30.49 0.50
N GLY P 241 55.81 -29.79 1.55
CA GLY P 241 55.60 -30.41 2.84
C GLY P 241 54.31 -31.20 2.91
N GLY P 242 54.07 -31.78 4.08
CA GLY P 242 52.85 -32.51 4.31
C GLY P 242 53.06 -33.90 4.88
N SER P 243 54.13 -34.56 4.46
CA SER P 243 54.42 -35.92 4.90
C SER P 243 55.71 -35.95 5.72
N ALA P 244 55.94 -37.09 6.37
CA ALA P 244 57.15 -37.26 7.16
C ALA P 244 58.37 -37.33 6.25
N LYS P 245 59.45 -36.68 6.68
CA LYS P 245 60.67 -36.60 5.90
C LYS P 245 61.74 -37.49 6.53
N GLY P 246 62.36 -38.35 5.74
CA GLY P 246 63.45 -39.17 6.20
C GLY P 246 64.75 -38.41 6.24
N ARG P 247 65.80 -39.09 6.71
CA ARG P 247 67.11 -38.45 6.81
C ARG P 247 67.60 -38.01 5.44
N ALA P 248 67.48 -38.87 4.43
CA ALA P 248 67.88 -38.51 3.08
C ALA P 248 67.10 -37.31 2.58
N VAL P 249 65.78 -37.32 2.78
CA VAL P 249 64.94 -36.23 2.28
C VAL P 249 65.25 -34.94 3.03
N GLU P 250 65.49 -35.03 4.34
CA GLU P 250 65.83 -33.84 5.11
C GLU P 250 67.15 -33.23 4.64
N ILE P 251 68.16 -34.07 4.41
CA ILE P 251 69.44 -33.57 3.92
C ILE P 251 69.28 -32.97 2.53
N ILE P 252 68.48 -33.62 1.67
CA ILE P 252 68.26 -33.11 0.32
C ILE P 252 67.60 -31.74 0.37
N SER P 253 66.60 -31.58 1.24
CA SER P 253 65.93 -30.28 1.35
C SER P 253 66.86 -29.22 1.94
N ASP P 254 67.68 -29.61 2.90
CA ASP P 254 68.64 -28.66 3.48
C ASP P 254 69.63 -28.18 2.43
N ILE P 255 70.08 -29.09 1.56
CA ILE P 255 70.96 -28.70 0.47
C ILE P 255 70.21 -27.82 -0.53
N GLY P 256 68.98 -28.19 -0.86
CA GLY P 256 68.19 -27.39 -1.79
C GLY P 256 67.92 -25.99 -1.27
N ASN P 257 67.98 -25.80 0.05
CA ASN P 257 67.91 -24.46 0.59
C ASN P 257 69.03 -23.59 0.04
N TYR P 258 70.24 -24.13 -0.06
CA TYR P 258 71.33 -23.43 -0.70
C TYR P 258 71.20 -23.43 -2.22
N VAL P 259 70.59 -24.47 -2.78
CA VAL P 259 70.48 -24.59 -4.24
C VAL P 259 69.58 -23.52 -4.82
N GLU P 260 68.53 -23.13 -4.10
CA GLU P 260 67.51 -22.25 -4.66
C GLU P 260 68.10 -20.91 -5.09
N GLU P 261 67.51 -20.35 -6.14
CA GLU P 261 67.84 -19.01 -6.64
C GLU P 261 69.30 -18.89 -7.05
N THR P 262 69.93 -20.01 -7.42
CA THR P 262 71.31 -19.97 -7.87
C THR P 262 71.39 -19.38 -9.27
N GLY P 263 72.57 -18.81 -9.58
CA GLY P 263 72.82 -18.27 -10.89
C GLY P 263 72.03 -17.03 -11.25
N MET P 264 71.32 -16.43 -10.30
CA MET P 264 70.53 -15.23 -10.53
C MET P 264 70.84 -14.18 -9.47
N ALA P 265 72.09 -14.13 -9.03
CA ALA P 265 72.46 -13.20 -7.96
C ALA P 265 72.33 -11.76 -8.42
N GLY P 266 72.53 -11.48 -9.71
CA GLY P 266 72.39 -10.12 -10.19
C GLY P 266 70.98 -9.58 -10.00
N PHE P 267 69.97 -10.36 -10.41
CA PHE P 267 68.59 -9.89 -10.34
C PHE P 267 68.14 -9.74 -8.89
N PHE P 268 68.40 -10.74 -8.05
CA PHE P 268 67.93 -10.70 -6.67
C PHE P 268 68.70 -9.66 -5.87
N ALA P 269 70.00 -9.51 -6.13
CA ALA P 269 70.76 -8.43 -5.51
C ALA P 269 70.21 -7.07 -5.91
N THR P 270 69.90 -6.90 -7.19
CA THR P 270 69.29 -5.65 -7.64
C THR P 270 68.01 -5.38 -6.88
N ILE P 271 67.12 -6.37 -6.81
CA ILE P 271 65.88 -6.23 -6.05
C ILE P 271 66.18 -5.77 -4.64
N ARG P 272 66.90 -6.61 -3.89
CA ARG P 272 67.06 -6.42 -2.45
C ARG P 272 67.74 -5.10 -2.14
N PHE P 273 68.75 -4.72 -2.90
CA PHE P 273 69.54 -3.54 -2.56
C PHE P 273 69.04 -2.28 -3.25
N GLY P 274 68.95 -2.28 -4.58
CA GLY P 274 68.49 -1.09 -5.28
C GLY P 274 67.03 -0.79 -5.01
N LEU P 275 66.16 -1.79 -5.06
CA LEU P 275 64.73 -1.52 -4.93
C LEU P 275 64.34 -1.27 -3.49
N GLU P 276 64.52 -2.27 -2.63
CA GLU P 276 64.35 -2.08 -1.20
C GLU P 276 65.47 -1.18 -0.67
N THR P 277 65.43 -0.91 0.63
CA THR P 277 66.32 0.07 1.24
C THR P 277 66.22 1.41 0.49
N ARG P 278 65.01 1.98 0.55
CA ARG P 278 64.65 3.13 -0.28
C ARG P 278 65.59 4.31 -0.04
N TYR P 279 66.38 4.66 -1.06
CA TYR P 279 67.35 5.73 -1.04
C TYR P 279 66.85 6.91 -1.86
N PRO P 280 66.98 8.13 -1.33
CA PRO P 280 66.52 9.32 -2.08
C PRO P 280 67.07 9.46 -3.48
N ALA P 281 68.11 8.69 -3.83
CA ALA P 281 68.73 8.77 -5.15
C ALA P 281 68.08 7.82 -6.17
N LEU P 282 66.84 7.39 -5.92
CA LEU P 282 66.19 6.44 -6.81
C LEU P 282 65.57 7.14 -8.01
N ALA P 283 64.62 8.03 -7.78
CA ALA P 283 63.94 8.74 -8.86
C ALA P 283 64.86 9.82 -9.39
N LEU P 284 65.58 9.53 -10.48
CA LEU P 284 66.55 10.47 -11.02
C LEU P 284 66.55 10.50 -12.54
N ASN P 285 65.42 10.17 -13.18
CA ASN P 285 65.22 10.14 -14.63
C ASN P 285 66.06 9.10 -15.35
N GLU P 286 66.87 8.31 -14.64
CA GLU P 286 67.62 7.25 -15.27
C GLU P 286 67.33 5.88 -14.68
N PHE P 287 66.42 5.80 -13.71
CA PHE P 287 66.07 4.53 -13.08
C PHE P 287 64.60 4.15 -13.28
N GLN P 288 63.79 5.02 -13.87
CA GLN P 288 62.36 4.71 -14.00
C GLN P 288 62.12 3.55 -14.97
N SER P 289 62.84 3.54 -16.09
CA SER P 289 62.71 2.43 -17.03
C SER P 289 63.16 1.13 -16.39
N ASP P 290 64.25 1.16 -15.63
CA ASP P 290 64.72 -0.04 -14.95
C ASP P 290 63.72 -0.49 -13.90
N LEU P 291 63.08 0.45 -13.20
CA LEU P 291 62.05 0.08 -12.23
C LEU P 291 60.88 -0.59 -12.90
N ASN P 292 60.43 -0.05 -14.05
CA ASN P 292 59.34 -0.70 -14.77
C ASN P 292 59.73 -2.09 -15.24
N THR P 293 60.95 -2.24 -15.76
CA THR P 293 61.41 -3.56 -16.19
C THR P 293 61.49 -4.52 -15.01
N ILE P 294 61.90 -4.03 -13.84
CA ILE P 294 61.99 -4.87 -12.65
C ILE P 294 60.61 -5.31 -12.19
N LYS P 295 59.63 -4.40 -12.26
CA LYS P 295 58.25 -4.78 -11.94
C LYS P 295 57.73 -5.84 -12.89
N GLY P 296 57.99 -5.67 -14.19
CA GLY P 296 57.61 -6.70 -15.15
C GLY P 296 58.29 -8.02 -14.89
N LEU P 297 59.56 -7.97 -14.48
CA LEU P 297 60.31 -9.19 -14.17
C LEU P 297 59.74 -9.89 -12.94
N MET P 298 59.34 -9.12 -11.92
CA MET P 298 58.67 -9.72 -10.76
C MET P 298 57.37 -10.39 -11.15
N LEU P 299 56.58 -9.73 -12.00
CA LEU P 299 55.34 -10.33 -12.47
C LEU P 299 55.63 -11.63 -13.23
N LEU P 300 56.65 -11.61 -14.10
CA LEU P 300 57.01 -12.81 -14.84
C LEU P 300 57.47 -13.93 -13.90
N TYR P 301 58.26 -13.59 -12.88
CA TYR P 301 58.73 -14.59 -11.93
C TYR P 301 57.58 -15.20 -11.16
N ARG P 302 56.60 -14.39 -10.78
CA ARG P 302 55.40 -14.94 -10.14
C ARG P 302 54.63 -15.82 -11.11
N GLU P 303 54.62 -15.46 -12.39
CA GLU P 303 53.88 -16.22 -13.39
C GLU P 303 54.53 -17.55 -13.75
N ILE P 304 55.86 -17.66 -13.59
CA ILE P 304 56.57 -18.85 -14.08
C ILE P 304 56.08 -20.09 -13.34
N GLY P 305 56.06 -20.05 -12.01
CA GLY P 305 55.61 -21.17 -11.24
C GLY P 305 56.65 -21.68 -10.26
N PRO P 306 56.50 -22.92 -9.82
CA PRO P 306 57.43 -23.48 -8.82
C PRO P 306 58.83 -23.75 -9.38
N ARG P 307 59.01 -23.72 -10.69
CA ARG P 307 60.32 -23.92 -11.30
C ARG P 307 61.14 -22.64 -11.39
N ALA P 308 60.60 -21.52 -10.91
CA ALA P 308 61.29 -20.24 -11.05
C ALA P 308 62.65 -20.20 -10.37
N PRO P 309 62.81 -20.61 -9.10
CA PRO P 309 64.13 -20.49 -8.48
C PRO P 309 65.21 -21.29 -9.18
N TYR P 310 64.87 -22.47 -9.70
CA TYR P 310 65.83 -23.29 -10.44
C TYR P 310 65.75 -23.03 -11.93
N MET P 311 65.81 -21.75 -12.32
CA MET P 311 65.75 -21.42 -13.74
C MET P 311 67.08 -21.68 -14.43
N VAL P 312 68.20 -21.35 -13.77
CA VAL P 312 69.52 -21.58 -14.37
C VAL P 312 69.81 -23.06 -14.47
N LEU P 313 69.38 -23.84 -13.47
CA LEU P 313 69.65 -25.27 -13.48
C LEU P 313 68.96 -25.95 -14.67
N LEU P 314 67.71 -25.58 -14.94
CA LEU P 314 67.00 -26.11 -16.09
C LEU P 314 67.33 -25.36 -17.38
N GLU P 315 68.10 -24.27 -17.30
CA GLU P 315 68.52 -23.50 -18.47
C GLU P 315 67.32 -22.98 -19.25
N GLU P 316 66.34 -22.45 -18.52
CA GLU P 316 65.16 -21.87 -19.15
C GLU P 316 65.54 -20.68 -20.02
N SER P 317 64.86 -20.56 -21.16
CA SER P 317 65.08 -19.40 -22.03
C SER P 317 64.59 -18.11 -21.38
N ILE P 318 63.63 -18.20 -20.46
CA ILE P 318 63.14 -17.01 -19.76
C ILE P 318 64.21 -16.41 -18.88
N GLN P 319 65.28 -17.16 -18.57
CA GLN P 319 66.31 -16.66 -17.67
C GLN P 319 67.06 -15.47 -18.27
N THR P 320 67.28 -15.47 -19.58
CA THR P 320 68.05 -14.40 -20.21
C THR P 320 67.38 -13.05 -20.00
N LYS P 321 66.04 -13.03 -20.01
CA LYS P 321 65.33 -11.78 -19.75
C LYS P 321 65.55 -11.28 -18.33
N PHE P 322 65.88 -12.18 -17.41
CA PHE P 322 66.12 -11.80 -16.02
C PHE P 322 67.53 -11.27 -15.80
N ALA P 323 68.49 -11.64 -16.64
CA ALA P 323 69.87 -11.27 -16.42
C ALA P 323 70.07 -9.77 -16.55
N PRO P 324 70.97 -9.19 -15.76
CA PRO P 324 71.31 -7.78 -15.94
C PRO P 324 71.90 -7.53 -17.32
N GLY P 325 71.55 -6.39 -17.89
CA GLY P 325 71.88 -6.10 -19.27
C GLY P 325 70.70 -5.44 -19.94
N GLY P 326 69.51 -5.81 -19.49
CA GLY P 326 68.29 -5.09 -19.81
C GLY P 326 67.99 -3.95 -18.86
N TYR P 327 68.72 -3.86 -17.75
CA TYR P 327 68.58 -2.77 -16.78
C TYR P 327 69.93 -2.49 -16.14
N PRO P 328 70.94 -2.17 -16.95
CA PRO P 328 72.31 -2.06 -16.40
C PRO P 328 72.46 -0.94 -15.37
N LEU P 329 71.69 0.14 -15.48
CA LEU P 329 71.89 1.30 -14.61
C LEU P 329 71.50 0.99 -13.17
N LEU P 330 70.25 0.57 -12.97
CA LEU P 330 69.79 0.22 -11.62
C LEU P 330 70.59 -0.96 -11.08
N TRP P 331 70.96 -1.91 -11.94
CA TRP P 331 71.79 -3.02 -11.50
C TRP P 331 73.12 -2.52 -10.95
N SER P 332 73.77 -1.61 -11.68
CA SER P 332 75.05 -1.08 -11.22
C SER P 332 74.88 -0.33 -9.91
N PHE P 333 73.83 0.47 -9.78
CA PHE P 333 73.56 1.17 -8.53
C PHE P 333 73.39 0.19 -7.38
N ALA P 334 72.62 -0.87 -7.61
CA ALA P 334 72.35 -1.85 -6.57
C ALA P 334 73.61 -2.60 -6.16
N MET P 335 74.45 -2.99 -7.13
CA MET P 335 75.68 -3.67 -6.75
C MET P 335 76.67 -2.73 -6.07
N GLY P 336 76.65 -1.43 -6.42
CA GLY P 336 77.46 -0.50 -5.66
C GLY P 336 77.05 -0.43 -4.21
N VAL P 337 75.75 -0.25 -3.95
CA VAL P 337 75.30 -0.18 -2.57
C VAL P 337 75.49 -1.53 -1.87
N ALA P 338 75.44 -2.64 -2.61
CA ALA P 338 75.65 -3.95 -2.01
C ALA P 338 77.11 -4.14 -1.60
N THR P 339 78.03 -3.80 -2.50
CA THR P 339 79.46 -3.91 -2.17
C THR P 339 79.82 -3.00 -1.02
N THR P 340 79.15 -1.85 -0.90
CA THR P 340 79.42 -0.99 0.26
C THR P 340 78.78 -1.54 1.53
N ILE P 341 77.62 -2.19 1.42
CA ILE P 341 76.88 -2.62 2.60
C ILE P 341 77.27 -4.03 3.01
N ASP P 342 77.13 -4.99 2.09
CA ASP P 342 77.32 -6.40 2.40
C ASP P 342 78.79 -6.77 2.17
N ARG P 343 79.46 -7.22 3.23
CA ARG P 343 80.86 -7.61 3.11
C ARG P 343 81.02 -8.82 2.18
N SER P 344 80.11 -9.78 2.27
CA SER P 344 80.15 -10.93 1.37
C SER P 344 80.02 -10.50 -0.08
N MET P 345 79.16 -9.51 -0.34
CA MET P 345 79.07 -8.91 -1.66
C MET P 345 80.37 -8.18 -1.98
N GLY P 346 81.07 -8.64 -3.01
CA GLY P 346 82.37 -8.10 -3.36
C GLY P 346 83.26 -9.21 -3.86
N ALA P 347 82.94 -10.44 -3.49
CA ALA P 347 83.54 -11.61 -4.11
C ALA P 347 82.84 -12.00 -5.40
N LEU P 348 81.71 -11.36 -5.72
CA LEU P 348 81.01 -11.63 -6.96
C LEU P 348 81.77 -11.05 -8.14
N ASN P 349 81.82 -11.80 -9.23
CA ASN P 349 82.50 -11.37 -10.45
C ASN P 349 81.49 -10.61 -11.30
N ILE P 350 81.67 -9.30 -11.40
CA ILE P 350 80.71 -8.44 -12.09
C ILE P 350 81.41 -7.57 -13.13
N ASN P 351 82.51 -8.08 -13.69
CA ASN P 351 83.26 -7.33 -14.71
C ASN P 351 82.56 -7.43 -16.07
N ARG P 352 81.33 -6.95 -16.11
CA ARG P 352 80.53 -6.99 -17.32
C ARG P 352 80.86 -5.79 -18.22
N GLY P 353 80.26 -5.78 -19.41
CA GLY P 353 80.45 -4.72 -20.36
C GLY P 353 79.52 -3.53 -20.22
N TYR P 354 78.66 -3.54 -19.22
CA TYR P 354 77.71 -2.45 -18.98
C TYR P 354 77.77 -2.01 -17.52
N LEU P 355 78.98 -1.83 -17.01
CA LEU P 355 79.16 -1.54 -15.60
C LEU P 355 78.67 -0.14 -15.24
N GLU P 356 78.84 0.83 -16.13
CA GLU P 356 78.44 2.22 -15.90
C GLU P 356 79.06 2.73 -14.61
N PRO P 357 80.37 3.01 -14.58
CA PRO P 357 81.02 3.35 -13.30
C PRO P 357 80.44 4.57 -12.62
N MET P 358 79.83 5.50 -13.36
CA MET P 358 79.23 6.67 -12.73
C MET P 358 78.12 6.28 -11.78
N TYR P 359 77.25 5.36 -12.19
CA TYR P 359 76.15 4.94 -11.33
C TYR P 359 76.64 4.04 -10.20
N PHE P 360 77.71 3.28 -10.43
CA PHE P 360 78.32 2.53 -9.34
C PHE P 360 78.86 3.48 -8.27
N ARG P 361 79.53 4.56 -8.68
CA ARG P 361 80.00 5.56 -7.74
C ARG P 361 78.83 6.22 -7.03
N LEU P 362 77.76 6.50 -7.77
CA LEU P 362 76.58 7.13 -7.15
C LEU P 362 75.99 6.21 -6.08
N GLY P 363 75.94 4.91 -6.34
CA GLY P 363 75.46 3.98 -5.33
C GLY P 363 76.39 3.89 -4.13
N GLN P 364 77.70 3.87 -4.39
CA GLN P 364 78.67 3.86 -3.29
C GLN P 364 78.48 5.08 -2.40
N LYS P 365 78.29 6.25 -2.99
CA LYS P 365 78.03 7.45 -2.20
C LYS P 365 76.68 7.38 -1.50
N SER P 366 75.67 6.85 -2.18
CA SER P 366 74.34 6.78 -1.59
C SER P 366 74.31 5.87 -0.36
N ALA P 367 75.19 4.87 -0.33
CA ALA P 367 75.24 3.98 0.82
C ALA P 367 75.66 4.71 2.09
N ARG P 368 76.68 5.56 2.02
CA ARG P 368 77.27 6.16 3.21
C ARG P 368 77.10 7.68 3.28
N HIS P 369 77.55 8.42 2.26
CA HIS P 369 77.59 9.87 2.32
C HIS P 369 76.25 10.52 2.04
N HIS P 370 75.23 9.74 1.70
CA HIS P 370 73.99 10.32 1.18
C HIS P 370 73.21 11.02 2.29
N ALA P 371 72.78 10.27 3.30
CA ALA P 371 71.99 10.79 4.42
C ALA P 371 71.79 9.64 5.41
N GLY P 372 71.19 9.98 6.55
CA GLY P 372 70.82 8.95 7.51
C GLY P 372 69.76 8.01 6.98
N GLY P 373 68.79 8.55 6.24
CA GLY P 373 67.77 7.72 5.63
C GLY P 373 66.69 7.28 6.59
N ILE P 374 65.94 8.23 7.15
CA ILE P 374 64.86 7.91 8.06
C ILE P 374 63.58 7.77 7.25
N ASP P 375 62.98 6.58 7.28
CA ASP P 375 61.78 6.29 6.52
C ASP P 375 60.58 6.70 7.38
N GLN P 376 59.37 6.50 6.87
CA GLN P 376 58.17 6.84 7.62
C GLN P 376 58.14 6.10 8.95
N ASN P 377 57.91 6.84 10.04
CA ASN P 377 58.00 6.32 11.39
C ASN P 377 56.60 6.18 11.97
N MET P 378 56.16 4.93 12.21
CA MET P 378 54.91 4.72 12.93
C MET P 378 55.01 5.27 14.34
N ALA P 379 56.12 5.01 15.02
CA ALA P 379 56.37 5.62 16.31
C ALA P 379 56.84 7.06 16.12
N ASN P 380 56.24 7.98 16.85
CA ASN P 380 56.51 9.41 16.67
C ASN P 380 57.79 9.76 17.40
N LYS P 381 58.87 9.89 16.64
CA LYS P 381 60.17 10.27 17.20
C LYS P 381 60.40 11.76 17.00
N LEU P 382 59.75 12.56 17.84
CA LEU P 382 59.79 14.01 17.70
C LEU P 382 61.15 14.58 18.07
N GLY P 383 61.87 13.94 18.97
CA GLY P 383 63.17 14.42 19.38
C GLY P 383 64.34 13.65 18.80
N LEU P 384 64.13 13.05 17.63
CA LEU P 384 65.09 12.14 17.02
C LEU P 384 66.04 12.83 16.06
N ASN P 385 66.03 14.17 15.98
CA ASN P 385 67.02 14.86 15.15
C ASN P 385 68.43 14.58 15.64
N SER P 386 68.64 14.69 16.96
CA SER P 386 69.95 14.38 17.52
C SER P 386 70.27 12.90 17.39
N ASP P 387 69.26 12.04 17.47
CA ASP P 387 69.49 10.61 17.24
C ASP P 387 69.99 10.34 15.84
N GLN P 388 69.37 10.99 14.83
CA GLN P 388 69.83 10.84 13.46
C GLN P 388 71.22 11.41 13.29
N VAL P 389 71.51 12.54 13.93
CA VAL P 389 72.85 13.13 13.84
C VAL P 389 73.89 12.18 14.42
N ALA P 390 73.60 11.57 15.57
CA ALA P 390 74.53 10.63 16.18
C ALA P 390 74.70 9.38 15.33
N GLU P 391 73.61 8.91 14.72
CA GLU P 391 73.71 7.75 13.83
C GLU P 391 74.57 8.05 12.63
N LEU P 392 74.43 9.25 12.06
CA LEU P 392 75.25 9.64 10.91
C LEU P 392 76.69 9.96 11.33
N ALA P 393 76.92 10.24 12.62
CA ALA P 393 78.28 10.56 13.07
C ALA P 393 79.22 9.38 12.94
N ALA P 394 78.68 8.17 12.86
CA ALA P 394 79.48 6.94 12.71
C ALA P 394 80.52 6.80 13.81
N MET R 1 39.54 26.75 -32.38
CA MET R 1 39.32 26.97 -30.95
C MET R 1 39.68 25.74 -30.13
N SER R 2 38.91 25.50 -29.06
CA SER R 2 39.18 24.35 -28.20
C SER R 2 39.01 23.03 -28.95
N ASP R 3 38.00 22.94 -29.82
CA ASP R 3 37.77 21.71 -30.56
C ASP R 3 38.96 21.42 -31.48
N ILE R 4 39.51 22.45 -32.12
CA ILE R 4 40.72 22.29 -32.90
C ILE R 4 41.83 21.79 -31.98
N PHE R 5 42.79 21.05 -32.55
CA PHE R 5 43.87 20.32 -31.91
C PHE R 5 43.36 19.06 -31.23
N ASP R 6 42.05 18.82 -31.19
CA ASP R 6 41.47 17.54 -30.78
C ASP R 6 40.89 16.79 -31.97
N GLU R 7 40.33 17.52 -32.95
CA GLU R 7 39.92 16.90 -34.19
C GLU R 7 41.12 16.28 -34.91
N ALA R 8 42.24 17.01 -34.94
CA ALA R 8 43.44 16.47 -35.57
C ALA R 8 44.00 15.30 -34.79
N ALA R 9 43.90 15.33 -33.46
CA ALA R 9 44.36 14.21 -32.66
C ALA R 9 43.63 12.94 -33.03
N SER R 10 42.32 13.03 -33.26
CA SER R 10 41.59 11.88 -33.80
C SER R 10 41.91 11.68 -35.28
N PHE R 11 42.11 12.77 -36.02
CA PHE R 11 42.38 12.65 -37.45
C PHE R 11 43.67 11.89 -37.72
N ARG R 12 44.74 12.21 -36.98
CA ARG R 12 45.98 11.44 -37.14
C ARG R 12 45.81 10.01 -36.66
N SER R 13 45.03 9.81 -35.60
CA SER R 13 44.74 8.45 -35.15
C SER R 13 43.93 7.69 -36.18
N TYR R 14 42.93 8.35 -36.79
CA TYR R 14 42.14 7.71 -37.83
C TYR R 14 42.95 7.49 -39.10
N GLN R 15 43.91 8.38 -39.38
CA GLN R 15 44.69 8.26 -40.61
C GLN R 15 45.62 7.05 -40.58
N SER R 16 46.11 6.67 -39.40
CA SER R 16 47.03 5.53 -39.32
C SER R 16 46.33 4.23 -39.69
N LYS R 17 45.18 3.97 -39.08
CA LYS R 17 44.38 2.78 -39.40
C LYS R 17 43.31 3.14 -40.42
N LEU R 18 43.76 3.64 -41.57
CA LEU R 18 42.84 4.20 -42.56
C LEU R 18 42.10 3.09 -43.30
N GLY R 19 42.84 2.25 -44.02
CA GLY R 19 42.22 1.21 -44.82
C GLY R 19 42.63 -0.20 -44.43
N ARG R 20 43.15 -0.35 -43.20
CA ARG R 20 43.59 -1.66 -42.72
C ARG R 20 42.45 -2.38 -41.99
N ASP R 21 41.37 -2.59 -42.74
CA ASP R 21 40.18 -3.24 -42.21
C ASP R 21 39.58 -4.14 -43.27
N GLY R 22 38.81 -5.12 -42.84
CA GLY R 22 38.19 -6.06 -43.76
C GLY R 22 39.11 -7.20 -44.12
N ARG R 23 38.64 -8.01 -45.07
CA ARG R 23 39.36 -9.19 -45.53
C ARG R 23 39.63 -9.07 -47.03
N ALA R 24 40.83 -9.46 -47.44
CA ALA R 24 41.21 -9.42 -48.84
C ALA R 24 40.63 -10.61 -49.59
N SER R 25 40.77 -10.58 -50.91
CA SER R 25 40.28 -11.63 -51.77
C SER R 25 41.40 -12.59 -52.16
N ALA R 26 41.02 -13.71 -52.77
CA ALA R 26 41.95 -14.71 -53.23
C ALA R 26 42.51 -14.42 -54.62
N ALA R 27 42.06 -13.33 -55.25
CA ALA R 27 42.58 -12.98 -56.58
C ALA R 27 44.07 -12.66 -56.51
N THR R 28 44.50 -11.95 -55.47
CA THR R 28 45.91 -11.61 -55.29
C THR R 28 46.65 -12.79 -54.65
N ALA R 29 46.80 -13.84 -55.45
CA ALA R 29 47.45 -15.07 -55.02
C ALA R 29 48.79 -15.19 -55.74
N THR R 30 49.87 -15.27 -54.98
CA THR R 30 51.20 -15.34 -55.54
C THR R 30 51.41 -16.68 -56.23
N LEU R 31 52.22 -16.66 -57.29
CA LEU R 31 52.63 -17.89 -57.96
C LEU R 31 53.52 -18.71 -57.02
N THR R 32 53.27 -20.02 -56.97
CA THR R 32 53.95 -20.89 -56.03
C THR R 32 55.05 -21.69 -56.73
N THR R 33 56.15 -21.91 -56.01
CA THR R 33 57.30 -22.64 -56.52
C THR R 33 57.43 -23.94 -55.73
N LYS R 34 57.65 -25.05 -56.45
CA LYS R 34 57.80 -26.34 -55.79
C LYS R 34 59.16 -26.41 -55.09
N ILE R 35 59.15 -26.87 -53.84
CA ILE R 35 60.36 -27.00 -53.04
C ILE R 35 60.44 -28.43 -52.54
N ARG R 36 61.52 -29.12 -52.91
CA ARG R 36 61.71 -30.52 -52.56
C ARG R 36 62.53 -30.62 -51.28
N ILE R 37 61.93 -31.20 -50.25
CA ILE R 37 62.54 -31.31 -48.91
C ILE R 37 62.83 -32.77 -48.63
N PHE R 38 64.07 -33.07 -48.27
CA PHE R 38 64.51 -34.42 -47.95
C PHE R 38 64.49 -34.58 -46.43
N VAL R 39 63.52 -35.32 -45.91
CA VAL R 39 63.40 -35.54 -44.47
C VAL R 39 63.74 -37.00 -44.16
N PRO R 40 64.35 -37.28 -43.01
CA PRO R 40 64.63 -38.68 -42.66
C PRO R 40 63.36 -39.43 -42.28
N ALA R 41 63.17 -40.60 -42.88
CA ALA R 41 61.98 -41.39 -42.61
C ALA R 41 62.05 -42.09 -41.25
N THR R 42 63.22 -42.55 -40.86
CA THR R 42 63.41 -43.35 -39.66
C THR R 42 64.15 -42.52 -38.61
N ASN R 43 64.43 -43.17 -37.48
CA ASN R 43 65.13 -42.55 -36.37
C ASN R 43 66.55 -43.06 -36.19
N SER R 44 67.05 -43.85 -37.14
CA SER R 44 68.39 -44.41 -37.02
C SER R 44 69.43 -43.30 -37.09
N PRO R 45 70.35 -43.19 -36.12
CA PRO R 45 71.34 -42.11 -36.16
C PRO R 45 72.22 -42.14 -37.38
N GLU R 46 72.57 -43.33 -37.88
CA GLU R 46 73.45 -43.43 -39.04
C GLU R 46 72.82 -42.79 -40.27
N LEU R 47 71.50 -42.94 -40.42
CA LEU R 47 70.82 -42.32 -41.55
C LEU R 47 70.67 -40.82 -41.35
N ARG R 48 70.32 -40.40 -40.13
CA ARG R 48 70.16 -38.97 -39.88
C ARG R 48 71.49 -38.23 -39.97
N TRP R 49 72.55 -38.81 -39.39
CA TRP R 49 73.85 -38.16 -39.46
C TRP R 49 74.35 -38.05 -40.90
N GLU R 50 74.13 -39.10 -41.70
CA GLU R 50 74.52 -39.03 -43.10
C GLU R 50 73.66 -38.03 -43.86
N LEU R 51 72.41 -37.83 -43.41
CA LEU R 51 71.53 -36.88 -44.07
C LEU R 51 71.97 -35.45 -43.82
N THR R 52 72.25 -35.10 -42.56
CA THR R 52 72.68 -33.73 -42.26
C THR R 52 74.06 -33.44 -42.84
N LEU R 53 74.86 -34.47 -43.08
CA LEU R 53 76.10 -34.27 -43.82
C LEU R 53 75.82 -33.92 -45.27
N PHE R 54 74.82 -34.56 -45.88
CA PHE R 54 74.43 -34.22 -47.24
C PHE R 54 73.88 -32.81 -47.33
N ALA R 55 73.02 -32.44 -46.38
CA ALA R 55 72.41 -31.11 -46.42
C ALA R 55 73.45 -30.01 -46.27
N LEU R 56 74.52 -30.29 -45.53
CA LEU R 56 75.62 -29.33 -45.43
C LEU R 56 76.29 -29.13 -46.78
N ASP R 57 76.49 -30.21 -47.53
CA ASP R 57 77.19 -30.12 -48.80
C ASP R 57 76.37 -29.37 -49.84
N VAL R 58 75.05 -29.59 -49.86
CA VAL R 58 74.19 -28.91 -50.83
C VAL R 58 74.24 -27.41 -50.61
N ILE R 59 74.16 -26.98 -49.34
CA ILE R 59 74.21 -25.55 -49.02
C ILE R 59 75.56 -24.97 -49.43
N ARG R 60 76.64 -25.70 -49.13
CA ARG R 60 77.98 -25.25 -49.52
C ARG R 60 78.21 -25.34 -51.02
N SER R 61 77.44 -26.16 -51.73
CA SER R 61 77.67 -26.36 -53.15
C SER R 61 77.43 -25.08 -53.93
N PRO R 62 78.30 -24.73 -54.88
CA PRO R 62 78.07 -23.53 -55.69
C PRO R 62 77.15 -23.80 -56.88
N SER R 63 77.11 -25.04 -57.34
CA SER R 63 76.28 -25.43 -58.47
C SER R 63 74.84 -25.73 -58.07
N ALA R 64 74.52 -25.68 -56.78
CA ALA R 64 73.17 -25.99 -56.34
C ALA R 64 72.20 -24.87 -56.73
N ALA R 65 71.03 -25.28 -57.21
CA ALA R 65 69.96 -24.32 -57.45
C ALA R 65 69.41 -23.80 -56.13
N GLU R 66 68.79 -22.62 -56.19
CA GLU R 66 68.28 -22.00 -54.97
C GLU R 66 67.20 -22.87 -54.33
N SER R 67 66.32 -23.46 -55.13
CA SER R 67 65.27 -24.30 -54.59
C SER R 67 65.85 -25.49 -53.85
N MET R 68 66.93 -26.07 -54.38
CA MET R 68 67.61 -27.15 -53.66
C MET R 68 68.20 -26.66 -52.36
N LYS R 69 68.75 -25.44 -52.35
CA LYS R 69 69.33 -24.90 -51.13
C LYS R 69 68.28 -24.69 -50.05
N ILE R 70 67.08 -24.25 -50.44
CA ILE R 70 65.99 -24.11 -49.47
C ILE R 70 65.61 -25.47 -48.91
N GLY R 71 65.57 -26.50 -49.76
CA GLY R 71 65.27 -27.83 -49.28
C GLY R 71 66.28 -28.34 -48.28
N ALA R 72 67.57 -28.08 -48.54
CA ALA R 72 68.61 -28.45 -47.59
C ALA R 72 68.46 -27.66 -46.29
N ALA R 73 68.13 -26.37 -46.40
CA ALA R 73 67.93 -25.56 -45.20
C ALA R 73 66.74 -26.06 -44.38
N PHE R 74 65.64 -26.39 -45.05
CA PHE R 74 64.49 -26.96 -44.36
C PHE R 74 64.83 -28.34 -43.79
N THR R 75 65.64 -29.11 -44.51
CA THR R 75 66.07 -30.42 -44.01
C THR R 75 66.87 -30.27 -42.72
N LEU R 76 67.77 -29.29 -42.67
CA LEU R 76 68.62 -29.11 -41.49
C LEU R 76 67.78 -28.71 -40.28
N ILE R 77 66.92 -27.70 -40.43
CA ILE R 77 66.25 -27.11 -39.29
C ILE R 77 65.38 -28.13 -38.56
N SER R 78 64.73 -29.02 -39.33
CA SER R 78 63.79 -29.98 -38.76
C SER R 78 64.45 -31.29 -38.38
N MET R 79 65.79 -31.38 -38.45
CA MET R 79 66.46 -32.64 -38.15
C MET R 79 66.31 -33.04 -36.69
N TYR R 80 66.20 -32.06 -35.78
CA TYR R 80 66.10 -32.38 -34.37
C TYR R 80 64.81 -33.13 -34.05
N SER R 81 63.72 -32.79 -34.73
CA SER R 81 62.43 -33.38 -34.45
C SER R 81 62.41 -34.86 -34.85
N GLU R 82 61.69 -35.66 -34.07
CA GLU R 82 61.55 -37.08 -34.38
C GLU R 82 60.71 -37.31 -35.62
N ARG R 83 59.84 -36.37 -35.98
CA ARG R 83 59.01 -36.46 -37.18
C ARG R 83 59.20 -35.17 -37.96
N PRO R 84 60.30 -35.03 -38.70
CA PRO R 84 60.54 -33.79 -39.45
C PRO R 84 59.46 -33.47 -40.46
N GLY R 85 58.85 -34.48 -41.07
CA GLY R 85 57.79 -34.23 -42.03
C GLY R 85 56.57 -33.58 -41.39
N ALA R 86 56.19 -34.06 -40.21
CA ALA R 86 55.05 -33.46 -39.51
C ALA R 86 55.35 -32.04 -39.06
N LEU R 87 56.58 -31.80 -38.60
CA LEU R 87 56.93 -30.46 -38.11
C LEU R 87 56.86 -29.43 -39.22
N ILE R 88 57.39 -29.75 -40.40
CA ILE R 88 57.37 -28.80 -41.51
C ILE R 88 55.94 -28.55 -41.98
N ARG R 89 55.14 -29.61 -42.11
CA ARG R 89 53.79 -29.46 -42.63
C ARG R 89 52.90 -28.69 -41.66
N SER R 90 53.13 -28.83 -40.36
CA SER R 90 52.29 -28.18 -39.36
C SER R 90 52.83 -26.84 -38.91
N LEU R 91 53.94 -26.37 -39.47
CA LEU R 91 54.52 -25.09 -39.10
C LEU R 91 54.98 -24.32 -40.34
N LEU R 92 54.20 -24.43 -41.42
CA LEU R 92 54.51 -23.74 -42.67
C LEU R 92 53.37 -22.80 -43.00
N ASN R 93 53.70 -21.52 -43.16
CA ASN R 93 52.72 -20.49 -43.52
C ASN R 93 53.29 -19.61 -44.62
N ASP R 94 53.86 -20.24 -45.65
CA ASP R 94 54.49 -19.51 -46.75
C ASP R 94 53.62 -19.62 -48.00
N PRO R 95 52.88 -18.57 -48.36
CA PRO R 95 52.14 -18.61 -49.63
C PRO R 95 53.02 -18.62 -50.86
N ASP R 96 54.29 -18.21 -50.73
CA ASP R 96 55.18 -18.15 -51.88
C ASP R 96 55.56 -19.54 -52.38
N ILE R 97 55.67 -20.51 -51.47
CA ILE R 97 56.22 -21.82 -51.80
C ILE R 97 55.22 -22.90 -51.42
N GLU R 98 55.33 -24.03 -52.12
CA GLU R 98 54.67 -25.27 -51.73
C GLU R 98 55.73 -26.32 -51.47
N ALA R 99 55.60 -27.01 -50.33
CA ALA R 99 56.61 -27.98 -49.90
C ALA R 99 56.12 -29.39 -50.20
N VAL R 100 56.93 -30.14 -50.93
CA VAL R 100 56.67 -31.55 -51.19
C VAL R 100 57.63 -32.36 -50.32
N ILE R 101 57.11 -32.89 -49.22
CA ILE R 101 57.94 -33.62 -48.27
C ILE R 101 58.31 -34.97 -48.87
N ILE R 102 59.59 -35.32 -48.78
CA ILE R 102 60.10 -36.56 -49.35
C ILE R 102 60.78 -37.35 -48.23
N ASP R 103 60.22 -38.50 -47.90
CA ASP R 103 60.85 -39.39 -46.94
C ASP R 103 62.04 -40.09 -47.59
N VAL R 104 63.21 -39.95 -46.97
CA VAL R 104 64.44 -40.45 -47.58
C VAL R 104 64.42 -41.97 -47.68
N GLY R 105 64.02 -42.65 -46.59
CA GLY R 105 63.96 -44.09 -46.62
C GLY R 105 65.27 -44.74 -46.21
N SER R 106 66.04 -45.18 -47.20
CA SER R 106 67.40 -45.66 -46.97
C SER R 106 68.38 -44.59 -47.45
N MET R 107 69.67 -44.87 -47.40
CA MET R 107 70.64 -43.85 -47.80
C MET R 107 71.84 -44.50 -48.48
N LEU R 108 72.09 -44.10 -49.72
CA LEU R 108 73.35 -44.37 -50.40
C LEU R 108 74.30 -43.20 -50.11
N ASN R 109 75.39 -43.08 -50.87
CA ASN R 109 76.24 -41.90 -50.76
C ASN R 109 75.42 -40.62 -50.89
N GLY R 110 74.53 -40.57 -51.89
CA GLY R 110 73.56 -39.49 -51.98
C GLY R 110 72.27 -39.88 -51.31
N ILE R 111 71.16 -39.86 -52.05
CA ILE R 111 69.88 -40.33 -51.54
C ILE R 111 69.23 -41.24 -52.58
N PRO R 112 68.76 -42.42 -52.18
CA PRO R 112 68.01 -43.29 -53.12
C PRO R 112 66.54 -42.88 -53.15
N VAL R 113 66.07 -42.51 -54.34
CA VAL R 113 64.65 -42.17 -54.47
C VAL R 113 63.78 -43.39 -54.20
N MET R 114 64.22 -44.56 -54.66
CA MET R 114 63.53 -45.83 -54.41
C MET R 114 62.07 -45.76 -54.86
N GLU R 115 61.87 -45.35 -56.11
CA GLU R 115 60.53 -45.27 -56.68
C GLU R 115 60.66 -45.43 -58.19
N ARG R 116 60.37 -46.64 -58.69
CA ARG R 116 60.45 -46.96 -60.11
C ARG R 116 61.83 -46.62 -60.68
N ARG R 117 62.83 -47.36 -60.19
CA ARG R 117 64.20 -47.12 -60.61
C ARG R 117 64.33 -47.24 -62.13
N GLY R 118 65.01 -46.27 -62.73
CA GLY R 118 65.13 -46.17 -64.18
C GLY R 118 64.14 -45.21 -64.80
N ASP R 119 62.93 -45.14 -64.25
CA ASP R 119 61.88 -44.26 -64.75
C ASP R 119 61.94 -42.94 -63.99
N LYS R 120 62.51 -41.91 -64.62
CA LYS R 120 62.59 -40.57 -64.04
C LYS R 120 63.29 -40.56 -62.69
N ALA R 121 64.27 -41.43 -62.52
CA ALA R 121 64.99 -41.54 -61.25
C ALA R 121 66.49 -41.41 -61.41
N GLN R 122 67.06 -41.91 -62.51
CA GLN R 122 68.51 -41.87 -62.68
C GLN R 122 69.01 -40.43 -62.77
N GLU R 123 68.28 -39.55 -63.47
CA GLU R 123 68.75 -38.19 -63.67
C GLU R 123 68.89 -37.44 -62.36
N GLU R 124 67.95 -37.64 -61.44
CA GLU R 124 68.07 -37.04 -60.12
C GLU R 124 69.30 -37.56 -59.38
N MET R 125 69.58 -38.86 -59.53
CA MET R 125 70.77 -39.44 -58.90
C MET R 125 72.05 -38.79 -59.42
N GLU R 126 72.18 -38.69 -60.75
CA GLU R 126 73.37 -38.05 -61.32
C GLU R 126 73.46 -36.58 -60.93
N GLY R 127 72.33 -35.89 -60.84
CA GLY R 127 72.35 -34.50 -60.43
C GLY R 127 72.91 -34.30 -59.04
N LEU R 128 72.57 -35.20 -58.11
CA LEU R 128 73.06 -35.08 -56.75
C LEU R 128 74.55 -35.35 -56.64
N MET R 129 75.06 -36.32 -57.41
CA MET R 129 76.51 -36.52 -57.47
C MET R 129 77.22 -35.31 -58.06
N ARG R 130 76.60 -34.62 -59.01
CA ARG R 130 77.16 -33.34 -59.43
C ARG R 130 77.13 -32.33 -58.30
N ILE R 131 76.06 -32.35 -57.50
CA ILE R 131 75.96 -31.46 -56.35
C ILE R 131 77.06 -31.77 -55.35
N LEU R 132 77.24 -33.06 -55.04
CA LEU R 132 78.23 -33.46 -54.05
C LEU R 132 79.65 -33.22 -54.56
N LYS R 133 79.92 -33.55 -55.82
CA LYS R 133 81.28 -33.41 -56.34
C LYS R 133 81.68 -31.94 -56.42
N THR R 134 80.78 -31.08 -56.91
CA THR R 134 81.09 -29.65 -56.98
C THR R 134 81.26 -29.05 -55.59
N ALA R 135 80.45 -29.48 -54.62
CA ALA R 135 80.56 -28.95 -53.27
C ALA R 135 81.91 -29.27 -52.66
N ARG R 136 82.39 -30.50 -52.84
CA ARG R 136 83.67 -30.89 -52.26
C ARG R 136 84.84 -30.24 -53.01
N GLU R 137 84.72 -30.12 -54.34
CA GLU R 137 85.79 -29.53 -55.13
C GLU R 137 85.84 -28.02 -54.99
N SER R 138 84.71 -27.37 -54.70
CA SER R 138 84.68 -25.91 -54.66
C SER R 138 85.62 -25.37 -53.58
N SER R 139 85.52 -25.91 -52.37
CA SER R 139 86.44 -25.53 -51.31
C SER R 139 87.82 -26.15 -51.57
N LYS R 140 88.81 -25.64 -50.83
CA LYS R 140 90.18 -26.14 -50.99
C LYS R 140 90.36 -27.42 -50.19
N GLY R 141 89.48 -28.40 -50.41
CA GLY R 141 89.50 -29.61 -49.61
C GLY R 141 89.01 -29.43 -48.20
N LYS R 142 88.42 -28.28 -47.88
CA LYS R 142 88.03 -27.95 -46.52
C LYS R 142 86.62 -28.44 -46.25
N THR R 143 86.47 -29.25 -45.19
CA THR R 143 85.17 -29.71 -44.77
C THR R 143 84.37 -28.56 -44.15
N PRO R 144 83.04 -28.67 -44.12
CA PRO R 144 82.24 -27.61 -43.47
C PRO R 144 82.61 -27.38 -42.02
N PHE R 145 82.97 -28.44 -41.30
CA PHE R 145 83.35 -28.30 -39.89
C PHE R 145 84.77 -27.78 -39.77
N VAL R 146 85.02 -27.04 -38.68
CA VAL R 146 86.35 -26.52 -38.42
C VAL R 146 87.34 -27.64 -38.12
N ASP R 147 86.85 -28.83 -37.77
CA ASP R 147 87.68 -30.00 -37.54
C ASP R 147 87.48 -30.98 -38.69
N SER R 148 88.58 -31.33 -39.36
CA SER R 148 88.47 -32.22 -40.51
C SER R 148 88.00 -33.61 -40.12
N ARG R 149 88.20 -34.00 -38.85
CA ARG R 149 87.74 -35.30 -38.39
C ARG R 149 86.23 -35.35 -38.18
N ALA R 150 85.60 -34.18 -38.01
CA ALA R 150 84.15 -34.15 -37.78
C ALA R 150 83.35 -34.46 -39.04
N TYR R 151 83.96 -34.36 -40.22
CA TYR R 151 83.24 -34.63 -41.45
C TYR R 151 83.14 -36.12 -41.72
N GLY R 152 84.27 -36.79 -41.86
CA GLY R 152 84.29 -38.22 -42.06
C GLY R 152 84.19 -38.98 -40.76
N LEU R 153 83.19 -38.64 -39.95
CA LEU R 153 82.99 -39.25 -38.65
C LEU R 153 81.78 -40.18 -38.68
N ARG R 154 81.96 -41.41 -38.22
CA ARG R 154 80.89 -42.38 -38.16
C ARG R 154 80.08 -42.17 -36.89
N ILE R 155 78.76 -42.08 -37.03
CA ILE R 155 77.86 -41.92 -35.90
C ILE R 155 76.91 -43.11 -35.88
N THR R 156 76.91 -43.84 -34.76
CA THR R 156 75.96 -44.92 -34.52
C THR R 156 75.21 -44.80 -33.21
N ASP R 157 75.68 -43.99 -32.27
CA ASP R 157 75.00 -43.79 -31.00
C ASP R 157 74.02 -42.62 -31.11
N MET R 158 72.81 -42.83 -30.60
CA MET R 158 71.81 -41.77 -30.62
C MET R 158 72.25 -40.57 -29.81
N SER R 159 72.95 -40.80 -28.70
CA SER R 159 73.39 -39.71 -27.85
C SER R 159 74.35 -38.79 -28.59
N THR R 160 75.30 -39.36 -29.33
CA THR R 160 76.25 -38.54 -30.07
C THR R 160 75.56 -37.74 -31.18
N LEU R 161 74.62 -38.38 -31.88
CA LEU R 161 73.92 -37.68 -32.96
C LEU R 161 73.15 -36.48 -32.44
N VAL R 162 72.46 -36.63 -31.31
CA VAL R 162 71.68 -35.53 -30.76
C VAL R 162 72.59 -34.35 -30.42
N SER R 163 73.73 -34.62 -29.78
CA SER R 163 74.68 -33.57 -29.49
C SER R 163 75.24 -32.97 -30.78
N ALA R 164 75.57 -33.83 -31.75
CA ALA R 164 76.12 -33.34 -33.01
C ALA R 164 75.10 -32.50 -33.77
N VAL R 165 73.85 -32.94 -33.81
CA VAL R 165 72.83 -32.22 -34.57
C VAL R 165 72.59 -30.84 -33.96
N ILE R 166 72.44 -30.78 -32.63
CA ILE R 166 72.09 -29.53 -31.98
C ILE R 166 73.15 -28.47 -32.24
N THR R 167 74.42 -28.88 -32.23
CA THR R 167 75.50 -27.94 -32.52
C THR R 167 75.37 -27.37 -33.93
N ILE R 168 75.01 -28.22 -34.89
CA ILE R 168 74.75 -27.72 -36.25
C ILE R 168 73.53 -26.82 -36.25
N GLU R 169 72.47 -27.21 -35.54
CA GLU R 169 71.29 -26.36 -35.44
C GLU R 169 71.59 -25.05 -34.74
N ALA R 170 72.32 -25.12 -33.62
CA ALA R 170 72.59 -23.91 -32.84
C ALA R 170 73.39 -22.90 -33.66
N GLN R 171 74.43 -23.37 -34.36
CA GLN R 171 75.25 -22.46 -35.14
C GLN R 171 74.46 -21.81 -36.27
N ILE R 172 73.48 -22.52 -36.82
CA ILE R 172 72.62 -21.93 -37.84
C ILE R 172 71.74 -20.84 -37.23
N TRP R 173 71.14 -21.12 -36.07
CA TRP R 173 70.20 -20.18 -35.47
C TRP R 173 70.86 -18.91 -34.96
N ILE R 174 72.18 -18.87 -34.83
CA ILE R 174 72.85 -17.60 -34.50
C ILE R 174 72.70 -16.60 -35.62
N LEU R 175 72.71 -17.07 -36.87
CA LEU R 175 72.77 -16.15 -38.01
C LEU R 175 71.50 -15.35 -38.18
N ILE R 176 70.35 -15.88 -37.74
CA ILE R 176 69.08 -15.22 -37.99
C ILE R 176 69.01 -13.85 -37.31
N ALA R 177 69.72 -13.68 -36.20
CA ALA R 177 69.65 -12.42 -35.46
C ALA R 177 70.13 -11.25 -36.32
N LYS R 178 71.22 -11.44 -37.05
CA LYS R 178 71.82 -10.39 -37.86
C LYS R 178 72.05 -10.87 -39.28
N ALA R 179 71.03 -11.51 -39.86
CA ALA R 179 71.11 -11.96 -41.24
C ALA R 179 70.62 -10.90 -42.22
N VAL R 180 69.61 -10.13 -41.86
CA VAL R 180 69.04 -9.12 -42.73
C VAL R 180 69.32 -7.70 -42.25
N THR R 181 69.55 -7.49 -40.96
CA THR R 181 69.84 -6.15 -40.47
C THR R 181 71.20 -5.67 -40.95
N ALA R 182 72.26 -6.39 -40.59
CA ALA R 182 73.62 -6.05 -41.00
C ALA R 182 74.43 -7.33 -41.12
N PRO R 183 74.21 -8.11 -42.18
CA PRO R 183 74.97 -9.36 -42.33
C PRO R 183 76.47 -9.16 -42.45
N ASP R 184 76.91 -8.05 -43.05
CA ASP R 184 78.35 -7.82 -43.21
C ASP R 184 79.01 -7.58 -41.85
N THR R 185 78.36 -6.81 -40.98
CA THR R 185 78.91 -6.47 -39.66
C THR R 185 78.70 -7.58 -38.65
N ALA R 186 78.40 -8.80 -39.09
CA ALA R 186 78.20 -9.93 -38.21
C ALA R 186 79.57 -10.53 -37.84
N GLU R 187 79.55 -11.74 -37.28
CA GLU R 187 80.69 -12.55 -36.86
C GLU R 187 81.29 -12.04 -35.55
N GLU R 188 80.84 -10.91 -35.02
CA GLU R 188 81.25 -10.45 -33.70
C GLU R 188 80.26 -10.90 -32.63
N SER R 189 79.00 -10.52 -32.80
CA SER R 189 77.96 -11.04 -31.90
C SER R 189 77.77 -12.53 -32.09
N GLU R 190 77.87 -13.01 -33.34
CA GLU R 190 77.70 -14.44 -33.60
C GLU R 190 78.75 -15.27 -32.88
N THR R 191 80.01 -14.82 -32.91
CA THR R 191 81.04 -15.50 -32.13
C THR R 191 80.75 -15.37 -30.63
N ARG R 192 80.23 -14.22 -30.21
CA ARG R 192 79.88 -14.05 -28.80
C ARG R 192 78.77 -14.99 -28.38
N ARG R 193 77.77 -15.19 -29.24
CA ARG R 193 76.70 -16.13 -28.92
C ARG R 193 77.25 -17.55 -28.85
N TRP R 194 78.11 -17.93 -29.81
CA TRP R 194 78.68 -19.27 -29.81
C TRP R 194 79.53 -19.50 -28.59
N ALA R 195 80.33 -18.50 -28.19
CA ALA R 195 81.17 -18.65 -27.01
C ALA R 195 80.33 -18.85 -25.75
N LYS R 196 79.20 -18.16 -25.66
CA LYS R 196 78.34 -18.29 -24.49
C LYS R 196 77.81 -19.71 -24.34
N TYR R 197 77.34 -20.30 -25.44
CA TYR R 197 76.79 -21.65 -25.37
C TYR R 197 77.88 -22.69 -25.13
N VAL R 198 79.09 -22.45 -25.65
CA VAL R 198 80.20 -23.36 -25.37
C VAL R 198 80.52 -23.36 -23.88
N GLN R 199 80.55 -22.18 -23.25
CA GLN R 199 80.81 -22.10 -21.82
C GLN R 199 79.68 -22.74 -21.02
N GLN R 200 78.44 -22.64 -21.52
CA GLN R 200 77.32 -23.30 -20.87
C GLN R 200 77.29 -24.80 -21.12
N LYS R 201 78.16 -25.30 -21.99
CA LYS R 201 78.25 -26.73 -22.34
C LYS R 201 76.97 -27.25 -22.97
N ARG R 202 76.14 -26.35 -23.50
CA ARG R 202 74.94 -26.79 -24.21
C ARG R 202 75.29 -27.34 -25.59
N VAL R 203 76.40 -26.90 -26.16
CA VAL R 203 76.84 -27.32 -27.49
C VAL R 203 78.23 -27.93 -27.38
N ASN R 204 78.42 -29.07 -28.01
CA ASN R 204 79.73 -29.70 -28.07
C ASN R 204 80.58 -29.00 -29.13
N PRO R 205 81.71 -28.39 -28.75
CA PRO R 205 82.47 -27.58 -29.72
C PRO R 205 83.16 -28.39 -30.81
N PHE R 206 83.12 -29.72 -30.74
CA PHE R 206 83.75 -30.53 -31.78
C PHE R 206 83.11 -30.31 -33.13
N PHE R 207 81.77 -30.22 -33.17
CA PHE R 207 81.04 -29.98 -34.40
C PHE R 207 80.84 -28.48 -34.57
N ALA R 208 81.91 -27.80 -34.97
CA ALA R 208 81.89 -26.37 -35.21
C ALA R 208 82.15 -26.12 -36.69
N LEU R 209 81.17 -25.56 -37.38
CA LEU R 209 81.32 -25.29 -38.80
C LEU R 209 82.26 -24.12 -39.02
N THR R 210 83.01 -24.18 -40.11
CA THR R 210 83.96 -23.12 -40.42
C THR R 210 83.23 -21.84 -40.81
N GLN R 211 83.96 -20.72 -40.73
CA GLN R 211 83.33 -19.44 -41.03
C GLN R 211 83.05 -19.28 -42.52
N GLN R 212 83.78 -20.01 -43.37
CA GLN R 212 83.49 -20.00 -44.80
C GLN R 212 82.10 -20.58 -45.07
N TRP R 213 81.76 -21.67 -44.38
CA TRP R 213 80.44 -22.26 -44.56
C TRP R 213 79.35 -21.38 -43.96
N LEU R 214 79.62 -20.77 -42.81
CA LEU R 214 78.63 -19.92 -42.18
C LEU R 214 78.29 -18.71 -43.05
N THR R 215 79.29 -18.16 -43.74
CA THR R 215 79.03 -17.05 -44.65
C THR R 215 78.12 -17.47 -45.79
N GLU R 216 78.34 -18.68 -46.32
CA GLU R 216 77.50 -19.17 -47.42
C GLU R 216 76.06 -19.34 -46.97
N MET R 217 75.84 -19.92 -45.79
CA MET R 217 74.48 -20.08 -45.29
C MET R 217 73.83 -18.74 -45.00
N ARG R 218 74.58 -17.81 -44.37
CA ARG R 218 74.02 -16.50 -44.05
C ARG R 218 73.61 -15.76 -45.33
N ASN R 219 74.41 -15.90 -46.39
CA ASN R 219 74.01 -15.34 -47.67
C ASN R 219 72.73 -15.97 -48.19
N LEU R 220 72.63 -17.30 -48.06
CA LEU R 220 71.39 -17.99 -48.45
C LEU R 220 70.23 -17.57 -47.56
N LEU R 221 70.47 -17.43 -46.26
CA LEU R 221 69.39 -17.08 -45.34
C LEU R 221 68.90 -15.67 -45.57
N SER R 222 69.79 -14.76 -45.99
CA SER R 222 69.38 -13.38 -46.25
C SER R 222 68.59 -13.28 -47.55
N GLN R 223 69.01 -14.01 -48.58
CA GLN R 223 68.36 -13.91 -49.88
C GLN R 223 66.92 -14.42 -49.82
N SER R 224 66.69 -15.54 -49.14
CA SER R 224 65.42 -16.23 -49.18
C SER R 224 64.54 -15.85 -48.00
N LEU R 225 63.29 -15.47 -48.29
CA LEU R 225 62.30 -15.18 -47.27
C LEU R 225 61.55 -16.41 -46.78
N SER R 226 61.45 -17.45 -47.62
CA SER R 226 60.75 -18.66 -47.21
C SER R 226 61.43 -19.33 -46.02
N VAL R 227 62.75 -19.40 -46.04
CA VAL R 227 63.48 -19.98 -44.91
C VAL R 227 63.28 -19.12 -43.67
N ARG R 228 63.33 -17.80 -43.82
CA ARG R 228 63.14 -16.90 -42.69
C ARG R 228 61.74 -17.06 -42.09
N LYS R 229 60.72 -17.19 -42.94
CA LYS R 229 59.36 -17.35 -42.45
C LYS R 229 59.21 -18.62 -41.63
N PHE R 230 59.81 -19.72 -42.09
CA PHE R 230 59.73 -20.98 -41.36
C PHE R 230 60.43 -20.86 -40.01
N MET R 231 61.61 -20.24 -39.96
CA MET R 231 62.34 -20.13 -38.71
C MET R 231 61.66 -19.17 -37.75
N VAL R 232 61.01 -18.12 -38.26
CA VAL R 232 60.24 -17.23 -37.40
C VAL R 232 59.01 -17.96 -36.85
N GLU R 233 58.37 -18.78 -37.69
CA GLU R 233 57.21 -19.54 -37.22
C GLU R 233 57.60 -20.50 -36.10
N ILE R 234 58.76 -21.14 -36.22
CA ILE R 234 59.24 -22.01 -35.14
C ILE R 234 59.45 -21.20 -33.87
N LEU R 235 60.01 -19.99 -34.00
CA LEU R 235 60.26 -19.16 -32.83
C LEU R 235 58.96 -18.81 -32.11
N MET R 236 57.92 -18.45 -32.87
CA MET R 236 56.65 -18.09 -32.26
C MET R 236 56.03 -19.28 -31.54
N GLU R 237 56.02 -20.45 -32.18
CA GLU R 237 55.43 -21.63 -31.56
C GLU R 237 56.21 -22.08 -30.34
N VAL R 238 57.54 -22.05 -30.42
CA VAL R 238 58.37 -22.44 -29.29
C VAL R 238 58.20 -21.45 -28.13
N LYS R 239 58.05 -20.16 -28.46
CA LYS R 239 57.86 -19.14 -27.44
C LYS R 239 56.64 -19.42 -26.58
N LYS R 240 55.56 -19.92 -27.19
CA LYS R 240 54.35 -20.26 -26.46
C LYS R 240 54.65 -21.37 -25.46
N GLY R 241 54.57 -21.05 -24.17
CA GLY R 241 54.83 -22.03 -23.13
C GLY R 241 53.66 -22.97 -22.92
N GLY R 242 53.85 -23.90 -21.98
CA GLY R 242 52.79 -24.83 -21.64
C GLY R 242 53.24 -26.28 -21.66
N SER R 243 54.12 -26.63 -22.59
CA SER R 243 54.60 -27.99 -22.73
C SER R 243 56.07 -28.08 -22.36
N ALA R 244 56.54 -29.32 -22.20
CA ALA R 244 57.94 -29.55 -21.87
C ALA R 244 58.83 -29.19 -23.05
N LYS R 245 59.96 -28.57 -22.75
CA LYS R 245 60.91 -28.12 -23.77
C LYS R 245 62.15 -28.99 -23.73
N GLY R 246 62.53 -29.53 -24.89
CA GLY R 246 63.73 -30.32 -25.00
C GLY R 246 64.97 -29.47 -25.14
N ARG R 247 66.12 -30.14 -25.17
CA ARG R 247 67.39 -29.43 -25.29
C ARG R 247 67.46 -28.65 -26.61
N ALA R 248 66.96 -29.23 -27.70
CA ALA R 248 66.94 -28.52 -28.97
C ALA R 248 66.02 -27.30 -28.90
N VAL R 249 64.86 -27.45 -28.27
CA VAL R 249 63.91 -26.34 -28.20
C VAL R 249 64.42 -25.23 -27.28
N GLU R 250 65.02 -25.61 -26.15
CA GLU R 250 65.49 -24.62 -25.19
C GLU R 250 66.57 -23.72 -25.80
N ILE R 251 67.46 -24.30 -26.61
CA ILE R 251 68.46 -23.50 -27.29
C ILE R 251 67.79 -22.54 -28.28
N ILE R 252 66.82 -23.04 -29.04
CA ILE R 252 66.13 -22.21 -30.02
C ILE R 252 65.40 -21.06 -29.33
N SER R 253 64.71 -21.34 -28.23
CA SER R 253 64.00 -20.29 -27.52
C SER R 253 64.98 -19.28 -26.91
N ASP R 254 66.10 -19.76 -26.37
CA ASP R 254 67.10 -18.85 -25.83
C ASP R 254 67.67 -17.94 -26.91
N ILE R 255 67.92 -18.50 -28.10
CA ILE R 255 68.39 -17.68 -29.22
C ILE R 255 67.31 -16.70 -29.64
N GLY R 256 66.04 -17.11 -29.58
CA GLY R 256 64.96 -16.22 -29.97
C GLY R 256 64.86 -14.98 -29.10
N ASN R 257 65.46 -15.01 -27.91
CA ASN R 257 65.49 -13.82 -27.07
C ASN R 257 66.28 -12.71 -27.73
N TYR R 258 67.41 -13.05 -28.36
CA TYR R 258 68.20 -12.06 -29.07
C TYR R 258 67.56 -11.67 -30.40
N VAL R 259 66.80 -12.59 -31.00
CA VAL R 259 66.21 -12.34 -32.31
C VAL R 259 65.09 -11.32 -32.23
N GLU R 260 64.35 -11.30 -31.13
CA GLU R 260 63.17 -10.45 -31.00
C GLU R 260 63.53 -8.98 -31.16
N GLU R 261 62.63 -8.22 -31.77
CA GLU R 261 62.75 -6.76 -31.91
C GLU R 261 64.01 -6.37 -32.69
N THR R 262 64.52 -7.26 -33.51
CA THR R 262 65.69 -6.95 -34.31
C THR R 262 65.33 -5.95 -35.42
N GLY R 263 66.33 -5.18 -35.84
CA GLY R 263 66.14 -4.23 -36.91
C GLY R 263 65.23 -3.06 -36.61
N MET R 264 64.82 -2.88 -35.36
CA MET R 264 63.93 -1.78 -34.97
C MET R 264 64.50 -1.04 -33.77
N ALA R 265 65.82 -0.88 -33.73
CA ALA R 265 66.44 -0.17 -32.62
C ALA R 265 66.07 1.31 -32.63
N GLY R 266 65.85 1.89 -33.82
CA GLY R 266 65.49 3.30 -33.88
C GLY R 266 64.17 3.59 -33.20
N PHE R 267 63.19 2.70 -33.37
CA PHE R 267 61.89 2.89 -32.75
C PHE R 267 61.95 2.67 -31.25
N PHE R 268 62.63 1.59 -30.82
CA PHE R 268 62.59 1.23 -29.41
C PHE R 268 63.50 2.12 -28.57
N ALA R 269 64.59 2.61 -29.16
CA ALA R 269 65.41 3.60 -28.46
C ALA R 269 64.62 4.86 -28.17
N THR R 270 63.79 5.29 -29.13
CA THR R 270 62.93 6.43 -28.92
C THR R 270 61.95 6.16 -27.78
N ILE R 271 61.40 4.94 -27.73
CA ILE R 271 60.48 4.58 -26.65
C ILE R 271 61.19 4.59 -25.31
N ARG R 272 62.35 3.91 -25.25
CA ARG R 272 63.03 3.72 -23.96
C ARG R 272 63.68 5.01 -23.49
N PHE R 273 64.40 5.71 -24.35
CA PHE R 273 65.22 6.84 -23.94
C PHE R 273 64.51 8.17 -24.15
N GLY R 274 64.12 8.46 -25.39
CA GLY R 274 63.48 9.74 -25.67
C GLY R 274 62.12 9.89 -25.02
N LEU R 275 61.29 8.85 -25.07
CA LEU R 275 59.93 8.95 -24.55
C LEU R 275 59.91 8.75 -23.03
N GLU R 276 60.34 7.58 -22.57
CA GLU R 276 60.47 7.36 -21.14
C GLU R 276 61.68 8.15 -20.62
N THR R 277 61.98 7.97 -19.33
CA THR R 277 62.99 8.77 -18.65
C THR R 277 62.66 10.25 -18.80
N ARG R 278 61.53 10.62 -18.22
CA ARG R 278 60.88 11.92 -18.47
C ARG R 278 61.82 13.09 -18.19
N TYR R 279 62.19 13.81 -19.24
CA TYR R 279 63.07 14.96 -19.17
C TYR R 279 62.26 16.24 -19.36
N PRO R 280 62.50 17.27 -18.54
CA PRO R 280 61.78 18.54 -18.71
C PRO R 280 61.85 19.13 -20.11
N ALA R 281 62.75 18.61 -20.96
CA ALA R 281 62.90 19.08 -22.32
C ALA R 281 61.94 18.38 -23.29
N LEU R 282 61.05 17.53 -22.79
CA LEU R 282 60.14 16.80 -23.67
C LEU R 282 59.07 17.74 -24.23
N ALA R 283 58.29 18.37 -23.36
CA ALA R 283 57.23 19.30 -23.78
C ALA R 283 57.89 20.59 -24.24
N LEU R 284 58.13 20.68 -25.55
CA LEU R 284 58.80 21.86 -26.11
C LEU R 284 58.11 22.38 -27.37
N ASN R 285 56.89 21.96 -27.65
CA ASN R 285 56.07 22.36 -28.79
C ASN R 285 56.69 21.98 -30.14
N GLU R 286 57.79 21.24 -30.15
CA GLU R 286 58.30 20.65 -31.37
C GLU R 286 58.29 19.12 -31.34
N PHE R 287 57.97 18.53 -30.19
CA PHE R 287 57.86 17.08 -30.06
C PHE R 287 56.42 16.61 -29.96
N GLN R 288 55.45 17.54 -29.88
CA GLN R 288 54.06 17.14 -29.69
C GLN R 288 53.54 16.35 -30.90
N SER R 289 54.01 16.70 -32.09
CA SER R 289 53.65 15.91 -33.27
C SER R 289 54.32 14.53 -33.22
N ASP R 290 55.61 14.49 -32.89
CA ASP R 290 56.31 13.21 -32.80
C ASP R 290 55.75 12.35 -31.68
N LEU R 291 55.43 12.96 -30.54
CA LEU R 291 54.83 12.20 -29.43
C LEU R 291 53.48 11.61 -29.85
N ASN R 292 52.67 12.38 -30.58
CA ASN R 292 51.40 11.86 -31.07
C ASN R 292 51.61 10.69 -32.02
N THR R 293 52.58 10.81 -32.93
CA THR R 293 52.86 9.73 -33.86
C THR R 293 53.33 8.47 -33.13
N ILE R 294 54.19 8.64 -32.13
CA ILE R 294 54.68 7.50 -31.36
C ILE R 294 53.54 6.81 -30.64
N LYS R 295 52.62 7.59 -30.06
CA LYS R 295 51.47 7.01 -29.37
C LYS R 295 50.62 6.19 -30.34
N GLY R 296 50.43 6.69 -31.57
CA GLY R 296 49.73 5.90 -32.56
C GLY R 296 50.47 4.64 -32.95
N LEU R 297 51.80 4.71 -32.99
CA LEU R 297 52.60 3.54 -33.34
C LEU R 297 52.47 2.45 -32.29
N MET R 298 52.38 2.83 -31.02
CA MET R 298 52.26 1.85 -29.95
C MET R 298 50.98 1.03 -30.10
N LEU R 299 49.89 1.68 -30.47
CA LEU R 299 48.65 0.96 -30.73
C LEU R 299 48.80 0.04 -31.94
N LEU R 300 49.49 0.51 -32.98
CA LEU R 300 49.70 -0.32 -34.16
C LEU R 300 50.53 -1.56 -33.83
N TYR R 301 51.57 -1.41 -33.01
CA TYR R 301 52.39 -2.55 -32.62
C TYR R 301 51.57 -3.57 -31.84
N ARG R 302 50.68 -3.09 -30.96
CA ARG R 302 49.80 -4.00 -30.24
C ARG R 302 48.79 -4.65 -31.17
N GLU R 303 48.36 -3.92 -32.21
CA GLU R 303 47.34 -4.43 -33.11
C GLU R 303 47.88 -5.49 -34.06
N ILE R 304 49.19 -5.47 -34.34
CA ILE R 304 49.75 -6.38 -35.34
C ILE R 304 49.59 -7.83 -34.90
N GLY R 305 50.00 -8.14 -33.67
CA GLY R 305 49.86 -9.47 -33.15
C GLY R 305 51.18 -10.07 -32.69
N PRO R 306 51.24 -11.40 -32.63
CA PRO R 306 52.48 -12.06 -32.16
C PRO R 306 53.64 -11.92 -33.12
N ARG R 307 53.40 -11.47 -34.35
CA ARG R 307 54.48 -11.27 -35.32
C ARG R 307 55.10 -9.88 -35.21
N ALA R 308 54.68 -9.08 -34.24
CA ALA R 308 55.19 -7.71 -34.11
C ALA R 308 56.70 -7.65 -33.88
N PRO R 309 57.31 -8.45 -33.00
CA PRO R 309 58.78 -8.36 -32.88
C PRO R 309 59.52 -8.73 -34.15
N TYR R 310 59.02 -9.72 -34.89
CA TYR R 310 59.69 -10.19 -36.11
C TYR R 310 59.11 -9.56 -37.36
N MET R 311 59.05 -8.23 -37.45
CA MET R 311 58.58 -7.60 -38.68
C MET R 311 59.70 -7.45 -39.69
N VAL R 312 60.92 -7.12 -39.24
CA VAL R 312 62.04 -6.97 -40.16
C VAL R 312 62.38 -8.31 -40.80
N LEU R 313 62.30 -9.40 -40.02
CA LEU R 313 62.60 -10.71 -40.57
C LEU R 313 61.60 -11.11 -41.64
N LEU R 314 60.31 -10.90 -41.38
CA LEU R 314 59.28 -11.18 -42.38
C LEU R 314 59.11 -10.06 -43.39
N GLU R 315 59.82 -8.95 -43.22
CA GLU R 315 59.77 -7.83 -44.16
C GLU R 315 58.35 -7.29 -44.32
N GLU R 316 57.66 -7.17 -43.19
CA GLU R 316 56.31 -6.61 -43.20
C GLU R 316 56.33 -5.19 -43.72
N SER R 317 55.32 -4.84 -44.53
CA SER R 317 55.21 -3.48 -45.03
C SER R 317 54.90 -2.48 -43.94
N ILE R 318 54.32 -2.92 -42.82
CA ILE R 318 54.05 -2.03 -41.71
C ILE R 318 55.34 -1.52 -41.07
N GLN R 319 56.46 -2.18 -41.34
CA GLN R 319 57.72 -1.79 -40.71
C GLN R 319 58.18 -0.41 -41.16
N THR R 320 57.91 -0.03 -42.41
CA THR R 320 58.37 1.27 -42.90
C THR R 320 57.76 2.41 -42.09
N LYS R 321 56.52 2.25 -41.64
CA LYS R 321 55.90 3.28 -40.81
C LYS R 321 56.58 3.39 -39.45
N PHE R 322 57.14 2.28 -38.95
CA PHE R 322 57.80 2.29 -37.65
C PHE R 322 59.18 2.93 -37.70
N ALA R 323 59.82 2.97 -38.86
CA ALA R 323 61.18 3.45 -38.96
C ALA R 323 61.26 4.95 -38.69
N PRO R 324 62.34 5.42 -38.09
CA PRO R 324 62.53 6.88 -37.96
C PRO R 324 62.59 7.54 -39.32
N GLY R 325 62.01 8.73 -39.39
CA GLY R 325 61.84 9.42 -40.66
C GLY R 325 60.46 10.06 -40.69
N GLY R 326 59.51 9.41 -40.03
CA GLY R 326 58.23 10.01 -39.72
C GLY R 326 58.18 10.77 -38.43
N TYR R 327 59.20 10.59 -37.58
CA TYR R 327 59.36 11.36 -36.34
C TYR R 327 60.83 11.66 -36.10
N PRO R 328 61.49 12.30 -37.07
CA PRO R 328 62.94 12.50 -36.94
C PRO R 328 63.35 13.36 -35.75
N LEU R 329 62.51 14.32 -35.34
CA LEU R 329 62.89 15.22 -34.27
C LEU R 329 63.04 14.49 -32.94
N LEU R 330 62.02 13.72 -32.55
CA LEU R 330 62.10 12.99 -31.29
C LEU R 330 63.16 11.90 -31.33
N TRP R 331 63.28 11.21 -32.47
CA TRP R 331 64.31 10.18 -32.59
C TRP R 331 65.70 10.78 -32.43
N SER R 332 65.94 11.94 -33.05
CA SER R 332 67.23 12.60 -32.89
C SER R 332 67.49 12.97 -31.43
N PHE R 333 66.47 13.47 -30.74
CA PHE R 333 66.59 13.72 -29.31
C PHE R 333 66.83 12.42 -28.55
N ALA R 334 66.15 11.35 -28.96
CA ALA R 334 66.29 10.07 -28.26
C ALA R 334 67.70 9.50 -28.40
N MET R 335 68.29 9.62 -29.58
CA MET R 335 69.67 9.13 -29.76
C MET R 335 70.65 9.99 -28.98
N GLY R 336 70.31 11.26 -28.75
CA GLY R 336 71.20 12.12 -27.99
C GLY R 336 71.37 11.65 -26.55
N VAL R 337 70.26 11.34 -25.89
CA VAL R 337 70.34 10.82 -24.53
C VAL R 337 70.86 9.39 -24.50
N ALA R 338 70.54 8.61 -25.54
CA ALA R 338 70.96 7.21 -25.58
C ALA R 338 72.48 7.07 -25.61
N THR R 339 73.14 7.89 -26.43
CA THR R 339 74.59 7.81 -26.54
C THR R 339 75.28 8.15 -25.23
N THR R 340 74.78 9.18 -24.52
CA THR R 340 75.39 9.58 -23.26
C THR R 340 75.11 8.60 -22.14
N ILE R 341 73.92 8.00 -22.11
CA ILE R 341 73.52 7.15 -20.99
C ILE R 341 74.04 5.74 -21.21
N ASP R 342 73.70 5.13 -22.34
CA ASP R 342 74.08 3.75 -22.62
C ASP R 342 75.41 3.74 -23.38
N ARG R 343 76.44 3.18 -22.75
CA ARG R 343 77.74 3.13 -23.39
C ARG R 343 77.70 2.28 -24.66
N SER R 344 76.99 1.15 -24.61
CA SER R 344 76.88 0.30 -25.79
C SER R 344 76.18 1.03 -26.93
N MET R 345 75.15 1.81 -26.61
CA MET R 345 74.50 2.65 -27.62
C MET R 345 75.47 3.73 -28.06
N GLY R 346 75.86 3.70 -29.33
CA GLY R 346 76.91 4.56 -29.83
C GLY R 346 77.71 3.83 -30.90
N ALA R 347 77.66 2.49 -30.85
CA ALA R 347 78.11 1.68 -31.97
C ALA R 347 77.04 1.53 -33.04
N LEU R 348 75.83 2.04 -32.77
CA LEU R 348 74.76 2.02 -33.76
C LEU R 348 75.07 3.02 -34.88
N ASN R 349 74.71 2.66 -36.10
CA ASN R 349 74.92 3.51 -37.26
C ASN R 349 73.69 4.37 -37.46
N ILE R 350 73.82 5.69 -37.24
CA ILE R 350 72.68 6.59 -37.28
C ILE R 350 72.95 7.76 -38.22
N ASN R 351 73.77 7.53 -39.24
CA ASN R 351 74.14 8.59 -40.18
C ASN R 351 73.04 8.76 -41.25
N ARG R 352 71.84 9.06 -40.78
CA ARG R 352 70.70 9.26 -41.65
C ARG R 352 70.66 10.69 -42.17
N GLY R 353 69.74 10.94 -43.10
CA GLY R 353 69.57 12.25 -43.69
C GLY R 353 68.71 13.22 -42.90
N TYR R 354 68.20 12.79 -41.75
CA TYR R 354 67.34 13.61 -40.90
C TYR R 354 67.91 13.62 -39.48
N LEU R 355 69.21 13.81 -39.36
CA LEU R 355 69.87 13.70 -38.06
C LEU R 355 69.50 14.85 -37.14
N GLU R 356 69.34 16.06 -37.69
CA GLU R 356 68.97 17.25 -36.93
C GLU R 356 69.92 17.44 -35.74
N PRO R 357 71.17 17.86 -35.99
CA PRO R 357 72.14 17.98 -34.89
C PRO R 357 71.69 18.91 -33.77
N MET R 358 70.91 19.94 -34.08
CA MET R 358 70.47 20.86 -33.05
C MET R 358 69.64 20.14 -31.98
N TYR R 359 68.73 19.27 -32.40
CA TYR R 359 67.98 18.48 -31.44
C TYR R 359 68.83 17.37 -30.85
N PHE R 360 69.82 16.88 -31.61
CA PHE R 360 70.77 15.91 -31.05
C PHE R 360 71.58 16.53 -29.93
N ARG R 361 72.04 17.77 -30.11
CA ARG R 361 72.80 18.45 -29.07
C ARG R 361 71.95 18.65 -27.81
N LEU R 362 70.67 19.01 -28.00
CA LEU R 362 69.80 19.22 -26.84
C LEU R 362 69.62 17.93 -26.06
N GLY R 363 69.56 16.79 -26.75
CA GLY R 363 69.51 15.51 -26.06
C GLY R 363 70.79 15.24 -25.27
N GLN R 364 71.94 15.58 -25.85
CA GLN R 364 73.20 15.41 -25.14
C GLN R 364 73.23 16.25 -23.87
N LYS R 365 72.77 17.49 -23.95
CA LYS R 365 72.73 18.36 -22.77
C LYS R 365 71.68 17.88 -21.78
N SER R 366 70.60 17.26 -22.28
CA SER R 366 69.53 16.82 -21.38
C SER R 366 69.99 15.73 -20.44
N ALA R 367 70.88 14.84 -20.90
CA ALA R 367 71.33 13.75 -20.06
C ALA R 367 72.15 14.25 -18.87
N ARG R 368 73.03 15.22 -19.10
CA ARG R 368 73.97 15.66 -18.06
C ARG R 368 73.72 17.10 -17.62
N HIS R 369 73.71 18.05 -18.54
CA HIS R 369 73.69 19.47 -18.18
C HIS R 369 72.30 19.99 -17.86
N HIS R 370 71.25 19.18 -18.00
CA HIS R 370 69.90 19.71 -17.87
C HIS R 370 69.58 20.00 -16.41
N ALA R 371 69.54 18.95 -15.58
CA ALA R 371 69.23 19.05 -14.16
C ALA R 371 69.29 17.64 -13.57
N GLY R 372 69.18 17.57 -12.24
CA GLY R 372 69.03 16.27 -11.60
C GLY R 372 67.72 15.60 -11.96
N GLY R 373 66.63 16.36 -11.94
CA GLY R 373 65.36 15.87 -12.40
C GLY R 373 64.72 14.78 -11.55
N ILE R 374 64.27 15.15 -10.35
CA ILE R 374 63.62 14.21 -9.46
C ILE R 374 62.13 14.16 -9.80
N ASP R 375 61.62 12.95 -10.03
CA ASP R 375 60.23 12.75 -10.45
C ASP R 375 59.32 12.66 -9.22
N GLN R 376 58.10 12.21 -9.43
CA GLN R 376 57.11 12.13 -8.36
C GLN R 376 57.57 11.16 -7.28
N ASN R 377 57.68 11.64 -6.06
CA ASN R 377 58.23 10.89 -4.94
C ASN R 377 57.10 10.38 -4.06
N MET R 378 56.86 9.07 -4.07
CA MET R 378 55.93 8.49 -3.12
C MET R 378 56.44 8.63 -1.69
N ALA R 379 57.73 8.36 -1.48
CA ALA R 379 58.35 8.59 -0.19
C ALA R 379 58.74 10.07 -0.08
N ASN R 380 58.31 10.72 0.99
CA ASN R 380 58.50 12.16 1.14
C ASN R 380 59.91 12.42 1.63
N LYS R 381 60.75 12.96 0.76
CA LYS R 381 62.14 13.30 1.11
C LYS R 381 62.21 14.79 1.41
N LEU R 382 61.95 15.11 2.69
CA LEU R 382 61.85 16.49 3.12
C LEU R 382 63.17 17.23 2.95
N GLY R 383 64.28 16.61 3.34
CA GLY R 383 65.57 17.23 3.32
C GLY R 383 66.50 16.82 2.20
N LEU R 384 65.97 16.27 1.11
CA LEU R 384 66.79 15.77 0.01
C LEU R 384 67.10 16.83 -1.03
N ASN R 385 66.95 18.11 -0.68
CA ASN R 385 67.36 19.17 -1.59
C ASN R 385 68.86 19.12 -1.85
N SER R 386 69.64 18.90 -0.79
CA SER R 386 71.09 18.75 -0.96
C SER R 386 71.45 17.40 -1.55
N ASP R 387 70.60 16.39 -1.32
CA ASP R 387 70.85 15.07 -1.91
C ASP R 387 70.85 15.15 -3.43
N GLN R 388 69.97 15.98 -4.00
CA GLN R 388 70.01 16.23 -5.44
C GLN R 388 71.31 16.92 -5.84
N VAL R 389 71.77 17.88 -5.03
CA VAL R 389 73.01 18.59 -5.34
C VAL R 389 74.19 17.63 -5.32
N ALA R 390 74.25 16.76 -4.32
CA ALA R 390 75.30 15.75 -4.28
C ALA R 390 75.21 14.81 -5.48
N GLU R 391 73.98 14.43 -5.85
CA GLU R 391 73.79 13.65 -7.07
C GLU R 391 74.17 14.46 -8.30
N LEU R 392 73.80 15.74 -8.32
CA LEU R 392 74.14 16.60 -9.46
C LEU R 392 75.64 16.88 -9.51
N ALA R 393 76.31 16.91 -8.35
CA ALA R 393 77.75 17.13 -8.34
C ALA R 393 78.49 16.00 -9.04
N ALA R 394 78.05 14.76 -8.82
CA ALA R 394 78.65 13.58 -9.47
C ALA R 394 80.15 13.50 -9.23
N MET S 1 25.87 39.83 -32.74
CA MET S 1 26.03 39.47 -31.34
C MET S 1 26.63 38.07 -31.19
N SER S 2 26.26 37.39 -30.11
CA SER S 2 26.79 36.05 -29.85
C SER S 2 26.39 35.08 -30.94
N ASP S 3 25.19 35.23 -31.50
CA ASP S 3 24.74 34.34 -32.57
C ASP S 3 25.65 34.45 -33.79
N ILE S 4 26.05 35.67 -34.14
CA ILE S 4 27.04 35.84 -35.19
C ILE S 4 28.36 35.21 -34.74
N PHE S 5 29.14 34.75 -35.71
CA PHE S 5 30.40 34.01 -35.59
C PHE S 5 30.17 32.55 -35.18
N ASP S 6 28.94 32.16 -34.88
CA ASP S 6 28.54 30.76 -34.80
C ASP S 6 27.61 30.36 -35.92
N GLU S 7 26.66 31.25 -36.26
CA GLU S 7 25.91 31.10 -37.49
C GLU S 7 26.83 31.06 -38.70
N ALA S 8 27.87 31.89 -38.71
CA ALA S 8 28.83 31.88 -39.81
C ALA S 8 29.58 30.54 -39.88
N ALA S 9 29.98 30.02 -38.72
CA ALA S 9 30.68 28.73 -38.71
C ALA S 9 29.78 27.61 -39.22
N SER S 10 28.52 27.59 -38.78
CA SER S 10 27.57 26.60 -39.29
C SER S 10 27.34 26.79 -40.78
N PHE S 11 27.31 28.04 -41.25
CA PHE S 11 27.13 28.32 -42.67
C PHE S 11 28.30 27.78 -43.48
N ARG S 12 29.53 27.98 -43.01
CA ARG S 12 30.69 27.44 -43.72
C ARG S 12 30.69 25.92 -43.70
N SER S 13 30.31 25.32 -42.57
CA SER S 13 30.26 23.87 -42.49
C SER S 13 29.22 23.30 -43.46
N TYR S 14 28.07 23.94 -43.55
CA TYR S 14 27.04 23.50 -44.49
C TYR S 14 27.47 23.75 -45.93
N GLN S 15 28.16 24.85 -46.19
CA GLN S 15 28.62 25.17 -47.54
C GLN S 15 29.67 24.19 -48.03
N SER S 16 30.52 23.68 -47.13
CA SER S 16 31.53 22.71 -47.54
C SER S 16 30.89 21.46 -48.13
N LYS S 17 29.95 20.86 -47.39
CA LYS S 17 29.18 19.72 -47.89
C LYS S 17 27.82 20.20 -48.41
N LEU S 18 27.86 21.00 -49.48
CA LEU S 18 26.66 21.67 -49.95
C LEU S 18 25.74 20.72 -50.70
N GLY S 19 26.22 20.16 -51.80
CA GLY S 19 25.39 19.31 -52.62
C GLY S 19 25.94 17.92 -52.85
N ARG S 20 26.86 17.50 -51.98
CA ARG S 20 27.49 16.18 -52.09
C ARG S 20 26.67 15.14 -51.33
N ASP S 21 25.43 14.97 -51.76
CA ASP S 21 24.50 14.05 -51.14
C ASP S 21 23.62 13.44 -52.21
N GLY S 22 23.06 12.27 -51.90
CA GLY S 22 22.21 11.56 -52.84
C GLY S 22 23.01 10.68 -53.78
N ARG S 23 22.28 10.12 -54.74
CA ARG S 23 22.86 9.22 -55.73
C ARG S 23 22.62 9.77 -57.13
N ALA S 24 23.65 9.69 -57.97
CA ALA S 24 23.55 10.17 -59.34
C ALA S 24 22.84 9.15 -60.21
N SER S 25 22.47 9.58 -61.41
CA SER S 25 21.78 8.73 -62.37
C SER S 25 22.78 8.07 -63.32
N ALA S 26 22.28 7.12 -64.09
CA ALA S 26 23.09 6.41 -65.09
C ALA S 26 23.13 7.14 -66.43
N ALA S 27 22.45 8.28 -66.55
CA ALA S 27 22.49 9.04 -67.78
C ALA S 27 23.90 9.55 -68.07
N THR S 28 24.61 10.00 -67.04
CA THR S 28 25.98 10.49 -67.19
C THR S 28 26.94 9.29 -67.18
N ALA S 29 26.90 8.53 -68.27
CA ALA S 29 27.71 7.34 -68.44
C ALA S 29 28.75 7.60 -69.53
N THR S 30 30.03 7.47 -69.17
CA THR S 30 31.10 7.73 -70.12
C THR S 30 31.13 6.67 -71.22
N LEU S 31 31.52 7.09 -72.42
CA LEU S 31 31.73 6.16 -73.51
C LEU S 31 32.92 5.26 -73.20
N THR S 32 32.77 3.97 -73.49
CA THR S 32 33.77 2.97 -73.11
C THR S 32 34.60 2.57 -74.33
N THR S 33 35.88 2.32 -74.09
CA THR S 33 36.81 1.88 -75.13
C THR S 33 37.27 0.46 -74.84
N LYS S 34 37.30 -0.37 -75.87
CA LYS S 34 37.72 -1.76 -75.69
C LYS S 34 39.22 -1.83 -75.47
N ILE S 35 39.63 -2.59 -74.46
CA ILE S 35 41.05 -2.76 -74.12
C ILE S 35 41.35 -4.25 -74.11
N ARG S 36 42.29 -4.67 -74.96
CA ARG S 36 42.63 -6.08 -75.12
C ARG S 36 43.83 -6.41 -74.24
N ILE S 37 43.64 -7.36 -73.32
CA ILE S 37 44.65 -7.73 -72.34
C ILE S 37 45.09 -9.16 -72.62
N PHE S 38 46.40 -9.37 -72.77
CA PHE S 38 46.97 -10.68 -73.02
C PHE S 38 47.47 -11.26 -71.71
N VAL S 39 46.69 -12.18 -71.14
CA VAL S 39 47.07 -12.81 -69.87
C VAL S 39 47.58 -14.22 -70.14
N PRO S 40 48.50 -14.74 -69.33
CA PRO S 40 48.95 -16.12 -69.51
C PRO S 40 47.89 -17.10 -69.02
N ALA S 41 47.55 -18.07 -69.87
CA ALA S 41 46.53 -19.05 -69.51
C ALA S 41 47.05 -20.09 -68.53
N THR S 42 48.30 -20.50 -68.68
CA THR S 42 48.90 -21.56 -67.89
C THR S 42 49.91 -20.99 -66.90
N ASN S 43 50.57 -21.89 -66.18
CA ASN S 43 51.58 -21.53 -65.20
C ASN S 43 53.00 -21.89 -65.64
N SER S 44 53.17 -22.27 -66.91
CA SER S 44 54.49 -22.65 -67.39
C SER S 44 55.42 -21.44 -67.37
N PRO S 45 56.61 -21.55 -66.77
CA PRO S 45 57.49 -20.37 -66.68
C PRO S 45 57.91 -19.82 -68.03
N GLU S 46 58.11 -20.68 -69.04
CA GLU S 46 58.57 -20.20 -70.34
C GLU S 46 57.53 -19.31 -71.00
N LEU S 47 56.25 -19.72 -70.94
CA LEU S 47 55.20 -18.91 -71.53
C LEU S 47 55.08 -17.56 -70.84
N ARG S 48 55.13 -17.55 -69.51
CA ARG S 48 55.01 -16.29 -68.78
C ARG S 48 56.20 -15.38 -69.06
N TRP S 49 57.41 -15.95 -69.14
CA TRP S 49 58.59 -15.14 -69.44
C TRP S 49 58.51 -14.54 -70.84
N GLU S 50 58.09 -15.35 -71.82
CA GLU S 50 57.92 -14.82 -73.18
C GLU S 50 56.84 -13.75 -73.21
N LEU S 51 55.76 -13.95 -72.45
CA LEU S 51 54.68 -12.96 -72.41
C LEU S 51 55.14 -11.64 -71.82
N THR S 52 55.90 -11.67 -70.72
CA THR S 52 56.36 -10.43 -70.14
C THR S 52 57.42 -9.76 -71.01
N LEU S 53 58.24 -10.54 -71.72
CA LEU S 53 59.14 -9.95 -72.70
C LEU S 53 58.36 -9.25 -73.81
N PHE S 54 57.29 -9.89 -74.29
CA PHE S 54 56.45 -9.28 -75.31
C PHE S 54 55.81 -7.99 -74.80
N ALA S 55 55.33 -8.00 -73.56
CA ALA S 55 54.72 -6.81 -72.98
C ALA S 55 55.74 -5.68 -72.85
N LEU S 56 56.97 -6.01 -72.43
CA LEU S 56 58.03 -5.01 -72.37
C LEU S 56 58.29 -4.41 -73.75
N ASP S 57 58.35 -5.26 -74.78
CA ASP S 57 58.58 -4.76 -76.12
C ASP S 57 57.44 -3.87 -76.59
N VAL S 58 56.20 -4.27 -76.31
CA VAL S 58 55.05 -3.48 -76.74
C VAL S 58 55.05 -2.12 -76.07
N ILE S 59 55.35 -2.08 -74.77
CA ILE S 59 55.42 -0.80 -74.07
C ILE S 59 56.54 0.06 -74.64
N ARG S 60 57.69 -0.56 -74.92
CA ARG S 60 58.79 0.18 -75.51
C ARG S 60 58.52 0.58 -76.96
N SER S 61 57.58 -0.08 -77.61
CA SER S 61 57.33 0.17 -79.03
C SER S 61 56.82 1.58 -79.25
N PRO S 62 57.31 2.31 -80.25
CA PRO S 62 56.78 3.65 -80.53
C PRO S 62 55.57 3.62 -81.43
N SER S 63 55.43 2.57 -82.24
CA SER S 63 54.32 2.44 -83.16
C SER S 63 53.08 1.84 -82.50
N ALA S 64 53.14 1.49 -81.23
CA ALA S 64 52.01 0.87 -80.56
C ALA S 64 50.91 1.89 -80.30
N ALA S 65 49.67 1.46 -80.52
CA ALA S 65 48.53 2.28 -80.13
C ALA S 65 48.42 2.35 -78.61
N GLU S 66 47.75 3.38 -78.12
CA GLU S 66 47.64 3.57 -76.67
C GLU S 66 46.91 2.41 -76.02
N SER S 67 45.86 1.90 -76.65
CA SER S 67 45.13 0.76 -76.10
C SER S 67 46.03 -0.46 -75.96
N MET S 68 46.88 -0.70 -76.96
CA MET S 68 47.83 -1.81 -76.87
C MET S 68 48.80 -1.61 -75.71
N LYS S 69 49.24 -0.37 -75.49
CA LYS S 69 50.13 -0.09 -74.37
C LYS S 69 49.44 -0.32 -73.03
N ILE S 70 48.16 0.06 -72.92
CA ILE S 70 47.42 -0.21 -71.70
C ILE S 70 47.26 -1.71 -71.49
N GLY S 71 46.99 -2.45 -72.56
CA GLY S 71 46.91 -3.89 -72.46
C GLY S 71 48.21 -4.51 -71.98
N ALA S 72 49.33 -4.05 -72.52
CA ALA S 72 50.63 -4.55 -72.08
C ALA S 72 50.88 -4.21 -70.62
N ALA S 73 50.52 -3.00 -70.20
CA ALA S 73 50.71 -2.62 -68.80
C ALA S 73 49.87 -3.48 -67.88
N PHE S 74 48.61 -3.75 -68.25
CA PHE S 74 47.76 -4.63 -67.45
C PHE S 74 48.31 -6.04 -67.41
N THR S 75 48.84 -6.52 -68.53
CA THR S 75 49.48 -7.84 -68.57
C THR S 75 50.67 -7.89 -67.61
N LEU S 76 51.49 -6.85 -67.60
CA LEU S 76 52.65 -6.82 -66.72
C LEU S 76 52.23 -6.78 -65.26
N ILE S 77 51.32 -5.89 -64.90
CA ILE S 77 51.00 -5.66 -63.49
C ILE S 77 50.44 -6.93 -62.86
N SER S 78 49.62 -7.67 -63.60
CA SER S 78 48.97 -8.87 -63.08
C SER S 78 49.75 -10.14 -63.38
N MET S 79 51.01 -10.03 -63.84
CA MET S 79 51.76 -11.22 -64.22
C MET S 79 52.12 -12.09 -63.02
N TYR S 80 52.32 -11.47 -61.85
CA TYR S 80 52.75 -12.24 -60.68
C TYR S 80 51.67 -13.23 -60.23
N SER S 81 50.40 -12.85 -60.37
CA SER S 81 49.31 -13.69 -59.88
C SER S 81 49.22 -14.98 -60.68
N GLU S 82 48.78 -16.04 -60.00
CA GLU S 82 48.63 -17.33 -60.67
C GLU S 82 47.46 -17.33 -61.64
N ARG S 83 46.46 -16.47 -61.41
CA ARG S 83 45.31 -16.33 -62.28
C ARG S 83 45.16 -14.85 -62.62
N PRO S 84 45.95 -14.35 -63.58
CA PRO S 84 45.89 -12.92 -63.89
C PRO S 84 44.51 -12.45 -64.35
N GLY S 85 43.77 -13.29 -65.08
CA GLY S 85 42.46 -12.90 -65.52
C GLY S 85 41.49 -12.66 -64.37
N ALA S 86 41.51 -13.55 -63.38
CA ALA S 86 40.65 -13.37 -62.21
C ALA S 86 41.03 -12.12 -61.43
N LEU S 87 42.33 -11.87 -61.29
CA LEU S 87 42.78 -10.67 -60.58
C LEU S 87 42.33 -9.40 -61.30
N ILE S 88 42.47 -9.37 -62.62
CA ILE S 88 42.05 -8.19 -63.38
C ILE S 88 40.55 -8.01 -63.29
N ARG S 89 39.78 -9.08 -63.46
CA ARG S 89 38.33 -8.96 -63.48
C ARG S 89 37.76 -8.63 -62.11
N SER S 90 38.41 -9.07 -61.04
CA SER S 90 37.90 -8.86 -59.69
C SER S 90 38.50 -7.62 -59.03
N LEU S 91 39.35 -6.87 -59.72
CA LEU S 91 39.95 -5.67 -59.15
C LEU S 91 39.96 -4.54 -60.17
N LEU S 92 38.89 -4.43 -60.95
CA LEU S 92 38.75 -3.38 -61.95
C LEU S 92 37.51 -2.55 -61.64
N ASN S 93 37.70 -1.24 -61.50
CA ASN S 93 36.62 -0.31 -61.22
C ASN S 93 36.74 0.92 -62.10
N ASP S 94 36.99 0.70 -63.39
CA ASP S 94 37.20 1.79 -64.34
C ASP S 94 36.00 1.91 -65.28
N PRO S 95 35.13 2.90 -65.08
CA PRO S 95 34.01 3.09 -66.02
C PRO S 95 34.46 3.54 -67.40
N ASP S 96 35.67 4.10 -67.53
CA ASP S 96 36.12 4.60 -68.82
C ASP S 96 36.37 3.47 -69.81
N ILE S 97 36.81 2.30 -69.33
CA ILE S 97 37.27 1.23 -70.18
C ILE S 97 36.50 -0.05 -69.89
N GLU S 98 36.46 -0.92 -70.89
CA GLU S 98 36.01 -2.29 -70.72
C GLU S 98 37.15 -3.22 -71.10
N ALA S 99 37.41 -4.21 -70.27
CA ALA S 99 38.54 -5.11 -70.45
C ALA S 99 38.05 -6.44 -71.01
N VAL S 100 38.63 -6.86 -72.13
CA VAL S 100 38.35 -8.15 -72.73
C VAL S 100 39.58 -9.03 -72.48
N ILE S 101 39.46 -9.92 -71.50
CA ILE S 101 40.58 -10.77 -71.12
C ILE S 101 40.80 -11.82 -72.19
N ILE S 102 42.06 -12.01 -72.60
CA ILE S 102 42.43 -12.96 -73.64
C ILE S 102 43.45 -13.92 -73.06
N ASP S 103 43.08 -15.19 -72.94
CA ASP S 103 44.01 -16.21 -72.50
C ASP S 103 44.96 -16.54 -73.64
N VAL S 104 46.26 -16.37 -73.41
CA VAL S 104 47.24 -16.49 -74.47
C VAL S 104 47.35 -17.94 -74.95
N GLY S 105 47.47 -18.88 -74.01
CA GLY S 105 47.54 -20.27 -74.37
C GLY S 105 48.94 -20.77 -74.67
N SER S 106 49.30 -20.84 -75.95
CA SER S 106 50.63 -21.20 -76.37
C SER S 106 51.43 -19.95 -76.73
N MET S 107 52.63 -20.13 -77.24
CA MET S 107 53.50 -19.00 -77.49
C MET S 107 54.32 -19.22 -78.76
N LEU S 108 54.09 -18.37 -79.76
CA LEU S 108 54.98 -18.22 -80.89
C LEU S 108 55.97 -17.09 -80.57
N ASN S 109 56.67 -16.58 -81.58
CA ASN S 109 57.49 -15.39 -81.36
C ASN S 109 56.67 -14.26 -80.78
N GLY S 110 55.48 -14.02 -81.34
CA GLY S 110 54.53 -13.11 -80.74
C GLY S 110 53.54 -13.85 -79.87
N ILE S 111 52.26 -13.84 -80.26
CA ILE S 111 51.24 -14.63 -79.58
C ILE S 111 50.38 -15.34 -80.62
N PRO S 112 50.15 -16.64 -80.50
CA PRO S 112 49.18 -17.32 -81.39
C PRO S 112 47.78 -17.15 -80.86
N VAL S 113 46.91 -16.48 -81.64
CA VAL S 113 45.53 -16.30 -81.23
C VAL S 113 44.82 -17.66 -81.14
N MET S 114 45.05 -18.52 -82.13
CA MET S 114 44.49 -19.87 -82.16
C MET S 114 42.96 -19.84 -82.05
N GLU S 115 42.33 -19.15 -82.99
CA GLU S 115 40.87 -19.07 -83.03
C GLU S 115 40.47 -18.80 -84.48
N ARG S 116 40.03 -19.86 -85.16
CA ARG S 116 39.63 -19.79 -86.57
C ARG S 116 40.75 -19.17 -87.42
N ARG S 117 41.87 -19.88 -87.49
CA ARG S 117 43.04 -19.39 -88.18
C ARG S 117 42.72 -19.04 -89.63
N GLY S 118 43.17 -17.88 -90.06
CA GLY S 118 42.84 -17.33 -91.37
C GLY S 118 41.68 -16.37 -91.33
N ASP S 119 40.78 -16.53 -90.37
CA ASP S 119 39.61 -15.68 -90.22
C ASP S 119 39.91 -14.61 -89.17
N LYS S 120 40.22 -13.39 -89.63
CA LYS S 120 40.40 -12.23 -88.76
C LYS S 120 41.48 -12.45 -87.71
N ALA S 121 42.53 -13.20 -88.06
CA ALA S 121 43.63 -13.44 -87.15
C ALA S 121 44.96 -13.10 -87.80
N GLN S 122 45.06 -13.31 -89.12
CA GLN S 122 46.31 -13.06 -89.82
C GLN S 122 46.72 -11.59 -89.71
N GLU S 123 45.75 -10.67 -89.83
CA GLU S 123 46.05 -9.26 -89.68
C GLU S 123 46.57 -8.95 -88.28
N GLU S 124 46.01 -9.64 -87.27
CA GLU S 124 46.52 -9.47 -85.91
C GLU S 124 47.95 -9.95 -85.79
N MET S 125 48.29 -11.08 -86.41
CA MET S 125 49.68 -11.55 -86.38
C MET S 125 50.60 -10.54 -87.07
N GLU S 126 50.18 -10.01 -88.21
CA GLU S 126 51.01 -9.03 -88.91
C GLU S 126 51.19 -7.77 -88.06
N GLY S 127 50.12 -7.33 -87.39
CA GLY S 127 50.24 -6.17 -86.52
C GLY S 127 51.20 -6.41 -85.37
N LEU S 128 51.12 -7.58 -84.75
CA LEU S 128 52.03 -7.90 -83.65
C LEU S 128 53.48 -7.99 -84.12
N MET S 129 53.70 -8.59 -85.29
CA MET S 129 55.06 -8.62 -85.84
C MET S 129 55.57 -7.22 -86.13
N ARG S 130 54.72 -6.35 -86.67
CA ARG S 130 55.14 -4.97 -86.89
C ARG S 130 55.47 -4.28 -85.58
N ILE S 131 54.66 -4.52 -84.54
CA ILE S 131 54.92 -3.93 -83.24
C ILE S 131 56.29 -4.36 -82.72
N LEU S 132 56.57 -5.67 -82.79
CA LEU S 132 57.83 -6.19 -82.30
C LEU S 132 59.01 -5.62 -83.10
N LYS S 133 58.88 -5.57 -84.42
CA LYS S 133 59.95 -5.07 -85.26
C LYS S 133 60.23 -3.60 -84.99
N THR S 134 59.17 -2.79 -84.87
CA THR S 134 59.34 -1.37 -84.58
C THR S 134 59.95 -1.17 -83.19
N ALA S 135 59.53 -1.98 -82.21
CA ALA S 135 60.10 -1.86 -80.87
C ALA S 135 61.59 -2.19 -80.88
N ARG S 136 61.98 -3.24 -81.60
CA ARG S 136 63.39 -3.63 -81.61
C ARG S 136 64.24 -2.65 -82.41
N GLU S 137 63.69 -2.09 -83.50
CA GLU S 137 64.46 -1.17 -84.33
C GLU S 137 64.52 0.24 -83.73
N SER S 138 63.53 0.63 -82.93
CA SER S 138 63.46 2.00 -82.43
C SER S 138 64.67 2.33 -81.56
N SER S 139 64.96 1.49 -80.57
CA SER S 139 66.16 1.67 -79.79
C SER S 139 67.39 1.30 -80.61
N LYS S 140 68.55 1.76 -80.16
CA LYS S 140 69.81 1.51 -80.86
C LYS S 140 70.32 0.10 -80.54
N GLY S 141 69.46 -0.88 -80.81
CA GLY S 141 69.75 -2.25 -80.44
C GLY S 141 69.77 -2.51 -78.96
N LYS S 142 69.26 -1.58 -78.15
CA LYS S 142 69.33 -1.68 -76.70
C LYS S 142 68.11 -2.41 -76.17
N THR S 143 68.34 -3.48 -75.43
CA THR S 143 67.27 -4.23 -74.81
C THR S 143 66.67 -3.42 -73.67
N PRO S 144 65.42 -3.72 -73.28
CA PRO S 144 64.82 -3.00 -72.14
C PRO S 144 65.62 -3.13 -70.87
N PHE S 145 66.23 -4.29 -70.62
CA PHE S 145 67.04 -4.47 -69.43
C PHE S 145 68.40 -3.81 -69.59
N VAL S 146 68.96 -3.37 -68.46
CA VAL S 146 70.28 -2.76 -68.48
C VAL S 146 71.37 -3.78 -68.84
N ASP S 147 71.06 -5.06 -68.75
CA ASP S 147 71.98 -6.12 -69.13
C ASP S 147 71.48 -6.80 -70.39
N SER S 148 72.32 -6.81 -71.43
CA SER S 148 71.91 -7.39 -72.71
C SER S 148 71.64 -8.89 -72.59
N ARG S 149 72.29 -9.56 -71.64
CA ARG S 149 72.05 -10.99 -71.46
C ARG S 149 70.70 -11.28 -70.81
N ALA S 150 70.10 -10.30 -70.14
CA ALA S 150 68.82 -10.51 -69.48
C ALA S 150 67.66 -10.57 -70.48
N TYR S 151 67.87 -10.09 -71.70
CA TYR S 151 66.79 -10.10 -72.69
C TYR S 151 66.66 -11.47 -73.35
N GLY S 152 67.72 -11.91 -74.03
CA GLY S 152 67.72 -13.21 -74.65
C GLY S 152 68.07 -14.32 -73.69
N LEU S 153 67.39 -14.36 -72.55
CA LEU S 153 67.65 -15.33 -71.50
C LEU S 153 66.55 -16.38 -71.48
N ARG S 154 66.95 -17.65 -71.48
CA ARG S 154 65.99 -18.74 -71.41
C ARG S 154 65.60 -19.00 -69.97
N ILE S 155 64.30 -19.04 -69.69
CA ILE S 155 63.78 -19.28 -68.34
C ILE S 155 62.95 -20.55 -68.38
N THR S 156 63.32 -21.53 -67.56
CA THR S 156 62.54 -22.74 -67.37
C THR S 156 62.25 -23.05 -65.91
N ASP S 157 63.07 -22.58 -64.98
CA ASP S 157 62.85 -22.78 -63.56
C ASP S 157 61.82 -21.79 -63.05
N MET S 158 60.91 -22.28 -62.19
CA MET S 158 59.87 -21.41 -61.65
C MET S 158 60.47 -20.31 -60.77
N SER S 159 61.50 -20.63 -60.00
CA SER S 159 62.09 -19.65 -59.09
C SER S 159 62.70 -18.48 -59.85
N THR S 160 63.43 -18.77 -60.94
CA THR S 160 64.02 -17.69 -61.72
C THR S 160 62.95 -16.80 -62.35
N LEU S 161 61.89 -17.42 -62.87
CA LEU S 161 60.78 -16.64 -63.43
C LEU S 161 60.16 -15.76 -62.37
N VAL S 162 59.93 -16.30 -61.18
CA VAL S 162 59.34 -15.52 -60.09
C VAL S 162 60.24 -14.35 -59.74
N SER S 163 61.55 -14.58 -59.62
CA SER S 163 62.46 -13.50 -59.26
C SER S 163 62.46 -12.41 -60.32
N ALA S 164 62.55 -12.79 -61.59
CA ALA S 164 62.56 -11.79 -62.66
C ALA S 164 61.26 -11.01 -62.69
N VAL S 165 60.13 -11.71 -62.53
CA VAL S 165 58.82 -11.04 -62.56
C VAL S 165 58.72 -10.07 -61.40
N ILE S 166 59.16 -10.47 -60.21
CA ILE S 166 59.09 -9.58 -59.05
C ILE S 166 59.96 -8.35 -59.27
N THR S 167 61.14 -8.53 -59.86
CA THR S 167 62.00 -7.39 -60.14
C THR S 167 61.33 -6.41 -61.11
N ILE S 168 60.73 -6.95 -62.17
CA ILE S 168 60.06 -6.09 -63.14
C ILE S 168 58.87 -5.37 -62.51
N GLU S 169 58.09 -6.09 -61.70
CA GLU S 169 56.96 -5.46 -61.02
C GLU S 169 57.42 -4.36 -60.07
N ALA S 170 58.48 -4.61 -59.31
CA ALA S 170 58.98 -3.60 -58.40
C ALA S 170 59.45 -2.36 -59.16
N GLN S 171 60.19 -2.56 -60.26
CA GLN S 171 60.68 -1.43 -61.02
C GLN S 171 59.54 -0.64 -61.66
N ILE S 172 58.48 -1.33 -62.08
CA ILE S 172 57.31 -0.62 -62.61
C ILE S 172 56.60 0.15 -61.51
N TRP S 173 56.36 -0.51 -60.37
CA TRP S 173 55.63 0.10 -59.26
C TRP S 173 56.39 1.21 -58.58
N ILE S 174 57.70 1.33 -58.82
CA ILE S 174 58.45 2.46 -58.25
C ILE S 174 57.95 3.78 -58.83
N LEU S 175 57.57 3.77 -60.11
CA LEU S 175 57.27 5.00 -60.83
C LEU S 175 55.97 5.67 -60.36
N ILE S 176 55.04 4.91 -59.77
CA ILE S 176 53.73 5.46 -59.45
C ILE S 176 53.83 6.57 -58.41
N ALA S 177 54.86 6.53 -57.55
CA ALA S 177 54.96 7.50 -56.47
C ALA S 177 55.06 8.92 -57.01
N LYS S 178 55.87 9.12 -58.05
CA LYS S 178 56.09 10.45 -58.62
C LYS S 178 55.85 10.41 -60.13
N ALA S 179 54.74 9.81 -60.54
CA ALA S 179 54.39 9.75 -61.95
C ALA S 179 53.55 10.94 -62.39
N VAL S 180 52.68 11.45 -61.52
CA VAL S 180 51.81 12.57 -61.86
C VAL S 180 52.16 13.84 -61.09
N THR S 181 52.79 13.73 -59.92
CA THR S 181 53.15 14.92 -59.16
C THR S 181 54.27 15.68 -59.85
N ALA S 182 55.42 15.04 -60.02
CA ALA S 182 56.57 15.65 -60.70
C ALA S 182 57.32 14.57 -61.45
N PRO S 183 56.80 14.11 -62.59
CA PRO S 183 57.49 13.07 -63.35
C PRO S 183 58.87 13.48 -63.84
N ASP S 184 59.06 14.77 -64.17
CA ASP S 184 60.36 15.21 -64.68
C ASP S 184 61.42 15.15 -63.59
N THR S 185 61.07 15.56 -62.37
CA THR S 185 62.02 15.59 -61.26
C THR S 185 62.23 14.22 -60.62
N ALA S 186 61.84 13.15 -61.30
CA ALA S 186 62.01 11.79 -60.79
C ALA S 186 63.45 11.32 -61.07
N GLU S 187 63.66 10.01 -60.93
CA GLU S 187 64.91 9.27 -61.13
C GLU S 187 65.88 9.45 -59.97
N GLU S 188 65.57 10.29 -58.99
CA GLU S 188 66.36 10.37 -57.76
C GLU S 188 65.73 9.52 -56.66
N SER S 189 64.48 9.81 -56.30
CA SER S 189 63.77 8.98 -55.35
C SER S 189 63.54 7.57 -55.90
N GLU S 190 63.31 7.46 -57.20
CA GLU S 190 63.16 6.14 -57.81
C GLU S 190 64.44 5.32 -57.68
N THR S 191 65.59 5.94 -57.95
CA THR S 191 66.87 5.25 -57.78
C THR S 191 67.12 4.91 -56.32
N ARG S 192 66.70 5.80 -55.41
CA ARG S 192 66.86 5.50 -53.98
C ARG S 192 66.02 4.29 -53.58
N ARG S 193 64.77 4.22 -54.05
CA ARG S 193 63.93 3.06 -53.75
C ARG S 193 64.53 1.78 -54.33
N TRP S 194 65.03 1.86 -55.57
CA TRP S 194 65.63 0.67 -56.19
C TRP S 194 66.85 0.21 -55.40
N ALA S 195 67.70 1.16 -54.97
CA ALA S 195 68.86 0.80 -54.17
C ALA S 195 68.45 0.20 -52.84
N LYS S 196 67.40 0.75 -52.21
CA LYS S 196 66.93 0.19 -50.95
C LYS S 196 66.47 -1.25 -51.12
N TYR S 197 65.70 -1.52 -52.19
CA TYR S 197 65.21 -2.87 -52.40
C TYR S 197 66.33 -3.82 -52.80
N VAL S 198 67.36 -3.32 -53.50
CA VAL S 198 68.51 -4.16 -53.81
C VAL S 198 69.27 -4.52 -52.55
N GLN S 199 69.48 -3.55 -51.65
CA GLN S 199 70.21 -3.82 -50.41
C GLN S 199 69.45 -4.80 -49.53
N GLN S 200 68.12 -4.81 -49.62
CA GLN S 200 67.32 -5.78 -48.88
C GLN S 200 67.28 -7.15 -49.56
N LYS S 201 67.88 -7.27 -50.74
CA LYS S 201 67.92 -8.51 -51.52
C LYS S 201 66.53 -9.02 -51.88
N ARG S 202 65.53 -8.13 -51.86
CA ARG S 202 64.19 -8.53 -52.29
C ARG S 202 64.11 -8.66 -53.81
N VAL S 203 64.93 -7.91 -54.54
CA VAL S 203 64.94 -7.92 -55.99
C VAL S 203 66.33 -8.32 -56.47
N ASN S 204 66.37 -9.20 -57.46
CA ASN S 204 67.62 -9.58 -58.09
C ASN S 204 68.03 -8.51 -59.09
N PRO S 205 69.17 -7.84 -58.90
CA PRO S 205 69.51 -6.70 -59.77
C PRO S 205 69.85 -7.08 -61.20
N PHE S 206 69.94 -8.37 -61.52
CA PHE S 206 70.24 -8.77 -62.89
C PHE S 206 69.14 -8.31 -63.85
N PHE S 207 67.88 -8.42 -63.45
CA PHE S 207 66.77 -7.95 -64.27
C PHE S 207 66.45 -6.51 -63.89
N ALA S 208 67.29 -5.61 -64.39
CA ALA S 208 67.12 -4.17 -64.17
C ALA S 208 66.91 -3.50 -65.51
N LEU S 209 65.76 -2.84 -65.67
CA LEU S 209 65.45 -2.18 -66.94
C LEU S 209 66.23 -0.87 -67.06
N THR S 210 66.54 -0.51 -68.30
CA THR S 210 67.27 0.71 -68.57
C THR S 210 66.38 1.93 -68.31
N GLN S 211 67.02 3.09 -68.22
CA GLN S 211 66.27 4.30 -67.87
C GLN S 211 65.42 4.79 -69.03
N GLN S 212 65.77 4.44 -70.27
CA GLN S 212 64.92 4.82 -71.40
C GLN S 212 63.56 4.13 -71.30
N TRP S 213 63.57 2.82 -71.04
CA TRP S 213 62.31 2.09 -70.89
C TRP S 213 61.53 2.61 -69.69
N LEU S 214 62.24 2.93 -68.61
CA LEU S 214 61.55 3.48 -67.43
C LEU S 214 60.89 4.81 -67.74
N THR S 215 61.57 5.67 -68.50
CA THR S 215 60.97 6.94 -68.90
C THR S 215 59.75 6.73 -69.78
N GLU S 216 59.84 5.80 -70.74
CA GLU S 216 58.68 5.50 -71.58
C GLU S 216 57.51 5.00 -70.76
N MET S 217 57.77 4.07 -69.82
CA MET S 217 56.70 3.54 -69.00
C MET S 217 56.11 4.61 -68.09
N ARG S 218 56.95 5.51 -67.55
CA ARG S 218 56.43 6.58 -66.71
C ARG S 218 55.57 7.54 -67.52
N ASN S 219 55.98 7.84 -68.76
CA ASN S 219 55.15 8.68 -69.62
C ASN S 219 53.81 8.02 -69.91
N LEU S 220 53.83 6.71 -70.20
CA LEU S 220 52.58 5.99 -70.43
C LEU S 220 51.69 6.01 -69.20
N LEU S 221 52.28 5.80 -68.03
CA LEU S 221 51.51 5.79 -66.79
C LEU S 221 50.91 7.16 -66.49
N SER S 222 51.66 8.23 -66.75
CA SER S 222 51.14 9.57 -66.52
C SER S 222 50.02 9.91 -67.50
N GLN S 223 50.17 9.50 -68.76
CA GLN S 223 49.14 9.80 -69.75
C GLN S 223 47.82 9.11 -69.43
N SER S 224 47.88 7.86 -68.98
CA SER S 224 46.70 7.02 -68.82
C SER S 224 46.19 7.05 -67.39
N LEU S 225 44.87 7.12 -67.24
CA LEU S 225 44.23 7.08 -65.93
C LEU S 225 43.74 5.69 -65.55
N SER S 226 43.43 4.84 -66.53
CA SER S 226 42.95 3.49 -66.22
C SER S 226 44.01 2.66 -65.51
N VAL S 227 45.25 2.74 -65.97
CA VAL S 227 46.34 2.01 -65.31
C VAL S 227 46.51 2.49 -63.89
N ARG S 228 46.47 3.81 -63.69
CA ARG S 228 46.57 4.36 -62.34
C ARG S 228 45.43 3.88 -61.45
N LYS S 229 44.21 3.84 -61.99
CA LYS S 229 43.07 3.37 -61.21
C LYS S 229 43.25 1.90 -60.83
N PHE S 230 43.70 1.08 -61.77
CA PHE S 230 43.91 -0.34 -61.48
C PHE S 230 44.97 -0.53 -60.40
N MET S 231 46.08 0.20 -60.51
CA MET S 231 47.15 0.03 -59.53
C MET S 231 46.75 0.60 -58.17
N VAL S 232 45.95 1.66 -58.13
CA VAL S 232 45.45 2.17 -56.86
C VAL S 232 44.49 1.17 -56.22
N GLU S 233 43.64 0.54 -57.03
CA GLU S 233 42.77 -0.50 -56.50
C GLU S 233 43.58 -1.66 -55.94
N ILE S 234 44.64 -2.07 -56.64
CA ILE S 234 45.51 -3.11 -56.13
C ILE S 234 46.13 -2.68 -54.80
N LEU S 235 46.58 -1.43 -54.72
CA LEU S 235 47.18 -0.92 -53.49
C LEU S 235 46.20 -0.98 -52.32
N MET S 236 44.98 -0.51 -52.55
CA MET S 236 43.99 -0.53 -51.47
C MET S 236 43.64 -1.96 -51.06
N GLU S 237 43.49 -2.87 -52.03
CA GLU S 237 43.17 -4.25 -51.70
C GLU S 237 44.30 -4.91 -50.92
N VAL S 238 45.55 -4.65 -51.29
CA VAL S 238 46.69 -5.21 -50.58
C VAL S 238 46.79 -4.62 -49.18
N LYS S 239 46.47 -3.33 -49.04
CA LYS S 239 46.55 -2.66 -47.74
C LYS S 239 45.66 -3.34 -46.71
N LYS S 240 44.49 -3.82 -47.11
CA LYS S 240 43.60 -4.53 -46.19
C LYS S 240 44.27 -5.82 -45.73
N GLY S 241 44.64 -5.88 -44.46
CA GLY S 241 45.27 -7.06 -43.91
C GLY S 241 44.28 -8.17 -43.63
N GLY S 242 44.83 -9.29 -43.13
CA GLY S 242 44.01 -10.43 -42.78
C GLY S 242 44.49 -11.73 -43.36
N SER S 243 45.03 -11.69 -44.58
CA SER S 243 45.50 -12.88 -45.28
C SER S 243 47.02 -12.85 -45.39
N ALA S 244 47.58 -14.01 -45.75
CA ALA S 244 49.01 -14.12 -45.96
C ALA S 244 49.43 -13.33 -47.19
N LYS S 245 50.57 -12.66 -47.10
CA LYS S 245 51.08 -11.82 -48.17
C LYS S 245 52.30 -12.47 -48.80
N GLY S 246 52.30 -12.58 -50.12
CA GLY S 246 53.44 -13.09 -50.84
C GLY S 246 54.50 -12.01 -51.05
N ARG S 247 55.60 -12.42 -51.69
CA ARG S 247 56.70 -11.49 -51.91
C ARG S 247 56.26 -10.31 -52.78
N ALA S 248 55.53 -10.58 -53.85
CA ALA S 248 55.02 -9.51 -54.70
C ALA S 248 54.09 -8.59 -53.93
N VAL S 249 53.19 -9.16 -53.13
CA VAL S 249 52.24 -8.35 -52.38
C VAL S 249 52.96 -7.53 -51.31
N GLU S 250 53.97 -8.12 -50.65
CA GLU S 250 54.73 -7.37 -49.66
C GLU S 250 55.47 -6.21 -50.31
N ILE S 251 56.09 -6.45 -51.47
CA ILE S 251 56.79 -5.36 -52.17
C ILE S 251 55.80 -4.27 -52.58
N ILE S 252 54.63 -4.67 -53.08
CA ILE S 252 53.64 -3.70 -53.52
C ILE S 252 53.17 -2.85 -52.34
N SER S 253 52.93 -3.48 -51.19
CA SER S 253 52.49 -2.72 -50.02
C SER S 253 53.61 -1.81 -49.51
N ASP S 254 54.85 -2.27 -49.54
CA ASP S 254 55.97 -1.43 -49.11
C ASP S 254 56.09 -0.21 -50.01
N ILE S 255 55.90 -0.39 -51.32
CA ILE S 255 55.91 0.75 -52.23
C ILE S 255 54.73 1.67 -51.96
N GLY S 256 53.54 1.09 -51.76
CA GLY S 256 52.37 1.90 -51.48
C GLY S 256 52.49 2.69 -50.19
N ASN S 257 53.36 2.25 -49.29
CA ASN S 257 53.67 3.07 -48.12
C ASN S 257 54.22 4.43 -48.54
N TYR S 258 55.10 4.44 -49.54
CA TYR S 258 55.57 5.71 -50.09
C TYR S 258 54.53 6.36 -50.98
N VAL S 259 53.68 5.57 -51.64
CA VAL S 259 52.71 6.12 -52.58
C VAL S 259 51.66 6.96 -51.87
N GLU S 260 51.28 6.59 -50.65
CA GLU S 260 50.16 7.22 -49.97
C GLU S 260 50.40 8.71 -49.78
N GLU S 261 49.30 9.47 -49.78
CA GLU S 261 49.29 10.90 -49.51
C GLU S 261 50.16 11.70 -50.48
N THR S 262 50.44 11.15 -51.66
CA THR S 262 51.25 11.87 -52.63
C THR S 262 50.46 13.02 -53.23
N GLY S 263 51.19 14.05 -53.66
CA GLY S 263 50.58 15.19 -54.33
C GLY S 263 49.78 16.12 -53.45
N MET S 264 49.72 15.87 -52.15
CA MET S 264 49.02 16.72 -51.21
C MET S 264 49.95 17.17 -50.08
N ALA S 265 51.22 17.41 -50.43
CA ALA S 265 52.18 17.79 -49.41
C ALA S 265 51.86 19.14 -48.80
N GLY S 266 51.24 20.04 -49.56
CA GLY S 266 50.87 21.34 -49.00
C GLY S 266 49.88 21.21 -47.86
N PHE S 267 48.82 20.44 -48.07
CA PHE S 267 47.78 20.31 -47.05
C PHE S 267 48.31 19.60 -45.80
N PHE S 268 49.00 18.48 -45.98
CA PHE S 268 49.48 17.72 -44.83
C PHE S 268 50.60 18.45 -44.11
N ALA S 269 51.45 19.16 -44.85
CA ALA S 269 52.45 20.01 -44.22
C ALA S 269 51.79 21.12 -43.41
N THR S 270 50.76 21.75 -43.97
CA THR S 270 50.01 22.75 -43.22
C THR S 270 49.50 22.17 -41.93
N ILE S 271 48.82 21.02 -42.01
CA ILE S 271 48.32 20.36 -40.79
C ILE S 271 49.44 20.18 -39.79
N ARG S 272 50.44 19.39 -40.17
CA ARG S 272 51.45 18.92 -39.22
C ARG S 272 52.22 20.08 -38.60
N PHE S 273 52.57 21.09 -39.39
CA PHE S 273 53.43 22.15 -38.90
C PHE S 273 52.63 23.34 -38.36
N GLY S 274 51.78 23.95 -39.20
CA GLY S 274 51.03 25.10 -38.75
C GLY S 274 50.00 24.76 -37.68
N LEU S 275 49.26 23.66 -37.87
CA LEU S 275 48.17 23.39 -36.94
C LEU S 275 48.67 22.72 -35.67
N GLU S 276 49.30 21.55 -35.81
CA GLU S 276 49.98 20.93 -34.67
C GLU S 276 51.23 21.74 -34.34
N THR S 277 51.96 21.29 -33.32
CA THR S 277 53.09 22.03 -32.77
C THR S 277 52.65 23.45 -32.42
N ARG S 278 51.71 23.52 -31.46
CA ARG S 278 50.99 24.74 -31.15
C ARG S 278 51.91 25.90 -30.77
N TYR S 279 51.93 26.94 -31.61
CA TYR S 279 52.71 28.14 -31.44
C TYR S 279 51.82 29.31 -31.01
N PRO S 280 52.35 30.24 -30.20
CA PRO S 280 51.54 31.38 -29.75
C PRO S 280 51.13 32.34 -30.85
N ALA S 281 51.49 32.09 -32.12
CA ALA S 281 51.18 32.99 -33.21
C ALA S 281 49.98 32.52 -34.04
N LEU S 282 49.15 31.64 -33.48
CA LEU S 282 48.02 31.10 -34.23
C LEU S 282 46.84 32.06 -34.24
N ALA S 283 46.32 32.38 -33.06
CA ALA S 283 45.16 33.28 -32.94
C ALA S 283 45.62 34.70 -33.20
N LEU S 284 45.49 35.16 -34.44
CA LEU S 284 45.94 36.51 -34.80
C LEU S 284 44.98 37.21 -35.76
N ASN S 285 43.71 36.77 -35.81
CA ASN S 285 42.68 37.36 -36.67
C ASN S 285 42.97 37.18 -38.15
N GLU S 286 44.05 36.48 -38.50
CA GLU S 286 44.32 36.14 -39.89
C GLU S 286 44.44 34.64 -40.12
N PHE S 287 44.30 33.83 -39.08
CA PHE S 287 44.37 32.39 -39.20
C PHE S 287 43.09 31.68 -38.77
N GLN S 288 42.09 32.41 -38.29
CA GLN S 288 40.86 31.75 -37.82
C GLN S 288 40.07 31.17 -38.99
N SER S 289 39.94 31.93 -40.08
CA SER S 289 39.26 31.42 -41.26
C SER S 289 39.98 30.21 -41.83
N ASP S 290 41.32 30.28 -41.88
CA ASP S 290 42.09 29.15 -42.36
C ASP S 290 41.94 27.94 -41.46
N LEU S 291 41.87 28.15 -40.15
CA LEU S 291 41.65 27.03 -39.22
C LEU S 291 40.29 26.40 -39.45
N ASN S 292 39.26 27.21 -39.65
CA ASN S 292 37.93 26.67 -39.92
C ASN S 292 37.92 25.88 -41.23
N THR S 293 38.56 26.42 -42.27
CA THR S 293 38.64 25.71 -43.55
C THR S 293 39.41 24.40 -43.39
N ILE S 294 40.48 24.42 -42.61
CA ILE S 294 41.27 23.22 -42.39
C ILE S 294 40.46 22.17 -41.64
N LYS S 295 39.66 22.60 -40.66
CA LYS S 295 38.78 21.67 -39.96
C LYS S 295 37.78 21.03 -40.93
N GLY S 296 37.13 21.87 -41.74
CA GLY S 296 36.20 21.34 -42.73
C GLY S 296 36.88 20.37 -43.68
N LEU S 297 38.12 20.66 -44.05
CA LEU S 297 38.88 19.75 -44.89
C LEU S 297 39.17 18.43 -44.17
N MET S 298 39.40 18.49 -42.86
CA MET S 298 39.61 17.27 -42.09
C MET S 298 38.37 16.39 -42.11
N LEU S 299 37.20 16.98 -41.86
CA LEU S 299 35.98 16.17 -41.95
C LEU S 299 35.73 15.68 -43.37
N LEU S 300 36.05 16.49 -44.38
CA LEU S 300 35.89 16.03 -45.76
C LEU S 300 36.79 14.84 -46.05
N TYR S 301 38.05 14.90 -45.60
CA TYR S 301 38.97 13.81 -45.82
C TYR S 301 38.52 12.54 -45.11
N ARG S 302 37.98 12.69 -43.89
CA ARG S 302 37.43 11.52 -43.20
C ARG S 302 36.21 10.98 -43.94
N GLU S 303 35.42 11.87 -44.56
CA GLU S 303 34.22 11.44 -45.27
C GLU S 303 34.51 10.78 -46.61
N ILE S 304 35.64 11.10 -47.24
CA ILE S 304 35.91 10.60 -48.59
C ILE S 304 35.97 9.07 -48.60
N GLY S 305 36.77 8.50 -47.71
CA GLY S 305 36.86 7.06 -47.61
C GLY S 305 38.26 6.54 -47.81
N PRO S 306 38.38 5.25 -48.18
CA PRO S 306 39.70 4.64 -48.36
C PRO S 306 40.48 5.21 -49.54
N ARG S 307 39.83 5.90 -50.46
CA ARG S 307 40.50 6.51 -51.61
C ARG S 307 41.10 7.87 -51.28
N ALA S 308 40.96 8.34 -50.05
CA ALA S 308 41.46 9.66 -49.68
C ALA S 308 42.96 9.83 -49.88
N PRO S 309 43.83 8.90 -49.46
CA PRO S 309 45.26 9.12 -49.70
C PRO S 309 45.63 9.22 -51.17
N TYR S 310 44.99 8.44 -52.03
CA TYR S 310 45.27 8.45 -53.47
C TYR S 310 44.29 9.35 -54.22
N MET S 311 44.13 10.60 -53.77
CA MET S 311 43.25 11.52 -54.47
C MET S 311 43.90 12.08 -55.73
N VAL S 312 45.20 12.40 -55.65
CA VAL S 312 45.89 12.94 -56.83
C VAL S 312 46.03 11.88 -57.91
N LEU S 313 46.28 10.63 -57.50
CA LEU S 313 46.45 9.56 -58.48
C LEU S 313 45.17 9.33 -59.28
N LEU S 314 44.03 9.31 -58.61
CA LEU S 314 42.75 9.17 -59.30
C LEU S 314 42.24 10.49 -59.86
N GLU S 315 42.93 11.60 -59.59
CA GLU S 315 42.55 12.92 -60.11
C GLU S 315 41.14 13.30 -59.71
N GLU S 316 40.78 13.01 -58.45
CA GLU S 316 39.46 13.36 -57.96
C GLU S 316 39.27 14.87 -57.96
N SER S 317 38.05 15.30 -58.27
CA SER S 317 37.74 16.72 -58.27
C SER S 317 37.76 17.31 -56.88
N ILE S 318 37.64 16.49 -55.84
CA ILE S 318 37.71 16.98 -54.46
C ILE S 318 39.09 17.52 -54.15
N GLN S 319 40.10 17.16 -54.93
CA GLN S 319 41.48 17.53 -54.62
C GLN S 319 41.68 19.04 -54.64
N THR S 320 41.04 19.73 -55.58
CA THR S 320 41.23 21.17 -55.70
C THR S 320 40.84 21.89 -54.42
N LYS S 321 39.81 21.41 -53.74
CA LYS S 321 39.40 22.01 -52.47
C LYS S 321 40.46 21.82 -51.39
N PHE S 322 41.31 20.79 -51.53
CA PHE S 322 42.36 20.53 -50.55
C PHE S 322 43.62 21.35 -50.81
N ALA S 323 43.84 21.77 -52.05
CA ALA S 323 45.07 22.44 -52.41
C ALA S 323 45.16 23.81 -51.72
N PRO S 324 46.37 24.24 -51.36
CA PRO S 324 46.53 25.60 -50.84
C PRO S 324 46.11 26.63 -51.88
N GLY S 325 45.50 27.70 -51.39
CA GLY S 325 44.88 28.68 -52.27
C GLY S 325 43.56 29.11 -51.67
N GLY S 326 42.92 28.19 -50.95
CA GLY S 326 41.80 28.50 -50.10
C GLY S 326 42.17 28.84 -48.67
N TYR S 327 43.44 28.61 -48.30
CA TYR S 327 43.94 28.99 -46.98
C TYR S 327 45.41 29.40 -47.11
N PRO S 328 45.70 30.39 -47.97
CA PRO S 328 47.11 30.71 -48.25
C PRO S 328 47.89 31.21 -47.05
N LEU S 329 47.23 31.86 -46.09
CA LEU S 329 47.96 32.49 -44.98
C LEU S 329 48.53 31.44 -44.03
N LEU S 330 47.67 30.56 -43.51
CA LEU S 330 48.13 29.50 -42.62
C LEU S 330 49.07 28.56 -43.38
N TRP S 331 48.81 28.33 -44.67
CA TRP S 331 49.70 27.49 -45.45
C TRP S 331 51.10 28.11 -45.50
N SER S 332 51.18 29.41 -45.76
CA SER S 332 52.49 30.07 -45.81
C SER S 332 53.18 30.02 -44.46
N PHE S 333 52.43 30.24 -43.38
CA PHE S 333 53.00 30.14 -42.04
C PHE S 333 53.58 28.74 -41.81
N ALA S 334 52.83 27.71 -42.19
CA ALA S 334 53.28 26.34 -42.00
C ALA S 334 54.50 26.02 -42.85
N MET S 335 54.54 26.51 -44.09
CA MET S 335 55.73 26.29 -44.91
C MET S 335 56.94 26.98 -44.32
N GLY S 336 56.76 28.18 -43.77
CA GLY S 336 57.88 28.85 -43.12
C GLY S 336 58.42 28.06 -41.94
N VAL S 337 57.52 27.63 -41.05
CA VAL S 337 57.98 26.87 -39.88
C VAL S 337 58.55 25.52 -40.31
N ALA S 338 58.06 24.93 -41.39
CA ALA S 338 58.58 23.65 -41.87
C ALA S 338 59.99 23.83 -42.44
N THR S 339 60.17 24.84 -43.29
CA THR S 339 61.49 25.09 -43.86
C THR S 339 62.50 25.44 -42.77
N THR S 340 62.06 26.08 -41.69
CA THR S 340 62.99 26.34 -40.59
C THR S 340 63.24 25.07 -39.77
N ILE S 341 62.25 24.19 -39.64
CA ILE S 341 62.38 23.03 -38.75
C ILE S 341 62.89 21.81 -39.51
N ASP S 342 62.23 21.43 -40.60
CA ASP S 342 62.58 20.20 -41.33
C ASP S 342 63.61 20.53 -42.39
N ARG S 343 64.80 19.92 -42.28
CA ARG S 343 65.85 20.15 -43.25
C ARG S 343 65.44 19.67 -44.64
N SER S 344 64.81 18.51 -44.72
CA SER S 344 64.37 17.99 -46.01
C SER S 344 63.34 18.91 -46.64
N MET S 345 62.41 19.44 -45.84
CA MET S 345 61.46 20.41 -46.34
C MET S 345 62.19 21.69 -46.72
N GLY S 346 62.11 22.05 -47.99
CA GLY S 346 62.90 23.15 -48.52
C GLY S 346 63.32 22.86 -49.94
N ALA S 347 63.32 21.57 -50.29
CA ALA S 347 63.39 21.16 -51.68
C ALA S 347 62.02 21.17 -52.35
N LEU S 348 60.97 21.39 -51.58
CA LEU S 348 59.63 21.52 -52.14
C LEU S 348 59.50 22.82 -52.90
N ASN S 349 58.81 22.74 -54.04
CA ASN S 349 58.59 23.91 -54.90
C ASN S 349 57.32 24.60 -54.43
N ILE S 350 57.47 25.78 -53.82
CA ILE S 350 56.34 26.50 -53.24
C ILE S 350 56.26 27.91 -53.79
N ASN S 351 56.72 28.11 -55.04
CA ASN S 351 56.71 29.42 -55.66
C ASN S 351 55.33 29.73 -56.27
N ARG S 352 54.32 29.69 -55.40
CA ARG S 352 52.95 29.97 -55.81
C ARG S 352 52.69 31.47 -55.85
N GLY S 353 51.50 31.82 -56.33
CA GLY S 353 51.10 33.22 -56.42
C GLY S 353 50.48 33.82 -55.19
N TYR S 354 50.41 33.05 -54.10
CA TYR S 354 49.82 33.51 -52.84
C TYR S 354 50.76 33.22 -51.68
N LEU S 355 52.05 33.53 -51.88
CA LEU S 355 53.04 33.20 -50.87
C LEU S 355 52.88 34.04 -49.61
N GLU S 356 52.54 35.33 -49.75
CA GLU S 356 52.40 36.26 -48.63
C GLU S 356 53.68 36.24 -47.80
N PRO S 357 54.76 36.85 -48.28
CA PRO S 357 56.06 36.71 -47.59
C PRO S 357 56.04 37.20 -46.15
N MET S 358 55.13 38.10 -45.79
CA MET S 358 55.06 38.56 -44.40
C MET S 358 54.74 37.40 -43.46
N TYR S 359 53.80 36.55 -43.84
CA TYR S 359 53.44 35.43 -42.98
C TYR S 359 54.50 34.34 -43.01
N PHE S 360 55.20 34.19 -44.15
CA PHE S 360 56.34 33.28 -44.19
C PHE S 360 57.43 33.73 -43.22
N ARG S 361 57.72 35.04 -43.19
CA ARG S 361 58.68 35.58 -42.24
C ARG S 361 58.18 35.39 -40.81
N LEU S 362 56.89 35.59 -40.58
CA LEU S 362 56.34 35.40 -39.24
C LEU S 362 56.50 33.96 -38.79
N GLY S 363 56.28 33.00 -39.68
CA GLY S 363 56.50 31.61 -39.33
C GLY S 363 57.97 31.30 -39.08
N GLN S 364 58.86 31.86 -39.90
CA GLN S 364 60.29 31.67 -39.69
C GLN S 364 60.70 32.18 -38.32
N LYS S 365 60.21 33.35 -37.92
CA LYS S 365 60.49 33.88 -36.59
C LYS S 365 59.84 33.02 -35.51
N SER S 366 58.61 32.57 -35.72
CA SER S 366 57.93 31.78 -34.72
C SER S 366 58.65 30.47 -34.44
N ALA S 367 59.33 29.92 -35.46
CA ALA S 367 60.05 28.67 -35.25
C ALA S 367 61.19 28.82 -34.25
N ARG S 368 61.97 29.90 -34.34
CA ARG S 368 63.19 30.04 -33.55
C ARG S 368 63.14 31.20 -32.56
N HIS S 369 62.88 32.43 -33.01
CA HIS S 369 62.99 33.60 -32.16
C HIS S 369 61.77 33.81 -31.26
N HIS S 370 60.73 33.00 -31.39
CA HIS S 370 59.48 33.27 -30.70
C HIS S 370 59.60 33.01 -29.20
N ALA S 371 59.84 31.76 -28.83
CA ALA S 371 59.95 31.34 -27.43
C ALA S 371 60.31 29.87 -27.40
N GLY S 372 60.60 29.37 -26.20
CA GLY S 372 60.82 27.94 -26.03
C GLY S 372 59.60 27.12 -26.34
N GLY S 373 58.42 27.60 -25.96
CA GLY S 373 57.18 26.92 -26.26
C GLY S 373 56.89 25.75 -25.35
N ILE S 374 56.75 26.00 -24.06
CA ILE S 374 56.44 24.95 -23.09
C ILE S 374 54.92 24.77 -23.05
N ASP S 375 54.46 23.58 -23.40
CA ASP S 375 53.04 23.29 -23.49
C ASP S 375 52.54 22.84 -22.12
N GLN S 376 51.32 22.30 -22.06
CA GLN S 376 50.77 21.82 -20.80
C GLN S 376 51.59 20.64 -20.29
N ASN S 377 52.08 20.76 -19.07
CA ASN S 377 52.98 19.78 -18.47
C ASN S 377 52.23 18.92 -17.48
N MET S 378 52.01 17.65 -17.83
CA MET S 378 51.43 16.71 -16.87
C MET S 378 52.37 16.52 -15.68
N ALA S 379 53.66 16.42 -15.93
CA ALA S 379 54.65 16.40 -14.87
C ALA S 379 54.94 17.82 -14.42
N ASN S 380 54.87 18.06 -13.11
CA ASN S 380 55.02 19.39 -12.56
C ASN S 380 56.51 19.70 -12.42
N LYS S 381 57.02 20.57 -13.29
CA LYS S 381 58.43 20.97 -13.26
C LYS S 381 58.50 22.40 -12.75
N LEU S 382 58.61 22.52 -11.42
CA LEU S 382 58.60 23.85 -10.80
C LEU S 382 59.89 24.60 -11.05
N GLY S 383 61.00 23.89 -11.19
CA GLY S 383 62.29 24.53 -11.42
C GLY S 383 62.69 24.55 -12.88
N LEU S 384 61.70 24.53 -13.76
CA LEU S 384 61.94 24.41 -15.20
C LEU S 384 62.18 25.76 -15.89
N ASN S 385 62.21 26.86 -15.14
CA ASN S 385 62.54 28.14 -15.75
C ASN S 385 63.95 28.14 -16.29
N SER S 386 64.90 27.65 -15.49
CA SER S 386 66.29 27.57 -15.95
C SER S 386 66.44 26.54 -17.06
N ASP S 387 65.68 25.45 -17.02
CA ASP S 387 65.70 24.48 -18.11
C ASP S 387 65.22 25.11 -19.41
N GLN S 388 64.14 25.89 -19.35
CA GLN S 388 63.65 26.58 -20.54
C GLN S 388 64.66 27.60 -21.04
N VAL S 389 65.31 28.31 -20.12
CA VAL S 389 66.33 29.28 -20.52
C VAL S 389 67.49 28.58 -21.23
N ALA S 390 67.94 27.45 -20.69
CA ALA S 390 69.03 26.72 -21.31
C ALA S 390 68.62 26.16 -22.68
N GLU S 391 67.38 25.68 -22.79
CA GLU S 391 66.89 25.20 -24.07
C GLU S 391 66.83 26.31 -25.11
N LEU S 392 66.39 27.50 -24.69
CA LEU S 392 66.33 28.63 -25.61
C LEU S 392 67.72 29.14 -25.96
N ALA S 393 68.70 28.91 -25.08
CA ALA S 393 70.07 29.33 -25.37
C ALA S 393 70.62 28.59 -26.58
N ALA S 394 70.34 27.30 -26.68
CA ALA S 394 70.76 26.47 -27.82
C ALA S 394 72.28 26.54 -28.04
N MET T 1 12.27 50.64 -25.11
CA MET T 1 12.70 49.91 -23.92
C MET T 1 13.46 48.64 -24.28
N SER T 2 13.43 47.66 -23.37
CA SER T 2 14.14 46.41 -23.61
C SER T 2 13.59 45.66 -24.82
N ASP T 3 12.26 45.61 -24.95
CA ASP T 3 11.65 44.80 -26.00
C ASP T 3 11.97 45.39 -27.38
N ILE T 4 11.95 46.72 -27.50
CA ILE T 4 12.36 47.33 -28.76
C ILE T 4 13.83 47.02 -29.01
N PHE T 5 14.22 47.08 -30.28
CA PHE T 5 15.48 46.61 -30.87
C PHE T 5 15.51 45.09 -30.95
N ASP T 6 14.50 44.40 -30.41
CA ASP T 6 14.29 42.97 -30.64
C ASP T 6 13.08 42.72 -31.51
N GLU T 7 12.06 43.59 -31.41
CA GLU T 7 10.95 43.54 -32.35
C GLU T 7 11.44 43.81 -33.77
N ALA T 8 12.34 44.78 -33.94
CA ALA T 8 12.91 45.04 -35.26
C ALA T 8 13.77 43.87 -35.71
N ALA T 9 14.48 43.22 -34.79
CA ALA T 9 15.31 42.08 -35.15
C ALA T 9 14.46 40.96 -35.74
N SER T 10 13.29 40.71 -35.16
CA SER T 10 12.35 39.78 -35.77
C SER T 10 11.69 40.40 -37.00
N PHE T 11 11.45 41.71 -36.97
CA PHE T 11 10.80 42.37 -38.09
C PHE T 11 11.65 42.28 -39.35
N ARG T 12 12.95 42.55 -39.24
CA ARG T 12 13.82 42.41 -40.40
C ARG T 12 13.95 40.96 -40.82
N SER T 13 13.99 40.04 -39.86
CA SER T 13 14.01 38.62 -40.19
C SER T 13 12.72 38.20 -40.90
N TYR T 14 11.57 38.67 -40.40
CA TYR T 14 10.30 38.36 -41.04
C TYR T 14 10.17 39.05 -42.38
N GLN T 15 10.75 40.24 -42.53
CA GLN T 15 10.62 40.99 -43.77
C GLN T 15 11.34 40.31 -44.93
N SER T 16 12.46 39.63 -44.65
CA SER T 16 13.23 39.00 -45.72
C SER T 16 12.43 37.88 -46.38
N LYS T 17 11.90 36.96 -45.58
CA LYS T 17 11.06 35.88 -46.10
C LYS T 17 9.59 36.25 -45.99
N LEU T 18 9.24 37.36 -46.65
CA LEU T 18 7.90 37.92 -46.50
C LEU T 18 6.86 37.12 -47.28
N GLY T 19 7.02 37.05 -48.61
CA GLY T 19 6.06 36.36 -49.44
C GLY T 19 6.61 35.15 -50.14
N ARG T 20 7.78 34.67 -49.71
CA ARG T 20 8.42 33.52 -50.34
C ARG T 20 7.93 32.22 -49.70
N ASP T 21 6.62 31.99 -49.82
CA ASP T 21 5.98 30.81 -49.25
C ASP T 21 4.84 30.39 -50.16
N GLY T 22 4.46 29.13 -50.05
CA GLY T 22 3.39 28.58 -50.87
C GLY T 22 3.88 28.09 -52.21
N ARG T 23 2.91 27.73 -53.06
CA ARG T 23 3.18 27.20 -54.39
C ARG T 23 2.50 28.07 -55.43
N ALA T 24 3.20 28.33 -56.52
CA ALA T 24 2.66 29.15 -57.60
C ALA T 24 1.71 28.33 -58.47
N SER T 25 1.04 29.02 -59.38
CA SER T 25 0.08 28.40 -60.29
C SER T 25 0.71 28.21 -61.66
N ALA T 26 0.01 27.42 -62.49
CA ALA T 26 0.45 27.15 -63.85
C ALA T 26 0.02 28.23 -64.84
N ALA T 27 -0.72 29.24 -64.38
CA ALA T 27 -1.12 30.32 -65.27
C ALA T 27 0.10 31.08 -65.79
N THR T 28 1.09 31.32 -64.94
CA THR T 28 2.31 32.02 -65.34
C THR T 28 3.28 31.01 -65.97
N ALA T 29 2.92 30.58 -67.17
CA ALA T 29 3.70 29.61 -67.94
C ALA T 29 4.30 30.30 -69.15
N THR T 30 5.63 30.27 -69.25
CA THR T 30 6.32 30.93 -70.34
C THR T 30 6.04 30.23 -71.67
N LEU T 31 6.00 31.01 -72.73
CA LEU T 31 5.89 30.46 -74.07
C LEU T 31 7.15 29.69 -74.42
N THR T 32 6.99 28.52 -75.02
CA THR T 32 8.10 27.61 -75.28
C THR T 32 8.53 27.66 -76.74
N THR T 33 9.84 27.51 -76.94
CA THR T 33 10.44 27.51 -78.28
C THR T 33 10.98 26.12 -78.58
N LYS T 34 10.71 25.64 -79.80
CA LYS T 34 11.21 24.33 -80.20
C LYS T 34 12.70 24.40 -80.50
N ILE T 35 13.45 23.46 -79.93
CA ILE T 35 14.90 23.39 -80.10
C ILE T 35 15.25 22.02 -80.64
N ARG T 36 15.88 21.99 -81.81
CA ARG T 36 16.20 20.74 -82.50
C ARG T 36 17.64 20.34 -82.15
N ILE T 37 17.79 19.17 -81.55
CA ILE T 37 19.09 18.70 -81.05
C ILE T 37 19.48 17.46 -81.85
N PHE T 38 20.67 17.49 -82.45
CA PHE T 38 21.20 16.38 -83.23
C PHE T 38 22.11 15.55 -82.35
N VAL T 39 21.65 14.37 -81.95
CA VAL T 39 22.45 13.48 -81.11
C VAL T 39 22.86 12.26 -81.92
N PRO T 40 24.05 11.68 -81.66
CA PRO T 40 24.44 10.48 -82.40
C PRO T 40 23.62 9.27 -81.95
N ALA T 41 23.11 8.53 -82.93
CA ALA T 41 22.30 7.36 -82.63
C ALA T 41 23.14 6.18 -82.18
N THR T 42 24.32 6.00 -82.77
CA THR T 42 25.19 4.86 -82.54
C THR T 42 26.43 5.28 -81.77
N ASN T 43 27.33 4.32 -81.56
CA ASN T 43 28.58 4.56 -80.85
C ASN T 43 29.79 4.55 -81.77
N SER T 44 29.57 4.55 -83.08
CA SER T 44 30.69 4.50 -84.01
C SER T 44 31.49 5.80 -83.93
N PRO T 45 32.81 5.74 -83.70
CA PRO T 45 33.59 6.98 -83.60
C PRO T 45 33.56 7.82 -84.87
N GLU T 46 33.50 7.20 -86.04
CA GLU T 46 33.48 7.96 -87.28
C GLU T 46 32.25 8.86 -87.37
N LEU T 47 31.10 8.36 -86.90
CA LEU T 47 29.90 9.18 -86.90
C LEU T 47 29.98 10.27 -85.83
N ARG T 48 30.43 9.91 -84.62
CA ARG T 48 30.51 10.89 -83.55
C ARG T 48 31.53 11.98 -83.87
N TRP T 49 32.69 11.61 -84.40
CA TRP T 49 33.69 12.61 -84.74
C TRP T 49 33.20 13.52 -85.85
N GLU T 50 32.51 12.97 -86.84
CA GLU T 50 31.94 13.80 -87.90
C GLU T 50 30.82 14.68 -87.35
N LEU T 51 30.12 14.20 -86.32
CA LEU T 51 29.04 15.00 -85.73
C LEU T 51 29.58 16.21 -84.99
N THR T 52 30.59 16.01 -84.14
CA THR T 52 31.15 17.13 -83.39
C THR T 52 31.90 18.10 -84.30
N LEU T 53 32.40 17.61 -85.43
CA LEU T 53 32.93 18.53 -86.44
C LEU T 53 31.82 19.39 -87.02
N PHE T 54 30.66 18.81 -87.28
CA PHE T 54 29.52 19.58 -87.76
C PHE T 54 29.04 20.57 -86.72
N ALA T 55 28.94 20.14 -85.46
CA ALA T 55 28.43 21.01 -84.41
C ALA T 55 29.35 22.19 -84.19
N LEU T 56 30.65 22.01 -84.39
CA LEU T 56 31.58 23.13 -84.31
C LEU T 56 31.28 24.17 -85.40
N ASP T 57 30.97 23.71 -86.61
CA ASP T 57 30.75 24.63 -87.71
C ASP T 57 29.47 25.44 -87.51
N VAL T 58 28.42 24.80 -86.99
CA VAL T 58 27.17 25.51 -86.77
C VAL T 58 27.36 26.64 -85.77
N ILE T 59 28.09 26.36 -84.68
CA ILE T 59 28.35 27.38 -83.67
C ILE T 59 29.18 28.51 -84.26
N ARG T 60 30.20 28.17 -85.05
CA ARG T 60 31.02 29.19 -85.70
C ARG T 60 30.29 29.88 -86.84
N SER T 61 29.22 29.30 -87.37
CA SER T 61 28.55 29.86 -88.52
C SER T 61 27.90 31.20 -88.16
N PRO T 62 28.03 32.21 -89.02
CA PRO T 62 27.37 33.50 -88.74
C PRO T 62 25.93 33.53 -89.21
N SER T 63 25.60 32.70 -90.21
CA SER T 63 24.25 32.63 -90.75
C SER T 63 23.33 31.72 -89.95
N ALA T 64 23.86 31.05 -88.92
CA ALA T 64 23.05 30.13 -88.14
C ALA T 64 22.07 30.88 -87.26
N ALA T 65 20.84 30.38 -87.21
CA ALA T 65 19.85 30.90 -86.28
C ALA T 65 20.21 30.50 -84.85
N GLU T 66 19.70 31.27 -83.90
CA GLU T 66 20.03 31.03 -82.50
C GLU T 66 19.56 29.65 -82.05
N SER T 67 18.36 29.24 -82.46
CA SER T 67 17.84 27.94 -82.06
C SER T 67 18.72 26.82 -82.57
N MET T 68 19.23 26.95 -83.79
CA MET T 68 20.18 25.96 -84.31
C MET T 68 21.48 25.97 -83.51
N LYS T 69 21.94 27.16 -83.13
CA LYS T 69 23.16 27.27 -82.33
C LYS T 69 23.01 26.60 -80.97
N ILE T 70 21.84 26.74 -80.34
CA ILE T 70 21.60 26.07 -79.07
C ILE T 70 21.61 24.56 -79.26
N GLY T 71 21.01 24.08 -80.36
CA GLY T 71 21.04 22.66 -80.64
C GLY T 71 22.44 22.11 -80.81
N ALA T 72 23.30 22.88 -81.48
CA ALA T 72 24.70 22.48 -81.60
C ALA T 72 25.39 22.48 -80.24
N ALA T 73 25.09 23.48 -79.41
CA ALA T 73 25.68 23.53 -78.08
C ALA T 73 25.24 22.34 -77.24
N PHE T 74 23.95 21.99 -77.31
CA PHE T 74 23.47 20.80 -76.60
C PHE T 74 24.07 19.54 -77.20
N THR T 75 24.24 19.51 -78.52
CA THR T 75 24.85 18.36 -79.17
C THR T 75 26.28 18.15 -78.69
N LEU T 76 27.06 19.23 -78.58
CA LEU T 76 28.44 19.12 -78.16
C LEU T 76 28.55 18.60 -76.73
N ILE T 77 27.78 19.17 -75.81
CA ILE T 77 27.96 18.88 -74.39
C ILE T 77 27.69 17.40 -74.11
N SER T 78 26.71 16.81 -74.79
CA SER T 78 26.30 15.44 -74.52
C SER T 78 27.06 14.42 -75.37
N MET T 79 28.08 14.83 -76.12
CA MET T 79 28.82 13.88 -76.94
C MET T 79 29.56 12.85 -76.11
N TYR T 80 30.00 13.21 -74.91
CA TYR T 80 30.77 12.26 -74.09
C TYR T 80 29.91 11.07 -73.67
N SER T 81 28.64 11.31 -73.37
CA SER T 81 27.77 10.25 -72.90
C SER T 81 27.48 9.25 -74.01
N GLU T 82 27.41 7.97 -73.63
CA GLU T 82 27.09 6.92 -74.59
C GLU T 82 25.65 7.00 -75.07
N ARG T 83 24.76 7.63 -74.31
CA ARG T 83 23.37 7.82 -74.69
C ARG T 83 23.03 9.29 -74.57
N PRO T 84 23.45 10.11 -75.54
CA PRO T 84 23.20 11.56 -75.42
C PRO T 84 21.72 11.92 -75.33
N GLY T 85 20.86 11.15 -75.99
CA GLY T 85 19.43 11.44 -75.91
C GLY T 85 18.88 11.28 -74.51
N ALA T 86 19.30 10.22 -73.81
CA ALA T 86 18.85 10.00 -72.45
C ALA T 86 19.41 11.06 -71.51
N LEU T 87 20.65 11.46 -71.70
CA LEU T 87 21.27 12.45 -70.83
C LEU T 87 20.55 13.79 -70.91
N ILE T 88 20.25 14.24 -72.13
CA ILE T 88 19.56 15.52 -72.29
C ILE T 88 18.16 15.46 -71.71
N ARG T 89 17.43 14.38 -72.00
CA ARG T 89 16.04 14.28 -71.54
C ARG T 89 15.95 14.14 -70.03
N SER T 90 16.91 13.47 -69.40
CA SER T 90 16.87 13.24 -67.96
C SER T 90 17.60 14.31 -67.16
N LEU T 91 18.14 15.34 -67.81
CA LEU T 91 18.84 16.41 -67.12
C LEU T 91 18.46 17.77 -67.69
N LEU T 92 17.18 17.93 -68.03
CA LEU T 92 16.67 19.18 -68.59
C LEU T 92 15.57 19.71 -67.68
N ASN T 93 15.72 20.95 -67.22
CA ASN T 93 14.75 21.61 -66.38
C ASN T 93 14.52 23.04 -66.88
N ASP T 94 14.32 23.19 -68.18
CA ASP T 94 14.14 24.49 -68.81
C ASP T 94 12.69 24.70 -69.20
N PRO T 95 11.92 25.51 -68.47
CA PRO T 95 10.56 25.82 -68.90
C PRO T 95 10.51 26.70 -70.15
N ASP T 96 11.60 27.40 -70.47
CA ASP T 96 11.60 28.30 -71.61
C ASP T 96 11.59 27.54 -72.93
N ILE T 97 12.20 26.36 -72.97
CA ILE T 97 12.42 25.64 -74.22
C ILE T 97 11.85 24.23 -74.10
N GLU T 98 11.53 23.66 -75.26
CA GLU T 98 11.24 22.24 -75.40
C GLU T 98 12.23 21.63 -76.37
N ALA T 99 12.79 20.49 -75.99
CA ALA T 99 13.83 19.83 -76.77
C ALA T 99 13.24 18.66 -77.52
N VAL T 100 13.42 18.65 -78.84
CA VAL T 100 13.02 17.53 -79.68
C VAL T 100 14.30 16.79 -80.07
N ILE T 101 14.56 15.67 -79.41
CA ILE T 101 15.78 14.92 -79.66
C ILE T 101 15.69 14.23 -81.01
N ILE T 102 16.75 14.34 -81.80
CA ILE T 102 16.80 13.78 -83.14
C ILE T 102 18.00 12.84 -83.23
N ASP T 103 17.72 11.55 -83.41
CA ASP T 103 18.79 10.59 -83.63
C ASP T 103 19.34 10.73 -85.04
N VAL T 104 20.66 10.90 -85.14
CA VAL T 104 21.27 11.21 -86.43
C VAL T 104 21.15 10.02 -87.38
N GLY T 105 21.46 8.82 -86.90
CA GLY T 105 21.36 7.65 -87.75
C GLY T 105 22.63 7.38 -88.53
N SER T 106 22.65 7.79 -89.79
CA SER T 106 23.85 7.75 -90.60
C SER T 106 24.35 9.20 -90.79
N MET T 107 25.40 9.39 -91.57
CA MET T 107 25.93 10.75 -91.73
C MET T 107 26.46 10.94 -93.14
N LEU T 108 25.92 11.94 -93.82
CA LEU T 108 26.51 12.48 -95.05
C LEU T 108 27.46 13.61 -94.65
N ASN T 109 27.87 14.44 -95.62
CA ASN T 109 28.66 15.63 -95.29
C ASN T 109 27.96 16.46 -94.21
N GLY T 110 26.66 16.67 -94.35
CA GLY T 110 25.87 17.25 -93.29
C GLY T 110 25.22 16.17 -92.45
N ILE T 111 23.90 16.20 -92.31
CA ILE T 111 23.17 15.12 -91.65
C ILE T 111 22.03 14.66 -92.55
N PRO T 112 21.84 13.35 -92.74
CA PRO T 112 20.65 12.87 -93.46
C PRO T 112 19.48 12.71 -92.50
N VAL T 113 18.37 13.37 -92.81
CA VAL T 113 17.16 13.21 -91.99
C VAL T 113 16.65 11.78 -92.06
N MET T 114 16.69 11.19 -93.26
CA MET T 114 16.29 9.80 -93.48
C MET T 114 14.86 9.55 -92.97
N GLU T 115 13.93 10.37 -93.44
CA GLU T 115 12.52 10.22 -93.08
C GLU T 115 11.69 10.85 -94.18
N ARG T 116 11.12 10.00 -95.04
CA ARG T 116 10.28 10.44 -96.17
C ARG T 116 11.03 11.46 -97.04
N ARG T 117 12.09 10.98 -97.68
CA ARG T 117 12.92 11.84 -98.52
C ARG T 117 12.08 12.51 -99.60
N GLY T 118 12.27 13.82 -99.75
CA GLY T 118 11.49 14.63 -100.67
C GLY T 118 10.34 15.35 -99.99
N ASP T 119 9.76 14.75 -98.96
CA ASP T 119 8.64 15.33 -98.23
C ASP T 119 9.20 16.11 -97.03
N LYS T 120 9.29 17.44 -97.19
CA LYS T 120 9.75 18.34 -96.12
C LYS T 120 11.14 17.94 -95.61
N ALA T 121 12.00 17.43 -96.49
CA ALA T 121 13.31 16.96 -96.09
C ALA T 121 14.41 17.65 -96.88
N GLN T 122 14.15 17.94 -98.15
CA GLN T 122 15.19 18.54 -98.99
C GLN T 122 15.56 19.94 -98.51
N GLU T 123 14.57 20.71 -98.04
CA GLU T 123 14.84 22.09 -97.65
C GLU T 123 15.78 22.15 -96.46
N GLU T 124 15.63 21.23 -95.51
CA GLU T 124 16.56 21.18 -94.37
C GLU T 124 17.97 20.87 -94.84
N MET T 125 18.10 19.98 -95.82
CA MET T 125 19.43 19.67 -96.36
C MET T 125 20.07 20.90 -96.98
N GLU T 126 19.30 21.65 -97.77
CA GLU T 126 19.85 22.88 -98.37
C GLU T 126 20.21 23.90 -97.31
N GLY T 127 19.43 23.97 -96.23
CA GLY T 127 19.76 24.88 -95.15
C GLY T 127 21.07 24.52 -94.46
N LEU T 128 21.30 23.23 -94.24
CA LEU T 128 22.52 22.81 -93.56
C LEU T 128 23.76 23.02 -94.43
N MET T 129 23.65 22.77 -95.74
CA MET T 129 24.74 23.10 -96.64
C MET T 129 25.01 24.60 -96.65
N ARG T 130 23.95 25.41 -96.53
CA ARG T 130 24.17 26.85 -96.35
C ARG T 130 24.88 27.14 -95.04
N ILE T 131 24.54 26.40 -93.99
CA ILE T 131 25.20 26.60 -92.70
C ILE T 131 26.68 26.26 -92.81
N LEU T 132 26.99 25.12 -93.43
CA LEU T 132 28.39 24.70 -93.54
C LEU T 132 29.18 25.62 -94.45
N LYS T 133 28.61 26.01 -95.59
CA LYS T 133 29.34 26.85 -96.53
C LYS T 133 29.62 28.22 -95.94
N THR T 134 28.62 28.83 -95.29
CA THR T 134 28.84 30.13 -94.67
C THR T 134 29.83 30.06 -93.52
N ALA T 135 29.78 28.98 -92.74
CA ALA T 135 30.70 28.83 -91.62
C ALA T 135 32.15 28.75 -92.09
N ARG T 136 32.40 27.97 -93.14
CA ARG T 136 33.76 27.82 -93.64
C ARG T 136 34.23 29.08 -94.35
N GLU T 137 33.35 29.75 -95.08
CA GLU T 137 33.72 30.97 -95.80
C GLU T 137 33.86 32.16 -94.87
N SER T 138 33.18 32.16 -93.72
CA SER T 138 33.19 33.32 -92.84
C SER T 138 34.60 33.63 -92.36
N SER T 139 35.30 32.64 -91.83
CA SER T 139 36.68 32.83 -91.43
C SER T 139 37.59 32.82 -92.66
N LYS T 140 38.84 33.21 -92.45
CA LYS T 140 39.81 33.25 -93.54
C LYS T 140 40.39 31.86 -93.78
N GLY T 141 39.52 30.87 -93.97
CA GLY T 141 39.97 29.51 -94.11
C GLY T 141 40.47 28.88 -92.83
N LYS T 142 40.25 29.52 -91.70
CA LYS T 142 40.79 29.07 -90.42
C LYS T 142 39.83 28.06 -89.80
N THR T 143 40.33 26.84 -89.56
CA THR T 143 39.54 25.82 -88.90
C THR T 143 39.32 26.19 -87.44
N PRO T 144 38.28 25.62 -86.81
CA PRO T 144 38.05 25.92 -85.39
C PRO T 144 39.24 25.56 -84.51
N PHE T 145 39.95 24.48 -84.83
CA PHE T 145 41.11 24.08 -84.06
C PHE T 145 42.32 24.95 -84.40
N VAL T 146 43.20 25.12 -83.42
CA VAL T 146 44.42 25.88 -83.64
C VAL T 146 45.36 25.16 -84.59
N ASP T 147 45.14 23.87 -84.82
CA ASP T 147 45.92 23.09 -85.76
C ASP T 147 45.05 22.74 -86.95
N SER T 148 45.49 23.13 -88.15
CA SER T 148 44.69 22.88 -89.35
C SER T 148 44.53 21.40 -89.63
N ARG T 149 45.47 20.57 -89.15
CA ARG T 149 45.36 19.14 -89.36
C ARG T 149 44.31 18.49 -88.47
N ALA T 150 43.90 19.16 -87.40
CA ALA T 150 42.90 18.60 -86.50
C ALA T 150 41.50 18.66 -87.06
N TYR T 151 41.27 19.49 -88.08
CA TYR T 151 39.93 19.60 -88.67
C TYR T 151 39.68 18.48 -89.68
N GLY T 152 40.50 18.40 -90.71
CA GLY T 152 40.38 17.34 -91.69
C GLY T 152 41.08 16.08 -91.25
N LEU T 153 40.77 15.62 -90.04
CA LEU T 153 41.40 14.44 -89.45
C LEU T 153 40.40 13.30 -89.42
N ARG T 154 40.83 12.14 -89.92
CA ARG T 154 40.01 10.94 -89.92
C ARG T 154 40.14 10.23 -88.58
N ILE T 155 39.01 9.94 -87.95
CA ILE T 155 38.99 9.23 -86.67
C ILE T 155 38.23 7.92 -86.86
N THR T 156 38.89 6.81 -86.54
CA THR T 156 38.25 5.50 -86.52
C THR T 156 38.45 4.75 -85.22
N ASP T 157 39.49 5.04 -84.45
CA ASP T 157 39.73 4.40 -83.17
C ASP T 157 38.89 5.05 -82.09
N MET T 158 38.29 4.22 -81.24
CA MET T 158 37.49 4.74 -80.13
C MET T 158 38.36 5.52 -79.15
N SER T 159 39.59 5.09 -78.93
CA SER T 159 40.48 5.75 -77.98
C SER T 159 40.76 7.18 -78.41
N THR T 160 41.03 7.40 -79.69
CA THR T 160 41.33 8.75 -80.17
C THR T 160 40.12 9.65 -80.05
N LEU T 161 38.93 9.14 -80.37
CA LEU T 161 37.72 9.96 -80.31
C LEU T 161 37.45 10.43 -78.89
N VAL T 162 37.61 9.55 -77.91
CA VAL T 162 37.34 9.93 -76.52
C VAL T 162 38.27 11.05 -76.09
N SER T 163 39.56 10.92 -76.40
CA SER T 163 40.50 12.00 -76.08
C SER T 163 40.17 13.26 -76.85
N ALA T 164 39.81 13.13 -78.13
CA ALA T 164 39.48 14.29 -78.94
C ALA T 164 38.22 14.99 -78.41
N VAL T 165 37.20 14.21 -78.04
CA VAL T 165 35.95 14.80 -77.58
C VAL T 165 36.17 15.55 -76.27
N ILE T 166 36.86 14.93 -75.33
CA ILE T 166 37.03 15.54 -74.00
C ILE T 166 37.72 16.88 -74.11
N THR T 167 38.73 16.98 -74.98
CA THR T 167 39.40 18.25 -75.18
C THR T 167 38.45 19.33 -75.68
N ILE T 168 37.56 18.96 -76.60
CA ILE T 168 36.53 19.90 -77.05
C ILE T 168 35.58 20.23 -75.91
N GLU T 169 35.18 19.21 -75.14
CA GLU T 169 34.31 19.45 -74.00
C GLU T 169 34.99 20.31 -72.94
N ALA T 170 36.25 19.99 -72.62
CA ALA T 170 36.94 20.72 -71.56
C ALA T 170 37.09 22.19 -71.92
N GLN T 171 37.47 22.48 -73.16
CA GLN T 171 37.67 23.86 -73.57
C GLN T 171 36.38 24.65 -73.52
N ILE T 172 35.25 24.00 -73.81
CA ILE T 172 33.95 24.65 -73.67
C ILE T 172 33.65 24.93 -72.21
N TRP T 173 33.88 23.95 -71.33
CA TRP T 173 33.52 24.10 -69.93
C TRP T 173 34.39 25.11 -69.20
N ILE T 174 35.52 25.53 -69.78
CA ILE T 174 36.31 26.60 -69.17
C ILE T 174 35.54 27.92 -69.19
N LEU T 175 34.78 28.15 -70.27
CA LEU T 175 34.13 29.44 -70.49
C LEU T 175 33.02 29.75 -69.48
N ILE T 176 32.37 28.71 -68.93
CA ILE T 176 31.21 28.96 -68.07
C ILE T 176 31.61 29.71 -66.80
N ALA T 177 32.86 29.56 -66.36
CA ALA T 177 33.28 30.20 -65.12
C ALA T 177 33.18 31.72 -65.22
N LYS T 178 33.60 32.29 -66.34
CA LYS T 178 33.61 33.74 -66.54
C LYS T 178 32.89 34.10 -67.83
N ALA T 179 31.71 33.53 -68.03
CA ALA T 179 30.92 33.82 -69.22
C ALA T 179 29.95 34.97 -69.01
N VAL T 180 29.34 35.07 -67.83
CA VAL T 180 28.37 36.11 -67.55
C VAL T 180 28.88 37.15 -66.56
N THR T 181 29.88 36.83 -65.74
CA THR T 181 30.42 37.80 -64.79
C THR T 181 31.21 38.88 -65.53
N ALA T 182 32.27 38.48 -66.22
CA ALA T 182 33.10 39.40 -67.00
C ALA T 182 33.62 38.68 -68.22
N PRO T 183 32.77 38.49 -69.24
CA PRO T 183 33.23 37.79 -70.45
C PRO T 183 34.34 38.50 -71.18
N ASP T 184 34.37 39.84 -71.15
CA ASP T 184 35.41 40.57 -71.87
C ASP T 184 36.77 40.37 -71.21
N THR T 185 36.83 40.39 -69.89
CA THR T 185 38.08 40.25 -69.16
C THR T 185 38.55 38.80 -69.04
N ALA T 186 38.03 37.92 -69.88
CA ALA T 186 38.41 36.51 -69.87
C ALA T 186 39.71 36.33 -70.66
N GLU T 187 40.03 35.07 -70.98
CA GLU T 187 41.19 34.60 -71.72
C GLU T 187 42.46 34.63 -70.88
N GLU T 188 42.43 35.16 -69.66
CA GLU T 188 43.56 35.06 -68.75
C GLU T 188 43.40 33.86 -67.82
N SER T 189 42.30 33.82 -67.06
CA SER T 189 42.00 32.66 -66.24
C SER T 189 41.70 31.44 -67.11
N GLU T 190 41.02 31.65 -68.24
CA GLU T 190 40.70 30.54 -69.12
C GLU T 190 41.96 29.88 -69.66
N THR T 191 42.95 30.68 -70.08
CA THR T 191 44.22 30.12 -70.51
C THR T 191 44.93 29.43 -69.36
N ARG T 192 44.80 29.98 -68.15
CA ARG T 192 45.39 29.32 -66.98
C ARG T 192 44.73 27.98 -66.70
N ARG T 193 43.40 27.90 -66.84
CA ARG T 193 42.73 26.62 -66.66
C ARG T 193 43.17 25.62 -67.71
N TRP T 194 43.26 26.05 -68.97
CA TRP T 194 43.71 25.15 -70.04
C TRP T 194 45.14 24.69 -69.82
N ALA T 195 46.01 25.60 -69.38
CA ALA T 195 47.40 25.22 -69.14
C ALA T 195 47.51 24.19 -68.02
N LYS T 196 46.65 24.31 -67.00
CA LYS T 196 46.70 23.37 -65.89
C LYS T 196 46.35 21.95 -66.35
N TYR T 197 45.31 21.82 -67.17
CA TYR T 197 44.90 20.51 -67.63
C TYR T 197 45.89 19.92 -68.63
N VAL T 198 46.55 20.77 -69.42
CA VAL T 198 47.58 20.28 -70.32
C VAL T 198 48.75 19.70 -69.54
N GLN T 199 49.17 20.38 -68.47
CA GLN T 199 50.26 19.86 -67.65
C GLN T 199 49.85 18.60 -66.90
N GLN T 200 48.56 18.47 -66.59
CA GLN T 200 48.05 17.25 -65.96
C GLN T 200 47.84 16.12 -66.96
N LYS T 201 48.02 16.40 -68.26
CA LYS T 201 47.86 15.41 -69.32
C LYS T 201 46.44 14.84 -69.38
N ARG T 202 45.47 15.55 -68.80
CA ARG T 202 44.08 15.12 -68.92
C ARG T 202 43.52 15.40 -70.29
N VAL T 203 44.01 16.44 -70.96
CA VAL T 203 43.54 16.84 -72.28
C VAL T 203 44.70 16.80 -73.25
N ASN T 204 44.46 16.21 -74.42
CA ASN T 204 45.46 16.18 -75.47
C ASN T 204 45.50 17.54 -76.16
N PRO T 205 46.63 18.25 -76.16
CA PRO T 205 46.64 19.62 -76.68
C PRO T 205 46.51 19.71 -78.19
N PHE T 206 46.49 18.58 -78.91
CA PHE T 206 46.35 18.62 -80.35
C PHE T 206 45.01 19.21 -80.77
N PHE T 207 43.94 18.84 -80.07
CA PHE T 207 42.61 19.36 -80.35
C PHE T 207 42.37 20.59 -79.48
N ALA T 208 42.99 21.70 -79.89
CA ALA T 208 42.86 22.98 -79.21
C ALA T 208 42.17 23.96 -80.15
N LEU T 209 40.97 24.39 -79.78
CA LEU T 209 40.22 25.34 -80.59
C LEU T 209 40.86 26.73 -80.52
N THR T 210 40.78 27.46 -81.62
CA THR T 210 41.36 28.80 -81.67
C THR T 210 40.54 29.75 -80.82
N GLN T 211 41.18 30.88 -80.47
CA GLN T 211 40.49 31.86 -79.63
C GLN T 211 39.38 32.57 -80.39
N GLN T 212 39.44 32.58 -81.72
CA GLN T 212 38.35 33.14 -82.50
C GLN T 212 37.06 32.33 -82.30
N TRP T 213 37.18 31.00 -82.30
CA TRP T 213 36.01 30.15 -82.08
C TRP T 213 35.54 30.24 -80.63
N LEU T 214 36.47 30.31 -79.68
CA LEU T 214 36.09 30.40 -78.27
C LEU T 214 35.32 31.67 -77.99
N THR T 215 35.71 32.78 -78.62
CA THR T 215 34.98 34.03 -78.46
C THR T 215 33.55 33.91 -78.97
N GLU T 216 33.38 33.25 -80.12
CA GLU T 216 32.03 33.07 -80.67
C GLU T 216 31.16 32.23 -79.75
N MET T 217 31.71 31.15 -79.19
CA MET T 217 30.94 30.33 -78.27
C MET T 217 30.63 31.05 -76.97
N ARG T 218 31.62 31.76 -76.43
CA ARG T 218 31.39 32.51 -75.19
C ARG T 218 30.31 33.57 -75.37
N ASN T 219 30.28 34.21 -76.54
CA ASN T 219 29.17 35.11 -76.85
C ASN T 219 27.86 34.35 -76.89
N LEU T 220 27.86 33.16 -77.48
CA LEU T 220 26.66 32.33 -77.49
C LEU T 220 26.25 31.93 -76.08
N LEU T 221 27.23 31.55 -75.25
CA LEU T 221 26.92 31.03 -73.93
C LEU T 221 26.40 32.13 -73.02
N SER T 222 26.86 33.36 -73.19
CA SER T 222 26.38 34.45 -72.36
C SER T 222 24.97 34.87 -72.75
N GLN T 223 24.68 34.89 -74.05
CA GLN T 223 23.37 35.34 -74.52
C GLN T 223 22.25 34.40 -74.06
N SER T 224 22.48 33.09 -74.15
CA SER T 224 21.43 32.10 -73.95
C SER T 224 21.46 31.56 -72.52
N LEU T 225 20.29 31.57 -71.88
CA LEU T 225 20.12 31.00 -70.55
C LEU T 225 19.79 29.52 -70.57
N SER T 226 19.18 29.02 -71.66
CA SER T 226 18.85 27.60 -71.75
C SER T 226 20.10 26.73 -71.72
N VAL T 227 21.13 27.14 -72.45
CA VAL T 227 22.40 26.39 -72.44
C VAL T 227 23.01 26.43 -71.04
N ARG T 228 23.00 27.59 -70.40
CA ARG T 228 23.59 27.72 -69.07
C ARG T 228 22.88 26.83 -68.07
N LYS T 229 21.54 26.76 -68.14
CA LYS T 229 20.79 25.93 -67.22
C LYS T 229 21.16 24.45 -67.38
N PHE T 230 21.34 24.01 -68.63
CA PHE T 230 21.70 22.61 -68.86
C PHE T 230 23.06 22.27 -68.27
N MET T 231 24.05 23.14 -68.48
CA MET T 231 25.38 22.86 -67.96
C MET T 231 25.43 23.00 -66.44
N VAL T 232 24.62 23.90 -65.87
CA VAL T 232 24.53 23.96 -64.42
C VAL T 232 23.89 22.70 -63.87
N GLU T 233 22.83 22.21 -64.53
CA GLU T 233 22.18 20.98 -64.09
C GLU T 233 23.14 19.81 -64.13
N ILE T 234 23.99 19.75 -65.15
CA ILE T 234 25.02 18.71 -65.21
C ILE T 234 25.97 18.84 -64.02
N LEU T 235 26.35 20.08 -63.68
CA LEU T 235 27.28 20.30 -62.58
C LEU T 235 26.71 19.81 -61.26
N MET T 236 25.43 20.11 -60.99
CA MET T 236 24.81 19.66 -59.75
C MET T 236 24.74 18.13 -59.68
N GLU T 237 24.31 17.50 -60.77
CA GLU T 237 24.19 16.04 -60.78
C GLU T 237 25.56 15.38 -60.65
N VAL T 238 26.56 15.91 -61.34
CA VAL T 238 27.91 15.36 -61.24
C VAL T 238 28.48 15.58 -59.85
N LYS T 239 28.17 16.73 -59.24
CA LYS T 239 28.65 17.02 -57.89
C LYS T 239 28.19 15.97 -56.89
N LYS T 240 26.98 15.44 -57.06
CA LYS T 240 26.46 14.41 -56.18
C LYS T 240 27.28 13.14 -56.33
N GLY T 241 28.03 12.79 -55.29
CA GLY T 241 28.86 11.61 -55.33
C GLY T 241 28.07 10.33 -55.13
N GLY T 242 28.79 9.21 -55.18
CA GLY T 242 28.18 7.92 -54.96
C GLY T 242 28.51 6.90 -56.03
N SER T 243 28.62 7.35 -57.27
CA SER T 243 28.89 6.48 -58.40
C SER T 243 30.29 6.75 -58.96
N ALA T 244 30.77 5.82 -59.75
CA ALA T 244 32.08 5.97 -60.39
C ALA T 244 32.04 7.09 -61.42
N LYS T 245 33.10 7.90 -61.43
CA LYS T 245 33.19 9.05 -62.32
C LYS T 245 34.19 8.75 -63.43
N GLY T 246 33.77 8.98 -64.68
CA GLY T 246 34.64 8.81 -65.81
C GLY T 246 35.55 10.00 -66.03
N ARG T 247 36.42 9.87 -67.03
CA ARG T 247 37.36 10.94 -67.33
C ARG T 247 36.63 12.21 -67.75
N ALA T 248 35.57 12.07 -68.54
CA ALA T 248 34.76 13.23 -68.91
C ALA T 248 34.11 13.87 -67.70
N VAL T 249 33.56 13.05 -66.79
CA VAL T 249 32.86 13.57 -65.63
C VAL T 249 33.86 14.21 -64.65
N GLU T 250 35.02 13.59 -64.46
CA GLU T 250 36.00 14.10 -63.52
C GLU T 250 36.48 15.49 -63.92
N ILE T 251 36.70 15.70 -65.22
CA ILE T 251 37.09 17.02 -65.70
C ILE T 251 35.98 18.03 -65.44
N ILE T 252 34.73 17.64 -65.72
CA ILE T 252 33.59 18.54 -65.51
C ILE T 252 33.47 18.91 -64.04
N SER T 253 33.59 17.92 -63.15
CA SER T 253 33.50 18.20 -61.71
C SER T 253 34.65 19.07 -61.25
N ASP T 254 35.86 18.82 -61.76
CA ASP T 254 37.00 19.65 -61.40
C ASP T 254 36.80 21.08 -61.88
N ILE T 255 36.27 21.25 -63.09
CA ILE T 255 35.96 22.59 -63.58
C ILE T 255 34.88 23.25 -62.74
N GLY T 256 33.90 22.46 -62.28
CA GLY T 256 32.84 22.99 -61.45
C GLY T 256 33.31 23.57 -60.14
N ASN T 257 34.51 23.21 -59.69
CA ASN T 257 35.06 23.80 -58.48
C ASN T 257 35.28 25.29 -58.66
N TYR T 258 35.79 25.71 -59.82
CA TYR T 258 35.98 27.13 -60.10
C TYR T 258 34.66 27.83 -60.39
N VAL T 259 33.68 27.09 -60.92
CA VAL T 259 32.41 27.69 -61.32
C VAL T 259 31.60 28.11 -60.10
N GLU T 260 31.69 27.35 -59.01
CA GLU T 260 30.85 27.60 -57.85
C GLU T 260 31.08 29.00 -57.28
N GLU T 261 30.00 29.59 -56.78
CA GLU T 261 30.03 30.89 -56.10
C GLU T 261 30.56 32.00 -57.00
N THR T 262 30.43 31.83 -58.30
CA THR T 262 30.88 32.86 -59.23
C THR T 262 29.93 34.05 -59.19
N GLY T 263 30.48 35.22 -59.53
CA GLY T 263 29.69 36.44 -59.60
C GLY T 263 29.15 36.94 -58.28
N MET T 264 29.61 36.39 -57.15
CA MET T 264 29.16 36.82 -55.83
C MET T 264 30.33 37.04 -54.91
N ALA T 265 31.42 37.62 -55.45
CA ALA T 265 32.59 37.88 -54.62
C ALA T 265 32.32 38.95 -53.57
N GLY T 266 31.46 39.93 -53.89
CA GLY T 266 31.16 40.98 -52.93
C GLY T 266 30.54 40.44 -51.66
N PHE T 267 29.63 39.46 -51.80
CA PHE T 267 28.98 38.88 -50.63
C PHE T 267 29.95 37.99 -49.85
N PHE T 268 30.70 37.14 -50.55
CA PHE T 268 31.53 36.16 -49.87
C PHE T 268 32.79 36.78 -49.28
N ALA T 269 33.32 37.82 -49.93
CA ALA T 269 34.42 38.56 -49.32
C ALA T 269 33.99 39.21 -48.02
N THR T 270 32.75 39.72 -47.97
CA THR T 270 32.23 40.28 -46.73
C THR T 270 32.13 39.22 -45.65
N ILE T 271 31.70 38.00 -46.02
CA ILE T 271 31.61 36.91 -45.06
C ILE T 271 32.99 36.52 -44.55
N ARG T 272 33.93 36.33 -45.49
CA ARG T 272 35.24 35.81 -45.12
C ARG T 272 36.07 36.85 -44.38
N PHE T 273 36.10 38.09 -44.88
CA PHE T 273 37.01 39.10 -44.35
C PHE T 273 36.31 40.03 -43.37
N GLY T 274 35.24 40.69 -43.80
CA GLY T 274 34.57 41.65 -42.94
C GLY T 274 33.93 41.02 -41.72
N LEU T 275 33.21 39.91 -41.91
CA LEU T 275 32.48 39.31 -40.80
C LEU T 275 33.39 38.41 -39.96
N GLU T 276 33.96 37.38 -40.59
CA GLU T 276 34.97 36.58 -39.91
C GLU T 276 36.24 37.40 -39.72
N THR T 277 37.26 36.76 -39.15
CA THR T 277 38.49 37.45 -38.77
C THR T 277 38.16 38.62 -37.84
N ARG T 278 37.63 38.27 -36.68
CA ARG T 278 37.01 39.22 -35.76
C ARG T 278 37.97 40.35 -35.38
N TYR T 279 37.64 41.56 -35.81
CA TYR T 279 38.40 42.76 -35.53
C TYR T 279 37.68 43.62 -34.50
N PRO T 280 38.40 44.18 -33.53
CA PRO T 280 37.76 45.05 -32.53
C PRO T 280 36.98 46.23 -33.13
N ALA T 281 37.16 46.49 -34.41
CA ALA T 281 36.45 47.57 -35.10
C ALA T 281 35.10 47.13 -35.65
N LEU T 282 34.70 45.88 -35.41
CA LEU T 282 33.43 45.39 -35.95
C LEU T 282 32.24 46.02 -35.24
N ALA T 283 32.15 45.82 -33.94
CA ALA T 283 31.05 46.39 -33.15
C ALA T 283 31.32 47.88 -32.99
N LEU T 284 30.74 48.68 -33.87
CA LEU T 284 30.99 50.11 -33.87
C LEU T 284 29.70 50.93 -34.05
N ASN T 285 28.54 50.31 -33.91
CA ASN T 285 27.21 50.92 -33.99
C ASN T 285 26.88 51.47 -35.38
N GLU T 286 27.73 51.25 -36.37
CA GLU T 286 27.37 51.51 -37.76
C GLU T 286 27.36 50.24 -38.60
N PHE T 287 27.76 49.10 -38.03
CA PHE T 287 27.74 47.82 -38.72
C PHE T 287 26.65 46.89 -38.20
N GLN T 288 25.95 47.26 -37.13
CA GLN T 288 24.95 46.37 -36.56
C GLN T 288 23.80 46.11 -37.53
N SER T 289 23.46 47.11 -38.34
CA SER T 289 22.45 46.89 -39.37
C SER T 289 22.98 45.93 -40.45
N ASP T 290 24.20 46.16 -40.92
CA ASP T 290 24.79 45.29 -41.94
C ASP T 290 25.00 43.88 -41.40
N LEU T 291 25.42 43.78 -40.13
CA LEU T 291 25.59 42.45 -39.52
C LEU T 291 24.26 41.72 -39.46
N ASN T 292 23.18 42.42 -39.10
CA ASN T 292 21.87 41.79 -39.07
C ASN T 292 21.43 41.35 -40.47
N THR T 293 21.65 42.20 -41.47
CA THR T 293 21.30 41.84 -42.84
C THR T 293 22.13 40.65 -43.32
N ILE T 294 23.42 40.64 -42.99
CA ILE T 294 24.30 39.53 -43.39
C ILE T 294 23.82 38.23 -42.74
N LYS T 295 23.42 38.30 -41.47
CA LYS T 295 22.93 37.11 -40.78
C LYS T 295 21.68 36.55 -41.47
N GLY T 296 20.77 37.44 -41.87
CA GLY T 296 19.58 36.98 -42.57
C GLY T 296 19.91 36.36 -43.92
N LEU T 297 20.95 36.87 -44.59
CA LEU T 297 21.31 36.34 -45.90
C LEU T 297 21.83 34.92 -45.79
N MET T 298 22.48 34.57 -44.67
CA MET T 298 23.00 33.22 -44.51
C MET T 298 21.88 32.18 -44.52
N LEU T 299 20.77 32.48 -43.84
CA LEU T 299 19.63 31.57 -43.89
C LEU T 299 19.03 31.50 -45.29
N LEU T 300 18.98 32.64 -45.98
CA LEU T 300 18.47 32.64 -47.35
C LEU T 300 19.31 31.77 -48.26
N TYR T 301 20.64 31.87 -48.13
CA TYR T 301 21.52 31.00 -48.93
C TYR T 301 21.31 29.55 -48.58
N ARG T 302 21.10 29.25 -47.30
CA ARG T 302 20.82 27.88 -46.89
C ARG T 302 19.44 27.43 -47.36
N GLU T 303 18.49 28.37 -47.41
CA GLU T 303 17.13 28.01 -47.79
C GLU T 303 16.97 27.78 -49.29
N ILE T 304 17.82 28.41 -50.12
CA ILE T 304 17.67 28.29 -51.56
C ILE T 304 17.81 26.84 -52.01
N GLY T 305 18.87 26.17 -51.57
CA GLY T 305 19.08 24.79 -51.90
C GLY T 305 20.38 24.56 -52.64
N PRO T 306 20.46 23.45 -53.39
CA PRO T 306 21.69 23.13 -54.13
C PRO T 306 21.98 24.10 -55.27
N ARG T 307 21.02 24.92 -55.67
CA ARG T 307 21.22 25.90 -56.73
C ARG T 307 21.82 27.20 -56.23
N ALA T 308 22.09 27.31 -54.92
CA ALA T 308 22.59 28.56 -54.37
C ALA T 308 23.92 29.02 -54.97
N PRO T 309 24.96 28.18 -55.06
CA PRO T 309 26.23 28.70 -55.60
C PRO T 309 26.13 29.20 -57.04
N TYR T 310 25.31 28.55 -57.86
CA TYR T 310 25.14 28.98 -59.24
C TYR T 310 23.93 29.90 -59.39
N MET T 311 23.86 30.93 -58.56
CA MET T 311 22.75 31.87 -58.66
C MET T 311 22.93 32.83 -59.83
N VAL T 312 24.15 33.32 -60.05
CA VAL T 312 24.38 34.25 -61.15
C VAL T 312 24.22 33.56 -62.49
N LEU T 313 24.65 32.30 -62.58
CA LEU T 313 24.53 31.58 -63.85
C LEU T 313 23.08 31.39 -64.25
N LEU T 314 22.22 31.01 -63.30
CA LEU T 314 20.80 30.89 -63.57
C LEU T 314 20.08 32.22 -63.51
N GLU T 315 20.77 33.30 -63.12
CA GLU T 315 20.19 34.64 -63.08
C GLU T 315 18.96 34.71 -62.17
N GLU T 316 19.10 34.12 -60.99
CA GLU T 316 18.02 34.16 -60.00
C GLU T 316 17.77 35.60 -59.56
N SER T 317 16.49 35.91 -59.32
CA SER T 317 16.14 37.21 -58.77
C SER T 317 16.59 37.35 -57.31
N ILE T 318 16.77 36.23 -56.61
CA ILE T 318 17.24 36.27 -55.24
C ILE T 318 18.65 36.85 -55.17
N GLN T 319 19.42 36.76 -56.25
CA GLN T 319 20.81 37.21 -56.24
C GLN T 319 20.93 38.69 -55.97
N THR T 320 19.97 39.49 -56.45
CA THR T 320 20.05 40.94 -56.26
C THR T 320 20.07 41.30 -54.78
N LYS T 321 19.32 40.57 -53.96
CA LYS T 321 19.33 40.81 -52.52
C LYS T 321 20.69 40.50 -51.91
N PHE T 322 21.45 39.59 -52.53
CA PHE T 322 22.76 39.23 -52.02
C PHE T 322 23.84 40.24 -52.38
N ALA T 323 23.64 41.02 -53.44
CA ALA T 323 24.67 41.92 -53.93
C ALA T 323 24.92 43.04 -52.93
N PRO T 324 26.15 43.53 -52.83
CA PRO T 324 26.42 44.70 -51.99
C PRO T 324 25.64 45.91 -52.49
N GLY T 325 25.16 46.71 -51.55
CA GLY T 325 24.26 47.79 -51.86
C GLY T 325 23.16 47.84 -50.82
N GLY T 326 22.79 46.67 -50.32
CA GLY T 326 21.98 46.57 -49.13
C GLY T 326 22.76 46.57 -47.84
N TYR T 327 24.08 46.41 -47.93
CA TYR T 327 24.98 46.52 -46.78
C TYR T 327 26.27 47.20 -47.21
N PRO T 328 26.19 48.41 -47.75
CA PRO T 328 27.40 49.04 -48.30
C PRO T 328 28.47 49.33 -47.26
N LEU T 329 28.08 49.53 -45.99
CA LEU T 329 29.06 49.93 -44.98
C LEU T 329 30.00 48.78 -44.65
N LEU T 330 29.45 47.64 -44.23
CA LEU T 330 30.30 46.50 -43.89
C LEU T 330 31.07 45.99 -45.10
N TRP T 331 30.43 45.98 -46.27
CA TRP T 331 31.12 45.55 -47.48
C TRP T 331 32.33 46.44 -47.77
N SER T 332 32.16 47.75 -47.61
CA SER T 332 33.29 48.67 -47.78
C SER T 332 34.39 48.37 -46.78
N PHE T 333 34.01 48.12 -45.52
CA PHE T 333 34.99 47.70 -44.52
C PHE T 333 35.60 46.36 -44.88
N ALA T 334 34.78 45.44 -45.39
CA ALA T 334 35.27 44.10 -45.73
C ALA T 334 36.30 44.16 -46.85
N MET T 335 36.05 44.96 -47.89
CA MET T 335 37.04 45.08 -48.95
C MET T 335 38.26 45.87 -48.49
N GLY T 336 38.11 46.65 -47.42
CA GLY T 336 39.25 47.35 -46.87
C GLY T 336 40.31 46.41 -46.32
N VAL T 337 39.88 45.40 -45.56
CA VAL T 337 40.82 44.43 -45.04
C VAL T 337 41.18 43.41 -46.11
N ALA T 338 40.30 43.19 -47.09
CA ALA T 338 40.56 42.20 -48.13
C ALA T 338 41.74 42.60 -49.00
N THR T 339 41.79 43.87 -49.41
CA THR T 339 42.87 44.33 -50.26
C THR T 339 44.23 44.25 -49.56
N THR T 340 44.27 44.57 -48.28
CA THR T 340 45.54 44.55 -47.55
C THR T 340 46.00 43.12 -47.27
N ILE T 341 45.08 42.21 -46.98
CA ILE T 341 45.44 40.85 -46.57
C ILE T 341 45.70 39.98 -47.79
N ASP T 342 44.72 39.91 -48.69
CA ASP T 342 44.82 39.06 -49.86
C ASP T 342 45.44 39.84 -51.01
N ARG T 343 46.63 39.43 -51.44
CA ARG T 343 47.30 40.10 -52.55
C ARG T 343 46.49 39.98 -53.84
N SER T 344 45.93 38.79 -54.09
CA SER T 344 45.15 38.59 -55.31
C SER T 344 43.92 39.48 -55.33
N MET T 345 43.24 39.62 -54.19
CA MET T 345 42.14 40.56 -54.10
C MET T 345 42.67 41.98 -54.19
N GLY T 346 42.13 42.76 -55.12
CA GLY T 346 42.68 44.05 -55.46
C GLY T 346 42.63 44.24 -56.96
N ALA T 347 42.63 43.12 -57.68
CA ALA T 347 42.27 43.11 -59.09
C ALA T 347 40.78 43.11 -59.31
N LEU T 348 40.00 42.95 -58.23
CA LEU T 348 38.55 43.02 -58.32
C LEU T 348 38.12 44.46 -58.59
N ASN T 349 37.07 44.62 -59.40
CA ASN T 349 36.55 45.92 -59.75
C ASN T 349 35.47 46.28 -58.74
N ILE T 350 35.73 47.30 -57.92
CA ILE T 350 34.82 47.68 -56.84
C ILE T 350 34.50 49.17 -56.92
N ASN T 351 34.53 49.73 -58.13
CA ASN T 351 34.25 51.16 -58.32
C ASN T 351 32.74 51.43 -58.35
N ARG T 352 32.08 51.03 -57.27
CA ARG T 352 30.65 51.21 -57.14
C ARG T 352 30.31 52.61 -56.64
N GLY T 353 29.02 52.92 -56.59
CA GLY T 353 28.54 54.20 -56.13
C GLY T 353 28.33 54.33 -54.65
N TYR T 354 28.66 53.30 -53.87
CA TYR T 354 28.50 53.29 -52.42
C TYR T 354 29.79 52.83 -51.76
N LEU T 355 30.92 53.39 -52.21
CA LEU T 355 32.21 52.92 -51.73
C LEU T 355 32.47 53.31 -50.28
N GLU T 356 32.04 54.51 -49.86
CA GLU T 356 32.23 55.00 -48.51
C GLU T 356 33.70 54.91 -48.10
N PRO T 357 34.57 55.78 -48.63
CA PRO T 357 36.01 55.64 -48.36
C PRO T 357 36.36 55.71 -46.88
N MET T 358 35.57 56.40 -46.07
CA MET T 358 35.88 56.51 -44.65
C MET T 358 35.87 55.13 -43.98
N TYR T 359 34.88 54.31 -44.31
CA TYR T 359 34.87 52.94 -43.78
C TYR T 359 35.88 52.07 -44.50
N PHE T 360 36.18 52.37 -45.77
CA PHE T 360 37.25 51.66 -46.46
C PHE T 360 38.61 51.93 -45.82
N ARG T 361 38.87 53.18 -45.46
CA ARG T 361 40.12 53.52 -44.79
C ARG T 361 40.23 52.82 -43.44
N LEU T 362 39.13 52.76 -42.70
CA LEU T 362 39.15 52.11 -41.39
C LEU T 362 39.49 50.63 -41.53
N GLY T 363 38.98 49.98 -42.58
CA GLY T 363 39.36 48.60 -42.84
C GLY T 363 40.83 48.46 -43.14
N GLN T 364 41.39 49.38 -43.92
CA GLN T 364 42.82 49.35 -44.20
C GLN T 364 43.64 49.48 -42.93
N LYS T 365 43.24 50.38 -42.04
CA LYS T 365 43.92 50.52 -40.76
C LYS T 365 43.68 49.31 -39.87
N SER T 366 42.51 48.68 -40.00
CA SER T 366 42.20 47.54 -39.14
C SER T 366 43.12 46.35 -39.42
N ALA T 367 43.53 46.16 -40.68
CA ALA T 367 44.38 45.03 -41.01
C ALA T 367 45.75 45.15 -40.35
N ARG T 368 46.34 46.34 -40.38
CA ARG T 368 47.73 46.53 -39.95
C ARG T 368 47.84 47.41 -38.70
N HIS T 369 47.28 48.62 -38.73
CA HIS T 369 47.51 49.59 -37.67
C HIS T 369 46.62 49.40 -36.45
N HIS T 370 45.69 48.45 -36.48
CA HIS T 370 44.69 48.36 -35.42
C HIS T 370 45.31 47.82 -34.14
N ALA T 371 45.76 46.57 -34.17
CA ALA T 371 46.32 45.89 -33.00
C ALA T 371 46.77 44.50 -33.44
N GLY T 372 47.47 43.81 -32.53
CA GLY T 372 47.81 42.43 -32.78
C GLY T 372 46.60 41.52 -32.83
N GLY T 373 45.64 41.74 -31.92
CA GLY T 373 44.39 41.03 -31.96
C GLY T 373 44.47 39.56 -31.60
N ILE T 374 44.74 39.26 -30.33
CA ILE T 374 44.80 37.89 -29.85
C ILE T 374 43.40 37.48 -29.40
N ASP T 375 42.88 36.40 -29.99
CA ASP T 375 41.53 35.93 -29.71
C ASP T 375 41.55 34.96 -28.54
N GLN T 376 40.43 34.26 -28.33
CA GLN T 376 40.31 33.33 -27.21
C GLN T 376 41.30 32.18 -27.39
N ASN T 377 42.16 31.99 -26.38
CA ASN T 377 43.23 31.01 -26.44
C ASN T 377 42.88 29.82 -25.54
N MET T 378 42.64 28.65 -26.16
CA MET T 378 42.48 27.44 -25.38
C MET T 378 43.76 27.10 -24.63
N ALA T 379 44.91 27.26 -25.29
CA ALA T 379 46.19 27.12 -24.61
C ALA T 379 46.55 28.44 -23.92
N ASN T 380 46.93 28.35 -22.65
CA ASN T 380 47.19 29.54 -21.85
C ASN T 380 48.59 30.05 -22.16
N LYS T 381 48.66 31.13 -22.93
CA LYS T 381 49.93 31.76 -23.28
C LYS T 381 50.15 32.93 -22.32
N LEU T 382 50.56 32.59 -21.09
CA LEU T 382 50.72 33.59 -20.05
C LEU T 382 51.88 34.54 -20.33
N GLY T 383 52.93 34.04 -20.99
CA GLY T 383 54.10 34.85 -21.27
C GLY T 383 54.13 35.40 -22.68
N LEU T 384 52.99 35.43 -23.35
CA LEU T 384 52.90 35.87 -24.74
C LEU T 384 52.66 37.37 -24.88
N ASN T 385 52.87 38.14 -23.81
CA ASN T 385 52.76 39.59 -23.93
C ASN T 385 53.79 40.13 -24.90
N SER T 386 55.03 39.65 -24.81
CA SER T 386 56.07 40.05 -25.75
C SER T 386 55.89 39.34 -27.10
N ASP T 387 55.27 38.16 -27.10
CA ASP T 387 55.03 37.46 -28.36
C ASP T 387 54.15 38.27 -29.28
N GLN T 388 53.15 38.96 -28.74
CA GLN T 388 52.33 39.86 -29.54
C GLN T 388 53.16 41.02 -30.06
N VAL T 389 54.06 41.56 -29.22
CA VAL T 389 54.89 42.69 -29.62
C VAL T 389 55.79 42.32 -30.79
N ALA T 390 56.42 41.14 -30.72
CA ALA T 390 57.23 40.67 -31.84
C ALA T 390 56.38 40.45 -33.08
N GLU T 391 55.17 39.89 -32.89
CA GLU T 391 54.25 39.76 -34.01
C GLU T 391 53.80 41.12 -34.53
N LEU T 392 53.54 42.06 -33.61
CA LEU T 392 53.14 43.40 -34.03
C LEU T 392 54.30 44.18 -34.63
N ALA T 393 55.53 43.85 -34.23
CA ALA T 393 56.69 44.53 -34.80
C ALA T 393 56.82 44.25 -36.29
N ALA T 394 56.56 43.02 -36.71
CA ALA T 394 56.59 42.61 -38.11
C ALA T 394 57.94 42.93 -38.76
N MET U 1 1.64 56.65 -10.68
CA MET U 1 2.36 55.56 -10.02
C MET U 1 2.91 54.56 -11.03
N SER U 2 3.10 53.32 -10.57
CA SER U 2 3.67 52.29 -11.44
C SER U 2 2.71 51.90 -12.55
N ASP U 3 1.41 51.80 -12.24
CA ASP U 3 0.45 51.30 -13.22
C ASP U 3 0.36 52.21 -14.44
N ILE U 4 0.35 53.53 -14.21
CA ILE U 4 0.28 54.46 -15.33
C ILE U 4 1.61 54.46 -16.07
N PHE U 5 1.60 54.96 -17.31
CA PHE U 5 2.69 54.90 -18.28
C PHE U 5 2.80 53.50 -18.87
N ASP U 6 2.01 52.57 -18.34
CA ASP U 6 1.80 51.24 -18.92
C ASP U 6 0.38 51.08 -19.42
N GLU U 7 -0.60 51.55 -18.63
CA GLU U 7 -1.96 51.71 -19.13
C GLU U 7 -1.98 52.56 -20.39
N ALA U 8 -1.15 53.60 -20.45
CA ALA U 8 -1.08 54.44 -21.65
C ALA U 8 -0.53 53.66 -22.84
N ALA U 9 0.48 52.83 -22.60
CA ALA U 9 1.03 52.02 -23.69
C ALA U 9 -0.01 51.03 -24.21
N SER U 10 -0.73 50.37 -23.30
CA SER U 10 -1.80 49.48 -23.73
C SER U 10 -2.90 50.24 -24.46
N PHE U 11 -3.18 51.47 -24.02
CA PHE U 11 -4.18 52.29 -24.68
C PHE U 11 -3.77 52.63 -26.11
N ARG U 12 -2.50 52.99 -26.31
CA ARG U 12 -2.04 53.28 -27.67
C ARG U 12 -2.05 52.02 -28.53
N SER U 13 -1.65 50.88 -27.96
CA SER U 13 -1.67 49.63 -28.72
C SER U 13 -3.09 49.26 -29.14
N TYR U 14 -4.06 49.42 -28.23
CA TYR U 14 -5.45 49.15 -28.57
C TYR U 14 -6.00 50.17 -29.58
N GLN U 15 -5.58 51.44 -29.45
CA GLN U 15 -6.05 52.48 -30.35
C GLN U 15 -5.54 52.26 -31.77
N SER U 16 -4.34 51.71 -31.92
CA SER U 16 -3.82 51.44 -33.25
C SER U 16 -4.71 50.46 -34.01
N LYS U 17 -5.01 49.32 -33.40
CA LYS U 17 -5.95 48.35 -33.98
C LYS U 17 -7.33 48.53 -33.38
N LEU U 18 -7.89 49.72 -33.57
CA LEU U 18 -9.13 50.11 -32.90
C LEU U 18 -10.33 49.37 -33.48
N GLY U 19 -10.62 49.60 -34.76
CA GLY U 19 -11.78 49.00 -35.39
C GLY U 19 -11.45 48.12 -36.58
N ARG U 20 -10.19 47.72 -36.69
CA ARG U 20 -9.73 46.91 -37.83
C ARG U 20 -9.95 45.42 -37.56
N ASP U 21 -11.21 45.08 -37.31
CA ASP U 21 -11.59 43.71 -36.98
C ASP U 21 -12.95 43.41 -37.59
N GLY U 22 -13.22 42.13 -37.80
CA GLY U 22 -14.48 41.70 -38.38
C GLY U 22 -14.46 41.67 -39.88
N ARG U 23 -15.63 41.38 -40.46
CA ARG U 23 -15.81 41.30 -41.89
C ARG U 23 -16.86 42.30 -42.34
N ALA U 24 -16.58 42.98 -43.45
CA ALA U 24 -17.50 43.97 -43.98
C ALA U 24 -18.62 43.30 -44.77
N SER U 25 -19.62 44.09 -45.12
CA SER U 25 -20.77 43.60 -45.87
C SER U 25 -20.57 43.86 -47.37
N ALA U 26 -21.48 43.29 -48.16
CA ALA U 26 -21.46 43.46 -49.61
C ALA U 26 -22.21 44.70 -50.06
N ALA U 27 -22.81 45.46 -49.14
CA ALA U 27 -23.51 46.67 -49.51
C ALA U 27 -22.57 47.69 -50.13
N THR U 28 -21.37 47.83 -49.57
CA THR U 28 -20.36 48.76 -50.09
C THR U 28 -19.63 48.10 -51.27
N ALA U 29 -20.36 47.97 -52.37
CA ALA U 29 -19.85 47.35 -53.58
C ALA U 29 -19.69 48.43 -54.65
N THR U 30 -18.46 48.58 -55.14
CA THR U 30 -18.17 49.61 -56.13
C THR U 30 -18.84 49.28 -57.47
N LEU U 31 -19.24 50.32 -58.18
CA LEU U 31 -19.75 50.15 -59.53
C LEU U 31 -18.63 49.69 -60.45
N THR U 32 -18.93 48.70 -61.30
CA THR U 32 -17.93 48.06 -62.13
C THR U 32 -18.03 48.56 -63.57
N THR U 33 -16.86 48.67 -64.21
CA THR U 33 -16.75 49.11 -65.59
C THR U 33 -16.25 47.97 -66.44
N LYS U 34 -16.87 47.77 -67.60
CA LYS U 34 -16.45 46.70 -68.51
C LYS U 34 -15.13 47.07 -69.17
N ILE U 35 -14.21 46.10 -69.21
CA ILE U 35 -12.89 46.29 -69.81
C ILE U 35 -12.69 45.19 -70.85
N ARG U 36 -12.48 45.58 -72.09
CA ARG U 36 -12.34 44.65 -73.20
C ARG U 36 -10.85 44.37 -73.44
N ILE U 37 -10.45 43.11 -73.25
CA ILE U 37 -9.06 42.69 -73.34
C ILE U 37 -8.90 41.79 -74.56
N PHE U 38 -7.94 42.13 -75.42
CA PHE U 38 -7.67 41.37 -76.63
C PHE U 38 -6.48 40.44 -76.37
N VAL U 39 -6.76 39.16 -76.19
CA VAL U 39 -5.69 38.19 -75.92
C VAL U 39 -5.48 37.33 -77.17
N PRO U 40 -4.27 36.87 -77.43
CA PRO U 40 -4.05 35.99 -78.59
C PRO U 40 -4.62 34.60 -78.34
N ALA U 41 -5.37 34.09 -79.31
CA ALA U 41 -5.99 32.78 -79.17
C ALA U 41 -4.98 31.65 -79.39
N THR U 42 -4.05 31.83 -80.32
CA THR U 42 -3.11 30.79 -80.71
C THR U 42 -1.69 31.17 -80.28
N ASN U 43 -0.74 30.32 -80.67
CA ASN U 43 0.67 30.52 -80.33
C ASN U 43 1.50 30.92 -81.54
N SER U 44 0.88 31.23 -82.66
CA SER U 44 1.63 31.58 -83.87
C SER U 44 2.38 32.89 -83.64
N PRO U 45 3.68 32.94 -83.93
CA PRO U 45 4.46 34.16 -83.64
C PRO U 45 3.97 35.39 -84.37
N GLU U 46 3.53 35.24 -85.61
CA GLU U 46 3.09 36.41 -86.39
C GLU U 46 1.87 37.06 -85.76
N LEU U 47 0.91 36.25 -85.32
CA LEU U 47 -0.30 36.79 -84.70
C LEU U 47 0.03 37.53 -83.42
N ARG U 48 0.88 36.95 -82.57
CA ARG U 48 1.24 37.61 -81.32
C ARG U 48 2.03 38.88 -81.57
N TRP U 49 2.93 38.87 -82.56
CA TRP U 49 3.68 40.09 -82.87
C TRP U 49 2.76 41.19 -83.39
N GLU U 50 1.80 40.84 -84.25
CA GLU U 50 0.84 41.82 -84.71
C GLU U 50 -0.02 42.34 -83.56
N LEU U 51 -0.39 41.45 -82.64
CA LEU U 51 -1.19 41.86 -81.48
C LEU U 51 -0.44 42.83 -80.59
N THR U 52 0.84 42.56 -80.31
CA THR U 52 1.59 43.47 -79.45
C THR U 52 1.89 44.79 -80.16
N LEU U 53 2.09 44.75 -81.48
CA LEU U 53 2.19 46.02 -82.22
C LEU U 53 0.91 46.82 -82.13
N PHE U 54 -0.24 46.16 -82.25
CA PHE U 54 -1.53 46.83 -82.13
C PHE U 54 -1.70 47.41 -80.73
N ALA U 55 -1.30 46.67 -79.70
CA ALA U 55 -1.41 47.15 -78.34
C ALA U 55 -0.52 48.37 -78.12
N LEU U 56 0.70 48.34 -78.66
CA LEU U 56 1.57 49.51 -78.59
C LEU U 56 0.94 50.72 -79.26
N ASP U 57 0.34 50.52 -80.43
CA ASP U 57 -0.30 51.62 -81.13
C ASP U 57 -1.48 52.18 -80.33
N VAL U 58 -2.29 51.29 -79.74
CA VAL U 58 -3.44 51.74 -78.98
C VAL U 58 -2.99 52.53 -77.75
N ILE U 59 -1.96 52.05 -77.06
CA ILE U 59 -1.44 52.78 -75.91
C ILE U 59 -0.91 54.15 -76.34
N ARG U 60 -0.19 54.19 -77.46
CA ARG U 60 0.34 55.45 -77.96
C ARG U 60 -0.75 56.35 -78.54
N SER U 61 -1.91 55.79 -78.87
CA SER U 61 -2.96 56.57 -79.53
C SER U 61 -3.49 57.65 -78.59
N PRO U 62 -3.70 58.88 -79.09
CA PRO U 62 -4.29 59.91 -78.23
C PRO U 62 -5.81 59.89 -78.20
N SER U 63 -6.46 59.38 -79.25
CA SER U 63 -7.91 59.31 -79.31
C SER U 63 -8.48 58.10 -78.60
N ALA U 64 -7.63 57.23 -78.05
CA ALA U 64 -8.11 56.03 -77.39
C ALA U 64 -8.80 56.37 -76.07
N ALA U 65 -9.92 55.70 -75.82
CA ALA U 65 -10.56 55.81 -74.52
C ALA U 65 -9.73 55.11 -73.46
N GLU U 66 -9.97 55.47 -72.20
CA GLU U 66 -9.17 54.92 -71.11
C GLU U 66 -9.37 53.41 -71.00
N SER U 67 -10.59 52.92 -71.20
CA SER U 67 -10.85 51.49 -71.13
C SER U 67 -10.06 50.74 -72.20
N MET U 68 -9.99 51.30 -73.41
CA MET U 68 -9.19 50.68 -74.47
C MET U 68 -7.72 50.65 -74.09
N LYS U 69 -7.23 51.72 -73.45
CA LYS U 69 -5.83 51.75 -73.02
C LYS U 69 -5.56 50.68 -71.96
N ILE U 70 -6.50 50.50 -71.02
CA ILE U 70 -6.33 49.46 -70.01
C ILE U 70 -6.35 48.08 -70.67
N GLY U 71 -7.23 47.88 -71.65
CA GLY U 71 -7.25 46.62 -72.37
C GLY U 71 -5.95 46.35 -73.09
N ALA U 72 -5.38 47.37 -73.73
CA ALA U 72 -4.09 47.22 -74.40
C ALA U 72 -2.98 46.91 -73.41
N ALA U 73 -3.01 47.57 -72.24
CA ALA U 73 -2.00 47.30 -71.22
C ALA U 73 -2.10 45.86 -70.71
N PHE U 74 -3.31 45.38 -70.47
CA PHE U 74 -3.50 44.00 -70.04
C PHE U 74 -3.07 43.02 -71.12
N THR U 75 -3.35 43.34 -72.39
CA THR U 75 -2.89 42.52 -73.49
C THR U 75 -1.36 42.45 -73.52
N LEU U 76 -0.70 43.59 -73.31
CA LEU U 76 0.76 43.61 -73.31
C LEU U 76 1.33 42.79 -72.16
N ILE U 77 0.83 43.02 -70.95
CA ILE U 77 1.45 42.42 -69.76
C ILE U 77 1.37 40.90 -69.83
N SER U 78 0.27 40.36 -70.32
CA SER U 78 0.05 38.92 -70.35
C SER U 78 0.48 38.27 -71.67
N MET U 79 1.21 39.00 -72.52
CA MET U 79 1.57 38.46 -73.82
C MET U 79 2.58 37.31 -73.70
N TYR U 80 3.44 37.34 -72.67
CA TYR U 80 4.47 36.33 -72.55
C TYR U 80 3.88 34.95 -72.29
N SER U 81 2.79 34.88 -71.53
CA SER U 81 2.21 33.60 -71.17
C SER U 81 1.60 32.92 -72.38
N GLU U 82 1.67 31.58 -72.38
CA GLU U 82 1.10 30.81 -73.48
C GLU U 82 -0.42 30.85 -73.49
N ARG U 83 -1.04 31.09 -72.34
CA ARG U 83 -2.50 31.20 -72.22
C ARG U 83 -2.81 32.52 -71.51
N PRO U 84 -2.75 33.64 -72.23
CA PRO U 84 -2.97 34.94 -71.57
C PRO U 84 -4.34 35.06 -70.91
N GLY U 85 -5.38 34.46 -71.51
CA GLY U 85 -6.70 34.53 -70.90
C GLY U 85 -6.74 33.88 -69.53
N ALA U 86 -6.15 32.69 -69.41
CA ALA U 86 -6.11 32.01 -68.12
C ALA U 86 -5.31 32.80 -67.11
N LEU U 87 -4.18 33.38 -67.52
CA LEU U 87 -3.38 34.18 -66.62
C LEU U 87 -4.15 35.40 -66.11
N ILE U 88 -4.85 36.09 -67.00
CA ILE U 88 -5.61 37.25 -66.58
C ILE U 88 -6.76 36.84 -65.66
N ARG U 89 -7.47 35.77 -66.01
CA ARG U 89 -8.64 35.39 -65.23
C ARG U 89 -8.25 34.83 -63.85
N SER U 90 -7.09 34.19 -63.75
CA SER U 90 -6.66 33.58 -62.50
C SER U 90 -5.75 34.49 -61.67
N LEU U 91 -5.50 35.71 -62.12
CA LEU U 91 -4.66 36.64 -61.38
C LEU U 91 -5.27 38.04 -61.39
N LEU U 92 -6.58 38.11 -61.26
CA LEU U 92 -7.31 39.39 -61.24
C LEU U 92 -8.07 39.49 -59.93
N ASN U 93 -7.81 40.56 -59.18
CA ASN U 93 -8.48 40.82 -57.91
C ASN U 93 -8.90 42.28 -57.83
N ASP U 94 -9.51 42.77 -58.92
CA ASP U 94 -9.92 44.18 -59.00
C ASP U 94 -11.43 44.29 -58.89
N PRO U 95 -11.96 44.72 -57.74
CA PRO U 95 -13.41 44.96 -57.66
C PRO U 95 -13.89 46.11 -58.51
N ASP U 96 -13.00 47.03 -58.91
CA ASP U 96 -13.42 48.19 -59.69
C ASP U 96 -13.84 47.81 -61.10
N ILE U 97 -13.23 46.77 -61.67
CA ILE U 97 -13.41 46.46 -63.08
C ILE U 97 -13.86 45.01 -63.23
N GLU U 98 -14.54 44.75 -64.35
CA GLU U 98 -14.82 43.40 -64.80
C GLU U 98 -14.18 43.23 -66.17
N ALA U 99 -13.45 42.13 -66.35
CA ALA U 99 -12.69 41.88 -67.57
C ALA U 99 -13.43 40.88 -68.44
N VAL U 100 -13.69 41.27 -69.67
CA VAL U 100 -14.28 40.37 -70.66
C VAL U 100 -13.16 39.97 -71.63
N ILE U 101 -12.69 38.74 -71.49
CA ILE U 101 -11.57 38.27 -72.29
C ILE U 101 -12.05 37.96 -73.70
N ILE U 102 -11.32 38.48 -74.68
CA ILE U 102 -11.67 38.30 -76.10
C ILE U 102 -10.51 37.61 -76.79
N ASP U 103 -10.75 36.38 -77.25
CA ASP U 103 -9.76 35.67 -78.06
C ASP U 103 -9.73 36.29 -79.45
N VAL U 104 -8.54 36.72 -79.88
CA VAL U 104 -8.42 37.49 -81.12
C VAL U 104 -8.76 36.61 -82.32
N GLY U 105 -8.22 35.40 -82.36
CA GLY U 105 -8.54 34.49 -83.45
C GLY U 105 -7.61 34.62 -84.64
N SER U 106 -8.04 35.33 -85.67
CA SER U 106 -7.20 35.64 -86.82
C SER U 106 -6.67 37.07 -86.67
N MET U 107 -5.97 37.58 -87.67
CA MET U 107 -5.37 38.90 -87.56
C MET U 107 -5.40 39.61 -88.90
N LEU U 108 -6.20 40.68 -88.98
CA LEU U 108 -6.15 41.63 -90.08
C LEU U 108 -5.20 42.76 -89.71
N ASN U 109 -5.27 43.87 -90.46
CA ASN U 109 -4.50 45.06 -90.09
C ASN U 109 -4.84 45.49 -88.67
N GLY U 110 -6.13 45.56 -88.35
CA GLY U 110 -6.56 45.78 -86.99
C GLY U 110 -6.79 44.46 -86.29
N ILE U 111 -8.02 44.21 -85.85
CA ILE U 111 -8.40 42.89 -85.33
C ILE U 111 -9.70 42.46 -85.99
N PRO U 112 -9.79 41.22 -86.50
CA PRO U 112 -11.07 40.72 -87.01
C PRO U 112 -11.90 40.14 -85.87
N VAL U 113 -13.07 40.74 -85.63
CA VAL U 113 -13.95 40.25 -84.58
C VAL U 113 -14.44 38.84 -84.92
N MET U 114 -14.82 38.61 -86.17
CA MET U 114 -15.24 37.30 -86.66
C MET U 114 -16.38 36.73 -85.82
N GLU U 115 -17.41 37.55 -85.62
CA GLU U 115 -18.58 37.12 -84.85
C GLU U 115 -19.80 37.84 -85.42
N ARG U 116 -20.54 37.15 -86.29
CA ARG U 116 -21.73 37.71 -86.94
C ARG U 116 -21.40 39.03 -87.64
N ARG U 117 -20.55 38.92 -88.66
CA ARG U 117 -20.07 40.09 -89.38
C ARG U 117 -21.24 40.90 -89.93
N GLY U 118 -21.19 42.21 -89.71
CA GLY U 118 -22.28 43.12 -90.05
C GLY U 118 -23.18 43.43 -88.87
N ASP U 119 -23.21 42.54 -87.88
CA ASP U 119 -24.04 42.71 -86.69
C ASP U 119 -23.17 43.24 -85.55
N LYS U 120 -23.23 44.55 -85.33
CA LYS U 120 -22.57 45.20 -84.19
C LYS U 120 -21.06 44.96 -84.19
N ALA U 121 -20.47 44.85 -85.36
CA ALA U 121 -19.02 44.63 -85.47
C ALA U 121 -18.34 45.63 -86.39
N GLN U 122 -19.01 46.07 -87.46
CA GLN U 122 -18.40 47.00 -88.40
C GLN U 122 -18.05 48.32 -87.70
N GLU U 123 -18.88 48.76 -86.75
CA GLU U 123 -18.57 49.98 -86.02
C GLU U 123 -17.31 49.80 -85.18
N GLU U 124 -17.14 48.64 -84.57
CA GLU U 124 -15.91 48.38 -83.81
C GLU U 124 -14.70 48.35 -84.73
N MET U 125 -14.84 47.77 -85.92
CA MET U 125 -13.73 47.75 -86.87
C MET U 125 -13.35 49.16 -87.30
N GLU U 126 -14.34 50.00 -87.61
CA GLU U 126 -14.03 51.38 -87.98
C GLU U 126 -13.42 52.14 -86.81
N GLY U 127 -13.88 51.88 -85.59
CA GLY U 127 -13.26 52.51 -84.43
C GLY U 127 -11.81 52.12 -84.26
N LEU U 128 -11.50 50.83 -84.45
CA LEU U 128 -10.11 50.39 -84.36
C LEU U 128 -9.24 50.98 -85.46
N MET U 129 -9.79 51.08 -86.68
CA MET U 129 -9.05 51.74 -87.76
C MET U 129 -8.79 53.20 -87.43
N ARG U 130 -9.78 53.89 -86.86
CA ARG U 130 -9.56 55.28 -86.43
C ARG U 130 -8.49 55.35 -85.36
N ILE U 131 -8.50 54.41 -84.42
CA ILE U 131 -7.49 54.39 -83.36
C ILE U 131 -6.10 54.24 -83.96
N LEU U 132 -5.94 53.30 -84.89
CA LEU U 132 -4.64 53.08 -85.51
C LEU U 132 -4.20 54.31 -86.31
N LYS U 133 -5.12 54.92 -87.07
CA LYS U 133 -4.76 56.08 -87.87
C LYS U 133 -4.36 57.25 -86.99
N THR U 134 -5.10 57.50 -85.91
CA THR U 134 -4.76 58.59 -85.00
C THR U 134 -3.43 58.32 -84.30
N ALA U 135 -3.17 57.07 -83.93
CA ALA U 135 -1.91 56.74 -83.29
C ALA U 135 -0.74 56.98 -84.24
N ARG U 136 -0.88 56.59 -85.50
CA ARG U 136 0.21 56.74 -86.45
C ARG U 136 0.41 58.21 -86.84
N GLU U 137 -0.68 58.98 -86.94
CA GLU U 137 -0.57 60.38 -87.34
C GLU U 137 -0.14 61.28 -86.19
N SER U 138 -0.41 60.88 -84.94
CA SER U 138 -0.13 61.75 -83.79
C SER U 138 1.35 62.08 -83.69
N SER U 139 2.19 61.05 -83.69
CA SER U 139 3.63 61.29 -83.70
C SER U 139 4.08 61.76 -85.08
N LYS U 140 5.28 62.33 -85.13
CA LYS U 140 5.83 62.85 -86.38
C LYS U 140 6.42 61.72 -87.22
N GLY U 141 5.58 60.72 -87.47
CA GLY U 141 6.03 59.52 -88.16
C GLY U 141 6.91 58.62 -87.33
N LYS U 142 7.03 58.88 -86.03
CA LYS U 142 7.95 58.14 -85.17
C LYS U 142 7.29 56.86 -84.67
N THR U 143 7.94 55.74 -84.91
CA THR U 143 7.47 54.46 -84.40
C THR U 143 7.67 54.39 -82.89
N PRO U 144 6.91 53.53 -82.20
CA PRO U 144 7.12 53.38 -80.75
C PRO U 144 8.54 52.96 -80.39
N PHE U 145 9.19 52.15 -81.22
CA PHE U 145 10.55 51.71 -80.95
C PHE U 145 11.55 52.79 -81.34
N VAL U 146 12.70 52.79 -80.65
CA VAL U 146 13.76 53.73 -80.96
C VAL U 146 14.38 53.44 -82.32
N ASP U 147 14.14 52.25 -82.87
CA ASP U 147 14.61 51.89 -84.20
C ASP U 147 13.41 51.77 -85.13
N SER U 148 13.44 52.51 -86.24
CA SER U 148 12.33 52.50 -87.17
C SER U 148 12.15 51.12 -87.83
N ARG U 149 13.23 50.35 -87.94
CA ARG U 149 13.12 49.03 -88.54
C ARG U 149 12.44 48.03 -87.61
N ALA U 150 12.39 48.31 -86.31
CA ALA U 150 11.76 47.40 -85.37
C ALA U 150 10.24 47.43 -85.43
N TYR U 151 9.67 48.45 -86.07
CA TYR U 151 8.21 48.53 -86.17
C TYR U 151 7.69 47.72 -87.35
N GLY U 152 8.14 48.04 -88.56
CA GLY U 152 7.75 47.28 -89.73
C GLY U 152 8.60 46.04 -89.91
N LEU U 153 8.67 45.22 -88.87
CA LEU U 153 9.50 44.02 -88.87
C LEU U 153 8.61 42.78 -88.91
N ARG U 154 8.94 41.86 -89.79
CA ARG U 154 8.20 40.60 -89.92
C ARG U 154 8.79 39.57 -88.97
N ILE U 155 7.94 38.96 -88.15
CA ILE U 155 8.36 37.95 -87.19
C ILE U 155 7.66 36.65 -87.52
N THR U 156 8.43 35.60 -87.79
CA THR U 156 7.90 34.26 -87.98
C THR U 156 8.55 33.21 -87.09
N ASP U 157 9.70 33.51 -86.49
CA ASP U 157 10.38 32.58 -85.61
C ASP U 157 9.92 32.79 -84.17
N MET U 158 9.73 31.68 -83.45
CA MET U 158 9.29 31.77 -82.07
C MET U 158 10.33 32.46 -81.20
N SER U 159 11.61 32.18 -81.45
CA SER U 159 12.67 32.77 -80.62
C SER U 159 12.70 34.29 -80.73
N THR U 160 12.58 34.82 -81.96
CA THR U 160 12.60 36.26 -82.14
C THR U 160 11.39 36.92 -81.48
N LEU U 161 10.22 36.29 -81.62
CA LEU U 161 9.02 36.81 -80.96
C LEU U 161 9.20 36.82 -79.45
N VAL U 162 9.76 35.74 -78.90
CA VAL U 162 9.97 35.67 -77.45
C VAL U 162 10.92 36.76 -77.00
N SER U 163 12.01 36.97 -77.74
CA SER U 163 12.98 38.00 -77.36
C SER U 163 12.35 39.39 -77.40
N ALA U 164 11.62 39.70 -78.48
CA ALA U 164 11.00 41.02 -78.59
C ALA U 164 9.96 41.23 -77.49
N VAL U 165 9.14 40.21 -77.23
CA VAL U 165 8.12 40.33 -76.18
C VAL U 165 8.78 40.52 -74.83
N ILE U 166 9.86 39.79 -74.56
CA ILE U 166 10.56 39.93 -73.29
C ILE U 166 11.10 41.34 -73.14
N THR U 167 11.68 41.89 -74.21
CA THR U 167 12.20 43.25 -74.13
C THR U 167 11.09 44.26 -73.86
N ILE U 168 9.95 44.13 -74.55
CA ILE U 168 8.85 45.05 -74.35
C ILE U 168 8.30 44.94 -72.93
N GLU U 169 8.13 43.71 -72.43
CA GLU U 169 7.64 43.53 -71.08
C GLU U 169 8.61 44.10 -70.05
N ALA U 170 9.91 43.88 -70.24
CA ALA U 170 10.88 44.44 -69.31
C ALA U 170 10.81 45.96 -69.29
N GLN U 171 10.77 46.57 -70.48
CA GLN U 171 10.72 48.03 -70.55
C GLN U 171 9.44 48.58 -69.93
N ILE U 172 8.33 47.85 -70.05
CA ILE U 172 7.10 48.26 -69.38
C ILE U 172 7.24 48.14 -67.87
N TRP U 173 7.77 47.01 -67.41
CA TRP U 173 7.89 46.75 -65.98
C TRP U 173 8.90 47.64 -65.30
N ILE U 174 9.80 48.28 -66.04
CA ILE U 174 10.71 49.24 -65.40
C ILE U 174 9.94 50.40 -64.79
N LEU U 175 8.86 50.83 -65.45
CA LEU U 175 8.17 52.06 -65.05
C LEU U 175 7.45 51.93 -63.71
N ILE U 176 7.05 50.73 -63.30
CA ILE U 176 6.22 50.58 -62.10
C ILE U 176 6.97 51.02 -60.85
N ALA U 177 8.30 50.93 -60.86
CA ALA U 177 9.07 51.26 -59.66
C ALA U 177 8.86 52.71 -59.24
N LYS U 178 8.86 53.63 -60.19
CA LYS U 178 8.71 55.06 -59.91
C LYS U 178 7.61 55.66 -60.78
N ALA U 179 6.45 54.99 -60.81
CA ALA U 179 5.31 55.49 -61.58
C ALA U 179 4.40 56.37 -60.75
N VAL U 180 4.25 56.08 -59.46
CA VAL U 180 3.37 56.86 -58.59
C VAL U 180 4.13 57.65 -57.54
N THR U 181 5.35 57.24 -57.17
CA THR U 181 6.10 57.98 -56.16
C THR U 181 6.58 59.32 -56.72
N ALA U 182 7.37 59.28 -57.78
CA ALA U 182 7.87 60.49 -58.44
C ALA U 182 8.04 60.21 -59.93
N PRO U 183 6.92 60.16 -60.67
CA PRO U 183 7.02 59.87 -62.10
C PRO U 183 7.80 60.90 -62.88
N ASP U 184 7.74 62.17 -62.48
CA ASP U 184 8.46 63.22 -63.21
C ASP U 184 9.96 63.04 -63.07
N THR U 185 10.44 62.71 -61.87
CA THR U 185 11.86 62.54 -61.60
C THR U 185 12.41 61.20 -62.08
N ALA U 186 11.67 60.50 -62.94
CA ALA U 186 12.10 59.21 -63.46
C ALA U 186 13.06 59.44 -64.64
N GLU U 187 13.30 58.37 -65.41
CA GLU U 187 14.15 58.29 -66.59
C GLU U 187 15.63 58.21 -66.23
N GLU U 188 16.00 58.34 -64.95
CA GLU U 188 17.37 58.10 -64.52
C GLU U 188 17.53 56.68 -63.99
N SER U 189 16.75 56.32 -62.97
CA SER U 189 16.75 54.95 -62.48
C SER U 189 16.22 53.99 -63.54
N GLU U 190 15.24 54.44 -64.34
CA GLU U 190 14.74 53.60 -65.41
C GLU U 190 15.83 53.31 -66.44
N THR U 191 16.59 54.34 -66.83
CA THR U 191 17.68 54.13 -67.76
C THR U 191 18.76 53.24 -67.15
N ARG U 192 19.00 53.39 -65.86
CA ARG U 192 19.97 52.54 -65.18
C ARG U 192 19.53 51.07 -65.21
N ARG U 193 18.25 50.81 -64.95
CA ARG U 193 17.74 49.45 -65.01
C ARG U 193 17.84 48.89 -66.42
N TRP U 194 17.50 49.69 -67.42
CA TRP U 194 17.60 49.23 -68.80
C TRP U 194 19.04 48.91 -69.17
N ALA U 195 19.98 49.76 -68.76
CA ALA U 195 21.39 49.49 -69.03
C ALA U 195 21.86 48.23 -68.33
N LYS U 196 21.41 48.01 -67.09
CA LYS U 196 21.78 46.81 -66.36
C LYS U 196 21.28 45.56 -67.08
N TYR U 197 20.03 45.59 -67.53
CA TYR U 197 19.48 44.41 -68.19
C TYR U 197 20.09 44.21 -69.57
N VAL U 198 20.53 45.30 -70.23
CA VAL U 198 21.21 45.16 -71.50
C VAL U 198 22.59 44.53 -71.31
N GLN U 199 23.33 44.98 -70.29
CA GLN U 199 24.65 44.43 -70.04
C GLN U 199 24.59 42.96 -69.66
N GLN U 200 23.50 42.53 -69.04
CA GLN U 200 23.30 41.12 -68.72
C GLN U 200 22.84 40.31 -69.92
N LYS U 201 22.56 40.97 -71.05
CA LYS U 201 22.10 40.33 -72.28
C LYS U 201 20.78 39.61 -72.09
N ARG U 202 20.01 39.98 -71.06
CA ARG U 202 18.68 39.41 -70.88
C ARG U 202 17.69 39.99 -71.89
N VAL U 203 17.91 41.23 -72.31
CA VAL U 203 17.02 41.91 -73.25
C VAL U 203 17.82 42.30 -74.48
N ASN U 204 17.25 42.01 -75.64
CA ASN U 204 17.86 42.43 -76.90
C ASN U 204 17.58 43.91 -77.13
N PRO U 205 18.61 44.76 -77.23
CA PRO U 205 18.37 46.20 -77.30
C PRO U 205 17.75 46.68 -78.60
N PHE U 206 17.57 45.79 -79.59
CA PHE U 206 16.97 46.22 -80.85
C PHE U 206 15.53 46.67 -80.64
N PHE U 207 14.78 45.97 -79.80
CA PHE U 207 13.39 46.35 -79.49
C PHE U 207 13.39 47.25 -78.27
N ALA U 208 13.77 48.51 -78.48
CA ALA U 208 13.79 49.51 -77.42
C ALA U 208 12.80 50.61 -77.78
N LEU U 209 11.80 50.81 -76.94
CA LEU U 209 10.78 51.82 -77.20
C LEU U 209 11.34 53.22 -76.92
N THR U 210 10.84 54.19 -77.68
CA THR U 210 11.28 55.56 -77.52
C THR U 210 10.76 56.13 -76.20
N GLN U 211 11.37 57.26 -75.80
CA GLN U 211 11.01 57.84 -74.51
C GLN U 211 9.64 58.50 -74.53
N GLN U 212 9.16 58.93 -75.71
CA GLN U 212 7.81 59.47 -75.79
C GLN U 212 6.77 58.41 -75.45
N TRP U 213 6.91 57.22 -76.05
CA TRP U 213 6.00 56.13 -75.75
C TRP U 213 6.11 55.70 -74.29
N LEU U 214 7.34 55.70 -73.76
CA LEU U 214 7.52 55.35 -72.35
C LEU U 214 6.84 56.35 -71.44
N THR U 215 6.93 57.64 -71.76
CA THR U 215 6.24 58.66 -70.97
C THR U 215 4.73 58.48 -71.04
N GLU U 216 4.20 58.20 -72.24
CA GLU U 216 2.76 57.99 -72.38
C GLU U 216 2.32 56.78 -71.56
N MET U 217 3.08 55.69 -71.63
CA MET U 217 2.71 54.49 -70.89
C MET U 217 2.81 54.72 -69.39
N ARG U 218 3.82 55.47 -68.94
CA ARG U 218 3.94 55.78 -67.52
C ARG U 218 2.79 56.64 -67.04
N ASN U 219 2.37 57.60 -67.86
CA ASN U 219 1.21 58.41 -67.51
C ASN U 219 -0.04 57.54 -67.39
N LEU U 220 -0.24 56.64 -68.35
CA LEU U 220 -1.39 55.73 -68.29
C LEU U 220 -1.33 54.85 -67.04
N LEU U 221 -0.15 54.33 -66.71
CA LEU U 221 0.01 53.47 -65.55
C LEU U 221 -0.25 54.23 -64.25
N SER U 222 0.19 55.49 -64.18
CA SER U 222 -0.04 56.28 -62.98
C SER U 222 -1.51 56.66 -62.83
N GLN U 223 -2.18 56.97 -63.94
CA GLN U 223 -3.58 57.34 -63.87
C GLN U 223 -4.46 56.19 -63.40
N SER U 224 -4.17 54.98 -63.87
CA SER U 224 -5.04 53.83 -63.65
C SER U 224 -4.56 53.00 -62.46
N LEU U 225 -5.51 52.54 -61.65
CA LEU U 225 -5.23 51.67 -60.51
C LEU U 225 -5.40 50.19 -60.83
N SER U 226 -6.26 49.86 -61.80
CA SER U 226 -6.49 48.45 -62.13
C SER U 226 -5.24 47.80 -62.70
N VAL U 227 -4.53 48.50 -63.59
CA VAL U 227 -3.30 47.96 -64.15
C VAL U 227 -2.26 47.76 -63.04
N ARG U 228 -2.14 48.73 -62.15
CA ARG U 228 -1.22 48.61 -61.03
C ARG U 228 -1.56 47.41 -60.16
N LYS U 229 -2.85 47.21 -59.88
CA LYS U 229 -3.26 46.06 -59.08
C LYS U 229 -2.93 44.75 -59.78
N PHE U 230 -3.16 44.68 -61.09
CA PHE U 230 -2.85 43.47 -61.83
C PHE U 230 -1.36 43.15 -61.78
N MET U 231 -0.52 44.17 -62.00
CA MET U 231 0.93 43.92 -61.99
C MET U 231 1.43 43.63 -60.58
N VAL U 232 0.82 44.22 -59.55
CA VAL U 232 1.21 43.88 -58.19
C VAL U 232 0.83 42.44 -57.87
N GLU U 233 -0.34 41.99 -58.33
CA GLU U 233 -0.72 40.60 -58.15
C GLU U 233 0.24 39.67 -58.87
N ILE U 234 0.66 40.03 -60.08
CA ILE U 234 1.64 39.24 -60.81
C ILE U 234 2.94 39.18 -60.02
N LEU U 235 3.38 40.32 -59.47
CA LEU U 235 4.60 40.34 -58.68
C LEU U 235 4.50 39.44 -57.46
N MET U 236 3.38 39.51 -56.74
CA MET U 236 3.21 38.67 -55.57
C MET U 236 3.20 37.19 -55.94
N GLU U 237 2.51 36.83 -57.02
CA GLU U 237 2.47 35.42 -57.43
C GLU U 237 3.84 34.93 -57.86
N VAL U 238 4.59 35.76 -58.59
CA VAL U 238 5.92 35.36 -59.04
C VAL U 238 6.88 35.24 -57.86
N LYS U 239 6.73 36.12 -56.86
CA LYS U 239 7.59 36.08 -55.69
C LYS U 239 7.52 34.75 -54.97
N LYS U 240 6.35 34.12 -54.94
CA LYS U 240 6.18 32.82 -54.31
C LYS U 240 6.97 31.77 -55.10
N GLY U 241 8.03 31.25 -54.50
CA GLY U 241 8.84 30.25 -55.15
C GLY U 241 8.21 28.87 -55.09
N GLY U 242 8.91 27.90 -55.67
CA GLY U 242 8.45 26.52 -55.66
C GLY U 242 8.45 25.87 -57.02
N SER U 243 8.15 26.65 -58.06
CA SER U 243 8.08 26.15 -59.42
C SER U 243 9.22 26.74 -60.26
N ALA U 244 9.43 26.15 -61.43
CA ALA U 244 10.44 26.63 -62.35
C ALA U 244 10.05 28.00 -62.90
N LYS U 245 11.02 28.90 -62.99
CA LYS U 245 10.80 30.26 -63.44
C LYS U 245 11.38 30.44 -64.84
N GLY U 246 10.55 30.96 -65.76
CA GLY U 246 11.01 31.27 -67.09
C GLY U 246 11.73 32.60 -67.14
N ARG U 247 12.21 32.94 -68.34
CA ARG U 247 12.95 34.19 -68.51
C ARG U 247 12.08 35.39 -68.17
N ALA U 248 10.83 35.40 -68.64
CA ALA U 248 9.92 36.50 -68.31
C ALA U 248 9.69 36.59 -66.81
N VAL U 249 9.45 35.45 -66.16
CA VAL U 249 9.17 35.46 -64.73
C VAL U 249 10.41 35.87 -63.94
N GLU U 250 11.59 35.43 -64.36
CA GLU U 250 12.82 35.83 -63.69
C GLU U 250 13.05 37.33 -63.82
N ILE U 251 12.82 37.88 -65.02
CA ILE U 251 12.96 39.33 -65.21
C ILE U 251 11.95 40.08 -64.34
N ILE U 252 10.72 39.58 -64.30
CA ILE U 252 9.68 40.24 -63.51
C ILE U 252 10.03 40.24 -62.03
N SER U 253 10.55 39.12 -61.53
CA SER U 253 10.93 39.06 -60.12
C SER U 253 12.14 39.94 -59.84
N ASP U 254 13.10 40.00 -60.76
CA ASP U 254 14.25 40.87 -60.57
C ASP U 254 13.83 42.33 -60.52
N ILE U 255 12.85 42.71 -61.35
CA ILE U 255 12.34 44.08 -61.31
C ILE U 255 11.56 44.31 -60.02
N GLY U 256 10.74 43.35 -59.61
CA GLY U 256 10.01 43.45 -58.36
C GLY U 256 10.91 43.57 -57.14
N ASN U 257 12.15 43.09 -57.25
CA ASN U 257 13.12 43.34 -56.19
C ASN U 257 13.30 44.83 -55.96
N TYR U 258 13.39 45.61 -57.04
CA TYR U 258 13.43 47.06 -56.92
C TYR U 258 12.07 47.65 -56.59
N VAL U 259 10.99 47.01 -57.04
CA VAL U 259 9.65 47.56 -56.85
C VAL U 259 9.26 47.55 -55.37
N GLU U 260 9.71 46.55 -54.61
CA GLU U 260 9.24 46.36 -53.25
C GLU U 260 9.55 47.58 -52.38
N GLU U 261 8.65 47.85 -51.44
CA GLU U 261 8.83 48.89 -50.42
C GLU U 261 9.01 50.28 -51.03
N THR U 262 8.48 50.48 -52.24
CA THR U 262 8.56 51.79 -52.87
C THR U 262 7.62 52.78 -52.19
N GLY U 263 7.96 54.07 -52.30
CA GLY U 263 7.12 55.11 -51.77
C GLY U 263 7.02 55.17 -50.27
N MET U 264 7.85 54.42 -49.54
CA MET U 264 7.85 54.42 -48.09
C MET U 264 9.26 54.55 -47.55
N ALA U 265 10.08 55.35 -48.22
CA ALA U 265 11.47 55.49 -47.79
C ALA U 265 11.58 56.19 -46.44
N GLY U 266 10.62 57.05 -46.11
CA GLY U 266 10.67 57.71 -44.81
C GLY U 266 10.58 56.73 -43.66
N PHE U 267 9.60 55.82 -43.71
CA PHE U 267 9.39 54.88 -42.61
C PHE U 267 10.56 53.91 -42.48
N PHE U 268 10.98 53.32 -43.59
CA PHE U 268 12.04 52.31 -43.52
C PHE U 268 13.39 52.96 -43.20
N ALA U 269 13.63 54.17 -43.70
CA ALA U 269 14.82 54.91 -43.31
C ALA U 269 14.82 55.21 -41.83
N THR U 270 13.67 55.65 -41.30
CA THR U 270 13.55 55.86 -39.86
C THR U 270 13.90 54.60 -39.10
N ILE U 271 13.30 53.47 -39.49
CA ILE U 271 13.61 52.19 -38.84
C ILE U 271 15.11 51.96 -38.85
N ARG U 272 15.68 51.84 -40.06
CA ARG U 272 17.04 51.37 -40.23
C ARG U 272 18.04 52.27 -39.52
N PHE U 273 17.86 53.58 -39.61
CA PHE U 273 18.86 54.51 -39.08
C PHE U 273 18.57 54.95 -37.65
N GLY U 274 17.37 55.51 -37.41
CA GLY U 274 17.06 55.95 -36.07
C GLY U 274 16.93 54.82 -35.08
N LEU U 275 16.24 53.74 -35.45
CA LEU U 275 15.97 52.68 -34.48
C LEU U 275 17.17 51.76 -34.33
N GLU U 276 17.56 51.09 -35.42
CA GLU U 276 18.79 50.32 -35.43
C GLU U 276 19.98 51.29 -35.38
N THR U 277 21.18 50.73 -35.34
CA THR U 277 22.40 51.51 -35.10
C THR U 277 22.23 52.32 -33.81
N ARG U 278 22.08 51.60 -32.71
CA ARG U 278 21.68 52.18 -31.43
C ARG U 278 22.63 53.28 -30.99
N TYR U 279 22.13 54.52 -30.97
CA TYR U 279 22.91 55.68 -30.57
C TYR U 279 22.51 56.11 -29.17
N PRO U 280 23.48 56.43 -28.31
CA PRO U 280 23.15 56.89 -26.95
C PRO U 280 22.26 58.12 -26.89
N ALA U 281 21.96 58.76 -28.01
CA ALA U 281 21.06 59.91 -28.05
C ALA U 281 19.61 59.52 -28.30
N LEU U 282 19.26 58.26 -28.08
CA LEU U 282 17.90 57.79 -28.36
C LEU U 282 16.95 58.14 -27.23
N ALA U 283 17.20 57.62 -26.03
CA ALA U 283 16.35 57.88 -24.87
C ALA U 283 16.61 59.31 -24.40
N LEU U 284 15.72 60.24 -24.79
CA LEU U 284 15.93 61.64 -24.47
C LEU U 284 14.65 62.35 -24.06
N ASN U 285 13.63 61.63 -23.59
CA ASN U 285 12.32 62.16 -23.21
C ASN U 285 11.57 62.82 -24.35
N GLU U 286 12.06 62.74 -25.58
CA GLU U 286 11.33 63.25 -26.74
C GLU U 286 11.14 62.21 -27.83
N PHE U 287 11.68 61.00 -27.65
CA PHE U 287 11.58 59.96 -28.66
C PHE U 287 10.77 58.74 -28.22
N GLN U 288 10.29 58.70 -26.98
CA GLN U 288 9.59 57.51 -26.51
C GLN U 288 8.24 57.34 -27.21
N SER U 289 7.52 58.43 -27.41
CA SER U 289 6.25 58.36 -28.13
C SER U 289 6.48 57.88 -29.57
N ASP U 290 7.51 58.39 -30.22
CA ASP U 290 7.83 57.97 -31.58
C ASP U 290 8.24 56.50 -31.61
N LEU U 291 8.99 56.05 -30.60
CA LEU U 291 9.37 54.64 -30.53
C LEU U 291 8.15 53.74 -30.37
N ASN U 292 7.21 54.13 -29.51
CA ASN U 292 5.99 53.36 -29.34
C ASN U 292 5.18 53.34 -30.64
N THR U 293 5.07 54.48 -31.32
CA THR U 293 4.37 54.53 -32.59
C THR U 293 5.05 53.63 -33.63
N ILE U 294 6.38 53.62 -33.63
CA ILE U 294 7.13 52.79 -34.57
C ILE U 294 6.91 51.31 -34.28
N LYS U 295 6.86 50.94 -33.00
CA LYS U 295 6.55 49.57 -32.64
C LYS U 295 5.16 49.17 -33.10
N GLY U 296 4.18 50.03 -32.88
CA GLY U 296 2.83 49.77 -33.38
C GLY U 296 2.81 49.65 -34.89
N LEU U 297 3.61 50.46 -35.57
CA LEU U 297 3.67 50.41 -37.03
C LEU U 297 4.29 49.09 -37.50
N MET U 298 5.31 48.60 -36.80
CA MET U 298 5.86 47.29 -37.14
C MET U 298 4.83 46.19 -36.95
N LEU U 299 4.08 46.25 -35.84
CA LEU U 299 3.04 45.25 -35.62
C LEU U 299 1.99 45.31 -36.73
N LEU U 300 1.58 46.52 -37.12
CA LEU U 300 0.60 46.67 -38.19
C LEU U 300 1.16 46.15 -39.52
N TYR U 301 2.43 46.43 -39.80
CA TYR U 301 3.03 45.97 -41.05
C TYR U 301 3.08 44.45 -41.10
N ARG U 302 3.42 43.80 -39.97
CA ARG U 302 3.39 42.36 -39.94
C ARG U 302 1.96 41.84 -40.06
N GLU U 303 0.99 42.58 -39.54
CA GLU U 303 -0.41 42.15 -39.59
C GLU U 303 -1.04 42.32 -40.98
N ILE U 304 -0.53 43.23 -41.81
CA ILE U 304 -1.18 43.53 -43.07
C ILE U 304 -1.19 42.30 -43.98
N GLY U 305 -0.03 41.69 -44.17
CA GLY U 305 0.07 40.51 -45.01
C GLY U 305 1.07 40.67 -46.14
N PRO U 306 0.94 39.83 -47.16
CA PRO U 306 1.91 39.87 -48.27
C PRO U 306 1.80 41.11 -49.14
N ARG U 307 0.75 41.91 -49.00
CA ARG U 307 0.60 43.13 -49.78
C ARG U 307 1.27 44.33 -49.13
N ALA U 308 1.93 44.13 -47.99
CA ALA U 308 2.52 45.26 -47.26
C ALA U 308 3.58 46.01 -48.06
N PRO U 309 4.57 45.36 -48.68
CA PRO U 309 5.58 46.16 -49.41
C PRO U 309 5.01 46.98 -50.54
N TYR U 310 4.03 46.45 -51.26
CA TYR U 310 3.36 47.18 -52.33
C TYR U 310 2.13 47.92 -51.82
N MET U 311 2.30 48.72 -50.76
CA MET U 311 1.16 49.42 -50.18
C MET U 311 0.90 50.74 -50.88
N VAL U 312 1.94 51.45 -51.29
CA VAL U 312 1.76 52.70 -52.02
C VAL U 312 1.19 52.42 -53.40
N LEU U 313 1.62 51.32 -54.03
CA LEU U 313 1.13 51.00 -55.37
C LEU U 313 -0.37 50.75 -55.38
N LEU U 314 -0.87 50.00 -54.39
CA LEU U 314 -2.29 49.76 -54.27
C LEU U 314 -3.04 50.90 -53.59
N GLU U 315 -2.32 51.92 -53.11
CA GLU U 315 -2.93 53.11 -52.52
C GLU U 315 -3.80 52.75 -51.31
N GLU U 316 -3.31 51.81 -50.49
CA GLU U 316 -4.03 51.43 -49.28
C GLU U 316 -4.12 52.61 -48.33
N SER U 317 -5.26 52.70 -47.63
CA SER U 317 -5.44 53.75 -46.63
C SER U 317 -4.54 53.53 -45.42
N ILE U 318 -4.06 52.31 -45.20
CA ILE U 318 -3.16 52.04 -44.08
C ILE U 318 -1.85 52.77 -44.26
N GLN U 319 -1.50 53.11 -45.50
CA GLN U 319 -0.21 53.73 -45.77
C GLN U 319 -0.06 55.09 -45.09
N THR U 320 -1.15 55.86 -45.02
CA THR U 320 -1.07 57.20 -44.43
C THR U 320 -0.60 57.13 -42.98
N LYS U 321 -1.02 56.09 -42.25
CA LYS U 321 -0.56 55.93 -40.87
C LYS U 321 0.94 55.64 -40.82
N PHE U 322 1.50 55.06 -41.90
CA PHE U 322 2.93 54.76 -41.94
C PHE U 322 3.78 55.98 -42.26
N ALA U 323 3.20 56.99 -42.91
CA ALA U 323 3.98 58.13 -43.37
C ALA U 323 4.50 58.95 -42.20
N PRO U 324 5.68 59.54 -42.33
CA PRO U 324 6.17 60.46 -41.29
C PRO U 324 5.23 61.65 -41.15
N GLY U 325 5.05 62.09 -39.92
CA GLY U 325 4.07 63.09 -39.60
C GLY U 325 3.38 62.73 -38.30
N GLY U 326 3.27 61.42 -38.06
CA GLY U 326 2.90 60.91 -36.76
C GLY U 326 4.08 60.68 -35.84
N TYR U 327 5.30 60.77 -36.36
CA TYR U 327 6.51 60.65 -35.55
C TYR U 327 7.60 61.55 -36.14
N PRO U 328 7.32 62.86 -36.25
CA PRO U 328 8.27 63.74 -36.94
C PRO U 328 9.63 63.84 -36.27
N LEU U 329 9.70 63.71 -34.94
CA LEU U 329 10.96 63.92 -34.24
C LEU U 329 11.97 62.81 -34.56
N LEU U 330 11.57 61.55 -34.31
CA LEU U 330 12.46 60.43 -34.60
C LEU U 330 12.74 60.34 -36.09
N TRP U 331 11.75 60.67 -36.93
CA TRP U 331 11.97 60.67 -38.36
C TRP U 331 13.05 61.67 -38.75
N SER U 332 12.98 62.88 -38.19
CA SER U 332 13.99 63.89 -38.49
C SER U 332 15.37 63.45 -38.01
N PHE U 333 15.43 62.87 -36.82
CA PHE U 333 16.71 62.37 -36.30
C PHE U 333 17.29 61.31 -37.23
N ALA U 334 16.45 60.37 -37.67
CA ALA U 334 16.91 59.30 -38.55
C ALA U 334 17.33 59.84 -39.90
N MET U 335 16.61 60.82 -40.44
CA MET U 335 17.03 61.40 -41.71
C MET U 335 18.34 62.13 -41.58
N GLY U 336 18.56 62.81 -40.45
CA GLY U 336 19.85 63.46 -40.24
C GLY U 336 20.99 62.46 -40.22
N VAL U 337 20.84 61.39 -39.43
CA VAL U 337 21.91 60.41 -39.37
C VAL U 337 22.07 59.68 -40.70
N ALA U 338 20.99 59.55 -41.47
CA ALA U 338 21.08 58.91 -42.79
C ALA U 338 21.84 59.78 -43.78
N THR U 339 21.49 61.06 -43.85
CA THR U 339 22.21 61.97 -44.74
C THR U 339 23.67 62.08 -44.36
N THR U 340 23.98 61.98 -43.06
CA THR U 340 25.38 61.99 -42.67
C THR U 340 26.09 60.68 -42.99
N ILE U 341 25.39 59.55 -42.91
CA ILE U 341 26.01 58.24 -43.06
C ILE U 341 25.95 57.77 -44.50
N ASP U 342 24.76 57.74 -45.08
CA ASP U 342 24.56 57.18 -46.42
C ASP U 342 24.72 58.29 -47.45
N ARG U 343 25.73 58.15 -48.32
CA ARG U 343 25.98 59.16 -49.35
C ARG U 343 24.80 59.26 -50.31
N SER U 344 24.23 58.12 -50.71
CA SER U 344 23.12 58.13 -51.65
C SER U 344 21.90 58.85 -51.06
N MET U 345 21.60 58.59 -49.79
CA MET U 345 20.53 59.32 -49.13
C MET U 345 20.94 60.76 -48.93
N GLY U 346 20.10 61.68 -49.38
CA GLY U 346 20.46 63.08 -49.47
C GLY U 346 19.93 63.65 -50.77
N ALA U 347 19.74 62.77 -51.75
CA ALA U 347 18.94 63.09 -52.91
C ALA U 347 17.45 62.92 -52.65
N LEU U 348 17.09 62.37 -51.49
CA LEU U 348 15.69 62.26 -51.11
C LEU U 348 15.12 63.64 -50.80
N ASN U 349 13.86 63.85 -51.16
CA ASN U 349 13.19 65.12 -50.94
C ASN U 349 12.47 65.06 -49.59
N ILE U 350 12.96 65.83 -48.62
CA ILE U 350 12.43 65.78 -47.27
C ILE U 350 12.04 67.18 -46.79
N ASN U 351 11.64 68.04 -47.72
CA ASN U 351 11.27 69.41 -47.37
C ASN U 351 9.82 69.48 -46.89
N ARG U 352 9.56 68.73 -45.81
CA ARG U 352 8.23 68.66 -45.23
C ARG U 352 8.02 69.81 -44.25
N GLY U 353 6.80 69.90 -43.74
CA GLY U 353 6.42 70.93 -42.79
C GLY U 353 6.70 70.61 -41.34
N TYR U 354 7.29 69.46 -41.05
CA TYR U 354 7.58 69.03 -39.68
C TYR U 354 9.03 68.58 -39.60
N LEU U 355 9.94 69.37 -40.17
CA LEU U 355 11.34 68.97 -40.23
C LEU U 355 12.00 69.02 -38.86
N GLU U 356 11.66 70.00 -38.03
CA GLU U 356 12.27 70.18 -36.71
C GLU U 356 13.78 70.23 -36.82
N PRO U 357 14.35 71.32 -37.31
CA PRO U 357 15.80 71.33 -37.60
C PRO U 357 16.67 71.06 -36.40
N MET U 358 16.19 71.31 -35.18
CA MET U 358 16.99 71.04 -33.99
C MET U 358 17.31 69.55 -33.89
N TYR U 359 16.32 68.69 -34.10
CA TYR U 359 16.56 67.25 -34.03
C TYR U 359 17.36 66.75 -35.23
N PHE U 360 17.21 67.39 -36.38
CA PHE U 360 18.06 67.07 -37.52
C PHE U 360 19.52 67.36 -37.21
N ARG U 361 19.79 68.51 -36.60
CA ARG U 361 21.15 68.83 -36.17
C ARG U 361 21.64 67.85 -35.12
N LEU U 362 20.76 67.47 -34.20
CA LEU U 362 21.14 66.51 -33.16
C LEU U 362 21.54 65.17 -33.78
N GLY U 363 20.80 64.72 -34.79
CA GLY U 363 21.18 63.51 -35.49
C GLY U 363 22.47 63.64 -36.26
N GLN U 364 22.67 64.78 -36.91
CA GLN U 364 23.92 65.03 -37.62
C GLN U 364 25.10 64.96 -36.67
N LYS U 365 24.98 65.57 -35.48
CA LYS U 365 26.03 65.48 -34.48
C LYS U 365 26.18 64.05 -33.95
N SER U 366 25.06 63.36 -33.73
CA SER U 366 25.13 62.01 -33.18
C SER U 366 25.86 61.06 -34.12
N ALA U 367 25.75 61.30 -35.43
CA ALA U 367 26.43 60.42 -36.39
C ALA U 367 27.94 60.47 -36.24
N ARG U 368 28.53 61.66 -36.08
CA ARG U 368 29.98 61.81 -36.12
C ARG U 368 30.56 62.29 -34.79
N HIS U 369 30.11 63.43 -34.26
CA HIS U 369 30.76 64.05 -33.12
C HIS U 369 30.37 63.42 -31.78
N HIS U 370 29.41 62.50 -31.77
CA HIS U 370 28.85 62.04 -30.50
C HIS U 370 29.84 61.15 -29.77
N ALA U 371 30.17 60.00 -30.36
CA ALA U 371 31.11 59.05 -29.78
C ALA U 371 31.37 57.95 -30.79
N GLY U 372 32.32 57.07 -30.46
CA GLY U 372 32.58 55.92 -31.31
C GLY U 372 31.42 54.95 -31.35
N GLY U 373 30.75 54.75 -30.22
CA GLY U 373 29.59 53.89 -30.18
C GLY U 373 29.90 52.41 -30.14
N ILE U 374 30.56 51.96 -29.07
CA ILE U 374 30.87 50.54 -28.92
C ILE U 374 29.71 49.85 -28.23
N ASP U 375 29.09 48.91 -28.93
CA ASP U 375 27.94 48.19 -28.42
C ASP U 375 28.46 46.99 -27.62
N GLN U 376 27.56 46.25 -26.98
CA GLN U 376 27.95 45.09 -26.17
C GLN U 376 28.79 44.12 -26.99
N ASN U 377 29.98 43.82 -26.49
CA ASN U 377 30.97 43.02 -27.21
C ASN U 377 30.95 41.59 -26.70
N MET U 378 30.54 40.65 -27.55
CA MET U 378 30.63 39.24 -27.19
C MET U 378 32.08 38.82 -26.98
N ALA U 379 32.97 39.28 -27.86
CA ALA U 379 34.40 39.07 -27.66
C ALA U 379 34.94 40.12 -26.71
N ASN U 380 35.65 39.68 -25.68
CA ASN U 380 36.14 40.58 -24.63
C ASN U 380 37.42 41.24 -25.12
N LYS U 381 37.33 42.52 -25.45
CA LYS U 381 38.48 43.30 -25.91
C LYS U 381 38.87 44.28 -24.81
N LEU U 382 39.77 43.81 -23.93
CA LEU U 382 40.16 44.60 -22.78
C LEU U 382 41.04 45.78 -23.17
N GLY U 383 41.77 45.66 -24.27
CA GLY U 383 42.65 46.72 -24.73
C GLY U 383 42.05 47.56 -25.83
N LEU U 384 40.72 47.61 -25.88
CA LEU U 384 40.00 48.26 -26.98
C LEU U 384 39.83 49.76 -26.78
N ASN U 385 40.34 50.32 -25.67
CA ASN U 385 40.26 51.76 -25.49
C ASN U 385 41.07 52.48 -26.57
N SER U 386 42.29 52.02 -26.83
CA SER U 386 43.11 52.63 -27.86
C SER U 386 42.52 52.41 -29.25
N ASP U 387 41.93 51.23 -29.48
CA ASP U 387 41.26 50.97 -30.75
C ASP U 387 40.10 51.93 -30.96
N GLN U 388 39.29 52.17 -29.92
CA GLN U 388 38.20 53.11 -30.02
C GLN U 388 38.71 54.53 -30.26
N VAL U 389 39.81 54.90 -29.60
CA VAL U 389 40.38 56.23 -29.80
C VAL U 389 40.85 56.40 -31.24
N ALA U 390 41.51 55.37 -31.78
CA ALA U 390 41.98 55.44 -33.16
C ALA U 390 40.81 55.50 -34.14
N GLU U 391 39.75 54.73 -33.87
CA GLU U 391 38.57 54.79 -34.72
C GLU U 391 37.91 56.16 -34.69
N LEU U 392 37.84 56.77 -33.51
CA LEU U 392 37.27 58.11 -33.40
C LEU U 392 38.17 59.16 -34.05
N ALA U 393 39.47 58.91 -34.09
CA ALA U 393 40.39 59.84 -34.74
C ALA U 393 40.08 59.98 -36.22
N ALA U 394 39.77 58.87 -36.88
CA ALA U 394 39.40 58.86 -38.30
C ALA U 394 40.48 59.49 -39.17
N MET V 1 -4.60 57.08 7.12
CA MET V 1 -3.57 56.05 7.13
C MET V 1 -3.35 55.47 5.74
N SER V 2 -2.89 54.21 5.71
CA SER V 2 -2.61 53.56 4.43
C SER V 2 -3.87 53.32 3.63
N ASP V 3 -4.97 52.98 4.31
CA ASP V 3 -6.21 52.68 3.60
C ASP V 3 -6.72 53.89 2.84
N ILE V 4 -6.67 55.07 3.45
CA ILE V 4 -7.04 56.29 2.74
C ILE V 4 -6.04 56.56 1.62
N PHE V 5 -6.45 57.41 0.69
CA PHE V 5 -5.78 57.70 -0.59
C PHE V 5 -5.83 56.51 -1.54
N ASP V 6 -6.36 55.37 -1.11
CA ASP V 6 -6.67 54.24 -1.97
C ASP V 6 -8.16 54.02 -2.11
N GLU V 7 -8.91 54.30 -1.04
CA GLU V 7 -10.37 54.32 -1.14
C GLU V 7 -10.84 55.38 -2.13
N ALA V 8 -10.22 56.55 -2.13
CA ALA V 8 -10.55 57.57 -3.11
C ALA V 8 -10.22 57.11 -4.52
N ALA V 9 -9.10 56.42 -4.69
CA ALA V 9 -8.72 55.92 -6.00
C ALA V 9 -9.78 54.99 -6.56
N SER V 10 -10.33 54.12 -5.71
CA SER V 10 -11.48 53.31 -6.12
C SER V 10 -12.73 54.17 -6.23
N PHE V 11 -12.87 55.16 -5.33
CA PHE V 11 -14.06 56.00 -5.36
C PHE V 11 -14.16 56.80 -6.64
N ARG V 12 -13.06 57.40 -7.09
CA ARG V 12 -13.08 58.12 -8.36
C ARG V 12 -13.27 57.17 -9.53
N SER V 13 -12.67 55.98 -9.45
CA SER V 13 -12.89 54.98 -10.50
C SER V 13 -14.35 54.53 -10.53
N TYR V 14 -14.94 54.31 -9.36
CA TYR V 14 -16.35 53.93 -9.30
C TYR V 14 -17.26 55.07 -9.73
N GLN V 15 -16.87 56.31 -9.42
CA GLN V 15 -17.71 57.45 -9.72
C GLN V 15 -17.86 57.68 -11.22
N SER V 16 -16.83 57.37 -12.00
CA SER V 16 -16.89 57.59 -13.44
C SER V 16 -17.94 56.70 -14.09
N LYS V 17 -17.89 55.40 -13.80
CA LYS V 17 -18.89 54.46 -14.30
C LYS V 17 -19.99 54.24 -13.26
N LEU V 18 -20.65 55.35 -12.92
CA LEU V 18 -21.62 55.34 -11.83
C LEU V 18 -22.92 54.67 -12.24
N GLY V 19 -23.60 55.24 -13.25
CA GLY V 19 -24.88 54.71 -13.67
C GLY V 19 -24.91 54.25 -15.12
N ARG V 20 -23.73 54.08 -15.71
CA ARG V 20 -23.62 53.66 -17.10
C ARG V 20 -23.65 52.13 -17.21
N ASP V 21 -24.75 51.55 -16.75
CA ASP V 21 -24.93 50.11 -16.73
C ASP V 21 -26.40 49.79 -16.98
N GLY V 22 -26.64 48.58 -17.45
CA GLY V 22 -28.00 48.15 -17.74
C GLY V 22 -28.45 48.55 -19.12
N ARG V 23 -29.73 48.30 -19.38
CA ARG V 23 -30.35 48.60 -20.66
C ARG V 23 -31.52 49.56 -20.46
N ALA V 24 -31.61 50.56 -21.34
CA ALA V 24 -32.69 51.53 -21.27
C ALA V 24 -33.97 50.96 -21.86
N SER V 25 -35.07 51.65 -21.62
CA SER V 25 -36.38 51.24 -22.11
C SER V 25 -36.69 51.92 -23.44
N ALA V 26 -37.75 51.43 -24.09
CA ALA V 26 -38.21 51.99 -25.35
C ALA V 26 -39.14 53.19 -25.16
N ALA V 27 -39.44 53.57 -23.92
CA ALA V 27 -40.29 54.73 -23.69
C ALA V 27 -39.63 56.01 -24.21
N THR V 28 -38.33 56.16 -24.01
CA THR V 28 -37.60 57.32 -24.49
C THR V 28 -37.25 57.14 -25.96
N ALA V 29 -38.29 57.22 -26.79
CA ALA V 29 -38.17 57.05 -28.24
C ALA V 29 -38.40 58.40 -28.91
N THR V 30 -37.41 58.86 -29.66
CA THR V 30 -37.50 60.13 -30.34
C THR V 30 -38.54 60.09 -31.45
N LEU V 31 -39.21 61.22 -31.67
CA LEU V 31 -40.12 61.34 -32.80
C LEU V 31 -39.35 61.30 -34.11
N THR V 32 -39.87 60.56 -35.08
CA THR V 32 -39.18 60.31 -36.33
C THR V 32 -39.74 61.17 -37.45
N THR V 33 -38.85 61.62 -38.33
CA THR V 33 -39.22 62.44 -39.49
C THR V 33 -38.97 61.65 -40.76
N LYS V 34 -39.94 61.70 -41.68
CA LYS V 34 -39.79 61.00 -42.95
C LYS V 34 -38.78 61.71 -43.83
N ILE V 35 -37.88 60.94 -44.42
CA ILE V 35 -36.83 61.47 -45.30
C ILE V 35 -36.92 60.74 -46.63
N ARG V 36 -37.17 61.48 -47.70
CA ARG V 36 -37.33 60.90 -49.03
C ARG V 36 -36.00 60.90 -49.76
N ILE V 37 -35.50 59.71 -50.10
CA ILE V 37 -34.19 59.54 -50.70
C ILE V 37 -34.39 59.03 -52.13
N PHE V 38 -33.77 59.73 -53.08
CA PHE V 38 -33.85 59.38 -54.50
C PHE V 38 -32.61 58.60 -54.89
N VAL V 39 -32.75 57.29 -55.06
CA VAL V 39 -31.63 56.43 -55.45
C VAL V 39 -31.81 55.99 -56.90
N PRO V 40 -30.72 55.80 -57.64
CA PRO V 40 -30.87 55.30 -59.02
C PRO V 40 -31.23 53.83 -59.03
N ALA V 41 -32.26 53.49 -59.81
CA ALA V 41 -32.73 52.11 -59.87
C ALA V 41 -31.81 51.24 -60.71
N THR V 42 -31.27 51.78 -61.80
CA THR V 42 -30.47 51.03 -62.75
C THR V 42 -29.01 51.44 -62.65
N ASN V 43 -28.19 50.87 -63.52
CA ASN V 43 -26.76 51.16 -63.57
C ASN V 43 -26.37 51.99 -64.79
N SER V 44 -27.34 52.53 -65.50
CA SER V 44 -27.03 53.32 -66.69
C SER V 44 -26.31 54.60 -66.29
N PRO V 45 -25.13 54.88 -66.86
CA PRO V 45 -24.40 56.11 -66.48
C PRO V 45 -25.18 57.38 -66.79
N GLU V 46 -25.96 57.38 -67.87
CA GLU V 46 -26.70 58.60 -68.23
C GLU V 46 -27.71 58.98 -67.17
N LEU V 47 -28.38 57.98 -66.57
CA LEU V 47 -29.32 58.28 -65.50
C LEU V 47 -28.61 58.64 -64.20
N ARG V 48 -27.54 57.92 -63.87
CA ARG V 48 -26.81 58.22 -62.65
C ARG V 48 -26.15 59.60 -62.71
N TRP V 49 -25.54 59.94 -63.85
CA TRP V 49 -24.92 61.25 -63.98
C TRP V 49 -25.96 62.37 -63.93
N GLU V 50 -27.12 62.15 -64.53
CA GLU V 50 -28.19 63.13 -64.44
C GLU V 50 -28.74 63.22 -63.03
N LEU V 51 -28.68 62.11 -62.28
CA LEU V 51 -29.17 62.11 -60.90
C LEU V 51 -28.26 62.92 -59.99
N THR V 52 -26.95 62.69 -60.07
CA THR V 52 -26.04 63.45 -59.21
C THR V 52 -25.98 64.90 -59.62
N LEU V 53 -26.32 65.22 -60.87
CA LEU V 53 -26.48 66.62 -61.25
C LEU V 53 -27.69 67.22 -60.55
N PHE V 54 -28.79 66.45 -60.46
CA PHE V 54 -29.97 66.94 -59.75
C PHE V 54 -29.69 67.09 -58.26
N ALA V 55 -29.01 66.11 -57.66
CA ALA V 55 -28.74 66.17 -56.23
C ALA V 55 -27.86 67.35 -55.87
N LEU V 56 -26.97 67.74 -56.77
CA LEU V 56 -26.16 68.93 -56.56
C LEU V 56 -27.03 70.18 -56.51
N ASP V 57 -28.03 70.26 -57.37
CA ASP V 57 -28.88 71.45 -57.44
C ASP V 57 -29.75 71.59 -56.20
N VAL V 58 -30.25 70.47 -55.67
CA VAL V 58 -31.11 70.52 -54.49
C VAL V 58 -30.34 71.07 -53.29
N ILE V 59 -29.10 70.60 -53.11
CA ILE V 59 -28.28 71.10 -52.01
C ILE V 59 -27.99 72.58 -52.19
N ARG V 60 -27.67 73.00 -53.42
CA ARG V 60 -27.42 74.41 -53.70
C ARG V 60 -28.69 75.24 -53.67
N SER V 61 -29.85 74.62 -53.80
CA SER V 61 -31.10 75.37 -53.86
C SER V 61 -31.37 76.07 -52.53
N PRO V 62 -31.78 77.34 -52.53
CA PRO V 62 -32.10 78.02 -51.28
C PRO V 62 -33.52 77.75 -50.81
N SER V 63 -34.40 77.43 -51.76
CA SER V 63 -35.80 77.17 -51.45
C SER V 63 -36.05 75.73 -51.01
N ALA V 64 -35.01 74.89 -51.00
CA ALA V 64 -35.19 73.49 -50.64
C ALA V 64 -35.42 73.35 -49.14
N ALA V 65 -36.37 72.50 -48.78
CA ALA V 65 -36.57 72.15 -47.38
C ALA V 65 -35.41 71.30 -46.87
N GLU V 66 -35.23 71.31 -45.55
CA GLU V 66 -34.11 70.57 -44.97
C GLU V 66 -34.22 69.07 -45.24
N SER V 67 -35.42 68.52 -45.16
CA SER V 67 -35.61 67.10 -45.42
C SER V 67 -35.20 66.74 -46.85
N MET V 68 -35.51 67.62 -47.81
CA MET V 68 -35.07 67.39 -49.18
C MET V 68 -33.54 67.45 -49.27
N LYS V 69 -32.92 68.38 -48.54
CA LYS V 69 -31.47 68.49 -48.58
C LYS V 69 -30.79 67.24 -48.02
N ILE V 70 -31.36 66.66 -46.97
CA ILE V 70 -30.82 65.41 -46.45
C ILE V 70 -30.95 64.29 -47.48
N GLY V 71 -32.09 64.22 -48.16
CA GLY V 71 -32.27 63.21 -49.19
C GLY V 71 -31.28 63.36 -50.32
N ALA V 72 -31.03 64.59 -50.74
CA ALA V 72 -30.01 64.82 -51.76
C ALA V 72 -28.62 64.43 -51.25
N ALA V 73 -28.33 64.72 -49.98
CA ALA V 73 -27.04 64.33 -49.41
C ALA V 73 -26.90 62.82 -49.36
N PHE V 74 -27.97 62.11 -48.96
CA PHE V 74 -27.92 60.66 -48.94
C PHE V 74 -27.82 60.09 -50.35
N THR V 75 -28.46 60.75 -51.32
CA THR V 75 -28.37 60.31 -52.70
C THR V 75 -26.94 60.43 -53.21
N LEU V 76 -26.25 61.52 -52.87
CA LEU V 76 -24.89 61.72 -53.33
C LEU V 76 -23.93 60.69 -52.73
N ILE V 77 -24.01 60.49 -51.40
CA ILE V 77 -23.02 59.66 -50.72
C ILE V 77 -23.07 58.23 -51.22
N SER V 78 -24.25 57.70 -51.46
CA SER V 78 -24.41 56.31 -51.88
C SER V 78 -24.41 56.15 -53.39
N MET V 79 -24.08 57.19 -54.14
CA MET V 79 -24.13 57.12 -55.60
C MET V 79 -23.09 56.14 -56.15
N TYR V 80 -21.94 56.01 -55.49
CA TYR V 80 -20.88 55.14 -56.00
C TYR V 80 -21.31 53.67 -55.99
N SER V 81 -22.11 53.26 -55.01
CA SER V 81 -22.47 51.86 -54.88
C SER V 81 -23.38 51.42 -56.02
N GLU V 82 -23.24 50.15 -56.41
CA GLU V 82 -24.08 49.60 -57.46
C GLU V 82 -25.52 49.42 -57.00
N ARG V 83 -25.74 49.30 -55.69
CA ARG V 83 -27.07 49.16 -55.11
C ARG V 83 -27.22 50.20 -54.02
N PRO V 84 -27.46 51.47 -54.39
CA PRO V 84 -27.56 52.52 -53.38
C PRO V 84 -28.66 52.28 -52.36
N GLY V 85 -29.78 51.68 -52.77
CA GLY V 85 -30.85 51.40 -51.83
C GLY V 85 -30.43 50.39 -50.77
N ALA V 86 -29.70 49.34 -51.18
CA ALA V 86 -29.23 48.35 -50.22
C ALA V 86 -28.22 48.95 -49.26
N LEU V 87 -27.33 49.81 -49.76
CA LEU V 87 -26.30 50.40 -48.91
C LEU V 87 -26.91 51.26 -47.82
N ILE V 88 -27.88 52.11 -48.18
CA ILE V 88 -28.50 52.98 -47.19
C ILE V 88 -29.26 52.18 -46.14
N ARG V 89 -30.03 51.19 -46.58
CA ARG V 89 -30.84 50.42 -45.64
C ARG V 89 -29.99 49.56 -44.73
N SER V 90 -28.84 49.09 -45.20
CA SER V 90 -27.98 48.23 -44.40
C SER V 90 -26.90 48.98 -43.65
N LEU V 91 -26.86 50.31 -43.75
CA LEU V 91 -25.87 51.12 -43.03
C LEU V 91 -26.51 52.35 -42.43
N LEU V 92 -27.73 52.20 -41.91
CA LEU V 92 -28.46 53.30 -41.28
C LEU V 92 -28.76 52.92 -39.84
N ASN V 93 -28.32 53.76 -38.90
CA ASN V 93 -28.57 53.56 -37.48
C ASN V 93 -29.01 54.88 -36.84
N ASP V 94 -29.96 55.55 -37.49
CA ASP V 94 -30.44 56.85 -37.01
C ASP V 94 -31.83 56.70 -36.42
N PRO V 95 -31.98 56.73 -35.09
CA PRO V 95 -33.33 56.74 -34.50
C PRO V 95 -34.09 58.02 -34.77
N ASP V 96 -33.40 59.12 -35.12
CA ASP V 96 -34.07 60.38 -35.34
C ASP V 96 -34.93 60.37 -36.60
N ILE V 97 -34.51 59.63 -37.62
CA ILE V 97 -35.14 59.71 -38.93
C ILE V 97 -35.56 58.31 -39.39
N GLU V 98 -36.52 58.29 -40.29
CA GLU V 98 -36.88 57.09 -41.05
C GLU V 98 -36.69 57.40 -42.53
N ALA V 99 -36.04 56.48 -43.24
CA ALA V 99 -35.71 56.67 -44.64
C ALA V 99 -36.64 55.86 -45.52
N VAL V 100 -37.29 56.52 -46.47
CA VAL V 100 -38.13 55.87 -47.46
C VAL V 100 -37.36 55.90 -48.78
N ILE V 101 -36.81 54.74 -49.16
CA ILE V 101 -36.00 54.67 -50.37
C ILE V 101 -36.90 54.69 -51.59
N ILE V 102 -36.57 55.54 -52.56
CA ILE V 102 -37.35 55.70 -53.77
C ILE V 102 -36.46 55.39 -54.96
N ASP V 103 -36.77 54.28 -55.65
CA ASP V 103 -36.07 53.95 -56.88
C ASP V 103 -36.50 54.91 -57.98
N VAL V 104 -35.53 55.55 -58.63
CA VAL V 104 -35.83 56.62 -59.57
C VAL V 104 -36.50 56.06 -60.82
N GLY V 105 -35.95 54.99 -61.37
CA GLY V 105 -36.53 54.38 -62.56
C GLY V 105 -36.00 54.98 -63.85
N SER V 106 -36.77 55.88 -64.45
CA SER V 106 -36.34 56.69 -65.57
C SER V 106 -36.10 58.11 -65.09
N MET V 107 -35.72 59.02 -66.00
CA MET V 107 -35.42 60.38 -65.57
C MET V 107 -35.81 61.37 -66.66
N LEU V 108 -36.67 62.32 -66.29
CA LEU V 108 -36.91 63.53 -67.07
C LEU V 108 -35.91 64.60 -66.62
N ASN V 109 -36.15 65.86 -66.97
CA ASN V 109 -35.34 66.95 -66.45
C ASN V 109 -35.27 66.89 -64.93
N GLY V 110 -36.43 66.72 -64.28
CA GLY V 110 -36.45 66.42 -62.85
C GLY V 110 -36.46 64.92 -62.63
N ILE V 111 -37.38 64.42 -61.81
CA ILE V 111 -37.54 62.98 -61.64
C ILE V 111 -39.00 62.61 -61.88
N PRO V 112 -39.27 61.57 -62.67
CA PRO V 112 -40.65 61.08 -62.83
C PRO V 112 -40.98 60.09 -61.73
N VAL V 113 -42.05 60.38 -60.97
CA VAL V 113 -42.49 59.45 -59.93
C VAL V 113 -42.97 58.15 -60.57
N MET V 114 -43.64 58.25 -61.72
CA MET V 114 -44.12 57.08 -62.48
C MET V 114 -44.95 56.15 -61.60
N GLU V 115 -45.93 56.72 -60.90
CA GLU V 115 -46.82 55.93 -60.05
C GLU V 115 -48.15 56.68 -59.94
N ARG V 116 -49.15 56.20 -60.68
CA ARG V 116 -50.49 56.79 -60.69
C ARG V 116 -50.42 58.27 -61.06
N ARG V 117 -50.00 58.52 -62.31
CA ARG V 117 -49.85 59.90 -62.79
C ARG V 117 -51.16 60.66 -62.67
N GLY V 118 -51.08 61.87 -62.13
CA GLY V 118 -52.24 62.70 -61.86
C GLY V 118 -52.70 62.61 -60.42
N ASP V 119 -52.57 61.44 -59.79
CA ASP V 119 -52.98 61.23 -58.41
C ASP V 119 -51.78 61.51 -57.51
N LYS V 120 -51.77 62.70 -56.90
CA LYS V 120 -50.73 63.10 -55.95
C LYS V 120 -49.34 63.02 -56.56
N ALA V 121 -49.24 63.31 -57.85
CA ALA V 121 -47.96 63.21 -58.55
C ALA V 121 -47.57 64.54 -59.18
N GLN V 122 -48.55 65.29 -59.68
CA GLN V 122 -48.26 66.55 -60.34
C GLN V 122 -47.61 67.54 -59.39
N GLU V 123 -48.15 67.68 -58.18
CA GLU V 123 -47.65 68.69 -57.24
C GLU V 123 -46.19 68.44 -56.88
N GLU V 124 -45.81 67.16 -56.72
CA GLU V 124 -44.41 66.86 -56.48
C GLU V 124 -43.54 67.27 -57.66
N MET V 125 -44.03 67.03 -58.88
CA MET V 125 -43.28 67.46 -60.06
C MET V 125 -43.15 68.98 -60.11
N GLU V 126 -44.23 69.71 -59.80
CA GLU V 126 -44.15 71.16 -59.78
C GLU V 126 -43.17 71.65 -58.72
N GLY V 127 -43.15 70.99 -57.56
CA GLY V 127 -42.23 71.38 -56.51
C GLY V 127 -40.77 71.22 -56.91
N LEU V 128 -40.46 70.13 -57.62
CA LEU V 128 -39.07 69.89 -58.03
C LEU V 128 -38.62 70.88 -59.09
N MET V 129 -39.50 71.24 -60.02
CA MET V 129 -39.17 72.29 -60.98
C MET V 129 -38.95 73.63 -60.27
N ARG V 130 -39.71 73.89 -59.20
CA ARG V 130 -39.43 75.07 -58.39
C ARG V 130 -38.07 74.95 -57.72
N ILE V 131 -37.71 73.73 -57.29
CA ILE V 131 -36.40 73.52 -56.68
C ILE V 131 -35.30 73.79 -57.70
N LEU V 132 -35.44 73.25 -58.91
CA LEU V 132 -34.41 73.41 -59.92
C LEU V 132 -34.30 74.85 -60.38
N LYS V 133 -35.43 75.52 -60.61
CA LYS V 133 -35.40 76.89 -61.09
C LYS V 133 -34.78 77.83 -60.07
N THR V 134 -35.15 77.69 -58.81
CA THR V 134 -34.57 78.53 -57.76
C THR V 134 -33.08 78.26 -57.61
N ALA V 135 -32.67 76.99 -57.69
CA ALA V 135 -31.26 76.65 -57.53
C ALA V 135 -30.42 77.30 -58.62
N ARG V 136 -30.88 77.26 -59.87
CA ARG V 136 -30.13 77.84 -60.97
C ARG V 136 -30.16 79.37 -60.91
N GLU V 137 -31.29 79.94 -60.52
CA GLU V 137 -31.41 81.40 -60.44
C GLU V 137 -30.68 81.98 -59.24
N SER V 138 -30.54 81.22 -58.16
CA SER V 138 -29.93 81.75 -56.95
C SER V 138 -28.49 82.20 -57.20
N SER V 139 -27.68 81.32 -57.79
CA SER V 139 -26.34 81.72 -58.18
C SER V 139 -26.39 82.64 -59.39
N LYS V 140 -25.28 83.34 -59.63
CA LYS V 140 -25.21 84.27 -60.75
C LYS V 140 -24.90 83.52 -62.03
N GLY V 141 -25.71 82.50 -62.35
CA GLY V 141 -25.44 81.66 -63.48
C GLY V 141 -24.28 80.71 -63.31
N LYS V 142 -23.76 80.58 -62.09
CA LYS V 142 -22.58 79.78 -61.82
C LYS V 142 -22.99 78.34 -61.51
N THR V 143 -22.42 77.40 -62.27
CA THR V 143 -22.66 75.99 -62.02
C THR V 143 -21.95 75.56 -60.74
N PRO V 144 -22.41 74.46 -60.13
CA PRO V 144 -21.71 73.97 -58.92
C PRO V 144 -20.24 73.65 -59.17
N PHE V 145 -19.89 73.16 -60.36
CA PHE V 145 -18.51 72.87 -60.67
C PHE V 145 -17.75 74.15 -61.00
N VAL V 146 -16.45 74.13 -60.71
CA VAL V 146 -15.60 75.28 -61.03
C VAL V 146 -15.45 75.46 -62.53
N ASP V 147 -15.78 74.44 -63.31
CA ASP V 147 -15.75 74.51 -64.77
C ASP V 147 -17.18 74.49 -65.29
N SER V 148 -17.56 75.53 -66.04
CA SER V 148 -18.92 75.62 -66.55
C SER V 148 -19.23 74.49 -67.53
N ARG V 149 -18.22 73.93 -68.18
CA ARG V 149 -18.44 72.83 -69.10
C ARG V 149 -18.75 71.52 -68.37
N ALA V 150 -18.37 71.39 -67.10
CA ALA V 150 -18.61 70.17 -66.36
C ALA V 150 -20.07 70.00 -65.98
N TYR V 151 -20.88 71.06 -66.05
CA TYR V 151 -22.28 70.96 -65.68
C TYR V 151 -23.11 70.41 -66.83
N GLY V 152 -23.11 71.09 -67.97
CA GLY V 152 -23.81 70.62 -69.14
C GLY V 152 -23.00 69.62 -69.94
N LEU V 153 -22.51 68.59 -69.27
CA LEU V 153 -21.67 67.58 -69.89
C LEU V 153 -22.46 66.29 -70.03
N ARG V 154 -22.45 65.73 -71.24
CA ARG V 154 -23.14 64.48 -71.50
C ARG V 154 -22.24 63.30 -71.14
N ILE V 155 -22.74 62.39 -70.32
CA ILE V 155 -22.00 61.21 -69.90
C ILE V 155 -22.74 59.98 -70.39
N THR V 156 -22.04 59.16 -71.18
CA THR V 156 -22.56 57.86 -71.61
C THR V 156 -21.60 56.71 -71.35
N ASP V 157 -20.34 56.98 -71.04
CA ASP V 157 -19.36 55.94 -70.75
C ASP V 157 -19.33 55.67 -69.25
N MET V 158 -19.27 54.38 -68.90
CA MET V 158 -19.23 54.01 -67.49
C MET V 158 -17.94 54.49 -66.84
N SER V 159 -16.84 54.47 -67.58
CA SER V 159 -15.55 54.90 -67.02
C SER V 159 -15.59 56.37 -66.61
N THR V 160 -16.16 57.22 -67.46
CA THR V 160 -16.20 58.65 -67.15
C THR V 160 -17.09 58.93 -65.95
N LEU V 161 -18.23 58.24 -65.85
CA LEU V 161 -19.12 58.48 -64.73
C LEU V 161 -18.47 58.11 -63.40
N VAL V 162 -17.77 56.98 -63.37
CA VAL V 162 -17.12 56.54 -62.13
C VAL V 162 -16.09 57.56 -61.67
N SER V 163 -15.27 58.06 -62.60
CA SER V 163 -14.30 59.10 -62.25
C SER V 163 -15.00 60.37 -61.81
N ALA V 164 -16.06 60.76 -62.52
CA ALA V 164 -16.80 61.97 -62.17
C ALA V 164 -17.44 61.85 -60.81
N VAL V 165 -18.06 60.70 -60.52
CA VAL V 165 -18.75 60.53 -59.25
C VAL V 165 -17.77 60.58 -58.08
N ILE V 166 -16.63 59.90 -58.21
CA ILE V 166 -15.66 59.84 -57.12
C ILE V 166 -15.16 61.23 -56.77
N THR V 167 -14.94 62.07 -57.78
CA THR V 167 -14.50 63.45 -57.54
C THR V 167 -15.56 64.21 -56.75
N ILE V 168 -16.84 64.02 -57.10
CA ILE V 168 -17.91 64.62 -56.31
C ILE V 168 -17.97 63.99 -54.92
N GLU V 169 -17.78 62.68 -54.85
CA GLU V 169 -17.73 62.01 -53.55
C GLU V 169 -16.57 62.49 -52.71
N ALA V 170 -15.37 62.53 -53.30
CA ALA V 170 -14.18 62.89 -52.53
C ALA V 170 -14.28 64.31 -51.97
N GLN V 171 -14.75 65.25 -52.80
CA GLN V 171 -14.82 66.64 -52.36
C GLN V 171 -15.81 66.82 -51.23
N ILE V 172 -16.87 66.01 -51.20
CA ILE V 172 -17.82 66.06 -50.08
C ILE V 172 -17.17 65.50 -48.82
N TRP V 173 -16.48 64.37 -48.94
CA TRP V 173 -15.88 63.72 -47.78
C TRP V 173 -14.74 64.51 -47.16
N ILE V 174 -14.20 65.52 -47.86
CA ILE V 174 -13.19 66.38 -47.25
C ILE V 174 -13.80 67.20 -46.13
N LEU V 175 -15.06 67.61 -46.30
CA LEU V 175 -15.67 68.57 -45.37
C LEU V 175 -15.90 67.96 -43.98
N ILE V 176 -16.09 66.64 -43.90
CA ILE V 176 -16.47 66.04 -42.63
C ILE V 176 -15.38 66.19 -41.58
N ALA V 177 -14.12 66.30 -42.02
CA ALA V 177 -13.02 66.41 -41.06
C ALA V 177 -13.15 67.65 -40.18
N LYS V 178 -13.49 68.78 -40.78
CA LYS V 178 -13.60 70.05 -40.07
C LYS V 178 -14.96 70.71 -40.33
N ALA V 179 -16.02 69.91 -40.20
CA ALA V 179 -17.37 70.43 -40.38
C ALA V 179 -17.99 70.93 -39.09
N VAL V 180 -17.71 70.25 -37.98
CA VAL V 180 -18.28 70.63 -36.69
C VAL V 180 -17.24 71.21 -35.73
N THR V 181 -15.97 70.88 -35.89
CA THR V 181 -14.94 71.43 -35.01
C THR V 181 -14.75 72.91 -35.25
N ALA V 182 -14.35 73.28 -36.47
CA ALA V 182 -14.16 74.69 -36.83
C ALA V 182 -14.47 74.85 -38.31
N PRO V 183 -15.76 74.85 -38.69
CA PRO V 183 -16.10 75.01 -40.10
C PRO V 183 -15.66 76.32 -40.70
N ASP V 184 -15.65 77.40 -39.91
CA ASP V 184 -15.25 78.71 -40.44
C ASP V 184 -13.76 78.71 -40.80
N THR V 185 -12.92 78.11 -39.95
CA THR V 185 -11.48 78.08 -40.17
C THR V 185 -11.05 76.99 -41.16
N ALA V 186 -11.99 76.47 -41.94
CA ALA V 186 -11.69 75.45 -42.94
C ALA V 186 -11.21 76.11 -44.23
N GLU V 187 -11.18 75.35 -45.32
CA GLU V 187 -10.77 75.72 -46.67
C GLU V 187 -9.26 75.81 -46.80
N GLU V 188 -8.49 75.67 -45.71
CA GLU V 188 -7.04 75.58 -45.80
C GLU V 188 -6.60 74.11 -45.85
N SER V 189 -6.99 73.34 -44.84
CA SER V 189 -6.72 71.90 -44.87
C SER V 189 -7.51 71.22 -45.98
N GLU V 190 -8.75 71.69 -46.22
CA GLU V 190 -9.57 71.09 -47.27
C GLU V 190 -8.92 71.24 -48.63
N THR V 191 -8.37 72.42 -48.93
CA THR V 191 -7.63 72.59 -50.17
C THR V 191 -6.38 71.72 -50.17
N ARG V 192 -5.74 71.57 -49.01
CA ARG V 192 -4.57 70.70 -48.91
C ARG V 192 -4.94 69.25 -49.18
N ARG V 193 -6.09 68.79 -48.66
CA ARG V 193 -6.54 67.44 -48.94
C ARG V 193 -6.83 67.25 -50.42
N TRP V 194 -7.52 68.23 -51.03
CA TRP V 194 -7.84 68.12 -52.44
C TRP V 194 -6.58 68.12 -53.30
N ALA V 195 -5.60 68.96 -52.95
CA ALA V 195 -4.36 69.00 -53.71
C ALA V 195 -3.61 67.68 -53.64
N LYS V 196 -3.65 67.01 -52.48
CA LYS V 196 -2.96 65.75 -52.33
C LYS V 196 -3.54 64.69 -53.26
N TYR V 197 -4.87 64.60 -53.32
CA TYR V 197 -5.50 63.60 -54.17
C TYR V 197 -5.34 63.91 -55.65
N VAL V 198 -5.28 65.19 -56.00
CA VAL V 198 -5.02 65.57 -57.39
C VAL V 198 -3.62 65.12 -57.81
N GLN V 199 -2.63 65.32 -56.94
CA GLN V 199 -1.28 64.88 -57.27
C GLN V 199 -1.19 63.36 -57.32
N GLN V 200 -1.96 62.66 -56.50
CA GLN V 200 -2.03 61.21 -56.56
C GLN V 200 -2.84 60.71 -57.75
N LYS V 201 -3.51 61.61 -58.48
CA LYS V 201 -4.32 61.28 -59.64
C LYS V 201 -5.47 60.36 -59.30
N ARG V 202 -5.88 60.33 -58.03
CA ARG V 202 -7.06 59.55 -57.66
C ARG V 202 -8.35 60.24 -58.09
N VAL V 203 -8.33 61.56 -58.20
CA VAL V 203 -9.49 62.36 -58.59
C VAL V 203 -9.15 63.15 -59.84
N ASN V 204 -10.09 63.17 -60.77
CA ASN V 204 -9.94 63.97 -61.98
C ASN V 204 -10.34 65.41 -61.67
N PRO V 205 -9.42 66.38 -61.80
CA PRO V 205 -9.72 67.75 -61.35
C PRO V 205 -10.75 68.47 -62.20
N PHE V 206 -11.19 67.88 -63.32
CA PHE V 206 -12.18 68.53 -64.15
C PHE V 206 -13.50 68.71 -63.40
N PHE V 207 -13.92 67.71 -62.64
CA PHE V 207 -15.14 67.80 -61.84
C PHE V 207 -14.78 68.32 -60.45
N ALA V 208 -14.51 69.61 -60.39
CA ALA V 208 -14.17 70.29 -59.14
C ALA V 208 -15.27 71.29 -58.83
N LEU V 209 -15.97 71.08 -57.71
CA LEU V 209 -17.03 71.99 -57.33
C LEU V 209 -16.47 73.30 -56.80
N THR V 210 -17.21 74.38 -57.05
CA THR V 210 -16.76 75.70 -56.62
C THR V 210 -16.86 75.81 -55.10
N GLN V 211 -16.14 76.80 -54.55
CA GLN V 211 -16.15 76.99 -53.10
C GLN V 211 -17.48 77.52 -52.61
N GLN V 212 -18.26 78.17 -53.47
CA GLN V 212 -19.60 78.59 -53.09
C GLN V 212 -20.49 77.40 -52.78
N TRP V 213 -20.40 76.36 -53.61
CA TRP V 213 -21.20 75.16 -53.37
C TRP V 213 -20.70 74.39 -52.15
N LEU V 214 -19.38 74.33 -51.97
CA LEU V 214 -18.82 73.60 -50.84
C LEU V 214 -19.24 74.23 -49.51
N THR V 215 -19.28 75.56 -49.46
CA THR V 215 -19.74 76.24 -48.25
C THR V 215 -21.19 75.89 -47.94
N GLU V 216 -22.04 75.84 -48.98
CA GLU V 216 -23.44 75.47 -48.77
C GLU V 216 -23.58 74.05 -48.27
N MET V 217 -22.80 73.12 -48.84
CA MET V 217 -22.86 71.74 -48.37
C MET V 217 -22.31 71.61 -46.95
N ARG V 218 -21.21 72.30 -46.65
CA ARG V 218 -20.64 72.23 -45.32
C ARG V 218 -21.61 72.77 -44.27
N ASN V 219 -22.33 73.84 -44.60
CA ASN V 219 -23.35 74.36 -43.68
C ASN V 219 -24.45 73.33 -43.47
N LEU V 220 -24.88 72.66 -44.53
CA LEU V 220 -25.88 71.59 -44.38
C LEU V 220 -25.32 70.45 -43.56
N LEU V 221 -24.07 70.08 -43.79
CA LEU V 221 -23.47 68.94 -43.08
C LEU V 221 -23.32 69.23 -41.59
N SER V 222 -23.03 70.48 -41.24
CA SER V 222 -22.87 70.82 -39.83
C SER V 222 -24.21 70.87 -39.11
N GLN V 223 -25.24 71.41 -39.76
CA GLN V 223 -26.55 71.55 -39.12
C GLN V 223 -27.16 70.19 -38.80
N SER V 224 -27.05 69.24 -39.72
CA SER V 224 -27.76 67.97 -39.62
C SER V 224 -26.87 66.89 -39.02
N LEU V 225 -27.41 66.20 -38.02
CA LEU V 225 -26.74 65.04 -37.41
C LEU V 225 -27.05 63.74 -38.12
N SER V 226 -28.20 63.65 -38.79
CA SER V 226 -28.56 62.43 -39.49
C SER V 226 -27.57 62.11 -40.61
N VAL V 227 -27.17 63.12 -41.37
CA VAL V 227 -26.18 62.92 -42.42
C VAL V 227 -24.85 62.51 -41.82
N ARG V 228 -24.44 63.18 -40.73
CA ARG V 228 -23.16 62.88 -40.11
C ARG V 228 -23.11 61.45 -39.60
N LYS V 229 -24.21 60.96 -39.03
CA LYS V 229 -24.25 59.59 -38.53
C LYS V 229 -24.08 58.59 -39.68
N PHE V 230 -24.66 58.88 -40.84
CA PHE V 230 -24.55 57.97 -41.98
C PHE V 230 -23.11 57.86 -42.46
N MET V 231 -22.42 58.99 -42.59
CA MET V 231 -21.04 58.95 -43.08
C MET V 231 -20.10 58.37 -42.04
N VAL V 232 -20.38 58.56 -40.75
CA VAL V 232 -19.58 57.92 -39.72
C VAL V 232 -19.79 56.40 -39.77
N GLU V 233 -21.02 55.96 -39.99
CA GLU V 233 -21.29 54.54 -40.11
C GLU V 233 -20.56 53.94 -41.31
N ILE V 234 -20.52 54.66 -42.43
CA ILE V 234 -19.76 54.21 -43.59
C ILE V 234 -18.28 54.11 -43.23
N LEU V 235 -17.76 55.10 -42.51
CA LEU V 235 -16.35 55.10 -42.13
C LEU V 235 -16.01 53.89 -41.26
N MET V 236 -16.87 53.56 -40.29
CA MET V 236 -16.60 52.42 -39.43
C MET V 236 -16.62 51.12 -40.20
N GLU V 237 -17.63 50.93 -41.07
CA GLU V 237 -17.74 49.70 -41.84
C GLU V 237 -16.59 49.56 -42.83
N VAL V 238 -16.22 50.65 -43.49
CA VAL V 238 -15.10 50.61 -44.44
C VAL V 238 -13.79 50.34 -43.71
N LYS V 239 -13.64 50.89 -42.50
CA LYS V 239 -12.43 50.66 -41.72
C LYS V 239 -12.19 49.19 -41.46
N LYS V 240 -13.25 48.42 -41.23
CA LYS V 240 -13.14 46.98 -41.01
C LYS V 240 -12.61 46.32 -42.28
N GLY V 241 -11.39 45.79 -42.21
CA GLY V 241 -10.78 45.13 -43.34
C GLY V 241 -11.32 43.73 -43.53
N GLY V 242 -10.81 43.07 -44.57
CA GLY V 242 -11.20 41.70 -44.86
C GLY V 242 -11.61 41.48 -46.31
N SER V 243 -12.26 42.47 -46.90
CA SER V 243 -12.75 42.37 -48.27
C SER V 243 -11.98 43.32 -49.17
N ALA V 244 -12.11 43.09 -50.47
CA ALA V 244 -11.46 43.95 -51.46
C ALA V 244 -12.09 45.34 -51.44
N LYS V 245 -11.24 46.36 -51.53
CA LYS V 245 -11.68 47.75 -51.48
C LYS V 245 -11.59 48.36 -52.87
N GLY V 246 -12.68 48.98 -53.32
CA GLY V 246 -12.69 49.67 -54.59
C GLY V 246 -12.08 51.05 -54.50
N ARG V 247 -12.01 51.71 -55.66
CA ARG V 247 -11.43 53.04 -55.71
C ARG V 247 -12.24 54.02 -54.86
N ALA V 248 -13.56 53.92 -54.89
CA ALA V 248 -14.40 54.77 -54.06
C ALA V 248 -14.16 54.51 -52.58
N VAL V 249 -14.05 53.23 -52.20
CA VAL V 249 -13.89 52.89 -50.79
C VAL V 249 -12.50 53.30 -50.30
N GLU V 250 -11.47 53.10 -51.14
CA GLU V 250 -10.11 53.41 -50.71
C GLU V 250 -9.94 54.89 -50.42
N ILE V 251 -10.56 55.75 -51.24
CA ILE V 251 -10.52 57.18 -50.97
C ILE V 251 -11.23 57.51 -49.66
N ILE V 252 -12.38 56.88 -49.44
CA ILE V 252 -13.14 57.13 -48.21
C ILE V 252 -12.34 56.70 -46.99
N SER V 253 -11.72 55.52 -47.05
CA SER V 253 -10.91 55.05 -45.93
C SER V 253 -9.69 55.95 -45.71
N ASP V 254 -9.06 56.41 -46.79
CA ASP V 254 -7.93 57.32 -46.66
C ASP V 254 -8.36 58.63 -46.03
N ILE V 255 -9.52 59.15 -46.43
CA ILE V 255 -10.04 60.36 -45.82
C ILE V 255 -10.36 60.12 -44.34
N GLY V 256 -10.86 58.93 -44.01
CA GLY V 256 -11.20 58.60 -42.65
C GLY V 256 -10.01 58.63 -41.70
N ASN V 257 -8.80 58.53 -42.24
CA ASN V 257 -7.62 58.65 -41.38
C ASN V 257 -7.53 60.04 -40.76
N TYR V 258 -7.83 61.08 -41.55
CA TYR V 258 -7.82 62.43 -41.02
C TYR V 258 -9.04 62.70 -40.14
N VAL V 259 -10.15 62.00 -40.40
CA VAL V 259 -11.38 62.25 -39.65
C VAL V 259 -11.28 61.75 -38.23
N GLU V 260 -10.55 60.65 -38.01
CA GLU V 260 -10.50 60.02 -36.69
C GLU V 260 -9.96 60.96 -35.64
N GLU V 261 -10.51 60.85 -34.42
CA GLU V 261 -10.05 61.61 -33.26
C GLU V 261 -10.16 63.11 -33.46
N THR V 262 -11.07 63.55 -34.32
CA THR V 262 -11.27 64.97 -34.54
C THR V 262 -11.96 65.60 -33.34
N GLY V 263 -11.72 66.90 -33.17
CA GLY V 263 -12.35 67.65 -32.10
C GLY V 263 -11.96 67.26 -30.70
N MET V 264 -10.92 66.45 -30.52
CA MET V 264 -10.48 65.99 -29.21
C MET V 264 -8.98 66.16 -29.07
N ALA V 265 -8.44 67.25 -29.64
CA ALA V 265 -7.00 67.49 -29.57
C ALA V 265 -6.57 67.77 -28.13
N GLY V 266 -7.43 68.44 -27.35
CA GLY V 266 -7.08 68.75 -25.97
C GLY V 266 -6.81 67.50 -25.15
N PHE V 267 -7.61 66.46 -25.35
CA PHE V 267 -7.42 65.21 -24.62
C PHE V 267 -6.18 64.47 -25.12
N PHE V 268 -6.03 64.35 -26.44
CA PHE V 268 -4.97 63.51 -26.99
C PHE V 268 -3.60 64.18 -26.89
N ALA V 269 -3.55 65.50 -26.99
CA ALA V 269 -2.29 66.20 -26.77
C ALA V 269 -1.81 66.00 -25.34
N THR V 270 -2.74 65.96 -24.39
CA THR V 270 -2.38 65.67 -23.00
C THR V 270 -1.79 64.27 -22.88
N ILE V 271 -2.37 63.30 -23.58
CA ILE V 271 -1.86 61.93 -23.53
C ILE V 271 -0.48 61.86 -24.16
N ARG V 272 -0.33 62.44 -25.35
CA ARG V 272 0.92 62.31 -26.09
C ARG V 272 2.03 63.12 -25.44
N PHE V 273 1.77 64.38 -25.10
CA PHE V 273 2.82 65.29 -24.65
C PHE V 273 2.93 65.34 -23.13
N GLY V 274 1.83 65.72 -22.46
CA GLY V 274 1.89 65.88 -21.01
C GLY V 274 2.13 64.59 -20.28
N LEU V 275 1.43 63.53 -20.66
CA LEU V 275 1.52 62.27 -19.93
C LEU V 275 2.74 61.46 -20.35
N GLU V 276 2.82 61.10 -21.63
CA GLU V 276 4.02 60.46 -22.16
C GLU V 276 5.15 61.47 -22.19
N THR V 277 6.32 61.01 -22.68
CA THR V 277 7.54 61.79 -22.61
C THR V 277 7.80 62.22 -21.17
N ARG V 278 8.04 61.21 -20.33
CA ARG V 278 8.06 61.36 -18.88
C ARG V 278 9.06 62.41 -18.42
N TYR V 279 8.57 63.52 -17.87
CA TYR V 279 9.39 64.60 -17.38
C TYR V 279 9.46 64.57 -15.86
N PRO V 280 10.62 64.85 -15.27
CA PRO V 280 10.74 64.91 -13.81
C PRO V 280 9.74 65.84 -13.13
N ALA V 281 9.09 66.71 -13.90
CA ALA V 281 8.12 67.65 -13.37
C ALA V 281 6.70 67.09 -13.31
N LEU V 282 6.52 65.82 -13.65
CA LEU V 282 5.18 65.24 -13.68
C LEU V 282 4.68 64.96 -12.26
N ALA V 283 5.40 64.14 -11.51
CA ALA V 283 5.04 63.85 -10.13
C ALA V 283 5.39 65.07 -9.29
N LEU V 284 4.39 65.92 -9.07
CA LEU V 284 4.63 67.19 -8.37
C LEU V 284 3.51 67.51 -7.39
N ASN V 285 2.63 66.55 -7.09
CA ASN V 285 1.55 66.63 -6.10
C ASN V 285 0.42 67.58 -6.49
N GLU V 286 0.50 68.25 -7.64
CA GLU V 286 -0.63 68.97 -8.20
C GLU V 286 -1.12 68.34 -9.50
N PHE V 287 -0.50 67.25 -9.94
CA PHE V 287 -0.93 66.52 -11.12
C PHE V 287 -1.49 65.15 -10.79
N GLN V 288 -1.37 64.68 -9.54
CA GLN V 288 -1.82 63.34 -9.19
C GLN V 288 -3.32 63.18 -9.38
N SER V 289 -4.09 64.22 -9.09
CA SER V 289 -5.52 64.16 -9.36
C SER V 289 -5.80 64.10 -10.85
N ASP V 290 -5.12 64.95 -11.63
CA ASP V 290 -5.31 64.94 -13.07
C ASP V 290 -4.85 63.64 -13.70
N LEU V 291 -3.73 63.10 -13.22
CA LEU V 291 -3.25 61.82 -13.72
C LEU V 291 -4.26 60.71 -13.44
N ASN V 292 -4.86 60.73 -12.25
CA ASN V 292 -5.89 59.75 -11.92
C ASN V 292 -7.09 59.89 -12.85
N THR V 293 -7.52 61.13 -13.11
CA THR V 293 -8.65 61.35 -14.02
C THR V 293 -8.32 60.87 -15.42
N ILE V 294 -7.11 61.15 -15.89
CA ILE V 294 -6.70 60.72 -17.23
C ILE V 294 -6.69 59.21 -17.33
N LYS V 295 -6.19 58.54 -16.29
CA LYS V 295 -6.19 57.07 -16.29
C LYS V 295 -7.59 56.50 -16.37
N GLY V 296 -8.53 57.12 -15.65
CA GLY V 296 -9.92 56.70 -15.76
C GLY V 296 -10.49 56.96 -17.14
N LEU V 297 -10.05 58.05 -17.78
CA LEU V 297 -10.52 58.35 -19.12
C LEU V 297 -10.00 57.33 -20.13
N MET V 298 -8.85 56.72 -19.86
CA MET V 298 -8.33 55.68 -20.73
C MET V 298 -9.30 54.51 -20.82
N LEU V 299 -9.84 54.09 -19.68
CA LEU V 299 -10.78 52.97 -19.66
C LEU V 299 -12.09 53.35 -20.34
N LEU V 300 -12.57 54.58 -20.11
CA LEU V 300 -13.82 55.02 -20.70
C LEU V 300 -13.74 55.02 -22.23
N TYR V 301 -12.61 55.50 -22.77
CA TYR V 301 -12.42 55.48 -24.22
C TYR V 301 -12.41 54.06 -24.75
N ARG V 302 -11.78 53.14 -24.02
CA ARG V 302 -11.78 51.74 -24.42
C ARG V 302 -13.17 51.14 -24.29
N GLU V 303 -13.93 51.57 -23.29
CA GLU V 303 -15.25 51.00 -23.05
C GLU V 303 -16.28 51.47 -24.06
N ILE V 304 -16.11 52.64 -24.67
CA ILE V 304 -17.11 53.18 -25.58
C ILE V 304 -17.29 52.26 -26.79
N GLY V 305 -16.18 51.84 -27.39
CA GLY V 305 -16.24 50.95 -28.52
C GLY V 305 -15.67 51.56 -29.78
N PRO V 306 -16.08 51.03 -30.94
CA PRO V 306 -15.54 51.55 -32.22
C PRO V 306 -16.01 52.95 -32.56
N ARG V 307 -17.00 53.49 -31.85
CA ARG V 307 -17.48 54.84 -32.08
C ARG V 307 -16.68 55.89 -31.33
N ALA V 308 -15.67 55.48 -30.57
CA ALA V 308 -14.92 56.42 -29.75
C ALA V 308 -14.22 57.50 -30.56
N PRO V 309 -13.44 57.19 -31.62
CA PRO V 309 -12.76 58.28 -32.33
C PRO V 309 -13.69 59.30 -32.94
N TYR V 310 -14.85 58.86 -33.44
CA TYR V 310 -15.85 59.78 -33.99
C TYR V 310 -16.88 60.17 -32.93
N MET V 311 -16.41 60.64 -31.78
CA MET V 311 -17.33 61.01 -30.71
C MET V 311 -17.89 62.42 -30.92
N VAL V 312 -17.05 63.35 -31.38
CA VAL V 312 -17.51 64.71 -31.63
C VAL V 312 -18.48 64.75 -32.81
N LEU V 313 -18.22 63.92 -33.83
CA LEU V 313 -19.11 63.90 -35.00
C LEU V 313 -20.51 63.44 -34.62
N LEU V 314 -20.62 62.39 -33.81
CA LEU V 314 -21.92 61.94 -33.33
C LEU V 314 -22.44 62.76 -32.17
N GLU V 315 -21.63 63.68 -31.64
CA GLU V 315 -22.04 64.55 -30.54
C GLU V 315 -22.47 63.75 -29.32
N GLU V 316 -21.73 62.70 -29.01
CA GLU V 316 -22.01 61.89 -27.84
C GLU V 316 -21.85 62.72 -26.57
N SER V 317 -22.72 62.47 -25.60
CA SER V 317 -22.63 63.18 -24.32
C SER V 317 -21.39 62.80 -23.54
N ILE V 318 -20.81 61.62 -23.81
CA ILE V 318 -19.59 61.21 -23.13
C ILE V 318 -18.41 62.10 -23.51
N GLN V 319 -18.52 62.84 -24.61
CA GLN V 319 -17.42 63.68 -25.06
C GLN V 319 -17.10 64.79 -24.07
N THR V 320 -18.11 65.33 -23.39
CA THR V 320 -17.88 66.44 -22.47
C THR V 320 -16.93 66.04 -21.34
N LYS V 321 -17.07 64.81 -20.85
CA LYS V 321 -16.17 64.35 -19.79
C LYS V 321 -14.73 64.24 -20.27
N PHE V 322 -14.53 64.12 -21.58
CA PHE V 322 -13.18 64.04 -22.14
C PHE V 322 -12.54 65.41 -22.31
N ALA V 323 -13.33 66.47 -22.40
CA ALA V 323 -12.81 67.79 -22.71
C ALA V 323 -11.96 68.32 -21.55
N PRO V 324 -10.92 69.09 -21.84
CA PRO V 324 -10.18 69.75 -20.76
C PRO V 324 -11.07 70.70 -19.99
N GLY V 325 -10.87 70.75 -18.68
CA GLY V 325 -11.74 71.48 -17.80
C GLY V 325 -11.98 70.66 -16.55
N GLY V 326 -11.97 69.34 -16.71
CA GLY V 326 -11.90 68.42 -15.59
C GLY V 326 -10.50 68.09 -15.16
N TYR V 327 -9.50 68.44 -15.98
CA TYR V 327 -8.10 68.29 -15.63
C TYR V 327 -7.29 69.46 -16.19
N PRO V 328 -7.67 70.71 -15.86
CA PRO V 328 -7.00 71.86 -16.50
C PRO V 328 -5.52 71.96 -16.17
N LEU V 329 -5.10 71.52 -14.98
CA LEU V 329 -3.71 71.68 -14.57
C LEU V 329 -2.77 70.88 -15.46
N LEU V 330 -3.05 69.58 -15.63
CA LEU V 330 -2.21 68.75 -16.49
C LEU V 330 -2.31 69.20 -17.95
N TRP V 331 -3.52 69.53 -18.40
CA TRP V 331 -3.70 69.97 -19.78
C TRP V 331 -2.89 71.23 -20.06
N SER V 332 -2.88 72.19 -19.13
CA SER V 332 -2.08 73.39 -19.29
C SER V 332 -0.61 73.05 -19.40
N PHE V 333 -0.13 72.13 -18.54
CA PHE V 333 1.24 71.66 -18.65
C PHE V 333 1.46 70.90 -19.95
N ALA V 334 0.47 70.12 -20.37
CA ALA V 334 0.60 69.31 -21.57
C ALA V 334 0.78 70.18 -22.81
N MET V 335 0.00 71.25 -22.94
CA MET V 335 0.18 72.14 -24.07
C MET V 335 1.35 73.09 -23.87
N GLY V 336 1.88 73.16 -22.64
CA GLY V 336 3.11 73.90 -22.42
C GLY V 336 4.28 73.29 -23.15
N VAL V 337 4.41 71.96 -23.07
CA VAL V 337 5.49 71.28 -23.80
C VAL V 337 5.11 71.08 -25.26
N ALA V 338 3.81 71.03 -25.56
CA ALA V 338 3.37 70.77 -26.94
C ALA V 338 3.77 71.92 -27.86
N THR V 339 3.59 73.17 -27.41
CA THR V 339 3.93 74.30 -28.25
C THR V 339 5.41 74.36 -28.56
N THR V 340 6.26 74.03 -27.59
CA THR V 340 7.71 74.10 -27.80
C THR V 340 8.22 72.96 -28.67
N ILE V 341 7.66 71.76 -28.52
CA ILE V 341 8.19 70.59 -29.21
C ILE V 341 7.66 70.52 -30.63
N ASP V 342 6.34 70.53 -30.78
CA ASP V 342 5.71 70.39 -32.08
C ASP V 342 5.45 71.79 -32.66
N ARG V 343 6.11 72.09 -33.79
CA ARG V 343 5.94 73.39 -34.42
C ARG V 343 4.50 73.61 -34.87
N SER V 344 3.88 72.58 -35.43
CA SER V 344 2.48 72.69 -35.85
C SER V 344 1.57 72.95 -34.66
N MET V 345 1.82 72.29 -33.53
CA MET V 345 1.11 72.58 -32.30
C MET V 345 1.42 74.01 -31.86
N GLY V 346 0.40 74.87 -31.89
CA GLY V 346 0.58 76.28 -31.65
C GLY V 346 -0.36 77.10 -32.48
N ALA V 347 -0.86 76.50 -33.56
CA ALA V 347 -1.98 77.05 -34.30
C ALA V 347 -3.32 76.69 -33.68
N LEU V 348 -3.31 75.83 -32.66
CA LEU V 348 -4.53 75.48 -31.96
C LEU V 348 -5.01 76.65 -31.12
N ASN V 349 -6.32 76.87 -31.09
CA ASN V 349 -6.92 77.94 -30.31
C ASN V 349 -7.21 77.39 -28.92
N ILE V 350 -6.48 77.88 -27.91
CA ILE V 350 -6.59 77.35 -26.56
C ILE V 350 -6.86 78.48 -25.57
N ASN V 351 -7.53 79.53 -26.02
CA ASN V 351 -7.83 80.68 -25.16
C ASN V 351 -9.04 80.38 -24.26
N ARG V 352 -8.86 79.36 -23.42
CA ARG V 352 -9.91 78.95 -22.50
C ARG V 352 -9.85 79.76 -21.21
N GLY V 353 -10.81 79.50 -20.32
CA GLY V 353 -10.89 80.17 -19.04
C GLY V 353 -10.13 79.51 -17.92
N TYR V 354 -9.44 78.41 -18.19
CA TYR V 354 -8.66 77.69 -17.19
C TYR V 354 -7.25 77.44 -17.70
N LEU V 355 -6.65 78.48 -18.29
CA LEU V 355 -5.34 78.32 -18.91
C LEU V 355 -4.24 78.07 -17.89
N GLU V 356 -4.31 78.72 -16.72
CA GLU V 356 -3.33 78.58 -15.66
C GLU V 356 -1.91 78.80 -16.19
N PRO V 357 -1.54 80.05 -16.48
CA PRO V 357 -0.20 80.28 -17.06
C PRO V 357 0.94 79.81 -16.18
N MET V 358 0.74 79.73 -14.87
CA MET V 358 1.79 79.26 -13.97
C MET V 358 2.22 77.84 -14.33
N TYR V 359 1.25 76.96 -14.61
CA TYR V 359 1.60 75.61 -15.02
C TYR V 359 1.97 75.57 -16.50
N PHE V 360 1.45 76.50 -17.30
CA PHE V 360 1.88 76.60 -18.69
C PHE V 360 3.35 76.99 -18.80
N ARG V 361 3.79 77.94 -17.97
CA ARG V 361 5.19 78.34 -17.96
C ARG V 361 6.09 77.17 -17.56
N LEU V 362 5.67 76.38 -16.57
CA LEU V 362 6.47 75.25 -16.15
C LEU V 362 6.62 74.23 -17.27
N GLY V 363 5.56 74.04 -18.07
CA GLY V 363 5.67 73.17 -19.23
C GLY V 363 6.65 73.70 -20.25
N GLN V 364 6.63 75.02 -20.48
CA GLN V 364 7.59 75.61 -21.41
C GLN V 364 9.02 75.40 -20.92
N LYS V 365 9.26 75.57 -19.62
CA LYS V 365 10.58 75.33 -19.07
C LYS V 365 10.92 73.85 -19.08
N SER V 366 9.91 72.98 -18.95
CA SER V 366 10.15 71.55 -18.91
C SER V 366 10.69 71.03 -20.24
N ALA V 367 10.25 71.61 -21.36
CA ALA V 367 10.70 71.14 -22.66
C ALA V 367 12.19 71.39 -22.86
N ARG V 368 12.68 72.57 -22.48
CA ARG V 368 14.05 72.98 -22.78
C ARG V 368 14.90 73.15 -21.54
N HIS V 369 14.47 73.97 -20.57
CA HIS V 369 15.30 74.34 -19.43
C HIS V 369 15.33 73.29 -18.33
N HIS V 370 14.55 72.22 -18.45
CA HIS V 370 14.41 71.28 -17.34
C HIS V 370 15.67 70.43 -17.18
N ALA V 371 15.98 69.61 -18.17
CA ALA V 371 17.13 68.71 -18.16
C ALA V 371 17.15 67.97 -19.49
N GLY V 372 18.23 67.21 -19.71
CA GLY V 372 18.28 66.33 -20.87
C GLY V 372 17.23 65.23 -20.81
N GLY V 373 17.04 64.65 -19.64
CA GLY V 373 15.99 63.68 -19.42
C GLY V 373 16.24 62.32 -20.06
N ILE V 374 17.25 61.62 -19.57
CA ILE V 374 17.58 60.29 -20.07
C ILE V 374 16.77 59.25 -19.31
N ASP V 375 16.01 58.45 -20.05
CA ASP V 375 15.09 57.49 -19.46
C ASP V 375 15.83 56.19 -19.13
N GLN V 376 15.06 55.12 -18.85
CA GLN V 376 15.64 53.83 -18.53
C GLN V 376 16.39 53.28 -19.74
N ASN V 377 17.67 52.98 -19.56
CA ASN V 377 18.55 52.61 -20.66
C ASN V 377 18.78 51.10 -20.65
N MET V 378 18.19 50.40 -21.61
CA MET V 378 18.51 48.98 -21.77
C MET V 378 19.96 48.78 -22.17
N ALA V 379 20.43 49.54 -23.16
CA ALA V 379 21.84 49.52 -23.52
C ALA V 379 22.64 50.29 -22.48
N ASN V 380 23.73 49.70 -22.02
CA ASN V 380 24.51 50.26 -20.92
C ASN V 380 25.40 51.36 -21.46
N LYS V 381 25.05 52.61 -21.16
CA LYS V 381 25.80 53.78 -21.59
C LYS V 381 26.73 54.22 -20.45
N LEU V 382 27.90 53.58 -20.40
CA LEU V 382 28.84 53.83 -19.31
C LEU V 382 29.37 55.25 -19.33
N GLY V 383 29.80 55.73 -20.50
CA GLY V 383 30.44 57.02 -20.61
C GLY V 383 29.60 58.10 -21.26
N LEU V 384 28.28 57.95 -21.22
CA LEU V 384 27.37 58.88 -21.88
C LEU V 384 27.03 60.09 -21.02
N ASN V 385 27.80 60.35 -19.96
CA ASN V 385 27.58 61.56 -19.17
C ASN V 385 27.81 62.80 -20.00
N SER V 386 28.88 62.81 -20.82
CA SER V 386 29.13 63.94 -21.70
C SER V 386 28.18 63.93 -22.89
N ASP V 387 27.68 62.74 -23.26
CA ASP V 387 26.72 62.66 -24.36
C ASP V 387 25.45 63.44 -24.03
N GLN V 388 25.01 63.39 -22.78
CA GLN V 388 23.88 64.22 -22.36
C GLN V 388 24.24 65.70 -22.43
N VAL V 389 25.46 66.05 -22.03
CA VAL V 389 25.88 67.44 -22.03
C VAL V 389 25.93 67.98 -23.46
N ALA V 390 26.48 67.20 -24.39
CA ALA V 390 26.47 67.61 -25.79
C ALA V 390 25.04 67.72 -26.32
N GLU V 391 24.17 66.78 -25.93
CA GLU V 391 22.76 66.90 -26.28
C GLU V 391 22.12 68.10 -25.60
N LEU V 392 22.47 68.34 -24.34
CA LEU V 392 21.92 69.50 -23.63
C LEU V 392 22.47 70.81 -24.17
N ALA V 393 23.70 70.79 -24.71
CA ALA V 393 24.28 72.00 -25.29
C ALA V 393 23.46 72.48 -26.49
N ALA V 394 23.02 71.55 -27.33
CA ALA V 394 22.19 71.86 -28.50
C ALA V 394 22.86 72.89 -29.41
N MET W 1 -5.15 51.78 25.15
CA MET W 1 -3.97 51.14 24.60
C MET W 1 -4.09 50.92 23.10
N SER W 2 -3.50 49.83 22.61
CA SER W 2 -3.51 49.54 21.17
C SER W 2 -4.93 49.36 20.64
N ASP W 3 -5.79 48.69 21.42
CA ASP W 3 -7.16 48.46 20.98
C ASP W 3 -7.91 49.78 20.82
N ILE W 4 -7.69 50.71 21.75
CA ILE W 4 -8.21 52.06 21.58
C ILE W 4 -7.63 52.68 20.31
N PHE W 5 -8.40 53.56 19.69
CA PHE W 5 -8.17 54.23 18.41
C PHE W 5 -8.44 53.30 17.24
N ASP W 6 -8.72 52.02 17.47
CA ASP W 6 -9.31 51.12 16.50
C ASP W 6 -10.75 50.79 16.85
N GLU W 7 -11.01 50.58 18.14
CA GLU W 7 -12.39 50.50 18.62
C GLU W 7 -13.16 51.78 18.30
N ALA W 8 -12.50 52.93 18.44
CA ALA W 8 -13.16 54.19 18.09
C ALA W 8 -13.48 54.27 16.61
N ALA W 9 -12.56 53.82 15.76
CA ALA W 9 -12.82 53.83 14.32
C ALA W 9 -13.98 52.91 13.97
N SER W 10 -14.01 51.71 14.55
CA SER W 10 -15.14 50.80 14.33
C SER W 10 -16.43 51.41 14.87
N PHE W 11 -16.36 52.11 15.99
CA PHE W 11 -17.55 52.75 16.55
C PHE W 11 -18.09 53.82 15.62
N ARG W 12 -17.21 54.65 15.06
CA ARG W 12 -17.67 55.67 14.11
C ARG W 12 -18.23 55.03 12.85
N SER W 13 -17.59 53.97 12.35
CA SER W 13 -18.09 53.29 11.16
C SER W 13 -19.48 52.70 11.40
N TYR W 14 -19.69 52.09 12.57
CA TYR W 14 -21.00 51.55 12.91
C TYR W 14 -22.02 52.66 13.11
N GLN W 15 -21.60 53.77 13.71
CA GLN W 15 -22.51 54.89 13.96
C GLN W 15 -22.97 55.54 12.67
N SER W 16 -22.11 55.56 11.64
CA SER W 16 -22.50 56.15 10.37
C SER W 16 -23.70 55.41 9.77
N LYS W 17 -23.60 54.09 9.67
CA LYS W 17 -24.72 53.25 9.22
C LYS W 17 -25.44 52.63 10.42
N LEU W 18 -26.03 53.51 11.23
CA LEU W 18 -26.59 53.08 12.52
C LEU W 18 -27.90 52.34 12.34
N GLY W 19 -28.91 53.02 11.78
CA GLY W 19 -30.23 52.41 11.65
C GLY W 19 -30.73 52.38 10.23
N ARG W 20 -29.85 52.58 9.25
CA ARG W 20 -30.24 52.57 7.84
C ARG W 20 -30.21 51.14 7.28
N ASP W 21 -31.08 50.30 7.84
CA ASP W 21 -31.17 48.91 7.45
C ASP W 21 -32.61 48.45 7.58
N GLY W 22 -32.95 47.39 6.86
CA GLY W 22 -34.30 46.87 6.87
C GLY W 22 -35.21 47.56 5.88
N ARG W 23 -36.49 47.22 5.96
CA ARG W 23 -37.51 47.76 5.08
C ARG W 23 -38.59 48.45 5.91
N ALA W 24 -39.03 49.62 5.44
CA ALA W 24 -40.05 50.38 6.12
C ALA W 24 -41.44 49.80 5.81
N SER W 25 -42.42 50.25 6.58
CA SER W 25 -43.80 49.82 6.41
C SER W 25 -44.57 50.77 5.50
N ALA W 26 -45.76 50.35 5.10
CA ALA W 26 -46.63 51.15 4.26
C ALA W 26 -47.49 52.13 5.06
N ALA W 27 -47.38 52.11 6.39
CA ALA W 27 -48.15 53.04 7.20
C ALA W 27 -47.76 54.49 6.90
N THR W 28 -46.47 54.75 6.73
CA THR W 28 -45.98 56.09 6.44
C THR W 28 -46.12 56.36 4.93
N ALA W 29 -47.38 56.51 4.52
CA ALA W 29 -47.71 56.75 3.12
C ALA W 29 -48.22 58.18 2.98
N THR W 30 -47.56 58.96 2.14
CA THR W 30 -47.91 60.36 1.94
C THR W 30 -49.26 60.48 1.23
N LEU W 31 -50.00 61.52 1.59
CA LEU W 31 -51.23 61.83 0.87
C LEU W 31 -50.92 62.26 -0.55
N THR W 32 -51.67 61.73 -1.50
CA THR W 32 -51.39 61.93 -2.92
C THR W 32 -52.33 62.99 -3.50
N THR W 33 -51.80 63.79 -4.43
CA THR W 33 -52.56 64.83 -5.10
C THR W 33 -52.70 64.48 -6.57
N LYS W 34 -53.90 64.67 -7.12
CA LYS W 34 -54.14 64.36 -8.51
C LYS W 34 -53.51 65.42 -9.41
N ILE W 35 -52.80 64.96 -10.44
CA ILE W 35 -52.13 65.86 -11.39
C ILE W 35 -52.62 65.50 -12.79
N ARG W 36 -53.22 66.48 -13.47
CA ARG W 36 -53.80 66.27 -14.80
C ARG W 36 -52.77 66.66 -15.86
N ILE W 37 -52.38 65.69 -16.68
CA ILE W 37 -51.34 65.87 -17.68
C ILE W 37 -51.98 65.76 -19.07
N PHE W 38 -51.73 66.76 -19.90
CA PHE W 38 -52.26 66.79 -21.26
C PHE W 38 -51.18 66.33 -22.23
N VAL W 39 -51.30 65.10 -22.71
CA VAL W 39 -50.31 64.55 -23.65
C VAL W 39 -50.92 64.50 -25.04
N PRO W 40 -50.14 64.67 -26.10
CA PRO W 40 -50.69 64.56 -27.45
C PRO W 40 -51.01 63.11 -27.79
N ALA W 41 -52.22 62.90 -28.32
CA ALA W 41 -52.63 61.55 -28.67
C ALA W 41 -51.99 61.07 -29.96
N THR W 42 -51.84 61.95 -30.95
CA THR W 42 -51.35 61.60 -32.28
C THR W 42 -49.96 62.19 -32.49
N ASN W 43 -49.45 62.00 -33.71
CA ASN W 43 -48.14 62.49 -34.09
C ASN W 43 -48.22 63.66 -35.07
N SER W 44 -49.39 64.24 -35.26
CA SER W 44 -49.52 65.35 -36.20
C SER W 44 -48.75 66.56 -35.68
N PRO W 45 -47.86 67.14 -36.49
CA PRO W 45 -47.03 68.25 -35.99
C PRO W 45 -47.83 69.46 -35.52
N GLU W 46 -48.93 69.78 -36.21
CA GLU W 46 -49.71 70.97 -35.84
C GLU W 46 -50.30 70.82 -34.44
N LEU W 47 -50.82 69.64 -34.13
CA LEU W 47 -51.41 69.41 -32.81
C LEU W 47 -50.36 69.49 -31.71
N ARG W 48 -49.19 68.90 -31.94
CA ARG W 48 -48.13 68.96 -30.94
C ARG W 48 -47.62 70.39 -30.74
N TRP W 49 -47.49 71.14 -31.84
CA TRP W 49 -47.06 72.54 -31.72
C TRP W 49 -48.08 73.38 -30.96
N GLU W 50 -49.36 73.18 -31.25
CA GLU W 50 -50.39 73.91 -30.51
C GLU W 50 -50.38 73.49 -29.04
N LEU W 51 -50.13 72.21 -28.77
CA LEU W 51 -50.10 71.73 -27.39
C LEU W 51 -48.94 72.34 -26.62
N THR W 52 -47.75 72.42 -27.22
CA THR W 52 -46.62 73.01 -26.50
C THR W 52 -46.80 74.52 -26.36
N LEU W 53 -47.44 75.18 -27.32
CA LEU W 53 -47.79 76.58 -27.13
C LEU W 53 -48.74 76.76 -25.97
N PHE W 54 -49.75 75.88 -25.85
CA PHE W 54 -50.68 75.94 -24.74
C PHE W 54 -49.96 75.72 -23.41
N ALA W 55 -49.03 74.76 -23.38
CA ALA W 55 -48.28 74.49 -22.15
C ALA W 55 -47.43 75.69 -21.76
N LEU W 56 -46.78 76.33 -22.74
CA LEU W 56 -46.02 77.54 -22.47
C LEU W 56 -46.91 78.62 -21.89
N ASP W 57 -48.10 78.80 -22.46
CA ASP W 57 -49.02 79.82 -21.95
C ASP W 57 -49.47 79.50 -20.52
N VAL W 58 -49.76 78.22 -20.25
CA VAL W 58 -50.23 77.83 -18.92
C VAL W 58 -49.12 78.07 -17.89
N ILE W 59 -47.89 77.70 -18.22
CA ILE W 59 -46.78 77.95 -17.30
C ILE W 59 -46.59 79.44 -17.08
N ARG W 60 -46.66 80.23 -18.15
CA ARG W 60 -46.55 81.68 -18.02
C ARG W 60 -47.74 82.30 -17.31
N SER W 61 -48.87 81.61 -17.26
CA SER W 61 -50.08 82.18 -16.68
C SER W 61 -49.90 82.44 -15.19
N PRO W 62 -50.33 83.60 -14.68
CA PRO W 62 -50.22 83.85 -13.24
C PRO W 62 -51.40 83.27 -12.46
N SER W 63 -52.54 83.12 -13.11
CA SER W 63 -53.75 82.61 -12.47
C SER W 63 -53.79 81.08 -12.44
N ALA W 64 -52.78 80.42 -13.00
CA ALA W 64 -52.78 78.97 -13.04
C ALA W 64 -52.54 78.38 -11.66
N ALA W 65 -53.30 77.33 -11.33
CA ALA W 65 -53.04 76.59 -10.11
C ALA W 65 -51.74 75.81 -10.25
N GLU W 66 -51.16 75.45 -9.10
CA GLU W 66 -49.87 74.77 -9.11
C GLU W 66 -49.97 73.42 -9.79
N SER W 67 -51.08 72.69 -9.58
CA SER W 67 -51.25 71.39 -10.23
C SER W 67 -51.29 71.55 -11.74
N MET W 68 -51.97 72.59 -12.24
CA MET W 68 -51.98 72.86 -13.67
C MET W 68 -50.58 73.16 -14.20
N LYS W 69 -49.79 73.90 -13.41
CA LYS W 69 -48.43 74.20 -13.83
C LYS W 69 -47.58 72.94 -13.90
N ILE W 70 -47.74 72.03 -12.93
CA ILE W 70 -47.01 70.77 -12.97
C ILE W 70 -47.44 69.93 -14.17
N GLY W 71 -48.75 69.93 -14.46
CA GLY W 71 -49.22 69.22 -15.63
C GLY W 71 -48.65 69.77 -16.92
N ALA W 72 -48.57 71.11 -17.03
CA ALA W 72 -47.97 71.73 -18.20
C ALA W 72 -46.49 71.40 -18.31
N ALA W 73 -45.78 71.40 -17.18
CA ALA W 73 -44.37 71.05 -17.20
C ALA W 73 -44.16 69.61 -17.66
N PHE W 74 -44.98 68.68 -17.14
CA PHE W 74 -44.88 67.29 -17.57
C PHE W 74 -45.22 67.14 -19.05
N THR W 75 -46.21 67.90 -19.52
CA THR W 75 -46.56 67.89 -20.94
C THR W 75 -45.38 68.36 -21.79
N LEU W 76 -44.71 69.43 -21.35
CA LEU W 76 -43.57 69.95 -22.09
C LEU W 76 -42.43 68.95 -22.12
N ILE W 77 -42.06 68.40 -20.97
CA ILE W 77 -40.86 67.59 -20.87
C ILE W 77 -40.97 66.36 -21.76
N SER W 78 -42.16 65.77 -21.86
CA SER W 78 -42.36 64.55 -22.61
C SER W 78 -42.85 64.78 -24.03
N MET W 79 -42.80 66.02 -24.52
CA MET W 79 -43.28 66.30 -25.87
C MET W 79 -42.42 65.65 -26.95
N TYR W 80 -41.12 65.50 -26.70
CA TYR W 80 -40.24 64.96 -27.73
C TYR W 80 -40.56 63.51 -28.04
N SER W 81 -40.98 62.74 -27.04
CA SER W 81 -41.23 61.32 -27.22
C SER W 81 -42.46 61.10 -28.11
N GLU W 82 -42.41 60.02 -28.89
CA GLU W 82 -43.54 59.68 -29.75
C GLU W 82 -44.74 59.18 -28.97
N ARG W 83 -44.52 58.64 -27.76
CA ARG W 83 -45.59 58.17 -26.89
C ARG W 83 -45.40 58.83 -25.53
N PRO W 84 -45.79 60.10 -25.39
CA PRO W 84 -45.57 60.79 -24.11
C PRO W 84 -46.23 60.11 -22.92
N GLY W 85 -47.43 59.54 -23.12
CA GLY W 85 -48.09 58.86 -22.03
C GLY W 85 -47.31 57.67 -21.51
N ALA W 86 -46.78 56.85 -22.41
CA ALA W 86 -45.97 55.71 -22.00
C ALA W 86 -44.71 56.16 -21.29
N LEU W 87 -44.07 57.22 -21.80
CA LEU W 87 -42.86 57.72 -21.16
C LEU W 87 -43.14 58.22 -19.75
N ILE W 88 -44.23 58.97 -19.57
CA ILE W 88 -44.57 59.47 -18.24
C ILE W 88 -44.92 58.32 -17.30
N ARG W 89 -45.71 57.35 -17.78
CA ARG W 89 -46.16 56.28 -16.90
C ARG W 89 -45.04 55.32 -16.54
N SER W 90 -44.06 55.14 -17.44
CA SER W 90 -42.97 54.21 -17.21
C SER W 90 -41.73 54.86 -16.62
N LEU W 91 -41.77 56.16 -16.32
CA LEU W 91 -40.63 56.86 -15.75
C LEU W 91 -41.08 57.79 -14.63
N LEU W 92 -42.06 57.35 -13.83
CA LEU W 92 -42.58 58.13 -12.72
C LEU W 92 -42.38 57.34 -11.43
N ASN W 93 -41.69 57.93 -10.47
CA ASN W 93 -41.45 57.32 -9.18
C ASN W 93 -41.69 58.33 -8.07
N ASP W 94 -42.81 59.06 -8.16
CA ASP W 94 -43.13 60.10 -7.19
C ASP W 94 -44.28 59.63 -6.29
N PRO W 95 -44.02 59.25 -5.05
CA PRO W 95 -45.12 58.89 -4.14
C PRO W 95 -46.00 60.06 -3.76
N ASP W 96 -45.52 61.30 -3.92
CA ASP W 96 -46.31 62.46 -3.52
C ASP W 96 -47.51 62.66 -4.45
N ILE W 97 -47.38 62.31 -5.72
CA ILE W 97 -48.39 62.66 -6.72
C ILE W 97 -48.87 61.39 -7.42
N GLU W 98 -50.08 61.47 -7.95
CA GLU W 98 -50.60 60.49 -8.90
C GLU W 98 -50.93 61.20 -10.20
N ALA W 99 -50.48 60.61 -11.31
CA ALA W 99 -50.63 61.22 -12.62
C ALA W 99 -51.78 60.57 -13.38
N VAL W 100 -52.73 61.38 -13.82
CA VAL W 100 -53.83 60.91 -14.66
C VAL W 100 -53.55 61.42 -16.07
N ILE W 101 -53.11 60.52 -16.94
CA ILE W 101 -52.74 60.89 -18.30
C ILE W 101 -53.98 61.13 -19.12
N ILE W 102 -54.01 62.24 -19.85
CA ILE W 102 -55.14 62.62 -20.67
C ILE W 102 -54.66 62.78 -22.11
N ASP W 103 -55.17 61.92 -22.99
CA ASP W 103 -54.90 62.05 -24.41
C ASP W 103 -55.72 63.20 -24.97
N VAL W 104 -55.05 64.15 -25.61
CA VAL W 104 -55.72 65.38 -26.03
C VAL W 104 -56.71 65.09 -27.17
N GLY W 105 -56.30 64.30 -28.15
CA GLY W 105 -57.18 63.96 -29.25
C GLY W 105 -57.12 64.95 -30.39
N SER W 106 -58.08 65.86 -30.46
CA SER W 106 -58.04 66.97 -31.38
C SER W 106 -57.70 68.24 -30.61
N MET W 107 -57.66 69.39 -31.27
CA MET W 107 -57.28 70.61 -30.57
C MET W 107 -58.07 71.80 -31.10
N LEU W 108 -58.79 72.46 -30.20
CA LEU W 108 -59.36 73.79 -30.45
C LEU W 108 -58.32 74.82 -30.01
N ASN W 109 -58.75 76.08 -29.86
CA ASN W 109 -57.86 77.09 -29.29
C ASN W 109 -57.29 76.64 -27.95
N GLY W 110 -58.14 76.09 -27.09
CA GLY W 110 -57.68 75.45 -25.87
C GLY W 110 -57.49 73.96 -26.07
N ILE W 111 -58.22 73.14 -25.34
CA ILE W 111 -58.22 71.70 -25.55
C ILE W 111 -59.66 71.19 -25.50
N PRO W 112 -60.11 70.42 -26.50
CA PRO W 112 -61.42 69.77 -26.40
C PRO W 112 -61.31 68.46 -25.63
N VAL W 113 -62.00 68.39 -24.50
CA VAL W 113 -62.01 67.16 -23.71
C VAL W 113 -62.67 66.03 -24.51
N MET W 114 -63.71 66.36 -25.27
CA MET W 114 -64.39 65.41 -26.15
C MET W 114 -64.85 64.17 -25.39
N GLU W 115 -65.61 64.41 -24.32
CA GLU W 115 -66.13 63.31 -23.49
C GLU W 115 -67.40 63.83 -22.80
N ARG W 116 -68.55 63.43 -23.32
CA ARG W 116 -69.86 63.81 -22.77
C ARG W 116 -69.99 65.34 -22.69
N ARG W 117 -70.00 65.96 -23.88
CA ARG W 117 -70.06 67.41 -23.96
C ARG W 117 -71.29 67.94 -23.24
N GLY W 118 -71.08 68.97 -22.42
CA GLY W 118 -72.10 69.54 -21.57
C GLY W 118 -72.09 68.98 -20.16
N ASP W 119 -71.58 67.77 -20.00
CA ASP W 119 -71.51 67.11 -18.69
C ASP W 119 -70.10 67.28 -18.14
N LYS W 120 -69.94 68.20 -17.19
CA LYS W 120 -68.68 68.42 -16.47
C LYS W 120 -67.52 68.73 -17.43
N ALA W 121 -67.81 69.44 -18.51
CA ALA W 121 -66.79 69.76 -19.50
C ALA W 121 -66.76 71.26 -19.77
N GLN W 122 -67.93 71.90 -19.73
CA GLN W 122 -68.01 73.33 -20.00
C GLN W 122 -67.20 74.13 -18.98
N GLU W 123 -67.27 73.75 -17.71
CA GLU W 123 -66.52 74.47 -16.68
C GLU W 123 -65.02 74.37 -16.93
N GLU W 124 -64.53 73.19 -17.31
CA GLU W 124 -63.12 73.04 -17.62
C GLU W 124 -62.72 73.85 -18.84
N MET W 125 -63.59 73.88 -19.86
CA MET W 125 -63.29 74.67 -21.04
C MET W 125 -63.19 76.16 -20.70
N GLU W 126 -64.13 76.67 -19.92
CA GLU W 126 -64.07 78.06 -19.52
C GLU W 126 -62.87 78.35 -18.62
N GLY W 127 -62.50 77.40 -17.76
CA GLY W 127 -61.30 77.57 -16.96
C GLY W 127 -60.05 77.67 -17.81
N LEU W 128 -59.94 76.82 -18.83
CA LEU W 128 -58.79 76.89 -19.73
C LEU W 128 -58.79 78.19 -20.52
N MET W 129 -59.96 78.66 -20.95
CA MET W 129 -60.05 79.95 -21.64
C MET W 129 -59.60 81.09 -20.73
N ARG W 130 -60.01 81.06 -19.46
CA ARG W 130 -59.55 82.06 -18.50
C ARG W 130 -58.03 81.98 -18.32
N ILE W 131 -57.50 80.76 -18.26
CA ILE W 131 -56.05 80.59 -18.11
C ILE W 131 -55.33 81.24 -19.29
N LEU W 132 -55.79 80.96 -20.50
CA LEU W 132 -55.14 81.53 -21.69
C LEU W 132 -55.26 83.04 -21.71
N LYS W 133 -56.44 83.57 -21.38
CA LYS W 133 -56.64 85.02 -21.39
C LYS W 133 -55.75 85.71 -20.36
N THR W 134 -55.69 85.15 -19.15
CA THR W 134 -54.83 85.73 -18.11
C THR W 134 -53.36 85.64 -18.49
N ALA W 135 -52.95 84.53 -19.09
CA ALA W 135 -51.56 84.40 -19.53
C ALA W 135 -51.21 85.43 -20.58
N ARG W 136 -52.11 85.66 -21.54
CA ARG W 136 -51.81 86.62 -22.60
C ARG W 136 -51.86 88.05 -22.10
N GLU W 137 -52.78 88.35 -21.17
CA GLU W 137 -52.90 89.71 -20.66
C GLU W 137 -51.82 90.06 -19.66
N SER W 138 -51.31 89.07 -18.90
CA SER W 138 -50.36 89.36 -17.84
C SER W 138 -49.10 90.00 -18.38
N SER W 139 -48.50 89.41 -19.41
CA SER W 139 -47.36 90.02 -20.05
C SER W 139 -47.82 91.24 -20.86
N LYS W 140 -46.89 92.15 -21.11
CA LYS W 140 -47.20 93.37 -21.85
C LYS W 140 -47.26 93.08 -23.34
N GLY W 141 -48.10 92.12 -23.73
CA GLY W 141 -48.16 91.70 -25.12
C GLY W 141 -46.97 90.89 -25.58
N LYS W 142 -46.11 90.48 -24.67
CA LYS W 142 -44.87 89.80 -25.01
C LYS W 142 -45.10 88.29 -25.05
N THR W 143 -44.77 87.68 -26.19
CA THR W 143 -44.84 86.24 -26.33
C THR W 143 -43.74 85.57 -25.50
N PRO W 144 -43.92 84.29 -25.16
CA PRO W 144 -42.84 83.59 -24.42
C PRO W 144 -41.52 83.57 -25.17
N PHE W 145 -41.55 83.49 -26.49
CA PHE W 145 -40.33 83.49 -27.28
C PHE W 145 -39.77 84.90 -27.41
N VAL W 146 -38.44 84.98 -27.52
CA VAL W 146 -37.79 86.28 -27.73
C VAL W 146 -38.13 86.86 -29.08
N ASP W 147 -38.64 86.06 -30.00
CA ASP W 147 -39.07 86.51 -31.31
C ASP W 147 -40.59 86.45 -31.38
N SER W 148 -41.23 87.59 -31.66
CA SER W 148 -42.69 87.63 -31.69
C SER W 148 -43.26 86.77 -32.80
N ARG W 149 -42.49 86.54 -33.87
CA ARG W 149 -42.96 85.71 -34.96
C ARG W 149 -42.95 84.23 -34.61
N ALA W 150 -42.17 83.82 -33.61
CA ALA W 150 -42.11 82.42 -33.22
C ALA W 150 -43.37 81.96 -32.50
N TYR W 151 -44.19 82.89 -32.02
CA TYR W 151 -45.40 82.51 -31.30
C TYR W 151 -46.53 82.15 -32.26
N GLY W 152 -46.94 83.12 -33.09
CA GLY W 152 -47.99 82.86 -34.06
C GLY W 152 -47.45 82.26 -35.34
N LEU W 153 -46.74 81.13 -35.21
CA LEU W 153 -46.11 80.45 -36.33
C LEU W 153 -46.82 79.13 -36.58
N ARG W 154 -47.26 78.92 -37.81
CA ARG W 154 -47.88 77.65 -38.20
C ARG W 154 -46.80 76.62 -38.47
N ILE W 155 -46.98 75.43 -37.91
CA ILE W 155 -46.05 74.32 -38.10
C ILE W 155 -46.82 73.15 -38.70
N THR W 156 -46.40 72.72 -39.90
CA THR W 156 -46.93 71.53 -40.54
C THR W 156 -45.87 70.51 -40.91
N ASP W 157 -44.61 70.93 -41.05
CA ASP W 157 -43.53 70.01 -41.33
C ASP W 157 -43.04 69.37 -40.05
N MET W 158 -42.78 68.06 -40.10
CA MET W 158 -42.33 67.35 -38.92
C MET W 158 -40.95 67.84 -38.47
N SER W 159 -40.08 68.16 -39.42
CA SER W 159 -38.74 68.60 -39.08
C SER W 159 -38.76 69.90 -38.28
N THR W 160 -39.58 70.86 -38.70
CA THR W 160 -39.67 72.14 -37.99
C THR W 160 -40.24 71.93 -36.58
N LEU W 161 -41.26 71.08 -36.46
CA LEU W 161 -41.79 70.78 -35.14
C LEU W 161 -40.74 70.16 -34.24
N VAL W 162 -39.97 69.21 -34.78
CA VAL W 162 -38.93 68.57 -34.00
C VAL W 162 -37.89 69.58 -33.55
N SER W 163 -37.46 70.45 -34.46
CA SER W 163 -36.45 71.45 -34.10
C SER W 163 -36.95 72.38 -33.01
N ALA W 164 -38.18 72.90 -33.17
CA ALA W 164 -38.73 73.80 -32.16
C ALA W 164 -38.89 73.11 -30.81
N VAL W 165 -39.38 71.87 -30.82
CA VAL W 165 -39.57 71.12 -29.58
C VAL W 165 -38.24 70.89 -28.90
N ILE W 166 -37.21 70.51 -29.66
CA ILE W 166 -35.90 70.26 -29.08
C ILE W 166 -35.33 71.54 -28.48
N THR W 167 -35.52 72.67 -29.16
CA THR W 167 -35.03 73.93 -28.61
C THR W 167 -35.73 74.25 -27.29
N ILE W 168 -37.05 74.08 -27.24
CA ILE W 168 -37.79 74.37 -26.01
C ILE W 168 -37.34 73.45 -24.89
N GLU W 169 -37.19 72.15 -25.20
CA GLU W 169 -36.74 71.21 -24.18
C GLU W 169 -35.36 71.56 -23.67
N ALA W 170 -34.44 71.90 -24.57
CA ALA W 170 -33.09 72.26 -24.13
C ALA W 170 -33.13 73.48 -23.22
N GLN W 171 -33.87 74.52 -23.63
CA GLN W 171 -33.93 75.74 -22.83
C GLN W 171 -34.55 75.48 -21.46
N ILE W 172 -35.52 74.58 -21.38
CA ILE W 172 -36.06 74.21 -20.08
C ILE W 172 -35.02 73.44 -19.26
N TRP W 173 -34.31 72.51 -19.90
CA TRP W 173 -33.36 71.65 -19.21
C TRP W 173 -32.10 72.36 -18.76
N ILE W 174 -31.79 73.55 -19.29
CA ILE W 174 -30.63 74.27 -18.77
C ILE W 174 -30.85 74.65 -17.30
N LEU W 175 -32.11 74.94 -16.93
CA LEU W 175 -32.37 75.54 -15.64
C LEU W 175 -32.20 74.56 -14.47
N ILE W 176 -32.28 73.25 -14.72
CA ILE W 176 -32.21 72.29 -13.63
C ILE W 176 -30.87 72.32 -12.93
N ALA W 177 -29.80 72.69 -13.65
CA ALA W 177 -28.47 72.65 -13.06
C ALA W 177 -28.37 73.58 -11.86
N LYS W 178 -28.92 74.78 -11.97
CA LYS W 178 -28.85 75.78 -10.91
C LYS W 178 -30.23 76.30 -10.57
N ALA W 179 -31.18 75.38 -10.38
CA ALA W 179 -32.54 75.75 -10.00
C ALA W 179 -32.73 75.78 -8.49
N VAL W 180 -32.11 74.85 -7.77
CA VAL W 180 -32.26 74.77 -6.32
C VAL W 180 -31.00 75.19 -5.58
N THR W 181 -29.82 75.12 -6.20
CA THR W 181 -28.60 75.53 -5.52
C THR W 181 -28.55 77.05 -5.34
N ALA W 182 -28.57 77.78 -6.46
CA ALA W 182 -28.58 79.24 -6.42
C ALA W 182 -29.35 79.77 -7.62
N PRO W 183 -30.68 79.70 -7.56
CA PRO W 183 -31.49 80.18 -8.69
C PRO W 183 -31.30 81.67 -8.97
N ASP W 184 -31.07 82.48 -7.94
CA ASP W 184 -30.90 83.91 -8.16
C ASP W 184 -29.62 84.20 -8.93
N THR W 185 -28.54 83.50 -8.63
CA THR W 185 -27.25 83.72 -9.27
C THR W 185 -27.14 83.00 -10.61
N ALA W 186 -28.26 82.63 -11.22
CA ALA W 186 -28.28 81.96 -12.51
C ALA W 186 -28.22 83.02 -13.62
N GLU W 187 -28.53 82.59 -14.84
CA GLU W 187 -28.59 83.37 -16.08
C GLU W 187 -27.21 83.66 -16.64
N GLU W 188 -26.13 83.30 -15.94
CA GLU W 188 -24.78 83.37 -16.51
C GLU W 188 -24.36 82.01 -17.06
N SER W 189 -24.35 80.98 -16.23
CA SER W 189 -24.08 79.64 -16.70
C SER W 189 -25.15 79.16 -17.67
N GLU W 190 -26.41 79.54 -17.43
CA GLU W 190 -27.48 79.17 -18.36
C GLU W 190 -27.25 79.79 -19.73
N THR W 191 -26.89 81.08 -19.76
CA THR W 191 -26.60 81.73 -21.03
C THR W 191 -25.38 81.11 -21.69
N ARG W 192 -24.38 80.72 -20.90
CA ARG W 192 -23.21 80.06 -21.47
C ARG W 192 -23.59 78.72 -22.12
N ARG W 193 -24.43 77.94 -21.44
CA ARG W 193 -24.89 76.67 -22.03
C ARG W 193 -25.68 76.91 -23.30
N TRP W 194 -26.56 77.91 -23.29
CA TRP W 194 -27.33 78.21 -24.49
C TRP W 194 -26.43 78.63 -25.64
N ALA W 195 -25.43 79.46 -25.36
CA ALA W 195 -24.48 79.86 -26.40
C ALA W 195 -23.70 78.67 -26.93
N LYS W 196 -23.30 77.76 -26.03
CA LYS W 196 -22.57 76.57 -26.47
C LYS W 196 -23.43 75.73 -27.40
N TYR W 197 -24.70 75.52 -27.04
CA TYR W 197 -25.56 74.68 -27.87
C TYR W 197 -25.92 75.38 -29.18
N VAL W 198 -26.00 76.71 -29.18
CA VAL W 198 -26.23 77.43 -30.42
C VAL W 198 -25.02 77.30 -31.34
N GLN W 199 -23.81 77.44 -30.79
CA GLN W 199 -22.61 77.33 -31.61
C GLN W 199 -22.44 75.92 -32.17
N GLN W 200 -22.96 74.92 -31.48
CA GLN W 200 -22.94 73.55 -31.96
C GLN W 200 -24.05 73.27 -32.97
N LYS W 201 -24.94 74.23 -33.20
CA LYS W 201 -26.07 74.11 -34.13
C LYS W 201 -27.01 72.99 -33.75
N ARG W 202 -26.99 72.55 -32.49
CA ARG W 202 -27.94 71.54 -32.04
C ARG W 202 -29.33 72.14 -31.85
N VAL W 203 -29.40 73.42 -31.51
CA VAL W 203 -30.65 74.12 -31.26
C VAL W 203 -30.79 75.27 -32.24
N ASN W 204 -31.97 75.41 -32.82
CA ASN W 204 -32.26 76.54 -33.70
C ASN W 204 -32.61 77.76 -32.85
N PRO W 205 -31.83 78.85 -32.94
CA PRO W 205 -32.04 79.99 -32.03
C PRO W 205 -33.32 80.76 -32.29
N PHE W 206 -34.07 80.42 -33.35
CA PHE W 206 -35.33 81.14 -33.61
C PHE W 206 -36.33 80.95 -32.49
N PHE W 207 -36.42 79.73 -31.95
CA PHE W 207 -37.32 79.44 -30.83
C PHE W 207 -36.53 79.60 -29.52
N ALA W 208 -36.33 80.86 -29.14
CA ALA W 208 -35.63 81.21 -27.91
C ALA W 208 -36.60 81.92 -26.99
N LEU W 209 -36.90 81.31 -25.85
CA LEU W 209 -37.84 81.90 -24.91
C LEU W 209 -37.21 83.09 -24.19
N THR W 210 -38.05 84.08 -23.87
CA THR W 210 -37.58 85.27 -23.20
C THR W 210 -37.18 84.96 -21.76
N GLN W 211 -36.44 85.88 -21.15
CA GLN W 211 -35.93 85.64 -19.81
C GLN W 211 -37.03 85.70 -18.76
N GLN W 212 -38.12 86.42 -19.03
CA GLN W 212 -39.25 86.44 -18.10
C GLN W 212 -39.87 85.06 -17.96
N TRP W 213 -40.14 84.40 -19.10
CA TRP W 213 -40.69 83.06 -19.07
C TRP W 213 -39.70 82.08 -18.44
N LEU W 214 -38.41 82.26 -18.72
CA LEU W 214 -37.41 81.39 -18.12
C LEU W 214 -37.38 81.55 -16.61
N THR W 215 -37.49 82.78 -16.11
CA THR W 215 -37.54 83.01 -14.67
C THR W 215 -38.78 82.36 -14.06
N GLU W 216 -39.93 82.51 -14.73
CA GLU W 216 -41.16 81.90 -14.21
C GLU W 216 -41.02 80.37 -14.15
N MET W 217 -40.48 79.77 -15.22
CA MET W 217 -40.31 78.32 -15.25
C MET W 217 -39.31 77.87 -14.20
N ARG W 218 -38.23 78.62 -14.00
CA ARG W 218 -37.26 78.27 -12.97
C ARG W 218 -37.87 78.35 -11.58
N ASN W 219 -38.69 79.37 -11.33
CA ASN W 219 -39.39 79.45 -10.05
C ASN W 219 -40.32 78.26 -9.86
N LEU W 220 -41.07 77.89 -10.90
CA LEU W 220 -41.94 76.72 -10.81
C LEU W 220 -41.13 75.45 -10.54
N LEU W 221 -39.99 75.30 -11.21
CA LEU W 221 -39.18 74.10 -11.05
C LEU W 221 -38.56 74.04 -9.65
N SER W 222 -38.19 75.19 -9.09
CA SER W 222 -37.62 75.19 -7.75
C SER W 222 -38.68 74.93 -6.70
N GLN W 223 -39.89 75.47 -6.90
CA GLN W 223 -40.96 75.26 -5.92
C GLN W 223 -41.37 73.79 -5.85
N SER W 224 -41.45 73.12 -7.00
CA SER W 224 -42.01 71.78 -7.08
C SER W 224 -40.93 70.71 -7.04
N LEU W 225 -41.19 69.64 -6.31
CA LEU W 225 -40.29 68.49 -6.22
C LEU W 225 -40.65 67.38 -7.18
N SER W 226 -41.93 67.27 -7.57
CA SER W 226 -42.34 66.21 -8.48
C SER W 226 -41.70 66.37 -9.85
N VAL W 227 -41.65 67.59 -10.37
CA VAL W 227 -41.02 67.84 -11.66
C VAL W 227 -39.53 67.51 -11.58
N ARG W 228 -38.88 67.91 -10.50
CA ARG W 228 -37.47 67.59 -10.32
C ARG W 228 -37.24 66.08 -10.28
N LYS W 229 -38.11 65.35 -9.57
CA LYS W 229 -37.98 63.90 -9.51
C LYS W 229 -38.16 63.26 -10.88
N PHE W 230 -39.15 63.74 -11.64
CA PHE W 230 -39.36 63.20 -12.99
C PHE W 230 -38.16 63.46 -13.88
N MET W 231 -37.61 64.67 -13.83
CA MET W 231 -36.48 65.00 -14.69
C MET W 231 -35.22 64.26 -14.25
N VAL W 232 -35.04 64.04 -12.95
CA VAL W 232 -33.90 63.26 -12.49
C VAL W 232 -34.04 61.80 -12.92
N GLU W 233 -35.26 61.27 -12.88
CA GLU W 233 -35.48 59.92 -13.39
C GLU W 233 -35.17 59.82 -14.88
N ILE W 234 -35.58 60.83 -15.65
CA ILE W 234 -35.25 60.87 -17.06
C ILE W 234 -33.75 60.90 -17.26
N LEU W 235 -33.05 61.71 -16.47
CA LEU W 235 -31.60 61.80 -16.56
C LEU W 235 -30.94 60.46 -16.28
N MET W 236 -31.38 59.79 -15.21
CA MET W 236 -30.81 58.49 -14.87
C MET W 236 -31.07 57.46 -15.96
N GLU W 237 -32.29 57.43 -16.50
CA GLU W 237 -32.61 56.47 -17.54
C GLU W 237 -31.81 56.73 -18.80
N VAL W 238 -31.65 58.00 -19.18
CA VAL W 238 -30.88 58.34 -20.37
C VAL W 238 -29.40 58.01 -20.17
N LYS W 239 -28.89 58.23 -18.95
CA LYS W 239 -27.49 57.96 -18.66
C LYS W 239 -27.12 56.50 -18.91
N LYS W 240 -28.05 55.59 -18.64
CA LYS W 240 -27.82 54.17 -18.90
C LYS W 240 -27.69 53.94 -20.40
N GLY W 241 -26.48 53.59 -20.84
CA GLY W 241 -26.24 53.35 -22.25
C GLY W 241 -26.72 51.99 -22.70
N GLY W 242 -26.52 51.71 -23.98
CA GLY W 242 -26.89 50.43 -24.55
C GLY W 242 -27.73 50.55 -25.81
N SER W 243 -28.59 51.56 -25.86
CA SER W 243 -29.48 51.77 -26.99
C SER W 243 -29.09 53.03 -27.75
N ALA W 244 -29.66 53.18 -28.94
CA ALA W 244 -29.41 54.36 -29.75
C ALA W 244 -30.05 55.59 -29.11
N LYS W 245 -29.35 56.72 -29.19
CA LYS W 245 -29.78 57.96 -28.58
C LYS W 245 -30.19 58.95 -29.66
N GLY W 246 -31.38 59.54 -29.52
CA GLY W 246 -31.83 60.57 -30.42
C GLY W 246 -31.27 61.93 -30.06
N ARG W 247 -31.61 62.92 -30.88
CA ARG W 247 -31.10 64.27 -30.66
C ARG W 247 -31.54 64.82 -29.31
N ALA W 248 -32.82 64.62 -28.96
CA ALA W 248 -33.31 65.08 -27.67
C ALA W 248 -32.60 64.35 -26.53
N VAL W 249 -32.44 63.04 -26.67
CA VAL W 249 -31.80 62.26 -25.61
C VAL W 249 -30.32 62.65 -25.47
N GLU W 250 -29.65 62.89 -26.61
CA GLU W 250 -28.26 63.32 -26.55
C GLU W 250 -28.12 64.67 -25.87
N ILE W 251 -29.01 65.61 -26.20
CA ILE W 251 -28.97 66.93 -25.55
C ILE W 251 -29.24 66.80 -24.06
N ILE W 252 -30.22 65.96 -23.70
CA ILE W 252 -30.56 65.78 -22.29
C ILE W 252 -29.38 65.19 -21.53
N SER W 253 -28.69 64.22 -22.11
CA SER W 253 -27.53 63.63 -21.44
C SER W 253 -26.38 64.62 -21.36
N ASP W 254 -26.18 65.43 -22.40
CA ASP W 254 -25.13 66.43 -22.35
C ASP W 254 -25.40 67.46 -21.25
N ILE W 255 -26.66 67.84 -21.07
CA ILE W 255 -27.02 68.75 -19.98
C ILE W 255 -26.84 68.06 -18.63
N GLY W 256 -27.25 66.79 -18.54
CA GLY W 256 -27.08 66.06 -17.29
C GLY W 256 -25.63 65.88 -16.91
N ASN W 257 -24.72 65.97 -17.89
CA ASN W 257 -23.30 66.00 -17.58
C ASN W 257 -22.98 67.18 -16.66
N TYR W 258 -23.57 68.34 -16.94
CA TYR W 258 -23.41 69.49 -16.03
C TYR W 258 -24.27 69.33 -14.79
N VAL W 259 -25.41 68.65 -14.90
CA VAL W 259 -26.33 68.55 -13.76
C VAL W 259 -25.74 67.73 -12.62
N GLU W 260 -24.95 66.70 -12.95
CA GLU W 260 -24.48 65.76 -11.93
C GLU W 260 -23.68 66.46 -10.84
N GLU W 261 -23.79 65.93 -9.63
CA GLU W 261 -23.00 66.35 -8.47
C GLU W 261 -23.23 67.83 -8.13
N THR W 262 -24.37 68.37 -8.52
CA THR W 262 -24.69 69.75 -8.20
C THR W 262 -25.01 69.91 -6.73
N GLY W 263 -24.79 71.11 -6.21
CA GLY W 263 -25.12 71.45 -4.84
C GLY W 263 -24.26 70.82 -3.78
N MET W 264 -23.20 70.10 -4.15
CA MET W 264 -22.29 69.48 -3.20
C MET W 264 -20.85 69.81 -3.53
N ALA W 265 -20.59 71.07 -3.89
CA ALA W 265 -19.23 71.47 -4.22
C ALA W 265 -18.31 71.39 -3.01
N GLY W 266 -18.84 71.56 -1.80
CA GLY W 266 -18.01 71.47 -0.61
C GLY W 266 -17.38 70.11 -0.45
N PHE W 267 -18.20 69.05 -0.53
CA PHE W 267 -17.71 67.70 -0.29
C PHE W 267 -16.72 67.27 -1.37
N PHE W 268 -17.07 67.47 -2.64
CA PHE W 268 -16.21 67.03 -3.72
C PHE W 268 -14.95 67.88 -3.81
N ALA W 269 -15.05 69.19 -3.53
CA ALA W 269 -13.87 70.02 -3.45
C ALA W 269 -12.95 69.56 -2.33
N THR W 270 -13.52 69.25 -1.16
CA THR W 270 -12.73 68.72 -0.06
C THR W 270 -11.99 67.45 -0.50
N ILE W 271 -12.72 66.50 -1.08
CA ILE W 271 -12.10 65.27 -1.56
C ILE W 271 -10.93 65.61 -2.48
N ARG W 272 -11.25 66.27 -3.60
CA ARG W 272 -10.27 66.45 -4.68
C ARG W 272 -9.04 67.21 -4.22
N PHE W 273 -9.23 68.26 -3.42
CA PHE W 273 -8.11 69.13 -3.08
C PHE W 273 -7.44 68.72 -1.76
N GLY W 274 -8.21 68.69 -0.66
CA GLY W 274 -7.62 68.32 0.60
C GLY W 274 -7.18 66.87 0.65
N LEU W 275 -8.02 65.96 0.16
CA LEU W 275 -7.72 64.54 0.34
C LEU W 275 -6.69 64.06 -0.68
N GLU W 276 -7.00 64.19 -1.97
CA GLU W 276 -6.02 63.95 -3.01
C GLU W 276 -5.02 65.10 -3.02
N THR W 277 -4.07 65.07 -3.94
CA THR W 277 -2.96 66.02 -3.96
C THR W 277 -2.28 66.06 -2.59
N ARG W 278 -1.72 64.91 -2.22
CA ARG W 278 -1.20 64.68 -0.88
C ARG W 278 -0.16 65.71 -0.46
N TYR W 279 -0.48 66.52 0.53
CA TYR W 279 0.39 67.56 1.05
C TYR W 279 0.95 67.16 2.39
N PRO W 280 2.25 67.38 2.65
CA PRO W 280 2.82 67.06 3.96
C PRO W 280 2.06 67.61 5.16
N ALA W 281 1.16 68.57 4.94
CA ALA W 281 0.38 69.17 6.01
C ALA W 281 -0.90 68.40 6.31
N LEU W 282 -1.08 67.22 5.69
CA LEU W 282 -2.31 66.46 5.90
C LEU W 282 -2.33 65.83 7.29
N ALA W 283 -1.35 64.99 7.58
CA ALA W 283 -1.25 64.32 8.89
C ALA W 283 -0.75 65.34 9.90
N LEU W 284 -1.68 65.99 10.61
CA LEU W 284 -1.32 67.02 11.58
C LEU W 284 -2.03 66.83 12.92
N ASN W 285 -2.63 65.66 13.15
CA ASN W 285 -3.34 65.29 14.37
C ASN W 285 -4.57 66.15 14.65
N GLU W 286 -4.92 67.07 13.75
CA GLU W 286 -6.20 67.74 13.80
C GLU W 286 -7.09 67.39 12.61
N PHE W 287 -6.59 66.57 11.68
CA PHE W 287 -7.33 66.18 10.50
C PHE W 287 -7.74 64.72 10.49
N GLN W 288 -7.35 63.93 11.49
CA GLN W 288 -7.62 62.49 11.45
C GLN W 288 -9.12 62.20 11.58
N SER W 289 -9.82 62.92 12.45
CA SER W 289 -11.26 62.74 12.58
C SER W 289 -11.96 63.13 11.29
N ASP W 290 -11.55 64.23 10.67
CA ASP W 290 -12.14 64.65 9.41
C ASP W 290 -11.87 63.63 8.31
N LEU W 291 -10.67 63.05 8.29
CA LEU W 291 -10.36 62.03 7.30
C LEU W 291 -11.22 60.79 7.50
N ASN W 292 -11.42 60.37 8.75
CA ASN W 292 -12.29 59.23 9.01
C ASN W 292 -13.72 59.52 8.57
N THR W 293 -14.22 60.73 8.89
CA THR W 293 -15.56 61.11 8.46
C THR W 293 -15.67 61.13 6.94
N ILE W 294 -14.62 61.61 6.26
CA ILE W 294 -14.62 61.65 4.81
C ILE W 294 -14.65 60.24 4.22
N LYS W 295 -13.88 59.32 4.81
CA LYS W 295 -13.90 57.94 4.35
C LYS W 295 -15.28 57.33 4.53
N GLY W 296 -15.90 57.55 5.69
CA GLY W 296 -17.25 57.08 5.90
C GLY W 296 -18.24 57.67 4.91
N LEU W 297 -18.04 58.95 4.57
CA LEU W 297 -18.93 59.61 3.61
C LEU W 297 -18.77 59.03 2.21
N MET W 298 -17.52 58.72 1.81
CA MET W 298 -17.32 58.07 0.52
C MET W 298 -17.96 56.69 0.49
N LEU W 299 -17.84 55.93 1.58
CA LEU W 299 -18.49 54.63 1.64
C LEU W 299 -20.00 54.78 1.55
N LEU W 300 -20.56 55.77 2.24
CA LEU W 300 -22.00 56.02 2.17
C LEU W 300 -22.43 56.41 0.76
N TYR W 301 -21.63 57.25 0.10
CA TYR W 301 -21.94 57.67 -1.27
C TYR W 301 -21.94 56.47 -2.21
N ARG W 302 -20.98 55.56 -2.05
CA ARG W 302 -20.99 54.34 -2.84
C ARG W 302 -22.21 53.49 -2.51
N GLU W 303 -22.63 53.49 -1.24
CA GLU W 303 -23.77 52.68 -0.83
C GLU W 303 -25.11 53.23 -1.31
N ILE W 304 -25.21 54.54 -1.56
CA ILE W 304 -26.50 55.15 -1.85
C ILE W 304 -27.09 54.58 -3.14
N GLY W 305 -26.32 54.57 -4.21
CA GLY W 305 -26.78 54.03 -5.46
C GLY W 305 -26.70 55.02 -6.61
N PRO W 306 -27.46 54.77 -7.67
CA PRO W 306 -27.41 55.67 -8.84
C PRO W 306 -27.99 57.05 -8.59
N ARG W 307 -28.75 57.24 -7.51
CA ARG W 307 -29.32 58.55 -7.19
C ARG W 307 -28.35 59.43 -6.41
N ALA W 308 -27.14 58.95 -6.14
CA ALA W 308 -26.20 59.71 -5.32
C ALA W 308 -25.84 61.08 -5.90
N PRO W 309 -25.45 61.20 -7.18
CA PRO W 309 -25.07 62.54 -7.66
C PRO W 309 -26.19 63.56 -7.59
N TYR W 310 -27.42 63.15 -7.84
CA TYR W 310 -28.57 64.07 -7.75
C TYR W 310 -29.23 64.01 -6.38
N MET W 311 -28.44 64.13 -5.31
CA MET W 311 -29.02 64.11 -3.97
C MET W 311 -29.66 65.45 -3.61
N VAL W 312 -29.06 66.55 -4.03
CA VAL W 312 -29.65 67.86 -3.75
C VAL W 312 -30.93 68.06 -4.53
N LEU W 313 -30.97 67.57 -5.78
CA LEU W 313 -32.17 67.72 -6.59
C LEU W 313 -33.35 66.98 -5.98
N LEU W 314 -33.14 65.75 -5.51
CA LEU W 314 -34.19 65.00 -4.83
C LEU W 314 -34.32 65.40 -3.37
N GLU W 315 -33.43 66.25 -2.85
CA GLU W 315 -33.49 66.73 -1.47
C GLU W 315 -33.46 65.59 -0.47
N GLU W 316 -32.54 64.65 -0.68
CA GLU W 316 -32.36 63.54 0.24
C GLU W 316 -31.91 64.03 1.60
N SER W 317 -32.41 63.37 2.64
CA SER W 317 -31.96 63.67 3.99
C SER W 317 -30.52 63.25 4.22
N ILE W 318 -30.01 62.31 3.43
CA ILE W 318 -28.61 61.90 3.53
C ILE W 318 -27.68 63.04 3.16
N GLN W 319 -28.15 64.00 2.35
CA GLN W 319 -27.30 65.07 1.88
C GLN W 319 -26.75 65.93 3.01
N THR W 320 -27.54 66.12 4.08
CA THR W 320 -27.09 66.96 5.19
C THR W 320 -25.82 66.40 5.82
N LYS W 321 -25.72 65.07 5.94
CA LYS W 321 -24.52 64.46 6.47
C LYS W 321 -23.30 64.68 5.56
N PHE W 322 -23.53 64.96 4.28
CA PHE W 322 -22.43 65.21 3.36
C PHE W 322 -21.94 66.66 3.41
N ALA W 323 -22.77 67.59 3.86
CA ALA W 323 -22.42 68.99 3.82
C ALA W 323 -21.28 69.29 4.79
N PRO W 324 -20.42 70.25 4.46
CA PRO W 324 -19.39 70.68 5.41
C PRO W 324 -20.04 71.26 6.67
N GLY W 325 -19.41 70.98 7.80
CA GLY W 325 -19.98 71.30 9.10
C GLY W 325 -19.74 70.16 10.05
N GLY W 326 -19.71 68.95 9.50
CA GLY W 326 -19.22 67.79 10.21
C GLY W 326 -17.72 67.58 10.09
N TYR W 327 -17.07 68.33 9.19
CA TYR W 327 -15.62 68.28 9.04
C TYR W 327 -15.10 69.66 8.63
N PRO W 328 -15.35 70.68 9.45
CA PRO W 328 -15.00 72.05 9.03
C PRO W 328 -13.51 72.28 8.83
N LEU W 329 -12.65 71.55 9.55
CA LEU W 329 -11.22 71.81 9.48
C LEU W 329 -10.65 71.40 8.13
N LEU W 330 -10.82 70.12 7.77
CA LEU W 330 -10.33 69.65 6.48
C LEU W 330 -11.02 70.36 5.34
N TRP W 331 -12.31 70.68 5.50
CA TRP W 331 -13.01 71.43 4.47
C TRP W 331 -12.38 72.79 4.26
N SER W 332 -12.07 73.51 5.34
CA SER W 332 -11.44 74.82 5.21
C SER W 332 -10.07 74.71 4.56
N PHE W 333 -9.29 73.69 4.95
CA PHE W 333 -7.98 73.49 4.35
C PHE W 333 -8.11 73.25 2.84
N ALA W 334 -9.10 72.43 2.44
CA ALA W 334 -9.30 72.13 1.04
C ALA W 334 -9.78 73.35 0.26
N MET W 335 -10.64 74.16 0.86
CA MET W 335 -11.06 75.39 0.18
C MET W 335 -9.91 76.35 0.02
N GLY W 336 -9.03 76.43 1.02
CA GLY W 336 -7.85 77.28 0.87
C GLY W 336 -6.96 76.83 -0.27
N VAL W 337 -6.65 75.54 -0.31
CA VAL W 337 -5.77 75.05 -1.37
C VAL W 337 -6.46 75.17 -2.74
N ALA W 338 -7.77 75.00 -2.78
CA ALA W 338 -8.50 75.14 -4.04
C ALA W 338 -8.48 76.58 -4.53
N THR W 339 -8.76 77.54 -3.63
CA THR W 339 -8.74 78.94 -4.00
C THR W 339 -7.36 79.37 -4.47
N THR W 340 -6.30 78.84 -3.86
CA THR W 340 -4.97 79.16 -4.34
C THR W 340 -4.64 78.48 -5.67
N ILE W 341 -5.16 77.27 -5.89
CA ILE W 341 -4.81 76.48 -7.06
C ILE W 341 -5.76 76.77 -8.22
N ASP W 342 -7.06 76.57 -8.00
CA ASP W 342 -8.05 76.68 -9.06
C ASP W 342 -8.53 78.13 -9.16
N ARG W 343 -8.26 78.75 -10.31
CA ARG W 343 -8.68 80.14 -10.52
C ARG W 343 -10.19 80.28 -10.47
N SER W 344 -10.90 79.34 -11.12
CA SER W 344 -12.36 79.40 -11.12
C SER W 344 -12.92 79.26 -9.72
N MET W 345 -12.35 78.37 -8.92
CA MET W 345 -12.75 78.25 -7.52
C MET W 345 -12.33 79.52 -6.78
N GLY W 346 -13.29 80.17 -6.14
CA GLY W 346 -13.07 81.47 -5.55
C GLY W 346 -14.28 82.34 -5.77
N ALA W 347 -15.05 82.03 -6.82
CA ALA W 347 -16.39 82.56 -6.97
C ALA W 347 -17.40 81.80 -6.15
N LEU W 348 -16.99 80.71 -5.51
CA LEU W 348 -17.88 79.97 -4.63
C LEU W 348 -18.10 80.75 -3.33
N ASN W 349 -19.33 80.70 -2.83
CA ASN W 349 -19.68 81.40 -1.60
C ASN W 349 -19.41 80.45 -0.44
N ILE W 350 -18.41 80.78 0.38
CA ILE W 350 -17.99 79.92 1.47
C ILE W 350 -17.98 80.69 2.79
N ASN W 351 -18.85 81.68 2.92
CA ASN W 351 -18.91 82.51 4.12
C ASN W 351 -19.74 81.82 5.21
N ARG W 352 -19.33 80.60 5.55
CA ARG W 352 -20.02 79.82 6.57
C ARG W 352 -19.57 80.24 7.96
N GLY W 353 -20.26 79.69 8.97
CA GLY W 353 -19.95 79.98 10.35
C GLY W 353 -18.87 79.15 10.97
N TYR W 354 -18.25 78.25 10.21
CA TYR W 354 -17.20 77.38 10.69
C TYR W 354 -15.99 77.45 9.77
N LEU W 355 -15.62 78.68 9.38
CA LEU W 355 -14.55 78.86 8.41
C LEU W 355 -13.19 78.49 8.98
N GLU W 356 -12.94 78.80 10.26
CA GLU W 356 -11.66 78.55 10.90
C GLU W 356 -10.52 79.14 10.08
N PRO W 357 -10.34 80.47 10.09
CA PRO W 357 -9.36 81.09 9.19
C PRO W 357 -7.94 80.59 9.38
N MET W 358 -7.61 80.05 10.54
CA MET W 358 -6.26 79.53 10.76
C MET W 358 -5.96 78.40 9.77
N TYR W 359 -6.89 77.46 9.63
CA TYR W 359 -6.66 76.34 8.71
C TYR W 359 -6.77 76.77 7.26
N PHE W 360 -7.58 77.79 6.96
CA PHE W 360 -7.61 78.35 5.62
C PHE W 360 -6.26 78.95 5.26
N ARG W 361 -5.66 79.70 6.19
CA ARG W 361 -4.32 80.24 5.97
C ARG W 361 -3.30 79.12 5.83
N LEU W 362 -3.43 78.06 6.64
CA LEU W 362 -2.51 76.94 6.53
C LEU W 362 -2.59 76.29 5.16
N GLY W 363 -3.81 76.14 4.63
CA GLY W 363 -3.95 75.60 3.28
C GLY W 363 -3.39 76.52 2.22
N GLN W 364 -3.62 77.83 2.36
CA GLN W 364 -3.06 78.79 1.43
C GLN W 364 -1.54 78.69 1.39
N LYS W 365 -0.91 78.58 2.57
CA LYS W 365 0.54 78.40 2.62
C LYS W 365 0.95 77.04 2.05
N SER W 366 0.20 75.99 2.35
CA SER W 366 0.55 74.66 1.88
C SER W 366 0.52 74.58 0.36
N ALA W 367 -0.33 75.38 -0.28
CA ALA W 367 -0.41 75.33 -1.73
C ALA W 367 0.88 75.83 -2.38
N ARG W 368 1.46 76.92 -1.89
CA ARG W 368 2.58 77.57 -2.56
C ARG W 368 3.87 77.53 -1.73
N HIS W 369 3.86 78.02 -0.50
CA HIS W 369 5.08 78.19 0.27
C HIS W 369 5.57 76.90 0.92
N HIS W 370 4.81 75.82 0.80
CA HIS W 370 5.09 74.62 1.60
C HIS W 370 6.32 73.88 1.08
N ALA W 371 6.25 73.38 -0.15
CA ALA W 371 7.32 72.61 -0.77
C ALA W 371 6.93 72.31 -2.20
N GLY W 372 7.88 71.78 -2.96
CA GLY W 372 7.58 71.33 -4.31
C GLY W 372 6.61 70.16 -4.33
N GLY W 373 6.74 69.25 -3.35
CA GLY W 373 5.83 68.14 -3.23
C GLY W 373 6.09 67.02 -4.21
N ILE W 374 7.27 66.39 -4.11
CA ILE W 374 7.60 65.28 -4.99
C ILE W 374 7.10 64.00 -4.34
N ASP W 375 6.16 63.33 -5.02
CA ASP W 375 5.53 62.14 -4.50
C ASP W 375 6.41 60.94 -4.89
N GLN W 376 5.95 59.73 -4.57
CA GLN W 376 6.70 58.52 -4.92
C GLN W 376 6.89 58.44 -6.43
N ASN W 377 8.14 58.29 -6.85
CA ASN W 377 8.50 58.31 -8.27
C ASN W 377 8.81 56.90 -8.73
N MET W 378 7.95 56.34 -9.59
CA MET W 378 8.25 55.07 -10.22
C MET W 378 9.50 55.16 -11.08
N ALA W 379 9.62 56.25 -11.85
CA ALA W 379 10.85 56.53 -12.58
C ALA W 379 11.90 57.08 -11.63
N ASN W 380 13.10 56.51 -11.70
CA ASN W 380 14.18 56.89 -10.79
C ASN W 380 14.88 58.13 -11.33
N LYS W 381 14.67 59.26 -10.67
CA LYS W 381 15.27 60.53 -11.06
C LYS W 381 16.43 60.82 -10.10
N LEU W 382 17.62 60.39 -10.51
CA LEU W 382 18.79 60.48 -9.64
C LEU W 382 19.15 61.93 -9.35
N GLY W 383 19.13 62.79 -10.37
CA GLY W 383 19.53 64.18 -10.20
C GLY W 383 18.37 65.15 -10.21
N LEU W 384 17.27 64.79 -9.56
CA LEU W 384 16.05 65.58 -9.58
C LEU W 384 16.04 66.68 -8.53
N ASN W 385 17.09 66.81 -7.72
CA ASN W 385 17.15 67.89 -6.74
C ASN W 385 17.16 69.25 -7.44
N SER W 386 17.98 69.40 -8.48
CA SER W 386 18.02 70.66 -9.22
C SER W 386 16.71 70.90 -9.96
N ASP W 387 16.09 69.84 -10.49
CA ASP W 387 14.79 69.99 -11.13
C ASP W 387 13.74 70.49 -10.15
N GLN W 388 13.72 69.93 -8.94
CA GLN W 388 12.79 70.39 -7.92
C GLN W 388 13.07 71.83 -7.52
N VAL W 389 14.35 72.19 -7.41
CA VAL W 389 14.71 73.57 -7.07
C VAL W 389 14.21 74.53 -8.14
N ALA W 390 14.42 74.17 -9.41
CA ALA W 390 13.96 75.02 -10.50
C ALA W 390 12.44 75.12 -10.53
N GLU W 391 11.74 74.01 -10.25
CA GLU W 391 10.28 74.04 -10.22
C GLU W 391 9.78 74.95 -9.09
N LEU W 392 10.43 74.88 -7.92
CA LEU W 392 10.04 75.73 -6.81
C LEU W 392 10.48 77.18 -7.00
N ALA W 393 11.43 77.43 -7.91
CA ALA W 393 11.89 78.79 -8.14
C ALA W 393 10.81 79.67 -8.75
N ALA W 394 9.78 79.05 -9.33
CA ALA W 394 8.65 79.78 -9.92
C ALA W 394 9.12 80.75 -11.01
N MET X 1 1.67 41.55 39.73
CA MET X 1 2.51 41.13 38.64
C MET X 1 1.85 41.39 37.28
N SER X 2 2.08 40.47 36.33
CA SER X 2 1.50 40.62 35.00
C SER X 2 -0.01 40.42 35.03
N ASP X 3 -0.49 39.48 35.85
CA ASP X 3 -1.92 39.15 35.86
C ASP X 3 -2.74 40.35 36.32
N ILE X 4 -2.30 41.04 37.36
CA ILE X 4 -3.02 42.21 37.82
C ILE X 4 -2.88 43.33 36.80
N PHE X 5 -3.80 44.31 36.86
CA PHE X 5 -3.98 45.37 35.89
C PHE X 5 -4.61 44.83 34.62
N ASP X 6 -4.79 43.52 34.55
CA ASP X 6 -5.54 42.85 33.49
C ASP X 6 -6.80 42.20 34.02
N GLU X 7 -6.77 41.70 35.26
CA GLU X 7 -7.98 41.24 35.91
C GLU X 7 -8.99 42.37 36.09
N ALA X 8 -8.50 43.56 36.44
CA ALA X 8 -9.39 44.72 36.56
C ALA X 8 -9.97 45.11 35.20
N ALA X 9 -9.16 45.00 34.15
CA ALA X 9 -9.65 45.36 32.82
C ALA X 9 -10.87 44.52 32.44
N SER X 10 -10.84 43.23 32.77
CA SER X 10 -12.04 42.42 32.62
C SER X 10 -13.07 42.73 33.71
N PHE X 11 -12.60 43.05 34.91
CA PHE X 11 -13.52 43.32 36.02
C PHE X 11 -14.37 44.56 35.74
N ARG X 12 -13.74 45.64 35.25
CA ARG X 12 -14.51 46.82 34.90
C ARG X 12 -15.42 46.57 33.71
N SER X 13 -14.94 45.78 32.74
CA SER X 13 -15.78 45.40 31.61
C SER X 13 -16.96 44.54 32.06
N TYR X 14 -16.72 43.60 32.97
CA TYR X 14 -17.79 42.76 33.48
C TYR X 14 -18.75 43.58 34.36
N GLN X 15 -18.21 44.56 35.09
CA GLN X 15 -19.05 45.34 35.99
C GLN X 15 -20.07 46.18 35.24
N SER X 16 -19.74 46.63 34.03
CA SER X 16 -20.67 47.46 33.26
C SER X 16 -21.91 46.66 32.85
N LYS X 17 -21.71 45.49 32.27
CA LYS X 17 -22.82 44.61 31.88
C LYS X 17 -23.07 43.59 32.98
N LEU X 18 -23.36 44.09 34.17
CA LEU X 18 -23.47 43.24 35.35
C LEU X 18 -24.78 42.45 35.37
N GLY X 19 -25.91 43.15 35.40
CA GLY X 19 -27.20 42.49 35.46
C GLY X 19 -28.09 42.78 34.27
N ARG X 20 -27.50 43.30 33.20
CA ARG X 20 -28.26 43.65 32.00
C ARG X 20 -28.37 42.45 31.07
N ASP X 21 -29.01 41.40 31.58
CA ASP X 21 -29.18 40.16 30.85
C ASP X 21 -30.50 39.52 31.26
N GLY X 22 -31.00 38.63 30.40
CA GLY X 22 -32.25 37.96 30.65
C GLY X 22 -33.44 38.77 30.22
N ARG X 23 -34.62 38.24 30.55
CA ARG X 23 -35.89 38.86 30.22
C ARG X 23 -36.67 39.16 31.49
N ALA X 24 -37.28 40.34 31.54
CA ALA X 24 -38.07 40.74 32.69
C ALA X 24 -39.44 40.10 32.64
N SER X 25 -40.17 40.21 33.75
CA SER X 25 -41.50 39.64 33.87
C SER X 25 -42.56 40.69 33.57
N ALA X 26 -43.80 40.24 33.43
CA ALA X 26 -44.94 41.11 33.19
C ALA X 26 -45.53 41.69 34.47
N ALA X 27 -44.98 41.32 35.63
CA ALA X 27 -45.49 41.87 36.88
C ALA X 27 -45.28 43.37 36.96
N THR X 28 -44.12 43.85 36.49
CA THR X 28 -43.83 45.29 36.48
C THR X 28 -44.47 45.94 35.26
N ALA X 29 -45.80 46.02 35.30
CA ALA X 29 -46.58 46.59 34.22
C ALA X 29 -47.15 47.92 34.68
N THR X 30 -46.81 48.99 33.95
CA THR X 30 -47.27 50.32 34.30
C THR X 30 -48.78 50.44 34.10
N LEU X 31 -49.41 51.25 34.95
CA LEU X 31 -50.83 51.55 34.77
C LEU X 31 -51.02 52.40 33.51
N THR X 32 -52.03 52.06 32.72
CA THR X 32 -52.24 52.67 31.42
C THR X 32 -53.35 53.72 31.50
N THR X 33 -53.19 54.79 30.75
CA THR X 33 -54.14 55.88 30.68
C THR X 33 -54.76 55.91 29.29
N LYS X 34 -56.08 56.05 29.24
CA LYS X 34 -56.77 56.11 27.96
C LYS X 34 -56.51 57.45 27.28
N ILE X 35 -56.14 57.39 26.00
CA ILE X 35 -55.84 58.59 25.21
C ILE X 35 -56.73 58.57 23.98
N ARG X 36 -57.54 59.61 23.81
CA ARG X 36 -58.50 59.70 22.72
C ARG X 36 -57.89 60.50 21.58
N ILE X 37 -57.75 59.86 20.41
CA ILE X 37 -57.10 60.44 19.25
C ILE X 37 -58.13 60.62 18.15
N PHE X 38 -58.23 61.85 17.64
CA PHE X 38 -59.17 62.18 16.57
C PHE X 38 -58.43 62.16 15.24
N VAL X 39 -58.70 61.14 14.43
CA VAL X 39 -58.04 61.01 13.13
C VAL X 39 -59.07 61.25 12.02
N PRO X 40 -58.68 61.81 10.88
CA PRO X 40 -59.64 61.99 9.79
C PRO X 40 -59.96 60.66 9.13
N ALA X 41 -61.25 60.39 8.95
CA ALA X 41 -61.67 59.13 8.35
C ALA X 41 -61.47 59.14 6.83
N THR X 42 -61.70 60.28 6.19
CA THR X 42 -61.67 60.39 4.74
C THR X 42 -60.42 61.18 4.31
N ASN X 43 -60.33 61.42 3.00
CA ASN X 43 -59.21 62.16 2.41
C ASN X 43 -59.62 63.54 1.93
N SER X 44 -60.83 63.99 2.24
CA SER X 44 -61.29 65.29 1.77
C SER X 44 -60.48 66.40 2.43
N PRO X 45 -59.86 67.29 1.66
CA PRO X 45 -59.05 68.35 2.28
C PRO X 45 -59.83 69.27 3.21
N GLU X 46 -61.09 69.54 2.89
CA GLU X 46 -61.89 70.43 3.73
C GLU X 46 -62.08 69.86 5.12
N LEU X 47 -62.23 68.54 5.23
CA LEU X 47 -62.35 67.92 6.55
C LEU X 47 -61.02 67.87 7.27
N ARG X 48 -59.94 67.53 6.56
CA ARG X 48 -58.63 67.47 7.18
C ARG X 48 -58.16 68.85 7.62
N TRP X 49 -58.37 69.87 6.78
CA TRP X 49 -57.95 71.22 7.15
C TRP X 49 -58.74 71.73 8.36
N GLU X 50 -60.04 71.43 8.41
CA GLU X 50 -60.83 71.80 9.57
C GLU X 50 -60.40 71.02 10.80
N LEU X 51 -59.93 69.79 10.60
CA LEU X 51 -59.47 68.97 11.73
C LEU X 51 -58.18 69.52 12.32
N THR X 52 -57.19 69.83 11.47
CA THR X 52 -55.92 70.33 11.98
C THR X 52 -56.06 71.73 12.55
N LEU X 53 -57.06 72.49 12.09
CA LEU X 53 -57.38 73.75 12.76
C LEU X 53 -57.91 73.50 14.17
N PHE X 54 -58.73 72.48 14.33
CA PHE X 54 -59.23 72.12 15.65
C PHE X 54 -58.10 71.65 16.56
N ALA X 55 -57.20 70.82 16.03
CA ALA X 55 -56.11 70.29 16.84
C ALA X 55 -55.17 71.41 17.30
N LEU X 56 -55.01 72.44 16.48
CA LEU X 56 -54.21 73.59 16.89
C LEU X 56 -54.84 74.31 18.08
N ASP X 57 -56.17 74.45 18.07
CA ASP X 57 -56.85 75.15 19.16
C ASP X 57 -56.76 74.38 20.46
N VAL X 58 -56.88 73.05 20.40
CA VAL X 58 -56.85 72.24 21.62
C VAL X 58 -55.49 72.38 22.30
N ILE X 59 -54.41 72.32 21.52
CA ILE X 59 -53.07 72.49 22.09
C ILE X 59 -52.92 73.87 22.70
N ARG X 60 -53.40 74.90 21.99
CA ARG X 60 -53.32 76.26 22.50
C ARG X 60 -54.29 76.50 23.66
N SER X 61 -55.31 75.67 23.80
CA SER X 61 -56.31 75.88 24.83
C SER X 61 -55.69 75.72 26.21
N PRO X 62 -55.97 76.63 27.17
CA PRO X 62 -55.43 76.48 28.52
C PRO X 62 -56.30 75.56 29.38
N SER X 63 -57.58 75.45 29.05
CA SER X 63 -58.51 74.63 29.80
C SER X 63 -58.48 73.16 29.37
N ALA X 64 -57.68 72.83 28.36
CA ALA X 64 -57.63 71.45 27.88
C ALA X 64 -56.88 70.56 28.86
N ALA X 65 -57.42 69.38 29.09
CA ALA X 65 -56.71 68.38 29.89
C ALA X 65 -55.51 67.84 29.10
N GLU X 66 -54.55 67.30 29.85
CA GLU X 66 -53.33 66.81 29.22
C GLU X 66 -53.63 65.67 28.25
N SER X 67 -54.55 64.78 28.61
CA SER X 67 -54.88 63.67 27.73
C SER X 67 -55.43 64.18 26.39
N MET X 68 -56.25 65.22 26.43
CA MET X 68 -56.73 65.82 25.19
C MET X 68 -55.59 66.44 24.39
N LYS X 69 -54.64 67.07 25.08
CA LYS X 69 -53.50 67.68 24.39
C LYS X 69 -52.66 66.64 23.68
N ILE X 70 -52.47 65.47 24.30
CA ILE X 70 -51.74 64.39 23.64
C ILE X 70 -52.50 63.91 22.41
N GLY X 71 -53.83 63.79 22.51
CA GLY X 71 -54.62 63.40 21.37
C GLY X 71 -54.53 64.39 20.22
N ALA X 72 -54.54 65.69 20.55
CA ALA X 72 -54.34 66.70 19.52
C ALA X 72 -52.95 66.60 18.91
N ALA X 73 -51.93 66.36 19.75
CA ALA X 73 -50.57 66.20 19.23
C ALA X 73 -50.46 64.98 18.33
N PHE X 74 -51.06 63.86 18.73
CA PHE X 74 -51.05 62.69 17.88
C PHE X 74 -51.87 62.92 16.60
N THR X 75 -52.96 63.67 16.71
CA THR X 75 -53.75 64.00 15.53
C THR X 75 -52.94 64.84 14.54
N LEU X 76 -52.16 65.80 15.05
CA LEU X 76 -51.38 66.65 14.17
C LEU X 76 -50.29 65.87 13.46
N ILE X 77 -49.52 65.07 14.22
CA ILE X 77 -48.33 64.42 13.67
C ILE X 77 -48.70 63.47 12.54
N SER X 78 -49.82 62.78 12.67
CA SER X 78 -50.22 61.78 11.68
C SER X 78 -51.14 62.34 10.61
N MET X 79 -51.27 63.67 10.51
CA MET X 79 -52.15 64.26 9.52
C MET X 79 -51.66 64.02 8.09
N TYR X 80 -50.34 63.97 7.89
CA TYR X 80 -49.82 63.83 6.54
C TYR X 80 -50.20 62.49 5.94
N SER X 81 -50.22 61.43 6.74
CA SER X 81 -50.47 60.09 6.23
C SER X 81 -51.91 59.96 5.74
N GLU X 82 -52.07 59.18 4.67
CA GLU X 82 -53.41 58.93 4.13
C GLU X 82 -54.25 58.08 5.06
N ARG X 83 -53.63 57.27 5.91
CA ARG X 83 -54.32 56.43 6.89
C ARG X 83 -53.74 56.74 8.27
N PRO X 84 -54.14 57.86 8.88
CA PRO X 84 -53.58 58.20 10.20
C PRO X 84 -53.84 57.15 11.25
N GLY X 85 -54.98 56.46 11.20
CA GLY X 85 -55.27 55.42 12.16
C GLY X 85 -54.29 54.26 12.05
N ALA X 86 -53.98 53.84 10.83
CA ALA X 86 -53.03 52.75 10.64
C ALA X 86 -51.63 53.14 11.07
N LEU X 87 -51.23 54.39 10.79
CA LEU X 87 -49.89 54.84 11.15
C LEU X 87 -49.68 54.84 12.65
N ILE X 88 -50.65 55.36 13.40
CA ILE X 88 -50.52 55.41 14.85
C ILE X 88 -50.51 54.00 15.45
N ARG X 89 -51.41 53.14 14.98
CA ARG X 89 -51.50 51.79 15.55
C ARG X 89 -50.27 50.95 15.24
N SER X 90 -49.66 51.15 14.07
CA SER X 90 -48.53 50.36 13.64
C SER X 90 -47.19 50.99 14.00
N LEU X 91 -47.19 52.14 14.68
CA LEU X 91 -45.95 52.81 15.08
C LEU X 91 -46.07 53.33 16.50
N LEU X 92 -46.71 52.57 17.38
CA LEU X 92 -46.87 52.93 18.78
C LEU X 92 -46.23 51.87 19.66
N ASN X 93 -45.30 52.28 20.50
CA ASN X 93 -44.62 51.38 21.43
C ASN X 93 -44.55 52.02 22.81
N ASP X 94 -45.69 52.56 23.27
CA ASP X 94 -45.76 53.24 24.56
C ASP X 94 -46.52 52.38 25.56
N PRO X 95 -45.84 51.70 26.48
CA PRO X 95 -46.57 50.95 27.52
C PRO X 95 -47.33 51.84 28.48
N ASP X 96 -46.97 53.13 28.58
CA ASP X 96 -47.64 54.00 29.54
C ASP X 96 -49.08 54.30 29.13
N ILE X 97 -49.36 54.37 27.83
CA ILE X 97 -50.64 54.82 27.33
C ILE X 97 -51.27 53.75 26.44
N GLU X 98 -52.59 53.79 26.35
CA GLU X 98 -53.34 53.03 25.36
C GLU X 98 -54.10 54.02 24.49
N ALA X 99 -54.02 53.83 23.18
CA ALA X 99 -54.61 54.76 22.23
C ALA X 99 -55.91 54.17 21.67
N VAL X 100 -57.00 54.93 21.79
CA VAL X 100 -58.28 54.56 21.20
C VAL X 100 -58.49 55.47 19.99
N ILE X 101 -58.26 54.90 18.81
CA ILE X 101 -58.37 55.69 17.58
C ILE X 101 -59.84 55.97 17.28
N ILE X 102 -60.16 57.22 16.99
CA ILE X 102 -61.52 57.66 16.71
C ILE X 102 -61.55 58.25 15.31
N ASP X 103 -62.25 57.60 14.40
CA ASP X 103 -62.46 58.15 13.07
C ASP X 103 -63.44 59.31 13.15
N VAL X 104 -63.01 60.48 12.68
CA VAL X 104 -63.80 61.69 12.86
C VAL X 104 -65.10 61.61 12.06
N GLY X 105 -65.03 61.14 10.82
CA GLY X 105 -66.24 60.97 10.02
C GLY X 105 -66.63 62.22 9.25
N SER X 106 -67.59 62.97 9.77
CA SER X 106 -67.95 64.27 9.24
C SER X 106 -67.31 65.35 10.11
N MET X 107 -67.61 66.61 9.82
CA MET X 107 -66.95 67.70 10.52
C MET X 107 -67.93 68.85 10.72
N LEU X 108 -68.27 69.12 11.98
CA LEU X 108 -68.98 70.32 12.37
C LEU X 108 -67.96 71.39 12.77
N ASN X 109 -68.43 72.45 13.44
CA ASN X 109 -67.50 73.41 14.03
C ASN X 109 -66.50 72.71 14.93
N GLY X 110 -66.98 71.82 15.80
CA GLY X 110 -66.11 70.92 16.54
C GLY X 110 -65.99 69.59 15.83
N ILE X 111 -66.28 68.50 16.53
CA ILE X 111 -66.31 67.19 15.89
C ILE X 111 -67.66 66.53 16.19
N PRO X 112 -68.33 65.96 15.19
CA PRO X 112 -69.58 65.22 15.45
C PRO X 112 -69.26 63.78 15.85
N VAL X 113 -69.67 63.41 17.06
CA VAL X 113 -69.45 62.04 17.54
C VAL X 113 -70.20 61.05 16.67
N MET X 114 -71.45 61.37 16.32
CA MET X 114 -72.28 60.55 15.42
C MET X 114 -72.36 59.10 15.91
N GLU X 115 -72.74 58.93 17.17
CA GLU X 115 -72.88 57.59 17.75
C GLU X 115 -73.90 57.69 18.87
N ARG X 116 -75.14 57.28 18.59
CA ARG X 116 -76.24 57.29 19.55
C ARG X 116 -76.40 58.68 20.15
N ARG X 117 -76.79 59.62 19.29
CA ARG X 117 -76.94 61.01 19.70
C ARG X 117 -77.90 61.14 20.87
N GLY X 118 -77.48 61.89 21.89
CA GLY X 118 -78.23 62.03 23.13
C GLY X 118 -77.74 61.11 24.24
N ASP X 119 -77.17 59.97 23.86
CA ASP X 119 -76.66 59.00 24.83
C ASP X 119 -75.16 59.16 24.94
N LYS X 120 -74.70 59.80 26.01
CA LYS X 120 -73.28 59.98 26.31
C LYS X 120 -72.53 60.67 25.18
N ALA X 121 -73.22 61.56 24.46
CA ALA X 121 -72.59 62.24 23.33
C ALA X 121 -72.67 63.75 23.48
N GLN X 122 -73.76 64.24 24.08
CA GLN X 122 -73.93 65.69 24.19
C GLN X 122 -72.85 66.31 25.08
N GLU X 123 -72.49 65.63 26.18
CA GLU X 123 -71.54 66.22 27.11
C GLU X 123 -70.16 66.40 26.47
N GLU X 124 -69.75 65.44 25.65
CA GLU X 124 -68.50 65.61 24.91
C GLU X 124 -68.57 66.79 23.97
N MET X 125 -69.72 66.98 23.31
CA MET X 125 -69.89 68.10 22.40
C MET X 125 -69.79 69.43 23.15
N GLU X 126 -70.42 69.51 24.31
CA GLU X 126 -70.33 70.73 25.12
C GLU X 126 -68.89 70.96 25.58
N GLY X 127 -68.19 69.89 25.94
CA GLY X 127 -66.80 70.04 26.36
C GLY X 127 -65.91 70.60 25.27
N LEU X 128 -66.10 70.13 24.04
CA LEU X 128 -65.27 70.62 22.93
C LEU X 128 -65.54 72.09 22.63
N MET X 129 -66.81 72.51 22.71
CA MET X 129 -67.11 73.94 22.56
C MET X 129 -66.47 74.75 23.69
N ARG X 130 -66.44 74.21 24.91
CA ARG X 130 -65.70 74.87 25.97
C ARG X 130 -64.21 74.91 25.66
N ILE X 131 -63.69 73.86 25.02
CA ILE X 131 -62.29 73.85 24.61
C ILE X 131 -62.03 74.93 23.57
N LEU X 132 -62.90 75.02 22.56
CA LEU X 132 -62.69 75.98 21.49
C LEU X 132 -62.85 77.41 21.97
N LYS X 133 -63.88 77.67 22.80
CA LYS X 133 -64.13 79.03 23.26
C LYS X 133 -63.00 79.53 24.15
N THR X 134 -62.53 78.68 25.08
CA THR X 134 -61.43 79.07 25.95
C THR X 134 -60.15 79.27 25.16
N ALA X 135 -59.91 78.43 24.15
CA ALA X 135 -58.69 78.56 23.34
C ALA X 135 -58.66 79.89 22.60
N ARG X 136 -59.79 80.30 22.02
CA ARG X 136 -59.82 81.55 21.27
C ARG X 136 -59.79 82.76 22.20
N GLU X 137 -60.48 82.67 23.34
CA GLU X 137 -60.52 83.79 24.28
C GLU X 137 -59.20 83.97 25.03
N SER X 138 -58.46 82.88 25.25
CA SER X 138 -57.23 82.97 26.03
C SER X 138 -56.22 83.91 25.39
N SER X 139 -56.01 83.75 24.08
CA SER X 139 -55.15 84.67 23.36
C SER X 139 -55.86 86.00 23.15
N LYS X 140 -55.08 87.02 22.80
CA LYS X 140 -55.64 88.35 22.58
C LYS X 140 -56.22 88.46 21.18
N GLY X 141 -57.09 87.51 20.82
CA GLY X 141 -57.61 87.45 19.47
C GLY X 141 -56.61 86.97 18.46
N LYS X 142 -55.46 86.46 18.90
CA LYS X 142 -54.38 86.09 18.00
C LYS X 142 -54.55 84.64 17.55
N THR X 143 -54.54 84.44 16.24
CA THR X 143 -54.61 83.10 15.68
C THR X 143 -53.28 82.37 15.91
N PRO X 144 -53.29 81.03 15.88
CA PRO X 144 -52.03 80.30 16.01
C PRO X 144 -51.01 80.66 14.94
N PHE X 145 -51.45 80.96 13.73
CA PHE X 145 -50.54 81.35 12.66
C PHE X 145 -50.13 82.81 12.81
N VAL X 146 -48.92 83.10 12.33
CA VAL X 146 -48.43 84.48 12.37
C VAL X 146 -49.23 85.38 11.43
N ASP X 147 -49.98 84.80 10.51
CA ASP X 147 -50.84 85.55 9.60
C ASP X 147 -52.30 85.29 9.97
N SER X 148 -53.04 86.35 10.23
CA SER X 148 -54.44 86.21 10.64
C SER X 148 -55.29 85.61 9.52
N ARG X 149 -54.89 85.80 8.26
CA ARG X 149 -55.64 85.23 7.15
C ARG X 149 -55.45 83.73 7.02
N ALA X 150 -54.39 83.18 7.63
CA ALA X 150 -54.14 81.75 7.54
C ALA X 150 -55.09 80.93 8.41
N TYR X 151 -55.73 81.56 9.39
CA TYR X 151 -56.64 80.83 10.27
C TYR X 151 -58.00 80.63 9.62
N GLY X 152 -58.68 81.72 9.30
CA GLY X 152 -59.96 81.63 8.63
C GLY X 152 -59.82 81.46 7.14
N LEU X 153 -59.04 80.46 6.72
CA LEU X 153 -58.76 80.21 5.31
C LEU X 153 -59.50 78.95 4.88
N ARG X 154 -60.22 79.05 3.76
CA ARG X 154 -60.94 77.92 3.19
C ARG X 154 -59.99 77.10 2.32
N ILE X 155 -59.94 75.79 2.56
CA ILE X 155 -59.09 74.89 1.80
C ILE X 155 -59.98 73.84 1.15
N THR X 156 -59.95 73.78 -0.18
CA THR X 156 -60.64 72.74 -0.94
C THR X 156 -59.73 71.99 -1.90
N ASP X 157 -58.58 72.55 -2.28
CA ASP X 157 -57.64 71.89 -3.17
C ASP X 157 -56.69 71.01 -2.37
N MET X 158 -56.47 69.79 -2.85
CA MET X 158 -55.55 68.87 -2.18
C MET X 158 -54.13 69.42 -2.19
N SER X 159 -53.75 70.13 -3.25
CA SER X 159 -52.39 70.68 -3.33
C SER X 159 -52.16 71.70 -2.22
N THR X 160 -53.14 72.56 -1.96
CA THR X 160 -52.96 73.57 -0.91
C THR X 160 -52.95 72.93 0.46
N LEU X 161 -53.80 71.92 0.70
CA LEU X 161 -53.84 71.27 2.00
C LEU X 161 -52.51 70.60 2.32
N VAL X 162 -51.93 69.91 1.34
CA VAL X 162 -50.67 69.20 1.58
C VAL X 162 -49.58 70.19 1.97
N SER X 163 -49.45 71.28 1.23
CA SER X 163 -48.44 72.28 1.56
C SER X 163 -48.69 72.91 2.92
N ALA X 164 -49.96 73.19 3.22
CA ALA X 164 -50.30 73.76 4.52
C ALA X 164 -49.98 72.79 5.65
N VAL X 165 -50.27 71.51 5.46
CA VAL X 165 -50.06 70.53 6.52
C VAL X 165 -48.58 70.40 6.84
N ILE X 166 -47.73 70.32 5.82
CA ILE X 166 -46.29 70.13 6.05
C ILE X 166 -45.72 71.27 6.87
N THR X 167 -46.15 72.50 6.57
CA THR X 167 -45.66 73.66 7.33
C THR X 167 -46.03 73.54 8.79
N ILE X 168 -47.24 73.06 9.09
CA ILE X 168 -47.61 72.78 10.47
C ILE X 168 -46.80 71.60 11.00
N GLU X 169 -46.62 70.56 10.19
CA GLU X 169 -45.81 69.42 10.60
C GLU X 169 -44.36 69.83 10.82
N ALA X 170 -43.76 70.54 9.86
CA ALA X 170 -42.35 70.87 9.95
C ALA X 170 -42.07 71.73 11.17
N GLN X 171 -42.89 72.76 11.41
CA GLN X 171 -42.66 73.66 12.52
C GLN X 171 -42.76 72.94 13.86
N ILE X 172 -43.61 71.91 13.95
CA ILE X 172 -43.67 71.10 15.16
C ILE X 172 -42.41 70.27 15.32
N TRP X 173 -41.94 69.66 14.24
CA TRP X 173 -40.77 68.78 14.31
C TRP X 173 -39.47 69.53 14.58
N ILE X 174 -39.44 70.85 14.42
CA ILE X 174 -38.23 71.60 14.80
C ILE X 174 -38.02 71.55 16.29
N LEU X 175 -39.11 71.56 17.07
CA LEU X 175 -39.02 71.69 18.52
C LEU X 175 -38.39 70.48 19.18
N ILE X 176 -38.49 69.29 18.59
CA ILE X 176 -38.03 68.07 19.25
C ILE X 176 -36.52 68.11 19.46
N ALA X 177 -35.78 68.83 18.60
CA ALA X 177 -34.33 68.84 18.71
C ALA X 177 -33.88 69.40 20.05
N LYS X 178 -34.50 70.49 20.51
CA LYS X 178 -34.14 71.16 21.75
C LYS X 178 -35.36 71.35 22.63
N ALA X 179 -36.14 70.28 22.81
CA ALA X 179 -37.31 70.33 23.68
C ALA X 179 -36.99 69.90 25.10
N VAL X 180 -36.10 68.92 25.27
CA VAL X 180 -35.76 68.42 26.60
C VAL X 180 -34.35 68.80 27.01
N THR X 181 -33.44 69.07 26.07
CA THR X 181 -32.08 69.45 26.44
C THR X 181 -32.06 70.85 27.04
N ALA X 182 -32.47 71.84 26.26
CA ALA X 182 -32.52 73.23 26.74
C ALA X 182 -33.69 73.94 26.07
N PRO X 183 -34.92 73.65 26.51
CA PRO X 183 -36.09 74.31 25.90
C PRO X 183 -36.09 75.81 26.05
N ASP X 184 -35.56 76.34 27.16
CA ASP X 184 -35.57 77.78 27.36
C ASP X 184 -34.64 78.48 26.37
N THR X 185 -33.46 77.92 26.13
CA THR X 185 -32.48 78.50 25.23
C THR X 185 -32.78 78.25 23.75
N ALA X 186 -34.00 77.84 23.43
CA ALA X 186 -34.39 77.57 22.06
C ALA X 186 -34.76 78.88 21.36
N GLU X 187 -35.41 78.78 20.21
CA GLU X 187 -35.89 79.85 19.33
C GLU X 187 -34.75 80.48 18.52
N GLU X 188 -33.50 80.11 18.76
CA GLU X 188 -32.39 80.54 17.92
C GLU X 188 -32.09 79.51 16.84
N SER X 189 -31.81 78.27 17.24
CA SER X 189 -31.63 77.20 16.26
C SER X 189 -32.94 76.89 15.56
N GLU X 190 -34.07 76.95 16.29
CA GLU X 190 -35.36 76.67 15.68
C GLU X 190 -35.67 77.67 14.56
N THR X 191 -35.40 78.95 14.79
CA THR X 191 -35.54 79.93 13.72
C THR X 191 -34.57 79.65 12.59
N ARG X 192 -33.36 79.22 12.93
CA ARG X 192 -32.38 78.88 11.89
C ARG X 192 -32.86 77.69 11.05
N ARG X 193 -33.45 76.68 11.70
CA ARG X 193 -33.99 75.55 10.95
C ARG X 193 -35.14 75.99 10.06
N TRP X 194 -36.04 76.83 10.58
CA TRP X 194 -37.16 77.31 9.79
C TRP X 194 -36.68 78.14 8.60
N ALA X 195 -35.67 78.99 8.83
CA ALA X 195 -35.14 79.80 7.74
C ALA X 195 -34.55 78.94 6.63
N LYS X 196 -33.88 77.85 7.01
CA LYS X 196 -33.28 76.97 6.01
C LYS X 196 -34.34 76.35 5.10
N TYR X 197 -35.43 75.88 5.68
CA TYR X 197 -36.47 75.23 4.88
C TYR X 197 -37.24 76.24 4.04
N VAL X 198 -37.39 77.48 4.54
CA VAL X 198 -38.02 78.53 3.74
C VAL X 198 -37.19 78.83 2.50
N GLN X 199 -35.86 78.92 2.67
CA GLN X 199 -35.01 79.19 1.52
C GLN X 199 -34.99 78.01 0.55
N GLN X 200 -35.17 76.79 1.05
CA GLN X 200 -35.27 75.61 0.20
C GLN X 200 -36.64 75.48 -0.45
N LYS X 201 -37.60 76.34 -0.08
CA LYS X 201 -38.96 76.33 -0.62
C LYS X 201 -39.68 75.01 -0.34
N ARG X 202 -39.23 74.26 0.66
CA ARG X 202 -39.94 73.05 1.06
C ARG X 202 -41.20 73.37 1.85
N VAL X 203 -41.22 74.50 2.55
CA VAL X 203 -42.35 74.91 3.37
C VAL X 203 -42.85 76.25 2.87
N ASN X 204 -44.18 76.37 2.76
CA ASN X 204 -44.78 77.64 2.38
C ASN X 204 -44.88 78.55 3.60
N PRO X 205 -44.22 79.71 3.60
CA PRO X 205 -44.16 80.52 4.83
C PRO X 205 -45.49 81.15 5.22
N PHE X 206 -46.52 81.02 4.40
CA PHE X 206 -47.82 81.60 4.75
C PHE X 206 -48.38 80.96 6.01
N PHE X 207 -48.24 79.64 6.15
CA PHE X 207 -48.71 78.92 7.33
C PHE X 207 -47.56 78.81 8.33
N ALA X 208 -47.27 79.93 8.98
CA ALA X 208 -46.21 80.01 9.99
C ALA X 208 -46.87 80.28 11.34
N LEU X 209 -46.78 79.32 12.25
CA LEU X 209 -47.36 79.50 13.57
C LEU X 209 -46.56 80.52 14.38
N THR X 210 -47.28 81.28 15.20
CA THR X 210 -46.63 82.30 16.00
C THR X 210 -45.78 81.66 17.10
N GLN X 211 -44.86 82.46 17.65
CA GLN X 211 -43.98 81.95 18.69
C GLN X 211 -44.72 81.71 20.00
N GLN X 212 -45.86 82.39 20.20
CA GLN X 212 -46.68 82.12 21.37
C GLN X 212 -47.21 80.70 21.33
N TRP X 213 -47.68 80.25 20.16
CA TRP X 213 -48.19 78.90 20.03
C TRP X 213 -47.07 77.87 20.12
N LEU X 214 -45.91 78.18 19.52
CA LEU X 214 -44.80 77.24 19.53
C LEU X 214 -44.31 76.98 20.95
N THR X 215 -44.27 78.03 21.78
CA THR X 215 -43.89 77.85 23.18
C THR X 215 -44.87 76.94 23.91
N GLU X 216 -46.17 77.11 23.65
CA GLU X 216 -47.16 76.26 24.29
C GLU X 216 -47.01 74.81 23.87
N MET X 217 -46.75 74.56 22.58
CA MET X 217 -46.56 73.18 22.12
C MET X 217 -45.28 72.60 22.67
N ARG X 218 -44.19 73.36 22.68
CA ARG X 218 -42.92 72.86 23.19
C ARG X 218 -43.02 72.51 24.67
N ASN X 219 -43.76 73.32 25.44
CA ASN X 219 -44.00 72.98 26.84
C ASN X 219 -44.77 71.68 26.96
N LEU X 220 -45.78 71.48 26.10
CA LEU X 220 -46.49 70.21 26.09
C LEU X 220 -45.58 69.07 25.67
N LEU X 221 -44.72 69.30 24.68
CA LEU X 221 -43.84 68.25 24.18
C LEU X 221 -42.82 67.85 25.22
N SER X 222 -42.31 68.81 26.02
CA SER X 222 -41.32 68.48 27.02
C SER X 222 -41.94 67.73 28.20
N GLN X 223 -43.16 68.12 28.60
CA GLN X 223 -43.80 67.48 29.75
C GLN X 223 -44.12 66.01 29.47
N SER X 224 -44.62 65.71 28.27
CA SER X 224 -45.14 64.40 27.95
C SER X 224 -44.07 63.54 27.27
N LEU X 225 -43.92 62.32 27.77
CA LEU X 225 -43.00 61.33 27.18
C LEU X 225 -43.66 60.50 26.09
N SER X 226 -44.98 60.32 26.16
CA SER X 226 -45.68 59.51 25.15
C SER X 226 -45.57 60.14 23.77
N VAL X 227 -45.72 61.45 23.68
CA VAL X 227 -45.58 62.13 22.39
C VAL X 227 -44.16 61.98 21.86
N ARG X 228 -43.17 62.12 22.75
CA ARG X 228 -41.78 61.95 22.34
C ARG X 228 -41.51 60.53 21.86
N LYS X 229 -42.04 59.53 22.57
CA LYS X 229 -41.83 58.15 22.16
C LYS X 229 -42.42 57.88 20.78
N PHE X 230 -43.61 58.40 20.51
CA PHE X 230 -44.22 58.24 19.19
C PHE X 230 -43.40 58.94 18.11
N MET X 231 -42.93 60.15 18.41
CA MET X 231 -42.19 60.91 17.41
C MET X 231 -40.81 60.34 17.17
N VAL X 232 -40.19 59.75 18.19
CA VAL X 232 -38.91 59.07 17.99
C VAL X 232 -39.12 57.81 17.17
N GLU X 233 -40.22 57.10 17.39
CA GLU X 233 -40.51 55.89 16.62
C GLU X 233 -40.65 56.20 15.14
N ILE X 234 -41.30 57.32 14.81
CA ILE X 234 -41.39 57.74 13.41
C ILE X 234 -40.01 57.99 12.85
N LEU X 235 -39.13 58.63 13.63
CA LEU X 235 -37.79 58.93 13.16
C LEU X 235 -37.02 57.66 12.85
N MET X 236 -37.11 56.65 13.71
CA MET X 236 -36.38 55.40 13.47
C MET X 236 -36.91 54.69 12.24
N GLU X 237 -38.23 54.61 12.10
CA GLU X 237 -38.82 53.93 10.94
C GLU X 237 -38.50 54.65 9.65
N VAL X 238 -38.59 55.98 9.66
CA VAL X 238 -38.28 56.76 8.46
C VAL X 238 -36.80 56.64 8.12
N LYS X 239 -35.93 56.60 9.14
CA LYS X 239 -34.50 56.46 8.91
C LYS X 239 -34.17 55.20 8.12
N LYS X 240 -34.94 54.13 8.33
CA LYS X 240 -34.73 52.89 7.59
C LYS X 240 -35.08 53.12 6.12
N GLY X 241 -34.07 53.05 5.25
CA GLY X 241 -34.29 53.24 3.83
C GLY X 241 -34.87 52.01 3.17
N GLY X 242 -35.09 52.12 1.86
CA GLY X 242 -35.58 51.00 1.08
C GLY X 242 -36.78 51.34 0.22
N SER X 243 -37.65 52.22 0.72
CA SER X 243 -38.86 52.59 0.00
C SER X 243 -38.79 54.06 -0.41
N ALA X 244 -39.73 54.45 -1.28
CA ALA X 244 -39.80 55.83 -1.73
C ALA X 244 -40.25 56.73 -0.59
N LYS X 245 -39.60 57.88 -0.48
CA LYS X 245 -39.89 58.86 0.58
C LYS X 245 -40.65 60.03 -0.01
N GLY X 246 -41.79 60.35 0.60
CA GLY X 246 -42.57 61.49 0.17
C GLY X 246 -42.03 62.79 0.73
N ARG X 247 -42.68 63.89 0.34
CA ARG X 247 -42.25 65.20 0.81
C ARG X 247 -42.34 65.31 2.33
N ALA X 248 -43.41 64.77 2.92
CA ALA X 248 -43.54 64.79 4.37
C ALA X 248 -42.44 64.00 5.04
N VAL X 249 -42.12 62.82 4.51
CA VAL X 249 -41.12 61.97 5.14
C VAL X 249 -39.72 62.56 4.98
N GLU X 250 -39.43 63.14 3.81
CA GLU X 250 -38.10 63.67 3.56
C GLU X 250 -37.75 64.81 4.52
N ILE X 251 -38.71 65.70 4.78
CA ILE X 251 -38.48 66.76 5.76
C ILE X 251 -38.29 66.18 7.14
N ILE X 252 -39.11 65.19 7.50
CA ILE X 252 -39.00 64.57 8.82
C ILE X 252 -37.63 63.91 8.99
N SER X 253 -37.17 63.19 7.96
CA SER X 253 -35.85 62.58 8.03
C SER X 253 -34.76 63.64 8.08
N ASP X 254 -34.90 64.71 7.30
CA ASP X 254 -33.92 65.79 7.31
C ASP X 254 -33.86 66.45 8.69
N ILE X 255 -35.01 66.67 9.30
CA ILE X 255 -35.03 67.20 10.67
C ILE X 255 -34.41 66.20 11.63
N GLY X 256 -34.63 64.91 11.41
CA GLY X 256 -34.09 63.90 12.29
C GLY X 256 -32.57 63.86 12.30
N ASN X 257 -31.94 64.44 11.27
CA ASN X 257 -30.48 64.53 11.27
C ASN X 257 -29.99 65.39 12.41
N TYR X 258 -30.66 66.52 12.67
CA TYR X 258 -30.29 67.38 13.78
C TYR X 258 -30.72 66.77 15.12
N VAL X 259 -31.77 65.95 15.11
CA VAL X 259 -32.29 65.37 16.35
C VAL X 259 -31.34 64.33 16.92
N GLU X 260 -30.65 63.59 16.06
CA GLU X 260 -29.84 62.47 16.51
C GLU X 260 -28.73 62.93 17.45
N GLU X 261 -28.41 62.08 18.43
CA GLU X 261 -27.32 62.29 19.36
C GLU X 261 -27.49 63.57 20.18
N THR X 262 -28.73 64.03 20.35
CA THR X 262 -28.99 65.22 21.13
C THR X 262 -28.81 64.92 22.61
N GLY X 263 -28.48 65.97 23.37
CA GLY X 263 -28.33 65.85 24.81
C GLY X 263 -27.18 65.01 25.28
N MET X 264 -26.26 64.62 24.40
CA MET X 264 -25.11 63.80 24.75
C MET X 264 -23.82 64.40 24.20
N ALA X 265 -23.76 65.74 24.16
CA ALA X 265 -22.58 66.40 23.63
C ALA X 265 -21.36 66.16 24.51
N GLY X 266 -21.56 66.01 25.82
CA GLY X 266 -20.44 65.77 26.71
C GLY X 266 -19.73 64.47 26.39
N PHE X 267 -20.50 63.42 26.06
CA PHE X 267 -19.90 62.14 25.73
C PHE X 267 -19.23 62.18 24.36
N PHE X 268 -19.91 62.75 23.36
CA PHE X 268 -19.40 62.69 22.00
C PHE X 268 -18.25 63.66 21.78
N ALA X 269 -18.25 64.79 22.48
CA ALA X 269 -17.09 65.68 22.40
C ALA X 269 -15.84 64.99 22.91
N THR X 270 -15.98 64.19 23.98
CA THR X 270 -14.86 63.42 24.48
C THR X 270 -14.36 62.42 23.44
N ILE X 271 -15.29 61.79 22.73
CA ILE X 271 -14.91 60.81 21.71
C ILE X 271 -14.19 61.50 20.55
N ARG X 272 -14.77 62.59 20.06
CA ARG X 272 -14.23 63.25 18.88
C ARG X 272 -12.92 63.98 19.20
N PHE X 273 -12.89 64.72 20.30
CA PHE X 273 -11.75 65.59 20.60
C PHE X 273 -10.77 64.95 21.57
N GLY X 274 -11.27 64.52 22.74
CA GLY X 274 -10.37 63.95 23.73
C GLY X 274 -9.73 62.66 23.30
N LEU X 275 -10.53 61.75 22.74
CA LEU X 275 -10.01 60.43 22.37
C LEU X 275 -9.31 60.47 21.03
N GLU X 276 -10.03 60.82 19.97
CA GLU X 276 -9.42 60.99 18.66
C GLU X 276 -8.53 62.24 18.66
N THR X 277 -7.93 62.52 17.51
CA THR X 277 -6.93 63.57 17.40
C THR X 277 -5.81 63.33 18.42
N ARG X 278 -5.12 62.20 18.24
CA ARG X 278 -4.20 61.67 19.22
C ARG X 278 -3.11 62.66 19.62
N TYR X 279 -3.13 63.10 20.87
CA TYR X 279 -2.18 64.03 21.45
C TYR X 279 -1.24 63.31 22.40
N PRO X 280 0.07 63.56 22.32
CA PRO X 280 1.03 62.89 23.20
C PRO X 280 0.72 63.00 24.69
N ALA X 281 -0.19 63.90 25.07
CA ALA X 281 -0.54 64.11 26.47
C ALA X 281 -1.67 63.20 26.94
N LEU X 282 -1.91 62.09 26.24
CA LEU X 282 -3.00 61.20 26.62
C LEU X 282 -2.61 60.26 27.76
N ALA X 283 -1.59 59.44 27.54
CA ALA X 283 -1.12 58.50 28.56
C ALA X 283 -0.34 59.27 29.61
N LEU X 284 -1.01 59.63 30.72
CA LEU X 284 -0.37 60.42 31.76
C LEU X 284 -0.75 59.94 33.16
N ASN X 285 -1.13 58.66 33.30
CA ASN X 285 -1.54 58.02 34.55
C ASN X 285 -2.84 58.55 35.12
N GLU X 286 -3.49 59.53 34.48
CA GLU X 286 -4.75 60.04 34.97
C GLU X 286 -5.87 59.92 33.96
N PHE X 287 -5.61 59.42 32.77
CA PHE X 287 -6.64 59.21 31.77
C PHE X 287 -6.87 57.74 31.46
N GLN X 288 -6.00 56.85 31.93
CA GLN X 288 -6.16 55.42 31.62
C GLN X 288 -7.45 54.87 32.21
N SER X 289 -7.84 55.34 33.39
CA SER X 289 -9.13 54.96 33.95
C SER X 289 -10.27 55.47 33.08
N ASP X 290 -10.20 56.73 32.66
CA ASP X 290 -11.24 57.30 31.81
C ASP X 290 -11.23 56.67 30.43
N LEU X 291 -10.03 56.35 29.90
CA LEU X 291 -9.95 55.67 28.61
C LEU X 291 -10.63 54.31 28.68
N ASN X 292 -10.40 53.56 29.77
CA ASN X 292 -11.06 52.26 29.92
C ASN X 292 -12.57 52.42 30.01
N THR X 293 -13.04 53.40 30.77
CA THR X 293 -14.48 53.64 30.89
C THR X 293 -15.08 54.02 29.55
N ILE X 294 -14.39 54.87 28.79
CA ILE X 294 -14.89 55.28 27.48
C ILE X 294 -14.97 54.08 26.54
N LYS X 295 -13.97 53.20 26.60
CA LYS X 295 -13.99 52.00 25.77
C LYS X 295 -15.19 51.12 26.09
N GLY X 296 -15.51 50.97 27.37
CA GLY X 296 -16.71 50.22 27.73
C GLY X 296 -17.98 50.89 27.27
N LEU X 297 -18.00 52.22 27.26
CA LEU X 297 -19.19 52.94 26.82
C LEU X 297 -19.47 52.71 25.35
N MET X 298 -18.41 52.58 24.53
CA MET X 298 -18.61 52.30 23.11
C MET X 298 -19.35 50.97 22.91
N LEU X 299 -18.96 49.94 23.65
CA LEU X 299 -19.65 48.66 23.54
C LEU X 299 -21.10 48.77 24.00
N LEU X 300 -21.34 49.53 25.07
CA LEU X 300 -22.71 49.72 25.55
C LEU X 300 -23.55 50.45 24.51
N TYR X 301 -22.99 51.48 23.87
CA TYR X 301 -23.73 52.21 22.84
C TYR X 301 -24.05 51.30 21.66
N ARG X 302 -23.11 50.43 21.29
CA ARG X 302 -23.37 49.47 20.22
C ARG X 302 -24.39 48.44 20.65
N GLU X 303 -24.40 48.08 21.94
CA GLU X 303 -25.30 47.06 22.44
C GLU X 303 -26.74 47.55 22.57
N ILE X 304 -26.95 48.85 22.76
CA ILE X 304 -28.30 49.37 23.02
C ILE X 304 -29.19 49.10 21.82
N GLY X 305 -28.74 49.46 20.62
CA GLY X 305 -29.51 49.24 19.42
C GLY X 305 -29.81 50.51 18.66
N PRO X 306 -30.85 50.48 17.83
CA PRO X 306 -31.19 51.68 17.03
C PRO X 306 -31.74 52.83 17.85
N ARG X 307 -32.08 52.61 19.12
CA ARG X 307 -32.58 53.67 19.99
C ARG X 307 -31.47 54.43 20.69
N ALA X 308 -30.21 54.08 20.44
CA ALA X 308 -29.10 54.72 21.13
C ALA X 308 -29.02 56.23 20.91
N PRO X 309 -29.07 56.75 19.68
CA PRO X 309 -28.93 58.21 19.52
C PRO X 309 -30.01 59.01 20.22
N TYR X 310 -31.25 58.50 20.25
CA TYR X 310 -32.34 59.18 20.94
C TYR X 310 -32.49 58.65 22.36
N MET X 311 -31.39 58.62 23.11
CA MET X 311 -31.46 58.15 24.49
C MET X 311 -32.05 59.20 25.42
N VAL X 312 -31.68 60.47 25.22
CA VAL X 312 -32.20 61.55 26.07
C VAL X 312 -33.68 61.76 25.80
N LEU X 313 -34.10 61.64 24.54
CA LEU X 313 -35.51 61.85 24.21
C LEU X 313 -36.41 60.82 24.89
N LEU X 314 -35.99 59.56 24.87
CA LEU X 314 -36.74 58.52 25.57
C LEU X 314 -36.43 58.47 27.06
N GLU X 315 -35.45 59.25 27.52
CA GLU X 315 -35.09 59.32 28.94
C GLU X 315 -34.67 57.95 29.47
N GLU X 316 -33.85 57.25 28.68
CA GLU X 316 -33.35 55.95 29.11
C GLU X 316 -32.48 56.09 30.35
N SER X 317 -32.60 55.11 31.25
CA SER X 317 -31.76 55.10 32.44
C SER X 317 -30.30 54.84 32.12
N ILE X 318 -30.02 54.19 30.98
CA ILE X 318 -28.64 53.96 30.57
C ILE X 318 -27.94 55.25 30.23
N GLN X 319 -28.67 56.34 30.03
CA GLN X 319 -28.06 57.61 29.66
C GLN X 319 -27.19 58.17 30.77
N THR X 320 -27.59 57.97 32.03
CA THR X 320 -26.83 58.53 33.15
C THR X 320 -25.40 57.99 33.17
N LYS X 321 -25.23 56.72 32.80
CA LYS X 321 -23.89 56.14 32.75
C LYS X 321 -23.04 56.79 31.67
N PHE X 322 -23.68 57.36 30.64
CA PHE X 322 -22.96 58.02 29.56
C PHE X 322 -22.53 59.44 29.90
N ALA X 323 -23.23 60.09 30.83
CA ALA X 323 -22.97 61.49 31.12
C ALA X 323 -21.59 61.67 31.75
N PRO X 324 -20.92 62.78 31.45
CA PRO X 324 -19.65 63.08 32.13
C PRO X 324 -19.88 63.24 33.63
N GLY X 325 -18.93 62.75 34.41
CA GLY X 325 -19.07 62.67 35.84
C GLY X 325 -18.53 61.34 36.33
N GLY X 326 -18.67 60.32 35.48
CA GLY X 326 -17.95 59.07 35.66
C GLY X 326 -16.58 59.06 35.04
N TYR X 327 -16.26 60.07 34.24
CA TYR X 327 -14.92 60.25 33.67
C TYR X 327 -14.60 61.73 33.57
N PRO X 328 -14.67 62.46 34.68
CA PRO X 328 -14.53 63.92 34.61
C PRO X 328 -13.18 64.38 34.13
N LEU X 329 -12.12 63.58 34.32
CA LEU X 329 -10.77 64.02 33.98
C LEU X 329 -10.59 64.12 32.47
N LEU X 330 -10.87 63.04 31.75
CA LEU X 330 -10.71 63.07 30.30
C LEU X 330 -11.70 64.04 29.66
N TRP X 331 -12.93 64.09 30.18
CA TRP X 331 -13.91 65.03 29.64
C TRP X 331 -13.43 66.46 29.79
N SER X 332 -12.86 66.79 30.95
CA SER X 332 -12.30 68.13 31.15
C SER X 332 -11.18 68.40 30.15
N PHE X 333 -10.31 67.41 29.93
CA PHE X 333 -9.29 67.55 28.90
C PHE X 333 -9.92 67.67 27.52
N ALA X 334 -10.99 66.91 27.27
CA ALA X 334 -11.61 66.90 25.95
C ALA X 334 -12.17 68.26 25.58
N MET X 335 -12.90 68.91 26.49
CA MET X 335 -13.41 70.24 26.19
C MET X 335 -12.31 71.29 26.27
N GLY X 336 -11.16 70.94 26.87
CA GLY X 336 -10.02 71.85 26.82
C GLY X 336 -9.53 72.06 25.40
N VAL X 337 -9.46 70.98 24.62
CA VAL X 337 -9.05 71.11 23.23
C VAL X 337 -10.24 71.48 22.35
N ALA X 338 -11.47 71.18 22.80
CA ALA X 338 -12.65 71.44 21.99
C ALA X 338 -12.90 72.93 21.84
N THR X 339 -12.78 73.69 22.94
CA THR X 339 -13.03 75.12 22.88
C THR X 339 -12.02 75.83 21.99
N THR X 340 -10.77 75.38 22.01
CA THR X 340 -9.74 76.02 21.19
C THR X 340 -9.88 75.66 19.72
N ILE X 341 -10.26 74.43 19.40
CA ILE X 341 -10.29 73.96 18.02
C ILE X 341 -11.58 74.39 17.34
N ASP X 342 -12.72 74.05 17.94
CA ASP X 342 -14.02 74.33 17.34
C ASP X 342 -14.57 75.63 17.89
N ARG X 343 -14.77 76.61 17.02
CA ARG X 343 -15.30 77.91 17.45
C ARG X 343 -16.71 77.76 18.00
N SER X 344 -17.53 76.92 17.37
CA SER X 344 -18.87 76.68 17.89
C SER X 344 -18.84 76.09 19.28
N MET X 345 -17.89 75.18 19.54
CA MET X 345 -17.65 74.69 20.89
C MET X 345 -17.15 75.83 21.77
N GLY X 346 -17.94 76.19 22.76
CA GLY X 346 -17.65 77.33 23.61
C GLY X 346 -18.93 78.04 23.99
N ALA X 347 -19.97 77.82 23.19
CA ALA X 347 -21.32 78.20 23.59
C ALA X 347 -21.99 77.13 24.44
N LEU X 348 -21.35 75.97 24.61
CA LEU X 348 -21.89 74.93 25.46
C LEU X 348 -21.74 75.31 26.93
N ASN X 349 -22.76 75.00 27.71
CA ASN X 349 -22.75 75.29 29.14
C ASN X 349 -22.12 74.10 29.86
N ILE X 350 -20.92 74.29 30.39
CA ILE X 350 -20.18 73.21 31.00
C ILE X 350 -19.74 73.58 32.42
N ASN X 351 -20.52 74.41 33.09
CA ASN X 351 -20.20 74.84 34.45
C ASN X 351 -20.62 73.78 35.46
N ARG X 352 -20.03 72.60 35.32
CA ARG X 352 -20.32 71.48 36.20
C ARG X 352 -19.48 71.56 37.47
N GLY X 353 -19.73 70.63 38.39
CA GLY X 353 -19.01 70.56 39.64
C GLY X 353 -17.73 69.75 39.61
N TYR X 354 -17.36 69.23 38.45
CA TYR X 354 -16.13 68.43 38.28
C TYR X 354 -15.33 68.95 37.11
N LEU X 355 -15.17 70.28 37.04
CA LEU X 355 -14.53 70.89 35.87
C LEU X 355 -13.04 70.57 35.80
N GLU X 356 -12.36 70.48 36.95
CA GLU X 356 -10.94 70.18 37.01
C GLU X 356 -10.14 71.14 36.13
N PRO X 357 -10.00 72.40 36.52
CA PRO X 357 -9.34 73.37 35.64
C PRO X 357 -7.92 73.00 35.25
N MET X 358 -7.19 72.28 36.11
CA MET X 358 -5.82 71.91 35.79
C MET X 358 -5.75 71.04 34.54
N TYR X 359 -6.67 70.08 34.42
CA TYR X 359 -6.71 69.27 33.21
C TYR X 359 -7.34 70.03 32.05
N PHE X 360 -8.23 70.98 32.35
CA PHE X 360 -8.75 71.85 31.31
C PHE X 360 -7.65 72.72 30.71
N ARG X 361 -6.77 73.26 31.57
CA ARG X 361 -5.65 74.06 31.08
C ARG X 361 -4.71 73.23 30.21
N LEU X 362 -4.45 71.99 30.61
CA LEU X 362 -3.58 71.13 29.84
C LEU X 362 -4.15 70.87 28.45
N GLY X 363 -5.47 70.70 28.35
CA GLY X 363 -6.09 70.57 27.05
C GLY X 363 -5.94 71.81 26.20
N GLN X 364 -6.09 72.99 26.81
CA GLN X 364 -5.88 74.24 26.09
C GLN X 364 -4.46 74.34 25.56
N LYS X 365 -3.48 73.96 26.37
CA LYS X 365 -2.09 73.96 25.92
C LYS X 365 -1.86 72.85 24.88
N SER X 366 -2.60 71.75 24.99
CA SER X 366 -2.39 70.64 24.06
C SER X 366 -2.76 71.01 22.63
N ALA X 367 -3.78 71.85 22.46
CA ALA X 367 -4.20 72.23 21.10
C ALA X 367 -3.12 73.03 20.39
N ARG X 368 -2.48 73.97 21.08
CA ARG X 368 -1.55 74.89 20.45
C ARG X 368 -0.11 74.71 20.95
N HIS X 369 0.12 74.78 22.26
CA HIS X 369 1.47 74.81 22.80
C HIS X 369 2.13 73.44 22.90
N HIS X 370 1.40 72.37 22.61
CA HIS X 370 1.94 71.03 22.85
C HIS X 370 3.03 70.69 21.83
N ALA X 371 2.66 70.60 20.56
CA ALA X 371 3.56 70.21 19.48
C ALA X 371 2.78 70.29 18.17
N GLY X 372 3.52 70.10 17.06
CA GLY X 372 2.86 70.02 15.77
C GLY X 372 1.95 68.82 15.64
N GLY X 373 2.37 67.68 16.16
CA GLY X 373 1.53 66.49 16.16
C GLY X 373 1.49 65.76 14.83
N ILE X 374 2.63 65.23 14.40
CA ILE X 374 2.69 64.47 13.15
C ILE X 374 2.49 63.00 13.48
N ASP X 375 1.42 62.42 12.94
CA ASP X 375 1.06 61.04 13.21
C ASP X 375 1.82 60.16 12.21
N GLN X 376 1.63 58.85 12.27
CA GLN X 376 2.30 57.93 11.35
C GLN X 376 1.96 58.28 9.91
N ASN X 377 2.99 58.39 9.07
CA ASN X 377 2.86 58.87 7.70
C ASN X 377 3.05 57.71 6.73
N MET X 378 1.98 57.34 6.04
CA MET X 378 2.11 56.36 4.96
C MET X 378 3.01 56.89 3.85
N ALA X 379 2.83 58.15 3.47
CA ALA X 379 3.75 58.81 2.56
C ALA X 379 5.00 59.23 3.30
N ASN X 380 6.16 58.91 2.74
CA ASN X 380 7.43 59.15 3.41
C ASN X 380 7.83 60.60 3.20
N LYS X 381 7.63 61.42 4.24
CA LYS X 381 8.00 62.84 4.19
C LYS X 381 9.35 63.03 4.87
N LEU X 382 10.40 62.64 4.14
CA LEU X 382 11.75 62.69 4.69
C LEU X 382 12.27 64.11 4.81
N GLY X 383 11.78 65.03 3.98
CA GLY X 383 12.24 66.41 4.02
C GLY X 383 11.27 67.35 4.68
N LEU X 384 10.32 66.82 5.45
CA LEU X 384 9.26 67.61 6.04
C LEU X 384 9.56 68.05 7.47
N ASN X 385 10.82 67.99 7.88
CA ASN X 385 11.18 68.49 9.21
C ASN X 385 10.88 69.97 9.33
N SER X 386 11.22 70.76 8.30
CA SER X 386 10.89 72.17 8.30
C SER X 386 9.42 72.40 8.00
N ASP X 387 8.76 71.46 7.32
CA ASP X 387 7.33 71.59 7.04
C ASP X 387 6.53 71.66 8.33
N GLN X 388 6.91 70.85 9.33
CA GLN X 388 6.28 70.96 10.64
C GLN X 388 6.57 72.31 11.28
N VAL X 389 7.80 72.80 11.12
CA VAL X 389 8.16 74.10 11.71
C VAL X 389 7.34 75.21 11.08
N ALA X 390 7.20 75.19 9.75
CA ALA X 390 6.36 76.18 9.09
C ALA X 390 4.91 76.05 9.53
N GLU X 391 4.41 74.82 9.67
CA GLU X 391 3.07 74.62 10.22
C GLU X 391 3.00 75.11 11.66
N LEU X 392 4.05 74.84 12.45
CA LEU X 392 4.08 75.30 13.83
C LEU X 392 4.38 76.80 13.93
N ALA X 393 4.92 77.40 12.87
CA ALA X 393 5.21 78.82 12.90
C ALA X 393 3.95 79.66 13.01
N ALA X 394 2.81 79.11 12.60
CA ALA X 394 1.53 79.80 12.67
C ALA X 394 1.54 81.14 11.94
N MET Y 1 12.18 28.62 48.53
CA MET Y 1 12.74 28.84 47.21
C MET Y 1 11.70 29.36 46.23
N SER Y 2 11.78 28.93 44.98
CA SER Y 2 10.84 29.38 43.96
C SER Y 2 9.42 28.94 44.28
N ASP Y 3 9.26 27.76 44.89
CA ASP Y 3 7.91 27.28 45.24
C ASP Y 3 7.25 28.21 46.25
N ILE Y 4 8.01 28.69 47.23
CA ILE Y 4 7.49 29.69 48.15
C ILE Y 4 7.15 30.96 47.35
N PHE Y 5 6.18 31.73 47.86
CA PHE Y 5 5.60 32.93 47.28
C PHE Y 5 4.65 32.61 46.13
N ASP Y 6 4.56 31.34 45.70
CA ASP Y 6 3.49 30.87 44.83
C ASP Y 6 2.58 29.90 45.57
N GLU Y 7 3.17 29.01 46.36
CA GLU Y 7 2.37 28.22 47.30
C GLU Y 7 1.58 29.11 48.23
N ALA Y 8 2.19 30.20 48.70
CA ALA Y 8 1.47 31.13 49.57
C ALA Y 8 0.35 31.84 48.83
N ALA Y 9 0.57 32.21 47.57
CA ALA Y 9 -0.49 32.84 46.79
C ALA Y 9 -1.67 31.90 46.60
N SER Y 10 -1.38 30.64 46.25
CA SER Y 10 -2.45 29.65 46.13
C SER Y 10 -3.13 29.41 47.47
N PHE Y 11 -2.37 29.47 48.57
CA PHE Y 11 -2.95 29.31 49.89
C PHE Y 11 -3.93 30.42 50.21
N ARG Y 12 -3.55 31.67 49.91
CA ARG Y 12 -4.47 32.78 50.15
C ARG Y 12 -5.69 32.69 49.25
N SER Y 13 -5.49 32.29 47.99
CA SER Y 13 -6.63 32.15 47.08
C SER Y 13 -7.60 31.08 47.58
N TYR Y 14 -7.08 29.97 48.08
CA TYR Y 14 -7.93 28.91 48.61
C TYR Y 14 -8.58 29.33 49.93
N GLN Y 15 -7.87 30.11 50.74
CA GLN Y 15 -8.42 30.58 52.00
C GLN Y 15 -9.56 31.57 51.81
N SER Y 16 -9.50 32.37 50.74
CA SER Y 16 -10.58 33.32 50.47
C SER Y 16 -11.89 32.58 50.26
N LYS Y 17 -11.92 31.61 49.36
CA LYS Y 17 -13.08 30.75 49.14
C LYS Y 17 -12.91 29.43 49.89
N LEU Y 18 -12.86 29.54 51.22
CA LEU Y 18 -12.51 28.38 52.05
C LEU Y 18 -13.67 27.41 52.16
N GLY Y 19 -14.79 27.84 52.74
CA GLY Y 19 -15.91 26.94 52.98
C GLY Y 19 -17.20 27.39 52.33
N ARG Y 20 -17.10 28.26 51.32
CA ARG Y 20 -18.28 28.78 50.64
C ARG Y 20 -18.65 27.89 49.45
N ASP Y 21 -18.92 26.62 49.76
CA ASP Y 21 -19.26 25.64 48.74
C ASP Y 21 -20.34 24.73 49.30
N GLY Y 22 -21.10 24.12 48.39
CA GLY Y 22 -22.17 23.23 48.78
C GLY Y 22 -23.47 23.97 49.03
N ARG Y 23 -24.46 23.22 49.52
CA ARG Y 23 -25.79 23.73 49.79
C ARG Y 23 -26.12 23.54 51.26
N ALA Y 24 -26.75 24.55 51.85
CA ALA Y 24 -27.13 24.50 53.25
C ALA Y 24 -28.42 23.69 53.42
N SER Y 25 -28.77 23.43 54.67
CA SER Y 25 -29.97 22.67 55.02
C SER Y 25 -31.11 23.61 55.40
N ALA Y 26 -32.30 23.04 55.50
CA ALA Y 26 -33.49 23.78 55.89
C ALA Y 26 -33.66 23.89 57.40
N ALA Y 27 -32.75 23.31 58.18
CA ALA Y 27 -32.84 23.41 59.63
C ALA Y 27 -32.68 24.87 60.09
N THR Y 28 -31.76 25.60 59.46
CA THR Y 28 -31.54 27.01 59.80
C THR Y 28 -32.57 27.87 59.07
N ALA Y 29 -33.81 27.75 59.52
CA ALA Y 29 -34.94 28.48 58.94
C ALA Y 29 -35.40 29.53 59.94
N THR Y 30 -35.36 30.80 59.51
CA THR Y 30 -35.75 31.89 60.39
C THR Y 30 -37.25 31.87 60.68
N LEU Y 31 -37.61 32.31 61.87
CA LEU Y 31 -39.02 32.47 62.21
C LEU Y 31 -39.63 33.58 61.38
N THR Y 32 -40.84 33.34 60.87
CA THR Y 32 -41.50 34.25 59.94
C THR Y 32 -42.56 35.07 60.66
N THR Y 33 -42.69 36.33 60.24
CA THR Y 33 -43.67 37.25 60.79
C THR Y 33 -44.70 37.59 59.73
N LYS Y 34 -45.97 37.56 60.11
CA LYS Y 34 -47.04 37.88 59.17
C LYS Y 34 -47.05 39.38 58.88
N ILE Y 35 -47.14 39.73 57.60
CA ILE Y 35 -47.18 41.13 57.17
C ILE Y 35 -48.41 41.33 56.31
N ARG Y 36 -49.29 42.23 56.73
CA ARG Y 36 -50.55 42.49 56.05
C ARG Y 36 -50.38 43.65 55.08
N ILE Y 37 -50.59 43.38 53.79
CA ILE Y 37 -50.38 44.35 52.73
C ILE Y 37 -51.73 44.68 52.11
N PHE Y 38 -52.04 45.98 52.03
CA PHE Y 38 -53.30 46.45 51.45
C PHE Y 38 -53.04 46.89 50.01
N VAL Y 39 -53.47 46.07 49.05
CA VAL Y 39 -53.25 46.38 47.65
C VAL Y 39 -54.59 46.78 47.01
N PRO Y 40 -54.59 47.67 46.02
CA PRO Y 40 -55.86 48.03 45.36
C PRO Y 40 -56.33 46.91 44.46
N ALA Y 41 -57.61 46.54 44.61
CA ALA Y 41 -58.17 45.46 43.80
C ALA Y 41 -58.47 45.92 42.38
N THR Y 42 -58.95 47.15 42.22
CA THR Y 42 -59.39 47.67 40.93
C THR Y 42 -58.40 48.72 40.42
N ASN Y 43 -58.75 49.32 39.28
CA ASN Y 43 -57.92 50.34 38.65
C ASN Y 43 -58.54 51.73 38.74
N SER Y 44 -59.59 51.90 39.52
CA SER Y 44 -60.25 53.19 39.63
C SER Y 44 -59.30 54.20 40.28
N PRO Y 45 -59.09 55.37 39.66
CA PRO Y 45 -58.12 56.32 40.22
C PRO Y 45 -58.46 56.80 41.62
N GLU Y 46 -59.75 56.99 41.94
CA GLU Y 46 -60.12 57.49 43.25
C GLU Y 46 -59.73 56.52 44.35
N LEU Y 47 -59.97 55.22 44.12
CA LEU Y 47 -59.63 54.21 45.12
C LEU Y 47 -58.13 54.14 45.35
N ARG Y 48 -57.34 54.19 44.27
CA ARG Y 48 -55.89 54.14 44.42
C ARG Y 48 -55.36 55.38 45.11
N TRP Y 49 -55.93 56.56 44.81
CA TRP Y 49 -55.50 57.78 45.47
C TRP Y 49 -55.83 57.74 46.95
N GLU Y 50 -57.03 57.25 47.31
CA GLU Y 50 -57.36 57.10 48.72
C GLU Y 50 -56.43 56.10 49.40
N LEU Y 51 -56.08 55.02 48.69
CA LEU Y 51 -55.20 54.01 49.27
C LEU Y 51 -53.81 54.57 49.55
N THR Y 52 -53.25 55.34 48.60
CA THR Y 52 -51.92 55.89 48.82
C THR Y 52 -51.95 56.99 49.88
N LEU Y 53 -53.05 57.74 49.99
CA LEU Y 53 -53.18 58.68 51.10
C LEU Y 53 -53.22 57.95 52.43
N PHE Y 54 -53.95 56.84 52.50
CA PHE Y 54 -53.99 56.05 53.73
C PHE Y 54 -52.62 55.49 54.07
N ALA Y 55 -51.88 55.02 53.06
CA ALA Y 55 -50.54 54.50 53.30
C ALA Y 55 -49.62 55.59 53.81
N LEU Y 56 -49.71 56.79 53.23
CA LEU Y 56 -48.93 57.91 53.73
C LEU Y 56 -49.26 58.20 55.19
N ASP Y 57 -50.55 58.22 55.53
CA ASP Y 57 -50.94 58.50 56.91
C ASP Y 57 -50.42 57.42 57.86
N VAL Y 58 -50.52 56.15 57.46
CA VAL Y 58 -50.06 55.07 58.32
C VAL Y 58 -48.55 55.16 58.54
N ILE Y 59 -47.80 55.45 57.47
CA ILE Y 59 -46.36 55.57 57.60
C ILE Y 59 -46.00 56.74 58.50
N ARG Y 60 -46.72 57.86 58.35
CA ARG Y 60 -46.49 59.01 59.22
C ARG Y 60 -46.97 58.77 60.65
N SER Y 61 -47.87 57.80 60.85
CA SER Y 61 -48.47 57.62 62.16
C SER Y 61 -47.42 57.19 63.19
N PRO Y 62 -47.45 57.75 64.40
CA PRO Y 62 -46.49 57.32 65.44
C PRO Y 62 -46.95 56.09 66.19
N SER Y 63 -48.27 55.89 66.26
CA SER Y 63 -48.84 54.75 66.97
C SER Y 63 -48.87 53.47 66.13
N ALA Y 64 -48.43 53.54 64.88
CA ALA Y 64 -48.47 52.36 64.02
C ALA Y 64 -47.44 51.33 64.45
N ALA Y 65 -47.84 50.07 64.44
CA ALA Y 65 -46.90 48.99 64.66
C ALA Y 65 -45.98 48.85 63.46
N GLU Y 66 -44.81 48.24 63.69
CA GLU Y 66 -43.81 48.14 62.63
C GLU Y 66 -44.34 47.32 61.46
N SER Y 67 -45.08 46.24 61.74
CA SER Y 67 -45.63 45.42 60.67
C SER Y 67 -46.60 46.24 59.81
N MET Y 68 -47.42 47.08 60.45
CA MET Y 68 -48.31 47.94 59.69
C MET Y 68 -47.53 48.92 58.83
N LYS Y 69 -46.42 49.44 59.34
CA LYS Y 69 -45.59 50.35 58.55
C LYS Y 69 -44.99 49.64 57.35
N ILE Y 70 -44.53 48.39 57.52
CA ILE Y 70 -44.00 47.64 56.39
C ILE Y 70 -45.09 47.36 55.37
N GLY Y 71 -46.31 47.04 55.85
CA GLY Y 71 -47.41 46.86 54.93
C GLY Y 71 -47.72 48.11 54.14
N ALA Y 72 -47.71 49.26 54.80
CA ALA Y 72 -47.94 50.53 54.12
C ALA Y 72 -46.85 50.81 53.09
N ALA Y 73 -45.59 50.52 53.45
CA ALA Y 73 -44.50 50.73 52.51
C ALA Y 73 -44.64 49.84 51.28
N PHE Y 74 -44.98 48.56 51.49
CA PHE Y 74 -45.19 47.66 50.36
C PHE Y 74 -46.37 48.10 49.51
N THR Y 75 -47.43 48.61 50.16
CA THR Y 75 -48.56 49.16 49.41
C THR Y 75 -48.13 50.33 48.55
N LEU Y 76 -47.32 51.24 49.11
CA LEU Y 76 -46.86 52.39 48.35
C LEU Y 76 -46.00 51.97 47.17
N ILE Y 77 -45.01 51.12 47.40
CA ILE Y 77 -44.02 50.81 46.38
C ILE Y 77 -44.69 50.18 45.15
N SER Y 78 -45.70 49.36 45.36
CA SER Y 78 -46.34 48.63 44.28
C SER Y 78 -47.58 49.33 43.73
N MET Y 79 -47.83 50.59 44.10
CA MET Y 79 -49.02 51.29 43.63
C MET Y 79 -48.98 51.54 42.13
N TYR Y 80 -47.79 51.74 41.56
CA TYR Y 80 -47.70 52.08 40.14
C TYR Y 80 -48.19 50.92 39.26
N SER Y 81 -47.94 49.68 39.68
CA SER Y 81 -48.29 48.53 38.88
C SER Y 81 -49.81 48.36 38.81
N GLU Y 82 -50.29 47.88 37.66
CA GLU Y 82 -51.71 47.62 37.50
C GLU Y 82 -52.18 46.44 38.33
N ARG Y 83 -51.29 45.52 38.67
CA ARG Y 83 -51.61 44.36 39.51
C ARG Y 83 -50.59 44.32 40.64
N PRO Y 84 -50.78 45.15 41.68
CA PRO Y 84 -49.80 45.19 42.77
C PRO Y 84 -49.62 43.85 43.48
N GLY Y 85 -50.69 43.07 43.62
CA GLY Y 85 -50.56 41.78 44.28
C GLY Y 85 -49.63 40.84 43.54
N ALA Y 86 -49.79 40.77 42.21
CA ALA Y 86 -48.91 39.91 41.41
C ALA Y 86 -47.47 40.40 41.48
N LEU Y 87 -47.27 41.71 41.43
CA LEU Y 87 -45.91 42.25 41.52
C LEU Y 87 -45.26 41.90 42.84
N ILE Y 88 -45.99 42.05 43.95
CA ILE Y 88 -45.44 41.72 45.26
C ILE Y 88 -45.16 40.22 45.37
N ARG Y 89 -46.09 39.38 44.90
CA ARG Y 89 -45.94 37.95 45.07
C ARG Y 89 -44.83 37.39 44.19
N SER Y 90 -44.61 37.99 43.01
CA SER Y 90 -43.60 37.50 42.08
C SER Y 90 -42.25 38.18 42.22
N LEU Y 91 -42.09 39.09 43.19
CA LEU Y 91 -40.82 39.77 43.40
C LEU Y 91 -40.50 39.85 44.87
N LEU Y 92 -40.82 38.80 45.62
CA LEU Y 92 -40.55 38.72 47.04
C LEU Y 92 -39.61 37.56 47.31
N ASN Y 93 -38.47 37.85 47.93
CA ASN Y 93 -37.49 36.82 48.28
C ASN Y 93 -37.00 37.05 49.71
N ASP Y 94 -37.95 37.26 50.63
CA ASP Y 94 -37.64 37.55 52.02
C ASP Y 94 -37.99 36.36 52.91
N PRO Y 95 -37.01 35.57 53.35
CA PRO Y 95 -37.33 34.48 54.29
C PRO Y 95 -37.77 34.98 55.65
N ASP Y 96 -37.47 36.23 56.00
CA ASP Y 96 -37.85 36.74 57.32
C ASP Y 96 -39.35 36.91 57.46
N ILE Y 97 -40.04 37.26 56.37
CA ILE Y 97 -41.43 37.66 56.43
C ILE Y 97 -42.26 36.79 55.49
N GLU Y 98 -43.54 36.66 55.81
CA GLU Y 98 -44.55 36.12 54.92
C GLU Y 98 -45.58 37.20 54.65
N ALA Y 99 -45.92 37.40 53.38
CA ALA Y 99 -46.82 38.46 52.97
C ALA Y 99 -48.20 37.87 52.68
N VAL Y 100 -49.21 38.41 53.35
CA VAL Y 100 -50.60 38.05 53.10
C VAL Y 100 -51.23 39.21 52.33
N ILE Y 101 -51.38 39.03 51.02
CA ILE Y 101 -51.90 40.09 50.16
C ILE Y 101 -53.40 40.24 50.41
N ILE Y 102 -53.83 41.47 50.60
CA ILE Y 102 -55.23 41.78 50.88
C ILE Y 102 -55.74 42.74 49.82
N ASP Y 103 -56.69 42.28 49.02
CA ASP Y 103 -57.34 43.15 48.04
C ASP Y 103 -58.31 44.07 48.76
N VAL Y 104 -58.12 45.38 48.59
CA VAL Y 104 -58.90 46.34 49.36
C VAL Y 104 -60.37 46.29 48.97
N GLY Y 105 -60.67 46.26 47.67
CA GLY Y 105 -62.04 46.16 47.23
C GLY Y 105 -62.73 47.50 47.06
N SER Y 106 -63.52 47.90 48.05
CA SER Y 106 -64.14 49.21 48.08
C SER Y 106 -63.32 50.13 48.98
N MET Y 107 -63.81 51.34 49.23
CA MET Y 107 -63.05 52.30 50.01
C MET Y 107 -63.95 53.16 50.86
N LEU Y 108 -63.81 53.02 52.17
CA LEU Y 108 -64.38 53.94 53.14
C LEU Y 108 -63.31 54.98 53.51
N ASN Y 109 -63.53 55.74 54.58
CA ASN Y 109 -62.48 56.61 55.09
C ASN Y 109 -61.23 55.82 55.41
N GLY Y 110 -61.38 54.67 56.07
CA GLY Y 110 -60.28 53.74 56.25
C GLY Y 110 -60.27 52.72 55.14
N ILE Y 111 -60.39 51.45 55.48
CA ILE Y 111 -60.58 50.40 54.47
C ILE Y 111 -61.67 49.45 54.92
N PRO Y 112 -62.65 49.13 54.07
CA PRO Y 112 -63.65 48.12 54.44
C PRO Y 112 -63.12 46.73 54.15
N VAL Y 113 -63.00 45.91 55.20
CA VAL Y 113 -62.53 44.54 55.04
C VAL Y 113 -63.52 43.74 54.21
N MET Y 114 -64.81 44.00 54.39
CA MET Y 114 -65.88 43.37 53.60
C MET Y 114 -65.77 41.85 53.66
N GLU Y 115 -65.70 41.31 54.88
CA GLU Y 115 -65.61 39.87 55.07
C GLU Y 115 -66.20 39.55 56.44
N ARG Y 116 -67.44 39.07 56.45
CA ARG Y 116 -68.16 38.71 57.68
C ARG Y 116 -68.16 39.88 58.67
N ARG Y 117 -68.85 40.94 58.26
CA ARG Y 117 -68.92 42.16 59.08
C ARG Y 117 -69.45 41.83 60.47
N GLY Y 118 -68.77 42.36 61.48
CA GLY Y 118 -69.06 42.06 62.88
C GLY Y 118 -68.19 40.95 63.44
N ASP Y 119 -67.79 40.01 62.59
CA ASP Y 119 -66.94 38.89 63.01
C ASP Y 119 -65.48 39.24 62.75
N LYS Y 120 -64.76 39.59 63.81
CA LYS Y 120 -63.32 39.85 63.75
C LYS Y 120 -62.97 40.95 62.74
N ALA Y 121 -63.84 41.94 62.61
CA ALA Y 121 -63.62 43.04 61.68
C ALA Y 121 -63.75 44.41 62.33
N GLN Y 122 -64.67 44.58 63.28
CA GLN Y 122 -64.85 45.88 63.91
C GLN Y 122 -63.60 46.30 64.67
N GLU Y 123 -62.90 45.34 65.28
CA GLU Y 123 -61.67 45.68 65.99
C GLU Y 123 -60.62 46.24 65.04
N GLU Y 124 -60.48 45.63 63.86
CA GLU Y 124 -59.55 46.16 62.87
C GLU Y 124 -60.00 47.53 62.38
N MET Y 125 -61.30 47.73 62.22
CA MET Y 125 -61.80 49.03 61.79
C MET Y 125 -61.45 50.12 62.79
N GLU Y 126 -61.72 49.87 64.08
CA GLU Y 126 -61.35 50.85 65.10
C GLU Y 126 -59.84 51.02 65.20
N GLY Y 127 -59.06 49.96 65.00
CA GLY Y 127 -57.62 50.12 64.99
C GLY Y 127 -57.14 51.04 63.88
N LEU Y 128 -57.70 50.88 62.67
CA LEU Y 128 -57.33 51.76 61.56
C LEU Y 128 -57.78 53.19 61.83
N MET Y 129 -58.97 53.37 62.42
CA MET Y 129 -59.40 54.71 62.79
C MET Y 129 -58.47 55.35 63.81
N ARG Y 130 -58.01 54.58 64.80
CA ARG Y 130 -57.03 55.11 65.75
C ARG Y 130 -55.74 55.48 65.04
N ILE Y 131 -55.31 54.63 64.10
CA ILE Y 131 -54.08 54.91 63.35
C ILE Y 131 -54.21 56.25 62.62
N LEU Y 132 -55.32 56.44 61.92
CA LEU Y 132 -55.52 57.67 61.16
C LEU Y 132 -55.60 58.88 62.08
N LYS Y 133 -56.32 58.76 63.20
CA LYS Y 133 -56.46 59.88 64.11
C LYS Y 133 -55.13 60.26 64.74
N THR Y 134 -54.34 59.27 65.15
CA THR Y 134 -53.02 59.55 65.71
C THR Y 134 -52.09 60.16 64.66
N ALA Y 135 -52.16 59.68 63.43
CA ALA Y 135 -51.34 60.24 62.36
C ALA Y 135 -51.69 61.71 62.12
N ARG Y 136 -52.99 62.03 62.11
CA ARG Y 136 -53.39 63.40 61.83
C ARG Y 136 -53.08 64.32 63.01
N GLU Y 137 -53.25 63.83 64.24
CA GLU Y 137 -53.01 64.66 65.41
C GLU Y 137 -51.53 64.82 65.72
N SER Y 138 -50.69 63.86 65.33
CA SER Y 138 -49.29 63.89 65.72
C SER Y 138 -48.59 65.12 65.16
N SER Y 139 -48.71 65.36 63.87
CA SER Y 139 -48.15 66.57 63.29
C SER Y 139 -48.96 67.78 63.72
N LYS Y 140 -48.38 68.97 63.50
CA LYS Y 140 -49.05 70.21 63.88
C LYS Y 140 -50.06 70.60 62.82
N GLY Y 141 -50.96 69.68 62.48
CA GLY Y 141 -51.90 69.91 61.40
C GLY Y 141 -51.28 69.86 60.03
N LYS Y 142 -50.03 69.43 59.92
CA LYS Y 142 -49.29 69.46 58.66
C LYS Y 142 -49.54 68.18 57.88
N THR Y 143 -49.98 68.33 56.64
CA THR Y 143 -50.17 67.21 55.75
C THR Y 143 -48.82 66.65 55.31
N PRO Y 144 -48.77 65.39 54.88
CA PRO Y 144 -47.49 64.84 54.38
C PRO Y 144 -46.91 65.63 53.22
N PHE Y 145 -47.76 66.18 52.35
CA PHE Y 145 -47.26 66.96 51.22
C PHE Y 145 -46.89 68.36 51.67
N VAL Y 146 -45.91 68.95 50.96
CA VAL Y 146 -45.48 70.31 51.25
C VAL Y 146 -46.58 71.31 50.91
N ASP Y 147 -47.55 70.91 50.11
CA ASP Y 147 -48.70 71.75 49.76
C ASP Y 147 -49.93 71.20 50.46
N SER Y 148 -50.58 72.03 51.28
CA SER Y 148 -51.74 71.58 52.03
C SER Y 148 -52.90 71.22 51.11
N ARG Y 149 -52.94 71.77 49.91
CA ARG Y 149 -54.00 71.44 48.96
C ARG Y 149 -53.81 70.07 48.34
N ALA Y 150 -52.58 69.55 48.34
CA ALA Y 150 -52.32 68.24 47.73
C ALA Y 150 -52.88 67.10 48.57
N TYR Y 151 -53.18 67.33 49.85
CA TYR Y 151 -53.71 66.27 50.70
C TYR Y 151 -55.19 66.06 50.47
N GLY Y 152 -56.00 67.09 50.72
CA GLY Y 152 -57.42 67.00 50.49
C GLY Y 152 -57.78 67.27 49.03
N LEU Y 153 -57.12 66.58 48.12
CA LEU Y 153 -57.32 66.76 46.69
C LEU Y 153 -58.09 65.57 46.12
N ARG Y 154 -59.15 65.86 45.38
CA ARG Y 154 -59.95 64.82 44.74
C ARG Y 154 -59.31 64.44 43.41
N ILE Y 155 -59.13 63.14 43.20
CA ILE Y 155 -58.54 62.62 41.97
C ILE Y 155 -59.56 61.71 41.31
N THR Y 156 -59.93 62.04 40.07
CA THR Y 156 -60.78 61.18 39.25
C THR Y 156 -60.19 60.87 37.88
N ASP Y 157 -59.23 61.65 37.39
CA ASP Y 157 -58.59 61.40 36.12
C ASP Y 157 -57.42 60.45 36.31
N MET Y 158 -57.29 59.49 35.40
CA MET Y 158 -56.22 58.51 35.51
C MET Y 158 -54.85 59.16 35.38
N SER Y 159 -54.73 60.16 34.49
CA SER Y 159 -53.44 60.80 34.29
C SER Y 159 -52.95 61.51 35.55
N THR Y 160 -53.84 62.22 36.24
CA THR Y 160 -53.45 62.91 37.47
C THR Y 160 -53.04 61.92 38.54
N LEU Y 161 -53.76 60.81 38.67
CA LEU Y 161 -53.37 59.78 39.61
C LEU Y 161 -52.01 59.21 39.28
N VAL Y 162 -51.76 58.95 37.99
CA VAL Y 162 -50.46 58.42 37.58
C VAL Y 162 -49.35 59.40 37.93
N SER Y 163 -49.57 60.68 37.65
CA SER Y 163 -48.53 61.67 37.94
C SER Y 163 -48.25 61.77 39.44
N ALA Y 164 -49.30 61.83 40.26
CA ALA Y 164 -49.12 61.92 41.69
C ALA Y 164 -48.42 60.69 42.25
N VAL Y 165 -48.83 59.50 41.79
CA VAL Y 165 -48.22 58.27 42.25
C VAL Y 165 -46.75 58.23 41.83
N ILE Y 166 -46.45 58.67 40.61
CA ILE Y 166 -45.07 58.68 40.13
C ILE Y 166 -44.22 59.60 41.01
N THR Y 167 -44.75 60.77 41.35
CA THR Y 167 -44.00 61.68 42.21
C THR Y 167 -43.75 61.06 43.58
N ILE Y 168 -44.78 60.43 44.17
CA ILE Y 168 -44.61 59.83 45.49
C ILE Y 168 -43.58 58.71 45.43
N GLU Y 169 -43.66 57.85 44.41
CA GLU Y 169 -42.70 56.76 44.28
C GLU Y 169 -41.29 57.28 44.09
N ALA Y 170 -41.11 58.31 43.27
CA ALA Y 170 -39.79 58.88 43.07
C ALA Y 170 -39.23 59.41 44.38
N GLN Y 171 -40.03 60.21 45.10
CA GLN Y 171 -39.56 60.77 46.36
C GLN Y 171 -39.24 59.69 47.38
N ILE Y 172 -39.98 58.59 47.38
CA ILE Y 172 -39.63 57.46 48.24
C ILE Y 172 -38.31 56.84 47.81
N TRP Y 173 -38.15 56.62 46.50
CA TRP Y 173 -36.98 55.91 45.98
C TRP Y 173 -35.70 56.73 46.06
N ILE Y 174 -35.78 58.05 46.27
CA ILE Y 174 -34.53 58.80 46.48
C ILE Y 174 -33.84 58.35 47.76
N LEU Y 175 -34.62 57.99 48.79
CA LEU Y 175 -34.05 57.76 50.11
C LEU Y 175 -33.16 56.51 50.15
N ILE Y 176 -33.40 55.54 49.28
CA ILE Y 176 -32.70 54.26 49.38
C ILE Y 176 -31.20 54.42 49.16
N ALA Y 177 -30.79 55.44 48.39
CA ALA Y 177 -29.38 55.60 48.08
C ALA Y 177 -28.55 55.83 49.35
N LYS Y 178 -29.03 56.67 50.25
CA LYS Y 178 -28.31 57.01 51.48
C LYS Y 178 -29.19 56.78 52.70
N ALA Y 179 -29.85 55.63 52.75
CA ALA Y 179 -30.69 55.30 53.89
C ALA Y 179 -29.92 54.55 54.97
N VAL Y 180 -28.97 53.70 54.57
CA VAL Y 180 -28.20 52.91 55.52
C VAL Y 180 -26.74 53.33 55.59
N THR Y 181 -26.19 53.95 54.55
CA THR Y 181 -24.80 54.39 54.59
C THR Y 181 -24.63 55.56 55.55
N ALA Y 182 -25.32 56.66 55.29
CA ALA Y 182 -25.28 57.83 56.17
C ALA Y 182 -26.62 58.54 56.11
N PRO Y 183 -27.64 58.00 56.79
CA PRO Y 183 -28.96 58.66 56.77
C PRO Y 183 -28.95 60.06 57.34
N ASP Y 184 -28.11 60.32 58.34
CA ASP Y 184 -28.09 61.66 58.95
C ASP Y 184 -27.56 62.70 57.98
N THR Y 185 -26.52 62.36 57.21
CA THR Y 185 -25.90 63.27 56.27
C THR Y 185 -26.65 63.35 54.95
N ALA Y 186 -27.90 62.91 54.91
CA ALA Y 186 -28.73 62.97 53.72
C ALA Y 186 -29.34 64.36 53.60
N GLU Y 187 -30.36 64.48 52.73
CA GLU Y 187 -31.14 65.67 52.42
C GLU Y 187 -30.38 66.64 51.52
N GLU Y 188 -29.11 66.39 51.20
CA GLU Y 188 -28.39 67.16 50.20
C GLU Y 188 -28.41 66.46 48.85
N SER Y 189 -27.92 65.23 48.80
CA SER Y 189 -28.01 64.44 47.57
C SER Y 189 -29.45 64.15 47.21
N GLU Y 190 -30.29 63.93 48.22
CA GLU Y 190 -31.71 63.69 47.95
C GLU Y 190 -32.36 64.91 47.33
N THR Y 191 -32.06 66.10 47.86
CA THR Y 191 -32.60 67.32 47.28
C THR Y 191 -32.05 67.54 45.88
N ARG Y 192 -30.78 67.19 45.66
CA ARG Y 192 -30.21 67.31 44.32
C ARG Y 192 -30.92 66.39 43.32
N ARG Y 193 -31.21 65.16 43.73
CA ARG Y 193 -31.93 64.24 42.85
C ARG Y 193 -33.34 64.76 42.57
N TRP Y 194 -34.01 65.27 43.60
CA TRP Y 194 -35.36 65.80 43.40
C TRP Y 194 -35.34 66.99 42.45
N ALA Y 195 -34.37 67.89 42.61
CA ALA Y 195 -34.25 69.03 41.70
C ALA Y 195 -33.97 68.57 40.28
N LYS Y 196 -33.11 67.56 40.12
CA LYS Y 196 -32.81 67.04 38.79
C LYS Y 196 -34.07 66.49 38.13
N TYR Y 197 -34.85 65.71 38.87
CA TYR Y 197 -36.06 65.12 38.29
C TYR Y 197 -37.13 66.18 38.03
N VAL Y 198 -37.18 67.23 38.85
CA VAL Y 198 -38.12 68.32 38.58
C VAL Y 198 -37.73 69.06 37.32
N GLN Y 199 -36.42 69.33 37.14
CA GLN Y 199 -35.98 70.02 35.94
C GLN Y 199 -36.21 69.19 34.68
N GLN Y 200 -36.20 67.87 34.81
CA GLN Y 200 -36.51 66.99 33.69
C GLN Y 200 -38.02 66.86 33.45
N LYS Y 201 -38.83 67.43 34.33
CA LYS Y 201 -40.29 67.39 34.24
C LYS Y 201 -40.83 65.96 34.30
N ARG Y 202 -40.04 65.02 34.82
CA ARG Y 202 -40.53 63.67 35.01
C ARG Y 202 -41.48 63.58 36.20
N VAL Y 203 -41.34 64.48 37.17
CA VAL Y 203 -42.16 64.49 38.37
C VAL Y 203 -42.84 65.85 38.47
N ASN Y 204 -44.14 65.82 38.76
CA ASN Y 204 -44.88 67.05 38.98
C ASN Y 204 -44.61 67.55 40.39
N PRO Y 205 -44.04 68.75 40.56
CA PRO Y 205 -43.63 69.19 41.89
C PRO Y 205 -44.79 69.50 42.84
N PHE Y 206 -46.03 69.47 42.36
CA PHE Y 206 -47.15 69.75 43.24
C PHE Y 206 -47.26 68.72 44.37
N PHE Y 207 -47.04 67.44 44.04
CA PHE Y 207 -47.08 66.37 45.05
C PHE Y 207 -45.67 66.17 45.59
N ALA Y 208 -45.26 67.09 46.45
CA ALA Y 208 -43.96 67.03 47.11
C ALA Y 208 -44.18 66.84 48.61
N LEU Y 209 -43.72 65.72 49.14
CA LEU Y 209 -43.89 65.44 50.55
C LEU Y 209 -42.96 66.30 51.39
N THR Y 210 -43.41 66.64 52.59
CA THR Y 210 -42.61 67.46 53.48
C THR Y 210 -41.40 66.68 53.98
N GLN Y 211 -40.41 67.42 54.49
CA GLN Y 211 -39.17 66.79 54.91
C GLN Y 211 -39.35 65.97 56.19
N GLN Y 212 -40.34 66.31 57.02
CA GLN Y 212 -40.60 65.52 58.21
C GLN Y 212 -41.07 64.11 57.85
N TRP Y 213 -42.00 64.02 56.90
CA TRP Y 213 -42.45 62.72 56.43
C TRP Y 213 -41.31 61.95 55.77
N LEU Y 214 -40.46 62.66 55.02
CA LEU Y 214 -39.31 62.00 54.41
C LEU Y 214 -38.36 61.45 55.46
N THR Y 215 -38.12 62.20 56.53
CA THR Y 215 -37.28 61.69 57.61
C THR Y 215 -37.89 60.48 58.28
N GLU Y 216 -39.21 60.52 58.52
CA GLU Y 216 -39.87 59.36 59.12
C GLU Y 216 -39.75 58.13 58.23
N MET Y 217 -39.98 58.30 56.93
CA MET Y 217 -39.89 57.16 56.01
C MET Y 217 -38.45 56.67 55.89
N ARG Y 218 -37.47 57.57 55.91
CA ARG Y 218 -36.09 57.14 55.86
C ARG Y 218 -35.72 56.34 57.11
N ASN Y 219 -36.21 56.78 58.28
CA ASN Y 219 -35.98 56.01 59.50
C ASN Y 219 -36.61 54.63 59.40
N LEU Y 220 -37.84 54.56 58.90
CA LEU Y 220 -38.50 53.26 58.73
C LEU Y 220 -37.73 52.36 57.78
N LEU Y 221 -37.26 52.93 56.67
CA LEU Y 221 -36.53 52.15 55.68
C LEU Y 221 -35.19 51.65 56.23
N SER Y 222 -34.52 52.48 57.03
CA SER Y 222 -33.26 52.06 57.63
C SER Y 222 -33.49 50.97 58.67
N GLN Y 223 -34.56 51.08 59.47
CA GLN Y 223 -34.82 50.09 60.50
C GLN Y 223 -35.13 48.72 59.89
N SER Y 224 -35.90 48.68 58.82
CA SER Y 224 -36.43 47.43 58.28
C SER Y 224 -35.57 46.93 57.13
N LEU Y 225 -35.35 45.62 57.11
CA LEU Y 225 -34.60 44.97 56.03
C LEU Y 225 -35.50 44.39 54.95
N SER Y 226 -36.74 44.04 55.28
CA SER Y 226 -37.63 43.45 54.29
C SER Y 226 -37.96 44.44 53.18
N VAL Y 227 -38.23 45.70 53.54
CA VAL Y 227 -38.51 46.72 52.54
C VAL Y 227 -37.30 46.93 51.64
N ARG Y 228 -36.11 46.98 52.24
CA ARG Y 228 -34.89 47.12 51.46
C ARG Y 228 -34.71 45.96 50.51
N LYS Y 229 -34.97 44.73 50.96
CA LYS Y 229 -34.84 43.57 50.10
C LYS Y 229 -35.83 43.63 48.94
N PHE Y 230 -37.07 44.03 49.22
CA PHE Y 230 -38.07 44.13 48.16
C PHE Y 230 -37.65 45.18 47.13
N MET Y 231 -37.18 46.34 47.59
CA MET Y 231 -36.78 47.38 46.65
C MET Y 231 -35.54 47.00 45.87
N VAL Y 232 -34.60 46.28 46.48
CA VAL Y 232 -33.43 45.81 45.76
C VAL Y 232 -33.83 44.78 44.71
N GLU Y 233 -34.78 43.91 45.04
CA GLU Y 233 -35.28 42.96 44.06
C GLU Y 233 -35.94 43.68 42.89
N ILE Y 234 -36.73 44.71 43.19
CA ILE Y 234 -37.34 45.51 42.13
C ILE Y 234 -36.27 46.15 41.25
N LEU Y 235 -35.21 46.69 41.87
CA LEU Y 235 -34.14 47.29 41.11
C LEU Y 235 -33.45 46.27 40.22
N MET Y 236 -33.19 45.07 40.74
CA MET Y 236 -32.53 44.04 39.96
C MET Y 236 -33.40 43.61 38.78
N GLU Y 237 -34.71 43.43 39.01
CA GLU Y 237 -35.59 43.02 37.93
C GLU Y 237 -35.72 44.12 36.87
N VAL Y 238 -35.80 45.38 37.29
CA VAL Y 238 -35.92 46.48 36.34
C VAL Y 238 -34.64 46.63 35.54
N LYS Y 239 -33.49 46.42 36.18
CA LYS Y 239 -32.21 46.55 35.49
C LYS Y 239 -32.11 45.62 34.29
N LYS Y 240 -32.68 44.42 34.39
CA LYS Y 240 -32.68 43.47 33.28
C LYS Y 240 -33.48 44.04 32.13
N GLY Y 241 -32.81 44.40 31.03
CA GLY Y 241 -33.48 44.94 29.88
C GLY Y 241 -34.17 43.86 29.05
N GLY Y 242 -34.81 44.30 27.98
CA GLY Y 242 -35.48 43.38 27.08
C GLY Y 242 -36.92 43.75 26.77
N SER Y 243 -37.62 44.30 27.75
CA SER Y 243 -39.01 44.67 27.60
C SER Y 243 -39.17 46.18 27.63
N ALA Y 244 -40.36 46.63 27.27
CA ALA Y 244 -40.67 48.05 27.30
C ALA Y 244 -40.72 48.56 28.73
N LYS Y 245 -40.19 49.75 28.95
CA LYS Y 245 -40.11 50.35 30.28
C LYS Y 245 -41.07 51.53 30.37
N GLY Y 246 -41.92 51.52 31.38
CA GLY Y 246 -42.81 52.63 31.64
C GLY Y 246 -42.12 53.76 32.38
N ARG Y 247 -42.88 54.83 32.61
CA ARG Y 247 -42.32 56.00 33.29
C ARG Y 247 -41.85 55.63 34.70
N ALA Y 248 -42.65 54.86 35.42
CA ALA Y 248 -42.24 54.42 36.76
C ALA Y 248 -40.98 53.58 36.70
N VAL Y 249 -40.92 52.64 35.76
CA VAL Y 249 -39.76 51.75 35.66
C VAL Y 249 -38.53 52.54 35.24
N GLU Y 250 -38.69 53.50 34.32
CA GLU Y 250 -37.56 54.32 33.91
C GLU Y 250 -37.03 55.15 35.07
N ILE Y 251 -37.93 55.75 35.85
CA ILE Y 251 -37.50 56.53 37.01
C ILE Y 251 -36.80 55.64 38.03
N ILE Y 252 -37.35 54.44 38.26
CA ILE Y 252 -36.76 53.53 39.23
C ILE Y 252 -35.36 53.12 38.79
N SER Y 253 -35.18 52.81 37.50
CA SER Y 253 -33.86 52.44 37.01
C SER Y 253 -32.88 53.60 37.06
N ASP Y 254 -33.36 54.81 36.75
CA ASP Y 254 -32.49 55.98 36.83
C ASP Y 254 -32.02 56.21 38.25
N ILE Y 255 -32.90 56.02 39.23
CA ILE Y 255 -32.50 56.13 40.62
C ILE Y 255 -31.55 55.01 41.00
N GLY Y 256 -31.83 53.79 40.55
CA GLY Y 256 -30.95 52.67 40.84
C GLY Y 256 -29.56 52.83 40.25
N ASN Y 257 -29.44 53.67 39.21
CA ASN Y 257 -28.12 54.02 38.71
C ASN Y 257 -27.28 54.66 39.81
N TYR Y 258 -27.88 55.55 40.60
CA TYR Y 258 -27.20 56.12 41.75
C TYR Y 258 -27.13 55.14 42.91
N VAL Y 259 -28.12 54.24 43.03
CA VAL Y 259 -28.16 53.32 44.15
C VAL Y 259 -27.01 52.32 44.11
N GLU Y 260 -26.60 51.89 42.91
CA GLU Y 260 -25.64 50.81 42.78
C GLU Y 260 -24.32 51.13 43.46
N GLU Y 261 -23.69 50.09 44.01
CA GLU Y 261 -22.36 50.18 44.61
C GLU Y 261 -22.31 51.14 45.78
N THR Y 262 -23.45 51.39 46.42
CA THR Y 262 -23.46 52.26 47.58
C THR Y 262 -22.80 51.59 48.77
N GLY Y 263 -22.28 52.41 49.68
CA GLY Y 263 -21.67 51.91 50.89
C GLY Y 263 -20.37 51.16 50.73
N MET Y 264 -19.81 51.13 49.52
CA MET Y 264 -18.54 50.46 49.25
C MET Y 264 -17.58 51.40 48.54
N ALA Y 265 -17.61 52.68 48.93
CA ALA Y 265 -16.74 53.65 48.27
C ALA Y 265 -15.27 53.38 48.57
N GLY Y 266 -14.96 52.81 49.72
CA GLY Y 266 -13.58 52.50 50.04
C GLY Y 266 -12.97 51.51 49.06
N PHE Y 267 -13.67 50.40 48.81
CA PHE Y 267 -13.14 49.35 47.95
C PHE Y 267 -13.01 49.83 46.51
N PHE Y 268 -14.07 50.45 45.98
CA PHE Y 268 -14.04 50.87 44.58
C PHE Y 268 -13.09 52.03 44.36
N ALA Y 269 -13.00 52.94 45.34
CA ALA Y 269 -12.01 54.00 45.27
C ALA Y 269 -10.60 53.43 45.28
N THR Y 270 -10.36 52.44 46.15
CA THR Y 270 -9.06 51.76 46.15
C THR Y 270 -8.75 51.19 44.78
N ILE Y 271 -9.70 50.43 44.22
CA ILE Y 271 -9.51 49.86 42.87
C ILE Y 271 -9.12 50.97 41.90
N ARG Y 272 -10.04 51.92 41.71
CA ARG Y 272 -9.92 52.90 40.64
C ARG Y 272 -8.64 53.73 40.77
N PHE Y 273 -8.29 54.14 41.98
CA PHE Y 273 -7.18 55.07 42.15
C PHE Y 273 -5.87 54.35 42.45
N GLY Y 274 -5.82 53.56 43.52
CA GLY Y 274 -4.59 52.87 43.84
C GLY Y 274 -4.23 51.79 42.82
N LEU Y 275 -5.20 51.00 42.39
CA LEU Y 275 -4.90 49.87 41.52
C LEU Y 275 -4.68 50.32 40.09
N GLU Y 276 -5.70 50.91 39.47
CA GLU Y 276 -5.51 51.56 38.18
C GLU Y 276 -4.71 52.86 38.38
N THR Y 277 -4.54 53.62 37.30
CA THR Y 277 -3.66 54.78 37.30
C THR Y 277 -2.27 54.37 37.79
N ARG Y 278 -1.64 53.49 37.02
CA ARG Y 278 -0.41 52.83 37.44
C ARG Y 278 0.69 53.81 37.79
N TYR Y 279 1.05 53.86 39.07
CA TYR Y 279 2.06 54.76 39.59
C TYR Y 279 3.33 54.00 39.91
N PRO Y 280 4.50 54.52 39.58
CA PRO Y 280 5.76 53.85 39.92
C PRO Y 280 5.92 53.50 41.40
N ALA Y 281 5.06 54.04 42.25
CA ALA Y 281 5.09 53.78 43.69
C ALA Y 281 4.28 52.55 44.08
N LEU Y 282 3.71 51.83 43.10
CA LEU Y 282 2.87 50.68 43.43
C LEU Y 282 3.71 49.51 43.92
N ALA Y 283 4.64 49.05 43.09
CA ALA Y 283 5.51 47.92 43.46
C ALA Y 283 6.55 48.43 44.44
N LEU Y 284 6.25 48.26 45.74
CA LEU Y 284 7.15 48.76 46.79
C LEU Y 284 7.38 47.74 47.90
N ASN Y 285 7.01 46.48 47.69
CA ASN Y 285 7.17 45.36 48.62
C ASN Y 285 6.36 45.54 49.91
N GLU Y 286 5.56 46.60 50.03
CA GLU Y 286 4.59 46.71 51.11
C GLU Y 286 3.16 46.69 50.60
N PHE Y 287 2.97 46.61 49.27
CA PHE Y 287 1.65 46.58 48.68
C PHE Y 287 1.31 45.25 48.03
N GLN Y 288 2.24 44.27 48.03
CA GLN Y 288 1.98 43.02 47.32
C GLN Y 288 0.86 42.22 47.98
N SER Y 289 0.86 42.14 49.31
CA SER Y 289 -0.22 41.44 50.01
C SER Y 289 -1.56 42.12 49.77
N ASP Y 290 -1.58 43.45 49.80
CA ASP Y 290 -2.81 44.18 49.53
C ASP Y 290 -3.29 43.96 48.11
N LEU Y 291 -2.37 43.91 47.14
CA LEU Y 291 -2.76 43.64 45.76
C LEU Y 291 -3.33 42.25 45.61
N ASN Y 292 -2.72 41.25 46.26
CA ASN Y 292 -3.26 39.90 46.21
C ASN Y 292 -4.64 39.83 46.83
N THR Y 293 -4.83 40.49 47.98
CA THR Y 293 -6.14 40.52 48.62
C THR Y 293 -7.17 41.21 47.73
N ILE Y 294 -6.76 42.28 47.06
CA ILE Y 294 -7.66 43.01 46.16
C ILE Y 294 -8.06 42.13 44.97
N LYS Y 295 -7.10 41.39 44.42
CA LYS Y 295 -7.42 40.46 43.33
C LYS Y 295 -8.41 39.40 43.78
N GLY Y 296 -8.16 38.79 44.94
CA GLY Y 296 -9.09 37.82 45.48
C GLY Y 296 -10.47 38.40 45.71
N LEU Y 297 -10.52 39.66 46.16
CA LEU Y 297 -11.79 40.35 46.33
C LEU Y 297 -12.48 40.56 44.99
N MET Y 298 -11.71 40.82 43.94
CA MET Y 298 -12.29 40.97 42.61
C MET Y 298 -12.95 39.67 42.15
N LEU Y 299 -12.24 38.55 42.32
CA LEU Y 299 -12.87 37.28 41.96
C LEU Y 299 -14.08 36.97 42.84
N LEU Y 300 -14.01 37.32 44.12
CA LEU Y 300 -15.16 37.12 44.99
C LEU Y 300 -16.36 37.95 44.54
N TYR Y 301 -16.12 39.20 44.17
CA TYR Y 301 -17.19 40.08 43.69
C TYR Y 301 -17.81 39.53 42.41
N ARG Y 302 -16.96 39.03 41.50
CA ARG Y 302 -17.51 38.40 40.30
C ARG Y 302 -18.30 37.15 40.63
N GLU Y 303 -17.88 36.42 41.66
CA GLU Y 303 -18.54 35.18 42.04
C GLU Y 303 -19.88 35.42 42.73
N ILE Y 304 -20.03 36.56 43.41
CA ILE Y 304 -21.23 36.78 44.22
C ILE Y 304 -22.49 36.73 43.37
N GLY Y 305 -22.51 37.48 42.26
CA GLY Y 305 -23.64 37.45 41.36
C GLY Y 305 -24.25 38.82 41.14
N PRO Y 306 -25.51 38.83 40.71
CA PRO Y 306 -26.17 40.12 40.42
C PRO Y 306 -26.46 40.95 41.65
N ARG Y 307 -26.36 40.39 42.85
CA ARG Y 307 -26.56 41.13 44.08
C ARG Y 307 -25.29 41.80 44.57
N ALA Y 308 -24.20 41.71 43.82
CA ALA Y 308 -22.92 42.27 44.25
C ALA Y 308 -22.97 43.78 44.49
N PRO Y 309 -23.54 44.61 43.61
CA PRO Y 309 -23.59 46.05 43.93
C PRO Y 309 -24.38 46.37 45.18
N TYR Y 310 -25.47 45.66 45.43
CA TYR Y 310 -26.34 45.93 46.58
C TYR Y 310 -26.03 45.00 47.76
N MET Y 311 -24.78 44.96 48.20
CA MET Y 311 -24.48 44.15 49.39
C MET Y 311 -24.72 44.92 50.68
N VAL Y 312 -24.40 46.22 50.69
CA VAL Y 312 -24.66 47.02 51.88
C VAL Y 312 -26.15 47.13 52.16
N LEU Y 313 -26.96 47.25 51.10
CA LEU Y 313 -28.40 47.35 51.27
C LEU Y 313 -28.97 46.07 51.86
N LEU Y 314 -28.54 44.91 51.34
CA LEU Y 314 -28.98 43.63 51.87
C LEU Y 314 -28.18 43.19 53.08
N GLU Y 315 -27.15 43.94 53.46
CA GLU Y 315 -26.34 43.65 54.65
C GLU Y 315 -25.71 42.25 54.56
N GLU Y 316 -25.19 41.93 53.38
CA GLU Y 316 -24.53 40.65 53.18
C GLU Y 316 -23.31 40.54 54.09
N SER Y 317 -23.10 39.35 54.63
CA SER Y 317 -21.94 39.10 55.48
C SER Y 317 -20.63 39.16 54.69
N ILE Y 318 -20.69 38.94 53.38
CA ILE Y 318 -19.49 39.04 52.54
C ILE Y 318 -18.98 40.46 52.48
N GLN Y 319 -19.80 41.45 52.85
CA GLN Y 319 -19.39 42.85 52.73
C GLN Y 319 -18.24 43.18 53.67
N THR Y 320 -18.21 42.59 54.87
CA THR Y 320 -17.16 42.91 55.83
C THR Y 320 -15.79 42.59 55.26
N LYS Y 321 -15.67 41.53 54.46
CA LYS Y 321 -14.41 41.20 53.84
C LYS Y 321 -13.99 42.25 52.81
N PHE Y 322 -14.96 42.91 52.19
CA PHE Y 322 -14.67 43.94 51.20
C PHE Y 322 -14.21 45.25 51.82
N ALA Y 323 -14.58 45.51 53.07
CA ALA Y 323 -14.29 46.80 53.69
C ALA Y 323 -12.79 46.97 53.91
N PRO Y 324 -12.28 48.19 53.81
CA PRO Y 324 -10.89 48.45 54.16
C PRO Y 324 -10.62 48.10 55.62
N GLY Y 325 -9.44 47.55 55.87
CA GLY Y 325 -9.11 47.00 57.16
C GLY Y 325 -8.34 45.71 56.98
N GLY Y 326 -8.63 45.02 55.88
CA GLY Y 326 -7.82 43.91 55.42
C GLY Y 326 -6.72 44.32 54.45
N TYR Y 327 -6.76 45.56 53.98
CA TYR Y 327 -5.72 46.12 53.12
C TYR Y 327 -5.55 47.60 53.40
N PRO Y 328 -5.25 47.98 54.65
CA PRO Y 328 -5.22 49.42 54.99
C PRO Y 328 -4.16 50.21 54.24
N LEU Y 329 -3.04 49.59 53.87
CA LEU Y 329 -1.95 50.33 53.24
C LEU Y 329 -2.34 50.81 51.85
N LEU Y 330 -2.75 49.88 50.98
CA LEU Y 330 -3.15 50.27 49.63
C LEU Y 330 -4.39 51.15 49.67
N TRP Y 331 -5.30 50.91 50.62
CA TRP Y 331 -6.46 51.78 50.76
C TRP Y 331 -6.06 53.20 51.09
N SER Y 332 -5.10 53.38 52.01
CA SER Y 332 -4.65 54.71 52.37
C SER Y 332 -3.96 55.38 51.19
N PHE Y 333 -3.14 54.62 50.46
CA PHE Y 333 -2.49 55.18 49.26
C PHE Y 333 -3.52 55.65 48.24
N ALA Y 334 -4.55 54.84 48.02
CA ALA Y 334 -5.59 55.19 47.07
C ALA Y 334 -6.41 56.39 47.54
N MET Y 335 -6.68 56.47 48.85
CA MET Y 335 -7.39 57.64 49.36
C MET Y 335 -6.56 58.90 49.17
N GLY Y 336 -5.25 58.82 49.41
CA GLY Y 336 -4.40 59.98 49.19
C GLY Y 336 -4.42 60.44 47.74
N VAL Y 337 -4.22 59.50 46.81
CA VAL Y 337 -4.19 59.89 45.40
C VAL Y 337 -5.57 60.39 44.95
N ALA Y 338 -6.65 59.81 45.47
CA ALA Y 338 -7.99 60.25 45.12
C ALA Y 338 -8.25 61.66 45.63
N THR Y 339 -7.88 61.93 46.89
CA THR Y 339 -8.07 63.26 47.44
C THR Y 339 -7.27 64.31 46.68
N THR Y 340 -6.06 63.95 46.24
CA THR Y 340 -5.30 64.90 45.45
C THR Y 340 -5.86 65.06 44.03
N ILE Y 341 -6.45 64.01 43.48
CA ILE Y 341 -6.90 64.03 42.09
C ILE Y 341 -8.36 64.47 41.99
N ASP Y 342 -9.25 63.75 42.67
CA ASP Y 342 -10.68 63.99 42.57
C ASP Y 342 -11.10 65.05 43.59
N ARG Y 343 -11.58 66.20 43.10
CA ARG Y 343 -12.00 67.26 44.00
C ARG Y 343 -13.17 66.82 44.87
N SER Y 344 -14.14 66.12 44.28
CA SER Y 344 -15.29 65.66 45.05
C SER Y 344 -14.87 64.68 46.14
N MET Y 345 -13.94 63.77 45.82
CA MET Y 345 -13.41 62.87 46.82
C MET Y 345 -12.57 63.67 47.82
N GLY Y 346 -13.02 63.68 49.07
CA GLY Y 346 -12.43 64.55 50.08
C GLY Y 346 -13.51 64.98 51.06
N ALA Y 347 -14.76 64.93 50.60
CA ALA Y 347 -15.89 64.99 51.51
C ALA Y 347 -16.20 63.64 52.14
N LEU Y 348 -15.52 62.59 51.70
CA LEU Y 348 -15.68 61.28 52.30
C LEU Y 348 -15.07 61.25 53.69
N ASN Y 349 -15.72 60.52 54.60
CA ASN Y 349 -15.25 60.41 55.97
C ASN Y 349 -14.34 59.18 56.07
N ILE Y 350 -13.05 59.41 56.28
CA ILE Y 350 -12.07 58.32 56.27
C ILE Y 350 -11.26 58.34 57.55
N ASN Y 351 -11.85 58.81 58.65
CA ASN Y 351 -11.14 58.89 59.93
C ASN Y 351 -11.15 57.54 60.65
N ARG Y 352 -10.61 56.53 59.97
CA ARG Y 352 -10.54 55.19 60.50
C ARG Y 352 -9.31 55.03 61.40
N GLY Y 353 -9.23 53.88 62.06
CA GLY Y 353 -8.13 53.57 62.94
C GLY Y 353 -6.90 52.99 62.27
N TYR Y 354 -6.93 52.84 60.96
CA TYR Y 354 -5.82 52.28 60.19
C TYR Y 354 -5.46 53.22 59.04
N LEU Y 355 -5.38 54.51 59.35
CA LEU Y 355 -5.17 55.50 58.29
C LEU Y 355 -3.76 55.43 57.73
N GLU Y 356 -2.75 55.13 58.55
CA GLU Y 356 -1.36 55.05 58.14
C GLU Y 356 -0.94 56.34 57.43
N PRO Y 357 -0.75 57.43 58.16
CA PRO Y 357 -0.50 58.72 57.49
C PRO Y 357 0.73 58.73 56.60
N MET Y 358 1.72 57.87 56.86
CA MET Y 358 2.90 57.83 56.01
C MET Y 358 2.53 57.43 54.58
N TYR Y 359 1.69 56.41 54.44
CA TYR Y 359 1.29 55.98 53.10
C TYR Y 359 0.33 56.97 52.46
N PHE Y 360 -0.48 57.66 53.26
CA PHE Y 360 -1.31 58.74 52.73
C PHE Y 360 -0.44 59.86 52.15
N ARG Y 361 0.62 60.23 52.87
CA ARG Y 361 1.55 61.22 52.35
C ARG Y 361 2.24 60.71 51.09
N LEU Y 362 2.61 59.42 51.08
CA LEU Y 362 3.25 58.85 49.91
C LEU Y 362 2.34 58.93 48.69
N GLY Y 363 1.05 58.64 48.88
CA GLY Y 363 0.11 58.77 47.78
C GLY Y 363 -0.08 60.21 47.33
N GLN Y 364 -0.15 61.13 48.30
CA GLN Y 364 -0.27 62.55 47.96
C GLN Y 364 0.91 63.00 47.11
N LYS Y 365 2.13 62.60 47.49
CA LYS Y 365 3.30 62.91 46.69
C LYS Y 365 3.27 62.22 45.33
N SER Y 366 2.84 60.95 45.29
CA SER Y 366 2.82 60.22 44.04
C SER Y 366 1.85 60.84 43.04
N ALA Y 367 0.79 61.49 43.53
CA ALA Y 367 -0.17 62.10 42.64
C ALA Y 367 0.46 63.25 41.84
N ARG Y 368 1.24 64.10 42.49
CA ARG Y 368 1.73 65.33 41.86
C ARG Y 368 3.24 65.38 41.70
N HIS Y 369 4.01 65.20 42.78
CA HIS Y 369 5.44 65.40 42.76
C HIS Y 369 6.21 64.21 42.21
N HIS Y 370 5.54 63.12 41.86
CA HIS Y 370 6.23 61.88 41.54
C HIS Y 370 6.94 61.96 40.20
N ALA Y 371 6.17 62.13 39.12
CA ALA Y 371 6.69 62.22 37.76
C ALA Y 371 5.51 62.47 36.83
N GLY Y 372 5.83 62.72 35.56
CA GLY Y 372 4.78 62.82 34.56
C GLY Y 372 4.06 61.49 34.36
N GLY Y 373 4.80 60.40 34.34
CA GLY Y 373 4.21 59.08 34.28
C GLY Y 373 3.60 58.71 32.94
N ILE Y 374 4.44 58.57 31.93
CA ILE Y 374 3.99 58.18 30.60
C ILE Y 374 3.97 56.67 30.51
N ASP Y 375 2.80 56.10 30.20
CA ASP Y 375 2.63 54.66 30.14
C ASP Y 375 3.03 54.15 28.76
N GLN Y 376 2.68 52.90 28.47
CA GLN Y 376 3.03 52.30 27.18
C GLN Y 376 2.29 53.02 26.05
N ASN Y 377 3.06 53.58 25.12
CA ASN Y 377 2.53 54.38 24.04
C ASN Y 377 2.46 53.53 22.76
N MET Y 378 1.23 53.23 22.32
CA MET Y 378 1.07 52.59 21.02
C MET Y 378 1.56 53.50 19.91
N ALA Y 379 1.23 54.79 19.99
CA ALA Y 379 1.77 55.77 19.06
C ALA Y 379 3.17 56.19 19.52
N ASN Y 380 4.13 56.13 18.62
CA ASN Y 380 5.52 56.39 18.96
C ASN Y 380 5.74 57.89 19.00
N LYS Y 381 5.90 58.44 20.21
CA LYS Y 381 6.17 59.86 20.40
C LYS Y 381 7.68 60.06 20.57
N LEU Y 382 8.35 60.21 19.42
CA LEU Y 382 9.81 60.25 19.40
C LEU Y 382 10.36 61.44 20.17
N GLY Y 383 9.77 62.62 19.96
CA GLY Y 383 10.25 63.85 20.56
C GLY Y 383 9.41 64.38 21.71
N LEU Y 384 8.71 63.52 22.44
CA LEU Y 384 7.78 63.94 23.47
C LEU Y 384 8.43 64.09 24.84
N ASN Y 385 9.77 64.10 24.91
CA ASN Y 385 10.43 64.42 26.18
C ASN Y 385 10.10 65.84 26.61
N SER Y 386 10.15 66.79 25.67
CA SER Y 386 9.79 68.17 25.97
C SER Y 386 8.30 68.28 26.28
N ASP Y 387 7.47 67.47 25.61
CA ASP Y 387 6.05 67.45 25.93
C ASP Y 387 5.81 66.99 27.36
N GLN Y 388 6.52 65.93 27.79
CA GLN Y 388 6.39 65.47 29.17
C GLN Y 388 6.89 66.53 30.15
N VAL Y 389 7.99 67.22 29.80
CA VAL Y 389 8.50 68.28 30.67
C VAL Y 389 7.47 69.40 30.82
N ALA Y 390 6.85 69.80 29.70
CA ALA Y 390 5.84 70.85 29.75
C ALA Y 390 4.62 70.41 30.54
N GLU Y 391 4.21 69.14 30.40
CA GLU Y 391 3.10 68.62 31.17
C GLU Y 391 3.41 68.63 32.65
N LEU Y 392 4.63 68.24 33.03
CA LEU Y 392 5.02 68.26 34.43
C LEU Y 392 5.16 69.69 34.96
N ALA Y 393 5.45 70.64 34.08
CA ALA Y 393 5.55 72.04 34.49
C ALA Y 393 4.21 72.56 35.02
N ALA Y 394 3.11 72.18 34.36
CA ALA Y 394 1.77 72.56 34.78
C ALA Y 394 1.61 74.08 34.90
N MET Z 1 26.04 15.77 49.01
CA MET Z 1 26.05 16.33 47.67
C MET Z 1 24.69 16.90 47.29
N SER Z 2 24.36 16.85 46.00
CA SER Z 2 23.10 17.41 45.51
C SER Z 2 21.91 16.68 46.12
N ASP Z 3 22.03 15.35 46.31
CA ASP Z 3 20.93 14.59 46.89
C ASP Z 3 20.63 15.06 48.31
N ILE Z 4 21.67 15.31 49.10
CA ILE Z 4 21.48 15.92 50.40
C ILE Z 4 20.90 17.33 50.20
N PHE Z 5 20.10 17.78 51.17
CA PHE Z 5 19.30 19.00 51.19
C PHE Z 5 18.05 18.85 50.33
N ASP Z 6 17.90 17.76 49.58
CA ASP Z 6 16.65 17.40 48.92
C ASP Z 6 16.01 16.18 49.56
N GLU Z 7 16.83 15.23 50.03
CA GLU Z 7 16.32 14.15 50.85
C GLU Z 7 15.70 14.67 52.15
N ALA Z 8 16.34 15.66 52.76
CA ALA Z 8 15.79 16.26 53.97
C ALA Z 8 14.48 16.97 53.69
N ALA Z 9 14.39 17.67 52.55
CA ALA Z 9 13.16 18.38 52.22
C ALA Z 9 11.99 17.43 52.11
N SER Z 10 12.20 16.27 51.48
CA SER Z 10 11.17 15.23 51.50
C SER Z 10 11.02 14.63 52.88
N PHE Z 11 12.13 14.50 53.63
CA PHE Z 11 12.06 13.92 54.96
C PHE Z 11 11.22 14.77 55.90
N ARG Z 12 11.42 16.08 55.88
CA ARG Z 12 10.59 16.96 56.71
C ARG Z 12 9.15 16.96 56.24
N SER Z 13 8.93 16.93 54.92
CA SER Z 13 7.57 16.85 54.40
C SER Z 13 6.90 15.54 54.81
N TYR Z 14 7.64 14.43 54.74
CA TYR Z 14 7.10 13.14 55.15
C TYR Z 14 6.89 13.09 56.67
N GLN Z 15 7.75 13.77 57.42
CA GLN Z 15 7.66 13.72 58.88
C GLN Z 15 6.40 14.42 59.40
N SER Z 16 5.95 15.47 58.72
CA SER Z 16 4.78 16.20 59.19
C SER Z 16 3.52 15.35 59.11
N LYS Z 17 3.28 14.73 57.96
CA LYS Z 17 2.15 13.81 57.78
C LYS Z 17 2.60 12.37 57.99
N LEU Z 18 3.12 12.12 59.19
CA LEU Z 18 3.76 10.83 59.47
C LEU Z 18 2.73 9.73 59.66
N GLY Z 19 1.86 9.86 60.65
CA GLY Z 19 0.90 8.82 60.94
C GLY Z 19 -0.54 9.29 60.85
N ARG Z 20 -0.77 10.42 60.19
CA ARG Z 20 -2.11 10.97 60.05
C ARG Z 20 -2.79 10.41 58.81
N ASP Z 21 -2.96 9.09 58.81
CA ASP Z 21 -3.56 8.37 57.71
C ASP Z 21 -4.36 7.19 58.25
N GLY Z 22 -5.32 6.72 57.46
CA GLY Z 22 -6.16 5.63 57.87
C GLY Z 22 -7.36 6.09 58.69
N ARG Z 23 -8.08 5.10 59.21
CA ARG Z 23 -9.28 5.33 60.00
C ARG Z 23 -9.12 4.69 61.37
N ALA Z 24 -9.53 5.43 62.40
CA ALA Z 24 -9.45 4.94 63.77
C ALA Z 24 -10.59 3.98 64.06
N SER Z 25 -10.47 3.27 65.18
CA SER Z 25 -11.48 2.31 65.60
C SER Z 25 -12.47 2.96 66.55
N ALA Z 26 -13.56 2.24 66.83
CA ALA Z 26 -14.59 2.68 67.75
C ALA Z 26 -14.27 2.35 69.20
N ALA Z 27 -13.14 1.69 69.47
CA ALA Z 27 -12.77 1.38 70.83
C ALA Z 27 -12.52 2.65 71.64
N THR Z 28 -11.88 3.64 71.04
CA THR Z 28 -11.61 4.91 71.70
C THR Z 28 -12.85 5.81 71.61
N ALA Z 29 -13.87 5.42 72.37
CA ALA Z 29 -15.15 6.13 72.40
C ALA Z 29 -15.31 6.79 73.75
N THR Z 30 -15.48 8.11 73.76
CA THR Z 30 -15.61 8.87 74.98
C THR Z 30 -16.93 8.53 75.68
N LEU Z 31 -16.91 8.56 77.01
CA LEU Z 31 -18.13 8.41 77.78
C LEU Z 31 -19.03 9.62 77.57
N THR Z 32 -20.32 9.37 77.37
CA THR Z 32 -21.28 10.41 77.02
C THR Z 32 -22.09 10.83 78.23
N THR Z 33 -22.40 12.12 78.29
CA THR Z 33 -23.20 12.69 79.38
C THR Z 33 -24.52 13.18 78.81
N LYS Z 34 -25.61 12.88 79.51
CA LYS Z 34 -26.93 13.31 79.06
C LYS Z 34 -27.10 14.81 79.26
N ILE Z 35 -27.60 15.49 78.23
CA ILE Z 35 -27.83 16.93 78.26
C ILE Z 35 -29.28 17.18 77.90
N ARG Z 36 -30.02 17.82 78.81
CA ARG Z 36 -31.45 18.06 78.65
C ARG Z 36 -31.64 19.46 78.07
N ILE Z 37 -32.27 19.53 76.90
CA ILE Z 37 -32.45 20.78 76.17
C ILE Z 37 -33.94 21.08 76.11
N PHE Z 38 -34.31 22.28 76.56
CA PHE Z 38 -35.71 22.74 76.54
C PHE Z 38 -35.93 23.59 75.31
N VAL Z 39 -36.60 23.02 74.30
CA VAL Z 39 -36.88 23.73 73.06
C VAL Z 39 -38.36 24.11 73.02
N PRO Z 40 -38.72 25.22 72.40
CA PRO Z 40 -40.14 25.57 72.27
C PRO Z 40 -40.82 24.67 71.23
N ALA Z 41 -41.94 24.08 71.63
CA ALA Z 41 -42.67 23.18 70.73
C ALA Z 41 -43.44 23.95 69.67
N THR Z 42 -44.01 25.09 70.02
CA THR Z 42 -44.88 25.87 69.15
C THR Z 42 -44.16 27.14 68.70
N ASN Z 43 -44.88 27.97 67.95
CA ASN Z 43 -44.35 29.23 67.44
C ASN Z 43 -44.95 30.44 68.14
N SER Z 44 -45.70 30.23 69.22
CA SER Z 44 -46.32 31.35 69.91
C SER Z 44 -45.26 32.23 70.55
N PRO Z 45 -45.26 33.54 70.27
CA PRO Z 45 -44.24 34.41 70.87
C PRO Z 45 -44.28 34.44 72.39
N GLU Z 46 -45.47 34.33 72.98
CA GLU Z 46 -45.59 34.41 74.44
C GLU Z 46 -44.85 33.25 75.11
N LEU Z 47 -44.91 32.06 74.52
CA LEU Z 47 -44.19 30.93 75.09
C LEU Z 47 -42.69 31.04 74.80
N ARG Z 48 -42.34 31.44 73.58
CA ARG Z 48 -40.92 31.57 73.24
C ARG Z 48 -40.25 32.65 74.07
N TRP Z 49 -40.92 33.80 74.25
CA TRP Z 49 -40.33 34.86 75.06
C TRP Z 49 -40.19 34.42 76.52
N GLU Z 50 -41.17 33.70 77.05
CA GLU Z 50 -41.07 33.19 78.41
C GLU Z 50 -39.98 32.13 78.51
N LEU Z 51 -39.74 31.39 77.42
CA LEU Z 51 -38.70 30.37 77.43
C LEU Z 51 -37.31 31.00 77.46
N THR Z 52 -37.05 31.99 76.61
CA THR Z 52 -35.73 32.60 76.59
C THR Z 52 -35.49 33.44 77.84
N LEU Z 53 -36.55 33.87 78.51
CA LEU Z 53 -36.39 34.48 79.83
C LEU Z 53 -35.93 33.45 80.85
N PHE Z 54 -36.49 32.25 80.77
CA PHE Z 54 -36.06 31.16 81.66
C PHE Z 54 -34.62 30.77 81.39
N ALA Z 55 -34.25 30.65 80.12
CA ALA Z 55 -32.89 30.23 79.79
C ALA Z 55 -31.86 31.27 80.24
N LEU Z 56 -32.24 32.54 80.24
CA LEU Z 56 -31.35 33.57 80.76
C LEU Z 56 -31.11 33.39 82.25
N ASP Z 57 -32.14 33.03 83.01
CA ASP Z 57 -32.00 32.88 84.45
C ASP Z 57 -31.16 31.66 84.81
N VAL Z 58 -31.31 30.57 84.05
CA VAL Z 58 -30.55 29.36 84.35
C VAL Z 58 -29.06 29.62 84.19
N ILE Z 59 -28.67 30.32 83.12
CA ILE Z 59 -27.26 30.67 82.93
C ILE Z 59 -26.77 31.57 84.04
N ARG Z 60 -27.58 32.57 84.42
CA ARG Z 60 -27.21 33.46 85.50
C ARG Z 60 -27.28 32.79 86.87
N SER Z 61 -27.99 31.67 86.98
CA SER Z 61 -28.14 31.01 88.27
C SER Z 61 -26.82 30.47 88.77
N PRO Z 62 -26.48 30.66 90.04
CA PRO Z 62 -25.24 30.10 90.58
C PRO Z 62 -25.41 28.66 91.03
N SER Z 63 -26.62 28.28 91.40
CA SER Z 63 -26.91 26.94 91.86
C SER Z 63 -27.15 25.96 90.72
N ALA Z 64 -27.14 26.42 89.48
CA ALA Z 64 -27.41 25.55 88.34
C ALA Z 64 -26.23 24.62 88.09
N ALA Z 65 -26.54 23.35 87.82
CA ALA Z 65 -25.51 22.42 87.40
C ALA Z 65 -25.03 22.76 85.99
N GLU Z 66 -23.82 22.30 85.67
CA GLU Z 66 -23.24 22.63 84.37
C GLU Z 66 -24.09 22.07 83.24
N SER Z 67 -24.60 20.84 83.38
CA SER Z 67 -25.41 20.24 82.33
C SER Z 67 -26.66 21.06 82.07
N MET Z 68 -27.29 21.59 83.14
CA MET Z 68 -28.43 22.48 82.96
C MET Z 68 -28.02 23.76 82.23
N LYS Z 69 -26.84 24.29 82.55
CA LYS Z 69 -26.38 25.51 81.91
C LYS Z 69 -26.14 25.30 80.42
N ILE Z 70 -25.64 24.13 80.04
CA ILE Z 70 -25.48 23.82 78.62
C ILE Z 70 -26.84 23.73 77.94
N GLY Z 71 -27.82 23.16 78.62
CA GLY Z 71 -29.15 23.08 78.06
C GLY Z 71 -29.76 24.46 77.81
N ALA Z 72 -29.56 25.38 78.76
CA ALA Z 72 -30.01 26.76 78.55
C ALA Z 72 -29.26 27.41 77.40
N ALA Z 73 -27.95 27.15 77.29
CA ALA Z 73 -27.18 27.71 76.18
C ALA Z 73 -27.67 27.17 74.85
N PHE Z 74 -27.94 25.86 74.77
CA PHE Z 74 -28.46 25.29 73.53
C PHE Z 74 -29.87 25.79 73.24
N THR Z 75 -30.67 26.01 74.29
CA THR Z 75 -32.00 26.55 74.10
C THR Z 75 -31.95 27.96 73.51
N LEU Z 76 -31.02 28.78 74.00
CA LEU Z 76 -30.90 30.16 73.52
C LEU Z 76 -30.46 30.20 72.06
N ILE Z 77 -29.39 29.47 71.72
CA ILE Z 77 -28.77 29.59 70.41
C ILE Z 77 -29.75 29.20 69.31
N SER Z 78 -30.56 28.17 69.56
CA SER Z 78 -31.49 27.67 68.57
C SER Z 78 -32.87 28.29 68.67
N MET Z 79 -33.03 29.34 69.48
CA MET Z 79 -34.35 29.92 69.68
C MET Z 79 -34.86 30.62 68.43
N TYR Z 80 -33.96 31.17 67.60
CA TYR Z 80 -34.41 31.90 66.42
C TYR Z 80 -35.10 30.98 65.42
N SER Z 81 -34.65 29.74 65.31
CA SER Z 81 -35.19 28.83 64.31
C SER Z 81 -36.63 28.47 64.62
N GLU Z 82 -37.41 28.24 63.55
CA GLU Z 82 -38.81 27.87 63.73
C GLU Z 82 -38.95 26.47 64.29
N ARG Z 83 -37.96 25.60 64.06
CA ARG Z 83 -37.94 24.24 64.59
C ARG Z 83 -36.63 24.04 65.31
N PRO Z 84 -36.51 24.52 66.55
CA PRO Z 84 -35.23 24.38 67.27
C PRO Z 84 -34.80 22.93 67.45
N GLY Z 85 -35.75 22.02 67.62
CA GLY Z 85 -35.39 20.61 67.77
C GLY Z 85 -34.71 20.05 66.53
N ALA Z 86 -35.24 20.39 65.35
CA ALA Z 86 -34.63 19.92 64.11
C ALA Z 86 -33.24 20.52 63.92
N LEU Z 87 -33.06 21.80 64.25
CA LEU Z 87 -31.77 22.45 64.07
C LEU Z 87 -30.70 21.81 64.94
N ILE Z 88 -31.02 21.55 66.21
CA ILE Z 88 -30.04 20.97 67.11
C ILE Z 88 -29.67 19.55 66.68
N ARG Z 89 -30.68 18.75 66.33
CA ARG Z 89 -30.43 17.36 65.98
C ARG Z 89 -29.67 17.24 64.65
N SER Z 90 -29.89 18.16 63.73
CA SER Z 90 -29.26 18.10 62.42
C SER Z 90 -27.97 18.89 62.33
N LEU Z 91 -27.53 19.52 63.42
CA LEU Z 91 -26.30 20.29 63.43
C LEU Z 91 -25.50 20.02 64.70
N LEU Z 92 -25.49 18.77 65.15
CA LEU Z 92 -24.75 18.37 66.34
C LEU Z 92 -23.74 17.31 65.96
N ASN Z 93 -22.47 17.55 66.27
CA ASN Z 93 -21.38 16.62 66.00
C ASN Z 93 -20.48 16.51 67.21
N ASP Z 94 -21.07 16.36 68.39
CA ASP Z 94 -20.32 16.28 69.64
C ASP Z 94 -20.34 14.86 70.19
N PRO Z 95 -19.24 14.11 70.05
CA PRO Z 95 -19.21 12.76 70.66
C PRO Z 95 -19.21 12.78 72.17
N ASP Z 96 -18.84 13.90 72.80
CA ASP Z 96 -18.77 13.96 74.25
C ASP Z 96 -20.15 13.89 74.89
N ILE Z 97 -21.17 14.43 74.23
CA ILE Z 97 -22.49 14.59 74.83
C ILE Z 97 -23.54 13.92 73.96
N GLU Z 98 -24.65 13.56 74.59
CA GLU Z 98 -25.86 13.15 73.91
C GLU Z 98 -26.98 14.11 74.29
N ALA Z 99 -27.70 14.59 73.29
CA ALA Z 99 -28.74 15.60 73.49
C ALA Z 99 -30.11 14.92 73.47
N VAL Z 100 -30.88 15.13 74.53
CA VAL Z 100 -32.25 14.65 74.60
C VAL Z 100 -33.16 15.87 74.46
N ILE Z 101 -33.73 16.04 73.28
CA ILE Z 101 -34.56 17.21 73.00
C ILE Z 101 -35.89 17.07 73.73
N ILE Z 102 -36.31 18.13 74.40
CA ILE Z 102 -37.55 18.15 75.17
C ILE Z 102 -38.41 19.28 74.64
N ASP Z 103 -39.55 18.94 74.04
CA ASP Z 103 -40.51 19.94 73.60
C ASP Z 103 -41.22 20.50 74.82
N VAL Z 104 -41.18 21.83 74.98
CA VAL Z 104 -41.70 22.44 76.20
C VAL Z 104 -43.21 22.32 76.27
N GLY Z 105 -43.91 22.61 75.17
CA GLY Z 105 -45.35 22.48 75.17
C GLY Z 105 -46.08 23.73 75.62
N SER Z 106 -46.46 23.76 76.89
CA SER Z 106 -47.08 24.92 77.51
C SER Z 106 -46.06 25.61 78.42
N MET Z 107 -46.51 26.66 79.10
CA MET Z 107 -45.60 27.45 79.92
C MET Z 107 -46.25 27.86 81.22
N LEU Z 108 -45.71 27.36 82.33
CA LEU Z 108 -45.98 27.88 83.65
C LEU Z 108 -44.93 28.93 83.98
N ASN Z 109 -44.81 29.31 85.26
CA ASN Z 109 -43.71 30.18 85.66
C ASN Z 109 -42.37 29.58 85.25
N GLY Z 110 -42.18 28.28 85.51
CA GLY Z 110 -41.03 27.56 85.00
C GLY Z 110 -41.37 26.85 83.70
N ILE Z 111 -41.32 25.53 83.71
CA ILE Z 111 -41.76 24.73 82.56
C ILE Z 111 -42.63 23.58 83.05
N PRO Z 112 -43.83 23.40 82.50
CA PRO Z 112 -44.63 22.22 82.83
C PRO Z 112 -44.20 21.02 81.99
N VAL Z 113 -43.66 20.00 82.67
CA VAL Z 113 -43.22 18.80 81.96
C VAL Z 113 -44.40 18.12 81.29
N MET Z 114 -45.52 18.00 82.01
CA MET Z 114 -46.76 17.43 81.48
C MET Z 114 -46.54 16.01 80.96
N GLU Z 115 -46.02 15.14 81.83
CA GLU Z 115 -45.78 13.74 81.46
C GLU Z 115 -45.91 12.92 82.73
N ARG Z 116 -47.09 12.31 82.93
CA ARG Z 116 -47.37 11.48 84.10
C ARG Z 116 -47.10 12.27 85.39
N ARG Z 117 -47.89 13.33 85.58
CA ARG Z 117 -47.70 14.22 86.71
C ARG Z 117 -47.78 13.45 88.02
N GLY Z 118 -46.83 13.73 88.91
CA GLY Z 118 -46.67 13.01 90.16
C GLY Z 118 -45.62 11.92 90.11
N ASP Z 119 -45.49 11.28 88.95
CA ASP Z 119 -44.51 10.20 88.77
C ASP Z 119 -43.23 10.79 88.19
N LYS Z 120 -42.23 10.99 89.05
CA LYS Z 120 -40.90 11.46 88.66
C LYS Z 120 -40.97 12.80 87.93
N ALA Z 121 -41.94 13.64 88.27
CA ALA Z 121 -42.09 14.93 87.61
C ALA Z 121 -42.14 16.06 88.64
N GLN Z 122 -42.62 15.76 89.84
CA GLN Z 122 -42.76 16.79 90.86
C GLN Z 122 -41.40 17.36 91.26
N GLU Z 123 -40.41 16.51 91.45
CA GLU Z 123 -39.10 16.97 91.89
C GLU Z 123 -38.44 17.88 90.86
N GLU Z 124 -38.72 17.64 89.58
CA GLU Z 124 -38.18 18.52 88.55
C GLU Z 124 -38.72 19.94 88.67
N MET Z 125 -40.01 20.07 88.99
CA MET Z 125 -40.58 21.39 89.21
C MET Z 125 -39.91 22.08 90.40
N GLU Z 126 -39.69 21.35 91.49
CA GLU Z 126 -39.04 21.93 92.65
C GLU Z 126 -37.61 22.35 92.32
N GLY Z 127 -36.90 21.53 91.56
CA GLY Z 127 -35.54 21.89 91.16
C GLY Z 127 -35.50 23.17 90.33
N LEU Z 128 -36.43 23.29 89.37
CA LEU Z 128 -36.47 24.50 88.55
C LEU Z 128 -36.86 25.72 89.37
N MET Z 129 -37.78 25.56 90.33
CA MET Z 129 -38.13 26.67 91.20
C MET Z 129 -36.93 27.10 92.03
N ARG Z 130 -36.12 26.14 92.50
CA ARG Z 130 -34.87 26.49 93.17
C ARG Z 130 -33.91 27.20 92.21
N ILE Z 131 -33.90 26.78 90.94
CA ILE Z 131 -33.05 27.43 89.96
C ILE Z 131 -33.47 28.88 89.78
N LEU Z 132 -34.77 29.12 89.63
CA LEU Z 132 -35.27 30.48 89.40
C LEU Z 132 -35.07 31.36 90.63
N LYS Z 133 -35.38 30.82 91.82
CA LYS Z 133 -35.27 31.63 93.03
C LYS Z 133 -33.83 32.01 93.32
N THR Z 134 -32.90 31.06 93.19
CA THR Z 134 -31.49 31.35 93.43
C THR Z 134 -30.95 32.34 92.40
N ALA Z 135 -31.38 32.20 91.14
CA ALA Z 135 -30.90 33.11 90.10
C ALA Z 135 -31.32 34.54 90.36
N ARG Z 136 -32.57 34.75 90.79
CA ARG Z 136 -33.05 36.09 91.05
C ARG Z 136 -32.44 36.66 92.33
N GLU Z 137 -32.25 35.81 93.35
CA GLU Z 137 -31.69 36.27 94.61
C GLU Z 137 -30.19 36.50 94.52
N SER Z 138 -29.49 35.79 93.64
CA SER Z 138 -28.03 35.91 93.56
C SER Z 138 -27.62 37.32 93.20
N SER Z 139 -28.17 37.86 92.12
CA SER Z 139 -27.93 39.25 91.78
C SER Z 139 -28.64 40.17 92.76
N LYS Z 140 -28.18 41.42 92.81
CA LYS Z 140 -28.78 42.39 93.73
C LYS Z 140 -30.08 42.94 93.17
N GLY Z 141 -31.01 42.05 92.84
CA GLY Z 141 -32.24 42.46 92.20
C GLY Z 141 -32.08 42.91 90.77
N LYS Z 142 -30.92 42.66 90.17
CA LYS Z 142 -30.62 43.15 88.83
C LYS Z 142 -31.04 42.13 87.79
N THR Z 143 -31.87 42.55 86.84
CA THR Z 143 -32.28 41.70 85.75
C THR Z 143 -31.11 41.48 84.79
N PRO Z 144 -31.15 40.40 84.00
CA PRO Z 144 -30.07 40.19 83.01
C PRO Z 144 -29.93 41.34 82.03
N PHE Z 145 -31.04 41.97 81.64
CA PHE Z 145 -30.98 43.09 80.73
C PHE Z 145 -30.53 44.36 81.46
N VAL Z 146 -29.88 45.25 80.71
CA VAL Z 146 -29.44 46.51 81.29
C VAL Z 146 -30.63 47.41 81.61
N ASP Z 147 -31.80 47.11 81.07
CA ASP Z 147 -33.03 47.85 81.35
C ASP Z 147 -33.97 46.98 82.17
N SER Z 148 -34.36 47.48 83.35
CA SER Z 148 -35.21 46.69 84.22
C SER Z 148 -36.58 46.43 83.60
N ARG Z 149 -37.04 47.31 82.71
CA ARG Z 149 -38.32 47.11 82.04
C ARG Z 149 -38.27 46.01 81.00
N ALA Z 150 -37.08 45.66 80.51
CA ALA Z 150 -36.97 44.62 79.49
C ALA Z 150 -37.17 43.22 80.05
N TYR Z 151 -37.07 43.05 81.37
CA TYR Z 151 -37.23 41.73 81.96
C TYR Z 151 -38.72 41.38 82.13
N GLY Z 152 -39.44 42.17 82.90
CA GLY Z 152 -40.86 41.96 83.07
C GLY Z 152 -41.68 42.58 81.97
N LEU Z 153 -41.33 42.26 80.72
CA LEU Z 153 -42.00 42.81 79.54
C LEU Z 153 -42.87 41.74 78.91
N ARG Z 154 -44.11 42.09 78.62
CA ARG Z 154 -45.03 41.17 77.97
C ARG Z 154 -44.83 41.23 76.46
N ILE Z 155 -44.64 40.06 75.84
CA ILE Z 155 -44.44 39.97 74.40
C ILE Z 155 -45.57 39.12 73.83
N THR Z 156 -46.34 39.70 72.90
CA THR Z 156 -47.35 38.96 72.16
C THR Z 156 -47.23 39.09 70.66
N ASP Z 157 -46.58 40.14 70.15
CA ASP Z 157 -46.39 40.34 68.73
C ASP Z 157 -45.17 39.55 68.25
N MET Z 158 -45.32 38.88 67.12
CA MET Z 158 -44.20 38.13 66.55
C MET Z 158 -43.07 39.05 66.15
N SER Z 159 -43.40 40.25 65.66
CA SER Z 159 -42.37 41.18 65.22
C SER Z 159 -41.47 41.59 66.38
N THR Z 160 -42.05 41.87 67.54
CA THR Z 160 -41.26 42.27 68.69
C THR Z 160 -40.38 41.12 69.18
N LEU Z 161 -40.93 39.90 69.19
CA LEU Z 161 -40.17 38.76 69.67
C LEU Z 161 -38.94 38.51 68.82
N VAL Z 162 -39.09 38.59 67.50
CA VAL Z 162 -37.96 38.34 66.60
C VAL Z 162 -36.85 39.34 66.85
N SER Z 163 -37.21 40.62 66.97
CA SER Z 163 -36.21 41.64 67.27
C SER Z 163 -35.58 41.41 68.63
N ALA Z 164 -36.40 41.06 69.62
CA ALA Z 164 -35.88 40.81 70.97
C ALA Z 164 -34.94 39.62 70.99
N VAL Z 165 -35.31 38.53 70.30
CA VAL Z 165 -34.49 37.32 70.32
C VAL Z 165 -33.14 37.58 69.65
N ILE Z 166 -33.15 38.26 68.50
CA ILE Z 166 -31.92 38.46 67.74
C ILE Z 166 -30.92 39.26 68.57
N THR Z 167 -31.39 40.23 69.33
CA THR Z 167 -30.51 41.01 70.19
C THR Z 167 -29.86 40.11 71.24
N ILE Z 168 -30.62 39.17 71.80
CA ILE Z 168 -30.05 38.21 72.74
C ILE Z 168 -29.08 37.28 72.02
N GLU Z 169 -29.45 36.83 70.82
CA GLU Z 169 -28.57 35.98 70.05
C GLU Z 169 -27.28 36.71 69.68
N ALA Z 170 -27.40 37.94 69.18
CA ALA Z 170 -26.22 38.68 68.74
C ALA Z 170 -25.26 38.92 69.89
N GLN Z 171 -25.79 39.31 71.05
CA GLN Z 171 -24.93 39.59 72.19
C GLN Z 171 -24.21 38.35 72.68
N ILE Z 172 -24.86 37.18 72.60
CA ILE Z 172 -24.19 35.93 72.95
C ILE Z 172 -23.14 35.59 71.91
N TRP Z 173 -23.47 35.71 70.63
CA TRP Z 173 -22.54 35.38 69.55
C TRP Z 173 -21.35 36.33 69.48
N ILE Z 174 -21.41 37.48 70.16
CA ILE Z 174 -20.25 38.37 70.19
C ILE Z 174 -19.11 37.72 70.98
N LEU Z 175 -19.45 37.01 72.05
CA LEU Z 175 -18.44 36.51 72.99
C LEU Z 175 -17.56 35.42 72.39
N ILE Z 176 -18.03 34.71 71.36
CA ILE Z 176 -17.28 33.57 70.85
C ILE Z 176 -15.94 34.00 70.26
N ALA Z 177 -15.85 35.24 69.76
CA ALA Z 177 -14.62 35.68 69.10
C ALA Z 177 -13.43 35.65 70.05
N LYS Z 178 -13.62 36.10 71.29
CA LYS Z 178 -12.55 36.18 72.29
C LYS Z 178 -12.98 35.50 73.58
N ALA Z 179 -13.54 34.29 73.46
CA ALA Z 179 -13.95 33.53 74.62
C ALA Z 179 -12.84 32.64 75.15
N VAL Z 180 -12.03 32.07 74.26
CA VAL Z 180 -10.96 31.18 74.67
C VAL Z 180 -9.57 31.77 74.44
N THR Z 181 -9.42 32.73 73.52
CA THR Z 181 -8.11 33.32 73.29
C THR Z 181 -7.70 34.20 74.46
N ALA Z 182 -8.48 35.24 74.74
CA ALA Z 182 -8.22 36.13 75.86
C ALA Z 182 -9.54 36.61 76.44
N PRO Z 183 -10.23 35.76 77.20
CA PRO Z 183 -11.52 36.17 77.78
C PRO Z 183 -11.41 37.34 78.73
N ASP Z 184 -10.30 37.45 79.46
CA ASP Z 184 -10.16 38.54 80.43
C ASP Z 184 -10.02 39.88 79.72
N THR Z 185 -9.25 39.93 78.64
CA THR Z 185 -9.01 41.16 77.90
C THR Z 185 -10.15 41.52 76.95
N ALA Z 186 -11.33 40.93 77.14
CA ALA Z 186 -12.49 41.22 76.33
C ALA Z 186 -13.17 42.49 76.84
N GLU Z 187 -14.40 42.72 76.38
CA GLU Z 187 -15.28 43.84 76.70
C GLU Z 187 -14.88 45.13 75.98
N GLU Z 188 -13.74 45.14 75.27
CA GLU Z 188 -13.37 46.27 74.43
C GLU Z 188 -13.82 46.04 72.99
N SER Z 189 -13.35 44.94 72.38
CA SER Z 189 -13.84 44.57 71.06
C SER Z 189 -15.32 44.18 71.10
N GLU Z 190 -15.74 43.51 72.17
CA GLU Z 190 -17.14 43.12 72.29
C GLU Z 190 -18.06 44.33 72.31
N THR Z 191 -17.68 45.37 73.06
CA THR Z 191 -18.46 46.61 73.02
C THR Z 191 -18.39 47.25 71.64
N ARG Z 192 -17.23 47.17 70.98
CA ARG Z 192 -17.11 47.69 69.63
C ARG Z 192 -18.02 46.94 68.65
N ARG Z 193 -18.07 45.62 68.79
CA ARG Z 193 -18.97 44.84 67.93
C ARG Z 193 -20.43 45.21 68.18
N TRP Z 194 -20.82 45.33 69.45
CA TRP Z 194 -22.19 45.70 69.77
C TRP Z 194 -22.52 47.09 69.26
N ALA Z 195 -21.59 48.04 69.39
CA ALA Z 195 -21.83 49.40 68.92
C ALA Z 195 -22.02 49.42 67.42
N LYS Z 196 -21.29 48.59 66.68
CA LYS Z 196 -21.40 48.56 65.23
C LYS Z 196 -22.80 48.13 64.79
N TYR Z 197 -23.34 47.09 65.44
CA TYR Z 197 -24.66 46.60 65.06
C TYR Z 197 -25.76 47.56 65.49
N VAL Z 198 -25.56 48.28 66.58
CA VAL Z 198 -26.54 49.29 66.98
C VAL Z 198 -26.62 50.40 65.94
N GLN Z 199 -25.48 50.86 65.44
CA GLN Z 199 -25.48 51.91 64.41
C GLN Z 199 -26.07 51.39 63.11
N GLN Z 200 -25.93 50.09 62.84
CA GLN Z 200 -26.57 49.49 61.67
C GLN Z 200 -28.04 49.21 61.87
N LYS Z 201 -28.55 49.42 63.09
CA LYS Z 201 -29.96 49.19 63.43
C LYS Z 201 -30.38 47.74 63.22
N ARG Z 202 -29.42 46.81 63.19
CA ARG Z 202 -29.77 45.40 63.10
C ARG Z 202 -30.30 44.87 64.41
N VAL Z 203 -29.88 45.46 65.53
CA VAL Z 203 -30.28 45.02 66.86
C VAL Z 203 -30.96 46.18 67.56
N ASN Z 204 -32.07 45.89 68.23
CA ASN Z 204 -32.76 46.90 69.03
C ASN Z 204 -32.06 47.01 70.38
N PRO Z 205 -31.50 48.19 70.72
CA PRO Z 205 -30.69 48.29 71.95
C PRO Z 205 -31.49 48.17 73.24
N PHE Z 206 -32.82 48.12 73.16
CA PHE Z 206 -33.62 47.99 74.39
C PHE Z 206 -33.33 46.66 75.09
N PHE Z 207 -33.18 45.58 74.33
CA PHE Z 207 -32.84 44.28 74.91
C PHE Z 207 -31.32 44.12 74.91
N ALA Z 208 -30.68 44.80 75.86
CA ALA Z 208 -29.24 44.73 76.02
C ALA Z 208 -28.94 44.14 77.39
N LEU Z 209 -28.27 42.99 77.40
CA LEU Z 209 -27.93 42.33 78.65
C LEU Z 209 -26.79 43.07 79.35
N THR Z 210 -26.82 43.06 80.68
CA THR Z 210 -25.80 43.73 81.45
C THR Z 210 -24.47 42.99 81.34
N GLN Z 211 -23.39 43.68 81.70
CA GLN Z 211 -22.06 43.07 81.60
C GLN Z 211 -21.86 42.01 82.67
N GLN Z 212 -22.63 42.06 83.76
CA GLN Z 212 -22.56 41.01 84.76
C GLN Z 212 -23.03 39.68 84.19
N TRP Z 213 -24.11 39.70 83.42
CA TRP Z 213 -24.61 38.48 82.80
C TRP Z 213 -23.69 38.00 81.68
N LEU Z 214 -23.14 38.93 80.91
CA LEU Z 214 -22.25 38.55 79.81
C LEU Z 214 -21.00 37.85 80.33
N THR Z 215 -20.47 38.32 81.46
CA THR Z 215 -19.32 37.65 82.06
C THR Z 215 -19.66 36.23 82.47
N GLU Z 216 -20.84 36.03 83.05
CA GLU Z 216 -21.26 34.69 83.44
C GLU Z 216 -21.41 33.77 82.23
N MET Z 217 -22.00 34.28 81.15
CA MET Z 217 -22.13 33.48 79.94
C MET Z 217 -20.77 33.17 79.32
N ARG Z 218 -19.88 34.17 79.28
CA ARG Z 218 -18.56 33.96 78.69
C ARG Z 218 -17.75 32.95 79.49
N ASN Z 219 -17.88 32.98 80.81
CA ASN Z 219 -17.24 31.95 81.63
C ASN Z 219 -17.78 30.57 81.30
N LEU Z 220 -19.09 30.46 81.10
CA LEU Z 220 -19.67 29.19 80.67
C LEU Z 220 -19.15 28.78 79.31
N LEU Z 221 -19.05 29.74 78.39
CA LEU Z 221 -18.67 29.41 77.02
C LEU Z 221 -17.22 28.95 76.94
N SER Z 222 -16.35 29.51 77.77
CA SER Z 222 -14.95 29.09 77.76
C SER Z 222 -14.78 27.71 78.37
N GLN Z 223 -15.50 27.43 79.46
CA GLN Z 223 -15.34 26.15 80.14
C GLN Z 223 -15.80 24.98 79.29
N SER Z 224 -16.93 25.13 78.60
CA SER Z 224 -17.58 24.02 77.90
C SER Z 224 -17.18 24.01 76.44
N LEU Z 225 -16.75 22.83 75.96
CA LEU Z 225 -16.42 22.62 74.56
C LEU Z 225 -17.62 22.22 73.73
N SER Z 226 -18.63 21.59 74.34
CA SER Z 226 -19.81 21.16 73.59
C SER Z 226 -20.56 22.36 73.01
N VAL Z 227 -20.70 23.44 73.79
CA VAL Z 227 -21.35 24.64 73.29
C VAL Z 227 -20.55 25.24 72.16
N ARG Z 228 -19.22 25.29 72.31
CA ARG Z 228 -18.37 25.82 71.25
C ARG Z 228 -18.49 25.00 69.98
N LYS Z 229 -18.52 23.67 70.10
CA LYS Z 229 -18.64 22.82 68.92
C LYS Z 229 -19.95 23.06 68.19
N PHE Z 230 -21.04 23.23 68.94
CA PHE Z 230 -22.34 23.49 68.32
C PHE Z 230 -22.33 24.82 67.58
N MET Z 231 -21.76 25.86 68.18
CA MET Z 231 -21.77 27.17 67.55
C MET Z 231 -20.80 27.24 66.37
N VAL Z 232 -19.70 26.50 66.44
CA VAL Z 232 -18.80 26.43 65.28
C VAL Z 232 -19.49 25.71 64.13
N GLU Z 233 -20.22 24.64 64.43
CA GLU Z 233 -20.95 23.91 63.39
C GLU Z 233 -21.97 24.80 62.71
N ILE Z 234 -22.66 25.64 63.48
CA ILE Z 234 -23.60 26.60 62.90
C ILE Z 234 -22.85 27.56 61.98
N LEU Z 235 -21.67 28.03 62.40
CA LEU Z 235 -20.92 28.98 61.61
C LEU Z 235 -20.54 28.41 60.25
N MET Z 236 -20.06 27.16 60.22
CA MET Z 236 -19.68 26.56 58.96
C MET Z 236 -20.88 26.34 58.05
N GLU Z 237 -21.99 25.84 58.61
CA GLU Z 237 -23.19 25.61 57.79
C GLU Z 237 -23.74 26.92 57.24
N VAL Z 238 -23.77 27.96 58.06
CA VAL Z 238 -24.24 29.27 57.61
C VAL Z 238 -23.29 29.85 56.56
N LYS Z 239 -21.98 29.59 56.73
CA LYS Z 239 -20.99 30.08 55.76
C LYS Z 239 -21.25 29.55 54.37
N LYS Z 240 -21.68 28.30 54.25
CA LYS Z 240 -21.99 27.70 52.95
C LYS Z 240 -23.16 28.44 52.33
N GLY Z 241 -22.92 29.17 51.24
CA GLY Z 241 -23.96 29.91 50.57
C GLY Z 241 -24.83 29.01 49.71
N GLY Z 242 -25.82 29.64 49.08
CA GLY Z 242 -26.73 28.93 48.19
C GLY Z 242 -28.18 29.19 48.48
N SER Z 243 -28.54 29.34 49.74
CA SER Z 243 -29.92 29.57 50.15
C SER Z 243 -30.08 30.99 50.71
N ALA Z 244 -31.33 31.39 50.84
CA ALA Z 244 -31.64 32.71 51.39
C ALA Z 244 -31.29 32.76 52.87
N LYS Z 245 -30.75 33.89 53.31
CA LYS Z 245 -30.32 34.08 54.69
C LYS Z 245 -31.27 35.06 55.37
N GLY Z 246 -31.78 34.66 56.54
CA GLY Z 246 -32.62 35.53 57.33
C GLY Z 246 -31.83 36.52 58.15
N ARG Z 247 -32.56 37.38 58.86
CA ARG Z 247 -31.90 38.39 59.68
C ARG Z 247 -31.04 37.76 60.77
N ALA Z 248 -31.54 36.69 61.39
CA ALA Z 248 -30.74 35.98 62.39
C ALA Z 248 -29.50 35.37 61.78
N VAL Z 249 -29.63 34.76 60.60
CA VAL Z 249 -28.49 34.09 59.98
C VAL Z 249 -27.46 35.11 59.49
N GLU Z 250 -27.93 36.24 58.93
CA GLU Z 250 -27.01 37.24 58.42
C GLU Z 250 -26.13 37.82 59.53
N ILE Z 251 -26.71 38.06 60.71
CA ILE Z 251 -25.92 38.54 61.84
C ILE Z 251 -24.89 37.49 62.24
N ILE Z 252 -25.30 36.22 62.30
CA ILE Z 252 -24.39 35.15 62.70
C ILE Z 252 -23.24 35.03 61.71
N SER Z 253 -23.54 35.09 60.41
CA SER Z 253 -22.49 35.02 59.41
C SER Z 253 -21.57 36.24 59.49
N ASP Z 254 -22.14 37.42 59.72
CA ASP Z 254 -21.32 38.63 59.86
C ASP Z 254 -20.41 38.53 61.07
N ILE Z 255 -20.92 37.99 62.19
CA ILE Z 255 -20.08 37.79 63.37
C ILE Z 255 -19.01 36.76 63.08
N GLY Z 256 -19.35 35.72 62.30
CA GLY Z 256 -18.39 34.67 62.01
C GLY Z 256 -17.18 35.16 61.23
N ASN Z 257 -17.30 36.34 60.59
CA ASN Z 257 -16.15 36.92 59.90
C ASN Z 257 -15.05 37.27 60.90
N TYR Z 258 -15.42 37.82 62.06
CA TYR Z 258 -14.43 38.11 63.09
C TYR Z 258 -13.96 36.86 63.80
N VAL Z 259 -14.80 35.82 63.85
CA VAL Z 259 -14.46 34.60 64.58
C VAL Z 259 -13.38 33.81 63.85
N GLU Z 260 -13.37 33.85 62.53
CA GLU Z 260 -12.46 33.02 61.74
C GLU Z 260 -11.01 33.35 62.07
N GLU Z 261 -10.17 32.32 61.99
CA GLU Z 261 -8.71 32.43 62.18
C GLU Z 261 -8.34 33.00 63.55
N THR Z 262 -9.24 32.90 64.53
CA THR Z 262 -8.93 33.40 65.87
C THR Z 262 -7.88 32.52 66.54
N GLY Z 263 -7.13 33.13 67.45
CA GLY Z 263 -6.14 32.40 68.23
C GLY Z 263 -4.94 31.90 67.46
N MET Z 264 -4.80 32.26 66.19
CA MET Z 264 -3.65 31.85 65.37
C MET Z 264 -3.00 33.07 64.72
N ALA Z 265 -2.96 34.18 65.45
CA ALA Z 265 -2.35 35.39 64.90
C ALA Z 265 -0.86 35.22 64.70
N GLY Z 266 -0.19 34.44 65.56
CA GLY Z 266 1.23 34.24 65.40
C GLY Z 266 1.58 33.56 64.09
N PHE Z 267 0.77 32.59 63.68
CA PHE Z 267 1.00 31.90 62.42
C PHE Z 267 0.67 32.79 61.23
N PHE Z 268 -0.47 33.48 61.29
CA PHE Z 268 -0.92 34.24 60.13
C PHE Z 268 -0.14 35.53 59.95
N ALA Z 269 0.35 36.11 61.05
CA ALA Z 269 1.23 37.27 60.93
C ALA Z 269 2.52 36.89 60.21
N THR Z 270 3.04 35.70 60.50
CA THR Z 270 4.23 35.23 59.81
C THR Z 270 3.97 35.07 58.31
N ILE Z 271 2.80 34.55 57.96
CA ILE Z 271 2.45 34.37 56.55
C ILE Z 271 2.34 35.73 55.86
N ARG Z 272 1.59 36.65 56.48
CA ARG Z 272 1.31 37.93 55.85
C ARG Z 272 2.53 38.83 55.82
N PHE Z 273 3.25 38.93 56.94
CA PHE Z 273 4.32 39.91 57.06
C PHE Z 273 5.70 39.30 56.82
N GLY Z 274 6.05 38.28 57.60
CA GLY Z 274 7.38 37.70 57.49
C GLY Z 274 7.64 37.04 56.15
N LEU Z 275 6.70 36.22 55.69
CA LEU Z 275 6.90 35.47 54.44
C LEU Z 275 6.57 36.33 53.22
N GLU Z 276 5.33 36.80 53.13
CA GLU Z 276 4.96 37.72 52.06
C GLU Z 276 5.62 39.07 52.29
N THR Z 277 5.34 40.02 51.39
CA THR Z 277 6.04 41.30 51.36
C THR Z 277 7.55 41.05 51.31
N ARG Z 278 7.97 40.44 50.20
CA ARG Z 278 9.29 39.86 50.07
C ARG Z 278 10.40 40.87 50.33
N TYR Z 279 11.15 40.67 51.41
CA TYR Z 279 12.28 41.49 51.80
C TYR Z 279 13.59 40.78 51.48
N PRO Z 280 14.64 41.53 51.09
CA PRO Z 280 15.92 40.90 50.79
C PRO Z 280 16.62 40.26 51.98
N ALA Z 281 16.01 40.25 53.17
CA ALA Z 281 16.62 39.67 54.36
C ALA Z 281 16.06 38.28 54.67
N LEU Z 282 15.45 37.61 53.69
CA LEU Z 282 14.85 36.31 53.94
C LEU Z 282 15.90 35.19 53.93
N ALA Z 283 16.59 35.03 52.80
CA ALA Z 283 17.58 33.96 52.65
C ALA Z 283 18.83 34.35 53.43
N LEU Z 284 18.93 33.87 54.67
CA LEU Z 284 20.06 34.21 55.52
C LEU Z 284 20.56 33.02 56.34
N ASN Z 285 20.26 31.79 55.91
CA ASN Z 285 20.67 30.56 56.57
C ASN Z 285 20.05 30.39 57.95
N GLU Z 286 19.18 31.30 58.36
CA GLU Z 286 18.45 31.15 59.61
C GLU Z 286 16.94 31.14 59.42
N PHE Z 287 16.46 31.41 58.21
CA PHE Z 287 15.05 31.33 57.90
C PHE Z 287 14.71 30.21 56.93
N GLN Z 288 15.71 29.56 56.34
CA GLN Z 288 15.44 28.49 55.39
C GLN Z 288 14.74 27.31 56.05
N SER Z 289 15.12 27.00 57.30
CA SER Z 289 14.42 25.97 58.04
C SER Z 289 12.99 26.38 58.34
N ASP Z 290 12.81 27.62 58.79
CA ASP Z 290 11.46 28.11 59.11
C ASP Z 290 10.61 28.21 57.86
N LEU Z 291 11.21 28.63 56.74
CA LEU Z 291 10.46 28.69 55.48
C LEU Z 291 9.98 27.30 55.06
N ASN Z 292 10.83 26.29 55.23
CA ASN Z 292 10.42 24.92 54.92
C ASN Z 292 9.28 24.48 55.83
N THR Z 293 9.39 24.76 57.13
CA THR Z 293 8.32 24.39 58.07
C THR Z 293 7.03 25.12 57.74
N ILE Z 294 7.12 26.41 57.41
CA ILE Z 294 5.94 27.19 57.08
C ILE Z 294 5.25 26.62 55.83
N LYS Z 295 6.04 26.21 54.84
CA LYS Z 295 5.48 25.61 53.64
C LYS Z 295 4.71 24.34 53.97
N GLY Z 296 5.26 23.51 54.85
CA GLY Z 296 4.55 22.30 55.27
C GLY Z 296 3.26 22.61 55.99
N LEU Z 297 3.23 23.70 56.75
CA LEU Z 297 2.03 24.06 57.49
C LEU Z 297 0.89 24.47 56.55
N MET Z 298 1.23 25.13 55.44
CA MET Z 298 0.21 25.55 54.48
C MET Z 298 -0.52 24.34 53.89
N LEU Z 299 0.22 23.28 53.57
CA LEU Z 299 -0.42 22.06 53.10
C LEU Z 299 -1.25 21.42 54.21
N LEU Z 300 -0.75 21.46 55.45
CA LEU Z 300 -1.52 20.91 56.56
C LEU Z 300 -2.81 21.69 56.78
N TYR Z 301 -2.75 23.02 56.68
CA TYR Z 301 -3.95 23.83 56.83
C TYR Z 301 -4.96 23.52 55.73
N ARG Z 302 -4.47 23.31 54.51
CA ARG Z 302 -5.36 22.96 53.41
C ARG Z 302 -5.92 21.55 53.59
N GLU Z 303 -5.14 20.65 54.20
CA GLU Z 303 -5.58 19.27 54.37
C GLU Z 303 -6.62 19.11 55.47
N ILE Z 304 -6.67 20.03 56.45
CA ILE Z 304 -7.57 19.85 57.58
C ILE Z 304 -9.02 19.90 57.12
N GLY Z 305 -9.39 20.92 56.35
CA GLY Z 305 -10.73 21.04 55.85
C GLY Z 305 -11.41 22.32 56.27
N PRO Z 306 -12.74 22.33 56.26
CA PRO Z 306 -13.47 23.55 56.63
C PRO Z 306 -13.33 23.94 58.08
N ARG Z 307 -12.84 23.05 58.94
CA ARG Z 307 -12.64 23.36 60.35
C ARG Z 307 -11.31 24.04 60.63
N ALA Z 308 -10.52 24.30 59.59
CA ALA Z 308 -9.20 24.90 59.78
C ALA Z 308 -9.27 26.28 60.44
N PRO Z 309 -10.13 27.22 60.03
CA PRO Z 309 -10.14 28.51 60.72
C PRO Z 309 -10.49 28.42 62.20
N TYR Z 310 -11.41 27.54 62.56
CA TYR Z 310 -11.83 27.37 63.96
C TYR Z 310 -11.07 26.24 64.64
N MET Z 311 -9.75 26.24 64.55
CA MET Z 311 -8.96 25.21 65.22
C MET Z 311 -8.84 25.48 66.71
N VAL Z 312 -8.66 26.74 67.11
CA VAL Z 312 -8.54 27.05 68.53
C VAL Z 312 -9.87 26.84 69.24
N LEU Z 313 -10.98 27.18 68.58
CA LEU Z 313 -12.29 27.01 69.21
C LEU Z 313 -12.59 25.55 69.51
N LEU Z 314 -12.30 24.66 68.56
CA LEU Z 314 -12.49 23.23 68.79
C LEU Z 314 -11.32 22.61 69.56
N GLU Z 315 -10.28 23.37 69.83
CA GLU Z 315 -9.12 22.89 70.58
C GLU Z 315 -8.48 21.67 69.93
N GLU Z 316 -8.38 21.70 68.60
CA GLU Z 316 -7.76 20.60 67.87
C GLU Z 316 -6.30 20.46 68.28
N SER Z 317 -5.83 19.22 68.37
CA SER Z 317 -4.44 18.96 68.71
C SER Z 317 -3.49 19.42 67.62
N ILE Z 318 -3.98 19.57 66.38
CA ILE Z 318 -3.14 20.04 65.29
C ILE Z 318 -2.69 21.48 65.53
N GLN Z 319 -3.38 22.21 66.41
CA GLN Z 319 -3.07 23.62 66.62
C GLN Z 319 -1.67 23.83 67.19
N THR Z 320 -1.22 22.93 68.06
CA THR Z 320 0.10 23.10 68.68
C THR Z 320 1.20 23.14 67.63
N LYS Z 321 1.04 22.37 66.56
CA LYS Z 321 2.03 22.38 65.48
C LYS Z 321 2.04 23.73 64.75
N PHE Z 322 0.92 24.44 64.76
CA PHE Z 322 0.84 25.73 64.08
C PHE Z 322 1.40 26.86 64.92
N ALA Z 323 1.45 26.71 66.24
CA ALA Z 323 1.86 27.79 67.10
C ALA Z 323 3.34 28.12 66.92
N PRO Z 324 3.71 29.40 67.06
CA PRO Z 324 5.14 29.74 67.03
C PRO Z 324 5.88 29.06 68.17
N GLY Z 325 7.09 28.63 67.88
CA GLY Z 325 7.86 27.81 68.81
C GLY Z 325 8.55 26.72 68.03
N GLY Z 326 7.91 26.27 66.95
CA GLY Z 326 8.56 25.44 65.96
C GLY Z 326 9.24 26.22 64.86
N TYR Z 327 8.96 27.52 64.76
CA TYR Z 327 9.65 28.42 63.84
C TYR Z 327 9.87 29.76 64.52
N PRO Z 328 10.55 29.77 65.67
CA PRO Z 328 10.66 31.02 66.44
C PRO Z 328 11.43 32.11 65.72
N LEU Z 329 12.37 31.75 64.84
CA LEU Z 329 13.23 32.76 64.22
C LEU Z 329 12.45 33.60 63.22
N LEU Z 330 11.79 32.96 62.26
CA LEU Z 330 11.01 33.70 61.26
C LEU Z 330 9.87 34.46 61.90
N TRP Z 331 9.20 33.84 62.88
CA TRP Z 331 8.12 34.51 63.58
C TRP Z 331 8.61 35.77 64.27
N SER Z 332 9.78 35.70 64.90
CA SER Z 332 10.37 36.89 65.51
C SER Z 332 10.66 37.95 64.45
N PHE Z 333 11.20 37.55 63.31
CA PHE Z 333 11.38 38.48 62.20
C PHE Z 333 10.04 39.01 61.71
N ALA Z 334 9.04 38.14 61.62
CA ALA Z 334 7.73 38.55 61.15
C ALA Z 334 7.10 39.59 62.08
N MET Z 335 7.20 39.39 63.39
CA MET Z 335 6.65 40.37 64.33
C MET Z 335 7.46 41.65 64.29
N GLY Z 336 8.72 41.58 63.88
CA GLY Z 336 9.53 42.78 63.78
C GLY Z 336 9.00 43.75 62.73
N VAL Z 337 8.66 43.22 61.54
CA VAL Z 337 8.11 44.07 60.50
C VAL Z 337 6.64 44.36 60.76
N ALA Z 338 5.95 43.49 61.51
CA ALA Z 338 4.53 43.68 61.76
C ALA Z 338 4.28 44.90 62.64
N THR Z 339 5.07 45.06 63.71
CA THR Z 339 4.86 46.17 64.62
C THR Z 339 5.14 47.51 63.94
N THR Z 340 6.15 47.57 63.06
CA THR Z 340 6.48 48.81 62.39
C THR Z 340 5.45 49.19 61.33
N ILE Z 341 4.91 48.21 60.60
CA ILE Z 341 4.04 48.47 59.48
C ILE Z 341 2.61 48.69 59.96
N ASP Z 342 2.08 47.72 60.71
CA ASP Z 342 0.70 47.76 61.17
C ASP Z 342 0.64 48.43 62.54
N ARG Z 343 -0.01 49.59 62.61
CA ARG Z 343 -0.12 50.29 63.89
C ARG Z 343 -0.90 49.47 64.90
N SER Z 344 -1.97 48.82 64.47
CA SER Z 344 -2.76 47.99 65.37
C SER Z 344 -1.93 46.83 65.91
N MET Z 345 -1.13 46.21 65.05
CA MET Z 345 -0.21 45.18 65.50
C MET Z 345 0.84 45.79 66.42
N GLY Z 346 0.83 45.36 67.68
CA GLY Z 346 1.65 45.99 68.70
C GLY Z 346 0.94 45.96 70.03
N ALA Z 347 -0.39 45.83 69.97
CA ALA Z 347 -1.17 45.48 71.15
C ALA Z 347 -1.20 43.98 71.40
N LEU Z 348 -0.64 43.20 70.49
CA LEU Z 348 -0.55 41.76 70.67
C LEU Z 348 0.48 41.43 71.74
N ASN Z 349 0.17 40.43 72.56
CA ASN Z 349 1.07 39.98 73.63
C ASN Z 349 2.00 38.93 73.05
N ILE Z 350 3.28 39.28 72.90
CA ILE Z 350 4.25 38.40 72.26
C ILE Z 350 5.44 38.17 73.17
N ASN Z 351 5.23 38.25 74.48
CA ASN Z 351 6.32 38.08 75.45
C ASN Z 351 6.59 36.60 75.71
N ARG Z 352 6.92 35.89 74.63
CA ARG Z 352 7.22 34.48 74.69
C ARG Z 352 8.66 34.25 75.12
N GLY Z 353 9.01 32.97 75.32
CA GLY Z 353 10.34 32.59 75.71
C GLY Z 353 11.33 32.40 74.58
N TYR Z 354 10.93 32.65 73.34
CA TYR Z 354 11.78 32.49 72.17
C TYR Z 354 11.72 33.74 71.30
N LEU Z 355 11.81 34.91 71.95
CA LEU Z 355 11.64 36.16 71.22
C LEU Z 355 12.79 36.43 70.25
N GLU Z 356 14.03 36.10 70.65
CA GLU Z 356 15.22 36.32 69.83
C GLU Z 356 15.27 37.78 69.37
N PRO Z 357 15.61 38.71 70.27
CA PRO Z 357 15.55 40.13 69.89
C PRO Z 357 16.43 40.50 68.70
N MET Z 358 17.53 39.78 68.48
CA MET Z 358 18.40 40.11 67.35
C MET Z 358 17.65 39.99 66.03
N TYR Z 359 16.85 38.94 65.87
CA TYR Z 359 16.04 38.80 64.66
C TYR Z 359 14.85 39.75 64.69
N PHE Z 360 14.34 40.07 65.89
CA PHE Z 360 13.32 41.10 66.00
C PHE Z 360 13.86 42.46 65.57
N ARG Z 361 15.09 42.79 65.99
CA ARG Z 361 15.70 44.05 65.58
C ARG Z 361 15.91 44.08 64.06
N LEU Z 362 16.34 42.97 63.48
CA LEU Z 362 16.54 42.92 62.04
C LEU Z 362 15.24 43.16 61.28
N GLY Z 363 14.13 42.61 61.80
CA GLY Z 363 12.84 42.89 61.20
C GLY Z 363 12.46 44.36 61.30
N GLN Z 364 12.76 44.98 62.44
CA GLN Z 364 12.50 46.42 62.57
C GLN Z 364 13.31 47.22 61.58
N LYS Z 365 14.58 46.87 61.40
CA LYS Z 365 15.41 47.54 60.40
C LYS Z 365 14.94 47.18 58.98
N SER Z 366 14.37 45.99 58.81
CA SER Z 366 13.93 45.58 57.48
C SER Z 366 12.83 46.47 56.94
N ALA Z 367 11.88 46.86 57.80
CA ALA Z 367 10.75 47.66 57.33
C ALA Z 367 11.19 49.03 56.84
N ARG Z 368 12.11 49.69 57.55
CA ARG Z 368 12.46 51.07 57.27
C ARG Z 368 13.90 51.24 56.79
N HIS Z 369 14.88 50.77 57.55
CA HIS Z 369 16.28 51.07 57.26
C HIS Z 369 16.90 50.15 56.22
N HIS Z 370 16.19 49.13 55.76
CA HIS Z 370 16.81 48.14 54.90
C HIS Z 370 16.89 48.65 53.46
N ALA Z 371 15.74 48.87 52.83
CA ALA Z 371 15.69 49.31 51.44
C ALA Z 371 14.25 49.65 51.09
N GLY Z 372 14.08 50.35 49.97
CA GLY Z 372 12.74 50.62 49.47
C GLY Z 372 12.01 49.37 49.03
N GLY Z 373 12.72 48.44 48.40
CA GLY Z 373 12.13 47.17 48.01
C GLY Z 373 11.28 47.22 46.75
N ILE Z 374 11.89 47.53 45.63
CA ILE Z 374 11.19 47.52 44.35
C ILE Z 374 11.19 46.08 43.82
N ASP Z 375 10.01 45.52 43.64
CA ASP Z 375 9.86 44.13 43.24
C ASP Z 375 9.87 44.05 41.71
N GLN Z 376 9.51 42.89 41.16
CA GLN Z 376 9.46 42.72 39.72
C GLN Z 376 8.39 43.62 39.12
N ASN Z 377 8.79 44.46 38.16
CA ASN Z 377 7.93 45.47 37.59
C ASN Z 377 7.47 45.02 36.21
N MET Z 378 6.18 44.67 36.09
CA MET Z 378 5.62 44.39 34.77
C MET Z 378 5.66 45.62 33.89
N ALA Z 379 5.35 46.79 34.45
CA ALA Z 379 5.52 48.05 33.75
C ALA Z 379 6.96 48.50 33.86
N ASN Z 380 7.58 48.84 32.72
CA ASN Z 380 8.99 49.17 32.69
C ASN Z 380 9.15 50.66 33.06
N LYS Z 381 9.63 50.90 34.28
CA LYS Z 381 9.86 52.26 34.76
C LYS Z 381 11.36 52.54 34.74
N LEU Z 382 11.84 52.99 33.58
CA LEU Z 382 13.27 53.21 33.40
C LEU Z 382 13.75 54.42 34.20
N GLY Z 383 12.87 55.40 34.44
CA GLY Z 383 13.23 56.60 35.15
C GLY Z 383 12.86 56.56 36.62
N LEU Z 384 12.67 55.36 37.16
CA LEU Z 384 12.20 55.18 38.53
C LEU Z 384 13.32 55.16 39.55
N ASN Z 385 14.56 55.40 39.12
CA ASN Z 385 15.66 55.46 40.08
C ASN Z 385 15.46 56.58 41.09
N SER Z 386 15.05 57.76 40.61
CA SER Z 386 14.73 58.86 41.51
C SER Z 386 13.40 58.65 42.20
N ASP Z 387 12.47 57.93 41.56
CA ASP Z 387 11.18 57.64 42.18
C ASP Z 387 11.36 56.83 43.46
N GLN Z 388 12.30 55.88 43.44
CA GLN Z 388 12.62 55.15 44.66
C GLN Z 388 13.24 56.06 45.70
N VAL Z 389 14.10 56.99 45.27
CA VAL Z 389 14.74 57.91 46.21
C VAL Z 389 13.72 58.79 46.89
N ALA Z 390 12.77 59.33 46.13
CA ALA Z 390 11.70 60.12 46.72
C ALA Z 390 10.85 59.27 47.66
N GLU Z 391 10.57 58.02 47.27
CA GLU Z 391 9.87 57.11 48.18
C GLU Z 391 10.73 56.78 49.39
N LEU Z 392 12.03 56.58 49.19
CA LEU Z 392 12.92 56.27 50.30
C LEU Z 392 13.12 57.49 51.21
N ALA Z 393 13.05 58.70 50.64
CA ALA Z 393 13.20 59.90 51.46
C ALA Z 393 12.07 60.01 52.49
N ALA Z 394 10.84 59.69 52.08
CA ALA Z 394 9.69 59.71 52.97
C ALA Z 394 9.51 61.06 53.65
N MET AA 1 40.04 5.41 41.45
CA MET AA 1 39.54 6.10 40.26
C MET AA 1 38.11 6.58 40.46
N SER AA 2 37.40 6.82 39.34
CA SER AA 2 36.06 7.37 39.42
C SER AA 2 35.10 6.41 40.11
N ASP AA 3 35.24 5.11 39.87
CA ASP AA 3 34.31 4.15 40.44
C ASP AA 3 34.39 4.15 41.96
N ILE AA 4 35.60 4.19 42.51
CA ILE AA 4 35.74 4.28 43.96
C ILE AA 4 35.18 5.62 44.43
N PHE AA 5 34.84 5.67 45.73
CA PHE AA 5 34.08 6.70 46.43
C PHE AA 5 32.60 6.64 46.06
N ASP AA 6 32.20 5.81 45.09
CA ASP AA 6 30.81 5.46 44.84
C ASP AA 6 30.50 4.03 45.22
N GLU AA 7 31.44 3.12 44.95
CA GLU AA 7 31.37 1.78 45.51
C GLU AA 7 31.32 1.84 47.04
N ALA AA 8 32.08 2.77 47.64
CA ALA AA 8 32.04 2.92 49.09
C ALA AA 8 30.67 3.41 49.55
N ALA AA 9 30.08 4.35 48.82
CA ALA AA 9 28.76 4.85 49.20
C ALA AA 9 27.72 3.74 49.12
N SER AA 10 27.73 2.97 48.03
CA SER AA 10 26.81 1.84 47.91
C SER AA 10 27.07 0.80 48.99
N PHE AA 11 28.35 0.61 49.35
CA PHE AA 11 28.69 -0.34 50.40
C PHE AA 11 28.12 0.10 51.74
N ARG AA 12 28.24 1.38 52.08
CA ARG AA 12 27.66 1.86 53.33
C ARG AA 12 26.14 1.78 53.31
N SER AA 13 25.52 2.10 52.16
CA SER AA 13 24.06 2.01 52.06
C SER AA 13 23.59 0.58 52.25
N TYR AA 14 24.28 -0.38 51.64
CA TYR AA 14 23.93 -1.79 51.81
C TYR AA 14 24.22 -2.28 53.22
N GLN AA 15 25.29 -1.77 53.84
CA GLN AA 15 25.65 -2.18 55.19
C GLN AA 15 24.63 -1.68 56.22
N SER AA 16 24.04 -0.50 55.98
CA SER AA 16 23.05 0.01 56.92
C SER AA 16 21.86 -0.94 57.03
N LYS AA 17 21.26 -1.31 55.91
CA LYS AA 17 20.18 -2.29 55.88
C LYS AA 17 20.72 -3.67 55.52
N LEU AA 18 21.64 -4.16 56.36
CA LEU AA 18 22.38 -5.37 56.03
C LEU AA 18 21.51 -6.61 56.17
N GLY AA 19 21.02 -6.89 57.37
CA GLY AA 19 20.25 -8.10 57.61
C GLY AA 19 18.83 -7.85 58.06
N ARG AA 20 18.35 -6.63 57.88
CA ARG AA 20 17.00 -6.26 58.31
C ARG AA 20 15.99 -6.57 57.20
N ASP AA 21 15.89 -7.86 56.88
CA ASP AA 21 14.99 -8.33 55.83
C ASP AA 21 14.46 -9.70 56.22
N GLY AA 22 13.33 -10.07 55.64
CA GLY AA 22 12.71 -11.35 55.93
C GLY AA 22 11.80 -11.30 57.13
N ARG AA 23 11.32 -12.48 57.51
CA ARG AA 23 10.42 -12.64 58.65
C ARG AA 23 11.03 -13.58 59.66
N ALA AA 24 10.90 -13.23 60.94
CA ALA AA 24 11.44 -14.05 62.02
C ALA AA 24 10.52 -15.24 62.29
N SER AA 25 11.00 -16.13 63.14
CA SER AA 25 10.26 -17.33 63.52
C SER AA 25 9.61 -17.15 64.89
N ALA AA 26 8.71 -18.08 65.21
CA ALA AA 26 8.02 -18.07 66.49
C ALA AA 26 8.81 -18.76 67.60
N ALA AA 27 9.99 -19.29 67.29
CA ALA AA 27 10.81 -19.93 68.32
C ALA AA 27 11.25 -18.91 69.36
N THR AA 28 11.63 -17.70 68.92
CA THR AA 28 12.05 -16.64 69.84
C THR AA 28 10.81 -15.94 70.39
N ALA AA 29 10.09 -16.64 71.25
CA ALA AA 29 8.87 -16.15 71.88
C ALA AA 29 9.13 -15.92 73.35
N THR AA 30 8.92 -14.69 73.81
CA THR AA 30 9.17 -14.34 75.20
C THR AA 30 8.16 -15.02 76.12
N LEU AA 31 8.61 -15.36 77.31
CA LEU AA 31 7.72 -15.88 78.33
C LEU AA 31 6.75 -14.79 78.78
N THR AA 32 5.48 -15.15 78.94
CA THR AA 32 4.43 -14.19 79.21
C THR AA 32 4.03 -14.22 80.68
N THR AA 33 3.67 -13.04 81.19
CA THR AA 33 3.23 -12.88 82.57
C THR AA 33 1.77 -12.48 82.59
N LYS AA 34 1.00 -13.10 83.47
CA LYS AA 34 -0.42 -12.78 83.58
C LYS AA 34 -0.60 -11.43 84.29
N ILE AA 35 -1.42 -10.57 83.70
CA ILE AA 35 -1.69 -9.25 84.24
C ILE AA 35 -3.19 -9.10 84.42
N ARG AA 36 -3.61 -8.85 85.66
CA ARG AA 36 -5.04 -8.76 86.00
C ARG AA 36 -5.47 -7.31 85.97
N ILE AA 37 -6.44 -7.00 85.11
CA ILE AA 37 -6.90 -5.64 84.90
C ILE AA 37 -8.36 -5.53 85.35
N PHE AA 38 -8.62 -4.57 86.23
CA PHE AA 38 -9.96 -4.34 86.77
C PHE AA 38 -10.62 -3.22 85.97
N VAL AA 39 -11.56 -3.57 85.11
CA VAL AA 39 -12.26 -2.58 84.29
C VAL AA 39 -13.69 -2.44 84.80
N PRO AA 40 -14.29 -1.24 84.70
CA PRO AA 40 -15.69 -1.10 85.12
C PRO AA 40 -16.62 -1.77 84.12
N ALA AA 41 -17.55 -2.57 84.65
CA ALA AA 41 -18.49 -3.28 83.79
C ALA AA 41 -19.59 -2.37 83.28
N THR AA 42 -20.05 -1.43 84.11
CA THR AA 42 -21.18 -0.56 83.80
C THR AA 42 -20.71 0.86 83.59
N ASN AA 43 -21.66 1.76 83.37
CA ASN AA 43 -21.39 3.17 83.14
C ASN AA 43 -21.81 4.05 84.32
N SER AA 44 -22.14 3.45 85.46
CA SER AA 44 -22.58 4.23 86.61
C SER AA 44 -21.42 5.08 87.12
N PRO AA 45 -21.62 6.39 87.29
CA PRO AA 45 -20.50 7.25 87.71
C PRO AA 45 -19.91 6.89 89.06
N GLU AA 46 -20.73 6.44 90.00
CA GLU AA 46 -20.24 6.12 91.34
C GLU AA 46 -19.25 4.96 91.29
N LEU AA 47 -19.58 3.92 90.51
CA LEU AA 47 -18.70 2.76 90.39
C LEU AA 47 -17.38 3.14 89.75
N ARG AA 48 -17.42 3.95 88.69
CA ARG AA 48 -16.19 4.35 88.02
C ARG AA 48 -15.33 5.24 88.91
N TRP AA 49 -15.96 6.15 89.67
CA TRP AA 49 -15.20 6.99 90.59
C TRP AA 49 -14.55 6.16 91.69
N GLU AA 50 -15.29 5.20 92.24
CA GLU AA 50 -14.70 4.34 93.26
C GLU AA 50 -13.58 3.50 92.67
N LEU AA 51 -13.74 3.05 91.42
CA LEU AA 51 -12.71 2.24 90.77
C LEU AA 51 -11.44 3.03 90.55
N THR AA 52 -11.56 4.28 90.10
CA THR AA 52 -10.35 5.07 89.88
C THR AA 52 -9.72 5.48 91.21
N LEU AA 53 -10.51 5.69 92.26
CA LEU AA 53 -9.92 5.89 93.58
C LEU AA 53 -9.14 4.66 94.04
N PHE AA 54 -9.71 3.48 93.81
CA PHE AA 54 -9.01 2.24 94.17
C PHE AA 54 -7.72 2.09 93.37
N ALA AA 55 -7.77 2.41 92.08
CA ALA AA 55 -6.57 2.32 91.25
C ALA AA 55 -5.50 3.29 91.72
N LEU AA 56 -5.90 4.51 92.08
CA LEU AA 56 -4.95 5.46 92.65
C LEU AA 56 -4.31 4.92 93.92
N ASP AA 57 -5.12 4.33 94.79
CA ASP AA 57 -4.59 3.77 96.03
C ASP AA 57 -3.61 2.63 95.75
N VAL AA 58 -3.96 1.75 94.81
CA VAL AA 58 -3.10 0.62 94.49
C VAL AA 58 -1.77 1.10 93.92
N ILE AA 59 -1.82 2.09 93.01
CA ILE AA 59 -0.59 2.62 92.44
C ILE AA 59 0.25 3.27 93.53
N ARG AA 60 -0.37 4.02 94.43
CA ARG AA 60 0.36 4.64 95.53
C ARG AA 60 0.84 3.63 96.56
N SER AA 61 0.25 2.42 96.58
CA SER AA 61 0.57 1.46 97.61
C SER AA 61 2.03 1.00 97.49
N PRO AA 62 2.75 0.88 98.61
CA PRO AA 62 4.13 0.38 98.55
C PRO AA 62 4.21 -1.13 98.56
N SER AA 63 3.20 -1.78 99.14
CA SER AA 63 3.17 -3.23 99.24
C SER AA 63 2.61 -3.89 97.99
N ALA AA 64 2.21 -3.12 96.99
CA ALA AA 64 1.62 -3.69 95.78
C ALA AA 64 2.68 -4.37 94.93
N ALA AA 65 2.33 -5.54 94.41
CA ALA AA 65 3.19 -6.20 93.44
C ALA AA 65 3.19 -5.44 92.13
N GLU AA 66 4.24 -5.66 91.33
CA GLU AA 66 4.39 -4.91 90.08
C GLU AA 66 3.25 -5.21 89.13
N SER AA 67 2.82 -6.48 89.05
CA SER AA 67 1.71 -6.83 88.18
C SER AA 67 0.43 -6.12 88.57
N MET AA 68 0.17 -6.01 89.89
CA MET AA 68 -0.99 -5.27 90.35
C MET AA 68 -0.89 -3.79 89.97
N LYS AA 69 0.31 -3.22 90.06
CA LYS AA 69 0.50 -1.83 89.67
C LYS AA 69 0.24 -1.63 88.18
N ILE AA 70 0.70 -2.57 87.34
CA ILE AA 70 0.42 -2.48 85.91
C ILE AA 70 -1.07 -2.60 85.64
N GLY AA 71 -1.74 -3.50 86.36
CA GLY AA 71 -3.18 -3.62 86.20
C GLY AA 71 -3.91 -2.34 86.58
N ALA AA 72 -3.48 -1.72 87.68
CA ALA AA 72 -4.08 -0.45 88.08
C ALA AA 72 -3.81 0.65 87.06
N ALA AA 73 -2.61 0.68 86.49
CA ALA AA 73 -2.29 1.67 85.47
C ALA AA 73 -3.15 1.48 84.24
N PHE AA 74 -3.34 0.22 83.81
CA PHE AA 74 -4.20 -0.05 82.66
C PHE AA 74 -5.65 0.31 82.97
N THR AA 75 -6.09 0.06 84.21
CA THR AA 75 -7.43 0.46 84.62
C THR AA 75 -7.60 1.97 84.54
N LEU AA 76 -6.59 2.72 85.00
CA LEU AA 76 -6.66 4.18 84.95
C LEU AA 76 -6.70 4.68 83.52
N ILE AA 77 -5.78 4.20 82.68
CA ILE AA 77 -5.62 4.78 81.34
C ILE AA 77 -6.89 4.59 80.52
N SER AA 78 -7.55 3.45 80.67
CA SER AA 78 -8.74 3.13 79.89
C SER AA 78 -10.03 3.55 80.57
N MET AA 79 -9.96 4.29 81.67
CA MET AA 79 -11.17 4.66 82.40
C MET AA 79 -12.08 5.58 81.58
N TYR AA 80 -11.51 6.43 80.73
CA TYR AA 80 -12.32 7.39 79.99
C TYR AA 80 -13.26 6.69 79.01
N SER AA 81 -12.82 5.59 78.42
CA SER AA 81 -13.62 4.91 77.40
C SER AA 81 -14.85 4.27 78.03
N GLU AA 82 -15.95 4.27 77.27
CA GLU AA 82 -17.18 3.66 77.73
C GLU AA 82 -17.08 2.14 77.79
N ARG AA 83 -16.17 1.54 77.02
CA ARG AA 83 -15.95 0.10 77.02
C ARG AA 83 -14.46 -0.14 77.23
N PRO AA 84 -13.98 -0.02 78.47
CA PRO AA 84 -12.53 -0.16 78.70
C PRO AA 84 -11.98 -1.51 78.29
N GLY AA 85 -12.75 -2.58 78.46
CA GLY AA 85 -12.27 -3.90 78.06
C GLY AA 85 -12.00 -4.00 76.57
N ALA AA 86 -12.93 -3.48 75.76
CA ALA AA 86 -12.73 -3.50 74.31
C ALA AA 86 -11.55 -2.64 73.91
N LEU AA 87 -11.40 -1.47 74.54
CA LEU AA 87 -10.27 -0.61 74.24
C LEU AA 87 -8.94 -1.29 74.55
N ILE AA 88 -8.85 -1.94 75.71
CA ILE AA 88 -7.61 -2.63 76.08
C ILE AA 88 -7.34 -3.80 75.14
N ARG AA 89 -8.37 -4.59 74.83
CA ARG AA 89 -8.16 -5.78 74.01
C ARG AA 89 -7.84 -5.43 72.57
N SER AA 90 -8.38 -4.32 72.06
CA SER AA 90 -8.18 -3.94 70.66
C SER AA 90 -7.02 -2.98 70.46
N LEU AA 91 -6.28 -2.64 71.52
CA LEU AA 91 -5.14 -1.74 71.41
C LEU AA 91 -3.97 -2.25 72.24
N LEU AA 92 -3.77 -3.57 72.24
CA LEU AA 92 -2.69 -4.20 72.99
C LEU AA 92 -1.81 -4.97 72.00
N ASN AA 93 -0.51 -4.65 72.00
CA ASN AA 93 0.45 -5.32 71.16
C ASN AA 93 1.70 -5.66 71.97
N ASP AA 94 1.50 -6.24 73.15
CA ASP AA 94 2.59 -6.56 74.06
C ASP AA 94 2.84 -8.06 74.07
N PRO AA 95 3.90 -8.55 73.43
CA PRO AA 95 4.23 -9.98 73.55
C PRO AA 95 4.72 -10.37 74.93
N ASP AA 96 5.19 -9.41 75.74
CA ASP AA 96 5.72 -9.74 77.06
C ASP AA 96 4.62 -10.16 78.03
N ILE AA 97 3.41 -9.62 77.88
CA ILE AA 97 2.35 -9.80 78.86
C ILE AA 97 1.10 -10.35 78.18
N GLU AA 98 0.27 -11.01 78.97
CA GLU AA 98 -1.08 -11.36 78.58
C GLU AA 98 -2.05 -10.71 79.56
N ALA AA 99 -3.09 -10.08 79.03
CA ALA AA 99 -4.05 -9.34 79.83
C ALA AA 99 -5.31 -10.16 80.01
N VAL AA 100 -5.70 -10.38 81.26
CA VAL AA 100 -6.96 -11.03 81.59
C VAL AA 100 -7.91 -9.96 82.09
N ILE AA 101 -8.84 -9.54 81.22
CA ILE AA 101 -9.75 -8.46 81.57
C ILE AA 101 -10.78 -8.97 82.56
N ILE AA 102 -11.01 -8.20 83.62
CA ILE AA 102 -11.94 -8.56 84.69
C ILE AA 102 -12.98 -7.46 84.81
N ASP AA 103 -14.23 -7.82 84.51
CA ASP AA 103 -15.33 -6.89 84.71
C ASP AA 103 -15.66 -6.79 86.19
N VAL AA 104 -15.68 -5.57 86.70
CA VAL AA 104 -15.81 -5.37 88.15
C VAL AA 104 -17.20 -5.76 88.63
N GLY AA 105 -18.24 -5.31 87.92
CA GLY AA 105 -19.59 -5.66 88.30
C GLY AA 105 -20.19 -4.66 89.28
N SER AA 106 -20.18 -5.03 90.56
CA SER AA 106 -20.56 -4.12 91.63
C SER AA 106 -19.29 -3.69 92.37
N MET AA 107 -19.42 -2.90 93.43
CA MET AA 107 -18.22 -2.44 94.12
C MET AA 107 -18.48 -2.35 95.62
N LEU AA 108 -17.66 -3.05 96.40
CA LEU AA 108 -17.56 -2.85 97.83
C LEU AA 108 -16.46 -1.81 98.08
N ASN AA 109 -15.99 -1.69 99.33
CA ASN AA 109 -14.85 -0.82 99.61
C ASN AA 109 -13.68 -1.13 98.69
N GLY AA 110 -13.36 -2.42 98.52
CA GLY AA 110 -12.42 -2.83 97.50
C GLY AA 110 -13.15 -3.24 96.24
N ILE AA 111 -12.96 -4.47 95.78
CA ILE AA 111 -13.75 -4.99 94.66
C ILE AA 111 -14.34 -6.34 95.06
N PRO AA 112 -15.62 -6.59 94.78
CA PRO AA 112 -16.18 -7.93 94.99
C PRO AA 112 -15.89 -8.82 93.79
N VAL AA 113 -15.22 -9.94 94.04
CA VAL AA 113 -14.94 -10.89 92.97
C VAL AA 113 -16.24 -11.43 92.40
N MET AA 114 -17.19 -11.76 93.27
CA MET AA 114 -18.52 -12.21 92.86
C MET AA 114 -18.44 -13.40 91.90
N GLU AA 115 -17.69 -14.42 92.32
CA GLU AA 115 -17.54 -15.63 91.52
C GLU AA 115 -17.20 -16.77 92.48
N ARG AA 116 -18.20 -17.58 92.83
CA ARG AA 116 -18.03 -18.70 93.75
C ARG AA 116 -17.43 -18.23 95.08
N ARG AA 117 -18.21 -17.41 95.79
CA ARG AA 117 -17.74 -16.83 97.04
C ARG AA 117 -17.32 -17.92 98.02
N GLY AA 118 -16.14 -17.73 98.61
CA GLY AA 118 -15.52 -18.72 99.48
C GLY AA 118 -14.51 -19.59 98.76
N ASP AA 119 -14.64 -19.70 97.43
CA ASP AA 119 -13.73 -20.50 96.62
C ASP AA 119 -12.74 -19.58 95.93
N LYS AA 120 -11.52 -19.51 96.48
CA LYS AA 120 -10.41 -18.78 95.88
C LYS AA 120 -10.75 -17.30 95.65
N ALA AA 121 -11.53 -16.71 96.55
CA ALA AA 121 -11.90 -15.31 96.44
C ALA AA 121 -11.58 -14.55 97.72
N GLN AA 122 -11.74 -15.23 98.86
CA GLN AA 122 -11.49 -14.58 100.14
C GLN AA 122 -10.04 -14.14 100.27
N GLU AA 123 -9.10 -14.95 99.77
CA GLU AA 123 -7.69 -14.57 99.83
C GLU AA 123 -7.43 -13.32 99.01
N GLU AA 124 -8.03 -13.22 97.83
CA GLU AA 124 -7.90 -12.01 97.02
C GLU AA 124 -8.51 -10.80 97.72
N MET AA 125 -9.64 -11.00 98.38
CA MET AA 125 -10.26 -9.90 99.12
C MET AA 125 -9.37 -9.41 100.24
N GLU AA 126 -8.78 -10.34 101.00
CA GLU AA 126 -7.84 -9.95 102.06
C GLU AA 126 -6.62 -9.26 101.49
N GLY AA 127 -6.12 -9.74 100.34
CA GLY AA 127 -4.99 -9.08 99.70
C GLY AA 127 -5.31 -7.65 99.30
N LEU AA 128 -6.51 -7.43 98.74
CA LEU AA 128 -6.90 -6.08 98.35
C LEU AA 128 -7.09 -5.17 99.56
N MET AA 129 -7.67 -5.71 100.64
CA MET AA 129 -7.78 -4.92 101.87
C MET AA 129 -6.40 -4.56 102.42
N ARG AA 130 -5.47 -5.51 102.38
CA ARG AA 130 -4.10 -5.20 102.81
C ARG AA 130 -3.48 -4.12 101.93
N ILE AA 131 -3.71 -4.20 100.62
CA ILE AA 131 -3.17 -3.20 99.70
C ILE AA 131 -3.71 -1.82 100.06
N LEU AA 132 -5.03 -1.73 100.26
CA LEU AA 132 -5.64 -0.45 100.60
C LEU AA 132 -5.12 0.09 101.93
N LYS AA 133 -5.01 -0.78 102.94
CA LYS AA 133 -4.53 -0.35 104.25
C LYS AA 133 -3.09 0.14 104.18
N THR AA 134 -2.22 -0.60 103.47
CA THR AA 134 -0.83 -0.18 103.33
C THR AA 134 -0.73 1.12 102.56
N ALA AA 135 -1.55 1.29 101.51
CA ALA AA 135 -1.52 2.53 100.74
C ALA AA 135 -1.94 3.71 101.61
N ARG AA 136 -2.97 3.54 102.43
CA ARG AA 136 -3.45 4.65 103.24
C ARG AA 136 -2.49 4.96 104.38
N GLU AA 137 -1.85 3.94 104.94
CA GLU AA 137 -0.95 4.15 106.08
C GLU AA 137 0.44 4.62 105.63
N SER AA 138 0.83 4.33 104.39
CA SER AA 138 2.20 4.65 103.95
C SER AA 138 2.46 6.14 104.00
N SER AA 139 1.59 6.93 103.38
CA SER AA 139 1.73 8.38 103.45
C SER AA 139 1.28 8.87 104.82
N LYS AA 140 1.61 10.12 105.13
CA LYS AA 140 1.23 10.72 106.40
C LYS AA 140 -0.21 11.18 106.37
N GLY AA 141 -1.13 10.26 106.03
CA GLY AA 141 -2.52 10.62 105.88
C GLY AA 141 -2.81 11.46 104.65
N LYS AA 142 -1.85 11.60 103.75
CA LYS AA 142 -1.97 12.49 102.60
C LYS AA 142 -2.67 11.74 101.47
N THR AA 143 -3.82 12.26 101.03
CA THR AA 143 -4.53 11.69 99.91
C THR AA 143 -3.75 11.91 98.62
N PRO AA 144 -4.00 11.09 97.58
CA PRO AA 144 -3.31 11.31 96.30
C PRO AA 144 -3.54 12.69 95.73
N PHE AA 145 -4.72 13.25 95.90
CA PHE AA 145 -5.01 14.58 95.39
C PHE AA 145 -4.40 15.65 96.30
N VAL AA 146 -4.06 16.79 95.70
CA VAL AA 146 -3.53 17.91 96.46
C VAL AA 146 -4.58 18.50 97.38
N ASP AA 147 -5.85 18.21 97.14
CA ASP AA 147 -6.95 18.66 97.98
C ASP AA 147 -7.53 17.45 98.72
N SER AA 148 -7.54 17.53 100.05
CA SER AA 148 -8.02 16.40 100.84
C SER AA 148 -9.50 16.14 100.62
N ARG AA 149 -10.25 17.16 100.19
CA ARG AA 149 -11.67 16.97 99.92
C ARG AA 149 -11.92 16.21 98.62
N ALA AA 150 -10.94 16.17 97.72
CA ALA AA 150 -11.11 15.48 96.45
C ALA AA 150 -11.05 13.96 96.60
N TYR AA 151 -10.52 13.46 97.72
CA TYR AA 151 -10.43 12.03 97.93
C TYR AA 151 -11.75 11.45 98.43
N GLY AA 152 -12.21 11.92 99.58
CA GLY AA 152 -13.49 11.48 100.12
C GLY AA 152 -14.64 12.26 99.53
N LEU AA 153 -14.70 12.31 98.21
CA LEU AA 153 -15.72 13.06 97.49
C LEU AA 153 -16.72 12.09 96.85
N ARG AA 154 -18.00 12.32 97.08
CA ARG AA 154 -19.05 11.50 96.49
C ARG AA 154 -19.37 12.02 95.09
N ILE AA 155 -19.38 11.12 94.12
CA ILE AA 155 -19.67 11.46 92.73
C ILE AA 155 -20.90 10.68 92.29
N THR AA 156 -21.93 11.40 91.85
CA THR AA 156 -23.11 10.79 91.25
C THR AA 156 -23.46 11.37 89.89
N ASP AA 157 -23.07 12.60 89.59
CA ASP AA 157 -23.33 13.21 88.29
C ASP AA 157 -22.30 12.73 87.28
N MET AA 158 -22.77 12.45 86.05
CA MET AA 158 -21.87 11.97 85.02
C MET AA 158 -20.84 13.03 84.65
N SER AA 159 -21.25 14.29 84.60
CA SER AA 159 -20.34 15.35 84.19
C SER AA 159 -19.16 15.50 85.15
N THR AA 160 -19.43 15.43 86.46
CA THR AA 160 -18.36 15.53 87.44
C THR AA 160 -17.38 14.36 87.32
N LEU AA 161 -17.92 13.16 87.13
CA LEU AA 161 -17.06 11.99 86.93
C LEU AA 161 -16.19 12.17 85.69
N VAL AA 162 -16.79 12.65 84.59
CA VAL AA 162 -16.03 12.83 83.37
C VAL AA 162 -14.93 13.85 83.58
N SER AA 163 -15.23 14.96 84.24
CA SER AA 163 -14.21 15.99 84.47
C SER AA 163 -13.07 15.47 85.33
N ALA AA 164 -13.40 14.78 86.43
CA ALA AA 164 -12.37 14.25 87.30
C ALA AA 164 -11.50 13.22 86.59
N VAL AA 165 -12.14 12.33 85.82
CA VAL AA 165 -11.41 11.32 85.07
C VAL AA 165 -10.49 11.96 84.05
N ILE AA 166 -10.98 12.98 83.34
CA ILE AA 166 -10.15 13.65 82.35
C ILE AA 166 -8.95 14.31 83.02
N THR AA 167 -9.16 14.93 84.18
CA THR AA 167 -8.05 15.55 84.89
C THR AA 167 -7.01 14.51 85.29
N ILE AA 168 -7.46 13.37 85.83
CA ILE AA 168 -6.52 12.33 86.24
C ILE AA 168 -5.75 11.78 85.04
N GLU AA 169 -6.46 11.54 83.94
CA GLU AA 169 -5.80 11.03 82.74
C GLU AA 169 -4.78 12.03 82.21
N ALA AA 170 -5.13 13.31 82.18
CA ALA AA 170 -4.19 14.32 81.70
C ALA AA 170 -2.95 14.35 82.57
N GLN AA 171 -3.13 14.39 83.90
CA GLN AA 171 -1.99 14.45 84.81
C GLN AA 171 -1.11 13.21 84.68
N ILE AA 172 -1.71 12.06 84.41
CA ILE AA 172 -0.92 10.87 84.15
C ILE AA 172 -0.16 11.01 82.84
N TRP AA 173 -0.83 11.49 81.79
CA TRP AA 173 -0.23 11.53 80.47
C TRP AA 173 0.85 12.61 80.34
N ILE AA 174 0.92 13.57 81.27
CA ILE AA 174 2.04 14.51 81.22
C ILE AA 174 3.36 13.80 81.42
N LEU AA 175 3.37 12.76 82.27
CA LEU AA 175 4.62 12.13 82.68
C LEU AA 175 5.32 11.38 81.55
N ILE AA 176 4.59 10.89 80.55
CA ILE AA 176 5.19 10.04 79.53
C ILE AA 176 6.22 10.81 78.71
N ALA AA 177 6.07 12.13 78.57
CA ALA AA 177 6.98 12.91 77.74
C ALA AA 177 8.41 12.81 78.26
N LYS AA 178 8.59 12.91 79.57
CA LYS AA 178 9.91 12.90 80.20
C LYS AA 178 9.99 11.84 81.29
N ALA AA 179 9.53 10.63 80.96
CA ALA AA 179 9.56 9.53 81.91
C ALA AA 179 10.82 8.68 81.79
N VAL AA 180 11.31 8.46 80.58
CA VAL AA 180 12.49 7.65 80.36
C VAL AA 180 13.70 8.45 79.92
N THR AA 181 13.50 9.65 79.34
CA THR AA 181 14.64 10.46 78.92
C THR AA 181 15.38 11.02 80.14
N ALA AA 182 14.68 11.81 80.95
CA ALA AA 182 15.26 12.39 82.16
C ALA AA 182 14.17 12.50 83.21
N PRO AA 183 13.79 11.39 83.84
CA PRO AA 183 12.74 11.44 84.87
C PRO AA 183 13.09 12.31 86.05
N ASP AA 184 14.36 12.38 86.44
CA ASP AA 184 14.76 13.17 87.59
C ASP AA 184 14.59 14.66 87.32
N THR AA 185 14.97 15.12 86.13
CA THR AA 185 14.90 16.53 85.77
C THR AA 185 13.50 16.97 85.36
N ALA AA 186 12.47 16.20 85.72
CA ALA AA 186 11.09 16.53 85.41
C ALA AA 186 10.56 17.53 86.43
N GLU AA 187 9.23 17.69 86.45
CA GLU AA 187 8.44 18.56 87.32
C GLU AA 187 8.52 20.02 86.89
N GLU AA 188 9.33 20.37 85.90
CA GLU AA 188 9.33 21.72 85.32
C GLU AA 188 8.47 21.76 84.06
N SER AA 189 8.81 20.94 83.06
CA SER AA 189 7.98 20.85 81.86
C SER AA 189 6.61 20.28 82.20
N GLU AA 190 6.56 19.32 83.12
CA GLU AA 190 5.26 18.78 83.53
C GLU AA 190 4.39 19.85 84.18
N THR AA 191 4.97 20.65 85.06
CA THR AA 191 4.21 21.74 85.67
C THR AA 191 3.78 22.76 84.63
N ARG AA 192 4.65 23.02 83.64
CA ARG AA 192 4.27 23.94 82.56
C ARG AA 192 3.09 23.42 81.76
N ARG AA 193 3.10 22.11 81.44
CA ARG AA 193 1.98 21.53 80.71
C ARG AA 193 0.70 21.59 81.55
N TRP AA 194 0.80 21.29 82.85
CA TRP AA 194 -0.38 21.36 83.70
C TRP AA 194 -0.93 22.77 83.78
N ALA AA 195 -0.05 23.76 83.90
CA ALA AA 195 -0.50 25.16 83.93
C ALA AA 195 -1.15 25.55 82.61
N LYS AA 196 -0.59 25.08 81.49
CA LYS AA 196 -1.17 25.38 80.19
C LYS AA 196 -2.58 24.80 80.08
N TYR AA 197 -2.76 23.55 80.51
CA TYR AA 197 -4.07 22.93 80.41
C TYR AA 197 -5.06 23.54 81.39
N VAL AA 198 -4.58 24.01 82.56
CA VAL AA 198 -5.46 24.70 83.49
C VAL AA 198 -5.92 26.03 82.91
N GLN AA 199 -5.00 26.78 82.30
CA GLN AA 199 -5.37 28.07 81.72
C GLN AA 199 -6.33 27.89 80.54
N GLN AA 200 -6.28 26.76 79.85
CA GLN AA 200 -7.21 26.46 78.78
C GLN AA 200 -8.55 25.96 79.29
N LYS AA 201 -8.68 25.75 80.60
CA LYS AA 201 -9.90 25.26 81.24
C LYS AA 201 -10.32 23.88 80.73
N ARG AA 202 -9.36 23.13 80.15
CA ARG AA 202 -9.66 21.77 79.73
C ARG AA 202 -9.72 20.83 80.92
N VAL AA 203 -8.96 21.13 81.98
CA VAL AA 203 -8.88 20.29 83.17
C VAL AA 203 -9.34 21.09 84.37
N ASN AA 204 -10.18 20.48 85.19
CA ASN AA 204 -10.60 21.09 86.44
C ASN AA 204 -9.46 20.99 87.44
N PRO AA 205 -8.93 22.11 87.95
CA PRO AA 205 -7.78 22.04 88.87
C PRO AA 205 -8.10 21.44 90.23
N PHE AA 206 -9.37 21.20 90.53
CA PHE AA 206 -9.74 20.62 91.82
C PHE AA 206 -9.14 19.23 91.99
N PHE AA 207 -9.19 18.41 90.94
CA PHE AA 207 -8.65 17.05 90.99
C PHE AA 207 -7.19 17.09 90.52
N ALA AA 208 -6.33 17.59 91.41
CA ALA AA 208 -4.90 17.69 91.14
C ALA AA 208 -4.16 16.77 92.10
N LEU AA 209 -3.47 15.77 91.56
CA LEU AA 209 -2.74 14.83 92.39
C LEU AA 209 -1.47 15.48 92.94
N THR AA 210 -1.08 15.04 94.14
CA THR AA 210 0.11 15.57 94.77
C THR AA 210 1.37 15.09 94.04
N GLN AA 211 2.49 15.76 94.31
CA GLN AA 211 3.72 15.43 93.60
C GLN AA 211 4.31 14.11 94.07
N GLN AA 212 4.00 13.67 95.28
CA GLN AA 212 4.46 12.36 95.74
C GLN AA 212 3.85 11.25 94.89
N TRP AA 213 2.53 11.31 94.68
CA TRP AA 213 1.88 10.32 93.84
C TRP AA 213 2.39 10.40 92.41
N LEU AA 214 2.62 11.61 91.91
CA LEU AA 214 3.15 11.76 90.57
C LEU AA 214 4.54 11.14 90.44
N THR AA 215 5.39 11.33 91.45
CA THR AA 215 6.71 10.71 91.44
C THR AA 215 6.61 9.19 91.46
N GLU AA 216 5.72 8.65 92.31
CA GLU AA 216 5.54 7.20 92.34
C GLU AA 216 5.07 6.67 90.99
N MET AA 217 4.10 7.35 90.37
CA MET AA 217 3.59 6.88 89.10
C MET AA 217 4.63 7.01 88.00
N ARG AA 218 5.45 8.08 88.04
CA ARG AA 218 6.52 8.22 87.05
C ARG AA 218 7.55 7.12 87.21
N ASN AA 219 7.88 6.76 88.45
CA ASN AA 219 8.80 5.64 88.68
C ASN AA 219 8.21 4.34 88.14
N LEU AA 220 6.92 4.10 88.39
CA LEU AA 220 6.29 2.89 87.86
C LEU AA 220 6.29 2.89 86.34
N LEU AA 221 6.01 4.03 85.72
CA LEU AA 221 5.97 4.12 84.27
C LEU AA 221 7.34 3.91 83.66
N SER AA 222 8.39 4.43 84.31
CA SER AA 222 9.74 4.23 83.79
C SER AA 222 10.19 2.80 83.96
N GLN AA 223 9.83 2.16 85.07
CA GLN AA 223 10.23 0.77 85.30
C GLN AA 223 9.61 -0.18 84.28
N SER AA 224 8.34 0.04 83.94
CA SER AA 224 7.57 -0.91 83.14
C SER AA 224 7.55 -0.49 81.68
N LEU AA 225 7.65 -1.48 80.79
CA LEU AA 225 7.58 -1.25 79.35
C LEU AA 225 6.20 -1.54 78.76
N SER AA 226 5.42 -2.41 79.41
CA SER AA 226 4.09 -2.72 78.88
C SER AA 226 3.17 -1.51 78.92
N VAL AA 227 3.20 -0.75 80.01
CA VAL AA 227 2.38 0.44 80.11
C VAL AA 227 2.79 1.46 79.05
N ARG AA 228 4.10 1.63 78.86
CA ARG AA 228 4.59 2.53 77.83
C ARG AA 228 4.13 2.10 76.45
N LYS AA 229 4.19 0.79 76.17
CA LYS AA 229 3.74 0.30 74.87
C LYS AA 229 2.25 0.55 74.67
N PHE AA 230 1.45 0.31 75.71
CA PHE AA 230 0.01 0.55 75.60
C PHE AA 230 -0.29 2.02 75.33
N MET AA 231 0.39 2.92 76.05
CA MET AA 231 0.14 4.34 75.86
C MET AA 231 0.65 4.83 74.50
N VAL AA 232 1.75 4.26 74.01
CA VAL AA 232 2.22 4.61 72.67
C VAL AA 232 1.26 4.12 71.61
N GLU AA 233 0.69 2.93 71.80
CA GLU AA 233 -0.33 2.44 70.88
C GLU AA 233 -1.55 3.34 70.88
N ILE AA 234 -1.97 3.79 72.07
CA ILE AA 234 -3.09 4.72 72.16
C ILE AA 234 -2.77 6.02 71.42
N LEU AA 235 -1.55 6.52 71.60
CA LEU AA 235 -1.14 7.74 70.92
C LEU AA 235 -1.17 7.56 69.41
N MET AA 236 -0.64 6.45 68.91
CA MET AA 236 -0.65 6.20 67.47
C MET AA 236 -2.06 6.09 66.93
N GLU AA 237 -2.94 5.39 67.64
CA GLU AA 237 -4.31 5.24 67.17
C GLU AA 237 -5.05 6.58 67.18
N VAL AA 238 -4.84 7.39 68.21
CA VAL AA 238 -5.49 8.69 68.29
C VAL AA 238 -4.95 9.63 67.20
N LYS AA 239 -3.66 9.54 66.92
CA LYS AA 239 -3.05 10.39 65.89
C LYS AA 239 -3.71 10.20 64.53
N LYS AA 240 -4.14 8.99 64.21
CA LYS AA 240 -4.83 8.72 62.96
C LYS AA 240 -6.17 9.45 62.97
N GLY AA 241 -6.31 10.46 62.12
CA GLY AA 241 -7.54 11.22 62.04
C GLY AA 241 -8.61 10.51 61.25
N GLY AA 242 -9.77 11.16 61.16
CA GLY AA 242 -10.87 10.63 60.39
C GLY AA 242 -12.19 10.60 61.15
N SER AA 243 -12.12 10.34 62.45
CA SER AA 243 -13.30 10.25 63.29
C SER AA 243 -13.35 11.42 64.27
N ALA AA 244 -14.53 11.60 64.87
CA ALA AA 244 -14.70 12.64 65.86
C ALA AA 244 -13.90 12.33 67.12
N LYS AA 245 -13.25 13.35 67.67
CA LYS AA 245 -12.40 13.21 68.83
C LYS AA 245 -13.09 13.80 70.05
N GLY AA 246 -13.12 13.02 71.14
CA GLY AA 246 -13.66 13.49 72.39
C GLY AA 246 -12.64 14.32 73.16
N ARG AA 247 -13.09 14.83 74.31
CA ARG AA 247 -12.23 15.68 75.14
C ARG AA 247 -11.00 14.90 75.59
N ALA AA 248 -11.20 13.66 76.05
CA ALA AA 248 -10.06 12.84 76.45
C ALA AA 248 -9.12 12.59 75.28
N VAL AA 249 -9.67 12.26 74.11
CA VAL AA 249 -8.84 11.98 72.95
C VAL AA 249 -8.10 13.23 72.49
N GLU AA 250 -8.77 14.39 72.53
CA GLU AA 250 -8.12 15.64 72.16
C GLU AA 250 -6.98 15.96 73.11
N ILE AA 251 -7.19 15.79 74.41
CA ILE AA 251 -6.11 16.03 75.38
C ILE AA 251 -4.96 15.06 75.15
N ILE AA 252 -5.27 13.79 74.89
CA ILE AA 252 -4.24 12.79 74.67
C ILE AA 252 -3.41 13.14 73.44
N SER AA 253 -4.07 13.57 72.36
CA SER AA 253 -3.33 13.94 71.15
C SER AA 253 -2.51 15.21 71.36
N ASP AA 254 -3.06 16.17 72.11
CA ASP AA 254 -2.29 17.39 72.39
C ASP AA 254 -1.04 17.08 73.20
N ILE AA 255 -1.15 16.14 74.15
CA ILE AA 255 0.03 15.72 74.91
C ILE AA 255 1.00 14.96 74.01
N GLY AA 256 0.48 14.07 73.16
CA GLY AA 256 1.32 13.35 72.23
C GLY AA 256 2.04 14.24 71.25
N ASN AA 257 1.53 15.44 71.01
CA ASN AA 257 2.28 16.42 70.24
C ASN AA 257 3.63 16.71 70.89
N TYR AA 258 3.65 16.85 72.22
CA TYR AA 258 4.91 17.00 72.93
C TYR AA 258 5.66 15.68 73.07
N VAL AA 259 4.92 14.56 73.11
CA VAL AA 259 5.57 13.26 73.33
C VAL AA 259 6.44 12.87 72.14
N GLU AA 260 6.03 13.23 70.92
CA GLU AA 260 6.70 12.74 69.72
C GLU AA 260 8.17 13.14 69.70
N GLU AA 261 8.99 12.26 69.12
CA GLU AA 261 10.41 12.52 68.88
C GLU AA 261 11.19 12.79 70.17
N THR AA 262 10.68 12.28 71.29
CA THR AA 262 11.38 12.44 72.55
C THR AA 262 12.63 11.57 72.61
N GLY AA 263 13.59 11.99 73.41
CA GLY AA 263 14.80 11.23 73.61
C GLY AA 263 15.72 11.13 72.42
N MET AA 264 15.46 11.89 71.35
CA MET AA 264 16.31 11.89 70.16
C MET AA 264 16.63 13.32 69.75
N ALA AA 265 16.88 14.18 70.73
CA ALA AA 265 17.16 15.57 70.41
C ALA AA 265 18.50 15.72 69.68
N GLY AA 266 19.45 14.82 69.94
CA GLY AA 266 20.73 14.91 69.25
C GLY AA 266 20.59 14.75 67.75
N PHE AA 267 19.86 13.72 67.31
CA PHE AA 267 19.74 13.44 65.88
C PHE AA 267 18.95 14.53 65.17
N PHE AA 268 17.81 14.92 65.72
CA PHE AA 268 16.97 15.91 65.05
C PHE AA 268 17.60 17.29 65.11
N ALA AA 269 18.29 17.61 66.21
CA ALA AA 269 19.04 18.86 66.27
C ALA AA 269 20.15 18.87 65.22
N THR AA 270 20.86 17.75 65.08
CA THR AA 270 21.89 17.64 64.05
C THR AA 270 21.28 17.91 62.67
N ILE AA 271 20.17 17.24 62.36
CA ILE AA 271 19.48 17.46 61.09
C ILE AA 271 19.20 18.94 60.90
N ARG AA 272 18.38 19.49 61.80
CA ARG AA 272 17.83 20.83 61.61
C ARG AA 272 18.92 21.88 61.52
N PHE AA 273 19.95 21.78 62.36
CA PHE AA 273 20.93 22.85 62.44
C PHE AA 273 22.15 22.59 61.55
N GLY AA 274 22.81 21.45 61.72
CA GLY AA 274 23.97 21.16 60.91
C GLY AA 274 23.63 20.90 59.45
N LEU AA 275 22.60 20.08 59.20
CA LEU AA 275 22.34 19.67 57.83
C LEU AA 275 21.59 20.76 57.06
N GLU AA 276 20.42 21.14 57.53
CA GLU AA 276 19.77 22.34 57.03
C GLU AA 276 20.55 23.57 57.49
N THR AA 277 20.06 24.75 57.13
CA THR AA 277 20.78 26.00 57.34
C THR AA 277 22.17 25.91 56.74
N ARG AA 278 22.20 25.77 55.41
CA ARG AA 278 23.41 25.47 54.67
C ARG AA 278 24.50 26.51 54.92
N TYR AA 279 25.58 26.10 55.58
CA TYR AA 279 26.71 26.95 55.91
C TYR AA 279 27.90 26.60 55.03
N PRO AA 280 28.69 27.60 54.61
CA PRO AA 280 29.87 27.32 53.79
C PRO AA 280 30.87 26.38 54.45
N ALA AA 281 30.74 26.17 55.76
CA ALA AA 281 31.64 25.29 56.49
C ALA AA 281 31.19 23.83 56.48
N LEU AA 282 30.11 23.51 55.77
CA LEU AA 282 29.61 22.14 55.76
C LEU AA 282 30.52 21.23 54.96
N ALA AA 283 30.70 21.53 53.68
CA ALA AA 283 31.58 20.74 52.82
C ALA AA 283 33.03 21.08 53.17
N LEU AA 284 33.62 20.25 54.04
CA LEU AA 284 34.96 20.52 54.54
C LEU AA 284 35.82 19.27 54.59
N ASN AA 285 35.40 18.18 53.96
CA ASN AA 285 36.10 16.90 53.85
C ASN AA 285 36.26 16.18 55.18
N GLU AA 286 35.73 16.71 56.28
CA GLU AA 286 35.60 15.96 57.52
C GLU AA 286 34.15 15.69 57.89
N PHE AA 287 33.20 16.12 57.06
CA PHE AA 287 31.79 15.93 57.31
C PHE AA 287 31.10 15.04 56.28
N GLN AA 288 31.81 14.57 55.26
CA GLN AA 288 31.17 13.78 54.22
C GLN AA 288 30.68 12.44 54.74
N SER AA 289 31.49 11.78 55.58
CA SER AA 289 31.06 10.52 56.18
C SER AA 289 29.84 10.72 57.05
N ASP AA 290 29.83 11.79 57.84
CA ASP AA 290 28.67 12.08 58.69
C ASP AA 290 27.44 12.38 57.85
N LEU AA 291 27.61 13.09 56.73
CA LEU AA 291 26.48 13.38 55.86
C LEU AA 291 25.92 12.09 55.26
N ASN AA 292 26.80 11.19 54.83
CA ASN AA 292 26.32 9.91 54.29
C ASN AA 292 25.59 9.10 55.37
N THR AA 293 26.14 9.07 56.58
CA THR AA 293 25.48 8.36 57.68
C THR AA 293 24.13 9.00 57.99
N ILE AA 294 24.04 10.32 57.92
CA ILE AA 294 22.79 11.02 58.18
C ILE AA 294 21.76 10.69 57.11
N LYS AA 295 22.17 10.63 55.85
CA LYS AA 295 21.26 10.24 54.78
C LYS AA 295 20.75 8.82 54.98
N GLY AA 296 21.66 7.90 55.34
CA GLY AA 296 21.23 6.53 55.63
C GLY AA 296 20.28 6.47 56.81
N LEU AA 297 20.52 7.29 57.83
CA LEU AA 297 19.64 7.33 58.99
C LEU AA 297 18.28 7.88 58.63
N MET AA 298 18.22 8.89 57.76
CA MET AA 298 16.93 9.38 57.27
C MET AA 298 16.17 8.30 56.52
N LEU AA 299 16.87 7.56 55.67
CA LEU AA 299 16.22 6.46 54.96
C LEU AA 299 15.70 5.41 55.94
N LEU AA 300 16.50 5.08 56.96
CA LEU AA 300 16.07 4.11 57.96
C LEU AA 300 14.86 4.61 58.73
N TYR AA 301 14.85 5.90 59.10
CA TYR AA 301 13.72 6.47 59.83
C TYR AA 301 12.45 6.43 58.99
N ARG AA 302 12.57 6.71 57.70
CA ARG AA 302 11.41 6.59 56.82
C ARG AA 302 10.98 5.13 56.70
N GLU AA 303 11.93 4.19 56.74
CA GLU AA 303 11.60 2.78 56.62
C GLU AA 303 10.96 2.20 57.88
N ILE AA 304 11.23 2.78 59.05
CA ILE AA 304 10.77 2.18 60.30
C ILE AA 304 9.25 2.11 60.34
N GLY AA 305 8.59 3.23 60.06
CA GLY AA 305 7.14 3.26 60.04
C GLY AA 305 6.56 4.24 61.02
N PRO AA 306 5.28 4.04 61.38
CA PRO AA 306 4.62 4.98 62.31
C PRO AA 306 5.18 4.94 63.72
N ARG AA 307 5.95 3.93 64.08
CA ARG AA 307 6.55 3.84 65.41
C ARG AA 307 7.86 4.58 65.51
N ALA AA 308 8.31 5.22 64.43
CA ALA AA 308 9.61 5.90 64.43
C ALA AA 308 9.73 6.98 65.48
N PRO AA 309 8.80 7.93 65.62
CA PRO AA 309 9.00 8.98 66.63
C PRO AA 309 9.10 8.46 68.06
N TYR AA 310 8.33 7.43 68.39
CA TYR AA 310 8.37 6.85 69.74
C TYR AA 310 9.34 5.68 69.82
N MET AA 311 10.57 5.87 69.36
CA MET AA 311 11.55 4.78 69.45
C MET AA 311 12.11 4.65 70.85
N VAL AA 312 12.37 5.78 71.52
CA VAL AA 312 12.93 5.73 72.87
C VAL AA 312 11.91 5.17 73.85
N LEU AA 313 10.63 5.51 73.67
CA LEU AA 313 9.59 5.01 74.56
C LEU AA 313 9.46 3.50 74.48
N LEU AA 314 9.47 2.95 73.26
CA LEU AA 314 9.44 1.51 73.07
C LEU AA 314 10.81 0.86 73.22
N GLU AA 315 11.87 1.66 73.37
CA GLU AA 315 13.23 1.16 73.58
C GLU AA 315 13.67 0.26 72.43
N GLU AA 316 13.44 0.73 71.20
CA GLU AA 316 13.86 0.00 70.02
C GLU AA 316 15.37 -0.09 69.96
N SER AA 317 15.86 -1.23 69.47
CA SER AA 317 17.29 -1.41 69.25
C SER AA 317 17.79 -0.54 68.11
N ILE AA 318 16.92 -0.19 67.16
CA ILE AA 318 17.32 0.67 66.06
C ILE AA 318 17.68 2.07 66.54
N GLN AA 319 17.22 2.45 67.74
CA GLN AA 319 17.48 3.79 68.25
C GLN AA 319 18.96 4.04 68.46
N THR AA 320 19.72 3.03 68.90
CA THR AA 320 21.14 3.23 69.18
C THR AA 320 21.88 3.68 67.93
N LYS AA 321 21.50 3.18 66.77
CA LYS AA 321 22.12 3.62 65.52
C LYS AA 321 21.84 5.09 65.23
N PHE AA 322 20.74 5.62 65.77
CA PHE AA 322 20.39 7.01 65.57
C PHE AA 322 21.13 7.96 66.51
N ALA AA 323 21.61 7.46 67.64
CA ALA AA 323 22.22 8.32 68.63
C ALA AA 323 23.55 8.88 68.14
N PRO AA 324 23.90 10.10 68.54
CA PRO AA 324 25.23 10.63 68.20
C PRO AA 324 26.33 9.76 68.80
N GLY AA 325 27.41 9.61 68.04
CA GLY AA 325 28.46 8.67 68.39
C GLY AA 325 28.93 7.97 67.15
N GLY AA 326 28.01 7.79 66.20
CA GLY AA 326 28.35 7.38 64.85
C GLY AA 326 28.61 8.52 63.91
N TYR AA 327 28.32 9.75 64.34
CA TYR AA 327 28.61 10.96 63.56
C TYR AA 327 28.97 12.10 64.51
N PRO AA 328 29.99 11.91 65.35
CA PRO AA 328 30.28 12.92 66.38
C PRO AA 328 30.67 14.28 65.83
N LEU AA 329 31.31 14.34 64.66
CA LEU AA 329 31.82 15.61 64.16
C LEU AA 329 30.68 16.54 63.74
N LEU AA 330 29.83 16.07 62.82
CA LEU AA 330 28.70 16.89 62.40
C LEU AA 330 27.75 17.15 63.56
N TRP AA 331 27.60 16.19 64.47
CA TRP AA 331 26.77 16.41 65.64
C TRP AA 331 27.31 17.55 66.48
N SER AA 332 28.62 17.57 66.72
CA SER AA 332 29.21 18.66 67.50
C SER AA 332 29.05 19.99 66.80
N PHE AA 333 29.25 20.02 65.48
CA PHE AA 333 29.06 21.24 64.72
C PHE AA 333 27.63 21.75 64.85
N ALA AA 334 26.66 20.84 64.72
CA ALA AA 334 25.26 21.22 64.81
C ALA AA 334 24.88 21.70 66.21
N MET AA 335 25.41 21.06 67.25
CA MET AA 335 25.13 21.53 68.60
C MET AA 335 25.75 22.89 68.85
N GLY AA 336 26.94 23.15 68.29
CA GLY AA 336 27.51 24.47 68.43
C GLY AA 336 26.66 25.54 67.78
N VAL AA 337 26.24 25.31 66.53
CA VAL AA 337 25.42 26.30 65.86
C VAL AA 337 24.05 26.43 66.53
N ALA AA 338 23.54 25.34 67.13
CA ALA AA 338 22.26 25.40 67.83
C ALA AA 338 22.37 26.23 69.10
N THR AA 339 23.41 25.97 69.91
CA THR AA 339 23.61 26.73 71.13
C THR AA 339 23.84 28.21 70.83
N THR AA 340 24.47 28.52 69.70
CA THR AA 340 24.62 29.92 69.34
C THR AA 340 23.33 30.53 68.81
N ILE AA 341 22.50 29.73 68.14
CA ILE AA 341 21.30 30.26 67.48
C ILE AA 341 20.09 30.15 68.40
N ASP AA 342 19.80 28.95 68.89
CA ASP AA 342 18.60 28.70 69.69
C ASP AA 342 18.91 28.98 71.16
N ARG AA 343 18.23 29.97 71.72
CA ARG AA 343 18.45 30.31 73.14
C ARG AA 343 18.04 29.15 74.04
N SER AA 344 16.90 28.53 73.75
CA SER AA 344 16.43 27.42 74.57
C SER AA 344 17.41 26.25 74.54
N MET AA 345 17.95 25.94 73.38
CA MET AA 345 18.99 24.92 73.29
C MET AA 345 20.27 25.42 73.95
N GLY AA 346 20.79 24.63 74.87
CA GLY AA 346 21.87 25.08 75.73
C GLY AA 346 21.63 24.58 77.13
N ALA AA 347 20.36 24.34 77.45
CA ALA AA 347 19.99 23.58 78.64
C ALA AA 347 20.09 22.08 78.40
N LEU AA 348 20.33 21.67 77.16
CA LEU AA 348 20.54 20.26 76.86
C LEU AA 348 21.88 19.80 77.41
N ASN AA 349 21.91 18.56 77.90
CA ASN AA 349 23.13 17.99 78.47
C ASN AA 349 23.87 17.27 77.35
N ILE AA 350 25.04 17.79 76.99
CA ILE AA 350 25.80 17.24 75.86
C ILE AA 350 27.24 16.95 76.29
N ASN AA 351 27.43 16.62 77.56
CA ASN AA 351 28.78 16.34 78.08
C ASN AA 351 29.19 14.90 77.76
N ARG AA 352 29.18 14.58 76.48
CA ARG AA 352 29.54 13.26 76.00
C ARG AA 352 31.05 13.13 75.87
N GLY AA 353 31.49 11.91 75.55
CA GLY AA 353 32.90 11.61 75.38
C GLY AA 353 33.46 11.85 74.00
N TYR AA 354 32.65 12.37 73.08
CA TYR AA 354 33.07 12.64 71.71
C TYR AA 354 32.67 14.05 71.31
N LEU AA 355 32.96 15.01 72.21
CA LEU AA 355 32.52 16.38 71.97
C LEU AA 355 33.30 17.05 70.84
N GLU AA 356 34.60 16.76 70.73
CA GLU AA 356 35.45 17.37 69.71
C GLU AA 356 35.35 18.89 69.76
N PRO AA 357 35.94 19.54 70.76
CA PRO AA 357 35.71 20.98 70.94
C PRO AA 357 36.12 21.82 69.74
N MET AA 358 37.05 21.34 68.90
CA MET AA 358 37.45 22.11 67.73
C MET AA 358 36.27 22.33 66.79
N TYR AA 359 35.49 21.27 66.53
CA TYR AA 359 34.34 21.42 65.65
C TYR AA 359 33.21 22.19 66.31
N PHE AA 360 33.09 22.10 67.64
CA PHE AA 360 32.13 22.94 68.35
C PHE AA 360 32.48 24.41 68.18
N ARG AA 361 33.76 24.76 68.33
CA ARG AA 361 34.19 26.12 68.09
C ARG AA 361 33.96 26.54 66.64
N LEU AA 362 34.22 25.63 65.71
CA LEU AA 362 34.00 25.93 64.30
C LEU AA 362 32.53 26.24 64.04
N GLY AA 363 31.63 25.47 64.64
CA GLY AA 363 30.21 25.76 64.50
C GLY AA 363 29.81 27.08 65.15
N GLN AA 364 30.35 27.35 66.34
CA GLN AA 364 30.08 28.63 66.99
C GLN AA 364 30.50 29.80 66.11
N LYS AA 365 31.68 29.70 65.49
CA LYS AA 365 32.12 30.76 64.58
C LYS AA 365 31.25 30.80 63.33
N SER AA 366 30.87 29.64 62.79
CA SER AA 366 30.07 29.61 61.57
C SER AA 366 28.71 30.25 61.79
N ALA AA 367 28.19 30.19 63.01
CA ALA AA 367 26.89 30.79 63.28
C ALA AA 367 26.92 32.30 63.12
N ARG AA 368 27.95 32.97 63.63
CA ARG AA 368 27.97 34.43 63.69
C ARG AA 368 29.07 35.05 62.83
N HIS AA 369 30.33 34.67 63.03
CA HIS AA 369 31.46 35.35 62.39
C HIS AA 369 31.70 34.88 60.96
N HIS AA 370 30.92 33.93 60.45
CA HIS AA 370 31.26 33.27 59.19
C HIS AA 370 31.02 34.22 58.01
N ALA AA 371 29.77 34.60 57.79
CA ALA AA 371 29.38 35.47 56.69
C ALA AA 371 27.88 35.73 56.81
N GLY AA 372 27.39 36.62 55.96
CA GLY AA 372 25.95 36.82 55.86
C GLY AA 372 25.24 35.59 55.34
N GLY AA 373 25.83 34.92 54.34
CA GLY AA 373 25.30 33.68 53.84
C GLY AA 373 24.00 33.81 53.08
N ILE AA 374 24.06 34.43 51.89
CA ILE AA 374 22.89 34.60 51.05
C ILE AA 374 22.78 33.40 50.12
N ASP AA 375 21.65 32.69 50.21
CA ASP AA 375 21.42 31.48 49.43
C ASP AA 375 20.82 31.82 48.07
N GLN AA 376 20.34 30.80 47.36
CA GLN AA 376 19.77 31.01 46.04
C GLN AA 376 18.52 31.88 46.13
N ASN AA 377 18.53 32.99 45.40
CA ASN AA 377 17.46 33.99 45.46
C ASN AA 377 16.60 33.87 44.21
N MET AA 378 15.35 33.45 44.38
CA MET AA 378 14.41 33.47 43.26
C MET AA 378 14.16 34.90 42.80
N ALA AA 379 14.01 35.83 43.74
CA ALA AA 379 13.93 37.24 43.41
C ALA AA 379 15.34 37.80 43.27
N ASN AA 380 15.55 38.56 42.20
CA ASN AA 380 16.88 39.08 41.88
C ASN AA 380 17.14 40.33 42.71
N LYS AA 381 17.97 40.19 43.74
CA LYS AA 381 18.36 41.31 44.60
C LYS AA 381 19.71 41.82 44.13
N LEU AA 382 19.67 42.64 43.08
CA LEU AA 382 20.91 43.10 42.44
C LEU AA 382 21.64 44.12 43.31
N GLY AA 383 20.91 44.88 44.12
CA GLY AA 383 21.51 45.90 44.96
C GLY AA 383 21.61 45.50 46.41
N LEU AA 384 21.68 44.19 46.67
CA LEU AA 384 21.61 43.65 48.01
C LEU AA 384 22.97 43.53 48.69
N ASN AA 385 24.03 44.04 48.07
CA ASN AA 385 25.34 44.03 48.73
C ASN AA 385 25.30 44.87 50.00
N SER AA 386 24.72 46.07 49.92
CA SER AA 386 24.59 46.92 51.10
C SER AA 386 23.62 46.31 52.11
N ASP AA 387 22.57 45.64 51.63
CA ASP AA 387 21.65 44.96 52.55
C ASP AA 387 22.37 43.86 53.32
N GLN AA 388 23.20 43.08 52.63
CA GLN AA 388 23.98 42.04 53.30
C GLN AA 388 24.96 42.64 54.29
N VAL AA 389 25.60 43.76 53.92
CA VAL AA 389 26.53 44.41 54.82
C VAL AA 389 25.80 44.89 56.08
N ALA AA 390 24.63 45.48 55.92
CA ALA AA 390 23.86 45.95 57.08
C ALA AA 390 23.40 44.78 57.94
N GLU AA 391 23.01 43.67 57.31
CA GLU AA 391 22.60 42.50 58.07
C GLU AA 391 23.76 41.92 58.86
N LEU AA 392 24.95 41.88 58.26
CA LEU AA 392 26.13 41.39 58.97
C LEU AA 392 26.58 42.36 60.05
N ALA AA 393 26.26 43.65 59.90
CA ALA AA 393 26.63 44.63 60.92
C ALA AA 393 25.94 44.33 62.24
N ALA AA 394 24.67 43.92 62.19
CA ALA AA 394 23.90 43.55 63.37
C ALA AA 394 23.86 44.69 64.39
N MET BA 1 50.89 -0.29 27.07
CA MET BA 1 49.92 0.53 26.36
C MET BA 1 48.64 0.70 27.15
N SER BA 2 47.54 0.98 26.44
CA SER BA 2 46.27 1.22 27.11
C SER BA 2 45.70 -0.06 27.72
N ASP BA 3 45.84 -1.19 27.03
CA ASP BA 3 45.21 -2.43 27.49
C ASP BA 3 45.79 -2.86 28.83
N ILE BA 4 47.10 -2.77 29.00
CA ILE BA 4 47.71 -3.15 30.27
C ILE BA 4 47.36 -2.12 31.33
N PHE BA 5 47.49 -2.51 32.60
CA PHE BA 5 47.02 -1.79 33.79
C PHE BA 5 45.51 -1.89 33.90
N ASP BA 6 44.88 -2.51 32.91
CA ASP BA 6 43.47 -2.90 32.97
C ASP BA 6 43.29 -4.40 33.00
N GLU BA 7 44.17 -5.14 32.32
CA GLU BA 7 44.20 -6.59 32.46
C GLU BA 7 44.50 -7.00 33.89
N ALA BA 8 45.43 -6.29 34.55
CA ALA BA 8 45.73 -6.57 35.95
C ALA BA 8 44.55 -6.24 36.85
N ALA BA 9 43.82 -5.18 36.54
CA ALA BA 9 42.66 -4.81 37.35
C ALA BA 9 41.63 -5.93 37.33
N SER BA 10 41.40 -6.54 36.17
CA SER BA 10 40.56 -7.73 36.12
C SER BA 10 41.26 -8.92 36.76
N PHE BA 11 42.60 -8.99 36.62
CA PHE BA 11 43.34 -10.11 37.18
C PHE BA 11 43.24 -10.15 38.69
N ARG BA 12 43.46 -9.00 39.35
CA ARG BA 12 43.33 -8.95 40.80
C ARG BA 12 41.88 -9.20 41.22
N SER BA 13 40.92 -8.69 40.46
CA SER BA 13 39.52 -8.98 40.74
C SER BA 13 39.22 -10.47 40.56
N TYR BA 14 39.75 -11.07 39.51
CA TYR BA 14 39.56 -12.51 39.30
C TYR BA 14 40.31 -13.33 40.34
N GLN BA 15 41.48 -12.85 40.78
CA GLN BA 15 42.29 -13.61 41.73
C GLN BA 15 41.61 -13.73 43.09
N SER BA 16 40.86 -12.71 43.50
CA SER BA 16 40.20 -12.76 44.80
C SER BA 16 39.15 -13.87 44.85
N LYS BA 17 38.26 -13.91 43.86
CA LYS BA 17 37.25 -14.96 43.76
C LYS BA 17 37.74 -16.08 42.85
N LEU BA 18 38.88 -16.65 43.23
CA LEU BA 18 39.55 -17.62 42.36
C LEU BA 18 38.84 -18.96 42.37
N GLY BA 19 38.74 -19.59 43.54
CA GLY BA 19 38.11 -20.90 43.64
C GLY BA 19 36.93 -20.92 44.58
N ARG BA 20 36.40 -19.74 44.89
CA ARG BA 20 35.27 -19.63 45.81
C ARG BA 20 33.95 -19.77 45.06
N ASP BA 21 33.80 -20.91 44.38
CA ASP BA 21 32.62 -21.19 43.59
C ASP BA 21 32.31 -22.68 43.66
N GLY BA 22 31.06 -23.02 43.39
CA GLY BA 22 30.63 -24.41 43.43
C GLY BA 22 30.17 -24.84 44.81
N ARG BA 23 29.89 -26.13 44.92
CA ARG BA 23 29.41 -26.73 46.16
C ARG BA 23 30.37 -27.84 46.58
N ALA BA 24 30.68 -27.87 47.88
CA ALA BA 24 31.58 -28.88 48.41
C ALA BA 24 30.84 -30.20 48.63
N SER BA 25 31.61 -31.25 48.87
CA SER BA 25 31.06 -32.58 49.10
C SER BA 25 30.86 -32.83 50.60
N ALA BA 26 30.19 -33.95 50.90
CA ALA BA 26 29.95 -34.37 52.27
C ALA BA 26 31.09 -35.19 52.84
N ALA BA 27 32.14 -35.46 52.07
CA ALA BA 27 33.27 -36.22 52.57
C ALA BA 27 33.97 -35.48 53.70
N THR BA 28 34.12 -34.16 53.56
CA THR BA 28 34.76 -33.33 54.59
C THR BA 28 33.72 -33.01 55.68
N ALA BA 29 33.36 -34.04 56.43
CA ALA BA 29 32.38 -33.93 57.51
C ALA BA 29 33.09 -34.08 58.85
N THR BA 30 32.97 -33.05 59.69
CA THR BA 30 33.64 -33.05 60.98
C THR BA 30 33.02 -34.09 61.90
N LEU BA 31 33.86 -34.67 62.77
CA LEU BA 31 33.38 -35.56 63.80
C LEU BA 31 32.55 -34.76 64.82
N THR BA 32 31.42 -35.33 65.22
CA THR BA 32 30.46 -34.64 66.07
C THR BA 32 30.54 -35.14 67.50
N THR BA 33 30.33 -34.22 68.44
CA THR BA 33 30.36 -34.52 69.87
C THR BA 33 28.96 -34.33 70.43
N LYS BA 34 28.53 -35.27 71.27
CA LYS BA 34 27.22 -35.17 71.90
C LYS BA 34 27.24 -34.10 72.98
N ILE BA 35 26.22 -33.25 72.98
CA ILE BA 35 26.09 -32.17 73.95
C ILE BA 35 24.73 -32.31 74.62
N ARG BA 36 24.73 -32.47 75.94
CA ARG BA 36 23.51 -32.68 76.70
C ARG BA 36 23.01 -31.35 77.24
N ILE BA 37 21.82 -30.94 76.81
CA ILE BA 37 21.24 -29.64 77.15
C ILE BA 37 20.03 -29.88 78.04
N PHE BA 38 20.01 -29.22 79.20
CA PHE BA 38 18.92 -29.32 80.15
C PHE BA 38 18.00 -28.12 79.96
N VAL BA 39 16.84 -28.36 79.35
CA VAL BA 39 15.86 -27.30 79.12
C VAL BA 39 14.68 -27.49 80.06
N PRO BA 40 14.02 -26.42 80.51
CA PRO BA 40 12.84 -26.59 81.36
C PRO BA 40 11.66 -27.08 80.55
N ALA BA 41 10.97 -28.10 81.07
CA ALA BA 41 9.83 -28.67 80.38
C ALA BA 41 8.59 -27.79 80.51
N THR BA 42 8.39 -27.18 81.67
CA THR BA 42 7.19 -26.42 81.98
C THR BA 42 7.52 -24.94 82.09
N ASN BA 43 6.50 -24.15 82.45
CA ASN BA 43 6.63 -22.71 82.58
C ASN BA 43 6.59 -22.24 84.03
N SER BA 44 6.62 -23.16 84.99
CA SER BA 44 6.55 -22.79 86.40
C SER BA 44 7.81 -22.02 86.80
N PRO BA 45 7.67 -20.84 87.40
CA PRO BA 45 8.87 -20.06 87.76
C PRO BA 45 9.80 -20.78 88.72
N GLU BA 46 9.24 -21.54 89.67
CA GLU BA 46 10.09 -22.22 90.66
C GLU BA 46 11.01 -23.23 89.98
N LEU BA 47 10.52 -23.90 88.94
CA LEU BA 47 11.37 -24.85 88.21
C LEU BA 47 12.40 -24.12 87.37
N ARG BA 48 11.99 -23.08 86.66
CA ARG BA 48 12.93 -22.35 85.81
C ARG BA 48 13.99 -21.62 86.64
N TRP BA 49 13.57 -21.00 87.75
CA TRP BA 49 14.54 -20.32 88.61
C TRP BA 49 15.53 -21.30 89.22
N GLU BA 50 15.05 -22.48 89.62
CA GLU BA 50 15.95 -23.50 90.14
C GLU BA 50 16.87 -24.01 89.04
N LEU BA 51 16.40 -24.03 87.80
CA LEU BA 51 17.22 -24.49 86.68
C LEU BA 51 18.34 -23.51 86.38
N THR BA 52 18.03 -22.22 86.27
CA THR BA 52 19.07 -21.24 85.96
C THR BA 52 20.04 -21.07 87.12
N LEU BA 53 19.60 -21.37 88.34
CA LEU BA 53 20.54 -21.43 89.46
C LEU BA 53 21.50 -22.61 89.28
N PHE BA 54 20.99 -23.75 88.83
CA PHE BA 54 21.84 -24.90 88.56
C PHE BA 54 22.81 -24.62 87.43
N ALA BA 55 22.32 -24.00 86.35
CA ALA BA 55 23.18 -23.74 85.19
C ALA BA 55 24.30 -22.76 85.55
N LEU BA 56 24.05 -21.85 86.49
CA LEU BA 56 25.10 -20.95 86.95
C LEU BA 56 26.20 -21.73 87.67
N ASP BA 57 25.82 -22.73 88.46
CA ASP BA 57 26.81 -23.47 89.24
C ASP BA 57 27.67 -24.34 88.32
N VAL BA 58 27.09 -24.91 87.28
CA VAL BA 58 27.84 -25.77 86.37
C VAL BA 58 28.94 -24.97 85.68
N ILE BA 59 28.62 -23.77 85.22
CA ILE BA 59 29.62 -22.92 84.60
C ILE BA 59 30.71 -22.55 85.59
N ARG BA 60 30.31 -22.20 86.81
CA ARG BA 60 31.27 -21.84 87.85
C ARG BA 60 32.04 -23.05 88.37
N SER BA 61 31.52 -24.24 88.18
CA SER BA 61 32.18 -25.44 88.73
C SER BA 61 33.52 -25.67 88.04
N PRO BA 62 34.58 -25.99 88.79
CA PRO BA 62 35.87 -26.30 88.15
C PRO BA 62 35.99 -27.75 87.72
N SER BA 63 35.24 -28.67 88.33
CA SER BA 63 35.29 -30.07 87.97
C SER BA 63 34.39 -30.42 86.80
N ALA BA 64 33.65 -29.45 86.26
CA ALA BA 64 32.73 -29.72 85.16
C ALA BA 64 33.50 -29.93 83.87
N ALA BA 65 33.09 -30.93 83.10
CA ALA BA 65 33.64 -31.14 81.77
C ALA BA 65 33.17 -30.03 80.83
N GLU BA 66 33.91 -29.86 79.74
CA GLU BA 66 33.58 -28.80 78.80
C GLU BA 66 32.20 -29.01 78.17
N SER BA 67 31.87 -30.27 77.84
CA SER BA 67 30.57 -30.56 77.25
C SER BA 67 29.43 -30.17 78.18
N MET BA 68 29.60 -30.43 79.49
CA MET BA 68 28.60 -29.99 80.45
C MET BA 68 28.51 -28.48 80.51
N LYS BA 69 29.65 -27.80 80.43
CA LYS BA 69 29.65 -26.34 80.47
C LYS BA 69 28.90 -25.75 79.28
N ILE BA 70 29.04 -26.36 78.10
CA ILE BA 70 28.28 -25.90 76.94
C ILE BA 70 26.79 -26.10 77.16
N GLY BA 71 26.41 -27.24 77.74
CA GLY BA 71 25.00 -27.49 78.01
C GLY BA 71 24.40 -26.47 78.96
N ALA BA 72 25.16 -26.09 79.99
CA ALA BA 72 24.70 -25.05 80.90
C ALA BA 72 24.59 -23.71 80.18
N ALA BA 73 25.55 -23.41 79.30
CA ALA BA 73 25.48 -22.16 78.54
C ALA BA 73 24.26 -22.14 77.62
N PHE BA 74 23.99 -23.25 76.93
CA PHE BA 74 22.80 -23.32 76.09
C PHE BA 74 21.52 -23.26 76.91
N THR BA 75 21.55 -23.87 78.11
CA THR BA 75 20.40 -23.81 79.00
C THR BA 75 20.12 -22.37 79.42
N LEU BA 76 21.17 -21.60 79.72
CA LEU BA 76 20.99 -20.23 80.15
C LEU BA 76 20.42 -19.37 79.03
N ILE BA 77 21.04 -19.43 77.84
CA ILE BA 77 20.70 -18.51 76.75
C ILE BA 77 19.24 -18.67 76.34
N SER BA 78 18.76 -19.91 76.31
CA SER BA 78 17.40 -20.20 75.85
C SER BA 78 16.37 -20.17 76.98
N MET BA 79 16.77 -19.74 78.17
CA MET BA 79 15.85 -19.77 79.31
C MET BA 79 14.70 -18.78 79.13
N TYR BA 80 14.94 -17.66 78.45
CA TYR BA 80 13.89 -16.64 78.30
C TYR BA 80 12.72 -17.17 77.49
N SER BA 81 12.98 -17.99 76.47
CA SER BA 81 11.92 -18.46 75.60
C SER BA 81 10.99 -19.42 76.33
N GLU BA 82 9.71 -19.36 75.96
CA GLU BA 82 8.72 -20.25 76.56
C GLU BA 82 8.93 -21.70 76.16
N ARG BA 83 9.55 -21.95 75.01
CA ARG BA 83 9.85 -23.30 74.54
C ARG BA 83 11.34 -23.36 74.22
N PRO BA 84 12.20 -23.50 75.24
CA PRO BA 84 13.64 -23.52 74.96
C PRO BA 84 14.08 -24.64 74.04
N GLY BA 85 13.41 -25.79 74.10
CA GLY BA 85 13.77 -26.88 73.21
C GLY BA 85 13.55 -26.55 71.75
N ALA BA 86 12.42 -25.89 71.46
CA ALA BA 86 12.14 -25.49 70.08
C ALA BA 86 13.13 -24.42 69.60
N LEU BA 87 13.48 -23.48 70.48
CA LEU BA 87 14.41 -22.42 70.09
C LEU BA 87 15.77 -22.97 69.74
N ILE BA 88 16.30 -23.87 70.56
CA ILE BA 88 17.62 -24.44 70.29
C ILE BA 88 17.60 -25.27 69.01
N ARG BA 89 16.57 -26.10 68.83
CA ARG BA 89 16.52 -26.98 67.68
C ARG BA 89 16.33 -26.22 66.38
N SER BA 90 15.61 -25.10 66.42
CA SER BA 90 15.32 -24.33 65.23
C SER BA 90 16.30 -23.19 64.99
N LEU BA 91 17.32 -23.06 65.83
CA LEU BA 91 18.33 -22.01 65.67
C LEU BA 91 19.72 -22.56 65.92
N LEU BA 92 19.98 -23.78 65.46
CA LEU BA 92 21.28 -24.42 65.62
C LEU BA 92 21.83 -24.75 64.24
N ASN BA 93 23.03 -24.25 63.95
CA ASN BA 93 23.71 -24.51 62.69
C ASN BA 93 25.17 -24.86 62.95
N ASP BA 94 25.41 -25.75 63.91
CA ASP BA 94 26.76 -26.14 64.30
C ASP BA 94 27.06 -27.55 63.80
N PRO BA 95 27.84 -27.71 62.73
CA PRO BA 95 28.24 -29.06 62.31
C PRO BA 95 29.16 -29.76 63.29
N ASP BA 96 29.83 -29.01 64.18
CA ASP BA 96 30.76 -29.62 65.11
C ASP BA 96 30.07 -30.44 66.18
N ILE BA 97 28.85 -30.06 66.56
CA ILE BA 97 28.18 -30.65 67.71
C ILE BA 97 26.80 -31.15 67.29
N GLU BA 98 26.31 -32.13 68.04
CA GLU BA 98 24.92 -32.56 67.98
C GLU BA 98 24.31 -32.36 69.35
N ALA BA 99 23.13 -31.75 69.38
CA ALA BA 99 22.47 -31.39 70.64
C ALA BA 99 21.35 -32.39 70.92
N VAL BA 100 21.41 -33.00 72.09
CA VAL BA 100 20.35 -33.89 72.57
C VAL BA 100 19.57 -33.13 73.64
N ILE BA 101 18.40 -32.62 73.26
CA ILE BA 101 17.60 -31.80 74.16
C ILE BA 101 16.96 -32.69 75.22
N ILE BA 102 17.09 -32.29 76.48
CA ILE BA 102 16.57 -33.04 77.61
C ILE BA 102 15.60 -32.16 78.38
N ASP BA 103 14.32 -32.55 78.37
CA ASP BA 103 13.33 -31.86 79.18
C ASP BA 103 13.53 -32.22 80.64
N VAL BA 104 13.65 -31.21 81.49
CA VAL BA 104 14.02 -31.44 82.88
C VAL BA 104 12.91 -32.17 83.63
N GLY BA 105 11.66 -31.72 83.45
CA GLY BA 105 10.54 -32.39 84.08
C GLY BA 105 10.21 -31.86 85.45
N SER BA 106 10.66 -32.56 86.49
CA SER BA 106 10.53 -32.09 87.86
C SER BA 106 11.87 -31.49 88.30
N MET BA 107 12.00 -31.12 89.57
CA MET BA 107 13.22 -30.48 90.04
C MET BA 107 13.53 -30.90 91.46
N LEU BA 108 14.62 -31.65 91.63
CA LEU BA 108 15.21 -31.92 92.92
C LEU BA 108 16.30 -30.87 93.20
N ASN BA 109 17.16 -31.14 94.19
CA ASN BA 109 18.30 -30.27 94.42
C ASN BA 109 19.16 -30.16 93.16
N GLY BA 110 19.46 -31.29 92.52
CA GLY BA 110 20.10 -31.28 91.22
C GLY BA 110 19.06 -31.32 90.12
N ILE BA 111 19.08 -32.36 89.29
CA ILE BA 111 18.01 -32.59 88.32
C ILE BA 111 17.56 -34.04 88.42
N PRO BA 112 16.25 -34.31 88.49
CA PRO BA 112 15.77 -35.69 88.45
C PRO BA 112 15.63 -36.16 87.01
N VAL BA 113 16.39 -37.20 86.65
CA VAL BA 113 16.30 -37.74 85.29
C VAL BA 113 14.92 -38.34 85.05
N MET BA 114 14.40 -39.08 86.03
CA MET BA 114 13.06 -39.66 85.98
C MET BA 114 12.87 -40.51 84.72
N GLU BA 115 13.81 -41.43 84.50
CA GLU BA 115 13.73 -42.33 83.35
C GLU BA 115 14.41 -43.64 83.74
N ARG BA 116 13.61 -44.64 84.11
CA ARG BA 116 14.10 -45.95 84.51
C ARG BA 116 15.12 -45.82 85.64
N ARG BA 117 14.63 -45.35 86.79
CA ARG BA 117 15.50 -45.12 87.94
C ARG BA 117 16.23 -46.40 88.34
N GLY BA 118 17.54 -46.27 88.55
CA GLY BA 118 18.40 -47.40 88.82
C GLY BA 118 19.15 -47.90 87.59
N ASP BA 119 18.53 -47.76 86.42
CA ASP BA 119 19.13 -48.21 85.17
C ASP BA 119 19.83 -47.03 84.51
N LYS BA 120 21.15 -46.95 84.69
CA LYS BA 120 21.99 -45.92 84.06
C LYS BA 120 21.52 -44.51 84.41
N ALA BA 121 21.00 -44.33 85.63
CA ALA BA 121 20.50 -43.02 86.04
C ALA BA 121 21.16 -42.55 87.33
N GLN BA 122 21.50 -43.48 88.22
CA GLN BA 122 22.08 -43.11 89.50
C GLN BA 122 23.43 -42.43 89.33
N GLU BA 123 24.25 -42.93 88.40
CA GLU BA 123 25.61 -42.39 88.24
C GLU BA 123 25.57 -40.93 87.79
N GLU BA 124 24.64 -40.60 86.90
CA GLU BA 124 24.49 -39.20 86.50
C GLU BA 124 24.06 -38.34 87.69
N MET BA 125 23.17 -38.87 88.53
CA MET BA 125 22.73 -38.12 89.71
C MET BA 125 23.88 -37.86 90.67
N GLU BA 126 24.71 -38.88 90.92
CA GLU BA 126 25.87 -38.67 91.78
C GLU BA 126 26.86 -37.70 91.14
N GLY BA 127 27.01 -37.75 89.81
CA GLY BA 127 27.92 -36.84 89.14
C GLY BA 127 27.51 -35.39 89.29
N LEU BA 128 26.20 -35.11 89.21
CA LEU BA 128 25.73 -33.73 89.33
C LEU BA 128 25.91 -33.19 90.74
N MET BA 129 25.70 -34.04 91.76
CA MET BA 129 26.00 -33.62 93.12
C MET BA 129 27.47 -33.31 93.30
N ARG BA 130 28.36 -34.06 92.64
CA ARG BA 130 29.77 -33.69 92.64
C ARG BA 130 29.97 -32.34 91.95
N ILE BA 131 29.22 -32.09 90.88
CA ILE BA 131 29.31 -30.81 90.19
C ILE BA 131 28.88 -29.68 91.12
N LEU BA 132 27.75 -29.86 91.81
CA LEU BA 132 27.24 -28.81 92.69
C LEU BA 132 28.15 -28.60 93.89
N LYS BA 133 28.63 -29.69 94.50
CA LYS BA 133 29.46 -29.56 95.69
C LYS BA 133 30.79 -28.89 95.37
N THR BA 134 31.43 -29.30 94.26
CA THR BA 134 32.69 -28.67 93.88
C THR BA 134 32.50 -27.21 93.52
N ALA BA 135 31.39 -26.87 92.86
CA ALA BA 135 31.15 -25.48 92.48
C ALA BA 135 31.01 -24.59 93.70
N ARG BA 136 30.27 -25.06 94.71
CA ARG BA 136 30.08 -24.25 95.91
C ARG BA 136 31.35 -24.18 96.74
N GLU BA 137 32.09 -25.29 96.82
CA GLU BA 137 33.32 -25.31 97.61
C GLU BA 137 34.47 -24.57 96.94
N SER BA 138 34.45 -24.48 95.61
CA SER BA 138 35.57 -23.86 94.89
C SER BA 138 35.74 -22.40 95.30
N SER BA 139 34.66 -21.62 95.24
CA SER BA 139 34.73 -20.25 95.71
C SER BA 139 34.73 -20.22 97.24
N LYS BA 140 35.12 -19.07 97.80
CA LYS BA 140 35.20 -18.90 99.25
C LYS BA 140 33.81 -18.62 99.82
N GLY BA 141 32.88 -19.53 99.51
CA GLY BA 141 31.50 -19.33 99.90
C GLY BA 141 30.77 -18.25 99.13
N LYS BA 142 31.37 -17.75 98.06
CA LYS BA 142 30.81 -16.63 97.31
C LYS BA 142 29.81 -17.14 96.29
N THR BA 143 28.59 -16.60 96.35
CA THR BA 143 27.57 -16.93 95.37
C THR BA 143 27.91 -16.28 94.02
N PRO BA 144 27.36 -16.81 92.93
CA PRO BA 144 27.60 -16.18 91.62
C PRO BA 144 27.14 -14.73 91.56
N PHE BA 145 26.07 -14.38 92.27
CA PHE BA 145 25.57 -13.03 92.28
C PHE BA 145 26.38 -12.16 93.22
N VAL BA 146 26.43 -10.85 92.90
CA VAL BA 146 27.12 -9.91 93.78
C VAL BA 146 26.41 -9.74 95.10
N ASP BA 147 25.15 -10.16 95.20
CA ASP BA 147 24.38 -10.12 96.43
C ASP BA 147 24.14 -11.54 96.91
N SER BA 148 24.54 -11.83 98.15
CA SER BA 148 24.39 -13.18 98.69
C SER BA 148 22.93 -13.57 98.82
N ARG BA 149 22.03 -12.59 99.00
CA ARG BA 149 20.62 -12.90 99.12
C ARG BA 149 20.00 -13.30 97.79
N ALA BA 150 20.63 -12.96 96.67
CA ALA BA 150 20.10 -13.30 95.36
C ALA BA 150 20.27 -14.77 95.01
N TYR BA 151 21.12 -15.49 95.73
CA TYR BA 151 21.33 -16.91 95.43
C TYR BA 151 20.29 -17.77 96.11
N GLY BA 152 20.21 -17.69 97.44
CA GLY BA 152 19.20 -18.43 98.18
C GLY BA 152 17.87 -17.69 98.21
N LEU BA 153 17.36 -17.32 97.04
CA LEU BA 153 16.13 -16.57 96.91
C LEU BA 153 15.04 -17.45 96.32
N ARG BA 154 13.86 -17.42 96.94
CA ARG BA 154 12.73 -18.19 96.47
C ARG BA 154 11.93 -17.36 95.46
N ILE BA 155 11.69 -17.94 94.29
CA ILE BA 155 10.93 -17.27 93.23
C ILE BA 155 9.69 -18.10 92.95
N THR BA 156 8.52 -17.47 93.11
CA THR BA 156 7.25 -18.09 92.75
C THR BA 156 6.41 -17.25 91.79
N ASP BA 157 6.77 -15.98 91.58
CA ASP BA 157 6.03 -15.11 90.69
C ASP BA 157 6.68 -15.07 89.32
N MET BA 158 5.86 -15.15 88.27
CA MET BA 158 6.38 -15.07 86.91
C MET BA 158 7.02 -13.72 86.65
N SER BA 159 6.46 -12.65 87.22
CA SER BA 159 7.00 -11.31 86.99
C SER BA 159 8.42 -11.19 87.52
N THR BA 160 8.67 -11.71 88.73
CA THR BA 160 10.01 -11.65 89.29
C THR BA 160 10.98 -12.51 88.49
N LEU BA 161 10.55 -13.69 88.07
CA LEU BA 161 11.44 -14.58 87.33
C LEU BA 161 11.88 -13.96 86.02
N VAL BA 162 10.94 -13.33 85.29
CA VAL BA 162 11.28 -12.72 84.02
C VAL BA 162 12.31 -11.63 84.19
N SER BA 163 12.13 -10.77 85.20
CA SER BA 163 13.12 -9.74 85.47
C SER BA 163 14.45 -10.36 85.89
N ALA BA 164 14.41 -11.38 86.74
CA ALA BA 164 15.63 -12.03 87.19
C ALA BA 164 16.37 -12.70 86.04
N VAL BA 165 15.63 -13.41 85.17
CA VAL BA 165 16.26 -14.12 84.07
C VAL BA 165 16.94 -13.15 83.11
N ILE BA 166 16.25 -12.07 82.75
CA ILE BA 166 16.77 -11.14 81.75
C ILE BA 166 18.08 -10.52 82.24
N THR BA 167 18.16 -10.21 83.53
CA THR BA 167 19.40 -9.67 84.08
C THR BA 167 20.55 -10.67 83.93
N ILE BA 168 20.28 -11.94 84.17
CA ILE BA 168 21.29 -12.97 83.94
C ILE BA 168 21.60 -13.08 82.46
N GLU BA 169 20.58 -13.04 81.61
CA GLU BA 169 20.80 -13.09 80.17
C GLU BA 169 21.57 -11.88 79.68
N ALA BA 170 21.19 -10.69 80.14
CA ALA BA 170 21.82 -9.47 79.64
C ALA BA 170 23.31 -9.44 80.01
N GLN BA 171 23.63 -9.82 81.24
CA GLN BA 171 25.03 -9.80 81.67
C GLN BA 171 25.87 -10.79 80.87
N ILE BA 172 25.30 -11.90 80.45
CA ILE BA 172 26.02 -12.85 79.61
C ILE BA 172 26.25 -12.25 78.23
N TRP BA 173 25.21 -11.66 77.64
CA TRP BA 173 25.33 -11.09 76.31
C TRP BA 173 26.26 -9.90 76.23
N ILE BA 174 26.63 -9.30 77.37
CA ILE BA 174 27.62 -8.23 77.35
C ILE BA 174 28.98 -8.77 76.94
N LEU BA 175 29.30 -10.00 77.35
CA LEU BA 175 30.64 -10.54 77.15
C LEU BA 175 30.97 -10.84 75.70
N ILE BA 176 29.97 -11.13 74.87
CA ILE BA 176 30.24 -11.57 73.50
C ILE BA 176 30.91 -10.46 72.69
N ALA BA 177 30.70 -9.20 73.04
CA ALA BA 177 31.26 -8.11 72.27
C ALA BA 177 32.78 -8.15 72.26
N LYS BA 178 33.39 -8.41 73.42
CA LYS BA 178 34.84 -8.44 73.57
C LYS BA 178 35.29 -9.74 74.22
N ALA BA 179 34.79 -10.86 73.72
CA ALA BA 179 35.17 -12.17 74.25
C ALA BA 179 36.35 -12.77 73.50
N VAL BA 180 36.44 -12.53 72.20
CA VAL BA 180 37.51 -13.08 71.38
C VAL BA 180 38.49 -12.02 70.88
N THR BA 181 38.06 -10.77 70.76
CA THR BA 181 38.96 -9.72 70.28
C THR BA 181 40.02 -9.41 71.33
N ALA BA 182 39.60 -8.96 72.51
CA ALA BA 182 40.53 -8.66 73.61
C ALA BA 182 39.82 -8.96 74.93
N PRO BA 183 39.69 -10.24 75.27
CA PRO BA 183 39.00 -10.58 76.53
C PRO BA 183 39.69 -10.04 77.76
N ASP BA 184 41.02 -9.95 77.76
CA ASP BA 184 41.73 -9.46 78.94
C ASP BA 184 41.45 -7.98 79.17
N THR BA 185 41.41 -7.19 78.11
CA THR BA 185 41.19 -5.76 78.21
C THR BA 185 39.71 -5.40 78.39
N ALA BA 186 38.88 -6.37 78.75
CA ALA BA 186 37.45 -6.14 78.96
C ALA BA 186 37.24 -5.57 80.36
N GLU BA 187 35.98 -5.59 80.81
CA GLU BA 187 35.48 -5.12 82.10
C GLU BA 187 35.41 -3.60 82.17
N GLU BA 188 35.90 -2.87 81.17
CA GLU BA 188 35.69 -1.42 81.09
C GLU BA 188 34.44 -1.09 80.29
N SER BA 189 34.38 -1.55 79.03
CA SER BA 189 33.16 -1.40 78.25
C SER BA 189 32.03 -2.25 78.82
N GLU BA 190 32.36 -3.44 79.33
CA GLU BA 190 31.34 -4.31 79.89
C GLU BA 190 30.64 -3.65 81.07
N THR BA 191 31.40 -3.01 81.96
CA THR BA 191 30.79 -2.25 83.03
C THR BA 191 30.01 -1.07 82.49
N ARG BA 192 30.50 -0.45 81.41
CA ARG BA 192 29.78 0.65 80.78
C ARG BA 192 28.47 0.16 80.18
N ARG BA 193 28.47 -1.02 79.55
CA ARG BA 193 27.24 -1.56 79.01
C ARG BA 193 26.24 -1.87 80.12
N TRP BA 194 26.72 -2.46 81.22
CA TRP BA 194 25.85 -2.77 82.34
C TRP BA 194 25.28 -1.50 82.96
N ALA BA 195 26.10 -0.46 83.10
CA ALA BA 195 25.63 0.79 83.68
C ALA BA 195 24.54 1.43 82.82
N LYS BA 196 24.68 1.33 81.49
CA LYS BA 196 23.69 1.93 80.61
C LYS BA 196 22.32 1.30 80.80
N TYR BA 197 22.27 -0.03 80.86
CA TYR BA 197 20.99 -0.71 81.01
C TYR BA 197 20.39 -0.52 82.40
N VAL BA 198 21.24 -0.38 83.42
CA VAL BA 198 20.74 -0.09 84.76
C VAL BA 198 20.06 1.27 84.79
N GLN BA 199 20.67 2.27 84.17
CA GLN BA 199 20.05 3.60 84.13
C GLN BA 199 18.77 3.61 83.32
N GLN BA 200 18.68 2.73 82.31
CA GLN BA 200 17.46 2.58 81.53
C GLN BA 200 16.40 1.75 82.25
N LYS BA 201 16.75 1.17 83.40
CA LYS BA 201 15.85 0.34 84.20
C LYS BA 201 15.37 -0.89 83.44
N ARG BA 202 16.09 -1.30 82.39
CA ARG BA 202 15.75 -2.52 81.69
C ARG BA 202 16.13 -3.76 82.49
N VAL BA 203 17.18 -3.65 83.31
CA VAL BA 203 17.67 -4.76 84.12
C VAL BA 203 17.60 -4.37 85.58
N ASN BA 204 17.09 -5.28 86.40
CA ASN BA 204 17.05 -5.06 87.84
C ASN BA 204 18.43 -5.36 88.43
N PRO BA 205 19.09 -4.39 89.04
CA PRO BA 205 20.49 -4.60 89.48
C PRO BA 205 20.64 -5.57 90.64
N PHE BA 206 19.54 -6.05 91.22
CA PHE BA 206 19.66 -6.99 92.33
C PHE BA 206 20.32 -8.30 91.88
N PHE BA 207 19.96 -8.79 90.69
CA PHE BA 207 20.56 -10.01 90.14
C PHE BA 207 21.75 -9.62 89.28
N ALA BA 208 22.85 -9.28 89.96
CA ALA BA 208 24.10 -8.92 89.29
C ALA BA 208 25.16 -9.95 89.66
N LEU BA 209 25.67 -10.65 88.66
CA LEU BA 209 26.69 -11.66 88.89
C LEU BA 209 28.03 -11.00 89.20
N THR BA 210 28.80 -11.64 90.07
CA THR BA 210 30.10 -11.11 90.44
C THR BA 210 31.08 -11.22 89.28
N GLN BA 211 32.14 -10.41 89.35
CA GLN BA 211 33.13 -10.42 88.26
C GLN BA 211 33.94 -11.71 88.24
N GLN BA 212 34.01 -12.43 89.37
CA GLN BA 212 34.66 -13.73 89.37
C GLN BA 212 33.93 -14.71 88.47
N TRP BA 213 32.59 -14.72 88.57
CA TRP BA 213 31.80 -15.61 87.72
C TRP BA 213 31.84 -15.17 86.27
N LEU BA 214 31.81 -13.86 86.03
CA LEU BA 214 31.83 -13.36 84.66
C LEU BA 214 33.13 -13.73 83.96
N THR BA 215 34.25 -13.66 84.67
CA THR BA 215 35.52 -14.09 84.09
C THR BA 215 35.50 -15.56 83.73
N GLU BA 216 34.94 -16.39 84.61
CA GLU BA 216 34.84 -17.82 84.33
C GLU BA 216 33.97 -18.09 83.11
N MET BA 217 32.84 -17.39 83.00
CA MET BA 217 31.95 -17.60 81.86
C MET BA 217 32.57 -17.07 80.58
N ARG BA 218 33.24 -15.90 80.65
CA ARG BA 218 33.88 -15.36 79.46
C ARG BA 218 34.99 -16.27 78.96
N ASN BA 219 35.73 -16.90 79.89
CA ASN BA 219 36.75 -17.86 79.48
C ASN BA 219 36.13 -19.04 78.76
N LEU BA 220 34.99 -19.54 79.25
CA LEU BA 220 34.27 -20.60 78.54
C LEU BA 220 33.77 -20.11 77.19
N LEU BA 221 33.27 -18.88 77.13
CA LEU BA 221 32.72 -18.36 75.89
C LEU BA 221 33.79 -18.18 74.82
N SER BA 222 35.01 -17.81 75.23
CA SER BA 222 36.08 -17.62 74.26
C SER BA 222 36.62 -18.96 73.76
N GLN BA 223 36.73 -19.95 74.65
CA GLN BA 223 37.29 -21.24 74.27
C GLN BA 223 36.41 -21.95 73.24
N SER BA 224 35.10 -21.92 73.44
CA SER BA 224 34.16 -22.72 72.66
C SER BA 224 33.57 -21.92 71.51
N LEU BA 225 33.63 -22.49 70.31
CA LEU BA 225 33.01 -21.91 69.13
C LEU BA 225 31.55 -22.30 68.98
N SER BA 226 31.14 -23.45 69.52
CA SER BA 226 29.75 -23.88 69.41
C SER BA 226 28.81 -22.91 70.10
N VAL BA 227 29.18 -22.44 71.29
CA VAL BA 227 28.35 -21.46 72.00
C VAL BA 227 28.28 -20.15 71.21
N ARG BA 228 29.43 -19.71 70.68
CA ARG BA 228 29.47 -18.46 69.93
C ARG BA 228 28.56 -18.53 68.70
N LYS BA 229 28.58 -19.67 67.99
CA LYS BA 229 27.75 -19.81 66.80
C LYS BA 229 26.27 -19.71 67.15
N PHE BA 230 25.87 -20.29 68.29
CA PHE BA 230 24.47 -20.23 68.68
C PHE BA 230 24.02 -18.81 68.96
N MET BA 231 24.83 -18.04 69.70
CA MET BA 231 24.45 -16.67 70.03
C MET BA 231 24.55 -15.75 68.82
N VAL BA 232 25.45 -16.05 67.88
CA VAL BA 232 25.49 -15.28 66.64
C VAL BA 232 24.25 -15.57 65.81
N GLU BA 233 23.82 -16.85 65.78
CA GLU BA 233 22.61 -17.21 65.06
C GLU BA 233 21.39 -16.51 65.65
N ILE BA 234 21.32 -16.42 66.98
CA ILE BA 234 20.24 -15.67 67.61
C ILE BA 234 20.28 -14.22 67.20
N LEU BA 235 21.48 -13.63 67.14
CA LEU BA 235 21.60 -12.22 66.76
C LEU BA 235 21.07 -11.96 65.36
N MET BA 236 21.41 -12.83 64.41
CA MET BA 236 20.94 -12.64 63.03
C MET BA 236 19.43 -12.77 62.94
N GLU BA 237 18.85 -13.79 63.59
CA GLU BA 237 17.41 -13.98 63.54
C GLU BA 237 16.67 -12.84 64.24
N VAL BA 238 17.18 -12.39 65.38
CA VAL BA 238 16.56 -11.28 66.10
C VAL BA 238 16.68 -10.00 65.28
N LYS BA 239 17.82 -9.81 64.59
CA LYS BA 239 18.01 -8.64 63.76
C LYS BA 239 16.94 -8.50 62.69
N LYS BA 240 16.52 -9.62 62.10
CA LYS BA 240 15.47 -9.61 61.09
C LYS BA 240 14.17 -9.12 61.72
N GLY BA 241 13.71 -7.94 61.30
CA GLY BA 241 12.48 -7.39 61.82
C GLY BA 241 11.25 -8.02 61.18
N GLY BA 242 10.09 -7.54 61.61
CA GLY BA 242 8.83 -8.01 61.06
C GLY BA 242 7.83 -8.43 62.12
N SER BA 243 8.31 -9.00 63.21
CA SER BA 243 7.47 -9.49 64.29
C SER BA 243 7.68 -8.65 65.54
N ALA BA 244 6.77 -8.81 66.50
CA ALA BA 244 6.87 -8.09 67.76
C ALA BA 244 8.06 -8.61 68.57
N LYS BA 245 8.77 -7.69 69.20
CA LYS BA 245 9.96 -8.02 69.98
C LYS BA 245 9.65 -7.86 71.46
N GLY BA 246 9.96 -8.89 72.24
CA GLY BA 246 9.78 -8.84 73.67
C GLY BA 246 10.93 -8.14 74.38
N ARG BA 247 10.80 -8.03 75.70
CA ARG BA 247 11.84 -7.37 76.49
C ARG BA 247 13.17 -8.12 76.39
N ALA BA 248 13.13 -9.45 76.40
CA ALA BA 248 14.35 -10.23 76.26
C ALA BA 248 14.98 -10.03 74.89
N VAL BA 249 14.15 -10.01 73.83
CA VAL BA 249 14.68 -9.88 72.48
C VAL BA 249 15.22 -8.48 72.24
N GLU BA 250 14.52 -7.46 72.75
CA GLU BA 250 14.94 -6.08 72.52
C GLU BA 250 16.31 -5.82 73.13
N ILE BA 251 16.57 -6.36 74.32
CA ILE BA 251 17.88 -6.23 74.93
C ILE BA 251 18.94 -6.91 74.09
N ILE BA 252 18.63 -8.11 73.58
CA ILE BA 252 19.58 -8.85 72.76
C ILE BA 252 19.90 -8.08 71.48
N SER BA 253 18.88 -7.54 70.82
CA SER BA 253 19.10 -6.76 69.61
C SER BA 253 19.88 -5.49 69.90
N ASP BA 254 19.59 -4.83 71.02
CA ASP BA 254 20.35 -3.64 71.39
C ASP BA 254 21.81 -3.97 71.66
N ILE BA 255 22.06 -5.10 72.32
CA ILE BA 255 23.44 -5.54 72.54
C ILE BA 255 24.09 -5.91 71.22
N GLY BA 256 23.32 -6.48 70.28
CA GLY BA 256 23.88 -6.85 69.00
C GLY BA 256 24.39 -5.67 68.19
N ASN BA 257 23.94 -4.46 68.53
CA ASN BA 257 24.46 -3.27 67.86
C ASN BA 257 25.95 -3.10 68.14
N TYR BA 258 26.36 -3.32 69.39
CA TYR BA 258 27.78 -3.24 69.74
C TYR BA 258 28.56 -4.44 69.24
N VAL BA 259 27.90 -5.59 69.10
CA VAL BA 259 28.59 -6.81 68.69
C VAL BA 259 28.99 -6.75 67.22
N GLU BA 260 28.18 -6.09 66.39
CA GLU BA 260 28.42 -6.10 64.95
C GLU BA 260 29.77 -5.50 64.61
N GLU BA 261 30.40 -6.06 63.58
CA GLU BA 261 31.66 -5.55 63.03
C GLU BA 261 32.78 -5.55 64.06
N THR BA 262 32.69 -6.41 65.07
CA THR BA 262 33.74 -6.49 66.08
C THR BA 262 35.00 -7.14 65.51
N GLY BA 263 36.13 -6.79 66.10
CA GLY BA 263 37.40 -7.38 65.70
C GLY BA 263 37.86 -7.06 64.30
N MET BA 264 37.28 -6.04 63.67
CA MET BA 264 37.64 -5.64 62.31
C MET BA 264 37.77 -4.14 62.22
N ALA BA 265 38.31 -3.50 63.26
CA ALA BA 265 38.48 -2.06 63.24
C ALA BA 265 39.51 -1.62 62.21
N GLY BA 266 40.53 -2.45 61.96
CA GLY BA 266 41.54 -2.08 60.99
C GLY BA 266 40.98 -1.90 59.60
N PHE BA 267 40.06 -2.77 59.20
CA PHE BA 267 39.45 -2.67 57.88
C PHE BA 267 38.49 -1.50 57.81
N PHE BA 268 37.64 -1.33 58.81
CA PHE BA 268 36.58 -0.33 58.74
C PHE BA 268 37.12 1.08 58.98
N ALA BA 269 38.17 1.21 59.79
CA ALA BA 269 38.81 2.51 59.94
C ALA BA 269 39.40 2.97 58.61
N THR BA 270 39.98 2.04 57.84
CA THR BA 270 40.48 2.36 56.52
C THR BA 270 39.35 2.84 55.61
N ILE BA 271 38.19 2.18 55.69
CA ILE BA 271 37.05 2.58 54.86
C ILE BA 271 36.55 3.96 55.27
N ARG BA 272 36.38 4.16 56.58
CA ARG BA 272 35.78 5.40 57.05
C ARG BA 272 36.74 6.58 56.92
N PHE BA 273 38.00 6.39 57.32
CA PHE BA 273 38.96 7.49 57.39
C PHE BA 273 39.86 7.57 56.16
N GLY BA 274 40.56 6.47 55.86
CA GLY BA 274 41.51 6.49 54.76
C GLY BA 274 40.86 6.69 53.40
N LEU BA 275 39.78 5.95 53.13
CA LEU BA 275 39.15 6.02 51.82
C LEU BA 275 38.18 7.19 51.73
N GLU BA 276 37.16 7.20 52.58
CA GLU BA 276 36.25 8.34 52.62
C GLU BA 276 36.97 9.55 53.21
N THR BA 277 36.25 10.66 53.33
CA THR BA 277 36.84 11.95 53.69
C THR BA 277 38.01 12.25 52.75
N ARG BA 278 37.66 12.42 51.47
CA ARG BA 278 38.63 12.44 50.38
C ARG BA 278 39.69 13.51 50.58
N TYR BA 279 40.93 13.08 50.79
CA TYR BA 279 42.07 13.96 50.99
C TYR BA 279 42.90 14.01 49.72
N PRO BA 280 43.35 15.19 49.31
CA PRO BA 280 44.17 15.30 48.08
C PRO BA 280 45.46 14.46 48.11
N ALA BA 281 45.81 13.86 49.24
CA ALA BA 281 47.00 13.03 49.35
C ALA BA 281 46.72 11.55 49.07
N LEU BA 282 45.60 11.24 48.42
CA LEU BA 282 45.23 9.84 48.18
C LEU BA 282 45.96 9.26 46.97
N ALA BA 283 45.72 9.82 45.79
CA ALA BA 283 46.37 9.36 44.57
C ALA BA 283 47.82 9.83 44.59
N LEU BA 284 48.74 8.94 45.00
CA LEU BA 284 50.14 9.34 45.14
C LEU BA 284 51.14 8.29 44.62
N ASN BA 285 50.68 7.31 43.86
CA ASN BA 285 51.45 6.19 43.30
C ASN BA 285 51.93 5.15 44.31
N GLU BA 286 51.46 5.16 45.56
CA GLU BA 286 51.65 4.02 46.45
C GLU BA 286 50.37 3.49 47.07
N PHE BA 287 49.23 4.14 46.81
CA PHE BA 287 47.95 3.73 47.37
C PHE BA 287 47.03 3.09 46.34
N GLN BA 288 47.36 3.16 45.05
CA GLN BA 288 46.48 2.59 44.04
C GLN BA 288 46.36 1.07 44.20
N SER BA 289 47.43 0.42 44.62
CA SER BA 289 47.36 -1.02 44.90
C SER BA 289 46.43 -1.28 46.08
N ASP BA 290 46.60 -0.53 47.16
CA ASP BA 290 45.75 -0.70 48.34
C ASP BA 290 44.30 -0.31 48.03
N LEU BA 291 44.12 0.75 47.24
CA LEU BA 291 42.77 1.15 46.86
C LEU BA 291 42.08 0.06 46.05
N ASN BA 292 42.81 -0.57 45.12
CA ASN BA 292 42.25 -1.67 44.35
C ASN BA 292 41.88 -2.85 45.26
N THR BA 293 42.77 -3.18 46.20
CA THR BA 293 42.48 -4.30 47.12
C THR BA 293 41.27 -3.99 47.98
N ILE BA 294 41.16 -2.76 48.47
CA ILE BA 294 40.02 -2.36 49.28
C ILE BA 294 38.73 -2.46 48.48
N LYS BA 295 38.78 -2.08 47.20
CA LYS BA 295 37.60 -2.18 46.34
C LYS BA 295 37.13 -3.62 46.21
N GLY BA 296 38.06 -4.55 46.03
CA GLY BA 296 37.69 -5.95 45.96
C GLY BA 296 37.12 -6.46 47.27
N LEU BA 297 37.63 -5.95 48.39
CA LEU BA 297 37.15 -6.40 49.70
C LEU BA 297 35.69 -6.03 49.91
N MET BA 298 35.27 -4.86 49.43
CA MET BA 298 33.88 -4.45 49.55
C MET BA 298 32.96 -5.43 48.82
N LEU BA 299 33.36 -5.86 47.62
CA LEU BA 299 32.58 -6.86 46.90
C LEU BA 299 32.55 -8.18 47.67
N LEU BA 300 33.68 -8.58 48.24
CA LEU BA 300 33.73 -9.80 49.03
C LEU BA 300 32.83 -9.70 50.26
N TYR BA 301 32.86 -8.56 50.93
CA TYR BA 301 32.02 -8.37 52.12
C TYR BA 301 30.54 -8.45 51.76
N ARG BA 302 30.16 -7.86 50.63
CA ARG BA 302 28.78 -7.96 50.17
C ARG BA 302 28.43 -9.39 49.75
N GLU BA 303 29.40 -10.13 49.21
CA GLU BA 303 29.15 -11.49 48.75
C GLU BA 303 29.01 -12.48 49.89
N ILE BA 304 29.59 -12.20 51.06
CA ILE BA 304 29.58 -13.17 52.16
C ILE BA 304 28.16 -13.44 52.62
N GLY BA 305 27.39 -12.40 52.87
CA GLY BA 305 26.02 -12.54 53.29
C GLY BA 305 25.74 -11.91 54.64
N PRO BA 306 24.67 -12.35 55.29
CA PRO BA 306 24.31 -11.76 56.60
C PRO BA 306 25.28 -12.10 57.72
N ARG BA 307 26.20 -13.03 57.52
CA ARG BA 307 27.18 -13.39 58.53
C ARG BA 307 28.43 -12.52 58.47
N ALA BA 308 28.48 -11.55 57.55
CA ALA BA 308 29.68 -10.75 57.37
C ALA BA 308 30.07 -9.95 58.62
N PRO BA 309 29.18 -9.20 59.28
CA PRO BA 309 29.62 -8.44 60.46
C PRO BA 309 30.15 -9.32 61.58
N TYR BA 310 29.54 -10.48 61.79
CA TYR BA 310 30.00 -11.42 62.81
C TYR BA 310 30.98 -12.43 62.22
N MET BA 311 32.01 -11.94 61.54
CA MET BA 311 32.98 -12.83 60.90
C MET BA 311 34.09 -13.26 61.86
N VAL BA 312 34.54 -12.37 62.73
CA VAL BA 312 35.55 -12.73 63.72
C VAL BA 312 34.97 -13.70 64.73
N LEU BA 313 33.71 -13.51 65.11
CA LEU BA 313 33.08 -14.38 66.10
C LEU BA 313 33.00 -15.82 65.60
N LEU BA 314 32.62 -16.00 64.34
CA LEU BA 314 32.57 -17.35 63.77
C LEU BA 314 33.93 -17.83 63.28
N GLU BA 315 34.96 -16.98 63.36
CA GLU BA 315 36.32 -17.34 62.99
C GLU BA 315 36.41 -17.82 61.54
N GLU BA 316 35.70 -17.13 60.65
CA GLU BA 316 35.75 -17.46 59.23
C GLU BA 316 37.15 -17.23 58.68
N SER BA 317 37.57 -18.10 57.77
CA SER BA 317 38.86 -17.94 57.12
C SER BA 317 38.90 -16.74 56.20
N ILE BA 318 37.74 -16.26 55.75
CA ILE BA 318 37.68 -15.08 54.89
C ILE BA 318 38.18 -13.86 55.64
N GLN BA 319 38.12 -13.88 56.97
CA GLN BA 319 38.50 -12.70 57.76
C GLN BA 319 39.97 -12.34 57.59
N THR BA 320 40.84 -13.35 57.44
CA THR BA 320 42.28 -13.07 57.32
C THR BA 320 42.56 -12.19 56.12
N LYS BA 321 41.82 -12.38 55.02
CA LYS BA 321 41.99 -11.52 53.85
C LYS BA 321 41.57 -10.09 54.14
N PHE BA 322 40.66 -9.89 55.09
CA PHE BA 322 40.21 -8.55 55.44
C PHE BA 322 41.19 -7.81 56.34
N ALA BA 323 42.03 -8.53 57.06
CA ALA BA 323 42.90 -7.90 58.05
C ALA BA 323 43.95 -7.03 57.38
N PRO BA 324 44.35 -5.93 58.01
CA PRO BA 324 45.47 -5.15 57.48
C PRO BA 324 46.74 -5.96 57.46
N GLY BA 325 47.53 -5.77 56.41
CA GLY BA 325 48.69 -6.60 56.15
C GLY BA 325 48.77 -6.91 54.68
N GLY BA 326 47.60 -7.00 54.05
CA GLY BA 326 47.51 -7.01 52.59
C GLY BA 326 47.40 -5.64 51.98
N TYR BA 327 47.13 -4.62 52.81
CA TYR BA 327 47.13 -3.22 52.37
C TYR BA 327 47.73 -2.34 53.46
N PRO BA 328 48.96 -2.64 53.88
CA PRO BA 328 49.53 -1.91 55.02
C PRO BA 328 49.71 -0.42 54.78
N LEU BA 329 49.98 -0.01 53.54
CA LEU BA 329 50.30 1.38 53.27
C LEU BA 329 49.09 2.28 53.50
N LEU BA 330 47.94 1.92 52.91
CA LEU BA 330 46.74 2.73 53.10
C LEU BA 330 46.25 2.65 54.53
N TRP BA 331 46.32 1.47 55.14
CA TRP BA 331 45.90 1.33 56.54
C TRP BA 331 46.73 2.22 57.45
N SER BA 332 48.05 2.26 57.21
CA SER BA 332 48.90 3.15 57.98
C SER BA 332 48.50 4.61 57.79
N PHE BA 333 48.21 4.99 56.55
CA PHE BA 333 47.70 6.34 56.29
C PHE BA 333 46.33 6.53 56.94
N ALA BA 334 45.49 5.50 56.88
CA ALA BA 334 44.14 5.63 57.43
C ALA BA 334 44.15 5.86 58.93
N MET BA 335 44.97 5.11 59.67
CA MET BA 335 45.07 5.35 61.10
C MET BA 335 45.85 6.61 61.41
N GLY BA 336 46.59 7.12 60.43
CA GLY BA 336 47.25 8.41 60.62
C GLY BA 336 46.25 9.54 60.80
N VAL BA 337 45.21 9.56 59.96
CA VAL BA 337 44.18 10.58 60.11
C VAL BA 337 43.19 10.19 61.20
N ALA BA 338 43.12 8.90 61.54
CA ALA BA 338 42.13 8.45 62.52
C ALA BA 338 42.46 8.97 63.92
N THR BA 339 43.72 8.83 64.35
CA THR BA 339 44.09 9.27 65.68
C THR BA 339 43.95 10.77 65.86
N THR BA 340 44.17 11.53 64.78
CA THR BA 340 44.07 12.98 64.87
C THR BA 340 42.62 13.46 64.90
N ILE BA 341 41.72 12.80 64.17
CA ILE BA 341 40.35 13.26 64.04
C ILE BA 341 39.50 12.72 65.18
N ASP BA 342 39.50 11.40 65.37
CA ASP BA 342 38.69 10.76 66.39
C ASP BA 342 39.49 10.64 67.68
N ARG BA 343 39.05 11.33 68.73
CA ARG BA 343 39.76 11.29 70.00
C ARG BA 343 39.75 9.88 70.59
N SER BA 344 38.61 9.19 70.49
CA SER BA 344 38.53 7.82 71.01
C SER BA 344 39.47 6.90 70.27
N MET BA 345 39.56 7.04 68.95
CA MET BA 345 40.53 6.28 68.18
C MET BA 345 41.93 6.72 68.56
N GLY BA 346 42.72 5.79 69.06
CA GLY BA 346 44.01 6.10 69.65
C GLY BA 346 44.27 5.21 70.84
N ALA BA 347 43.18 4.72 71.44
CA ALA BA 347 43.27 3.63 72.40
C ALA BA 347 43.39 2.28 71.71
N LEU BA 348 43.23 2.25 70.39
CA LEU BA 348 43.41 1.01 69.64
C LEU BA 348 44.87 0.61 69.61
N ASN BA 349 45.12 -0.69 69.67
CA ASN BA 349 46.47 -1.24 69.66
C ASN BA 349 46.86 -1.52 68.22
N ILE BA 350 47.83 -0.76 67.70
CA ILE BA 350 48.23 -0.88 66.29
C ILE BA 350 49.74 -1.09 66.18
N ASN BA 351 50.34 -1.71 67.19
CA ASN BA 351 51.78 -1.95 67.19
C ASN BA 351 52.13 -3.18 66.34
N ARG BA 352 51.75 -3.11 65.07
CA ARG BA 352 51.99 -4.20 64.13
C ARG BA 352 53.38 -4.09 63.52
N GLY BA 353 53.74 -5.10 62.73
CA GLY BA 353 55.03 -5.15 62.07
C GLY BA 353 55.10 -4.45 60.74
N TYR BA 354 54.02 -3.81 60.30
CA TYR BA 354 53.96 -3.10 59.02
C TYR BA 354 53.40 -1.71 59.22
N LEU BA 355 53.90 -1.01 60.25
CA LEU BA 355 53.35 0.29 60.60
C LEU BA 355 53.68 1.35 59.57
N GLU BA 356 54.89 1.31 59.00
CA GLU BA 356 55.34 2.28 58.00
C GLU BA 356 55.13 3.70 58.50
N PRO BA 357 55.95 4.17 59.46
CA PRO BA 357 55.70 5.48 60.06
C PRO BA 357 55.69 6.64 59.07
N MET BA 358 56.41 6.52 57.96
CA MET BA 358 56.44 7.60 56.98
C MET BA 358 55.05 7.89 56.44
N TYR BA 359 54.30 6.83 56.13
CA TYR BA 359 52.93 7.03 55.66
C TYR BA 359 52.00 7.39 56.82
N PHE BA 360 52.31 6.92 58.02
CA PHE BA 360 51.56 7.36 59.20
C PHE BA 360 51.73 8.86 59.44
N ARG BA 361 52.96 9.36 59.29
CA ARG BA 361 53.19 10.79 59.47
C ARG BA 361 52.44 11.60 58.42
N LEU BA 362 52.40 11.12 57.18
CA LEU BA 362 51.69 11.84 56.13
C LEU BA 362 50.20 11.93 56.44
N GLY BA 363 49.63 10.87 57.01
CA GLY BA 363 48.24 10.93 57.44
C GLY BA 363 48.03 11.96 58.54
N GLN BA 364 48.97 12.03 59.49
CA GLN BA 364 48.88 13.04 60.54
C GLN BA 364 48.92 14.45 59.96
N LYS BA 365 49.81 14.67 58.99
CA LYS BA 365 49.85 15.97 58.33
C LYS BA 365 48.63 16.19 57.45
N SER BA 366 48.05 15.12 56.93
CA SER BA 366 46.90 15.26 56.04
C SER BA 366 45.69 15.85 56.77
N ALA BA 367 45.47 15.45 58.02
CA ALA BA 367 44.30 15.92 58.76
C ALA BA 367 44.36 17.44 59.00
N ARG BA 368 45.52 17.96 59.38
CA ARG BA 368 45.64 19.35 59.81
C ARG BA 368 46.49 20.18 58.85
N HIS BA 369 47.74 19.77 58.59
CA HIS BA 369 48.69 20.61 57.87
C HIS BA 369 48.51 20.57 56.37
N HIS BA 370 47.66 19.69 55.84
CA HIS BA 370 47.59 19.51 54.39
C HIS BA 370 46.85 20.68 53.75
N ALA BA 371 45.56 20.82 54.05
CA ALA BA 371 44.73 21.87 53.48
C ALA BA 371 43.37 21.82 54.16
N GLY BA 372 42.54 22.83 53.87
CA GLY BA 372 41.18 22.83 54.38
C GLY BA 372 40.33 21.72 53.80
N GLY BA 373 40.49 21.44 52.51
CA GLY BA 373 39.77 20.35 51.89
C GLY BA 373 38.34 20.65 51.53
N ILE BA 374 38.12 21.61 50.62
CA ILE BA 374 36.78 21.92 50.16
C ILE BA 374 36.44 21.00 49.00
N ASP BA 375 35.40 20.18 49.18
CA ASP BA 375 34.97 19.22 48.18
C ASP BA 375 34.00 19.94 47.24
N GLN BA 376 33.59 19.26 46.17
CA GLN BA 376 32.67 19.84 45.20
C GLN BA 376 31.41 20.36 45.88
N ASN BA 377 31.13 21.65 45.69
CA ASN BA 377 30.06 22.35 46.37
C ASN BA 377 28.85 22.45 45.46
N MET BA 378 27.75 21.78 45.84
CA MET BA 378 26.50 21.94 45.12
C MET BA 378 26.00 23.37 45.21
N ALA BA 379 26.09 23.98 46.39
CA ALA BA 379 25.79 25.39 46.56
C ALA BA 379 27.02 26.22 46.18
N ASN BA 380 26.81 27.19 45.30
CA ASN BA 380 27.93 27.99 44.78
C ASN BA 380 28.27 29.08 45.79
N LYS BA 381 29.38 28.91 46.48
CA LYS BA 381 29.85 29.88 47.47
C LYS BA 381 31.06 30.62 46.88
N LEU BA 382 30.76 31.69 46.14
CA LEU BA 382 31.81 32.45 45.47
C LEU BA 382 32.68 33.22 46.46
N GLY BA 383 32.13 33.56 47.62
CA GLY BA 383 32.86 34.31 48.62
C GLY BA 383 33.47 33.44 49.70
N LEU BA 384 33.62 32.15 49.41
CA LEU BA 384 34.09 31.18 50.39
C LEU BA 384 35.61 31.09 50.46
N ASN BA 385 36.32 31.92 49.69
CA ASN BA 385 37.79 31.92 49.77
C ASN BA 385 38.25 32.33 51.16
N SER BA 386 37.64 33.36 51.73
CA SER BA 386 37.97 33.76 53.10
C SER BA 386 37.36 32.80 54.12
N ASP BA 387 36.22 32.19 53.77
CA ASP BA 387 35.61 31.21 54.68
C ASP BA 387 36.53 30.03 54.93
N GLN BA 388 37.23 29.57 53.89
CA GLN BA 388 38.22 28.51 54.08
C GLN BA 388 39.36 28.98 54.96
N VAL BA 389 39.81 30.22 54.78
CA VAL BA 389 40.92 30.75 55.58
C VAL BA 389 40.54 30.81 57.05
N ALA BA 390 39.33 31.29 57.34
CA ALA BA 390 38.86 31.30 58.72
C ALA BA 390 38.74 29.89 59.27
N GLU BA 391 38.24 28.96 58.45
CA GLU BA 391 38.22 27.55 58.86
C GLU BA 391 39.63 26.99 59.01
N LEU BA 392 40.53 27.38 58.11
CA LEU BA 392 41.92 26.92 58.21
C LEU BA 392 42.64 27.55 59.38
N ALA BA 393 42.26 28.77 59.75
CA ALA BA 393 42.89 29.42 60.91
C ALA BA 393 42.63 28.65 62.19
N ALA BA 394 41.41 28.16 62.36
CA ALA BA 394 41.02 27.37 63.53
C ALA BA 394 41.30 28.11 64.84
N MET CA 1 56.97 -1.12 9.30
CA MET CA 1 55.90 -0.12 9.26
C MET CA 1 54.92 -0.32 10.42
N SER CA 2 53.68 0.10 10.18
CA SER CA 2 52.64 0.00 11.23
C SER CA 2 52.33 -1.45 11.57
N ASP CA 3 52.32 -2.33 10.56
CA ASP CA 3 51.94 -3.72 10.78
C ASP CA 3 52.91 -4.40 11.74
N ILE CA 4 54.21 -4.15 11.56
CA ILE CA 4 55.20 -4.69 12.49
C ILE CA 4 55.02 -4.04 13.85
N PHE CA 5 55.60 -4.68 14.87
CA PHE CA 5 55.46 -4.37 16.30
C PHE CA 5 54.07 -4.70 16.83
N ASP CA 6 53.14 -5.11 15.96
CA ASP CA 6 51.88 -5.73 16.35
C ASP CA 6 51.82 -7.19 15.94
N GLU CA 7 52.33 -7.49 14.74
CA GLU CA 7 52.61 -8.87 14.37
C GLU CA 7 53.51 -9.54 15.40
N ALA CA 8 54.48 -8.82 15.93
CA ALA CA 8 55.35 -9.38 16.96
C ALA CA 8 54.58 -9.69 18.23
N ALA CA 9 53.68 -8.80 18.64
CA ALA CA 9 52.87 -9.05 19.83
C ALA CA 9 51.98 -10.27 19.63
N SER CA 10 51.34 -10.38 18.46
CA SER CA 10 50.51 -11.55 18.18
C SER CA 10 51.37 -12.81 18.14
N PHE CA 11 52.59 -12.70 17.61
CA PHE CA 11 53.49 -13.85 17.56
C PHE CA 11 53.86 -14.32 18.96
N ARG CA 12 54.17 -13.40 19.86
CA ARG CA 12 54.49 -13.79 21.23
C ARG CA 12 53.27 -14.38 21.93
N SER CA 13 52.09 -13.80 21.69
CA SER CA 13 50.88 -14.34 22.31
C SER CA 13 50.60 -15.76 21.83
N TYR CA 14 50.79 -16.01 20.52
CA TYR CA 14 50.60 -17.35 19.98
C TYR CA 14 51.67 -18.31 20.49
N GLN CA 15 52.90 -17.82 20.63
CA GLN CA 15 54.00 -18.66 21.10
C GLN CA 15 53.82 -19.07 22.54
N SER CA 16 53.22 -18.21 23.37
CA SER CA 16 52.99 -18.57 24.77
C SER CA 16 52.11 -19.81 24.88
N LYS CA 17 50.96 -19.80 24.20
CA LYS CA 17 50.09 -20.96 24.14
C LYS CA 17 50.31 -21.72 22.83
N LEU CA 18 51.51 -22.26 22.67
CA LEU CA 18 51.93 -22.85 21.41
C LEU CA 18 51.28 -24.21 21.19
N GLY CA 19 51.58 -25.18 22.06
CA GLY CA 19 51.08 -26.53 21.89
C GLY CA 19 50.25 -27.02 23.05
N ARG CA 20 49.79 -26.11 23.89
CA ARG CA 20 49.00 -26.47 25.07
C ARG CA 20 47.51 -26.56 24.70
N ASP CA 21 47.21 -27.48 23.79
CA ASP CA 21 45.86 -27.69 23.31
C ASP CA 21 45.65 -29.17 23.02
N GLY CA 22 44.39 -29.58 23.01
CA GLY CA 22 44.05 -30.96 22.77
C GLY CA 22 44.09 -31.80 24.02
N ARG CA 23 43.92 -33.11 23.83
CA ARG CA 23 43.91 -34.08 24.90
C ARG CA 23 45.01 -35.10 24.69
N ALA CA 24 45.72 -35.44 25.76
CA ALA CA 24 46.79 -36.41 25.70
C ALA CA 24 46.21 -37.84 25.70
N SER CA 25 47.07 -38.80 25.38
CA SER CA 25 46.68 -40.20 25.34
C SER CA 25 46.99 -40.88 26.67
N ALA CA 26 46.47 -42.10 26.82
CA ALA CA 26 46.70 -42.90 28.01
C ALA CA 26 48.00 -43.70 27.94
N ALA CA 27 48.74 -43.61 26.84
CA ALA CA 27 50.00 -44.32 26.74
C ALA CA 27 51.00 -43.83 27.77
N THR CA 28 51.05 -42.53 28.01
CA THR CA 28 51.96 -41.94 28.99
C THR CA 28 51.33 -42.06 30.39
N ALA CA 29 51.29 -43.29 30.88
CA ALA CA 29 50.70 -43.61 32.18
C ALA CA 29 51.82 -44.00 33.13
N THR CA 30 51.95 -43.27 34.23
CA THR CA 30 52.99 -43.54 35.20
C THR CA 30 52.75 -44.86 35.91
N LEU CA 31 53.84 -45.54 36.26
CA LEU CA 31 53.74 -46.76 37.07
C LEU CA 31 53.26 -46.40 38.46
N THR CA 32 52.34 -47.21 38.99
CA THR CA 32 51.67 -46.93 40.24
C THR CA 32 52.25 -47.78 41.36
N THR CA 33 52.33 -47.20 42.56
CA THR CA 33 52.83 -47.87 43.74
C THR CA 33 51.69 -48.04 44.74
N LYS CA 34 51.59 -49.22 45.33
CA LYS CA 34 50.55 -49.48 46.32
C LYS CA 34 50.87 -48.76 47.62
N ILE CA 35 49.87 -48.10 48.18
CA ILE CA 35 50.01 -47.35 49.43
C ILE CA 35 48.95 -47.85 50.40
N ARG CA 36 49.38 -48.37 51.55
CA ARG CA 36 48.49 -48.94 52.54
C ARG CA 36 48.14 -47.88 53.58
N ILE CA 37 46.84 -47.55 53.67
CA ILE CA 37 46.36 -46.49 54.54
C ILE CA 37 45.50 -47.11 55.64
N PHE CA 38 45.82 -46.80 56.89
CA PHE CA 38 45.10 -47.32 58.05
C PHE CA 38 44.10 -46.27 58.52
N VAL CA 39 42.83 -46.48 58.22
CA VAL CA 39 41.79 -45.54 58.61
C VAL CA 39 40.98 -46.13 59.76
N PRO CA 40 40.45 -45.32 60.67
CA PRO CA 40 39.61 -45.86 61.74
C PRO CA 40 38.25 -46.27 61.21
N ALA CA 41 37.84 -47.50 61.54
CA ALA CA 41 36.55 -48.00 61.07
C ALA CA 41 35.39 -47.41 61.84
N THR CA 42 35.55 -47.21 63.15
CA THR CA 42 34.48 -46.74 64.03
C THR CA 42 34.75 -45.31 64.46
N ASN CA 43 33.88 -44.81 65.33
CA ASN CA 43 33.98 -43.45 65.86
C ASN CA 43 34.38 -43.43 67.33
N SER CA 44 34.79 -44.57 67.89
CA SER CA 44 35.17 -44.61 69.30
C SER CA 44 36.41 -43.76 69.54
N PRO CA 45 36.38 -42.83 70.49
CA PRO CA 45 37.54 -41.94 70.68
C PRO CA 45 38.83 -42.66 71.04
N GLU CA 46 38.75 -43.74 71.81
CA GLU CA 46 39.96 -44.45 72.21
C GLU CA 46 40.68 -45.04 71.01
N LEU CA 47 39.92 -45.65 70.09
CA LEU CA 47 40.52 -46.25 68.91
C LEU CA 47 41.17 -45.20 68.02
N ARG CA 48 40.50 -44.07 67.83
CA ARG CA 48 41.07 -43.00 67.00
C ARG CA 48 42.31 -42.41 67.65
N TRP CA 49 42.30 -42.24 68.97
CA TRP CA 49 43.49 -41.73 69.66
C TRP CA 49 44.65 -42.70 69.54
N GLU CA 50 44.39 -44.00 69.70
CA GLU CA 50 45.46 -44.98 69.52
C GLU CA 50 45.97 -44.97 68.09
N LEU CA 51 45.07 -44.81 67.12
CA LEU CA 51 45.47 -44.78 65.72
C LEU CA 51 46.36 -43.59 65.42
N THR CA 52 46.01 -42.40 65.92
CA THR CA 52 46.84 -41.23 65.64
C THR CA 52 48.16 -41.30 66.39
N LEU CA 53 48.18 -41.90 67.59
CA LEU CA 53 49.45 -42.15 68.27
C LEU CA 53 50.33 -43.09 67.44
N PHE CA 54 49.74 -44.15 66.90
CA PHE CA 54 50.49 -45.08 66.07
C PHE CA 54 51.03 -44.40 64.81
N ALA CA 55 50.20 -43.53 64.20
CA ALA CA 55 50.65 -42.81 63.01
C ALA CA 55 51.80 -41.87 63.34
N LEU CA 56 51.72 -41.18 64.48
CA LEU CA 56 52.82 -40.34 64.92
C LEU CA 56 54.09 -41.16 65.10
N ASP CA 57 53.98 -42.34 65.72
CA ASP CA 57 55.15 -43.18 65.92
C ASP CA 57 55.73 -43.64 64.58
N VAL CA 58 54.87 -44.03 63.64
CA VAL CA 58 55.35 -44.50 62.35
C VAL CA 58 56.07 -43.38 61.60
N ILE CA 59 55.50 -42.17 61.62
CA ILE CA 59 56.16 -41.04 60.97
C ILE CA 59 57.50 -40.75 61.63
N ARG CA 60 57.54 -40.79 62.96
CA ARG CA 60 58.80 -40.57 63.67
C ARG CA 60 59.78 -41.72 63.50
N SER CA 61 59.30 -42.90 63.11
CA SER CA 61 60.17 -44.07 63.03
C SER CA 61 61.22 -43.88 61.95
N PRO CA 62 62.48 -44.24 62.22
CA PRO CA 62 63.52 -44.14 61.18
C PRO CA 62 63.57 -45.36 60.27
N SER CA 63 63.13 -46.50 60.77
CA SER CA 63 63.15 -47.75 60.02
C SER CA 63 61.93 -47.91 59.12
N ALA CA 64 61.00 -46.95 59.14
CA ALA CA 64 59.80 -47.08 58.33
C ALA CA 64 60.10 -46.86 56.85
N ALA CA 65 59.49 -47.69 56.01
CA ALA CA 65 59.57 -47.47 54.58
C ALA CA 65 58.78 -46.24 54.19
N GLU CA 66 59.11 -45.69 53.01
CA GLU CA 66 58.47 -44.46 52.58
C GLU CA 66 56.96 -44.65 52.38
N SER CA 67 56.56 -45.79 51.84
CA SER CA 67 55.14 -46.05 51.64
C SER CA 67 54.40 -46.08 52.97
N MET CA 68 55.00 -46.68 54.00
CA MET CA 68 54.38 -46.67 55.32
C MET CA 68 54.26 -45.25 55.87
N LYS CA 69 55.28 -44.42 55.62
CA LYS CA 69 55.21 -43.03 56.07
C LYS CA 69 54.08 -42.27 55.36
N ILE CA 70 53.91 -42.51 54.05
CA ILE CA 70 52.81 -41.86 53.33
C ILE CA 70 51.48 -42.35 53.86
N GLY CA 71 51.37 -43.65 54.16
CA GLY CA 71 50.14 -44.16 54.74
C GLY CA 71 49.83 -43.53 56.08
N ALA CA 72 50.86 -43.37 56.92
CA ALA CA 72 50.65 -42.72 58.22
C ALA CA 72 50.24 -41.26 58.04
N ALA CA 73 50.86 -40.56 57.08
CA ALA CA 73 50.49 -39.18 56.82
C ALA CA 73 49.04 -39.07 56.36
N PHE CA 74 48.61 -39.97 55.47
CA PHE CA 74 47.23 -39.95 55.01
C PHE CA 74 46.27 -40.29 56.15
N THR CA 75 46.66 -41.21 57.03
CA THR CA 75 45.85 -41.53 58.19
C THR CA 75 45.70 -40.31 59.10
N LEU CA 76 46.79 -39.57 59.31
CA LEU CA 76 46.74 -38.39 60.16
C LEU CA 76 45.85 -37.31 59.55
N ILE CA 77 46.06 -37.01 58.26
CA ILE CA 77 45.38 -35.87 57.63
C ILE CA 77 43.87 -36.06 57.67
N SER CA 78 43.39 -37.27 57.40
CA SER CA 78 41.97 -37.54 57.33
C SER CA 78 41.38 -38.01 58.66
N MET CA 79 42.13 -37.88 59.76
CA MET CA 79 41.65 -38.39 61.04
C MET CA 79 40.45 -37.59 61.55
N TYR CA 80 40.38 -36.30 61.24
CA TYR CA 80 39.28 -35.48 61.76
C TYR CA 80 37.94 -35.90 61.21
N SER CA 81 37.90 -36.37 59.96
CA SER CA 81 36.63 -36.71 59.32
C SER CA 81 36.00 -37.93 59.97
N GLU CA 82 34.67 -37.96 59.98
CA GLU CA 82 33.95 -39.11 60.53
C GLU CA 82 34.06 -40.33 59.64
N ARG CA 83 34.31 -40.14 58.34
CA ARG CA 83 34.48 -41.24 57.39
C ARG CA 83 35.79 -41.00 56.65
N PRO CA 84 36.93 -41.32 57.29
CA PRO CA 84 38.22 -41.06 56.64
C PRO CA 84 38.39 -41.77 55.31
N GLY CA 85 37.89 -43.00 55.20
CA GLY CA 85 38.00 -43.71 53.94
C GLY CA 85 37.28 -43.03 52.79
N ALA CA 86 36.06 -42.55 53.06
CA ALA CA 86 35.31 -41.84 52.04
C ALA CA 86 36.01 -40.54 51.66
N LEU CA 87 36.55 -39.82 52.65
CA LEU CA 87 37.26 -38.58 52.36
C LEU CA 87 38.48 -38.84 51.49
N ILE CA 88 39.26 -39.87 51.81
CA ILE CA 88 40.44 -40.19 51.02
C ILE CA 88 40.05 -40.61 49.61
N ARG CA 89 39.05 -41.47 49.48
CA ARG CA 89 38.68 -41.99 48.16
C ARG CA 89 38.04 -40.91 47.29
N SER CA 90 37.35 -39.95 47.89
CA SER CA 90 36.65 -38.91 47.14
C SER CA 90 37.47 -37.64 46.97
N LEU CA 91 38.70 -37.61 47.47
CA LEU CA 91 39.56 -36.44 47.34
C LEU CA 91 40.99 -36.85 46.98
N LEU CA 92 41.12 -37.84 46.09
CA LEU CA 92 42.42 -38.33 45.65
C LEU CA 92 42.50 -38.21 44.13
N ASN CA 93 43.51 -37.50 43.66
CA ASN CA 93 43.74 -37.30 42.23
C ASN CA 93 45.21 -37.51 41.91
N ASP CA 94 45.79 -38.59 42.43
CA ASP CA 94 47.21 -38.87 42.26
C ASP CA 94 47.41 -40.02 41.29
N PRO CA 95 47.82 -39.76 40.04
CA PRO CA 95 48.16 -40.88 39.15
C PRO CA 95 49.39 -41.65 39.57
N ASP CA 96 50.24 -41.07 40.41
CA ASP CA 96 51.47 -41.75 40.83
C ASP CA 96 51.17 -42.96 41.71
N ILE CA 97 50.15 -42.88 42.55
CA ILE CA 97 49.92 -43.87 43.59
C ILE CA 97 48.50 -44.43 43.46
N GLU CA 98 48.33 -45.63 44.02
CA GLU CA 98 47.02 -46.22 44.24
C GLU CA 98 46.87 -46.49 45.73
N ALA CA 99 45.74 -46.09 46.29
CA ALA CA 99 45.48 -46.19 47.72
C ALA CA 99 44.58 -47.37 48.00
N VAL CA 100 45.01 -48.25 48.89
CA VAL CA 100 44.19 -49.36 49.37
C VAL CA 100 43.78 -49.03 50.80
N ILE CA 101 42.51 -48.65 50.97
CA ILE CA 101 42.02 -48.23 52.27
C ILE CA 101 41.80 -49.46 53.14
N ILE CA 102 42.32 -49.41 54.37
CA ILE CA 102 42.24 -50.51 55.32
C ILE CA 102 41.51 -50.02 56.56
N ASP CA 103 40.30 -50.53 56.78
CA ASP CA 103 39.58 -50.24 58.01
C ASP CA 103 40.24 -50.96 59.17
N VAL CA 104 40.62 -50.20 60.19
CA VAL CA 104 41.42 -50.76 61.27
C VAL CA 104 40.62 -51.78 62.08
N GLY CA 105 39.37 -51.43 62.42
CA GLY CA 105 38.53 -52.37 63.13
C GLY CA 105 38.67 -52.28 64.64
N SER CA 106 39.43 -53.19 65.22
CA SER CA 106 39.76 -53.16 66.64
C SER CA 106 41.18 -52.60 66.80
N MET CA 107 41.69 -52.60 68.02
CA MET CA 107 42.99 -51.97 68.26
C MET CA 107 43.76 -52.72 69.34
N LEU CA 108 44.87 -53.32 68.94
CA LEU CA 108 45.88 -53.82 69.87
C LEU CA 108 46.94 -52.73 70.05
N ASN CA 109 48.10 -53.08 70.62
CA ASN CA 109 49.20 -52.14 70.70
C ASN CA 109 49.58 -51.62 69.32
N GLY CA 110 49.68 -52.51 68.35
CA GLY CA 110 49.85 -52.11 66.96
C GLY CA 110 48.50 -52.00 66.28
N ILE CA 111 48.29 -52.75 65.21
CA ILE CA 111 46.95 -52.86 64.61
C ILE CA 111 46.64 -54.33 64.40
N PRO CA 112 45.44 -54.79 64.77
CA PRO CA 112 45.02 -56.15 64.43
C PRO CA 112 44.42 -56.19 63.03
N VAL CA 113 45.06 -56.93 62.13
CA VAL CA 113 44.54 -57.05 60.77
C VAL CA 113 43.20 -57.77 60.78
N MET CA 114 43.07 -58.79 61.65
CA MET CA 114 41.81 -59.53 61.83
C MET CA 114 41.29 -60.06 60.50
N GLU CA 115 42.15 -60.76 59.76
CA GLU CA 115 41.77 -61.34 58.47
C GLU CA 115 42.65 -62.57 58.24
N ARG CA 116 42.07 -63.76 58.48
CA ARG CA 116 42.78 -65.02 58.30
C ARG CA 116 44.07 -65.05 59.12
N ARG CA 117 43.90 -65.02 60.45
CA ARG CA 117 45.04 -64.99 61.36
C ARG CA 117 45.95 -66.19 61.12
N GLY CA 118 47.25 -65.92 61.04
CA GLY CA 118 48.24 -66.91 60.71
C GLY CA 118 48.61 -66.91 59.23
N ASP CA 119 47.66 -66.55 58.38
CA ASP CA 119 47.88 -66.51 56.93
C ASP CA 119 48.28 -65.09 56.54
N LYS CA 120 49.58 -64.89 56.31
CA LYS CA 120 50.12 -63.61 55.83
C LYS CA 120 49.76 -62.45 56.74
N ALA CA 121 49.74 -62.69 58.05
CA ALA CA 121 49.40 -61.66 59.01
C ALA CA 121 50.47 -61.52 60.09
N GLN CA 122 51.07 -62.65 60.46
CA GLN CA 122 52.09 -62.63 61.51
C GLN CA 122 53.29 -61.79 61.10
N GLU CA 123 53.72 -61.89 59.84
CA GLU CA 123 54.85 -61.11 59.38
C GLU CA 123 54.54 -59.61 59.45
N GLU CA 124 53.33 -59.22 59.06
CA GLU CA 124 52.94 -57.81 59.14
C GLU CA 124 52.91 -57.34 60.60
N MET CA 125 52.41 -58.19 61.51
CA MET CA 125 52.39 -57.83 62.91
C MET CA 125 53.81 -57.63 63.46
N GLU CA 126 54.72 -58.54 63.12
CA GLU CA 126 56.10 -58.38 63.56
C GLU CA 126 56.73 -57.14 62.95
N GLY CA 127 56.42 -56.84 61.69
CA GLY CA 127 56.93 -55.62 61.09
C GLY CA 127 56.45 -54.36 61.80
N LEU CA 128 55.16 -54.33 62.15
CA LEU CA 128 54.62 -53.17 62.86
C LEU CA 128 55.22 -53.05 64.26
N MET CA 129 55.41 -54.18 64.95
CA MET CA 129 56.08 -54.14 66.26
C MET CA 129 57.51 -53.63 66.13
N ARG CA 130 58.23 -54.06 65.09
CA ARG CA 130 59.58 -53.54 64.87
C ARG CA 130 59.54 -52.04 64.59
N ILE CA 131 58.55 -51.59 63.82
CA ILE CA 131 58.43 -50.16 63.53
C ILE CA 131 58.23 -49.38 64.82
N LEU CA 132 57.32 -49.85 65.67
CA LEU CA 132 57.05 -49.15 66.93
C LEU CA 132 58.28 -49.15 67.83
N LYS CA 133 58.98 -50.29 67.92
CA LYS CA 133 60.15 -50.38 68.78
C LYS CA 133 61.25 -49.45 68.30
N THR CA 134 61.50 -49.42 66.98
CA THR CA 134 62.52 -48.54 66.43
C THR CA 134 62.13 -47.08 66.63
N ALA CA 135 60.85 -46.75 66.47
CA ALA CA 135 60.40 -45.38 66.68
C ALA CA 135 60.62 -44.95 68.12
N ARG CA 136 60.32 -45.83 69.08
CA ARG CA 136 60.46 -45.46 70.48
C ARG CA 136 61.92 -45.40 70.90
N GLU CA 137 62.75 -46.29 70.36
CA GLU CA 137 64.17 -46.32 70.73
C GLU CA 137 64.96 -45.21 70.04
N SER CA 138 64.54 -44.76 68.87
CA SER CA 138 65.32 -43.80 68.09
C SER CA 138 65.52 -42.51 68.86
N SER CA 139 64.44 -41.93 69.36
CA SER CA 139 64.57 -40.74 70.20
C SER CA 139 65.12 -41.13 71.57
N LYS CA 140 65.62 -40.13 72.30
CA LYS CA 140 66.18 -40.37 73.62
C LYS CA 140 65.08 -40.48 74.65
N GLY CA 141 64.11 -41.37 74.41
CA GLY CA 141 62.95 -41.47 75.28
C GLY CA 141 61.97 -40.33 75.15
N LYS CA 142 62.14 -39.48 74.14
CA LYS CA 142 61.31 -38.30 73.98
C LYS CA 142 60.08 -38.62 73.15
N THR CA 143 58.90 -38.34 73.71
CA THR CA 143 57.65 -38.52 73.00
C THR CA 143 57.52 -37.48 71.89
N PRO CA 144 56.70 -37.76 70.88
CA PRO CA 144 56.48 -36.74 69.84
C PRO CA 144 55.94 -35.43 70.37
N PHE CA 145 55.11 -35.46 71.40
CA PHE CA 145 54.59 -34.24 71.99
C PHE CA 145 55.64 -33.58 72.88
N VAL CA 146 55.57 -32.25 72.97
CA VAL CA 146 56.47 -31.51 73.83
C VAL CA 146 56.22 -31.80 75.30
N ASP CA 147 55.06 -32.38 75.62
CA ASP CA 147 54.71 -32.78 76.98
C ASP CA 147 54.71 -34.29 77.06
N SER CA 148 55.53 -34.86 77.95
CA SER CA 148 55.62 -36.30 78.07
C SER CA 148 54.30 -36.92 78.54
N ARG CA 149 53.47 -36.15 79.23
CA ARG CA 149 52.18 -36.66 79.68
C ARG CA 149 51.17 -36.77 78.55
N ALA CA 150 51.36 -36.02 77.47
CA ALA CA 150 50.43 -36.06 76.35
C ALA CA 150 50.53 -37.34 75.54
N TYR CA 151 51.62 -38.09 75.70
CA TYR CA 151 51.79 -39.33 74.95
C TYR CA 151 51.02 -40.48 75.59
N GLY CA 152 51.36 -40.81 76.84
CA GLY CA 152 50.65 -41.85 77.55
C GLY CA 152 49.39 -41.35 78.21
N LEU CA 153 48.54 -40.68 77.44
CA LEU CA 153 47.31 -40.09 77.94
C LEU CA 153 46.12 -40.92 77.46
N ARG CA 154 45.26 -41.31 78.39
CA ARG CA 154 44.06 -42.07 78.06
C ARG CA 154 42.95 -41.12 77.63
N ILE CA 155 42.35 -41.39 76.48
CA ILE CA 155 41.28 -40.57 75.94
C ILE CA 155 40.03 -41.42 75.82
N THR CA 156 38.96 -40.99 76.49
CA THR CA 156 37.65 -41.61 76.35
C THR CA 156 36.54 -40.62 76.02
N ASP CA 157 36.74 -39.33 76.23
CA ASP CA 157 35.76 -38.31 75.90
C ASP CA 157 35.92 -37.88 74.46
N MET CA 158 34.80 -37.69 73.77
CA MET CA 158 34.84 -37.28 72.38
C MET CA 158 35.45 -35.89 72.23
N SER CA 159 35.13 -34.97 73.15
CA SER CA 159 35.62 -33.61 73.04
C SER CA 159 37.14 -33.54 73.14
N THR CA 160 37.71 -34.29 74.09
CA THR CA 160 39.17 -34.29 74.23
C THR CA 160 39.85 -34.86 73.00
N LEU CA 161 39.30 -35.95 72.44
CA LEU CA 161 39.85 -36.51 71.22
C LEU CA 161 39.78 -35.51 70.09
N VAL CA 162 38.65 -34.82 69.95
CA VAL CA 162 38.50 -33.83 68.88
C VAL CA 162 39.52 -32.72 69.04
N SER CA 163 39.70 -32.23 70.26
CA SER CA 163 40.65 -31.14 70.49
C SER CA 163 42.08 -31.59 70.15
N ALA CA 164 42.48 -32.77 70.63
CA ALA CA 164 43.83 -33.25 70.36
C ALA CA 164 44.04 -33.48 68.86
N VAL CA 165 43.05 -34.06 68.19
CA VAL CA 165 43.17 -34.30 66.75
C VAL CA 165 43.29 -32.98 66.00
N ILE CA 166 42.49 -31.99 66.39
CA ILE CA 166 42.55 -30.69 65.73
C ILE CA 166 43.91 -30.05 65.93
N THR CA 167 44.47 -30.16 67.15
CA THR CA 167 45.79 -29.59 67.39
C THR CA 167 46.85 -30.26 66.53
N ILE CA 168 46.80 -31.60 66.45
CA ILE CA 168 47.78 -32.32 65.62
C ILE CA 168 47.62 -31.94 64.16
N GLU CA 169 46.38 -31.87 63.68
CA GLU CA 169 46.13 -31.48 62.29
C GLU CA 169 46.68 -30.08 62.01
N ALA CA 170 46.42 -29.13 62.91
CA ALA CA 170 46.91 -27.78 62.70
C ALA CA 170 48.42 -27.75 62.65
N GLN CA 171 49.08 -28.42 63.60
CA GLN CA 171 50.53 -28.41 63.65
C GLN CA 171 51.13 -29.08 62.41
N ILE CA 172 50.46 -30.09 61.86
CA ILE CA 172 50.92 -30.68 60.60
C ILE CA 172 50.72 -29.71 59.44
N TRP CA 173 49.55 -29.06 59.38
CA TRP CA 173 49.20 -28.18 58.28
C TRP CA 173 49.99 -26.87 58.29
N ILE CA 174 50.65 -26.51 59.39
CA ILE CA 174 51.51 -25.33 59.34
C ILE CA 174 52.67 -25.54 58.39
N LEU CA 175 53.18 -26.78 58.31
CA LEU CA 175 54.42 -27.04 57.59
C LEU CA 175 54.27 -26.85 56.08
N ILE CA 176 53.06 -27.03 55.53
CA ILE CA 176 52.89 -27.02 54.08
C ILE CA 176 53.24 -25.65 53.49
N ALA CA 177 53.09 -24.57 54.26
CA ALA CA 177 53.33 -23.24 53.73
C ALA CA 177 54.76 -23.08 53.25
N LYS CA 178 55.73 -23.55 54.04
CA LYS CA 178 57.15 -23.40 53.73
C LYS CA 178 57.85 -24.76 53.78
N ALA CA 179 57.24 -25.75 53.14
CA ALA CA 179 57.83 -27.09 53.09
C ALA CA 179 58.74 -27.29 51.88
N VAL CA 180 58.36 -26.71 50.74
CA VAL CA 180 59.15 -26.87 49.52
C VAL CA 180 59.85 -25.58 49.09
N THR CA 181 59.34 -24.41 49.51
CA THR CA 181 60.00 -23.16 49.14
C THR CA 181 61.34 -23.01 49.86
N ALA CA 182 61.30 -23.00 51.19
CA ALA CA 182 62.52 -22.89 52.00
C ALA CA 182 62.29 -23.62 53.31
N PRO CA 183 62.33 -24.95 53.29
CA PRO CA 183 62.12 -25.72 54.53
C PRO CA 183 63.16 -25.42 55.60
N ASP CA 184 64.41 -25.16 55.21
CA ASP CA 184 65.45 -24.89 56.20
C ASP CA 184 65.18 -23.59 56.94
N THR CA 185 64.75 -22.56 56.23
CA THR CA 185 64.49 -21.25 56.83
C THR CA 185 63.14 -21.17 57.52
N ALA CA 186 62.53 -22.31 57.82
CA ALA CA 186 61.25 -22.35 58.52
C ALA CA 186 61.47 -22.26 60.02
N GLU CA 187 60.45 -22.59 60.80
CA GLU CA 187 60.37 -22.61 62.25
C GLU CA 187 60.20 -21.21 62.83
N GLU CA 188 60.24 -20.16 62.02
CA GLU CA 188 59.90 -18.81 62.47
C GLU CA 188 58.46 -18.47 62.13
N SER CA 189 58.11 -18.55 60.85
CA SER CA 189 56.72 -18.35 60.45
C SER CA 189 55.83 -19.45 61.02
N GLU CA 190 56.35 -20.68 61.10
CA GLU CA 190 55.58 -21.76 61.71
C GLU CA 190 55.29 -21.48 63.17
N THR CA 191 56.28 -21.02 63.92
CA THR CA 191 56.05 -20.67 65.32
C THR CA 191 55.10 -19.50 65.44
N ARG CA 192 55.17 -18.54 64.51
CA ARG CA 192 54.23 -17.42 64.53
C ARG CA 192 52.80 -17.89 64.30
N ARG CA 193 52.61 -18.80 63.34
CA ARG CA 193 51.27 -19.34 63.10
C ARG CA 193 50.76 -20.11 64.32
N TRP CA 194 51.63 -20.91 64.94
CA TRP CA 194 51.22 -21.66 66.12
C TRP CA 194 50.83 -20.72 67.26
N ALA CA 195 51.62 -19.66 67.47
CA ALA CA 195 51.29 -18.69 68.50
C ALA CA 195 49.97 -17.99 68.20
N LYS CA 196 49.74 -17.65 66.93
CA LYS CA 196 48.48 -17.01 66.56
C LYS CA 196 47.30 -17.92 66.88
N TYR CA 197 47.40 -19.19 66.51
CA TYR CA 197 46.28 -20.11 66.74
C TYR CA 197 46.12 -20.41 68.23
N VAL CA 198 47.20 -20.37 69.01
CA VAL CA 198 47.08 -20.55 70.45
C VAL CA 198 46.38 -19.36 71.08
N GLN CA 199 46.74 -18.14 70.66
CA GLN CA 199 46.10 -16.95 71.22
C GLN CA 199 44.62 -16.89 70.86
N GLN CA 200 44.24 -17.45 69.71
CA GLN CA 200 42.84 -17.54 69.33
C GLN CA 200 42.11 -18.66 70.05
N LYS CA 201 42.83 -19.49 70.80
CA LYS CA 201 42.28 -20.62 71.54
C LYS CA 201 41.61 -21.64 70.62
N ARG CA 202 41.99 -21.66 69.34
CA ARG CA 202 41.48 -22.68 68.44
C ARG CA 202 42.15 -24.02 68.68
N VAL CA 203 43.37 -24.01 69.21
CA VAL CA 203 44.13 -25.22 69.47
C VAL CA 203 44.51 -25.25 70.95
N ASN CA 204 44.37 -26.42 71.55
CA ASN CA 204 44.80 -26.62 72.93
C ASN CA 204 46.30 -26.87 72.96
N PRO CA 205 47.09 -26.02 73.61
CA PRO CA 205 48.56 -26.15 73.52
C PRO CA 205 49.11 -27.37 74.23
N PHE CA 206 48.30 -28.13 74.96
CA PHE CA 206 48.79 -29.32 75.64
C PHE CA 206 49.32 -30.34 74.64
N PHE CA 207 48.61 -30.54 73.53
CA PHE CA 207 49.05 -31.46 72.48
C PHE CA 207 49.90 -30.70 71.48
N ALA CA 208 51.12 -30.38 71.88
CA ALA CA 208 52.08 -29.69 71.04
C ALA CA 208 53.25 -30.63 70.77
N LEU CA 209 53.49 -30.93 69.49
CA LEU CA 209 54.56 -31.83 69.12
C LEU CA 209 55.91 -31.13 69.21
N THR CA 210 56.95 -31.92 69.50
CA THR CA 210 58.29 -31.39 69.62
C THR CA 210 58.82 -30.99 68.24
N GLN CA 211 59.90 -30.21 68.23
CA GLN CA 211 60.44 -29.71 66.98
C GLN CA 211 61.16 -30.81 66.19
N GLN CA 212 61.66 -31.84 66.86
CA GLN CA 212 62.27 -32.96 66.15
C GLN CA 212 61.24 -33.67 65.28
N TRP CA 213 60.08 -33.97 65.85
CA TRP CA 213 59.01 -34.61 65.08
C TRP CA 213 58.54 -33.70 63.96
N LEU CA 214 58.45 -32.39 64.22
CA LEU CA 214 58.03 -31.46 63.18
C LEU CA 214 59.04 -31.43 62.04
N THR CA 215 60.33 -31.46 62.35
CA THR CA 215 61.35 -31.51 61.30
C THR CA 215 61.25 -32.80 60.50
N GLU CA 216 61.05 -33.94 61.17
CA GLU CA 216 60.90 -35.20 60.45
C GLU CA 216 59.68 -35.16 59.53
N MET CA 217 58.55 -34.65 60.03
CA MET CA 217 57.35 -34.57 59.22
C MET CA 217 57.53 -33.61 58.04
N ARG CA 218 58.22 -32.50 58.26
CA ARG CA 218 58.47 -31.56 57.16
C ARG CA 218 59.37 -32.19 56.11
N ASN CA 219 60.38 -32.95 56.53
CA ASN CA 219 61.22 -33.64 55.56
C ASN CA 219 60.41 -34.66 54.77
N LEU CA 220 59.55 -35.42 55.44
CA LEU CA 220 58.70 -36.37 54.74
C LEU CA 220 57.77 -35.68 53.76
N LEU CA 221 57.20 -34.56 54.16
CA LEU CA 221 56.27 -33.83 53.29
C LEU CA 221 56.99 -33.24 52.09
N SER CA 222 58.23 -32.77 52.28
CA SER CA 222 58.98 -32.22 51.15
C SER CA 222 59.42 -33.32 50.19
N GLN CA 223 59.80 -34.48 50.72
CA GLN CA 223 60.25 -35.57 49.86
C GLN CA 223 59.11 -36.09 48.97
N SER CA 224 57.91 -36.20 49.53
CA SER CA 224 56.80 -36.85 48.85
C SER CA 224 55.89 -35.84 48.16
N LEU CA 225 55.46 -36.18 46.95
CA LEU CA 225 54.52 -35.35 46.19
C LEU CA 225 53.08 -35.78 46.35
N SER CA 226 52.83 -37.07 46.65
CA SER CA 226 51.46 -37.54 46.79
C SER CA 226 50.77 -36.89 47.98
N VAL CA 227 51.46 -36.78 49.11
CA VAL CA 227 50.89 -36.13 50.28
C VAL CA 227 50.58 -34.67 49.97
N ARG CA 228 51.52 -33.99 49.30
CA ARG CA 228 51.29 -32.59 48.93
C ARG CA 228 50.07 -32.45 48.04
N LYS CA 229 49.92 -33.35 47.07
CA LYS CA 229 48.75 -33.31 46.19
C LYS CA 229 47.48 -33.54 46.98
N PHE CA 230 47.49 -34.47 47.93
CA PHE CA 230 46.29 -34.74 48.72
C PHE CA 230 45.89 -33.52 49.53
N MET CA 231 46.85 -32.88 50.21
CA MET CA 231 46.49 -31.72 51.01
C MET CA 231 46.14 -30.51 50.14
N VAL CA 232 46.72 -30.40 48.95
CA VAL CA 232 46.31 -29.32 48.05
C VAL CA 232 44.88 -29.55 47.57
N GLU CA 233 44.51 -30.80 47.29
CA GLU CA 233 43.13 -31.10 46.92
C GLU CA 233 42.18 -30.79 48.07
N ILE CA 234 42.59 -31.12 49.30
CA ILE CA 234 41.77 -30.78 50.46
C ILE CA 234 41.59 -29.28 50.57
N LEU CA 235 42.68 -28.52 50.35
CA LEU CA 235 42.60 -27.07 50.41
C LEU CA 235 41.66 -26.52 49.36
N MET CA 236 41.76 -27.02 48.12
CA MET CA 236 40.88 -26.55 47.06
C MET CA 236 39.42 -26.87 47.36
N GLU CA 237 39.15 -28.08 47.86
CA GLU CA 237 37.76 -28.44 48.16
C GLU CA 237 37.21 -27.62 49.31
N VAL CA 238 38.02 -27.37 50.35
CA VAL CA 238 37.56 -26.57 51.47
C VAL CA 238 37.33 -25.12 51.06
N LYS CA 239 38.18 -24.61 50.17
CA LYS CA 239 38.06 -23.23 49.72
C LYS CA 239 36.69 -22.96 49.09
N LYS CA 240 36.13 -23.95 48.40
CA LYS CA 240 34.81 -23.80 47.79
C LYS CA 240 33.77 -23.68 48.89
N GLY CA 241 33.17 -22.50 49.02
CA GLY CA 241 32.15 -22.28 50.02
C GLY CA 241 30.81 -22.87 49.64
N GLY CA 242 29.84 -22.69 50.54
CA GLY CA 242 28.50 -23.17 50.29
C GLY CA 242 27.92 -23.99 51.41
N SER CA 243 28.75 -24.78 52.07
CA SER CA 243 28.33 -25.65 53.16
C SER CA 243 28.90 -25.17 54.49
N ALA CA 244 28.34 -25.73 55.57
CA ALA CA 244 28.82 -25.39 56.90
C ALA CA 244 30.22 -25.95 57.11
N LYS CA 245 31.08 -25.16 57.75
CA LYS CA 245 32.47 -25.53 57.98
C LYS CA 245 32.68 -25.86 59.45
N GLY CA 246 33.29 -27.02 59.71
CA GLY CA 246 33.65 -27.38 61.06
C GLY CA 246 34.93 -26.72 61.51
N ARG CA 247 35.29 -26.98 62.77
CA ARG CA 247 36.49 -26.36 63.34
C ARG CA 247 37.74 -26.77 62.57
N ALA CA 248 37.86 -28.06 62.24
CA ALA CA 248 39.01 -28.53 61.47
C ALA CA 248 39.03 -27.88 60.09
N VAL CA 249 37.86 -27.80 59.43
CA VAL CA 249 37.81 -27.22 58.10
C VAL CA 249 38.12 -25.73 58.14
N GLU CA 250 37.63 -25.04 59.18
CA GLU CA 250 37.92 -23.62 59.32
C GLU CA 250 39.41 -23.39 59.54
N ILE CA 251 40.04 -24.20 60.38
CA ILE CA 251 41.48 -24.08 60.60
C ILE CA 251 42.24 -24.36 59.32
N ILE CA 252 41.82 -25.38 58.57
CA ILE CA 252 42.50 -25.74 57.33
C ILE CA 252 42.39 -24.60 56.32
N SER CA 253 41.21 -23.98 56.21
CA SER CA 253 41.06 -22.87 55.28
C SER CA 253 41.86 -21.65 55.72
N ASP CA 254 41.90 -21.38 57.03
CA ASP CA 254 42.69 -20.26 57.52
C ASP CA 254 44.18 -20.47 57.22
N ILE CA 255 44.65 -21.71 57.35
CA ILE CA 255 46.04 -22.02 57.00
C ILE CA 255 46.25 -21.87 55.50
N GLY CA 256 45.32 -22.39 54.69
CA GLY CA 256 45.41 -22.25 53.25
C GLY CA 256 45.40 -20.82 52.78
N ASN CA 257 44.85 -19.90 53.59
CA ASN CA 257 44.99 -18.49 53.28
C ASN CA 257 46.46 -18.09 53.18
N TYR CA 258 47.28 -18.59 54.12
CA TYR CA 258 48.72 -18.35 54.03
C TYR CA 258 49.38 -19.24 52.97
N VAL CA 259 48.82 -20.43 52.73
CA VAL CA 259 49.44 -21.36 51.79
C VAL CA 259 49.40 -20.84 50.37
N GLU CA 260 48.35 -20.14 49.99
CA GLU CA 260 48.14 -19.76 48.60
C GLU CA 260 49.30 -18.91 48.07
N GLU CA 261 49.57 -19.07 46.77
CA GLU CA 261 50.56 -18.28 46.04
C GLU CA 261 51.96 -18.40 46.65
N THR CA 262 52.24 -19.51 47.30
CA THR CA 262 53.56 -19.73 47.87
C THR CA 262 54.56 -20.04 46.75
N GLY CA 263 55.84 -19.74 47.02
CA GLY CA 263 56.90 -20.04 46.09
C GLY CA 263 56.88 -19.25 44.80
N MET CA 264 56.04 -18.22 44.69
CA MET CA 264 55.94 -17.39 43.49
C MET CA 264 55.99 -15.92 43.87
N ALA CA 265 56.77 -15.60 44.90
CA ALA CA 265 56.82 -14.22 45.37
C ALA CA 265 57.44 -13.30 44.33
N GLY CA 266 58.33 -13.82 43.50
CA GLY CA 266 58.94 -12.99 42.46
C GLY CA 266 57.92 -12.45 41.48
N PHE CA 267 57.06 -13.33 40.96
CA PHE CA 267 56.08 -12.92 39.95
C PHE CA 267 55.05 -11.96 40.53
N PHE CA 268 54.48 -12.31 41.67
CA PHE CA 268 53.43 -11.46 42.25
C PHE CA 268 53.99 -10.15 42.77
N ALA CA 269 55.21 -10.18 43.31
CA ALA CA 269 55.87 -8.94 43.70
C ALA CA 269 56.11 -8.05 42.48
N THR CA 270 56.59 -8.65 41.39
CA THR CA 270 56.77 -7.89 40.14
C THR CA 270 55.47 -7.22 39.74
N ILE CA 271 54.39 -8.00 39.69
CA ILE CA 271 53.07 -7.44 39.34
C ILE CA 271 52.76 -6.26 40.24
N ARG CA 272 52.64 -6.54 41.55
CA ARG CA 272 52.11 -5.56 42.49
C ARG CA 272 52.94 -4.29 42.52
N PHE CA 273 54.27 -4.41 42.48
CA PHE CA 273 55.11 -3.24 42.68
C PHE CA 273 55.51 -2.60 41.35
N GLY CA 274 56.18 -3.35 40.47
CA GLY CA 274 56.60 -2.77 39.20
C GLY CA 274 55.43 -2.44 38.30
N LEU CA 275 54.46 -3.35 38.17
CA LEU CA 275 53.40 -3.14 37.20
C LEU CA 275 52.39 -2.11 37.70
N GLU CA 276 51.75 -2.38 38.83
CA GLU CA 276 50.91 -1.38 39.46
C GLU CA 276 51.80 -0.30 40.08
N THR CA 277 51.17 0.67 40.74
CA THR CA 277 51.86 1.86 41.22
C THR CA 277 52.62 2.52 40.07
N ARG CA 278 51.85 2.96 39.09
CA ARG CA 278 52.38 3.41 37.80
C ARG CA 278 53.40 4.53 37.98
N TYR CA 279 54.66 4.25 37.65
CA TYR CA 279 55.75 5.20 37.77
C TYR CA 279 56.15 5.72 36.39
N PRO CA 280 56.47 7.02 36.28
CA PRO CA 280 56.93 7.56 35.00
C PRO CA 280 58.12 6.82 34.38
N ALA CA 281 58.82 6.01 35.18
CA ALA CA 281 59.97 5.25 34.71
C ALA CA 281 59.58 3.91 34.10
N LEU CA 282 58.29 3.60 34.00
CA LEU CA 282 57.87 2.31 33.47
C LEU CA 282 58.07 2.24 31.96
N ALA CA 283 57.41 3.14 31.23
CA ALA CA 283 57.55 3.20 29.77
C ALA CA 283 58.91 3.80 29.45
N LEU CA 284 59.89 2.93 29.24
CA LEU CA 284 61.26 3.39 29.03
C LEU CA 284 61.96 2.62 27.91
N ASN CA 285 61.22 1.85 27.11
CA ASN CA 285 61.67 1.12 25.93
C ASN CA 285 62.58 -0.06 26.25
N GLU CA 286 62.94 -0.29 27.52
CA GLU CA 286 63.58 -1.54 27.92
C GLU CA 286 62.66 -2.39 28.79
N PHE CA 287 61.39 -1.99 28.93
CA PHE CA 287 60.43 -2.73 29.72
C PHE CA 287 59.25 -3.24 28.90
N GLN CA 288 59.16 -2.89 27.61
CA GLN CA 288 57.98 -3.27 26.83
C GLN CA 288 57.89 -4.78 26.63
N SER CA 289 59.02 -5.42 26.35
CA SER CA 289 59.01 -6.88 26.19
C SER CA 289 58.63 -7.55 27.50
N ASP CA 290 59.15 -7.05 28.62
CA ASP CA 290 58.80 -7.61 29.93
C ASP CA 290 57.32 -7.41 30.23
N LEU CA 291 56.76 -6.25 29.87
CA LEU CA 291 55.33 -6.02 30.09
C LEU CA 291 54.49 -6.97 29.25
N ASN CA 292 54.89 -7.19 27.99
CA ASN CA 292 54.16 -8.13 27.14
C ASN CA 292 54.22 -9.55 27.72
N THR CA 293 55.40 -9.96 28.18
CA THR CA 293 55.54 -11.26 28.81
C THR CA 293 54.68 -11.36 30.06
N ILE CA 294 54.62 -10.28 30.84
CA ILE CA 294 53.81 -10.25 32.05
C ILE CA 294 52.34 -10.40 31.71
N LYS CA 295 51.87 -9.71 30.66
CA LYS CA 295 50.48 -9.84 30.25
C LYS CA 295 50.17 -11.26 29.79
N GLY CA 296 51.08 -11.87 29.03
CA GLY CA 296 50.90 -13.25 28.64
C GLY CA 296 50.87 -14.17 29.84
N LEU CA 297 51.68 -13.88 30.86
CA LEU CA 297 51.68 -14.69 32.07
C LEU CA 297 50.36 -14.52 32.84
N MET CA 298 49.80 -13.31 32.85
CA MET CA 298 48.48 -13.11 33.45
C MET CA 298 47.44 -13.96 32.75
N LEU CA 299 47.47 -13.95 31.41
CA LEU CA 299 46.52 -14.76 30.66
C LEU CA 299 46.70 -16.24 30.95
N LEU CA 300 47.96 -16.70 31.03
CA LEU CA 300 48.22 -18.10 31.33
C LEU CA 300 47.74 -18.47 32.74
N TYR CA 301 47.98 -17.58 33.71
CA TYR CA 301 47.55 -17.84 35.08
C TYR CA 301 46.03 -17.92 35.16
N ARG CA 302 45.32 -17.05 34.43
CA ARG CA 302 43.87 -17.17 34.39
C ARG CA 302 43.44 -18.46 33.71
N GLU CA 303 44.19 -18.90 32.69
CA GLU CA 303 43.84 -20.11 31.96
C GLU CA 303 44.11 -21.39 32.75
N ILE CA 304 45.06 -21.36 33.70
CA ILE CA 304 45.45 -22.59 34.39
C ILE CA 304 44.27 -23.19 35.14
N GLY CA 305 43.59 -22.39 35.94
CA GLY CA 305 42.45 -22.86 36.68
C GLY CA 305 42.61 -22.70 38.19
N PRO CA 306 41.82 -23.45 38.95
CA PRO CA 306 41.88 -23.33 40.42
C PRO CA 306 43.16 -23.85 41.04
N ARG CA 307 43.98 -24.58 40.29
CA ARG CA 307 45.25 -25.08 40.79
C ARG CA 307 46.38 -24.07 40.64
N ALA CA 308 46.10 -22.89 40.10
CA ALA CA 308 47.15 -21.90 39.85
C ALA CA 308 47.88 -21.45 41.11
N PRO CA 309 47.21 -21.04 42.20
CA PRO CA 309 47.98 -20.56 43.36
C PRO CA 309 48.88 -21.62 43.96
N TYR CA 310 48.45 -22.88 43.97
CA TYR CA 310 49.27 -23.98 44.47
C TYR CA 310 50.05 -24.64 43.33
N MET CA 311 50.78 -23.84 42.55
CA MET CA 311 51.54 -24.39 41.44
C MET CA 311 52.88 -24.95 41.89
N VAL CA 312 53.55 -24.27 42.83
CA VAL CA 312 54.82 -24.75 43.33
C VAL CA 312 54.63 -26.02 44.15
N LEU CA 313 53.52 -26.11 44.90
CA LEU CA 313 53.27 -27.29 45.72
C LEU CA 313 53.09 -28.53 44.85
N LEU CA 314 52.34 -28.42 43.75
CA LEU CA 314 52.18 -29.52 42.82
C LEU CA 314 53.35 -29.65 41.86
N GLU CA 315 54.29 -28.71 41.88
CA GLU CA 315 55.47 -28.75 41.02
C GLU CA 315 55.10 -28.81 39.55
N GLU CA 316 54.09 -28.04 39.16
CA GLU CA 316 53.67 -27.98 37.76
C GLU CA 316 54.81 -27.43 36.90
N SER CA 317 54.94 -27.98 35.69
CA SER CA 317 55.95 -27.51 34.76
C SER CA 317 55.67 -26.08 34.28
N ILE CA 318 54.42 -25.64 34.34
CA ILE CA 318 54.08 -24.29 33.93
C ILE CA 318 54.69 -23.26 34.87
N GLN CA 319 55.11 -23.68 36.07
CA GLN CA 319 55.66 -22.74 37.05
C GLN CA 319 56.95 -22.10 36.56
N THR CA 320 57.78 -22.85 35.84
CA THR CA 320 59.08 -22.32 35.41
C THR CA 320 58.90 -21.09 34.52
N LYS CA 321 57.88 -21.11 33.66
CA LYS CA 321 57.62 -19.96 32.80
C LYS CA 321 57.23 -18.72 33.60
N PHE CA 322 56.73 -18.92 34.83
CA PHE CA 322 56.36 -17.80 35.68
C PHE CA 322 57.54 -17.21 36.43
N ALA CA 323 58.61 -17.99 36.62
CA ALA CA 323 59.73 -17.54 37.44
C ALA CA 323 60.46 -16.38 36.76
N PRO CA 324 61.01 -15.46 37.55
CA PRO CA 324 61.85 -14.41 36.97
C PRO CA 324 63.07 -15.00 36.29
N GLY CA 325 63.46 -14.40 35.17
CA GLY CA 325 64.48 -14.96 34.32
C GLY CA 325 64.09 -14.79 32.87
N GLY CA 326 62.77 -14.84 32.63
CA GLY CA 326 62.21 -14.42 31.37
C GLY CA 326 61.88 -12.95 31.30
N TYR CA 327 61.93 -12.25 32.42
CA TYR CA 327 61.74 -10.81 32.49
C TYR CA 327 62.60 -10.20 33.58
N PRO CA 328 63.92 -10.40 33.54
CA PRO CA 328 64.78 -9.97 34.66
C PRO CA 328 64.77 -8.47 34.88
N LEU CA 329 64.61 -7.66 33.84
CA LEU CA 329 64.71 -6.21 33.99
C LEU CA 329 63.54 -5.66 34.82
N LEU CA 330 62.31 -5.97 34.39
CA LEU CA 330 61.15 -5.49 35.14
C LEU CA 330 61.10 -6.10 36.53
N TRP CA 331 61.51 -7.36 36.66
CA TRP CA 331 61.56 -7.98 37.98
C TRP CA 331 62.53 -7.24 38.90
N SER CA 332 63.71 -6.89 38.38
CA SER CA 332 64.68 -6.16 39.19
C SER CA 332 64.13 -4.79 39.59
N PHE CA 333 63.51 -4.08 38.65
CA PHE CA 333 62.93 -2.78 38.97
C PHE CA 333 61.85 -2.91 40.04
N ALA CA 334 60.98 -3.91 39.89
CA ALA CA 334 59.89 -4.11 40.83
C ALA CA 334 60.41 -4.47 42.21
N MET CA 335 61.44 -5.32 42.29
CA MET CA 335 61.95 -5.68 43.61
C MET CA 335 62.74 -4.53 44.23
N GLY CA 336 63.34 -3.68 43.42
CA GLY CA 336 63.95 -2.47 43.98
C GLY CA 336 62.91 -1.56 44.62
N VAL CA 337 61.83 -1.29 43.90
CA VAL CA 337 60.79 -0.44 44.48
C VAL CA 337 60.12 -1.13 45.65
N ALA CA 338 60.04 -2.46 45.64
CA ALA CA 338 59.46 -3.18 46.76
C ALA CA 338 60.34 -3.08 48.00
N THR CA 339 61.64 -3.30 47.85
CA THR CA 339 62.56 -3.19 48.96
C THR CA 339 62.56 -1.78 49.53
N THR CA 340 62.44 -0.76 48.68
CA THR CA 340 62.38 0.59 49.19
C THR CA 340 61.03 0.89 49.87
N ILE CA 341 59.95 0.30 49.38
CA ILE CA 341 58.61 0.64 49.86
C ILE CA 341 58.21 -0.26 51.02
N ASP CA 342 58.23 -1.58 50.82
CA ASP CA 342 57.75 -2.53 51.81
C ASP CA 342 58.90 -2.94 52.72
N ARG CA 343 58.75 -2.64 54.01
CA ARG CA 343 59.80 -2.98 54.97
C ARG CA 343 60.01 -4.49 55.05
N SER CA 344 58.93 -5.26 55.07
CA SER CA 344 59.06 -6.71 55.12
C SER CA 344 59.75 -7.24 53.87
N MET CA 345 59.45 -6.67 52.72
CA MET CA 345 60.16 -7.01 51.50
C MET CA 345 61.62 -6.59 51.62
N GLY CA 346 62.51 -7.56 51.61
CA GLY CA 346 63.92 -7.30 51.85
C GLY CA 346 64.56 -8.45 52.59
N ALA CA 347 63.74 -9.24 53.26
CA ALA CA 347 64.18 -10.52 53.78
C ALA CA 347 64.17 -11.62 52.73
N LEU CA 348 63.66 -11.32 51.53
CA LEU CA 348 63.65 -12.28 50.44
C LEU CA 348 65.06 -12.48 49.91
N ASN CA 349 65.42 -13.73 49.63
CA ASN CA 349 66.74 -14.06 49.09
C ASN CA 349 66.65 -13.99 47.56
N ILE CA 350 67.29 -12.97 46.98
CA ILE CA 350 67.19 -12.73 45.55
C ILE CA 350 68.57 -12.61 44.91
N ASN CA 351 69.55 -13.33 45.47
CA ASN CA 351 70.91 -13.32 44.93
C ASN CA 351 70.99 -14.18 43.66
N ARG CA 352 70.23 -13.78 42.66
CA ARG CA 352 70.17 -14.48 41.39
C ARG CA 352 71.29 -14.00 40.46
N GLY CA 353 71.39 -14.66 39.30
CA GLY CA 353 72.37 -14.32 38.30
C GLY CA 353 71.95 -13.30 37.29
N TYR CA 354 70.75 -12.74 37.40
CA TYR CA 354 70.24 -11.74 36.48
C TYR CA 354 69.69 -10.54 37.25
N LEU CA 355 70.45 -10.09 38.25
CA LEU CA 355 69.97 -9.03 39.12
C LEU CA 355 69.91 -7.69 38.40
N GLU CA 356 70.86 -7.41 37.51
CA GLU CA 356 70.94 -6.15 36.78
C GLU CA 356 70.91 -4.97 37.75
N PRO CA 357 72.00 -4.71 38.46
CA PRO CA 357 71.96 -3.66 39.50
C PRO CA 357 71.61 -2.28 38.97
N MET CA 358 71.82 -2.03 37.68
CA MET CA 358 71.44 -0.74 37.11
C MET CA 358 69.93 -0.49 37.25
N TYR CA 359 69.13 -1.50 36.90
CA TYR CA 359 67.68 -1.34 36.99
C TYR CA 359 67.20 -1.40 38.43
N PHE CA 360 67.91 -2.14 39.29
CA PHE CA 360 67.60 -2.10 40.72
C PHE CA 360 67.81 -0.70 41.29
N ARG CA 361 68.92 -0.06 40.92
CA ARG CA 361 69.15 1.33 41.33
C ARG CA 361 68.09 2.26 40.75
N LEU CA 362 67.71 2.03 39.49
CA LEU CA 362 66.68 2.86 38.89
C LEU CA 362 65.36 2.74 39.65
N GLY CA 363 65.00 1.53 40.07
CA GLY CA 363 63.80 1.35 40.86
C GLY CA 363 63.91 1.99 42.24
N GLN CA 364 65.08 1.85 42.88
CA GLN CA 364 65.29 2.49 44.17
C GLN CA 364 65.11 3.99 44.07
N LYS CA 365 65.66 4.61 43.01
CA LYS CA 365 65.47 6.03 42.81
C LYS CA 365 64.01 6.36 42.48
N SER CA 366 63.36 5.53 41.66
CA SER CA 366 61.98 5.79 41.28
C SER CA 366 61.05 5.76 42.48
N ALA CA 367 61.38 4.97 43.49
CA ALA CA 367 60.52 4.88 44.66
C ALA CA 367 60.47 6.20 45.42
N ARG CA 368 61.62 6.86 45.61
CA ARG CA 368 61.70 8.03 46.48
C ARG CA 368 62.06 9.31 45.73
N HIS CA 369 63.17 9.34 45.00
CA HIS CA 369 63.69 10.57 44.41
C HIS CA 369 63.01 10.94 43.11
N HIS CA 370 62.08 10.12 42.61
CA HIS CA 370 61.55 10.29 41.27
C HIS CA 370 60.62 11.50 41.19
N ALA CA 371 59.51 11.45 41.91
CA ALA CA 371 58.51 12.51 41.93
C ALA CA 371 57.42 12.09 42.92
N GLY CA 372 56.51 13.02 43.19
CA GLY CA 372 55.34 12.68 43.97
C GLY CA 372 54.45 11.65 43.28
N GLY CA 373 54.30 11.79 41.97
CA GLY CA 373 53.54 10.82 41.19
C GLY CA 373 52.05 10.86 41.44
N ILE CA 374 51.41 11.95 41.07
CA ILE CA 374 49.97 12.10 41.22
C ILE CA 374 49.29 11.55 39.99
N ASP CA 375 48.38 10.59 40.20
CA ASP CA 375 47.73 9.88 39.11
C ASP CA 375 46.48 10.64 38.65
N GLN CA 376 45.65 9.97 37.86
CA GLN CA 376 44.42 10.58 37.36
C GLN CA 376 43.49 10.90 38.52
N ASN CA 377 43.12 12.17 38.65
CA ASN CA 377 42.37 12.65 39.79
C ASN CA 377 40.90 12.83 39.40
N MET CA 378 40.02 11.96 39.90
CA MET CA 378 38.59 12.17 39.70
C MET CA 378 38.13 13.43 40.40
N ALA CA 379 38.54 13.63 41.65
CA ALA CA 379 38.26 14.87 42.35
C ALA CA 379 39.19 15.96 41.84
N ASN CA 380 38.61 17.13 41.56
CA ASN CA 380 39.36 18.22 40.95
C ASN CA 380 40.16 18.95 42.02
N LYS CA 381 41.47 18.72 42.03
CA LYS CA 381 42.38 19.35 42.98
C LYS CA 381 43.01 20.56 42.31
N LEU CA 382 42.32 21.69 42.41
CA LEU CA 382 42.76 22.91 41.72
C LEU CA 382 44.08 23.41 42.28
N GLY CA 383 44.22 23.48 43.60
CA GLY CA 383 45.41 24.03 44.22
C GLY CA 383 46.26 23.01 44.93
N LEU CA 384 46.43 21.83 44.33
CA LEU CA 384 47.14 20.74 44.96
C LEU CA 384 48.64 20.74 44.66
N ASN CA 385 49.15 21.78 43.99
CA ASN CA 385 50.59 21.86 43.78
C ASN CA 385 51.33 21.96 45.10
N SER CA 386 50.84 22.80 46.02
CA SER CA 386 51.47 22.92 47.33
C SER CA 386 51.31 21.63 48.12
N ASP CA 387 50.17 20.94 47.98
CA ASP CA 387 49.99 19.66 48.65
C ASP CA 387 51.01 18.63 48.15
N GLN CA 388 51.23 18.59 46.83
CA GLN CA 388 52.23 17.68 46.28
C GLN CA 388 53.62 18.04 46.75
N VAL CA 389 53.93 19.34 46.83
CA VAL CA 389 55.24 19.77 47.31
C VAL CA 389 55.44 19.34 48.76
N ALA CA 390 54.41 19.52 49.60
CA ALA CA 390 54.51 19.11 51.00
C ALA CA 390 54.65 17.60 51.13
N GLU CA 391 53.93 16.85 50.30
CA GLU CA 391 54.06 15.40 50.32
C GLU CA 391 55.45 14.96 49.92
N LEU CA 392 56.03 15.61 48.91
CA LEU CA 392 57.38 15.26 48.49
C LEU CA 392 58.42 15.71 49.51
N ALA CA 393 58.10 16.73 50.31
CA ALA CA 393 59.03 17.18 51.35
C ALA CA 393 59.26 16.09 52.38
N ALA CA 394 58.21 15.37 52.77
CA ALA CA 394 58.29 14.27 53.72
C ALA CA 394 58.93 14.70 55.04
N MET DA 1 56.99 3.81 -8.89
CA MET DA 1 56.09 4.75 -8.24
C MET DA 1 55.50 4.18 -6.96
N SER DA 2 54.26 4.57 -6.66
CA SER DA 2 53.60 4.12 -5.44
C SER DA 2 53.42 2.61 -5.44
N ASP DA 3 53.05 2.03 -6.59
CA ASP DA 3 52.84 0.59 -6.66
C ASP DA 3 54.15 -0.15 -6.37
N ILE DA 4 55.26 0.33 -6.94
CA ILE DA 4 56.57 -0.21 -6.59
C ILE DA 4 56.80 -0.02 -5.09
N PHE DA 5 57.56 -0.93 -4.49
CA PHE DA 5 57.81 -1.13 -3.06
C PHE DA 5 56.61 -1.76 -2.37
N ASP DA 6 55.49 -1.96 -3.06
CA ASP DA 6 54.39 -2.79 -2.58
C ASP DA 6 54.32 -4.11 -3.34
N GLU DA 7 54.68 -4.11 -4.63
CA GLU DA 7 54.82 -5.36 -5.36
C GLU DA 7 55.93 -6.21 -4.76
N ALA DA 8 57.06 -5.58 -4.40
CA ALA DA 8 58.16 -6.32 -3.79
C ALA DA 8 57.77 -6.90 -2.46
N ALA DA 9 56.99 -6.15 -1.66
CA ALA DA 9 56.54 -6.67 -0.37
C ALA DA 9 55.70 -7.92 -0.55
N SER DA 10 54.82 -7.93 -1.56
CA SER DA 10 54.11 -9.15 -1.90
C SER DA 10 55.04 -10.16 -2.55
N PHE DA 11 56.00 -9.69 -3.36
CA PHE DA 11 56.91 -10.60 -4.04
C PHE DA 11 57.76 -11.37 -3.04
N ARG DA 12 58.31 -10.68 -2.04
CA ARG DA 12 59.09 -11.38 -1.02
C ARG DA 12 58.21 -12.29 -0.18
N SER DA 13 56.97 -11.85 0.12
CA SER DA 13 56.05 -12.71 0.84
C SER DA 13 55.68 -13.94 0.03
N TYR DA 14 55.45 -13.77 -1.27
CA TYR DA 14 55.14 -14.91 -2.13
C TYR DA 14 56.35 -15.81 -2.31
N GLN DA 15 57.56 -15.22 -2.35
CA GLN DA 15 58.77 -15.99 -2.59
C GLN DA 15 59.05 -16.95 -1.43
N SER DA 16 58.71 -16.57 -0.20
CA SER DA 16 58.99 -17.44 0.95
C SER DA 16 58.19 -18.72 0.88
N LYS DA 17 56.87 -18.61 0.68
CA LYS DA 17 56.00 -19.77 0.53
C LYS DA 17 55.81 -20.11 -0.95
N LEU DA 18 56.95 -20.37 -1.61
CA LEU DA 18 56.93 -20.54 -3.06
C LEU DA 18 56.36 -21.88 -3.47
N GLY DA 19 56.99 -22.97 -3.04
CA GLY DA 19 56.56 -24.30 -3.43
C GLY DA 19 56.19 -25.19 -2.27
N ARG DA 20 56.00 -24.60 -1.09
CA ARG DA 20 55.65 -25.36 0.11
C ARG DA 20 54.13 -25.52 0.20
N ASP DA 21 53.58 -26.22 -0.80
CA ASP DA 21 52.15 -26.44 -0.89
C ASP DA 21 51.90 -27.80 -1.53
N GLY DA 22 50.72 -28.35 -1.29
CA GLY DA 22 50.36 -29.65 -1.83
C GLY DA 22 50.85 -30.79 -0.97
N ARG DA 23 50.70 -31.99 -1.51
CA ARG DA 23 51.09 -33.22 -0.83
C ARG DA 23 52.10 -33.98 -1.68
N ALA DA 24 53.13 -34.51 -1.03
CA ALA DA 24 54.15 -35.28 -1.71
C ALA DA 24 53.68 -36.70 -1.98
N SER DA 25 54.42 -37.42 -2.82
CA SER DA 25 54.10 -38.79 -3.18
C SER DA 25 54.84 -39.76 -2.27
N ALA DA 26 54.46 -41.03 -2.36
CA ALA DA 26 55.09 -42.10 -1.60
C ALA DA 26 56.33 -42.65 -2.28
N ALA DA 27 56.68 -42.15 -3.47
CA ALA DA 27 57.88 -42.62 -4.15
C ALA DA 27 59.13 -42.30 -3.34
N THR DA 28 59.19 -41.11 -2.74
CA THR DA 28 60.34 -40.71 -1.93
C THR DA 28 60.19 -41.29 -0.52
N ALA DA 29 60.36 -42.60 -0.45
CA ALA DA 29 60.24 -43.35 0.79
C ALA DA 29 61.62 -43.84 1.21
N THR DA 30 62.05 -43.44 2.40
CA THR DA 30 63.37 -43.81 2.89
C THR DA 30 63.43 -45.30 3.21
N LEU DA 31 64.61 -45.88 3.01
CA LEU DA 31 64.84 -47.25 3.40
C LEU DA 31 64.82 -47.37 4.92
N THR DA 32 64.12 -48.38 5.42
CA THR DA 32 63.90 -48.53 6.85
C THR DA 32 64.83 -49.58 7.43
N THR DA 33 65.28 -49.34 8.66
CA THR DA 33 66.18 -50.23 9.38
C THR DA 33 65.44 -50.81 10.59
N LYS DA 34 65.61 -52.11 10.80
CA LYS DA 34 64.94 -52.77 11.92
C LYS DA 34 65.63 -52.41 13.23
N ILE DA 35 64.84 -52.05 14.24
CA ILE DA 35 65.35 -51.69 15.56
C ILE DA 35 64.68 -52.59 16.58
N ARG DA 36 65.48 -53.35 17.31
CA ARG DA 36 64.97 -54.30 18.29
C ARG DA 36 64.93 -53.63 19.67
N ILE DA 37 63.73 -53.51 20.22
CA ILE DA 37 63.51 -52.81 21.48
C ILE DA 37 63.09 -53.83 22.54
N PHE DA 38 63.79 -53.82 23.67
CA PHE DA 38 63.51 -54.73 24.79
C PHE DA 38 62.68 -53.99 25.83
N VAL DA 39 61.38 -54.29 25.88
CA VAL DA 39 60.50 -53.65 26.84
C VAL DA 39 60.11 -54.66 27.92
N PRO DA 40 59.91 -54.23 29.17
CA PRO DA 40 59.48 -55.17 30.20
C PRO DA 40 58.04 -55.60 29.99
N ALA DA 41 57.80 -56.90 30.06
CA ALA DA 41 56.46 -57.44 29.86
C ALA DA 41 55.58 -57.21 31.09
N THR DA 42 56.13 -57.36 32.28
CA THR DA 42 55.37 -57.30 33.53
C THR DA 42 55.72 -56.02 34.28
N ASN DA 43 55.14 -55.89 35.48
CA ASN DA 43 55.35 -54.73 36.33
C ASN DA 43 56.22 -55.04 37.54
N SER DA 44 56.83 -56.21 37.59
CA SER DA 44 57.65 -56.58 38.74
C SER DA 44 58.89 -55.70 38.80
N PRO DA 45 59.13 -55.03 39.93
CA PRO DA 45 60.30 -54.13 40.00
C PRO DA 45 61.62 -54.83 39.80
N GLU DA 46 61.75 -56.07 40.25
CA GLU DA 46 63.02 -56.79 40.11
C GLU DA 46 63.35 -57.02 38.63
N LEU DA 47 62.33 -57.24 37.80
CA LEU DA 47 62.57 -57.41 36.38
C LEU DA 47 62.87 -56.08 35.71
N ARG DA 48 62.12 -55.04 36.06
CA ARG DA 48 62.35 -53.72 35.47
C ARG DA 48 63.71 -53.15 35.88
N TRP DA 49 64.06 -53.28 37.17
CA TRP DA 49 65.35 -52.77 37.62
C TRP DA 49 66.50 -53.51 36.96
N GLU DA 50 66.37 -54.83 36.81
CA GLU DA 50 67.40 -55.59 36.11
C GLU DA 50 67.45 -55.21 34.64
N LEU DA 51 66.31 -54.81 34.07
CA LEU DA 51 66.26 -54.41 32.68
C LEU DA 51 66.98 -53.10 32.44
N THR DA 52 66.68 -52.08 33.26
CA THR DA 52 67.35 -50.79 33.08
C THR DA 52 68.82 -50.87 33.43
N LEU DA 53 69.22 -51.82 34.26
CA LEU DA 53 70.64 -52.09 34.45
C LEU DA 53 71.27 -52.63 33.17
N PHE DA 54 70.56 -53.52 32.47
CA PHE DA 54 71.05 -54.04 31.21
C PHE DA 54 71.15 -52.93 30.15
N ALA DA 55 70.11 -52.08 30.07
CA ALA DA 55 70.09 -51.05 29.04
C ALA DA 55 71.21 -50.03 29.26
N LEU DA 56 71.61 -49.82 30.51
CA LEU DA 56 72.74 -48.96 30.80
C LEU DA 56 74.03 -49.54 30.25
N ASP DA 57 74.19 -50.86 30.37
CA ASP DA 57 75.43 -51.50 29.93
C ASP DA 57 75.56 -51.48 28.41
N VAL DA 58 74.45 -51.68 27.71
CA VAL DA 58 74.49 -51.69 26.24
C VAL DA 58 74.95 -50.34 25.71
N ILE DA 59 74.42 -49.26 26.27
CA ILE DA 59 74.84 -47.92 25.86
C ILE DA 59 76.32 -47.72 26.19
N ARG DA 60 76.74 -48.13 27.39
CA ARG DA 60 78.14 -48.00 27.77
C ARG DA 60 79.06 -48.95 27.01
N SER DA 61 78.50 -50.01 26.44
CA SER DA 61 79.33 -51.00 25.76
C SER DA 61 79.96 -50.39 24.51
N PRO DA 62 81.26 -50.63 24.27
CA PRO DA 62 81.89 -50.12 23.05
C PRO DA 62 81.67 -51.04 21.85
N SER DA 63 81.46 -52.33 22.11
CA SER DA 63 81.25 -53.30 21.05
C SER DA 63 79.80 -53.36 20.58
N ALA DA 64 78.91 -52.59 21.19
CA ALA DA 64 77.50 -52.62 20.81
C ALA DA 64 77.29 -51.97 19.45
N ALA DA 65 76.50 -52.62 18.61
CA ALA DA 65 76.11 -52.03 17.34
C ALA DA 65 75.15 -50.86 17.59
N GLU DA 66 75.08 -49.95 16.62
CA GLU DA 66 74.25 -48.77 16.78
C GLU DA 66 72.78 -49.13 16.94
N SER DA 67 72.29 -50.10 16.15
CA SER DA 67 70.89 -50.50 16.24
C SER DA 67 70.55 -51.01 17.64
N MET DA 68 71.45 -51.80 18.23
CA MET DA 68 71.25 -52.24 19.62
C MET DA 68 71.26 -51.05 20.58
N LYS DA 69 72.15 -50.09 20.33
CA LYS DA 69 72.25 -48.93 21.22
C LYS DA 69 70.97 -48.09 21.18
N ILE DA 70 70.37 -47.93 20.00
CA ILE DA 70 69.11 -47.22 19.90
C ILE DA 70 68.02 -47.97 20.64
N GLY DA 71 68.02 -49.30 20.53
CA GLY DA 71 67.03 -50.09 21.27
C GLY DA 71 67.16 -49.93 22.77
N ALA DA 72 68.39 -49.87 23.27
CA ALA DA 72 68.60 -49.62 24.69
C ALA DA 72 68.10 -48.24 25.08
N ALA DA 73 68.35 -47.23 24.23
CA ALA DA 73 67.86 -45.89 24.50
C ALA DA 73 66.34 -45.85 24.54
N PHE DA 74 65.69 -46.51 23.58
CA PHE DA 74 64.23 -46.60 23.60
C PHE DA 74 63.74 -47.38 24.81
N THR DA 75 64.46 -48.43 25.19
CA THR DA 75 64.10 -49.19 26.37
C THR DA 75 64.14 -48.32 27.62
N LEU DA 76 65.18 -47.50 27.76
CA LEU DA 76 65.31 -46.66 28.95
C LEU DA 76 64.19 -45.64 29.03
N ILE DA 77 63.94 -44.91 27.94
CA ILE DA 77 63.03 -43.78 27.97
C ILE DA 77 61.62 -44.21 28.38
N SER DA 78 61.19 -45.37 27.90
CA SER DA 78 59.83 -45.85 28.13
C SER DA 78 59.70 -46.70 29.39
N MET DA 79 60.76 -46.80 30.20
CA MET DA 79 60.69 -47.65 31.39
C MET DA 79 59.68 -47.12 32.41
N TYR DA 80 59.48 -45.80 32.47
CA TYR DA 80 58.57 -45.24 33.48
C TYR DA 80 57.14 -45.68 33.24
N SER DA 81 56.74 -45.81 31.97
CA SER DA 81 55.36 -46.15 31.65
C SER DA 81 55.03 -47.57 32.07
N GLU DA 82 53.78 -47.77 32.49
CA GLU DA 82 53.34 -49.11 32.87
C GLU DA 82 53.22 -50.04 31.68
N ARG DA 83 53.04 -49.50 30.48
CA ARG DA 83 52.96 -50.28 29.24
C ARG DA 83 53.95 -49.68 28.25
N PRO DA 84 55.24 -50.00 28.41
CA PRO DA 84 56.24 -49.41 27.49
C PRO DA 84 55.99 -49.74 26.03
N GLY DA 85 55.49 -50.93 25.74
CA GLY DA 85 55.21 -51.28 24.35
C GLY DA 85 54.14 -50.40 23.73
N ALA DA 86 53.07 -50.11 24.49
CA ALA DA 86 52.03 -49.24 23.99
C ALA DA 86 52.53 -47.82 23.79
N LEU DA 87 53.37 -47.34 24.71
CA LEU DA 87 53.87 -45.97 24.61
C LEU DA 87 54.73 -45.79 23.36
N ILE DA 88 55.65 -46.73 23.10
CA ILE DA 88 56.52 -46.60 21.94
C ILE DA 88 55.72 -46.69 20.65
N ARG DA 89 54.79 -47.65 20.57
CA ARG DA 89 54.05 -47.84 19.33
C ARG DA 89 53.10 -46.68 19.05
N SER DA 90 52.56 -46.05 20.08
CA SER DA 90 51.62 -44.96 19.91
C SER DA 90 52.26 -43.59 19.92
N LEU DA 91 53.59 -43.51 20.02
CA LEU DA 91 54.29 -42.23 20.03
C LEU DA 91 55.54 -42.30 19.16
N LEU DA 92 55.46 -43.00 18.03
CA LEU DA 92 56.57 -43.13 17.10
C LEU DA 92 56.15 -42.58 15.75
N ASN DA 93 56.92 -41.62 15.24
CA ASN DA 93 56.65 -41.02 13.93
C ASN DA 93 57.96 -40.91 13.15
N ASP DA 94 58.74 -41.99 13.15
CA ASP DA 94 60.03 -42.00 12.47
C ASP DA 94 59.96 -42.83 11.21
N PRO DA 95 59.91 -42.22 10.03
CA PRO DA 95 59.96 -43.01 8.79
C PRO DA 95 61.29 -43.70 8.56
N ASP DA 96 62.36 -43.25 9.21
CA ASP DA 96 63.67 -43.85 9.00
C ASP DA 96 63.74 -45.27 9.55
N ILE DA 97 63.04 -45.55 10.64
CA ILE DA 97 63.19 -46.80 11.36
C ILE DA 97 61.84 -47.49 11.50
N GLU DA 98 61.90 -48.81 11.67
CA GLU DA 98 60.76 -49.60 12.08
C GLU DA 98 61.10 -50.29 13.40
N ALA DA 99 60.19 -50.22 14.35
CA ALA DA 99 60.42 -50.73 15.70
C ALA DA 99 59.71 -52.07 15.86
N VAL DA 100 60.47 -53.09 16.24
CA VAL DA 100 59.91 -54.40 16.56
C VAL DA 100 59.97 -54.56 18.08
N ILE DA 101 58.81 -54.37 18.72
CA ILE DA 101 58.74 -54.41 20.17
C ILE DA 101 58.88 -55.85 20.64
N ILE DA 102 59.73 -56.07 21.64
CA ILE DA 102 60.00 -57.39 22.19
C ILE DA 102 59.70 -57.37 23.68
N ASP DA 103 58.70 -58.13 24.09
CA ASP DA 103 58.41 -58.28 25.52
C ASP DA 103 59.45 -59.21 26.14
N VAL DA 104 60.08 -58.74 27.21
CA VAL DA 104 61.21 -59.47 27.78
C VAL DA 104 60.73 -60.77 28.43
N GLY DA 105 59.63 -60.72 29.19
CA GLY DA 105 59.12 -61.92 29.81
C GLY DA 105 59.72 -62.19 31.17
N SER DA 106 60.69 -63.09 31.22
CA SER DA 106 61.48 -63.31 32.42
C SER DA 106 62.87 -62.71 32.20
N MET DA 107 63.78 -62.87 33.15
CA MET DA 107 65.10 -62.27 33.01
C MET DA 107 66.16 -63.16 33.63
N LEU DA 108 67.13 -63.56 32.81
CA LEU DA 108 68.38 -64.14 33.27
C LEU DA 108 69.38 -63.00 33.49
N ASN DA 109 70.68 -63.33 33.61
CA ASN DA 109 71.69 -62.29 33.66
C ASN DA 109 71.57 -61.34 32.47
N GLY DA 110 71.39 -61.89 31.27
CA GLY DA 110 71.08 -61.08 30.10
C GLY DA 110 69.58 -60.99 29.90
N ILE DA 111 69.09 -61.49 28.77
CA ILE DA 111 67.66 -61.58 28.52
C ILE DA 111 67.34 -62.93 27.89
N PRO DA 112 66.35 -63.66 28.39
CA PRO DA 112 65.92 -64.90 27.72
C PRO DA 112 64.91 -64.62 26.64
N VAL DA 113 65.22 -65.04 25.41
CA VAL DA 113 64.28 -64.87 24.31
C VAL DA 113 63.03 -65.72 24.54
N MET DA 114 63.22 -66.92 25.09
CA MET DA 114 62.12 -67.82 25.45
C MET DA 114 61.19 -68.07 24.26
N GLU DA 115 61.78 -68.47 23.13
CA GLU DA 115 61.01 -68.78 21.93
C GLU DA 115 61.83 -69.75 21.09
N ARG DA 116 61.46 -71.02 21.11
CA ARG DA 116 62.12 -72.07 20.32
C ARG DA 116 63.62 -72.12 20.63
N ARG DA 117 63.92 -72.47 21.89
CA ARG DA 117 65.30 -72.51 22.34
C ARG DA 117 66.14 -73.44 21.47
N GLY DA 118 67.30 -72.96 21.05
CA GLY DA 118 68.17 -73.68 20.14
C GLY DA 118 68.01 -73.26 18.69
N ASP DA 119 66.79 -72.91 18.29
CA ASP DA 119 66.49 -72.51 16.91
C ASP DA 119 66.61 -70.99 16.82
N LYS DA 120 67.74 -70.52 16.27
CA LYS DA 120 67.98 -69.10 16.05
C LYS DA 120 67.86 -68.28 17.34
N ALA DA 121 68.23 -68.88 18.46
CA ALA DA 121 68.10 -68.21 19.75
C ALA DA 121 69.42 -68.18 20.50
N GLN DA 122 70.25 -69.22 20.30
CA GLN DA 122 71.51 -69.30 21.03
C GLN DA 122 72.44 -68.15 20.67
N GLU DA 123 72.58 -67.86 19.37
CA GLU DA 123 73.55 -66.87 18.94
C GLU DA 123 73.27 -65.50 19.56
N GLU DA 124 72.00 -65.16 19.75
CA GLU DA 124 71.66 -63.90 20.40
C GLU DA 124 72.09 -63.90 21.86
N MET DA 125 71.94 -65.04 22.55
CA MET DA 125 72.30 -65.11 23.95
C MET DA 125 73.79 -64.87 24.17
N GLU DA 126 74.64 -65.62 23.44
CA GLU DA 126 76.07 -65.36 23.52
C GLU DA 126 76.42 -64.00 22.93
N GLY DA 127 75.59 -63.47 22.03
CA GLY DA 127 75.80 -62.12 21.55
C GLY DA 127 75.64 -61.07 22.65
N LEU DA 128 74.65 -61.26 23.52
CA LEU DA 128 74.43 -60.30 24.60
C LEU DA 128 75.46 -60.47 25.71
N MET DA 129 75.90 -61.70 25.96
CA MET DA 129 76.97 -61.92 26.93
C MET DA 129 78.26 -61.22 26.50
N ARG DA 130 78.54 -61.20 25.20
CA ARG DA 130 79.66 -60.39 24.72
C ARG DA 130 79.41 -58.91 24.96
N ILE DA 131 78.16 -58.48 24.81
CA ILE DA 131 77.82 -57.08 25.08
C ILE DA 131 78.09 -56.73 26.53
N LEU DA 132 77.62 -57.57 27.45
CA LEU DA 132 77.79 -57.30 28.87
C LEU DA 132 79.27 -57.38 29.28
N LYS DA 133 79.98 -58.39 28.81
CA LYS DA 133 81.37 -58.56 29.20
C LYS DA 133 82.24 -57.41 28.71
N THR DA 134 82.05 -57.00 27.44
CA THR DA 134 82.81 -55.88 26.91
C THR DA 134 82.45 -54.58 27.63
N ALA DA 135 81.18 -54.39 27.95
CA ALA DA 135 80.77 -53.16 28.64
C ALA DA 135 81.42 -53.04 30.00
N ARG DA 136 81.47 -54.15 30.76
CA ARG DA 136 82.06 -54.09 32.09
C ARG DA 136 83.58 -54.00 32.02
N GLU DA 137 84.20 -54.70 31.06
CA GLU DA 137 85.65 -54.65 30.92
C GLU DA 137 86.15 -53.33 30.36
N SER DA 138 85.35 -52.66 29.52
CA SER DA 138 85.81 -51.42 28.89
C SER DA 138 86.11 -50.36 29.94
N SER DA 139 85.17 -50.13 30.86
CA SER DA 139 85.44 -49.24 31.97
C SER DA 139 86.42 -49.90 32.95
N LYS DA 140 87.13 -49.06 33.71
CA LYS DA 140 88.12 -49.56 34.65
C LYS DA 140 87.43 -50.05 35.92
N GLY DA 141 86.48 -50.98 35.76
CA GLY DA 141 85.71 -51.45 36.89
C GLY DA 141 84.70 -50.47 37.41
N LYS DA 142 84.46 -49.38 36.69
CA LYS DA 142 83.58 -48.32 37.14
C LYS DA 142 82.15 -48.58 36.67
N THR DA 143 81.22 -48.62 37.62
CA THR DA 143 79.82 -48.75 37.29
C THR DA 143 79.29 -47.47 36.66
N PRO DA 144 78.20 -47.55 35.90
CA PRO DA 144 77.62 -46.32 35.31
C PRO DA 144 77.24 -45.29 36.36
N PHE DA 145 76.79 -45.72 37.54
CA PHE DA 145 76.43 -44.79 38.60
C PHE DA 145 77.68 -44.26 39.31
N VAL DA 146 77.58 -43.03 39.81
CA VAL DA 146 78.68 -42.45 40.56
C VAL DA 146 78.91 -43.17 41.88
N ASP DA 147 77.94 -43.96 42.33
CA ASP DA 147 78.05 -44.75 43.55
C ASP DA 147 78.15 -46.22 43.16
N SER DA 148 79.22 -46.88 43.57
CA SER DA 148 79.43 -48.28 43.20
C SER DA 148 78.36 -49.19 43.81
N ARG DA 149 77.76 -48.77 44.92
CA ARG DA 149 76.71 -49.58 45.54
C ARG DA 149 75.40 -49.50 44.77
N ALA DA 150 75.20 -48.47 43.94
CA ALA DA 150 73.96 -48.34 43.19
C ALA DA 150 73.85 -49.33 42.04
N TYR DA 151 74.96 -49.95 41.64
CA TYR DA 151 74.92 -50.91 40.53
C TYR DA 151 74.44 -52.28 41.00
N GLY DA 152 75.18 -52.89 41.92
CA GLY DA 152 74.79 -54.17 42.46
C GLY DA 152 73.79 -54.04 43.59
N LEU DA 153 72.68 -53.37 43.32
CA LEU DA 153 71.65 -53.10 44.33
C LEU DA 153 70.39 -53.87 43.96
N ARG DA 154 69.88 -54.66 44.91
CA ARG DA 154 68.64 -55.38 44.69
C ARG DA 154 67.45 -54.46 44.92
N ILE DA 155 66.50 -54.48 44.00
CA ILE DA 155 65.28 -53.68 44.10
C ILE DA 155 64.09 -54.62 44.08
N THR DA 156 63.30 -54.61 45.15
CA THR DA 156 62.05 -55.35 45.22
C THR DA 156 60.85 -54.49 45.54
N ASP DA 157 61.04 -53.32 46.16
CA ASP DA 157 59.95 -52.40 46.46
C ASP DA 157 59.65 -51.54 45.24
N MET DA 158 58.36 -51.41 44.92
CA MET DA 158 57.96 -50.58 43.80
C MET DA 158 58.33 -49.11 44.02
N SER DA 159 58.26 -48.66 45.27
CA SER DA 159 58.60 -47.27 45.57
C SER DA 159 60.05 -46.96 45.24
N THR DA 160 60.96 -47.87 45.59
CA THR DA 160 62.38 -47.65 45.30
C THR DA 160 62.64 -47.68 43.81
N LEU DA 161 62.00 -48.59 43.08
CA LEU DA 161 62.22 -48.68 41.65
C LEU DA 161 61.78 -47.41 40.94
N VAL DA 162 60.63 -46.87 41.31
CA VAL DA 162 60.13 -45.66 40.66
C VAL DA 162 61.09 -44.50 40.88
N SER DA 163 61.56 -44.32 42.11
CA SER DA 163 62.53 -43.27 42.38
C SER DA 163 63.82 -43.51 41.63
N ALA DA 164 64.29 -44.76 41.60
CA ALA DA 164 65.51 -45.08 40.89
C ALA DA 164 65.37 -44.83 39.39
N VAL DA 165 64.23 -45.22 38.81
CA VAL DA 165 64.04 -45.08 37.38
C VAL DA 165 64.02 -43.61 36.99
N ILE DA 166 63.25 -42.80 37.72
CA ILE DA 166 63.09 -41.39 37.34
C ILE DA 166 64.43 -40.67 37.35
N THR DA 167 65.29 -40.99 38.32
CA THR DA 167 66.62 -40.39 38.37
C THR DA 167 67.41 -40.74 37.12
N ILE DA 168 67.32 -41.99 36.66
CA ILE DA 168 67.95 -42.37 35.41
C ILE DA 168 67.29 -41.65 34.24
N GLU DA 169 65.96 -41.58 34.24
CA GLU DA 169 65.25 -40.86 33.18
C GLU DA 169 65.58 -39.38 33.20
N ALA DA 170 65.57 -38.77 34.38
CA ALA DA 170 65.82 -37.33 34.47
C ALA DA 170 67.21 -36.98 33.95
N GLN DA 171 68.22 -37.76 34.36
CA GLN DA 171 69.58 -37.45 33.96
C GLN DA 171 69.78 -37.58 32.47
N ILE DA 172 69.08 -38.50 31.81
CA ILE DA 172 69.15 -38.61 30.36
C ILE DA 172 68.48 -37.40 29.71
N TRP DA 173 67.32 -37.00 30.22
CA TRP DA 173 66.58 -35.89 29.61
C TRP DA 173 67.26 -34.54 29.77
N ILE DA 174 68.26 -34.42 30.64
CA ILE DA 174 69.02 -33.17 30.71
C ILE DA 174 69.80 -32.96 29.42
N LEU DA 175 70.31 -34.04 28.83
CA LEU DA 175 71.25 -33.94 27.72
C LEU DA 175 70.60 -33.43 26.45
N ILE DA 176 69.28 -33.62 26.27
CA ILE DA 176 68.64 -33.25 25.01
C ILE DA 176 68.71 -31.74 24.77
N ALA DA 177 68.76 -30.95 25.84
CA ALA DA 177 68.75 -29.50 25.68
C ALA DA 177 69.97 -29.01 24.90
N LYS DA 178 71.15 -29.56 25.19
CA LYS DA 178 72.39 -29.15 24.55
C LYS DA 178 73.14 -30.36 24.00
N ALA DA 179 72.42 -31.22 23.28
CA ALA DA 179 73.05 -32.39 22.67
C ALA DA 179 73.52 -32.11 21.25
N VAL DA 180 72.76 -31.34 20.49
CA VAL DA 180 73.10 -31.04 19.10
C VAL DA 180 73.59 -29.61 18.90
N THR DA 181 73.28 -28.69 19.82
CA THR DA 181 73.73 -27.32 19.67
C THR DA 181 75.22 -27.20 19.97
N ALA DA 182 75.61 -27.55 21.19
CA ALA DA 182 77.02 -27.51 21.61
C ALA DA 182 77.26 -28.61 22.63
N PRO DA 183 77.34 -29.87 22.18
CA PRO DA 183 77.53 -30.98 23.13
C PRO DA 183 78.81 -30.89 23.94
N ASP DA 184 79.90 -30.39 23.34
CA ASP DA 184 81.17 -30.36 24.06
C ASP DA 184 81.21 -29.26 25.12
N THR DA 185 80.45 -28.19 24.93
CA THR DA 185 80.40 -27.09 25.88
C THR DA 185 79.38 -27.32 27.00
N ALA DA 186 78.80 -28.52 27.05
CA ALA DA 186 77.81 -28.85 28.07
C ALA DA 186 78.51 -29.20 29.38
N GLU DA 187 77.78 -29.82 30.30
CA GLU DA 187 78.18 -30.23 31.65
C GLU DA 187 78.19 -29.05 32.62
N GLU DA 188 77.98 -27.82 32.15
CA GLU DA 188 77.77 -26.68 33.03
C GLU DA 188 76.29 -26.47 33.31
N SER DA 189 75.50 -26.29 32.25
CA SER DA 189 74.05 -26.20 32.42
C SER DA 189 73.47 -27.53 32.87
N GLU DA 190 74.01 -28.64 32.36
CA GLU DA 190 73.51 -29.96 32.75
C GLU DA 190 73.69 -30.19 34.24
N THR DA 191 74.86 -29.83 34.78
CA THR DA 191 75.06 -29.92 36.22
C THR DA 191 74.14 -28.96 36.96
N ARG DA 192 73.89 -27.78 36.37
CA ARG DA 192 72.97 -26.83 36.99
C ARG DA 192 71.55 -27.37 37.02
N ARG DA 193 71.12 -28.02 35.94
CA ARG DA 193 69.79 -28.64 35.93
C ARG DA 193 69.69 -29.74 36.97
N TRP DA 194 70.72 -30.59 37.05
CA TRP DA 194 70.71 -31.68 38.02
C TRP DA 194 70.68 -31.15 39.45
N ALA DA 195 71.46 -30.09 39.72
CA ALA DA 195 71.48 -29.52 41.07
C ALA DA 195 70.11 -28.97 41.45
N LYS DA 196 69.39 -28.38 40.49
CA LYS DA 196 68.08 -27.83 40.77
C LYS DA 196 67.11 -28.91 41.21
N TYR DA 197 67.09 -30.04 40.50
CA TYR DA 197 66.16 -31.11 40.83
C TYR DA 197 66.55 -31.81 42.13
N VAL DA 198 67.85 -31.88 42.43
CA VAL DA 198 68.28 -32.43 43.71
C VAL DA 198 67.78 -31.56 44.86
N GLN DA 199 67.89 -30.23 44.72
CA GLN DA 199 67.41 -29.35 45.76
C GLN DA 199 65.89 -29.38 45.86
N GLN DA 200 65.20 -29.69 44.77
CA GLN DA 200 63.75 -29.86 44.80
C GLN DA 200 63.33 -31.23 45.31
N LYS DA 201 64.28 -32.13 45.55
CA LYS DA 201 64.02 -33.48 46.04
C LYS DA 201 63.16 -34.29 45.10
N ARG DA 202 63.09 -33.90 43.82
CA ARG DA 202 62.36 -34.70 42.84
C ARG DA 202 63.14 -35.94 42.45
N VAL DA 203 64.47 -35.87 42.50
CA VAL DA 203 65.34 -36.98 42.12
C VAL DA 203 66.18 -37.38 43.33
N ASN DA 204 66.28 -38.67 43.55
CA ASN DA 204 67.14 -39.20 44.61
C ASN DA 204 68.57 -39.24 44.13
N PRO DA 205 69.50 -38.50 44.75
CA PRO DA 205 70.86 -38.41 44.20
C PRO DA 205 71.66 -39.68 44.32
N PHE DA 206 71.13 -40.73 44.96
CA PHE DA 206 71.88 -41.98 45.07
C PHE DA 206 72.12 -42.60 43.69
N PHE DA 207 71.13 -42.55 42.81
CA PHE DA 207 71.26 -43.08 41.46
C PHE DA 207 71.69 -41.94 40.53
N ALA DA 208 72.97 -41.59 40.62
CA ALA DA 208 73.56 -40.55 39.79
C ALA DA 208 74.60 -41.19 38.88
N LEU DA 209 74.35 -41.17 37.58
CA LEU DA 209 75.28 -41.74 36.63
C LEU DA 209 76.53 -40.88 36.52
N THR DA 210 77.67 -41.55 36.32
CA THR DA 210 78.94 -40.85 36.21
C THR DA 210 79.01 -40.06 34.90
N GLN DA 211 79.91 -39.08 34.87
CA GLN DA 211 80.03 -38.24 33.69
C GLN DA 211 80.62 -39.01 32.51
N GLN DA 212 81.35 -40.10 32.77
CA GLN DA 212 81.83 -40.94 31.69
C GLN DA 212 80.69 -41.57 30.93
N TRP DA 213 79.67 -42.06 31.66
CA TRP DA 213 78.51 -42.65 31.01
C TRP DA 213 77.67 -41.59 30.31
N LEU DA 214 77.52 -40.42 30.94
CA LEU DA 214 76.70 -39.36 30.35
C LEU DA 214 77.29 -38.89 29.02
N THR DA 215 78.61 -38.82 28.93
CA THR DA 215 79.24 -38.46 27.67
C THR DA 215 78.94 -39.48 26.58
N GLU DA 216 78.97 -40.77 26.93
CA GLU DA 216 78.69 -41.81 25.95
C GLU DA 216 77.24 -41.72 25.46
N MET DA 217 76.29 -41.51 26.36
CA MET DA 217 74.90 -41.36 25.95
C MET DA 217 74.70 -40.09 25.13
N ARG DA 218 75.32 -38.98 25.54
CA ARG DA 218 75.17 -37.73 24.79
C ARG DA 218 75.74 -37.86 23.39
N ASN DA 219 76.88 -38.55 23.25
CA ASN DA 219 77.42 -38.80 21.91
C ASN DA 219 76.45 -39.65 21.10
N LEU DA 220 75.81 -40.64 21.72
CA LEU DA 220 74.78 -41.40 21.05
C LEU DA 220 73.59 -40.52 20.66
N LEU DA 221 73.17 -39.65 21.58
CA LEU DA 221 71.97 -38.87 21.35
C LEU DA 221 72.18 -37.85 20.22
N SER DA 222 73.40 -37.36 20.05
CA SER DA 222 73.67 -36.43 18.96
C SER DA 222 73.75 -37.14 17.62
N GLN DA 223 74.33 -38.34 17.59
CA GLN DA 223 74.50 -39.07 16.33
C GLN DA 223 73.16 -39.49 15.75
N SER DA 224 72.25 -39.97 16.58
CA SER DA 224 71.02 -40.59 16.12
C SER DA 224 69.86 -39.60 16.14
N LEU DA 225 69.16 -39.52 15.01
CA LEU DA 225 67.95 -38.70 14.90
C LEU DA 225 66.69 -39.43 15.34
N SER DA 226 66.68 -40.77 15.27
CA SER DA 226 65.49 -41.52 15.66
C SER DA 226 65.20 -41.35 17.14
N VAL DA 227 66.23 -41.39 17.98
CA VAL DA 227 66.04 -41.18 19.42
C VAL DA 227 65.54 -39.76 19.69
N ARG DA 228 66.12 -38.77 19.00
CA ARG DA 228 65.68 -37.40 19.17
C ARG DA 228 64.22 -37.23 18.76
N LYS DA 229 63.83 -37.85 17.64
CA LYS DA 229 62.44 -37.74 17.18
C LYS DA 229 61.48 -38.35 18.19
N PHE DA 230 61.84 -39.49 18.77
CA PHE DA 230 60.99 -40.11 19.78
C PHE DA 230 60.87 -39.23 21.02
N MET DA 231 61.98 -38.64 21.46
CA MET DA 231 61.94 -37.83 22.67
C MET DA 231 61.26 -36.49 22.42
N VAL DA 232 61.37 -35.94 21.22
CA VAL DA 232 60.63 -34.73 20.89
C VAL DA 232 59.13 -35.02 20.83
N GLU DA 233 58.76 -36.18 20.29
CA GLU DA 233 57.35 -36.55 20.24
C GLU DA 233 56.77 -36.68 21.64
N ILE DA 234 57.53 -37.25 22.58
CA ILE DA 234 57.10 -37.32 23.96
C ILE DA 234 56.89 -35.93 24.53
N LEU DA 235 57.81 -35.01 24.21
CA LEU DA 235 57.71 -33.65 24.73
C LEU DA 235 56.43 -32.96 24.28
N MET DA 236 56.09 -33.08 23.00
CA MET DA 236 54.88 -32.44 22.49
C MET DA 236 53.63 -33.04 23.11
N GLU DA 237 53.57 -34.38 23.19
CA GLU DA 237 52.40 -35.02 23.78
C GLU DA 237 52.24 -34.67 25.25
N VAL DA 238 53.33 -34.66 26.00
CA VAL DA 238 53.27 -34.30 27.41
C VAL DA 238 52.90 -32.83 27.56
N LYS DA 239 53.40 -31.98 26.67
CA LYS DA 239 53.07 -30.55 26.71
C LYS DA 239 51.58 -30.30 26.61
N LYS DA 240 50.87 -31.12 25.84
CA LYS DA 240 49.43 -30.99 25.70
C LYS DA 240 48.77 -31.31 27.03
N GLY DA 241 48.18 -30.30 27.66
CA GLY DA 241 47.52 -30.48 28.94
C GLY DA 241 46.15 -31.12 28.79
N GLY DA 242 45.50 -31.32 29.94
CA GLY DA 242 44.18 -31.90 29.97
C GLY DA 242 44.03 -33.08 30.91
N SER DA 243 45.08 -33.89 31.02
CA SER DA 243 45.07 -35.07 31.87
C SER DA 243 46.02 -34.88 33.04
N ALA DA 244 45.89 -35.77 34.01
CA ALA DA 244 46.76 -35.74 35.19
C ALA DA 244 48.18 -36.14 34.79
N LYS DA 245 49.16 -35.46 35.39
CA LYS DA 245 50.56 -35.68 35.10
C LYS DA 245 51.23 -36.37 36.28
N GLY DA 246 51.94 -37.46 36.00
CA GLY DA 246 52.68 -38.17 37.03
C GLY DA 246 54.02 -37.53 37.31
N ARG DA 247 54.71 -38.09 38.30
CA ARG DA 247 56.02 -37.56 38.68
C ARG DA 247 57.01 -37.66 37.53
N ALA DA 248 56.98 -38.77 36.79
CA ALA DA 248 57.84 -38.90 35.61
C ALA DA 248 57.49 -37.88 34.55
N VAL DA 249 56.20 -37.66 34.31
CA VAL DA 249 55.77 -36.75 33.25
C VAL DA 249 56.07 -35.31 33.64
N GLU DA 250 55.88 -34.95 34.92
CA GLU DA 250 56.08 -33.58 35.35
C GLU DA 250 57.54 -33.15 35.18
N ILE DA 251 58.48 -34.05 35.49
CA ILE DA 251 59.89 -33.74 35.29
C ILE DA 251 60.19 -33.58 33.80
N ILE DA 252 59.65 -34.46 32.97
CA ILE DA 252 59.88 -34.38 31.53
C ILE DA 252 59.35 -33.07 30.98
N SER DA 253 58.14 -32.67 31.40
CA SER DA 253 57.59 -31.39 30.95
C SER DA 253 58.42 -30.21 31.47
N ASP DA 254 58.87 -30.29 32.72
CA ASP DA 254 59.70 -29.23 33.27
C ASP DA 254 61.02 -29.12 32.52
N ILE DA 255 61.63 -30.26 32.18
CA ILE DA 255 62.84 -30.24 31.36
C ILE DA 255 62.54 -29.70 29.97
N GLY DA 256 61.35 -30.01 29.44
CA GLY DA 256 61.00 -29.53 28.12
C GLY DA 256 60.91 -28.02 28.02
N ASN DA 257 60.77 -27.34 29.16
CA ASN DA 257 60.79 -25.88 29.16
C ASN DA 257 62.15 -25.36 28.69
N TYR DA 258 63.23 -25.97 29.15
CA TYR DA 258 64.56 -25.56 28.71
C TYR DA 258 64.84 -26.03 27.29
N VAL DA 259 64.23 -27.14 26.87
CA VAL DA 259 64.50 -27.70 25.55
C VAL DA 259 63.93 -26.81 24.45
N GLU DA 260 62.78 -26.18 24.69
CA GLU DA 260 62.10 -25.43 23.66
C GLU DA 260 62.96 -24.30 23.11
N GLU DA 261 62.81 -24.06 21.80
CA GLU DA 261 63.47 -22.95 21.11
C GLU DA 261 65.00 -23.04 21.19
N THR DA 262 65.53 -24.26 21.36
CA THR DA 262 66.97 -24.44 21.41
C THR DA 262 67.59 -24.27 20.04
N GLY DA 263 68.85 -23.86 20.03
CA GLY DA 263 69.60 -23.74 18.79
C GLY DA 263 69.18 -22.63 17.87
N MET DA 264 68.28 -21.75 18.30
CA MET DA 264 67.81 -20.64 17.48
C MET DA 264 67.87 -19.33 18.25
N ALA DA 265 68.96 -19.11 19.00
CA ALA DA 265 69.09 -17.87 19.75
C ALA DA 265 69.26 -16.67 18.82
N GLY DA 266 69.88 -16.87 17.65
CA GLY DA 266 70.06 -15.77 16.73
C GLY DA 266 68.74 -15.17 16.25
N PHE DA 267 67.76 -16.03 15.98
CA PHE DA 267 66.47 -15.54 15.51
C PHE DA 267 65.69 -14.89 16.65
N PHE DA 268 65.66 -15.52 17.82
CA PHE DA 268 64.82 -15.03 18.90
C PHE DA 268 65.42 -13.81 19.59
N ALA DA 269 66.75 -13.72 19.67
CA ALA DA 269 67.37 -12.51 20.19
C ALA DA 269 67.05 -11.32 19.29
N THR DA 270 67.04 -11.54 17.97
CA THR DA 270 66.65 -10.49 17.04
C THR DA 270 65.21 -10.07 17.27
N ILE DA 271 64.33 -11.04 17.52
CA ILE DA 271 62.92 -10.75 17.79
C ILE DA 271 62.80 -9.96 19.09
N ARG DA 272 63.45 -10.46 20.15
CA ARG DA 272 63.27 -9.85 21.46
C ARG DA 272 63.96 -8.51 21.57
N PHE DA 273 65.21 -8.42 21.10
CA PHE DA 273 66.01 -7.21 21.31
C PHE DA 273 66.00 -6.29 20.10
N GLY DA 274 66.36 -6.82 18.92
CA GLY DA 274 66.45 -5.97 17.74
C GLY DA 274 65.11 -5.43 17.30
N LEU DA 275 64.08 -6.26 17.28
CA LEU DA 275 62.78 -5.84 16.76
C LEU DA 275 61.96 -5.16 17.84
N GLU DA 276 61.69 -5.86 18.94
CA GLU DA 276 61.01 -5.26 20.09
C GLU DA 276 61.96 -4.28 20.77
N THR DA 277 61.52 -3.66 21.86
CA THR DA 277 62.25 -2.58 22.50
C THR DA 277 62.58 -1.49 21.48
N ARG DA 278 61.51 -0.88 20.95
CA ARG DA 278 61.61 0.01 19.80
C ARG DA 278 62.57 1.17 20.03
N TYR DA 279 63.66 1.18 19.28
CA TYR DA 279 64.69 2.19 19.37
C TYR DA 279 64.62 3.12 18.16
N PRO DA 280 64.76 4.43 18.35
CA PRO DA 280 64.74 5.37 17.21
C PRO DA 280 65.67 5.01 16.06
N ALA DA 281 66.63 4.11 16.30
CA ALA DA 281 67.58 3.70 15.29
C ALA DA 281 67.07 2.55 14.42
N LEU DA 282 65.82 2.12 14.61
CA LEU DA 282 65.29 1.00 13.85
C LEU DA 282 65.07 1.39 12.39
N ALA DA 283 64.23 2.40 12.15
CA ALA DA 283 63.96 2.86 10.78
C ALA DA 283 65.15 3.67 10.31
N LEU DA 284 66.08 3.02 9.60
CA LEU DA 284 67.30 3.67 9.13
C LEU DA 284 67.57 3.38 7.66
N ASN DA 285 66.59 2.85 6.92
CA ASN DA 285 66.66 2.53 5.50
C ASN DA 285 67.68 1.46 5.18
N GLU DA 286 68.33 0.86 6.18
CA GLU DA 286 69.15 -0.33 5.97
C GLU DA 286 68.61 -1.54 6.70
N PHE DA 287 67.56 -1.38 7.50
CA PHE DA 287 66.91 -2.48 8.21
C PHE DA 287 65.57 -2.85 7.61
N GLN DA 288 65.05 -2.06 6.66
CA GLN DA 288 63.73 -2.34 6.10
C GLN DA 288 63.70 -3.68 5.38
N SER DA 289 64.82 -4.07 4.77
CA SER DA 289 64.89 -5.40 4.15
C SER DA 289 64.87 -6.49 5.21
N ASP DA 290 65.68 -6.34 6.26
CA ASP DA 290 65.72 -7.33 7.33
C ASP DA 290 64.40 -7.37 8.09
N LEU DA 291 63.78 -6.21 8.30
CA LEU DA 291 62.49 -6.17 8.97
C LEU DA 291 61.44 -6.94 8.17
N ASN DA 292 61.43 -6.75 6.85
CA ASN DA 292 60.48 -7.50 6.02
C ASN DA 292 60.74 -8.99 6.09
N THR DA 293 62.01 -9.41 6.03
CA THR DA 293 62.34 -10.82 6.12
C THR DA 293 61.94 -11.40 7.47
N ILE DA 294 62.19 -10.64 8.55
CA ILE DA 294 61.80 -11.09 9.88
C ILE DA 294 60.29 -11.27 9.97
N LYS DA 295 59.53 -10.34 9.39
CA LYS DA 295 58.08 -10.42 9.43
C LYS DA 295 57.58 -11.69 8.75
N GLY DA 296 58.17 -12.05 7.61
CA GLY DA 296 57.78 -13.28 6.96
C GLY DA 296 58.13 -14.52 7.77
N LEU DA 297 59.27 -14.47 8.47
CA LEU DA 297 59.70 -15.62 9.26
C LEU DA 297 58.73 -15.91 10.39
N MET DA 298 58.22 -14.86 11.06
CA MET DA 298 57.25 -15.06 12.13
C MET DA 298 55.98 -15.74 11.61
N LEU DA 299 55.55 -15.39 10.39
CA LEU DA 299 54.41 -16.08 9.80
C LEU DA 299 54.76 -17.51 9.45
N LEU DA 300 55.99 -17.74 8.99
CA LEU DA 300 56.43 -19.11 8.71
C LEU DA 300 56.48 -19.95 9.99
N TYR DA 301 56.97 -19.35 11.08
CA TYR DA 301 57.03 -20.08 12.35
C TYR DA 301 55.63 -20.46 12.82
N ARG DA 302 54.66 -19.58 12.65
CA ARG DA 302 53.28 -19.91 13.01
C ARG DA 302 52.73 -20.99 12.08
N GLU DA 303 53.19 -21.01 10.83
CA GLU DA 303 52.68 -21.98 9.86
C GLU DA 303 53.24 -23.38 10.07
N ILE DA 304 54.42 -23.50 10.68
CA ILE DA 304 55.07 -24.81 10.81
C ILE DA 304 54.22 -25.75 11.65
N GLY DA 305 53.81 -25.29 12.82
CA GLY DA 305 52.97 -26.11 13.69
C GLY DA 305 53.57 -26.32 15.07
N PRO DA 306 53.12 -27.36 15.76
CA PRO DA 306 53.65 -27.63 17.10
C PRO DA 306 55.11 -28.06 17.12
N ARG DA 307 55.67 -28.45 15.98
CA ARG DA 307 57.07 -28.85 15.91
C ARG DA 307 58.02 -27.68 15.72
N ALA DA 308 57.49 -26.45 15.67
CA ALA DA 308 58.34 -25.29 15.41
C ALA DA 308 59.44 -25.09 16.44
N PRO DA 309 59.17 -25.10 17.76
CA PRO DA 309 60.27 -24.84 18.71
C PRO DA 309 61.40 -25.87 18.62
N TYR DA 310 61.06 -27.13 18.38
CA TYR DA 310 62.08 -28.17 18.25
C TYR DA 310 62.48 -28.40 16.79
N MET DA 311 62.81 -27.32 16.07
CA MET DA 311 63.22 -27.47 14.69
C MET DA 311 64.66 -27.96 14.59
N VAL DA 312 65.54 -27.48 15.46
CA VAL DA 312 66.94 -27.91 15.43
C VAL DA 312 67.05 -29.38 15.85
N LEU DA 313 66.24 -29.80 16.81
CA LEU DA 313 66.29 -31.19 17.27
C LEU DA 313 65.88 -32.15 16.16
N LEU DA 314 64.82 -31.83 15.45
CA LEU DA 314 64.40 -32.64 14.31
C LEU DA 314 65.20 -32.33 13.05
N GLU DA 315 66.05 -31.30 13.09
CA GLU DA 315 66.91 -30.93 11.96
C GLU DA 315 66.09 -30.63 10.71
N GLU DA 316 65.04 -29.83 10.89
CA GLU DA 316 64.20 -29.41 9.78
C GLU DA 316 65.01 -28.55 8.81
N SER DA 317 64.74 -28.73 7.52
CA SER DA 317 65.36 -27.89 6.50
C SER DA 317 64.86 -26.45 6.57
N ILE DA 318 63.68 -26.23 7.14
CA ILE DA 318 63.17 -24.88 7.32
C ILE DA 318 64.05 -24.08 8.26
N GLN DA 319 64.79 -24.75 9.15
CA GLN DA 319 65.60 -24.04 10.14
C GLN DA 319 66.67 -23.18 9.49
N THR DA 320 67.21 -23.61 8.36
CA THR DA 320 68.28 -22.84 7.71
C THR DA 320 67.78 -21.44 7.32
N LYS DA 321 66.53 -21.34 6.86
CA LYS DA 321 65.98 -20.04 6.53
C LYS DA 321 65.81 -19.15 7.76
N PHE DA 322 65.73 -19.74 8.96
CA PHE DA 322 65.60 -18.95 10.18
C PHE DA 322 66.94 -18.44 10.69
N ALA DA 323 68.04 -19.09 10.33
CA ALA DA 323 69.34 -18.74 10.87
C ALA DA 323 69.78 -17.36 10.39
N PRO DA 324 70.49 -16.60 11.24
CA PRO DA 324 71.05 -15.33 10.79
C PRO DA 324 72.03 -15.56 9.65
N GLY DA 325 72.01 -14.64 8.69
CA GLY DA 325 72.76 -14.79 7.46
C GLY DA 325 71.91 -14.33 6.30
N GLY DA 326 70.60 -14.52 6.42
CA GLY DA 326 69.64 -13.89 5.55
C GLY DA 326 69.21 -12.52 6.00
N TYR DA 327 69.54 -12.15 7.24
CA TYR DA 327 69.29 -10.80 7.76
C TYR DA 327 70.44 -10.39 8.66
N PRO DA 328 71.67 -10.40 8.14
CA PRO DA 328 72.84 -10.14 9.01
C PRO DA 328 72.85 -8.75 9.62
N LEU DA 329 72.24 -7.77 8.96
CA LEU DA 329 72.32 -6.39 9.45
C LEU DA 329 71.53 -6.22 10.74
N LEU DA 330 70.25 -6.59 10.72
CA LEU DA 330 69.42 -6.44 11.93
C LEU DA 330 69.91 -7.33 13.05
N TRP DA 331 70.33 -8.56 12.72
CA TRP DA 331 70.84 -9.47 13.75
C TRP DA 331 72.07 -8.89 14.43
N SER DA 332 72.98 -8.30 13.64
CA SER DA 332 74.15 -7.67 14.22
C SER DA 332 73.76 -6.51 15.14
N PHE DA 333 72.78 -5.71 14.72
CA PHE DA 333 72.25 -4.68 15.59
C PHE DA 333 71.59 -5.29 16.82
N ALA DA 334 70.88 -6.41 16.63
CA ALA DA 334 70.20 -7.05 17.76
C ALA DA 334 71.19 -7.58 18.79
N MET DA 335 72.30 -8.17 18.34
CA MET DA 335 73.29 -8.63 19.30
C MET DA 335 73.99 -7.45 19.98
N GLY DA 336 74.01 -6.29 19.32
CA GLY DA 336 74.61 -5.12 19.94
C GLY DA 336 73.88 -4.67 21.18
N VAL DA 337 72.55 -4.58 21.10
CA VAL DA 337 71.76 -4.22 22.28
C VAL DA 337 71.69 -5.39 23.25
N ALA DA 338 71.70 -6.62 22.74
CA ALA DA 338 71.58 -7.79 23.62
C ALA DA 338 72.76 -7.89 24.56
N THR DA 339 73.97 -7.68 24.05
CA THR DA 339 75.16 -7.79 24.89
C THR DA 339 75.17 -6.75 26.01
N THR DA 340 74.74 -5.52 25.70
CA THR DA 340 74.75 -4.46 26.72
C THR DA 340 73.64 -4.65 27.74
N ILE DA 341 72.45 -5.08 27.31
CA ILE DA 341 71.29 -5.15 28.18
C ILE DA 341 71.32 -6.42 29.02
N ASP DA 342 71.44 -7.57 28.37
CA ASP DA 342 71.42 -8.86 29.05
C ASP DA 342 72.84 -9.27 29.41
N ARG DA 343 73.12 -9.34 30.72
CA ARG DA 343 74.45 -9.74 31.16
C ARG DA 343 74.77 -11.17 30.73
N SER DA 344 73.79 -12.07 30.85
CA SER DA 344 74.02 -13.46 30.44
C SER DA 344 74.32 -13.55 28.95
N MET DA 345 73.61 -12.77 28.13
CA MET DA 345 73.92 -12.72 26.70
C MET DA 345 75.28 -12.05 26.52
N GLY DA 346 76.21 -12.77 25.89
CA GLY DA 346 77.59 -12.35 25.81
C GLY DA 346 78.50 -13.54 25.93
N ALA DA 347 77.99 -14.59 26.57
CA ALA DA 347 78.62 -15.90 26.49
C ALA DA 347 78.24 -16.64 25.22
N LEU DA 348 77.32 -16.09 24.44
CA LEU DA 348 76.94 -16.68 23.16
C LEU DA 348 78.06 -16.49 22.14
N ASN DA 349 78.30 -17.52 21.33
CA ASN DA 349 79.33 -17.47 20.31
C ASN DA 349 78.72 -16.87 19.05
N ILE DA 350 79.16 -15.67 18.68
CA ILE DA 350 78.59 -14.96 17.54
C ILE DA 350 79.69 -14.53 16.57
N ASN DA 351 80.77 -15.30 16.52
CA ASN DA 351 81.90 -14.97 15.63
C ASN DA 351 81.65 -15.47 14.21
N ARG DA 352 80.53 -15.02 13.65
CA ARG DA 352 80.15 -15.39 12.30
C ARG DA 352 80.90 -14.54 11.27
N GLY DA 353 80.74 -14.92 10.00
CA GLY DA 353 81.38 -14.21 8.92
C GLY DA 353 80.66 -12.99 8.41
N TYR DA 354 79.52 -12.65 9.01
CA TYR DA 354 78.72 -11.50 8.61
C TYR DA 354 78.41 -10.63 9.83
N LEU DA 355 79.43 -10.39 10.65
CA LEU DA 355 79.22 -9.66 11.90
C LEU DA 355 78.88 -8.20 11.66
N GLU DA 356 79.52 -7.56 10.67
CA GLU DA 356 79.30 -6.15 10.36
C GLU DA 356 79.45 -5.28 11.61
N PRO DA 357 80.68 -5.07 12.08
CA PRO DA 357 80.85 -4.35 13.36
C PRO DA 357 80.28 -2.94 13.34
N MET DA 358 80.16 -2.32 12.17
CA MET DA 358 79.60 -0.97 12.10
C MET DA 358 78.17 -0.93 12.64
N TYR DA 359 77.36 -1.90 12.27
CA TYR DA 359 76.01 -1.97 12.81
C TYR DA 359 76.00 -2.52 14.22
N PHE DA 360 76.98 -3.36 14.57
CA PHE DA 360 77.12 -3.82 15.95
C PHE DA 360 77.40 -2.66 16.90
N ARG DA 361 78.30 -1.75 16.49
CA ARG DA 361 78.62 -0.60 17.33
C ARG DA 361 77.39 0.28 17.53
N LEU DA 362 76.60 0.47 16.48
CA LEU DA 362 75.40 1.29 16.60
C LEU DA 362 74.43 0.68 17.61
N GLY DA 363 74.32 -0.65 17.63
CA GLY DA 363 73.50 -1.29 18.65
C GLY DA 363 74.01 -1.04 20.04
N GLN DA 364 75.34 -1.08 20.23
CA GLN DA 364 75.92 -0.79 21.54
C GLN DA 364 75.59 0.63 21.96
N LYS DA 365 75.70 1.60 21.04
CA LYS DA 365 75.35 2.96 21.36
C LYS DA 365 73.85 3.12 21.56
N SER DA 366 73.06 2.28 20.89
CA SER DA 366 71.61 2.40 21.00
C SER DA 366 71.11 2.10 22.40
N ALA DA 367 71.73 1.13 23.09
CA ALA DA 367 71.28 0.77 24.43
C ALA DA 367 71.50 1.92 25.42
N ARG DA 368 72.65 2.58 25.36
CA ARG DA 368 73.03 3.55 26.38
C ARG DA 368 73.12 4.97 25.83
N HIS DA 369 73.90 5.20 24.78
CA HIS DA 369 74.18 6.56 24.32
C HIS DA 369 73.10 7.14 23.42
N HIS DA 370 72.06 6.36 23.09
CA HIS DA 370 71.09 6.82 22.11
C HIS DA 370 70.12 7.84 22.71
N ALA DA 371 69.33 7.41 23.68
CA ALA DA 371 68.31 8.26 24.31
C ALA DA 371 67.67 7.46 25.45
N GLY DA 372 66.87 8.17 26.24
CA GLY DA 372 66.10 7.49 27.27
C GLY DA 372 65.06 6.54 26.70
N GLY DA 373 64.43 6.94 25.60
CA GLY DA 373 63.48 6.10 24.92
C GLY DA 373 62.12 6.03 25.57
N ILE DA 374 61.41 7.15 25.62
CA ILE DA 374 60.07 7.18 26.18
C ILE DA 374 59.07 6.86 25.08
N ASP DA 375 58.35 5.75 25.24
CA ASP DA 375 57.42 5.27 24.23
C ASP DA 375 56.08 5.97 24.47
N GLN DA 376 55.06 5.62 23.69
CA GLN DA 376 53.74 6.20 23.86
C GLN DA 376 53.21 5.93 25.26
N ASN DA 377 52.80 6.99 25.95
CA ASN DA 377 52.40 6.91 27.35
C ASN DA 377 50.88 7.03 27.44
N MET DA 378 50.21 5.94 27.82
CA MET DA 378 48.78 6.02 28.09
C MET DA 378 48.51 6.95 29.26
N ALA DA 379 49.31 6.86 30.32
CA ALA DA 379 49.24 7.80 31.41
C ALA DA 379 49.93 9.11 31.02
N ASN DA 380 49.25 10.22 31.25
CA ASN DA 380 49.75 11.53 30.83
C ASN DA 380 50.71 12.04 31.89
N LYS DA 381 51.99 12.08 31.55
CA LYS DA 381 53.04 12.55 32.45
C LYS DA 381 53.45 13.96 32.01
N LEU DA 382 52.77 14.94 32.57
CA LEU DA 382 52.98 16.34 32.16
C LEU DA 382 54.39 16.81 32.48
N GLY DA 383 54.89 16.51 33.67
CA GLY DA 383 56.17 17.02 34.11
C GLY DA 383 57.30 16.01 34.11
N LEU DA 384 57.20 14.98 33.29
CA LEU DA 384 58.19 13.91 33.25
C LEU DA 384 59.40 14.25 32.39
N ASN DA 385 59.55 15.51 31.98
CA ASN DA 385 60.74 15.89 31.23
C ASN DA 385 62.00 15.70 32.07
N SER DA 386 61.96 16.11 33.34
CA SER DA 386 63.09 15.89 34.23
C SER DA 386 63.17 14.43 34.68
N ASP DA 387 62.03 13.73 34.70
CA ASP DA 387 62.05 12.31 35.05
C ASP DA 387 62.88 11.51 34.08
N GLN DA 388 62.78 11.83 32.78
CA GLN DA 388 63.65 11.21 31.79
C GLN DA 388 65.11 11.59 32.04
N VAL DA 389 65.36 12.85 32.39
CA VAL DA 389 66.73 13.31 32.63
C VAL DA 389 67.33 12.57 33.82
N ALA DA 390 66.57 12.42 34.90
CA ALA DA 390 67.06 11.66 36.04
C ALA DA 390 67.28 10.20 35.66
N GLU DA 391 66.39 9.62 34.87
CA GLU DA 391 66.60 8.27 34.36
C GLU DA 391 67.82 8.22 33.45
N LEU DA 392 67.98 9.24 32.60
CA LEU DA 392 69.15 9.29 31.72
C LEU DA 392 70.41 9.70 32.46
N ALA DA 393 70.27 10.29 33.66
CA ALA DA 393 71.45 10.68 34.43
C ALA DA 393 72.27 9.48 34.86
N ALA DA 394 71.66 8.29 34.90
CA ALA DA 394 72.34 7.06 35.28
C ALA DA 394 72.95 7.16 36.67
#